data_6M2W
#
_entry.id   6M2W
#
_cell.length_a   1.00
_cell.length_b   1.00
_cell.length_c   1.00
_cell.angle_alpha   90.00
_cell.angle_beta   90.00
_cell.angle_gamma   90.00
#
_symmetry.space_group_name_H-M   'P 1'
#
loop_
_entity.id
_entity.type
_entity.pdbx_description
1 polymer 'Ryanodine receptor 1,Ryanodine receptor 1,Ryanodine receptor 1,Ryanodine receptor 1,Ryanodine receptor 1,Ryanodine receptor 1,Ryanodine receptor 1'
2 polymer 'Peptidyl-prolyl cis-trans isomerase FKBP1B'
3 polymer Calmodulin-1
4 non-polymer CAFFEINE
5 non-polymer 'CALCIUM ION'
6 non-polymer "ADENOSINE-5'-TRIPHOSPHATE"
7 non-polymer 'ZINC ION'
8 non-polymer 5-bromanyl-N-[4-chloranyl-2-methyl-6-(methylcarbamoyl)phenyl]-2-(3-chloranylpyridin-2-yl)pyrazole-3-carboxamide
#
loop_
_entity_poly.entity_id
_entity_poly.type
_entity_poly.pdbx_seq_one_letter_code
_entity_poly.pdbx_strand_id
1 'polypeptide(L)'
;MGDGGEGEDEVQFLRTDDEVVLQCSATVLKEQLKLCLAAEGFGNRLCFLEPTSNAQNVPPDLAICCFTLEQSLSVRALQE
MLANTVEAGVESSQGGGHRTLLYGHAILLRHAHSRMYLSCLTTSRSMTDKLAFDVGLQEDATGEACWWTMHPASKQRSEG
EKVRVGDDLILVSVSSERYLHLSTASGELQVDASFMQTLWNMNPICSCCEEGYVTGGHVLRLFHGHMDECLTISAADSDD
QRRLVYYEGGAVCTHARSLWRLEPLRISWSGSHLRWGQPLRIRHVTTGRYLALTEDQGLVVVDACKAHTKATSFCFRVSK
EKLDTAPKRDVEGMGPPEIKYGESLCFVQHVASGLWLTYAAPDPKALRLGVLKKKAILHQEGHMDDALFLTRCQQEESQA
ARMIHSTAGLYNQFIKGLDSFSGKPRGSGPPAGPALPIEAVILSLQDLIGYFEPPSEELQHEEKQSKLRSLRNRQSLFQE
EGMLSLVLNCIDRLNVYTTAAHFAEYAGEEAAESWKEIVNLLYELLASLIRGNRANCALFSTNLDWVVSKLDRLEASSGI
LEVLYCVLIESPEVLNIIQENHIKSIISLLDKHGRNHKVLDVLCSLCVCNGVAVRSNQDLITENLLPGRELLLQTNLINY
VTSIRPNIFVGRAEGSTQYGKWYFEVMVDEVVPFLTAQATHLRVGWALTEGYSPYPGGGEGWGGNGVGDDLYSYGFDGLH
LWTGHVARPVTSPGQHLLAPEDVVSCCLDLSVPSISFRINGCPVQGVFEAFNLDGLFFPVVSFSAGVKVRFLLGGRHGEF
KFLPPPGYAPCHEAVLPRERLRLEPIKEYRREGPRGPHLVGPSRCLSHTDFVPCPVDTVQIVLPPHLERIREKLAENIHE
LWALTRIEQGWTYGPVRDDNKRLHPCLVNFHSLPEPERNYNLQMSGETLKTLLALGCHVGMADEKAEDNLKKTKLPKTYM
MSNGYKPAPLDLSHVRLTPAQTTLVDRLAENGHNVWARDRVAQGWSYSAVQDIPARRNPRLVPYRLLDEATKRSNRDSLC
QAVRTLLGYGYNIEPPDQEPSQVENQSRWDRVRIFRAEKSYTVQSGRWYFEFEAVTTGEMRVGWARPELRPDVELGADEL
AYVFNGHRGQRWHLGSEPFGRPWQSGDVVGCMIDLTENTIIFTLNGEVLMSDSGSETAFREIEIGDGFLPVCSLGPGQVG
HLNLGQDVSSLRFFAICGLQEGFEPFAINMQRPVTTWFSKSLPQFEPVPPEHPHYEVARMDGTVDTPPCLRLAHRTWGSQ
NSLVEMLFLRLSLPVQFHQHFRCTAGATPLAPPGLQPPAEDEARAAEPDPDYENLRRSAGGWGEAEGGKEGTAKEGTPGG
TPQPGVEAQPVRAENEKDATTEKNKKRGFLFKAKKAAMMTQPPATPALPRLPHDVVPADNRDDPEIILNTTTYYYSVRVF
AGQEPSCVWVGWVTPDYHQHDMNFDLSKVRAVTVTMGDEQGNVHSSLKCSNCYMVWGGDFVSPGQQGRISHTDLVIGCLV
DLATGLMTFTANGKESNTFFQVEPNTKLFPAVFVLPTHQNVIQFELGKQKNIMPLSAAMFLSERKNPAPQCPPRLEVQML
MPVSWSRMPNHFLQVETRRAGERLGWAVQCQDPLTMMALHIPEENRCMDILELSERLDLQRFHSHTLRLYRAVCALGNNR
VAHALCSHVDQAQLLHALEDAHLPGPLRAGYYDLLISIHLESACRSRRSMLSEYIVPLTPETRAITLFPPGRKGGNARRH
GLPGVGVTTSLRPPHHFSPPCFVAALPAAGVAEAPARLSPAIPLEALRDKALRMLGEAVRDGGQHARDPVGGSVEFQFVP
VLKLVSTLLVMGIFGDEDVKQILKMIEPEVFTEEEEEEEEEEEEEEEEEEDEEEKEEDEEEEEKEDAEKEEEEAPEGEKE
DLEEGLLQMKLPESVKLQMCNLLEYFCDQELQHRVESLAAFAERYVDKLQANQRSRYALLMRAFTMSAAETARRTREFRS
PPQEQINMLLHFKDEADEEDCPLPEDIRQDLQDFHQDLLAHCGIQLEGEEEEPEEETSLSSRLRSLLETVRLVKKKEEKP
EEELPAEEKKPQSLQELVSHMVVRWAQEDYVQSPELVRAMFSLLHRQYDGLGELLRALPRAYTISPSSVEDTMSLLECLG
QIRSLLIVQMGPQEENLMIQSIGNIMNNKVFYQHPNLMRALGMHETVMEVMVNVLGGGETKEIRFPKMVTSCCRFLCYFC
RISRQNQRSMFDHLSYLLENSGIGLGMQGSTPLDVAAASVIDNNELALALQEQDLEKVVSYLAGCGLQSCPMLLAKGYPD
IGWNPCGGERYLDFLRFAVFVNGESVEENANVVVRLLIRKPECFGPALRGEGGSGLLAAIEEAIRISEDPARDGPGVRRD
RRREHFGEEPPEENRVHLGHAIMSFYAALIDLLGRCAPEMHLIQAGKGEALRIRAILRSLVPLDDLVGIISLPLQIPTLG
KDGALVQPKMSASFVPDHKASMVLFLDRVYGIENQDFLLHVLDVGFLPDMRAAASLDTATFSTTEMALALNRYLCLAVLP
LITKCAPLFAGTEHRAIMVDSMLHTVYRLSRGRSLTKAQRDVIEDCLMALCRYIRPSMLQHLLRRLVFDVPILN(UNK)
(UNK)(UNK)(UNK)(UNK)(UNK)(UNK)(UNK)(UNK)(UNK)(UNK)(UNK)(UNK)(UNK)(UNK)(UNK)(UNK)
(UNK)(UNK)(UNK)(UNK)(UNK)(UNK)(UNK)(UNK)(UNK)(UNK)(UNK)(UNK)(UNK)(UNK)(UNK)(UNK)
(UNK)(UNK)(UNK)(UNK)(UNK)(UNK)(UNK)(UNK)(UNK)(UNK)(UNK)(UNK)(UNK)(UNK)(UNK)(UNK)
(UNK)(UNK)(UNK)(UNK)(UNK)(UNK)(UNK)(UNK)(UNK)(UNK)(UNK)(UNK)(UNK)(UNK)(UNK)(UNK)
(UNK)(UNK)(UNK)(UNK)(UNK)(UNK)(UNK)(UNK)(UNK)(UNK)(UNK)(UNK)(UNK)(UNK)(UNK)(UNK)
(UNK)(UNK)(UNK)(UNK)(UNK)(UNK)(UNK)(UNK)(UNK)(UNK)(UNK)(UNK)(UNK)(UNK)(UNK)(UNK)
(UNK)(UNK)(UNK)(UNK)(UNK)(UNK)(UNK)(UNK)(UNK)ETLNVIIPEKLDSFINKFAEYTHEKWAFDKIQNNW
SYGENVDEELKTHPMLRPYKTFSEKDKEIYRWPIKESLKAMIAWEWTIEKAREGEEERTEKKKTRKISQTAQTYDPREGY
NPQPPDLSGVTLSRELQAMAEQLAENYHNTWGRKKKQELEAKGGGTHPLLVPYDTLTAKEKARDREKAQELLKFLQMNGY
AVTR(UNK)(UNK)(UNK)(UNK)(UNK)(UNK)(UNK)(UNK)(UNK)(UNK)(UNK)(UNK)(UNK)(UNK)(UNK)
(UNK)(UNK)(UNK)(UNK)(UNK)(UNK)(UNK)(UNK)(UNK)(UNK)(UNK)(UNK)(UNK)(UNK)(UNK)(UNK)
(UNK)(UNK)(UNK)(UNK)(UNK)(UNK)(UNK)(UNK)(UNK)(UNK)(UNK)(UNK)(UNK)(UNK)(UNK)(UNK)
(UNK)(UNK)(UNK)(UNK)(UNK)(UNK)(UNK)(UNK)(UNK)(UNK)(UNK)(UNK)(UNK)(UNK)(UNK)(UNK)
(UNK)(UNK)(UNK)(UNK)(UNK)(UNK)(UNK)(UNK)(UNK)(UNK)(UNK)(UNK)(UNK)(UNK)(UNK)(UNK)
(UNK)(UNK)(UNK)(UNK)(UNK)(UNK)(UNK)(UNK)(UNK)(UNK)(UNK)(UNK)(UNK)(UNK)(UNK)(UNK)
(UNK)(UNK)(UNK)(UNK)(UNK)(UNK)(UNK)(UNK)(UNK)(UNK)(UNK)(UNK)(UNK)(UNK)(UNK)(UNK)
(UNK)(UNK)(UNK)(UNK)(UNK)(UNK)(UNK)(UNK)(UNK)(UNK)(UNK)(UNK)(UNK)(UNK)(UNK)(UNK)
(UNK)(UNK)(UNK)(UNK)(UNK)(UNK)(UNK)(UNK)(UNK)(UNK)(UNK)(UNK)(UNK)(UNK)(UNK)(UNK)
(UNK)(UNK)(UNK)(UNK)(UNK)(UNK)(UNK)(UNK)(UNK)(UNK)(UNK)(UNK)(UNK)(UNK)(UNK)(UNK)
(UNK)(UNK)(UNK)(UNK)(UNK)(UNK)(UNK)(UNK)(UNK)(UNK)(UNK)(UNK)(UNK)(UNK)(UNK)(UNK)
(UNK)(UNK)(UNK)(UNK)(UNK)(UNK)(UNK)(UNK)(UNK)(UNK)(UNK)(UNK)(UNK)(UNK)(UNK)(UNK)
(UNK)(UNK)(UNK)(UNK)(UNK)(UNK)(UNK)(UNK)(UNK)(UNK)(UNK)(UNK)(UNK)(UNK)(UNK)(UNK)
(UNK)(UNK)(UNK)(UNK)(UNK)(UNK)(UNK)(UNK)(UNK)(UNK)(UNK)(UNK)(UNK)(UNK)(UNK)(UNK)
(UNK)(UNK)(UNK)(UNK)(UNK)(UNK)(UNK)(UNK)(UNK)(UNK)(UNK)(UNK)(UNK)(UNK)(UNK)(UNK)
(UNK)(UNK)(UNK)(UNK)(UNK)(UNK)(UNK)(UNK)(UNK)(UNK)(UNK)(UNK)(UNK)(UNK)(UNK)(UNK)
(UNK)(UNK)(UNK)(UNK)(UNK)(UNK)(UNK)(UNK)(UNK)(UNK)(UNK)(UNK)(UNK)(UNK)(UNK)(UNK)
(UNK)(UNK)(UNK)(UNK)(UNK)(UNK)(UNK)(UNK)(UNK)(UNK)(UNK)(UNK)(UNK)(UNK)(UNK)(UNK)
(UNK)(UNK)(UNK)(UNK)(UNK)(UNK)(UNK)(UNK)(UNK)(UNK)(UNK)(UNK)(UNK)(UNK)(UNK)(UNK)
(UNK)(UNK)(UNK)(UNK)(UNK)(UNK)(UNK)(UNK)(UNK)(UNK)(UNK)(UNK)(UNK)(UNK)(UNK)(UNK)
(UNK)(UNK)(UNK)(UNK)(UNK)(UNK)(UNK)(UNK)(UNK)(UNK)(UNK)(UNK)(UNK)(UNK)(UNK)(UNK)
(UNK)(UNK)(UNK)(UNK)(UNK)(UNK)(UNK)(UNK)(UNK)(UNK)(UNK)(UNK)(UNK)(UNK)(UNK)(UNK)
(UNK)(UNK)(UNK)(UNK)(UNK)(UNK)(UNK)(UNK)(UNK)(UNK)(UNK)(UNK)(UNK)(UNK)(UNK)(UNK)
(UNK)(UNK)(UNK)(UNK)(UNK)(UNK)(UNK)(UNK)(UNK)(UNK)(UNK)(UNK)(UNK)(UNK)(UNK)(UNK)
(UNK)(UNK)(UNK)(UNK)(UNK)(UNK)(UNK)(UNK)(UNK)(UNK)(UNK)(UNK)(UNK)(UNK)(UNK)(UNK)
(UNK)(UNK)(UNK)(UNK)(UNK)(UNK)(UNK)(UNK)(UNK)(UNK)(UNK)(UNK)(UNK)(UNK)(UNK)(UNK)
(UNK)(UNK)(UNK)(UNK)(UNK)(UNK)(UNK)(UNK)(UNK)(UNK)(UNK)(UNK)(UNK)(UNK)(UNK)(UNK)
(UNK)(UNK)(UNK)(UNK)(UNK)(UNK)(UNK)(UNK)(UNK)(UNK)(UNK)(UNK)(UNK)(UNK)(UNK)(UNK)
(UNK)(UNK)(UNK)(UNK)(UNK)(UNK)(UNK)(UNK)(UNK)(UNK)(UNK)(UNK)(UNK)(UNK)(UNK)(UNK)
(UNK)(UNK)(UNK)(UNK)(UNK)(UNK)(UNK)(UNK)(UNK)(UNK)(UNK)(UNK)(UNK)(UNK)(UNK)(UNK)
(UNK)(UNK)(UNK)(UNK)(UNK)(UNK)(UNK)(UNK)(UNK)(UNK)(UNK)(UNK)(UNK)(UNK)(UNK)(UNK)
(UNK)(UNK)(UNK)(UNK)(UNK)(UNK)(UNK)(UNK)(UNK)(UNK)(UNK)(UNK)(UNK)(UNK)(UNK)(UNK)
(UNK)(UNK)(UNK)(UNK)(UNK)(UNK)(UNK)(UNK)(UNK)(UNK)(UNK)(UNK)(UNK)(UNK)(UNK)(UNK)
(UNK)(UNK)(UNK)(UNK)(UNK)(UNK)(UNK)(UNK)(UNK)(UNK)(UNK)(UNK)(UNK)(UNK)(UNK)(UNK)
(UNK)(UNK)(UNK)(UNK)(UNK)(UNK)(UNK)(UNK)(UNK)(UNK)(UNK)(UNK)(UNK)(UNK)(UNK)(UNK)
(UNK)(UNK)(UNK)(UNK)(UNK)(UNK)(UNK)(UNK)(UNK)(UNK)(UNK)(UNK)(UNK)(UNK)(UNK)(UNK)
(UNK)(UNK)(UNK)(UNK)(UNK)(UNK)(UNK)(UNK)(UNK)(UNK)(UNK)(UNK)(UNK)(UNK)(UNK)(UNK)
(UNK)(UNK)(UNK)(UNK)(UNK)(UNK)(UNK)(UNK)(UNK)(UNK)(UNK)(UNK)(UNK)(UNK)(UNK)(UNK)
(UNK)(UNK)(UNK)(UNK)(UNK)(UNK)(UNK)(UNK)(UNK)(UNK)(UNK)(UNK)(UNK)(UNK)(UNK)(UNK)
(UNK)(UNK)(UNK)(UNK)(UNK)(UNK)(UNK)(UNK)(UNK)(UNK)(UNK)(UNK)(UNK)(UNK)(UNK)(UNK)
(UNK)(UNK)(UNK)(UNK)(UNK)(UNK)(UNK)(UNK)(UNK)(UNK)(UNK)(UNK)(UNK)(UNK)(UNK)(UNK)
(UNK)(UNK)(UNK)(UNK)(UNK)(UNK)(UNK)(UNK)(UNK)(UNK)(UNK)(UNK)(UNK)(UNK)(UNK)(UNK)
(UNK)(UNK)(UNK)(UNK)(UNK)(UNK)(UNK)(UNK)(UNK)(UNK)(UNK)(UNK)LLSKQRRRAVVACFRMTPLY
NLPTHRACNMFLESYKAAWILTEDHSFEDRMIDDLSKAGEQEEEEEEVEEKKPDPLHQLVLHFSRTALTEKSKLDEDYLY
MAYADIMAKSCHLEEGGENGEAEEEEVEVSFEEKEMEKQRLLYQQSRLHTRGAAEMVLQMISACKGETGAMVSSTLKLGI
SILNGGNAEVQQKMLDYLKDKKEVGFFQSIQALMQTCSVLDLNAFERQNKAEGLGMVNEDGTVINRQNGEKVMADDEFTQ
DLFRFLQLLCEGHNNDFQNYLRTQTGNTTTINIIICTVDYLLRLQESISDFYWYYSGKDVIEEQGKRNFSKAMSVAKQVF
NSLTEYIQGPCTGNQQSLAHSRLWDAVVGFLHVFAHMMMKLAQDSSQIELLKELLDLQKDMVVMLLSLLEGNVVNGMIAR
QMVDMLVESSSNVEMILKFFDMFLKLKDIVGSEAFQDYVTDPRGLISKKDFQKAMDSQKQFTGPEIQFLLSCSEADENEM
INFEEFANRFQEPARDIGFNVAVLLTNLSEHVPHDPRLRNFLELAESILEYFRPYLGRIEIMGASRRIERIYFEISETNR
AQWEMPQVKESKRQFIFDVVNEGGEAEKMELFVSFCEDTIFEMQIAAQISE(UNK)(UNK)(UNK)(UNK)(UNK)
(UNK)(UNK)(UNK)(UNK)(UNK)(UNK)(UNK)(UNK)(UNK)(UNK)(UNK)(UNK)(UNK)(UNK)(UNK)(UNK)
(UNK)(UNK)(UNK)(UNK)(UNK)(UNK)(UNK)(UNK)(UNK)(UNK)(UNK)(UNK)(UNK)(UNK)(UNK)(UNK)
(UNK)(UNK)(UNK)(UNK)(UNK)(UNK)(UNK)(UNK)(UNK)(UNK)(UNK)(UNK)(UNK)(UNK)(UNK)(UNK)
(UNK)(UNK)(UNK)(UNK)(UNK)(UNK)(UNK)(UNK)(UNK)(UNK)(UNK)(UNK)(UNK)(UNK)(UNK)(UNK)
(UNK)(UNK)(UNK)(UNK)(UNK)(UNK)(UNK)(UNK)(UNK)(UNK)(UNK)(UNK)(UNK)(UNK)(UNK)(UNK)
(UNK)(UNK)(UNK)(UNK)(UNK)(UNK)(UNK)(UNK)(UNK)(UNK)(UNK)(UNK)(UNK)(UNK)(UNK)(UNK)
(UNK)(UNK)(UNK)(UNK)(UNK)(UNK)(UNK)(UNK)(UNK)(UNK)(UNK)(UNK)(UNK)(UNK)(UNK)(UNK)
(UNK)(UNK)(UNK)(UNK)(UNK)(UNK)(UNK)(UNK)(UNK)(UNK)(UNK)(UNK)(UNK)(UNK)(UNK)(UNK)
(UNK)(UNK)(UNK)(UNK)(UNK)(UNK)(UNK)(UNK)(UNK)(UNK)(UNK)(UNK)(UNK)(UNK)(UNK)(UNK)
(UNK)(UNK)(UNK)(UNK)(UNK)(UNK)(UNK)(UNK)(UNK)(UNK)(UNK)(UNK)(UNK)(UNK)(UNK)(UNK)
(UNK)(UNK)(UNK)(UNK)(UNK)(UNK)(UNK)(UNK)(UNK)(UNK)(UNK)(UNK)(UNK)(UNK)(UNK)(UNK)
(UNK)(UNK)(UNK)(UNK)(UNK)(UNK)(UNK)(UNK)(UNK)(UNK)(UNK)(UNK)(UNK)(UNK)(UNK)(UNK)
(UNK)(UNK)(UNK)(UNK)(UNK)(UNK)(UNK)(UNK)(UNK)(UNK)(UNK)(UNK)(UNK)(UNK)(UNK)(UNK)
(UNK)(UNK)(UNK)(UNK)(UNK)(UNK)(UNK)(UNK)(UNK)(UNK)(UNK)(UNK)(UNK)(UNK)(UNK)(UNK)
(UNK)(UNK)(UNK)(UNK)(UNK)(UNK)(UNK)(UNK)(UNK)(UNK)(UNK)(UNK)(UNK)(UNK)(UNK)(UNK)
(UNK)(UNK)(UNK)(UNK)(UNK)(UNK)(UNK)(UNK)(UNK)(UNK)(UNK)(UNK)(UNK)(UNK)(UNK)(UNK)
(UNK)(UNK)(UNK)(UNK)(UNK)(UNK)(UNK)(UNK)(UNK)(UNK)(UNK)(UNK)(UNK)(UNK)(UNK)(UNK)
(UNK)(UNK)(UNK)(UNK)(UNK)(UNK)(UNK)(UNK)(UNK)(UNK)WGELEVQRVKFLNYLSRNFYTLRFLALFLA
FAINFILLFYKVSDSPPGEDDMEGSAAGDLAGAGSGGGSGWGSGAGEEAEGDEDENMVYYFLEESTGYMEPALWCLSLLH
TLVAFLCIIGYNCLKVPLVIFKREKELARKLEFDGLYITEQPGDDDVKGQWDRLVLNTPSFPSNYWDKFVKRKVLDKHGD
IFGRERIAELLGMDLASLEITAHNERKPDPPPGLLTWLMSIDVKYQIWKFGVIFTDNSFLYLGWYMVMSLLGHYNNFFFA
AHLLDIAMGVKTLRTILSSVTHNGKQLVMTVGLLAVVVYLYTVVAFNFFRKFYNKSEDEDEPDMKCDDMMTCYLFHMYVG
VRAGGGIGDEIEDPAGDEYELYRVVFDITFFFFVIVILLAIIQGLIIDAFGELRDQQEQVKEDMETKCFICGIGSDYFDT
TPHGFETHTLEEHNLANYMFFLMYLINKDETEHTGQESYVWKMYQERCWDFFPAGDCFRKQYEDQLS
;
A,D,G,J
2 'polypeptide(L)'
;GVEIETISPGDGRTFPKKGQTCVVHYTGMLQNGKKFDSSRDRNKPFKFRIGKQEVIKGFEEGAAQMSLGQRAKLTCTPDV
AYGATGHPGVIPPNATLIFDVELLNLE
;
B,E,H,K
3 'polypeptide(L)'
;MADQLTEEQIAEFKEAFSLFDKDGDGTITTKALGTVMRSLGQNPTEAELQDMINEVDADGNGTIDFPAFLTMMARKMKDT
DSEEEIREAFRVFDKDGNGYISAAALRHVMTNLGEKLTDEEVDEMIREADIDGDGQVNYEAFVQMMTAK
;
C,F,I,L
#
loop_
_chem_comp.id
_chem_comp.type
_chem_comp.name
_chem_comp.formula
ATP non-polymer ADENOSINE-5'-TRIPHOSPHATE 'C10 H16 N5 O13 P3'
CA non-polymer 'CALCIUM ION' 'Ca 2'
CFF non-polymer CAFFEINE 'C8 H10 N4 O2'
F0U non-polymer 5-bromanyl-N-[4-chloranyl-2-methyl-6-(methylcarbamoyl)phenyl]-2-(3-chloranylpyridin-2-yl)pyrazole-3-carboxamide 'C18 H14 Br Cl2 N5 O2'
ZN non-polymer 'ZINC ION' 'Zn 2'
#
# COMPACT_ATOMS: atom_id res chain seq x y z
N GLN A 12 14.23 24.42 -23.17
CA GLN A 12 15.54 23.83 -23.44
C GLN A 12 16.04 24.22 -24.83
N PHE A 13 15.15 24.12 -25.82
CA PHE A 13 15.48 24.48 -27.19
C PHE A 13 14.41 25.41 -27.72
N LEU A 14 14.82 26.43 -28.46
CA LEU A 14 13.86 27.37 -28.98
C LEU A 14 13.10 26.78 -30.17
N ARG A 15 11.93 27.37 -30.42
CA ARG A 15 10.98 26.92 -31.42
C ARG A 15 10.58 28.14 -32.25
N THR A 16 9.66 27.90 -33.20
CA THR A 16 8.96 28.98 -33.86
C THR A 16 7.75 29.37 -32.99
N ASP A 17 7.40 30.66 -33.01
CA ASP A 17 6.31 31.27 -32.23
C ASP A 17 6.59 31.18 -30.72
N ASP A 18 7.74 31.74 -30.32
CA ASP A 18 8.03 32.07 -28.92
C ASP A 18 8.53 33.51 -28.82
N GLU A 19 8.02 34.24 -27.83
CA GLU A 19 8.41 35.63 -27.62
C GLU A 19 9.74 35.68 -26.87
N VAL A 20 10.73 36.39 -27.43
CA VAL A 20 12.06 36.48 -26.86
C VAL A 20 12.36 37.95 -26.55
N VAL A 21 13.42 38.17 -25.76
CA VAL A 21 13.94 39.51 -25.48
C VAL A 21 15.45 39.54 -25.75
N LEU A 22 15.85 40.37 -26.71
CA LEU A 22 17.24 40.50 -27.10
C LEU A 22 17.97 41.38 -26.09
N GLN A 23 18.95 40.82 -25.40
CA GLN A 23 19.68 41.56 -24.38
C GLN A 23 21.16 41.23 -24.45
N CYS A 24 21.99 42.19 -24.04
CA CYS A 24 23.43 42.11 -24.10
C CYS A 24 24.00 42.19 -22.69
N SER A 25 25.33 42.23 -22.59
CA SER A 25 26.02 42.39 -21.31
C SER A 25 27.07 43.48 -21.45
N ALA A 26 27.16 44.32 -20.42
CA ALA A 26 28.14 45.40 -20.41
C ALA A 26 28.62 45.67 -18.99
N GLU A 31 30.46 47.32 -13.36
CA GLU A 31 29.65 46.14 -13.10
C GLU A 31 28.88 45.72 -14.35
N GLN A 32 28.53 44.44 -14.42
CA GLN A 32 27.83 43.90 -15.58
C GLN A 32 26.37 44.33 -15.57
N LEU A 33 25.88 44.86 -16.69
CA LEU A 33 24.53 45.38 -16.77
C LEU A 33 23.91 44.93 -18.08
N LYS A 34 22.69 44.39 -17.99
CA LYS A 34 21.97 43.86 -19.13
C LYS A 34 21.16 44.97 -19.79
N LEU A 35 21.20 45.02 -21.12
CA LEU A 35 20.47 46.02 -21.90
C LEU A 35 19.52 45.32 -22.85
N CYS A 36 18.26 45.20 -22.44
CA CYS A 36 17.23 44.60 -23.29
C CYS A 36 16.88 45.56 -24.42
N LEU A 37 16.81 45.03 -25.64
CA LEU A 37 16.55 45.82 -26.85
C LEU A 37 15.04 46.01 -26.99
N ALA A 38 14.56 47.21 -26.64
CA ALA A 38 13.15 47.52 -26.67
C ALA A 38 12.87 48.61 -27.70
N ALA A 39 11.70 48.52 -28.32
CA ALA A 39 11.33 49.41 -29.42
C ALA A 39 9.98 50.02 -29.15
N GLU A 40 9.90 51.36 -29.27
CA GLU A 40 8.68 52.06 -28.87
C GLU A 40 7.55 51.85 -29.88
N GLY A 41 7.77 52.24 -31.13
CA GLY A 41 6.75 52.07 -32.15
C GLY A 41 5.74 53.20 -32.16
N PHE A 42 5.21 53.49 -33.36
CA PHE A 42 4.32 54.65 -33.62
C PHE A 42 5.00 55.94 -33.15
N GLY A 43 6.25 56.11 -33.57
CA GLY A 43 7.09 57.20 -33.12
C GLY A 43 8.43 56.71 -32.60
N ASN A 44 9.51 57.33 -33.09
CA ASN A 44 10.90 57.05 -32.73
C ASN A 44 11.24 55.58 -32.99
N ARG A 45 11.18 55.23 -34.28
CA ARG A 45 11.30 53.84 -34.70
C ARG A 45 12.70 53.28 -34.49
N LEU A 46 13.73 54.14 -34.41
CA LEU A 46 15.07 53.67 -34.09
C LEU A 46 15.13 53.17 -32.66
N CYS A 47 15.71 51.99 -32.48
CA CYS A 47 15.65 51.29 -31.21
C CYS A 47 16.60 51.90 -30.19
N PHE A 48 16.33 51.62 -28.92
CA PHE A 48 17.12 52.09 -27.79
C PHE A 48 17.37 50.89 -26.88
N LEU A 49 17.99 51.14 -25.73
CA LEU A 49 18.26 50.10 -24.75
C LEU A 49 17.78 50.55 -23.39
N GLU A 50 17.57 49.57 -22.50
CA GLU A 50 16.98 49.81 -21.20
C GLU A 50 17.86 49.22 -20.10
N PRO A 51 18.10 49.96 -19.02
CA PRO A 51 18.74 49.36 -17.85
C PRO A 51 17.75 48.48 -17.09
N THR A 52 18.15 47.24 -16.83
CA THR A 52 17.26 46.28 -16.19
C THR A 52 17.90 45.49 -15.05
N SER A 53 19.20 45.69 -14.77
CA SER A 53 19.77 45.10 -13.56
C SER A 53 19.35 45.86 -12.31
N ASN A 54 18.87 47.09 -12.47
CA ASN A 54 18.39 47.93 -11.37
C ASN A 54 16.88 47.83 -11.16
N ALA A 55 16.32 46.63 -11.31
CA ALA A 55 14.90 46.41 -11.01
C ALA A 55 14.59 46.48 -9.52
N GLN A 56 15.61 46.43 -8.66
CA GLN A 56 15.40 46.56 -7.23
C GLN A 56 15.01 47.97 -6.81
N ASN A 57 15.30 48.98 -7.63
CA ASN A 57 14.92 50.36 -7.33
C ASN A 57 14.01 50.97 -8.38
N VAL A 58 14.12 50.59 -9.64
CA VAL A 58 13.19 51.10 -10.65
C VAL A 58 12.76 49.98 -11.61
N PRO A 59 11.45 49.80 -11.82
CA PRO A 59 10.99 48.74 -12.74
C PRO A 59 11.11 49.16 -14.20
N PRO A 60 11.57 48.27 -15.07
CA PRO A 60 11.68 48.59 -16.49
C PRO A 60 10.36 48.34 -17.21
N ASP A 61 10.34 48.66 -18.51
CA ASP A 61 9.17 48.49 -19.36
C ASP A 61 9.50 47.40 -20.38
N LEU A 62 9.00 46.19 -20.13
CA LEU A 62 9.20 45.06 -21.03
C LEU A 62 8.04 44.85 -22.00
N ALA A 63 7.02 45.71 -21.96
CA ALA A 63 5.92 45.61 -22.91
C ALA A 63 6.34 46.00 -24.31
N ILE A 64 7.41 46.79 -24.44
CA ILE A 64 7.94 47.19 -25.73
C ILE A 64 9.17 46.38 -26.11
N CYS A 65 9.42 45.26 -25.45
CA CYS A 65 10.57 44.41 -25.69
C CYS A 65 10.19 43.02 -26.19
N CYS A 66 8.91 42.70 -26.25
CA CYS A 66 8.48 41.37 -26.68
C CYS A 66 8.63 41.24 -28.19
N PHE A 67 9.55 40.37 -28.62
CA PHE A 67 9.79 40.09 -30.02
C PHE A 67 9.49 38.63 -30.29
N THR A 68 8.61 38.38 -31.26
CA THR A 68 8.19 37.03 -31.62
C THR A 68 8.87 36.58 -32.90
N LEU A 69 9.24 35.30 -32.94
CA LEU A 69 9.90 34.71 -34.10
C LEU A 69 8.83 34.07 -34.98
N GLU A 70 8.45 34.74 -36.07
CA GLU A 70 7.30 34.29 -36.84
C GLU A 70 7.66 33.17 -37.81
N GLN A 71 8.79 33.29 -38.53
CA GLN A 71 9.21 32.30 -39.50
C GLN A 71 10.71 32.11 -39.42
N SER A 72 11.17 30.89 -39.67
CA SER A 72 12.59 30.55 -39.64
C SER A 72 12.93 29.75 -40.89
N LEU A 73 13.78 30.31 -41.74
CA LEU A 73 14.22 29.66 -42.97
C LEU A 73 15.74 29.60 -43.02
N SER A 74 16.25 28.99 -44.09
CA SER A 74 17.68 28.88 -44.32
C SER A 74 18.16 30.00 -45.25
N VAL A 75 19.41 29.89 -45.71
CA VAL A 75 20.03 30.97 -46.47
C VAL A 75 19.57 30.92 -47.94
N ARG A 76 19.63 29.74 -48.56
CA ARG A 76 19.12 29.64 -49.92
C ARG A 76 17.62 29.44 -49.95
N ALA A 77 17.00 29.18 -48.79
CA ALA A 77 15.55 29.12 -48.72
C ALA A 77 14.93 30.52 -48.78
N LEU A 78 15.62 31.53 -48.24
CA LEU A 78 15.13 32.89 -48.37
C LEU A 78 15.45 33.42 -49.76
N GLN A 79 16.50 32.89 -50.40
CA GLN A 79 16.98 33.41 -51.68
C GLN A 79 15.95 33.23 -52.78
N GLU A 80 15.25 32.10 -52.80
CA GLU A 80 14.25 31.91 -53.83
C GLU A 80 12.92 32.56 -53.47
N MET A 81 12.71 32.89 -52.19
CA MET A 81 11.47 33.59 -51.86
C MET A 81 11.57 35.06 -52.24
N LEU A 82 12.73 35.69 -52.06
CA LEU A 82 12.91 37.05 -52.56
C LEU A 82 13.02 37.06 -54.08
N ALA A 83 13.45 35.95 -54.67
CA ALA A 83 13.43 35.82 -56.12
C ALA A 83 12.01 35.66 -56.65
N ASN A 84 11.11 35.10 -55.84
CA ASN A 84 9.72 34.93 -56.24
C ASN A 84 8.97 36.26 -56.13
N GLY A 97 3.88 23.87 -38.21
CA GLY A 97 3.56 24.97 -37.31
C GLY A 97 4.76 25.52 -36.56
N HIS A 98 5.23 24.77 -35.56
CA HIS A 98 6.38 25.15 -34.77
C HIS A 98 7.60 24.37 -35.25
N ARG A 99 8.53 25.07 -35.89
CA ARG A 99 9.74 24.48 -36.44
C ARG A 99 10.94 24.92 -35.60
N THR A 100 11.71 23.95 -35.11
CA THR A 100 12.88 24.25 -34.29
C THR A 100 14.01 24.79 -35.16
N LEU A 101 14.48 25.98 -34.83
CA LEU A 101 15.53 26.64 -35.59
C LEU A 101 16.90 26.11 -35.23
N LEU A 102 17.79 26.10 -36.22
CA LEU A 102 19.16 25.62 -36.09
C LEU A 102 20.13 26.77 -36.31
N TYR A 103 21.42 26.50 -36.04
CA TYR A 103 22.45 27.49 -36.29
C TYR A 103 22.74 27.64 -37.76
N GLY A 104 23.05 28.87 -38.17
CA GLY A 104 23.23 29.19 -39.57
C GLY A 104 21.96 29.58 -40.30
N HIS A 105 20.80 29.42 -39.66
CA HIS A 105 19.52 29.71 -40.28
C HIS A 105 19.24 31.21 -40.23
N ALA A 106 18.19 31.62 -40.94
CA ALA A 106 17.68 32.98 -40.85
C ALA A 106 16.50 33.04 -39.90
N ILE A 107 16.22 34.24 -39.39
CA ILE A 107 15.07 34.45 -38.52
C ILE A 107 14.53 35.86 -38.75
N LEU A 108 13.21 35.99 -38.61
CA LEU A 108 12.49 37.25 -38.82
C LEU A 108 11.82 37.59 -37.49
N LEU A 109 12.44 38.51 -36.75
CA LEU A 109 11.89 38.99 -35.49
C LEU A 109 10.83 40.04 -35.76
N ARG A 110 9.66 39.87 -35.13
CA ARG A 110 8.56 40.82 -35.30
C ARG A 110 8.05 41.25 -33.93
N HIS A 111 7.78 42.54 -33.79
CA HIS A 111 7.36 43.14 -32.52
C HIS A 111 5.95 42.70 -32.15
N ALA A 112 5.64 42.77 -30.87
CA ALA A 112 4.38 42.29 -30.31
C ALA A 112 3.36 43.39 -30.06
N HIS A 113 3.81 44.58 -29.65
CA HIS A 113 2.89 45.71 -29.53
C HIS A 113 2.57 46.31 -30.89
N SER A 114 3.62 46.64 -31.66
CA SER A 114 3.49 47.38 -32.90
C SER A 114 3.37 46.50 -34.15
N ARG A 115 3.54 45.19 -34.02
CA ARG A 115 3.24 44.20 -35.08
C ARG A 115 4.01 44.43 -36.38
N MET A 116 5.25 44.91 -36.27
CA MET A 116 6.07 45.15 -37.44
C MET A 116 7.46 44.57 -37.23
N TYR A 117 8.28 44.66 -38.27
CA TYR A 117 9.50 43.89 -38.36
C TYR A 117 10.69 44.73 -37.91
N LEU A 118 11.71 44.08 -37.35
CA LEU A 118 12.95 44.76 -37.01
C LEU A 118 13.94 44.55 -38.15
N SER A 119 14.22 45.62 -38.89
CA SER A 119 15.11 45.56 -40.05
C SER A 119 16.28 46.52 -39.86
N CYS A 120 17.07 46.67 -40.92
CA CYS A 120 18.21 47.59 -40.92
C CYS A 120 18.02 48.59 -42.06
N LEU A 121 17.67 49.83 -41.72
CA LEU A 121 17.40 50.83 -42.75
C LEU A 121 18.69 51.39 -43.32
N THR A 122 18.55 52.14 -44.41
CA THR A 122 19.68 52.62 -45.20
C THR A 122 20.36 53.85 -44.58
N THR A 123 19.72 54.51 -43.62
CA THR A 123 20.25 55.77 -43.10
C THR A 123 21.43 55.50 -42.16
N SER A 124 22.08 56.59 -41.76
CA SER A 124 23.22 56.52 -40.84
C SER A 124 23.14 57.71 -39.90
N ARG A 125 22.95 57.46 -38.61
CA ARG A 125 22.85 58.52 -37.62
C ARG A 125 24.09 58.63 -36.74
N SER A 126 25.19 57.96 -37.12
CA SER A 126 26.40 58.03 -36.31
C SER A 126 27.15 59.33 -36.57
N MET A 127 27.09 59.83 -37.82
CA MET A 127 27.69 61.09 -38.28
C MET A 127 29.20 61.15 -38.03
N THR A 128 29.90 60.02 -38.14
CA THR A 128 31.34 59.99 -37.94
C THR A 128 32.05 59.12 -38.97
N ASP A 129 31.34 58.71 -40.04
CA ASP A 129 31.86 57.86 -41.12
C ASP A 129 32.44 56.54 -40.59
N LYS A 130 31.79 56.00 -39.56
CA LYS A 130 32.19 54.72 -38.98
C LYS A 130 31.60 53.55 -39.73
N LEU A 131 30.86 53.82 -40.81
CA LEU A 131 30.21 52.83 -41.67
C LEU A 131 29.26 51.94 -40.86
N ALA A 132 28.32 52.59 -40.16
CA ALA A 132 27.35 51.90 -39.33
C ALA A 132 25.95 52.36 -39.70
N PHE A 133 25.10 51.42 -40.10
CA PHE A 133 23.70 51.68 -40.39
C PHE A 133 22.89 51.47 -39.12
N ASP A 134 21.94 52.37 -38.86
CA ASP A 134 21.09 52.21 -37.69
C ASP A 134 19.94 51.22 -37.99
N VAL A 135 19.52 50.51 -36.96
CA VAL A 135 18.55 49.42 -37.09
C VAL A 135 17.25 49.89 -36.47
N GLY A 136 16.15 49.71 -37.21
CA GLY A 136 14.86 50.20 -36.77
C GLY A 136 13.75 49.45 -37.48
N LEU A 137 12.52 49.84 -37.17
CA LEU A 137 11.35 49.07 -37.54
C LEU A 137 10.81 49.48 -38.92
N GLN A 138 10.16 48.53 -39.58
CA GLN A 138 9.61 48.71 -40.91
C GLN A 138 8.23 48.07 -40.97
N GLU A 139 7.34 48.68 -41.77
CA GLU A 139 6.02 48.09 -41.99
C GLU A 139 5.97 47.19 -43.22
N ASP A 140 6.76 47.50 -44.25
CA ASP A 140 6.74 46.73 -45.47
C ASP A 140 7.36 45.36 -45.25
N ALA A 141 6.82 44.36 -45.95
CA ALA A 141 7.19 42.97 -45.73
C ALA A 141 8.25 42.48 -46.72
N THR A 142 9.07 43.39 -47.25
CA THR A 142 10.17 42.99 -48.11
C THR A 142 11.27 42.34 -47.27
N GLY A 143 11.70 41.15 -47.68
CA GLY A 143 12.65 40.37 -46.91
C GLY A 143 14.10 40.61 -47.26
N GLU A 144 14.42 41.77 -47.83
CA GLU A 144 15.82 42.07 -48.12
C GLU A 144 16.58 42.41 -46.85
N ALA A 145 15.96 43.21 -45.97
CA ALA A 145 16.63 43.69 -44.76
C ALA A 145 15.94 43.27 -43.47
N CYS A 146 14.81 42.57 -43.55
CA CYS A 146 14.07 42.19 -42.37
C CYS A 146 14.54 40.87 -41.78
N TRP A 147 15.43 40.17 -42.47
CA TRP A 147 15.89 38.85 -42.06
C TRP A 147 17.23 38.96 -41.34
N TRP A 148 17.47 38.05 -40.40
CA TRP A 148 18.70 38.03 -39.62
C TRP A 148 19.22 36.61 -39.49
N THR A 149 20.51 36.43 -39.76
CA THR A 149 21.14 35.12 -39.76
C THR A 149 22.03 34.99 -38.52
N MET A 150 21.99 33.82 -37.89
CA MET A 150 22.69 33.58 -36.64
C MET A 150 24.05 32.94 -36.89
N HIS A 151 24.96 33.15 -35.95
CA HIS A 151 26.27 32.53 -35.97
C HIS A 151 26.69 32.20 -34.55
N PRO A 152 27.36 31.07 -34.35
CA PRO A 152 27.79 30.70 -33.00
C PRO A 152 28.94 31.58 -32.52
N ALA A 153 29.05 31.68 -31.19
CA ALA A 153 30.08 32.52 -30.60
C ALA A 153 31.43 31.82 -30.56
N SER A 154 31.45 30.56 -30.14
CA SER A 154 32.68 29.81 -29.95
C SER A 154 32.70 28.58 -30.86
N LYS A 155 33.76 27.79 -30.72
CA LYS A 155 33.92 26.54 -31.46
C LYS A 155 33.19 25.37 -30.83
N GLN A 156 32.50 25.58 -29.71
CA GLN A 156 31.72 24.52 -29.07
C GLN A 156 30.54 24.11 -29.92
N ARG A 157 29.85 25.08 -30.50
CA ARG A 157 28.74 24.79 -31.41
C ARG A 157 29.11 25.23 -32.83
N SER A 158 28.78 24.40 -33.80
CA SER A 158 29.00 24.69 -35.21
C SER A 158 27.67 24.73 -35.94
N GLU A 159 27.73 24.88 -37.26
CA GLU A 159 26.52 24.98 -38.06
C GLU A 159 25.87 23.61 -38.17
N GLY A 160 24.57 23.57 -37.92
CA GLY A 160 23.81 22.33 -37.92
C GLY A 160 23.39 21.83 -36.56
N GLU A 161 23.66 22.58 -35.49
CA GLU A 161 23.18 22.24 -34.16
C GLU A 161 21.94 23.06 -33.84
N LYS A 162 21.26 22.69 -32.75
CA LYS A 162 20.08 23.44 -32.31
C LYS A 162 20.45 24.41 -31.20
N VAL A 163 19.69 25.50 -31.11
CA VAL A 163 19.95 26.55 -30.14
C VAL A 163 19.37 26.16 -28.79
N ARG A 164 20.04 26.60 -27.73
CA ARG A 164 19.63 26.37 -26.35
C ARG A 164 19.14 27.66 -25.73
N VAL A 165 18.60 27.56 -24.53
CA VAL A 165 18.29 28.76 -23.76
C VAL A 165 19.59 29.27 -23.11
N GLY A 166 19.93 30.52 -23.43
CA GLY A 166 21.10 31.14 -22.83
C GLY A 166 22.40 30.88 -23.55
N ASP A 167 22.37 30.84 -24.89
CA ASP A 167 23.58 30.73 -25.70
C ASP A 167 23.85 32.06 -26.39
N ASP A 168 25.10 32.48 -26.36
CA ASP A 168 25.47 33.78 -26.93
C ASP A 168 25.50 33.69 -28.45
N LEU A 169 24.67 34.49 -29.10
CA LEU A 169 24.46 34.42 -30.55
C LEU A 169 24.87 35.71 -31.23
N ILE A 170 25.11 35.60 -32.54
CA ILE A 170 25.66 36.67 -33.36
C ILE A 170 24.72 36.85 -34.55
N LEU A 171 23.91 37.91 -34.55
CA LEU A 171 22.97 38.14 -35.63
C LEU A 171 23.62 38.98 -36.73
N VAL A 172 23.45 38.55 -37.98
CA VAL A 172 24.06 39.19 -39.15
C VAL A 172 22.96 39.56 -40.14
N SER A 173 22.99 40.79 -40.63
CA SER A 173 22.03 41.25 -41.62
C SER A 173 22.31 40.62 -42.99
N VAL A 174 21.28 40.56 -43.82
CA VAL A 174 21.39 39.90 -45.11
C VAL A 174 21.85 40.87 -46.20
N SER A 175 21.12 41.97 -46.39
CA SER A 175 21.41 42.86 -47.51
C SER A 175 22.62 43.74 -47.23
N SER A 176 22.69 44.32 -46.03
CA SER A 176 23.77 45.24 -45.72
C SER A 176 24.97 44.53 -45.10
N GLU A 177 24.77 43.31 -44.56
CA GLU A 177 25.83 42.40 -44.11
C GLU A 177 26.66 42.97 -42.95
N ARG A 178 26.00 43.61 -41.99
CA ARG A 178 26.66 44.07 -40.78
C ARG A 178 26.07 43.36 -39.58
N TYR A 179 26.73 43.50 -38.43
CA TYR A 179 26.35 42.75 -37.25
C TYR A 179 25.75 43.72 -36.24
N LEU A 180 24.64 43.33 -35.61
CA LEU A 180 23.97 44.22 -34.67
C LEU A 180 24.76 44.22 -33.36
N HIS A 181 25.42 45.34 -33.07
CA HIS A 181 26.34 45.43 -31.95
C HIS A 181 26.02 46.66 -31.10
N LEU A 182 26.70 46.74 -29.97
CA LEU A 182 26.54 47.84 -29.02
C LEU A 182 27.66 48.84 -29.25
N SER A 183 27.29 50.10 -29.50
CA SER A 183 28.24 51.17 -29.79
C SER A 183 28.58 51.91 -28.51
N THR A 184 29.88 52.07 -28.24
CA THR A 184 30.38 52.76 -27.06
C THR A 184 31.13 54.03 -27.44
N ALA A 185 30.86 54.57 -28.63
CA ALA A 185 31.68 55.66 -29.14
C ALA A 185 31.29 57.00 -28.52
N SER A 186 30.05 57.43 -28.73
CA SER A 186 29.60 58.76 -28.34
C SER A 186 28.39 58.67 -27.42
N GLY A 187 28.48 59.32 -26.26
CA GLY A 187 27.35 59.38 -25.35
C GLY A 187 27.06 58.07 -24.65
N GLU A 188 25.78 57.78 -24.50
CA GLU A 188 25.33 56.56 -23.86
C GLU A 188 25.42 55.38 -24.81
N LEU A 189 24.99 54.22 -24.33
CA LEU A 189 25.12 52.97 -25.08
C LEU A 189 23.94 52.80 -26.04
N GLN A 190 24.24 52.64 -27.33
CA GLN A 190 23.21 52.49 -28.35
C GLN A 190 23.54 51.32 -29.27
N VAL A 191 22.55 50.93 -30.08
CA VAL A 191 22.67 49.82 -31.00
C VAL A 191 22.96 50.35 -32.40
N ASP A 192 23.70 49.55 -33.16
CA ASP A 192 24.09 49.87 -34.53
C ASP A 192 24.33 48.55 -35.26
N ALA A 193 24.19 48.61 -36.59
CA ALA A 193 24.65 47.53 -37.45
C ALA A 193 26.00 47.96 -38.03
N SER A 194 27.06 47.33 -37.55
CA SER A 194 28.42 47.64 -37.99
C SER A 194 29.20 46.33 -37.98
N PHE A 195 30.50 46.42 -38.28
CA PHE A 195 31.31 45.21 -38.35
C PHE A 195 32.06 44.96 -37.05
N MET A 196 31.29 44.93 -35.96
CA MET A 196 31.81 44.59 -34.64
C MET A 196 30.97 43.43 -34.12
N GLN A 197 31.63 42.39 -33.64
CA GLN A 197 30.91 41.22 -33.12
C GLN A 197 30.65 41.41 -31.64
N THR A 198 29.38 41.41 -31.27
CA THR A 198 28.96 41.48 -29.89
C THR A 198 27.92 40.39 -29.69
N LEU A 199 28.07 39.64 -28.61
CA LEU A 199 27.23 38.48 -28.37
C LEU A 199 25.93 38.90 -27.70
N TRP A 200 24.83 38.24 -28.06
CA TRP A 200 23.51 38.57 -27.55
C TRP A 200 22.81 37.31 -27.05
N ASN A 201 21.93 37.48 -26.06
CA ASN A 201 21.17 36.39 -25.48
C ASN A 201 19.73 36.43 -26.00
N MET A 202 19.18 35.26 -26.32
CA MET A 202 17.83 35.23 -26.88
C MET A 202 16.76 35.28 -25.79
N ASN A 203 16.83 34.35 -24.81
CA ASN A 203 16.06 34.35 -23.56
C ASN A 203 14.54 34.42 -23.78
N PRO A 204 13.88 33.31 -24.11
CA PRO A 204 12.45 33.33 -24.45
C PRO A 204 11.58 33.78 -23.28
N ILE A 205 10.91 34.93 -23.46
CA ILE A 205 10.14 35.53 -22.38
C ILE A 205 8.76 34.89 -22.22
N CYS A 206 8.27 34.18 -23.24
CA CYS A 206 6.94 33.58 -23.21
C CYS A 206 6.86 32.51 -24.29
N SER A 207 6.56 31.27 -23.90
CA SER A 207 6.33 30.20 -24.86
C SER A 207 4.85 30.11 -25.19
N CYS A 208 4.47 29.04 -25.87
CA CYS A 208 3.09 28.81 -26.29
C CYS A 208 2.23 28.50 -25.08
N CYS A 209 1.37 29.44 -24.71
CA CYS A 209 0.59 29.36 -23.47
C CYS A 209 -0.79 28.79 -23.76
N GLU A 210 -1.29 27.97 -22.84
CA GLU A 210 -2.64 27.44 -22.96
C GLU A 210 -3.66 28.51 -22.62
N GLU A 211 -4.74 28.56 -23.39
CA GLU A 211 -5.79 29.53 -23.16
C GLU A 211 -6.61 29.14 -21.94
N GLY A 212 -6.97 30.13 -21.13
CA GLY A 212 -7.71 29.90 -19.91
C GLY A 212 -6.91 30.03 -18.63
N TYR A 213 -5.67 30.49 -18.71
CA TYR A 213 -4.84 30.70 -17.53
C TYR A 213 -4.08 32.00 -17.70
N VAL A 214 -3.81 32.67 -16.58
CA VAL A 214 -3.12 33.96 -16.62
C VAL A 214 -1.62 33.71 -16.74
N THR A 215 -0.95 34.53 -17.54
CA THR A 215 0.50 34.62 -17.51
C THR A 215 0.91 36.06 -17.21
N GLY A 216 2.20 36.24 -16.94
CA GLY A 216 2.72 37.57 -16.68
C GLY A 216 2.88 38.35 -17.97
N GLY A 217 2.57 39.65 -17.92
CA GLY A 217 2.59 40.49 -19.09
C GLY A 217 1.25 40.63 -19.79
N HIS A 218 0.20 39.99 -19.28
CA HIS A 218 -1.10 40.00 -19.91
C HIS A 218 -1.88 41.24 -19.50
N VAL A 219 -2.58 41.83 -20.46
CA VAL A 219 -3.44 42.98 -20.23
C VAL A 219 -4.81 42.46 -19.85
N LEU A 220 -5.28 42.84 -18.66
CA LEU A 220 -6.42 42.19 -18.05
C LEU A 220 -7.15 43.18 -17.14
N ARG A 221 -8.35 42.79 -16.73
CA ARG A 221 -9.18 43.59 -15.83
C ARG A 221 -9.39 42.88 -14.49
N LEU A 222 -9.98 43.59 -13.54
CA LEU A 222 -10.14 43.15 -12.16
C LEU A 222 -11.61 43.23 -11.75
N PHE A 223 -12.50 42.62 -12.54
CA PHE A 223 -13.92 42.60 -12.24
C PHE A 223 -14.21 41.82 -10.96
N HIS A 224 -15.14 42.35 -10.17
CA HIS A 224 -15.56 41.69 -8.93
C HIS A 224 -17.08 41.67 -8.79
N GLU A 229 -18.30 45.46 -10.79
CA GLU A 229 -17.60 46.73 -10.92
C GLU A 229 -16.12 46.52 -11.23
N CYS A 230 -15.47 47.56 -11.75
CA CYS A 230 -14.08 47.51 -12.16
C CYS A 230 -13.23 48.43 -11.30
N LEU A 231 -12.00 48.01 -11.04
CA LEU A 231 -11.06 48.77 -10.21
C LEU A 231 -10.36 49.77 -11.11
N THR A 232 -10.87 51.00 -11.13
CA THR A 232 -10.45 52.02 -12.09
C THR A 232 -10.08 53.32 -11.38
N ILE A 233 -9.65 54.32 -12.18
CA ILE A 233 -9.16 55.59 -11.65
C ILE A 233 -10.16 56.66 -12.10
N SER A 234 -9.98 57.90 -11.67
CA SER A 234 -10.77 59.01 -12.18
C SER A 234 -10.27 59.44 -13.55
N ALA A 235 -11.08 60.27 -14.21
CA ALA A 235 -10.75 60.77 -15.54
C ALA A 235 -9.93 62.06 -15.48
N GLN A 241 -4.58 64.41 -9.65
CA GLN A 241 -3.68 63.95 -10.69
C GLN A 241 -3.92 62.47 -10.98
N ARG A 242 -5.15 62.02 -10.69
CA ARG A 242 -5.61 60.64 -10.93
C ARG A 242 -4.76 59.61 -10.19
N ARG A 243 -4.57 59.83 -8.88
CA ARG A 243 -3.84 58.84 -8.10
C ARG A 243 -4.75 57.95 -7.27
N LEU A 244 -5.91 58.46 -6.85
CA LEU A 244 -6.84 57.65 -6.07
C LEU A 244 -7.62 56.70 -6.97
N VAL A 245 -7.88 55.50 -6.45
CA VAL A 245 -8.45 54.41 -7.23
C VAL A 245 -9.91 54.20 -6.81
N TYR A 246 -10.80 54.09 -7.79
CA TYR A 246 -12.22 54.05 -7.51
C TYR A 246 -12.88 52.77 -8.05
N TYR A 247 -14.21 52.72 -7.98
CA TYR A 247 -15.02 51.70 -8.64
C TYR A 247 -16.09 52.39 -9.48
N GLU A 248 -16.47 51.74 -10.58
CA GLU A 248 -17.45 52.29 -11.50
C GLU A 248 -18.16 51.15 -12.22
N GLY A 249 -19.06 51.52 -13.13
CA GLY A 249 -19.93 50.58 -13.80
C GLY A 249 -19.43 50.07 -15.12
N GLY A 250 -20.38 49.68 -15.99
CA GLY A 250 -20.05 49.01 -17.23
C GLY A 250 -19.65 49.91 -18.37
N ALA A 251 -20.03 51.19 -18.32
CA ALA A 251 -19.60 52.12 -19.36
C ALA A 251 -18.12 52.45 -19.20
N VAL A 252 -17.63 52.52 -17.96
CA VAL A 252 -16.21 52.72 -17.70
C VAL A 252 -15.42 51.45 -18.00
N CYS A 253 -16.05 50.28 -17.85
CA CYS A 253 -15.35 49.00 -17.97
C CYS A 253 -14.92 48.73 -19.41
N THR A 254 -15.69 49.21 -20.39
CA THR A 254 -15.27 49.06 -21.78
C THR A 254 -14.27 50.12 -22.20
N HIS A 255 -14.09 51.18 -21.40
CA HIS A 255 -13.10 52.21 -21.71
C HIS A 255 -11.69 51.74 -21.33
N ALA A 256 -10.71 52.61 -21.59
CA ALA A 256 -9.31 52.24 -21.44
C ALA A 256 -8.74 52.56 -20.06
N ARG A 257 -9.51 53.19 -19.17
CA ARG A 257 -8.97 53.52 -17.86
C ARG A 257 -8.95 52.31 -16.94
N SER A 258 -9.79 51.32 -17.19
CA SER A 258 -9.84 50.11 -16.37
C SER A 258 -9.12 48.96 -17.06
N LEU A 259 -7.82 49.17 -17.31
CA LEU A 259 -6.94 48.13 -17.82
C LEU A 259 -5.66 48.13 -16.99
N TRP A 260 -5.33 46.99 -16.39
CA TRP A 260 -4.12 46.83 -15.60
C TRP A 260 -3.29 45.67 -16.16
N ARG A 261 -1.97 45.77 -16.00
CA ARG A 261 -1.04 44.79 -16.55
C ARG A 261 -0.10 44.30 -15.45
N LEU A 262 0.07 42.98 -15.40
CA LEU A 262 0.80 42.31 -14.32
C LEU A 262 2.20 41.96 -14.78
N GLU A 263 3.21 42.31 -13.99
CA GLU A 263 4.60 41.96 -14.29
C GLU A 263 5.19 41.24 -13.10
N PRO A 264 5.92 40.13 -13.30
CA PRO A 264 6.61 39.49 -12.19
C PRO A 264 7.87 40.26 -11.79
N LEU A 265 8.47 39.82 -10.68
CA LEU A 265 9.68 40.46 -10.17
C LEU A 265 10.90 40.06 -10.98
N ARG A 266 11.10 38.75 -11.16
CA ARG A 266 12.34 38.25 -11.74
C ARG A 266 12.29 38.36 -13.26
N ILE A 267 13.47 38.47 -13.88
CA ILE A 267 13.57 38.84 -15.29
C ILE A 267 13.15 37.69 -16.20
N SER A 268 13.67 36.49 -15.97
CA SER A 268 13.53 35.41 -16.93
C SER A 268 12.20 34.69 -16.76
N TRP A 269 11.65 34.24 -17.90
CA TRP A 269 10.38 33.51 -17.98
C TRP A 269 9.23 34.33 -17.38
N SER A 270 9.06 35.55 -17.92
CA SER A 270 8.02 36.42 -17.41
C SER A 270 6.63 35.97 -17.86
N GLY A 271 6.53 35.38 -19.06
CA GLY A 271 5.28 34.89 -19.58
C GLY A 271 4.86 33.52 -19.12
N SER A 272 5.43 33.01 -18.02
CA SER A 272 4.96 31.77 -17.45
C SER A 272 3.62 32.00 -16.73
N HIS A 273 2.94 30.89 -16.43
CA HIS A 273 1.68 30.98 -15.70
C HIS A 273 1.92 31.34 -14.23
N LEU A 274 1.15 32.30 -13.74
CA LEU A 274 1.24 32.72 -12.36
C LEU A 274 0.62 31.68 -11.44
N ARG A 275 1.19 31.56 -10.24
CA ARG A 275 0.66 30.67 -9.21
C ARG A 275 0.47 31.47 -7.92
N TRP A 276 0.00 30.76 -6.88
CA TRP A 276 -0.26 31.39 -5.60
C TRP A 276 1.02 31.53 -4.80
N GLY A 277 1.11 32.59 -4.00
CA GLY A 277 2.35 32.91 -3.31
C GLY A 277 3.39 33.53 -4.22
N GLN A 278 2.96 34.35 -5.17
CA GLN A 278 3.83 34.95 -6.17
C GLN A 278 3.79 36.47 -6.07
N PRO A 279 4.90 37.12 -5.79
CA PRO A 279 4.91 38.59 -5.79
C PRO A 279 4.97 39.15 -7.21
N LEU A 280 4.22 40.22 -7.44
CA LEU A 280 4.15 40.85 -8.75
C LEU A 280 3.74 42.31 -8.56
N ARG A 281 3.77 43.05 -9.65
CA ARG A 281 3.44 44.47 -9.62
C ARG A 281 2.25 44.77 -10.54
N ILE A 282 1.53 45.83 -10.18
CA ILE A 282 0.34 46.26 -10.92
C ILE A 282 0.70 47.53 -11.68
N ARG A 283 0.43 47.52 -12.98
CA ARG A 283 0.79 48.61 -13.90
C ARG A 283 -0.44 49.09 -14.67
N HIS A 284 -0.63 50.39 -14.69
CA HIS A 284 -1.62 50.99 -15.58
C HIS A 284 -0.99 51.33 -16.92
N VAL A 285 -1.73 51.05 -17.99
CA VAL A 285 -1.17 51.13 -19.33
C VAL A 285 -1.35 52.51 -19.97
N THR A 286 -2.20 53.37 -19.40
CA THR A 286 -2.42 54.70 -19.95
C THR A 286 -1.67 55.77 -19.16
N THR A 287 -1.80 55.76 -17.84
CA THR A 287 -1.13 56.76 -17.01
C THR A 287 0.34 56.45 -16.81
N GLY A 288 0.75 55.19 -16.97
CA GLY A 288 2.14 54.82 -16.76
C GLY A 288 2.54 54.83 -15.30
N ARG A 289 1.64 54.41 -14.41
CA ARG A 289 1.85 54.49 -12.98
C ARG A 289 1.75 53.09 -12.37
N TYR A 290 2.38 52.91 -11.21
CA TYR A 290 2.42 51.63 -10.52
C TYR A 290 1.59 51.70 -9.25
N LEU A 291 0.73 50.70 -9.05
CA LEU A 291 -0.15 50.67 -7.89
C LEU A 291 0.64 50.37 -6.61
N ALA A 292 0.57 51.29 -5.65
CA ALA A 292 1.23 51.11 -4.37
C ALA A 292 0.20 50.96 -3.25
N LEU A 299 -4.63 53.00 -0.98
CA LEU A 299 -4.00 52.42 -2.16
C LEU A 299 -4.02 53.42 -3.32
N VAL A 300 -2.83 53.96 -3.61
CA VAL A 300 -2.68 54.94 -4.67
C VAL A 300 -1.74 54.35 -5.72
N VAL A 301 -1.80 54.91 -6.92
CA VAL A 301 -0.81 54.62 -7.95
C VAL A 301 0.32 55.62 -7.83
N VAL A 302 1.55 55.18 -8.11
CA VAL A 302 2.73 56.01 -7.87
C VAL A 302 3.53 56.06 -9.17
N ASP A 303 4.39 57.07 -9.29
CA ASP A 303 5.23 57.25 -10.47
C ASP A 303 6.26 56.13 -10.58
N ALA A 304 6.84 56.01 -11.79
CA ALA A 304 7.74 54.89 -12.06
C ALA A 304 9.11 55.10 -11.44
N CYS A 305 9.50 56.35 -11.18
CA CYS A 305 10.86 56.60 -10.70
C CYS A 305 10.98 56.32 -9.20
N LYS A 306 9.94 56.61 -8.44
CA LYS A 306 9.92 56.35 -7.01
C LYS A 306 9.26 55.03 -6.64
N ALA A 307 8.81 54.26 -7.64
CA ALA A 307 8.27 52.93 -7.39
C ALA A 307 9.40 51.94 -7.09
N HIS A 308 9.32 51.27 -5.94
CA HIS A 308 10.37 50.38 -5.47
C HIS A 308 9.80 48.97 -5.35
N THR A 309 10.60 48.06 -4.79
CA THR A 309 10.07 46.74 -4.46
C THR A 309 9.28 46.78 -3.16
N LYS A 310 9.74 47.60 -2.20
CA LYS A 310 9.01 47.73 -0.94
C LYS A 310 7.76 48.60 -1.09
N ALA A 311 7.68 49.43 -2.13
CA ALA A 311 6.50 50.27 -2.30
C ALA A 311 5.40 49.53 -3.07
N THR A 312 5.72 48.99 -4.23
CA THR A 312 4.77 48.26 -5.05
C THR A 312 5.21 46.81 -5.24
N SER A 313 4.55 45.91 -4.50
CA SER A 313 4.65 44.47 -4.72
C SER A 313 3.40 43.83 -4.15
N PHE A 314 2.59 43.21 -5.00
CA PHE A 314 1.33 42.61 -4.59
C PHE A 314 1.29 41.16 -5.03
N CYS A 315 0.34 40.41 -4.47
CA CYS A 315 0.24 38.98 -4.76
C CYS A 315 -1.22 38.58 -4.88
N PHE A 316 -1.42 37.37 -5.38
CA PHE A 316 -2.74 36.78 -5.56
C PHE A 316 -2.77 35.46 -4.81
N ARG A 317 -3.72 35.32 -3.88
CA ARG A 317 -3.94 34.09 -3.12
C ARG A 317 -5.44 33.81 -3.05
N VAL A 318 -5.77 32.55 -2.75
CA VAL A 318 -7.17 32.12 -2.70
C VAL A 318 -7.80 32.47 -1.36
N SER A 319 -7.07 32.26 -0.27
CA SER A 319 -7.56 32.58 1.06
C SER A 319 -6.38 32.76 2.00
N LYS A 320 -6.48 33.74 2.91
CA LYS A 320 -5.46 33.95 3.95
C LYS A 320 -5.76 33.07 5.15
N GLU A 321 -5.00 31.98 5.27
CA GLU A 321 -4.90 31.23 6.50
C GLU A 321 -3.57 31.54 7.20
N LYS A 322 -3.36 30.90 8.36
CA LYS A 322 -2.13 31.09 9.13
C LYS A 322 -1.01 30.21 8.56
N LEU A 323 -0.37 30.72 7.51
CA LEU A 323 0.67 29.96 6.82
C LEU A 323 1.87 30.85 6.51
N GLY A 333 10.85 25.27 -17.75
CA GLY A 333 9.97 25.65 -18.83
C GLY A 333 8.91 26.64 -18.41
N MET A 334 7.67 26.38 -18.83
CA MET A 334 6.56 27.25 -18.48
C MET A 334 6.02 26.89 -17.09
N GLY A 335 5.31 27.85 -16.49
CA GLY A 335 4.78 27.69 -15.16
C GLY A 335 3.59 26.75 -15.09
N PRO A 336 3.29 26.23 -13.89
CA PRO A 336 2.11 25.36 -13.72
C PRO A 336 0.82 26.16 -13.82
N PRO A 337 -0.20 25.61 -14.48
CA PRO A 337 -1.47 26.35 -14.61
C PRO A 337 -2.28 26.35 -13.32
N GLU A 338 -1.95 27.26 -12.39
CA GLU A 338 -2.61 27.35 -11.10
C GLU A 338 -3.77 28.32 -11.09
N ILE A 339 -3.59 29.51 -11.67
CA ILE A 339 -4.62 30.54 -11.70
C ILE A 339 -5.32 30.51 -13.05
N LYS A 340 -6.65 30.45 -13.03
CA LYS A 340 -7.45 30.44 -14.25
C LYS A 340 -8.08 31.83 -14.46
N TYR A 341 -8.68 32.00 -15.64
CA TYR A 341 -9.36 33.24 -16.01
C TYR A 341 -10.81 33.19 -15.54
N GLY A 342 -11.08 33.84 -14.42
CA GLY A 342 -12.42 33.93 -13.87
C GLY A 342 -12.85 32.79 -12.99
N GLU A 343 -12.09 31.68 -12.96
CA GLU A 343 -12.44 30.51 -12.17
C GLU A 343 -11.66 30.43 -10.86
N SER A 344 -10.89 31.47 -10.53
CA SER A 344 -10.09 31.50 -9.32
C SER A 344 -10.73 32.29 -8.19
N LEU A 345 -11.42 33.38 -8.53
CA LEU A 345 -12.10 34.28 -7.57
C LEU A 345 -11.12 34.84 -6.53
N CYS A 346 -9.95 35.28 -6.99
CA CYS A 346 -8.84 35.62 -6.12
C CYS A 346 -8.65 37.13 -5.95
N PHE A 347 -8.26 37.52 -4.74
CA PHE A 347 -8.04 38.89 -4.28
C PHE A 347 -6.60 39.33 -4.53
N VAL A 348 -6.44 40.64 -4.62
CA VAL A 348 -5.11 41.25 -4.62
C VAL A 348 -4.72 41.58 -3.19
N GLN A 349 -3.44 41.38 -2.86
CA GLN A 349 -2.94 41.63 -1.52
C GLN A 349 -1.43 41.84 -1.55
N HIS A 350 -0.94 42.62 -0.59
CA HIS A 350 0.47 42.96 -0.53
C HIS A 350 1.27 41.83 0.10
N VAL A 351 2.56 41.78 -0.23
CA VAL A 351 3.44 40.71 0.26
C VAL A 351 4.02 41.04 1.64
N ALA A 352 4.18 42.31 1.97
CA ALA A 352 4.76 42.72 3.24
C ALA A 352 3.76 43.42 4.15
N SER A 353 2.82 44.16 3.56
CA SER A 353 1.81 44.84 4.37
C SER A 353 0.79 43.85 4.93
N GLY A 354 0.31 42.93 4.08
CA GLY A 354 -0.65 41.92 4.51
C GLY A 354 -2.03 42.50 4.73
N LEU A 355 -2.46 43.38 3.83
CA LEU A 355 -3.69 44.12 3.96
C LEU A 355 -4.65 43.81 2.80
N TRP A 356 -5.93 43.62 3.14
CA TRP A 356 -6.94 43.28 2.16
C TRP A 356 -7.44 44.52 1.43
N LEU A 357 -7.56 44.40 0.11
CA LEU A 357 -8.00 45.51 -0.74
C LEU A 357 -9.51 45.40 -0.97
N THR A 358 -10.29 46.16 -0.21
CA THR A 358 -11.74 46.12 -0.27
C THR A 358 -12.30 47.53 -0.49
N TYR A 359 -13.62 47.66 -0.44
CA TYR A 359 -14.28 48.93 -0.67
C TYR A 359 -14.26 49.80 0.59
N ALA A 360 -14.91 50.95 0.52
CA ALA A 360 -14.98 51.88 1.64
C ALA A 360 -16.15 51.55 2.56
N LEU A 372 -21.74 55.80 -5.75
CA LEU A 372 -21.33 54.71 -6.64
C LEU A 372 -19.81 54.57 -6.58
N LYS A 373 -19.12 55.70 -6.61
CA LYS A 373 -17.67 55.73 -6.69
C LYS A 373 -17.08 55.46 -5.31
N LYS A 374 -16.84 54.18 -5.03
CA LYS A 374 -16.33 53.73 -3.74
C LYS A 374 -14.80 53.67 -3.84
N LYS A 375 -14.14 54.42 -2.96
CA LYS A 375 -12.67 54.44 -2.96
C LYS A 375 -12.12 53.13 -2.44
N ALA A 376 -11.03 52.67 -3.04
CA ALA A 376 -10.40 51.40 -2.67
C ALA A 376 -9.34 51.66 -1.62
N ILE A 377 -9.39 50.89 -0.54
CA ILE A 377 -8.50 51.07 0.61
C ILE A 377 -8.06 49.71 1.12
N LEU A 378 -6.83 49.66 1.63
CA LEU A 378 -6.26 48.43 2.18
C LEU A 378 -6.71 48.32 3.64
N HIS A 379 -7.80 47.59 3.87
CA HIS A 379 -8.38 47.49 5.20
C HIS A 379 -8.00 46.18 5.89
N GLN A 380 -7.75 46.27 7.20
CA GLN A 380 -7.34 45.11 7.99
C GLN A 380 -8.52 44.21 8.32
N GLU A 381 -9.73 44.75 8.31
CA GLU A 381 -10.91 43.91 8.56
C GLU A 381 -11.21 43.03 7.36
N GLY A 382 -11.14 43.59 6.16
CA GLY A 382 -11.47 42.84 4.95
C GLY A 382 -12.97 42.66 4.78
N HIS A 383 -13.33 41.97 3.71
CA HIS A 383 -14.74 41.70 3.43
C HIS A 383 -14.85 40.40 2.63
N MET A 384 -16.05 39.87 2.56
CA MET A 384 -16.32 38.64 1.83
C MET A 384 -16.68 38.87 0.38
N ASP A 385 -16.82 40.12 -0.06
CA ASP A 385 -17.14 40.44 -1.44
C ASP A 385 -15.91 40.86 -2.24
N ASP A 386 -14.71 40.55 -1.75
CA ASP A 386 -13.47 40.92 -2.41
C ASP A 386 -12.97 39.87 -3.39
N ALA A 387 -13.75 38.81 -3.64
CA ALA A 387 -13.31 37.76 -4.55
C ALA A 387 -13.44 38.20 -6.00
N LEU A 388 -12.45 38.92 -6.51
CA LEU A 388 -12.51 39.44 -7.87
C LEU A 388 -12.03 38.40 -8.87
N PHE A 389 -12.70 38.33 -10.01
CA PHE A 389 -12.36 37.38 -11.07
C PHE A 389 -11.70 38.11 -12.23
N LEU A 390 -10.63 37.51 -12.75
CA LEU A 390 -9.82 38.14 -13.79
C LEU A 390 -10.37 37.79 -15.17
N THR A 391 -10.60 38.80 -16.00
CA THR A 391 -11.06 38.64 -17.37
C THR A 391 -10.04 39.30 -18.28
N ARG A 392 -9.62 38.59 -19.34
CA ARG A 392 -8.66 39.18 -20.25
C ARG A 392 -9.35 40.23 -21.11
N CYS A 393 -8.60 41.30 -21.44
CA CYS A 393 -8.99 42.25 -22.46
C CYS A 393 -8.66 41.70 -23.85
N GLN A 394 -9.00 42.48 -24.88
CA GLN A 394 -8.75 42.06 -26.25
C GLN A 394 -7.39 42.63 -26.69
N GLN A 395 -6.94 42.28 -27.90
CA GLN A 395 -5.64 42.69 -28.40
C GLN A 395 -5.65 44.04 -29.09
N GLU A 396 -6.78 44.46 -29.64
CA GLU A 396 -6.87 45.75 -30.31
C GLU A 396 -7.11 46.90 -29.33
N GLU A 397 -7.43 46.60 -28.09
CA GLU A 397 -7.56 47.61 -27.05
C GLU A 397 -6.25 47.83 -26.29
N SER A 398 -5.46 46.77 -26.13
CA SER A 398 -4.18 46.90 -25.42
C SER A 398 -3.16 47.65 -26.25
N GLN A 399 -3.22 47.52 -27.59
CA GLN A 399 -2.30 48.27 -28.43
C GLN A 399 -2.68 49.74 -28.48
N ALA A 400 -4.00 50.03 -28.52
CA ALA A 400 -4.46 51.42 -28.61
C ALA A 400 -4.24 52.16 -27.29
N ALA A 401 -4.24 51.43 -26.18
CA ALA A 401 -4.06 52.07 -24.88
C ALA A 401 -2.61 52.48 -24.64
N ARG A 402 -1.66 51.71 -25.18
CA ARG A 402 -0.27 52.08 -24.97
C ARG A 402 0.17 53.22 -25.88
N MET A 403 -0.39 53.30 -27.09
CA MET A 403 -0.03 54.41 -27.95
C MET A 403 -0.79 55.67 -27.55
N ILE A 404 -1.83 55.52 -26.74
CA ILE A 404 -2.38 56.67 -26.00
C ILE A 404 -1.34 57.20 -25.03
N HIS A 405 -0.63 56.31 -24.33
CA HIS A 405 0.38 56.73 -23.36
C HIS A 405 1.65 57.22 -24.05
N SER A 406 1.97 56.61 -25.20
CA SER A 406 3.17 57.03 -25.94
C SER A 406 2.98 58.39 -26.60
N THR A 407 1.74 58.74 -26.95
CA THR A 407 1.48 60.06 -27.49
C THR A 407 1.28 61.09 -26.38
N ALA A 408 0.70 60.70 -25.24
CA ALA A 408 0.50 61.64 -24.15
C ALA A 408 1.82 62.00 -23.48
N GLY A 409 2.76 61.06 -23.43
CA GLY A 409 4.08 61.35 -22.89
C GLY A 409 4.91 62.26 -23.76
N LEU A 410 4.62 62.30 -25.07
CA LEU A 410 5.32 63.18 -26.00
C LEU A 410 4.69 64.56 -26.03
N TYR A 411 3.37 64.64 -25.90
CA TYR A 411 2.69 65.89 -26.21
C TYR A 411 2.52 66.76 -24.98
N ASN A 412 2.51 66.16 -23.79
CA ASN A 412 2.65 66.95 -22.58
C ASN A 412 4.02 67.60 -22.51
N GLN A 413 5.03 66.89 -23.03
CA GLN A 413 6.38 67.45 -23.12
C GLN A 413 6.47 68.47 -24.25
N PHE A 414 5.61 68.35 -25.26
CA PHE A 414 5.60 69.32 -26.36
C PHE A 414 4.99 70.65 -25.91
N ILE A 415 4.05 70.60 -24.97
CA ILE A 415 3.38 71.83 -24.52
C ILE A 415 4.25 72.59 -23.53
N LYS A 416 4.89 71.90 -22.57
CA LYS A 416 5.77 72.62 -21.65
C LYS A 416 7.08 73.01 -22.32
N GLY A 417 7.40 72.36 -23.45
CA GLY A 417 8.48 72.87 -24.28
C GLY A 417 8.08 74.12 -25.03
N LEU A 418 6.83 74.17 -25.50
CA LEU A 418 6.37 75.33 -26.26
C LEU A 418 6.04 76.50 -25.34
N ASP A 419 5.58 76.22 -24.12
CA ASP A 419 5.36 77.31 -23.16
C ASP A 419 6.63 77.74 -22.45
N SER A 420 7.77 77.12 -22.75
CA SER A 420 9.04 77.61 -22.20
C SER A 420 9.42 78.95 -22.81
N PHE A 421 9.08 79.14 -24.09
CA PHE A 421 9.33 80.39 -24.80
C PHE A 421 8.05 81.09 -25.24
N SER A 422 6.94 80.85 -24.55
CA SER A 422 5.69 81.53 -24.89
C SER A 422 5.73 83.00 -24.46
N GLY A 423 6.26 83.27 -23.27
CA GLY A 423 6.37 84.63 -22.78
C GLY A 423 7.77 85.20 -22.72
N LYS A 424 8.77 84.50 -23.26
CA LYS A 424 10.15 84.97 -23.25
C LYS A 424 10.66 85.06 -24.68
N PRO A 425 11.04 86.24 -25.17
CA PRO A 425 11.52 86.35 -26.55
C PRO A 425 12.92 85.78 -26.70
N ARG A 426 13.18 85.22 -27.88
CA ARG A 426 14.46 84.64 -28.23
C ARG A 426 15.24 85.59 -29.11
N GLY A 427 16.47 85.91 -28.70
CA GLY A 427 17.32 86.81 -29.45
C GLY A 427 18.29 86.10 -30.36
N PRO A 434 16.29 73.08 -23.53
CA PRO A 434 15.53 71.89 -23.94
C PRO A 434 15.11 71.94 -25.41
N ALA A 435 15.67 71.04 -26.22
CA ALA A 435 15.34 70.99 -27.63
C ALA A 435 13.97 70.34 -27.84
N LEU A 436 13.15 70.98 -28.66
CA LEU A 436 11.81 70.47 -28.91
C LEU A 436 11.84 69.38 -29.99
N PRO A 437 11.19 68.23 -29.75
CA PRO A 437 11.21 67.10 -30.70
C PRO A 437 10.26 67.30 -31.89
N ILE A 438 10.75 68.03 -32.89
CA ILE A 438 9.93 68.31 -34.07
C ILE A 438 9.83 67.06 -34.95
N GLU A 439 10.95 66.34 -35.12
CA GLU A 439 10.94 65.12 -35.92
C GLU A 439 10.12 64.02 -35.25
N ALA A 440 9.98 64.07 -33.94
CA ALA A 440 9.14 63.10 -33.23
C ALA A 440 7.66 63.51 -33.26
N VAL A 441 7.38 64.81 -33.33
CA VAL A 441 6.00 65.27 -33.29
C VAL A 441 5.32 65.09 -34.65
N ILE A 442 6.10 64.95 -35.72
CA ILE A 442 5.55 64.94 -37.07
C ILE A 442 5.18 63.51 -37.48
N LEU A 443 6.13 62.60 -37.31
CA LEU A 443 5.94 61.20 -37.71
C LEU A 443 4.93 60.50 -36.81
N SER A 444 4.82 60.93 -35.55
CA SER A 444 3.82 60.36 -34.67
C SER A 444 2.41 60.81 -35.06
N LEU A 445 2.27 62.03 -35.56
CA LEU A 445 1.00 62.42 -36.17
C LEU A 445 0.77 61.71 -37.49
N GLN A 446 1.83 61.46 -38.27
CA GLN A 446 1.64 60.84 -39.58
C GLN A 446 1.25 59.38 -39.46
N ASP A 447 1.66 58.71 -38.38
CA ASP A 447 1.17 57.36 -38.13
C ASP A 447 -0.21 57.38 -37.48
N LEU A 448 -0.54 58.44 -36.73
CA LEU A 448 -1.85 58.52 -36.09
C LEU A 448 -2.96 58.81 -37.10
N ILE A 449 -2.67 59.56 -38.16
CA ILE A 449 -3.68 59.75 -39.22
C ILE A 449 -3.85 58.47 -40.03
N GLY A 450 -2.75 57.78 -40.32
CA GLY A 450 -2.82 56.49 -40.99
C GLY A 450 -3.40 55.38 -40.14
N TYR A 451 -3.49 55.59 -38.82
CA TYR A 451 -4.14 54.64 -37.94
C TYR A 451 -5.65 54.84 -37.92
N PHE A 452 -6.12 56.08 -38.09
CA PHE A 452 -7.53 56.43 -38.10
C PHE A 452 -8.06 56.67 -39.50
N GLU A 453 -7.43 56.11 -40.52
CA GLU A 453 -7.86 56.35 -41.88
C GLU A 453 -9.05 55.45 -42.21
N PRO A 454 -10.15 56.00 -42.73
CA PRO A 454 -11.38 55.20 -42.90
C PRO A 454 -11.24 54.18 -44.01
N PRO A 455 -12.01 53.09 -43.97
CA PRO A 455 -11.83 52.02 -44.97
C PRO A 455 -12.32 52.44 -46.34
N SER A 456 -11.90 51.65 -47.33
CA SER A 456 -12.22 51.93 -48.72
C SER A 456 -13.70 51.62 -49.00
N GLU A 457 -14.22 52.25 -50.05
CA GLU A 457 -15.62 52.08 -50.42
C GLU A 457 -15.82 50.86 -51.31
N GLU A 458 -14.75 50.40 -51.97
CA GLU A 458 -14.80 49.23 -52.84
C GLU A 458 -14.61 47.91 -52.08
N LEU A 459 -14.68 47.95 -50.76
CA LEU A 459 -14.49 46.76 -49.93
C LEU A 459 -15.82 46.05 -49.72
N GLN A 460 -15.75 44.80 -49.29
CA GLN A 460 -16.95 44.02 -49.00
C GLN A 460 -17.69 44.58 -47.79
N HIS A 461 -19.04 44.58 -47.87
CA HIS A 461 -19.85 45.18 -46.82
C HIS A 461 -19.78 44.40 -45.51
N GLU A 462 -19.55 43.08 -45.59
CA GLU A 462 -19.42 42.29 -44.38
C GLU A 462 -18.10 42.60 -43.66
N GLU A 463 -17.10 43.07 -44.40
CA GLU A 463 -15.83 43.47 -43.81
C GLU A 463 -15.78 44.96 -43.53
N LYS A 464 -16.55 45.77 -44.26
CA LYS A 464 -16.54 47.22 -44.05
C LYS A 464 -17.21 47.59 -42.73
N GLN A 465 -18.24 46.83 -42.36
CA GLN A 465 -19.01 47.19 -41.17
C GLN A 465 -18.22 46.83 -39.91
N SER A 466 -17.45 45.75 -39.96
CA SER A 466 -16.66 45.33 -38.81
C SER A 466 -15.49 46.28 -38.58
N LYS A 467 -14.93 46.85 -39.66
CA LYS A 467 -13.85 47.82 -39.50
C LYS A 467 -14.39 49.19 -39.15
N LEU A 468 -15.62 49.50 -39.56
CA LEU A 468 -16.20 50.79 -39.19
C LEU A 468 -16.63 50.80 -37.74
N ARG A 469 -17.23 49.71 -37.23
CA ARG A 469 -17.61 49.69 -35.82
C ARG A 469 -16.38 49.55 -34.95
N SER A 470 -15.32 48.92 -35.48
CA SER A 470 -14.08 48.85 -34.72
C SER A 470 -13.52 50.25 -34.56
N LEU A 471 -13.46 51.01 -35.68
CA LEU A 471 -12.85 52.34 -35.70
C LEU A 471 -13.57 53.30 -34.77
N ARG A 472 -14.90 53.21 -34.67
CA ARG A 472 -15.66 54.10 -33.80
C ARG A 472 -15.39 53.85 -32.32
N ASN A 473 -15.10 52.61 -31.92
CA ASN A 473 -14.87 52.35 -30.51
C ASN A 473 -13.50 52.88 -30.08
N ARG A 474 -12.49 52.68 -30.93
CA ARG A 474 -11.15 53.25 -30.74
C ARG A 474 -11.02 54.74 -31.09
N GLN A 475 -12.02 55.40 -31.67
CA GLN A 475 -11.96 56.86 -31.58
C GLN A 475 -12.76 57.36 -30.38
N SER A 476 -13.67 56.52 -29.86
CA SER A 476 -14.32 56.84 -28.60
C SER A 476 -13.39 56.54 -27.42
N LEU A 477 -12.56 55.50 -27.55
CA LEU A 477 -11.63 55.15 -26.48
C LEU A 477 -10.45 56.12 -26.42
N PHE A 478 -10.06 56.67 -27.58
CA PHE A 478 -8.97 57.65 -27.60
C PHE A 478 -9.39 58.96 -26.95
N GLN A 479 -10.62 59.40 -27.23
CA GLN A 479 -11.05 60.71 -26.76
C GLN A 479 -11.40 60.72 -25.27
N GLU A 480 -11.70 59.55 -24.70
CA GLU A 480 -12.14 59.53 -23.30
C GLU A 480 -10.96 59.74 -22.36
N GLU A 481 -9.84 59.10 -22.64
CA GLU A 481 -8.55 59.40 -21.99
C GLU A 481 -7.75 60.45 -22.78
N GLY A 482 -8.23 61.68 -22.78
CA GLY A 482 -7.46 62.77 -23.36
C GLY A 482 -7.56 62.76 -24.88
N MET A 483 -6.44 63.09 -25.54
CA MET A 483 -6.22 62.99 -26.98
C MET A 483 -7.16 63.88 -27.80
N LEU A 484 -7.91 64.77 -27.16
CA LEU A 484 -8.66 65.81 -27.85
C LEU A 484 -8.46 67.18 -27.24
N SER A 485 -8.66 67.33 -25.92
CA SER A 485 -8.30 68.57 -25.24
C SER A 485 -6.80 68.77 -25.24
N LEU A 486 -6.04 67.68 -25.31
CA LEU A 486 -4.61 67.76 -25.60
C LEU A 486 -4.36 68.32 -26.99
N VAL A 487 -5.24 68.03 -27.95
CA VAL A 487 -5.00 68.44 -29.33
C VAL A 487 -5.38 69.91 -29.54
N LEU A 488 -6.42 70.38 -28.84
CA LEU A 488 -6.78 71.79 -28.98
C LEU A 488 -5.74 72.71 -28.34
N ASN A 489 -5.10 72.27 -27.24
CA ASN A 489 -4.15 73.14 -26.56
C ASN A 489 -2.81 73.26 -27.30
N CYS A 490 -2.38 72.22 -28.02
CA CYS A 490 -1.16 72.39 -28.82
C CYS A 490 -1.46 73.25 -30.05
N ILE A 491 -2.72 73.32 -30.47
CA ILE A 491 -3.09 74.20 -31.58
C ILE A 491 -3.27 75.64 -31.09
N ASP A 492 -3.91 75.85 -29.92
CA ASP A 492 -4.12 77.23 -29.48
C ASP A 492 -2.84 77.86 -28.93
N ARG A 493 -1.80 77.07 -28.69
CA ARG A 493 -0.50 77.67 -28.41
C ARG A 493 0.29 77.93 -29.68
N LEU A 494 -0.04 77.25 -30.79
CA LEU A 494 0.69 77.42 -32.04
C LEU A 494 0.07 78.45 -32.97
N ASN A 495 -1.20 78.81 -32.81
CA ASN A 495 -1.82 79.75 -33.73
C ASN A 495 -1.50 81.19 -33.40
N VAL A 496 -0.94 81.46 -32.22
CA VAL A 496 -0.70 82.84 -31.79
C VAL A 496 0.43 83.47 -32.61
N TYR A 497 1.35 82.66 -33.13
CA TYR A 497 2.27 83.11 -34.16
C TYR A 497 1.60 82.88 -35.51
N THR A 498 0.96 83.93 -36.04
CA THR A 498 0.22 83.76 -37.29
C THR A 498 1.14 83.67 -38.49
N THR A 499 2.35 84.19 -38.38
CA THR A 499 3.32 84.17 -39.48
C THR A 499 4.19 82.93 -39.39
N ALA A 500 4.75 82.52 -40.53
CA ALA A 500 5.48 81.26 -40.58
C ALA A 500 6.92 81.39 -40.13
N ALA A 501 7.59 82.49 -40.46
CA ALA A 501 9.01 82.66 -40.15
C ALA A 501 9.29 83.87 -39.28
N HIS A 502 8.43 84.87 -39.28
CA HIS A 502 8.68 86.08 -38.50
C HIS A 502 8.35 85.85 -37.03
N PHE A 503 7.10 85.53 -36.71
CA PHE A 503 6.70 85.35 -35.33
C PHE A 503 7.13 84.00 -34.75
N ALA A 504 7.57 83.07 -35.60
CA ALA A 504 8.09 81.78 -35.14
C ALA A 504 9.60 81.81 -34.88
N GLU A 505 10.17 82.99 -34.64
CA GLU A 505 11.57 83.09 -34.28
C GLU A 505 11.82 82.80 -32.80
N TYR A 506 10.75 82.62 -32.01
CA TYR A 506 10.92 82.30 -30.60
C TYR A 506 11.41 80.88 -30.38
N ALA A 507 11.22 80.00 -31.37
CA ALA A 507 11.64 78.61 -31.29
C ALA A 507 12.97 78.36 -32.00
N GLY A 508 13.07 78.75 -33.26
CA GLY A 508 14.27 78.52 -34.04
C GLY A 508 13.93 78.54 -35.52
N GLU A 509 14.94 78.19 -36.33
CA GLU A 509 14.76 78.16 -37.77
C GLU A 509 14.14 76.84 -38.23
N GLU A 510 14.50 75.74 -37.56
CA GLU A 510 13.97 74.44 -37.95
C GLU A 510 12.51 74.29 -37.56
N ALA A 511 12.13 74.88 -36.42
CA ALA A 511 10.72 74.82 -36.02
C ALA A 511 9.87 75.80 -36.82
N ALA A 512 10.49 76.86 -37.35
CA ALA A 512 9.75 77.81 -38.17
C ALA A 512 9.50 77.26 -39.57
N GLU A 513 10.46 76.51 -40.13
CA GLU A 513 10.23 75.88 -41.42
C GLU A 513 9.27 74.70 -41.31
N SER A 514 9.25 74.05 -40.15
CA SER A 514 8.28 73.00 -39.86
C SER A 514 7.08 73.52 -39.06
N TRP A 515 6.91 74.85 -39.00
CA TRP A 515 5.70 75.40 -38.41
C TRP A 515 4.48 75.08 -39.26
N LYS A 516 4.64 75.09 -40.58
CA LYS A 516 3.49 74.90 -41.46
C LYS A 516 3.04 73.44 -41.49
N GLU A 517 3.98 72.50 -41.42
CA GLU A 517 3.64 71.10 -41.64
C GLU A 517 2.87 70.50 -40.47
N ILE A 518 3.16 70.94 -39.24
CA ILE A 518 2.54 70.31 -38.06
C ILE A 518 1.05 70.65 -37.97
N VAL A 519 0.68 71.90 -38.25
CA VAL A 519 -0.73 72.29 -38.15
C VAL A 519 -1.54 71.69 -39.30
N ASN A 520 -0.90 71.38 -40.43
CA ASN A 520 -1.57 70.62 -41.46
C ASN A 520 -1.85 69.19 -41.01
N LEU A 521 -0.93 68.59 -40.26
CA LEU A 521 -1.20 67.25 -39.73
C LEU A 521 -2.04 67.29 -38.46
N LEU A 522 -2.01 68.42 -37.73
CA LEU A 522 -2.81 68.52 -36.51
C LEU A 522 -4.28 68.67 -36.84
N TYR A 523 -4.60 69.39 -37.92
CA TYR A 523 -5.99 69.59 -38.30
C TYR A 523 -6.53 68.43 -39.13
N GLU A 524 -5.65 67.72 -39.85
CA GLU A 524 -6.11 66.54 -40.59
C GLU A 524 -6.41 65.39 -39.66
N LEU A 525 -5.77 65.37 -38.47
CA LEU A 525 -6.11 64.38 -37.47
C LEU A 525 -7.39 64.77 -36.72
N LEU A 526 -7.58 66.07 -36.48
CA LEU A 526 -8.82 66.54 -35.89
C LEU A 526 -9.98 66.32 -36.86
N ALA A 527 -9.72 66.44 -38.16
CA ALA A 527 -10.72 66.06 -39.15
C ALA A 527 -10.90 64.55 -39.22
N SER A 528 -9.90 63.78 -38.77
CA SER A 528 -10.06 62.34 -38.72
C SER A 528 -10.75 61.86 -37.46
N LEU A 529 -10.66 62.63 -36.37
CA LEU A 529 -11.16 62.14 -35.09
C LEU A 529 -12.65 62.43 -34.89
N ILE A 530 -13.18 63.48 -35.50
CA ILE A 530 -14.62 63.72 -35.42
C ILE A 530 -15.31 63.42 -36.76
N ARG A 531 -14.82 62.45 -37.51
CA ARG A 531 -15.41 62.05 -38.79
C ARG A 531 -16.36 60.87 -38.52
N GLY A 532 -17.66 61.16 -38.52
CA GLY A 532 -18.69 60.14 -38.50
C GLY A 532 -19.29 59.82 -37.14
N ASN A 533 -18.50 59.85 -36.08
CA ASN A 533 -19.01 59.51 -34.75
C ASN A 533 -19.68 60.75 -34.16
N ARG A 534 -20.93 60.57 -33.70
CA ARG A 534 -21.69 61.71 -33.20
C ARG A 534 -21.28 62.09 -31.78
N ALA A 535 -20.74 61.13 -31.02
CA ALA A 535 -20.39 61.40 -29.62
C ALA A 535 -19.19 62.34 -29.50
N ASN A 536 -18.26 62.27 -30.46
CA ASN A 536 -17.18 63.25 -30.49
C ASN A 536 -17.60 64.55 -31.17
N CYS A 537 -18.60 64.49 -32.05
CA CYS A 537 -19.10 65.71 -32.67
C CYS A 537 -19.97 66.51 -31.70
N ALA A 538 -20.46 65.86 -30.64
CA ALA A 538 -21.20 66.57 -29.60
C ALA A 538 -20.29 67.32 -28.64
N LEU A 539 -18.97 67.07 -28.67
CA LEU A 539 -18.06 67.86 -27.85
C LEU A 539 -17.86 69.27 -28.41
N PHE A 540 -18.05 69.45 -29.72
CA PHE A 540 -17.79 70.73 -30.36
C PHE A 540 -18.98 71.68 -30.36
N SER A 541 -19.95 71.48 -29.47
CA SER A 541 -21.06 72.43 -29.39
C SER A 541 -20.69 73.69 -28.62
N THR A 542 -19.82 73.58 -27.61
CA THR A 542 -19.49 74.72 -26.76
C THR A 542 -18.40 75.60 -27.34
N ASN A 543 -17.55 75.06 -28.20
CA ASN A 543 -16.45 75.81 -28.82
C ASN A 543 -16.57 75.85 -30.33
N LEU A 544 -17.76 76.22 -30.82
CA LEU A 544 -17.97 76.40 -32.26
C LEU A 544 -17.17 77.59 -32.78
N ASP A 545 -17.05 78.65 -31.96
CA ASP A 545 -16.34 79.84 -32.36
C ASP A 545 -14.82 79.60 -32.40
N TRP A 546 -14.35 78.54 -31.74
CA TRP A 546 -12.97 78.08 -31.91
C TRP A 546 -12.70 77.62 -33.34
N VAL A 547 -13.72 77.14 -34.04
CA VAL A 547 -13.57 76.67 -35.42
C VAL A 547 -13.90 77.79 -36.39
N VAL A 548 -14.87 78.63 -36.04
CA VAL A 548 -15.39 79.62 -36.98
C VAL A 548 -14.44 80.80 -37.11
N SER A 549 -13.85 81.25 -36.00
CA SER A 549 -12.98 82.44 -36.04
C SER A 549 -11.63 82.17 -36.67
N LYS A 550 -11.29 80.93 -36.98
CA LYS A 550 -10.01 80.61 -37.63
C LYS A 550 -10.20 80.09 -39.05
N LEU A 551 -11.23 80.58 -39.76
CA LEU A 551 -11.44 80.19 -41.15
C LEU A 551 -10.55 80.97 -42.10
N ASP A 552 -10.36 82.27 -41.86
CA ASP A 552 -9.50 83.10 -42.69
C ASP A 552 -8.12 83.29 -42.07
N ARG A 553 -7.64 82.28 -41.33
CA ARG A 553 -6.31 82.32 -40.75
C ARG A 553 -5.22 82.23 -41.81
N LEU A 554 -5.54 81.66 -42.98
CA LEU A 554 -4.68 81.48 -44.16
C LEU A 554 -3.56 80.49 -43.88
N GLU A 555 -3.60 79.81 -42.73
CA GLU A 555 -2.69 78.73 -42.40
C GLU A 555 -3.50 77.44 -42.30
N ALA A 556 -3.30 76.55 -43.29
CA ALA A 556 -4.05 75.30 -43.46
C ALA A 556 -5.55 75.53 -43.51
N SER A 557 -5.97 76.40 -44.45
CA SER A 557 -7.38 76.79 -44.54
C SER A 557 -8.24 75.65 -45.08
N SER A 558 -7.64 74.67 -45.75
CA SER A 558 -8.35 73.44 -46.06
C SER A 558 -8.53 72.57 -44.82
N GLY A 559 -7.72 72.82 -43.78
CA GLY A 559 -7.80 71.98 -42.59
C GLY A 559 -9.00 72.29 -41.72
N ILE A 560 -9.24 73.57 -41.43
CA ILE A 560 -10.36 73.97 -40.58
C ILE A 560 -11.70 73.75 -41.30
N LEU A 561 -11.71 73.93 -42.63
CA LEU A 561 -12.96 73.80 -43.39
C LEU A 561 -13.47 72.37 -43.41
N GLU A 562 -12.57 71.38 -43.47
CA GLU A 562 -12.99 69.99 -43.42
C GLU A 562 -13.39 69.60 -42.01
N VAL A 563 -12.78 70.24 -40.99
CA VAL A 563 -13.19 70.04 -39.60
C VAL A 563 -14.60 70.57 -39.39
N LEU A 564 -14.90 71.75 -39.94
CA LEU A 564 -16.24 72.31 -39.82
C LEU A 564 -17.23 71.54 -40.67
N TYR A 565 -16.75 70.91 -41.76
CA TYR A 565 -17.63 70.12 -42.62
C TYR A 565 -18.02 68.80 -41.98
N CYS A 566 -17.08 68.13 -41.30
CA CYS A 566 -17.39 66.85 -40.69
C CYS A 566 -18.12 66.99 -39.37
N VAL A 567 -18.15 68.20 -38.79
CA VAL A 567 -18.85 68.40 -37.53
C VAL A 567 -20.29 68.90 -37.75
N LEU A 568 -20.61 69.36 -38.96
CA LEU A 568 -21.94 69.85 -39.28
C LEU A 568 -22.77 68.87 -40.11
N ILE A 569 -22.26 67.68 -40.39
CA ILE A 569 -23.01 66.64 -41.08
C ILE A 569 -23.30 65.44 -40.19
N GLU A 570 -22.85 65.47 -38.94
CA GLU A 570 -23.01 64.35 -38.02
C GLU A 570 -23.87 64.68 -36.80
N SER A 571 -23.97 65.96 -36.42
CA SER A 571 -24.69 66.38 -35.23
C SER A 571 -25.64 67.52 -35.56
N PRO A 572 -26.93 67.39 -35.26
CA PRO A 572 -27.88 68.48 -35.53
C PRO A 572 -27.96 69.53 -34.43
N GLU A 573 -27.29 69.33 -33.30
CA GLU A 573 -27.34 70.30 -32.22
C GLU A 573 -26.47 71.52 -32.48
N VAL A 574 -25.51 71.43 -33.41
CA VAL A 574 -24.70 72.58 -33.77
C VAL A 574 -25.43 73.48 -34.77
N LEU A 575 -26.35 72.92 -35.55
CA LEU A 575 -27.04 73.70 -36.57
C LEU A 575 -28.05 74.70 -36.02
N ASN A 576 -28.48 74.57 -34.77
CA ASN A 576 -29.43 75.52 -34.20
C ASN A 576 -28.79 76.48 -33.21
N ILE A 577 -27.47 76.51 -33.11
CA ILE A 577 -26.79 77.45 -32.22
C ILE A 577 -25.98 78.44 -33.04
N ILE A 578 -26.23 78.47 -34.35
CA ILE A 578 -25.49 79.31 -35.28
C ILE A 578 -26.29 80.58 -35.54
N GLN A 579 -25.71 81.72 -35.17
CA GLN A 579 -26.25 83.02 -35.51
C GLN A 579 -25.57 83.55 -36.77
N GLU A 580 -25.81 84.81 -37.10
CA GLU A 580 -25.48 85.33 -38.42
C GLU A 580 -23.98 85.61 -38.57
N ASN A 581 -23.26 85.78 -37.46
CA ASN A 581 -21.83 86.11 -37.57
C ASN A 581 -21.01 84.90 -37.99
N HIS A 582 -21.48 83.69 -37.69
CA HIS A 582 -20.82 82.50 -38.21
C HIS A 582 -21.05 82.36 -39.70
N ILE A 583 -22.23 82.79 -40.17
CA ILE A 583 -22.57 82.65 -41.59
C ILE A 583 -21.80 83.68 -42.43
N LYS A 584 -21.67 84.91 -41.92
CA LYS A 584 -20.98 85.96 -42.67
C LYS A 584 -19.49 85.67 -42.80
N SER A 585 -18.91 84.92 -41.86
CA SER A 585 -17.52 84.53 -41.99
C SER A 585 -17.32 83.48 -43.07
N ILE A 586 -18.37 82.70 -43.36
CA ILE A 586 -18.26 81.65 -44.38
C ILE A 586 -18.38 82.23 -45.79
N ILE A 587 -19.23 83.25 -45.97
CA ILE A 587 -19.21 83.99 -47.23
C ILE A 587 -17.92 84.81 -47.34
N SER A 588 -17.42 85.33 -46.22
CA SER A 588 -16.11 85.98 -46.22
C SER A 588 -14.98 84.98 -46.46
N LEU A 589 -15.20 83.72 -46.08
CA LEU A 589 -14.28 82.64 -46.44
C LEU A 589 -14.30 82.40 -47.95
N LEU A 590 -15.48 82.45 -48.56
CA LEU A 590 -15.59 82.14 -49.98
C LEU A 590 -15.14 83.31 -50.84
N ASP A 591 -15.27 84.54 -50.32
CA ASP A 591 -15.00 85.75 -51.09
C ASP A 591 -13.52 86.12 -51.07
N LYS A 592 -12.72 85.53 -50.18
CA LYS A 592 -11.28 85.78 -50.16
C LYS A 592 -10.42 84.56 -50.44
N HIS A 593 -10.99 83.36 -50.45
CA HIS A 593 -10.22 82.15 -50.75
C HIS A 593 -10.69 81.45 -52.02
N GLY A 594 -11.16 82.23 -52.99
CA GLY A 594 -11.49 81.71 -54.30
C GLY A 594 -12.83 81.00 -54.36
N ARG A 595 -13.23 80.67 -55.59
CA ARG A 595 -14.50 79.98 -55.85
C ARG A 595 -14.31 78.50 -55.50
N ASN A 596 -14.59 78.16 -54.25
CA ASN A 596 -14.43 76.79 -53.78
C ASN A 596 -15.78 76.10 -53.71
N HIS A 597 -15.75 74.78 -53.94
CA HIS A 597 -16.97 73.97 -53.97
C HIS A 597 -17.26 73.29 -52.65
N LYS A 598 -16.28 73.15 -51.76
CA LYS A 598 -16.54 72.60 -50.44
C LYS A 598 -17.13 73.64 -49.51
N VAL A 599 -16.94 74.92 -49.82
CA VAL A 599 -17.59 75.98 -49.05
C VAL A 599 -19.08 76.02 -49.39
N LEU A 600 -19.46 75.53 -50.57
CA LEU A 600 -20.87 75.42 -50.90
C LEU A 600 -21.51 74.21 -50.22
N ASP A 601 -20.76 73.13 -50.06
CA ASP A 601 -21.33 71.91 -49.49
C ASP A 601 -21.60 72.04 -48.00
N VAL A 602 -20.79 72.84 -47.29
CA VAL A 602 -21.06 73.08 -45.88
C VAL A 602 -22.27 74.00 -45.73
N LEU A 603 -22.47 74.91 -46.69
CA LEU A 603 -23.70 75.70 -46.71
C LEU A 603 -24.91 74.87 -47.10
N CYS A 604 -24.71 73.82 -47.92
CA CYS A 604 -25.79 72.88 -48.18
C CYS A 604 -26.11 72.06 -46.94
N SER A 605 -25.09 71.73 -46.14
CA SER A 605 -25.30 70.97 -44.91
C SER A 605 -25.81 71.84 -43.77
N LEU A 606 -25.86 73.16 -43.93
CA LEU A 606 -26.33 74.05 -42.88
C LEU A 606 -27.82 74.32 -42.93
N CYS A 607 -28.50 73.98 -44.02
CA CYS A 607 -29.92 74.27 -44.17
C CYS A 607 -30.79 73.22 -43.48
N VAL A 608 -30.64 71.95 -43.88
CA VAL A 608 -31.44 70.86 -43.37
C VAL A 608 -30.57 69.92 -42.57
N CYS A 609 -31.21 69.15 -41.68
CA CYS A 609 -30.53 68.17 -40.86
C CYS A 609 -31.52 67.10 -40.44
N ASN A 610 -31.15 65.83 -40.67
CA ASN A 610 -31.99 64.65 -40.40
C ASN A 610 -33.33 64.74 -41.12
N GLY A 611 -33.32 65.32 -42.32
CA GLY A 611 -34.54 65.56 -43.07
C GLY A 611 -35.42 66.68 -42.54
N VAL A 612 -34.90 67.49 -41.61
CA VAL A 612 -35.68 68.57 -40.97
C VAL A 612 -34.97 69.88 -41.30
N ALA A 613 -35.73 70.85 -41.81
CA ALA A 613 -35.17 72.14 -42.19
C ALA A 613 -35.10 73.09 -41.00
N VAL A 614 -34.10 73.95 -41.02
CA VAL A 614 -33.92 75.00 -40.01
C VAL A 614 -34.06 76.34 -40.71
N ARG A 615 -35.16 77.06 -40.45
CA ARG A 615 -35.33 78.35 -41.08
C ARG A 615 -34.69 79.49 -40.30
N SER A 616 -34.01 79.19 -39.19
CA SER A 616 -33.16 80.22 -38.58
C SER A 616 -31.88 80.41 -39.37
N ASN A 617 -31.48 79.40 -40.14
CA ASN A 617 -30.27 79.46 -40.96
C ASN A 617 -30.55 79.54 -42.45
N GLN A 618 -31.76 79.21 -42.90
CA GLN A 618 -32.04 79.20 -44.33
C GLN A 618 -32.27 80.60 -44.89
N ASP A 619 -32.73 81.53 -44.08
CA ASP A 619 -32.99 82.89 -44.55
C ASP A 619 -31.77 83.79 -44.50
N LEU A 620 -30.81 83.52 -43.60
CA LEU A 620 -29.64 84.37 -43.52
C LEU A 620 -28.66 84.14 -44.67
N ILE A 621 -28.74 82.98 -45.33
CA ILE A 621 -27.97 82.80 -46.55
C ILE A 621 -28.62 83.56 -47.71
N THR A 622 -29.95 83.60 -47.75
CA THR A 622 -30.68 84.26 -48.83
C THR A 622 -30.57 85.78 -48.77
N GLU A 623 -30.35 86.36 -47.59
CA GLU A 623 -30.26 87.81 -47.49
C GLU A 623 -28.82 88.31 -47.44
N ASN A 624 -27.84 87.42 -47.43
CA ASN A 624 -26.42 87.80 -47.48
C ASN A 624 -25.71 87.37 -48.74
N LEU A 625 -25.94 86.15 -49.21
CA LEU A 625 -25.18 85.64 -50.35
C LEU A 625 -25.85 86.02 -51.67
N LEU A 626 -27.17 86.04 -51.71
CA LEU A 626 -27.92 86.24 -52.95
C LEU A 626 -28.14 87.69 -53.42
N PRO A 627 -28.57 88.67 -52.60
CA PRO A 627 -28.93 89.97 -53.18
C PRO A 627 -27.75 90.83 -53.59
N GLY A 628 -26.52 90.45 -53.26
CA GLY A 628 -25.37 91.18 -53.75
C GLY A 628 -25.15 90.96 -55.23
N ARG A 629 -25.29 89.71 -55.69
CA ARG A 629 -25.19 89.29 -57.10
C ARG A 629 -23.86 89.66 -57.74
N GLU A 630 -22.78 89.62 -56.95
CA GLU A 630 -21.43 89.84 -57.46
C GLU A 630 -20.46 88.72 -57.12
N LEU A 631 -20.82 87.80 -56.23
CA LEU A 631 -19.95 86.70 -55.84
C LEU A 631 -20.28 85.41 -56.58
N LEU A 632 -21.52 85.22 -57.00
CA LEU A 632 -22.00 83.98 -57.60
C LEU A 632 -22.39 84.21 -59.05
N LEU A 633 -22.40 83.12 -59.82
CA LEU A 633 -22.61 83.22 -61.27
C LEU A 633 -24.09 83.42 -61.60
N GLN A 634 -24.35 84.32 -62.53
CA GLN A 634 -25.70 84.70 -62.93
C GLN A 634 -26.03 84.12 -64.30
N THR A 635 -27.32 83.93 -64.55
CA THR A 635 -27.82 83.42 -65.82
C THR A 635 -28.93 84.32 -66.32
N ASN A 636 -28.99 84.50 -67.64
CA ASN A 636 -30.03 85.26 -68.31
C ASN A 636 -30.06 84.83 -69.77
N LEU A 637 -31.24 84.90 -70.37
CA LEU A 637 -31.39 84.67 -71.81
C LEU A 637 -31.08 85.95 -72.58
N ILE A 638 -30.12 85.88 -73.50
CA ILE A 638 -29.69 87.02 -74.30
C ILE A 638 -29.87 86.69 -75.78
N ASN A 639 -30.08 87.72 -76.58
CA ASN A 639 -30.30 87.57 -78.01
C ASN A 639 -28.97 87.50 -78.77
N TYR A 640 -29.06 87.08 -80.03
CA TYR A 640 -27.93 87.11 -80.97
C TYR A 640 -27.99 88.36 -81.83
N VAL A 641 -26.82 88.89 -82.19
CA VAL A 641 -26.69 90.06 -83.05
C VAL A 641 -25.61 89.77 -84.10
N THR A 642 -25.66 90.52 -85.20
CA THR A 642 -24.66 90.44 -86.27
C THR A 642 -24.07 91.82 -86.52
N SER A 643 -23.23 91.91 -87.56
CA SER A 643 -22.71 93.17 -88.08
C SER A 643 -22.38 92.98 -89.55
N ILE A 644 -22.77 93.97 -90.38
CA ILE A 644 -22.50 93.93 -91.82
C ILE A 644 -21.85 95.26 -92.21
N ARG A 645 -20.90 95.18 -93.14
CA ARG A 645 -20.23 96.36 -93.67
C ARG A 645 -20.31 96.41 -95.18
N PRO A 646 -20.16 97.59 -95.78
CA PRO A 646 -19.74 97.67 -97.18
C PRO A 646 -18.22 97.82 -97.28
N ASN A 647 -17.72 97.68 -98.51
CA ASN A 647 -16.27 97.74 -98.74
C ASN A 647 -15.82 99.18 -98.95
N ILE A 648 -16.06 99.99 -97.92
CA ILE A 648 -15.74 101.41 -97.94
C ILE A 648 -14.86 101.68 -96.72
N PHE A 649 -13.54 101.70 -96.93
CA PHE A 649 -12.58 101.94 -95.86
C PHE A 649 -12.00 103.34 -95.99
N VAL A 650 -12.00 104.08 -94.87
CA VAL A 650 -11.60 105.48 -94.84
C VAL A 650 -10.44 105.64 -93.87
N GLY A 651 -9.33 106.21 -94.33
CA GLY A 651 -8.16 106.36 -93.49
C GLY A 651 -7.46 107.69 -93.68
N ARG A 652 -6.64 108.03 -92.69
CA ARG A 652 -5.80 109.22 -92.69
C ARG A 652 -4.41 108.82 -92.24
N ALA A 653 -3.39 109.39 -92.90
CA ALA A 653 -2.00 109.21 -92.49
C ALA A 653 -1.22 110.49 -92.79
N GLU A 654 0.10 110.40 -92.82
CA GLU A 654 0.93 111.55 -93.22
C GLU A 654 0.67 111.89 -94.68
N GLY A 655 0.78 110.90 -95.56
CA GLY A 655 0.31 111.05 -96.92
C GLY A 655 -1.06 110.40 -97.08
N SER A 656 -2.12 111.21 -97.04
CA SER A 656 -3.48 110.73 -97.17
C SER A 656 -3.96 110.99 -98.60
N THR A 657 -4.37 109.92 -99.29
CA THR A 657 -4.84 110.02 -100.67
C THR A 657 -6.36 110.07 -100.78
N GLN A 658 -7.08 109.85 -99.69
CA GLN A 658 -8.53 110.01 -99.67
C GLN A 658 -8.90 111.41 -99.16
N TYR A 659 -10.21 111.67 -99.11
CA TYR A 659 -10.69 112.99 -98.75
C TYR A 659 -10.57 113.23 -97.25
N GLY A 660 -11.17 112.34 -96.45
CA GLY A 660 -11.12 112.44 -95.00
C GLY A 660 -12.45 112.78 -94.35
N LYS A 661 -13.42 113.30 -95.10
CA LYS A 661 -14.73 113.65 -94.56
C LYS A 661 -15.82 113.12 -95.50
N TRP A 662 -16.64 112.20 -95.00
CA TRP A 662 -17.63 111.50 -95.81
C TRP A 662 -18.99 111.53 -95.14
N TYR A 663 -19.98 110.95 -95.82
CA TYR A 663 -21.37 111.01 -95.36
C TYR A 663 -22.13 109.85 -95.97
N PHE A 664 -23.01 109.23 -95.18
CA PHE A 664 -23.91 108.20 -95.66
C PHE A 664 -25.18 108.21 -94.82
N GLU A 665 -26.23 107.61 -95.37
CA GLU A 665 -27.54 107.58 -94.73
C GLU A 665 -28.02 106.14 -94.57
N VAL A 666 -28.89 105.94 -93.59
CA VAL A 666 -29.51 104.64 -93.29
C VAL A 666 -30.99 104.87 -93.07
N MET A 667 -31.83 104.17 -93.83
CA MET A 667 -33.28 104.33 -93.74
C MET A 667 -33.91 103.02 -93.30
N VAL A 668 -34.56 103.04 -92.14
CA VAL A 668 -35.24 101.89 -91.57
C VAL A 668 -36.67 101.84 -92.12
N ASP A 669 -37.21 100.64 -92.32
CA ASP A 669 -38.60 100.49 -92.75
C ASP A 669 -39.42 99.52 -91.92
N GLU A 670 -38.81 98.61 -91.17
CA GLU A 670 -39.56 97.60 -90.42
C GLU A 670 -38.72 97.15 -89.24
N VAL A 671 -39.27 97.29 -88.04
CA VAL A 671 -38.62 96.83 -86.80
C VAL A 671 -39.71 96.30 -85.88
N VAL A 672 -39.53 95.07 -85.41
CA VAL A 672 -40.41 94.50 -84.40
C VAL A 672 -39.94 95.03 -83.04
N PRO A 673 -40.83 95.60 -82.21
CA PRO A 673 -40.40 96.15 -80.92
C PRO A 673 -39.92 95.09 -79.94
N PHE A 674 -40.70 94.03 -79.74
CA PHE A 674 -40.35 92.96 -78.79
C PHE A 674 -40.70 91.62 -79.40
N LEU A 675 -39.71 91.00 -80.05
CA LEU A 675 -39.90 89.65 -80.57
C LEU A 675 -39.70 88.59 -79.50
N THR A 676 -38.72 88.79 -78.61
CA THR A 676 -38.49 87.91 -77.47
C THR A 676 -38.54 88.73 -76.18
N ALA A 677 -38.08 88.16 -75.07
CA ALA A 677 -38.22 88.84 -73.78
C ALA A 677 -37.29 90.04 -73.67
N GLN A 678 -36.14 89.99 -74.33
CA GLN A 678 -35.24 91.14 -74.36
C GLN A 678 -35.52 91.98 -75.60
N ALA A 679 -35.18 93.27 -75.51
CA ALA A 679 -35.48 94.21 -76.58
C ALA A 679 -34.57 93.99 -77.78
N THR A 680 -35.06 94.39 -78.96
CA THR A 680 -34.32 94.22 -80.21
C THR A 680 -33.22 95.27 -80.27
N HIS A 681 -31.96 94.81 -80.22
CA HIS A 681 -30.82 95.70 -80.21
C HIS A 681 -30.50 96.15 -81.63
N LEU A 682 -30.58 97.46 -81.88
CA LEU A 682 -30.31 98.03 -83.20
C LEU A 682 -29.67 99.40 -83.04
N ARG A 683 -28.37 99.50 -83.37
CA ARG A 683 -27.65 100.77 -83.40
C ARG A 683 -26.94 100.91 -84.75
N VAL A 684 -26.45 102.12 -85.02
CA VAL A 684 -25.88 102.50 -86.31
C VAL A 684 -24.65 103.35 -86.03
N GLY A 685 -23.57 103.13 -86.79
CA GLY A 685 -22.42 104.01 -86.70
C GLY A 685 -21.21 103.46 -87.41
N TRP A 686 -20.04 103.91 -86.96
CA TRP A 686 -18.75 103.52 -87.54
C TRP A 686 -17.97 102.65 -86.56
N ALA A 687 -16.88 102.08 -87.06
CA ALA A 687 -15.94 101.29 -86.27
C ALA A 687 -14.60 101.29 -86.99
N LEU A 688 -13.60 100.67 -86.37
CA LEU A 688 -12.30 100.45 -87.00
C LEU A 688 -12.05 98.97 -87.27
N THR A 689 -10.98 98.72 -88.01
CA THR A 689 -10.67 97.41 -88.57
C THR A 689 -10.17 96.40 -87.53
N GLU A 690 -9.08 96.76 -86.83
CA GLU A 690 -8.36 95.75 -86.05
C GLU A 690 -9.03 95.45 -84.71
N GLY A 691 -9.84 96.37 -84.19
CA GLY A 691 -10.41 96.17 -82.88
C GLY A 691 -11.82 95.64 -82.85
N TYR A 692 -12.68 96.18 -83.70
CA TYR A 692 -14.09 95.82 -83.72
C TYR A 692 -14.23 94.41 -84.27
N SER A 693 -14.31 93.44 -83.36
CA SER A 693 -14.47 92.02 -83.71
C SER A 693 -15.69 91.49 -82.97
N PRO A 694 -16.90 91.72 -83.51
CA PRO A 694 -18.10 91.21 -82.84
C PRO A 694 -18.29 89.71 -83.04
N TYR A 695 -18.07 88.95 -81.98
CA TYR A 695 -18.23 87.50 -82.03
C TYR A 695 -19.65 87.12 -81.64
N PRO A 696 -20.22 86.08 -82.28
CA PRO A 696 -21.61 85.71 -81.99
C PRO A 696 -21.82 85.14 -80.60
N GLY A 697 -20.82 84.43 -80.06
CA GLY A 697 -20.91 83.87 -78.72
C GLY A 697 -19.84 84.47 -77.83
N GLY A 698 -20.27 85.02 -76.70
CA GLY A 698 -19.37 85.59 -75.73
C GLY A 698 -18.99 87.03 -76.04
N GLY A 699 -18.47 87.71 -75.03
CA GLY A 699 -18.02 89.07 -75.20
C GLY A 699 -18.09 89.84 -73.90
N GLU A 700 -17.96 91.16 -74.02
CA GLU A 700 -17.98 92.04 -72.87
C GLU A 700 -19.41 92.38 -72.47
N GLY A 701 -19.58 92.76 -71.20
CA GLY A 701 -20.91 93.01 -70.68
C GLY A 701 -21.63 91.71 -70.33
N TRP A 702 -22.95 91.77 -70.35
CA TRP A 702 -23.74 90.55 -70.14
C TRP A 702 -23.85 89.77 -71.44
N GLY A 703 -23.99 90.45 -72.56
CA GLY A 703 -23.91 89.78 -73.84
C GLY A 703 -24.60 90.56 -74.94
N GLY A 704 -24.53 90.00 -76.14
CA GLY A 704 -25.05 90.63 -77.33
C GLY A 704 -24.26 91.84 -77.78
N ASN A 705 -22.93 91.69 -77.82
CA ASN A 705 -22.04 92.80 -78.14
C ASN A 705 -22.10 93.17 -79.62
N GLY A 706 -22.30 94.45 -79.90
CA GLY A 706 -22.34 94.96 -81.25
C GLY A 706 -21.61 96.28 -81.36
N VAL A 707 -22.18 97.22 -82.11
CA VAL A 707 -21.62 98.58 -82.17
C VAL A 707 -21.84 99.27 -80.84
N GLY A 708 -20.86 100.06 -80.41
CA GLY A 708 -20.98 100.84 -79.19
C GLY A 708 -20.55 100.15 -77.92
N ASP A 709 -20.25 98.85 -77.97
CA ASP A 709 -19.87 98.11 -76.77
C ASP A 709 -18.38 98.06 -76.53
N ASP A 710 -17.59 98.80 -77.31
CA ASP A 710 -16.16 98.95 -77.06
C ASP A 710 -15.74 100.37 -77.42
N LEU A 711 -14.45 100.66 -77.18
CA LEU A 711 -13.90 101.95 -77.57
C LEU A 711 -13.60 102.04 -79.06
N TYR A 712 -13.74 100.92 -79.78
CA TYR A 712 -13.48 100.82 -81.21
C TYR A 712 -14.68 101.19 -82.07
N SER A 713 -15.89 101.13 -81.54
CA SER A 713 -17.09 101.39 -82.33
C SER A 713 -17.93 102.48 -81.68
N TYR A 714 -18.77 103.11 -82.49
CA TYR A 714 -19.55 104.27 -82.05
C TYR A 714 -20.99 104.08 -82.49
N GLY A 715 -21.87 103.71 -81.54
CA GLY A 715 -23.24 103.41 -81.85
C GLY A 715 -24.19 104.57 -81.58
N PHE A 716 -25.40 104.44 -82.13
CA PHE A 716 -26.44 105.44 -81.95
C PHE A 716 -27.78 104.76 -82.17
N ASP A 717 -28.62 104.72 -81.14
CA ASP A 717 -29.92 104.04 -81.22
C ASP A 717 -31.08 105.02 -81.28
N GLY A 718 -30.81 106.32 -81.34
CA GLY A 718 -31.87 107.30 -81.34
C GLY A 718 -31.82 108.21 -80.14
N LEU A 719 -31.56 107.64 -78.95
CA LEU A 719 -31.47 108.47 -77.75
C LEU A 719 -30.32 108.08 -76.83
N HIS A 720 -29.44 107.18 -77.22
CA HIS A 720 -28.22 106.89 -76.48
C HIS A 720 -27.02 106.94 -77.40
N LEU A 721 -25.91 107.49 -76.91
CA LEU A 721 -24.65 107.51 -77.66
C LEU A 721 -23.75 106.43 -77.07
N TRP A 722 -23.71 105.28 -77.72
CA TRP A 722 -23.02 104.11 -77.19
C TRP A 722 -21.55 104.13 -77.61
N THR A 723 -20.66 104.19 -76.62
CA THR A 723 -19.24 103.89 -76.83
C THR A 723 -18.65 103.39 -75.51
N GLY A 724 -17.83 102.35 -75.59
CA GLY A 724 -17.20 101.79 -74.41
C GLY A 724 -18.14 101.12 -73.44
N HIS A 725 -19.25 100.56 -73.94
CA HIS A 725 -20.26 99.83 -73.17
C HIS A 725 -20.89 100.68 -72.06
N VAL A 726 -21.02 101.99 -72.29
CA VAL A 726 -21.74 102.89 -71.39
C VAL A 726 -22.67 103.77 -72.23
N ALA A 727 -23.92 103.89 -71.79
CA ALA A 727 -24.95 104.63 -72.53
C ALA A 727 -24.99 106.07 -72.07
N ARG A 728 -25.05 107.00 -73.02
CA ARG A 728 -25.11 108.44 -72.74
C ARG A 728 -26.42 108.96 -73.29
N PRO A 729 -27.38 109.38 -72.47
CA PRO A 729 -28.67 109.84 -73.01
C PRO A 729 -28.59 111.27 -73.52
N VAL A 730 -29.29 111.53 -74.63
CA VAL A 730 -29.16 112.78 -75.36
C VAL A 730 -30.39 113.63 -75.09
N THR A 731 -30.34 114.86 -75.58
CA THR A 731 -31.49 115.77 -75.60
C THR A 731 -31.72 116.16 -77.07
N SER A 732 -32.49 115.34 -77.78
CA SER A 732 -32.83 115.59 -79.16
C SER A 732 -34.34 115.85 -79.29
N PRO A 733 -34.76 116.73 -80.20
CA PRO A 733 -36.20 117.00 -80.36
C PRO A 733 -36.94 115.79 -80.92
N GLY A 734 -37.88 115.28 -80.13
CA GLY A 734 -38.59 114.07 -80.47
C GLY A 734 -37.72 112.84 -80.28
N GLN A 735 -37.17 112.69 -79.07
CA GLN A 735 -36.29 111.56 -78.80
C GLN A 735 -37.09 110.26 -78.66
N HIS A 736 -36.66 109.25 -79.41
CA HIS A 736 -37.29 107.93 -79.42
C HIS A 736 -36.27 106.96 -80.03
N LEU A 737 -36.66 105.69 -80.12
CA LEU A 737 -35.79 104.70 -80.73
C LEU A 737 -35.87 104.81 -82.26
N LEU A 738 -35.16 103.93 -82.95
CA LEU A 738 -35.20 103.93 -84.41
C LEU A 738 -36.49 103.25 -84.85
N ALA A 739 -37.55 104.06 -84.92
CA ALA A 739 -38.84 103.63 -85.41
C ALA A 739 -38.77 103.37 -86.91
N PRO A 740 -39.73 102.61 -87.46
CA PRO A 740 -39.80 102.47 -88.92
C PRO A 740 -40.10 103.79 -89.62
N GLU A 741 -39.76 103.82 -90.92
CA GLU A 741 -39.82 105.01 -91.78
C GLU A 741 -39.00 106.16 -91.21
N ASP A 742 -37.80 105.85 -90.70
CA ASP A 742 -36.89 106.84 -90.17
C ASP A 742 -35.59 106.84 -90.96
N VAL A 743 -35.00 108.03 -91.11
CA VAL A 743 -33.73 108.20 -91.80
C VAL A 743 -32.71 108.68 -90.79
N VAL A 744 -31.72 107.83 -90.49
CA VAL A 744 -30.62 108.19 -89.61
C VAL A 744 -29.36 108.37 -90.44
N SER A 745 -28.67 109.49 -90.21
CA SER A 745 -27.49 109.85 -90.97
C SER A 745 -26.29 109.93 -90.04
N CYS A 746 -25.10 109.65 -90.59
CA CYS A 746 -23.87 109.67 -89.82
C CYS A 746 -22.84 110.50 -90.55
N CYS A 747 -22.38 111.58 -89.93
CA CYS A 747 -21.35 112.44 -90.50
C CYS A 747 -19.99 112.04 -89.94
N LEU A 748 -18.95 112.18 -90.77
CA LEU A 748 -17.59 111.79 -90.39
C LEU A 748 -16.61 112.84 -90.88
N ASP A 749 -15.61 113.13 -90.04
CA ASP A 749 -14.49 114.00 -90.40
C ASP A 749 -13.27 113.47 -89.66
N LEU A 750 -12.16 113.30 -90.40
CA LEU A 750 -10.90 112.86 -89.80
C LEU A 750 -9.83 113.95 -89.74
N SER A 751 -10.05 115.09 -90.39
CA SER A 751 -9.07 116.19 -90.35
C SER A 751 -8.94 116.74 -88.94
N VAL A 752 -10.04 117.14 -88.34
CA VAL A 752 -10.19 117.21 -86.89
C VAL A 752 -11.15 116.09 -86.49
N PRO A 753 -10.91 115.38 -85.38
CA PRO A 753 -11.87 114.35 -84.96
C PRO A 753 -13.22 114.91 -84.57
N SER A 754 -14.26 114.53 -85.32
CA SER A 754 -15.64 114.84 -84.99
C SER A 754 -16.55 113.87 -85.75
N ILE A 755 -17.44 113.20 -85.02
CA ILE A 755 -18.40 112.27 -85.62
C ILE A 755 -19.79 112.72 -85.19
N SER A 756 -20.58 113.21 -86.15
CA SER A 756 -21.91 113.72 -85.90
C SER A 756 -22.98 112.78 -86.44
N PHE A 757 -24.16 112.86 -85.84
CA PHE A 757 -25.31 112.06 -86.23
C PHE A 757 -26.51 112.99 -86.34
N ARG A 758 -27.35 112.81 -87.35
CA ARG A 758 -28.60 113.56 -87.48
C ARG A 758 -29.71 112.58 -87.80
N ILE A 759 -30.82 112.67 -87.09
CA ILE A 759 -31.95 111.77 -87.24
C ILE A 759 -33.12 112.52 -87.87
N ASN A 760 -33.58 112.02 -89.03
CA ASN A 760 -34.69 112.56 -89.82
C ASN A 760 -34.49 114.05 -90.17
N GLY A 761 -33.26 114.43 -90.51
CA GLY A 761 -32.96 115.79 -90.89
C GLY A 761 -32.81 116.77 -89.75
N CYS A 762 -32.89 116.32 -88.51
CA CYS A 762 -32.63 117.17 -87.36
C CYS A 762 -31.36 116.69 -86.67
N PRO A 763 -30.40 117.57 -86.40
CA PRO A 763 -29.14 117.12 -85.79
C PRO A 763 -29.31 116.84 -84.30
N VAL A 764 -28.48 115.95 -83.79
CA VAL A 764 -28.45 115.64 -82.37
C VAL A 764 -27.38 116.50 -81.72
N GLN A 765 -27.52 116.70 -80.41
CA GLN A 765 -26.54 117.48 -79.64
C GLN A 765 -25.61 116.53 -78.89
N GLY A 766 -24.83 115.78 -79.66
CA GLY A 766 -23.79 114.93 -79.12
C GLY A 766 -22.86 114.39 -80.19
N VAL A 767 -21.55 114.58 -79.99
CA VAL A 767 -20.53 114.21 -80.96
C VAL A 767 -19.35 113.57 -80.23
N PHE A 768 -18.57 112.80 -80.99
CA PHE A 768 -17.39 112.11 -80.50
C PHE A 768 -16.14 112.79 -81.07
N GLU A 769 -15.23 113.20 -80.20
CA GLU A 769 -13.95 113.74 -80.63
C GLU A 769 -12.80 113.11 -79.86
N ALA A 770 -11.59 113.50 -80.26
CA ALA A 770 -10.31 113.08 -79.69
C ALA A 770 -10.11 111.57 -79.75
N PHE A 771 -10.71 110.92 -80.74
CA PHE A 771 -10.55 109.47 -80.88
C PHE A 771 -9.25 109.17 -81.63
N ASN A 772 -8.84 107.91 -81.54
CA ASN A 772 -7.64 107.47 -82.23
C ASN A 772 -7.95 107.14 -83.68
N LEU A 773 -7.01 107.48 -84.57
CA LEU A 773 -7.19 107.25 -86.00
C LEU A 773 -6.26 106.17 -86.54
N ASP A 774 -5.67 105.34 -85.67
CA ASP A 774 -4.83 104.23 -86.10
C ASP A 774 -5.72 103.11 -86.60
N GLY A 775 -6.08 103.20 -87.87
CA GLY A 775 -6.94 102.21 -88.50
C GLY A 775 -7.79 102.87 -89.57
N LEU A 776 -8.75 102.10 -90.09
CA LEU A 776 -9.64 102.56 -91.14
C LEU A 776 -11.08 102.44 -90.70
N PHE A 777 -11.91 103.37 -91.16
CA PHE A 777 -13.30 103.45 -90.73
C PHE A 777 -14.22 102.93 -91.83
N PHE A 778 -15.34 102.33 -91.41
CA PHE A 778 -16.31 101.76 -92.33
C PHE A 778 -17.67 101.74 -91.65
N PRO A 779 -18.76 101.89 -92.40
CA PRO A 779 -20.10 101.88 -91.79
C PRO A 779 -20.50 100.49 -91.31
N VAL A 780 -20.98 100.41 -90.08
CA VAL A 780 -21.49 99.16 -89.52
C VAL A 780 -22.88 99.40 -88.91
N VAL A 781 -23.80 98.48 -89.16
CA VAL A 781 -25.06 98.38 -88.45
C VAL A 781 -25.05 97.04 -87.72
N SER A 782 -25.73 96.98 -86.57
CA SER A 782 -25.88 95.74 -85.83
C SER A 782 -27.34 95.58 -85.46
N PHE A 783 -27.96 94.48 -85.88
CA PHE A 783 -29.37 94.27 -85.68
C PHE A 783 -29.63 92.93 -85.00
N SER A 784 -30.67 92.89 -84.19
CA SER A 784 -31.13 91.67 -83.55
C SER A 784 -32.19 91.01 -84.44
N ALA A 785 -32.95 90.07 -83.89
CA ALA A 785 -33.93 89.34 -84.68
C ALA A 785 -35.14 90.21 -84.98
N GLY A 786 -35.58 90.19 -86.24
CA GLY A 786 -36.78 90.90 -86.66
C GLY A 786 -36.56 92.34 -87.06
N VAL A 787 -35.49 92.60 -87.83
CA VAL A 787 -35.14 93.95 -88.25
C VAL A 787 -34.84 93.93 -89.75
N LYS A 788 -35.63 94.68 -90.52
CA LYS A 788 -35.32 94.99 -91.92
C LYS A 788 -34.89 96.44 -92.01
N VAL A 789 -33.77 96.70 -92.68
CA VAL A 789 -33.23 98.06 -92.78
C VAL A 789 -32.52 98.19 -94.12
N ARG A 790 -32.59 99.39 -94.71
CA ARG A 790 -32.01 99.67 -96.01
C ARG A 790 -30.83 100.62 -95.85
N PHE A 791 -29.84 100.48 -96.74
CA PHE A 791 -28.67 101.35 -96.73
C PHE A 791 -28.72 102.35 -97.87
N LEU A 792 -28.24 103.57 -97.61
CA LEU A 792 -28.18 104.67 -98.56
C LEU A 792 -26.74 105.16 -98.57
N LEU A 793 -25.92 104.58 -99.44
CA LEU A 793 -24.49 104.89 -99.44
C LEU A 793 -24.15 106.05 -100.37
N GLY A 794 -24.70 106.04 -101.58
CA GLY A 794 -24.42 107.10 -102.53
C GLY A 794 -25.58 107.31 -103.47
N GLY A 795 -25.41 108.24 -104.41
CA GLY A 795 -26.46 108.53 -105.37
C GLY A 795 -26.63 107.45 -106.42
N ARG A 796 -25.55 106.72 -106.73
CA ARG A 796 -25.64 105.66 -107.72
C ARG A 796 -26.28 104.40 -107.16
N HIS A 797 -26.11 104.15 -105.85
CA HIS A 797 -26.64 102.96 -105.22
C HIS A 797 -27.94 103.21 -104.46
N GLY A 798 -28.16 104.44 -103.99
CA GLY A 798 -29.40 104.79 -103.32
C GLY A 798 -29.83 106.21 -103.63
N GLU A 799 -30.82 106.72 -102.90
CA GLU A 799 -31.33 108.07 -103.08
C GLU A 799 -31.30 108.78 -101.73
N PHE A 800 -30.49 109.83 -101.63
CA PHE A 800 -30.41 110.58 -100.38
C PHE A 800 -31.68 111.40 -100.19
N LYS A 801 -32.41 111.10 -99.11
CA LYS A 801 -33.60 111.88 -98.81
C LYS A 801 -33.28 113.24 -98.23
N PHE A 802 -32.07 113.42 -97.73
CA PHE A 802 -31.58 114.70 -97.24
C PHE A 802 -30.26 115.02 -97.92
N LEU A 803 -30.09 116.28 -98.26
CA LEU A 803 -28.87 116.70 -98.95
C LEU A 803 -27.74 116.81 -97.94
N PRO A 804 -26.52 116.38 -98.30
CA PRO A 804 -25.42 116.39 -97.33
C PRO A 804 -24.95 117.82 -97.05
N PRO A 805 -24.31 118.04 -95.91
CA PRO A 805 -23.72 119.36 -95.63
C PRO A 805 -22.56 119.65 -96.58
N PRO A 806 -22.24 120.94 -96.79
CA PRO A 806 -21.14 121.28 -97.72
C PRO A 806 -19.79 120.84 -97.18
N GLY A 807 -19.11 120.00 -97.96
CA GLY A 807 -17.84 119.43 -97.57
C GLY A 807 -17.87 117.96 -97.24
N TYR A 808 -19.05 117.33 -97.24
CA TYR A 808 -19.19 115.91 -96.97
C TYR A 808 -19.63 115.21 -98.25
N ALA A 809 -18.75 114.37 -98.79
CA ALA A 809 -18.91 113.56 -99.99
C ALA A 809 -19.72 112.30 -99.68
N PRO A 810 -20.51 111.81 -100.65
CA PRO A 810 -21.24 110.55 -100.41
C PRO A 810 -20.30 109.37 -100.34
N CYS A 811 -20.76 108.33 -99.63
CA CYS A 811 -19.88 107.23 -99.23
C CYS A 811 -19.57 106.27 -100.37
N HIS A 812 -20.23 106.40 -101.52
CA HIS A 812 -20.01 105.50 -102.65
C HIS A 812 -18.76 105.84 -103.46
N GLU A 813 -18.06 106.92 -103.16
CA GLU A 813 -16.90 107.31 -103.95
C GLU A 813 -15.60 106.68 -103.46
N ALA A 814 -15.55 106.16 -102.25
CA ALA A 814 -14.32 105.62 -101.69
C ALA A 814 -14.14 104.14 -101.96
N VAL A 815 -14.93 103.56 -102.87
CA VAL A 815 -14.71 102.17 -103.24
C VAL A 815 -13.50 102.06 -104.17
N LEU A 816 -12.71 101.01 -103.97
CA LEU A 816 -11.48 100.83 -104.73
C LEU A 816 -11.78 100.32 -106.14
N PRO A 817 -10.92 100.61 -107.11
CA PRO A 817 -11.19 100.15 -108.49
C PRO A 817 -11.05 98.65 -108.68
N ARG A 818 -10.44 97.93 -107.74
CA ARG A 818 -10.24 96.49 -107.84
C ARG A 818 -11.36 95.73 -107.10
N GLU A 819 -12.46 96.41 -106.79
CA GLU A 819 -13.50 95.77 -106.00
C GLU A 819 -14.84 96.43 -106.28
N ARG A 820 -15.88 95.60 -106.34
CA ARG A 820 -17.25 96.07 -106.41
C ARG A 820 -17.84 96.11 -105.00
N LEU A 821 -18.87 96.92 -104.82
CA LEU A 821 -19.39 97.17 -103.48
C LEU A 821 -20.28 96.00 -103.05
N ARG A 822 -19.91 95.37 -101.94
CA ARG A 822 -20.50 94.15 -101.44
C ARG A 822 -21.01 94.42 -100.03
N LEU A 823 -21.84 93.53 -99.49
CA LEU A 823 -22.25 93.56 -98.08
C LEU A 823 -21.77 92.28 -97.43
N GLU A 824 -20.77 92.40 -96.56
CA GLU A 824 -20.09 91.25 -95.98
C GLU A 824 -20.02 91.39 -94.47
N PRO A 825 -19.99 90.28 -93.74
CA PRO A 825 -19.76 90.34 -92.29
C PRO A 825 -18.27 90.53 -91.98
N ILE A 826 -17.99 90.66 -90.69
CA ILE A 826 -16.66 90.98 -90.18
C ILE A 826 -16.20 89.85 -89.27
N LYS A 827 -14.94 89.42 -89.43
CA LYS A 827 -14.25 88.47 -88.55
C LYS A 827 -14.96 87.12 -88.50
N GLU A 828 -15.49 86.70 -89.65
CA GLU A 828 -16.30 85.50 -89.74
C GLU A 828 -15.47 84.22 -89.61
N TYR A 829 -16.15 83.14 -89.28
CA TYR A 829 -15.57 81.81 -89.27
C TYR A 829 -16.50 80.74 -89.84
N ARG A 830 -17.78 81.06 -90.06
CA ARG A 830 -18.75 80.14 -90.63
C ARG A 830 -19.45 80.83 -91.78
N ARG A 831 -19.36 80.25 -92.97
CA ARG A 831 -20.06 80.74 -94.15
C ARG A 831 -20.87 79.60 -94.75
N GLU A 832 -22.15 79.83 -94.98
CA GLU A 832 -23.02 78.79 -95.52
C GLU A 832 -22.74 78.56 -97.00
N GLY A 833 -22.69 77.30 -97.40
CA GLY A 833 -22.39 76.93 -98.77
C GLY A 833 -23.36 75.91 -99.33
N PRO A 834 -23.12 75.48 -100.57
CA PRO A 834 -24.04 74.51 -101.18
C PRO A 834 -23.92 73.11 -100.58
N ARG A 835 -22.71 72.65 -100.32
CA ARG A 835 -22.52 71.33 -99.73
C ARG A 835 -22.34 71.43 -98.22
N PRO A 837 -21.95 73.93 -94.49
CA PRO A 837 -21.34 75.18 -94.03
C PRO A 837 -19.82 75.19 -94.17
N HIS A 838 -19.29 76.17 -94.88
CA HIS A 838 -17.85 76.27 -95.12
C HIS A 838 -17.18 77.06 -94.00
N LEU A 839 -15.99 76.62 -93.64
CA LEU A 839 -15.17 77.29 -92.63
C LEU A 839 -14.15 78.15 -93.34
N VAL A 840 -14.07 79.42 -92.95
CA VAL A 840 -13.17 80.38 -93.57
C VAL A 840 -12.02 80.68 -92.62
N GLY A 841 -11.00 81.36 -93.15
CA GLY A 841 -9.90 81.83 -92.34
C GLY A 841 -10.03 83.31 -92.04
N PRO A 842 -9.00 83.89 -91.42
CA PRO A 842 -9.04 85.33 -91.13
C PRO A 842 -8.78 86.14 -92.39
N SER A 843 -9.58 87.18 -92.60
CA SER A 843 -9.45 88.01 -93.78
C SER A 843 -8.28 88.99 -93.63
N ARG A 844 -7.57 89.21 -94.73
CA ARG A 844 -6.46 90.16 -94.76
C ARG A 844 -6.99 91.53 -95.17
N CYS A 845 -7.34 92.33 -94.17
CA CYS A 845 -7.85 93.66 -94.42
C CYS A 845 -6.71 94.64 -94.70
N LEU A 846 -7.09 95.82 -95.18
CA LEU A 846 -6.11 96.81 -95.61
C LEU A 846 -5.42 97.46 -94.41
N SER A 847 -4.12 97.70 -94.56
CA SER A 847 -3.33 98.30 -93.50
C SER A 847 -3.48 99.82 -93.52
N HIS A 848 -2.96 100.45 -92.46
CA HIS A 848 -3.08 101.91 -92.34
C HIS A 848 -2.12 102.62 -93.30
N THR A 849 -0.88 102.15 -93.38
CA THR A 849 0.13 102.74 -94.27
C THR A 849 0.20 102.04 -95.62
N ASP A 850 -0.89 101.40 -96.05
CA ASP A 850 -0.93 100.79 -97.38
C ASP A 850 -1.44 101.74 -98.45
N PHE A 851 -2.26 102.72 -98.07
CA PHE A 851 -2.78 103.68 -99.02
C PHE A 851 -1.76 104.77 -99.35
N VAL A 852 -0.73 104.94 -98.54
CA VAL A 852 0.26 105.99 -98.78
C VAL A 852 1.18 105.53 -99.91
N PRO A 853 1.57 106.42 -100.83
CA PRO A 853 2.56 106.04 -101.84
C PRO A 853 3.98 106.23 -101.34
N CYS A 854 4.85 105.30 -101.72
CA CYS A 854 6.22 105.33 -101.25
C CYS A 854 7.20 105.57 -102.40
N PRO A 855 8.22 106.41 -102.21
CA PRO A 855 9.22 106.72 -103.24
C PRO A 855 10.25 105.61 -103.42
N ILE A 861 20.44 110.99 -107.02
CA ILE A 861 21.82 110.59 -107.21
C ILE A 861 22.46 111.35 -108.37
N VAL A 862 23.77 111.17 -108.54
CA VAL A 862 24.48 111.70 -109.69
C VAL A 862 24.32 110.74 -110.86
N LEU A 863 24.56 111.21 -112.08
CA LEU A 863 24.40 110.41 -113.28
C LEU A 863 25.69 110.50 -114.10
N PRO A 864 26.31 109.37 -114.47
CA PRO A 864 27.61 109.41 -115.16
C PRO A 864 27.46 109.92 -116.59
N PRO A 865 28.54 110.42 -117.20
CA PRO A 865 28.41 111.00 -118.56
C PRO A 865 28.17 109.97 -119.66
N HIS A 866 28.41 108.68 -119.42
CA HIS A 866 28.16 107.68 -120.46
C HIS A 866 26.67 107.44 -120.68
N LEU A 867 25.84 107.73 -119.69
CA LEU A 867 24.39 107.63 -119.81
C LEU A 867 23.70 108.98 -119.93
N GLU A 868 24.46 110.09 -119.91
CA GLU A 868 23.85 111.39 -120.07
C GLU A 868 23.60 111.73 -121.54
N ARG A 869 24.40 111.17 -122.46
CA ARG A 869 24.18 111.39 -123.88
C ARG A 869 23.05 110.52 -124.42
N ILE A 870 22.77 109.39 -123.77
CA ILE A 870 21.71 108.50 -124.24
C ILE A 870 20.33 108.96 -123.78
N ARG A 871 20.26 109.94 -122.88
CA ARG A 871 18.97 110.44 -122.41
C ARG A 871 18.26 111.23 -123.50
N GLU A 872 19.02 111.90 -124.38
CA GLU A 872 18.42 112.58 -125.51
C GLU A 872 18.01 111.60 -126.60
N LYS A 873 18.76 110.51 -126.76
CA LYS A 873 18.43 109.52 -127.79
C LYS A 873 17.20 108.71 -127.39
N LEU A 874 17.00 108.50 -126.08
CA LEU A 874 15.79 107.83 -125.61
C LEU A 874 14.59 108.78 -125.64
N ALA A 875 14.83 110.08 -125.47
CA ALA A 875 13.74 111.06 -125.45
C ALA A 875 13.18 111.28 -126.85
N GLU A 876 14.06 111.25 -127.86
CA GLU A 876 13.59 111.30 -129.25
C GLU A 876 12.97 109.98 -129.67
N ASN A 877 13.38 108.88 -129.02
CA ASN A 877 12.78 107.59 -129.30
C ASN A 877 11.36 107.50 -128.78
N ILE A 878 11.10 108.04 -127.59
CA ILE A 878 9.77 108.01 -127.02
C ILE A 878 8.85 108.97 -127.76
N HIS A 879 9.40 110.09 -128.24
CA HIS A 879 8.62 111.02 -129.04
C HIS A 879 8.33 110.43 -130.42
N GLU A 880 9.23 109.58 -130.93
CA GLU A 880 8.96 108.89 -132.19
C GLU A 880 7.93 107.77 -131.97
N LEU A 881 7.94 107.16 -130.78
CA LEU A 881 6.94 106.13 -130.49
C LEU A 881 5.59 106.75 -130.15
N TRP A 882 5.59 107.95 -129.59
CA TRP A 882 4.32 108.63 -129.30
C TRP A 882 3.68 109.15 -130.58
N ALA A 883 4.50 109.59 -131.55
CA ALA A 883 3.96 110.09 -132.80
C ALA A 883 3.53 108.95 -133.72
N LEU A 884 4.07 107.75 -133.51
CA LEU A 884 3.70 106.61 -134.35
C LEU A 884 2.31 106.10 -134.00
N THR A 885 2.00 106.02 -132.71
CA THR A 885 0.68 105.54 -132.28
C THR A 885 -0.38 106.63 -132.50
N ARG A 886 0.02 107.90 -132.39
CA ARG A 886 -0.93 108.99 -132.54
C ARG A 886 -1.38 109.15 -134.00
N ILE A 887 -0.47 108.91 -134.95
CA ILE A 887 -0.86 108.91 -136.36
C ILE A 887 -1.63 107.66 -136.72
N GLU A 888 -1.44 106.58 -135.94
CA GLU A 888 -2.12 105.32 -136.22
C GLU A 888 -3.59 105.39 -135.80
N GLN A 889 -3.90 106.15 -134.75
CA GLN A 889 -5.29 106.25 -134.31
C GLN A 889 -5.98 107.48 -134.90
N GLY A 890 -5.22 108.54 -135.22
CA GLY A 890 -5.80 109.63 -135.97
C GLY A 890 -5.33 111.05 -135.70
N TRP A 891 -4.29 111.23 -134.89
CA TRP A 891 -3.75 112.56 -134.68
C TRP A 891 -2.92 113.01 -135.87
N THR A 892 -2.89 114.32 -136.10
CA THR A 892 -2.18 114.90 -137.22
C THR A 892 -1.35 116.09 -136.74
N TYR A 893 -0.43 116.51 -137.62
CA TYR A 893 0.41 117.68 -137.36
C TYR A 893 -0.43 118.95 -137.53
N GLY A 894 -0.37 119.82 -136.52
CA GLY A 894 -1.01 121.10 -136.61
C GLY A 894 -0.33 122.13 -135.72
N PRO A 895 -0.57 123.41 -136.01
CA PRO A 895 -0.01 124.46 -135.13
C PRO A 895 -0.78 124.60 -133.83
N VAL A 896 -2.09 124.39 -133.87
CA VAL A 896 -2.93 124.46 -132.67
C VAL A 896 -3.08 123.06 -132.10
N ARG A 897 -3.40 122.98 -130.81
CA ARG A 897 -3.57 121.72 -130.11
C ARG A 897 -5.04 121.51 -129.77
N ASP A 898 -5.60 120.39 -130.21
CA ASP A 898 -6.99 120.05 -129.96
C ASP A 898 -7.13 118.53 -129.86
N ASP A 899 -7.81 118.07 -128.81
CA ASP A 899 -8.02 116.63 -128.64
C ASP A 899 -9.21 116.15 -129.45
N ASN A 900 -10.27 116.95 -129.51
CA ASN A 900 -11.47 116.54 -130.24
C ASN A 900 -11.25 116.63 -131.74
N LYS A 901 -10.45 117.59 -132.21
CA LYS A 901 -10.11 117.69 -133.62
C LYS A 901 -8.92 116.81 -134.00
N ARG A 902 -8.32 116.11 -133.04
CA ARG A 902 -7.17 115.22 -133.21
C ARG A 902 -5.97 115.95 -133.81
N LEU A 903 -5.48 116.94 -133.06
CA LEU A 903 -4.33 117.75 -133.46
C LEU A 903 -3.20 117.49 -132.50
N HIS A 904 -2.03 117.13 -133.05
CA HIS A 904 -0.84 116.86 -132.26
C HIS A 904 0.23 117.89 -132.63
N PRO A 905 0.68 118.71 -131.68
CA PRO A 905 1.69 119.73 -132.01
C PRO A 905 3.09 119.16 -132.18
N CYS A 906 3.43 118.08 -131.47
CA CYS A 906 4.76 117.50 -131.53
C CYS A 906 4.80 116.22 -132.37
N LEU A 907 4.01 116.17 -133.45
CA LEU A 907 3.92 114.98 -134.27
C LEU A 907 4.96 114.92 -135.38
N VAL A 908 5.67 116.03 -135.65
CA VAL A 908 6.69 116.04 -136.69
C VAL A 908 7.95 115.36 -136.20
N ASN A 909 8.59 115.95 -135.19
CA ASN A 909 9.88 115.47 -134.71
C ASN A 909 10.08 115.97 -133.28
N PHE A 910 11.18 115.54 -132.67
CA PHE A 910 11.51 115.99 -131.33
C PHE A 910 12.04 117.42 -131.34
N HIS A 911 12.82 117.77 -132.37
CA HIS A 911 13.31 119.14 -132.50
C HIS A 911 12.20 120.09 -132.93
N SER A 912 11.18 119.58 -133.63
CA SER A 912 10.05 120.42 -134.02
C SER A 912 9.08 120.65 -132.88
N LEU A 913 9.19 119.90 -131.79
CA LEU A 913 8.43 120.16 -130.59
C LEU A 913 8.89 121.48 -129.96
N PRO A 914 8.00 122.19 -129.27
CA PRO A 914 8.41 123.42 -128.59
C PRO A 914 9.31 123.10 -127.39
N GLU A 915 9.83 124.19 -126.80
CA GLU A 915 10.76 124.03 -125.68
C GLU A 915 10.13 123.49 -124.39
N PRO A 916 8.92 123.90 -123.94
CA PRO A 916 8.36 123.22 -122.76
C PRO A 916 7.97 121.77 -123.00
N GLU A 917 7.77 121.38 -124.25
CA GLU A 917 7.60 119.95 -124.57
C GLU A 917 8.94 119.23 -124.56
N ARG A 918 10.02 119.94 -124.89
CA ARG A 918 11.32 119.29 -125.01
C ARG A 918 11.95 119.06 -123.64
N ASN A 919 11.94 120.08 -122.77
CA ASN A 919 12.54 119.91 -121.45
C ASN A 919 11.68 119.05 -120.53
N TYR A 920 10.38 118.92 -120.83
CA TYR A 920 9.54 117.97 -120.10
C TYR A 920 9.96 116.54 -120.41
N ASN A 921 10.37 116.28 -121.65
CA ASN A 921 10.75 114.92 -122.04
C ASN A 921 12.09 114.57 -121.39
N LEU A 922 12.98 115.54 -121.27
CA LEU A 922 14.32 115.26 -120.74
C LEU A 922 14.32 115.14 -119.23
N GLN A 923 13.41 115.84 -118.53
CA GLN A 923 13.32 115.63 -117.08
C GLN A 923 12.61 114.32 -116.78
N MET A 924 11.67 113.94 -117.65
CA MET A 924 11.04 112.63 -117.53
C MET A 924 11.99 111.53 -117.94
N SER A 925 12.85 111.80 -118.94
CA SER A 925 13.94 110.87 -119.23
C SER A 925 15.00 110.94 -118.14
N GLY A 926 15.19 112.13 -117.57
CA GLY A 926 16.13 112.27 -116.47
C GLY A 926 15.64 111.64 -115.18
N GLU A 927 14.32 111.45 -115.07
CA GLU A 927 13.80 110.77 -113.90
C GLU A 927 13.88 109.27 -114.02
N THR A 928 13.61 108.73 -115.22
CA THR A 928 13.42 107.27 -115.34
C THR A 928 14.75 106.54 -115.36
N LEU A 929 15.85 107.21 -115.69
CA LEU A 929 17.16 106.62 -115.46
C LEU A 929 17.69 106.96 -114.07
N LYS A 930 17.11 107.98 -113.42
CA LYS A 930 17.48 108.26 -112.03
C LYS A 930 16.97 107.17 -111.11
N THR A 931 15.78 106.63 -111.41
CA THR A 931 15.27 105.49 -110.64
C THR A 931 15.77 104.16 -111.18
N LEU A 932 16.49 104.16 -112.32
CA LEU A 932 16.95 102.90 -112.90
C LEU A 932 18.12 102.32 -112.10
N LEU A 933 19.12 103.15 -111.80
CA LEU A 933 20.19 102.71 -110.92
C LEU A 933 19.86 102.98 -109.45
N ALA A 934 18.65 103.46 -109.16
CA ALA A 934 18.20 103.58 -107.76
C ALA A 934 17.69 102.26 -107.19
N LEU A 935 17.21 101.34 -108.03
CA LEU A 935 16.82 100.03 -107.51
C LEU A 935 18.04 99.13 -107.27
N GLY A 936 19.13 99.38 -107.99
CA GLY A 936 20.34 98.59 -107.85
C GLY A 936 20.75 97.78 -109.06
N CYS A 937 20.09 97.96 -110.21
CA CYS A 937 20.47 97.25 -111.42
C CYS A 937 21.70 97.93 -112.04
N HIS A 938 22.73 97.13 -112.30
CA HIS A 938 23.97 97.65 -112.87
C HIS A 938 23.86 97.73 -114.40
N VAL A 939 24.23 98.88 -114.95
CA VAL A 939 24.27 99.07 -116.40
C VAL A 939 25.72 99.29 -116.82
N GLY A 940 26.05 98.82 -118.04
CA GLY A 940 27.31 99.14 -118.67
C GLY A 940 27.08 99.54 -120.12
N MET A 941 28.10 100.15 -120.70
CA MET A 941 28.03 100.63 -122.09
C MET A 941 28.98 99.81 -122.94
N ALA A 942 28.41 99.05 -123.88
CA ALA A 942 29.21 98.20 -124.77
C ALA A 942 28.42 97.96 -126.05
N ASP A 943 29.12 97.45 -127.06
CA ASP A 943 28.58 97.14 -128.39
C ASP A 943 27.94 98.37 -129.05
N GLU A 944 28.76 99.41 -129.19
CA GLU A 944 28.29 100.65 -129.81
C GLU A 944 28.19 100.51 -131.32
N LYS A 945 29.01 99.64 -131.91
CA LYS A 945 28.97 99.41 -133.35
C LYS A 945 27.74 98.62 -133.77
N ALA A 946 27.26 97.73 -132.89
CA ALA A 946 26.04 96.98 -133.19
C ALA A 946 24.80 97.85 -133.06
N GLU A 947 24.87 98.88 -132.22
CA GLU A 947 23.74 99.81 -132.09
C GLU A 947 23.68 100.76 -133.28
N ASP A 948 24.84 101.19 -133.78
CA ASP A 948 24.87 102.04 -134.97
C ASP A 948 24.53 101.26 -136.23
N ASN A 949 24.75 99.94 -136.22
CA ASN A 949 24.33 99.12 -137.36
C ASN A 949 22.83 98.90 -137.37
N LEU A 950 22.16 99.10 -136.24
CA LEU A 950 20.72 98.98 -136.20
C LEU A 950 20.05 100.19 -136.85
N LYS A 951 19.09 99.92 -137.73
CA LYS A 951 18.39 100.96 -138.46
C LYS A 951 17.02 101.19 -137.82
N LYS A 952 16.24 102.07 -138.44
CA LYS A 952 14.88 102.32 -138.00
C LYS A 952 13.94 101.20 -138.44
N THR A 953 12.77 101.17 -137.82
CA THR A 953 11.73 100.22 -138.18
C THR A 953 11.11 100.59 -139.51
N LYS A 954 10.54 99.59 -140.19
CA LYS A 954 9.93 99.83 -141.49
C LYS A 954 8.55 100.47 -141.33
N LEU A 955 8.28 101.48 -142.15
CA LEU A 955 7.01 102.21 -142.12
C LEU A 955 6.42 102.17 -143.52
N PRO A 956 5.18 101.70 -143.67
CA PRO A 956 4.57 101.59 -144.99
C PRO A 956 3.89 102.90 -145.40
N LYS A 957 3.13 102.82 -146.50
CA LYS A 957 2.42 103.98 -147.03
C LYS A 957 1.25 104.38 -146.15
N THR A 958 0.60 103.40 -145.51
CA THR A 958 -0.46 103.69 -144.56
C THR A 958 0.08 104.18 -143.22
N TYR A 959 1.37 104.00 -142.96
CA TYR A 959 1.93 104.41 -141.67
C TYR A 959 2.19 105.91 -141.60
N MET A 960 2.50 106.56 -142.72
CA MET A 960 2.73 108.01 -142.67
C MET A 960 1.40 108.73 -142.62
N MET A 961 1.36 109.84 -141.87
CA MET A 961 0.14 110.57 -141.58
C MET A 961 -0.23 111.50 -142.73
N SER A 962 -1.21 112.36 -142.47
CA SER A 962 -1.74 113.25 -143.51
C SER A 962 -0.84 114.44 -143.79
N ASN A 963 0.11 114.75 -142.90
CA ASN A 963 1.00 115.87 -143.13
C ASN A 963 2.11 115.55 -144.12
N GLY A 964 2.50 114.29 -144.22
CA GLY A 964 3.61 113.88 -145.06
C GLY A 964 4.88 113.54 -144.32
N TYR A 965 4.90 113.66 -142.99
CA TYR A 965 6.08 113.38 -142.18
C TYR A 965 5.75 112.27 -141.20
N LYS A 966 6.64 111.27 -141.11
CA LYS A 966 6.46 110.15 -140.22
C LYS A 966 7.63 110.01 -139.25
N PRO A 967 7.39 109.57 -138.03
CA PRO A 967 8.50 109.22 -137.13
C PRO A 967 9.15 107.92 -137.55
N ALA A 968 10.44 107.79 -137.23
CA ALA A 968 11.23 106.61 -137.54
C ALA A 968 11.77 106.03 -136.23
N PRO A 969 10.98 105.21 -135.54
CA PRO A 969 11.44 104.66 -134.26
C PRO A 969 12.41 103.51 -134.46
N LEU A 970 13.19 103.25 -133.41
CA LEU A 970 14.17 102.18 -133.44
C LEU A 970 13.47 100.83 -133.36
N ASP A 971 13.91 99.90 -134.21
CA ASP A 971 13.35 98.56 -134.22
C ASP A 971 13.92 97.76 -133.05
N LEU A 972 13.02 97.16 -132.25
CA LEU A 972 13.43 96.34 -131.11
C LEU A 972 13.00 94.89 -131.30
N SER A 973 12.75 94.47 -132.54
CA SER A 973 12.29 93.12 -132.85
C SER A 973 13.39 92.08 -132.77
N HIS A 974 14.65 92.50 -132.82
CA HIS A 974 15.77 91.57 -132.66
C HIS A 974 15.99 91.19 -131.19
N VAL A 975 15.55 92.04 -130.26
CA VAL A 975 15.76 91.84 -128.84
C VAL A 975 14.46 91.39 -128.20
N ARG A 976 14.53 90.31 -127.42
CA ARG A 976 13.39 89.77 -126.69
C ARG A 976 13.58 90.02 -125.20
N LEU A 977 12.48 90.34 -124.52
CA LEU A 977 12.55 90.63 -123.10
C LEU A 977 12.48 89.34 -122.29
N THR A 978 13.27 89.30 -121.23
CA THR A 978 13.37 88.19 -120.29
C THR A 978 12.46 88.43 -119.10
N PRO A 979 12.09 87.38 -118.35
CA PRO A 979 11.27 87.62 -117.14
C PRO A 979 11.98 88.38 -116.04
N ALA A 980 13.31 88.44 -116.05
CA ALA A 980 14.03 89.33 -115.14
C ALA A 980 13.76 90.79 -115.50
N GLN A 981 13.61 91.10 -116.79
CA GLN A 981 13.23 92.45 -117.18
C GLN A 981 11.74 92.67 -117.05
N THR A 982 10.94 91.60 -117.08
CA THR A 982 9.51 91.72 -116.87
C THR A 982 9.20 92.09 -115.42
N THR A 983 10.02 91.63 -114.48
CA THR A 983 9.82 92.00 -113.09
C THR A 983 10.31 93.42 -112.83
N LEU A 984 11.32 93.87 -113.57
CA LEU A 984 11.84 95.22 -113.39
C LEU A 984 10.95 96.26 -114.07
N VAL A 985 10.29 95.89 -115.17
CA VAL A 985 9.39 96.83 -115.84
C VAL A 985 8.11 97.01 -115.04
N ASP A 986 7.79 96.06 -114.14
CA ASP A 986 6.72 96.30 -113.18
C ASP A 986 7.19 97.16 -112.02
N ARG A 987 8.48 97.03 -111.65
CA ARG A 987 9.00 97.80 -110.51
C ARG A 987 9.28 99.25 -110.90
N LEU A 988 9.66 99.48 -112.15
CA LEU A 988 9.82 100.85 -112.63
C LEU A 988 8.47 101.53 -112.85
N ALA A 989 7.47 100.75 -113.26
CA ALA A 989 6.13 101.30 -113.42
C ALA A 989 5.44 101.50 -112.07
N GLU A 990 5.83 100.71 -111.07
CA GLU A 990 5.34 100.95 -109.72
C GLU A 990 5.97 102.20 -109.12
N ASN A 991 7.25 102.44 -109.38
CA ASN A 991 7.91 103.61 -108.85
C ASN A 991 7.49 104.87 -109.60
N GLY A 992 7.06 104.72 -110.85
CA GLY A 992 6.65 105.88 -111.63
C GLY A 992 5.30 106.43 -111.20
N HIS A 993 4.39 105.55 -110.78
CA HIS A 993 3.07 106.03 -110.38
C HIS A 993 3.05 106.47 -108.91
N ASN A 994 3.89 105.85 -108.08
CA ASN A 994 3.94 106.24 -106.68
C ASN A 994 4.61 107.61 -106.50
N VAL A 995 5.54 107.95 -107.41
CA VAL A 995 6.07 109.31 -107.40
C VAL A 995 5.09 110.26 -108.08
N TRP A 996 4.15 109.73 -108.86
CA TRP A 996 3.07 110.55 -109.41
C TRP A 996 1.95 110.71 -108.39
N ALA A 997 1.74 109.71 -107.55
CA ALA A 997 0.69 109.81 -106.53
C ALA A 997 1.12 110.72 -105.38
N ARG A 998 2.41 110.77 -105.08
CA ARG A 998 2.88 111.61 -103.98
C ARG A 998 2.90 113.07 -104.39
N ASP A 999 3.23 113.36 -105.64
CA ASP A 999 3.31 114.75 -106.10
C ASP A 999 1.92 115.34 -106.28
N ARG A 1000 0.94 114.51 -106.65
CA ARG A 1000 -0.44 114.97 -106.75
C ARG A 1000 -1.05 115.16 -105.38
N VAL A 1001 -0.63 114.36 -104.40
CA VAL A 1001 -1.07 114.53 -103.02
C VAL A 1001 -0.41 115.75 -102.40
N ALA A 1002 0.80 116.09 -102.85
CA ALA A 1002 1.46 117.30 -102.36
C ALA A 1002 0.82 118.55 -102.96
N GLN A 1003 0.20 118.41 -104.13
CA GLN A 1003 -0.50 119.55 -104.72
C GLN A 1003 -1.84 119.80 -104.04
N GLY A 1004 -2.51 118.74 -103.60
CA GLY A 1004 -3.77 118.88 -102.90
C GLY A 1004 -4.93 118.12 -103.51
N TRP A 1005 -4.62 117.06 -104.26
CA TRP A 1005 -5.63 116.24 -104.91
C TRP A 1005 -6.04 115.07 -104.00
N SER A 1006 -7.17 114.44 -104.34
CA SER A 1006 -7.69 113.29 -103.60
C SER A 1006 -8.27 112.27 -104.59
N TYR A 1007 -8.88 111.22 -104.04
CA TYR A 1007 -9.40 110.09 -104.81
C TYR A 1007 -10.91 109.95 -104.64
N SER A 1008 -11.60 109.64 -105.73
CA SER A 1008 -13.01 109.26 -105.70
C SER A 1008 -13.32 108.35 -106.88
N ALA A 1009 -14.51 107.75 -106.84
CA ALA A 1009 -14.96 106.92 -107.95
C ALA A 1009 -15.34 107.78 -109.16
N VAL A 1010 -15.89 108.95 -108.92
CA VAL A 1010 -16.14 109.90 -110.00
C VAL A 1010 -14.88 110.72 -110.24
N GLN A 1011 -14.75 111.25 -111.45
CA GLN A 1011 -13.60 112.07 -111.81
C GLN A 1011 -14.08 113.51 -111.90
N ASP A 1012 -13.75 114.31 -110.90
CA ASP A 1012 -14.16 115.72 -110.85
C ASP A 1012 -12.90 116.58 -110.82
N ILE A 1013 -12.57 117.18 -111.97
CA ILE A 1013 -11.39 118.02 -112.11
C ILE A 1013 -11.40 119.26 -111.22
N PRO A 1014 -12.48 120.09 -111.13
CA PRO A 1014 -12.37 121.24 -110.21
C PRO A 1014 -12.52 120.87 -108.74
N ALA A 1015 -12.97 119.66 -108.42
CA ALA A 1015 -13.10 119.22 -107.03
C ALA A 1015 -11.85 118.52 -106.52
N ARG A 1016 -10.76 118.53 -107.31
CA ARG A 1016 -9.45 117.93 -106.98
C ARG A 1016 -9.55 116.42 -106.72
N ARG A 1017 -10.40 115.71 -107.47
CA ARG A 1017 -10.54 114.26 -107.30
C ARG A 1017 -10.31 113.53 -108.61
N ASN A 1018 -9.45 112.51 -108.57
CA ASN A 1018 -9.08 111.74 -109.76
C ASN A 1018 -9.09 110.27 -109.37
N PRO A 1019 -9.68 109.39 -110.20
CA PRO A 1019 -9.90 108.00 -109.76
C PRO A 1019 -8.67 107.09 -109.78
N ARG A 1020 -7.53 107.52 -110.32
CA ARG A 1020 -6.33 106.68 -110.25
C ARG A 1020 -5.31 107.19 -109.23
N LEU A 1021 -5.77 107.82 -108.16
CA LEU A 1021 -4.87 108.28 -107.10
C LEU A 1021 -4.83 107.29 -105.93
N VAL A 1022 -4.58 106.04 -106.31
CA VAL A 1022 -4.35 104.95 -105.35
C VAL A 1022 -2.99 104.36 -105.67
N PRO A 1023 -2.33 103.69 -104.70
CA PRO A 1023 -1.04 103.06 -104.99
C PRO A 1023 -1.14 101.90 -105.98
N TYR A 1024 0.04 101.42 -106.39
CA TYR A 1024 0.15 100.54 -107.55
C TYR A 1024 -0.44 99.16 -107.31
N ARG A 1025 -0.38 98.67 -106.07
CA ARG A 1025 -0.99 97.37 -105.79
C ARG A 1025 -2.51 97.47 -105.65
N LEU A 1026 -3.03 98.67 -105.42
CA LEU A 1026 -4.47 98.90 -105.36
C LEU A 1026 -5.01 99.55 -106.62
N LEU A 1027 -4.19 99.69 -107.66
CA LEU A 1027 -4.63 100.20 -108.95
C LEU A 1027 -5.16 99.06 -109.81
N ASP A 1028 -6.14 99.39 -110.66
CA ASP A 1028 -6.73 98.42 -111.55
C ASP A 1028 -5.75 97.99 -112.64
N GLU A 1029 -6.01 96.82 -113.24
CA GLU A 1029 -5.07 96.22 -114.16
C GLU A 1029 -5.05 96.92 -115.52
N ALA A 1030 -6.09 97.71 -115.82
CA ALA A 1030 -6.12 98.43 -117.09
C ALA A 1030 -5.15 99.60 -117.09
N THR A 1031 -5.03 100.30 -115.95
CA THR A 1031 -4.05 101.37 -115.85
C THR A 1031 -2.65 100.81 -115.59
N LYS A 1032 -2.57 99.64 -114.95
CA LYS A 1032 -1.29 99.03 -114.64
C LYS A 1032 -0.61 98.49 -115.90
N ARG A 1033 -1.40 97.95 -116.83
CA ARG A 1033 -0.82 97.46 -118.08
C ARG A 1033 -0.50 98.60 -119.03
N SER A 1034 -1.24 99.71 -118.92
CA SER A 1034 -1.07 100.84 -119.84
C SER A 1034 0.27 101.53 -119.62
N ASN A 1035 0.69 101.66 -118.35
CA ASN A 1035 1.99 102.28 -118.10
C ASN A 1035 3.14 101.27 -118.29
N ARG A 1036 2.82 99.98 -118.27
CA ARG A 1036 3.85 98.97 -118.52
C ARG A 1036 4.14 98.82 -120.00
N ASP A 1037 3.11 98.97 -120.86
CA ASP A 1037 3.41 98.98 -122.29
C ASP A 1037 4.05 100.29 -122.73
N SER A 1038 3.85 101.38 -121.98
CA SER A 1038 4.52 102.63 -122.30
C SER A 1038 5.97 102.62 -121.84
N LEU A 1039 6.28 101.87 -120.79
CA LEU A 1039 7.64 101.82 -120.27
C LEU A 1039 8.42 100.64 -120.84
N CYS A 1040 7.73 99.63 -121.41
CA CYS A 1040 8.43 98.60 -122.18
C CYS A 1040 9.03 99.16 -123.47
N GLN A 1041 8.55 100.31 -123.94
CA GLN A 1041 9.15 100.93 -125.10
C GLN A 1041 10.54 101.47 -124.78
N ALA A 1042 10.69 102.08 -123.61
CA ALA A 1042 11.95 102.77 -123.30
C ALA A 1042 13.04 101.79 -122.88
N VAL A 1043 12.68 100.62 -122.35
CA VAL A 1043 13.69 99.68 -121.87
C VAL A 1043 14.35 98.97 -123.05
N ARG A 1044 13.55 98.47 -124.00
CA ARG A 1044 14.13 97.61 -125.03
C ARG A 1044 14.92 98.40 -126.07
N THR A 1045 14.68 99.71 -126.20
CA THR A 1045 15.56 100.55 -127.01
C THR A 1045 16.86 100.86 -126.28
N LEU A 1046 16.80 101.07 -124.96
CA LEU A 1046 18.04 101.19 -124.21
C LEU A 1046 18.77 99.85 -124.16
N LEU A 1047 18.01 98.74 -124.16
CA LEU A 1047 18.59 97.43 -124.42
C LEU A 1047 18.95 97.25 -125.88
N GLY A 1048 18.34 98.05 -126.77
CA GLY A 1048 18.72 98.03 -128.17
C GLY A 1048 19.93 98.87 -128.51
N TYR A 1049 20.31 99.80 -127.64
CA TYR A 1049 21.50 100.60 -127.84
C TYR A 1049 22.77 99.94 -127.30
N GLY A 1050 22.68 98.67 -126.89
CA GLY A 1050 23.84 97.94 -126.40
C GLY A 1050 24.03 97.97 -124.90
N TYR A 1051 23.22 98.74 -124.18
CA TYR A 1051 23.35 98.81 -122.73
C TYR A 1051 22.76 97.55 -122.11
N ASN A 1052 23.55 96.84 -121.32
CA ASN A 1052 23.12 95.62 -120.66
C ASN A 1052 22.65 95.91 -119.24
N ILE A 1053 21.59 95.21 -118.82
CA ILE A 1053 21.01 95.38 -117.50
C ILE A 1053 21.22 94.09 -116.72
N GLU A 1054 21.81 94.21 -115.53
CA GLU A 1054 22.01 93.09 -114.64
C GLU A 1054 20.90 93.02 -113.60
N PRO A 1055 20.51 91.80 -113.20
CA PRO A 1055 19.46 91.62 -112.19
C PRO A 1055 19.94 91.91 -110.78
N ASP A 1070 -3.42 88.25 -90.16
CA ASP A 1070 -3.32 88.35 -88.70
C ASP A 1070 -2.60 87.14 -88.13
N ARG A 1071 -3.36 86.23 -87.52
CA ARG A 1071 -2.80 84.99 -87.00
C ARG A 1071 -3.49 83.81 -87.68
N VAL A 1072 -3.32 82.60 -87.13
CA VAL A 1072 -3.83 81.38 -87.74
C VAL A 1072 -4.92 80.79 -86.86
N ARG A 1073 -6.03 80.39 -87.49
CA ARG A 1073 -7.16 79.80 -86.78
C ARG A 1073 -7.02 78.29 -86.71
N ILE A 1074 -7.52 77.71 -85.61
CA ILE A 1074 -7.50 76.28 -85.37
C ILE A 1074 -8.92 75.82 -85.06
N PHE A 1075 -9.45 74.91 -85.88
CA PHE A 1075 -10.82 74.41 -85.75
C PHE A 1075 -10.75 72.96 -85.31
N ARG A 1076 -11.07 72.70 -84.04
CA ARG A 1076 -11.10 71.36 -83.49
C ARG A 1076 -12.46 71.06 -82.87
N ALA A 1077 -12.71 69.78 -82.63
CA ALA A 1077 -13.97 69.35 -82.06
C ALA A 1077 -13.95 69.49 -80.54
N GLU A 1078 -15.06 69.13 -79.91
CA GLU A 1078 -15.14 69.20 -78.46
C GLU A 1078 -14.39 68.04 -77.82
N LYS A 1079 -13.96 68.24 -76.57
CA LYS A 1079 -13.14 67.25 -75.90
C LYS A 1079 -13.95 66.05 -75.39
N SER A 1080 -15.28 66.13 -75.42
CA SER A 1080 -16.09 64.99 -75.03
C SER A 1080 -16.22 63.94 -76.14
N TYR A 1081 -15.79 64.26 -77.36
CA TYR A 1081 -15.84 63.34 -78.49
C TYR A 1081 -14.47 62.75 -78.81
N THR A 1082 -13.55 62.70 -77.84
CA THR A 1082 -12.22 62.15 -78.09
C THR A 1082 -12.30 60.62 -78.14
N VAL A 1083 -11.53 60.04 -79.05
CA VAL A 1083 -11.57 58.60 -79.29
C VAL A 1083 -10.35 57.95 -78.64
N GLN A 1084 -10.52 56.70 -78.22
CA GLN A 1084 -9.46 55.93 -77.59
C GLN A 1084 -9.22 54.58 -78.24
N SER A 1085 -10.15 54.10 -79.07
CA SER A 1085 -10.02 52.79 -79.67
C SER A 1085 -10.82 52.77 -80.97
N GLY A 1086 -10.54 51.78 -81.80
CA GLY A 1086 -11.23 51.65 -83.06
C GLY A 1086 -10.52 52.41 -84.17
N ARG A 1087 -11.20 52.46 -85.31
CA ARG A 1087 -10.70 53.11 -86.51
C ARG A 1087 -11.72 54.16 -86.98
N TRP A 1088 -11.24 55.38 -87.19
CA TRP A 1088 -12.10 56.52 -87.50
C TRP A 1088 -11.60 57.26 -88.72
N TYR A 1089 -12.53 57.86 -89.47
CA TYR A 1089 -12.25 58.50 -90.74
C TYR A 1089 -13.07 59.79 -90.86
N PHE A 1090 -12.43 60.83 -91.37
CA PHE A 1090 -13.11 62.05 -91.75
C PHE A 1090 -12.45 62.60 -93.00
N GLU A 1091 -13.07 63.62 -93.59
CA GLU A 1091 -12.63 64.17 -94.86
C GLU A 1091 -12.47 65.67 -94.75
N PHE A 1092 -11.77 66.26 -95.73
CA PHE A 1092 -11.60 67.71 -95.79
C PHE A 1092 -11.53 68.15 -97.25
N GLU A 1093 -12.48 68.97 -97.68
CA GLU A 1093 -12.45 69.56 -99.01
C GLU A 1093 -11.68 70.88 -98.98
N ALA A 1094 -10.93 71.13 -100.05
CA ALA A 1094 -10.09 72.32 -100.18
C ALA A 1094 -10.66 73.19 -101.31
N VAL A 1095 -11.34 74.27 -100.94
CA VAL A 1095 -11.90 75.17 -101.94
C VAL A 1095 -10.83 76.06 -102.55
N THR A 1096 -10.05 76.73 -101.71
CA THR A 1096 -8.93 77.54 -102.15
C THR A 1096 -7.64 76.94 -101.62
N THR A 1097 -6.68 76.69 -102.52
CA THR A 1097 -5.42 76.09 -102.12
C THR A 1097 -4.57 77.08 -101.33
N GLY A 1098 -3.74 76.53 -100.46
CA GLY A 1098 -2.86 77.36 -99.65
C GLY A 1098 -2.46 76.64 -98.37
N GLU A 1099 -2.16 77.43 -97.34
CA GLU A 1099 -1.68 76.91 -96.06
C GLU A 1099 -2.89 76.45 -95.26
N MET A 1100 -3.19 75.16 -95.35
CA MET A 1100 -4.17 74.52 -94.48
C MET A 1100 -3.55 73.22 -93.97
N ARG A 1101 -3.82 72.90 -92.70
CA ARG A 1101 -3.25 71.74 -92.04
C ARG A 1101 -4.38 70.95 -91.40
N VAL A 1102 -4.58 69.71 -91.86
CA VAL A 1102 -5.62 68.83 -91.33
C VAL A 1102 -5.00 67.52 -90.88
N GLY A 1103 -5.57 66.96 -89.82
CA GLY A 1103 -5.10 65.72 -89.22
C GLY A 1103 -5.79 65.41 -87.91
N TRP A 1104 -5.06 64.81 -86.98
CA TRP A 1104 -5.57 64.45 -85.66
C TRP A 1104 -4.70 65.07 -84.57
N ALA A 1105 -5.33 65.49 -83.47
CA ALA A 1105 -4.60 66.11 -82.37
C ALA A 1105 -5.16 65.63 -81.05
N ARG A 1106 -4.32 65.67 -80.02
CA ARG A 1106 -4.74 65.30 -78.68
C ARG A 1106 -5.56 66.45 -78.05
N PRO A 1107 -6.46 66.13 -77.10
CA PRO A 1107 -7.32 67.18 -76.53
C PRO A 1107 -6.58 68.21 -75.67
N GLU A 1108 -5.36 67.94 -75.24
CA GLU A 1108 -4.57 68.91 -74.50
C GLU A 1108 -3.71 69.76 -75.44
N LEU A 1109 -4.32 70.28 -76.49
CA LEU A 1109 -3.62 71.09 -77.48
C LEU A 1109 -3.72 72.56 -77.10
N ARG A 1110 -2.56 73.24 -77.12
CA ARG A 1110 -2.52 74.67 -76.77
C ARG A 1110 -2.60 75.53 -78.03
N PRO A 1111 -3.39 76.61 -78.01
CA PRO A 1111 -3.56 77.44 -79.21
C PRO A 1111 -2.44 78.43 -79.44
N ASP A 1112 -1.54 78.61 -78.47
CA ASP A 1112 -0.43 79.55 -78.65
C ASP A 1112 0.63 78.97 -79.57
N VAL A 1113 0.86 77.66 -79.51
CA VAL A 1113 1.85 77.04 -80.37
C VAL A 1113 1.28 76.89 -81.79
N GLU A 1114 2.19 76.89 -82.77
CA GLU A 1114 1.79 76.64 -84.15
C GLU A 1114 1.40 75.17 -84.29
N LEU A 1115 0.33 74.90 -85.03
CA LEU A 1115 -0.21 73.56 -85.14
C LEU A 1115 0.71 72.70 -86.00
N GLY A 1116 1.42 71.77 -85.37
CA GLY A 1116 2.34 70.88 -86.04
C GLY A 1116 3.78 71.00 -85.58
N ALA A 1117 4.12 72.05 -84.85
CA ALA A 1117 5.47 72.22 -84.33
C ALA A 1117 5.66 71.59 -82.96
N ASP A 1118 4.63 70.99 -82.37
CA ASP A 1118 4.72 70.38 -81.05
C ASP A 1118 4.36 68.90 -81.15
N GLU A 1119 4.46 68.21 -80.01
CA GLU A 1119 4.18 66.78 -79.92
C GLU A 1119 2.74 66.49 -79.52
N LEU A 1120 1.82 67.42 -79.80
CA LEU A 1120 0.42 67.27 -79.44
C LEU A 1120 -0.48 67.02 -80.65
N ALA A 1121 0.11 66.89 -81.84
CA ALA A 1121 -0.67 66.72 -83.06
C ALA A 1121 0.15 65.99 -84.11
N TYR A 1122 -0.56 65.24 -84.94
CA TYR A 1122 0.00 64.58 -86.12
C TYR A 1122 -0.78 65.10 -87.32
N VAL A 1123 -0.19 66.09 -88.02
CA VAL A 1123 -0.92 66.87 -88.99
C VAL A 1123 -0.16 66.84 -90.33
N PHE A 1124 -0.89 67.07 -91.41
CA PHE A 1124 -0.37 67.02 -92.77
C PHE A 1124 -0.64 68.34 -93.47
N ASN A 1125 0.42 69.08 -93.78
CA ASN A 1125 0.32 70.35 -94.49
C ASN A 1125 0.35 70.06 -95.98
N GLY A 1126 -0.53 70.70 -96.74
CA GLY A 1126 -0.70 70.40 -98.15
C GLY A 1126 -0.27 71.45 -99.14
N HIS A 1127 0.26 72.59 -98.69
CA HIS A 1127 0.65 73.63 -99.63
C HIS A 1127 1.96 73.26 -100.33
N ARG A 1128 2.97 72.88 -99.55
CA ARG A 1128 4.22 72.38 -100.12
C ARG A 1128 4.38 70.87 -99.96
N GLY A 1129 3.39 70.18 -99.38
CA GLY A 1129 3.41 68.74 -99.27
C GLY A 1129 4.39 68.17 -98.26
N GLN A 1130 4.11 68.40 -96.97
CA GLN A 1130 4.97 67.90 -95.91
C GLN A 1130 4.14 67.67 -94.65
N ARG A 1131 4.59 66.72 -93.83
CA ARG A 1131 3.98 66.44 -92.54
C ARG A 1131 4.69 67.23 -91.45
N TRP A 1132 3.96 67.57 -90.39
CA TRP A 1132 4.46 68.43 -89.33
C TRP A 1132 4.23 67.75 -87.98
N HIS A 1133 5.30 67.19 -87.40
CA HIS A 1133 5.26 66.67 -86.04
C HIS A 1133 6.68 66.69 -85.50
N LEU A 1134 6.95 67.62 -84.56
CA LEU A 1134 8.28 67.87 -83.99
C LEU A 1134 9.33 68.14 -85.07
N GLY A 1135 8.93 68.92 -86.07
CA GLY A 1135 9.78 69.23 -87.19
C GLY A 1135 9.00 69.13 -88.49
N SER A 1136 9.72 68.90 -89.58
CA SER A 1136 9.11 68.81 -90.90
C SER A 1136 9.83 67.76 -91.73
N GLU A 1137 9.05 67.06 -92.56
CA GLU A 1137 9.57 66.03 -93.46
C GLU A 1137 8.67 65.99 -94.68
N PRO A 1138 9.24 65.88 -95.88
CA PRO A 1138 8.41 65.91 -97.09
C PRO A 1138 7.61 64.63 -97.26
N PHE A 1139 6.39 64.78 -97.79
CA PHE A 1139 5.45 63.66 -97.88
C PHE A 1139 4.42 63.99 -98.95
N GLY A 1140 4.21 63.07 -99.89
CA GLY A 1140 3.09 63.15 -100.80
C GLY A 1140 3.20 64.24 -101.84
N ARG A 1141 2.03 64.69 -102.27
CA ARG A 1141 1.85 65.64 -103.35
C ARG A 1141 1.23 66.94 -102.84
N PRO A 1142 1.49 68.06 -103.53
CA PRO A 1142 0.78 69.30 -103.18
C PRO A 1142 -0.69 69.22 -103.56
N TRP A 1143 -1.46 70.15 -103.01
CA TRP A 1143 -2.90 70.20 -103.21
C TRP A 1143 -3.23 70.96 -104.49
N GLN A 1144 -4.51 70.95 -104.85
CA GLN A 1144 -5.05 71.79 -105.91
C GLN A 1144 -6.32 72.45 -105.39
N SER A 1145 -7.10 73.08 -106.25
CA SER A 1145 -8.31 73.80 -105.84
C SER A 1145 -9.53 72.94 -106.18
N GLY A 1146 -10.09 72.29 -105.17
CA GLY A 1146 -11.30 71.51 -105.34
C GLY A 1146 -11.12 70.02 -105.10
N ASP A 1147 -10.18 69.66 -104.24
CA ASP A 1147 -9.88 68.26 -103.93
C ASP A 1147 -10.25 67.96 -102.48
N VAL A 1148 -10.49 66.68 -102.20
CA VAL A 1148 -10.85 66.24 -100.87
C VAL A 1148 -9.68 65.44 -100.27
N VAL A 1149 -9.38 65.71 -99.01
CA VAL A 1149 -8.27 65.09 -98.29
C VAL A 1149 -8.86 64.23 -97.20
N GLY A 1150 -8.77 62.90 -97.35
CA GLY A 1150 -9.30 61.97 -96.38
C GLY A 1150 -8.29 61.50 -95.36
N CYS A 1151 -8.62 61.62 -94.08
CA CYS A 1151 -7.74 61.26 -92.99
C CYS A 1151 -8.32 60.06 -92.25
N MET A 1152 -7.54 58.99 -92.14
CA MET A 1152 -7.91 57.83 -91.36
C MET A 1152 -6.91 57.60 -90.24
N ILE A 1153 -7.42 57.22 -89.08
CA ILE A 1153 -6.60 56.81 -87.95
C ILE A 1153 -7.02 55.38 -87.61
N ASP A 1154 -6.09 54.58 -87.08
CA ASP A 1154 -6.39 53.21 -86.68
C ASP A 1154 -5.64 53.01 -85.37
N LEU A 1155 -6.38 52.96 -84.26
CA LEU A 1155 -5.78 52.86 -82.94
C LEU A 1155 -5.35 51.43 -82.58
N THR A 1156 -5.70 50.44 -83.40
CA THR A 1156 -5.32 49.06 -83.09
C THR A 1156 -3.89 48.77 -83.51
N GLU A 1157 -3.42 49.34 -84.62
CA GLU A 1157 -2.06 49.14 -85.07
C GLU A 1157 -1.19 50.38 -84.87
N ASN A 1158 -1.78 51.50 -84.44
CA ASN A 1158 -1.14 52.80 -84.21
C ASN A 1158 -0.42 53.29 -85.48
N THR A 1159 -1.21 53.40 -86.55
CA THR A 1159 -0.76 53.93 -87.83
C THR A 1159 -1.76 54.96 -88.32
N ILE A 1160 -1.27 56.02 -88.98
CA ILE A 1160 -2.10 57.06 -89.57
C ILE A 1160 -1.82 57.04 -91.07
N ILE A 1161 -2.87 57.08 -91.88
CA ILE A 1161 -2.76 57.09 -93.32
C ILE A 1161 -3.46 58.34 -93.84
N PHE A 1162 -2.79 59.09 -94.71
CA PHE A 1162 -3.41 60.23 -95.39
C PHE A 1162 -3.74 59.87 -96.83
N THR A 1163 -4.99 60.07 -97.21
CA THR A 1163 -5.48 59.78 -98.56
C THR A 1163 -5.93 61.08 -99.22
N LEU A 1164 -5.30 61.44 -100.33
CA LEU A 1164 -5.64 62.63 -101.09
C LEU A 1164 -6.44 62.18 -102.32
N ASN A 1165 -7.73 62.55 -102.34
CA ASN A 1165 -8.67 62.24 -103.44
C ASN A 1165 -8.76 60.75 -103.73
N GLY A 1166 -8.80 59.95 -102.67
CA GLY A 1166 -8.86 58.51 -102.78
C GLY A 1166 -7.54 57.80 -102.97
N GLU A 1167 -6.51 58.50 -103.43
CA GLU A 1167 -5.20 57.92 -103.62
C GLU A 1167 -4.44 57.96 -102.30
N VAL A 1168 -3.95 56.80 -101.86
CA VAL A 1168 -3.21 56.74 -100.61
C VAL A 1168 -1.82 57.33 -100.80
N LEU A 1169 -1.53 58.39 -100.05
CA LEU A 1169 -0.27 59.11 -100.23
C LEU A 1169 0.89 58.34 -99.65
N MET A 1170 1.98 58.26 -100.42
CA MET A 1170 3.20 57.61 -99.98
C MET A 1170 4.29 58.66 -99.75
N SER A 1171 5.27 58.29 -98.94
CA SER A 1171 6.42 59.13 -98.68
C SER A 1171 7.54 58.78 -99.66
N ASP A 1172 8.75 59.32 -99.42
CA ASP A 1172 9.86 59.10 -100.33
C ASP A 1172 10.43 57.69 -100.22
N SER A 1173 10.32 57.06 -99.04
CA SER A 1173 10.86 55.72 -98.86
C SER A 1173 9.94 54.64 -99.42
N GLY A 1174 8.70 54.97 -99.73
CA GLY A 1174 7.73 54.00 -100.21
C GLY A 1174 6.68 53.60 -99.20
N SER A 1175 6.70 54.19 -98.01
CA SER A 1175 5.76 53.83 -96.96
C SER A 1175 4.42 54.52 -97.17
N GLU A 1176 3.35 53.72 -97.12
CA GLU A 1176 2.00 54.26 -97.27
C GLU A 1176 1.50 54.87 -95.96
N THR A 1177 1.90 54.33 -94.83
CA THR A 1177 1.58 54.95 -93.54
C THR A 1177 2.51 56.14 -93.30
N ALA A 1178 1.94 57.18 -92.68
CA ALA A 1178 2.68 58.43 -92.48
C ALA A 1178 3.41 58.50 -91.14
N PHE A 1179 2.73 58.16 -90.04
CA PHE A 1179 3.32 58.13 -88.72
C PHE A 1179 3.12 56.75 -88.09
N ARG A 1180 4.16 56.27 -87.40
CA ARG A 1180 4.18 54.93 -86.86
C ARG A 1180 4.41 54.96 -85.36
N GLU A 1181 3.89 53.91 -84.71
CA GLU A 1181 4.13 53.60 -83.29
C GLU A 1181 3.72 54.75 -82.37
N ILE A 1182 2.54 55.31 -82.63
CA ILE A 1182 2.04 56.43 -81.85
C ILE A 1182 1.37 55.89 -80.58
N GLU A 1183 1.58 56.57 -79.47
CA GLU A 1183 0.95 56.19 -78.22
C GLU A 1183 -0.46 56.75 -78.15
N ILE A 1184 -1.35 55.99 -77.50
CA ILE A 1184 -2.74 56.45 -77.35
C ILE A 1184 -2.81 57.57 -76.31
N GLY A 1185 -2.51 57.24 -75.06
CA GLY A 1185 -2.47 58.23 -74.00
C GLY A 1185 -3.81 58.82 -73.66
N ASP A 1186 -3.98 60.12 -73.91
CA ASP A 1186 -5.22 60.83 -73.63
C ASP A 1186 -6.23 60.76 -74.78
N GLY A 1187 -5.83 60.26 -75.94
CA GLY A 1187 -6.73 60.12 -77.07
C GLY A 1187 -6.45 61.12 -78.17
N PHE A 1188 -7.26 60.99 -79.23
CA PHE A 1188 -7.13 61.80 -80.42
C PHE A 1188 -8.47 62.42 -80.79
N LEU A 1189 -8.43 63.56 -81.47
CA LEU A 1189 -9.61 64.23 -82.00
C LEU A 1189 -9.23 64.94 -83.29
N PRO A 1190 -10.14 65.03 -84.27
CA PRO A 1190 -9.79 65.67 -85.54
C PRO A 1190 -9.61 67.17 -85.40
N VAL A 1191 -8.55 67.68 -86.02
CA VAL A 1191 -8.15 69.08 -85.92
C VAL A 1191 -8.09 69.64 -87.34
N CYS A 1192 -8.35 70.94 -87.46
CA CYS A 1192 -8.32 71.61 -88.76
C CYS A 1192 -7.80 73.03 -88.59
N SER A 1193 -6.83 73.40 -89.42
CA SER A 1193 -6.30 74.77 -89.43
C SER A 1193 -6.45 75.38 -90.81
N LEU A 1194 -6.76 76.67 -90.84
CA LEU A 1194 -6.90 77.42 -92.08
C LEU A 1194 -6.06 78.68 -92.01
N GLY A 1195 -5.36 78.98 -93.11
CA GLY A 1195 -4.52 80.16 -93.17
C GLY A 1195 -5.32 81.43 -93.38
N PRO A 1196 -4.60 82.52 -93.63
CA PRO A 1196 -5.27 83.81 -93.85
C PRO A 1196 -5.98 83.84 -95.20
N GLY A 1197 -7.30 84.04 -95.18
CA GLY A 1197 -8.08 84.18 -96.38
C GLY A 1197 -8.57 82.89 -96.99
N GLN A 1198 -8.22 81.74 -96.43
CA GLN A 1198 -8.58 80.46 -97.02
C GLN A 1198 -9.96 79.99 -96.54
N VAL A 1199 -10.60 79.16 -97.37
CA VAL A 1199 -11.98 78.73 -97.17
C VAL A 1199 -12.06 77.23 -97.45
N GLY A 1200 -12.68 76.48 -96.54
CA GLY A 1200 -12.89 75.06 -96.75
C GLY A 1200 -13.71 74.41 -95.64
N HIS A 1201 -14.67 73.55 -96.01
CA HIS A 1201 -15.54 72.93 -95.02
C HIS A 1201 -14.96 71.60 -94.55
N LEU A 1202 -15.25 71.28 -93.29
CA LEU A 1202 -14.76 70.05 -92.66
C LEU A 1202 -15.96 69.13 -92.44
N ASN A 1203 -16.18 68.23 -93.40
CA ASN A 1203 -17.27 67.27 -93.30
C ASN A 1203 -16.74 66.10 -92.46
N LEU A 1204 -17.20 66.02 -91.21
CA LEU A 1204 -16.70 64.99 -90.31
C LEU A 1204 -17.28 63.61 -90.61
N GLY A 1205 -18.29 63.53 -91.47
CA GLY A 1205 -18.85 62.25 -91.86
C GLY A 1205 -20.07 61.87 -91.04
N GLN A 1206 -20.97 62.83 -90.84
CA GLN A 1206 -22.20 62.54 -90.12
C GLN A 1206 -23.17 61.73 -90.97
N ASP A 1207 -23.31 62.12 -92.23
CA ASP A 1207 -24.08 61.36 -93.21
C ASP A 1207 -23.13 60.53 -94.07
N VAL A 1208 -23.53 59.28 -94.35
CA VAL A 1208 -22.68 58.39 -95.13
C VAL A 1208 -22.68 58.81 -96.59
N SER A 1209 -23.85 59.18 -97.12
CA SER A 1209 -23.96 59.62 -98.50
C SER A 1209 -23.33 60.99 -98.76
N SER A 1210 -23.07 61.77 -97.70
CA SER A 1210 -22.40 63.05 -97.90
C SER A 1210 -20.90 62.89 -98.09
N LEU A 1211 -20.33 61.78 -97.61
CA LEU A 1211 -18.92 61.49 -97.86
C LEU A 1211 -18.72 61.12 -99.32
N ARG A 1212 -17.79 61.81 -99.98
CA ARG A 1212 -17.62 61.64 -101.41
C ARG A 1212 -16.83 60.38 -101.73
N PHE A 1213 -15.63 60.25 -101.16
CA PHE A 1213 -14.69 59.20 -101.52
C PHE A 1213 -14.56 58.16 -100.40
N PHE A 1214 -15.67 57.83 -99.75
CA PHE A 1214 -15.66 56.83 -98.70
C PHE A 1214 -15.59 55.42 -99.26
N ALA A 1215 -16.46 55.12 -100.25
CA ALA A 1215 -16.53 53.76 -100.77
C ALA A 1215 -15.36 53.44 -101.70
N ILE A 1216 -14.69 54.45 -102.24
CA ILE A 1216 -13.54 54.21 -103.11
C ILE A 1216 -12.35 53.73 -102.28
N CYS A 1217 -12.04 54.44 -101.20
CA CYS A 1217 -10.98 54.05 -100.29
C CYS A 1217 -11.39 54.36 -98.86
N GLY A 1218 -11.27 53.37 -97.98
CA GLY A 1218 -11.48 53.56 -96.56
C GLY A 1218 -12.71 52.90 -95.98
N LEU A 1219 -13.49 52.16 -96.76
CA LEU A 1219 -14.63 51.44 -96.20
C LEU A 1219 -14.33 49.94 -96.06
N GLN A 1220 -13.79 49.32 -97.11
CA GLN A 1220 -13.47 47.89 -97.05
C GLN A 1220 -12.22 47.61 -96.24
N GLU A 1221 -11.38 48.61 -95.98
CA GLU A 1221 -10.27 48.43 -95.05
C GLU A 1221 -10.74 48.35 -93.60
N GLY A 1222 -11.97 48.79 -93.33
CA GLY A 1222 -12.57 48.70 -92.01
C GLY A 1222 -12.83 50.04 -91.34
N PHE A 1223 -12.36 51.15 -91.91
CA PHE A 1223 -12.49 52.44 -91.25
C PHE A 1223 -13.94 52.93 -91.32
N GLU A 1224 -14.41 53.49 -90.21
CA GLU A 1224 -15.75 54.01 -90.07
C GLU A 1224 -15.70 55.53 -89.98
N PRO A 1225 -16.77 56.23 -90.38
CA PRO A 1225 -16.81 57.68 -90.19
C PRO A 1225 -16.95 58.05 -88.72
N PHE A 1226 -16.71 59.33 -88.44
CA PHE A 1226 -16.65 59.80 -87.06
C PHE A 1226 -18.03 59.83 -86.42
N ALA A 1227 -18.94 60.63 -87.00
CA ALA A 1227 -20.28 60.80 -86.45
C ALA A 1227 -21.28 59.91 -87.17
N ILE A 1228 -21.00 58.60 -87.16
CA ILE A 1228 -21.79 57.65 -87.94
C ILE A 1228 -23.18 57.46 -87.32
N ASN A 1229 -23.28 57.53 -85.99
CA ASN A 1229 -24.55 57.47 -85.29
C ASN A 1229 -24.60 58.61 -84.26
N MET A 1230 -24.90 59.81 -84.73
CA MET A 1230 -25.12 60.98 -83.87
C MET A 1230 -26.35 61.73 -84.35
N GLN A 1231 -27.25 62.05 -83.42
CA GLN A 1231 -28.52 62.69 -83.77
C GLN A 1231 -28.41 64.20 -83.92
N ARG A 1232 -27.37 64.82 -83.38
CA ARG A 1232 -27.12 66.24 -83.54
C ARG A 1232 -25.72 66.45 -84.11
N PRO A 1233 -25.49 67.55 -84.85
CA PRO A 1233 -24.16 67.78 -85.43
C PRO A 1233 -23.10 68.03 -84.37
N VAL A 1234 -21.86 67.70 -84.73
CA VAL A 1234 -20.73 67.79 -83.81
C VAL A 1234 -20.34 69.25 -83.62
N THR A 1235 -20.25 69.68 -82.36
CA THR A 1235 -19.83 71.03 -82.03
C THR A 1235 -18.33 71.18 -82.23
N THR A 1236 -17.93 72.30 -82.82
CA THR A 1236 -16.53 72.59 -83.09
C THR A 1236 -16.06 73.73 -82.20
N TRP A 1237 -14.84 73.60 -81.67
CA TRP A 1237 -14.22 74.61 -80.82
C TRP A 1237 -13.12 75.30 -81.64
N PHE A 1238 -13.29 76.59 -81.87
CA PHE A 1238 -12.35 77.36 -82.67
C PHE A 1238 -11.57 78.35 -81.81
N SER A 1239 -10.46 78.82 -82.35
CA SER A 1239 -9.55 79.70 -81.64
C SER A 1239 -9.88 81.16 -81.90
N LYS A 1240 -9.77 81.98 -80.87
CA LYS A 1240 -9.99 83.41 -80.97
C LYS A 1240 -8.67 84.15 -81.11
N SER A 1241 -8.74 85.31 -81.77
CA SER A 1241 -7.61 86.24 -81.83
C SER A 1241 -7.78 87.41 -80.87
N LEU A 1242 -8.84 87.40 -80.06
CA LEU A 1242 -9.07 88.44 -79.09
C LEU A 1242 -8.42 88.04 -77.78
N PRO A 1243 -7.38 88.72 -77.32
CA PRO A 1243 -6.63 88.26 -76.14
C PRO A 1243 -7.42 88.50 -74.86
N GLN A 1244 -7.41 87.51 -73.98
CA GLN A 1244 -8.17 87.58 -72.73
C GLN A 1244 -7.28 87.24 -71.55
N PHE A 1245 -7.62 87.80 -70.39
CA PHE A 1245 -6.82 87.61 -69.19
C PHE A 1245 -7.12 86.28 -68.54
N GLU A 1246 -6.09 85.63 -68.03
CA GLU A 1246 -6.18 84.34 -67.35
C GLU A 1246 -4.94 84.19 -66.48
N PRO A 1247 -5.03 83.44 -65.37
CA PRO A 1247 -3.90 83.41 -64.42
C PRO A 1247 -2.67 82.70 -64.96
N VAL A 1248 -1.53 83.05 -64.38
CA VAL A 1248 -0.23 82.50 -64.78
C VAL A 1248 -0.15 81.04 -64.32
N PRO A 1249 0.37 80.13 -65.14
CA PRO A 1249 0.52 78.75 -64.69
C PRO A 1249 1.68 78.64 -63.69
N PRO A 1250 1.60 77.68 -62.77
CA PRO A 1250 2.69 77.55 -61.78
C PRO A 1250 3.96 76.98 -62.37
N GLU A 1251 3.88 76.07 -63.34
CA GLU A 1251 5.05 75.52 -63.99
C GLU A 1251 5.30 76.20 -65.34
N HIS A 1252 5.55 77.52 -65.28
CA HIS A 1252 5.91 78.26 -66.49
C HIS A 1252 7.42 78.49 -66.50
N PRO A 1253 8.10 78.27 -67.63
CA PRO A 1253 9.58 78.23 -67.58
C PRO A 1253 10.24 79.59 -67.47
N HIS A 1254 9.56 80.68 -67.83
CA HIS A 1254 10.18 82.00 -67.86
C HIS A 1254 9.77 82.88 -66.68
N TYR A 1255 8.47 83.06 -66.43
CA TYR A 1255 8.00 83.90 -65.35
C TYR A 1255 7.42 83.07 -64.21
N GLU A 1256 7.67 83.52 -62.99
CA GLU A 1256 7.04 82.95 -61.80
C GLU A 1256 6.84 84.04 -60.77
N VAL A 1257 5.86 83.85 -59.90
CA VAL A 1257 5.57 84.80 -58.83
C VAL A 1257 5.73 84.12 -57.47
N ALA A 1258 5.85 84.94 -56.44
CA ALA A 1258 6.06 84.47 -55.08
C ALA A 1258 5.40 85.44 -54.11
N ARG A 1259 4.41 84.95 -53.37
CA ARG A 1259 3.64 85.81 -52.47
C ARG A 1259 4.35 85.87 -51.13
N MET A 1260 5.13 86.93 -50.94
CA MET A 1260 5.93 87.10 -49.73
C MET A 1260 5.08 87.68 -48.60
N ASP A 1261 5.37 87.24 -47.38
CA ASP A 1261 4.57 87.68 -46.25
C ASP A 1261 5.09 89.04 -45.74
N GLY A 1262 4.30 89.67 -44.90
CA GLY A 1262 4.57 91.02 -44.45
C GLY A 1262 5.25 91.07 -43.10
N THR A 1263 6.38 91.75 -43.05
CA THR A 1263 7.13 91.93 -41.82
C THR A 1263 6.62 93.16 -41.08
N VAL A 1264 7.35 93.58 -40.04
CA VAL A 1264 7.00 94.80 -39.33
C VAL A 1264 7.42 96.04 -40.13
N ASP A 1265 8.36 95.88 -41.06
CA ASP A 1265 8.86 96.98 -41.87
C ASP A 1265 8.24 97.04 -43.26
N THR A 1266 8.14 95.90 -43.95
CA THR A 1266 7.63 95.80 -45.31
C THR A 1266 6.24 95.18 -45.31
N PRO A 1267 5.27 95.80 -45.98
CA PRO A 1267 3.89 95.26 -45.99
C PRO A 1267 3.80 93.97 -46.78
N PRO A 1268 2.72 93.19 -46.61
CA PRO A 1268 2.53 91.97 -47.41
C PRO A 1268 2.43 92.27 -48.90
N CYS A 1269 3.33 91.66 -49.66
CA CYS A 1269 3.63 92.04 -51.03
C CYS A 1269 3.97 90.81 -51.88
N LEU A 1270 3.86 90.95 -53.19
CA LEU A 1270 4.17 89.85 -54.11
C LEU A 1270 5.00 90.37 -55.27
N ARG A 1271 5.85 89.49 -55.80
CA ARG A 1271 6.95 89.79 -56.71
C ARG A 1271 6.86 88.93 -57.95
N LEU A 1272 7.40 89.42 -59.07
CA LEU A 1272 7.67 88.58 -60.23
C LEU A 1272 9.16 88.62 -60.54
N ALA A 1273 9.73 87.44 -60.78
CA ALA A 1273 11.15 87.29 -61.07
C ALA A 1273 11.32 86.42 -62.29
N HIS A 1274 12.18 86.85 -63.21
CA HIS A 1274 12.45 86.08 -64.41
C HIS A 1274 13.34 84.89 -64.06
N ARG A 1275 12.91 83.69 -64.44
CA ARG A 1275 13.67 82.49 -64.10
C ARG A 1275 14.92 82.38 -64.95
N THR A 1276 14.78 82.52 -66.26
CA THR A 1276 15.86 82.33 -67.22
C THR A 1276 16.16 83.67 -67.88
N TRP A 1277 16.99 84.48 -67.21
CA TRP A 1277 17.34 85.79 -67.76
C TRP A 1277 18.54 85.74 -68.69
N GLY A 1278 19.47 84.82 -68.49
CA GLY A 1278 20.69 84.81 -69.28
C GLY A 1278 20.52 84.12 -70.61
N SER A 1279 21.36 83.11 -70.88
CA SER A 1279 21.24 82.33 -72.09
C SER A 1279 20.20 81.22 -71.93
N GLN A 1280 20.26 80.21 -72.81
CA GLN A 1280 19.40 79.02 -72.79
C GLN A 1280 17.92 79.37 -72.96
N ASN A 1281 17.60 79.89 -74.15
CA ASN A 1281 16.23 80.10 -74.64
C ASN A 1281 15.46 81.09 -73.77
N SER A 1282 16.02 82.30 -73.66
CA SER A 1282 15.38 83.38 -72.93
C SER A 1282 14.39 84.11 -73.84
N LEU A 1283 13.18 84.32 -73.35
CA LEU A 1283 12.14 85.01 -74.10
C LEU A 1283 11.88 86.35 -73.45
N VAL A 1284 12.33 87.42 -74.09
CA VAL A 1284 12.15 88.76 -73.56
C VAL A 1284 11.18 89.51 -74.47
N GLU A 1285 9.91 89.52 -74.07
CA GLU A 1285 8.89 90.33 -74.72
C GLU A 1285 7.98 90.92 -73.66
N MET A 1286 7.32 92.02 -74.02
CA MET A 1286 6.60 92.83 -73.05
C MET A 1286 5.33 92.13 -72.61
N LEU A 1287 5.27 91.81 -71.32
CA LEU A 1287 4.18 91.05 -70.74
C LEU A 1287 3.29 92.00 -69.95
N PHE A 1288 1.99 91.76 -70.00
CA PHE A 1288 1.00 92.64 -69.37
C PHE A 1288 0.35 91.92 -68.20
N LEU A 1289 0.58 92.44 -67.00
CA LEU A 1289 0.16 91.81 -65.75
C LEU A 1289 -0.94 92.62 -65.10
N ARG A 1290 -1.94 91.93 -64.58
CA ARG A 1290 -3.10 92.58 -63.97
C ARG A 1290 -3.47 91.78 -62.72
N LEU A 1291 -3.99 92.46 -61.71
CA LEU A 1291 -4.47 91.74 -60.53
C LEU A 1291 -5.87 91.17 -60.80
N SER A 1292 -6.34 90.36 -59.85
CA SER A 1292 -7.54 89.56 -60.10
C SER A 1292 -8.82 90.26 -59.66
N LEU A 1293 -8.76 91.15 -58.67
CA LEU A 1293 -10.03 91.75 -58.24
C LEU A 1293 -10.05 93.24 -58.58
N PRO A 1294 -11.17 93.76 -59.08
CA PRO A 1294 -11.28 95.20 -59.31
C PRO A 1294 -11.79 95.94 -58.09
N VAL A 1295 -11.76 97.25 -58.18
CA VAL A 1295 -12.42 98.13 -57.22
C VAL A 1295 -13.64 98.71 -57.91
N GLN A 1296 -14.65 99.08 -57.12
CA GLN A 1296 -15.91 99.54 -57.67
C GLN A 1296 -16.24 100.90 -57.07
N PHE A 1297 -16.37 101.91 -57.94
CA PHE A 1297 -16.69 103.25 -57.48
C PHE A 1297 -18.14 103.35 -57.02
N HIS A 1298 -18.41 104.33 -56.17
CA HIS A 1298 -19.76 104.54 -55.67
C HIS A 1298 -20.64 105.20 -56.71
N GLN A 1299 -21.94 104.89 -56.63
CA GLN A 1299 -22.85 105.19 -57.72
C GLN A 1299 -23.20 106.67 -57.77
N HIS A 1300 -23.29 107.31 -56.61
CA HIS A 1300 -23.47 108.75 -56.53
C HIS A 1300 -22.20 109.37 -55.97
N PHE A 1301 -21.70 110.38 -56.66
CA PHE A 1301 -20.48 111.03 -56.22
C PHE A 1301 -20.80 112.04 -55.12
N ARG A 1302 -19.73 112.55 -54.48
CA ARG A 1302 -19.91 113.36 -53.27
C ARG A 1302 -20.49 114.72 -53.59
N CYS A 1303 -19.99 115.37 -54.65
CA CYS A 1303 -20.42 116.69 -55.15
C CYS A 1303 -20.36 117.80 -54.09
N ASP A 1422 -2.72 107.32 -37.63
CA ASP A 1422 -3.44 108.57 -37.66
C ASP A 1422 -4.59 108.56 -36.64
N ASP A 1423 -5.51 109.50 -36.81
CA ASP A 1423 -6.70 109.56 -35.96
C ASP A 1423 -7.67 108.45 -36.36
N PRO A 1424 -8.39 107.87 -35.39
CA PRO A 1424 -9.37 106.83 -35.74
C PRO A 1424 -10.63 107.40 -36.40
N GLU A 1425 -10.90 108.70 -36.25
CA GLU A 1425 -12.07 109.29 -36.88
C GLU A 1425 -11.86 109.51 -38.37
N ILE A 1426 -10.63 109.86 -38.77
CA ILE A 1426 -10.36 110.17 -40.16
C ILE A 1426 -10.12 108.90 -40.99
N ILE A 1427 -9.83 107.77 -40.34
CA ILE A 1427 -9.58 106.56 -41.12
C ILE A 1427 -10.88 105.80 -41.38
N LEU A 1428 -11.85 105.86 -40.46
CA LEU A 1428 -13.11 105.14 -40.64
C LEU A 1428 -14.06 105.84 -41.59
N ASN A 1429 -13.90 107.14 -41.80
CA ASN A 1429 -14.79 107.90 -42.66
C ASN A 1429 -14.16 108.26 -44.01
N THR A 1430 -12.92 107.84 -44.27
CA THR A 1430 -12.30 108.17 -45.54
C THR A 1430 -12.62 107.11 -46.59
N THR A 1431 -12.62 107.55 -47.85
CA THR A 1431 -12.78 106.65 -49.00
C THR A 1431 -11.66 106.95 -49.98
N THR A 1432 -10.44 106.53 -49.65
CA THR A 1432 -9.32 106.69 -50.57
C THR A 1432 -8.26 105.65 -50.27
N TYR A 1433 -7.71 105.06 -51.34
CA TYR A 1433 -6.97 103.81 -51.24
C TYR A 1433 -5.67 103.92 -52.03
N TYR A 1434 -4.64 103.21 -51.57
CA TYR A 1434 -3.29 103.34 -52.11
C TYR A 1434 -2.68 101.97 -52.34
N TYR A 1435 -1.91 101.85 -53.42
CA TYR A 1435 -1.03 100.71 -53.64
C TYR A 1435 0.18 101.20 -54.42
N SER A 1436 1.33 100.59 -54.18
CA SER A 1436 2.56 101.00 -54.83
C SER A 1436 3.29 99.79 -55.41
N VAL A 1437 4.23 100.07 -56.32
CA VAL A 1437 5.13 99.07 -56.87
C VAL A 1437 6.55 99.60 -56.78
N ARG A 1438 7.50 98.69 -56.52
CA ARG A 1438 8.90 99.05 -56.39
C ARG A 1438 9.68 98.43 -57.54
N VAL A 1439 10.32 99.30 -58.33
CA VAL A 1439 11.04 98.89 -59.54
C VAL A 1439 12.49 98.62 -59.14
N PHE A 1440 12.97 97.43 -59.48
CA PHE A 1440 14.23 96.92 -58.97
C PHE A 1440 15.43 97.52 -59.70
N ALA A 1441 16.61 97.25 -59.16
CA ALA A 1441 17.85 97.72 -59.75
C ALA A 1441 18.19 96.91 -61.00
N GLY A 1442 18.69 97.62 -62.02
CA GLY A 1442 18.93 97.03 -63.31
C GLY A 1442 17.74 97.07 -64.25
N GLN A 1443 16.53 97.23 -63.72
CA GLN A 1443 15.35 97.40 -64.55
C GLN A 1443 15.19 98.88 -64.89
N GLU A 1444 15.22 99.20 -66.17
CA GLU A 1444 15.11 100.58 -66.63
C GLU A 1444 13.68 101.08 -66.46
N PRO A 1445 13.46 102.28 -65.91
CA PRO A 1445 12.10 102.78 -65.73
C PRO A 1445 11.41 103.26 -67.00
N SER A 1446 12.10 103.25 -68.15
CA SER A 1446 11.44 103.63 -69.40
C SER A 1446 10.47 102.56 -69.89
N CYS A 1447 10.66 101.31 -69.46
CA CYS A 1447 9.80 100.22 -69.89
C CYS A 1447 8.75 99.85 -68.85
N VAL A 1448 8.41 100.78 -67.95
CA VAL A 1448 7.49 100.52 -66.86
C VAL A 1448 6.31 101.47 -66.99
N TRP A 1449 5.11 100.89 -67.03
CA TRP A 1449 3.85 101.64 -67.09
C TRP A 1449 2.95 101.16 -65.96
N VAL A 1450 2.62 102.06 -65.04
CA VAL A 1450 1.92 101.70 -63.80
C VAL A 1450 0.60 102.46 -63.74
N GLY A 1451 -0.49 101.74 -63.45
CA GLY A 1451 -1.79 102.36 -63.25
C GLY A 1451 -2.97 101.42 -63.18
N TRP A 1452 -4.05 101.78 -63.88
CA TRP A 1452 -5.31 101.04 -63.82
C TRP A 1452 -5.86 100.75 -65.21
N VAL A 1453 -6.57 99.63 -65.31
CA VAL A 1453 -7.08 99.10 -66.58
C VAL A 1453 -8.55 98.73 -66.39
N THR A 1454 -9.41 99.34 -67.19
CA THR A 1454 -10.83 98.97 -67.14
C THR A 1454 -11.06 97.74 -68.04
N PRO A 1455 -12.02 96.86 -67.69
CA PRO A 1455 -12.00 95.47 -68.19
C PRO A 1455 -12.07 95.22 -69.69
N ASP A 1456 -12.54 96.15 -70.53
CA ASP A 1456 -12.61 95.85 -71.96
C ASP A 1456 -11.31 96.26 -72.65
N TYR A 1457 -10.21 95.68 -72.19
CA TYR A 1457 -8.88 95.90 -72.74
C TYR A 1457 -8.39 94.60 -73.38
N HIS A 1458 -8.34 94.58 -74.71
CA HIS A 1458 -7.91 93.41 -75.46
C HIS A 1458 -6.88 93.79 -76.51
N GLN A 1459 -5.92 94.63 -76.14
CA GLN A 1459 -4.80 94.99 -77.00
C GLN A 1459 -3.53 94.37 -76.45
N HIS A 1460 -2.89 93.52 -77.26
CA HIS A 1460 -1.65 92.83 -76.89
C HIS A 1460 -0.63 93.13 -78.00
N ASP A 1461 0.16 94.18 -77.80
CA ASP A 1461 1.16 94.60 -78.77
C ASP A 1461 2.51 94.73 -78.07
N MET A 1462 3.56 94.37 -78.79
CA MET A 1462 4.90 94.41 -78.24
C MET A 1462 5.55 95.79 -78.35
N ASN A 1463 4.87 96.76 -78.96
CA ASN A 1463 5.33 98.14 -79.12
C ASN A 1463 4.38 99.10 -78.42
N PHE A 1464 4.01 98.76 -77.19
CA PHE A 1464 2.98 99.51 -76.49
C PHE A 1464 3.51 100.83 -75.94
N ASP A 1465 2.72 101.89 -76.13
CA ASP A 1465 2.99 103.18 -75.54
C ASP A 1465 1.67 103.84 -75.18
N LEU A 1466 1.76 104.94 -74.42
CA LEU A 1466 0.55 105.62 -73.97
C LEU A 1466 -0.11 106.44 -75.07
N SER A 1467 0.59 106.71 -76.18
CA SER A 1467 -0.08 107.32 -77.32
C SER A 1467 -0.96 106.31 -78.05
N LYS A 1468 -0.65 105.02 -77.93
CA LYS A 1468 -1.45 103.97 -78.56
C LYS A 1468 -2.49 103.44 -77.56
N VAL A 1469 -3.25 104.39 -77.01
CA VAL A 1469 -4.28 104.12 -76.01
C VAL A 1469 -5.59 104.69 -76.53
N ARG A 1470 -6.65 103.87 -76.51
CA ARG A 1470 -7.97 104.30 -76.97
C ARG A 1470 -8.50 105.38 -76.03
N ALA A 1471 -8.77 106.57 -76.56
CA ALA A 1471 -9.42 107.63 -75.80
C ALA A 1471 -10.56 108.20 -76.63
N VAL A 1472 -11.75 108.32 -76.04
CA VAL A 1472 -12.91 108.90 -76.71
C VAL A 1472 -13.45 110.03 -75.84
N THR A 1473 -13.56 111.22 -76.41
CA THR A 1473 -14.04 112.40 -75.70
C THR A 1473 -15.42 112.77 -76.25
N VAL A 1474 -16.44 112.64 -75.40
CA VAL A 1474 -17.83 112.91 -75.79
C VAL A 1474 -18.23 114.26 -75.23
N THR A 1475 -18.72 115.15 -76.10
CA THR A 1475 -19.21 116.46 -75.68
C THR A 1475 -20.63 116.64 -76.18
N MET A 1476 -21.56 116.83 -75.23
CA MET A 1476 -22.98 116.94 -75.51
C MET A 1476 -23.48 118.26 -74.94
N GLY A 1477 -24.05 119.10 -75.79
CA GLY A 1477 -24.50 120.42 -75.38
C GLY A 1477 -25.97 120.68 -75.62
N ASP A 1478 -26.34 121.95 -75.73
CA ASP A 1478 -27.71 122.34 -76.01
C ASP A 1478 -27.85 122.60 -77.51
N GLU A 1479 -29.03 123.08 -77.92
CA GLU A 1479 -29.26 123.42 -79.32
C GLU A 1479 -28.64 124.75 -79.71
N GLN A 1480 -28.24 125.58 -78.74
CA GLN A 1480 -27.63 126.86 -79.07
C GLN A 1480 -26.19 126.71 -79.55
N GLY A 1481 -25.53 125.62 -79.15
CA GLY A 1481 -24.16 125.34 -79.58
C GLY A 1481 -23.16 125.26 -78.45
N ASN A 1482 -23.46 125.84 -77.29
CA ASN A 1482 -22.57 125.77 -76.15
C ASN A 1482 -22.65 124.39 -75.51
N VAL A 1483 -21.50 123.89 -75.07
CA VAL A 1483 -21.42 122.55 -74.50
C VAL A 1483 -22.00 122.54 -73.09
N HIS A 1484 -22.39 121.36 -72.63
CA HIS A 1484 -22.86 121.15 -71.27
C HIS A 1484 -21.93 120.27 -70.46
N SER A 1485 -21.32 119.26 -71.07
CA SER A 1485 -20.47 118.32 -70.35
C SER A 1485 -19.45 117.75 -71.32
N SER A 1486 -18.35 117.25 -70.74
CA SER A 1486 -17.28 116.62 -71.49
C SER A 1486 -16.77 115.42 -70.70
N LEU A 1487 -16.97 114.22 -71.22
CA LEU A 1487 -16.48 113.01 -70.60
C LEU A 1487 -15.52 112.30 -71.54
N LYS A 1488 -14.38 111.87 -71.00
CA LYS A 1488 -13.38 111.14 -71.75
C LYS A 1488 -13.42 109.67 -71.33
N CYS A 1489 -13.57 108.78 -72.30
CA CYS A 1489 -13.65 107.35 -72.06
C CYS A 1489 -12.35 106.71 -72.56
N SER A 1490 -11.63 106.06 -71.66
CA SER A 1490 -10.44 105.30 -72.00
C SER A 1490 -10.49 103.96 -71.29
N ASN A 1491 -9.69 103.01 -71.79
CA ASN A 1491 -9.55 101.70 -71.15
C ASN A 1491 -8.26 101.57 -70.35
N CYS A 1492 -7.25 102.37 -70.66
CA CYS A 1492 -5.93 102.25 -70.05
C CYS A 1492 -5.57 103.60 -69.43
N TYR A 1493 -5.69 103.69 -68.10
CA TYR A 1493 -5.40 104.91 -67.34
C TYR A 1493 -4.11 104.72 -66.56
N MET A 1494 -2.97 104.84 -67.25
CA MET A 1494 -1.68 104.64 -66.61
C MET A 1494 -0.73 105.77 -67.01
N VAL A 1495 0.44 105.76 -66.36
CA VAL A 1495 1.47 106.78 -66.52
C VAL A 1495 2.78 106.11 -66.88
N TRP A 1496 3.69 106.90 -67.47
CA TRP A 1496 4.99 106.38 -67.87
C TRP A 1496 6.01 106.59 -66.76
N GLY A 1497 6.79 105.54 -66.49
CA GLY A 1497 7.76 105.60 -65.39
C GLY A 1497 9.01 106.38 -65.73
N GLY A 1498 9.32 106.53 -67.02
CA GLY A 1498 10.47 107.30 -67.44
C GLY A 1498 10.33 108.79 -67.24
N ASP A 1499 9.10 109.29 -67.10
CA ASP A 1499 8.91 110.73 -66.88
C ASP A 1499 9.17 111.12 -65.43
N PHE A 1500 9.13 110.15 -64.51
CA PHE A 1500 9.33 110.48 -63.09
C PHE A 1500 10.81 110.61 -62.78
N VAL A 1501 11.60 109.59 -63.14
CA VAL A 1501 13.02 109.59 -62.87
C VAL A 1501 13.78 110.30 -63.99
N ILE A 1509 22.07 102.89 -65.40
CA ILE A 1509 22.44 101.98 -64.33
C ILE A 1509 22.04 102.57 -62.98
N SER A 1510 20.75 102.51 -62.69
CA SER A 1510 20.25 103.06 -61.43
C SER A 1510 20.46 102.08 -60.29
N HIS A 1511 21.04 102.57 -59.20
CA HIS A 1511 21.30 101.78 -58.00
C HIS A 1511 20.23 101.95 -56.94
N THR A 1512 19.29 102.87 -57.12
CA THR A 1512 18.19 103.06 -56.21
C THR A 1512 16.89 102.60 -56.86
N ASP A 1513 15.89 102.37 -56.02
CA ASP A 1513 14.64 101.78 -56.49
C ASP A 1513 13.56 102.84 -56.60
N LEU A 1514 12.74 102.73 -57.65
CA LEU A 1514 11.73 103.72 -57.98
C LEU A 1514 10.36 103.20 -57.53
N VAL A 1515 9.68 103.98 -56.70
CA VAL A 1515 8.40 103.60 -56.13
C VAL A 1515 7.32 104.46 -56.75
N ILE A 1516 6.48 103.85 -57.58
CA ILE A 1516 5.36 104.55 -58.23
C ILE A 1516 4.09 104.20 -57.49
N GLY A 1517 3.44 105.20 -56.90
CA GLY A 1517 2.22 104.97 -56.16
C GLY A 1517 0.98 105.49 -56.84
N CYS A 1518 -0.16 104.90 -56.55
CA CYS A 1518 -1.43 105.28 -57.17
C CYS A 1518 -2.45 105.61 -56.08
N LEU A 1519 -3.17 106.70 -56.27
CA LEU A 1519 -4.19 107.17 -55.33
C LEU A 1519 -5.53 107.27 -56.04
N VAL A 1520 -6.55 106.67 -55.43
CA VAL A 1520 -7.92 106.68 -55.93
C VAL A 1520 -8.81 107.25 -54.84
N ASP A 1521 -9.84 108.02 -55.23
CA ASP A 1521 -10.91 108.43 -54.34
C ASP A 1521 -12.21 107.90 -54.94
N LEU A 1522 -12.87 106.96 -54.24
CA LEU A 1522 -14.11 106.41 -54.76
C LEU A 1522 -15.30 107.35 -54.61
N ALA A 1523 -15.15 108.46 -53.87
CA ALA A 1523 -16.27 109.38 -53.69
C ALA A 1523 -16.27 110.48 -54.76
N THR A 1524 -15.10 111.02 -55.11
CA THR A 1524 -15.02 112.04 -56.16
C THR A 1524 -14.61 111.49 -57.51
N GLY A 1525 -14.07 110.28 -57.56
CA GLY A 1525 -13.63 109.71 -58.82
C GLY A 1525 -12.36 110.34 -59.36
N LEU A 1526 -11.48 110.80 -58.48
CA LEU A 1526 -10.26 111.48 -58.87
C LEU A 1526 -9.06 110.60 -58.58
N MET A 1527 -8.19 110.43 -59.57
CA MET A 1527 -7.01 109.60 -59.44
C MET A 1527 -5.76 110.42 -59.68
N THR A 1528 -4.89 110.47 -58.68
CA THR A 1528 -3.60 111.13 -58.74
C THR A 1528 -2.50 110.10 -58.57
N PHE A 1529 -1.39 110.30 -59.28
CA PHE A 1529 -0.26 109.39 -59.23
C PHE A 1529 0.93 110.05 -58.56
N THR A 1530 1.52 109.37 -57.58
CA THR A 1530 2.67 109.85 -56.86
C THR A 1530 3.87 108.95 -57.12
N ALA A 1531 5.07 109.53 -57.02
CA ALA A 1531 6.31 108.79 -57.22
C ALA A 1531 7.31 109.23 -56.17
N ASN A 1532 7.76 108.28 -55.35
CA ASN A 1532 8.76 108.48 -54.28
C ASN A 1532 8.33 109.55 -53.29
N GLY A 1533 7.04 109.56 -52.94
CA GLY A 1533 6.51 110.53 -52.01
C GLY A 1533 6.29 111.91 -52.58
N LYS A 1534 6.36 112.09 -53.89
CA LYS A 1534 6.14 113.38 -54.53
C LYS A 1534 4.97 113.26 -55.51
N GLU A 1535 4.02 114.19 -55.42
CA GLU A 1535 2.88 114.18 -56.33
C GLU A 1535 3.27 114.77 -57.68
N SER A 1536 2.60 114.31 -58.73
CA SER A 1536 2.92 114.68 -60.09
C SER A 1536 1.77 115.46 -60.73
N ASN A 1537 1.97 115.84 -61.99
CA ASN A 1537 1.03 116.73 -62.68
C ASN A 1537 -0.21 116.02 -63.22
N THR A 1538 -0.24 114.69 -63.24
CA THR A 1538 -1.32 113.98 -63.90
C THR A 1538 -2.55 113.85 -63.00
N PHE A 1539 -3.71 113.69 -63.64
CA PHE A 1539 -4.98 113.45 -62.95
C PHE A 1539 -5.95 112.81 -63.95
N PHE A 1540 -6.83 111.97 -63.42
CA PHE A 1540 -7.82 111.27 -64.24
C PHE A 1540 -9.15 111.26 -63.50
N GLN A 1541 -10.24 111.38 -64.26
CA GLN A 1541 -11.60 111.27 -63.72
C GLN A 1541 -12.37 110.19 -64.48
N VAL A 1542 -13.19 109.43 -63.77
CA VAL A 1542 -13.86 108.27 -64.32
C VAL A 1542 -15.38 108.45 -64.26
N GLU A 1543 -16.08 107.46 -64.82
CA GLU A 1543 -17.53 107.37 -64.74
C GLU A 1543 -17.96 107.01 -63.33
N PRO A 1544 -19.21 107.31 -62.94
CA PRO A 1544 -19.68 106.88 -61.60
C PRO A 1544 -19.74 105.38 -61.46
N ASN A 1545 -20.30 104.68 -62.45
CA ASN A 1545 -20.35 103.22 -62.44
C ASN A 1545 -19.25 102.70 -63.35
N THR A 1546 -18.12 102.37 -62.77
CA THR A 1546 -17.02 101.73 -63.48
C THR A 1546 -16.27 100.86 -62.50
N LYS A 1547 -15.49 99.94 -63.04
CA LYS A 1547 -14.55 99.15 -62.26
C LYS A 1547 -13.15 99.25 -62.88
N LEU A 1548 -12.14 99.22 -62.01
CA LEU A 1548 -10.77 99.45 -62.40
C LEU A 1548 -9.89 98.36 -61.82
N PHE A 1549 -9.04 97.77 -62.66
CA PHE A 1549 -8.11 96.73 -62.24
C PHE A 1549 -6.72 97.32 -62.07
N PRO A 1550 -6.08 97.13 -60.92
CA PRO A 1550 -4.69 97.58 -60.76
C PRO A 1550 -3.72 96.76 -61.59
N ALA A 1551 -3.15 97.36 -62.63
CA ALA A 1551 -2.26 96.67 -63.55
C ALA A 1551 -0.95 97.43 -63.68
N VAL A 1552 0.10 96.68 -64.01
CA VAL A 1552 1.42 97.23 -64.29
C VAL A 1552 1.91 96.58 -65.58
N PHE A 1553 2.15 97.38 -66.61
CA PHE A 1553 2.66 96.87 -67.88
C PHE A 1553 4.16 97.12 -67.93
N VAL A 1554 4.94 96.05 -68.08
CA VAL A 1554 6.38 96.11 -67.91
C VAL A 1554 7.03 95.15 -68.90
N LEU A 1555 8.24 95.53 -69.39
CA LEU A 1555 9.13 94.70 -70.19
C LEU A 1555 10.33 94.32 -69.34
N PRO A 1556 10.62 93.03 -69.16
CA PRO A 1556 11.68 92.62 -68.21
C PRO A 1556 13.07 92.84 -68.77
N THR A 1557 13.82 93.73 -68.15
CA THR A 1557 15.24 93.93 -68.49
C THR A 1557 16.16 93.57 -67.33
N HIS A 1558 15.70 92.77 -66.37
CA HIS A 1558 16.52 92.23 -65.31
C HIS A 1558 15.91 90.92 -64.87
N GLN A 1559 16.57 90.25 -63.91
CA GLN A 1559 15.98 89.08 -63.28
C GLN A 1559 14.83 89.49 -62.37
N ASN A 1560 15.05 90.48 -61.52
CA ASN A 1560 14.01 91.06 -60.67
C ASN A 1560 13.33 92.20 -61.42
N VAL A 1561 12.03 92.08 -61.62
CA VAL A 1561 11.32 93.01 -62.48
C VAL A 1561 10.50 94.02 -61.68
N ILE A 1562 9.41 93.56 -61.05
CA ILE A 1562 8.47 94.40 -60.35
C ILE A 1562 8.07 93.71 -59.03
N GLN A 1563 7.33 94.45 -58.21
CA GLN A 1563 6.87 93.95 -56.92
C GLN A 1563 5.62 94.72 -56.54
N PHE A 1564 4.46 94.06 -56.56
CA PHE A 1564 3.24 94.69 -56.08
C PHE A 1564 3.26 94.73 -54.55
N GLU A 1565 3.35 95.92 -53.97
CA GLU A 1565 3.29 96.10 -52.52
C GLU A 1565 2.00 96.79 -52.13
N LEU A 1566 1.18 96.11 -51.35
CA LEU A 1566 -0.12 96.63 -50.91
C LEU A 1566 0.01 97.29 -49.55
N GLY A 1567 0.74 98.41 -49.52
CA GLY A 1567 1.02 99.08 -48.25
C GLY A 1567 0.04 100.19 -47.92
N LYS A 1568 -0.03 100.51 -46.63
CA LYS A 1568 -0.85 101.61 -46.13
C LYS A 1568 0.04 102.79 -45.76
N GLN A 1569 -0.39 103.99 -46.10
CA GLN A 1569 0.34 105.22 -45.77
C GLN A 1569 -0.12 105.72 -44.41
N LYS A 1570 0.01 107.02 -44.15
CA LYS A 1570 -0.23 107.58 -42.83
C LYS A 1570 -1.71 107.53 -42.45
N ASN A 1571 -2.60 107.93 -43.35
CA ASN A 1571 -4.01 108.10 -42.99
C ASN A 1571 -4.94 107.55 -44.07
N ILE A 1572 -4.42 106.72 -44.97
CA ILE A 1572 -5.22 106.16 -46.06
C ILE A 1572 -5.12 104.64 -46.01
N MET A 1573 -6.24 103.96 -46.25
CA MET A 1573 -6.33 102.52 -46.13
C MET A 1573 -5.76 101.83 -47.39
N PRO A 1574 -5.25 100.60 -47.25
CA PRO A 1574 -4.72 99.88 -48.42
C PRO A 1574 -5.84 99.35 -49.32
N LEU A 1575 -5.43 98.69 -50.40
CA LEU A 1575 -6.36 98.32 -51.46
C LEU A 1575 -7.26 97.15 -51.07
N SER A 1576 -6.94 96.41 -50.00
CA SER A 1576 -7.72 95.23 -49.65
C SER A 1576 -9.07 95.59 -49.06
N ALA A 1577 -9.28 96.86 -48.67
CA ALA A 1577 -10.57 97.28 -48.14
C ALA A 1577 -11.57 97.61 -49.25
N ALA A 1578 -11.08 98.09 -50.41
CA ALA A 1578 -11.99 98.43 -51.50
C ALA A 1578 -12.47 97.21 -52.28
N MET A 1579 -11.70 96.12 -52.25
CA MET A 1579 -11.99 94.94 -53.05
C MET A 1579 -12.85 93.93 -52.32
N PHE A 1580 -12.86 93.99 -50.99
CA PHE A 1580 -13.59 93.04 -50.16
C PHE A 1580 -14.49 93.80 -49.20
N LEU A 1581 -15.69 93.27 -48.97
CA LEU A 1581 -16.65 93.97 -48.13
C LEU A 1581 -16.48 93.62 -46.65
N SER A 1582 -15.87 92.46 -46.35
CA SER A 1582 -15.70 92.06 -44.96
C SER A 1582 -14.59 92.85 -44.27
N GLU A 1583 -13.63 93.36 -45.04
CA GLU A 1583 -12.50 94.11 -44.49
C GLU A 1583 -12.50 95.57 -44.92
N ARG A 1584 -13.69 96.17 -45.06
CA ARG A 1584 -13.76 97.59 -45.38
C ARG A 1584 -13.25 98.44 -44.23
N LYS A 1585 -13.51 98.03 -43.00
CA LYS A 1585 -13.14 98.81 -41.82
C LYS A 1585 -11.88 98.32 -41.12
N ASN A 1586 -11.21 97.30 -41.65
CA ASN A 1586 -9.94 96.85 -41.08
C ASN A 1586 -8.83 97.51 -41.88
N PRO A 1587 -7.99 98.36 -41.28
CA PRO A 1587 -6.94 99.04 -42.05
C PRO A 1587 -5.67 98.23 -42.24
N ALA A 1588 -5.58 97.02 -41.69
CA ALA A 1588 -4.35 96.24 -41.81
C ALA A 1588 -4.24 95.66 -43.22
N PRO A 1589 -3.04 95.69 -43.83
CA PRO A 1589 -2.89 95.15 -45.18
C PRO A 1589 -2.89 93.62 -45.15
N GLN A 1590 -3.70 93.04 -46.02
CA GLN A 1590 -3.80 91.59 -46.16
C GLN A 1590 -3.59 91.19 -47.62
N CYS A 1591 -3.23 89.92 -47.81
CA CYS A 1591 -3.03 89.35 -49.15
C CYS A 1591 -3.66 87.96 -49.20
N PRO A 1592 -4.94 87.88 -49.56
CA PRO A 1592 -5.61 86.58 -49.64
C PRO A 1592 -5.26 85.86 -50.93
N PRO A 1593 -5.42 84.54 -50.98
CA PRO A 1593 -5.10 83.80 -52.23
C PRO A 1593 -6.06 84.06 -53.39
N ARG A 1594 -7.20 84.72 -53.15
CA ARG A 1594 -8.02 85.20 -54.26
C ARG A 1594 -7.34 86.34 -55.02
N LEU A 1595 -6.45 87.08 -54.38
CA LEU A 1595 -5.62 88.06 -55.07
C LEU A 1595 -4.45 87.30 -55.67
N GLU A 1596 -4.53 87.04 -56.97
CA GLU A 1596 -3.37 86.60 -57.75
C GLU A 1596 -3.17 87.59 -58.88
N VAL A 1597 -2.05 87.45 -59.57
CA VAL A 1597 -1.77 88.28 -60.73
C VAL A 1597 -2.15 87.49 -61.98
N GLN A 1598 -2.62 88.21 -62.99
CA GLN A 1598 -3.04 87.63 -64.25
C GLN A 1598 -2.02 88.01 -65.32
N MET A 1599 -2.10 87.33 -66.47
CA MET A 1599 -1.36 87.76 -67.65
C MET A 1599 -2.21 87.54 -68.89
N LEU A 1600 -2.07 88.45 -69.86
CA LEU A 1600 -2.91 88.47 -71.04
C LEU A 1600 -2.31 87.57 -72.11
N MET A 1601 -2.82 86.32 -72.22
CA MET A 1601 -2.34 85.51 -73.34
C MET A 1601 -3.05 85.95 -74.62
N PRO A 1602 -2.38 85.84 -75.79
CA PRO A 1602 -2.99 86.38 -77.01
C PRO A 1602 -4.16 85.56 -77.55
N VAL A 1603 -4.24 84.26 -77.27
CA VAL A 1603 -5.30 83.42 -77.82
C VAL A 1603 -6.00 82.67 -76.70
N SER A 1604 -7.22 82.21 -76.99
CA SER A 1604 -8.04 81.49 -76.02
C SER A 1604 -9.02 80.61 -76.79
N TRP A 1605 -9.58 79.63 -76.08
CA TRP A 1605 -10.50 78.66 -76.67
C TRP A 1605 -11.95 79.07 -76.42
N SER A 1606 -12.75 79.12 -77.48
CA SER A 1606 -14.19 79.32 -77.40
C SER A 1606 -14.89 78.29 -78.29
N ARG A 1607 -16.23 78.34 -78.30
CA ARG A 1607 -17.05 77.32 -78.94
C ARG A 1607 -17.96 77.95 -79.99
N MET A 1608 -18.03 77.31 -81.16
CA MET A 1608 -18.95 77.75 -82.22
C MET A 1608 -20.39 77.43 -81.83
N PRO A 1609 -21.32 78.36 -82.03
CA PRO A 1609 -22.75 78.03 -81.85
C PRO A 1609 -23.26 77.17 -82.99
N ASN A 1610 -24.34 76.46 -82.72
CA ASN A 1610 -24.89 75.50 -83.66
C ASN A 1610 -25.95 76.10 -84.58
N HIS A 1611 -26.45 77.29 -84.27
CA HIS A 1611 -27.43 77.97 -85.11
C HIS A 1611 -27.06 79.44 -85.20
N PHE A 1612 -26.69 79.89 -86.38
CA PHE A 1612 -26.30 81.27 -86.63
C PHE A 1612 -27.51 82.06 -87.13
N LEU A 1613 -27.38 83.39 -87.10
CA LEU A 1613 -28.44 84.26 -87.63
C LEU A 1613 -28.36 84.29 -89.15
N GLN A 1614 -29.48 83.97 -89.79
CA GLN A 1614 -29.56 83.88 -91.25
C GLN A 1614 -29.91 85.26 -91.80
N VAL A 1615 -28.98 85.85 -92.53
CA VAL A 1615 -29.09 87.21 -93.03
C VAL A 1615 -29.41 87.18 -94.52
N GLU A 1616 -30.25 88.10 -94.98
CA GLU A 1616 -30.67 88.18 -96.37
C GLU A 1616 -30.15 89.49 -96.97
N THR A 1617 -29.07 89.38 -97.73
CA THR A 1617 -28.42 90.53 -98.36
C THR A 1617 -28.75 90.53 -99.85
N ARG A 1618 -29.32 91.64 -100.32
CA ARG A 1618 -29.82 91.76 -101.68
C ARG A 1618 -29.99 93.23 -102.01
N ARG A 1619 -29.55 93.65 -103.20
CA ARG A 1619 -29.82 95.02 -103.65
C ARG A 1619 -31.16 95.06 -104.38
N ALA A 1620 -32.02 95.99 -103.97
CA ALA A 1620 -33.37 96.13 -104.52
C ALA A 1620 -33.52 97.55 -105.06
N GLY A 1621 -33.30 97.71 -106.36
CA GLY A 1621 -33.45 99.00 -107.00
C GLY A 1621 -32.24 99.90 -106.84
N GLU A 1622 -32.15 100.94 -107.67
CA GLU A 1622 -31.03 101.87 -107.63
C GLU A 1622 -31.29 103.05 -106.71
N ARG A 1623 -32.52 103.28 -106.27
CA ARG A 1623 -32.82 104.39 -105.38
C ARG A 1623 -33.19 103.93 -103.97
N LEU A 1624 -33.75 102.73 -103.81
CA LEU A 1624 -34.04 102.22 -102.47
C LEU A 1624 -32.76 101.86 -101.74
N GLY A 1625 -31.82 101.22 -102.42
CA GLY A 1625 -30.53 100.88 -101.86
C GLY A 1625 -30.43 99.39 -101.55
N TRP A 1626 -29.38 99.05 -100.82
CA TRP A 1626 -29.11 97.67 -100.44
C TRP A 1626 -29.96 97.31 -99.23
N ALA A 1627 -30.85 96.35 -99.41
CA ALA A 1627 -31.77 95.92 -98.36
C ALA A 1627 -31.18 94.74 -97.62
N VAL A 1628 -31.45 94.66 -96.32
CA VAL A 1628 -30.93 93.60 -95.47
C VAL A 1628 -31.94 93.35 -94.37
N GLN A 1629 -32.08 92.07 -94.00
CA GLN A 1629 -33.14 91.66 -93.08
C GLN A 1629 -32.80 90.30 -92.48
N CYS A 1630 -33.24 90.09 -91.24
CA CYS A 1630 -33.28 88.76 -90.64
C CYS A 1630 -34.54 88.64 -89.79
N GLN A 1631 -35.11 87.43 -89.78
CA GLN A 1631 -36.34 87.15 -89.04
C GLN A 1631 -36.26 85.94 -88.12
N ASP A 1632 -35.15 85.21 -88.09
CA ASP A 1632 -35.05 84.02 -87.25
C ASP A 1632 -34.83 84.39 -85.80
N PRO A 1633 -35.69 83.97 -84.87
CA PRO A 1633 -35.47 84.29 -83.45
C PRO A 1633 -34.50 83.30 -82.80
N LEU A 1634 -33.49 83.83 -82.13
CA LEU A 1634 -32.46 83.02 -81.49
C LEU A 1634 -32.10 83.60 -80.13
N THR A 1635 -31.98 82.71 -79.14
CA THR A 1635 -31.63 83.07 -77.77
C THR A 1635 -30.61 82.06 -77.27
N MET A 1636 -29.87 82.45 -76.23
CA MET A 1636 -28.95 81.53 -75.55
C MET A 1636 -28.80 81.97 -74.11
N MET A 1637 -28.33 81.04 -73.28
CA MET A 1637 -28.06 81.29 -71.86
C MET A 1637 -26.57 81.47 -71.68
N ALA A 1638 -26.18 82.37 -70.77
CA ALA A 1638 -24.76 82.64 -70.57
C ALA A 1638 -24.50 83.01 -69.12
N LEU A 1639 -23.29 82.69 -68.65
CA LEU A 1639 -22.83 83.15 -67.35
C LEU A 1639 -22.36 84.60 -67.43
N HIS A 1640 -22.52 85.32 -66.32
CA HIS A 1640 -22.22 86.75 -66.35
C HIS A 1640 -20.84 87.07 -65.76
N ILE A 1641 -20.47 86.39 -64.68
CA ILE A 1641 -19.18 86.49 -63.98
C ILE A 1641 -18.86 87.93 -63.61
N PRO A 1642 -19.47 88.46 -62.53
CA PRO A 1642 -19.44 89.92 -62.31
C PRO A 1642 -18.09 90.50 -61.89
N GLU A 1643 -17.13 89.68 -61.41
CA GLU A 1643 -15.88 90.26 -60.98
C GLU A 1643 -14.96 90.61 -62.15
N GLU A 1644 -15.23 90.06 -63.34
CA GLU A 1644 -14.51 90.46 -64.55
C GLU A 1644 -15.40 91.08 -65.60
N ASN A 1645 -16.74 91.00 -65.43
CA ASN A 1645 -17.75 91.57 -66.32
C ASN A 1645 -17.57 91.00 -67.73
N ARG A 1646 -17.43 89.68 -67.80
CA ARG A 1646 -17.17 88.97 -69.04
C ARG A 1646 -18.07 87.77 -69.13
N CYS A 1647 -18.68 87.58 -70.29
CA CYS A 1647 -19.67 86.52 -70.48
C CYS A 1647 -19.09 85.39 -71.32
N MET A 1648 -19.48 84.17 -70.96
CA MET A 1648 -19.15 82.98 -71.72
C MET A 1648 -20.40 82.12 -71.79
N ASP A 1649 -20.47 81.29 -72.82
CA ASP A 1649 -21.64 80.46 -73.02
C ASP A 1649 -21.71 79.35 -71.98
N ILE A 1650 -22.95 78.95 -71.66
CA ILE A 1650 -23.13 77.91 -70.65
C ILE A 1650 -22.78 76.53 -71.22
N LEU A 1651 -22.68 76.41 -72.54
CA LEU A 1651 -22.28 75.16 -73.18
C LEU A 1651 -20.76 74.99 -73.25
N GLU A 1652 -19.98 76.03 -72.93
CA GLU A 1652 -18.53 75.90 -72.85
C GLU A 1652 -18.07 75.29 -71.54
N LEU A 1653 -18.97 75.08 -70.58
CA LEU A 1653 -18.59 74.46 -69.31
C LEU A 1653 -18.30 72.98 -69.44
N SER A 1654 -18.71 72.34 -70.54
CA SER A 1654 -18.37 70.94 -70.78
C SER A 1654 -16.88 70.76 -71.03
N GLU A 1655 -16.20 71.82 -71.50
CA GLU A 1655 -14.74 71.79 -71.61
C GLU A 1655 -14.05 72.58 -70.51
N ARG A 1656 -14.80 73.36 -69.73
CA ARG A 1656 -14.19 74.12 -68.64
C ARG A 1656 -13.85 73.21 -67.46
N LEU A 1657 -14.86 72.49 -66.96
CA LEU A 1657 -14.79 71.49 -65.88
C LEU A 1657 -14.28 72.04 -64.55
N ASP A 1658 -14.31 73.37 -64.35
CA ASP A 1658 -14.11 73.96 -63.03
C ASP A 1658 -15.30 74.81 -62.60
N LEU A 1659 -15.75 75.73 -63.46
CA LEU A 1659 -16.99 76.46 -63.22
C LEU A 1659 -18.21 75.62 -63.55
N GLN A 1660 -18.02 74.48 -64.21
CA GLN A 1660 -19.06 73.44 -64.24
C GLN A 1660 -19.34 72.94 -62.84
N ARG A 1661 -18.29 72.68 -62.07
CA ARG A 1661 -18.43 72.13 -60.72
C ARG A 1661 -18.97 73.19 -59.76
N PHE A 1662 -18.62 74.46 -59.99
CA PHE A 1662 -19.07 75.52 -59.09
C PHE A 1662 -20.54 75.83 -59.29
N HIS A 1663 -21.00 75.89 -60.54
CA HIS A 1663 -22.38 76.26 -60.80
C HIS A 1663 -23.33 75.12 -60.46
N SER A 1664 -22.85 73.88 -60.57
CA SER A 1664 -23.68 72.75 -60.15
C SER A 1664 -23.74 72.65 -58.63
N HIS A 1665 -22.67 73.07 -57.95
CA HIS A 1665 -22.70 73.10 -56.49
C HIS A 1665 -23.47 74.31 -55.99
N THR A 1666 -23.51 75.38 -56.80
CA THR A 1666 -24.36 76.53 -56.48
C THR A 1666 -25.83 76.18 -56.65
N LEU A 1667 -26.12 75.32 -57.63
CA LEU A 1667 -27.51 74.97 -57.94
C LEU A 1667 -28.09 74.04 -56.89
N ARG A 1668 -27.24 73.19 -56.31
CA ARG A 1668 -27.69 72.35 -55.21
C ARG A 1668 -27.93 73.17 -53.95
N LEU A 1669 -27.16 74.25 -53.78
CA LEU A 1669 -27.44 75.21 -52.72
C LEU A 1669 -28.73 75.96 -53.01
N TYR A 1670 -29.03 76.19 -54.30
CA TYR A 1670 -30.31 76.78 -54.68
C TYR A 1670 -31.46 75.83 -54.41
N ARG A 1671 -31.19 74.52 -54.37
CA ARG A 1671 -32.23 73.57 -54.05
C ARG A 1671 -32.38 73.38 -52.54
N ALA A 1672 -31.26 73.33 -51.82
CA ALA A 1672 -31.30 72.96 -50.40
C ALA A 1672 -31.73 74.12 -49.50
N VAL A 1673 -31.60 75.36 -49.97
CA VAL A 1673 -32.06 76.50 -49.18
C VAL A 1673 -33.58 76.57 -49.18
N CYS A 1674 -34.18 76.53 -50.37
CA CYS A 1674 -35.64 76.62 -50.51
C CYS A 1674 -36.30 75.23 -50.51
N ALA A 1675 -35.84 74.37 -49.62
CA ALA A 1675 -36.35 72.99 -49.54
C ALA A 1675 -37.25 72.84 -48.33
N LEU A 1676 -37.95 71.70 -48.31
CA LEU A 1676 -38.80 71.25 -47.20
C LEU A 1676 -39.94 72.23 -46.95
N GLY A 1677 -40.48 72.78 -48.03
CA GLY A 1677 -41.68 73.60 -47.95
C GLY A 1677 -41.48 75.04 -47.56
N ASN A 1678 -40.39 75.67 -47.97
CA ASN A 1678 -40.12 77.06 -47.61
C ASN A 1678 -40.38 77.89 -48.87
N ASN A 1679 -41.61 78.40 -48.99
CA ASN A 1679 -42.04 79.06 -50.22
C ASN A 1679 -41.61 80.51 -50.28
N ARG A 1680 -41.33 81.15 -49.15
CA ARG A 1680 -41.02 82.58 -49.15
C ARG A 1680 -39.65 82.85 -49.78
N VAL A 1681 -38.67 81.97 -49.55
CA VAL A 1681 -37.40 82.06 -50.25
C VAL A 1681 -37.55 81.55 -51.69
N ALA A 1682 -38.50 80.64 -51.94
CA ALA A 1682 -38.67 80.07 -53.27
C ALA A 1682 -39.21 81.08 -54.27
N HIS A 1683 -39.94 82.09 -53.79
CA HIS A 1683 -40.26 83.23 -54.65
C HIS A 1683 -39.04 84.12 -54.83
N ALA A 1684 -38.25 84.32 -53.77
CA ALA A 1684 -37.07 85.17 -53.85
C ALA A 1684 -35.99 84.56 -54.72
N LEU A 1685 -35.96 83.23 -54.84
CA LEU A 1685 -35.05 82.57 -55.78
C LEU A 1685 -35.57 82.62 -57.21
N CYS A 1686 -36.87 82.87 -57.41
CA CYS A 1686 -37.42 82.95 -58.77
C CYS A 1686 -36.96 84.20 -59.51
N SER A 1687 -36.43 85.20 -58.81
CA SER A 1687 -35.84 86.35 -59.47
C SER A 1687 -34.49 86.00 -60.11
N HIS A 1688 -33.73 85.10 -59.48
CA HIS A 1688 -32.42 84.76 -60.02
C HIS A 1688 -32.55 83.81 -61.21
N VAL A 1689 -33.24 82.69 -61.03
CA VAL A 1689 -33.52 81.77 -62.13
C VAL A 1689 -34.90 82.09 -62.68
N ASP A 1690 -34.93 82.63 -63.89
CA ASP A 1690 -36.20 82.96 -64.54
C ASP A 1690 -36.86 81.69 -65.06
N GLN A 1691 -38.17 81.79 -65.32
CA GLN A 1691 -38.89 80.63 -65.81
C GLN A 1691 -38.66 80.40 -67.30
N ALA A 1692 -38.35 81.47 -68.06
CA ALA A 1692 -38.06 81.28 -69.47
C ALA A 1692 -36.70 80.63 -69.68
N GLN A 1693 -35.73 80.99 -68.83
CA GLN A 1693 -34.41 80.37 -68.92
C GLN A 1693 -34.38 78.98 -68.31
N LEU A 1694 -35.40 78.63 -67.50
CA LEU A 1694 -35.45 77.31 -66.89
C LEU A 1694 -36.20 76.32 -67.78
N LEU A 1695 -37.24 76.79 -68.48
CA LEU A 1695 -37.94 75.93 -69.43
C LEU A 1695 -37.16 75.78 -70.74
N HIS A 1696 -36.29 76.74 -71.06
CA HIS A 1696 -35.43 76.57 -72.24
C HIS A 1696 -34.35 75.53 -71.98
N ALA A 1697 -33.86 75.45 -70.75
CA ALA A 1697 -32.82 74.48 -70.39
C ALA A 1697 -33.35 73.05 -70.28
N LEU A 1698 -34.66 72.85 -70.39
CA LEU A 1698 -35.20 71.49 -70.33
C LEU A 1698 -34.98 70.74 -71.64
N GLU A 1699 -35.19 71.41 -72.77
CA GLU A 1699 -35.09 70.75 -74.07
C GLU A 1699 -33.73 70.95 -74.74
N ASP A 1700 -32.83 71.72 -74.14
CA ASP A 1700 -31.52 71.95 -74.72
C ASP A 1700 -30.66 70.70 -74.48
N ALA A 1701 -30.29 70.02 -75.56
CA ALA A 1701 -29.55 68.77 -75.47
C ALA A 1701 -28.05 68.97 -75.37
N HIS A 1702 -27.53 70.15 -75.67
CA HIS A 1702 -26.10 70.40 -75.61
C HIS A 1702 -25.61 70.79 -74.22
N LEU A 1703 -26.50 70.79 -73.23
CA LEU A 1703 -26.09 71.06 -71.86
C LEU A 1703 -25.36 69.84 -71.29
N PRO A 1704 -24.38 70.05 -70.42
CA PRO A 1704 -23.62 68.92 -69.85
C PRO A 1704 -24.44 68.12 -68.86
N GLY A 1705 -23.82 67.06 -68.34
CA GLY A 1705 -24.48 66.03 -67.57
C GLY A 1705 -25.06 66.47 -66.24
N PRO A 1706 -24.20 66.80 -65.26
CA PRO A 1706 -24.72 67.22 -63.95
C PRO A 1706 -25.44 68.56 -63.96
N LEU A 1707 -25.20 69.39 -64.97
CA LEU A 1707 -25.90 70.67 -65.05
C LEU A 1707 -27.34 70.48 -65.53
N ARG A 1708 -27.56 69.52 -66.44
CA ARG A 1708 -28.91 69.20 -66.88
C ARG A 1708 -29.70 68.49 -65.80
N ALA A 1709 -29.04 67.63 -65.02
CA ALA A 1709 -29.75 66.88 -63.98
C ALA A 1709 -30.15 67.76 -62.82
N GLY A 1710 -29.40 68.84 -62.56
CA GLY A 1710 -29.76 69.73 -61.47
C GLY A 1710 -30.85 70.72 -61.81
N TYR A 1711 -31.02 71.02 -63.11
CA TYR A 1711 -32.06 71.97 -63.52
C TYR A 1711 -33.45 71.34 -63.45
N TYR A 1712 -33.56 70.04 -63.73
CA TYR A 1712 -34.83 69.37 -63.54
C TYR A 1712 -35.15 69.20 -62.07
N ASP A 1713 -34.12 68.99 -61.24
CA ASP A 1713 -34.35 68.90 -59.81
C ASP A 1713 -34.61 70.28 -59.19
N LEU A 1714 -34.16 71.35 -59.86
CA LEU A 1714 -34.36 72.69 -59.32
C LEU A 1714 -35.81 73.13 -59.50
N LEU A 1715 -36.40 72.85 -60.66
CA LEU A 1715 -37.74 73.33 -60.95
C LEU A 1715 -38.78 72.60 -60.10
N ILE A 1716 -38.55 71.32 -59.82
CA ILE A 1716 -39.46 70.60 -58.93
C ILE A 1716 -39.26 71.03 -57.48
N SER A 1717 -38.06 71.55 -57.16
CA SER A 1717 -37.79 72.00 -55.79
C SER A 1717 -38.40 73.36 -55.50
N ILE A 1718 -38.61 74.19 -56.53
CA ILE A 1718 -39.15 75.53 -56.32
C ILE A 1718 -40.62 75.65 -56.68
N HIS A 1719 -41.18 74.71 -57.44
CA HIS A 1719 -42.55 74.88 -57.91
C HIS A 1719 -43.43 73.70 -57.54
N LEU A 1720 -42.86 72.50 -57.54
CA LEU A 1720 -43.59 71.25 -57.58
C LEU A 1720 -43.23 70.31 -56.43
N GLU A 1721 -42.98 70.86 -55.24
CA GLU A 1721 -42.69 70.04 -54.08
C GLU A 1721 -43.63 70.30 -52.92
N SER A 1722 -44.03 71.56 -52.69
CA SER A 1722 -44.98 71.87 -51.63
C SER A 1722 -46.36 71.34 -51.95
N ALA A 1723 -46.69 71.25 -53.24
CA ALA A 1723 -47.96 70.66 -53.65
C ALA A 1723 -47.84 69.15 -53.85
N CYS A 1724 -46.63 68.65 -54.13
CA CYS A 1724 -46.45 67.22 -54.33
C CYS A 1724 -46.44 66.48 -53.00
N ARG A 1725 -45.85 67.09 -51.96
CA ARG A 1725 -45.77 66.43 -50.66
C ARG A 1725 -47.13 66.37 -49.98
N SER A 1726 -47.99 67.36 -50.25
CA SER A 1726 -49.28 67.40 -49.57
C SER A 1726 -50.24 66.36 -50.15
N ARG A 1727 -50.20 66.15 -51.46
CA ARG A 1727 -51.13 65.22 -52.09
C ARG A 1727 -50.67 63.77 -51.91
N ARG A 1728 -49.36 63.53 -51.90
CA ARG A 1728 -48.85 62.20 -51.59
C ARG A 1728 -49.17 61.80 -50.15
N SER A 1729 -49.23 62.78 -49.25
CA SER A 1729 -49.69 62.51 -47.89
C SER A 1729 -51.21 62.32 -47.84
N MET A 1730 -51.94 62.87 -48.81
CA MET A 1730 -53.39 62.72 -48.89
C MET A 1730 -53.82 61.58 -49.78
N LEU A 1731 -52.90 60.96 -50.53
CA LEU A 1731 -53.27 59.88 -51.43
C LEU A 1731 -53.51 58.56 -50.69
N SER A 1732 -53.10 58.45 -49.42
CA SER A 1732 -53.22 57.19 -48.71
C SER A 1732 -54.65 56.94 -48.22
N GLU A 1733 -55.32 57.96 -47.71
CA GLU A 1733 -56.68 57.83 -47.21
C GLU A 1733 -57.68 58.13 -48.32
N TYR A 1734 -58.81 57.44 -48.28
CA TYR A 1734 -59.82 57.49 -49.34
C TYR A 1734 -61.11 58.04 -48.76
N ILE A 1735 -61.50 59.23 -49.21
CA ILE A 1735 -62.75 59.87 -48.78
C ILE A 1735 -63.60 60.04 -50.04
N VAL A 1736 -64.59 59.19 -50.22
CA VAL A 1736 -65.48 59.24 -51.38
C VAL A 1736 -66.87 59.66 -50.91
N PRO A 1737 -67.44 60.73 -51.45
CA PRO A 1737 -68.82 61.11 -51.10
C PRO A 1737 -69.84 60.39 -51.97
N LEU A 1738 -71.09 60.47 -51.54
CA LEU A 1738 -72.21 59.85 -52.26
C LEU A 1738 -72.93 60.84 -53.17
N THR A 1739 -72.17 61.33 -54.12
CA THR A 1739 -72.51 62.10 -55.29
C THR A 1739 -72.95 61.16 -56.42
N PRO A 1740 -73.83 61.61 -57.33
CA PRO A 1740 -74.27 60.71 -58.41
C PRO A 1740 -73.20 60.34 -59.44
N GLU A 1741 -72.04 61.01 -59.42
CA GLU A 1741 -70.93 60.58 -60.27
C GLU A 1741 -70.36 59.24 -59.82
N THR A 1742 -70.49 58.92 -58.53
CA THR A 1742 -69.98 57.66 -58.00
C THR A 1742 -70.90 56.49 -58.32
N ARG A 1743 -72.22 56.71 -58.40
CA ARG A 1743 -73.18 55.62 -58.38
C ARG A 1743 -73.20 54.83 -59.68
N ALA A 1744 -72.59 55.36 -60.76
CA ALA A 1744 -72.48 54.63 -62.03
C ALA A 1744 -70.99 54.43 -62.29
N ILE A 1745 -70.40 53.48 -61.57
CA ILE A 1745 -69.00 53.06 -61.74
C ILE A 1745 -68.95 51.55 -61.59
N THR A 1746 -68.29 50.89 -62.54
CA THR A 1746 -68.01 49.47 -62.47
C THR A 1746 -66.51 49.24 -62.52
N LEU A 1747 -66.09 48.04 -62.12
CA LEU A 1747 -64.66 47.72 -62.14
C LEU A 1747 -64.16 47.54 -63.57
N PHE A 1748 -64.91 46.82 -64.39
CA PHE A 1748 -64.57 46.61 -65.79
C PHE A 1748 -65.34 47.58 -66.67
N PRO A 1749 -64.71 48.15 -67.69
CA PRO A 1749 -65.42 49.08 -68.58
C PRO A 1749 -66.42 48.34 -69.45
N PRO A 1750 -67.63 48.88 -69.62
CA PRO A 1750 -68.64 48.19 -70.44
C PRO A 1750 -68.34 48.33 -71.93
N GLY A 1751 -68.70 47.28 -72.66
CA GLY A 1751 -68.48 47.26 -74.10
C GLY A 1751 -68.75 45.89 -74.71
N ARG A 1758 -65.43 41.11 -69.68
CA ARG A 1758 -64.52 41.13 -68.55
C ARG A 1758 -63.09 41.42 -69.00
N ARG A 1759 -62.92 42.51 -69.76
CA ARG A 1759 -61.61 42.97 -70.19
C ARG A 1759 -61.21 44.17 -69.34
N HIS A 1760 -60.05 44.08 -68.72
CA HIS A 1760 -59.60 45.12 -67.79
C HIS A 1760 -59.17 46.37 -68.54
N GLY A 1761 -59.64 47.53 -68.08
CA GLY A 1761 -59.31 48.78 -68.73
C GLY A 1761 -57.92 49.28 -68.40
N LEU A 1762 -57.61 50.45 -68.93
CA LEU A 1762 -56.27 51.02 -68.78
C LEU A 1762 -56.12 51.64 -67.40
N PRO A 1763 -54.97 51.48 -66.74
CA PRO A 1763 -54.79 52.05 -65.40
C PRO A 1763 -54.59 53.55 -65.46
N GLY A 1764 -55.26 54.26 -64.55
CA GLY A 1764 -55.21 55.70 -64.50
C GLY A 1764 -56.18 56.40 -65.40
N VAL A 1765 -57.00 55.66 -66.14
CA VAL A 1765 -57.98 56.21 -67.07
C VAL A 1765 -59.36 55.95 -66.50
N GLY A 1766 -60.12 57.01 -66.24
CA GLY A 1766 -61.47 56.86 -65.76
C GLY A 1766 -61.86 58.03 -64.89
N VAL A 1767 -62.95 57.83 -64.16
CA VAL A 1767 -63.53 58.84 -63.28
C VAL A 1767 -63.31 58.42 -61.83
N THR A 1768 -62.85 59.38 -61.02
CA THR A 1768 -62.65 59.20 -59.59
C THR A 1768 -63.33 60.35 -58.85
N THR A 1769 -63.75 60.08 -57.61
CA THR A 1769 -64.46 61.09 -56.84
C THR A 1769 -63.86 61.30 -55.45
N SER A 1770 -62.63 60.85 -55.22
CA SER A 1770 -62.02 61.01 -53.90
C SER A 1770 -61.58 62.44 -53.69
N LEU A 1771 -61.88 62.99 -52.51
CA LEU A 1771 -61.64 64.39 -52.22
C LEU A 1771 -60.18 64.62 -51.83
N ARG A 1772 -59.49 65.46 -52.60
CA ARG A 1772 -58.12 65.85 -52.35
C ARG A 1772 -57.97 67.35 -52.50
N PRO A 1773 -57.18 68.00 -51.64
CA PRO A 1773 -57.17 69.47 -51.61
C PRO A 1773 -56.38 70.02 -52.80
N PRO A 1774 -56.77 71.19 -53.30
CA PRO A 1774 -56.02 71.78 -54.42
C PRO A 1774 -54.66 72.30 -53.97
N HIS A 1775 -53.85 72.62 -54.97
CA HIS A 1775 -52.44 72.90 -54.75
C HIS A 1775 -52.21 74.32 -54.21
N HIS A 1776 -53.17 75.23 -54.46
CA HIS A 1776 -53.17 76.61 -53.95
C HIS A 1776 -51.95 77.38 -54.43
N PHE A 1777 -51.88 77.58 -55.74
CA PHE A 1777 -50.75 78.32 -56.30
C PHE A 1777 -50.98 79.83 -56.19
N SER A 1778 -49.87 80.58 -56.23
CA SER A 1778 -49.87 82.03 -56.13
C SER A 1778 -48.89 82.59 -57.15
N PRO A 1779 -49.27 83.63 -57.90
CA PRO A 1779 -48.39 84.17 -58.94
C PRO A 1779 -47.23 84.95 -58.33
N PRO A 1780 -46.02 84.79 -58.86
CA PRO A 1780 -44.88 85.56 -58.34
C PRO A 1780 -44.89 86.99 -58.85
N CYS A 1781 -44.49 87.92 -57.97
CA CYS A 1781 -44.45 89.34 -58.26
C CYS A 1781 -43.45 90.00 -57.31
N PHE A 1782 -42.59 90.87 -57.85
CA PHE A 1782 -41.54 91.51 -57.06
C PHE A 1782 -41.72 93.02 -56.94
N VAL A 1783 -42.83 93.58 -57.40
CA VAL A 1783 -43.07 95.01 -57.32
C VAL A 1783 -44.23 95.36 -56.41
N ALA A 1784 -44.85 94.38 -55.77
CA ALA A 1784 -45.96 94.66 -54.86
C ALA A 1784 -45.44 95.27 -53.56
N ALA A 1785 -46.35 95.96 -52.87
CA ALA A 1785 -45.99 96.59 -51.60
C ALA A 1785 -45.85 95.54 -50.51
N LEU A 1786 -44.72 95.55 -49.83
CA LEU A 1786 -44.45 94.59 -48.77
C LEU A 1786 -45.22 94.98 -47.51
N PRO A 1787 -46.00 94.08 -46.91
CA PRO A 1787 -46.77 94.45 -45.72
C PRO A 1787 -45.88 94.58 -44.49
N ALA A 1788 -46.22 95.56 -43.65
CA ALA A 1788 -45.53 95.88 -42.39
C ALA A 1788 -44.03 96.15 -42.57
N GLU A 1793 -46.20 89.91 -39.01
CA GLU A 1793 -46.18 88.48 -39.30
C GLU A 1793 -47.04 88.14 -40.51
N ALA A 1794 -46.44 87.51 -41.50
CA ALA A 1794 -47.19 87.06 -42.67
C ALA A 1794 -48.03 85.85 -42.29
N PRO A 1795 -49.29 85.77 -42.78
CA PRO A 1795 -50.14 84.61 -42.47
C PRO A 1795 -49.62 83.31 -43.05
N ALA A 1796 -49.46 83.25 -44.38
CA ALA A 1796 -48.91 82.11 -45.08
C ALA A 1796 -48.54 82.58 -46.48
N ARG A 1797 -47.54 81.94 -47.07
CA ARG A 1797 -47.17 82.26 -48.45
C ARG A 1797 -47.11 80.97 -49.24
N LEU A 1798 -47.76 80.97 -50.40
CA LEU A 1798 -47.97 79.77 -51.19
C LEU A 1798 -46.81 79.49 -52.13
N SER A 1799 -46.87 78.32 -52.77
CA SER A 1799 -45.89 77.95 -53.78
C SER A 1799 -46.08 78.82 -55.02
N PRO A 1800 -44.98 79.18 -55.70
CA PRO A 1800 -45.09 80.11 -56.85
C PRO A 1800 -45.73 79.43 -58.05
N ALA A 1801 -46.61 80.17 -58.72
CA ALA A 1801 -47.38 79.63 -59.81
C ALA A 1801 -46.54 79.55 -61.08
N ILE A 1802 -46.62 78.41 -61.76
CA ILE A 1802 -45.99 78.22 -63.07
C ILE A 1802 -47.08 77.68 -64.00
N PRO A 1803 -47.15 78.14 -65.26
CA PRO A 1803 -48.16 77.59 -66.18
C PRO A 1803 -47.93 76.12 -66.49
N LEU A 1804 -48.86 75.28 -66.02
CA LEU A 1804 -48.74 73.83 -66.16
C LEU A 1804 -49.34 73.30 -67.45
N GLU A 1805 -50.09 74.14 -68.18
CA GLU A 1805 -50.67 73.69 -69.44
C GLU A 1805 -49.62 73.61 -70.53
N ALA A 1806 -48.61 74.45 -70.48
CA ALA A 1806 -47.50 74.38 -71.43
C ALA A 1806 -46.36 73.51 -70.93
N LEU A 1807 -46.25 73.32 -69.62
CA LEU A 1807 -45.17 72.48 -69.09
C LEU A 1807 -45.50 71.00 -69.26
N ARG A 1808 -46.79 70.64 -69.28
CA ARG A 1808 -47.17 69.25 -69.43
C ARG A 1808 -47.01 68.77 -70.88
N ASP A 1809 -47.26 69.65 -71.85
CA ASP A 1809 -47.08 69.26 -73.25
C ASP A 1809 -45.61 69.21 -73.62
N LYS A 1810 -44.79 70.02 -72.94
CA LYS A 1810 -43.35 69.97 -73.14
C LYS A 1810 -42.76 68.72 -72.49
N ALA A 1811 -43.28 68.35 -71.31
CA ALA A 1811 -42.77 67.18 -70.59
C ALA A 1811 -43.07 65.88 -71.33
N LEU A 1812 -44.19 65.84 -72.04
CA LEU A 1812 -44.50 64.65 -72.83
C LEU A 1812 -43.71 64.65 -74.13
N ARG A 1813 -43.28 65.82 -74.60
CA ARG A 1813 -42.55 65.89 -75.86
C ARG A 1813 -41.11 65.45 -75.71
N MET A 1814 -40.44 65.88 -74.64
CA MET A 1814 -39.03 65.48 -74.48
C MET A 1814 -38.92 64.04 -74.02
N LEU A 1815 -39.95 63.51 -73.34
CA LEU A 1815 -39.99 62.09 -73.07
C LEU A 1815 -40.36 61.30 -74.32
N GLY A 1816 -41.23 61.86 -75.17
CA GLY A 1816 -41.57 61.21 -76.42
C GLY A 1816 -40.42 61.18 -77.40
N GLU A 1817 -39.51 62.15 -77.29
CA GLU A 1817 -38.32 62.14 -78.11
C GLU A 1817 -37.24 61.24 -77.50
N ALA A 1818 -37.25 61.09 -76.17
CA ALA A 1818 -36.19 60.32 -75.50
C ALA A 1818 -36.38 58.82 -75.70
N VAL A 1819 -37.61 58.33 -75.68
CA VAL A 1819 -37.83 56.90 -75.91
C VAL A 1819 -37.63 56.55 -77.38
N ARG A 1820 -37.88 57.51 -78.28
CA ARG A 1820 -37.72 57.22 -79.70
C ARG A 1820 -36.24 57.30 -80.11
N ASP A 1821 -35.46 58.15 -79.46
CA ASP A 1821 -34.03 58.23 -79.73
C ASP A 1821 -33.23 57.13 -79.04
N GLY A 1822 -33.85 56.39 -78.11
CA GLY A 1822 -33.20 55.27 -77.48
C GLY A 1822 -33.20 53.99 -78.30
N GLY A 1823 -33.92 53.98 -79.42
CA GLY A 1823 -33.97 52.81 -80.26
C GLY A 1823 -32.90 52.81 -81.35
N GLN A 1824 -32.38 53.99 -81.65
CA GLN A 1824 -31.32 54.11 -82.66
C GLN A 1824 -29.94 53.80 -82.10
N HIS A 1825 -29.78 53.87 -80.78
CA HIS A 1825 -28.52 53.59 -80.06
C HIS A 1825 -27.39 54.48 -80.54
N ALA A 1826 -27.55 55.78 -80.31
CA ALA A 1826 -26.54 56.74 -80.70
C ALA A 1826 -25.34 56.69 -79.75
N ARG A 1827 -24.20 57.17 -80.24
CA ARG A 1827 -22.97 57.18 -79.45
C ARG A 1827 -22.84 58.40 -78.56
N ASP A 1828 -23.65 59.43 -78.77
CA ASP A 1828 -23.60 60.65 -77.96
C ASP A 1828 -25.03 61.05 -77.62
N PRO A 1829 -25.56 60.55 -76.50
CA PRO A 1829 -26.93 60.87 -76.11
C PRO A 1829 -27.01 62.25 -75.44
N VAL A 1830 -28.21 62.58 -74.97
CA VAL A 1830 -28.42 63.87 -74.34
C VAL A 1830 -27.81 63.86 -72.93
N GLY A 1831 -26.88 64.77 -72.70
CA GLY A 1831 -26.19 64.86 -71.44
C GLY A 1831 -24.86 64.15 -71.36
N GLY A 1832 -24.58 63.25 -72.30
CA GLY A 1832 -23.34 62.49 -72.33
C GLY A 1832 -23.47 61.05 -71.90
N SER A 1833 -24.60 60.65 -71.33
CA SER A 1833 -24.83 59.27 -70.93
C SER A 1833 -26.33 58.99 -70.96
N VAL A 1834 -26.69 57.71 -70.87
CA VAL A 1834 -28.09 57.31 -70.92
C VAL A 1834 -28.78 57.62 -69.60
N GLU A 1835 -28.02 57.74 -68.51
CA GLU A 1835 -28.59 58.05 -67.20
C GLU A 1835 -29.07 59.50 -67.15
N PHE A 1836 -28.25 60.43 -67.65
CA PHE A 1836 -28.62 61.84 -67.64
C PHE A 1836 -29.68 62.18 -68.68
N GLN A 1837 -29.96 61.29 -69.63
CA GLN A 1837 -31.02 61.50 -70.60
C GLN A 1837 -32.39 61.11 -70.06
N PHE A 1838 -32.47 60.04 -69.29
CA PHE A 1838 -33.75 59.46 -68.89
C PHE A 1838 -34.16 59.76 -67.46
N VAL A 1839 -33.21 59.86 -66.52
CA VAL A 1839 -33.57 60.09 -65.12
C VAL A 1839 -34.20 61.46 -64.87
N PRO A 1840 -33.64 62.61 -65.35
CA PRO A 1840 -34.31 63.87 -65.04
C PRO A 1840 -35.64 64.06 -65.75
N VAL A 1841 -35.83 63.40 -66.90
CA VAL A 1841 -37.13 63.51 -67.57
C VAL A 1841 -38.15 62.59 -66.89
N LEU A 1842 -37.70 61.46 -66.33
CA LEU A 1842 -38.65 60.52 -65.73
C LEU A 1842 -39.13 60.99 -64.36
N LYS A 1843 -38.23 61.57 -63.55
CA LYS A 1843 -38.65 62.03 -62.24
C LYS A 1843 -39.53 63.27 -62.34
N LEU A 1844 -39.39 64.02 -63.42
CA LEU A 1844 -40.31 65.14 -63.63
C LEU A 1844 -41.64 64.65 -64.17
N VAL A 1845 -41.63 63.64 -65.04
CA VAL A 1845 -42.90 63.03 -65.49
C VAL A 1845 -43.59 62.34 -64.32
N SER A 1846 -42.81 61.82 -63.37
CA SER A 1846 -43.41 61.17 -62.20
C SER A 1846 -44.04 62.17 -61.24
N THR A 1847 -43.50 63.38 -61.11
CA THR A 1847 -44.01 64.27 -60.08
C THR A 1847 -45.22 65.06 -60.55
N LEU A 1848 -45.30 65.40 -61.84
CA LEU A 1848 -46.51 66.05 -62.32
C LEU A 1848 -47.65 65.05 -62.51
N LEU A 1849 -47.32 63.76 -62.57
CA LEU A 1849 -48.35 62.73 -62.60
C LEU A 1849 -48.93 62.47 -61.21
N VAL A 1850 -48.10 62.58 -60.16
CA VAL A 1850 -48.60 62.31 -58.81
C VAL A 1850 -49.33 63.55 -58.26
N MET A 1851 -49.05 64.74 -58.78
CA MET A 1851 -49.88 65.88 -58.42
C MET A 1851 -51.23 65.83 -59.12
N GLY A 1852 -51.26 65.31 -60.34
CA GLY A 1852 -52.54 65.01 -60.96
C GLY A 1852 -53.05 66.02 -61.96
N ILE A 1853 -52.17 66.54 -62.83
CA ILE A 1853 -52.62 67.44 -63.88
C ILE A 1853 -52.85 66.71 -65.19
N PHE A 1854 -52.28 65.51 -65.36
CA PHE A 1854 -52.30 64.83 -66.65
C PHE A 1854 -53.70 64.33 -66.97
N GLY A 1855 -54.16 64.62 -68.18
CA GLY A 1855 -55.47 64.20 -68.61
C GLY A 1855 -55.50 62.72 -68.92
N ASP A 1856 -56.69 62.24 -69.28
CA ASP A 1856 -56.83 60.82 -69.57
C ASP A 1856 -56.14 60.43 -70.86
N GLU A 1857 -56.15 61.32 -71.87
CA GLU A 1857 -55.47 61.01 -73.13
C GLU A 1857 -53.95 61.06 -72.96
N ASP A 1858 -53.46 61.90 -72.06
CA ASP A 1858 -52.03 61.99 -71.83
C ASP A 1858 -51.50 60.74 -71.13
N VAL A 1859 -52.28 60.18 -70.19
CA VAL A 1859 -51.81 59.00 -69.47
C VAL A 1859 -51.95 57.75 -70.32
N LYS A 1860 -52.82 57.78 -71.34
CA LYS A 1860 -52.80 56.72 -72.34
C LYS A 1860 -51.54 56.78 -73.19
N GLN A 1861 -50.94 57.96 -73.32
CA GLN A 1861 -49.73 58.08 -74.14
C GLN A 1861 -48.49 57.71 -73.34
N ILE A 1862 -48.51 57.92 -72.02
CA ILE A 1862 -47.39 57.48 -71.18
C ILE A 1862 -47.33 55.96 -71.13
N LEU A 1863 -48.49 55.30 -71.09
CA LEU A 1863 -48.51 53.84 -71.05
C LEU A 1863 -48.15 53.24 -72.40
N LYS A 1864 -48.46 53.94 -73.49
CA LYS A 1864 -47.99 53.48 -74.79
C LYS A 1864 -46.49 53.69 -74.95
N MET A 1865 -45.93 54.70 -74.29
CA MET A 1865 -44.48 54.88 -74.31
C MET A 1865 -43.79 53.90 -73.37
N ILE A 1866 -44.48 53.48 -72.31
CA ILE A 1866 -43.93 52.44 -71.44
C ILE A 1866 -43.98 51.08 -72.13
N GLU A 1867 -45.16 50.70 -72.63
CA GLU A 1867 -45.33 49.45 -73.36
C GLU A 1867 -46.45 49.63 -74.36
N PRO A 1868 -46.12 49.77 -75.65
CA PRO A 1868 -47.17 49.98 -76.67
C PRO A 1868 -47.92 48.72 -77.06
N GLU A 1869 -47.54 47.55 -76.56
CA GLU A 1869 -48.20 46.31 -76.91
C GLU A 1869 -49.36 46.00 -75.96
N VAL A 1870 -49.16 46.25 -74.67
CA VAL A 1870 -50.17 45.90 -73.67
C VAL A 1870 -51.23 46.99 -73.55
N PHE A 1871 -50.83 48.25 -73.62
CA PHE A 1871 -51.72 49.36 -73.31
C PHE A 1871 -52.37 49.99 -74.54
N THR A 1872 -52.36 49.33 -75.69
CA THR A 1872 -53.00 49.88 -76.88
C THR A 1872 -54.50 49.59 -76.83
N GLU A 1873 -55.30 50.64 -76.90
CA GLU A 1873 -56.75 50.52 -76.81
C GLU A 1873 -57.35 49.95 -78.09
N GLU A 1923 -42.47 51.14 -82.72
CA GLU A 1923 -41.37 51.61 -81.89
C GLU A 1923 -41.09 50.64 -80.75
N GLU A 1924 -39.86 50.65 -80.25
CA GLU A 1924 -39.50 49.82 -79.11
C GLU A 1924 -39.99 50.45 -77.82
N GLY A 1925 -40.51 49.62 -76.92
CA GLY A 1925 -40.98 50.10 -75.64
C GLY A 1925 -39.85 50.45 -74.69
N LEU A 1926 -40.23 51.11 -73.59
CA LEU A 1926 -39.24 51.59 -72.63
C LEU A 1926 -38.73 50.47 -71.72
N LEU A 1927 -39.55 49.45 -71.45
CA LEU A 1927 -39.12 48.36 -70.57
C LEU A 1927 -38.28 47.32 -71.30
N GLN A 1928 -38.51 47.11 -72.59
CA GLN A 1928 -37.70 46.16 -73.35
C GLN A 1928 -36.31 46.70 -73.64
N MET A 1929 -36.13 48.01 -73.54
CA MET A 1929 -34.81 48.60 -73.73
C MET A 1929 -33.94 48.33 -72.50
N LYS A 1930 -32.64 48.22 -72.73
CA LYS A 1930 -31.71 48.06 -71.61
C LYS A 1930 -31.47 49.41 -70.93
N LEU A 1931 -31.71 49.44 -69.62
CA LEU A 1931 -31.67 50.65 -68.80
C LEU A 1931 -30.72 50.43 -67.63
N PRO A 1932 -29.99 51.47 -67.20
CA PRO A 1932 -29.17 51.33 -65.99
C PRO A 1932 -30.01 51.46 -64.72
N GLU A 1933 -29.38 51.29 -63.55
CA GLU A 1933 -30.12 51.09 -62.31
C GLU A 1933 -30.77 52.37 -61.80
N SER A 1934 -30.28 53.53 -62.23
CA SER A 1934 -30.92 54.78 -61.83
C SER A 1934 -32.23 54.99 -62.57
N VAL A 1935 -32.29 54.59 -63.84
CA VAL A 1935 -33.52 54.70 -64.62
C VAL A 1935 -34.55 53.68 -64.16
N LYS A 1936 -34.07 52.52 -63.68
CA LYS A 1936 -34.99 51.48 -63.19
C LYS A 1936 -35.71 51.93 -61.93
N LEU A 1937 -35.03 52.72 -61.08
CA LEU A 1937 -35.63 53.13 -59.81
C LEU A 1937 -36.73 54.16 -60.02
N GLN A 1938 -36.55 55.05 -61.00
CA GLN A 1938 -37.57 56.06 -61.27
C GLN A 1938 -38.78 55.48 -61.96
N MET A 1939 -38.64 54.31 -62.60
CA MET A 1939 -39.79 53.65 -63.20
C MET A 1939 -40.61 52.86 -62.20
N CYS A 1940 -40.02 52.43 -61.08
CA CYS A 1940 -40.81 51.78 -60.04
C CYS A 1940 -41.71 52.79 -59.34
N ASN A 1941 -41.25 54.04 -59.21
CA ASN A 1941 -42.09 55.08 -58.65
C ASN A 1941 -43.19 55.49 -59.63
N LEU A 1942 -42.97 55.26 -60.93
CA LEU A 1942 -44.00 55.54 -61.91
C LEU A 1942 -45.08 54.47 -61.90
N LEU A 1943 -44.67 53.21 -61.69
CA LEU A 1943 -45.65 52.12 -61.66
C LEU A 1943 -46.26 51.91 -60.29
N GLU A 1944 -45.65 52.48 -59.23
CA GLU A 1944 -46.33 52.54 -57.94
C GLU A 1944 -47.51 53.48 -57.99
N TYR A 1945 -47.52 54.44 -58.92
CA TYR A 1945 -48.66 55.32 -59.06
C TYR A 1945 -49.84 54.60 -59.71
N PHE A 1946 -49.57 53.81 -60.76
CA PHE A 1946 -50.65 53.16 -61.50
C PHE A 1946 -51.30 52.04 -60.69
N CYS A 1947 -50.54 51.41 -59.80
CA CYS A 1947 -51.12 50.39 -58.93
C CYS A 1947 -51.91 51.02 -57.80
N ASP A 1948 -51.49 52.21 -57.33
CA ASP A 1948 -52.29 52.93 -56.35
C ASP A 1948 -53.56 53.50 -56.98
N GLN A 1949 -53.49 53.87 -58.27
CA GLN A 1949 -54.69 54.28 -58.98
C GLN A 1949 -55.58 53.09 -59.30
N GLU A 1950 -54.99 51.92 -59.51
CA GLU A 1950 -55.79 50.70 -59.69
C GLU A 1950 -56.40 50.27 -58.37
N LEU A 1951 -55.73 50.57 -57.25
CA LEU A 1951 -56.29 50.27 -55.95
C LEU A 1951 -57.37 51.27 -55.58
N GLN A 1952 -57.18 52.54 -55.95
CA GLN A 1952 -58.16 53.58 -55.64
C GLN A 1952 -59.43 53.40 -56.47
N HIS A 1953 -59.30 52.96 -57.72
CA HIS A 1953 -60.48 52.65 -58.54
C HIS A 1953 -61.22 51.44 -57.99
N ARG A 1954 -60.48 50.52 -57.34
CA ARG A 1954 -61.12 49.33 -56.79
C ARG A 1954 -61.85 49.65 -55.49
N VAL A 1955 -61.32 50.59 -54.71
CA VAL A 1955 -62.00 50.98 -53.47
C VAL A 1955 -63.23 51.82 -53.77
N GLU A 1956 -63.16 52.69 -54.79
CA GLU A 1956 -64.33 53.50 -55.14
C GLU A 1956 -65.42 52.66 -55.77
N SER A 1957 -65.06 51.58 -56.48
CA SER A 1957 -66.07 50.70 -57.05
C SER A 1957 -66.72 49.84 -55.95
N LEU A 1958 -65.97 49.54 -54.90
CA LEU A 1958 -66.55 48.80 -53.78
C LEU A 1958 -67.48 49.69 -52.97
N ALA A 1959 -67.14 50.98 -52.86
CA ALA A 1959 -68.02 51.92 -52.17
C ALA A 1959 -69.20 52.32 -53.04
N ALA A 1960 -69.02 52.32 -54.37
CA ALA A 1960 -70.15 52.59 -55.27
C ALA A 1960 -71.15 51.45 -55.25
N PHE A 1961 -70.65 50.21 -55.11
CA PHE A 1961 -71.56 49.07 -55.00
C PHE A 1961 -72.29 49.08 -53.66
N ALA A 1962 -71.66 49.62 -52.61
CA ALA A 1962 -72.25 49.59 -51.28
C ALA A 1962 -73.45 50.53 -51.19
N GLU A 1963 -73.36 51.71 -51.82
CA GLU A 1963 -74.50 52.61 -51.84
C GLU A 1963 -75.60 52.12 -52.78
N ARG A 1964 -75.24 51.35 -53.81
CA ARG A 1964 -76.26 50.73 -54.64
C ARG A 1964 -76.90 49.52 -53.98
N TYR A 1965 -76.32 49.02 -52.89
CA TYR A 1965 -76.85 47.84 -52.22
C TYR A 1965 -77.72 48.18 -51.01
N VAL A 1966 -77.31 49.16 -50.21
CA VAL A 1966 -78.03 49.44 -48.97
C VAL A 1966 -79.28 50.27 -49.22
N ASP A 1967 -79.41 50.86 -50.42
CA ASP A 1967 -80.67 51.46 -50.80
C ASP A 1967 -81.72 50.38 -51.04
N LYS A 1968 -81.28 49.20 -51.47
CA LYS A 1968 -82.15 48.05 -51.65
C LYS A 1968 -82.29 47.24 -50.36
N LEU A 1969 -81.33 47.39 -49.45
CA LEU A 1969 -81.31 46.57 -48.24
C LEU A 1969 -82.25 47.13 -47.18
N GLN A 1970 -82.23 48.45 -46.97
CA GLN A 1970 -83.13 49.06 -46.00
C GLN A 1970 -84.56 49.11 -46.53
N ALA A 1971 -84.75 49.02 -47.84
CA ALA A 1971 -86.10 48.96 -48.39
C ALA A 1971 -86.70 47.57 -48.20
N ASN A 1972 -85.85 46.54 -48.21
CA ASN A 1972 -86.36 45.18 -48.04
C ASN A 1972 -86.72 44.89 -46.58
N GLN A 1973 -85.92 45.40 -45.65
CA GLN A 1973 -86.07 45.02 -44.25
C GLN A 1973 -87.26 45.74 -43.61
N ARG A 1974 -87.51 46.98 -44.02
CA ARG A 1974 -88.70 47.69 -43.55
C ARG A 1974 -89.96 47.08 -44.15
N SER A 1975 -89.85 46.54 -45.37
CA SER A 1975 -90.96 45.79 -45.95
C SER A 1975 -91.14 44.45 -45.23
N ARG A 1976 -90.08 43.90 -44.66
CA ARG A 1976 -90.22 42.68 -43.87
C ARG A 1976 -90.74 42.99 -42.47
N TYR A 1977 -90.51 44.20 -41.97
CA TYR A 1977 -91.04 44.58 -40.67
C TYR A 1977 -92.53 44.91 -40.77
N ALA A 1978 -92.94 45.48 -41.91
CA ALA A 1978 -94.35 45.80 -42.12
C ALA A 1978 -95.18 44.53 -42.30
N LEU A 1979 -94.56 43.47 -42.84
CA LEU A 1979 -95.23 42.18 -42.87
C LEU A 1979 -95.23 41.52 -41.49
N LEU A 1980 -94.23 41.82 -40.66
CA LEU A 1980 -94.14 41.16 -39.36
C LEU A 1980 -95.12 41.79 -38.37
N MET A 1981 -95.40 43.10 -38.51
CA MET A 1981 -96.37 43.75 -37.64
C MET A 1981 -97.80 43.41 -38.02
N ARG A 1982 -98.02 42.83 -39.20
CA ARG A 1982 -99.31 42.31 -39.63
C ARG A 1982 -99.36 40.79 -39.51
N ALA A 1983 -98.42 40.21 -38.77
CA ALA A 1983 -98.28 38.76 -38.64
C ALA A 1983 -98.71 38.37 -37.24
N PHE A 1984 -99.83 37.65 -37.13
CA PHE A 1984 -100.41 37.24 -35.85
C PHE A 1984 -100.54 35.73 -35.78
N THR A 1985 -99.77 34.99 -36.57
CA THR A 1985 -99.94 33.54 -36.66
C THR A 1985 -98.96 32.78 -35.78
N MET A 1986 -98.03 33.46 -35.11
CA MET A 1986 -97.07 32.80 -34.24
C MET A 1986 -96.68 33.75 -33.12
N SER A 1987 -96.35 33.17 -31.96
CA SER A 1987 -95.95 33.92 -30.78
C SER A 1987 -94.54 33.58 -30.33
N ALA A 1988 -94.18 32.28 -30.29
CA ALA A 1988 -92.83 31.91 -29.88
C ALA A 1988 -91.81 32.23 -30.95
N ALA A 1989 -92.20 32.12 -32.22
CA ALA A 1989 -91.31 32.50 -33.31
C ALA A 1989 -91.39 33.98 -33.67
N GLU A 1990 -92.36 34.71 -33.11
CA GLU A 1990 -92.50 36.12 -33.44
C GLU A 1990 -91.38 36.95 -32.81
N THR A 1991 -90.97 36.61 -31.59
CA THR A 1991 -89.79 37.25 -31.02
C THR A 1991 -88.50 36.72 -31.63
N ALA A 1992 -88.54 35.54 -32.22
CA ALA A 1992 -87.35 35.00 -32.84
C ALA A 1992 -87.04 35.69 -34.16
N ARG A 1993 -88.08 36.19 -34.83
CA ARG A 1993 -87.86 37.00 -36.02
C ARG A 1993 -87.53 38.44 -35.67
N ARG A 1994 -87.89 38.89 -34.46
CA ARG A 1994 -87.73 40.28 -34.05
C ARG A 1994 -86.45 40.54 -33.27
N THR A 1995 -85.52 39.60 -33.20
CA THR A 1995 -84.24 39.85 -32.52
C THR A 1995 -83.37 40.82 -33.32
N ARG A 1996 -83.32 40.66 -34.64
CA ARG A 1996 -82.48 41.53 -35.46
C ARG A 1996 -83.14 42.87 -35.71
N GLU A 1997 -84.48 42.90 -35.74
CA GLU A 1997 -85.18 44.09 -36.21
C GLU A 1997 -85.16 45.23 -35.18
N PHE A 1998 -85.46 44.92 -33.93
CA PHE A 1998 -85.50 45.95 -32.91
C PHE A 1998 -84.44 45.75 -31.84
N ARG A 1999 -84.13 44.51 -31.49
CA ARG A 1999 -83.25 44.26 -30.35
C ARG A 1999 -81.77 44.35 -30.74
N SER A 2000 -81.38 43.84 -31.90
CA SER A 2000 -79.97 43.77 -32.22
C SER A 2000 -79.46 45.16 -32.63
N PRO A 2001 -78.23 45.52 -32.26
CA PRO A 2001 -77.66 46.80 -32.66
C PRO A 2001 -77.44 46.84 -34.17
N PRO A 2002 -77.46 48.04 -34.78
CA PRO A 2002 -77.45 48.11 -36.26
C PRO A 2002 -76.15 47.66 -36.91
N GLN A 2003 -75.05 47.61 -36.16
CA GLN A 2003 -73.84 46.98 -36.69
C GLN A 2003 -74.01 45.45 -36.77
N GLU A 2004 -74.68 44.86 -35.79
CA GLU A 2004 -74.86 43.41 -35.78
C GLU A 2004 -75.90 42.97 -36.81
N GLN A 2005 -76.71 43.90 -37.32
CA GLN A 2005 -77.64 43.57 -38.39
C GLN A 2005 -76.91 43.32 -39.71
N ILE A 2006 -75.92 44.16 -40.03
CA ILE A 2006 -75.17 44.01 -41.29
C ILE A 2006 -74.29 42.77 -41.23
N ASN A 2007 -73.74 42.45 -40.06
CA ASN A 2007 -72.92 41.25 -39.93
C ASN A 2007 -73.76 39.98 -40.03
N MET A 2008 -75.02 40.04 -39.59
CA MET A 2008 -75.90 38.88 -39.66
C MET A 2008 -76.59 38.76 -41.02
N LEU A 2009 -76.85 39.88 -41.70
CA LEU A 2009 -77.53 39.81 -42.98
C LEU A 2009 -76.62 39.41 -44.12
N LEU A 2010 -75.30 39.59 -43.98
CA LEU A 2010 -74.34 39.26 -45.02
C LEU A 2010 -73.65 37.93 -44.76
N HIS A 2011 -74.38 36.94 -44.27
CA HIS A 2011 -73.83 35.64 -43.92
C HIS A 2011 -74.29 34.53 -44.84
N PHE A 2012 -74.68 34.86 -46.08
CA PHE A 2012 -75.19 33.83 -47.00
C PHE A 2012 -74.11 33.23 -47.88
N LYS A 2013 -72.98 32.80 -47.32
CA LYS A 2013 -71.94 32.11 -48.06
C LYS A 2013 -71.67 30.77 -47.41
N ASP A 2014 -71.61 29.72 -48.23
CA ASP A 2014 -71.41 28.33 -47.84
C ASP A 2014 -72.48 27.83 -46.86
N ASP A 2020 -80.29 31.48 -41.48
CA ASP A 2020 -80.33 32.54 -40.47
C ASP A 2020 -80.29 33.91 -41.13
N CYS A 2021 -80.47 33.94 -42.44
CA CYS A 2021 -80.49 35.18 -43.21
C CYS A 2021 -81.86 35.33 -43.85
N PRO A 2022 -82.66 36.32 -43.44
CA PRO A 2022 -84.03 36.45 -43.98
C PRO A 2022 -84.11 37.09 -45.35
N LEU A 2023 -82.99 37.36 -46.03
CA LEU A 2023 -83.05 37.97 -47.34
C LEU A 2023 -83.48 36.92 -48.38
N PRO A 2024 -84.34 37.30 -49.33
CA PRO A 2024 -84.78 36.35 -50.35
C PRO A 2024 -83.70 36.18 -51.42
N GLU A 2025 -84.00 35.33 -52.41
CA GLU A 2025 -83.03 34.96 -53.44
C GLU A 2025 -82.86 36.01 -54.53
N ASP A 2026 -83.52 37.16 -54.41
CA ASP A 2026 -83.39 38.22 -55.40
C ASP A 2026 -82.19 39.12 -55.11
N ILE A 2027 -81.91 39.38 -53.83
CA ILE A 2027 -80.90 40.37 -53.44
C ILE A 2027 -79.69 39.74 -52.76
N ARG A 2028 -79.48 38.43 -52.91
CA ARG A 2028 -78.26 37.82 -52.36
C ARG A 2028 -77.29 37.34 -53.43
N GLN A 2029 -77.72 37.22 -54.68
CA GLN A 2029 -76.83 36.82 -55.75
C GLN A 2029 -76.10 37.99 -56.37
N ASP A 2030 -76.64 39.21 -56.23
CA ASP A 2030 -76.02 40.39 -56.83
C ASP A 2030 -74.72 40.76 -56.14
N LEU A 2031 -74.59 40.39 -54.86
CA LEU A 2031 -73.32 40.62 -54.17
C LEU A 2031 -72.30 39.55 -54.52
N GLN A 2032 -72.74 38.30 -54.69
CA GLN A 2032 -71.82 37.27 -55.17
C GLN A 2032 -71.50 37.46 -56.65
N ASP A 2033 -72.40 38.13 -57.39
CA ASP A 2033 -72.04 38.58 -58.73
C ASP A 2033 -71.01 39.69 -58.67
N PHE A 2034 -71.05 40.52 -57.62
CA PHE A 2034 -70.02 41.52 -57.41
C PHE A 2034 -68.75 40.90 -56.86
N HIS A 2035 -68.89 39.84 -56.06
CA HIS A 2035 -67.72 39.24 -55.41
C HIS A 2035 -66.83 38.53 -56.41
N GLN A 2036 -67.42 37.77 -57.34
CA GLN A 2036 -66.60 37.11 -58.36
C GLN A 2036 -66.13 38.11 -59.42
N ASP A 2037 -66.78 39.27 -59.51
CA ASP A 2037 -66.26 40.33 -60.37
C ASP A 2037 -65.03 40.99 -59.75
N LEU A 2038 -64.96 41.02 -58.42
CA LEU A 2038 -63.85 41.70 -57.76
C LEU A 2038 -62.60 40.81 -57.72
N LEU A 2039 -62.77 39.51 -57.49
CA LEU A 2039 -61.61 38.61 -57.48
C LEU A 2039 -61.07 38.39 -58.88
N ALA A 2040 -61.93 38.43 -59.90
CA ALA A 2040 -61.46 38.38 -61.27
C ALA A 2040 -60.76 39.67 -61.67
N HIS A 2041 -61.08 40.78 -60.99
CA HIS A 2041 -60.32 42.00 -61.19
C HIS A 2041 -58.93 41.91 -60.58
N CYS A 2042 -58.78 41.09 -59.53
CA CYS A 2042 -57.48 40.87 -58.89
C CYS A 2042 -56.76 39.71 -59.60
N GLY A 2043 -55.68 39.23 -58.99
CA GLY A 2043 -54.89 38.16 -59.58
C GLY A 2043 -55.48 36.77 -59.44
N ILE A 2044 -56.56 36.63 -58.67
CA ILE A 2044 -57.18 35.31 -58.49
C ILE A 2044 -57.97 34.95 -59.73
N GLN A 2045 -57.75 33.73 -60.23
CA GLN A 2045 -58.42 33.28 -61.45
C GLN A 2045 -59.90 32.97 -61.24
N LEU A 2046 -60.22 32.31 -60.11
CA LEU A 2046 -61.61 32.03 -59.67
C LEU A 2046 -62.39 31.21 -60.70
N GLU A 2047 -61.78 30.15 -61.21
CA GLU A 2047 -62.46 29.30 -62.18
C GLU A 2047 -63.32 28.23 -61.50
N PRO A 2091 -47.56 39.68 -72.05
CA PRO A 2091 -48.60 39.95 -71.05
C PRO A 2091 -49.80 40.69 -71.64
N GLN A 2092 -50.98 40.45 -71.05
CA GLN A 2092 -52.20 41.12 -71.47
C GLN A 2092 -52.79 42.01 -70.37
N SER A 2093 -52.08 42.21 -69.27
CA SER A 2093 -52.61 42.98 -68.16
C SER A 2093 -51.46 43.71 -67.47
N LEU A 2094 -51.82 44.48 -66.44
CA LEU A 2094 -50.82 45.26 -65.72
C LEU A 2094 -49.99 44.39 -64.78
N GLN A 2095 -50.64 43.48 -64.06
CA GLN A 2095 -49.92 42.67 -63.07
C GLN A 2095 -49.04 41.62 -63.76
N GLU A 2096 -49.42 41.19 -64.95
CA GLU A 2096 -48.59 40.24 -65.69
C GLU A 2096 -47.42 40.95 -66.36
N LEU A 2097 -47.57 42.25 -66.63
CA LEU A 2097 -46.48 43.01 -67.25
C LEU A 2097 -45.42 43.37 -66.22
N VAL A 2098 -45.83 43.79 -65.03
CA VAL A 2098 -44.89 44.25 -64.01
C VAL A 2098 -44.13 43.07 -63.42
N SER A 2099 -44.80 41.92 -63.24
CA SER A 2099 -44.18 40.76 -62.62
C SER A 2099 -43.11 40.16 -63.51
N HIS A 2100 -43.36 40.08 -64.82
CA HIS A 2100 -42.35 39.53 -65.72
C HIS A 2100 -41.24 40.54 -65.98
N MET A 2101 -41.48 41.82 -65.69
CA MET A 2101 -40.45 42.83 -65.88
C MET A 2101 -39.48 42.86 -64.70
N VAL A 2102 -39.98 42.67 -63.48
CA VAL A 2102 -39.13 42.72 -62.30
C VAL A 2102 -38.17 41.54 -62.27
N VAL A 2103 -38.65 40.36 -62.69
CA VAL A 2103 -37.80 39.18 -62.72
C VAL A 2103 -36.82 39.25 -63.89
N ARG A 2104 -37.23 39.84 -65.02
CA ARG A 2104 -36.28 39.99 -66.14
C ARG A 2104 -35.22 41.03 -65.81
N TRP A 2105 -35.57 42.05 -65.03
CA TRP A 2105 -34.56 42.96 -64.49
C TRP A 2105 -33.65 42.26 -63.49
N ALA A 2106 -34.18 41.24 -62.80
CA ALA A 2106 -33.38 40.52 -61.82
C ALA A 2106 -32.52 39.43 -62.47
N GLN A 2107 -32.97 38.86 -63.60
CA GLN A 2107 -32.15 37.87 -64.30
C GLN A 2107 -31.10 38.51 -65.21
N GLU A 2108 -31.06 39.85 -65.30
CA GLU A 2108 -30.06 40.49 -66.15
C GLU A 2108 -28.69 40.48 -65.48
N ASP A 2109 -28.57 41.13 -64.32
CA ASP A 2109 -27.31 41.18 -63.58
C ASP A 2109 -27.61 41.41 -62.11
N TYR A 2110 -26.55 41.32 -61.30
CA TYR A 2110 -26.65 41.53 -59.86
C TYR A 2110 -26.87 43.02 -59.57
N VAL A 2111 -27.99 43.34 -58.93
CA VAL A 2111 -28.27 44.71 -58.49
C VAL A 2111 -27.48 45.00 -57.22
N GLN A 2112 -26.58 45.97 -57.29
CA GLN A 2112 -25.78 46.38 -56.14
C GLN A 2112 -26.34 47.61 -55.43
N SER A 2113 -27.49 48.12 -55.86
CA SER A 2113 -28.11 49.27 -55.22
C SER A 2113 -29.26 48.78 -54.34
N PRO A 2114 -29.20 48.98 -53.02
CA PRO A 2114 -30.26 48.45 -52.15
C PRO A 2114 -31.58 49.19 -52.26
N GLU A 2115 -31.59 50.41 -52.81
CA GLU A 2115 -32.83 51.15 -52.95
C GLU A 2115 -33.73 50.55 -54.03
N LEU A 2116 -33.12 50.09 -55.13
CA LEU A 2116 -33.92 49.56 -56.23
C LEU A 2116 -34.45 48.17 -55.91
N VAL A 2117 -33.62 47.31 -55.30
CA VAL A 2117 -33.99 45.90 -55.13
C VAL A 2117 -35.10 45.76 -54.08
N ARG A 2118 -35.14 46.66 -53.10
CA ARG A 2118 -36.28 46.69 -52.20
C ARG A 2118 -37.51 47.28 -52.90
N ALA A 2119 -37.30 48.30 -53.74
CA ALA A 2119 -38.41 48.88 -54.51
C ALA A 2119 -38.88 47.93 -55.59
N MET A 2120 -38.02 47.01 -56.03
CA MET A 2120 -38.44 45.98 -56.99
C MET A 2120 -39.31 44.93 -56.31
N PHE A 2121 -38.89 44.45 -55.13
CA PHE A 2121 -39.61 43.36 -54.48
C PHE A 2121 -40.86 43.86 -53.77
N SER A 2122 -40.87 45.13 -53.37
CA SER A 2122 -42.11 45.71 -52.83
C SER A 2122 -43.13 45.91 -53.93
N LEU A 2123 -42.66 46.17 -55.16
CA LEU A 2123 -43.57 46.27 -56.30
C LEU A 2123 -44.11 44.91 -56.72
N LEU A 2124 -43.28 43.87 -56.64
CA LEU A 2124 -43.70 42.54 -57.06
C LEU A 2124 -44.66 41.91 -56.06
N HIS A 2125 -44.47 42.22 -54.76
CA HIS A 2125 -45.37 41.71 -53.74
C HIS A 2125 -46.74 42.38 -53.80
N ARG A 2126 -46.80 43.62 -54.28
CA ARG A 2126 -48.08 44.33 -54.37
C ARG A 2126 -48.94 43.78 -55.50
N GLN A 2127 -48.33 43.20 -56.53
CA GLN A 2127 -49.10 42.73 -57.68
C GLN A 2127 -49.72 41.36 -57.44
N TYR A 2128 -48.95 40.45 -56.85
CA TYR A 2128 -49.46 39.11 -56.61
C TYR A 2128 -50.43 39.09 -55.43
N ASP A 2129 -50.07 39.76 -54.34
CA ASP A 2129 -50.95 39.90 -53.19
C ASP A 2129 -51.81 41.15 -53.40
N GLY A 2130 -52.83 41.01 -54.26
CA GLY A 2130 -53.70 42.12 -54.58
C GLY A 2130 -54.85 42.22 -53.61
N LEU A 2131 -55.40 41.07 -53.20
CA LEU A 2131 -56.51 41.08 -52.26
C LEU A 2131 -56.03 41.45 -50.86
N GLY A 2132 -54.78 41.10 -50.53
CA GLY A 2132 -54.24 41.51 -49.24
C GLY A 2132 -53.93 42.99 -49.18
N GLU A 2133 -53.58 43.59 -50.32
CA GLU A 2133 -53.32 45.02 -50.34
C GLU A 2133 -54.62 45.82 -50.22
N LEU A 2134 -55.73 45.25 -50.67
CA LEU A 2134 -57.02 45.93 -50.58
C LEU A 2134 -57.58 45.89 -49.17
N LEU A 2135 -57.39 44.76 -48.47
CA LEU A 2135 -57.94 44.64 -47.12
C LEU A 2135 -57.15 45.45 -46.11
N ARG A 2136 -55.86 45.67 -46.35
CA ARG A 2136 -55.09 46.53 -45.45
C ARG A 2136 -55.34 48.01 -45.74
N ALA A 2137 -55.90 48.34 -46.90
CA ALA A 2137 -56.15 49.74 -47.26
C ALA A 2137 -57.59 50.17 -47.07
N LEU A 2138 -58.52 49.23 -46.91
CA LEU A 2138 -59.95 49.54 -46.75
C LEU A 2138 -60.38 50.14 -45.40
N PRO A 2139 -59.77 49.83 -44.24
CA PRO A 2139 -60.12 50.60 -43.03
C PRO A 2139 -59.69 52.06 -43.06
N ARG A 2140 -58.76 52.45 -43.94
CA ARG A 2140 -58.46 53.85 -44.17
C ARG A 2140 -59.32 54.44 -45.30
N ALA A 2141 -60.44 53.78 -45.63
CA ALA A 2141 -61.35 54.24 -46.67
C ALA A 2141 -62.70 54.55 -46.03
N TYR A 2142 -63.15 55.78 -46.20
CA TYR A 2142 -64.37 56.28 -45.57
C TYR A 2142 -65.36 56.74 -46.63
N THR A 2143 -66.56 57.08 -46.17
CA THR A 2143 -67.64 57.54 -47.02
C THR A 2143 -68.47 58.56 -46.25
N ILE A 2144 -68.58 59.77 -46.79
CA ILE A 2144 -69.33 60.84 -46.16
C ILE A 2144 -70.50 61.24 -47.07
N SER A 2145 -71.38 62.07 -46.52
CA SER A 2145 -72.50 62.64 -47.26
C SER A 2145 -72.01 63.76 -48.17
N PRO A 2146 -72.63 63.94 -49.35
CA PRO A 2146 -72.17 64.99 -50.27
C PRO A 2146 -72.52 66.41 -49.83
N SER A 2147 -73.28 66.59 -48.76
CA SER A 2147 -73.55 67.91 -48.20
C SER A 2147 -72.46 68.37 -47.24
N SER A 2148 -71.40 67.59 -47.05
CA SER A 2148 -70.31 67.95 -46.15
C SER A 2148 -68.98 68.15 -46.88
N VAL A 2149 -69.00 68.22 -48.21
CA VAL A 2149 -67.76 68.36 -48.98
C VAL A 2149 -67.19 69.77 -48.87
N GLU A 2150 -68.05 70.77 -48.60
CA GLU A 2150 -67.57 72.15 -48.50
C GLU A 2150 -66.77 72.38 -47.23
N ASP A 2151 -66.96 71.56 -46.20
CA ASP A 2151 -66.18 71.67 -44.98
C ASP A 2151 -65.12 70.57 -44.83
N THR A 2152 -65.23 69.48 -45.59
CA THR A 2152 -64.27 68.39 -45.44
C THR A 2152 -62.95 68.72 -46.15
N MET A 2153 -63.03 69.32 -47.34
CA MET A 2153 -61.81 69.77 -48.02
C MET A 2153 -61.21 70.99 -47.33
N SER A 2154 -62.02 71.74 -46.59
CA SER A 2154 -61.47 72.78 -45.71
C SER A 2154 -60.74 72.16 -44.53
N LEU A 2155 -61.12 70.96 -44.13
CA LEU A 2155 -60.41 70.25 -43.08
C LEU A 2155 -59.13 69.63 -43.59
N LEU A 2156 -59.15 69.11 -44.84
CA LEU A 2156 -57.96 68.48 -45.39
C LEU A 2156 -56.94 69.50 -45.88
N GLU A 2157 -57.39 70.73 -46.18
CA GLU A 2157 -56.43 71.80 -46.45
C GLU A 2157 -55.72 72.23 -45.17
N CYS A 2158 -56.40 72.12 -44.04
CA CYS A 2158 -55.84 72.56 -42.77
C CYS A 2158 -55.07 71.44 -42.07
N LEU A 2159 -55.43 70.18 -42.30
CA LEU A 2159 -54.59 69.08 -41.83
C LEU A 2159 -53.33 68.96 -42.65
N GLY A 2160 -53.41 69.29 -43.95
CA GLY A 2160 -52.21 69.33 -44.78
C GLY A 2160 -51.28 70.47 -44.41
N GLN A 2161 -51.81 71.49 -43.73
CA GLN A 2161 -50.97 72.56 -43.18
C GLN A 2161 -50.08 72.02 -42.07
N ILE A 2162 -50.60 71.11 -41.26
CA ILE A 2162 -49.86 70.62 -40.11
C ILE A 2162 -48.81 69.60 -40.53
N ARG A 2163 -49.15 68.72 -41.47
CA ARG A 2163 -48.19 67.72 -41.92
C ARG A 2163 -47.10 68.35 -42.79
N SER A 2164 -47.36 69.50 -43.40
CA SER A 2164 -46.30 70.27 -44.03
C SER A 2164 -45.48 71.04 -43.01
N LEU A 2165 -46.03 71.25 -41.80
CA LEU A 2165 -45.25 71.86 -40.74
C LEU A 2165 -44.52 70.84 -39.87
N LEU A 2166 -44.79 69.54 -40.06
CA LEU A 2166 -44.10 68.52 -39.27
C LEU A 2166 -42.67 68.32 -39.76
N ILE A 2167 -42.43 68.52 -41.05
CA ILE A 2167 -41.13 68.27 -41.65
C ILE A 2167 -40.12 69.38 -41.37
N VAL A 2168 -40.56 70.53 -40.85
CA VAL A 2168 -39.66 71.61 -40.48
C VAL A 2168 -39.66 71.77 -38.96
N GLN A 2169 -38.52 72.19 -38.41
CA GLN A 2169 -38.38 72.43 -36.99
C GLN A 2169 -39.12 73.71 -36.60
N MET A 2170 -39.71 73.70 -35.41
CA MET A 2170 -40.58 74.78 -34.97
C MET A 2170 -39.79 76.06 -34.69
N GLY A 2171 -40.37 77.20 -35.04
CA GLY A 2171 -39.79 78.50 -34.74
C GLY A 2171 -40.82 79.43 -34.12
N PRO A 2172 -40.51 80.73 -34.07
CA PRO A 2172 -41.42 81.68 -33.43
C PRO A 2172 -42.67 82.00 -34.23
N GLN A 2173 -42.67 81.78 -35.53
CA GLN A 2173 -43.83 82.11 -36.36
C GLN A 2173 -44.64 80.88 -36.76
N GLU A 2174 -43.98 79.73 -36.93
CA GLU A 2174 -44.71 78.50 -37.25
C GLU A 2174 -45.52 77.97 -36.06
N GLU A 2175 -45.28 78.48 -34.86
CA GLU A 2175 -46.09 78.12 -33.70
C GLU A 2175 -47.51 78.66 -33.82
N ASN A 2176 -47.64 79.93 -34.21
CA ASN A 2176 -48.96 80.56 -34.26
C ASN A 2176 -49.79 80.05 -35.42
N LEU A 2177 -49.13 79.57 -36.48
CA LEU A 2177 -49.84 78.91 -37.57
C LEU A 2177 -50.39 77.56 -37.13
N MET A 2178 -49.72 76.92 -36.16
CA MET A 2178 -50.22 75.66 -35.63
C MET A 2178 -51.42 75.88 -34.72
N ILE A 2179 -51.43 76.99 -33.98
CA ILE A 2179 -52.54 77.30 -33.08
C ILE A 2179 -53.79 77.63 -33.88
N GLN A 2180 -53.63 78.39 -34.96
CA GLN A 2180 -54.78 78.75 -35.79
C GLN A 2180 -55.28 77.53 -36.56
N SER A 2181 -54.37 76.59 -36.88
CA SER A 2181 -54.77 75.38 -37.59
C SER A 2181 -55.59 74.46 -36.70
N ILE A 2182 -55.10 74.14 -35.49
CA ILE A 2182 -55.88 73.31 -34.57
C ILE A 2182 -57.10 74.09 -34.06
N GLY A 2183 -56.98 75.41 -34.00
CA GLY A 2183 -58.13 76.26 -33.70
C GLY A 2183 -59.20 76.29 -34.78
N ASN A 2184 -58.90 75.78 -35.98
CA ASN A 2184 -59.91 75.69 -37.02
C ASN A 2184 -60.50 74.28 -37.14
N ILE A 2185 -59.73 73.25 -36.75
CA ILE A 2185 -60.23 71.87 -36.74
C ILE A 2185 -61.32 71.66 -35.69
N MET A 2186 -61.35 72.50 -34.66
CA MET A 2186 -62.30 72.33 -33.57
C MET A 2186 -63.57 73.16 -33.75
N ASN A 2187 -63.74 73.82 -34.90
CA ASN A 2187 -65.03 74.41 -35.26
C ASN A 2187 -65.28 74.25 -36.77
N ASN A 2188 -65.04 73.05 -37.28
CA ASN A 2188 -65.27 72.75 -38.69
C ASN A 2188 -66.49 71.84 -38.85
N LYS A 2189 -67.07 71.40 -37.73
CA LYS A 2189 -68.33 70.66 -37.55
C LYS A 2189 -68.30 69.27 -38.17
N VAL A 2190 -67.21 68.90 -38.83
CA VAL A 2190 -67.00 67.55 -39.35
C VAL A 2190 -66.26 66.72 -38.30
N PHE A 2191 -65.49 67.38 -37.44
CA PHE A 2191 -64.78 66.77 -36.32
C PHE A 2191 -65.72 66.12 -35.30
N TYR A 2192 -66.99 66.51 -35.28
CA TYR A 2192 -67.95 66.05 -34.27
C TYR A 2192 -68.99 65.06 -34.76
N GLN A 2193 -69.41 65.13 -36.02
CA GLN A 2193 -70.46 64.21 -36.48
C GLN A 2193 -69.88 62.89 -36.98
N HIS A 2194 -68.64 62.90 -37.46
CA HIS A 2194 -67.94 61.69 -37.91
C HIS A 2194 -66.66 61.54 -37.09
N PRO A 2195 -66.73 60.87 -35.94
CA PRO A 2195 -65.52 60.72 -35.11
C PRO A 2195 -64.57 59.65 -35.62
N ASN A 2196 -65.04 58.68 -36.39
CA ASN A 2196 -64.21 57.57 -36.83
C ASN A 2196 -63.30 57.92 -37.99
N LEU A 2197 -63.53 59.05 -38.67
CA LEU A 2197 -62.70 59.48 -39.78
C LEU A 2197 -61.49 60.32 -39.35
N MET A 2198 -61.63 61.11 -38.28
CA MET A 2198 -60.48 61.84 -37.73
C MET A 2198 -59.42 60.88 -37.22
N ARG A 2199 -59.84 59.77 -36.62
CA ARG A 2199 -58.92 58.73 -36.16
C ARG A 2199 -58.28 57.97 -37.32
N ALA A 2200 -58.96 57.88 -38.47
CA ALA A 2200 -58.40 57.17 -39.62
C ALA A 2200 -57.42 58.03 -40.40
N LEU A 2201 -57.52 59.35 -40.27
CA LEU A 2201 -56.64 60.25 -41.02
C LEU A 2201 -55.28 60.42 -40.36
N GLY A 2202 -55.07 59.89 -39.15
CA GLY A 2202 -53.87 60.18 -38.42
C GLY A 2202 -53.85 61.56 -37.80
N MET A 2203 -55.00 62.06 -37.35
CA MET A 2203 -55.07 63.39 -36.74
C MET A 2203 -54.43 63.38 -35.36
N HIS A 2204 -54.73 62.37 -34.55
CA HIS A 2204 -54.21 62.30 -33.20
C HIS A 2204 -52.72 62.00 -33.17
N GLU A 2205 -52.20 61.33 -34.21
CA GLU A 2205 -50.77 61.08 -34.27
C GLU A 2205 -50.01 62.32 -34.67
N THR A 2206 -50.61 63.18 -35.51
CA THR A 2206 -49.91 64.39 -35.92
C THR A 2206 -49.81 65.42 -34.80
N VAL A 2207 -50.71 65.34 -33.82
CA VAL A 2207 -50.66 66.25 -32.70
C VAL A 2207 -49.69 65.75 -31.63
N MET A 2208 -49.50 64.43 -31.52
CA MET A 2208 -48.64 63.94 -30.44
C MET A 2208 -47.16 64.03 -30.81
N GLU A 2209 -46.80 63.81 -32.08
CA GLU A 2209 -45.39 63.99 -32.48
C GLU A 2209 -44.94 65.44 -32.41
N VAL A 2210 -45.83 66.42 -32.49
CA VAL A 2210 -45.39 67.78 -32.21
C VAL A 2210 -45.26 67.99 -30.70
N MET A 2211 -45.99 67.21 -29.90
CA MET A 2211 -45.78 67.26 -28.45
C MET A 2211 -44.56 66.45 -28.04
N VAL A 2212 -44.14 65.48 -28.85
CA VAL A 2212 -42.89 64.77 -28.57
C VAL A 2212 -41.69 65.69 -28.83
N ASN A 2213 -41.71 66.43 -29.94
CA ASN A 2213 -40.56 67.22 -30.33
C ASN A 2213 -40.37 68.45 -29.44
N VAL A 2214 -41.46 68.96 -28.85
CA VAL A 2214 -41.36 70.16 -28.04
C VAL A 2214 -41.08 69.82 -26.57
N LEU A 2215 -41.78 68.80 -26.03
CA LEU A 2215 -41.46 68.33 -24.68
C LEU A 2215 -40.09 67.65 -24.61
N GLY A 2216 -39.58 67.14 -25.72
CA GLY A 2216 -38.27 66.53 -25.75
C GLY A 2216 -38.29 65.02 -25.60
N GLU A 2222 -36.35 71.88 -20.29
CA GLU A 2222 -37.42 72.87 -20.16
C GLU A 2222 -38.24 72.95 -21.43
N ILE A 2223 -39.36 73.65 -21.37
CA ILE A 2223 -40.25 73.78 -22.51
C ILE A 2223 -40.01 75.15 -23.14
N ARG A 2224 -40.10 75.23 -24.47
CA ARG A 2224 -39.80 76.45 -25.20
C ARG A 2224 -41.06 77.19 -25.65
N PHE A 2225 -42.09 76.47 -26.06
CA PHE A 2225 -43.33 77.09 -26.55
C PHE A 2225 -44.49 76.60 -25.69
N PRO A 2226 -44.84 77.35 -24.64
CA PRO A 2226 -45.93 76.90 -23.76
C PRO A 2226 -47.31 77.11 -24.37
N LYS A 2227 -47.44 78.09 -25.26
CA LYS A 2227 -48.71 78.32 -25.93
C LYS A 2227 -49.02 77.22 -26.93
N MET A 2228 -47.97 76.58 -27.45
CA MET A 2228 -48.16 75.51 -28.42
C MET A 2228 -48.57 74.22 -27.72
N VAL A 2229 -47.98 73.94 -26.56
CA VAL A 2229 -48.17 72.64 -25.93
C VAL A 2229 -49.52 72.56 -25.22
N THR A 2230 -50.10 73.71 -24.82
CA THR A 2230 -51.41 73.68 -24.17
C THR A 2230 -52.54 73.50 -25.16
N SER A 2231 -52.41 74.08 -26.35
CA SER A 2231 -53.47 73.97 -27.35
C SER A 2231 -53.52 72.58 -27.95
N CYS A 2232 -52.39 71.88 -27.95
CA CYS A 2232 -52.36 70.51 -28.45
C CYS A 2232 -52.95 69.53 -27.44
N CYS A 2233 -52.64 69.68 -26.15
CA CYS A 2233 -53.17 68.74 -25.19
C CYS A 2233 -54.65 69.03 -24.94
N ARG A 2234 -55.06 70.30 -25.06
CA ARG A 2234 -56.48 70.63 -25.04
C ARG A 2234 -57.22 70.01 -26.21
N PHE A 2235 -56.55 69.86 -27.34
CA PHE A 2235 -57.17 69.22 -28.49
C PHE A 2235 -57.36 67.73 -28.26
N LEU A 2236 -56.39 67.08 -27.60
CA LEU A 2236 -56.52 65.66 -27.30
C LEU A 2236 -57.46 65.40 -26.12
N CYS A 2237 -57.65 66.37 -25.22
CA CYS A 2237 -58.64 66.20 -24.16
C CYS A 2237 -60.05 66.23 -24.72
N TYR A 2238 -60.34 67.18 -25.61
CA TYR A 2238 -61.66 67.21 -26.23
C TYR A 2238 -61.81 66.17 -27.33
N PHE A 2239 -60.71 65.58 -27.81
CA PHE A 2239 -60.82 64.49 -28.78
C PHE A 2239 -61.27 63.18 -28.14
N CYS A 2240 -60.91 62.94 -26.88
CA CYS A 2240 -61.28 61.71 -26.19
C CYS A 2240 -62.68 61.74 -25.60
N ARG A 2241 -63.45 62.80 -25.82
CA ARG A 2241 -64.84 62.84 -25.38
C ARG A 2241 -65.84 62.97 -26.52
N ILE A 2242 -65.41 62.82 -27.77
CA ILE A 2242 -66.39 62.81 -28.86
C ILE A 2242 -66.97 61.42 -29.04
N SER A 2243 -66.15 60.39 -28.88
CA SER A 2243 -66.57 59.00 -28.93
C SER A 2243 -65.60 58.20 -28.06
N ARG A 2244 -66.02 56.98 -27.72
CA ARG A 2244 -65.28 56.20 -26.74
C ARG A 2244 -64.09 55.49 -27.38
N GLN A 2245 -64.18 55.13 -28.66
CA GLN A 2245 -63.05 54.51 -29.35
C GLN A 2245 -61.97 55.52 -29.73
N ASN A 2246 -62.28 56.82 -29.70
CA ASN A 2246 -61.24 57.83 -29.82
C ASN A 2246 -60.36 57.87 -28.58
N GLN A 2247 -60.93 57.52 -27.42
CA GLN A 2247 -60.23 57.43 -26.16
C GLN A 2247 -59.35 56.19 -26.04
N ARG A 2248 -59.67 55.13 -26.79
CA ARG A 2248 -58.94 53.87 -26.65
C ARG A 2248 -57.62 53.92 -27.44
N SER A 2249 -57.59 54.67 -28.54
CA SER A 2249 -56.34 54.89 -29.27
C SER A 2249 -55.38 55.79 -28.49
N MET A 2250 -55.89 56.56 -27.53
CA MET A 2250 -55.06 57.36 -26.66
C MET A 2250 -54.56 56.60 -25.44
N PHE A 2251 -55.17 55.46 -25.12
CA PHE A 2251 -54.78 54.73 -23.92
C PHE A 2251 -53.47 53.98 -24.15
N ASP A 2252 -53.12 53.71 -25.40
CA ASP A 2252 -51.84 53.10 -25.76
C ASP A 2252 -50.67 54.04 -25.53
N HIS A 2253 -50.92 55.35 -25.46
CA HIS A 2253 -49.87 56.35 -25.40
C HIS A 2253 -49.60 56.84 -23.99
N LEU A 2254 -50.11 56.13 -22.98
CA LEU A 2254 -50.19 56.69 -21.64
C LEU A 2254 -48.84 56.63 -20.93
N SER A 2255 -47.98 55.70 -21.35
CA SER A 2255 -46.65 55.57 -20.74
C SER A 2255 -45.79 56.79 -21.04
N TYR A 2256 -45.99 57.40 -22.22
CA TYR A 2256 -45.30 58.64 -22.52
C TYR A 2256 -46.08 59.85 -22.01
N LEU A 2257 -47.42 59.75 -21.97
CA LEU A 2257 -48.24 60.88 -21.56
C LEU A 2257 -48.19 61.09 -20.05
N LEU A 2258 -47.79 60.07 -19.29
CA LEU A 2258 -47.63 60.21 -17.85
C LEU A 2258 -46.17 60.37 -17.44
N GLU A 2259 -45.22 60.13 -18.34
CA GLU A 2259 -43.82 60.30 -17.99
C GLU A 2259 -43.41 61.76 -17.96
N ASN A 2260 -43.98 62.58 -18.85
CA ASN A 2260 -43.65 64.00 -18.94
C ASN A 2260 -44.68 64.89 -18.25
N SER A 2261 -45.46 64.34 -17.32
CA SER A 2261 -46.43 65.18 -16.61
C SER A 2261 -45.74 66.04 -15.55
N GLY A 2262 -44.67 65.52 -14.95
CA GLY A 2262 -43.93 66.26 -13.94
C GLY A 2262 -42.71 66.96 -14.50
N MET A 2267 -46.85 73.25 -15.59
CA MET A 2267 -46.81 74.62 -16.12
C MET A 2267 -48.21 75.18 -16.29
N GLN A 2268 -48.29 76.47 -16.64
CA GLN A 2268 -49.56 77.19 -16.60
C GLN A 2268 -50.47 76.77 -17.75
N GLY A 2269 -51.76 76.64 -17.44
CA GLY A 2269 -52.75 76.22 -18.41
C GLY A 2269 -53.00 74.72 -18.37
N SER A 2270 -53.14 74.11 -19.54
CA SER A 2270 -53.35 72.68 -19.59
C SER A 2270 -52.02 71.94 -19.63
N THR A 2271 -52.04 70.70 -19.17
CA THR A 2271 -50.86 69.88 -18.95
C THR A 2271 -51.19 68.46 -19.43
N PRO A 2272 -50.19 67.70 -19.94
CA PRO A 2272 -50.48 66.36 -20.50
C PRO A 2272 -51.06 65.33 -19.54
N LEU A 2273 -51.05 65.61 -18.23
CA LEU A 2273 -51.78 64.78 -17.29
C LEU A 2273 -53.28 64.92 -17.48
N ASP A 2274 -53.75 66.06 -18.02
CA ASP A 2274 -55.17 66.20 -18.33
C ASP A 2274 -55.58 65.29 -19.49
N VAL A 2275 -54.64 65.03 -20.41
CA VAL A 2275 -54.89 63.99 -21.42
C VAL A 2275 -54.87 62.62 -20.76
N ALA A 2276 -54.00 62.44 -19.76
CA ALA A 2276 -53.95 61.19 -19.01
C ALA A 2276 -55.21 60.99 -18.17
N ALA A 2277 -55.78 62.09 -17.68
CA ALA A 2277 -57.02 62.00 -16.92
C ALA A 2277 -58.22 61.79 -17.83
N ALA A 2278 -58.19 62.39 -19.02
CA ALA A 2278 -59.30 62.27 -19.97
C ALA A 2278 -59.30 60.94 -20.70
N SER A 2279 -58.20 60.18 -20.62
CA SER A 2279 -58.14 58.88 -21.29
C SER A 2279 -58.75 57.77 -20.46
N VAL A 2280 -58.99 57.99 -19.17
CA VAL A 2280 -59.48 56.92 -18.30
C VAL A 2280 -60.78 57.31 -17.58
N ILE A 2281 -61.47 58.36 -18.05
CA ILE A 2281 -62.64 58.87 -17.36
C ILE A 2281 -63.89 58.27 -18.00
N ASP A 2282 -64.83 57.84 -17.15
CA ASP A 2282 -66.18 57.39 -17.53
C ASP A 2282 -66.16 56.18 -18.48
N ASN A 2283 -65.14 55.34 -18.38
CA ASN A 2283 -65.10 54.13 -19.17
C ASN A 2283 -64.46 53.02 -18.34
N ASN A 2284 -65.23 51.98 -18.06
CA ASN A 2284 -64.77 50.93 -17.15
C ASN A 2284 -63.84 49.95 -17.85
N GLU A 2285 -63.82 49.94 -19.18
CA GLU A 2285 -62.96 49.01 -19.91
C GLU A 2285 -61.50 49.42 -19.82
N LEU A 2286 -61.21 50.71 -20.07
CA LEU A 2286 -59.84 51.19 -20.00
C LEU A 2286 -59.38 51.35 -18.55
N ALA A 2287 -60.32 51.52 -17.62
CA ALA A 2287 -59.94 51.65 -16.21
C ALA A 2287 -59.53 50.31 -15.63
N LEU A 2288 -60.24 49.23 -15.99
CA LEU A 2288 -59.92 47.91 -15.48
C LEU A 2288 -58.74 47.27 -16.18
N ALA A 2289 -58.39 47.73 -17.38
CA ALA A 2289 -57.25 47.21 -18.13
C ALA A 2289 -55.98 48.03 -17.92
N LEU A 2290 -56.01 48.96 -16.97
CA LEU A 2290 -54.84 49.77 -16.66
C LEU A 2290 -53.83 48.96 -15.86
N GLN A 2291 -52.57 49.05 -16.24
CA GLN A 2291 -51.52 48.31 -15.56
C GLN A 2291 -51.14 48.99 -14.26
N GLU A 2292 -50.35 48.28 -13.45
CA GLU A 2292 -49.79 48.86 -12.24
C GLU A 2292 -48.58 49.73 -12.51
N GLN A 2293 -47.91 49.54 -13.66
CA GLN A 2293 -46.69 50.28 -13.97
C GLN A 2293 -46.96 51.76 -14.25
N ASP A 2294 -48.15 52.10 -14.73
CA ASP A 2294 -48.52 53.50 -14.87
C ASP A 2294 -48.93 54.12 -13.54
N LEU A 2295 -49.23 53.29 -12.54
CA LEU A 2295 -49.67 53.78 -11.24
C LEU A 2295 -48.52 54.03 -10.26
N GLU A 2296 -47.38 53.36 -10.42
CA GLU A 2296 -46.25 53.62 -9.54
C GLU A 2296 -45.54 54.90 -9.92
N LYS A 2297 -45.73 55.39 -11.15
CA LYS A 2297 -45.13 56.66 -11.53
C LYS A 2297 -45.85 57.84 -10.89
N VAL A 2298 -47.16 57.71 -10.66
CA VAL A 2298 -47.92 58.82 -10.08
C VAL A 2298 -47.57 58.98 -8.60
N VAL A 2299 -47.43 57.86 -7.89
CA VAL A 2299 -47.15 57.94 -6.46
C VAL A 2299 -45.68 58.29 -6.20
N SER A 2300 -44.80 58.09 -7.18
CA SER A 2300 -43.43 58.55 -7.01
C SER A 2300 -43.33 60.03 -7.33
N TYR A 2301 -44.18 60.53 -8.23
CA TYR A 2301 -44.28 61.97 -8.43
C TYR A 2301 -44.90 62.65 -7.22
N LEU A 2302 -45.82 61.95 -6.55
CA LEU A 2302 -46.45 62.51 -5.37
C LEU A 2302 -45.52 62.41 -4.16
N ALA A 2303 -44.63 61.40 -4.15
CA ALA A 2303 -43.63 61.32 -3.10
C ALA A 2303 -42.52 62.35 -3.27
N GLY A 2304 -42.42 62.98 -4.44
CA GLY A 2304 -41.49 64.06 -4.65
C GLY A 2304 -41.99 65.40 -4.13
N CYS A 2305 -43.31 65.57 -4.09
CA CYS A 2305 -43.86 66.85 -3.67
C CYS A 2305 -43.83 67.05 -2.16
N GLY A 2306 -43.62 65.99 -1.38
CA GLY A 2306 -43.67 66.11 0.07
C GLY A 2306 -42.39 66.58 0.72
N LEU A 2307 -41.24 66.39 0.06
CA LEU A 2307 -39.96 66.80 0.63
C LEU A 2307 -39.44 68.11 0.05
N GLN A 2308 -39.55 68.29 -1.27
CA GLN A 2308 -39.17 69.55 -1.89
C GLN A 2308 -40.40 70.35 -2.32
N SER A 2309 -40.23 71.67 -2.30
CA SER A 2309 -41.31 72.61 -2.55
C SER A 2309 -41.43 72.91 -4.05
N CYS A 2310 -42.21 73.94 -4.35
CA CYS A 2310 -42.43 74.33 -5.74
C CYS A 2310 -41.28 75.20 -6.23
N PRO A 2311 -40.68 74.88 -7.38
CA PRO A 2311 -39.66 75.77 -7.96
C PRO A 2311 -40.26 77.06 -8.50
N MET A 2312 -41.54 77.04 -8.88
CA MET A 2312 -42.17 78.24 -9.41
C MET A 2312 -42.58 79.19 -8.29
N LEU A 2313 -42.82 78.67 -7.08
CA LEU A 2313 -43.31 79.51 -5.99
C LEU A 2313 -42.18 80.28 -5.33
N LEU A 2314 -41.07 79.59 -5.00
CA LEU A 2314 -39.98 80.25 -4.30
C LEU A 2314 -39.19 81.17 -5.20
N ALA A 2315 -39.25 80.97 -6.52
CA ALA A 2315 -38.64 81.92 -7.44
C ALA A 2315 -39.49 83.16 -7.62
N LYS A 2316 -40.80 83.07 -7.37
CA LYS A 2316 -41.68 84.23 -7.49
C LYS A 2316 -41.68 85.11 -6.24
N GLY A 2317 -41.27 84.58 -5.10
CA GLY A 2317 -41.24 85.32 -3.86
C GLY A 2317 -42.16 84.82 -2.76
N TYR A 2318 -42.66 83.59 -2.85
CA TYR A 2318 -43.53 83.05 -1.83
C TYR A 2318 -42.72 82.63 -0.61
N PRO A 2319 -43.33 82.60 0.59
CA PRO A 2319 -42.61 82.12 1.77
C PRO A 2319 -42.28 80.64 1.67
N ASP A 2320 -41.22 80.24 2.39
CA ASP A 2320 -40.71 78.89 2.28
C ASP A 2320 -41.58 77.91 3.07
N ILE A 2321 -42.09 76.90 2.38
CA ILE A 2321 -42.83 75.80 2.99
C ILE A 2321 -42.20 74.50 2.51
N GLY A 2322 -42.10 73.53 3.42
CA GLY A 2322 -41.30 72.33 3.15
C GLY A 2322 -41.89 71.35 2.16
N TRP A 2323 -43.12 71.56 1.71
CA TRP A 2323 -43.75 70.62 0.79
C TRP A 2323 -44.59 71.37 -0.24
N ASN A 2324 -45.01 70.62 -1.27
CA ASN A 2324 -45.74 71.15 -2.43
C ASN A 2324 -47.21 70.77 -2.34
N PRO A 2325 -48.10 71.68 -1.94
CA PRO A 2325 -49.53 71.35 -1.92
C PRO A 2325 -50.19 71.41 -3.30
N CYS A 2326 -49.90 72.46 -4.07
CA CYS A 2326 -50.60 72.67 -5.33
C CYS A 2326 -50.09 71.75 -6.42
N GLY A 2327 -48.83 71.31 -6.33
CA GLY A 2327 -48.29 70.40 -7.33
C GLY A 2327 -48.82 68.98 -7.18
N GLY A 2328 -48.85 68.48 -5.95
CA GLY A 2328 -49.32 67.13 -5.70
C GLY A 2328 -50.83 66.95 -5.78
N GLU A 2329 -51.58 68.06 -5.75
CA GLU A 2329 -53.02 67.98 -5.92
C GLU A 2329 -53.40 67.62 -7.36
N ARG A 2330 -52.51 67.88 -8.31
CA ARG A 2330 -52.77 67.50 -9.70
C ARG A 2330 -52.61 66.00 -9.90
N TYR A 2331 -51.82 65.34 -9.05
CA TYR A 2331 -51.72 63.89 -9.15
C TYR A 2331 -52.79 63.18 -8.34
N LEU A 2332 -53.33 63.83 -7.31
CA LEU A 2332 -54.39 63.19 -6.53
C LEU A 2332 -55.75 63.25 -7.23
N ASP A 2333 -56.05 64.33 -7.97
CA ASP A 2333 -57.34 64.34 -8.66
C ASP A 2333 -57.28 63.52 -9.95
N PHE A 2334 -56.08 63.16 -10.39
CA PHE A 2334 -55.92 62.17 -11.46
C PHE A 2334 -56.38 60.79 -10.99
N LEU A 2335 -56.09 60.45 -9.74
CA LEU A 2335 -56.31 59.07 -9.27
C LEU A 2335 -57.73 58.84 -8.76
N ARG A 2336 -58.53 59.91 -8.58
CA ARG A 2336 -59.95 59.67 -8.35
C ARG A 2336 -60.65 59.16 -9.59
N PHE A 2337 -60.14 59.49 -10.78
CA PHE A 2337 -60.76 59.08 -12.03
C PHE A 2337 -60.51 57.61 -12.34
N ALA A 2338 -59.46 57.02 -11.76
CA ALA A 2338 -59.14 55.63 -12.02
C ALA A 2338 -59.85 54.69 -11.05
N VAL A 2339 -60.00 55.11 -9.79
CA VAL A 2339 -60.56 54.25 -8.76
C VAL A 2339 -62.07 54.40 -8.62
N PHE A 2340 -62.67 55.36 -9.32
CA PHE A 2340 -64.09 55.65 -9.25
C PHE A 2340 -64.58 55.94 -10.65
N VAL A 2341 -65.38 55.02 -11.21
CA VAL A 2341 -65.90 55.14 -12.57
C VAL A 2341 -67.42 54.98 -12.55
N ASN A 2342 -68.12 55.99 -13.07
CA ASN A 2342 -69.60 56.03 -13.18
C ASN A 2342 -70.30 55.83 -11.83
N GLY A 2343 -69.71 56.34 -10.75
CA GLY A 2343 -70.32 56.23 -9.44
C GLY A 2343 -70.19 54.88 -8.77
N GLU A 2344 -69.41 53.96 -9.33
CA GLU A 2344 -69.15 52.67 -8.70
C GLU A 2344 -67.64 52.43 -8.67
N SER A 2345 -67.13 52.11 -7.48
CA SER A 2345 -65.70 51.91 -7.31
C SER A 2345 -65.27 50.52 -7.77
N VAL A 2346 -64.20 50.48 -8.55
CA VAL A 2346 -63.59 49.21 -8.98
C VAL A 2346 -62.83 48.61 -7.81
N GLU A 2347 -62.65 47.29 -7.84
CA GLU A 2347 -61.97 46.60 -6.75
C GLU A 2347 -60.50 46.32 -7.06
N GLU A 2348 -60.17 46.13 -8.34
CA GLU A 2348 -58.80 45.76 -8.70
C GLU A 2348 -57.87 46.97 -8.64
N ASN A 2349 -58.35 48.13 -9.10
CA ASN A 2349 -57.51 49.32 -9.10
C ASN A 2349 -57.45 49.96 -7.72
N ALA A 2350 -58.52 49.82 -6.93
CA ALA A 2350 -58.50 50.36 -5.57
C ALA A 2350 -57.63 49.51 -4.66
N ASN A 2351 -57.50 48.21 -4.94
CA ASN A 2351 -56.66 47.37 -4.11
C ASN A 2351 -55.18 47.66 -4.35
N VAL A 2352 -54.84 48.05 -5.58
CA VAL A 2352 -53.43 48.22 -5.91
C VAL A 2352 -52.96 49.65 -5.62
N VAL A 2353 -53.88 50.62 -5.53
CA VAL A 2353 -53.47 51.99 -5.23
C VAL A 2353 -53.37 52.20 -3.71
N VAL A 2354 -54.18 51.50 -2.92
CA VAL A 2354 -54.02 51.57 -1.47
C VAL A 2354 -52.78 50.81 -1.03
N ARG A 2355 -52.46 49.69 -1.69
CA ARG A 2355 -51.25 48.91 -1.39
C ARG A 2355 -49.97 49.69 -1.70
N LEU A 2356 -50.05 50.62 -2.65
CA LEU A 2356 -48.89 51.37 -3.12
C LEU A 2356 -48.69 52.66 -2.34
N LEU A 2357 -49.76 53.23 -1.80
CA LEU A 2357 -49.67 54.52 -1.12
C LEU A 2357 -49.16 54.39 0.31
N ILE A 2358 -49.41 53.25 0.95
CA ILE A 2358 -49.10 53.10 2.37
C ILE A 2358 -47.67 52.65 2.62
N ARG A 2359 -46.94 52.22 1.59
CA ARG A 2359 -45.53 51.90 1.79
C ARG A 2359 -44.68 53.15 1.79
N LYS A 2360 -45.15 54.21 1.15
CA LYS A 2360 -44.45 55.49 1.11
C LYS A 2360 -45.20 56.48 1.98
N PRO A 2361 -44.68 56.86 3.15
CA PRO A 2361 -45.39 57.83 4.00
C PRO A 2361 -45.34 59.26 3.49
N GLU A 2362 -44.47 59.55 2.53
CA GLU A 2362 -44.32 60.91 2.01
C GLU A 2362 -45.40 61.30 1.02
N CYS A 2363 -46.15 60.33 0.49
CA CYS A 2363 -47.25 60.65 -0.40
C CYS A 2363 -48.42 61.26 0.34
N PHE A 2364 -48.54 61.00 1.64
CA PHE A 2364 -49.49 61.70 2.47
C PHE A 2364 -48.91 63.06 2.87
N GLY A 2365 -49.70 63.85 3.57
CA GLY A 2365 -49.25 65.12 4.07
C GLY A 2365 -48.32 64.95 5.25
N PRO A 2366 -47.59 66.03 5.60
CA PRO A 2366 -46.65 65.93 6.73
C PRO A 2366 -47.34 65.90 8.08
N ALA A 2367 -48.62 66.26 8.15
CA ALA A 2367 -49.35 66.17 9.41
C ALA A 2367 -49.68 64.72 9.74
N LEU A 2368 -50.20 63.97 8.77
CA LEU A 2368 -50.54 62.57 9.03
C LEU A 2368 -49.30 61.67 8.98
N ARG A 2369 -48.22 62.12 8.36
CA ARG A 2369 -46.98 61.34 8.32
C ARG A 2369 -46.27 61.36 9.67
N GLY A 2373 -46.32 63.62 14.43
CA GLY A 2373 -47.50 63.68 13.60
C GLY A 2373 -48.62 64.51 14.20
N SER A 2374 -48.92 65.64 13.56
CA SER A 2374 -49.95 66.55 14.04
C SER A 2374 -51.34 66.07 13.63
N GLY A 2375 -52.36 66.65 14.27
CA GLY A 2375 -53.72 66.36 13.90
C GLY A 2375 -54.12 67.02 12.59
N LEU A 2376 -55.16 66.48 11.97
CA LEU A 2376 -55.59 66.96 10.66
C LEU A 2376 -56.39 68.25 10.78
N LEU A 2377 -57.22 68.36 11.83
CA LEU A 2377 -57.88 69.63 12.12
C LEU A 2377 -56.87 70.68 12.56
N ALA A 2378 -55.82 70.26 13.27
CA ALA A 2378 -54.78 71.18 13.72
C ALA A 2378 -53.94 71.66 12.55
N ALA A 2379 -53.87 70.89 11.46
CA ALA A 2379 -53.22 71.39 10.26
C ALA A 2379 -54.13 72.34 9.50
N ILE A 2380 -55.43 72.09 9.49
CA ILE A 2380 -56.36 72.96 8.75
C ILE A 2380 -56.65 74.22 9.55
N GLU A 2381 -56.63 74.14 10.89
CA GLU A 2381 -56.72 75.36 11.69
C GLU A 2381 -55.46 76.21 11.54
N GLU A 2382 -54.32 75.57 11.30
CA GLU A 2382 -53.10 76.31 10.94
C GLU A 2382 -53.18 76.81 9.51
N ALA A 2383 -53.99 76.16 8.68
CA ALA A 2383 -54.14 76.60 7.29
C ALA A 2383 -54.98 77.87 7.19
N ILE A 2384 -55.94 78.02 8.10
CA ILE A 2384 -56.73 79.24 8.18
C ILE A 2384 -55.88 80.37 8.74
N ARG A 2385 -54.93 80.04 9.63
CA ARG A 2385 -54.05 81.01 10.24
C ARG A 2385 -53.11 81.66 9.23
N ILE A 2386 -52.66 80.90 8.23
CA ILE A 2386 -51.80 81.46 7.20
C ILE A 2386 -52.61 82.12 6.10
N SER A 2387 -53.84 81.64 5.88
CA SER A 2387 -54.68 82.22 4.82
C SER A 2387 -55.27 83.56 5.24
N GLU A 2388 -55.57 83.73 6.54
CA GLU A 2388 -56.14 84.99 7.00
C GLU A 2388 -55.07 86.08 7.10
N ASP A 2389 -53.85 85.71 7.42
CA ASP A 2389 -52.77 86.68 7.57
C ASP A 2389 -52.15 86.97 6.21
N PRO A 2390 -51.96 88.24 5.84
CA PRO A 2390 -51.37 88.55 4.53
C PRO A 2390 -49.88 88.29 4.47
N ALA A 2391 -49.18 88.29 5.61
CA ALA A 2391 -47.73 88.07 5.59
C ALA A 2391 -47.39 86.59 5.45
N ARG A 2392 -48.18 85.73 6.09
CA ARG A 2392 -47.93 84.30 6.01
C ARG A 2392 -48.37 83.72 4.67
N ASP A 2393 -49.29 84.40 3.98
CA ASP A 2393 -49.77 83.93 2.69
C ASP A 2393 -48.79 84.32 1.58
N GLY A 2394 -49.16 83.98 0.35
CA GLY A 2394 -48.33 84.25 -0.79
C GLY A 2394 -48.28 85.72 -1.16
N PRO A 2395 -47.09 86.33 -1.09
CA PRO A 2395 -46.87 87.75 -1.38
C PRO A 2395 -45.46 88.03 -1.88
N ASN A 2414 -49.47 85.25 -8.19
CA ASN A 2414 -50.24 85.89 -7.12
C ASN A 2414 -51.58 85.20 -6.94
N ARG A 2415 -51.99 84.44 -7.96
CA ARG A 2415 -53.26 83.72 -7.91
C ARG A 2415 -53.17 82.47 -7.05
N VAL A 2416 -52.00 81.85 -6.99
CA VAL A 2416 -51.78 80.72 -6.10
C VAL A 2416 -51.56 81.23 -4.68
N HIS A 2417 -52.39 80.79 -3.76
CA HIS A 2417 -52.19 81.07 -2.35
C HIS A 2417 -51.86 79.78 -1.62
N LEU A 2418 -50.99 79.89 -0.62
CA LEU A 2418 -50.53 78.73 0.11
C LEU A 2418 -51.62 78.18 1.02
N GLY A 2419 -52.42 79.08 1.61
CA GLY A 2419 -53.39 78.67 2.62
C GLY A 2419 -54.56 77.90 2.05
N HIS A 2420 -54.85 78.08 0.76
CA HIS A 2420 -55.95 77.33 0.16
C HIS A 2420 -55.46 76.01 -0.45
N ALA A 2421 -54.19 75.95 -0.86
CA ALA A 2421 -53.70 74.76 -1.56
C ALA A 2421 -53.44 73.60 -0.58
N ILE A 2422 -53.14 73.94 0.69
CA ILE A 2422 -52.94 72.91 1.72
C ILE A 2422 -54.23 72.14 2.00
N MET A 2423 -55.36 72.84 2.09
CA MET A 2423 -56.61 72.11 2.32
C MET A 2423 -57.10 71.48 1.02
N SER A 2424 -56.76 72.08 -0.12
CA SER A 2424 -57.11 71.51 -1.42
C SER A 2424 -56.33 70.22 -1.68
N PHE A 2425 -55.11 70.13 -1.15
CA PHE A 2425 -54.36 68.88 -1.22
C PHE A 2425 -54.93 67.85 -0.27
N TYR A 2426 -55.36 68.27 0.92
CA TYR A 2426 -55.86 67.35 1.93
C TYR A 2426 -57.25 66.83 1.57
N ALA A 2427 -58.09 67.69 0.99
CA ALA A 2427 -59.40 67.23 0.55
C ALA A 2427 -59.28 66.33 -0.68
N ALA A 2428 -58.25 66.56 -1.50
CA ALA A 2428 -57.97 65.61 -2.57
C ALA A 2428 -57.35 64.33 -2.03
N LEU A 2429 -56.72 64.42 -0.86
CA LEU A 2429 -56.16 63.22 -0.23
C LEU A 2429 -57.25 62.42 0.48
N ILE A 2430 -58.25 63.10 1.05
CA ILE A 2430 -59.25 62.41 1.86
C ILE A 2430 -60.27 61.71 0.97
N ASP A 2431 -60.80 62.40 -0.04
CA ASP A 2431 -61.80 61.80 -0.90
C ASP A 2431 -61.22 60.71 -1.80
N LEU A 2432 -59.92 60.78 -2.10
CA LEU A 2432 -59.26 59.66 -2.75
C LEU A 2432 -59.29 58.43 -1.86
N LEU A 2433 -59.11 58.62 -0.55
CA LEU A 2433 -59.19 57.53 0.39
C LEU A 2433 -60.63 57.07 0.61
N GLY A 2434 -61.60 57.90 0.22
CA GLY A 2434 -63.00 57.51 0.26
C GLY A 2434 -63.50 56.74 -0.95
N ARG A 2435 -63.04 57.14 -2.14
CA ARG A 2435 -63.54 56.53 -3.37
C ARG A 2435 -62.87 55.19 -3.63
N CYS A 2436 -61.71 54.94 -3.02
CA CYS A 2436 -61.04 53.65 -3.07
C CYS A 2436 -61.55 52.68 -2.01
N ALA A 2437 -62.51 53.10 -1.19
CA ALA A 2437 -63.06 52.21 -0.17
C ALA A 2437 -64.02 51.22 -0.82
N PRO A 2438 -64.10 49.99 -0.30
CA PRO A 2438 -65.05 49.02 -0.85
C PRO A 2438 -66.49 49.36 -0.49
N GLU A 2439 -67.41 48.95 -1.37
CA GLU A 2439 -68.84 49.08 -1.12
C GLU A 2439 -69.33 48.11 -0.04
N MET A 2440 -70.62 48.26 0.25
CA MET A 2440 -71.25 47.57 1.37
C MET A 2440 -71.44 46.09 1.09
N HIS A 2441 -71.57 45.70 -0.18
CA HIS A 2441 -71.79 44.31 -0.54
C HIS A 2441 -70.50 43.50 -0.50
N LEU A 2442 -69.34 44.14 -0.44
CA LEU A 2442 -68.10 43.42 -0.23
C LEU A 2442 -67.83 43.21 1.25
N ILE A 2443 -68.27 44.16 2.08
CA ILE A 2443 -68.23 44.00 3.52
C ILE A 2443 -69.28 42.99 3.98
N GLN A 2444 -70.41 42.91 3.25
CA GLN A 2444 -71.44 41.94 3.59
C GLN A 2444 -71.02 40.51 3.29
N ALA A 2445 -70.08 40.31 2.38
CA ALA A 2445 -69.59 38.96 2.09
C ALA A 2445 -68.47 38.59 3.06
N GLY A 2446 -67.90 37.40 2.84
CA GLY A 2446 -66.83 36.92 3.68
C GLY A 2446 -65.45 37.20 3.11
N LYS A 2447 -65.34 38.27 2.33
CA LYS A 2447 -64.07 38.64 1.72
C LYS A 2447 -63.15 39.22 2.79
N GLY A 2448 -62.01 38.54 3.03
CA GLY A 2448 -61.03 39.07 3.95
C GLY A 2448 -60.22 40.23 3.42
N GLU A 2449 -60.35 40.53 2.12
CA GLU A 2449 -59.63 41.65 1.54
C GLU A 2449 -60.33 42.97 1.82
N ALA A 2450 -61.67 42.98 1.80
CA ALA A 2450 -62.40 44.24 1.88
C ALA A 2450 -62.39 44.81 3.29
N LEU A 2451 -62.49 43.96 4.31
CA LEU A 2451 -62.42 44.47 5.68
C LEU A 2451 -60.99 44.79 6.09
N ARG A 2452 -60.00 44.25 5.36
CA ARG A 2452 -58.61 44.64 5.60
C ARG A 2452 -58.34 46.06 5.12
N ILE A 2453 -58.85 46.42 3.93
CA ILE A 2453 -58.66 47.77 3.39
C ILE A 2453 -59.40 48.79 4.26
N ARG A 2454 -60.59 48.41 4.74
CA ARG A 2454 -61.37 49.33 5.57
C ARG A 2454 -60.74 49.48 6.95
N ALA A 2455 -59.98 48.46 7.38
CA ALA A 2455 -59.26 48.57 8.65
C ALA A 2455 -58.04 49.46 8.52
N ILE A 2456 -57.42 49.51 7.34
CA ILE A 2456 -56.28 50.39 7.14
C ILE A 2456 -56.72 51.85 7.08
N LEU A 2457 -57.75 52.14 6.27
CA LEU A 2457 -58.15 53.52 6.06
C LEU A 2457 -58.89 54.11 7.27
N ARG A 2458 -59.60 53.28 8.05
CA ARG A 2458 -60.17 53.79 9.30
C ARG A 2458 -59.07 54.08 10.32
N SER A 2459 -58.02 53.28 10.32
CA SER A 2459 -56.90 53.50 11.23
C SER A 2459 -55.84 54.46 10.65
N LEU A 2460 -55.91 54.75 9.34
CA LEU A 2460 -55.04 55.79 8.79
C LEU A 2460 -55.51 57.18 9.20
N VAL A 2461 -56.80 57.45 9.06
CA VAL A 2461 -57.37 58.76 9.36
C VAL A 2461 -58.42 58.60 10.46
N PRO A 2462 -58.30 59.30 11.58
CA PRO A 2462 -59.27 59.13 12.67
C PRO A 2462 -60.60 59.82 12.37
N LEU A 2463 -61.60 59.45 13.18
CA LEU A 2463 -62.98 59.92 13.01
C LEU A 2463 -63.22 61.29 13.60
N ASP A 2464 -62.79 61.51 14.84
CA ASP A 2464 -63.14 62.73 15.55
C ASP A 2464 -62.37 63.93 15.03
N ASP A 2465 -61.28 63.70 14.30
CA ASP A 2465 -60.65 64.78 13.55
C ASP A 2465 -61.57 65.26 12.43
N LEU A 2466 -62.31 64.34 11.80
CA LEU A 2466 -63.23 64.72 10.73
C LEU A 2466 -64.52 65.30 11.28
N VAL A 2467 -64.91 64.91 12.49
CA VAL A 2467 -66.08 65.50 13.13
C VAL A 2467 -65.81 66.96 13.46
N GLY A 2468 -64.57 67.29 13.81
CA GLY A 2468 -64.22 68.68 14.06
C GLY A 2468 -64.11 69.52 12.80
N ILE A 2469 -63.61 68.94 11.71
CA ILE A 2469 -63.40 69.68 10.47
C ILE A 2469 -64.73 69.98 9.80
N ILE A 2470 -65.68 69.04 9.87
CA ILE A 2470 -66.98 69.25 9.24
C ILE A 2470 -67.78 70.27 10.06
N SER A 2471 -67.44 70.41 11.34
CA SER A 2471 -68.03 71.38 12.26
C SER A 2471 -67.33 72.74 12.23
N LEU A 2472 -66.45 72.99 11.28
CA LEU A 2472 -65.67 74.22 11.33
C LEU A 2472 -66.54 75.38 10.85
N PRO A 2473 -66.67 76.45 11.62
CA PRO A 2473 -67.47 77.59 11.18
C PRO A 2473 -66.74 78.42 10.14
N LEU A 2474 -67.52 78.91 9.16
CA LEU A 2474 -66.97 79.60 8.00
C LEU A 2474 -67.47 81.04 7.96
N GLN A 2475 -66.76 81.87 7.20
CA GLN A 2475 -67.15 83.27 7.07
C GLN A 2475 -68.34 83.39 6.12
N ILE A 2476 -69.46 83.87 6.63
CA ILE A 2476 -70.70 84.00 5.88
C ILE A 2476 -70.69 85.33 5.13
N PRO A 2477 -71.01 85.36 3.84
CA PRO A 2477 -71.03 86.63 3.09
C PRO A 2477 -72.33 87.38 3.28
N THR A 2478 -72.27 88.48 4.03
CA THR A 2478 -73.41 89.34 4.26
C THR A 2478 -72.94 90.78 4.34
N LEU A 2479 -73.90 91.69 4.51
CA LEU A 2479 -73.59 93.12 4.57
C LEU A 2479 -72.95 93.51 5.90
N VAL A 2486 -70.44 92.66 1.11
CA VAL A 2486 -69.04 92.31 0.89
C VAL A 2486 -68.97 90.86 0.42
N GLN A 2487 -67.97 90.55 -0.41
CA GLN A 2487 -67.79 89.21 -0.94
C GLN A 2487 -66.37 88.73 -0.61
N PRO A 2488 -66.21 87.52 -0.08
CA PRO A 2488 -64.84 87.01 0.14
C PRO A 2488 -64.21 86.46 -1.13
N LYS A 2489 -62.96 86.02 -1.07
CA LYS A 2489 -62.29 85.43 -2.21
C LYS A 2489 -62.28 83.93 -2.07
N MET A 2490 -62.55 83.22 -3.17
CA MET A 2490 -62.63 81.76 -3.11
C MET A 2490 -61.26 81.09 -3.09
N SER A 2491 -60.26 81.72 -3.69
CA SER A 2491 -58.92 81.16 -3.66
C SER A 2491 -58.15 81.57 -2.41
N ALA A 2492 -58.80 82.25 -1.46
CA ALA A 2492 -58.14 82.69 -0.23
C ALA A 2492 -58.95 82.40 1.02
N SER A 2493 -60.01 81.58 0.92
CA SER A 2493 -60.85 81.24 2.05
C SER A 2493 -61.16 79.75 1.99
N PHE A 2494 -62.01 79.31 2.92
CA PHE A 2494 -62.50 77.94 2.90
C PHE A 2494 -63.68 77.84 1.95
N VAL A 2495 -63.64 76.87 1.04
CA VAL A 2495 -64.80 76.61 0.20
C VAL A 2495 -65.44 75.32 0.71
N PRO A 2496 -66.75 75.12 0.56
CA PRO A 2496 -67.38 73.90 1.09
C PRO A 2496 -67.08 72.62 0.29
N ASP A 2497 -66.19 72.67 -0.71
CA ASP A 2497 -65.81 71.48 -1.43
C ASP A 2497 -64.92 70.58 -0.58
N HIS A 2498 -64.22 71.17 0.41
CA HIS A 2498 -63.43 70.34 1.31
C HIS A 2498 -64.31 69.54 2.26
N LYS A 2499 -65.39 70.13 2.78
CA LYS A 2499 -66.28 69.39 3.67
C LYS A 2499 -67.01 68.29 2.92
N ALA A 2500 -67.24 68.46 1.61
CA ALA A 2500 -67.86 67.40 0.81
C ALA A 2500 -66.91 66.21 0.66
N SER A 2501 -65.60 66.45 0.76
CA SER A 2501 -64.66 65.34 0.78
C SER A 2501 -64.70 64.60 2.11
N MET A 2502 -64.90 65.33 3.21
CA MET A 2502 -64.83 64.71 4.54
C MET A 2502 -66.10 63.93 4.85
N VAL A 2503 -67.24 64.37 4.33
CA VAL A 2503 -68.49 63.67 4.63
C VAL A 2503 -68.62 62.42 3.75
N LEU A 2504 -67.97 62.43 2.59
CA LEU A 2504 -68.02 61.26 1.72
C LEU A 2504 -67.12 60.16 2.24
N PHE A 2505 -65.99 60.54 2.86
CA PHE A 2505 -65.11 59.55 3.46
C PHE A 2505 -65.71 59.01 4.75
N LEU A 2506 -66.46 59.85 5.47
CA LEU A 2506 -67.11 59.42 6.70
C LEU A 2506 -68.30 58.52 6.39
N ASP A 2507 -68.94 58.73 5.23
CA ASP A 2507 -70.08 57.92 4.85
C ASP A 2507 -69.67 56.56 4.29
N ARG A 2508 -68.40 56.39 3.92
CA ARG A 2508 -68.00 55.23 3.15
C ARG A 2508 -67.09 54.28 3.92
N VAL A 2509 -66.21 54.79 4.79
CA VAL A 2509 -65.30 53.90 5.50
C VAL A 2509 -65.77 53.74 6.93
N TYR A 2510 -66.57 54.69 7.43
CA TYR A 2510 -67.10 54.65 8.78
C TYR A 2510 -68.59 54.33 8.81
N GLY A 2511 -69.39 55.13 8.11
CA GLY A 2511 -70.82 54.97 8.10
C GLY A 2511 -71.47 55.44 9.39
N ILE A 2512 -72.81 55.43 9.38
CA ILE A 2512 -73.62 55.74 10.55
C ILE A 2512 -74.41 54.50 10.90
N GLU A 2513 -74.23 53.99 12.11
CA GLU A 2513 -74.85 52.75 12.53
C GLU A 2513 -75.83 52.95 13.68
N ASN A 2514 -75.50 53.83 14.62
CA ASN A 2514 -76.27 54.07 15.84
C ASN A 2514 -76.95 55.44 15.77
N GLN A 2515 -77.34 55.97 16.94
CA GLN A 2515 -78.01 57.26 16.93
C GLN A 2515 -77.22 58.37 17.66
N ASP A 2516 -76.38 58.05 18.66
CA ASP A 2516 -75.62 59.12 19.33
C ASP A 2516 -74.56 59.70 18.40
N PHE A 2517 -73.98 58.86 17.54
CA PHE A 2517 -73.09 59.36 16.50
C PHE A 2517 -73.89 60.11 15.44
N LEU A 2518 -75.17 59.74 15.26
CA LEU A 2518 -75.97 60.31 14.20
C LEU A 2518 -76.39 61.74 14.51
N LEU A 2519 -76.97 61.97 15.68
CA LEU A 2519 -77.49 63.29 15.99
C LEU A 2519 -76.38 64.26 16.42
N HIS A 2520 -75.18 63.74 16.69
CA HIS A 2520 -74.07 64.60 17.11
C HIS A 2520 -73.45 65.32 15.93
N VAL A 2521 -73.11 64.59 14.86
CA VAL A 2521 -72.53 65.20 13.67
C VAL A 2521 -73.58 65.97 12.90
N LEU A 2522 -74.84 65.63 13.11
CA LEU A 2522 -75.95 66.33 12.46
C LEU A 2522 -76.24 67.66 13.13
N ASP A 2523 -76.06 67.73 14.45
CA ASP A 2523 -76.20 68.98 15.20
C ASP A 2523 -75.03 69.91 14.91
N VAL A 2524 -73.83 69.43 15.24
CA VAL A 2524 -72.66 70.27 15.33
C VAL A 2524 -72.01 70.50 13.95
N GLY A 2525 -72.31 69.64 12.97
CA GLY A 2525 -71.68 69.74 11.67
C GLY A 2525 -72.47 70.41 10.55
N PHE A 2526 -73.80 70.31 10.54
CA PHE A 2526 -74.59 70.77 9.41
C PHE A 2526 -75.58 71.89 9.72
N LEU A 2527 -76.00 72.04 10.98
CA LEU A 2527 -76.93 73.12 11.30
C LEU A 2527 -76.28 74.52 11.28
N PRO A 2528 -74.99 74.71 11.63
CA PRO A 2528 -74.36 75.98 11.22
C PRO A 2528 -74.16 76.12 9.72
N ASP A 2529 -74.26 75.03 8.96
CA ASP A 2529 -74.16 75.12 7.50
C ASP A 2529 -75.51 75.44 6.86
N MET A 2530 -76.60 74.89 7.42
CA MET A 2530 -77.90 74.97 6.75
C MET A 2530 -78.66 76.24 7.11
N ARG A 2531 -78.53 76.72 8.35
CA ARG A 2531 -79.10 78.02 8.69
C ARG A 2531 -78.33 79.16 8.01
N ALA A 2532 -77.07 78.91 7.66
CA ALA A 2532 -76.32 79.87 6.85
C ALA A 2532 -76.84 79.91 5.42
N ALA A 2533 -77.31 78.77 4.91
CA ALA A 2533 -77.92 78.75 3.57
C ALA A 2533 -79.35 79.25 3.61
N ALA A 2534 -80.02 79.11 4.76
CA ALA A 2534 -81.37 79.64 4.89
C ALA A 2534 -81.37 81.16 5.00
N SER A 2535 -80.25 81.74 5.45
CA SER A 2535 -80.15 83.19 5.57
C SER A 2535 -79.77 83.85 4.25
N LEU A 2536 -79.17 83.10 3.32
CA LEU A 2536 -78.80 83.63 2.02
C LEU A 2536 -79.86 83.35 0.95
N ASP A 2537 -81.09 83.06 1.37
CA ASP A 2537 -82.17 82.83 0.42
C ASP A 2537 -82.71 84.16 -0.11
N THR A 2544 -74.33 85.83 -5.21
CA THR A 2544 -73.39 85.35 -4.22
C THR A 2544 -72.84 83.98 -4.64
N GLU A 2545 -71.51 83.88 -4.73
CA GLU A 2545 -70.92 82.63 -5.19
C GLU A 2545 -70.84 81.59 -4.07
N MET A 2546 -70.74 82.04 -2.81
CA MET A 2546 -70.71 81.09 -1.70
C MET A 2546 -72.10 80.54 -1.41
N ALA A 2547 -73.12 81.33 -1.76
CA ALA A 2547 -74.53 80.92 -1.58
C ALA A 2547 -74.95 80.05 -2.77
N LEU A 2548 -74.00 79.73 -3.66
CA LEU A 2548 -74.25 78.88 -4.85
C LEU A 2548 -73.28 77.69 -4.81
N ALA A 2549 -72.27 77.78 -3.94
CA ALA A 2549 -71.27 76.73 -3.75
C ALA A 2549 -71.64 75.83 -2.58
N LEU A 2550 -72.26 76.39 -1.54
CA LEU A 2550 -72.65 75.55 -0.41
C LEU A 2550 -74.01 74.90 -0.66
N ASN A 2551 -74.82 75.49 -1.54
CA ASN A 2551 -76.09 74.85 -1.91
C ASN A 2551 -75.86 73.60 -2.75
N ARG A 2552 -74.84 73.61 -3.60
CA ARG A 2552 -74.43 72.39 -4.28
C ARG A 2552 -73.78 71.41 -3.30
N TYR A 2553 -73.23 71.94 -2.20
CA TYR A 2553 -72.59 71.08 -1.21
C TYR A 2553 -73.61 70.29 -0.41
N LEU A 2554 -74.76 70.90 -0.11
CA LEU A 2554 -75.79 70.23 0.68
C LEU A 2554 -76.49 69.13 -0.13
N CYS A 2555 -76.95 69.48 -1.33
CA CYS A 2555 -77.78 68.55 -2.10
C CYS A 2555 -76.97 67.49 -2.83
N LEU A 2556 -75.64 67.51 -2.73
CA LEU A 2556 -74.81 66.44 -3.30
C LEU A 2556 -74.25 65.51 -2.26
N ALA A 2557 -74.07 65.95 -1.02
CA ALA A 2557 -73.25 65.21 -0.07
C ALA A 2557 -73.97 64.86 1.22
N VAL A 2558 -74.62 65.81 1.88
CA VAL A 2558 -75.22 65.53 3.18
C VAL A 2558 -76.63 64.96 3.04
N LEU A 2559 -77.41 65.46 2.09
CA LEU A 2559 -78.77 64.97 1.94
C LEU A 2559 -78.87 63.57 1.32
N PRO A 2560 -77.92 63.11 0.48
CA PRO A 2560 -77.82 61.65 0.29
C PRO A 2560 -77.40 60.87 1.52
N LEU A 2561 -76.70 61.50 2.46
CA LEU A 2561 -76.36 60.80 3.70
C LEU A 2561 -77.57 60.66 4.63
N ILE A 2562 -78.40 61.69 4.71
CA ILE A 2562 -79.52 61.67 5.64
C ILE A 2562 -80.59 60.70 5.15
N THR A 2563 -80.79 60.62 3.84
CA THR A 2563 -81.73 59.65 3.29
C THR A 2563 -81.18 58.23 3.37
N LYS A 2564 -79.86 58.07 3.47
CA LYS A 2564 -79.28 56.76 3.71
C LYS A 2564 -79.60 56.29 5.12
N CYS A 2565 -79.62 57.21 6.08
CA CYS A 2565 -79.89 56.92 7.47
C CYS A 2565 -81.29 57.40 7.87
N ALA A 2566 -82.23 57.35 6.93
CA ALA A 2566 -83.59 57.83 7.20
C ALA A 2566 -84.42 56.90 8.09
N PRO A 2567 -84.39 55.55 7.95
CA PRO A 2567 -85.16 54.74 8.92
C PRO A 2567 -84.57 54.71 10.32
N LEU A 2568 -83.35 55.23 10.53
CA LEU A 2568 -82.71 55.23 11.83
C LEU A 2568 -83.21 56.35 12.74
N PHE A 2569 -84.03 57.27 12.22
CA PHE A 2569 -84.58 58.37 13.01
C PHE A 2569 -85.80 57.99 13.82
N ALA A 2570 -86.07 56.70 14.03
CA ALA A 2570 -87.21 56.27 14.83
C ALA A 2570 -86.81 56.26 16.29
N GLY A 2571 -87.49 57.06 17.11
CA GLY A 2571 -87.24 57.06 18.53
C GLY A 2571 -86.40 58.23 19.03
N THR A 2572 -86.66 59.43 18.52
CA THR A 2572 -85.95 60.62 18.98
C THR A 2572 -86.70 61.30 20.13
N GLU A 2573 -87.03 60.53 21.17
CA GLU A 2573 -87.59 61.08 22.38
C GLU A 2573 -86.54 61.67 23.29
N HIS A 2574 -85.27 61.62 22.88
CA HIS A 2574 -84.19 62.28 23.61
C HIS A 2574 -84.27 63.79 23.45
N ARG A 2575 -84.37 64.25 22.19
CA ARG A 2575 -84.29 65.67 21.84
C ARG A 2575 -85.49 66.04 20.99
N ALA A 2576 -86.15 67.14 21.34
CA ALA A 2576 -87.35 67.60 20.66
C ALA A 2576 -87.13 68.87 19.85
N ILE A 2577 -86.06 69.61 20.11
CA ILE A 2577 -85.88 70.90 19.45
C ILE A 2577 -84.87 70.81 18.30
N MET A 2578 -84.00 69.79 18.30
CA MET A 2578 -83.04 69.66 17.21
C MET A 2578 -83.70 69.11 15.95
N VAL A 2579 -84.55 68.09 16.10
CA VAL A 2579 -85.22 67.52 14.93
C VAL A 2579 -86.33 68.45 14.44
N ASP A 2580 -86.89 69.28 15.33
CA ASP A 2580 -87.86 70.27 14.88
C ASP A 2580 -87.17 71.44 14.19
N SER A 2581 -85.98 71.83 14.66
CA SER A 2581 -85.29 72.93 14.00
C SER A 2581 -84.66 72.48 12.69
N MET A 2582 -84.28 71.21 12.57
CA MET A 2582 -83.80 70.74 11.27
C MET A 2582 -84.93 70.57 10.27
N LEU A 2583 -86.14 70.23 10.73
CA LEU A 2583 -87.17 69.86 9.76
C LEU A 2583 -87.77 71.11 9.15
N HIS A 2584 -87.63 72.25 9.84
CA HIS A 2584 -88.13 73.52 9.33
C HIS A 2584 -87.10 74.19 8.42
N THR A 2585 -85.79 74.01 8.69
CA THR A 2585 -84.80 74.68 7.86
C THR A 2585 -84.64 73.99 6.50
N VAL A 2586 -84.87 72.67 6.44
CA VAL A 2586 -84.87 71.98 5.15
C VAL A 2586 -86.06 72.41 4.31
N TYR A 2587 -87.22 72.58 4.95
CA TYR A 2587 -88.38 73.12 4.24
C TYR A 2587 -88.17 74.58 3.89
N ARG A 2588 -87.41 75.31 4.70
CA ARG A 2588 -87.05 76.69 4.34
C ARG A 2588 -86.05 76.69 3.19
N LEU A 2589 -85.20 75.65 3.11
CA LEU A 2589 -84.30 75.50 1.97
C LEU A 2589 -84.99 74.90 0.75
N SER A 2590 -86.20 74.37 0.90
CA SER A 2590 -86.88 73.74 -0.23
C SER A 2590 -87.39 74.76 -1.24
N ARG A 2591 -87.62 76.00 -0.82
CA ARG A 2591 -88.05 77.08 -1.71
C ARG A 2591 -86.94 78.11 -1.80
N GLY A 2592 -86.32 78.20 -2.97
CA GLY A 2592 -85.28 79.19 -3.21
C GLY A 2592 -85.21 79.53 -4.68
N ARG A 2593 -84.87 80.78 -4.96
CA ARG A 2593 -84.83 81.27 -6.34
C ARG A 2593 -83.58 80.84 -7.08
N SER A 2594 -82.46 80.64 -6.39
CA SER A 2594 -81.19 80.30 -7.02
C SER A 2594 -80.94 78.80 -7.10
N LEU A 2595 -81.98 77.99 -6.89
CA LEU A 2595 -81.86 76.54 -6.95
C LEU A 2595 -82.35 76.02 -8.29
N THR A 2596 -81.75 74.93 -8.74
CA THR A 2596 -82.17 74.26 -9.96
C THR A 2596 -83.17 73.16 -9.63
N LYS A 2597 -83.63 72.45 -10.66
CA LYS A 2597 -84.63 71.41 -10.44
C LYS A 2597 -83.98 70.13 -9.87
N ALA A 2598 -82.71 69.90 -10.20
CA ALA A 2598 -82.03 68.68 -9.75
C ALA A 2598 -81.78 68.70 -8.25
N GLN A 2599 -81.51 69.87 -7.67
CA GLN A 2599 -81.28 69.94 -6.23
C GLN A 2599 -82.58 70.00 -5.43
N ARG A 2600 -83.59 70.69 -5.95
CA ARG A 2600 -84.88 70.75 -5.24
C ARG A 2600 -85.60 69.40 -5.26
N ASP A 2601 -85.28 68.55 -6.25
CA ASP A 2601 -85.82 67.20 -6.24
C ASP A 2601 -85.13 66.35 -5.17
N VAL A 2602 -83.88 66.67 -4.84
CA VAL A 2602 -83.20 65.96 -3.76
C VAL A 2602 -83.76 66.39 -2.41
N ILE A 2603 -83.99 67.69 -2.21
CA ILE A 2603 -84.52 68.22 -0.95
C ILE A 2603 -85.95 67.74 -0.72
N GLU A 2604 -86.75 67.67 -1.79
CA GLU A 2604 -88.11 67.16 -1.65
C GLU A 2604 -88.12 65.66 -1.39
N ASP A 2605 -87.15 64.93 -1.95
CA ASP A 2605 -87.00 63.52 -1.60
C ASP A 2605 -86.40 63.36 -0.22
N CYS A 2606 -85.59 64.32 0.21
CA CYS A 2606 -85.03 64.28 1.56
C CYS A 2606 -86.10 64.64 2.60
N LEU A 2607 -86.98 65.57 2.25
CA LEU A 2607 -88.05 65.94 3.18
C LEU A 2607 -89.11 64.85 3.23
N MET A 2608 -89.33 64.15 2.11
CA MET A 2608 -90.28 63.03 2.08
C MET A 2608 -89.80 61.86 2.92
N ALA A 2609 -88.50 61.61 2.93
CA ALA A 2609 -87.97 60.48 3.69
C ALA A 2609 -87.97 60.79 5.19
N LEU A 2610 -87.73 62.05 5.54
CA LEU A 2610 -87.60 62.41 6.95
C LEU A 2610 -88.97 62.67 7.60
N CYS A 2611 -90.01 62.91 6.80
CA CYS A 2611 -91.35 62.95 7.36
C CYS A 2611 -91.87 61.55 7.69
N ARG A 2612 -91.23 60.52 7.15
CA ARG A 2612 -91.48 59.14 7.57
C ARG A 2612 -90.40 58.75 8.59
N TYR A 2613 -90.62 57.60 9.27
CA TYR A 2613 -89.77 56.98 10.28
C TYR A 2613 -89.63 57.86 11.52
N ILE A 2614 -90.63 58.69 11.81
CA ILE A 2614 -90.63 59.54 12.99
C ILE A 2614 -92.09 59.74 13.41
N ARG A 2615 -92.29 59.93 14.73
CA ARG A 2615 -93.58 60.09 15.39
C ARG A 2615 -94.22 61.43 15.04
N PRO A 2616 -95.55 61.47 14.88
CA PRO A 2616 -96.20 62.73 14.50
C PRO A 2616 -96.25 63.81 15.59
N SER A 2617 -95.66 63.59 16.76
CA SER A 2617 -95.64 64.64 17.78
C SER A 2617 -94.74 65.80 17.37
N MET A 2618 -93.64 65.49 16.69
CA MET A 2618 -92.69 66.52 16.24
C MET A 2618 -93.05 67.06 14.87
N LEU A 2619 -93.82 66.31 14.08
CA LEU A 2619 -94.31 66.76 12.79
C LEU A 2619 -95.50 67.69 12.88
N GLN A 2620 -96.11 67.84 14.06
CA GLN A 2620 -97.28 68.71 14.17
C GLN A 2620 -96.90 70.17 14.06
N HIS A 2621 -95.64 70.49 14.40
CA HIS A 2621 -95.15 71.86 14.30
C HIS A 2621 -94.88 72.25 12.86
N LEU A 2622 -94.54 71.28 12.00
CA LEU A 2622 -94.40 71.58 10.59
C LEU A 2622 -95.72 71.42 9.85
N LEU A 2623 -96.60 70.55 10.34
CA LEU A 2623 -97.98 70.58 9.83
C LEU A 2623 -98.69 71.87 10.25
N ARG A 2624 -98.21 72.48 11.34
CA ARG A 2624 -98.62 73.84 11.72
C ARG A 2624 -98.22 74.88 10.67
N ARG A 2625 -96.96 74.83 10.21
CA ARG A 2625 -96.45 75.92 9.40
C ARG A 2625 -96.93 75.83 7.95
N LEU A 2626 -97.11 74.61 7.42
CA LEU A 2626 -97.52 74.46 6.03
C LEU A 2626 -98.98 74.84 5.82
N VAL A 2627 -99.84 74.64 6.81
CA VAL A 2627 -101.28 74.83 6.58
C VAL A 2627 -101.65 76.30 6.57
N PHE A 2628 -100.69 77.17 6.91
CA PHE A 2628 -100.82 78.60 6.78
C PHE A 2628 -100.54 79.05 5.35
N ASP A 2629 -99.65 78.35 4.65
CA ASP A 2629 -99.10 78.86 3.41
C ASP A 2629 -99.40 78.04 2.17
N VAL A 2630 -99.39 76.71 2.23
CA VAL A 2630 -99.66 75.91 1.03
C VAL A 2630 -101.15 75.71 0.70
N PRO A 2631 -102.11 75.41 1.61
CA PRO A 2631 -103.46 75.11 1.12
C PRO A 2631 -104.30 76.34 0.78
N ILE A 2632 -103.79 77.55 1.03
CA ILE A 2632 -104.55 78.76 0.71
C ILE A 2632 -104.51 79.08 -0.77
N LEU A 2633 -103.62 78.45 -1.53
CA LEU A 2633 -103.46 78.67 -2.96
C LEU A 2633 -103.18 77.35 -3.66
N ASN A 2634 -103.73 77.21 -4.86
CA ASN A 2634 -103.53 75.97 -5.63
C ASN A 2634 -102.30 76.09 -6.53
N UNK A 2638 -92.49 73.22 -4.93
CA UNK A 2638 -92.75 74.07 -3.77
C UNK A 2638 -94.12 73.74 -3.16
N UNK A 2639 -95.12 73.58 -4.02
CA UNK A 2639 -96.47 73.27 -3.58
C UNK A 2639 -96.82 71.81 -3.83
N UNK A 2640 -96.17 71.22 -4.83
CA UNK A 2640 -96.42 69.83 -5.19
C UNK A 2640 -95.76 68.89 -4.18
N UNK A 2641 -94.57 69.26 -3.74
CA UNK A 2641 -93.83 68.46 -2.76
C UNK A 2641 -94.42 68.66 -1.36
N UNK A 2642 -95.04 69.81 -1.13
CA UNK A 2642 -95.64 70.13 0.15
C UNK A 2642 -96.97 69.39 0.32
N UNK A 2643 -97.70 69.23 -0.78
CA UNK A 2643 -98.98 68.53 -0.76
C UNK A 2643 -98.77 67.03 -0.69
N UNK A 2644 -97.65 66.56 -1.24
CA UNK A 2644 -97.32 65.14 -1.24
C UNK A 2644 -96.79 64.69 0.12
N UNK A 2645 -96.16 65.62 0.83
CA UNK A 2645 -95.66 65.35 2.17
C UNK A 2645 -96.81 65.38 3.18
N UNK A 2646 -97.82 66.19 2.87
CA UNK A 2646 -99.00 66.30 3.72
C UNK A 2646 -99.92 65.11 3.53
N UNK A 2647 -99.91 64.55 2.31
CA UNK A 2647 -100.73 63.39 2.00
C UNK A 2647 -100.10 62.13 2.59
N UNK A 2648 -98.78 62.12 2.67
CA UNK A 2648 -98.05 60.98 3.23
C UNK A 2648 -98.15 60.99 4.75
N UNK A 2649 -98.27 62.17 5.32
CA UNK A 2649 -98.39 62.31 6.78
C UNK A 2649 -99.81 61.99 7.22
N UNK A 2650 -100.78 62.25 6.36
CA UNK A 2650 -102.18 61.99 6.66
C UNK A 2650 -102.49 60.50 6.51
N UNK A 2651 -101.78 59.85 5.59
CA UNK A 2651 -101.95 58.41 5.37
C UNK A 2651 -101.24 57.63 6.48
N UNK A 2652 -100.23 58.26 7.07
CA UNK A 2652 -99.47 57.67 8.17
C UNK A 2652 -100.27 57.74 9.47
N UNK A 2653 -101.00 58.84 9.64
CA UNK A 2653 -101.77 59.06 10.85
C UNK A 2653 -103.09 58.32 10.82
N UNK A 2654 -103.51 57.91 9.62
CA UNK A 2654 -104.77 57.18 9.45
C UNK A 2654 -104.61 55.73 9.90
N UNK A 2655 -103.40 55.20 9.75
CA UNK A 2655 -103.12 53.82 10.14
C UNK A 2655 -102.95 53.71 11.65
N UNK A 2662 -106.30 71.19 18.28
CA UNK A 2662 -104.87 71.40 18.03
C UNK A 2662 -104.49 70.93 16.63
N UNK A 2663 -104.11 69.66 16.52
CA UNK A 2663 -103.73 69.09 15.24
C UNK A 2663 -104.96 68.77 14.39
N UNK A 2664 -106.07 68.51 15.05
CA UNK A 2664 -107.32 68.20 14.36
C UNK A 2664 -107.95 69.47 13.79
N UNK A 2665 -107.71 70.59 14.46
CA UNK A 2665 -108.23 71.88 14.01
C UNK A 2665 -107.42 72.40 12.84
N UNK A 2666 -106.13 72.06 12.82
CA UNK A 2666 -105.24 72.47 11.74
C UNK A 2666 -105.50 71.63 10.49
N UNK A 2667 -105.91 70.39 10.70
CA UNK A 2667 -106.22 69.48 9.60
C UNK A 2667 -107.58 69.81 9.00
N UNK A 2668 -108.48 70.33 9.83
CA UNK A 2668 -109.80 70.72 9.39
C UNK A 2668 -109.73 72.04 8.62
N UNK A 2669 -108.77 72.88 9.00
CA UNK A 2669 -108.53 74.14 8.31
C UNK A 2669 -107.81 73.89 7.00
N UNK A 2670 -107.11 72.77 6.91
CA UNK A 2670 -106.40 72.38 5.69
C UNK A 2670 -107.39 71.89 4.64
N UNK A 2671 -108.35 71.09 5.05
CA UNK A 2671 -109.35 70.53 4.14
C UNK A 2671 -110.35 71.60 3.70
N UNK A 2672 -110.55 72.61 4.53
CA UNK A 2672 -111.46 73.71 4.20
C UNK A 2672 -110.80 74.65 3.20
N UNK A 2673 -109.49 74.81 3.32
CA UNK A 2673 -108.74 75.68 2.43
C UNK A 2673 -108.49 75.01 1.08
N UNK A 2674 -108.38 73.68 1.10
CA UNK A 2674 -108.16 72.93 -0.12
C UNK A 2674 -109.44 72.81 -0.93
N UNK A 2675 -110.57 72.79 -0.25
CA UNK A 2675 -111.88 72.72 -0.91
C UNK A 2675 -112.27 74.08 -1.46
N UNK A 2676 -111.80 75.14 -0.82
CA UNK A 2676 -112.08 76.50 -1.26
C UNK A 2676 -111.22 76.87 -2.46
N UNK A 2677 -110.04 76.25 -2.54
CA UNK A 2677 -109.11 76.50 -3.64
C UNK A 2677 -109.54 75.70 -4.88
N UNK A 2678 -110.28 74.62 -4.66
CA UNK A 2678 -110.74 73.78 -5.75
C UNK A 2678 -111.92 74.43 -6.47
N UNK A 2686 -104.09 67.60 -13.68
CA UNK A 2686 -102.75 68.03 -13.33
C UNK A 2686 -102.63 68.25 -11.82
N UNK A 2687 -102.94 69.46 -11.38
CA UNK A 2687 -102.86 69.81 -9.96
C UNK A 2687 -104.19 69.52 -9.27
N UNK A 2688 -105.22 69.24 -10.06
CA UNK A 2688 -106.54 68.94 -9.53
C UNK A 2688 -106.59 67.52 -8.97
N UNK A 2689 -105.80 66.64 -9.55
CA UNK A 2689 -105.73 65.25 -9.09
C UNK A 2689 -104.92 65.15 -7.81
N UNK A 2690 -103.93 66.02 -7.67
CA UNK A 2690 -103.09 66.03 -6.48
C UNK A 2690 -103.82 66.69 -5.31
N UNK A 2691 -104.70 67.63 -5.63
CA UNK A 2691 -105.48 68.32 -4.61
C UNK A 2691 -106.62 67.43 -4.11
N UNK A 2692 -107.13 66.57 -4.99
CA UNK A 2692 -108.19 65.65 -4.64
C UNK A 2692 -107.65 64.49 -3.81
N UNK A 2693 -106.39 64.12 -4.07
CA UNK A 2693 -105.75 63.04 -3.35
C UNK A 2693 -105.33 63.51 -1.96
N UNK A 2694 -105.01 64.80 -1.85
CA UNK A 2694 -104.62 65.38 -0.57
C UNK A 2694 -105.83 65.61 0.32
N UNK A 2695 -106.97 65.88 -0.31
CA UNK A 2695 -108.22 66.11 0.41
C UNK A 2695 -108.81 64.79 0.89
N UNK A 2696 -108.57 63.74 0.13
CA UNK A 2696 -109.07 62.41 0.48
C UNK A 2696 -108.23 61.79 1.59
N UNK A 2697 -106.95 62.17 1.63
CA UNK A 2697 -106.04 61.67 2.65
C UNK A 2697 -106.27 62.38 3.98
N UNK A 2698 -106.59 63.67 3.90
CA UNK A 2698 -106.81 64.48 5.10
C UNK A 2698 -108.20 64.25 5.68
N UNK A 2699 -109.08 63.62 4.91
CA UNK A 2699 -110.43 63.32 5.37
C UNK A 2699 -110.43 62.14 6.34
N UNK A 2700 -109.40 61.29 6.23
CA UNK A 2700 -109.27 60.13 7.11
C UNK A 2700 -108.82 60.55 8.51
N GLU A 2741 -106.33 100.12 15.94
CA GLU A 2741 -105.96 101.44 16.44
C GLU A 2741 -106.00 101.50 17.96
N THR A 2742 -104.84 101.75 18.57
CA THR A 2742 -104.77 101.90 20.02
C THR A 2742 -104.17 103.23 20.46
N LEU A 2743 -103.24 103.81 19.69
CA LEU A 2743 -102.67 105.10 20.08
C LEU A 2743 -103.63 106.24 19.78
N ASN A 2744 -104.48 106.09 18.77
CA ASN A 2744 -105.48 107.10 18.42
C ASN A 2744 -106.85 106.77 19.00
N VAL A 2745 -106.89 106.11 20.15
CA VAL A 2745 -108.12 105.71 20.82
C VAL A 2745 -108.34 106.63 22.02
N ILE A 2746 -109.58 107.04 22.23
CA ILE A 2746 -109.91 107.88 23.38
C ILE A 2746 -110.11 107.01 24.60
N ILE A 2747 -109.70 107.53 25.75
CA ILE A 2747 -109.86 106.87 27.04
C ILE A 2747 -110.99 107.56 27.79
N PRO A 2748 -111.87 106.82 28.45
CA PRO A 2748 -112.98 107.45 29.18
C PRO A 2748 -112.53 107.89 30.57
N GLU A 2749 -113.51 108.38 31.34
CA GLU A 2749 -113.24 108.78 32.72
C GLU A 2749 -112.98 107.57 33.61
N LYS A 2750 -113.58 106.42 33.27
CA LYS A 2750 -113.30 105.19 34.01
C LYS A 2750 -112.02 104.50 33.55
N LEU A 2751 -111.50 104.87 32.37
CA LEU A 2751 -110.28 104.25 31.88
C LEU A 2751 -109.04 104.79 32.59
N ASP A 2752 -109.11 106.02 33.09
CA ASP A 2752 -107.98 106.59 33.80
C ASP A 2752 -107.81 105.93 35.17
N SER A 2753 -108.92 105.53 35.80
CA SER A 2753 -108.85 104.78 37.04
C SER A 2753 -108.62 103.29 36.81
N PHE A 2754 -108.95 102.79 35.62
CA PHE A 2754 -108.72 101.38 35.34
C PHE A 2754 -107.25 101.10 35.00
N ILE A 2755 -106.51 102.11 34.52
CA ILE A 2755 -105.12 101.88 34.14
C ILE A 2755 -104.24 101.73 35.37
N ASN A 2756 -104.54 102.46 36.44
CA ASN A 2756 -103.76 102.36 37.67
C ASN A 2756 -104.20 101.21 38.56
N LYS A 2757 -105.49 100.84 38.48
CA LYS A 2757 -105.97 99.72 39.27
C LYS A 2757 -105.51 98.39 38.69
N PHE A 2758 -105.34 98.31 37.37
CA PHE A 2758 -104.80 97.11 36.75
C PHE A 2758 -103.30 97.00 36.99
N ALA A 2759 -102.61 98.12 37.09
CA ALA A 2759 -101.18 98.10 37.40
C ALA A 2759 -100.95 97.79 38.88
N GLU A 2760 -101.90 98.17 39.74
CA GLU A 2760 -101.78 97.87 41.16
C GLU A 2760 -102.07 96.40 41.44
N TYR A 2761 -103.04 95.83 40.71
CA TYR A 2761 -103.37 94.42 40.88
C TYR A 2761 -102.30 93.53 40.26
N THR A 2762 -101.61 94.01 39.23
CA THR A 2762 -100.53 93.22 38.65
C THR A 2762 -99.30 93.23 39.54
N HIS A 2763 -99.07 94.33 40.26
CA HIS A 2763 -97.98 94.37 41.22
C HIS A 2763 -98.33 93.57 42.48
N GLU A 2764 -99.61 93.50 42.83
CA GLU A 2764 -100.01 92.80 44.04
C GLU A 2764 -99.96 91.28 43.85
N LYS A 2765 -100.28 90.81 42.64
CA LYS A 2765 -100.18 89.38 42.37
C LYS A 2765 -98.73 88.95 42.17
N TRP A 2766 -97.91 89.84 41.63
CA TRP A 2766 -96.50 89.52 41.41
C TRP A 2766 -95.73 89.51 42.73
N ALA A 2767 -96.11 90.38 43.67
CA ALA A 2767 -95.52 90.35 45.00
C ALA A 2767 -96.03 89.16 45.79
N PHE A 2768 -97.26 88.72 45.51
CA PHE A 2768 -97.77 87.51 46.14
C PHE A 2768 -97.13 86.26 45.55
N ASP A 2769 -96.76 86.30 44.27
CA ASP A 2769 -96.08 85.16 43.65
C ASP A 2769 -94.62 85.08 44.06
N LYS A 2770 -93.99 86.22 44.37
CA LYS A 2770 -92.58 86.22 44.75
C LYS A 2770 -92.37 86.02 46.24
N ILE A 2771 -93.40 86.18 47.06
CA ILE A 2771 -93.22 86.05 48.51
C ILE A 2771 -93.05 84.59 48.91
N GLN A 2772 -93.65 83.67 48.14
CA GLN A 2772 -93.49 82.25 48.40
C GLN A 2772 -92.16 81.71 47.89
N ASN A 2773 -91.46 82.45 47.03
CA ASN A 2773 -90.20 82.00 46.46
C ASN A 2773 -89.00 82.52 47.25
N ASN A 2774 -89.22 83.02 48.46
CA ASN A 2774 -88.19 83.54 49.39
C ASN A 2774 -87.38 84.67 48.74
N TRP A 2775 -88.09 85.70 48.33
CA TRP A 2775 -87.49 86.86 47.69
C TRP A 2775 -87.21 87.91 48.78
N SER A 2776 -85.93 88.19 49.00
CA SER A 2776 -85.53 89.14 50.02
C SER A 2776 -85.68 90.57 49.51
N TYR A 2777 -85.41 91.53 50.39
CA TYR A 2777 -85.54 92.95 50.07
C TYR A 2777 -84.19 93.51 49.65
N GLY A 2778 -84.16 94.18 48.50
CA GLY A 2778 -82.93 94.76 48.00
C GLY A 2778 -83.19 96.11 47.36
N GLU A 2779 -82.12 96.89 47.20
CA GLU A 2779 -82.22 98.20 46.57
C GLU A 2779 -82.24 98.08 45.05
N ASN A 2780 -81.46 97.17 44.50
CA ASN A 2780 -81.45 96.91 43.06
C ASN A 2780 -81.76 95.44 42.81
N VAL A 2781 -82.21 95.16 41.58
CA VAL A 2781 -82.62 93.80 41.23
C VAL A 2781 -81.40 92.92 41.02
N ASP A 2782 -81.36 91.79 41.73
CA ASP A 2782 -80.34 90.77 41.55
C ASP A 2782 -81.00 89.41 41.41
N GLU A 2783 -80.50 88.61 40.47
CA GLU A 2783 -81.06 87.28 40.24
C GLU A 2783 -80.57 86.29 41.28
N GLU A 2784 -79.40 86.55 41.87
CA GLU A 2784 -78.82 85.62 42.85
C GLU A 2784 -79.46 85.79 44.22
N LEU A 2785 -79.72 87.03 44.63
CA LEU A 2785 -80.35 87.31 45.92
C LEU A 2785 -81.86 87.37 45.86
N LYS A 2786 -82.46 87.28 44.65
CA LYS A 2786 -83.91 87.39 44.42
C LYS A 2786 -84.47 88.70 44.96
N THR A 2787 -83.76 89.79 44.70
CA THR A 2787 -84.14 91.09 45.24
C THR A 2787 -85.20 91.76 44.38
N HIS A 2788 -86.16 92.41 45.04
CA HIS A 2788 -87.21 93.16 44.37
C HIS A 2788 -87.34 94.49 45.09
N PRO A 2789 -87.11 95.63 44.41
CA PRO A 2789 -87.22 96.92 45.09
C PRO A 2789 -88.57 97.60 44.96
N MET A 2790 -89.45 97.10 44.10
CA MET A 2790 -90.77 97.70 43.87
C MET A 2790 -91.86 97.04 44.68
N LEU A 2791 -91.53 96.51 45.86
CA LEU A 2791 -92.49 95.84 46.73
C LEU A 2791 -93.20 96.89 47.59
N ARG A 2792 -94.16 97.56 46.96
CA ARG A 2792 -94.90 98.64 47.60
C ARG A 2792 -96.21 98.82 46.86
N PRO A 2793 -97.10 99.67 47.37
CA PRO A 2793 -98.35 99.93 46.65
C PRO A 2793 -98.14 100.87 45.49
N TYR A 2794 -99.10 100.86 44.57
CA TYR A 2794 -99.02 101.72 43.39
C TYR A 2794 -99.35 103.18 43.70
N LYS A 2795 -100.00 103.45 44.84
CA LYS A 2795 -100.30 104.83 45.23
C LYS A 2795 -99.13 105.50 45.94
N THR A 2796 -98.05 104.77 46.24
CA THR A 2796 -96.87 105.36 46.86
C THR A 2796 -95.68 105.43 45.91
N PHE A 2797 -95.86 105.08 44.64
CA PHE A 2797 -94.81 105.22 43.65
C PHE A 2797 -94.86 106.61 43.00
N SER A 2798 -93.79 106.96 42.32
CA SER A 2798 -93.65 108.22 41.60
C SER A 2798 -93.74 107.98 40.10
N GLU A 2799 -93.47 109.05 39.34
CA GLU A 2799 -93.54 108.98 37.89
C GLU A 2799 -92.38 108.17 37.30
N LYS A 2800 -91.27 108.07 38.02
CA LYS A 2800 -90.13 107.27 37.56
C LYS A 2800 -90.28 105.79 37.87
N ASP A 2801 -91.24 105.40 38.71
CA ASP A 2801 -91.46 104.00 39.05
C ASP A 2801 -92.69 103.41 38.37
N LYS A 2802 -93.52 104.21 37.72
CA LYS A 2802 -94.75 103.74 37.11
C LYS A 2802 -94.70 103.72 35.59
N GLU A 2803 -93.57 104.08 34.99
CA GLU A 2803 -93.48 104.15 33.53
C GLU A 2803 -93.40 102.77 32.90
N ILE A 2804 -92.99 101.76 33.66
CA ILE A 2804 -92.96 100.39 33.15
C ILE A 2804 -94.34 99.74 33.14
N TYR A 2805 -95.33 100.33 33.81
CA TYR A 2805 -96.69 99.79 33.78
C TYR A 2805 -97.71 100.83 33.37
N ARG A 2806 -97.28 101.90 32.68
CA ARG A 2806 -98.22 102.89 32.19
C ARG A 2806 -98.75 102.54 30.80
N TRP A 2807 -97.85 102.42 29.83
CA TRP A 2807 -98.24 102.15 28.45
C TRP A 2807 -98.69 100.70 28.30
N PRO A 2808 -98.17 99.78 29.10
CA PRO A 2808 -98.58 98.37 28.96
C PRO A 2808 -99.98 98.11 29.49
N ILE A 2809 -100.46 98.92 30.42
CA ILE A 2809 -101.83 98.76 30.92
C ILE A 2809 -102.82 99.65 30.19
N LYS A 2810 -102.35 100.65 29.44
CA LYS A 2810 -103.24 101.56 28.73
C LYS A 2810 -103.47 101.15 27.28
N GLU A 2811 -102.52 100.44 26.67
CA GLU A 2811 -102.71 99.98 25.30
C GLU A 2811 -103.67 98.79 25.25
N SER A 2812 -103.73 98.01 26.32
CA SER A 2812 -104.65 96.87 26.35
C SER A 2812 -106.10 97.34 26.50
N LEU A 2813 -106.31 98.42 27.25
CA LEU A 2813 -107.66 98.96 27.37
C LEU A 2813 -108.05 99.75 26.13
N LYS A 2814 -107.07 100.35 25.45
CA LYS A 2814 -107.38 101.11 24.23
C LYS A 2814 -107.69 100.18 23.07
N ALA A 2815 -107.05 99.00 23.03
CA ALA A 2815 -107.42 97.99 22.06
C ALA A 2815 -108.76 97.36 22.40
N MET A 2816 -109.11 97.32 23.69
CA MET A 2816 -110.41 96.78 24.09
C MET A 2816 -111.52 97.78 23.81
N ILE A 2817 -111.22 99.08 23.90
CA ILE A 2817 -112.24 100.09 23.59
C ILE A 2817 -112.45 100.19 22.09
N ALA A 2818 -111.41 99.91 21.30
CA ALA A 2818 -111.55 99.96 19.85
C ALA A 2818 -112.30 98.75 19.32
N TRP A 2819 -112.17 97.60 19.99
CA TRP A 2819 -112.90 96.41 19.54
C TRP A 2819 -114.37 96.49 19.91
N GLU A 2820 -114.67 96.97 21.13
CA GLU A 2820 -116.05 97.17 21.57
C GLU A 2820 -116.10 98.40 22.46
N TRP A 2821 -116.80 99.44 22.01
CA TRP A 2821 -116.84 100.72 22.71
C TRP A 2821 -117.87 100.66 23.85
N THR A 2822 -117.47 99.97 24.92
CA THR A 2822 -118.25 99.86 26.16
C THR A 2822 -117.30 100.06 27.33
N ILE A 2823 -117.13 101.30 27.78
CA ILE A 2823 -116.23 101.64 28.89
C ILE A 2823 -117.05 102.42 29.90
N GLU A 2824 -117.68 101.71 30.85
CA GLU A 2824 -118.45 102.35 31.91
C GLU A 2824 -118.55 101.38 33.08
N LYS A 2825 -118.88 101.92 34.25
CA LYS A 2825 -118.99 101.15 35.48
C LYS A 2825 -120.45 100.86 35.76
N ALA A 2826 -120.80 99.57 35.82
CA ALA A 2826 -122.18 99.16 36.05
C ALA A 2826 -122.31 98.25 37.27
N ARG A 2827 -121.27 98.13 38.10
CA ARG A 2827 -121.30 97.27 39.26
C ARG A 2827 -120.40 97.85 40.34
N GLU A 2828 -120.39 97.18 41.50
CA GLU A 2828 -119.59 97.63 42.62
C GLU A 2828 -118.12 97.27 42.42
N GLY A 2829 -117.26 97.85 43.26
CA GLY A 2829 -115.85 97.53 43.19
C GLY A 2829 -115.53 96.19 43.83
N GLU A 2830 -114.54 95.51 43.27
CA GLU A 2830 -114.16 94.19 43.76
C GLU A 2830 -112.68 93.91 43.54
N TYR A 2855 -93.19 94.07 51.90
CA TYR A 2855 -94.62 94.17 51.62
C TYR A 2855 -95.28 92.80 51.55
N ASN A 2856 -96.52 92.73 52.04
CA ASN A 2856 -97.33 91.52 52.02
C ASN A 2856 -98.64 91.84 51.31
N PRO A 2857 -98.61 91.99 49.99
CA PRO A 2857 -99.84 92.33 49.25
C PRO A 2857 -100.65 91.08 48.95
N GLN A 2858 -101.84 91.01 49.55
CA GLN A 2858 -102.73 89.86 49.37
C GLN A 2858 -103.76 90.21 48.30
N PRO A 2859 -103.74 89.56 47.15
CA PRO A 2859 -104.73 89.87 46.11
C PRO A 2859 -106.07 89.23 46.43
N PRO A 2860 -107.17 89.84 46.00
CA PRO A 2860 -108.49 89.26 46.27
C PRO A 2860 -108.78 88.08 45.37
N ASP A 2861 -109.81 87.32 45.74
CA ASP A 2861 -110.22 86.13 45.00
C ASP A 2861 -110.96 86.55 43.75
N LEU A 2862 -110.22 86.60 42.64
CA LEU A 2862 -110.76 87.01 41.34
C LEU A 2862 -111.48 85.87 40.62
N SER A 2863 -111.43 84.64 41.16
CA SER A 2863 -112.10 83.50 40.57
C SER A 2863 -113.45 83.23 41.23
N GLY A 2864 -114.15 84.28 41.66
CA GLY A 2864 -115.45 84.06 42.30
C GLY A 2864 -116.55 83.76 41.31
N VAL A 2865 -116.74 84.65 40.34
CA VAL A 2865 -117.75 84.47 39.31
C VAL A 2865 -117.08 83.85 38.09
N THR A 2866 -117.69 82.79 37.56
CA THR A 2866 -117.11 82.09 36.42
C THR A 2866 -117.40 82.83 35.12
N LEU A 2867 -116.69 82.43 34.07
CA LEU A 2867 -116.86 83.04 32.76
C LEU A 2867 -118.13 82.52 32.10
N SER A 2868 -119.00 83.44 31.68
CA SER A 2868 -120.28 83.10 31.10
C SER A 2868 -120.14 82.94 29.58
N ARG A 2869 -121.27 82.95 28.86
CA ARG A 2869 -121.25 82.80 27.41
C ARG A 2869 -120.66 84.02 26.72
N GLU A 2870 -120.70 85.19 27.35
CA GLU A 2870 -120.14 86.40 26.76
C GLU A 2870 -118.69 86.63 27.17
N LEU A 2871 -118.32 86.24 28.40
CA LEU A 2871 -116.98 86.51 28.88
C LEU A 2871 -115.96 85.54 28.31
N GLN A 2872 -116.41 84.34 27.94
CA GLN A 2872 -115.51 83.34 27.38
C GLN A 2872 -115.08 83.70 25.97
N ALA A 2873 -115.96 84.36 25.21
CA ALA A 2873 -115.60 84.87 23.90
C ALA A 2873 -114.90 86.22 23.98
N MET A 2874 -115.11 86.97 25.07
CA MET A 2874 -114.41 88.24 25.24
C MET A 2874 -112.97 88.02 25.69
N ALA A 2875 -112.69 86.92 26.40
CA ALA A 2875 -111.34 86.64 26.85
C ALA A 2875 -110.46 86.16 25.69
N GLU A 2876 -111.05 85.37 24.77
CA GLU A 2876 -110.28 84.85 23.65
C GLU A 2876 -110.04 85.93 22.60
N GLN A 2877 -110.98 86.87 22.47
CA GLN A 2877 -110.84 87.95 21.50
C GLN A 2877 -109.79 88.97 21.96
N LEU A 2878 -109.71 89.20 23.27
CA LEU A 2878 -108.67 90.05 23.83
C LEU A 2878 -107.31 89.36 23.79
N ALA A 2879 -107.31 88.02 23.87
CA ALA A 2879 -106.05 87.28 23.77
C ALA A 2879 -105.53 87.27 22.35
N GLU A 2880 -106.44 87.21 21.37
CA GLU A 2880 -106.02 87.22 19.97
C GLU A 2880 -105.59 88.62 19.53
N ASN A 2881 -106.21 89.66 20.11
CA ASN A 2881 -105.86 91.03 19.76
C ASN A 2881 -104.52 91.43 20.36
N TYR A 2882 -104.21 90.91 21.55
CA TYR A 2882 -102.93 91.18 22.18
C TYR A 2882 -101.81 90.43 21.46
N HIS A 2883 -102.13 89.24 20.94
CA HIS A 2883 -101.17 88.50 20.12
C HIS A 2883 -100.99 89.14 18.76
N ASN A 2884 -102.03 89.81 18.25
CA ASN A 2884 -101.92 90.50 16.96
C ASN A 2884 -101.13 91.79 17.10
N THR A 2885 -101.23 92.45 18.26
CA THR A 2885 -100.43 93.65 18.49
C THR A 2885 -98.98 93.29 18.77
N TRP A 2886 -98.75 92.16 19.44
CA TRP A 2886 -97.38 91.74 19.71
C TRP A 2886 -96.70 91.19 18.46
N GLY A 2887 -97.48 90.60 17.55
CA GLY A 2887 -96.91 90.14 16.29
C GLY A 2887 -96.60 91.29 15.36
N ARG A 2888 -97.42 92.34 15.41
CA ARG A 2888 -97.10 93.55 14.65
C ARG A 2888 -95.93 94.31 15.27
N LYS A 2889 -95.78 94.23 16.59
CA LYS A 2889 -94.63 94.86 17.23
C LYS A 2889 -93.35 94.08 16.96
N LYS A 2890 -93.46 92.76 16.76
CA LYS A 2890 -92.29 91.99 16.37
C LYS A 2890 -91.98 92.18 14.89
N LYS A 2891 -92.99 92.45 14.07
CA LYS A 2891 -92.75 92.67 12.65
C LYS A 2891 -92.15 94.04 12.38
N GLN A 2892 -92.55 95.04 13.16
CA GLN A 2892 -91.98 96.37 13.03
C GLN A 2892 -90.56 96.43 13.59
N GLU A 2893 -90.26 95.58 14.58
CA GLU A 2893 -88.90 95.54 15.12
C GLU A 2893 -87.97 94.75 14.22
N LEU A 2894 -88.51 93.78 13.46
CA LEU A 2894 -87.67 93.01 12.56
C LEU A 2894 -87.33 93.78 11.30
N GLU A 2895 -88.24 94.64 10.84
CA GLU A 2895 -87.98 95.40 9.61
C GLU A 2895 -87.01 96.55 9.86
N ALA A 2896 -87.04 97.13 11.06
CA ALA A 2896 -86.19 98.27 11.39
C ALA A 2896 -84.84 97.79 11.94
N LEU A 2905 -94.07 85.39 15.10
CA LEU A 2905 -94.83 85.39 13.85
C LEU A 2905 -95.77 84.20 13.79
N VAL A 2906 -96.44 83.92 14.90
CA VAL A 2906 -97.35 82.80 15.04
C VAL A 2906 -98.75 83.36 15.29
N PRO A 2907 -99.80 82.79 14.69
CA PRO A 2907 -101.15 83.22 15.04
C PRO A 2907 -101.62 82.60 16.33
N TYR A 2908 -102.62 83.23 16.94
CA TYR A 2908 -103.15 82.77 18.22
C TYR A 2908 -104.02 81.54 18.05
N ASP A 2909 -104.64 81.38 16.88
CA ASP A 2909 -105.51 80.23 16.65
C ASP A 2909 -104.70 78.96 16.43
N THR A 2910 -103.55 79.06 15.76
CA THR A 2910 -102.71 77.92 15.44
C THR A 2910 -101.48 77.83 16.33
N LEU A 2911 -101.50 78.47 17.50
CA LEU A 2911 -100.37 78.41 18.40
C LEU A 2911 -100.32 77.07 19.11
N THR A 2912 -99.14 76.72 19.62
CA THR A 2912 -98.92 75.44 20.27
C THR A 2912 -99.54 75.42 21.66
N ALA A 2913 -99.72 74.21 22.21
CA ALA A 2913 -100.39 74.06 23.49
C ALA A 2913 -99.52 74.57 24.64
N LYS A 2914 -98.19 74.47 24.49
CA LYS A 2914 -97.29 74.94 25.53
C LYS A 2914 -97.22 76.46 25.54
N GLU A 2915 -97.33 77.10 24.38
CA GLU A 2915 -97.30 78.56 24.32
C GLU A 2915 -98.65 79.15 24.66
N LYS A 2916 -99.74 78.45 24.34
CA LYS A 2916 -101.07 78.98 24.63
C LYS A 2916 -101.46 78.81 26.09
N ALA A 2917 -100.77 77.92 26.82
CA ALA A 2917 -101.06 77.75 28.23
C ALA A 2917 -100.56 78.93 29.05
N ARG A 2918 -99.44 79.53 28.64
CA ARG A 2918 -98.89 80.67 29.36
C ARG A 2918 -99.38 82.01 28.84
N ASP A 2919 -99.75 82.09 27.56
CA ASP A 2919 -100.21 83.35 27.00
C ASP A 2919 -101.64 83.66 27.38
N ARG A 2920 -102.44 82.63 27.67
CA ARG A 2920 -103.80 82.84 28.14
C ARG A 2920 -103.86 83.23 29.61
N GLU A 2921 -102.75 83.08 30.33
CA GLU A 2921 -102.71 83.50 31.73
C GLU A 2921 -102.70 85.01 31.85
N LYS A 2922 -102.13 85.71 30.86
CA LYS A 2922 -102.19 87.17 30.86
C LYS A 2922 -103.57 87.67 30.47
N ALA A 2923 -104.28 86.92 29.62
CA ALA A 2923 -105.63 87.32 29.23
C ALA A 2923 -106.64 87.01 30.32
N GLN A 2924 -106.42 85.95 31.09
CA GLN A 2924 -107.37 85.58 32.14
C GLN A 2924 -107.27 86.51 33.34
N GLU A 2925 -106.06 87.01 33.63
CA GLU A 2925 -105.89 87.94 34.75
C GLU A 2925 -106.38 89.33 34.39
N LEU A 2926 -106.25 89.72 33.12
CA LEU A 2926 -106.70 91.03 32.68
C LEU A 2926 -108.22 91.09 32.61
N LEU A 2927 -108.85 89.97 32.24
CA LEU A 2927 -110.31 89.90 32.27
C LEU A 2927 -110.83 89.81 33.69
N LYS A 2928 -110.04 89.23 34.60
CA LYS A 2928 -110.41 89.22 36.01
C LYS A 2928 -110.19 90.59 36.65
N PHE A 2929 -109.24 91.37 36.14
CA PHE A 2929 -109.06 92.72 36.64
C PHE A 2929 -110.11 93.67 36.08
N LEU A 2930 -110.54 93.44 34.84
CA LEU A 2930 -111.56 94.30 34.25
C LEU A 2930 -112.95 93.97 34.78
N GLN A 2931 -113.17 92.75 35.28
CA GLN A 2931 -114.48 92.37 35.79
C GLN A 2931 -114.81 93.08 37.10
N MET A 2932 -113.80 93.45 37.87
CA MET A 2932 -114.02 94.28 39.04
C MET A 2932 -114.24 95.73 38.61
N ASN A 2933 -114.76 96.52 39.55
CA ASN A 2933 -115.07 97.95 39.42
C ASN A 2933 -116.08 98.26 38.32
N GLY A 2934 -116.90 97.29 37.92
CA GLY A 2934 -117.98 97.51 36.97
C GLY A 2934 -117.59 97.67 35.52
N TYR A 2935 -116.30 97.53 35.19
CA TYR A 2935 -115.85 97.74 33.81
C TYR A 2935 -115.89 96.46 32.98
N ALA A 2936 -117.06 95.81 32.97
CA ALA A 2936 -117.25 94.55 32.25
C ALA A 2936 -117.57 94.88 30.80
N VAL A 2937 -116.57 94.82 29.93
CA VAL A 2937 -116.78 95.07 28.50
C VAL A 2937 -117.39 93.84 27.87
N THR A 2938 -118.64 93.98 27.39
CA THR A 2938 -119.38 92.88 26.80
C THR A 2938 -119.89 93.33 25.43
N ARG A 2939 -119.45 92.63 24.39
CA ARG A 2939 -119.85 92.95 23.03
C ARG A 2939 -121.30 92.53 22.76
N UNK A 2951 -117.12 69.00 14.05
CA UNK A 2951 -116.46 69.18 12.77
C UNK A 2951 -117.06 68.26 11.72
N UNK A 2952 -118.09 67.51 12.09
CA UNK A 2952 -118.74 66.59 11.19
C UNK A 2952 -120.05 67.17 10.67
N UNK A 2953 -120.65 68.07 11.45
CA UNK A 2953 -121.91 68.70 11.07
C UNK A 2953 -121.67 69.77 10.00
N UNK A 2954 -120.54 70.46 10.09
CA UNK A 2954 -120.19 71.49 9.13
C UNK A 2954 -119.71 70.87 7.82
N UNK A 2955 -119.12 69.68 7.92
CA UNK A 2955 -118.64 68.97 6.75
C UNK A 2955 -119.79 68.34 5.98
N UNK A 2956 -120.83 67.95 6.71
CA UNK A 2956 -122.02 67.35 6.10
C UNK A 2956 -122.88 68.42 5.45
N UNK A 2957 -122.85 69.62 6.01
CA UNK A 2957 -123.61 70.75 5.47
C UNK A 2957 -122.94 71.29 4.21
N UNK A 2958 -121.62 71.20 4.17
CA UNK A 2958 -120.85 71.65 3.01
C UNK A 2958 -120.96 70.63 1.88
N UNK A 2959 -121.12 69.36 2.23
CA UNK A 2959 -121.26 68.29 1.25
C UNK A 2959 -122.66 68.31 0.65
N UNK A 2960 -123.64 68.73 1.45
CA UNK A 2960 -125.02 68.82 1.00
C UNK A 2960 -125.22 70.02 0.10
N UNK A 2961 -124.44 71.07 0.35
CA UNK A 2961 -124.51 72.29 -0.46
C UNK A 2961 -123.78 72.07 -1.78
N UNK A 2962 -122.76 71.22 -1.75
CA UNK A 2962 -122.00 70.91 -2.96
C UNK A 2962 -122.78 69.94 -3.84
N UNK A 2963 -123.59 69.10 -3.21
CA UNK A 2963 -124.41 68.14 -3.95
C UNK A 2963 -125.61 68.83 -4.58
N UNK A 2964 -126.08 69.90 -3.92
CA UNK A 2964 -127.20 70.67 -4.43
C UNK A 2964 -126.76 71.56 -5.59
N UNK A 2965 -125.50 71.98 -5.55
CA UNK A 2965 -124.93 72.81 -6.61
C UNK A 2965 -124.59 71.95 -7.82
N UNK A 2966 -124.24 70.70 -7.57
CA UNK A 2966 -123.91 69.75 -8.64
C UNK A 2966 -125.18 69.26 -9.32
N UNK A 2967 -126.27 69.19 -8.57
CA UNK A 2967 -127.55 68.76 -9.11
C UNK A 2967 -128.17 69.88 -9.94
N UNK A 2968 -127.89 71.13 -9.55
CA UNK A 2968 -128.40 72.29 -10.28
C UNK A 2968 -127.60 72.49 -11.57
N UNK A 2969 -126.33 72.10 -11.54
CA UNK A 2969 -125.47 72.21 -12.70
C UNK A 2969 -125.76 71.10 -13.70
N UNK A 2970 -126.19 69.95 -13.19
CA UNK A 2970 -126.54 68.81 -14.04
C UNK A 2970 -127.90 69.04 -14.69
N UNK A 2971 -128.77 69.75 -13.99
CA UNK A 2971 -130.10 70.05 -14.50
C UNK A 2971 -130.02 71.14 -15.57
N UNK A 2972 -129.04 72.03 -15.43
CA UNK A 2972 -128.83 73.10 -16.39
C UNK A 2972 -128.14 72.57 -17.64
N UNK A 2973 -127.35 71.51 -17.47
CA UNK A 2973 -126.65 70.89 -18.58
C UNK A 2973 -127.59 69.99 -19.37
N UNK A 2974 -128.57 69.43 -18.69
CA UNK A 2974 -129.55 68.56 -19.33
C UNK A 2974 -130.62 69.36 -20.05
N UNK A 2975 -130.77 70.62 -19.63
CA UNK A 2975 -131.75 71.51 -20.25
C UNK A 2975 -131.23 72.05 -21.58
N UNK A 2976 -129.91 72.11 -21.71
CA UNK A 2976 -129.29 72.58 -22.94
C UNK A 2976 -129.21 71.47 -23.98
N UNK A 2996 -115.66 73.97 -15.45
CA UNK A 2996 -114.84 74.02 -14.25
C UNK A 2996 -115.60 73.49 -13.03
N UNK A 2997 -116.92 73.34 -13.19
CA UNK A 2997 -117.77 72.85 -12.12
C UNK A 2997 -117.85 71.33 -12.15
N UNK A 2998 -117.48 70.75 -13.29
CA UNK A 2998 -117.52 69.29 -13.46
C UNK A 2998 -116.35 68.64 -12.72
N UNK A 2999 -115.22 69.34 -12.68
CA UNK A 2999 -114.03 68.83 -12.00
C UNK A 2999 -114.18 68.96 -10.49
N UNK A 3000 -114.93 69.97 -10.06
CA UNK A 3000 -115.16 70.20 -8.63
C UNK A 3000 -116.20 69.21 -8.10
N UNK A 3001 -117.14 68.82 -8.97
CA UNK A 3001 -118.17 67.86 -8.59
C UNK A 3001 -117.61 66.44 -8.55
N UNK A 3002 -116.61 66.19 -9.40
CA UNK A 3002 -115.96 64.88 -9.45
C UNK A 3002 -115.02 64.72 -8.26
N UNK A 3003 -114.45 65.82 -7.81
CA UNK A 3003 -113.54 65.81 -6.67
C UNK A 3003 -114.32 65.69 -5.37
N UNK A 3004 -115.54 66.23 -5.37
CA UNK A 3004 -116.41 66.17 -4.20
C UNK A 3004 -117.03 64.77 -4.07
N UNK A 3005 -117.25 64.12 -5.21
CA UNK A 3005 -117.82 62.78 -5.22
C UNK A 3005 -116.75 61.76 -4.83
N UNK A 3006 -115.50 62.05 -5.16
CA UNK A 3006 -114.39 61.17 -4.82
C UNK A 3006 -114.04 61.30 -3.34
N UNK A 3007 -114.25 62.50 -2.80
CA UNK A 3007 -114.00 62.74 -1.38
C UNK A 3007 -115.09 62.14 -0.52
N UNK A 3008 -116.31 62.10 -1.07
CA UNK A 3008 -117.44 61.53 -0.35
C UNK A 3008 -117.38 60.01 -0.37
N UNK A 3009 -116.80 59.46 -1.44
CA UNK A 3009 -116.64 58.02 -1.57
C UNK A 3009 -115.50 57.52 -0.69
N UNK A 3010 -114.50 58.38 -0.49
CA UNK A 3010 -113.36 58.03 0.34
C UNK A 3010 -113.73 58.15 1.82
N UNK A 3011 -114.66 59.04 2.13
CA UNK A 3011 -115.12 59.24 3.50
C UNK A 3011 -116.08 58.12 3.89
N UNK A 3012 -116.81 57.61 2.91
CA UNK A 3012 -117.77 56.52 3.16
C UNK A 3012 -117.04 55.19 3.30
N UNK A 3013 -115.90 55.07 2.62
CA UNK A 3013 -115.10 53.85 2.68
C UNK A 3013 -114.29 53.81 3.97
N UNK A 3014 -113.99 54.98 4.53
CA UNK A 3014 -113.24 55.09 5.76
C UNK A 3014 -114.17 55.03 6.97
N UNK A 3015 -115.46 55.18 6.72
CA UNK A 3015 -116.46 55.15 7.78
C UNK A 3015 -116.73 53.70 8.22
N UNK A 3025 -129.36 63.71 14.17
CA UNK A 3025 -128.64 64.92 13.80
C UNK A 3025 -127.77 64.68 12.58
N UNK A 3026 -126.70 63.92 12.77
CA UNK A 3026 -125.78 63.61 11.68
C UNK A 3026 -126.34 62.50 10.79
N UNK A 3027 -127.21 61.68 11.36
CA UNK A 3027 -127.82 60.58 10.63
C UNK A 3027 -128.91 61.10 9.68
N UNK A 3028 -129.57 62.18 10.10
CA UNK A 3028 -130.61 62.79 9.29
C UNK A 3028 -130.01 63.59 8.14
N UNK A 3029 -128.82 64.13 8.37
CA UNK A 3029 -128.12 64.90 7.35
C UNK A 3029 -127.50 63.98 6.31
N UNK A 3030 -127.11 62.78 6.75
CA UNK A 3030 -126.51 61.79 5.86
C UNK A 3030 -127.60 61.14 5.01
N UNK A 3031 -128.80 61.02 5.56
CA UNK A 3031 -129.93 60.44 4.85
C UNK A 3031 -130.48 61.42 3.83
N UNK A 3032 -130.37 62.71 4.14
CA UNK A 3032 -130.83 63.76 3.23
C UNK A 3032 -129.85 63.95 2.08
N UNK A 3033 -128.58 63.70 2.36
CA UNK A 3033 -127.54 63.81 1.34
C UNK A 3033 -127.57 62.62 0.41
N UNK A 3034 -127.99 61.47 0.94
CA UNK A 3034 -128.10 60.26 0.14
C UNK A 3034 -129.34 60.29 -0.74
N UNK A 3035 -130.37 60.98 -0.26
CA UNK A 3035 -131.61 61.13 -1.01
C UNK A 3035 -131.45 62.15 -2.11
N UNK A 3036 -130.60 63.15 -1.87
CA UNK A 3036 -130.33 64.18 -2.86
C UNK A 3036 -129.40 63.66 -3.95
N UNK A 3037 -128.54 62.71 -3.58
CA UNK A 3037 -127.62 62.11 -4.54
C UNK A 3037 -128.35 61.10 -5.41
N UNK A 3038 -129.37 60.47 -4.85
CA UNK A 3038 -130.17 59.49 -5.58
C UNK A 3038 -131.13 60.20 -6.54
N UNK A 3039 -131.55 61.40 -6.17
CA UNK A 3039 -132.46 62.19 -6.99
C UNK A 3039 -131.69 62.84 -8.15
N UNK A 3040 -130.42 63.15 -7.91
CA UNK A 3040 -129.58 63.76 -8.93
C UNK A 3040 -129.10 62.71 -9.94
N UNK A 3041 -129.01 61.46 -9.49
CA UNK A 3041 -128.58 60.37 -10.35
C UNK A 3041 -129.74 59.89 -11.23
N UNK A 3042 -130.96 60.14 -10.77
CA UNK A 3042 -132.15 59.73 -11.51
C UNK A 3042 -132.42 60.69 -12.66
N UNK A 3049 -120.35 56.26 -13.73
CA UNK A 3049 -119.43 55.25 -13.23
C UNK A 3049 -119.06 55.52 -11.78
N UNK A 3050 -118.57 56.73 -11.52
CA UNK A 3050 -118.17 57.11 -10.16
C UNK A 3050 -119.39 57.54 -9.34
N UNK A 3051 -120.46 57.94 -10.04
CA UNK A 3051 -121.68 58.36 -9.38
C UNK A 3051 -122.46 57.17 -8.85
N UNK A 3052 -122.34 56.03 -9.55
CA UNK A 3052 -123.02 54.81 -9.14
C UNK A 3052 -122.29 54.16 -7.97
N UNK A 3053 -120.98 54.35 -7.91
CA UNK A 3053 -120.17 53.81 -6.83
C UNK A 3053 -120.33 54.64 -5.56
N UNK A 3054 -120.59 55.94 -5.74
CA UNK A 3054 -120.78 56.83 -4.61
C UNK A 3054 -122.18 56.65 -4.02
N UNK A 3055 -123.13 56.28 -4.87
CA UNK A 3055 -124.50 56.05 -4.43
C UNK A 3055 -124.61 54.71 -3.72
N UNK A 3056 -123.77 53.76 -4.13
CA UNK A 3056 -123.76 52.43 -3.52
C UNK A 3056 -123.03 52.48 -2.17
N UNK A 3057 -122.06 53.38 -2.05
CA UNK A 3057 -121.31 53.54 -0.82
C UNK A 3057 -122.15 54.30 0.22
N UNK A 3058 -123.01 55.20 -0.26
CA UNK A 3058 -123.88 55.98 0.61
C UNK A 3058 -125.03 55.12 1.11
N UNK A 3059 -125.45 54.15 0.29
CA UNK A 3059 -126.53 53.25 0.65
C UNK A 3059 -126.04 52.19 1.63
N UNK A 3060 -124.77 51.83 1.52
CA UNK A 3060 -124.17 50.83 2.40
C UNK A 3060 -123.85 51.44 3.76
N UNK A 3061 -123.58 52.74 3.77
CA UNK A 3061 -123.27 53.45 5.01
C UNK A 3061 -124.55 53.76 5.78
N UNK A 3062 -125.66 53.86 5.07
CA UNK A 3062 -126.95 54.15 5.68
C UNK A 3062 -127.54 52.90 6.33
N UNK A 3141 -139.39 61.90 3.71
CA UNK A 3141 -138.56 62.36 2.60
C UNK A 3141 -137.85 61.21 1.93
N UNK A 3142 -137.33 60.29 2.74
CA UNK A 3142 -136.62 59.12 2.23
C UNK A 3142 -137.60 58.06 1.72
N UNK A 3143 -138.82 58.09 2.25
CA UNK A 3143 -139.84 57.14 1.84
C UNK A 3143 -140.41 57.51 0.49
N UNK A 3144 -140.42 58.80 0.18
CA UNK A 3144 -140.92 59.29 -1.09
C UNK A 3144 -139.89 59.04 -2.20
N UNK A 3145 -138.62 59.06 -1.83
CA UNK A 3145 -137.53 58.82 -2.78
C UNK A 3145 -137.41 57.33 -3.07
N UNK A 3146 -137.76 56.50 -2.10
CA UNK A 3146 -137.71 55.05 -2.25
C UNK A 3146 -138.91 54.57 -3.07
N UNK A 3147 -140.02 55.28 -2.97
CA UNK A 3147 -141.22 54.96 -3.72
C UNK A 3147 -141.08 55.40 -5.17
N UNK A 3148 -140.33 56.47 -5.38
CA UNK A 3148 -140.09 56.98 -6.72
C UNK A 3148 -139.06 56.12 -7.46
N UNK A 3149 -138.15 55.53 -6.70
CA UNK A 3149 -137.13 54.66 -7.26
C UNK A 3149 -137.72 53.29 -7.60
N UNK A 3150 -138.72 52.89 -6.82
CA UNK A 3150 -139.40 51.62 -7.05
C UNK A 3150 -140.36 51.73 -8.24
N UNK A 3151 -140.91 52.92 -8.43
CA UNK A 3151 -141.81 53.17 -9.55
C UNK A 3151 -141.04 53.31 -10.84
N UNK A 3152 -139.80 53.80 -10.75
CA UNK A 3152 -138.94 53.95 -11.91
C UNK A 3152 -138.38 52.60 -12.33
N UNK A 3153 -138.19 51.71 -11.36
CA UNK A 3153 -137.68 50.37 -11.63
C UNK A 3153 -138.79 49.50 -12.20
N UNK A 3154 -140.03 49.77 -11.82
CA UNK A 3154 -141.17 49.03 -12.31
C UNK A 3154 -141.53 49.46 -13.72
N UNK A 3155 -141.28 50.74 -14.03
CA UNK A 3155 -141.54 51.28 -15.35
C UNK A 3155 -140.46 50.83 -16.33
N UNK A 3156 -139.26 50.61 -15.81
CA UNK A 3156 -138.15 50.15 -16.63
C UNK A 3156 -138.28 48.66 -16.93
N UNK A 3157 -138.88 47.93 -15.99
CA UNK A 3157 -139.09 46.50 -16.15
C UNK A 3157 -140.25 46.25 -17.12
N UNK A 3158 -141.21 47.17 -17.14
CA UNK A 3158 -142.35 47.08 -18.03
C UNK A 3158 -141.95 47.46 -19.45
N UNK A 3159 -140.97 48.34 -19.56
CA UNK A 3159 -140.48 48.79 -20.86
C UNK A 3159 -139.56 47.73 -21.46
N UNK A 3160 -138.88 46.97 -20.60
CA UNK A 3160 -137.98 45.91 -21.05
C UNK A 3160 -138.77 44.67 -21.44
N UNK A 3161 -139.96 44.53 -20.86
CA UNK A 3161 -140.83 43.40 -21.16
C UNK A 3161 -141.54 43.60 -22.49
N UNK A 3162 -141.72 44.86 -22.87
CA UNK A 3162 -142.38 45.20 -24.13
C UNK A 3162 -141.40 45.12 -25.30
N UNK A 3169 -131.72 54.70 -20.28
CA UNK A 3169 -132.67 53.73 -20.81
C UNK A 3169 -132.43 52.35 -20.22
N UNK A 3170 -131.40 51.67 -20.72
CA UNK A 3170 -131.06 50.34 -20.24
C UNK A 3170 -129.92 50.41 -19.23
N UNK A 3171 -129.00 51.35 -19.43
CA UNK A 3171 -127.87 51.53 -18.52
C UNK A 3171 -128.32 52.20 -17.22
N UNK A 3172 -129.32 53.06 -17.33
CA UNK A 3172 -129.87 53.74 -16.16
C UNK A 3172 -130.77 52.81 -15.35
N UNK A 3173 -131.35 51.83 -16.05
CA UNK A 3173 -132.21 50.84 -15.41
C UNK A 3173 -131.38 49.81 -14.66
N UNK A 3174 -130.21 49.49 -15.20
CA UNK A 3174 -129.31 48.53 -14.57
C UNK A 3174 -128.60 49.15 -13.38
N UNK A 3175 -128.39 50.46 -13.44
CA UNK A 3175 -127.75 51.19 -12.34
C UNK A 3175 -128.72 51.39 -11.19
N UNK A 3176 -130.00 51.53 -11.52
CA UNK A 3176 -131.04 51.70 -10.51
C UNK A 3176 -131.36 50.37 -9.84
N UNK A 3177 -131.20 49.28 -10.59
CA UNK A 3177 -131.45 47.94 -10.05
C UNK A 3177 -130.30 47.50 -9.16
N UNK A 3178 -129.10 47.96 -9.48
CA UNK A 3178 -127.92 47.64 -8.70
C UNK A 3178 -127.89 48.46 -7.41
N UNK A 3179 -128.46 49.66 -7.47
CA UNK A 3179 -128.52 50.53 -6.30
C UNK A 3179 -129.62 50.06 -5.35
N UNK A 3180 -130.67 49.46 -5.90
CA UNK A 3180 -131.76 48.95 -5.10
C UNK A 3180 -131.37 47.63 -4.44
N UNK A 3181 -130.50 46.88 -5.11
CA UNK A 3181 -130.02 45.61 -4.58
C UNK A 3181 -128.98 45.84 -3.49
N UNK A 3182 -128.24 46.94 -3.62
CA UNK A 3182 -127.23 47.30 -2.62
C UNK A 3182 -127.89 47.89 -1.38
N UNK A 3183 -129.03 48.55 -1.58
CA UNK A 3183 -129.77 49.14 -0.48
C UNK A 3183 -130.54 48.06 0.30
N UNK A 3184 -130.95 47.03 -0.41
CA UNK A 3184 -131.67 45.92 0.20
C UNK A 3184 -130.72 45.02 0.98
N UNK A 3185 -129.47 44.93 0.51
CA UNK A 3185 -128.45 44.13 1.17
C UNK A 3185 -127.93 44.83 2.41
N UNK A 3186 -127.96 46.16 2.39
CA UNK A 3186 -127.50 46.96 3.52
C UNK A 3186 -128.57 47.01 4.60
N UNK A 3187 -129.83 46.92 4.19
CA UNK A 3187 -130.95 46.95 5.14
C UNK A 3187 -131.16 45.57 5.77
N UNK A 3188 -130.68 44.54 5.10
CA UNK A 3188 -130.79 43.17 5.60
C UNK A 3188 -129.78 42.92 6.72
N UNK A 3189 -128.66 43.63 6.67
CA UNK A 3189 -127.62 43.48 7.66
C UNK A 3189 -127.95 44.30 8.91
N UNK A 3198 -143.96 51.72 1.48
CA UNK A 3198 -143.69 51.36 0.09
C UNK A 3198 -143.77 49.85 -0.11
N UNK A 3199 -144.73 49.22 0.56
CA UNK A 3199 -144.92 47.78 0.46
C UNK A 3199 -145.65 47.42 -0.83
N UNK A 3200 -146.50 48.34 -1.30
CA UNK A 3200 -147.26 48.12 -2.52
C UNK A 3200 -146.36 48.29 -3.75
N UNK A 3201 -145.38 49.16 -3.64
CA UNK A 3201 -144.43 49.41 -4.73
C UNK A 3201 -143.43 48.27 -4.83
N UNK A 3202 -143.12 47.66 -3.70
CA UNK A 3202 -142.18 46.54 -3.65
C UNK A 3202 -142.85 45.26 -4.16
N UNK A 3203 -144.17 45.17 -3.94
CA UNK A 3203 -144.93 44.00 -4.39
C UNK A 3203 -145.18 44.09 -5.89
N UNK A 3204 -145.28 45.31 -6.41
CA UNK A 3204 -145.49 45.52 -7.83
C UNK A 3204 -144.19 45.31 -8.60
N UNK A 3205 -143.07 45.59 -7.95
CA UNK A 3205 -141.76 45.40 -8.56
C UNK A 3205 -141.39 43.93 -8.56
N UNK A 3206 -141.87 43.20 -7.56
CA UNK A 3206 -141.61 41.76 -7.46
C UNK A 3206 -142.49 40.99 -8.43
N UNK A 3207 -143.67 41.53 -8.72
CA UNK A 3207 -144.59 40.90 -9.65
C UNK A 3207 -144.14 41.15 -11.10
N UNK A 3208 -143.50 42.29 -11.31
CA UNK A 3208 -142.99 42.64 -12.64
C UNK A 3208 -141.73 41.86 -12.95
N UNK A 3209 -140.97 41.53 -11.91
CA UNK A 3209 -139.74 40.77 -12.07
C UNK A 3209 -140.04 39.29 -12.27
N UNK A 3210 -141.15 38.83 -11.69
CA UNK A 3210 -141.57 37.44 -11.82
C UNK A 3210 -142.24 37.21 -13.17
N UNK A 3211 -142.81 38.26 -13.74
CA UNK A 3211 -143.47 38.17 -15.04
C UNK A 3211 -142.45 38.20 -16.17
N UNK A 3212 -141.28 38.79 -15.89
CA UNK A 3212 -140.22 38.89 -16.87
C UNK A 3212 -139.49 37.55 -17.02
N UNK A 3221 -129.56 40.26 -18.69
CA UNK A 3221 -129.83 40.98 -17.46
C UNK A 3221 -130.75 40.18 -16.55
N UNK A 3222 -130.76 38.86 -16.74
CA UNK A 3222 -131.60 37.98 -15.94
C UNK A 3222 -130.95 37.69 -14.58
N UNK A 3223 -129.63 37.77 -14.55
CA UNK A 3223 -128.89 37.52 -13.32
C UNK A 3223 -128.99 38.71 -12.36
N UNK A 3224 -129.08 39.90 -12.92
CA UNK A 3224 -129.20 41.12 -12.13
C UNK A 3224 -130.62 41.26 -11.58
N UNK A 3225 -131.58 40.75 -12.33
CA UNK A 3225 -132.98 40.80 -11.91
C UNK A 3225 -133.27 39.74 -10.84
N UNK A 3226 -132.52 38.64 -10.90
CA UNK A 3226 -132.67 37.56 -9.92
C UNK A 3226 -132.01 37.94 -8.60
N UNK A 3227 -130.93 38.72 -8.69
CA UNK A 3227 -130.21 39.15 -7.50
C UNK A 3227 -130.98 40.28 -6.79
N UNK A 3228 -131.73 41.06 -7.56
CA UNK A 3228 -132.52 42.15 -7.01
C UNK A 3228 -133.79 41.62 -6.36
N UNK A 3229 -134.30 40.51 -6.90
CA UNK A 3229 -135.52 39.90 -6.37
C UNK A 3229 -135.21 39.11 -5.10
N UNK A 3230 -134.00 38.57 -5.02
CA UNK A 3230 -133.58 37.81 -3.86
C UNK A 3230 -133.23 38.73 -2.69
N UNK A 3231 -132.77 39.93 -3.01
CA UNK A 3231 -132.40 40.90 -2.00
C UNK A 3231 -133.61 41.74 -1.58
N UNK A 3269 -146.15 34.04 1.09
CA UNK A 3269 -146.81 33.14 2.02
C UNK A 3269 -147.28 31.88 1.32
N UNK A 3270 -148.51 31.90 0.83
CA UNK A 3270 -149.08 30.74 0.12
C UNK A 3270 -148.56 30.68 -1.31
N UNK A 3271 -148.22 31.84 -1.86
CA UNK A 3271 -147.71 31.91 -3.23
C UNK A 3271 -146.25 31.45 -3.29
N UNK A 3272 -145.53 31.67 -2.19
CA UNK A 3272 -144.13 31.26 -2.12
C UNK A 3272 -144.04 29.75 -1.88
N UNK A 3273 -145.02 29.21 -1.19
CA UNK A 3273 -145.07 27.76 -0.91
C UNK A 3273 -145.50 27.00 -2.15
N UNK A 3274 -146.33 27.63 -2.97
CA UNK A 3274 -146.81 27.02 -4.21
C UNK A 3274 -145.73 27.06 -5.27
N UNK A 3275 -144.88 28.08 -5.22
CA UNK A 3275 -143.78 28.22 -6.17
C UNK A 3275 -142.64 27.27 -5.81
N UNK A 3276 -142.50 26.98 -4.51
CA UNK A 3276 -141.47 26.06 -4.04
C UNK A 3276 -141.89 24.62 -4.31
N UNK A 3277 -143.19 24.37 -4.29
CA UNK A 3277 -143.71 23.04 -4.58
C UNK A 3277 -143.66 22.74 -6.07
N UNK A 3278 -143.81 23.79 -6.88
CA UNK A 3278 -143.75 23.65 -8.32
C UNK A 3278 -142.31 23.48 -8.79
N UNK A 3279 -141.38 24.08 -8.06
CA UNK A 3279 -139.96 23.97 -8.38
C UNK A 3279 -139.42 22.61 -7.95
N UNK A 3280 -140.00 22.05 -6.90
CA UNK A 3280 -139.60 20.73 -6.40
C UNK A 3280 -140.15 19.64 -7.29
N UNK A 3281 -141.31 19.90 -7.89
CA UNK A 3281 -141.94 18.94 -8.79
C UNK A 3281 -141.25 18.94 -10.14
N UNK A 3282 -140.71 20.09 -10.52
CA UNK A 3282 -139.99 20.23 -11.78
C UNK A 3282 -138.59 19.63 -11.68
N UNK A 3283 -138.02 19.68 -10.48
CA UNK A 3283 -136.70 19.13 -10.24
C UNK A 3283 -136.75 17.61 -10.10
N UNK A 3284 -137.91 17.11 -9.69
CA UNK A 3284 -138.10 15.67 -9.53
C UNK A 3284 -138.34 15.01 -10.87
N UNK A 3285 -138.86 15.77 -11.83
CA UNK A 3285 -139.13 15.26 -13.16
C UNK A 3285 -137.87 15.26 -14.01
N UNK A 3293 -134.23 30.20 -16.59
CA UNK A 3293 -133.64 31.36 -15.91
C UNK A 3293 -134.56 31.85 -14.79
N UNK A 3294 -135.86 31.66 -14.97
CA UNK A 3294 -136.84 32.08 -13.98
C UNK A 3294 -136.98 31.03 -12.88
N UNK A 3295 -136.55 29.81 -13.17
CA UNK A 3295 -136.62 28.72 -12.21
C UNK A 3295 -135.53 28.87 -11.15
N UNK A 3296 -134.40 29.43 -11.55
CA UNK A 3296 -133.29 29.66 -10.62
C UNK A 3296 -133.57 30.85 -9.72
N UNK A 3297 -134.34 31.81 -10.24
CA UNK A 3297 -134.71 33.00 -9.48
C UNK A 3297 -135.81 32.67 -8.47
N UNK A 3298 -136.67 31.72 -8.84
CA UNK A 3298 -137.76 31.29 -7.96
C UNK A 3298 -137.23 30.39 -6.85
N UNK A 3299 -136.16 29.65 -7.14
CA UNK A 3299 -135.54 28.77 -6.16
C UNK A 3299 -134.72 29.57 -5.17
N UNK A 3300 -134.16 30.69 -5.64
CA UNK A 3300 -133.37 31.56 -4.77
C UNK A 3300 -134.27 32.39 -3.88
N UNK A 3301 -135.46 32.70 -4.37
CA UNK A 3301 -136.43 33.47 -3.59
C UNK A 3301 -137.09 32.59 -2.54
N UNK A 3302 -137.23 31.31 -2.84
CA UNK A 3302 -137.82 30.36 -1.92
C UNK A 3302 -136.83 29.99 -0.82
N UNK A 3303 -135.54 30.00 -1.16
CA UNK A 3303 -134.48 29.71 -0.20
C UNK A 3303 -134.26 30.89 0.74
N UNK A 3304 -134.50 32.09 0.22
CA UNK A 3304 -134.35 33.31 1.01
C UNK A 3304 -135.53 33.48 1.96
N UNK A 3305 -136.69 33.00 1.54
CA UNK A 3305 -137.90 33.09 2.34
C UNK A 3305 -137.88 32.03 3.45
N UNK A 3306 -137.21 30.91 3.17
CA UNK A 3306 -137.09 29.83 4.15
C UNK A 3306 -136.04 30.17 5.19
N UNK A 3307 -135.03 30.94 4.78
CA UNK A 3307 -133.96 31.34 5.68
C UNK A 3307 -134.43 32.48 6.60
N UNK A 3308 -135.35 33.29 6.09
CA UNK A 3308 -135.90 34.40 6.85
C UNK A 3308 -136.94 33.92 7.86
N UNK A 3309 -137.57 32.79 7.55
CA UNK A 3309 -138.59 32.21 8.42
C UNK A 3309 -137.94 31.38 9.52
N UNK A 3316 -138.89 23.57 9.29
CA UNK A 3316 -137.56 22.98 9.20
C UNK A 3316 -137.51 21.92 8.10
N UNK A 3317 -138.67 21.36 7.78
CA UNK A 3317 -138.76 20.34 6.74
C UNK A 3317 -138.81 20.98 5.35
N UNK A 3318 -139.21 22.24 5.30
CA UNK A 3318 -139.30 22.97 4.05
C UNK A 3318 -137.90 23.38 3.56
N UNK A 3319 -137.00 23.62 4.50
CA UNK A 3319 -135.63 24.00 4.17
C UNK A 3319 -134.83 22.79 3.73
N UNK A 3320 -135.19 21.62 4.27
CA UNK A 3320 -134.52 20.38 3.91
C UNK A 3320 -134.99 19.89 2.55
N UNK A 3321 -136.25 20.18 2.22
CA UNK A 3321 -136.83 19.78 0.95
C UNK A 3321 -136.32 20.69 -0.17
N UNK A 3322 -136.03 21.94 0.17
CA UNK A 3322 -135.51 22.90 -0.79
C UNK A 3322 -134.04 22.64 -1.07
N UNK A 3323 -133.33 22.12 -0.07
CA UNK A 3323 -131.92 21.80 -0.20
C UNK A 3323 -131.75 20.50 -0.99
N UNK A 3324 -132.72 19.60 -0.87
CA UNK A 3324 -132.69 18.34 -1.58
C UNK A 3324 -133.07 18.54 -3.04
N UNK A 3325 -133.92 19.53 -3.29
CA UNK A 3325 -134.34 19.85 -4.65
C UNK A 3325 -133.24 20.60 -5.40
N UNK A 3326 -132.46 21.37 -4.64
CA UNK A 3326 -131.35 22.12 -5.22
C UNK A 3326 -130.17 21.21 -5.51
N UNK A 3327 -130.04 20.16 -4.71
CA UNK A 3327 -128.97 19.18 -4.90
C UNK A 3327 -129.29 18.24 -6.05
N UNK A 3328 -130.58 18.01 -6.26
CA UNK A 3328 -131.03 17.14 -7.35
C UNK A 3328 -130.95 17.88 -8.68
N UNK A 3329 -131.14 19.19 -8.64
CA UNK A 3329 -131.07 20.01 -9.84
C UNK A 3329 -129.63 20.24 -10.25
N UNK A 3330 -128.73 20.24 -9.27
CA UNK A 3330 -127.31 20.44 -9.54
C UNK A 3330 -126.68 19.14 -10.06
N UNK A 3331 -127.24 18.01 -9.63
CA UNK A 3331 -126.75 16.70 -10.05
C UNK A 3331 -127.25 16.37 -11.46
N UNK A 3332 -128.42 16.89 -11.80
CA UNK A 3332 -129.00 16.65 -13.11
C UNK A 3332 -128.34 17.54 -14.17
N UNK A 3333 -127.87 18.70 -13.74
CA UNK A 3333 -127.21 19.65 -14.64
C UNK A 3333 -125.76 19.25 -14.86
N UNK A 3340 -121.62 30.30 -15.65
CA UNK A 3340 -123.06 30.12 -15.71
C UNK A 3340 -123.71 30.58 -14.41
N UNK A 3341 -124.89 30.03 -14.12
CA UNK A 3341 -125.63 30.38 -12.91
C UNK A 3341 -125.43 29.31 -11.84
N UNK A 3342 -124.19 28.90 -11.65
CA UNK A 3342 -123.87 27.88 -10.65
C UNK A 3342 -123.29 28.52 -9.39
N UNK A 3343 -122.79 29.74 -9.54
CA UNK A 3343 -122.19 30.46 -8.41
C UNK A 3343 -123.29 30.99 -7.48
N UNK A 3344 -124.41 31.39 -8.06
CA UNK A 3344 -125.53 31.90 -7.27
C UNK A 3344 -126.28 30.76 -6.60
N UNK A 3345 -126.25 29.59 -7.22
CA UNK A 3345 -126.91 28.41 -6.69
C UNK A 3345 -126.10 27.81 -5.54
N UNK A 3346 -124.77 27.95 -5.62
CA UNK A 3346 -123.90 27.44 -4.58
C UNK A 3346 -123.89 28.37 -3.38
N UNK A 3347 -124.10 29.66 -3.64
CA UNK A 3347 -124.15 30.65 -2.57
C UNK A 3347 -125.47 30.56 -1.80
N UNK A 3348 -126.52 30.18 -2.51
CA UNK A 3348 -127.84 30.03 -1.90
C UNK A 3348 -127.91 28.72 -1.11
N UNK A 3349 -127.13 27.72 -1.54
CA UNK A 3349 -127.10 26.44 -0.88
C UNK A 3349 -126.24 26.51 0.39
N UNK A 3350 -125.20 27.35 0.34
CA UNK A 3350 -124.31 27.53 1.48
C UNK A 3350 -124.95 28.40 2.56
N UNK A 3351 -125.90 29.24 2.13
CA UNK A 3351 -126.62 30.11 3.06
C UNK A 3351 -127.68 29.34 3.82
N UNK A 3352 -128.13 28.22 3.24
CA UNK A 3352 -129.14 27.38 3.86
C UNK A 3352 -128.60 25.98 4.09
N UNK A 3353 -127.33 25.88 4.48
CA UNK A 3353 -126.70 24.60 4.74
C UNK A 3353 -126.72 24.28 6.24
N UNK A 3354 -127.23 25.21 7.03
CA UNK A 3354 -127.30 25.03 8.47
C UNK A 3354 -128.42 24.06 8.85
N UNK A 3355 -129.57 24.19 8.19
CA UNK A 3355 -130.71 23.33 8.45
C UNK A 3355 -130.54 21.98 7.75
N UNK A 3359 -131.48 13.36 11.18
CA UNK A 3359 -132.66 13.05 10.38
C UNK A 3359 -132.52 13.60 8.96
N UNK A 3360 -132.46 14.93 8.86
CA UNK A 3360 -132.33 15.59 7.56
C UNK A 3360 -130.89 15.55 7.09
N UNK A 3361 -129.96 15.42 8.02
CA UNK A 3361 -128.54 15.36 7.70
C UNK A 3361 -128.16 14.01 7.11
N UNK A 3362 -128.89 12.97 7.51
CA UNK A 3362 -128.65 11.63 7.00
C UNK A 3362 -129.18 11.49 5.58
N UNK A 3363 -130.27 12.19 5.30
CA UNK A 3363 -130.89 12.16 3.97
C UNK A 3363 -130.08 13.01 2.99
N UNK A 3364 -129.42 14.05 3.52
CA UNK A 3364 -128.61 14.94 2.71
C UNK A 3364 -127.27 14.27 2.38
N UNK A 3365 -126.79 13.42 3.28
CA UNK A 3365 -125.53 12.71 3.07
C UNK A 3365 -125.73 11.55 2.10
N UNK A 3366 -126.94 11.00 2.09
CA UNK A 3366 -127.27 9.90 1.20
C UNK A 3366 -127.52 10.40 -0.22
N UNK A 3367 -127.96 11.66 -0.32
CA UNK A 3367 -128.22 12.27 -1.61
C UNK A 3367 -126.93 12.81 -2.23
N UNK A 3368 -125.97 13.14 -1.38
CA UNK A 3368 -124.68 13.66 -1.83
C UNK A 3368 -123.71 12.52 -2.10
N UNK A 3369 -124.09 11.31 -1.70
CA UNK A 3369 -123.26 10.12 -1.92
C UNK A 3369 -123.31 9.71 -3.38
N UNK A 3370 -124.43 9.97 -4.03
CA UNK A 3370 -124.60 9.67 -5.44
C UNK A 3370 -123.85 10.68 -6.31
N UNK A 3371 -123.76 11.91 -5.81
CA UNK A 3371 -123.05 12.97 -6.51
C UNK A 3371 -121.54 12.80 -6.35
N UNK A 3372 -121.14 12.24 -5.22
CA UNK A 3372 -119.73 11.99 -4.95
C UNK A 3372 -119.24 10.78 -5.75
N UNK A 3373 -120.14 9.83 -5.98
CA UNK A 3373 -119.82 8.64 -6.76
C UNK A 3373 -119.77 8.98 -8.24
N UNK A 3374 -120.56 9.96 -8.65
CA UNK A 3374 -120.58 10.41 -10.04
C UNK A 3374 -119.36 11.26 -10.35
N UNK A 3375 -118.88 11.98 -9.33
CA UNK A 3375 -117.69 12.81 -9.47
C UNK A 3375 -116.43 11.96 -9.47
N UNK A 3376 -116.49 10.84 -8.77
CA UNK A 3376 -115.36 9.91 -8.70
C UNK A 3376 -115.27 9.11 -9.99
N UNK A 3377 -116.42 8.86 -10.61
CA UNK A 3377 -116.46 8.13 -11.88
C UNK A 3377 -116.03 9.02 -13.03
N UNK A 3378 -116.29 10.31 -12.89
CA UNK A 3378 -115.90 11.29 -13.90
C UNK A 3378 -114.40 11.58 -13.81
N UNK A 3379 -113.86 11.49 -12.60
CA UNK A 3379 -112.44 11.70 -12.38
C UNK A 3379 -111.63 10.50 -12.84
N UNK A 3380 -112.24 9.32 -12.75
CA UNK A 3380 -111.60 8.08 -13.18
C UNK A 3380 -111.62 7.98 -14.70
N UNK A 3381 -112.66 8.55 -15.31
CA UNK A 3381 -112.79 8.56 -16.77
C UNK A 3381 -111.85 9.59 -17.38
N UNK A 3382 -111.60 10.66 -16.64
CA UNK A 3382 -110.69 11.71 -17.10
C UNK A 3382 -109.24 11.28 -16.95
N UNK A 3383 -108.98 10.43 -15.95
CA UNK A 3383 -107.64 9.92 -15.71
C UNK A 3383 -107.30 8.83 -16.73
N UNK A 3384 -108.32 8.11 -17.17
CA UNK A 3384 -108.15 7.05 -18.16
C UNK A 3384 -107.97 7.64 -19.56
N UNK A 3385 -108.58 8.81 -19.77
CA UNK A 3385 -108.47 9.50 -21.05
C UNK A 3385 -107.13 10.22 -21.16
N UNK A 3386 -106.58 10.63 -20.02
CA UNK A 3386 -105.31 11.32 -19.99
C UNK A 3386 -104.14 10.32 -20.06
N UNK A 3387 -104.43 9.07 -19.70
CA UNK A 3387 -103.43 8.02 -19.74
C UNK A 3387 -103.22 7.51 -21.16
N UNK A 3388 -104.24 7.69 -22.00
CA UNK A 3388 -104.17 7.25 -23.39
C UNK A 3388 -103.41 8.26 -24.24
N UNK A 3395 -106.73 19.50 -30.92
CA UNK A 3395 -106.83 18.05 -30.98
C UNK A 3395 -107.70 17.51 -29.84
N UNK A 3396 -107.35 16.35 -29.31
CA UNK A 3396 -108.10 15.74 -28.22
C UNK A 3396 -107.65 16.27 -26.87
N UNK A 3397 -106.51 16.96 -26.86
CA UNK A 3397 -105.97 17.51 -25.63
C UNK A 3397 -106.74 18.76 -25.20
N UNK A 3398 -107.26 19.48 -26.18
CA UNK A 3398 -108.04 20.69 -25.91
C UNK A 3398 -109.44 20.33 -25.41
N UNK A 3399 -109.96 19.22 -25.90
CA UNK A 3399 -111.28 18.74 -25.49
C UNK A 3399 -111.21 18.11 -24.11
N UNK A 3400 -110.07 17.52 -23.78
CA UNK A 3400 -109.86 16.88 -22.48
C UNK A 3400 -109.63 17.94 -21.40
N UNK A 3401 -108.99 19.04 -21.78
CA UNK A 3401 -108.72 20.12 -20.85
C UNK A 3401 -109.99 20.91 -20.55
N UNK A 3402 -110.88 20.99 -21.55
CA UNK A 3402 -112.14 21.69 -21.39
C UNK A 3402 -113.11 20.84 -20.55
N UNK A 3403 -112.98 19.52 -20.67
CA UNK A 3403 -113.81 18.59 -19.91
C UNK A 3403 -113.33 18.52 -18.46
N UNK A 3404 -112.02 18.68 -18.26
CA UNK A 3404 -111.44 18.64 -16.92
C UNK A 3404 -111.74 19.94 -16.17
N UNK A 3405 -111.81 21.04 -16.91
CA UNK A 3405 -112.12 22.34 -16.32
C UNK A 3405 -113.58 22.43 -15.92
N UNK A 3406 -114.43 21.75 -16.68
CA UNK A 3406 -115.87 21.70 -16.39
C UNK A 3406 -116.13 20.74 -15.24
N UNK A 3407 -115.26 19.74 -15.10
CA UNK A 3407 -115.38 18.76 -14.02
C UNK A 3407 -114.84 19.34 -12.72
N UNK A 3408 -113.82 20.17 -12.82
CA UNK A 3408 -113.22 20.79 -11.64
C UNK A 3408 -114.13 21.86 -11.05
N UNK A 3409 -114.89 22.52 -11.92
CA UNK A 3409 -115.86 23.52 -11.48
C UNK A 3409 -117.06 22.85 -10.84
N UNK A 3410 -117.36 21.64 -11.31
CA UNK A 3410 -118.47 20.86 -10.75
C UNK A 3410 -118.05 20.21 -9.44
N UNK A 3411 -116.77 19.89 -9.32
CA UNK A 3411 -116.25 19.26 -8.12
C UNK A 3411 -116.04 20.29 -7.01
N UNK A 3412 -115.75 21.52 -7.39
CA UNK A 3412 -115.54 22.60 -6.43
C UNK A 3412 -116.86 23.01 -5.78
N UNK A 3413 -117.95 22.89 -6.53
CA UNK A 3413 -119.28 23.15 -6.01
C UNK A 3413 -119.76 21.95 -5.20
N UNK A 3414 -119.22 20.78 -5.51
CA UNK A 3414 -119.56 19.55 -4.81
C UNK A 3414 -118.80 19.45 -3.49
N UNK A 3415 -117.54 19.87 -3.51
CA UNK A 3415 -116.70 19.83 -2.31
C UNK A 3415 -117.11 20.91 -1.32
N UNK A 3416 -117.69 22.00 -1.82
CA UNK A 3416 -118.18 23.07 -0.97
C UNK A 3416 -119.44 22.63 -0.24
N UNK A 3417 -120.22 21.76 -0.88
CA UNK A 3417 -121.41 21.20 -0.27
C UNK A 3417 -121.04 20.02 0.62
N UNK A 3418 -119.91 19.39 0.32
CA UNK A 3418 -119.42 18.26 1.09
C UNK A 3418 -118.76 18.72 2.39
N UNK A 3419 -118.08 19.86 2.32
CA UNK A 3419 -117.40 20.42 3.49
C UNK A 3419 -118.41 20.98 4.48
N UNK A 3420 -119.53 21.47 3.95
CA UNK A 3420 -120.61 21.97 4.80
C UNK A 3420 -121.37 20.81 5.43
N UNK A 3421 -121.36 19.66 4.75
CA UNK A 3421 -122.00 18.46 5.25
C UNK A 3421 -121.10 17.73 6.24
N UNK A 3422 -119.79 17.84 6.03
CA UNK A 3422 -118.83 17.20 6.92
C UNK A 3422 -118.69 17.97 8.23
N UNK A 3423 -118.85 19.29 8.14
CA UNK A 3423 -118.78 20.14 9.33
C UNK A 3423 -120.03 19.97 10.18
N UNK A 3424 -121.14 19.66 9.52
CA UNK A 3424 -122.40 19.41 10.21
C UNK A 3424 -122.40 18.01 10.82
N UNK A 3425 -121.64 17.11 10.21
CA UNK A 3425 -121.52 15.73 10.69
C UNK A 3425 -120.51 15.65 11.83
N UNK A 3426 -119.55 16.56 11.85
CA UNK A 3426 -118.54 16.61 12.89
C UNK A 3426 -119.06 17.38 14.11
N UNK A 3427 -120.18 18.09 13.93
CA UNK A 3427 -120.80 18.82 15.01
C UNK A 3427 -121.94 18.00 15.62
N UNK A 3428 -122.38 16.98 14.88
CA UNK A 3428 -123.46 16.11 15.34
C UNK A 3428 -122.91 14.76 15.76
N UNK A 3429 -122.46 13.97 14.80
CA UNK A 3429 -121.90 12.65 15.08
C UNK A 3429 -120.48 12.77 15.63
N UNK A 3430 -120.37 13.15 16.90
CA UNK A 3430 -119.08 13.30 17.54
C UNK A 3430 -119.20 13.09 19.06
N UNK A 3435 -120.38 4.65 8.61
CA UNK A 3435 -121.42 4.26 7.67
C UNK A 3435 -121.36 5.13 6.42
N UNK A 3436 -122.19 6.17 6.38
CA UNK A 3436 -122.23 7.08 5.24
C UNK A 3436 -121.10 8.10 5.33
N UNK A 3437 -120.62 8.34 6.54
CA UNK A 3437 -119.53 9.29 6.75
C UNK A 3437 -118.20 8.68 6.33
N UNK A 3438 -118.08 7.36 6.46
CA UNK A 3438 -116.86 6.66 6.06
C UNK A 3438 -116.81 6.51 4.54
N UNK A 3439 -117.97 6.41 3.91
CA UNK A 3439 -118.05 6.30 2.46
C UNK A 3439 -117.80 7.65 1.80
N UNK A 3440 -118.19 8.71 2.48
CA UNK A 3440 -117.98 10.06 1.98
C UNK A 3440 -116.53 10.48 2.14
N UNK A 3441 -115.87 9.93 3.17
CA UNK A 3441 -114.46 10.20 3.41
C UNK A 3441 -113.59 9.42 2.45
N UNK A 3442 -114.06 8.24 2.04
CA UNK A 3442 -113.33 7.40 1.12
C UNK A 3442 -113.45 7.94 -0.31
N UNK A 3443 -114.57 8.61 -0.59
CA UNK A 3443 -114.81 9.19 -1.90
C UNK A 3443 -114.05 10.51 -2.05
N UNK A 3444 -113.87 11.21 -0.93
CA UNK A 3444 -113.15 12.47 -0.93
C UNK A 3444 -111.65 12.24 -1.00
N UNK A 3445 -111.20 11.12 -0.44
CA UNK A 3445 -109.79 10.76 -0.47
C UNK A 3445 -109.40 10.23 -1.85
N UNK A 3446 -110.35 9.60 -2.51
CA UNK A 3446 -110.13 9.08 -3.86
C UNK A 3446 -110.13 10.20 -4.88
N UNK A 3447 -110.91 11.24 -4.59
CA UNK A 3447 -110.99 12.40 -5.48
C UNK A 3447 -109.76 13.28 -5.31
N UNK A 3448 -109.19 13.28 -4.11
CA UNK A 3448 -107.98 14.06 -3.83
C UNK A 3448 -106.76 13.36 -4.40
N UNK A 3449 -106.81 12.03 -4.46
CA UNK A 3449 -105.71 11.25 -5.00
C UNK A 3449 -105.71 11.30 -6.53
N UNK A 3450 -106.90 11.44 -7.10
CA UNK A 3450 -107.05 11.53 -8.55
C UNK A 3450 -106.66 12.92 -9.05
N UNK A 3451 -106.85 13.92 -8.19
CA UNK A 3451 -106.51 15.29 -8.54
C UNK A 3451 -105.01 15.53 -8.38
N UNK A 3452 -104.39 14.74 -7.51
CA UNK A 3452 -102.94 14.87 -7.27
C UNK A 3452 -102.16 14.17 -8.37
N UNK A 3456 -102.04 18.77 -14.94
CA UNK A 3456 -103.13 18.78 -15.90
C UNK A 3456 -104.43 19.24 -15.22
N UNK A 3457 -104.80 18.56 -14.14
CA UNK A 3457 -106.02 18.89 -13.41
C UNK A 3457 -105.79 20.09 -12.50
N UNK A 3458 -104.54 20.29 -12.09
CA UNK A 3458 -104.19 21.41 -11.22
C UNK A 3458 -104.16 22.72 -12.00
N UNK A 3459 -103.79 22.64 -13.27
CA UNK A 3459 -103.75 23.82 -14.14
C UNK A 3459 -105.15 24.23 -14.56
N UNK A 3460 -106.04 23.24 -14.67
CA UNK A 3460 -107.42 23.50 -15.06
C UNK A 3460 -108.21 24.08 -13.88
N UNK A 3461 -107.83 23.67 -12.67
CA UNK A 3461 -108.49 24.15 -11.47
C UNK A 3461 -108.03 25.57 -11.13
N UNK A 3462 -106.79 25.88 -11.49
CA UNK A 3462 -106.24 27.21 -11.26
C UNK A 3462 -106.78 28.21 -12.26
N UNK A 3463 -107.10 27.72 -13.46
CA UNK A 3463 -107.65 28.58 -14.51
C UNK A 3463 -109.14 28.84 -14.26
N UNK A 3464 -109.80 27.89 -13.62
CA UNK A 3464 -111.22 28.02 -13.31
C UNK A 3464 -111.42 28.92 -12.10
N UNK A 3465 -110.43 28.95 -11.21
CA UNK A 3465 -110.49 29.78 -10.02
C UNK A 3465 -110.12 31.22 -10.34
N UNK A 3466 -109.34 31.40 -11.41
CA UNK A 3466 -108.92 32.73 -11.83
C UNK A 3466 -110.03 33.45 -12.57
N UNK A 3513 -107.88 25.39 -1.62
CA UNK A 3513 -109.27 25.66 -1.97
C UNK A 3513 -110.21 24.79 -1.16
N UNK A 3514 -111.32 24.40 -1.77
CA UNK A 3514 -112.31 23.55 -1.11
C UNK A 3514 -111.91 22.08 -1.17
N UNK A 3515 -111.00 21.77 -2.09
CA UNK A 3515 -110.51 20.39 -2.25
C UNK A 3515 -109.55 20.03 -1.13
N UNK A 3516 -108.84 21.03 -0.61
CA UNK A 3516 -107.90 20.82 0.48
C UNK A 3516 -108.64 20.65 1.80
N UNK A 3517 -109.77 21.33 1.93
CA UNK A 3517 -110.58 21.24 3.13
C UNK A 3517 -111.36 19.93 3.14
N UNK A 3518 -111.70 19.43 1.96
CA UNK A 3518 -112.43 18.17 1.83
C UNK A 3518 -111.51 16.99 2.08
N UNK A 3519 -110.23 17.16 1.74
CA UNK A 3519 -109.23 16.12 1.95
C UNK A 3519 -108.81 16.07 3.41
N UNK A 3520 -108.87 17.23 4.08
CA UNK A 3520 -108.51 17.31 5.49
C UNK A 3520 -109.62 16.73 6.36
N UNK A 3521 -110.86 16.88 5.90
CA UNK A 3521 -112.01 16.34 6.60
C UNK A 3521 -112.12 14.84 6.38
N UNK A 3522 -111.61 14.38 5.25
CA UNK A 3522 -111.61 12.95 4.93
C UNK A 3522 -110.54 12.22 5.70
N UNK A 3523 -109.42 12.90 5.93
CA UNK A 3523 -108.31 12.32 6.69
C UNK A 3523 -108.63 12.29 8.18
N UNK A 3524 -109.44 13.24 8.62
CA UNK A 3524 -109.85 13.31 10.02
C UNK A 3524 -110.91 12.26 10.32
N UNK A 3525 -111.71 11.92 9.30
CA UNK A 3525 -112.75 10.92 9.45
C UNK A 3525 -112.17 9.51 9.33
N UNK A 3526 -111.09 9.39 8.56
CA UNK A 3526 -110.43 8.10 8.39
C UNK A 3526 -109.61 7.74 9.62
N UNK A 3527 -109.12 8.76 10.31
CA UNK A 3527 -108.38 8.57 11.55
C UNK A 3527 -109.34 8.28 12.69
N UNK A 3528 -110.60 8.68 12.51
CA UNK A 3528 -111.63 8.47 13.52
C UNK A 3528 -112.09 7.02 13.55
N UNK A 3529 -112.00 6.35 12.41
CA UNK A 3529 -112.41 4.96 12.30
C UNK A 3529 -111.20 4.02 12.35
N UNK A 3534 -102.01 0.50 15.67
CA UNK A 3534 -102.06 0.35 14.22
C UNK A 3534 -101.36 1.50 13.52
N UNK A 3535 -100.49 2.19 14.25
CA UNK A 3535 -99.76 3.32 13.70
C UNK A 3535 -98.53 2.85 12.91
N UNK A 3536 -97.99 1.70 13.31
CA UNK A 3536 -96.83 1.13 12.64
C UNK A 3536 -97.22 0.49 11.31
N UNK A 3537 -98.44 -0.05 11.25
CA UNK A 3537 -98.94 -0.68 10.04
C UNK A 3537 -99.37 0.40 9.03
N UNK A 3538 -99.81 1.54 9.53
CA UNK A 3538 -100.23 2.64 8.68
C UNK A 3538 -99.03 3.37 8.12
N UNK A 3539 -97.94 3.38 8.87
CA UNK A 3539 -96.70 4.02 8.43
C UNK A 3539 -95.98 3.15 7.41
N UNK A 3540 -96.13 1.84 7.55
CA UNK A 3540 -95.51 0.89 6.63
C UNK A 3540 -96.27 0.86 5.31
N UNK A 3541 -97.58 1.10 5.37
CA UNK A 3541 -98.42 1.13 4.18
C UNK A 3541 -98.23 2.44 3.42
N UNK A 3542 -97.89 3.49 4.15
CA UNK A 3542 -97.67 4.79 3.55
C UNK A 3542 -96.29 4.84 2.88
N UNK A 3543 -95.34 4.10 3.43
CA UNK A 3543 -94.00 4.02 2.88
C UNK A 3543 -93.98 3.14 1.65
N UNK A 3544 -94.88 2.17 1.60
CA UNK A 3544 -94.98 1.25 0.47
C UNK A 3544 -95.72 1.91 -0.69
N UNK A 3545 -96.65 2.81 -0.35
CA UNK A 3545 -97.42 3.52 -1.36
C UNK A 3545 -96.60 4.66 -1.96
N UNK A 3546 -95.63 5.16 -1.20
CA UNK A 3546 -94.78 6.24 -1.66
C UNK A 3546 -93.71 5.72 -2.62
N UNK A 3547 -93.36 4.45 -2.46
CA UNK A 3547 -92.36 3.82 -3.32
C UNK A 3547 -92.96 3.40 -4.65
N UNK A 3553 -100.22 -2.74 -5.12
CA UNK A 3553 -99.05 -3.44 -4.61
C UNK A 3553 -98.79 -3.07 -3.14
N UNK A 3554 -99.39 -1.97 -2.72
CA UNK A 3554 -99.23 -1.50 -1.34
C UNK A 3554 -100.14 -2.27 -0.39
N UNK A 3555 -101.26 -2.74 -0.91
CA UNK A 3555 -102.22 -3.50 -0.11
C UNK A 3555 -101.73 -4.93 0.09
N UNK A 3556 -100.97 -5.44 -0.87
CA UNK A 3556 -100.42 -6.79 -0.79
C UNK A 3556 -99.25 -6.84 0.18
N UNK A 3557 -98.54 -5.72 0.30
CA UNK A 3557 -97.39 -5.63 1.19
C UNK A 3557 -97.85 -5.37 2.63
N UNK A 3558 -98.99 -4.71 2.77
CA UNK A 3558 -99.53 -4.40 4.09
C UNK A 3558 -100.20 -5.63 4.69
N UNK A 3559 -100.75 -6.48 3.84
CA UNK A 3559 -101.43 -7.70 4.29
C UNK A 3559 -100.41 -8.77 4.65
N UNK A 3560 -99.22 -8.69 4.03
CA UNK A 3560 -98.16 -9.66 4.28
C UNK A 3560 -97.46 -9.37 5.59
N UNK A 3569 -99.53 6.06 27.09
CA UNK A 3569 -100.44 6.75 26.19
C UNK A 3569 -101.12 5.78 25.23
N UNK A 3570 -100.56 4.58 25.12
CA UNK A 3570 -101.08 3.57 24.21
C UNK A 3570 -102.25 2.82 24.85
N UNK A 3571 -102.25 2.73 26.17
CA UNK A 3571 -103.31 2.03 26.89
C UNK A 3571 -104.58 2.87 26.94
N UNK A 3572 -104.42 4.18 27.01
CA UNK A 3572 -105.55 5.10 27.05
C UNK A 3572 -106.15 5.27 25.66
N UNK A 3573 -105.31 5.14 24.64
CA UNK A 3573 -105.76 5.26 23.25
C UNK A 3573 -106.51 4.00 22.83
N UNK A 3574 -106.13 2.88 23.41
CA UNK A 3574 -106.79 1.61 23.13
C UNK A 3574 -108.12 1.52 23.88
N UNK A 3575 -108.18 2.18 25.03
CA UNK A 3575 -109.40 2.20 25.84
C UNK A 3575 -110.43 3.15 25.23
N UNK A 3576 -109.94 4.19 24.57
CA UNK A 3576 -110.82 5.17 23.93
C UNK A 3576 -111.35 4.62 22.60
N UNK A 3577 -110.56 3.77 21.96
CA UNK A 3577 -110.95 3.16 20.70
C UNK A 3577 -111.95 2.01 20.93
N UNK A 3578 -111.84 1.38 22.09
CA UNK A 3578 -112.73 0.28 22.44
C UNK A 3578 -114.08 0.82 22.91
N UNK A 3579 -114.08 2.03 23.45
CA UNK A 3579 -115.30 2.66 23.92
C UNK A 3579 -116.09 3.26 22.76
N UNK A 3590 -111.39 -6.59 6.04
CA UNK A 3590 -111.46 -5.39 5.20
C UNK A 3590 -110.80 -4.20 5.90
N UNK A 3591 -110.07 -4.49 6.97
CA UNK A 3591 -109.38 -3.45 7.73
C UNK A 3591 -108.07 -3.07 7.07
N UNK A 3592 -107.55 -3.96 6.24
CA UNK A 3592 -106.28 -3.73 5.54
C UNK A 3592 -106.49 -2.75 4.38
N UNK A 3593 -107.68 -2.78 3.79
CA UNK A 3593 -108.00 -1.89 2.69
C UNK A 3593 -108.27 -0.47 3.20
N UNK A 3594 -108.82 -0.39 4.42
CA UNK A 3594 -109.11 0.90 5.03
C UNK A 3594 -107.83 1.55 5.55
N UNK A 3595 -106.88 0.72 5.96
CA UNK A 3595 -105.61 1.21 6.47
C UNK A 3595 -104.72 1.67 5.32
N UNK A 3596 -104.88 1.04 4.16
CA UNK A 3596 -104.11 1.40 2.97
C UNK A 3596 -104.66 2.67 2.34
N UNK A 3597 -105.96 2.87 2.49
CA UNK A 3597 -106.62 4.07 1.95
C UNK A 3597 -106.32 5.28 2.82
N UNK A 3598 -106.16 5.05 4.12
CA UNK A 3598 -105.85 6.10 5.07
C UNK A 3598 -104.38 6.50 4.96
N UNK A 3599 -103.54 5.54 4.59
CA UNK A 3599 -102.11 5.80 4.42
C UNK A 3599 -101.85 6.52 3.11
N UNK A 3600 -102.69 6.25 2.11
CA UNK A 3600 -102.57 6.90 0.80
C UNK A 3600 -103.09 8.33 0.87
N UNK A 3601 -104.07 8.55 1.75
CA UNK A 3601 -104.63 9.89 1.94
C UNK A 3601 -103.69 10.76 2.76
N UNK A 3602 -102.94 10.12 3.64
CA UNK A 3602 -101.98 10.83 4.48
C UNK A 3602 -100.72 11.16 3.68
N UNK A 3603 -100.40 10.32 2.70
CA UNK A 3603 -99.25 10.54 1.85
C UNK A 3603 -99.55 11.61 0.81
N UNK A 3604 -100.81 11.70 0.41
CA UNK A 3604 -101.24 12.71 -0.55
C UNK A 3604 -101.36 14.08 0.12
N UNK A 3605 -101.68 14.07 1.40
CA UNK A 3605 -101.79 15.31 2.17
C UNK A 3605 -100.41 15.84 2.53
N UNK A 3606 -99.45 14.94 2.69
CA UNK A 3606 -98.08 15.32 3.01
C UNK A 3606 -97.37 15.83 1.76
N UNK A 3607 -97.77 15.31 0.61
CA UNK A 3607 -97.18 15.73 -0.66
C UNK A 3607 -97.74 17.08 -1.09
N UNK A 3608 -98.98 17.35 -0.71
CA UNK A 3608 -99.63 18.61 -1.04
C UNK A 3608 -99.14 19.73 -0.12
N UNK A 3609 -98.74 19.36 1.09
CA UNK A 3609 -98.23 20.32 2.05
C UNK A 3609 -96.78 20.65 1.77
N UNK A 3610 -96.08 19.73 1.12
CA UNK A 3610 -94.68 19.91 0.78
C UNK A 3610 -94.53 20.82 -0.43
N LEU A 3623 -74.91 38.69 -9.25
CA LEU A 3623 -75.95 39.03 -10.22
C LEU A 3623 -75.35 39.66 -11.47
N LEU A 3624 -76.16 40.47 -12.14
CA LEU A 3624 -75.70 41.21 -13.32
C LEU A 3624 -74.90 42.43 -12.89
N SER A 3625 -73.95 42.84 -13.73
CA SER A 3625 -73.14 44.03 -13.46
C SER A 3625 -73.98 45.30 -13.69
N LYS A 3626 -73.43 46.42 -13.22
CA LYS A 3626 -74.16 47.69 -13.28
C LYS A 3626 -74.26 48.23 -14.70
N GLN A 3627 -73.26 47.94 -15.54
CA GLN A 3627 -73.31 48.43 -16.92
C GLN A 3627 -74.16 47.49 -17.80
N ARG A 3628 -74.30 46.22 -17.43
CA ARG A 3628 -75.17 45.35 -18.21
C ARG A 3628 -76.65 45.69 -18.02
N ARG A 3629 -77.01 46.30 -16.88
CA ARG A 3629 -78.41 46.67 -16.69
C ARG A 3629 -78.76 47.96 -17.44
N ARG A 3630 -77.78 48.85 -17.67
CA ARG A 3630 -78.07 49.95 -18.60
C ARG A 3630 -77.89 49.47 -20.05
N ALA A 3631 -77.22 48.32 -20.24
CA ALA A 3631 -77.08 47.77 -21.59
C ALA A 3631 -78.33 47.02 -22.02
N VAL A 3632 -78.93 46.25 -21.12
CA VAL A 3632 -80.13 45.49 -21.46
C VAL A 3632 -81.33 46.42 -21.60
N VAL A 3633 -81.28 47.62 -21.04
CA VAL A 3633 -82.33 48.60 -21.25
C VAL A 3633 -82.15 49.29 -22.61
N ALA A 3634 -80.92 49.66 -22.95
CA ALA A 3634 -80.67 50.37 -24.21
C ALA A 3634 -80.70 49.46 -25.43
N CYS A 3635 -80.89 48.16 -25.25
CA CYS A 3635 -81.05 47.23 -26.37
C CYS A 3635 -82.31 47.50 -27.16
N PHE A 3636 -83.33 48.05 -26.52
CA PHE A 3636 -84.68 48.07 -27.07
C PHE A 3636 -84.95 49.35 -27.86
N ARG A 3637 -84.24 50.43 -27.52
CA ARG A 3637 -84.22 51.68 -28.26
C ARG A 3637 -83.16 51.71 -29.34
N MET A 3638 -82.70 50.54 -29.78
CA MET A 3638 -81.74 50.46 -30.88
C MET A 3638 -82.42 50.87 -32.18
N THR A 3639 -81.78 51.78 -32.91
CA THR A 3639 -82.38 52.26 -34.15
C THR A 3639 -82.26 51.20 -35.24
N PRO A 3640 -83.26 51.07 -36.10
CA PRO A 3640 -83.12 50.17 -37.24
C PRO A 3640 -82.28 50.79 -38.34
N LEU A 3641 -82.10 50.06 -39.45
CA LEU A 3641 -81.24 50.53 -40.51
C LEU A 3641 -81.93 51.53 -41.43
N TYR A 3642 -83.24 51.38 -41.64
CA TYR A 3642 -83.94 52.26 -42.56
C TYR A 3642 -84.15 53.66 -42.00
N ASN A 3643 -84.06 53.84 -40.68
CA ASN A 3643 -84.02 55.17 -40.10
C ASN A 3643 -82.61 55.74 -40.00
N LEU A 3644 -81.58 54.92 -40.21
CA LEU A 3644 -80.22 55.42 -40.20
C LEU A 3644 -79.91 56.14 -41.52
N PRO A 3645 -79.01 57.12 -41.48
CA PRO A 3645 -78.58 57.77 -42.73
C PRO A 3645 -77.72 56.83 -43.55
N THR A 3646 -77.57 57.17 -44.83
CA THR A 3646 -76.98 56.26 -45.79
C THR A 3646 -75.45 56.21 -45.68
N HIS A 3647 -74.82 57.31 -45.26
CA HIS A 3647 -73.36 57.35 -45.22
C HIS A 3647 -72.82 56.54 -44.04
N ARG A 3648 -73.52 56.55 -42.91
CA ARG A 3648 -73.12 55.69 -41.79
C ARG A 3648 -73.57 54.26 -42.00
N ALA A 3649 -74.61 54.06 -42.82
CA ALA A 3649 -75.01 52.70 -43.18
C ALA A 3649 -74.02 52.09 -44.17
N CYS A 3650 -73.31 52.94 -44.92
CA CYS A 3650 -72.33 52.43 -45.88
C CYS A 3650 -71.04 52.01 -45.21
N ASN A 3651 -70.60 52.75 -44.18
CA ASN A 3651 -69.36 52.41 -43.49
C ASN A 3651 -69.51 51.13 -42.67
N MET A 3652 -70.72 50.83 -42.20
CA MET A 3652 -70.96 49.54 -41.55
C MET A 3652 -71.03 48.41 -42.57
N PHE A 3653 -71.20 48.75 -43.86
CA PHE A 3653 -71.23 47.72 -44.91
C PHE A 3653 -69.82 47.35 -45.37
N LEU A 3654 -68.92 48.34 -45.51
CA LEU A 3654 -67.56 48.05 -45.95
C LEU A 3654 -66.79 47.26 -44.88
N GLU A 3655 -67.09 47.51 -43.62
CA GLU A 3655 -66.43 46.75 -42.55
C GLU A 3655 -66.99 45.35 -42.43
N SER A 3656 -68.28 45.17 -42.76
CA SER A 3656 -68.89 43.86 -42.64
C SER A 3656 -68.57 42.98 -43.85
N TYR A 3657 -68.49 43.60 -45.03
CA TYR A 3657 -68.12 42.84 -46.23
C TYR A 3657 -66.65 42.45 -46.19
N LYS A 3658 -65.83 43.21 -45.46
CA LYS A 3658 -64.42 42.89 -45.32
C LYS A 3658 -64.22 41.68 -44.40
N ALA A 3659 -64.93 41.65 -43.27
CA ALA A 3659 -64.72 40.61 -42.29
C ALA A 3659 -65.40 39.29 -42.65
N ALA A 3660 -66.36 39.31 -43.58
CA ALA A 3660 -67.13 38.12 -43.91
C ALA A 3660 -66.73 37.48 -45.24
N TRP A 3661 -66.17 38.27 -46.14
CA TRP A 3661 -65.85 37.80 -47.49
C TRP A 3661 -64.37 37.90 -47.84
N ILE A 3662 -63.70 38.99 -47.47
CA ILE A 3662 -62.32 39.17 -47.91
C ILE A 3662 -61.35 38.47 -46.96
N LEU A 3663 -61.62 38.52 -45.65
CA LEU A 3663 -60.75 37.82 -44.70
C LEU A 3663 -60.91 36.30 -44.79
N THR A 3664 -62.11 35.82 -45.13
CA THR A 3664 -62.36 34.40 -45.21
C THR A 3664 -61.88 33.79 -46.53
N GLU A 3665 -61.52 34.60 -47.51
CA GLU A 3665 -61.07 34.09 -48.79
C GLU A 3665 -59.62 33.61 -48.70
N ASP A 3666 -59.36 32.44 -49.28
CA ASP A 3666 -58.03 31.84 -49.26
C ASP A 3666 -57.44 31.81 -50.68
N HIS A 3667 -56.15 32.07 -50.76
CA HIS A 3667 -55.43 32.02 -52.03
C HIS A 3667 -54.05 31.45 -51.77
N SER A 3668 -53.49 30.78 -52.78
CA SER A 3668 -52.23 30.08 -52.64
C SER A 3668 -51.17 30.68 -53.55
N PHE A 3669 -51.01 32.01 -53.49
CA PHE A 3669 -49.98 32.70 -54.27
C PHE A 3669 -48.59 32.55 -53.68
N GLU A 3670 -48.46 31.92 -52.52
CA GLU A 3670 -47.16 31.84 -51.86
C GLU A 3670 -46.26 30.83 -52.56
N ASP A 3671 -46.86 29.77 -53.14
CA ASP A 3671 -46.06 28.77 -53.84
C ASP A 3671 -45.61 29.31 -55.20
N ARG A 3672 -46.53 29.97 -55.92
CA ARG A 3672 -46.25 30.26 -57.33
C ARG A 3672 -45.27 31.41 -57.50
N MET A 3673 -45.15 32.30 -56.51
CA MET A 3673 -44.17 33.36 -56.61
C MET A 3673 -42.77 32.83 -56.30
N ILE A 3674 -42.65 31.89 -55.36
CA ILE A 3674 -41.32 31.44 -55.00
C ILE A 3674 -40.74 30.51 -56.06
N ASP A 3675 -41.58 29.73 -56.74
CA ASP A 3675 -41.06 28.84 -57.77
C ASP A 3675 -40.63 29.59 -59.02
N ASP A 3676 -41.24 30.74 -59.31
CA ASP A 3676 -40.87 31.45 -60.53
C ASP A 3676 -39.61 32.30 -60.33
N LEU A 3677 -39.38 32.76 -59.08
CA LEU A 3677 -38.09 33.39 -58.77
C LEU A 3677 -36.98 32.35 -58.61
N SER A 3678 -37.34 31.11 -58.30
CA SER A 3678 -36.32 30.06 -58.17
C SER A 3678 -35.95 29.46 -59.51
N LYS A 3679 -36.89 29.34 -60.45
CA LYS A 3679 -36.55 28.93 -61.81
C LYS A 3679 -35.94 30.09 -62.58
N ALA A 3680 -35.95 31.29 -62.02
CA ALA A 3680 -35.27 32.47 -62.56
C ALA A 3680 -33.77 32.43 -62.36
N GLY A 3681 -33.24 31.42 -61.68
CA GLY A 3681 -31.80 31.26 -61.61
C GLY A 3681 -31.17 30.89 -62.93
N GLU A 3682 -31.94 30.24 -63.80
CA GLU A 3682 -31.44 29.81 -65.11
C GLU A 3682 -32.08 30.65 -66.21
N GLN A 3683 -31.25 31.13 -67.13
CA GLN A 3683 -31.69 31.95 -68.25
C GLN A 3683 -30.70 31.79 -69.39
N GLU A 3684 -30.94 32.52 -70.47
CA GLU A 3684 -30.00 32.58 -71.58
C GLU A 3684 -28.86 33.54 -71.23
N LYS A 3693 -22.74 32.37 -62.76
CA LYS A 3693 -22.56 32.31 -61.31
C LYS A 3693 -23.14 33.54 -60.62
N LYS A 3694 -23.96 34.30 -61.34
CA LYS A 3694 -24.55 35.50 -60.76
C LYS A 3694 -25.70 35.11 -59.83
N PRO A 3695 -26.01 35.94 -58.83
CA PRO A 3695 -27.05 35.56 -57.85
C PRO A 3695 -28.47 35.53 -58.42
N ASP A 3696 -29.21 34.51 -58.01
CA ASP A 3696 -30.60 34.30 -58.36
C ASP A 3696 -31.48 35.34 -57.67
N PRO A 3697 -32.70 35.60 -58.21
CA PRO A 3697 -33.57 36.61 -57.57
C PRO A 3697 -34.03 36.25 -56.18
N LEU A 3698 -34.23 34.96 -55.87
CA LEU A 3698 -34.50 34.60 -54.48
C LEU A 3698 -33.23 34.68 -53.64
N HIS A 3699 -32.08 34.48 -54.27
CA HIS A 3699 -30.80 34.65 -53.58
C HIS A 3699 -30.48 36.13 -53.40
N GLN A 3700 -30.95 36.98 -54.32
CA GLN A 3700 -30.75 38.41 -54.19
C GLN A 3700 -31.57 38.98 -53.03
N LEU A 3701 -32.72 38.37 -52.76
CA LEU A 3701 -33.63 38.89 -51.75
C LEU A 3701 -33.12 38.60 -50.35
N VAL A 3702 -32.54 37.41 -50.14
CA VAL A 3702 -32.15 37.00 -48.80
C VAL A 3702 -30.85 37.66 -48.35
N LEU A 3703 -29.94 37.97 -49.29
CA LEU A 3703 -28.77 38.76 -48.92
C LEU A 3703 -29.13 40.22 -48.73
N HIS A 3704 -30.19 40.69 -49.39
CA HIS A 3704 -30.72 42.02 -49.07
C HIS A 3704 -31.36 42.03 -47.69
N PHE A 3705 -32.02 40.93 -47.32
CA PHE A 3705 -32.51 40.80 -45.95
C PHE A 3705 -31.37 40.54 -44.96
N SER A 3706 -30.25 40.00 -45.44
CA SER A 3706 -29.12 39.76 -44.54
C SER A 3706 -28.28 41.01 -44.32
N ARG A 3707 -28.22 41.92 -45.30
CA ARG A 3707 -27.38 43.10 -45.16
C ARG A 3707 -28.06 44.15 -44.28
N THR A 3708 -29.38 44.23 -44.33
CA THR A 3708 -30.11 45.15 -43.46
C THR A 3708 -30.21 44.67 -42.02
N ALA A 3709 -29.63 43.52 -41.69
CA ALA A 3709 -29.58 43.06 -40.32
C ALA A 3709 -28.30 43.46 -39.61
N LEU A 3710 -27.19 43.59 -40.32
CA LEU A 3710 -25.89 43.76 -39.70
C LEU A 3710 -25.41 45.20 -39.68
N THR A 3711 -26.28 46.15 -40.04
CA THR A 3711 -25.98 47.55 -39.79
C THR A 3711 -26.10 47.85 -38.30
N GLU A 3712 -25.23 48.72 -37.79
CA GLU A 3712 -25.19 48.99 -36.36
C GLU A 3712 -26.32 49.93 -35.97
N LYS A 3713 -27.25 49.41 -35.17
CA LYS A 3713 -28.34 50.23 -34.65
C LYS A 3713 -28.75 49.64 -33.30
N SER A 3714 -29.27 50.53 -32.44
CA SER A 3714 -29.63 50.12 -31.08
C SER A 3714 -30.81 49.16 -31.09
N LYS A 3715 -31.76 49.37 -32.00
CA LYS A 3715 -32.90 48.48 -32.16
C LYS A 3715 -33.13 48.24 -33.65
N LEU A 3716 -33.96 47.25 -33.94
CA LEU A 3716 -34.30 46.88 -35.31
C LEU A 3716 -35.60 47.56 -35.71
N ASP A 3717 -35.60 48.18 -36.90
CA ASP A 3717 -36.82 48.77 -37.41
C ASP A 3717 -37.81 47.68 -37.81
N GLU A 3718 -39.10 48.00 -37.68
CA GLU A 3718 -40.13 47.12 -38.18
C GLU A 3718 -40.28 47.34 -39.69
N ASP A 3719 -40.13 46.26 -40.44
CA ASP A 3719 -40.18 46.31 -41.89
C ASP A 3719 -41.38 45.47 -42.29
N TYR A 3720 -42.38 46.10 -42.92
CA TYR A 3720 -43.54 45.37 -43.39
C TYR A 3720 -43.17 44.43 -44.53
N LEU A 3721 -42.12 44.77 -45.28
CA LEU A 3721 -41.74 43.96 -46.43
C LEU A 3721 -41.06 42.66 -45.99
N TYR A 3722 -40.35 42.66 -44.85
CA TYR A 3722 -39.76 41.42 -44.39
C TYR A 3722 -40.81 40.51 -43.76
N MET A 3723 -41.78 41.09 -43.04
CA MET A 3723 -42.87 40.29 -42.47
C MET A 3723 -43.70 39.65 -43.58
N ALA A 3724 -43.87 40.39 -44.68
CA ALA A 3724 -44.70 39.90 -45.78
C ALA A 3724 -43.96 38.88 -46.63
N TYR A 3725 -42.64 38.96 -46.69
CA TYR A 3725 -41.92 37.93 -47.42
C TYR A 3725 -41.60 36.72 -46.55
N ALA A 3726 -41.57 36.86 -45.23
CA ALA A 3726 -41.23 35.72 -44.38
C ALA A 3726 -42.36 34.71 -44.31
N ASP A 3727 -43.61 35.17 -44.31
CA ASP A 3727 -44.72 34.22 -44.21
C ASP A 3727 -45.06 33.63 -45.58
N ILE A 3728 -44.57 34.23 -46.66
CA ILE A 3728 -44.66 33.61 -47.98
C ILE A 3728 -43.70 32.43 -48.07
N MET A 3729 -42.47 32.60 -47.56
CA MET A 3729 -41.53 31.50 -47.49
C MET A 3729 -41.93 30.46 -46.44
N ALA A 3730 -42.72 30.86 -45.45
CA ALA A 3730 -43.18 29.90 -44.46
C ALA A 3730 -44.29 29.02 -45.02
N LYS A 3731 -45.27 29.61 -45.71
CA LYS A 3731 -46.36 28.82 -46.28
C LYS A 3731 -45.96 28.15 -47.59
N SER A 3732 -44.80 28.47 -48.15
CA SER A 3732 -44.32 27.72 -49.31
C SER A 3732 -43.88 26.32 -48.92
N CYS A 3733 -43.39 26.14 -47.71
CA CYS A 3733 -43.03 24.83 -47.20
C CYS A 3733 -44.08 24.23 -46.28
N HIS A 3734 -45.13 24.98 -45.93
CA HIS A 3734 -46.22 24.44 -45.12
C HIS A 3734 -47.20 23.62 -45.94
N LEU A 3735 -46.98 23.51 -47.26
CA LEU A 3735 -47.85 22.70 -48.12
C LEU A 3735 -47.64 21.21 -47.90
N GLU A 3736 -46.39 20.78 -47.71
CA GLU A 3736 -46.08 19.37 -47.52
C GLU A 3736 -46.06 18.96 -46.06
N GLU A 3737 -46.09 19.91 -45.13
CA GLU A 3737 -46.09 19.61 -43.71
C GLU A 3737 -47.51 19.50 -43.16
N GLU A 3750 -54.92 5.01 -42.66
CA GLU A 3750 -53.94 4.03 -43.13
C GLU A 3750 -53.21 4.52 -44.39
N VAL A 3751 -51.96 4.95 -44.21
CA VAL A 3751 -51.13 5.46 -45.29
C VAL A 3751 -50.01 4.45 -45.56
N SER A 3752 -49.46 4.49 -46.77
CA SER A 3752 -48.49 3.50 -47.22
C SER A 3752 -47.07 4.01 -47.07
N PHE A 3753 -46.11 3.24 -47.57
CA PHE A 3753 -44.70 3.59 -47.41
C PHE A 3753 -44.24 4.56 -48.49
N GLU A 3754 -44.66 4.35 -49.73
CA GLU A 3754 -44.13 5.16 -50.82
C GLU A 3754 -44.67 6.58 -50.76
N GLU A 3755 -45.92 6.73 -50.32
CA GLU A 3755 -46.51 8.07 -50.32
C GLU A 3755 -45.97 8.95 -49.21
N LYS A 3756 -45.56 8.39 -48.06
CA LYS A 3756 -45.07 9.25 -46.98
C LYS A 3756 -43.66 9.75 -47.25
N GLU A 3757 -42.84 8.92 -47.92
CA GLU A 3757 -41.50 9.38 -48.30
C GLU A 3757 -41.54 10.32 -49.50
N MET A 3758 -42.54 10.22 -50.37
CA MET A 3758 -42.67 11.22 -51.43
C MET A 3758 -43.25 12.52 -50.89
N GLU A 3759 -43.96 12.47 -49.76
CA GLU A 3759 -44.26 13.71 -49.05
C GLU A 3759 -43.03 14.25 -48.34
N LYS A 3760 -42.11 13.36 -47.92
CA LYS A 3760 -40.94 13.83 -47.20
C LYS A 3760 -39.90 14.43 -48.14
N GLN A 3761 -39.61 13.73 -49.25
CA GLN A 3761 -38.63 14.26 -50.20
C GLN A 3761 -39.18 15.47 -50.96
N ARG A 3762 -40.49 15.65 -50.97
CA ARG A 3762 -41.05 16.92 -51.45
C ARG A 3762 -40.78 18.04 -50.46
N LEU A 3763 -40.91 17.76 -49.16
CA LEU A 3763 -40.73 18.80 -48.15
C LEU A 3763 -39.26 19.18 -48.02
N LEU A 3764 -38.35 18.21 -48.13
CA LEU A 3764 -36.94 18.54 -48.14
C LEU A 3764 -36.51 19.16 -49.48
N TYR A 3765 -37.37 19.12 -50.50
CA TYR A 3765 -37.08 19.86 -51.73
C TYR A 3765 -37.45 21.34 -51.57
N GLN A 3766 -38.59 21.64 -50.94
CA GLN A 3766 -38.95 23.03 -50.68
C GLN A 3766 -38.03 23.66 -49.65
N GLN A 3767 -37.49 22.86 -48.74
CA GLN A 3767 -36.48 23.37 -47.82
C GLN A 3767 -35.12 23.46 -48.50
N SER A 3768 -34.88 22.63 -49.53
CA SER A 3768 -33.65 22.79 -50.31
C SER A 3768 -33.75 24.01 -51.23
N ARG A 3769 -34.96 24.37 -51.63
CA ARG A 3769 -35.12 25.50 -52.52
C ARG A 3769 -34.90 26.82 -51.80
N LEU A 3770 -35.06 26.84 -50.48
CA LEU A 3770 -34.92 28.06 -49.69
C LEU A 3770 -33.54 28.24 -49.08
N HIS A 3771 -32.93 27.18 -48.56
CA HIS A 3771 -31.78 27.30 -47.67
C HIS A 3771 -30.44 27.21 -48.37
N THR A 3772 -30.37 26.75 -49.62
CA THR A 3772 -29.10 26.79 -50.32
C THR A 3772 -28.79 28.20 -50.79
N ARG A 3773 -29.79 29.08 -50.80
CA ARG A 3773 -29.62 30.50 -51.07
C ARG A 3773 -29.11 31.27 -49.85
N GLY A 3774 -28.94 30.59 -48.72
CA GLY A 3774 -28.42 31.23 -47.53
C GLY A 3774 -29.48 31.80 -46.60
N ALA A 3775 -30.64 31.15 -46.56
CA ALA A 3775 -31.71 31.60 -45.66
C ALA A 3775 -31.51 31.10 -44.24
N ALA A 3776 -30.68 30.08 -44.04
CA ALA A 3776 -30.45 29.54 -42.71
C ALA A 3776 -29.64 30.50 -41.84
N GLU A 3777 -28.75 31.26 -42.45
CA GLU A 3777 -28.01 32.27 -41.70
C GLU A 3777 -28.80 33.57 -41.60
N MET A 3778 -29.76 33.77 -42.51
CA MET A 3778 -30.55 35.00 -42.52
C MET A 3778 -31.47 35.08 -41.31
N VAL A 3779 -32.04 33.94 -40.92
CA VAL A 3779 -32.91 33.91 -39.74
C VAL A 3779 -32.10 34.07 -38.46
N LEU A 3780 -30.87 33.56 -38.43
CA LEU A 3780 -30.09 33.65 -37.20
C LEU A 3780 -29.45 35.03 -37.02
N GLN A 3781 -29.31 35.80 -38.11
CA GLN A 3781 -28.78 37.14 -37.96
C GLN A 3781 -29.79 38.08 -37.33
N MET A 3782 -31.07 37.77 -37.50
CA MET A 3782 -32.12 38.73 -37.16
C MET A 3782 -32.76 38.40 -35.82
N ILE A 3783 -32.56 37.16 -35.33
CA ILE A 3783 -32.72 36.89 -33.89
C ILE A 3783 -31.53 37.46 -33.13
N SER A 3784 -30.35 37.50 -33.78
CA SER A 3784 -29.17 38.08 -33.14
C SER A 3784 -29.28 39.58 -33.03
N ALA A 3785 -29.85 40.22 -34.06
CA ALA A 3785 -30.01 41.66 -34.07
C ALA A 3785 -31.31 42.13 -33.43
N CYS A 3786 -32.12 41.23 -32.88
CA CYS A 3786 -33.37 41.66 -32.25
C CYS A 3786 -33.13 42.15 -30.84
N LYS A 3787 -32.22 41.50 -30.11
CA LYS A 3787 -31.73 41.89 -28.77
C LYS A 3787 -32.85 41.93 -27.73
N GLY A 3788 -33.72 40.92 -27.74
CA GLY A 3788 -34.69 40.75 -26.67
C GLY A 3788 -35.98 41.54 -26.79
N GLU A 3789 -36.30 42.07 -27.96
CA GLU A 3789 -37.56 42.78 -28.17
C GLU A 3789 -38.56 41.83 -28.85
N THR A 3790 -39.60 41.45 -28.13
CA THR A 3790 -40.57 40.49 -28.66
C THR A 3790 -41.65 41.15 -29.52
N GLY A 3791 -41.22 41.83 -30.58
CA GLY A 3791 -42.13 42.51 -31.47
C GLY A 3791 -42.85 41.57 -32.42
N ALA A 3792 -43.46 42.17 -33.46
CA ALA A 3792 -44.17 41.38 -34.45
C ALA A 3792 -43.24 40.65 -35.41
N MET A 3793 -41.94 41.00 -35.43
CA MET A 3793 -41.01 40.44 -36.41
C MET A 3793 -40.45 39.08 -36.00
N VAL A 3794 -40.34 38.80 -34.69
CA VAL A 3794 -39.87 37.47 -34.28
C VAL A 3794 -40.95 36.42 -34.48
N SER A 3795 -42.22 36.84 -34.56
CA SER A 3795 -43.26 35.89 -34.93
C SER A 3795 -43.15 35.49 -36.39
N SER A 3796 -42.57 36.35 -37.22
CA SER A 3796 -42.48 36.10 -38.66
C SER A 3796 -41.21 35.36 -39.05
N THR A 3797 -40.11 35.58 -38.33
CA THR A 3797 -38.85 34.95 -38.70
C THR A 3797 -38.73 33.56 -38.06
N LEU A 3798 -39.34 33.35 -36.89
CA LEU A 3798 -39.22 32.08 -36.21
C LEU A 3798 -40.22 31.06 -36.75
N LYS A 3799 -41.37 31.53 -37.27
CA LYS A 3799 -42.21 30.61 -38.04
C LYS A 3799 -41.54 30.24 -39.36
N LEU A 3800 -40.71 31.13 -39.91
CA LEU A 3800 -39.86 30.76 -41.02
C LEU A 3800 -38.73 29.83 -40.57
N GLY A 3801 -38.26 30.02 -39.33
CA GLY A 3801 -37.15 29.22 -38.82
C GLY A 3801 -37.53 27.76 -38.59
N ILE A 3802 -38.80 27.51 -38.30
CA ILE A 3802 -39.28 26.14 -38.12
C ILE A 3802 -39.52 25.46 -39.46
N SER A 3803 -40.17 26.18 -40.39
CA SER A 3803 -40.54 25.59 -41.68
C SER A 3803 -39.32 25.26 -42.54
N ILE A 3804 -38.18 25.91 -42.28
CA ILE A 3804 -36.92 25.52 -42.91
C ILE A 3804 -36.33 24.30 -42.18
N LEU A 3805 -36.51 24.24 -40.85
CA LEU A 3805 -35.95 23.18 -40.03
C LEU A 3805 -36.95 22.07 -39.74
N ASN A 3806 -38.00 21.97 -40.54
CA ASN A 3806 -39.09 21.06 -40.23
C ASN A 3806 -38.75 19.63 -40.64
N GLY A 3807 -39.03 18.68 -39.75
CA GLY A 3807 -38.84 17.29 -40.03
C GLY A 3807 -37.50 16.71 -39.61
N GLY A 3808 -36.64 17.48 -38.97
CA GLY A 3808 -35.34 16.99 -38.58
C GLY A 3808 -34.36 16.94 -39.72
N ASN A 3809 -34.32 18.00 -40.52
CA ASN A 3809 -33.39 18.13 -41.63
C ASN A 3809 -31.98 18.39 -41.10
N ALA A 3810 -30.98 17.80 -41.77
CA ALA A 3810 -29.62 17.79 -41.24
C ALA A 3810 -28.69 18.80 -41.90
N GLU A 3811 -28.86 19.10 -43.19
CA GLU A 3811 -27.95 20.05 -43.83
C GLU A 3811 -28.29 21.49 -43.43
N VAL A 3812 -29.51 21.73 -42.97
CA VAL A 3812 -29.85 23.07 -42.50
C VAL A 3812 -29.25 23.33 -41.12
N GLN A 3813 -29.05 22.28 -40.33
CA GLN A 3813 -28.56 22.46 -38.97
C GLN A 3813 -27.05 22.64 -38.95
N GLN A 3814 -26.34 21.86 -39.77
CA GLN A 3814 -24.90 21.99 -39.86
C GLN A 3814 -24.50 23.28 -40.56
N LYS A 3815 -25.35 23.81 -41.44
CA LYS A 3815 -25.12 25.15 -41.97
C LYS A 3815 -25.36 26.23 -40.93
N MET A 3816 -26.17 25.93 -39.90
CA MET A 3816 -26.33 26.89 -38.81
C MET A 3816 -25.21 26.78 -37.80
N LEU A 3817 -24.64 25.58 -37.63
CA LEU A 3817 -23.68 25.40 -36.55
C LEU A 3817 -22.30 25.95 -36.92
N ASP A 3818 -21.86 25.76 -38.17
CA ASP A 3818 -20.56 26.29 -38.56
C ASP A 3818 -20.59 27.81 -38.64
N TYR A 3819 -21.76 28.38 -38.92
CA TYR A 3819 -21.91 29.83 -38.99
C TYR A 3819 -21.73 30.48 -37.63
N LEU A 3820 -22.28 29.87 -36.59
CA LEU A 3820 -22.05 30.40 -35.24
C LEU A 3820 -20.68 30.01 -34.68
N LYS A 3821 -19.91 29.19 -35.40
CA LYS A 3821 -18.56 28.88 -34.94
C LYS A 3821 -17.47 29.64 -35.70
N ASP A 3822 -17.72 30.07 -36.95
CA ASP A 3822 -16.70 30.92 -37.57
C ASP A 3822 -16.87 32.38 -37.16
N LYS A 3823 -18.10 32.78 -36.81
CA LYS A 3823 -18.35 34.13 -36.35
C LYS A 3823 -17.91 34.32 -34.90
N LYS A 3824 -18.35 33.42 -34.01
CA LYS A 3824 -18.08 33.47 -32.56
C LYS A 3824 -18.53 34.80 -31.96
N GLU A 3825 -19.73 35.23 -32.35
CA GLU A 3825 -20.31 36.49 -31.90
C GLU A 3825 -21.43 36.18 -30.92
N VAL A 3826 -21.27 36.66 -29.68
CA VAL A 3826 -22.30 36.44 -28.67
C VAL A 3826 -23.43 37.43 -28.88
N GLY A 3827 -24.66 36.97 -28.76
CA GLY A 3827 -25.81 37.82 -29.03
C GLY A 3827 -26.96 37.07 -29.67
N PHE A 3828 -26.70 35.86 -30.15
CA PHE A 3828 -27.75 34.95 -30.60
C PHE A 3828 -28.30 34.14 -29.44
N PHE A 3829 -27.45 33.76 -28.49
CA PHE A 3829 -27.83 32.94 -27.36
C PHE A 3829 -28.36 33.78 -26.20
N GLN A 3830 -27.87 35.01 -26.06
CA GLN A 3830 -28.42 35.90 -25.04
C GLN A 3830 -29.79 36.40 -25.45
N SER A 3831 -30.08 36.42 -26.76
CA SER A 3831 -31.38 36.88 -27.21
C SER A 3831 -32.45 35.84 -26.97
N ILE A 3832 -32.12 34.55 -27.11
CA ILE A 3832 -33.06 33.49 -26.74
C ILE A 3832 -33.31 33.51 -25.23
N GLN A 3833 -32.30 33.90 -24.44
CA GLN A 3833 -32.49 34.00 -23.00
C GLN A 3833 -33.40 35.16 -22.61
N ALA A 3834 -33.30 36.30 -23.31
CA ALA A 3834 -34.18 37.43 -22.99
C ALA A 3834 -35.57 37.21 -23.56
N LEU A 3835 -35.67 36.48 -24.68
CA LEU A 3835 -36.96 36.08 -25.23
C LEU A 3835 -37.65 35.03 -24.37
N MET A 3836 -36.90 34.28 -23.55
CA MET A 3836 -37.51 33.24 -22.73
C MET A 3836 -38.11 33.79 -21.42
N GLN A 3837 -37.48 34.79 -20.83
CA GLN A 3837 -37.95 35.27 -19.53
C GLN A 3837 -39.08 36.28 -19.67
N THR A 3838 -39.24 36.87 -20.86
CA THR A 3838 -40.39 37.74 -21.12
C THR A 3838 -41.50 36.98 -21.85
N CYS A 3839 -41.93 35.87 -21.23
CA CYS A 3839 -43.12 35.14 -21.64
C CYS A 3839 -44.12 35.14 -20.49
N SER A 3840 -45.40 35.21 -20.84
CA SER A 3840 -46.47 35.25 -19.86
C SER A 3840 -46.89 33.84 -19.44
N VAL A 3841 -47.39 33.75 -18.20
CA VAL A 3841 -47.91 32.51 -17.63
C VAL A 3841 -49.33 32.79 -17.14
N LEU A 3842 -49.96 31.81 -16.48
CA LEU A 3842 -51.30 32.01 -15.92
C LEU A 3842 -51.21 32.95 -14.73
N ASP A 3843 -51.47 34.24 -14.96
CA ASP A 3843 -51.55 35.19 -13.86
C ASP A 3843 -52.91 35.12 -13.18
N LEU A 3844 -52.93 35.40 -11.89
CA LEU A 3844 -54.16 35.44 -11.10
C LEU A 3844 -54.48 36.85 -10.62
N ASN A 3845 -53.95 37.86 -11.29
CA ASN A 3845 -54.30 39.26 -11.06
C ASN A 3845 -55.10 39.85 -12.21
N ALA A 3846 -54.68 39.57 -13.45
CA ALA A 3846 -55.41 40.02 -14.63
C ALA A 3846 -56.53 39.07 -15.04
N PHE A 3847 -56.66 37.93 -14.36
CA PHE A 3847 -57.71 36.98 -14.71
C PHE A 3847 -59.08 37.45 -14.20
N GLU A 3848 -59.12 38.04 -13.00
CA GLU A 3848 -60.37 38.59 -12.51
C GLU A 3848 -60.69 39.92 -13.19
N ARG A 3849 -59.68 40.60 -13.72
CA ARG A 3849 -59.93 41.78 -14.54
C ARG A 3849 -60.61 41.39 -15.85
N GLN A 3850 -60.26 40.22 -16.38
CA GLN A 3850 -60.89 39.72 -17.60
C GLN A 3850 -62.30 39.21 -17.32
N ASN A 3851 -62.52 38.64 -16.13
CA ASN A 3851 -63.83 38.09 -15.80
C ASN A 3851 -64.83 39.20 -15.52
N LYS A 3852 -64.36 40.33 -14.98
CA LYS A 3852 -65.24 41.45 -14.73
C LYS A 3852 -65.56 42.21 -16.01
N ALA A 3853 -64.60 42.30 -16.92
CA ALA A 3853 -64.81 43.02 -18.18
C ALA A 3853 -65.59 42.19 -19.20
N GLU A 3854 -65.66 40.87 -19.02
CA GLU A 3854 -66.43 40.03 -19.93
C GLU A 3854 -67.93 40.13 -19.68
N GLY A 3855 -68.35 40.62 -18.51
CA GLY A 3855 -69.75 40.75 -18.22
C GLY A 3855 -70.45 41.87 -18.96
N LEU A 3856 -69.69 42.80 -19.55
CA LEU A 3856 -70.28 43.88 -20.35
C LEU A 3856 -70.49 43.37 -21.77
N GLY A 3857 -71.70 42.87 -22.03
CA GLY A 3857 -71.97 42.24 -23.31
C GLY A 3857 -72.09 43.24 -24.45
N MET A 3858 -72.61 44.43 -24.18
CA MET A 3858 -72.81 45.43 -25.21
C MET A 3858 -72.67 46.81 -24.58
N VAL A 3859 -71.87 47.67 -25.20
CA VAL A 3859 -71.70 49.02 -24.68
C VAL A 3859 -72.76 49.92 -25.30
N ASN A 3860 -73.21 50.92 -24.54
CA ASN A 3860 -74.33 51.79 -24.88
C ASN A 3860 -74.02 52.65 -26.12
N GLU A 3861 -75.09 53.28 -26.63
CA GLU A 3861 -75.10 54.14 -27.83
C GLU A 3861 -74.64 53.37 -29.07
N ASP A 3862 -75.25 52.21 -29.29
CA ASP A 3862 -75.10 51.38 -30.50
C ASP A 3862 -73.65 50.96 -30.73
N GLY A 3863 -73.10 50.30 -29.71
CA GLY A 3863 -71.73 49.84 -29.76
C GLY A 3863 -71.57 48.37 -29.47
N THR A 3864 -70.97 47.63 -30.40
CA THR A 3864 -70.57 46.26 -30.12
C THR A 3864 -69.15 46.26 -29.58
N VAL A 3865 -68.93 45.50 -28.50
CA VAL A 3865 -67.63 45.52 -27.83
C VAL A 3865 -66.61 44.77 -28.68
N ILE A 3866 -65.48 45.42 -28.95
CA ILE A 3866 -64.42 44.85 -29.79
C ILE A 3866 -63.64 43.89 -28.90
N ASN A 3867 -64.08 42.63 -28.88
CA ASN A 3867 -63.43 41.61 -28.07
C ASN A 3867 -62.09 41.21 -28.65
N ARG A 3868 -61.89 41.40 -29.95
CA ARG A 3868 -60.63 41.05 -30.59
C ARG A 3868 -59.55 42.10 -30.35
N GLN A 3869 -59.91 43.31 -29.94
CA GLN A 3869 -58.90 44.35 -29.70
C GLN A 3869 -58.11 44.06 -28.44
N ASN A 3870 -58.80 43.87 -27.31
CA ASN A 3870 -58.12 43.48 -26.09
C ASN A 3870 -57.72 42.00 -26.11
N GLY A 3871 -58.61 41.13 -26.58
CA GLY A 3871 -58.29 39.71 -26.62
C GLY A 3871 -58.33 39.09 -25.22
N GLU A 3872 -57.39 38.20 -24.97
CA GLU A 3872 -57.25 37.55 -23.68
C GLU A 3872 -56.06 38.15 -22.96
N LYS A 3873 -56.30 38.74 -21.77
CA LYS A 3873 -55.23 39.39 -21.04
C LYS A 3873 -54.25 38.38 -20.46
N VAL A 3874 -54.74 37.24 -19.98
CA VAL A 3874 -53.88 36.21 -19.42
C VAL A 3874 -53.49 35.22 -20.50
N MET A 3875 -52.17 34.97 -20.57
CA MET A 3875 -51.51 34.16 -21.61
C MET A 3875 -51.80 34.68 -23.02
N ALA A 3876 -51.59 35.99 -23.21
CA ALA A 3876 -51.68 36.60 -24.54
C ALA A 3876 -50.48 36.25 -25.41
N ASP A 3877 -49.34 35.92 -24.81
CA ASP A 3877 -48.10 35.64 -25.52
C ASP A 3877 -47.90 34.14 -25.63
N ASP A 3878 -49.01 33.40 -25.79
CA ASP A 3878 -48.98 31.94 -25.71
C ASP A 3878 -48.42 31.30 -26.97
N GLU A 3879 -48.70 31.90 -28.13
CA GLU A 3879 -48.33 31.29 -29.40
C GLU A 3879 -46.83 31.37 -29.60
N PHE A 3880 -46.24 32.53 -29.26
CA PHE A 3880 -44.83 32.78 -29.52
C PHE A 3880 -43.95 31.99 -28.55
N THR A 3881 -44.39 31.82 -27.31
CA THR A 3881 -43.60 31.03 -26.36
C THR A 3881 -43.76 29.53 -26.61
N GLN A 3882 -44.70 29.14 -27.46
CA GLN A 3882 -44.69 27.78 -28.00
C GLN A 3882 -43.96 27.74 -29.34
N ASP A 3883 -44.00 28.87 -30.08
CA ASP A 3883 -43.30 28.98 -31.35
C ASP A 3883 -41.79 29.05 -31.14
N LEU A 3884 -41.36 29.60 -30.01
CA LEU A 3884 -39.94 29.62 -29.68
C LEU A 3884 -39.45 28.27 -29.20
N PHE A 3885 -40.28 27.55 -28.42
CA PHE A 3885 -39.83 26.28 -27.87
C PHE A 3885 -39.93 25.15 -28.90
N ARG A 3886 -40.78 25.32 -29.91
CA ARG A 3886 -40.81 24.36 -31.02
C ARG A 3886 -39.59 24.54 -31.91
N PHE A 3887 -39.09 25.79 -32.03
CA PHE A 3887 -37.86 26.03 -32.76
C PHE A 3887 -36.67 25.42 -32.02
N LEU A 3888 -36.68 25.47 -30.69
CA LEU A 3888 -35.59 24.90 -29.91
C LEU A 3888 -35.70 23.39 -29.81
N GLN A 3889 -36.89 22.83 -30.02
CA GLN A 3889 -37.02 21.37 -30.06
C GLN A 3889 -36.49 20.81 -31.37
N LEU A 3890 -36.85 21.45 -32.48
CA LEU A 3890 -36.46 20.94 -33.80
C LEU A 3890 -35.00 21.21 -34.13
N LEU A 3891 -34.31 22.03 -33.33
CA LEU A 3891 -32.88 22.22 -33.51
C LEU A 3891 -32.10 20.96 -33.18
N CYS A 3892 -32.59 20.16 -32.22
CA CYS A 3892 -31.95 18.93 -31.80
C CYS A 3892 -32.88 17.74 -31.99
N GLU A 3893 -33.63 17.74 -33.08
CA GLU A 3893 -34.59 16.68 -33.38
C GLU A 3893 -33.93 15.44 -33.99
N GLY A 3894 -32.89 15.62 -34.78
CA GLY A 3894 -32.22 14.47 -35.40
C GLY A 3894 -31.14 13.84 -34.54
N HIS A 3895 -31.24 14.03 -33.22
CA HIS A 3895 -30.35 13.46 -32.20
C HIS A 3895 -28.89 13.86 -32.44
N ASN A 3896 -28.67 15.12 -32.83
CA ASN A 3896 -27.32 15.60 -33.11
C ASN A 3896 -26.66 15.99 -31.80
N ASN A 3897 -25.51 15.36 -31.51
CA ASN A 3897 -24.95 15.48 -30.16
C ASN A 3897 -24.23 16.80 -29.97
N ASP A 3898 -23.67 17.38 -31.03
CA ASP A 3898 -22.84 18.57 -30.88
C ASP A 3898 -23.67 19.82 -30.60
N PHE A 3899 -24.98 19.78 -30.89
CA PHE A 3899 -25.85 20.90 -30.54
C PHE A 3899 -26.13 20.96 -29.04
N GLN A 3900 -26.42 19.82 -28.40
CA GLN A 3900 -26.75 19.86 -26.98
C GLN A 3900 -25.52 20.06 -26.12
N ASN A 3901 -24.32 19.85 -26.67
CA ASN A 3901 -23.13 20.30 -25.98
C ASN A 3901 -22.87 21.78 -26.24
N TYR A 3902 -23.29 22.29 -27.39
CA TYR A 3902 -23.08 23.70 -27.68
C TYR A 3902 -24.09 24.59 -26.95
N LEU A 3903 -25.34 24.14 -26.86
CA LEU A 3903 -26.37 24.90 -26.15
C LEU A 3903 -26.14 24.87 -24.64
N ARG A 3904 -25.40 23.86 -24.15
CA ARG A 3904 -25.12 23.74 -22.72
C ARG A 3904 -23.90 24.55 -22.31
N THR A 3905 -22.84 24.50 -23.09
CA THR A 3905 -21.62 25.25 -22.78
C THR A 3905 -20.98 25.71 -24.08
N GLN A 3906 -20.90 27.02 -24.26
CA GLN A 3906 -20.30 27.61 -25.46
C GLN A 3906 -18.83 27.86 -25.18
N THR A 3907 -17.99 26.88 -25.47
CA THR A 3907 -16.57 27.00 -25.18
C THR A 3907 -15.84 27.87 -26.20
N GLY A 3908 -16.45 28.13 -27.36
CA GLY A 3908 -15.86 29.02 -28.33
C GLY A 3908 -16.09 30.48 -28.01
N ASN A 3909 -17.28 30.79 -27.51
CA ASN A 3909 -17.59 32.14 -27.07
C ASN A 3909 -17.05 32.38 -25.66
N THR A 3910 -17.01 33.65 -25.27
CA THR A 3910 -16.45 34.02 -23.97
C THR A 3910 -17.47 33.85 -22.84
N THR A 3911 -18.77 33.94 -23.14
CA THR A 3911 -19.81 33.82 -22.13
C THR A 3911 -20.78 32.72 -22.51
N THR A 3912 -20.92 31.73 -21.63
CA THR A 3912 -21.88 30.65 -21.81
C THR A 3912 -23.23 31.04 -21.21
N ILE A 3913 -24.30 30.63 -21.88
CA ILE A 3913 -25.65 31.02 -21.52
C ILE A 3913 -26.45 29.86 -20.92
N ASN A 3914 -26.33 28.67 -21.51
CA ASN A 3914 -26.93 27.41 -21.06
C ASN A 3914 -28.44 27.56 -21.02
N ILE A 3915 -29.06 27.61 -22.21
CA ILE A 3915 -30.51 27.65 -22.42
C ILE A 3915 -31.25 26.58 -21.62
N ILE A 3916 -30.61 25.42 -21.40
CA ILE A 3916 -31.27 24.27 -20.76
C ILE A 3916 -31.61 24.56 -19.30
N ILE A 3917 -30.81 25.40 -18.63
CA ILE A 3917 -31.16 25.82 -17.27
C ILE A 3917 -32.31 26.82 -17.30
N CYS A 3918 -32.29 27.74 -18.27
CA CYS A 3918 -33.37 28.71 -18.41
C CYS A 3918 -34.64 28.07 -18.96
N THR A 3919 -34.51 26.88 -19.56
CA THR A 3919 -35.68 26.07 -19.88
C THR A 3919 -36.36 25.56 -18.61
N VAL A 3920 -35.55 25.11 -17.65
CA VAL A 3920 -36.09 24.65 -16.37
C VAL A 3920 -36.56 25.83 -15.54
N ASP A 3921 -35.93 27.00 -15.71
CA ASP A 3921 -36.36 28.19 -14.97
C ASP A 3921 -37.72 28.68 -15.45
N TYR A 3922 -38.02 28.55 -16.74
CA TYR A 3922 -39.32 28.96 -17.24
C TYR A 3922 -40.41 27.94 -16.89
N LEU A 3923 -40.06 26.66 -16.89
CA LEU A 3923 -41.04 25.63 -16.58
C LEU A 3923 -41.31 25.56 -15.08
N LEU A 3924 -40.31 25.87 -14.25
CA LEU A 3924 -40.56 26.05 -12.82
C LEU A 3924 -41.44 27.26 -12.56
N ARG A 3925 -41.27 28.32 -13.35
CA ARG A 3925 -42.20 29.44 -13.30
C ARG A 3925 -43.57 29.01 -13.80
N LEU A 3926 -43.61 28.10 -14.77
CA LEU A 3926 -44.88 27.62 -15.28
C LEU A 3926 -45.50 26.60 -14.33
N GLN A 3927 -44.68 25.88 -13.55
CA GLN A 3927 -45.24 24.96 -12.57
C GLN A 3927 -45.98 25.70 -11.46
N GLU A 3928 -45.39 26.78 -10.93
CA GLU A 3928 -46.02 27.46 -9.81
C GLU A 3928 -47.22 28.28 -10.24
N SER A 3929 -47.38 28.53 -11.53
CA SER A 3929 -48.52 29.34 -11.99
C SER A 3929 -49.77 28.49 -12.19
N ILE A 3930 -49.63 27.34 -12.86
CA ILE A 3930 -50.70 26.33 -12.94
C ILE A 3930 -51.00 25.69 -11.60
N SER A 3931 -50.03 25.60 -10.69
CA SER A 3931 -50.36 25.06 -9.37
C SER A 3931 -51.16 26.07 -8.56
N ASP A 3932 -50.81 27.35 -8.67
CA ASP A 3932 -51.60 28.38 -7.99
C ASP A 3932 -52.93 28.61 -8.71
N PHE A 3933 -53.00 28.31 -10.00
CA PHE A 3933 -54.28 28.34 -10.71
C PHE A 3933 -55.18 27.21 -10.24
N TYR A 3934 -54.59 26.09 -9.80
CA TYR A 3934 -55.38 25.01 -9.22
C TYR A 3934 -55.87 25.39 -7.82
N TRP A 3935 -55.03 26.06 -7.03
CA TRP A 3935 -55.41 26.41 -5.66
C TRP A 3935 -56.47 27.51 -5.64
N TYR A 3936 -56.55 28.32 -6.69
CA TYR A 3936 -57.64 29.28 -6.80
C TYR A 3936 -58.95 28.60 -7.13
N TYR A 3937 -58.92 27.55 -7.94
CA TYR A 3937 -60.12 26.79 -8.32
C TYR A 3937 -60.31 25.52 -7.50
N SER A 3938 -59.63 25.42 -6.35
CA SER A 3938 -59.78 24.23 -5.52
C SER A 3938 -61.07 24.24 -4.73
N GLY A 3939 -61.67 25.40 -4.51
CA GLY A 3939 -62.91 25.49 -3.74
C GLY A 3939 -64.15 25.43 -4.60
N LYS A 3940 -64.04 25.86 -5.85
CA LYS A 3940 -65.19 25.81 -6.75
C LYS A 3940 -65.43 24.39 -7.25
N ASP A 3941 -66.69 24.08 -7.53
CA ASP A 3941 -67.04 22.73 -7.96
C ASP A 3941 -66.76 22.53 -9.45
N VAL A 3942 -67.41 23.32 -10.30
CA VAL A 3942 -67.27 23.17 -11.74
C VAL A 3942 -66.37 24.29 -12.27
N ILE A 3943 -65.86 24.09 -13.48
CA ILE A 3943 -65.05 25.07 -14.18
C ILE A 3943 -65.86 25.55 -15.39
N GLU A 3944 -65.88 26.87 -15.61
CA GLU A 3944 -66.56 27.42 -16.76
C GLU A 3944 -65.68 27.33 -18.00
N GLU A 3945 -66.21 27.80 -19.12
CA GLU A 3945 -65.50 27.73 -20.40
C GLU A 3945 -64.30 28.69 -20.44
N GLN A 3946 -64.26 29.66 -19.54
CA GLN A 3946 -63.10 30.56 -19.45
C GLN A 3946 -61.90 29.87 -18.80
N GLY A 3947 -62.15 29.03 -17.79
CA GLY A 3947 -61.04 28.42 -17.09
C GLY A 3947 -60.43 27.25 -17.84
N LYS A 3948 -61.26 26.44 -18.50
CA LYS A 3948 -60.73 25.32 -19.27
C LYS A 3948 -60.11 25.80 -20.57
N ARG A 3949 -60.44 27.02 -21.00
CA ARG A 3949 -59.71 27.65 -22.11
C ARG A 3949 -58.29 27.96 -21.69
N ASN A 3950 -58.12 28.55 -20.51
CA ASN A 3950 -56.80 29.02 -20.09
C ASN A 3950 -55.94 27.87 -19.59
N PHE A 3951 -56.57 26.78 -19.16
CA PHE A 3951 -55.81 25.65 -18.64
C PHE A 3951 -55.27 24.79 -19.78
N SER A 3952 -56.05 24.63 -20.85
CA SER A 3952 -55.57 23.91 -22.03
C SER A 3952 -54.57 24.75 -22.80
N LYS A 3953 -54.65 26.08 -22.67
CA LYS A 3953 -53.62 26.97 -23.21
C LYS A 3953 -52.31 26.79 -22.46
N ALA A 3954 -52.38 26.60 -21.14
CA ALA A 3954 -51.15 26.48 -20.35
C ALA A 3954 -50.59 25.08 -20.41
N MET A 3955 -51.45 24.08 -20.63
CA MET A 3955 -50.94 22.71 -20.66
C MET A 3955 -50.35 22.37 -22.03
N SER A 3956 -50.77 23.07 -23.08
CA SER A 3956 -50.21 22.80 -24.41
C SER A 3956 -48.80 23.36 -24.54
N VAL A 3957 -48.56 24.54 -23.97
CA VAL A 3957 -47.20 25.08 -23.95
C VAL A 3957 -46.34 24.29 -22.97
N ALA A 3958 -46.96 23.73 -21.92
CA ALA A 3958 -46.22 22.89 -20.98
C ALA A 3958 -45.81 21.57 -21.63
N LYS A 3959 -46.55 21.11 -22.63
CA LYS A 3959 -46.17 19.90 -23.36
C LYS A 3959 -45.08 20.22 -24.39
N GLN A 3960 -45.09 21.44 -24.92
CA GLN A 3960 -44.07 21.84 -25.90
C GLN A 3960 -42.70 21.97 -25.25
N VAL A 3961 -42.65 22.51 -24.03
CA VAL A 3961 -41.39 22.56 -23.29
C VAL A 3961 -41.01 21.19 -22.77
N PHE A 3962 -42.02 20.33 -22.53
CA PHE A 3962 -41.73 18.93 -22.26
C PHE A 3962 -41.15 18.23 -23.49
N ASN A 3963 -41.64 18.58 -24.69
CA ASN A 3963 -41.03 18.06 -25.90
C ASN A 3963 -39.70 18.75 -26.20
N SER A 3964 -39.54 19.99 -25.74
CA SER A 3964 -38.26 20.67 -25.93
C SER A 3964 -37.20 20.09 -25.02
N LEU A 3965 -37.61 19.58 -23.85
CA LEU A 3965 -36.64 19.08 -22.88
C LEU A 3965 -36.22 17.64 -23.18
N THR A 3966 -37.13 16.83 -23.73
CA THR A 3966 -36.80 15.42 -23.96
C THR A 3966 -35.88 15.26 -25.15
N GLU A 3967 -36.04 16.09 -26.18
CA GLU A 3967 -35.16 16.02 -27.35
C GLU A 3967 -33.78 16.55 -27.04
N TYR A 3968 -33.65 17.37 -25.99
CA TYR A 3968 -32.33 17.74 -25.49
C TYR A 3968 -31.61 16.55 -24.84
N ILE A 3969 -32.36 15.58 -24.32
CA ILE A 3969 -31.76 14.48 -23.57
C ILE A 3969 -32.04 13.13 -24.23
N GLN A 3970 -32.70 13.10 -25.40
CA GLN A 3970 -32.92 11.82 -26.07
C GLN A 3970 -31.66 11.32 -26.76
N GLY A 3971 -30.80 12.23 -27.19
CA GLY A 3971 -29.49 11.84 -27.68
C GLY A 3971 -28.66 11.30 -26.55
N PRO A 3972 -27.73 10.39 -26.86
CA PRO A 3972 -26.92 9.79 -25.78
C PRO A 3972 -25.87 10.77 -25.25
N CYS A 3973 -26.32 11.77 -24.51
CA CYS A 3973 -25.46 12.82 -23.99
C CYS A 3973 -25.41 12.74 -22.48
N THR A 3974 -24.21 12.56 -21.93
CA THR A 3974 -24.05 12.57 -20.49
C THR A 3974 -24.10 13.99 -19.92
N GLY A 3975 -23.89 15.00 -20.76
CA GLY A 3975 -23.78 16.36 -20.26
C GLY A 3975 -25.10 16.96 -19.79
N ASN A 3976 -26.18 16.73 -20.56
CA ASN A 3976 -27.47 17.27 -20.18
C ASN A 3976 -28.10 16.52 -19.02
N GLN A 3977 -27.84 15.22 -18.92
CA GLN A 3977 -28.51 14.42 -17.89
C GLN A 3977 -27.91 14.70 -16.51
N GLN A 3978 -26.63 15.12 -16.46
CA GLN A 3978 -26.10 15.60 -15.20
C GLN A 3978 -26.49 17.05 -14.96
N SER A 3979 -26.79 17.79 -16.03
CA SER A 3979 -27.26 19.16 -15.86
C SER A 3979 -28.70 19.19 -15.38
N LEU A 3980 -29.54 18.27 -15.87
CA LEU A 3980 -30.91 18.19 -15.38
C LEU A 3980 -30.95 17.58 -13.99
N ALA A 3981 -29.96 16.76 -13.64
CA ALA A 3981 -29.93 16.16 -12.31
C ALA A 3981 -29.42 17.15 -11.26
N HIS A 3982 -28.55 18.08 -11.65
CA HIS A 3982 -28.04 19.10 -10.74
C HIS A 3982 -28.86 20.38 -10.74
N SER A 3983 -29.91 20.46 -11.56
CA SER A 3983 -30.79 21.62 -11.57
C SER A 3983 -31.95 21.39 -10.60
N ARG A 3984 -32.93 22.28 -10.62
CA ARG A 3984 -34.13 22.16 -9.80
C ARG A 3984 -35.31 21.59 -10.60
N LEU A 3985 -35.03 20.62 -11.47
CA LEU A 3985 -36.08 19.93 -12.22
C LEU A 3985 -36.93 19.04 -11.32
N TRP A 3986 -36.34 18.54 -10.22
CA TRP A 3986 -37.03 17.57 -9.38
C TRP A 3986 -38.19 18.20 -8.60
N ASP A 3987 -38.01 19.43 -8.11
CA ASP A 3987 -39.12 20.10 -7.44
C ASP A 3987 -40.15 20.59 -8.44
N ALA A 3988 -39.78 20.69 -9.72
CA ALA A 3988 -40.78 20.96 -10.74
C ALA A 3988 -41.62 19.72 -11.02
N VAL A 3989 -40.97 18.57 -11.16
CA VAL A 3989 -41.67 17.32 -11.50
C VAL A 3989 -42.51 16.85 -10.32
N VAL A 3990 -42.02 17.08 -9.09
CA VAL A 3990 -42.81 16.81 -7.88
C VAL A 3990 -44.05 17.68 -7.84
N GLY A 3991 -43.90 18.96 -8.18
CA GLY A 3991 -45.05 19.84 -8.20
C GLY A 3991 -45.99 19.56 -9.36
N PHE A 3992 -45.46 19.10 -10.48
CA PHE A 3992 -46.33 18.66 -11.58
C PHE A 3992 -47.04 17.36 -11.24
N LEU A 3993 -46.40 16.49 -10.46
CA LEU A 3993 -47.08 15.28 -10.02
C LEU A 3993 -48.13 15.61 -8.96
N HIS A 3994 -47.99 16.74 -8.26
CA HIS A 3994 -48.98 17.14 -7.26
C HIS A 3994 -50.23 17.67 -7.92
N VAL A 3995 -50.08 18.49 -8.97
CA VAL A 3995 -51.26 19.09 -9.59
C VAL A 3995 -51.96 18.06 -10.49
N PHE A 3996 -51.22 17.06 -10.98
CA PHE A 3996 -51.86 16.05 -11.81
C PHE A 3996 -52.68 15.09 -10.97
N ALA A 3997 -52.19 14.74 -9.78
CA ALA A 3997 -52.88 13.75 -8.95
C ALA A 3997 -54.19 14.29 -8.38
N HIS A 3998 -54.29 15.60 -8.21
CA HIS A 3998 -55.47 16.17 -7.59
C HIS A 3998 -56.51 16.59 -8.63
N MET A 3999 -56.08 17.00 -9.82
CA MET A 3999 -57.03 17.42 -10.84
C MET A 3999 -57.76 16.24 -11.47
N MET A 4000 -57.09 15.09 -11.59
CA MET A 4000 -57.75 13.93 -12.18
C MET A 4000 -58.78 13.32 -11.24
N MET A 4001 -58.60 13.48 -9.93
CA MET A 4001 -59.72 13.19 -9.03
C MET A 4001 -60.65 14.39 -8.82
N LYS A 4002 -60.36 15.53 -9.42
CA LYS A 4002 -61.37 16.60 -9.40
C LYS A 4002 -62.18 16.62 -10.70
N LEU A 4003 -61.51 16.42 -11.84
CA LEU A 4003 -62.16 16.44 -13.14
C LEU A 4003 -62.88 15.14 -13.48
N ALA A 4004 -62.78 14.11 -12.64
CA ALA A 4004 -63.51 12.86 -12.90
C ALA A 4004 -64.94 12.88 -12.38
N GLN A 4005 -65.36 13.96 -11.72
CA GLN A 4005 -66.70 14.03 -11.13
C GLN A 4005 -67.70 14.74 -12.02
N ASP A 4006 -67.46 14.79 -13.32
CA ASP A 4006 -68.40 15.41 -14.26
C ASP A 4006 -68.12 14.88 -15.65
N SER A 4007 -69.14 14.92 -16.51
CA SER A 4007 -69.05 14.40 -17.86
C SER A 4007 -68.81 15.48 -18.90
N SER A 4008 -68.91 16.76 -18.54
CA SER A 4008 -68.52 17.84 -19.43
C SER A 4008 -67.04 18.18 -19.31
N GLN A 4009 -66.35 17.57 -18.36
CA GLN A 4009 -64.93 17.80 -18.09
C GLN A 4009 -64.07 16.70 -18.71
N ILE A 4010 -64.54 16.10 -19.80
CA ILE A 4010 -63.80 15.03 -20.46
C ILE A 4010 -62.68 15.58 -21.33
N GLU A 4011 -62.86 16.76 -21.96
CA GLU A 4011 -61.84 17.27 -22.88
C GLU A 4011 -60.58 17.72 -22.15
N LEU A 4012 -60.74 18.22 -20.93
CA LEU A 4012 -59.58 18.67 -20.18
C LEU A 4012 -58.80 17.50 -19.61
N LEU A 4013 -59.49 16.38 -19.34
CA LEU A 4013 -58.86 15.26 -18.66
C LEU A 4013 -58.07 14.40 -19.65
N LYS A 4014 -58.54 14.28 -20.89
CA LYS A 4014 -57.73 13.66 -21.94
C LYS A 4014 -56.51 14.50 -22.28
N GLU A 4015 -56.66 15.83 -22.28
CA GLU A 4015 -55.52 16.69 -22.56
C GLU A 4015 -54.51 16.65 -21.41
N LEU A 4016 -54.97 16.34 -20.21
CA LEU A 4016 -54.04 16.19 -19.09
C LEU A 4016 -53.39 14.81 -19.12
N LEU A 4017 -54.12 13.77 -19.53
CA LEU A 4017 -53.54 12.42 -19.59
C LEU A 4017 -52.53 12.31 -20.73
N ASP A 4018 -52.68 13.12 -21.78
CA ASP A 4018 -51.64 13.21 -22.80
C ASP A 4018 -50.46 14.05 -22.31
N LEU A 4019 -50.69 14.92 -21.33
CA LEU A 4019 -49.60 15.73 -20.81
C LEU A 4019 -48.70 14.93 -19.86
N GLN A 4020 -49.30 14.12 -18.97
CA GLN A 4020 -48.46 13.28 -18.13
C GLN A 4020 -47.92 12.08 -18.93
N LYS A 4021 -48.52 11.79 -20.08
CA LYS A 4021 -47.88 10.93 -21.07
C LYS A 4021 -46.57 11.54 -21.54
N ASP A 4022 -46.53 12.86 -21.75
CA ASP A 4022 -45.35 13.50 -22.29
C ASP A 4022 -44.24 13.64 -21.25
N MET A 4023 -44.61 13.65 -19.96
CA MET A 4023 -43.59 13.83 -18.92
C MET A 4023 -42.91 12.51 -18.58
N VAL A 4024 -43.67 11.40 -18.58
CA VAL A 4024 -43.06 10.13 -18.24
C VAL A 4024 -42.16 9.61 -19.37
N VAL A 4025 -42.44 9.98 -20.63
CA VAL A 4025 -41.48 9.67 -21.68
C VAL A 4025 -40.28 10.63 -21.58
N MET A 4026 -40.51 11.84 -21.07
CA MET A 4026 -39.40 12.71 -20.69
C MET A 4026 -38.63 12.13 -19.53
N LEU A 4027 -39.33 11.46 -18.59
CA LEU A 4027 -38.62 10.81 -17.49
C LEU A 4027 -37.95 9.52 -17.94
N LEU A 4028 -38.51 8.86 -18.96
CA LEU A 4028 -37.89 7.64 -19.49
C LEU A 4028 -36.69 7.97 -20.37
N SER A 4029 -36.72 9.13 -21.05
CA SER A 4029 -35.58 9.52 -21.86
C SER A 4029 -34.44 10.07 -21.01
N LEU A 4030 -34.71 10.37 -19.74
CA LEU A 4030 -33.64 10.73 -18.82
C LEU A 4030 -32.89 9.49 -18.32
N LEU A 4031 -33.54 8.33 -18.33
CA LEU A 4031 -32.98 7.10 -17.79
C LEU A 4031 -32.26 6.25 -18.86
N GLU A 4032 -31.97 6.83 -20.02
CA GLU A 4032 -31.33 6.06 -21.08
C GLU A 4032 -29.82 5.96 -20.85
N GLY A 4033 -29.28 4.77 -21.08
CA GLY A 4033 -27.87 4.51 -20.82
C GLY A 4033 -27.52 4.52 -19.35
N ASN A 4034 -28.40 4.00 -18.50
CA ASN A 4034 -28.25 4.10 -17.06
C ASN A 4034 -27.56 2.85 -16.53
N VAL A 4035 -26.51 3.05 -15.72
CA VAL A 4035 -25.75 1.96 -15.14
C VAL A 4035 -26.53 1.37 -13.96
N VAL A 4036 -26.31 0.06 -13.69
CA VAL A 4036 -27.07 -0.71 -12.70
C VAL A 4036 -26.95 -0.13 -11.29
N ASN A 4037 -25.92 0.68 -11.01
CA ASN A 4037 -25.94 1.54 -9.82
C ASN A 4037 -25.43 2.92 -10.23
N GLY A 4038 -26.36 3.76 -10.68
CA GLY A 4038 -26.04 5.11 -11.06
C GLY A 4038 -26.86 6.10 -10.26
N MET A 4039 -26.42 7.36 -10.30
CA MET A 4039 -27.03 8.39 -9.47
C MET A 4039 -28.31 8.94 -10.06
N ILE A 4040 -28.57 8.74 -11.35
CA ILE A 4040 -29.80 9.25 -11.96
C ILE A 4040 -31.00 8.49 -11.42
N ALA A 4041 -30.85 7.17 -11.26
CA ALA A 4041 -31.95 6.36 -10.76
C ALA A 4041 -32.19 6.59 -9.27
N ARG A 4042 -31.13 6.92 -8.52
CA ARG A 4042 -31.33 7.16 -7.08
C ARG A 4042 -31.87 8.56 -6.81
N GLN A 4043 -31.52 9.54 -7.65
CA GLN A 4043 -32.18 10.83 -7.52
C GLN A 4043 -33.56 10.83 -8.17
N MET A 4044 -33.89 9.79 -8.94
CA MET A 4044 -35.27 9.65 -9.40
C MET A 4044 -36.16 9.06 -8.31
N VAL A 4045 -35.63 8.13 -7.51
CA VAL A 4045 -36.48 7.45 -6.53
C VAL A 4045 -36.63 8.29 -5.26
N ASP A 4046 -35.63 9.11 -4.91
CA ASP A 4046 -35.82 9.95 -3.72
C ASP A 4046 -36.75 11.11 -4.03
N MET A 4047 -36.83 11.49 -5.32
CA MET A 4047 -37.88 12.39 -5.79
C MET A 4047 -39.25 11.75 -5.63
N LEU A 4048 -39.33 10.42 -5.78
CA LEU A 4048 -40.59 9.71 -5.61
C LEU A 4048 -40.96 9.53 -4.14
N VAL A 4049 -39.97 9.43 -3.24
CA VAL A 4049 -40.31 9.30 -1.82
C VAL A 4049 -40.38 10.65 -1.12
N GLU A 4050 -39.87 11.72 -1.76
CA GLU A 4050 -40.19 13.09 -1.35
C GLU A 4050 -41.62 13.45 -1.70
N SER A 4051 -42.19 12.75 -2.68
CA SER A 4051 -43.49 12.97 -3.25
C SER A 4051 -44.28 11.67 -3.23
N SER A 4052 -44.38 11.06 -2.05
CA SER A 4052 -45.09 9.79 -1.92
C SER A 4052 -46.59 9.96 -2.00
N SER A 4053 -47.11 11.09 -1.54
CA SER A 4053 -48.54 11.24 -1.32
C SER A 4053 -49.31 11.29 -2.63
N ASN A 4054 -48.74 11.93 -3.65
CA ASN A 4054 -49.46 12.15 -4.90
C ASN A 4054 -49.25 11.00 -5.89
N VAL A 4055 -48.09 10.35 -5.87
CA VAL A 4055 -47.87 9.26 -6.83
C VAL A 4055 -48.56 7.98 -6.34
N GLU A 4056 -48.84 7.89 -5.04
CA GLU A 4056 -49.76 6.84 -4.60
C GLU A 4056 -51.20 7.15 -5.00
N MET A 4057 -51.55 8.42 -5.15
CA MET A 4057 -52.89 8.76 -5.64
C MET A 4057 -52.99 8.57 -7.15
N ILE A 4058 -51.88 8.62 -7.88
CA ILE A 4058 -51.96 8.37 -9.33
C ILE A 4058 -52.02 6.86 -9.60
N LEU A 4059 -51.37 6.05 -8.76
CA LEU A 4059 -51.38 4.61 -8.97
C LEU A 4059 -52.60 3.96 -8.35
N LYS A 4060 -53.22 4.61 -7.36
CA LYS A 4060 -54.51 4.13 -6.89
C LYS A 4060 -55.61 4.51 -7.88
N PHE A 4061 -55.43 5.63 -8.59
CA PHE A 4061 -56.34 6.03 -9.67
C PHE A 4061 -56.33 4.98 -10.79
N PHE A 4062 -55.13 4.56 -11.20
CA PHE A 4062 -55.02 3.66 -12.33
C PHE A 4062 -55.38 2.23 -11.93
N ASP A 4063 -55.48 1.97 -10.62
CA ASP A 4063 -55.86 0.64 -10.14
C ASP A 4063 -57.38 0.49 -10.06
N MET A 4064 -58.07 1.47 -9.45
CA MET A 4064 -59.51 1.31 -9.21
C MET A 4064 -60.32 1.42 -10.49
N PHE A 4065 -59.79 2.08 -11.52
CA PHE A 4065 -60.56 2.21 -12.75
C PHE A 4065 -60.18 1.14 -13.76
N LEU A 4066 -59.10 0.39 -13.53
CA LEU A 4066 -58.77 -0.79 -14.32
C LEU A 4066 -59.33 -2.06 -13.71
N LYS A 4067 -59.45 -2.12 -12.39
CA LYS A 4067 -60.02 -3.28 -11.71
C LYS A 4067 -61.53 -3.41 -11.94
N LEU A 4068 -62.22 -2.31 -12.24
CA LEU A 4068 -63.68 -2.33 -12.28
C LEU A 4068 -64.20 -3.13 -13.47
N LYS A 4069 -63.47 -3.10 -14.59
CA LYS A 4069 -63.87 -3.92 -15.74
C LYS A 4069 -63.59 -5.39 -15.47
N ASP A 4070 -62.62 -5.71 -14.62
CA ASP A 4070 -62.50 -7.06 -14.11
C ASP A 4070 -63.54 -7.35 -13.03
N ILE A 4071 -64.01 -6.31 -12.35
CA ILE A 4071 -65.05 -6.47 -11.32
C ILE A 4071 -66.42 -6.61 -11.98
N VAL A 4072 -66.74 -5.74 -12.93
CA VAL A 4072 -68.04 -5.82 -13.61
C VAL A 4072 -68.08 -6.99 -14.59
N GLY A 4073 -66.93 -7.57 -14.92
CA GLY A 4073 -66.87 -8.76 -15.73
C GLY A 4073 -67.14 -10.06 -15.01
N SER A 4074 -67.41 -10.00 -13.70
CA SER A 4074 -67.71 -11.20 -12.93
C SER A 4074 -69.14 -11.65 -13.19
N GLU A 4075 -69.36 -12.96 -12.96
CA GLU A 4075 -70.69 -13.54 -13.14
C GLU A 4075 -71.63 -13.17 -11.99
N ALA A 4076 -71.08 -12.76 -10.85
CA ALA A 4076 -71.91 -12.46 -9.69
C ALA A 4076 -72.61 -11.12 -9.83
N PHE A 4077 -71.89 -10.09 -10.27
CA PHE A 4077 -72.44 -8.74 -10.26
C PHE A 4077 -73.35 -8.48 -11.45
N GLN A 4078 -73.22 -9.28 -12.52
CA GLN A 4078 -74.26 -9.25 -13.55
C GLN A 4078 -75.47 -10.11 -13.16
N ASP A 4079 -75.32 -10.99 -12.17
CA ASP A 4079 -76.48 -11.72 -11.66
C ASP A 4079 -77.22 -10.94 -10.58
N TYR A 4080 -76.58 -9.93 -10.00
CA TYR A 4080 -77.23 -9.10 -8.99
C TYR A 4080 -78.16 -8.05 -9.60
N VAL A 4081 -78.01 -7.76 -10.89
CA VAL A 4081 -78.88 -6.83 -11.58
C VAL A 4081 -79.89 -7.63 -12.42
N THR A 4082 -81.17 -7.23 -12.35
CA THR A 4082 -82.21 -7.90 -13.10
C THR A 4082 -83.01 -6.94 -13.97
N ASP A 4083 -82.53 -5.71 -14.17
CA ASP A 4083 -83.24 -4.78 -15.04
C ASP A 4083 -83.04 -5.19 -16.50
N PRO A 4084 -84.10 -5.24 -17.31
CA PRO A 4084 -83.91 -5.59 -18.73
C PRO A 4084 -83.23 -4.49 -19.52
N ARG A 4085 -83.45 -3.23 -19.13
CA ARG A 4085 -82.87 -2.10 -19.84
C ARG A 4085 -81.38 -1.94 -19.53
N GLY A 4086 -80.93 -2.40 -18.38
CA GLY A 4086 -79.51 -2.38 -18.02
C GLY A 4086 -79.07 -1.22 -17.15
N LEU A 4087 -79.98 -0.34 -16.77
CA LEU A 4087 -79.65 0.83 -15.95
C LEU A 4087 -79.77 0.43 -14.48
N ILE A 4088 -78.65 0.12 -13.84
CA ILE A 4088 -78.69 -0.39 -12.47
C ILE A 4088 -78.76 0.77 -11.48
N SER A 4089 -79.38 0.51 -10.33
CA SER A 4089 -79.52 1.51 -9.29
C SER A 4089 -78.19 1.73 -8.57
N LYS A 4090 -78.14 2.76 -7.71
CA LYS A 4090 -76.87 3.10 -7.08
C LYS A 4090 -76.64 2.35 -5.78
N LYS A 4091 -77.72 2.02 -5.05
CA LYS A 4091 -77.57 1.38 -3.75
C LYS A 4091 -77.24 -0.10 -3.88
N ASP A 4092 -77.75 -0.74 -4.94
CA ASP A 4092 -77.54 -2.18 -5.09
C ASP A 4092 -76.12 -2.48 -5.55
N PHE A 4093 -75.57 -1.63 -6.42
CA PHE A 4093 -74.21 -1.81 -6.87
C PHE A 4093 -73.21 -1.40 -5.80
N GLN A 4094 -73.61 -0.54 -4.88
CA GLN A 4094 -72.74 -0.14 -3.78
C GLN A 4094 -72.58 -1.27 -2.77
N LYS A 4095 -73.67 -1.98 -2.46
CA LYS A 4095 -73.59 -3.12 -1.55
C LYS A 4095 -72.94 -4.31 -2.24
N ALA A 4096 -72.99 -4.36 -3.58
CA ALA A 4096 -72.38 -5.47 -4.30
C ALA A 4096 -70.86 -5.34 -4.28
N MET A 4097 -70.33 -4.15 -4.55
CA MET A 4097 -68.89 -3.94 -4.53
C MET A 4097 -68.34 -3.92 -3.11
N ASP A 4098 -69.21 -3.70 -2.11
CA ASP A 4098 -68.77 -3.83 -0.73
C ASP A 4098 -68.69 -5.28 -0.28
N SER A 4099 -69.34 -6.19 -1.00
CA SER A 4099 -69.25 -7.60 -0.65
C SER A 4099 -67.89 -8.18 -1.03
N GLN A 4100 -67.27 -7.66 -2.08
CA GLN A 4100 -65.94 -8.09 -2.49
C GLN A 4100 -64.88 -7.35 -1.68
N LYS A 4101 -63.79 -8.05 -1.36
CA LYS A 4101 -62.71 -7.48 -0.57
C LYS A 4101 -61.68 -6.73 -1.39
N GLN A 4102 -61.87 -6.61 -2.72
CA GLN A 4102 -60.91 -5.92 -3.55
C GLN A 4102 -61.04 -4.40 -3.46
N PHE A 4103 -62.23 -3.90 -3.14
CA PHE A 4103 -62.50 -2.47 -3.05
C PHE A 4103 -62.90 -2.12 -1.63
N THR A 4104 -62.60 -0.88 -1.23
CA THR A 4104 -62.76 -0.43 0.14
C THR A 4104 -63.96 0.48 0.30
N GLY A 4105 -64.18 0.91 1.55
CA GLY A 4105 -65.28 1.76 1.93
C GLY A 4105 -65.28 3.13 1.27
N PRO A 4106 -64.25 3.94 1.51
CA PRO A 4106 -64.19 5.26 0.84
C PRO A 4106 -63.95 5.19 -0.66
N GLU A 4107 -63.56 4.03 -1.19
CA GLU A 4107 -63.36 3.92 -2.64
C GLU A 4107 -64.68 3.95 -3.40
N ILE A 4108 -65.72 3.31 -2.86
CA ILE A 4108 -66.91 3.09 -3.67
C ILE A 4108 -67.76 4.36 -3.78
N GLN A 4109 -67.84 5.18 -2.71
CA GLN A 4109 -68.57 6.43 -2.83
C GLN A 4109 -67.78 7.46 -3.62
N PHE A 4110 -66.47 7.24 -3.79
CA PHE A 4110 -65.72 8.03 -4.77
C PHE A 4110 -66.09 7.63 -6.19
N LEU A 4111 -66.29 6.34 -6.43
CA LEU A 4111 -66.62 5.86 -7.78
C LEU A 4111 -68.07 6.16 -8.15
N LEU A 4112 -69.00 6.17 -7.18
CA LEU A 4112 -70.36 6.59 -7.50
C LEU A 4112 -70.47 8.11 -7.59
N SER A 4113 -69.58 8.85 -6.92
CA SER A 4113 -69.56 10.30 -7.13
C SER A 4113 -68.96 10.65 -8.49
N CYS A 4114 -68.07 9.81 -9.00
CA CYS A 4114 -67.50 10.02 -10.33
C CYS A 4114 -68.47 9.59 -11.42
N SER A 4115 -69.38 8.67 -11.11
CA SER A 4115 -70.32 8.16 -12.09
C SER A 4115 -71.45 9.15 -12.33
N GLU A 4116 -72.22 8.89 -13.39
CA GLU A 4116 -73.43 9.65 -13.65
C GLU A 4116 -74.51 9.24 -12.66
N ALA A 4117 -75.09 10.21 -11.96
CA ALA A 4117 -76.11 9.90 -10.96
C ALA A 4117 -77.42 9.48 -11.62
N ASP A 4118 -78.02 10.40 -12.39
CA ASP A 4118 -79.27 10.20 -13.14
C ASP A 4118 -80.40 9.73 -12.22
N GLU A 4119 -80.74 10.59 -11.26
CA GLU A 4119 -81.75 10.34 -10.21
C GLU A 4119 -81.46 9.08 -9.40
N ASN A 4120 -80.17 8.78 -9.20
CA ASN A 4120 -79.66 7.67 -8.37
C ASN A 4120 -80.19 6.31 -8.78
N GLU A 4121 -80.54 6.13 -10.06
CA GLU A 4121 -81.09 4.88 -10.55
C GLU A 4121 -80.46 4.40 -11.84
N MET A 4122 -79.55 5.18 -12.43
CA MET A 4122 -78.88 4.81 -13.68
C MET A 4122 -77.40 5.14 -13.55
N ILE A 4123 -76.58 4.13 -13.31
CA ILE A 4123 -75.14 4.30 -13.33
C ILE A 4123 -74.53 3.94 -14.68
N ASN A 4124 -75.13 2.99 -15.41
CA ASN A 4124 -74.70 2.50 -16.72
C ASN A 4124 -73.25 2.02 -16.67
N PHE A 4125 -73.05 0.85 -16.07
CA PHE A 4125 -71.71 0.29 -15.83
C PHE A 4125 -70.92 0.07 -17.12
N GLU A 4126 -71.61 -0.07 -18.26
CA GLU A 4126 -70.92 -0.29 -19.52
C GLU A 4126 -70.20 0.96 -20.00
N GLU A 4127 -70.82 2.13 -19.89
CA GLU A 4127 -70.19 3.35 -20.40
C GLU A 4127 -69.19 3.91 -19.40
N PHE A 4128 -69.44 3.69 -18.10
CA PHE A 4128 -68.49 4.15 -17.08
C PHE A 4128 -67.21 3.34 -17.09
N ALA A 4129 -67.22 2.13 -17.66
CA ALA A 4129 -66.02 1.30 -17.74
C ALA A 4129 -65.10 1.74 -18.87
N ASN A 4130 -65.66 1.90 -20.08
CA ASN A 4130 -64.84 2.22 -21.24
C ASN A 4130 -64.59 3.72 -21.40
N ARG A 4131 -65.01 4.53 -20.44
CA ARG A 4131 -64.81 5.97 -20.51
C ARG A 4131 -63.36 6.36 -20.33
N PHE A 4132 -62.71 5.84 -19.28
CA PHE A 4132 -61.34 6.18 -18.94
C PHE A 4132 -60.38 5.03 -19.19
N GLN A 4133 -60.64 4.22 -20.21
CA GLN A 4133 -59.67 3.24 -20.67
C GLN A 4133 -58.86 3.79 -21.84
N GLU A 4134 -59.56 4.28 -22.87
CA GLU A 4134 -58.90 4.83 -24.06
C GLU A 4134 -58.05 6.08 -23.81
N PRO A 4135 -58.47 7.08 -23.00
CA PRO A 4135 -57.51 8.15 -22.67
C PRO A 4135 -56.42 7.74 -21.70
N ALA A 4136 -56.64 6.68 -20.92
CA ALA A 4136 -55.67 6.24 -19.92
C ALA A 4136 -54.96 4.95 -20.31
N ARG A 4137 -55.04 4.54 -21.57
CA ARG A 4137 -54.25 3.39 -22.02
C ARG A 4137 -52.77 3.73 -22.10
N ASP A 4138 -52.43 4.89 -22.67
CA ASP A 4138 -51.03 5.21 -22.94
C ASP A 4138 -50.29 5.60 -21.66
N ILE A 4139 -50.93 6.40 -20.81
CA ILE A 4139 -50.28 6.80 -19.57
C ILE A 4139 -50.26 5.66 -18.56
N GLY A 4140 -51.29 4.82 -18.53
CA GLY A 4140 -51.29 3.67 -17.64
C GLY A 4140 -50.29 2.61 -18.04
N PHE A 4141 -49.94 2.60 -19.33
CA PHE A 4141 -48.84 1.75 -19.82
C PHE A 4141 -47.49 2.33 -19.42
N ASN A 4142 -47.32 3.65 -19.49
CA ASN A 4142 -45.98 4.20 -19.35
C ASN A 4142 -45.58 4.41 -17.88
N VAL A 4143 -46.56 4.60 -16.99
CA VAL A 4143 -46.20 4.58 -15.57
C VAL A 4143 -45.92 3.15 -15.14
N ALA A 4144 -46.43 2.17 -15.88
CA ALA A 4144 -46.05 0.79 -15.64
C ALA A 4144 -44.65 0.51 -16.19
N VAL A 4145 -44.31 1.16 -17.31
CA VAL A 4145 -42.96 1.02 -17.87
C VAL A 4145 -41.93 1.76 -17.02
N LEU A 4146 -42.33 2.88 -16.40
CA LEU A 4146 -41.40 3.63 -15.56
C LEU A 4146 -41.08 2.89 -14.27
N LEU A 4147 -42.04 2.12 -13.76
CA LEU A 4147 -41.80 1.37 -12.54
C LEU A 4147 -40.97 0.11 -12.80
N THR A 4148 -41.19 -0.55 -13.94
CA THR A 4148 -40.41 -1.77 -14.21
C THR A 4148 -39.01 -1.43 -14.67
N ASN A 4149 -38.82 -0.24 -15.25
CA ASN A 4149 -37.48 0.17 -15.68
C ASN A 4149 -36.63 0.49 -14.47
N LEU A 4150 -37.20 1.18 -13.48
CA LEU A 4150 -36.43 1.58 -12.31
C LEU A 4150 -36.22 0.41 -11.36
N SER A 4151 -37.10 -0.59 -11.39
CA SER A 4151 -36.96 -1.71 -10.46
C SER A 4151 -35.83 -2.64 -10.86
N GLU A 4152 -35.75 -3.01 -12.15
CA GLU A 4152 -34.71 -3.92 -12.60
C GLU A 4152 -33.37 -3.22 -12.83
N HIS A 4153 -33.35 -1.89 -12.82
CA HIS A 4153 -32.07 -1.18 -12.88
C HIS A 4153 -31.46 -1.01 -11.50
N VAL A 4154 -32.18 -0.43 -10.56
CA VAL A 4154 -31.67 -0.40 -9.19
C VAL A 4154 -32.47 -1.39 -8.34
N PRO A 4155 -31.87 -2.51 -7.95
CA PRO A 4155 -32.56 -3.44 -7.05
C PRO A 4155 -32.24 -3.17 -5.59
N HIS A 4156 -32.78 -4.02 -4.70
CA HIS A 4156 -32.51 -4.00 -3.25
C HIS A 4156 -32.90 -2.67 -2.62
N ASP A 4157 -34.08 -2.17 -2.98
CA ASP A 4157 -34.62 -0.93 -2.44
C ASP A 4157 -35.99 -1.24 -1.87
N PRO A 4158 -36.24 -0.99 -0.58
CA PRO A 4158 -37.58 -1.27 -0.03
C PRO A 4158 -38.62 -0.27 -0.48
N ARG A 4159 -38.23 0.98 -0.76
CA ARG A 4159 -39.23 1.97 -1.14
C ARG A 4159 -39.65 1.81 -2.59
N LEU A 4160 -38.79 1.28 -3.44
CA LEU A 4160 -39.25 0.84 -4.76
C LEU A 4160 -40.05 -0.45 -4.66
N ARG A 4161 -39.67 -1.34 -3.74
CA ARG A 4161 -40.47 -2.54 -3.49
C ARG A 4161 -41.79 -2.18 -2.83
N ASN A 4162 -41.86 -1.00 -2.21
CA ASN A 4162 -43.15 -0.44 -1.81
C ASN A 4162 -43.95 -0.05 -3.04
N PHE A 4163 -43.28 0.37 -4.12
CA PHE A 4163 -44.01 0.97 -5.25
C PHE A 4163 -44.59 -0.09 -6.19
N LEU A 4164 -43.95 -1.26 -6.30
CA LEU A 4164 -44.49 -2.28 -7.21
C LEU A 4164 -45.64 -3.06 -6.59
N GLU A 4165 -45.66 -3.21 -5.25
CA GLU A 4165 -46.82 -3.85 -4.64
C GLU A 4165 -48.03 -2.93 -4.62
N LEU A 4166 -47.82 -1.62 -4.71
CA LEU A 4166 -48.89 -0.64 -4.75
C LEU A 4166 -49.49 -0.50 -6.14
N ALA A 4167 -48.79 -0.97 -7.16
CA ALA A 4167 -49.20 -0.88 -8.55
C ALA A 4167 -49.01 -2.22 -9.25
N GLU A 4168 -49.50 -3.28 -8.62
CA GLU A 4168 -49.33 -4.61 -9.18
C GLU A 4168 -50.24 -4.85 -10.38
N SER A 4169 -51.42 -4.22 -10.40
CA SER A 4169 -52.41 -4.56 -11.42
C SER A 4169 -52.07 -3.91 -12.77
N ILE A 4170 -51.43 -2.75 -12.76
CA ILE A 4170 -51.07 -2.15 -14.05
C ILE A 4170 -49.83 -2.79 -14.64
N LEU A 4171 -49.11 -3.62 -13.88
CA LEU A 4171 -48.03 -4.41 -14.46
C LEU A 4171 -48.52 -5.73 -15.04
N GLU A 4172 -49.36 -6.47 -14.31
CA GLU A 4172 -49.82 -7.77 -14.79
C GLU A 4172 -50.80 -7.64 -15.95
N TYR A 4173 -51.47 -6.50 -16.06
CA TYR A 4173 -52.37 -6.28 -17.19
C TYR A 4173 -51.58 -5.95 -18.46
N PHE A 4174 -50.48 -5.21 -18.31
CA PHE A 4174 -49.64 -4.81 -19.44
C PHE A 4174 -48.41 -5.69 -19.63
N ARG A 4175 -48.39 -6.89 -19.02
CA ARG A 4175 -47.25 -7.77 -19.25
C ARG A 4175 -47.24 -8.43 -20.64
N PRO A 4176 -48.35 -8.94 -21.20
CA PRO A 4176 -48.26 -9.41 -22.59
C PRO A 4176 -48.20 -8.31 -23.63
N TYR A 4177 -48.38 -7.04 -23.25
CA TYR A 4177 -48.22 -5.92 -24.18
C TYR A 4177 -46.85 -5.27 -24.08
N LEU A 4178 -46.13 -5.46 -22.98
CA LEU A 4178 -44.78 -4.95 -22.83
C LEU A 4178 -43.80 -6.00 -23.32
N GLY A 4179 -42.86 -5.58 -24.17
CA GLY A 4179 -41.75 -6.41 -24.59
C GLY A 4179 -40.44 -5.83 -24.12
N ARG A 4180 -39.64 -6.66 -23.46
CA ARG A 4180 -38.30 -6.28 -23.03
C ARG A 4180 -37.27 -6.90 -23.95
N ILE A 4181 -36.42 -6.06 -24.52
CA ILE A 4181 -35.40 -6.46 -25.48
C ILE A 4181 -34.10 -5.73 -25.11
N GLU A 4182 -32.98 -6.37 -25.37
CA GLU A 4182 -31.67 -5.81 -25.05
C GLU A 4182 -30.81 -5.77 -26.30
N ILE A 4183 -30.19 -4.61 -26.54
CA ILE A 4183 -29.19 -4.45 -27.58
C ILE A 4183 -27.87 -4.09 -26.91
N MET A 4184 -26.78 -4.23 -27.67
CA MET A 4184 -25.44 -3.97 -27.14
C MET A 4184 -24.75 -2.94 -28.03
N GLY A 4185 -24.59 -1.73 -27.52
CA GLY A 4185 -23.92 -0.65 -28.22
C GLY A 4185 -23.43 0.35 -27.20
N ALA A 4186 -22.91 1.47 -27.71
CA ALA A 4186 -22.41 2.60 -26.92
C ALA A 4186 -21.31 2.16 -25.96
N SER A 4187 -20.15 1.80 -26.52
CA SER A 4187 -18.95 1.32 -25.81
C SER A 4187 -19.24 0.04 -25.04
N ARG A 4188 -19.78 -0.96 -25.76
CA ARG A 4188 -19.90 -2.36 -25.34
C ARG A 4188 -20.77 -2.54 -24.10
N ARG A 4189 -21.69 -1.62 -23.83
CA ARG A 4189 -22.57 -1.74 -22.68
C ARG A 4189 -23.97 -2.17 -23.10
N ILE A 4190 -24.46 -3.26 -22.54
CA ILE A 4190 -25.81 -3.73 -22.84
C ILE A 4190 -26.83 -2.89 -22.08
N GLU A 4191 -27.89 -2.52 -22.78
CA GLU A 4191 -29.01 -1.79 -22.21
C GLU A 4191 -30.29 -2.56 -22.49
N ARG A 4192 -31.30 -2.35 -21.66
CA ARG A 4192 -32.61 -2.96 -21.83
C ARG A 4192 -33.57 -1.97 -22.46
N ILE A 4193 -34.12 -2.33 -23.62
CA ILE A 4193 -34.96 -1.44 -24.41
C ILE A 4193 -36.41 -1.85 -24.19
N TYR A 4194 -37.27 -0.88 -23.90
CA TYR A 4194 -38.67 -1.16 -23.63
C TYR A 4194 -39.55 -0.57 -24.73
N PHE A 4195 -40.49 -1.37 -25.22
CA PHE A 4195 -41.39 -0.98 -26.31
C PHE A 4195 -42.77 -1.57 -26.05
N GLU A 4196 -43.68 -1.38 -27.00
CA GLU A 4196 -45.06 -1.82 -26.85
C GLU A 4196 -45.43 -2.79 -27.97
N ILE A 4197 -46.16 -3.83 -27.62
CA ILE A 4197 -46.77 -4.75 -28.59
C ILE A 4197 -48.26 -4.49 -28.61
N SER A 4198 -48.79 -4.11 -29.77
CA SER A 4198 -50.23 -3.91 -29.89
C SER A 4198 -50.94 -5.26 -29.94
N GLU A 4199 -52.27 -5.21 -29.81
CA GLU A 4199 -53.05 -6.45 -29.75
C GLU A 4199 -53.14 -7.14 -31.11
N THR A 4200 -52.99 -6.37 -32.19
CA THR A 4200 -53.13 -6.96 -33.53
C THR A 4200 -51.88 -7.73 -33.92
N ASN A 4201 -50.71 -7.31 -33.43
CA ASN A 4201 -49.46 -7.93 -33.83
C ASN A 4201 -49.26 -9.29 -33.15
N ARG A 4202 -49.71 -9.42 -31.91
CA ARG A 4202 -49.52 -10.67 -31.20
C ARG A 4202 -50.59 -11.69 -31.58
N ALA A 4203 -51.77 -11.21 -31.99
CA ALA A 4203 -52.84 -12.11 -32.40
C ALA A 4203 -52.51 -12.80 -33.73
N GLN A 4204 -51.78 -12.13 -34.63
CA GLN A 4204 -51.34 -12.78 -35.85
C GLN A 4204 -50.03 -13.53 -35.66
N TRP A 4205 -49.35 -13.35 -34.53
CA TRP A 4205 -48.14 -14.13 -34.28
C TRP A 4205 -48.45 -15.57 -33.90
N GLU A 4206 -49.51 -15.78 -33.13
CA GLU A 4206 -49.90 -17.13 -32.72
C GLU A 4206 -51.02 -17.65 -33.63
N MET A 4207 -50.65 -17.89 -34.89
CA MET A 4207 -51.50 -18.54 -35.86
C MET A 4207 -50.66 -19.62 -36.53
N PRO A 4208 -51.27 -20.74 -36.96
CA PRO A 4208 -50.47 -21.90 -37.39
C PRO A 4208 -49.67 -21.68 -38.66
N GLN A 4209 -50.06 -20.75 -39.53
CA GLN A 4209 -49.27 -20.51 -40.73
C GLN A 4209 -47.99 -19.75 -40.40
N VAL A 4210 -48.02 -18.97 -39.32
CA VAL A 4210 -46.83 -18.22 -38.95
C VAL A 4210 -45.83 -19.10 -38.21
N LYS A 4211 -46.29 -19.99 -37.32
CA LYS A 4211 -45.34 -20.80 -36.55
C LYS A 4211 -44.78 -21.96 -37.35
N GLU A 4212 -45.43 -22.34 -38.46
CA GLU A 4212 -44.86 -23.40 -39.29
C GLU A 4212 -43.65 -22.88 -40.07
N SER A 4213 -43.66 -21.59 -40.43
CA SER A 4213 -42.45 -21.00 -40.99
C SER A 4213 -41.42 -20.75 -39.90
N LYS A 4214 -41.88 -20.59 -38.65
CA LYS A 4214 -40.97 -20.46 -37.53
C LYS A 4214 -40.30 -21.79 -37.20
N ARG A 4215 -41.03 -22.90 -37.35
CA ARG A 4215 -40.47 -24.21 -37.00
C ARG A 4215 -39.42 -24.65 -38.02
N GLN A 4216 -39.60 -24.30 -39.29
CA GLN A 4216 -38.62 -24.67 -40.30
C GLN A 4216 -37.43 -23.70 -40.34
N PHE A 4217 -37.63 -22.44 -39.94
CA PHE A 4217 -36.51 -21.51 -39.94
C PHE A 4217 -35.52 -21.81 -38.82
N ILE A 4218 -36.02 -22.21 -37.64
CA ILE A 4218 -35.14 -22.64 -36.56
C ILE A 4218 -34.37 -23.89 -36.96
N PHE A 4219 -34.98 -24.73 -37.81
CA PHE A 4219 -34.33 -25.96 -38.25
C PHE A 4219 -33.20 -25.68 -39.24
N ASP A 4220 -33.41 -24.80 -40.21
CA ASP A 4220 -32.38 -24.64 -41.24
C ASP A 4220 -31.25 -23.71 -40.85
N VAL A 4221 -31.24 -23.22 -39.60
CA VAL A 4221 -30.15 -22.36 -39.12
C VAL A 4221 -29.20 -23.10 -38.21
N VAL A 4222 -29.71 -23.79 -37.19
CA VAL A 4222 -28.79 -24.48 -36.28
C VAL A 4222 -28.24 -25.75 -36.92
N ASN A 4223 -28.89 -26.27 -37.96
CA ASN A 4223 -28.37 -27.45 -38.63
C ASN A 4223 -27.32 -27.03 -39.67
N GLU A 4224 -27.68 -26.26 -40.70
CA GLU A 4224 -26.71 -25.97 -41.76
C GLU A 4224 -26.28 -24.50 -41.81
N GLY A 4225 -26.92 -23.62 -41.07
CA GLY A 4225 -26.59 -22.21 -41.16
C GLY A 4225 -25.32 -21.86 -40.38
N GLY A 4226 -24.66 -20.79 -40.84
CA GLY A 4226 -23.42 -20.37 -40.25
C GLY A 4226 -23.58 -19.67 -38.90
N GLU A 4227 -22.45 -19.17 -38.39
CA GLU A 4227 -22.40 -18.48 -37.12
C GLU A 4227 -22.56 -16.97 -37.27
N ALA A 4228 -21.83 -16.37 -38.20
CA ALA A 4228 -21.93 -14.93 -38.43
C ALA A 4228 -23.16 -14.59 -39.27
N GLU A 4229 -23.58 -15.51 -40.14
CA GLU A 4229 -24.71 -15.27 -41.02
C GLU A 4229 -26.04 -15.68 -40.42
N LYS A 4230 -26.07 -16.09 -39.15
CA LYS A 4230 -27.33 -16.54 -38.55
C LYS A 4230 -28.21 -15.36 -38.14
N MET A 4231 -27.59 -14.22 -37.80
CA MET A 4231 -28.38 -13.02 -37.51
C MET A 4231 -28.78 -12.32 -38.80
N GLU A 4232 -28.00 -12.51 -39.87
CA GLU A 4232 -28.42 -12.05 -41.19
C GLU A 4232 -29.60 -12.87 -41.70
N LEU A 4233 -29.68 -14.14 -41.30
CA LEU A 4233 -30.84 -14.95 -41.65
C LEU A 4233 -32.03 -14.65 -40.74
N PHE A 4234 -31.77 -14.21 -39.51
CA PHE A 4234 -32.85 -13.92 -38.57
C PHE A 4234 -33.64 -12.70 -39.04
N VAL A 4235 -32.93 -11.66 -39.48
CA VAL A 4235 -33.60 -10.46 -39.96
C VAL A 4235 -34.29 -10.72 -41.30
N SER A 4236 -33.73 -11.63 -42.11
CA SER A 4236 -34.41 -12.05 -43.33
C SER A 4236 -35.62 -12.90 -43.00
N PHE A 4237 -35.60 -13.59 -41.87
CA PHE A 4237 -36.80 -14.26 -41.40
C PHE A 4237 -37.80 -13.27 -40.83
N CYS A 4238 -37.31 -12.18 -40.19
CA CYS A 4238 -38.21 -11.20 -39.61
C CYS A 4238 -38.96 -10.41 -40.66
N GLU A 4239 -38.27 -9.93 -41.70
CA GLU A 4239 -38.94 -9.12 -42.73
C GLU A 4239 -39.92 -9.95 -43.55
N ASP A 4240 -39.68 -11.26 -43.64
CA ASP A 4240 -40.61 -12.13 -44.34
C ASP A 4240 -41.89 -12.31 -43.55
N THR A 4241 -41.79 -12.36 -42.21
CA THR A 4241 -42.99 -12.51 -41.40
C THR A 4241 -43.81 -11.23 -41.30
N ILE A 4242 -43.18 -10.05 -41.43
CA ILE A 4242 -43.96 -8.82 -41.54
C ILE A 4242 -44.80 -8.83 -42.80
N PHE A 4243 -44.24 -9.40 -43.87
CA PHE A 4243 -44.97 -9.46 -45.12
C PHE A 4243 -46.05 -10.54 -45.08
N GLU A 4244 -45.79 -11.68 -44.45
CA GLU A 4244 -46.78 -12.75 -44.52
C GLU A 4244 -47.94 -12.49 -43.56
N MET A 4245 -47.74 -11.62 -42.56
CA MET A 4245 -48.91 -11.11 -41.84
C MET A 4245 -49.57 -9.96 -42.60
N GLN A 4246 -48.83 -9.26 -43.47
CA GLN A 4246 -49.45 -8.20 -44.25
C GLN A 4246 -50.32 -8.79 -45.36
N ILE A 4247 -49.88 -9.91 -45.95
CA ILE A 4247 -50.73 -10.58 -46.93
C ILE A 4247 -51.86 -11.31 -46.20
N ALA A 4248 -51.67 -11.62 -44.91
CA ALA A 4248 -52.73 -12.21 -44.10
C ALA A 4248 -53.73 -11.15 -43.63
N ALA A 4249 -53.26 -9.94 -43.34
CA ALA A 4249 -54.19 -8.87 -42.97
C ALA A 4249 -54.96 -8.37 -44.18
N GLN A 4250 -54.41 -8.56 -45.38
CA GLN A 4250 -55.13 -8.21 -46.60
C GLN A 4250 -56.23 -9.23 -46.88
N ILE A 4251 -56.01 -10.50 -46.57
CA ILE A 4251 -56.97 -11.56 -46.86
C ILE A 4251 -57.86 -11.86 -45.66
N SER A 4252 -57.78 -11.07 -44.60
CA SER A 4252 -58.65 -11.31 -43.45
C SER A 4252 -60.05 -10.81 -43.73
N GLU A 4253 -61.02 -11.45 -43.09
CA GLU A 4253 -62.42 -11.08 -43.23
C GLU A 4253 -62.79 -9.98 -42.25
N UNK A 4318 -50.54 -33.95 -36.00
CA UNK A 4318 -51.89 -33.53 -36.37
C UNK A 4318 -52.36 -34.26 -37.63
N UNK A 4319 -51.61 -34.08 -38.71
CA UNK A 4319 -51.95 -34.73 -39.98
C UNK A 4319 -51.43 -36.16 -40.03
N UNK A 4320 -50.49 -36.47 -39.13
CA UNK A 4320 -49.91 -37.81 -39.07
C UNK A 4320 -50.86 -38.78 -38.38
N UNK A 4321 -51.58 -38.29 -37.38
CA UNK A 4321 -52.53 -39.11 -36.64
C UNK A 4321 -53.80 -39.35 -37.47
N UNK A 4322 -54.11 -38.42 -38.34
CA UNK A 4322 -55.28 -38.54 -39.21
C UNK A 4322 -55.00 -39.48 -40.37
N UNK A 4323 -53.74 -39.51 -40.80
CA UNK A 4323 -53.32 -40.38 -41.90
C UNK A 4323 -53.19 -41.82 -41.43
N UNK A 4324 -52.80 -41.99 -40.16
CA UNK A 4324 -52.65 -43.32 -39.59
C UNK A 4324 -54.01 -43.92 -39.27
N UNK A 4325 -54.97 -43.07 -38.95
CA UNK A 4325 -56.33 -43.51 -38.65
C UNK A 4325 -57.07 -43.85 -39.94
N UNK A 4326 -56.73 -43.16 -41.01
CA UNK A 4326 -57.35 -43.40 -42.32
C UNK A 4326 -56.80 -44.67 -42.95
N UNK A 4327 -55.54 -44.97 -42.65
CA UNK A 4327 -54.90 -46.18 -43.16
C UNK A 4327 -55.38 -47.41 -42.39
N UNK A 4328 -55.72 -47.20 -41.12
CA UNK A 4328 -56.20 -48.30 -40.28
C UNK A 4328 -57.66 -48.60 -40.58
N UNK A 4329 -58.41 -47.58 -40.96
CA UNK A 4329 -59.82 -47.74 -41.29
C UNK A 4329 -60.00 -48.41 -42.65
N UNK A 4330 -59.01 -48.22 -43.52
CA UNK A 4330 -59.05 -48.81 -44.85
C UNK A 4330 -58.56 -50.25 -44.83
N UNK A 4331 -57.65 -50.55 -43.91
CA UNK A 4331 -57.15 -51.90 -43.74
C UNK A 4331 -58.20 -52.77 -43.09
N UNK A 4332 -59.03 -52.15 -42.26
CA UNK A 4332 -60.14 -52.85 -41.59
C UNK A 4332 -61.28 -53.07 -42.57
N UNK A 4333 -61.44 -52.14 -43.50
CA UNK A 4333 -62.50 -52.22 -44.50
C UNK A 4333 -62.14 -53.20 -45.62
N UNK A 4334 -60.83 -53.34 -45.87
CA UNK A 4334 -60.36 -54.29 -46.87
C UNK A 4334 -60.40 -55.71 -46.30
N UNK A 4335 -60.24 -55.82 -44.99
CA UNK A 4335 -60.30 -57.11 -44.32
C UNK A 4335 -61.74 -57.56 -44.18
N UNK A 4336 -62.65 -56.60 -44.06
CA UNK A 4336 -64.07 -56.91 -43.94
C UNK A 4336 -64.65 -57.30 -45.30
N UNK A 4337 -64.07 -56.76 -46.37
CA UNK A 4337 -64.52 -57.06 -47.72
C UNK A 4337 -63.99 -58.41 -48.18
N UNK A 4338 -62.74 -58.71 -47.82
CA UNK A 4338 -62.13 -59.98 -48.20
C UNK A 4338 -62.59 -61.11 -47.28
N TRP A 4541 -69.32 -4.66 -64.22
CA TRP A 4541 -68.05 -5.34 -64.06
C TRP A 4541 -67.53 -5.21 -62.63
N GLY A 4542 -68.12 -4.27 -61.89
CA GLY A 4542 -67.71 -4.09 -60.50
C GLY A 4542 -68.26 -5.15 -59.57
N GLU A 4543 -69.46 -5.67 -59.87
CA GLU A 4543 -70.06 -6.70 -59.03
C GLU A 4543 -69.43 -8.06 -59.28
N LEU A 4544 -69.03 -8.33 -60.52
CA LEU A 4544 -68.39 -9.60 -60.85
C LEU A 4544 -66.96 -9.64 -60.34
N GLU A 4545 -66.34 -8.47 -60.18
CA GLU A 4545 -64.98 -8.41 -59.66
C GLU A 4545 -64.95 -8.64 -58.16
N VAL A 4546 -65.92 -8.08 -57.42
CA VAL A 4546 -65.92 -8.29 -55.97
C VAL A 4546 -66.41 -9.70 -55.65
N GLN A 4547 -67.18 -10.31 -56.56
CA GLN A 4547 -67.55 -11.71 -56.37
C GLN A 4547 -66.38 -12.64 -56.69
N ARG A 4548 -65.41 -12.15 -57.45
CA ARG A 4548 -64.19 -12.92 -57.72
C ARG A 4548 -63.25 -12.88 -56.54
N VAL A 4549 -63.10 -11.70 -55.92
CA VAL A 4549 -62.22 -11.59 -54.76
C VAL A 4549 -62.89 -12.15 -53.50
N LYS A 4550 -64.20 -12.38 -53.55
CA LYS A 4550 -64.87 -13.06 -52.44
C LYS A 4550 -64.68 -14.57 -52.54
N PHE A 4551 -64.64 -15.10 -53.77
CA PHE A 4551 -64.43 -16.53 -53.96
C PHE A 4551 -62.96 -16.90 -53.77
N LEU A 4552 -62.05 -16.02 -54.18
CA LEU A 4552 -60.63 -16.30 -54.00
C LEU A 4552 -60.23 -16.18 -52.53
N ASN A 4553 -60.92 -15.33 -51.77
CA ASN A 4553 -60.60 -15.19 -50.36
C ASN A 4553 -61.26 -16.25 -49.51
N TYR A 4554 -62.45 -16.71 -49.91
CA TYR A 4554 -63.11 -17.81 -49.19
C TYR A 4554 -62.33 -19.10 -49.35
N LEU A 4555 -61.69 -19.28 -50.51
CA LEU A 4555 -60.95 -20.51 -50.77
C LEU A 4555 -59.60 -20.49 -50.03
N SER A 4556 -58.98 -19.33 -49.91
CA SER A 4556 -57.62 -19.27 -49.38
C SER A 4556 -57.58 -19.36 -47.87
N ARG A 4557 -58.65 -18.99 -47.17
CA ARG A 4557 -58.69 -19.23 -45.72
C ARG A 4557 -58.96 -20.69 -45.39
N ASN A 4558 -59.42 -21.48 -46.35
CA ASN A 4558 -59.69 -22.90 -46.17
C ASN A 4558 -58.73 -23.72 -47.01
N PHE A 4559 -57.47 -23.28 -47.08
CA PHE A 4559 -56.48 -23.98 -47.91
C PHE A 4559 -56.03 -25.28 -47.27
N TYR A 4560 -55.98 -25.33 -45.94
CA TYR A 4560 -55.61 -26.57 -45.27
C TYR A 4560 -56.76 -27.56 -45.23
N THR A 4561 -57.99 -27.04 -45.16
CA THR A 4561 -59.17 -27.91 -45.18
C THR A 4561 -59.38 -28.50 -46.58
N LEU A 4562 -59.05 -27.72 -47.62
CA LEU A 4562 -59.30 -28.15 -48.99
C LEU A 4562 -58.35 -29.27 -49.40
N ARG A 4563 -57.12 -29.26 -48.88
CA ARG A 4563 -56.19 -30.34 -49.23
C ARG A 4563 -56.40 -31.58 -48.38
N PHE A 4564 -57.05 -31.39 -47.23
CA PHE A 4564 -57.39 -32.53 -46.34
C PHE A 4564 -58.47 -33.36 -47.06
N LEU A 4565 -59.44 -32.67 -47.65
CA LEU A 4565 -60.49 -33.33 -48.42
C LEU A 4565 -59.93 -33.82 -49.76
N ALA A 4566 -58.86 -33.19 -50.25
CA ALA A 4566 -58.25 -33.65 -51.49
C ALA A 4566 -57.47 -34.95 -51.27
N LEU A 4567 -56.95 -35.16 -50.06
CA LEU A 4567 -56.23 -36.40 -49.77
C LEU A 4567 -57.17 -37.50 -49.30
N PHE A 4568 -58.22 -37.13 -48.55
CA PHE A 4568 -59.25 -38.08 -48.14
C PHE A 4568 -60.00 -38.64 -49.34
N LEU A 4569 -60.28 -37.79 -50.33
CA LEU A 4569 -60.94 -38.27 -51.53
C LEU A 4569 -59.94 -38.97 -52.46
N ALA A 4570 -58.65 -38.68 -52.28
CA ALA A 4570 -57.62 -39.43 -53.01
C ALA A 4570 -57.50 -40.85 -52.48
N PHE A 4571 -57.65 -41.03 -51.16
CA PHE A 4571 -57.56 -42.37 -50.59
C PHE A 4571 -58.90 -43.10 -50.80
N ALA A 4572 -59.98 -42.35 -50.99
CA ALA A 4572 -61.30 -42.95 -51.16
C ALA A 4572 -61.46 -43.57 -52.55
N ILE A 4573 -60.86 -42.96 -53.57
CA ILE A 4573 -61.02 -43.48 -54.93
C ILE A 4573 -60.05 -44.64 -55.18
N ASN A 4574 -58.98 -44.75 -54.39
CA ASN A 4574 -58.09 -45.89 -54.52
C ASN A 4574 -58.42 -47.02 -53.56
N PHE A 4575 -59.28 -46.78 -52.57
CA PHE A 4575 -59.78 -47.90 -51.78
C PHE A 4575 -60.82 -48.69 -52.54
N ILE A 4576 -61.70 -48.00 -53.28
CA ILE A 4576 -62.76 -48.66 -54.03
C ILE A 4576 -62.21 -49.33 -55.29
N LEU A 4577 -61.02 -48.92 -55.74
CA LEU A 4577 -60.42 -49.47 -56.95
C LEU A 4577 -59.88 -50.88 -56.75
N LEU A 4578 -59.76 -51.35 -55.51
CA LEU A 4578 -59.26 -52.69 -55.17
C LEU A 4578 -60.16 -53.82 -55.65
N PHE A 4579 -61.38 -53.54 -56.12
CA PHE A 4579 -62.33 -54.56 -56.52
C PHE A 4579 -62.51 -54.65 -58.04
N TYR A 4580 -61.45 -54.41 -58.81
CA TYR A 4580 -61.54 -54.57 -60.25
C TYR A 4580 -61.27 -56.01 -60.64
N LYS A 4581 -61.76 -56.39 -61.83
CA LYS A 4581 -61.65 -57.75 -62.33
C LYS A 4581 -61.49 -57.70 -63.85
N VAL A 4582 -60.68 -58.63 -64.37
CA VAL A 4582 -60.51 -58.83 -65.80
C VAL A 4582 -61.20 -60.13 -66.18
N SER A 4583 -61.82 -60.15 -67.35
CA SER A 4583 -62.50 -61.33 -67.86
C SER A 4583 -62.41 -61.36 -69.37
N ASP A 4584 -62.46 -62.57 -69.92
CA ASP A 4584 -62.63 -62.72 -71.37
C ASP A 4584 -64.06 -62.45 -71.80
N SER A 4585 -65.03 -62.64 -70.89
CA SER A 4585 -66.45 -62.42 -71.18
C SER A 4585 -66.79 -60.94 -71.12
N PRO A 4586 -67.74 -60.47 -71.95
CA PRO A 4586 -68.19 -59.09 -71.83
C PRO A 4586 -69.03 -58.90 -70.58
N PRO A 4587 -69.08 -57.68 -70.02
CA PRO A 4587 -69.88 -57.41 -68.82
C PRO A 4587 -71.39 -57.49 -69.07
N ASN A 4626 -61.15 -59.66 -76.61
CA ASN A 4626 -60.13 -59.01 -75.81
C ASN A 4626 -60.60 -58.75 -74.37
N MET A 4627 -59.67 -58.42 -73.50
CA MET A 4627 -60.00 -58.24 -72.09
C MET A 4627 -60.68 -56.90 -71.85
N VAL A 4628 -61.69 -56.90 -70.99
CA VAL A 4628 -62.40 -55.69 -70.58
C VAL A 4628 -62.12 -55.45 -69.10
N TYR A 4629 -62.25 -54.20 -68.68
CA TYR A 4629 -62.05 -53.81 -67.28
C TYR A 4629 -63.40 -53.42 -66.72
N TYR A 4630 -64.02 -54.33 -65.99
CA TYR A 4630 -65.33 -54.08 -65.40
C TYR A 4630 -65.23 -54.23 -63.88
N PHE A 4631 -66.13 -53.55 -63.18
CA PHE A 4631 -66.10 -53.51 -61.73
C PHE A 4631 -66.99 -54.61 -61.17
N LEU A 4632 -66.56 -55.19 -60.04
CA LEU A 4632 -67.31 -56.24 -59.36
C LEU A 4632 -67.65 -55.72 -57.96
N GLU A 4633 -68.91 -55.90 -57.56
CA GLU A 4633 -69.34 -55.59 -56.22
C GLU A 4633 -70.47 -56.54 -55.83
N GLU A 4634 -70.55 -56.86 -54.56
CA GLU A 4634 -71.58 -57.75 -54.03
C GLU A 4634 -72.66 -56.92 -53.35
N SER A 4635 -73.88 -57.00 -53.89
CA SER A 4635 -75.08 -56.34 -53.36
C SER A 4635 -74.94 -54.82 -53.29
N THR A 4636 -74.19 -54.24 -54.22
CA THR A 4636 -74.06 -52.79 -54.33
C THR A 4636 -73.83 -52.44 -55.80
N GLY A 4637 -74.65 -51.55 -56.34
CA GLY A 4637 -74.50 -51.13 -57.72
C GLY A 4637 -74.25 -49.64 -57.85
N TYR A 4638 -74.01 -49.00 -56.72
CA TYR A 4638 -73.81 -47.56 -56.63
C TYR A 4638 -72.32 -47.19 -56.71
N MET A 4639 -71.44 -48.19 -56.74
CA MET A 4639 -70.02 -47.93 -56.60
C MET A 4639 -69.42 -47.36 -57.90
N GLU A 4640 -69.98 -47.76 -59.05
CA GLU A 4640 -69.47 -47.24 -60.32
C GLU A 4640 -69.94 -45.82 -60.62
N PRO A 4641 -71.18 -45.39 -60.33
CA PRO A 4641 -71.45 -43.93 -60.40
C PRO A 4641 -70.78 -43.13 -59.30
N ALA A 4642 -70.37 -43.77 -58.20
CA ALA A 4642 -69.65 -43.04 -57.16
C ALA A 4642 -68.23 -42.69 -57.59
N LEU A 4643 -67.55 -43.64 -58.25
CA LEU A 4643 -66.18 -43.39 -58.70
C LEU A 4643 -66.14 -42.39 -59.84
N TRP A 4644 -67.21 -42.33 -60.64
CA TRP A 4644 -67.32 -41.29 -61.65
C TRP A 4644 -67.63 -39.94 -61.01
N CYS A 4645 -68.25 -39.94 -59.83
CA CYS A 4645 -68.55 -38.70 -59.13
C CYS A 4645 -67.35 -38.18 -58.35
N LEU A 4646 -66.55 -39.10 -57.78
CA LEU A 4646 -65.43 -38.67 -56.95
C LEU A 4646 -64.23 -38.25 -57.79
N SER A 4647 -64.16 -38.74 -59.03
CA SER A 4647 -63.05 -38.37 -59.92
C SER A 4647 -63.24 -36.95 -60.45
N LEU A 4648 -64.48 -36.57 -60.76
CA LEU A 4648 -64.75 -35.19 -61.12
C LEU A 4648 -64.65 -34.28 -59.91
N LEU A 4649 -64.89 -34.81 -58.71
CA LEU A 4649 -64.78 -33.99 -57.52
C LEU A 4649 -63.32 -33.81 -57.11
N HIS A 4650 -62.46 -34.78 -57.45
CA HIS A 4650 -61.05 -34.67 -57.11
C HIS A 4650 -60.31 -33.74 -58.07
N THR A 4651 -60.69 -33.77 -59.36
CA THR A 4651 -60.06 -32.89 -60.34
C THR A 4651 -60.48 -31.44 -60.11
N LEU A 4652 -61.71 -31.24 -59.65
CA LEU A 4652 -62.16 -29.89 -59.31
C LEU A 4652 -61.45 -29.37 -58.07
N VAL A 4653 -61.28 -30.21 -57.04
CA VAL A 4653 -60.67 -29.75 -55.80
C VAL A 4653 -59.16 -29.60 -55.97
N ALA A 4654 -58.58 -30.32 -56.93
CA ALA A 4654 -57.15 -30.13 -57.21
C ALA A 4654 -56.91 -28.82 -57.93
N PHE A 4655 -57.83 -28.39 -58.78
CA PHE A 4655 -57.66 -27.17 -59.55
C PHE A 4655 -57.87 -25.94 -58.66
N LEU A 4656 -58.77 -26.04 -57.67
CA LEU A 4656 -58.90 -24.96 -56.69
C LEU A 4656 -57.69 -24.87 -55.79
N CYS A 4657 -56.98 -25.98 -55.58
CA CYS A 4657 -55.75 -25.94 -54.79
C CYS A 4657 -54.63 -25.24 -55.55
N ILE A 4658 -54.60 -25.37 -56.89
CA ILE A 4658 -53.59 -24.71 -57.69
C ILE A 4658 -53.83 -23.20 -57.70
N ILE A 4659 -55.08 -22.77 -57.86
CA ILE A 4659 -55.39 -21.35 -57.87
C ILE A 4659 -55.26 -20.77 -56.47
N GLY A 4660 -55.39 -21.60 -55.44
CA GLY A 4660 -55.15 -21.15 -54.09
C GLY A 4660 -53.67 -20.93 -53.80
N TYR A 4661 -52.82 -21.81 -54.32
CA TYR A 4661 -51.38 -21.63 -54.13
C TYR A 4661 -50.88 -20.51 -55.04
N ASN A 4662 -51.59 -20.27 -56.15
CA ASN A 4662 -51.31 -19.12 -57.02
C ASN A 4662 -51.94 -17.84 -56.49
N CYS A 4663 -52.65 -17.91 -55.37
CA CYS A 4663 -53.16 -16.70 -54.74
C CYS A 4663 -52.36 -16.34 -53.48
N LEU A 4664 -51.89 -17.34 -52.74
CA LEU A 4664 -51.39 -17.13 -51.39
C LEU A 4664 -49.86 -17.07 -51.31
N LYS A 4665 -49.18 -18.13 -51.75
CA LYS A 4665 -47.74 -18.22 -51.55
C LYS A 4665 -46.91 -17.71 -52.73
N VAL A 4666 -47.48 -17.55 -53.92
CA VAL A 4666 -46.71 -16.96 -55.00
C VAL A 4666 -46.41 -15.45 -54.83
N PRO A 4667 -47.16 -14.62 -54.05
CA PRO A 4667 -46.55 -13.33 -53.70
C PRO A 4667 -45.41 -13.46 -52.70
N LEU A 4668 -45.35 -14.57 -51.96
CA LEU A 4668 -44.27 -14.76 -51.00
C LEU A 4668 -42.97 -15.15 -51.69
N VAL A 4669 -43.06 -15.94 -52.76
CA VAL A 4669 -41.86 -16.49 -53.37
C VAL A 4669 -41.22 -15.46 -54.31
N ILE A 4670 -41.98 -14.48 -54.79
CA ILE A 4670 -41.35 -13.38 -55.51
C ILE A 4670 -40.69 -12.43 -54.52
N PHE A 4671 -41.31 -12.23 -53.35
CA PHE A 4671 -40.81 -11.26 -52.38
C PHE A 4671 -39.42 -11.64 -51.86
N LYS A 4672 -39.13 -12.93 -51.76
CA LYS A 4672 -37.79 -13.30 -51.29
C LYS A 4672 -36.76 -13.17 -52.41
N ARG A 4673 -37.19 -13.19 -53.68
CA ARG A 4673 -36.21 -13.06 -54.76
C ARG A 4673 -35.92 -11.60 -55.06
N GLU A 4674 -36.93 -10.72 -55.04
CA GLU A 4674 -36.62 -9.31 -55.29
C GLU A 4674 -36.13 -8.63 -54.02
N LYS A 4675 -36.16 -9.31 -52.87
CA LYS A 4675 -35.42 -8.82 -51.71
C LYS A 4675 -33.94 -9.16 -51.84
N GLU A 4676 -33.63 -10.38 -52.27
CA GLU A 4676 -32.23 -10.78 -52.37
C GLU A 4676 -31.53 -10.11 -53.54
N LEU A 4677 -32.24 -9.78 -54.62
CA LEU A 4677 -31.56 -9.20 -55.78
C LEU A 4677 -31.36 -7.71 -55.60
N ALA A 4678 -32.32 -7.01 -55.00
CA ALA A 4678 -32.23 -5.57 -54.84
C ALA A 4678 -31.14 -5.19 -53.84
N ARG A 4679 -30.83 -6.10 -52.92
CA ARG A 4679 -29.65 -5.92 -52.09
C ARG A 4679 -28.40 -6.47 -52.78
N LYS A 4680 -28.58 -7.42 -53.71
CA LYS A 4680 -27.45 -7.86 -54.54
C LYS A 4680 -27.06 -6.78 -55.56
N LEU A 4681 -28.02 -5.94 -55.97
CA LEU A 4681 -27.70 -4.88 -56.91
C LEU A 4681 -27.03 -3.69 -56.23
N GLU A 4682 -27.49 -3.32 -55.04
CA GLU A 4682 -27.08 -2.04 -54.46
C GLU A 4682 -25.83 -2.17 -53.59
N PHE A 4683 -25.71 -3.24 -52.81
CA PHE A 4683 -24.59 -3.37 -51.89
C PHE A 4683 -23.32 -3.83 -52.60
N ASP A 4684 -23.29 -5.06 -53.10
CA ASP A 4684 -22.10 -5.59 -53.74
C ASP A 4684 -22.12 -5.44 -55.27
N GLY A 4685 -23.23 -5.00 -55.86
CA GLY A 4685 -23.26 -4.68 -57.27
C GLY A 4685 -23.18 -5.86 -58.22
N LEU A 4686 -24.26 -6.66 -58.27
CA LEU A 4686 -24.22 -7.91 -59.03
C LEU A 4686 -24.31 -7.68 -60.54
N TYR A 4687 -25.00 -6.61 -60.97
CA TYR A 4687 -25.23 -6.38 -62.40
C TYR A 4687 -24.64 -5.08 -62.92
N ILE A 4688 -23.80 -4.39 -62.15
CA ILE A 4688 -23.25 -3.10 -62.54
C ILE A 4688 -21.72 -3.12 -62.62
N THR A 4689 -21.06 -3.81 -61.69
CA THR A 4689 -19.60 -3.90 -61.70
C THR A 4689 -19.10 -5.25 -62.15
N GLU A 4690 -19.76 -6.34 -61.76
CA GLU A 4690 -19.45 -7.68 -62.20
C GLU A 4690 -20.62 -8.24 -62.98
N GLN A 4691 -20.42 -9.43 -63.54
CA GLN A 4691 -21.46 -10.14 -64.26
C GLN A 4691 -21.27 -11.63 -64.00
N PRO A 4692 -22.37 -12.39 -63.82
CA PRO A 4692 -22.28 -13.84 -63.62
C PRO A 4692 -21.78 -14.56 -64.87
N ASP A 4696 -24.56 -19.75 -63.56
CA ASP A 4696 -25.85 -19.85 -62.89
C ASP A 4696 -26.97 -19.36 -63.80
N VAL A 4697 -28.05 -20.14 -63.89
CA VAL A 4697 -29.17 -19.76 -64.74
C VAL A 4697 -30.02 -18.69 -64.04
N LYS A 4698 -29.92 -18.61 -62.70
CA LYS A 4698 -30.72 -17.64 -61.96
C LYS A 4698 -30.19 -16.23 -62.16
N GLY A 4699 -28.91 -16.09 -62.50
CA GLY A 4699 -28.35 -14.77 -62.72
C GLY A 4699 -28.75 -14.15 -64.05
N GLN A 4700 -28.91 -14.99 -65.09
CA GLN A 4700 -29.25 -14.49 -66.41
C GLN A 4700 -30.76 -14.41 -66.64
N TRP A 4701 -31.54 -15.25 -65.95
CA TRP A 4701 -33.00 -15.11 -66.03
C TRP A 4701 -33.48 -13.85 -65.33
N ASP A 4702 -32.75 -13.38 -64.33
CA ASP A 4702 -33.12 -12.19 -63.59
C ASP A 4702 -32.86 -10.90 -64.36
N ARG A 4703 -32.27 -10.96 -65.56
CA ARG A 4703 -32.02 -9.77 -66.36
C ARG A 4703 -33.28 -9.21 -67.00
N LEU A 4704 -34.35 -10.00 -67.08
CA LEU A 4704 -35.60 -9.58 -67.70
C LEU A 4704 -36.47 -8.75 -66.77
N VAL A 4705 -36.07 -8.52 -65.51
CA VAL A 4705 -36.89 -7.81 -64.55
C VAL A 4705 -36.33 -6.43 -64.17
N LEU A 4706 -35.09 -6.11 -64.56
CA LEU A 4706 -34.58 -4.77 -64.21
C LEU A 4706 -35.21 -3.67 -65.07
N ASN A 4707 -35.53 -3.95 -66.33
CA ASN A 4707 -36.08 -2.92 -67.21
C ASN A 4707 -37.60 -2.80 -67.15
N THR A 4708 -38.28 -3.49 -66.22
CA THR A 4708 -39.71 -3.19 -66.14
C THR A 4708 -39.97 -2.12 -65.08
N PRO A 4709 -40.95 -1.24 -65.28
CA PRO A 4709 -41.27 -0.26 -64.23
C PRO A 4709 -42.01 -0.86 -63.05
N SER A 4710 -42.55 -2.07 -63.17
CA SER A 4710 -43.22 -2.77 -62.08
C SER A 4710 -42.26 -3.75 -61.40
N PHE A 4711 -40.99 -3.37 -61.34
CA PHE A 4711 -40.01 -4.10 -60.53
C PHE A 4711 -40.36 -4.10 -59.04
N PRO A 4712 -40.52 -2.95 -58.32
CA PRO A 4712 -40.67 -3.05 -56.87
C PRO A 4712 -42.11 -3.23 -56.41
N SER A 4713 -42.98 -3.68 -57.32
CA SER A 4713 -44.43 -3.68 -57.10
C SER A 4713 -44.84 -4.60 -55.96
N ASN A 4714 -44.07 -5.65 -55.67
CA ASN A 4714 -44.37 -6.56 -54.57
C ASN A 4714 -43.24 -6.51 -53.54
N TYR A 4715 -42.73 -5.31 -53.30
CA TYR A 4715 -41.59 -5.11 -52.40
C TYR A 4715 -41.82 -3.83 -51.61
N TRP A 4716 -41.32 -3.83 -50.37
CA TRP A 4716 -41.52 -2.67 -49.51
C TRP A 4716 -40.65 -1.49 -49.94
N ASP A 4717 -39.48 -1.76 -50.52
CA ASP A 4717 -38.62 -0.69 -51.02
C ASP A 4717 -38.90 -0.48 -52.50
N LYS A 4718 -39.21 0.76 -52.87
CA LYS A 4718 -39.42 1.13 -54.25
C LYS A 4718 -38.46 2.19 -54.78
N PHE A 4719 -37.66 2.81 -53.92
CA PHE A 4719 -36.65 3.77 -54.36
C PHE A 4719 -35.28 3.12 -54.48
N VAL A 4720 -35.24 1.84 -54.89
CA VAL A 4720 -33.97 1.11 -54.92
C VAL A 4720 -33.10 1.56 -56.09
N LYS A 4721 -33.73 2.03 -57.17
CA LYS A 4721 -32.96 2.42 -58.36
C LYS A 4721 -32.27 3.77 -58.15
N ARG A 4722 -32.86 4.63 -57.31
CA ARG A 4722 -32.20 5.89 -56.95
C ARG A 4722 -31.18 5.69 -55.82
N LYS A 4723 -31.26 4.56 -55.11
CA LYS A 4723 -30.17 4.22 -54.19
C LYS A 4723 -28.89 3.89 -54.94
N VAL A 4724 -29.00 3.17 -56.05
CA VAL A 4724 -27.81 2.66 -56.72
C VAL A 4724 -27.30 3.64 -57.77
N LEU A 4725 -28.13 4.59 -58.22
CA LEU A 4725 -27.63 5.62 -59.12
C LEU A 4725 -26.89 6.69 -58.33
N ASP A 4726 -27.31 6.95 -57.09
CA ASP A 4726 -26.56 7.86 -56.24
C ASP A 4726 -25.32 7.19 -55.65
N LYS A 4727 -25.22 5.88 -55.76
CA LYS A 4727 -24.06 5.14 -55.25
C LYS A 4727 -23.02 4.87 -56.33
N HIS A 4728 -23.44 4.43 -57.52
CA HIS A 4728 -22.51 4.07 -58.59
C HIS A 4728 -22.78 4.85 -59.87
N GLY A 4729 -23.24 6.10 -59.76
CA GLY A 4729 -23.48 6.91 -60.93
C GLY A 4729 -22.37 7.89 -61.26
N ASP A 4730 -21.32 7.94 -60.45
CA ASP A 4730 -20.15 8.76 -60.71
C ASP A 4730 -18.97 7.96 -61.23
N ILE A 4731 -18.86 6.68 -60.84
CA ILE A 4731 -17.72 5.88 -61.29
C ILE A 4731 -17.88 5.39 -62.72
N PHE A 4732 -19.10 5.31 -63.24
CA PHE A 4732 -19.39 4.87 -64.60
C PHE A 4732 -20.25 5.91 -65.30
N GLY A 4733 -20.60 5.63 -66.56
CA GLY A 4733 -21.51 6.48 -67.29
C GLY A 4733 -22.93 6.33 -66.78
N ARG A 4734 -23.56 7.44 -66.37
CA ARG A 4734 -24.86 7.35 -65.72
C ARG A 4734 -25.97 7.10 -66.73
N GLU A 4735 -25.74 7.44 -68.00
CA GLU A 4735 -26.73 7.16 -69.03
C GLU A 4735 -26.79 5.67 -69.35
N ARG A 4736 -25.67 4.96 -69.15
CA ARG A 4736 -25.64 3.53 -69.39
C ARG A 4736 -26.31 2.76 -68.25
N ILE A 4737 -26.11 3.21 -67.01
CA ILE A 4737 -26.74 2.52 -65.88
C ILE A 4737 -28.23 2.83 -65.83
N ALA A 4738 -28.64 4.00 -66.35
CA ALA A 4738 -30.07 4.29 -66.45
C ALA A 4738 -30.74 3.48 -67.55
N GLU A 4739 -29.99 3.16 -68.62
CA GLU A 4739 -30.55 2.29 -69.66
C GLU A 4739 -30.51 0.83 -69.23
N LEU A 4740 -29.60 0.49 -68.31
CA LEU A 4740 -29.56 -0.84 -67.73
C LEU A 4740 -30.69 -1.06 -66.75
N LEU A 4741 -31.07 -0.03 -66.00
CA LEU A 4741 -32.07 -0.11 -64.95
C LEU A 4741 -33.48 0.18 -65.43
N GLY A 4742 -33.66 0.50 -66.70
CA GLY A 4742 -34.98 0.72 -67.27
C GLY A 4742 -35.72 1.92 -66.74
N MET A 4743 -35.01 2.89 -66.18
CA MET A 4743 -35.62 4.08 -65.60
C MET A 4743 -36.06 5.01 -66.73
N ASP A 4744 -37.36 5.04 -67.00
CA ASP A 4744 -37.91 5.84 -68.08
C ASP A 4744 -37.89 7.31 -67.68
N LEU A 4745 -37.17 8.12 -68.47
CA LEU A 4745 -36.99 9.56 -68.28
C LEU A 4745 -36.37 9.86 -66.91
N ALA A 4746 -35.12 9.40 -66.76
CA ALA A 4746 -34.44 9.53 -65.47
C ALA A 4746 -34.09 10.97 -65.16
N SER A 4747 -33.87 11.80 -66.16
CA SER A 4747 -33.64 13.23 -65.95
C SER A 4747 -34.93 14.04 -65.96
N LEU A 4748 -36.10 13.40 -66.08
CA LEU A 4748 -37.36 14.11 -66.13
C LEU A 4748 -38.31 13.64 -65.03
N GLU A 4749 -38.28 12.36 -64.68
CA GLU A 4749 -39.14 11.87 -63.61
C GLU A 4749 -38.61 12.30 -62.24
N ILE A 4750 -37.29 12.47 -62.12
CA ILE A 4750 -36.70 12.93 -60.87
C ILE A 4750 -37.01 14.41 -60.64
N THR A 4751 -37.13 15.17 -61.73
CA THR A 4751 -37.53 16.57 -61.61
C THR A 4751 -39.03 16.68 -61.40
N ALA A 4752 -39.80 15.74 -61.94
CA ALA A 4752 -41.24 15.77 -61.73
C ALA A 4752 -41.61 15.33 -60.32
N HIS A 4753 -40.85 14.39 -59.75
CA HIS A 4753 -41.13 13.96 -58.39
C HIS A 4753 -40.66 14.97 -57.36
N ASN A 4754 -39.71 15.83 -57.71
CA ASN A 4754 -39.24 16.83 -56.74
C ASN A 4754 -40.20 18.00 -56.64
N GLU A 4755 -40.65 18.54 -57.78
CA GLU A 4755 -41.54 19.70 -57.75
C GLU A 4755 -42.95 19.30 -57.34
N ARG A 4756 -43.49 18.27 -57.96
CA ARG A 4756 -44.85 17.82 -57.66
C ARG A 4756 -44.96 16.30 -57.66
N THR A 4766 -58.77 -0.89 -70.51
CA THR A 4766 -57.41 -1.24 -70.93
C THR A 4766 -56.54 -1.59 -69.72
N TRP A 4767 -57.08 -2.40 -68.81
CA TRP A 4767 -56.33 -2.81 -67.64
C TRP A 4767 -55.26 -3.83 -67.99
N LEU A 4768 -55.58 -4.73 -68.93
CA LEU A 4768 -54.61 -5.70 -69.41
C LEU A 4768 -53.56 -5.04 -70.30
N MET A 4769 -53.93 -3.97 -70.99
CA MET A 4769 -52.96 -3.25 -71.81
C MET A 4769 -52.02 -2.39 -70.97
N SER A 4770 -52.45 -2.02 -69.76
CA SER A 4770 -51.56 -1.35 -68.83
C SER A 4770 -50.59 -2.30 -68.16
N ILE A 4771 -50.86 -3.62 -68.21
CA ILE A 4771 -49.98 -4.59 -67.57
C ILE A 4771 -48.70 -4.76 -68.38
N ASP A 4772 -47.60 -5.07 -67.69
CA ASP A 4772 -46.31 -5.29 -68.33
C ASP A 4772 -46.22 -6.74 -68.79
N VAL A 4773 -45.81 -6.94 -70.04
CA VAL A 4773 -45.70 -8.30 -70.55
C VAL A 4773 -44.33 -8.90 -70.22
N LYS A 4774 -43.32 -8.07 -69.95
CA LYS A 4774 -42.00 -8.60 -69.63
C LYS A 4774 -41.91 -9.04 -68.18
N TYR A 4775 -42.69 -8.40 -67.30
CA TYR A 4775 -42.67 -8.75 -65.88
C TYR A 4775 -43.42 -10.03 -65.60
N GLN A 4776 -44.55 -10.24 -66.30
CA GLN A 4776 -45.36 -11.43 -66.05
C GLN A 4776 -44.76 -12.67 -66.71
N ILE A 4777 -44.05 -12.51 -67.82
CA ILE A 4777 -43.32 -13.65 -68.36
C ILE A 4777 -42.11 -13.98 -67.47
N TRP A 4778 -41.58 -12.97 -66.78
CA TRP A 4778 -40.53 -13.21 -65.80
C TRP A 4778 -41.07 -13.87 -64.54
N LYS A 4779 -42.24 -13.42 -64.07
CA LYS A 4779 -42.79 -13.95 -62.83
C LYS A 4779 -43.37 -15.34 -63.03
N PHE A 4780 -43.87 -15.62 -64.24
CA PHE A 4780 -44.30 -16.98 -64.57
C PHE A 4780 -43.12 -17.90 -64.86
N GLY A 4781 -41.90 -17.35 -64.98
CA GLY A 4781 -40.74 -18.20 -65.18
C GLY A 4781 -40.15 -18.74 -63.88
N VAL A 4782 -40.20 -17.94 -62.82
CA VAL A 4782 -39.63 -18.33 -61.53
C VAL A 4782 -40.59 -19.19 -60.71
N ILE A 4783 -41.90 -19.05 -60.94
CA ILE A 4783 -42.89 -19.91 -60.31
C ILE A 4783 -42.74 -21.34 -60.81
N PHE A 4784 -42.37 -21.48 -62.09
CA PHE A 4784 -42.01 -22.77 -62.68
C PHE A 4784 -40.67 -23.30 -62.19
N THR A 4785 -39.83 -22.45 -61.57
CA THR A 4785 -38.60 -22.97 -60.98
C THR A 4785 -38.87 -23.58 -59.61
N ASP A 4786 -39.94 -23.15 -58.94
CA ASP A 4786 -40.28 -23.58 -57.59
C ASP A 4786 -40.61 -25.07 -57.54
N ASN A 4787 -39.99 -25.77 -56.58
CA ASN A 4787 -40.12 -27.22 -56.52
C ASN A 4787 -41.47 -27.67 -55.99
N SER A 4788 -42.13 -26.84 -55.19
CA SER A 4788 -43.45 -27.22 -54.68
C SER A 4788 -44.50 -27.13 -55.79
N PHE A 4789 -44.39 -26.13 -56.66
CA PHE A 4789 -45.40 -25.94 -57.70
C PHE A 4789 -45.27 -26.99 -58.79
N LEU A 4790 -44.04 -27.44 -59.09
CA LEU A 4790 -43.89 -28.54 -60.04
C LEU A 4790 -44.32 -29.86 -59.43
N TYR A 4791 -44.34 -29.95 -58.09
CA TYR A 4791 -44.98 -31.09 -57.45
C TYR A 4791 -46.50 -30.93 -57.46
N LEU A 4792 -46.99 -29.70 -57.20
CA LEU A 4792 -48.42 -29.45 -57.31
C LEU A 4792 -48.89 -29.48 -58.76
N GLY A 4793 -48.01 -29.12 -59.70
CA GLY A 4793 -48.35 -29.25 -61.11
C GLY A 4793 -48.34 -30.70 -61.58
N TRP A 4794 -47.49 -31.53 -60.97
CA TRP A 4794 -47.52 -32.96 -61.25
C TRP A 4794 -48.78 -33.60 -60.67
N TYR A 4795 -49.28 -33.03 -59.56
CA TYR A 4795 -50.47 -33.58 -58.92
C TYR A 4795 -51.73 -33.29 -59.75
N MET A 4796 -51.77 -32.14 -60.41
CA MET A 4796 -52.96 -31.80 -61.17
C MET A 4796 -52.96 -32.47 -62.54
N VAL A 4797 -51.77 -32.61 -63.15
CA VAL A 4797 -51.69 -33.18 -64.50
C VAL A 4797 -51.92 -34.68 -64.47
N MET A 4798 -51.73 -35.33 -63.33
CA MET A 4798 -52.01 -36.76 -63.26
C MET A 4798 -53.46 -37.01 -62.85
N SER A 4799 -54.07 -36.05 -62.15
CA SER A 4799 -55.48 -36.16 -61.81
C SER A 4799 -56.37 -35.97 -63.03
N LEU A 4800 -55.95 -35.12 -63.97
CA LEU A 4800 -56.70 -34.98 -65.22
C LEU A 4800 -56.40 -36.15 -66.15
N LEU A 4801 -55.24 -36.78 -65.99
CA LEU A 4801 -54.94 -38.01 -66.73
C LEU A 4801 -55.67 -39.22 -66.14
N GLY A 4802 -56.24 -39.08 -64.94
CA GLY A 4802 -56.99 -40.16 -64.33
C GLY A 4802 -58.35 -40.41 -64.96
N HIS A 4803 -58.88 -39.45 -65.71
CA HIS A 4803 -60.12 -39.70 -66.42
C HIS A 4803 -59.88 -40.52 -67.70
N TYR A 4804 -58.67 -40.46 -68.25
CA TYR A 4804 -58.33 -41.33 -69.37
C TYR A 4804 -58.23 -42.78 -68.93
N ASN A 4805 -57.49 -43.04 -67.86
CA ASN A 4805 -57.43 -44.35 -67.23
C ASN A 4805 -57.50 -44.15 -65.72
N ASN A 4806 -58.46 -44.80 -65.07
CA ASN A 4806 -58.67 -44.56 -63.65
C ASN A 4806 -57.61 -45.24 -62.79
N PHE A 4807 -56.80 -46.11 -63.36
CA PHE A 4807 -55.63 -46.67 -62.68
C PHE A 4807 -54.51 -45.65 -62.51
N PHE A 4808 -54.59 -44.50 -63.19
CA PHE A 4808 -53.60 -43.43 -63.03
C PHE A 4808 -53.77 -42.67 -61.72
N PHE A 4809 -54.85 -42.93 -60.97
CA PHE A 4809 -55.03 -42.35 -59.65
C PHE A 4809 -54.14 -43.00 -58.59
N ALA A 4810 -53.31 -43.98 -58.96
CA ALA A 4810 -52.46 -44.68 -58.00
C ALA A 4810 -51.33 -43.80 -57.46
N ALA A 4811 -50.79 -42.90 -58.28
CA ALA A 4811 -49.59 -42.18 -57.89
C ALA A 4811 -49.86 -41.08 -56.86
N HIS A 4812 -51.13 -40.72 -56.64
CA HIS A 4812 -51.45 -39.74 -55.62
C HIS A 4812 -51.41 -40.32 -54.21
N LEU A 4813 -51.30 -41.64 -54.06
CA LEU A 4813 -51.06 -42.20 -52.73
C LEU A 4813 -49.58 -42.22 -52.36
N LEU A 4814 -48.70 -41.73 -53.24
CA LEU A 4814 -47.33 -41.39 -52.87
C LEU A 4814 -47.24 -40.02 -52.20
N ASP A 4815 -48.38 -39.35 -51.98
CA ASP A 4815 -48.39 -38.09 -51.25
C ASP A 4815 -48.06 -38.31 -49.78
N ILE A 4816 -48.29 -39.52 -49.27
CA ILE A 4816 -47.97 -39.86 -47.88
C ILE A 4816 -46.45 -39.87 -47.66
N ALA A 4817 -45.67 -40.07 -48.73
CA ALA A 4817 -44.22 -40.02 -48.60
C ALA A 4817 -43.73 -38.59 -48.43
N MET A 4818 -44.37 -37.63 -49.11
CA MET A 4818 -43.96 -36.23 -49.03
C MET A 4818 -44.79 -35.41 -48.06
N GLY A 4819 -45.95 -35.90 -47.64
CA GLY A 4819 -46.81 -35.14 -46.74
C GLY A 4819 -46.28 -35.07 -45.32
N VAL A 4820 -46.13 -36.23 -44.69
CA VAL A 4820 -45.58 -36.30 -43.34
C VAL A 4820 -44.06 -36.22 -43.42
N LYS A 4821 -43.45 -35.65 -42.38
CA LYS A 4821 -41.99 -35.51 -42.37
C LYS A 4821 -41.32 -36.83 -41.96
N THR A 4822 -42.08 -37.79 -41.43
CA THR A 4822 -41.50 -39.06 -41.02
C THR A 4822 -41.03 -39.88 -42.23
N LEU A 4823 -41.90 -40.06 -43.22
CA LEU A 4823 -41.58 -40.84 -44.42
C LEU A 4823 -40.91 -40.01 -45.51
N ARG A 4824 -40.61 -38.74 -45.26
CA ARG A 4824 -39.85 -37.98 -46.24
C ARG A 4824 -38.36 -38.12 -46.02
N THR A 4825 -37.93 -38.39 -44.79
CA THR A 4825 -36.52 -38.64 -44.52
C THR A 4825 -36.08 -39.99 -45.07
N ILE A 4826 -37.02 -40.90 -45.27
CA ILE A 4826 -36.69 -42.16 -45.93
C ILE A 4826 -36.48 -41.95 -47.42
N LEU A 4827 -37.27 -41.06 -48.03
CA LEU A 4827 -37.14 -40.79 -49.45
C LEU A 4827 -36.01 -39.82 -49.74
N SER A 4828 -35.75 -38.88 -48.83
CA SER A 4828 -34.65 -37.96 -49.02
C SER A 4828 -33.29 -38.56 -48.68
N SER A 4829 -33.26 -39.71 -47.99
CA SER A 4829 -32.00 -40.37 -47.71
C SER A 4829 -31.39 -41.02 -48.95
N VAL A 4830 -32.20 -41.29 -49.97
CA VAL A 4830 -31.67 -41.85 -51.20
C VAL A 4830 -30.88 -40.80 -51.97
N THR A 4831 -31.37 -39.56 -51.98
CA THR A 4831 -30.70 -38.47 -52.67
C THR A 4831 -29.72 -37.69 -51.78
N HIS A 4832 -29.74 -37.92 -50.47
CA HIS A 4832 -28.75 -37.31 -49.59
C HIS A 4832 -27.36 -37.89 -49.82
N ASN A 4833 -27.28 -39.19 -50.05
CA ASN A 4833 -26.02 -39.88 -50.34
C ASN A 4833 -26.12 -40.56 -51.68
N GLY A 4834 -26.71 -39.84 -52.65
CA GLY A 4834 -26.97 -40.44 -53.95
C GLY A 4834 -25.73 -40.51 -54.83
N LYS A 4835 -24.73 -39.68 -54.54
CA LYS A 4835 -23.47 -39.75 -55.29
C LYS A 4835 -22.70 -41.01 -54.91
N GLN A 4836 -22.66 -41.33 -53.63
CA GLN A 4836 -21.95 -42.53 -53.19
C GLN A 4836 -22.67 -43.81 -53.60
N LEU A 4837 -23.98 -43.78 -53.78
CA LEU A 4837 -24.69 -45.00 -54.12
C LEU A 4837 -24.54 -45.34 -55.60
N VAL A 4838 -24.50 -44.32 -56.46
CA VAL A 4838 -24.54 -44.58 -57.91
C VAL A 4838 -23.19 -45.11 -58.38
N MET A 4839 -22.12 -44.87 -57.63
CA MET A 4839 -20.83 -45.46 -57.96
C MET A 4839 -20.70 -46.89 -57.44
N THR A 4840 -21.32 -47.22 -56.30
CA THR A 4840 -21.28 -48.61 -55.83
C THR A 4840 -22.08 -49.54 -56.73
N VAL A 4841 -23.26 -49.10 -57.18
CA VAL A 4841 -23.97 -49.88 -58.19
C VAL A 4841 -23.25 -49.80 -59.53
N GLY A 4842 -22.45 -48.74 -59.74
CA GLY A 4842 -21.53 -48.73 -60.87
C GLY A 4842 -20.36 -49.67 -60.66
N LEU A 4843 -19.94 -49.85 -59.41
CA LEU A 4843 -18.89 -50.82 -59.10
C LEU A 4843 -19.44 -52.24 -59.15
N LEU A 4844 -20.68 -52.43 -58.71
CA LEU A 4844 -21.31 -53.75 -58.75
C LEU A 4844 -21.61 -54.16 -60.19
N ALA A 4845 -21.78 -53.18 -61.09
CA ALA A 4845 -22.02 -53.50 -62.48
C ALA A 4845 -20.76 -54.03 -63.17
N VAL A 4846 -19.59 -53.49 -62.81
CA VAL A 4846 -18.37 -53.90 -63.52
C VAL A 4846 -17.74 -55.13 -62.88
N VAL A 4847 -18.09 -55.46 -61.63
CA VAL A 4847 -17.63 -56.71 -61.04
C VAL A 4847 -18.42 -57.88 -61.60
N VAL A 4848 -19.75 -57.73 -61.69
CA VAL A 4848 -20.61 -58.77 -62.24
C VAL A 4848 -20.33 -58.98 -63.72
N TYR A 4849 -20.05 -57.90 -64.45
CA TYR A 4849 -19.62 -58.02 -65.84
C TYR A 4849 -18.24 -58.66 -65.95
N LEU A 4850 -17.40 -58.48 -64.93
CA LEU A 4850 -16.14 -59.21 -64.93
C LEU A 4850 -16.34 -60.64 -64.44
N TYR A 4851 -17.45 -60.91 -63.75
CA TYR A 4851 -17.77 -62.29 -63.40
C TYR A 4851 -18.47 -63.03 -64.53
N THR A 4852 -19.11 -62.29 -65.46
CA THR A 4852 -19.75 -62.99 -66.58
C THR A 4852 -18.74 -63.36 -67.66
N VAL A 4853 -17.65 -62.58 -67.80
CA VAL A 4853 -16.69 -62.83 -68.88
C VAL A 4853 -15.84 -64.07 -68.55
N VAL A 4854 -15.58 -64.29 -67.26
CA VAL A 4854 -14.88 -65.50 -66.85
C VAL A 4854 -15.79 -66.71 -66.99
N ALA A 4855 -17.10 -66.52 -66.76
CA ALA A 4855 -18.06 -67.60 -66.94
C ALA A 4855 -18.35 -67.85 -68.42
N PHE A 4856 -18.16 -66.84 -69.27
CA PHE A 4856 -18.45 -67.00 -70.68
C PHE A 4856 -17.35 -67.78 -71.40
N ASN A 4857 -16.11 -67.67 -70.93
CA ASN A 4857 -15.00 -68.31 -71.61
C ASN A 4857 -14.66 -69.68 -71.06
N PHE A 4858 -14.86 -69.92 -69.76
CA PHE A 4858 -14.46 -71.20 -69.17
C PHE A 4858 -15.60 -72.01 -68.58
N PHE A 4859 -16.71 -71.38 -68.20
CA PHE A 4859 -17.79 -72.14 -67.56
C PHE A 4859 -19.10 -72.10 -68.34
N ARG A 4860 -19.03 -72.18 -69.67
CA ARG A 4860 -20.24 -71.97 -70.46
C ARG A 4860 -21.08 -73.22 -70.58
N LYS A 4861 -20.49 -74.41 -70.45
CA LYS A 4861 -21.25 -75.65 -70.56
C LYS A 4861 -22.09 -75.93 -69.32
N PHE A 4862 -21.90 -75.18 -68.23
CA PHE A 4862 -22.67 -75.38 -67.01
C PHE A 4862 -24.02 -74.65 -67.04
N TYR A 4863 -24.12 -73.54 -67.76
CA TYR A 4863 -25.29 -72.67 -67.71
C TYR A 4863 -26.37 -73.23 -68.62
N ASN A 4864 -27.38 -73.86 -68.02
CA ASN A 4864 -28.49 -74.43 -68.79
C ASN A 4864 -29.65 -74.57 -67.81
N LYS A 4865 -30.65 -73.70 -67.94
CA LYS A 4865 -31.82 -73.74 -67.07
C LYS A 4865 -32.89 -74.71 -67.54
N SER A 4866 -32.80 -75.22 -68.76
CA SER A 4866 -33.83 -76.09 -69.30
C SER A 4866 -33.73 -77.49 -68.69
N GLU A 4867 -34.85 -77.97 -68.16
CA GLU A 4867 -34.92 -79.32 -67.60
C GLU A 4867 -35.36 -80.35 -68.64
N ASP A 4868 -35.68 -79.93 -69.85
CA ASP A 4868 -36.06 -80.82 -70.93
C ASP A 4868 -34.84 -81.12 -71.77
N GLU A 4869 -34.60 -82.40 -72.06
CA GLU A 4869 -33.36 -82.80 -72.71
C GLU A 4869 -33.36 -82.49 -74.20
N ASP A 4870 -34.51 -82.64 -74.87
CA ASP A 4870 -34.54 -82.44 -76.32
C ASP A 4870 -34.51 -80.97 -76.68
N GLU A 4871 -35.15 -80.11 -75.87
CA GLU A 4871 -35.17 -78.68 -76.13
C GLU A 4871 -34.19 -77.96 -75.20
N PRO A 4872 -32.94 -77.75 -75.62
CA PRO A 4872 -31.94 -77.19 -74.70
C PRO A 4872 -31.87 -75.68 -74.75
N ASP A 4873 -31.90 -75.02 -73.60
CA ASP A 4873 -31.80 -73.57 -73.53
C ASP A 4873 -30.54 -73.23 -72.74
N MET A 4874 -29.44 -73.01 -73.46
CA MET A 4874 -28.17 -72.62 -72.85
C MET A 4874 -28.10 -71.09 -72.87
N LYS A 4875 -28.20 -70.49 -71.69
CA LYS A 4875 -28.27 -69.03 -71.59
C LYS A 4875 -26.91 -68.37 -71.81
N CYS A 4876 -25.80 -69.08 -71.57
CA CYS A 4876 -24.45 -68.49 -71.70
C CYS A 4876 -23.89 -68.74 -73.10
N ASP A 4877 -24.62 -68.22 -74.09
CA ASP A 4877 -24.22 -68.24 -75.49
C ASP A 4877 -24.01 -66.86 -76.09
N ASP A 4878 -24.86 -65.89 -75.77
CA ASP A 4878 -24.56 -64.49 -76.07
C ASP A 4878 -24.29 -63.76 -74.77
N MET A 4879 -23.37 -62.80 -74.81
CA MET A 4879 -22.87 -62.21 -73.58
C MET A 4879 -23.86 -61.18 -73.03
N MET A 4880 -24.53 -60.43 -73.91
CA MET A 4880 -25.56 -59.49 -73.47
C MET A 4880 -26.77 -60.24 -72.90
N THR A 4881 -27.03 -61.44 -73.41
CA THR A 4881 -28.05 -62.30 -72.79
C THR A 4881 -27.60 -62.77 -71.41
N CYS A 4882 -26.32 -63.14 -71.27
CA CYS A 4882 -25.85 -63.73 -70.02
C CYS A 4882 -25.59 -62.67 -68.95
N TYR A 4883 -25.13 -61.48 -69.36
CA TYR A 4883 -24.91 -60.40 -68.39
C TYR A 4883 -26.23 -59.89 -67.82
N LEU A 4884 -27.30 -59.95 -68.63
CA LEU A 4884 -28.63 -59.66 -68.11
C LEU A 4884 -29.08 -60.76 -67.15
N PHE A 4885 -28.59 -61.99 -67.37
CA PHE A 4885 -28.97 -63.11 -66.50
C PHE A 4885 -28.29 -63.01 -65.14
N HIS A 4886 -27.04 -62.54 -65.11
CA HIS A 4886 -26.30 -62.45 -63.84
C HIS A 4886 -26.83 -61.33 -62.95
N MET A 4887 -27.12 -60.17 -63.52
CA MET A 4887 -27.56 -59.05 -62.70
C MET A 4887 -29.04 -59.17 -62.31
N TYR A 4888 -29.74 -60.19 -62.80
CA TYR A 4888 -31.13 -60.41 -62.43
C TYR A 4888 -31.33 -61.53 -61.40
N VAL A 4889 -30.54 -62.60 -61.43
CA VAL A 4889 -30.67 -63.69 -60.47
C VAL A 4889 -29.51 -63.72 -59.49
N GLY A 4890 -28.35 -63.18 -59.88
CA GLY A 4890 -27.18 -63.27 -59.02
C GLY A 4890 -27.24 -62.32 -57.83
N VAL A 4891 -27.81 -61.13 -58.03
CA VAL A 4891 -27.94 -60.18 -56.93
C VAL A 4891 -29.23 -60.39 -56.15
N ARG A 4892 -30.08 -61.33 -56.57
CA ARG A 4892 -31.34 -61.61 -55.88
C ARG A 4892 -31.34 -62.92 -55.11
N ALA A 4893 -30.42 -63.84 -55.40
CA ALA A 4893 -30.52 -65.19 -54.85
C ALA A 4893 -30.12 -65.21 -53.38
N GLY A 4894 -29.17 -64.36 -52.98
CA GLY A 4894 -28.67 -64.35 -51.63
C GLY A 4894 -27.59 -65.37 -51.33
N GLY A 4895 -27.46 -66.40 -52.14
CA GLY A 4895 -26.46 -67.43 -51.93
C GLY A 4895 -25.57 -67.65 -53.13
N GLY A 4896 -25.53 -66.70 -54.06
CA GLY A 4896 -24.62 -66.76 -55.18
C GLY A 4896 -25.29 -67.26 -56.45
N ILE A 4897 -24.46 -67.39 -57.50
CA ILE A 4897 -24.97 -67.81 -58.79
C ILE A 4897 -25.18 -69.32 -58.88
N GLY A 4898 -24.56 -70.09 -57.98
CA GLY A 4898 -24.58 -71.54 -58.08
C GLY A 4898 -25.88 -72.21 -57.70
N ASP A 4899 -26.87 -71.44 -57.22
CA ASP A 4899 -28.16 -72.02 -56.90
C ASP A 4899 -28.94 -72.38 -58.16
N GLU A 4900 -28.73 -71.65 -59.25
CA GLU A 4900 -29.50 -71.83 -60.47
C GLU A 4900 -28.77 -72.69 -61.49
N ILE A 4901 -27.57 -73.16 -61.15
CA ILE A 4901 -26.70 -73.88 -62.06
C ILE A 4901 -26.52 -75.28 -61.49
N GLU A 4902 -26.23 -76.25 -62.38
CA GLU A 4902 -25.99 -77.63 -61.99
C GLU A 4902 -24.77 -77.74 -61.08
N ASP A 4903 -24.75 -78.82 -60.29
CA ASP A 4903 -23.69 -79.02 -59.32
C ASP A 4903 -22.38 -79.44 -59.97
N PRO A 4904 -21.23 -79.04 -59.43
CA PRO A 4904 -19.94 -79.42 -60.03
C PRO A 4904 -19.43 -80.78 -59.56
N ALA A 4905 -20.24 -81.83 -59.70
CA ALA A 4905 -19.78 -83.16 -59.32
C ALA A 4905 -18.90 -83.80 -60.38
N GLY A 4906 -18.92 -83.26 -61.61
CA GLY A 4906 -18.04 -83.77 -62.64
C GLY A 4906 -16.59 -83.35 -62.40
N ASP A 4907 -15.68 -84.18 -62.91
CA ASP A 4907 -14.26 -83.96 -62.69
C ASP A 4907 -13.71 -82.78 -63.49
N GLU A 4908 -14.36 -82.42 -64.60
CA GLU A 4908 -13.92 -81.31 -65.43
C GLU A 4908 -14.29 -79.99 -64.75
N TYR A 4909 -13.26 -79.23 -64.36
CA TYR A 4909 -13.39 -77.93 -63.68
C TYR A 4909 -14.17 -78.05 -62.38
N GLU A 4910 -13.76 -79.00 -61.54
CA GLU A 4910 -14.42 -79.23 -60.26
C GLU A 4910 -13.90 -78.30 -59.17
N LEU A 4911 -12.61 -77.96 -59.19
CA LEU A 4911 -12.03 -77.07 -58.20
C LEU A 4911 -12.02 -75.61 -58.62
N TYR A 4912 -12.01 -75.33 -59.93
CA TYR A 4912 -12.08 -73.96 -60.42
C TYR A 4912 -13.45 -73.35 -60.16
N ARG A 4913 -14.51 -74.13 -60.40
CA ARG A 4913 -15.87 -73.62 -60.22
C ARG A 4913 -16.23 -73.46 -58.74
N VAL A 4914 -15.78 -74.39 -57.88
CA VAL A 4914 -16.15 -74.34 -56.47
C VAL A 4914 -15.47 -73.17 -55.75
N VAL A 4915 -14.44 -72.60 -56.35
CA VAL A 4915 -13.78 -71.42 -55.80
C VAL A 4915 -14.42 -70.19 -56.47
N PHE A 4916 -14.95 -70.40 -57.68
CA PHE A 4916 -15.50 -69.28 -58.46
C PHE A 4916 -16.80 -68.76 -57.85
N ASP A 4917 -17.68 -69.66 -57.41
CA ASP A 4917 -18.96 -69.25 -56.86
C ASP A 4917 -18.80 -68.64 -55.47
N ILE A 4918 -17.80 -69.10 -54.72
CA ILE A 4918 -17.63 -68.65 -53.34
C ILE A 4918 -17.12 -67.21 -53.31
N THR A 4919 -16.15 -66.90 -54.17
CA THR A 4919 -15.67 -65.51 -54.24
C THR A 4919 -16.66 -64.61 -54.97
N PHE A 4920 -17.64 -65.17 -55.68
CA PHE A 4920 -18.70 -64.35 -56.24
C PHE A 4920 -19.77 -64.07 -55.19
N PHE A 4921 -20.06 -65.08 -54.36
CA PHE A 4921 -21.00 -64.91 -53.25
C PHE A 4921 -20.44 -63.97 -52.19
N PHE A 4922 -19.12 -63.99 -51.99
CA PHE A 4922 -18.51 -63.18 -50.95
C PHE A 4922 -18.47 -61.70 -51.34
N PHE A 4923 -18.49 -61.39 -52.63
CA PHE A 4923 -18.28 -60.01 -53.06
C PHE A 4923 -19.59 -59.26 -53.26
N VAL A 4924 -20.52 -59.81 -54.04
CA VAL A 4924 -21.66 -59.06 -54.55
C VAL A 4924 -22.83 -59.00 -53.58
N ILE A 4925 -22.94 -59.96 -52.67
CA ILE A 4925 -24.06 -60.05 -51.75
C ILE A 4925 -23.62 -59.75 -50.32
N VAL A 4926 -22.55 -60.40 -49.86
CA VAL A 4926 -22.08 -60.24 -48.48
C VAL A 4926 -21.47 -58.86 -48.25
N ILE A 4927 -20.81 -58.28 -49.26
CA ILE A 4927 -20.15 -57.00 -49.07
C ILE A 4927 -20.90 -55.90 -49.80
N LEU A 4928 -20.96 -55.98 -51.13
CA LEU A 4928 -21.40 -54.84 -51.94
C LEU A 4928 -22.89 -54.59 -51.79
N LEU A 4929 -23.68 -55.65 -51.57
CA LEU A 4929 -25.10 -55.45 -51.28
C LEU A 4929 -25.32 -55.10 -49.82
N ALA A 4930 -24.35 -55.38 -48.95
CA ALA A 4930 -24.39 -54.85 -47.59
C ALA A 4930 -23.74 -53.50 -47.49
N ILE A 4931 -22.97 -53.10 -48.51
CA ILE A 4931 -22.49 -51.71 -48.60
C ILE A 4931 -23.67 -50.78 -48.88
N ILE A 4932 -24.58 -51.19 -49.79
CA ILE A 4932 -25.67 -50.32 -50.23
C ILE A 4932 -26.70 -50.14 -49.12
N GLN A 4933 -27.10 -51.23 -48.47
CA GLN A 4933 -27.96 -51.10 -47.29
C GLN A 4933 -27.16 -50.56 -46.12
N GLY A 4934 -25.84 -50.72 -46.13
CA GLY A 4934 -24.99 -50.00 -45.20
C GLY A 4934 -24.81 -48.55 -45.51
N LEU A 4935 -25.30 -48.08 -46.67
CA LEU A 4935 -25.17 -46.69 -47.07
C LEU A 4935 -26.45 -45.88 -46.87
N ILE A 4936 -27.63 -46.51 -46.98
CA ILE A 4936 -28.88 -45.77 -46.86
C ILE A 4936 -29.34 -45.67 -45.41
N ILE A 4937 -29.24 -46.77 -44.65
CA ILE A 4937 -29.76 -46.80 -43.28
C ILE A 4937 -28.98 -45.88 -42.34
N ASP A 4938 -27.66 -45.79 -42.50
CA ASP A 4938 -26.94 -44.80 -41.71
C ASP A 4938 -27.15 -43.39 -42.26
N ALA A 4939 -27.40 -43.27 -43.57
CA ALA A 4939 -27.87 -41.99 -44.09
C ALA A 4939 -29.26 -41.68 -43.56
N PHE A 4940 -30.13 -42.70 -43.46
CA PHE A 4940 -31.40 -42.52 -42.77
C PHE A 4940 -31.18 -42.32 -41.28
N GLY A 4941 -30.16 -42.96 -40.73
CA GLY A 4941 -29.89 -42.80 -39.31
C GLY A 4941 -29.35 -41.43 -38.96
N GLU A 4942 -28.43 -40.91 -39.78
CA GLU A 4942 -27.82 -39.62 -39.49
C GLU A 4942 -28.80 -38.47 -39.69
N LEU A 4943 -29.66 -38.57 -40.71
CA LEU A 4943 -30.64 -37.50 -40.95
C LEU A 4943 -31.65 -37.37 -39.81
N ARG A 4944 -32.06 -38.48 -39.20
CA ARG A 4944 -32.92 -38.35 -38.02
C ARG A 4944 -32.14 -37.90 -36.80
N ASP A 4945 -30.83 -38.19 -36.76
CA ASP A 4945 -30.02 -37.69 -35.65
C ASP A 4945 -29.79 -36.18 -35.75
N GLN A 4946 -29.82 -35.61 -36.96
CA GLN A 4946 -29.71 -34.14 -37.02
C GLN A 4946 -31.08 -33.48 -36.80
N GLN A 4947 -32.18 -34.19 -37.00
CA GLN A 4947 -33.47 -33.59 -36.63
C GLN A 4947 -33.73 -33.67 -35.13
N GLU A 4948 -33.07 -34.59 -34.42
CA GLU A 4948 -33.25 -34.60 -32.98
C GLU A 4948 -32.25 -33.67 -32.29
N GLN A 4949 -31.09 -33.43 -32.89
CA GLN A 4949 -30.09 -32.58 -32.24
C GLN A 4949 -30.41 -31.11 -32.46
N VAL A 4950 -31.18 -30.79 -33.50
CA VAL A 4950 -31.71 -29.45 -33.70
C VAL A 4950 -32.65 -29.10 -32.55
N LYS A 4951 -33.50 -30.05 -32.14
CA LYS A 4951 -34.39 -29.82 -31.01
C LYS A 4951 -33.62 -29.73 -29.69
N GLU A 4952 -32.53 -30.47 -29.56
CA GLU A 4952 -31.83 -30.55 -28.28
C GLU A 4952 -30.95 -29.32 -28.06
N ASP A 4953 -30.26 -28.87 -29.12
CA ASP A 4953 -29.40 -27.69 -29.01
C ASP A 4953 -30.25 -26.42 -28.91
N MET A 4954 -31.46 -26.45 -29.48
CA MET A 4954 -32.40 -25.34 -29.30
C MET A 4954 -32.89 -25.28 -27.86
N GLU A 4955 -33.09 -26.43 -27.23
CA GLU A 4955 -33.52 -26.50 -25.84
C GLU A 4955 -32.38 -26.22 -24.87
N THR A 4956 -31.15 -26.07 -25.35
CA THR A 4956 -29.99 -25.83 -24.52
C THR A 4956 -29.37 -24.47 -24.76
N LYS A 4957 -29.11 -24.10 -26.00
CA LYS A 4957 -28.57 -22.77 -26.29
C LYS A 4957 -29.68 -21.78 -26.62
N CYS A 4958 -29.28 -20.51 -26.76
CA CYS A 4958 -30.19 -19.39 -26.63
C CYS A 4958 -30.53 -18.70 -27.95
N PHE A 4959 -29.94 -19.13 -29.08
CA PHE A 4959 -30.22 -18.71 -30.47
C PHE A 4959 -29.78 -17.28 -30.78
N ILE A 4960 -29.48 -16.49 -29.75
CA ILE A 4960 -29.16 -15.08 -29.87
C ILE A 4960 -27.80 -14.77 -29.26
N CYS A 4961 -27.60 -15.17 -28.00
CA CYS A 4961 -26.35 -14.98 -27.26
C CYS A 4961 -25.62 -16.30 -27.08
N GLY A 4962 -24.31 -16.21 -26.81
CA GLY A 4962 -23.44 -17.38 -26.81
C GLY A 4962 -23.13 -17.99 -25.47
N ILE A 4963 -24.14 -18.18 -24.62
CA ILE A 4963 -23.98 -18.86 -23.34
C ILE A 4963 -24.97 -20.01 -23.27
N GLY A 4964 -24.51 -21.17 -22.78
CA GLY A 4964 -25.36 -22.34 -22.66
C GLY A 4964 -26.30 -22.27 -21.48
N SER A 4965 -27.05 -23.35 -21.29
CA SER A 4965 -28.01 -23.44 -20.20
C SER A 4965 -27.38 -23.85 -18.88
N ASP A 4966 -26.06 -24.04 -18.85
CA ASP A 4966 -25.37 -24.41 -17.62
C ASP A 4966 -25.02 -23.20 -16.77
N TYR A 4967 -24.97 -22.01 -17.39
CA TYR A 4967 -24.70 -20.79 -16.64
C TYR A 4967 -25.95 -20.32 -15.89
N PHE A 4968 -27.12 -20.58 -16.42
CA PHE A 4968 -28.36 -20.09 -15.83
C PHE A 4968 -28.95 -21.06 -14.82
N ASP A 4969 -28.18 -22.06 -14.41
CA ASP A 4969 -28.58 -23.03 -13.39
C ASP A 4969 -28.38 -22.50 -11.97
N THR A 4970 -27.86 -21.29 -11.80
CA THR A 4970 -27.68 -20.74 -10.47
C THR A 4970 -29.00 -20.31 -9.84
N THR A 4971 -29.99 -19.96 -10.66
CA THR A 4971 -31.32 -19.64 -10.18
C THR A 4971 -32.33 -20.61 -10.80
N PRO A 4972 -33.34 -21.04 -10.04
CA PRO A 4972 -34.36 -21.93 -10.62
C PRO A 4972 -35.22 -21.20 -11.64
N HIS A 4973 -35.56 -21.92 -12.72
CA HIS A 4973 -36.26 -21.40 -13.90
C HIS A 4973 -35.52 -20.21 -14.52
N GLY A 4974 -34.19 -20.27 -14.53
CA GLY A 4974 -33.41 -19.16 -15.06
C GLY A 4974 -33.36 -19.17 -16.57
N PHE A 4975 -33.33 -20.35 -17.18
CA PHE A 4975 -33.29 -20.42 -18.64
C PHE A 4975 -34.64 -20.07 -19.26
N GLU A 4976 -35.74 -20.38 -18.57
CA GLU A 4976 -37.05 -20.01 -19.10
C GLU A 4976 -37.29 -18.52 -18.91
N THR A 4977 -36.74 -17.96 -17.84
CA THR A 4977 -36.72 -16.50 -17.67
C THR A 4977 -35.82 -15.84 -18.71
N HIS A 4978 -34.75 -16.52 -19.10
CA HIS A 4978 -33.87 -15.98 -20.13
C HIS A 4978 -34.48 -16.13 -21.51
N THR A 4979 -35.39 -17.10 -21.68
CA THR A 4979 -36.00 -17.34 -22.98
C THR A 4979 -37.24 -16.48 -23.19
N LEU A 4980 -38.24 -16.60 -22.32
CA LEU A 4980 -39.54 -15.97 -22.55
C LEU A 4980 -39.49 -14.46 -22.35
N GLU A 4981 -38.84 -14.01 -21.28
CA GLU A 4981 -38.80 -12.58 -20.98
C GLU A 4981 -37.67 -11.85 -21.68
N GLU A 4982 -36.43 -12.21 -21.41
CA GLU A 4982 -35.29 -11.40 -21.86
C GLU A 4982 -34.91 -11.63 -23.32
N HIS A 4983 -34.58 -12.85 -23.70
CA HIS A 4983 -34.14 -13.15 -25.07
C HIS A 4983 -35.16 -14.05 -25.76
N ASN A 4984 -36.20 -13.44 -26.31
CA ASN A 4984 -37.23 -14.15 -27.07
C ASN A 4984 -37.19 -13.71 -28.53
N LEU A 4985 -37.35 -14.68 -29.44
CA LEU A 4985 -37.27 -14.38 -30.86
C LEU A 4985 -38.50 -13.59 -31.33
N ALA A 4986 -39.62 -13.72 -30.63
CA ALA A 4986 -40.82 -12.97 -30.99
C ALA A 4986 -40.72 -11.51 -30.60
N ASN A 4987 -39.97 -11.19 -29.54
CA ASN A 4987 -39.80 -9.80 -29.14
C ASN A 4987 -38.85 -9.07 -30.07
N TYR A 4988 -38.01 -9.80 -30.80
CA TYR A 4988 -37.07 -9.15 -31.73
C TYR A 4988 -37.78 -8.74 -33.01
N MET A 4989 -38.82 -9.47 -33.42
CA MET A 4989 -39.67 -8.99 -34.49
C MET A 4989 -40.59 -7.88 -34.00
N PHE A 4990 -41.12 -8.02 -32.78
CA PHE A 4990 -42.06 -7.04 -32.25
C PHE A 4990 -41.38 -5.70 -32.01
N PHE A 4991 -40.06 -5.72 -31.77
CA PHE A 4991 -39.27 -4.48 -31.80
C PHE A 4991 -39.24 -3.89 -33.21
N LEU A 4992 -39.17 -4.75 -34.23
CA LEU A 4992 -38.93 -4.27 -35.58
C LEU A 4992 -40.19 -3.61 -36.15
N MET A 4993 -41.34 -4.27 -36.03
CA MET A 4993 -42.58 -3.73 -36.57
C MET A 4993 -43.10 -2.55 -35.76
N TYR A 4994 -42.66 -2.43 -34.51
CA TYR A 4994 -42.91 -1.21 -33.75
C TYR A 4994 -42.07 -0.06 -34.30
N LEU A 4995 -40.88 -0.36 -34.83
CA LEU A 4995 -40.04 0.68 -35.41
C LEU A 4995 -40.48 1.03 -36.83
N ILE A 4996 -41.20 0.12 -37.49
CA ILE A 4996 -41.76 0.44 -38.80
C ILE A 4996 -42.89 1.44 -38.67
N ASN A 4997 -43.77 1.24 -37.68
CA ASN A 4997 -45.03 1.99 -37.65
C ASN A 4997 -44.84 3.39 -37.10
N LYS A 4998 -43.93 3.58 -36.14
CA LYS A 4998 -43.75 4.90 -35.55
C LYS A 4998 -42.82 5.75 -36.40
N ASP A 4999 -42.90 7.05 -36.20
CA ASP A 4999 -42.18 8.01 -37.04
C ASP A 4999 -40.69 8.05 -36.67
N GLU A 5000 -39.90 8.60 -37.58
CA GLU A 5000 -38.48 8.81 -37.32
C GLU A 5000 -38.23 9.94 -36.34
N THR A 5001 -39.15 10.91 -36.25
CA THR A 5001 -39.00 11.99 -35.28
C THR A 5001 -39.57 11.63 -33.92
N GLU A 5002 -40.13 10.44 -33.77
CA GLU A 5002 -40.64 9.96 -32.49
C GLU A 5002 -39.73 8.91 -31.87
N HIS A 5003 -38.60 8.61 -32.50
CA HIS A 5003 -37.67 7.63 -31.96
C HIS A 5003 -36.88 8.22 -30.80
N THR A 5004 -36.50 7.37 -29.85
CA THR A 5004 -35.56 7.76 -28.80
C THR A 5004 -34.14 7.48 -29.28
N GLY A 5005 -33.16 7.67 -28.40
CA GLY A 5005 -31.77 7.51 -28.82
C GLY A 5005 -31.39 6.06 -29.01
N GLN A 5006 -31.93 5.17 -28.18
CA GLN A 5006 -31.62 3.75 -28.31
C GLN A 5006 -32.31 3.15 -29.53
N GLU A 5007 -33.49 3.66 -29.89
CA GLU A 5007 -34.24 3.08 -31.00
C GLU A 5007 -33.78 3.67 -32.33
N SER A 5008 -33.31 4.92 -32.33
CA SER A 5008 -32.75 5.50 -33.54
C SER A 5008 -31.36 4.94 -33.84
N TYR A 5009 -30.68 4.41 -32.82
CA TYR A 5009 -29.36 3.83 -33.03
C TYR A 5009 -29.46 2.45 -33.67
N VAL A 5010 -30.46 1.67 -33.26
CA VAL A 5010 -30.64 0.34 -33.85
C VAL A 5010 -31.32 0.48 -35.21
N TRP A 5011 -32.05 1.57 -35.43
CA TRP A 5011 -32.69 1.78 -36.73
C TRP A 5011 -31.66 2.17 -37.79
N LYS A 5012 -30.67 2.98 -37.43
CA LYS A 5012 -29.63 3.32 -38.40
C LYS A 5012 -28.67 2.16 -38.60
N MET A 5013 -28.54 1.27 -37.61
CA MET A 5013 -27.65 0.13 -37.77
C MET A 5013 -28.30 -0.98 -38.58
N TYR A 5014 -29.64 -0.98 -38.64
CA TYR A 5014 -30.35 -2.01 -39.40
C TYR A 5014 -30.43 -1.68 -40.88
N GLN A 5015 -30.56 -0.40 -41.24
CA GLN A 5015 -30.76 -0.06 -42.65
C GLN A 5015 -29.46 -0.14 -43.45
N GLU A 5016 -28.30 -0.03 -42.80
CA GLU A 5016 -27.04 -0.36 -43.45
C GLU A 5016 -26.64 -1.81 -43.19
N ARG A 5017 -27.50 -2.57 -42.51
CA ARG A 5017 -27.45 -4.03 -42.41
C ARG A 5017 -26.20 -4.53 -41.68
N CYS A 5018 -26.01 -4.03 -40.46
CA CYS A 5018 -24.97 -4.51 -39.57
C CYS A 5018 -25.60 -5.00 -38.27
N TRP A 5019 -25.11 -6.13 -37.76
CA TRP A 5019 -25.73 -6.83 -36.65
C TRP A 5019 -24.82 -6.90 -35.43
N ASP A 5020 -24.10 -5.81 -35.17
CA ASP A 5020 -23.32 -5.68 -33.95
C ASP A 5020 -24.15 -5.23 -32.76
N PHE A 5021 -25.42 -4.87 -32.96
CA PHE A 5021 -26.24 -4.49 -31.81
C PHE A 5021 -26.72 -5.71 -31.04
N PHE A 5022 -26.64 -6.92 -31.61
CA PHE A 5022 -27.00 -8.12 -30.89
C PHE A 5022 -25.95 -8.38 -29.80
N PRO A 5023 -26.37 -8.91 -28.63
CA PRO A 5023 -25.43 -9.11 -27.51
C PRO A 5023 -24.32 -10.11 -27.80
N ALA A 5024 -24.72 -11.34 -28.13
CA ALA A 5024 -23.85 -12.46 -28.52
C ALA A 5024 -22.81 -12.77 -27.43
N GLY A 5025 -23.33 -13.18 -26.28
CA GLY A 5025 -22.49 -13.72 -25.22
C GLY A 5025 -22.57 -13.04 -23.86
N ASP A 5026 -23.44 -12.06 -23.69
CA ASP A 5026 -23.57 -11.35 -22.42
C ASP A 5026 -24.98 -10.78 -22.32
N CYS A 5027 -25.74 -11.18 -21.30
CA CYS A 5027 -27.12 -10.70 -21.26
C CYS A 5027 -27.53 -10.46 -19.81
N PHE A 5028 -27.14 -9.29 -19.28
CA PHE A 5028 -27.49 -8.72 -17.97
C PHE A 5028 -27.08 -9.60 -16.77
N ARG A 5029 -26.31 -10.68 -17.01
CA ARG A 5029 -25.93 -11.59 -15.92
C ARG A 5029 -24.45 -11.94 -15.93
N LYS A 5030 -23.63 -11.27 -16.74
CA LYS A 5030 -22.18 -11.45 -16.75
C LYS A 5030 -21.38 -10.22 -16.35
N GLN A 5031 -21.85 -9.02 -16.68
CA GLN A 5031 -21.19 -7.76 -16.42
C GLN A 5031 -21.68 -7.09 -15.13
N TYR A 5032 -22.94 -7.28 -14.78
CA TYR A 5032 -23.51 -6.72 -13.57
C TYR A 5032 -23.84 -7.84 -12.58
N GLU A 5033 -23.07 -8.94 -12.66
CA GLU A 5033 -23.36 -10.11 -11.83
C GLU A 5033 -23.00 -9.86 -10.37
N ASP A 5034 -21.97 -9.06 -10.12
CA ASP A 5034 -21.58 -8.76 -8.74
C ASP A 5034 -22.42 -7.64 -8.15
N GLN A 5035 -22.96 -6.75 -8.98
CA GLN A 5035 -23.72 -5.60 -8.51
C GLN A 5035 -25.24 -5.78 -8.62
N LEU A 5036 -25.75 -7.00 -8.84
CA LEU A 5036 -27.18 -7.25 -8.70
C LEU A 5036 -27.35 -8.52 -7.88
N SER A 5037 -28.28 -8.49 -6.93
CA SER A 5037 -28.53 -9.63 -6.06
C SER A 5037 -30.03 -9.86 -5.88
N GLY B 1 -38.90 111.24 -55.79
CA GLY B 1 -38.68 111.69 -57.15
C GLY B 1 -38.62 110.58 -58.17
N VAL B 2 -39.54 110.60 -59.12
CA VAL B 2 -39.60 109.63 -60.21
C VAL B 2 -39.23 110.35 -61.50
N GLU B 3 -38.13 109.93 -62.12
CA GLU B 3 -37.68 110.49 -63.39
C GLU B 3 -38.22 109.64 -64.52
N ILE B 4 -39.20 110.18 -65.24
CA ILE B 4 -39.81 109.47 -66.38
C ILE B 4 -39.13 109.96 -67.66
N GLU B 5 -38.34 109.08 -68.25
CA GLU B 5 -37.71 109.31 -69.54
C GLU B 5 -38.36 108.39 -70.57
N THR B 6 -38.86 108.98 -71.65
CA THR B 6 -39.60 108.20 -72.64
C THR B 6 -38.65 107.44 -73.55
N ILE B 7 -39.15 106.33 -74.09
CA ILE B 7 -38.38 105.49 -75.01
C ILE B 7 -39.05 105.40 -76.38
N SER B 8 -40.35 105.12 -76.41
CA SER B 8 -41.12 105.10 -77.64
C SER B 8 -42.37 105.96 -77.46
N PRO B 9 -42.80 106.68 -78.50
CA PRO B 9 -43.98 107.55 -78.35
C PRO B 9 -45.27 106.76 -78.28
N GLY B 10 -46.28 107.40 -77.72
CA GLY B 10 -47.58 106.78 -77.54
C GLY B 10 -48.73 107.62 -78.08
N ASP B 11 -49.93 107.43 -77.53
CA ASP B 11 -51.10 108.13 -78.03
C ASP B 11 -51.14 109.57 -77.54
N GLY B 12 -50.92 109.78 -76.25
CA GLY B 12 -50.85 111.11 -75.67
C GLY B 12 -52.17 111.73 -75.22
N ARG B 13 -53.27 110.99 -75.30
CA ARG B 13 -54.56 111.50 -74.83
C ARG B 13 -55.21 110.63 -73.76
N THR B 14 -54.97 109.32 -73.77
CA THR B 14 -55.56 108.41 -72.79
C THR B 14 -54.58 108.16 -71.65
N PHE B 15 -54.95 108.60 -70.44
CA PHE B 15 -54.14 108.48 -69.23
C PHE B 15 -54.96 107.77 -68.15
N PRO B 16 -54.31 106.99 -67.28
CA PRO B 16 -55.05 106.25 -66.24
C PRO B 16 -55.63 107.16 -65.16
N LYS B 17 -56.85 106.83 -64.73
CA LYS B 17 -57.59 107.53 -63.69
C LYS B 17 -57.76 106.59 -62.49
N LYS B 18 -58.48 107.05 -61.47
CA LYS B 18 -58.62 106.25 -60.25
C LYS B 18 -59.58 105.09 -60.46
N GLY B 19 -59.34 104.00 -59.73
CA GLY B 19 -60.26 102.88 -59.72
C GLY B 19 -60.32 102.09 -61.01
N GLN B 20 -59.29 102.22 -61.84
CA GLN B 20 -59.25 101.67 -63.18
C GLN B 20 -58.08 100.71 -63.26
N THR B 21 -58.25 99.61 -63.97
CA THR B 21 -57.17 98.64 -64.10
C THR B 21 -56.19 99.12 -65.15
N CYS B 22 -54.97 98.64 -65.07
CA CYS B 22 -54.01 98.81 -66.14
C CYS B 22 -53.32 97.47 -66.34
N VAL B 23 -52.88 97.20 -67.57
CA VAL B 23 -51.96 96.11 -67.85
C VAL B 23 -50.64 96.75 -68.26
N VAL B 24 -49.55 96.28 -67.63
CA VAL B 24 -48.21 96.83 -67.83
C VAL B 24 -47.25 95.65 -68.02
N HIS B 25 -46.57 95.63 -69.17
CA HIS B 25 -45.63 94.55 -69.45
C HIS B 25 -44.21 95.02 -69.14
N TYR B 26 -43.93 95.23 -67.85
CA TYR B 26 -42.69 95.85 -67.43
C TYR B 26 -41.52 94.87 -67.44
N THR B 27 -40.33 95.43 -67.24
CA THR B 27 -39.14 94.65 -66.89
C THR B 27 -38.23 95.54 -66.05
N GLY B 28 -38.01 95.14 -64.80
CA GLY B 28 -37.30 95.98 -63.85
C GLY B 28 -35.82 95.66 -63.77
N MET B 29 -35.03 96.69 -63.48
CA MET B 29 -33.59 96.54 -63.38
C MET B 29 -33.08 97.34 -62.19
N LEU B 30 -31.83 97.09 -61.84
CA LEU B 30 -31.15 97.84 -60.80
C LEU B 30 -30.28 98.91 -61.45
N GLN B 31 -29.60 99.69 -60.61
CA GLN B 31 -28.77 100.77 -61.14
C GLN B 31 -27.49 100.22 -61.78
N ASN B 32 -26.99 99.10 -61.26
CA ASN B 32 -25.76 98.50 -61.76
C ASN B 32 -25.93 97.86 -63.13
N GLY B 33 -27.16 97.53 -63.52
CA GLY B 33 -27.41 96.82 -64.76
C GLY B 33 -27.87 95.39 -64.61
N LYS B 34 -28.16 94.94 -63.39
CA LYS B 34 -28.59 93.57 -63.15
C LYS B 34 -30.11 93.53 -63.10
N LYS B 35 -30.71 92.64 -63.88
CA LYS B 35 -32.15 92.53 -63.93
C LYS B 35 -32.64 91.67 -62.76
N PHE B 36 -33.65 92.16 -62.07
CA PHE B 36 -34.25 91.45 -60.94
C PHE B 36 -35.67 90.99 -61.20
N ASP B 37 -36.37 91.58 -62.17
CA ASP B 37 -37.72 91.19 -62.51
C ASP B 37 -37.90 91.42 -63.99
N SER B 38 -38.77 90.61 -64.59
CA SER B 38 -39.26 90.82 -65.95
C SER B 38 -40.62 90.17 -66.02
N SER B 39 -41.56 90.79 -66.72
CA SER B 39 -42.87 90.18 -66.90
C SER B 39 -43.06 89.61 -68.29
N ARG B 40 -41.98 89.55 -69.09
CA ARG B 40 -42.02 89.00 -70.44
C ARG B 40 -41.33 87.66 -70.56
N ASP B 41 -40.57 87.25 -69.54
CA ASP B 41 -40.06 85.88 -69.51
C ASP B 41 -41.18 84.90 -69.19
N ARG B 42 -42.18 85.35 -68.41
CA ARG B 42 -43.34 84.54 -68.08
C ARG B 42 -44.41 84.57 -69.16
N ASN B 43 -44.34 85.53 -70.08
CA ASN B 43 -45.37 85.82 -71.09
C ASN B 43 -46.75 86.02 -70.48
N LYS B 44 -46.81 86.72 -69.36
CA LYS B 44 -48.04 87.05 -68.65
C LYS B 44 -47.96 88.49 -68.18
N PRO B 45 -48.78 89.38 -68.74
CA PRO B 45 -48.63 90.81 -68.43
C PRO B 45 -49.14 91.14 -67.03
N PHE B 46 -48.42 92.03 -66.36
CA PHE B 46 -48.80 92.44 -65.02
C PHE B 46 -49.99 93.38 -65.09
N LYS B 47 -51.01 93.08 -64.28
CA LYS B 47 -52.20 93.92 -64.18
C LYS B 47 -52.42 94.33 -62.74
N PHE B 48 -52.69 95.62 -62.54
CA PHE B 48 -52.81 96.23 -61.22
C PHE B 48 -53.91 97.28 -61.24
N ARG B 49 -54.46 97.56 -60.06
CA ARG B 49 -55.45 98.61 -59.88
C ARG B 49 -54.81 99.85 -59.29
N ILE B 50 -55.13 101.01 -59.87
CA ILE B 50 -54.43 102.24 -59.51
C ILE B 50 -55.17 102.85 -58.32
N GLY B 51 -54.42 103.22 -57.28
CA GLY B 51 -54.96 103.90 -56.13
C GLY B 51 -55.23 103.01 -54.92
N LYS B 52 -55.33 101.70 -55.11
CA LYS B 52 -55.60 100.79 -54.01
C LYS B 52 -54.36 100.24 -53.33
N GLN B 53 -53.19 100.79 -53.65
CA GLN B 53 -51.90 100.52 -52.98
C GLN B 53 -51.48 99.06 -53.13
N GLU B 54 -51.62 98.54 -54.36
CA GLU B 54 -51.11 97.21 -54.66
C GLU B 54 -49.61 97.25 -54.93
N VAL B 55 -49.21 98.08 -55.91
CA VAL B 55 -47.80 98.26 -56.28
C VAL B 55 -47.14 99.22 -55.31
N ILE B 56 -45.81 99.33 -55.42
CA ILE B 56 -45.08 100.34 -54.64
C ILE B 56 -45.44 101.74 -55.10
N LYS B 57 -45.05 102.73 -54.29
CA LYS B 57 -45.42 104.12 -54.56
C LYS B 57 -44.74 104.65 -55.82
N GLY B 58 -43.53 104.19 -56.11
CA GLY B 58 -42.83 104.67 -57.29
C GLY B 58 -43.41 104.12 -58.59
N PHE B 59 -44.10 102.98 -58.50
CA PHE B 59 -44.64 102.35 -59.70
C PHE B 59 -45.92 103.03 -60.16
N GLU B 60 -46.79 103.41 -59.23
CA GLU B 60 -48.08 103.98 -59.61
C GLU B 60 -47.97 105.47 -59.93
N GLU B 61 -47.11 106.19 -59.21
CA GLU B 61 -46.78 107.55 -59.62
C GLU B 61 -45.94 107.57 -60.89
N GLY B 62 -45.35 106.43 -61.24
CA GLY B 62 -44.75 106.27 -62.55
C GLY B 62 -45.70 105.89 -63.66
N ALA B 63 -46.70 105.05 -63.37
CA ALA B 63 -47.63 104.62 -64.41
C ALA B 63 -48.72 105.64 -64.68
N ALA B 64 -48.93 106.60 -63.76
CA ALA B 64 -50.01 107.57 -63.93
C ALA B 64 -49.62 108.67 -64.92
N GLN B 65 -48.34 108.88 -65.14
CA GLN B 65 -47.88 109.98 -65.98
C GLN B 65 -47.77 109.60 -67.45
N MET B 66 -48.05 108.36 -67.80
CA MET B 66 -47.88 107.89 -69.17
C MET B 66 -49.21 107.80 -69.90
N SER B 67 -49.11 107.52 -71.20
CA SER B 67 -50.25 107.41 -72.08
C SER B 67 -50.42 105.96 -72.52
N LEU B 68 -51.49 105.71 -73.26
CA LEU B 68 -51.74 104.38 -73.79
C LEU B 68 -50.78 104.09 -74.94
N GLY B 69 -50.11 102.94 -74.87
CA GLY B 69 -49.15 102.57 -75.88
C GLY B 69 -47.78 103.19 -75.73
N GLN B 70 -47.57 104.01 -74.71
CA GLN B 70 -46.27 104.62 -74.48
C GLN B 70 -45.38 103.68 -73.68
N ARG B 71 -44.08 103.69 -74.00
CA ARG B 71 -43.07 102.91 -73.29
C ARG B 71 -42.02 103.89 -72.78
N ALA B 72 -41.86 103.96 -71.46
CA ALA B 72 -40.94 104.88 -70.82
C ALA B 72 -39.97 104.12 -69.91
N LYS B 73 -39.04 104.87 -69.33
CA LYS B 73 -37.99 104.34 -68.47
C LYS B 73 -37.98 105.12 -67.17
N LEU B 74 -38.26 104.45 -66.05
CA LEU B 74 -38.28 105.17 -64.79
C LEU B 74 -36.99 104.91 -64.03
N THR B 75 -36.66 105.85 -63.14
CA THR B 75 -35.57 105.68 -62.18
C THR B 75 -36.15 106.02 -60.80
N CYS B 76 -36.61 104.98 -60.10
CA CYS B 76 -37.23 105.17 -58.79
C CYS B 76 -36.15 105.30 -57.71
N THR B 77 -36.21 106.39 -56.96
CA THR B 77 -35.27 106.62 -55.88
C THR B 77 -35.52 105.63 -54.74
N PRO B 78 -34.48 105.27 -53.97
CA PRO B 78 -34.67 104.29 -52.88
C PRO B 78 -35.54 104.78 -51.73
N ASP B 79 -35.86 106.07 -51.66
CA ASP B 79 -36.74 106.59 -50.61
C ASP B 79 -38.18 106.17 -50.85
N VAL B 80 -38.60 106.05 -52.12
CA VAL B 80 -39.99 105.79 -52.44
C VAL B 80 -40.27 104.31 -52.66
N ALA B 81 -39.24 103.47 -52.74
CA ALA B 81 -39.41 102.04 -53.00
C ALA B 81 -38.37 101.26 -52.20
N TYR B 82 -38.83 100.56 -51.15
CA TYR B 82 -38.02 99.67 -50.32
C TYR B 82 -36.81 100.38 -49.69
N GLY B 83 -37.08 101.32 -48.79
CA GLY B 83 -36.03 102.13 -48.20
C GLY B 83 -35.05 101.43 -47.29
N ALA B 84 -35.52 100.84 -46.19
CA ALA B 84 -34.62 100.36 -45.14
C ALA B 84 -34.39 98.86 -45.20
N THR B 85 -35.42 98.04 -45.02
CA THR B 85 -35.22 96.60 -44.98
C THR B 85 -35.24 95.96 -46.37
N GLY B 86 -35.90 96.60 -47.33
CA GLY B 86 -36.00 96.07 -48.68
C GLY B 86 -36.83 94.79 -48.77
N HIS B 87 -36.68 94.13 -49.91
CA HIS B 87 -37.27 92.82 -50.13
C HIS B 87 -36.17 91.78 -50.02
N PRO B 88 -36.22 90.87 -49.05
CA PRO B 88 -35.09 89.97 -48.80
C PRO B 88 -34.95 88.90 -49.88
N GLY B 89 -33.75 88.79 -50.44
CA GLY B 89 -33.44 87.80 -51.45
C GLY B 89 -33.42 88.31 -52.88
N VAL B 90 -34.01 89.48 -53.13
CA VAL B 90 -34.11 90.02 -54.49
C VAL B 90 -33.30 91.30 -54.60
N ILE B 91 -33.71 92.31 -53.84
CA ILE B 91 -33.16 93.67 -53.94
C ILE B 91 -32.34 93.92 -52.68
N PRO B 92 -31.10 94.40 -52.80
CA PRO B 92 -30.34 94.78 -51.62
C PRO B 92 -30.90 96.05 -51.01
N PRO B 93 -30.68 96.28 -49.71
CA PRO B 93 -31.18 97.51 -49.09
C PRO B 93 -30.45 98.74 -49.59
N ASN B 94 -31.20 99.84 -49.71
CA ASN B 94 -30.76 101.15 -50.23
C ASN B 94 -30.17 101.01 -51.64
N ALA B 95 -31.04 100.54 -52.55
CA ALA B 95 -30.68 100.34 -53.94
C ALA B 95 -31.68 101.06 -54.83
N THR B 96 -31.19 101.62 -55.94
CA THR B 96 -32.03 102.35 -56.87
C THR B 96 -32.63 101.40 -57.90
N LEU B 97 -33.93 101.55 -58.15
CA LEU B 97 -34.69 100.65 -59.01
C LEU B 97 -35.03 101.34 -60.32
N ILE B 98 -34.80 100.64 -61.44
CA ILE B 98 -35.07 101.16 -62.77
C ILE B 98 -36.10 100.25 -63.43
N PHE B 99 -37.14 100.87 -64.01
CA PHE B 99 -38.24 100.13 -64.62
C PHE B 99 -38.46 100.61 -66.05
N ASP B 100 -38.58 99.65 -66.98
CA ASP B 100 -38.92 99.95 -68.36
C ASP B 100 -40.37 99.51 -68.53
N VAL B 101 -41.28 100.40 -68.17
CA VAL B 101 -42.71 100.09 -68.18
C VAL B 101 -43.27 100.33 -69.58
N GLU B 102 -44.23 99.50 -69.98
CA GLU B 102 -44.97 99.70 -71.22
C GLU B 102 -46.43 99.36 -70.98
N LEU B 103 -47.31 100.35 -71.19
CA LEU B 103 -48.74 100.18 -71.01
C LEU B 103 -49.37 99.62 -72.28
N LEU B 104 -49.89 98.39 -72.21
CA LEU B 104 -50.42 97.74 -73.41
C LEU B 104 -51.82 98.22 -73.74
N ASN B 105 -52.78 98.01 -72.84
CA ASN B 105 -54.15 98.43 -73.11
C ASN B 105 -54.85 98.90 -71.84
N LEU B 106 -56.04 99.46 -72.05
CA LEU B 106 -56.99 99.92 -71.03
C LEU B 106 -56.34 100.95 -70.11
N GLU B 107 -56.15 102.16 -70.67
CA GLU B 107 -55.51 103.32 -70.01
C GLU B 107 -54.12 103.01 -69.47
N MET C 1 -69.76 60.83 -23.25
CA MET C 1 -69.07 61.21 -24.48
C MET C 1 -69.99 62.13 -25.29
N ALA C 2 -69.59 62.44 -26.52
CA ALA C 2 -70.40 63.28 -27.41
C ALA C 2 -71.02 62.52 -28.55
N ASP C 3 -70.88 61.18 -28.59
CA ASP C 3 -71.52 60.39 -29.64
C ASP C 3 -72.98 60.08 -29.34
N GLN C 4 -73.50 60.50 -28.18
CA GLN C 4 -74.91 60.35 -27.87
C GLN C 4 -75.80 61.18 -28.80
N LEU C 5 -75.27 62.25 -29.39
CA LEU C 5 -76.03 63.13 -30.27
C LEU C 5 -75.78 62.70 -31.72
N THR C 6 -76.78 62.93 -32.58
CA THR C 6 -76.62 62.63 -34.00
C THR C 6 -75.79 63.72 -34.68
N GLU C 7 -75.73 63.65 -36.01
CA GLU C 7 -75.08 64.70 -36.80
C GLU C 7 -75.88 66.00 -36.73
N GLU C 8 -77.20 65.87 -36.57
CA GLU C 8 -78.16 66.88 -37.01
C GLU C 8 -78.50 67.85 -35.88
N GLN C 9 -78.26 67.45 -34.63
CA GLN C 9 -78.16 68.41 -33.54
C GLN C 9 -76.83 69.15 -33.57
N ILE C 10 -75.75 68.49 -33.99
CA ILE C 10 -74.43 69.13 -33.97
C ILE C 10 -74.31 70.15 -35.10
N ALA C 11 -74.88 69.84 -36.27
CA ALA C 11 -74.92 70.81 -37.36
C ALA C 11 -75.88 71.94 -37.06
N GLU C 12 -76.89 71.68 -36.23
CA GLU C 12 -77.78 72.76 -35.79
C GLU C 12 -77.11 73.62 -34.73
N PHE C 13 -76.26 73.03 -33.90
CA PHE C 13 -75.62 73.80 -32.83
C PHE C 13 -74.48 74.66 -33.35
N LYS C 14 -73.80 74.21 -34.42
CA LYS C 14 -72.81 75.07 -35.06
C LYS C 14 -73.51 76.15 -35.87
N GLU C 15 -74.71 75.85 -36.37
CA GLU C 15 -75.54 76.85 -37.03
C GLU C 15 -75.94 77.96 -36.06
N ALA C 16 -76.25 77.60 -34.82
CA ALA C 16 -76.59 78.60 -33.81
C ALA C 16 -75.35 79.32 -33.30
N PHE C 17 -74.21 78.64 -33.24
CA PHE C 17 -73.00 79.23 -32.69
C PHE C 17 -72.37 80.20 -33.68
N SER C 18 -72.26 79.81 -34.95
CA SER C 18 -71.62 80.66 -35.94
C SER C 18 -72.52 81.83 -36.34
N LEU C 19 -73.82 81.75 -36.05
CA LEU C 19 -74.71 82.89 -36.31
C LEU C 19 -74.42 84.04 -35.35
N PHE C 20 -74.17 83.74 -34.08
CA PHE C 20 -73.98 84.78 -33.08
C PHE C 20 -72.55 84.85 -32.56
N ASP C 21 -71.61 84.25 -33.29
CA ASP C 21 -70.20 84.35 -32.95
C ASP C 21 -69.69 85.76 -33.23
N LYS C 22 -68.64 86.16 -32.51
CA LYS C 22 -68.15 87.52 -32.58
C LYS C 22 -67.39 87.81 -33.87
N ASP C 23 -66.30 87.07 -34.11
CA ASP C 23 -65.46 87.35 -35.26
C ASP C 23 -65.05 86.07 -35.99
N GLY C 24 -65.74 84.97 -35.73
CA GLY C 24 -65.34 83.70 -36.28
C GLY C 24 -64.30 82.97 -35.46
N ASP C 25 -63.93 83.52 -34.30
CA ASP C 25 -63.00 82.84 -33.40
C ASP C 25 -63.63 81.62 -32.75
N GLY C 26 -64.95 81.63 -32.61
CA GLY C 26 -65.62 80.68 -31.76
C GLY C 26 -65.87 81.21 -30.37
N THR C 27 -66.03 82.52 -30.21
CA THR C 27 -66.16 83.14 -28.90
C THR C 27 -67.54 83.77 -28.76
N ILE C 28 -68.04 83.75 -27.52
CA ILE C 28 -69.28 84.41 -27.11
C ILE C 28 -69.06 84.96 -25.71
N THR C 29 -69.92 85.91 -25.31
CA THR C 29 -69.85 86.42 -23.94
C THR C 29 -70.82 85.64 -23.04
N THR C 30 -70.86 86.05 -21.77
CA THR C 30 -71.74 85.38 -20.82
C THR C 30 -73.19 85.85 -21.00
N LYS C 31 -73.42 86.96 -21.71
CA LYS C 31 -74.78 87.22 -22.22
C LYS C 31 -75.19 86.28 -23.35
N ALA C 32 -74.31 86.05 -24.33
CA ALA C 32 -74.71 85.45 -25.59
C ALA C 32 -75.02 83.97 -25.48
N LEU C 33 -74.58 83.34 -24.40
CA LEU C 33 -74.96 81.96 -24.15
C LEU C 33 -76.43 81.87 -23.79
N GLY C 34 -76.96 82.94 -23.19
CA GLY C 34 -78.40 82.99 -22.92
C GLY C 34 -79.23 83.19 -24.15
N THR C 35 -78.80 84.09 -25.05
CA THR C 35 -79.61 84.37 -26.24
C THR C 35 -79.48 83.26 -27.27
N VAL C 36 -78.37 82.52 -27.25
CA VAL C 36 -78.23 81.40 -28.17
C VAL C 36 -79.02 80.17 -27.73
N MET C 37 -79.46 80.10 -26.47
CA MET C 37 -80.33 78.97 -26.15
C MET C 37 -81.80 79.32 -26.32
N ARG C 38 -82.17 80.59 -26.05
CA ARG C 38 -83.54 81.01 -26.28
C ARG C 38 -83.86 81.21 -27.76
N SER C 39 -82.86 81.17 -28.64
CA SER C 39 -83.12 81.22 -30.08
C SER C 39 -83.60 79.88 -30.63
N LEU C 40 -83.50 78.80 -29.85
CA LEU C 40 -83.87 77.46 -30.31
C LEU C 40 -85.03 76.87 -29.51
N GLY C 41 -85.72 77.67 -28.71
CA GLY C 41 -86.88 77.15 -28.01
C GLY C 41 -86.62 76.81 -26.56
N GLN C 42 -85.38 76.45 -26.24
CA GLN C 42 -85.04 76.05 -24.88
C GLN C 42 -84.92 77.30 -24.01
N ASN C 43 -85.70 77.39 -22.94
CA ASN C 43 -85.77 78.60 -22.12
C ASN C 43 -85.41 78.30 -20.66
N PRO C 44 -84.13 78.18 -20.34
CA PRO C 44 -83.74 77.92 -18.95
C PRO C 44 -83.73 79.21 -18.14
N THR C 45 -83.97 79.07 -16.83
CA THR C 45 -83.78 80.22 -15.97
C THR C 45 -82.29 80.32 -15.66
N GLU C 46 -81.90 81.39 -14.99
CA GLU C 46 -80.49 81.79 -14.97
C GLU C 46 -79.65 80.94 -14.01
N ALA C 47 -80.28 80.04 -13.25
CA ALA C 47 -79.51 79.07 -12.47
C ALA C 47 -78.95 77.97 -13.34
N GLU C 48 -79.64 77.65 -14.44
CA GLU C 48 -79.17 76.60 -15.33
C GLU C 48 -77.93 77.06 -16.07
N LEU C 49 -77.86 78.36 -16.35
CA LEU C 49 -76.64 78.90 -16.95
C LEU C 49 -75.56 79.09 -15.90
N GLN C 50 -75.99 79.52 -14.70
CA GLN C 50 -75.07 79.89 -13.59
C GLN C 50 -74.12 78.75 -13.20
N ASP C 51 -74.50 77.49 -13.38
CA ASP C 51 -73.61 76.42 -12.95
C ASP C 51 -72.68 75.95 -14.05
N MET C 52 -73.03 76.19 -15.32
CA MET C 52 -72.30 75.60 -16.43
C MET C 52 -71.00 76.36 -16.73
N ILE C 53 -70.99 77.67 -16.52
CA ILE C 53 -69.74 78.43 -16.66
C ILE C 53 -68.81 78.17 -15.48
N ASN C 54 -69.41 77.86 -14.33
CA ASN C 54 -68.66 77.44 -13.12
C ASN C 54 -68.13 76.03 -13.41
N GLU C 55 -68.86 75.26 -14.23
CA GLU C 55 -68.46 73.92 -14.61
C GLU C 55 -67.43 73.97 -15.75
N VAL C 56 -67.51 74.96 -16.64
CA VAL C 56 -66.35 75.19 -17.53
C VAL C 56 -65.48 76.33 -16.98
N ASN C 61 -63.75 82.42 -16.81
CA ASN C 61 -62.86 83.08 -17.75
C ASN C 61 -63.58 84.07 -18.68
N GLY C 62 -64.85 83.81 -18.98
CA GLY C 62 -65.63 84.68 -19.83
C GLY C 62 -65.60 84.36 -21.31
N THR C 63 -64.84 83.33 -21.70
CA THR C 63 -64.73 82.91 -23.10
C THR C 63 -65.31 81.51 -23.22
N ILE C 64 -66.48 81.40 -23.86
CA ILE C 64 -67.15 80.12 -24.02
C ILE C 64 -66.91 79.68 -25.46
N ASP C 65 -66.04 78.70 -25.63
CA ASP C 65 -65.65 78.26 -26.95
C ASP C 65 -66.60 77.14 -27.40
N PHE C 66 -66.47 76.74 -28.68
CA PHE C 66 -67.45 75.81 -29.25
C PHE C 66 -67.38 74.39 -28.69
N PRO C 67 -66.20 73.80 -28.38
CA PRO C 67 -66.24 72.53 -27.63
C PRO C 67 -66.80 72.65 -26.22
N ALA C 68 -66.69 73.82 -25.58
CA ALA C 68 -67.29 74.00 -24.27
C ALA C 68 -68.81 74.11 -24.37
N PHE C 69 -69.29 74.74 -25.45
CA PHE C 69 -70.72 74.88 -25.64
C PHE C 69 -71.35 73.57 -26.10
N LEU C 70 -70.58 72.75 -26.81
CA LEU C 70 -71.10 71.48 -27.30
C LEU C 70 -71.22 70.47 -26.17
N THR C 71 -70.32 70.54 -25.19
CA THR C 71 -70.38 69.62 -24.06
C THR C 71 -71.49 70.00 -23.09
N MET C 72 -71.86 71.28 -23.05
CA MET C 72 -72.92 71.72 -22.15
C MET C 72 -74.30 71.39 -22.69
N MET C 73 -74.48 71.41 -24.03
CA MET C 73 -75.74 70.95 -24.60
C MET C 73 -75.86 69.44 -24.56
N ALA C 74 -74.73 68.73 -24.58
CA ALA C 74 -74.77 67.27 -24.55
C ALA C 74 -75.21 66.78 -23.18
N ARG C 75 -74.76 67.47 -22.12
CA ARG C 75 -75.23 67.12 -20.78
C ARG C 75 -76.65 67.63 -20.55
N LYS C 76 -77.05 68.69 -21.26
CA LYS C 76 -78.40 69.22 -21.12
C LYS C 76 -79.42 68.37 -21.85
N MET C 77 -78.98 67.60 -22.85
CA MET C 77 -79.88 66.71 -23.57
C MET C 77 -79.85 65.29 -23.05
N LYS C 78 -78.72 64.82 -22.51
CA LYS C 78 -78.62 63.42 -22.13
C LYS C 78 -79.38 63.09 -20.85
N ASP C 79 -79.56 64.07 -19.95
CA ASP C 79 -80.18 63.79 -18.66
C ASP C 79 -81.67 63.53 -18.80
N THR C 80 -82.33 64.25 -19.72
CA THR C 80 -83.74 63.97 -19.98
C THR C 80 -83.91 62.73 -20.84
N ASP C 81 -82.94 62.45 -21.72
CA ASP C 81 -83.02 61.25 -22.54
C ASP C 81 -82.68 59.99 -21.74
N SER C 82 -81.80 60.10 -20.73
CA SER C 82 -81.53 58.96 -19.88
C SER C 82 -82.65 58.72 -18.88
N GLU C 83 -83.50 59.71 -18.65
CA GLU C 83 -84.66 59.50 -17.80
C GLU C 83 -85.84 58.92 -18.58
N GLU C 84 -85.83 59.10 -19.90
CA GLU C 84 -86.93 58.69 -20.77
C GLU C 84 -86.56 57.56 -21.72
N GLU C 85 -85.33 57.04 -21.67
CA GLU C 85 -84.93 55.94 -22.53
C GLU C 85 -85.62 54.63 -22.17
N ILE C 86 -86.12 54.52 -20.94
CA ILE C 86 -86.43 53.21 -20.37
C ILE C 86 -87.92 52.88 -20.52
N ARG C 87 -88.74 53.89 -20.84
CA ARG C 87 -90.16 53.66 -21.09
C ARG C 87 -90.41 53.13 -22.49
N GLU C 88 -89.70 53.69 -23.47
CA GLU C 88 -89.79 53.18 -24.84
C GLU C 88 -89.04 51.87 -24.96
N ALA C 89 -88.09 51.63 -24.04
CA ALA C 89 -87.47 50.32 -23.92
C ALA C 89 -88.42 49.31 -23.31
N PHE C 90 -89.45 49.79 -22.59
CA PHE C 90 -90.49 48.94 -22.00
C PHE C 90 -91.65 48.67 -22.95
N ARG C 91 -91.67 49.28 -24.14
CA ARG C 91 -92.88 49.26 -24.94
C ARG C 91 -93.02 47.96 -25.72
N VAL C 92 -91.92 47.30 -26.06
CA VAL C 92 -92.02 46.05 -26.80
C VAL C 92 -92.35 44.89 -25.88
N PHE C 93 -92.23 45.10 -24.56
CA PHE C 93 -92.58 44.08 -23.59
C PHE C 93 -94.07 43.84 -23.49
N ASP C 94 -94.89 44.88 -23.56
CA ASP C 94 -96.35 44.75 -23.44
C ASP C 94 -97.02 45.11 -24.76
N LYS C 95 -98.14 44.44 -25.06
CA LYS C 95 -98.77 44.62 -26.36
C LYS C 95 -99.63 45.87 -26.41
N ASP C 96 -100.20 46.30 -25.29
CA ASP C 96 -101.10 47.45 -25.34
C ASP C 96 -100.37 48.76 -25.15
N GLY C 97 -99.47 48.84 -24.17
CA GLY C 97 -98.69 50.03 -23.93
C GLY C 97 -98.96 50.76 -22.64
N ASN C 98 -99.86 50.26 -21.78
CA ASN C 98 -100.10 50.95 -20.53
C ASN C 98 -99.06 50.60 -19.46
N GLY C 99 -98.43 49.43 -19.58
CA GLY C 99 -97.34 49.09 -18.68
C GLY C 99 -97.50 47.72 -18.03
N TYR C 100 -98.44 46.94 -18.56
CA TYR C 100 -98.83 45.67 -17.97
C TYR C 100 -98.41 44.55 -18.91
N ILE C 101 -97.41 43.78 -18.51
CA ILE C 101 -96.84 42.72 -19.35
C ILE C 101 -96.93 41.38 -18.63
N SER C 102 -97.19 40.33 -19.40
CA SER C 102 -97.38 38.99 -18.86
C SER C 102 -96.05 38.39 -18.42
N ALA C 103 -96.12 37.52 -17.41
CA ALA C 103 -94.91 36.84 -16.94
C ALA C 103 -94.52 35.70 -17.86
N ALA C 104 -95.49 35.11 -18.56
CA ALA C 104 -95.18 34.05 -19.51
C ALA C 104 -94.63 34.62 -20.81
N ALA C 105 -94.93 35.88 -21.11
CA ALA C 105 -94.41 36.51 -22.33
C ALA C 105 -92.95 36.90 -22.18
N LEU C 106 -92.46 37.05 -20.96
CA LEU C 106 -91.16 37.70 -20.73
C LEU C 106 -89.98 36.73 -20.74
N ARG C 107 -90.18 35.41 -20.84
CA ARG C 107 -89.03 34.51 -20.82
C ARG C 107 -88.54 34.04 -22.20
N HIS C 108 -89.19 34.42 -23.29
CA HIS C 108 -88.63 34.12 -24.61
C HIS C 108 -88.16 35.37 -25.32
N VAL C 109 -88.77 36.52 -25.03
CA VAL C 109 -88.36 37.80 -25.61
C VAL C 109 -87.21 38.47 -24.86
N MET C 110 -86.95 38.09 -23.59
CA MET C 110 -85.83 38.68 -22.86
C MET C 110 -84.59 37.78 -22.89
N THR C 111 -84.75 36.51 -23.25
CA THR C 111 -83.58 35.65 -23.43
C THR C 111 -82.99 35.75 -24.84
N ASN C 112 -83.59 36.56 -25.72
CA ASN C 112 -83.24 36.55 -27.13
C ASN C 112 -82.85 37.94 -27.64
N LEU C 113 -82.40 38.82 -26.76
CA LEU C 113 -82.21 40.23 -27.11
C LEU C 113 -80.81 40.56 -27.62
N GLY C 114 -79.85 39.65 -27.55
CA GLY C 114 -78.55 39.88 -28.15
C GLY C 114 -77.44 40.32 -27.23
N GLU C 115 -77.65 40.31 -25.91
CA GLU C 115 -76.57 40.54 -24.96
C GLU C 115 -76.06 39.23 -24.34
N LYS C 116 -76.32 38.10 -25.04
CA LYS C 116 -75.91 36.74 -24.63
C LYS C 116 -76.45 36.37 -23.25
N LEU C 117 -77.71 36.72 -23.00
CA LEU C 117 -78.36 36.39 -21.73
C LEU C 117 -78.86 34.95 -21.80
N THR C 118 -78.45 34.14 -20.81
CA THR C 118 -78.85 32.74 -20.81
C THR C 118 -80.24 32.61 -20.18
N ASP C 119 -80.67 31.38 -19.94
CA ASP C 119 -81.90 31.16 -19.20
C ASP C 119 -81.73 31.43 -17.71
N GLU C 120 -80.47 31.51 -17.24
CA GLU C 120 -80.23 31.62 -15.80
C GLU C 120 -80.29 33.07 -15.32
N GLU C 121 -79.94 34.03 -16.18
CA GLU C 121 -79.85 35.42 -15.73
C GLU C 121 -81.24 36.06 -15.63
N VAL C 122 -82.13 35.76 -16.58
CA VAL C 122 -83.50 36.23 -16.49
C VAL C 122 -84.29 35.44 -15.44
N ASP C 123 -83.81 34.26 -15.04
CA ASP C 123 -84.47 33.56 -13.94
C ASP C 123 -84.09 34.20 -12.62
N GLU C 124 -82.85 34.69 -12.50
CA GLU C 124 -82.46 35.50 -11.35
C GLU C 124 -83.12 36.88 -11.39
N MET C 125 -83.46 37.36 -12.59
CA MET C 125 -83.90 38.74 -12.75
C MET C 125 -85.33 38.92 -12.26
N ILE C 126 -86.19 37.94 -12.50
CA ILE C 126 -87.61 38.13 -12.24
C ILE C 126 -88.02 37.64 -10.85
N ARG C 127 -87.22 36.78 -10.22
CA ARG C 127 -87.51 36.32 -8.87
C ARG C 127 -86.68 37.05 -7.80
N GLU C 128 -85.93 38.08 -8.19
CA GLU C 128 -85.50 39.13 -7.28
C GLU C 128 -86.35 40.39 -7.38
N ALA C 129 -87.48 40.33 -8.07
CA ALA C 129 -88.37 41.48 -8.17
C ALA C 129 -89.07 41.72 -6.84
N GLY C 135 -99.79 36.44 -13.80
CA GLY C 135 -99.68 37.76 -13.20
C GLY C 135 -99.01 38.77 -14.10
N GLN C 136 -99.13 40.05 -13.75
CA GLN C 136 -98.54 41.13 -14.54
C GLN C 136 -98.09 42.24 -13.60
N VAL C 137 -96.93 42.82 -13.90
CA VAL C 137 -96.27 43.79 -13.04
C VAL C 137 -96.33 45.15 -13.73
N ASN C 138 -96.37 46.23 -12.94
CA ASN C 138 -96.55 47.56 -13.49
C ASN C 138 -95.26 48.07 -14.12
N TYR C 139 -95.36 49.25 -14.75
CA TYR C 139 -94.22 49.84 -15.45
C TYR C 139 -93.24 50.52 -14.50
N GLU C 140 -93.71 51.13 -13.41
CA GLU C 140 -92.80 51.90 -12.56
C GLU C 140 -91.99 50.99 -11.66
N ALA C 141 -92.46 49.75 -11.47
CA ALA C 141 -91.68 48.77 -10.72
C ALA C 141 -90.52 48.24 -11.55
N PHE C 142 -90.62 48.31 -12.88
CA PHE C 142 -89.60 47.72 -13.73
C PHE C 142 -88.37 48.63 -13.80
N VAL C 143 -88.58 49.94 -13.66
CA VAL C 143 -87.46 50.85 -13.41
C VAL C 143 -86.90 50.65 -12.01
N GLN C 144 -87.77 50.31 -11.05
CA GLN C 144 -87.32 50.11 -9.68
C GLN C 144 -86.47 48.85 -9.58
N MET C 145 -86.75 47.87 -10.43
CA MET C 145 -86.02 46.62 -10.48
C MET C 145 -84.90 46.58 -11.52
N MET C 146 -84.79 47.59 -12.39
CA MET C 146 -83.66 47.61 -13.31
C MET C 146 -82.49 48.43 -12.79
N THR C 147 -82.76 49.66 -12.35
CA THR C 147 -81.68 50.53 -11.87
C THR C 147 -81.15 50.05 -10.53
N ALA C 148 -82.04 49.49 -9.70
CA ALA C 148 -81.74 48.89 -8.38
C ALA C 148 -81.01 49.85 -7.44
N GLN D 12 34.81 -8.03 7.67
CA GLN D 12 34.66 -8.92 8.82
C GLN D 12 35.82 -9.92 8.89
N PHE D 13 36.16 -10.51 7.75
CA PHE D 13 37.25 -11.47 7.67
C PHE D 13 38.16 -11.06 6.53
N LEU D 14 39.47 -11.17 6.75
CA LEU D 14 40.40 -10.79 5.71
C LEU D 14 40.46 -11.85 4.61
N ARG D 15 40.92 -11.40 3.44
CA ARG D 15 40.98 -12.19 2.22
C ARG D 15 42.38 -12.04 1.64
N THR D 16 42.58 -12.67 0.47
CA THR D 16 43.74 -12.39 -0.35
C THR D 16 43.40 -11.17 -1.22
N ASP D 17 44.44 -10.36 -1.52
CA ASP D 17 44.35 -9.11 -2.30
C ASP D 17 43.50 -8.06 -1.59
N ASP D 18 43.89 -7.73 -0.35
CA ASP D 18 43.43 -6.54 0.34
C ASP D 18 44.63 -5.78 0.91
N GLU D 19 44.61 -4.46 0.75
CA GLU D 19 45.70 -3.61 1.24
C GLU D 19 45.51 -3.35 2.73
N VAL D 20 46.53 -3.65 3.53
CA VAL D 20 46.48 -3.50 4.98
C VAL D 20 47.56 -2.51 5.41
N VAL D 21 47.45 -2.04 6.66
CA VAL D 21 48.47 -1.21 7.30
C VAL D 21 48.85 -1.80 8.66
N LEU D 22 50.12 -2.18 8.79
CA LEU D 22 50.64 -2.79 10.01
C LEU D 22 50.91 -1.70 11.03
N GLN D 23 50.20 -1.74 12.16
CA GLN D 23 50.35 -0.72 13.18
C GLN D 23 50.31 -1.35 14.56
N CYS D 24 50.99 -0.71 15.51
CA CYS D 24 51.16 -1.18 16.87
C CYS D 24 50.53 -0.18 17.83
N SER D 25 50.68 -0.44 19.13
CA SER D 25 50.20 0.46 20.17
C SER D 25 51.32 0.70 21.18
N ALA D 26 51.46 1.95 21.61
CA ALA D 26 52.48 2.31 22.58
C ALA D 26 51.99 3.44 23.47
N GLU D 31 50.49 8.28 26.96
CA GLU D 31 49.27 8.03 26.22
C GLU D 31 49.51 7.02 25.09
N GLN D 32 48.44 6.34 24.69
CA GLN D 32 48.54 5.31 23.65
C GLN D 32 48.68 5.95 22.29
N LEU D 33 49.67 5.51 21.51
CA LEU D 33 49.97 6.10 20.22
C LEU D 33 50.23 4.98 19.22
N LYS D 34 49.57 5.08 18.05
CA LYS D 34 49.66 4.08 17.01
C LYS D 34 50.82 4.40 16.09
N LEU D 35 51.60 3.38 15.74
CA LEU D 35 52.76 3.53 14.85
C LEU D 35 52.57 2.65 13.63
N CYS D 36 52.07 3.24 12.55
CA CYS D 36 51.91 2.51 11.29
C CYS D 36 53.28 2.27 10.65
N LEU D 37 53.50 1.02 10.21
CA LEU D 37 54.77 0.60 9.63
C LEU D 37 54.81 1.00 8.16
N ALA D 38 55.53 2.08 7.85
CA ALA D 38 55.62 2.61 6.50
C ALA D 38 57.04 2.50 5.98
N ALA D 39 57.15 2.27 4.68
CA ALA D 39 58.44 2.01 4.03
C ALA D 39 58.61 2.93 2.84
N GLU D 40 59.76 3.62 2.78
CA GLU D 40 59.95 4.65 1.77
C GLU D 40 60.18 4.05 0.38
N GLY D 41 61.22 3.23 0.24
CA GLY D 41 61.50 2.61 -1.05
C GLY D 41 62.29 3.51 -1.97
N PHE D 42 63.12 2.88 -2.82
CA PHE D 42 64.10 3.57 -3.70
C PHE D 42 65.00 4.49 -2.87
N GLY D 43 65.53 3.92 -1.79
CA GLY D 43 66.30 4.67 -0.81
C GLY D 43 65.80 4.44 0.60
N ASN D 44 66.73 4.13 1.51
CA ASN D 44 66.49 3.88 2.94
C ASN D 44 65.47 2.75 3.12
N ARG D 45 65.88 1.56 2.67
CA ARG D 45 64.99 0.41 2.61
C ARG D 45 64.60 -0.11 3.99
N LEU D 46 65.40 0.16 5.02
CA LEU D 46 65.03 -0.21 6.38
C LEU D 46 63.84 0.61 6.84
N CYS D 47 62.84 -0.07 7.40
CA CYS D 47 61.56 0.54 7.69
C CYS D 47 61.63 1.43 8.93
N PHE D 48 60.67 2.33 9.03
CA PHE D 48 60.54 3.27 10.14
C PHE D 48 59.08 3.24 10.60
N LEU D 49 58.75 4.11 11.54
CA LEU D 49 57.38 4.21 12.05
C LEU D 49 56.93 5.66 12.01
N GLU D 50 55.61 5.85 12.04
CA GLU D 50 55.01 7.15 11.88
C GLU D 50 54.04 7.44 13.02
N PRO D 51 54.09 8.66 13.58
CA PRO D 51 53.04 9.05 14.53
C PRO D 51 51.76 9.41 13.78
N THR D 52 50.65 8.80 14.19
CA THR D 52 49.39 8.99 13.49
C THR D 52 48.20 9.26 14.41
N SER D 53 48.38 9.25 15.73
CA SER D 53 47.31 9.71 16.62
C SER D 53 47.19 11.23 16.62
N ASN D 54 48.22 11.93 16.16
CA ASN D 54 48.24 13.39 16.06
C ASN D 54 47.84 13.89 14.68
N ALA D 55 46.86 13.25 14.05
CA ALA D 55 46.32 13.73 12.78
C ALA D 55 45.51 15.02 12.92
N GLN D 56 45.14 15.39 14.15
CA GLN D 56 44.43 16.64 14.38
C GLN D 56 45.30 17.86 14.19
N ASN D 57 46.62 17.72 14.26
CA ASN D 57 47.54 18.83 14.04
C ASN D 57 48.50 18.61 12.89
N VAL D 58 48.90 17.38 12.59
CA VAL D 58 49.75 17.12 11.43
C VAL D 58 49.29 15.86 10.70
N PRO D 59 49.08 15.93 9.38
CA PRO D 59 48.64 14.74 8.62
C PRO D 59 49.81 13.81 8.32
N PRO D 60 49.62 12.50 8.46
CA PRO D 60 50.69 11.55 8.16
C PRO D 60 50.70 11.19 6.68
N ASP D 61 51.67 10.37 6.29
CA ASP D 61 51.84 9.91 4.91
C ASP D 61 51.55 8.41 4.89
N LEU D 62 50.35 8.06 4.43
CA LEU D 62 49.94 6.66 4.31
C LEU D 62 50.14 6.10 2.91
N ALA D 63 50.69 6.88 1.98
CA ALA D 63 50.98 6.38 0.64
C ALA D 63 52.13 5.40 0.65
N ILE D 64 53.00 5.47 1.66
CA ILE D 64 54.11 4.53 1.80
C ILE D 64 53.82 3.45 2.83
N CYS D 65 52.57 3.27 3.22
CA CYS D 65 52.17 2.30 4.21
C CYS D 65 51.24 1.22 3.65
N CYS D 66 50.84 1.33 2.39
CA CYS D 66 49.92 0.36 1.81
C CYS D 66 50.66 -0.94 1.50
N PHE D 67 50.31 -2.00 2.22
CA PHE D 67 50.88 -3.32 2.01
C PHE D 67 49.79 -4.28 1.59
N THR D 68 49.99 -4.94 0.46
CA THR D 68 49.02 -5.88 -0.11
C THR D 68 49.45 -7.31 0.15
N LEU D 69 48.47 -8.17 0.43
CA LEU D 69 48.72 -9.58 0.70
C LEU D 69 48.52 -10.35 -0.61
N GLU D 70 49.63 -10.71 -1.26
CA GLU D 70 49.52 -11.26 -2.61
C GLU D 70 49.18 -12.76 -2.59
N GLN D 71 49.83 -13.54 -1.73
CA GLN D 71 49.61 -14.98 -1.65
C GLN D 71 49.62 -15.42 -0.20
N SER D 72 48.81 -16.43 0.11
CA SER D 72 48.71 -16.97 1.46
C SER D 72 48.79 -18.49 1.39
N LEU D 73 49.84 -19.06 1.97
CA LEU D 73 50.04 -20.51 2.00
C LEU D 73 50.22 -20.99 3.43
N SER D 74 50.37 -22.30 3.58
CA SER D 74 50.61 -22.93 4.87
C SER D 74 52.11 -23.14 5.09
N VAL D 75 52.45 -23.89 6.15
CA VAL D 75 53.84 -24.04 6.55
C VAL D 75 54.54 -25.09 5.68
N ARG D 76 53.92 -26.26 5.50
CA ARG D 76 54.51 -27.25 4.62
C ARG D 76 54.17 -26.97 3.16
N ALA D 77 53.22 -26.06 2.90
CA ALA D 77 52.94 -25.65 1.54
C ALA D 77 54.05 -24.75 0.99
N LEU D 78 54.67 -23.93 1.85
CA LEU D 78 55.79 -23.14 1.39
C LEU D 78 57.04 -24.00 1.30
N GLN D 79 57.10 -25.09 2.10
CA GLN D 79 58.30 -25.91 2.20
C GLN D 79 58.61 -26.60 0.88
N GLU D 80 57.60 -27.07 0.17
CA GLU D 80 57.87 -27.72 -1.11
C GLU D 80 58.03 -26.71 -2.24
N MET D 81 57.56 -25.47 -2.06
CA MET D 81 57.79 -24.49 -3.11
C MET D 81 59.22 -23.98 -3.07
N LEU D 82 59.80 -23.79 -1.88
CA LEU D 82 61.22 -23.45 -1.81
C LEU D 82 62.08 -24.66 -2.15
N ALA D 83 61.55 -25.87 -1.96
CA ALA D 83 62.24 -27.06 -2.41
C ALA D 83 62.20 -27.19 -3.93
N ASN D 84 61.18 -26.64 -4.57
CA ASN D 84 61.07 -26.68 -6.02
C ASN D 84 62.00 -25.64 -6.66
N GLY D 97 41.23 -17.32 -6.68
CA GLY D 97 41.59 -15.92 -6.69
C GLY D 97 41.79 -15.34 -5.29
N HIS D 98 40.69 -15.11 -4.58
CA HIS D 98 40.73 -14.58 -3.23
C HIS D 98 40.52 -15.72 -2.24
N ARG D 99 41.57 -16.07 -1.52
CA ARG D 99 41.56 -17.16 -0.54
C ARG D 99 41.62 -16.57 0.86
N THR D 100 40.66 -16.94 1.71
CA THR D 100 40.62 -16.44 3.07
C THR D 100 41.69 -17.12 3.92
N LEU D 101 42.56 -16.31 4.52
CA LEU D 101 43.66 -16.81 5.31
C LEU D 101 43.22 -17.19 6.71
N LEU D 102 43.88 -18.21 7.26
CA LEU D 102 43.59 -18.74 8.59
C LEU D 102 44.80 -18.52 9.50
N TYR D 103 44.61 -18.81 10.79
CA TYR D 103 45.70 -18.70 11.74
C TYR D 103 46.67 -19.85 11.59
N GLY D 104 47.96 -19.56 11.81
CA GLY D 104 49.02 -20.51 11.58
C GLY D 104 49.56 -20.53 10.17
N HIS D 105 48.92 -19.81 9.25
CA HIS D 105 49.33 -19.79 7.85
C HIS D 105 50.49 -18.82 7.66
N ALA D 106 51.08 -18.86 6.47
CA ALA D 106 52.08 -17.89 6.06
C ALA D 106 51.44 -16.80 5.21
N ILE D 107 52.11 -15.65 5.14
CA ILE D 107 51.64 -14.55 4.31
C ILE D 107 52.85 -13.79 3.79
N LEU D 108 52.71 -13.26 2.57
CA LEU D 108 53.76 -12.51 1.87
C LEU D 108 53.22 -11.10 1.65
N LEU D 109 53.65 -10.17 2.49
CA LEU D 109 53.27 -8.77 2.35
C LEU D 109 54.14 -8.10 1.30
N ARG D 110 53.50 -7.39 0.37
CA ARG D 110 54.22 -6.70 -0.69
C ARG D 110 53.75 -5.25 -0.76
N HIS D 111 54.70 -4.34 -0.92
CA HIS D 111 54.43 -2.90 -0.92
C HIS D 111 53.68 -2.48 -2.18
N ALA D 112 52.98 -1.36 -2.09
CA ALA D 112 52.11 -0.86 -3.15
C ALA D 112 52.73 0.23 -4.00
N HIS D 113 53.56 1.10 -3.42
CA HIS D 113 54.29 2.08 -4.21
C HIS D 113 55.49 1.44 -4.89
N SER D 114 56.33 0.75 -4.11
CA SER D 114 57.61 0.23 -4.57
C SER D 114 57.56 -1.21 -5.08
N ARG D 115 56.42 -1.90 -4.93
CA ARG D 115 56.15 -3.20 -5.57
C ARG D 115 57.16 -4.29 -5.22
N MET D 116 57.67 -4.26 -3.98
CA MET D 116 58.62 -5.26 -3.54
C MET D 116 58.22 -5.79 -2.17
N TYR D 117 58.98 -6.77 -1.69
CA TYR D 117 58.55 -7.60 -0.58
C TYR D 117 59.17 -7.09 0.72
N LEU D 118 58.47 -7.29 1.83
CA LEU D 118 59.00 -6.97 3.15
C LEU D 118 59.60 -8.24 3.74
N SER D 119 60.93 -8.29 3.83
CA SER D 119 61.64 -9.46 4.34
C SER D 119 62.48 -9.08 5.55
N CYS D 120 63.30 -10.03 5.99
CA CYS D 120 64.22 -9.81 7.11
C CYS D 120 65.64 -10.09 6.63
N LEU D 121 66.43 -9.03 6.44
CA LEU D 121 67.78 -9.19 5.92
C LEU D 121 68.73 -9.66 7.01
N THR D 122 69.93 -10.05 6.58
CA THR D 122 70.91 -10.69 7.44
C THR D 122 71.68 -9.70 8.32
N THR D 123 71.61 -8.40 8.02
CA THR D 123 72.43 -7.43 8.73
C THR D 123 71.85 -7.15 10.13
N SER D 124 72.61 -6.40 10.91
CA SER D 124 72.21 -6.02 12.27
C SER D 124 72.67 -4.60 12.52
N ARG D 125 71.72 -3.68 12.71
CA ARG D 125 72.03 -2.28 12.94
C ARG D 125 71.81 -1.86 14.39
N SER D 126 71.62 -2.83 15.30
CA SER D 126 71.40 -2.48 16.70
C SER D 126 72.71 -2.15 17.39
N MET D 127 73.80 -2.82 16.99
CA MET D 127 75.17 -2.63 17.48
C MET D 127 75.30 -2.80 18.98
N THR D 128 74.52 -3.71 19.58
CA THR D 128 74.59 -3.96 21.01
C THR D 128 74.53 -5.43 21.35
N ASP D 129 74.68 -6.32 20.34
CA ASP D 129 74.66 -7.78 20.48
C ASP D 129 73.36 -8.27 21.14
N LYS D 130 72.25 -7.60 20.81
CA LYS D 130 70.94 -7.98 21.31
C LYS D 130 70.30 -9.07 20.47
N LEU D 131 71.02 -9.56 19.46
CA LEU D 131 70.59 -10.62 18.55
C LEU D 131 69.28 -10.24 17.84
N ALA D 132 69.30 -9.08 17.18
CA ALA D 132 68.14 -8.56 16.47
C ALA D 132 68.53 -8.22 15.05
N PHE D 133 67.86 -8.84 14.08
CA PHE D 133 68.04 -8.54 12.67
C PHE D 133 67.06 -7.46 12.26
N ASP D 134 67.52 -6.49 11.47
CA ASP D 134 66.64 -5.44 11.00
C ASP D 134 65.83 -5.93 9.78
N VAL D 135 64.61 -5.42 9.66
CA VAL D 135 63.66 -5.88 8.65
C VAL D 135 63.52 -4.78 7.60
N GLY D 136 63.63 -5.17 6.33
CA GLY D 136 63.62 -4.21 5.25
C GLY D 136 63.24 -4.89 3.95
N LEU D 137 63.22 -4.10 2.89
CA LEU D 137 62.63 -4.52 1.63
C LEU D 137 63.65 -5.22 0.72
N GLN D 138 63.14 -6.10 -0.14
CA GLN D 138 63.95 -6.89 -1.05
C GLN D 138 63.27 -6.93 -2.41
N GLU D 139 64.09 -6.97 -3.47
CA GLU D 139 63.54 -7.13 -4.82
C GLU D 139 63.47 -8.59 -5.26
N ASP D 140 64.40 -9.42 -4.80
CA ASP D 140 64.44 -10.81 -5.22
C ASP D 140 63.27 -11.57 -4.61
N ALA D 141 62.76 -12.54 -5.37
CA ALA D 141 61.55 -13.26 -5.01
C ALA D 141 61.83 -14.58 -4.31
N THR D 142 62.99 -14.71 -3.65
CA THR D 142 63.28 -15.90 -2.87
C THR D 142 62.44 -15.90 -1.60
N GLY D 143 61.75 -17.01 -1.35
CA GLY D 143 60.81 -17.09 -0.25
C GLY D 143 61.39 -17.62 1.04
N GLU D 144 62.71 -17.50 1.22
CA GLU D 144 63.31 -17.92 2.48
C GLU D 144 63.00 -16.94 3.59
N ALA D 145 63.08 -15.64 3.30
CA ALA D 145 62.91 -14.60 4.31
C ALA D 145 61.76 -13.65 4.02
N CYS D 146 61.07 -13.81 2.89
CA CYS D 146 60.00 -12.91 2.52
C CYS D 146 58.65 -13.32 3.09
N TRP D 147 58.57 -14.49 3.71
CA TRP D 147 57.32 -15.04 4.22
C TRP D 147 57.21 -14.77 5.72
N TRP D 148 55.97 -14.61 6.19
CA TRP D 148 55.70 -14.34 7.60
C TRP D 148 54.53 -15.18 8.07
N THR D 149 54.70 -15.84 9.21
CA THR D 149 53.71 -16.74 9.77
C THR D 149 53.05 -16.09 10.98
N MET D 150 51.73 -16.25 11.08
CA MET D 150 50.94 -15.60 12.10
C MET D 150 50.74 -16.52 13.30
N HIS D 151 50.52 -15.91 14.46
CA HIS D 151 50.20 -16.62 15.68
C HIS D 151 49.20 -15.81 16.49
N PRO D 152 48.26 -16.47 17.15
CA PRO D 152 47.26 -15.74 17.94
C PRO D 152 47.88 -15.18 19.22
N ALA D 153 47.24 -14.11 19.72
CA ALA D 153 47.76 -13.45 20.91
C ALA D 153 47.34 -14.17 22.18
N SER D 154 46.08 -14.57 22.28
CA SER D 154 45.52 -15.17 23.48
C SER D 154 45.02 -16.58 23.18
N LYS D 155 44.43 -17.21 24.21
CA LYS D 155 43.83 -18.53 24.09
C LYS D 155 42.42 -18.51 23.53
N GLN D 156 41.88 -17.32 23.21
CA GLN D 156 40.55 -17.22 22.62
C GLN D 156 40.52 -17.80 21.22
N ARG D 157 41.54 -17.53 20.42
CA ARG D 157 41.65 -18.11 19.09
C ARG D 157 42.85 -19.06 19.04
N SER D 158 42.65 -20.20 18.40
CA SER D 158 43.70 -21.19 18.21
C SER D 158 43.95 -21.39 16.72
N GLU D 159 44.81 -22.35 16.40
CA GLU D 159 45.16 -22.60 15.01
C GLU D 159 44.01 -23.28 14.30
N GLY D 160 43.66 -22.77 13.13
CA GLY D 160 42.54 -23.27 12.36
C GLY D 160 41.31 -22.37 12.35
N GLU D 161 41.38 -21.19 12.94
CA GLU D 161 40.31 -20.21 12.87
C GLU D 161 40.63 -19.17 11.81
N LYS D 162 39.63 -18.35 11.47
CA LYS D 162 39.85 -17.27 10.51
C LYS D 162 40.09 -15.95 11.23
N VAL D 163 40.83 -15.06 10.57
CA VAL D 163 41.19 -13.78 11.15
C VAL D 163 40.05 -12.79 10.98
N ARG D 164 39.92 -11.90 11.95
CA ARG D 164 38.91 -10.84 11.96
C ARG D 164 39.57 -9.49 11.73
N VAL D 165 38.75 -8.47 11.56
CA VAL D 165 39.27 -7.11 11.54
C VAL D 165 39.52 -6.66 12.99
N GLY D 166 40.76 -6.29 13.27
CA GLY D 166 41.10 -5.78 14.59
C GLY D 166 41.46 -6.84 15.61
N ASP D 167 42.16 -7.90 15.17
CA ASP D 167 42.69 -8.91 16.09
C ASP D 167 44.19 -8.77 16.19
N ASP D 168 44.70 -8.84 17.41
CA ASP D 168 46.14 -8.65 17.65
C ASP D 168 46.91 -9.90 17.23
N LEU D 169 47.81 -9.73 16.26
CA LEU D 169 48.52 -10.84 15.63
C LEU D 169 50.01 -10.75 15.87
N ILE D 170 50.67 -11.89 15.71
CA ILE D 170 52.09 -12.08 16.04
C ILE D 170 52.76 -12.66 14.79
N LEU D 171 53.52 -11.84 14.07
CA LEU D 171 54.18 -12.30 12.85
C LEU D 171 55.56 -12.86 13.18
N VAL D 172 55.87 -14.03 12.63
CA VAL D 172 57.12 -14.74 12.89
C VAL D 172 57.82 -15.02 11.56
N SER D 173 59.12 -14.71 11.49
CA SER D 173 59.91 -14.97 10.30
C SER D 173 60.19 -16.47 10.14
N VAL D 174 60.45 -16.87 8.91
CA VAL D 174 60.63 -18.28 8.60
C VAL D 174 62.09 -18.70 8.76
N SER D 175 63.00 -18.03 8.05
CA SER D 175 64.39 -18.48 8.03
C SER D 175 65.12 -18.09 9.30
N SER D 176 64.95 -16.84 9.75
CA SER D 176 65.68 -16.37 10.91
C SER D 176 64.92 -16.60 12.21
N GLU D 177 63.60 -16.82 12.13
CA GLU D 177 62.74 -17.26 13.23
C GLU D 177 62.69 -16.26 14.39
N ARG D 178 62.60 -14.97 14.08
CA ARG D 178 62.40 -13.94 15.08
C ARG D 178 61.07 -13.25 14.84
N TYR D 179 60.64 -12.45 15.82
CA TYR D 179 59.32 -11.85 15.78
C TYR D 179 59.49 -10.36 15.54
N LEU D 180 58.67 -9.79 14.66
CA LEU D 180 58.79 -8.38 14.33
C LEU D 180 58.18 -7.56 15.47
N HIS D 181 59.03 -6.88 16.23
CA HIS D 181 58.62 -6.20 17.45
C HIS D 181 59.11 -4.75 17.44
N LEU D 182 58.65 -4.01 18.43
CA LEU D 182 59.01 -2.60 18.60
C LEU D 182 60.12 -2.51 19.64
N SER D 183 61.24 -1.90 19.26
CA SER D 183 62.41 -1.77 20.12
C SER D 183 62.35 -0.44 20.86
N THR D 184 62.52 -0.48 22.19
CA THR D 184 62.51 0.70 23.04
C THR D 184 63.87 0.91 23.69
N ALA D 185 64.92 0.37 23.10
CA ALA D 185 66.22 0.37 23.78
C ALA D 185 66.93 1.71 23.64
N SER D 186 67.23 2.13 22.41
CA SER D 186 68.05 3.31 22.15
C SER D 186 67.30 4.29 21.27
N GLY D 187 67.21 5.54 21.71
CA GLY D 187 66.60 6.59 20.91
C GLY D 187 65.09 6.46 20.79
N GLU D 188 64.60 6.76 19.60
CA GLU D 188 63.18 6.69 19.31
C GLU D 188 62.74 5.25 19.07
N LEU D 189 61.46 5.08 18.76
CA LEU D 189 60.87 3.75 18.61
C LEU D 189 61.10 3.23 17.20
N GLN D 190 61.71 2.05 17.09
CA GLN D 190 62.01 1.43 15.81
C GLN D 190 61.60 -0.03 15.79
N VAL D 191 61.59 -0.62 14.60
CA VAL D 191 61.20 -2.00 14.40
C VAL D 191 62.45 -2.87 14.28
N ASP D 192 62.31 -4.11 14.73
CA ASP D 192 63.38 -5.10 14.70
C ASP D 192 62.73 -6.48 14.66
N ALA D 193 63.49 -7.45 14.14
CA ALA D 193 63.14 -8.85 14.28
C ALA D 193 64.00 -9.42 15.42
N SER D 194 63.36 -9.68 16.55
CA SER D 194 64.04 -10.22 17.72
C SER D 194 63.07 -11.15 18.43
N PHE D 195 63.49 -11.68 19.57
CA PHE D 195 62.64 -12.64 20.28
C PHE D 195 61.82 -11.96 21.37
N MET D 196 61.09 -10.92 20.97
CA MET D 196 60.15 -10.23 21.83
C MET D 196 58.80 -10.25 21.14
N GLN D 197 57.76 -10.65 21.87
CA GLN D 197 56.42 -10.71 21.30
C GLN D 197 55.72 -9.38 21.50
N THR D 198 55.35 -8.75 20.38
CA THR D 198 54.59 -7.52 20.40
C THR D 198 53.44 -7.71 19.43
N LEU D 199 52.24 -7.33 19.86
CA LEU D 199 51.04 -7.57 19.09
C LEU D 199 50.84 -6.47 18.06
N TRP D 200 50.35 -6.83 16.88
CA TRP D 200 50.15 -5.89 15.78
C TRP D 200 48.75 -6.04 15.21
N ASN D 201 48.22 -4.94 14.67
CA ASN D 201 46.89 -4.90 14.07
C ASN D 201 47.02 -4.89 12.55
N MET D 202 46.16 -5.66 11.88
CA MET D 202 46.26 -5.76 10.43
C MET D 202 45.55 -4.60 9.73
N ASN D 203 44.25 -4.37 10.06
CA ASN D 203 43.45 -3.19 9.69
C ASN D 203 43.42 -2.93 8.18
N PRO D 204 42.60 -3.64 7.41
CA PRO D 204 42.61 -3.51 5.94
C PRO D 204 42.22 -2.11 5.48
N ILE D 205 43.17 -1.43 4.83
CA ILE D 205 42.97 -0.03 4.44
C ILE D 205 42.16 0.09 3.14
N CYS D 206 42.07 -0.97 2.34
CA CYS D 206 41.38 -0.94 1.06
C CYS D 206 41.09 -2.36 0.62
N SER D 207 39.81 -2.68 0.40
CA SER D 207 39.42 -3.97 -0.14
C SER D 207 39.33 -3.89 -1.66
N CYS D 208 38.77 -4.93 -2.26
CA CYS D 208 38.62 -5.02 -3.72
C CYS D 208 37.58 -4.02 -4.19
N CYS D 209 38.03 -2.97 -4.86
CA CYS D 209 37.18 -1.85 -5.24
C CYS D 209 36.68 -2.03 -6.67
N GLU D 210 35.42 -1.64 -6.90
CA GLU D 210 34.87 -1.68 -8.25
C GLU D 210 35.42 -0.53 -9.08
N GLU D 211 35.74 -0.82 -10.33
CA GLU D 211 36.27 0.19 -11.23
C GLU D 211 35.16 1.14 -11.67
N GLY D 212 35.48 2.43 -11.73
CA GLY D 212 34.52 3.44 -12.08
C GLY D 212 34.03 4.30 -10.94
N TYR D 213 34.63 4.18 -9.76
CA TYR D 213 34.26 4.99 -8.61
C TYR D 213 35.53 5.39 -7.88
N VAL D 214 35.50 6.58 -7.27
CA VAL D 214 36.68 7.09 -6.57
C VAL D 214 36.74 6.46 -5.18
N THR D 215 37.96 6.12 -4.75
CA THR D 215 38.21 5.81 -3.36
C THR D 215 39.29 6.75 -2.82
N GLY D 216 39.46 6.72 -1.50
CA GLY D 216 40.49 7.54 -0.87
C GLY D 216 41.86 6.93 -1.08
N GLY D 217 42.86 7.79 -1.31
CA GLY D 217 44.20 7.34 -1.61
C GLY D 217 44.51 7.24 -3.08
N HIS D 218 43.56 7.55 -3.95
CA HIS D 218 43.74 7.41 -5.39
C HIS D 218 44.43 8.64 -5.96
N VAL D 219 45.35 8.41 -6.88
CA VAL D 219 46.05 9.47 -7.59
C VAL D 219 45.22 9.84 -8.81
N LEU D 220 44.82 11.10 -8.89
CA LEU D 220 43.79 11.52 -9.83
C LEU D 220 44.00 12.98 -10.21
N ARG D 221 43.29 13.40 -11.25
CA ARG D 221 43.34 14.77 -11.74
C ARG D 221 41.99 15.47 -11.58
N LEU D 222 41.98 16.77 -11.83
CA LEU D 222 40.83 17.64 -11.59
C LEU D 222 40.46 18.40 -12.87
N PHE D 223 40.27 17.66 -13.96
CA PHE D 223 39.89 18.27 -15.24
C PHE D 223 38.51 18.91 -15.17
N HIS D 224 38.38 20.07 -15.80
CA HIS D 224 37.10 20.77 -15.86
C HIS D 224 36.80 21.27 -17.27
N GLU D 229 40.85 22.18 -18.88
CA GLU D 229 42.07 22.62 -18.20
C GLU D 229 42.27 21.87 -16.89
N CYS D 230 43.50 21.88 -16.38
CA CYS D 230 43.87 21.16 -15.18
C CYS D 230 44.27 22.13 -14.07
N LEU D 231 43.95 21.76 -12.84
CA LEU D 231 44.26 22.58 -11.67
C LEU D 231 45.67 22.27 -11.24
N THR D 232 46.63 23.08 -11.67
CA THR D 232 48.05 22.80 -11.52
C THR D 232 48.78 23.99 -10.90
N ILE D 233 50.10 23.82 -10.69
CA ILE D 233 50.92 24.82 -10.02
C ILE D 233 51.91 25.34 -11.06
N SER D 234 52.72 26.33 -10.71
CA SER D 234 53.81 26.78 -11.58
C SER D 234 54.99 25.82 -11.48
N ALA D 235 55.92 25.98 -12.41
CA ALA D 235 57.11 25.14 -12.49
C ALA D 235 58.25 25.70 -11.63
N GLN D 241 57.71 30.17 -4.70
CA GLN D 241 58.03 28.85 -4.17
C GLN D 241 56.94 27.85 -4.55
N ARG D 242 56.23 28.15 -5.65
CA ARG D 242 55.17 27.30 -6.21
C ARG D 242 54.03 27.07 -5.24
N ARG D 243 53.52 28.16 -4.65
CA ARG D 243 52.37 28.02 -3.75
C ARG D 243 51.06 28.41 -4.42
N LEU D 244 51.08 29.33 -5.38
CA LEU D 244 49.86 29.72 -6.07
C LEU D 244 49.47 28.70 -7.11
N VAL D 245 48.16 28.49 -7.26
CA VAL D 245 47.61 27.41 -8.08
C VAL D 245 47.01 28.01 -9.35
N TYR D 246 47.33 27.42 -10.49
CA TYR D 246 46.95 27.99 -11.77
C TYR D 246 46.11 27.03 -12.62
N TYR D 247 45.85 27.40 -13.86
CA TYR D 247 45.26 26.53 -14.86
C TYR D 247 46.15 26.54 -16.11
N GLU D 248 46.16 25.42 -16.82
CA GLU D 248 46.99 25.28 -18.02
C GLU D 248 46.35 24.26 -18.95
N GLY D 249 47.03 23.99 -20.06
CA GLY D 249 46.50 23.17 -21.13
C GLY D 249 46.88 21.71 -21.06
N GLY D 250 46.91 21.07 -22.24
CA GLY D 250 47.08 19.64 -22.32
C GLY D 250 48.51 19.14 -22.24
N ALA D 251 49.48 20.01 -22.54
CA ALA D 251 50.88 19.62 -22.40
C ALA D 251 51.27 19.53 -20.92
N VAL D 252 50.71 20.41 -20.09
CA VAL D 252 50.92 20.35 -18.65
C VAL D 252 50.15 19.19 -18.03
N CYS D 253 49.02 18.81 -18.64
CA CYS D 253 48.13 17.80 -18.06
C CYS D 253 48.75 16.41 -18.08
N THR D 254 49.58 16.12 -19.09
CA THR D 254 50.28 14.85 -19.10
C THR D 254 51.53 14.85 -18.24
N HIS D 255 51.98 16.03 -17.78
CA HIS D 255 53.14 16.11 -16.89
C HIS D 255 52.74 15.76 -15.45
N ALA D 256 53.73 15.79 -14.56
CA ALA D 256 53.54 15.33 -13.19
C ALA D 256 53.12 16.43 -12.23
N ARG D 257 53.04 17.69 -12.67
CA ARG D 257 52.67 18.76 -11.75
C ARG D 257 51.16 18.77 -11.50
N SER D 258 50.37 18.25 -12.43
CA SER D 258 48.92 18.22 -12.28
C SER D 258 48.45 16.83 -11.84
N LEU D 259 48.94 16.42 -10.67
CA LEU D 259 48.48 15.19 -10.02
C LEU D 259 48.20 15.50 -8.55
N TRP D 260 46.98 15.24 -8.11
CA TRP D 260 46.58 15.44 -6.72
C TRP D 260 46.05 14.13 -6.14
N ARG D 261 46.22 13.96 -4.83
CA ARG D 261 45.84 12.73 -4.14
C ARG D 261 44.96 13.05 -2.94
N LEU D 262 43.87 12.31 -2.82
CA LEU D 262 42.83 12.58 -1.82
C LEU D 262 42.98 11.64 -0.63
N GLU D 263 42.98 12.19 0.57
CA GLU D 263 43.05 11.39 1.80
C GLU D 263 41.88 11.75 2.69
N PRO D 264 41.18 10.78 3.28
CA PRO D 264 40.13 11.10 4.25
C PRO D 264 40.72 11.51 5.59
N LEU D 265 39.83 11.97 6.48
CA LEU D 265 40.24 12.40 7.80
C LEU D 265 40.52 11.22 8.71
N ARG D 266 39.57 10.29 8.81
CA ARG D 266 39.65 9.23 9.80
C ARG D 266 40.57 8.11 9.31
N ILE D 267 41.17 7.38 10.24
CA ILE D 267 42.26 6.46 9.94
C ILE D 267 41.76 5.21 9.22
N SER D 268 40.71 4.58 9.74
CA SER D 268 40.33 3.25 9.28
C SER D 268 39.46 3.33 8.04
N TRP D 269 39.65 2.34 7.15
CA TRP D 269 38.92 2.19 5.88
C TRP D 269 39.10 3.43 5.01
N SER D 270 40.37 3.74 4.73
CA SER D 270 40.67 4.91 3.92
C SER D 270 40.36 4.67 2.44
N GLY D 271 40.52 3.43 1.97
CA GLY D 271 40.23 3.08 0.60
C GLY D 271 38.79 2.77 0.28
N SER D 272 37.85 3.19 1.13
CA SER D 272 36.44 3.06 0.80
C SER D 272 36.05 4.10 -0.25
N HIS D 273 34.88 3.89 -0.85
CA HIS D 273 34.38 4.85 -1.83
C HIS D 273 33.90 6.13 -1.16
N LEU D 274 34.32 7.26 -1.71
CA LEU D 274 33.91 8.55 -1.19
C LEU D 274 32.47 8.85 -1.55
N ARG D 275 31.78 9.57 -0.67
CA ARG D 275 30.41 10.01 -0.89
C ARG D 275 30.33 11.52 -0.67
N TRP D 276 29.12 12.05 -0.84
CA TRP D 276 28.89 13.48 -0.67
C TRP D 276 28.74 13.84 0.79
N GLY D 277 29.18 15.04 1.15
CA GLY D 277 29.24 15.43 2.55
C GLY D 277 30.39 14.80 3.30
N GLN D 278 31.54 14.63 2.64
CA GLN D 278 32.69 13.96 3.20
C GLN D 278 33.88 14.91 3.25
N PRO D 279 34.42 15.21 4.42
CA PRO D 279 35.63 16.03 4.48
C PRO D 279 36.88 15.22 4.14
N LEU D 280 37.78 15.85 3.40
CA LEU D 280 39.01 15.20 2.97
C LEU D 280 40.06 16.28 2.69
N ARG D 281 41.28 15.85 2.43
CA ARG D 281 42.38 16.77 2.17
C ARG D 281 42.97 16.54 0.78
N ILE D 282 43.55 17.61 0.23
CA ILE D 282 44.15 17.58 -1.10
C ILE D 282 45.66 17.61 -0.93
N ARG D 283 46.33 16.67 -1.58
CA ARG D 283 47.78 16.47 -1.46
C ARG D 283 48.43 16.47 -2.84
N HIS D 284 49.49 17.25 -2.98
CA HIS D 284 50.33 17.16 -4.17
C HIS D 284 51.44 16.13 -3.94
N VAL D 285 51.69 15.33 -4.98
CA VAL D 285 52.58 14.19 -4.84
C VAL D 285 54.04 14.51 -5.15
N THR D 286 54.32 15.67 -5.76
CA THR D 286 55.68 16.05 -6.08
C THR D 286 56.24 17.08 -5.08
N THR D 287 55.48 18.14 -4.82
CA THR D 287 55.94 19.17 -3.90
C THR D 287 55.77 18.76 -2.44
N GLY D 288 54.89 17.82 -2.15
CA GLY D 288 54.65 17.40 -0.78
C GLY D 288 53.91 18.44 0.04
N ARG D 289 52.96 19.14 -0.57
CA ARG D 289 52.26 20.24 0.05
C ARG D 289 50.76 19.95 0.08
N TYR D 290 50.06 20.58 1.02
CA TYR D 290 48.63 20.39 1.21
C TYR D 290 47.87 21.63 0.80
N LEU D 291 46.82 21.46 0.00
CA LEU D 291 46.04 22.58 -0.49
C LEU D 291 45.20 23.20 0.62
N ALA D 292 45.42 24.49 0.87
CA ALA D 292 44.65 25.21 1.88
C ALA D 292 43.77 26.27 1.22
N LEU D 299 43.53 30.48 -2.63
CA LEU D 299 43.79 29.07 -2.41
C LEU D 299 45.25 28.73 -2.72
N VAL D 300 46.02 28.50 -1.66
CA VAL D 300 47.43 28.18 -1.78
C VAL D 300 47.65 26.78 -1.22
N VAL D 301 48.77 26.18 -1.61
CA VAL D 301 49.23 24.94 -0.99
C VAL D 301 50.15 25.30 0.17
N VAL D 302 50.10 24.51 1.24
CA VAL D 302 50.82 24.85 2.46
C VAL D 302 51.69 23.66 2.84
N ASP D 303 52.70 23.91 3.68
CA ASP D 303 53.62 22.86 4.13
C ASP D 303 52.89 21.87 5.03
N ALA D 304 53.53 20.70 5.23
CA ALA D 304 52.89 19.62 5.97
C ALA D 304 52.91 19.86 7.46
N CYS D 305 53.85 20.67 7.96
CA CYS D 305 53.98 20.82 9.41
C CYS D 305 52.94 21.80 9.96
N LYS D 306 52.62 22.84 9.20
CA LYS D 306 51.61 23.81 9.59
C LYS D 306 50.23 23.52 9.02
N ALA D 307 50.08 22.42 8.27
CA ALA D 307 48.78 22.01 7.78
C ALA D 307 47.95 21.39 8.91
N HIS D 308 46.76 21.93 9.14
CA HIS D 308 45.91 21.50 10.25
C HIS D 308 44.60 20.96 9.69
N THR D 309 43.66 20.66 10.58
CA THR D 309 42.31 20.31 10.12
C THR D 309 41.52 21.56 9.76
N LYS D 310 41.74 22.65 10.51
CA LYS D 310 41.05 23.90 10.19
C LYS D 310 41.67 24.61 8.98
N ALA D 311 42.91 24.29 8.63
CA ALA D 311 43.54 24.95 7.49
C ALA D 311 43.21 24.22 6.18
N THR D 312 43.45 22.92 6.13
CA THR D 312 43.17 22.12 4.94
C THR D 312 42.13 21.04 5.25
N SER D 313 40.90 21.27 4.81
CA SER D 313 39.85 20.26 4.78
C SER D 313 38.84 20.68 3.73
N PHE D 314 38.68 19.88 2.68
CA PHE D 314 37.79 20.20 1.58
C PHE D 314 36.83 19.04 1.36
N CYS D 315 35.77 19.30 0.59
CA CYS D 315 34.74 18.30 0.34
C CYS D 315 34.28 18.36 -1.10
N PHE D 316 33.53 17.34 -1.49
CA PHE D 316 32.97 17.22 -2.83
C PHE D 316 31.46 17.07 -2.68
N ARG D 317 30.71 17.96 -3.31
CA ARG D 317 29.24 17.92 -3.35
C ARG D 317 28.77 18.21 -4.76
N VAL D 318 27.52 17.82 -5.04
CA VAL D 318 26.94 17.98 -6.38
C VAL D 318 26.41 19.40 -6.57
N SER D 319 25.74 19.94 -5.56
CA SER D 319 25.20 21.28 -5.62
C SER D 319 24.99 21.81 -4.21
N LYS D 320 25.28 23.10 -4.01
CA LYS D 320 25.02 23.76 -2.71
C LYS D 320 23.60 24.27 -2.67
N GLU D 321 22.74 23.55 -1.96
CA GLU D 321 21.45 24.05 -1.52
C GLU D 321 21.50 24.43 -0.03
N LYS D 322 20.37 24.92 0.48
CA LYS D 322 20.27 25.30 1.90
C LYS D 322 20.01 24.06 2.76
N LEU D 323 21.10 23.35 3.07
CA LEU D 323 21.00 22.12 3.84
C LEU D 323 22.07 22.05 4.92
N GLY D 333 32.06 -2.42 6.08
CA GLY D 333 32.85 -2.82 4.94
C GLY D 333 33.29 -1.65 4.09
N MET D 334 33.14 -1.79 2.77
CA MET D 334 33.51 -0.73 1.86
C MET D 334 32.38 0.30 1.73
N GLY D 335 32.74 1.50 1.27
CA GLY D 335 31.80 2.58 1.15
C GLY D 335 30.82 2.42 0.00
N PRO D 336 29.69 3.14 0.05
CA PRO D 336 28.72 3.09 -1.06
C PRO D 336 29.26 3.81 -2.29
N PRO D 337 29.03 3.26 -3.48
CA PRO D 337 29.54 3.91 -4.70
C PRO D 337 28.71 5.14 -5.09
N GLU D 338 29.00 6.28 -4.46
CA GLU D 338 28.27 7.52 -4.71
C GLU D 338 28.91 8.39 -5.77
N ILE D 339 30.23 8.56 -5.74
CA ILE D 339 30.95 9.40 -6.68
C ILE D 339 31.57 8.51 -7.75
N LYS D 340 31.33 8.84 -9.02
CA LYS D 340 31.89 8.10 -10.14
C LYS D 340 33.06 8.89 -10.75
N TYR D 341 33.77 8.22 -11.66
CA TYR D 341 34.89 8.82 -12.37
C TYR D 341 34.40 9.54 -13.62
N GLY D 342 34.28 10.86 -13.52
CA GLY D 342 33.87 11.69 -14.63
C GLY D 342 32.38 11.85 -14.82
N GLU D 343 31.56 11.04 -14.14
CA GLU D 343 30.11 11.08 -14.28
C GLU D 343 29.43 11.85 -13.16
N SER D 344 30.21 12.50 -12.28
CA SER D 344 29.68 13.25 -11.15
C SER D 344 29.62 14.74 -11.40
N LEU D 345 30.61 15.28 -12.12
CA LEU D 345 30.73 16.72 -12.44
C LEU D 345 30.74 17.59 -11.18
N CYS D 346 31.53 17.17 -10.19
CA CYS D 346 31.48 17.75 -8.85
C CYS D 346 32.65 18.68 -8.57
N PHE D 347 32.36 19.74 -7.81
CA PHE D 347 33.27 20.81 -7.41
C PHE D 347 33.96 20.49 -6.10
N VAL D 348 35.12 21.12 -5.92
CA VAL D 348 35.80 21.11 -4.63
C VAL D 348 35.34 22.31 -3.82
N GLN D 349 35.17 22.11 -2.51
CA GLN D 349 34.70 23.17 -1.62
C GLN D 349 35.10 22.87 -0.18
N HIS D 350 35.28 23.92 0.60
CA HIS D 350 35.72 23.79 1.98
C HIS D 350 34.55 23.43 2.88
N VAL D 351 34.87 22.79 4.02
CA VAL D 351 33.84 22.35 4.94
C VAL D 351 33.43 23.45 5.93
N ALA D 352 34.32 24.39 6.23
CA ALA D 352 34.04 25.46 7.18
C ALA D 352 33.97 26.82 6.52
N SER D 353 34.78 27.04 5.47
CA SER D 353 34.76 28.32 4.78
C SER D 353 33.49 28.47 3.93
N GLY D 354 33.14 27.42 3.18
CA GLY D 354 31.94 27.43 2.36
C GLY D 354 32.10 28.30 1.13
N LEU D 355 33.26 28.21 0.49
CA LEU D 355 33.64 29.06 -0.62
C LEU D 355 33.88 28.23 -1.89
N TRP D 356 33.37 28.73 -3.01
CA TRP D 356 33.49 28.04 -4.29
C TRP D 356 34.84 28.30 -4.93
N LEU D 357 35.45 27.24 -5.44
CA LEU D 357 36.78 27.33 -6.08
C LEU D 357 36.60 27.48 -7.58
N THR D 358 36.71 28.71 -8.07
CA THR D 358 36.51 29.03 -9.48
C THR D 358 37.71 29.80 -10.02
N TYR D 359 37.60 30.26 -11.25
CA TYR D 359 38.69 30.98 -11.91
C TYR D 359 38.71 32.45 -11.48
N ALA D 360 39.61 33.22 -12.08
CA ALA D 360 39.74 34.63 -11.77
C ALA D 360 38.80 35.48 -12.63
N LEU D 372 46.12 32.88 -20.26
CA LEU D 372 45.76 31.47 -20.18
C LEU D 372 45.83 31.03 -18.72
N LYS D 373 46.87 31.47 -18.03
CA LYS D 373 47.14 31.03 -16.66
C LYS D 373 46.23 31.80 -15.70
N LYS D 374 45.06 31.23 -15.44
CA LYS D 374 44.05 31.84 -14.58
C LYS D 374 44.26 31.33 -13.16
N LYS D 375 44.48 32.26 -12.23
CA LYS D 375 44.71 31.88 -10.84
C LYS D 375 43.41 31.40 -10.20
N ALA D 376 43.52 30.38 -9.36
CA ALA D 376 42.36 29.78 -8.70
C ALA D 376 42.13 30.47 -7.36
N ILE D 377 40.90 30.89 -7.12
CA ILE D 377 40.54 31.65 -5.93
C ILE D 377 39.20 31.17 -5.41
N LEU D 378 39.04 31.20 -4.09
CA LEU D 378 37.81 30.79 -3.43
C LEU D 378 36.85 31.98 -3.43
N HIS D 379 35.97 32.04 -4.43
CA HIS D 379 35.08 33.17 -4.59
C HIS D 379 33.67 32.87 -4.08
N GLN D 380 33.06 33.88 -3.44
CA GLN D 380 31.72 33.73 -2.87
C GLN D 380 30.64 33.79 -3.93
N GLU D 381 30.92 34.41 -5.07
CA GLU D 381 29.94 34.45 -6.15
C GLU D 381 29.83 33.09 -6.83
N GLY D 382 30.96 32.45 -7.10
CA GLY D 382 30.96 31.17 -7.80
C GLY D 382 30.71 31.34 -9.29
N HIS D 383 30.67 30.20 -9.98
CA HIS D 383 30.41 30.20 -11.41
C HIS D 383 29.78 28.87 -11.81
N MET D 384 29.21 28.84 -13.00
CA MET D 384 28.56 27.65 -13.51
C MET D 384 29.50 26.74 -14.28
N ASP D 385 30.75 27.14 -14.50
CA ASP D 385 31.73 26.33 -15.20
C ASP D 385 32.69 25.61 -14.24
N ASP D 386 32.33 25.50 -12.96
CA ASP D 386 33.16 24.87 -11.96
C ASP D 386 32.91 23.38 -11.82
N ALA D 387 32.07 22.79 -12.68
CA ALA D 387 31.76 21.36 -12.57
C ALA D 387 32.90 20.52 -13.11
N LEU D 388 33.92 20.27 -12.29
CA LEU D 388 35.08 19.52 -12.73
C LEU D 388 34.85 18.02 -12.60
N PHE D 389 35.32 17.26 -13.59
CA PHE D 389 35.17 15.82 -13.62
C PHE D 389 36.50 15.15 -13.30
N LEU D 390 36.44 14.11 -12.46
CA LEU D 390 37.64 13.45 -11.97
C LEU D 390 38.04 12.31 -12.90
N THR D 391 39.30 12.31 -13.34
CA THR D 391 39.86 11.27 -14.19
C THR D 391 41.04 10.66 -13.46
N ARG D 392 41.10 9.32 -13.39
CA ARG D 392 42.22 8.69 -12.73
C ARG D 392 43.47 8.80 -13.61
N CYS D 393 44.62 8.94 -12.95
CA CYS D 393 45.91 8.79 -13.58
C CYS D 393 46.28 7.30 -13.70
N GLN D 394 47.44 7.03 -14.30
CA GLN D 394 47.88 5.67 -14.48
C GLN D 394 48.78 5.28 -13.29
N GLN D 395 49.22 4.02 -13.24
CA GLN D 395 50.01 3.51 -12.12
C GLN D 395 51.50 3.74 -12.29
N GLU D 396 51.99 3.85 -13.52
CA GLU D 396 53.42 4.09 -13.75
C GLU D 396 53.79 5.56 -13.64
N GLU D 397 52.81 6.45 -13.59
CA GLU D 397 53.05 7.87 -13.36
C GLU D 397 53.00 8.23 -11.88
N SER D 398 52.15 7.55 -11.12
CA SER D 398 52.04 7.84 -9.69
C SER D 398 53.25 7.34 -8.93
N GLN D 399 53.87 6.24 -9.39
CA GLN D 399 55.08 5.76 -8.73
C GLN D 399 56.27 6.66 -9.05
N ALA D 400 56.35 7.14 -10.30
CA ALA D 400 57.47 7.98 -10.72
C ALA D 400 57.39 9.37 -10.09
N ALA D 401 56.18 9.83 -9.79
CA ALA D 401 56.01 11.15 -9.21
C ALA D 401 56.42 11.19 -7.74
N ARG D 402 56.21 10.08 -7.02
CA ARG D 402 56.59 10.07 -5.62
C ARG D 402 58.09 9.90 -5.42
N MET D 403 58.74 9.15 -6.32
CA MET D 403 60.18 9.01 -6.18
C MET D 403 60.89 10.24 -6.74
N ILE D 404 60.18 11.06 -7.50
CA ILE D 404 60.64 12.43 -7.76
C ILE D 404 60.69 13.22 -6.45
N HIS D 405 59.67 13.07 -5.61
CA HIS D 405 59.62 13.80 -4.34
C HIS D 405 60.58 13.20 -3.31
N SER D 406 60.76 11.87 -3.37
CA SER D 406 61.67 11.21 -2.43
C SER D 406 63.13 11.52 -2.76
N THR D 407 63.44 11.77 -4.03
CA THR D 407 64.79 12.17 -4.38
C THR D 407 65.00 13.67 -4.20
N ALA D 408 63.97 14.49 -4.44
CA ALA D 408 64.11 15.93 -4.27
C ALA D 408 64.22 16.31 -2.79
N GLY D 409 63.55 15.56 -1.92
CA GLY D 409 63.67 15.80 -0.49
C GLY D 409 65.02 15.41 0.08
N LEU D 410 65.73 14.49 -0.58
CA LEU D 410 67.06 14.08 -0.16
C LEU D 410 68.13 15.01 -0.71
N TYR D 411 67.94 15.50 -1.93
CA TYR D 411 69.05 16.15 -2.62
C TYR D 411 69.07 17.65 -2.39
N ASN D 412 67.91 18.23 -2.06
CA ASN D 412 67.92 19.59 -1.54
C ASN D 412 68.60 19.64 -0.19
N GLN D 413 68.44 18.57 0.60
CA GLN D 413 69.14 18.46 1.87
C GLN D 413 70.61 18.14 1.67
N PHE D 414 70.96 17.51 0.54
CA PHE D 414 72.35 17.21 0.25
C PHE D 414 73.11 18.46 -0.15
N ILE D 415 72.43 19.42 -0.77
CA ILE D 415 73.10 20.64 -1.23
C ILE D 415 73.30 21.62 -0.07
N LYS D 416 72.29 21.81 0.79
CA LYS D 416 72.50 22.71 1.93
C LYS D 416 73.37 22.05 3.00
N GLY D 417 73.50 20.72 2.95
CA GLY D 417 74.52 20.07 3.74
C GLY D 417 75.91 20.30 3.20
N LEU D 418 76.04 20.29 1.87
CA LEU D 418 77.35 20.48 1.25
C LEU D 418 77.77 21.95 1.25
N ASP D 419 76.80 22.86 1.16
CA ASP D 419 77.13 24.29 1.28
C ASP D 419 77.28 24.74 2.71
N SER D 420 77.09 23.86 3.70
CA SER D 420 77.36 24.23 5.09
C SER D 420 78.86 24.41 5.32
N PHE D 421 79.67 23.60 4.63
CA PHE D 421 81.12 23.70 4.70
C PHE D 421 81.76 24.09 3.38
N SER D 422 81.03 24.78 2.51
CA SER D 422 81.61 25.24 1.25
C SER D 422 82.58 26.40 1.47
N GLY D 423 82.23 27.33 2.34
CA GLY D 423 83.09 28.46 2.64
C GLY D 423 83.72 28.45 4.02
N LYS D 424 83.58 27.38 4.77
CA LYS D 424 84.15 27.28 6.12
C LYS D 424 85.08 26.08 6.19
N PRO D 425 86.37 26.27 6.45
CA PRO D 425 87.29 25.12 6.51
C PRO D 425 87.10 24.31 7.78
N ARG D 426 87.32 23.00 7.65
CA ARG D 426 87.21 22.06 8.75
C ARG D 426 88.59 21.71 9.27
N GLY D 427 88.79 21.89 10.58
CA GLY D 427 90.07 21.59 11.19
C GLY D 427 90.12 20.21 11.83
N PRO D 434 75.36 18.70 11.43
CA PRO D 434 74.50 17.91 10.54
C PRO D 434 75.30 16.90 9.70
N ALA D 435 75.08 15.61 9.96
CA ALA D 435 75.77 14.57 9.22
C ALA D 435 75.16 14.40 7.83
N LEU D 436 76.03 14.34 6.83
CA LEU D 436 75.55 14.21 5.46
C LEU D 436 75.26 12.75 5.13
N PRO D 437 74.09 12.45 4.53
CA PRO D 437 73.69 11.06 4.23
C PRO D 437 74.37 10.50 2.98
N ILE D 438 75.60 10.01 3.17
CA ILE D 438 76.36 9.46 2.06
C ILE D 438 75.81 8.10 1.65
N GLU D 439 75.46 7.26 2.64
CA GLU D 439 74.90 5.95 2.34
C GLU D 439 73.51 6.06 1.71
N ALA D 440 72.81 7.15 1.97
CA ALA D 440 71.50 7.38 1.34
C ALA D 440 71.66 7.98 -0.06
N VAL D 441 72.73 8.74 -0.30
CA VAL D 441 72.89 9.39 -1.59
C VAL D 441 73.40 8.41 -2.64
N ILE D 442 73.99 7.29 -2.22
CA ILE D 442 74.64 6.38 -3.15
C ILE D 442 73.64 5.35 -3.67
N LEU D 443 72.92 4.70 -2.75
CA LEU D 443 71.97 3.66 -3.12
C LEU D 443 70.76 4.23 -3.84
N SER D 444 70.40 5.48 -3.55
CA SER D 444 69.31 6.12 -4.27
C SER D 444 69.70 6.44 -5.71
N LEU D 445 70.97 6.78 -5.94
CA LEU D 445 71.44 6.86 -7.32
C LEU D 445 71.55 5.49 -7.96
N GLN D 446 71.93 4.46 -7.19
CA GLN D 446 72.11 3.13 -7.78
C GLN D 446 70.79 2.51 -8.18
N ASP D 447 69.70 2.86 -7.49
CA ASP D 447 68.38 2.42 -7.94
C ASP D 447 67.85 3.30 -9.07
N LEU D 448 68.26 4.58 -9.11
CA LEU D 448 67.80 5.47 -10.17
C LEU D 448 68.44 5.15 -11.52
N ILE D 449 69.68 4.66 -11.53
CA ILE D 449 70.29 4.22 -12.79
C ILE D 449 69.66 2.90 -13.25
N GLY D 450 69.39 1.99 -12.31
CA GLY D 450 68.70 0.76 -12.62
C GLY D 450 67.23 0.95 -12.98
N TYR D 451 66.67 2.12 -12.66
CA TYR D 451 65.31 2.44 -13.05
C TYR D 451 65.26 2.97 -14.48
N PHE D 452 66.31 3.67 -14.93
CA PHE D 452 66.41 4.23 -16.27
C PHE D 452 67.31 3.42 -17.19
N GLU D 453 67.49 2.13 -16.90
CA GLU D 453 68.38 1.32 -17.71
C GLU D 453 67.65 0.87 -18.97
N PRO D 454 68.24 1.06 -20.16
CA PRO D 454 67.51 0.82 -21.41
C PRO D 454 67.30 -0.67 -21.65
N PRO D 455 66.28 -1.06 -22.41
CA PRO D 455 65.97 -2.48 -22.58
C PRO D 455 67.00 -3.20 -23.44
N SER D 456 66.96 -4.52 -23.36
CA SER D 456 67.91 -5.36 -24.07
C SER D 456 67.61 -5.36 -25.57
N GLU D 457 68.63 -5.68 -26.36
CA GLU D 457 68.50 -5.70 -27.81
C GLU D 457 67.96 -7.04 -28.31
N GLU D 458 68.09 -8.09 -27.51
CA GLU D 458 67.59 -9.42 -27.86
C GLU D 458 66.12 -9.63 -27.50
N LEU D 459 65.41 -8.56 -27.18
CA LEU D 459 64.01 -8.63 -26.79
C LEU D 459 63.12 -8.51 -28.03
N GLN D 460 61.86 -8.90 -27.89
CA GLN D 460 60.90 -8.81 -28.98
C GLN D 460 60.59 -7.34 -29.30
N HIS D 461 60.44 -7.05 -30.60
CA HIS D 461 60.26 -5.67 -31.05
C HIS D 461 58.90 -5.11 -30.63
N GLU D 462 57.89 -5.98 -30.48
CA GLU D 462 56.59 -5.52 -30.03
C GLU D 462 56.63 -5.13 -28.55
N GLU D 463 57.56 -5.71 -27.79
CA GLU D 463 57.74 -5.36 -26.39
C GLU D 463 58.82 -4.31 -26.19
N LYS D 464 59.78 -4.22 -27.12
CA LYS D 464 60.86 -3.23 -26.99
C LYS D 464 60.35 -1.82 -27.22
N GLN D 465 59.38 -1.68 -28.13
CA GLN D 465 58.91 -0.35 -28.49
C GLN D 465 58.03 0.22 -27.38
N SER D 466 57.27 -0.64 -26.70
CA SER D 466 56.41 -0.18 -25.63
C SER D 466 57.22 0.22 -24.40
N LYS D 467 58.36 -0.45 -24.16
CA LYS D 467 59.22 -0.06 -23.05
C LYS D 467 60.08 1.14 -23.41
N LEU D 468 60.40 1.31 -24.70
CA LEU D 468 61.17 2.49 -25.09
C LEU D 468 60.33 3.75 -25.08
N ARG D 469 59.06 3.68 -25.53
CA ARG D 469 58.21 4.87 -25.48
C ARG D 469 57.79 5.14 -24.05
N SER D 470 57.71 4.09 -23.22
CA SER D 470 57.41 4.32 -21.81
C SER D 470 58.55 5.09 -21.18
N LEU D 471 59.79 4.62 -21.42
CA LEU D 471 60.98 5.19 -20.80
C LEU D 471 61.17 6.66 -21.17
N ARG D 472 60.85 7.03 -22.41
CA ARG D 472 61.00 8.43 -22.84
C ARG D 472 60.01 9.37 -22.16
N ASN D 473 58.82 8.89 -21.81
CA ASN D 473 57.86 9.79 -21.18
C ASN D 473 58.24 10.06 -19.73
N ARG D 474 58.68 9.02 -19.02
CA ARG D 474 59.24 9.14 -17.68
C ARG D 474 60.67 9.67 -17.59
N GLN D 475 61.40 9.85 -18.68
CA GLN D 475 62.56 10.74 -18.55
C GLN D 475 62.20 12.17 -18.94
N SER D 476 61.10 12.34 -19.68
CA SER D 476 60.58 13.68 -19.91
C SER D 476 59.81 14.18 -18.69
N LEU D 477 59.14 13.27 -17.97
CA LEU D 477 58.39 13.66 -16.79
C LEU D 477 59.31 13.94 -15.61
N PHE D 478 60.46 13.24 -15.55
CA PHE D 478 61.43 13.49 -14.48
C PHE D 478 62.09 14.85 -14.64
N GLN D 479 62.44 15.22 -15.88
CA GLN D 479 63.20 16.44 -16.10
C GLN D 479 62.34 17.70 -15.99
N GLU D 480 61.02 17.56 -16.15
CA GLU D 480 60.18 18.75 -16.16
C GLU D 480 59.99 19.30 -14.75
N GLU D 481 59.77 18.41 -13.77
CA GLU D 481 59.84 18.75 -12.35
C GLU D 481 61.24 18.52 -11.78
N GLY D 482 62.19 19.34 -12.19
CA GLY D 482 63.52 19.30 -11.58
C GLY D 482 64.33 18.14 -12.13
N MET D 483 65.12 17.51 -11.25
CA MET D 483 65.86 16.27 -11.46
C MET D 483 66.92 16.38 -12.57
N LEU D 484 67.19 17.59 -13.06
CA LEU D 484 68.33 17.84 -13.94
C LEU D 484 69.15 19.04 -13.51
N SER D 485 68.52 20.20 -13.31
CA SER D 485 69.21 21.34 -12.72
C SER D 485 69.58 21.06 -11.28
N LEU D 486 68.83 20.19 -10.62
CA LEU D 486 69.25 19.63 -9.34
C LEU D 486 70.51 18.79 -9.49
N VAL D 487 70.68 18.10 -10.62
CA VAL D 487 71.81 17.20 -10.78
C VAL D 487 73.08 17.97 -11.15
N LEU D 488 72.94 19.06 -11.91
CA LEU D 488 74.13 19.84 -12.25
C LEU D 488 74.68 20.59 -11.03
N ASN D 489 73.80 21.02 -10.11
CA ASN D 489 74.27 21.80 -8.97
C ASN D 489 74.96 20.93 -7.91
N CYS D 490 74.56 19.67 -7.74
CA CYS D 490 75.31 18.82 -6.83
C CYS D 490 76.66 18.42 -7.43
N ILE D 491 76.77 18.46 -8.76
CA ILE D 491 78.05 18.20 -9.40
C ILE D 491 78.94 19.44 -9.37
N ASP D 492 78.39 20.65 -9.63
CA ASP D 492 79.25 21.83 -9.64
C ASP D 492 79.64 22.28 -8.24
N ARG D 493 79.00 21.74 -7.20
CA ARG D 493 79.52 21.95 -5.85
C ARG D 493 80.55 20.90 -5.47
N LEU D 494 80.54 19.73 -6.14
CA LEU D 494 81.47 18.66 -5.80
C LEU D 494 82.76 18.68 -6.63
N ASN D 495 82.78 19.35 -7.78
CA ASN D 495 83.98 19.32 -8.61
C ASN D 495 85.03 20.32 -8.15
N VAL D 496 84.68 21.24 -7.25
CA VAL D 496 85.61 22.29 -6.84
C VAL D 496 86.73 21.71 -5.99
N TYR D 497 86.48 20.60 -5.30
CA TYR D 497 87.54 19.80 -4.70
C TYR D 497 88.01 18.81 -5.75
N THR D 498 89.07 19.15 -6.48
CA THR D 498 89.52 18.28 -7.56
C THR D 498 90.24 17.05 -7.04
N THR D 499 90.78 17.11 -5.83
CA THR D 499 91.49 15.98 -5.24
C THR D 499 90.54 15.12 -4.43
N ALA D 500 90.91 13.85 -4.25
CA ALA D 500 90.00 12.90 -3.62
C ALA D 500 90.06 12.94 -2.10
N ALA D 501 91.24 13.13 -1.52
CA ALA D 501 91.40 13.09 -0.07
C ALA D 501 91.95 14.38 0.51
N HIS D 502 92.66 15.17 -0.28
CA HIS D 502 93.26 16.40 0.25
C HIS D 502 92.22 17.51 0.36
N PHE D 503 91.60 17.90 -0.76
CA PHE D 503 90.64 18.99 -0.74
C PHE D 503 89.27 18.56 -0.21
N ALA D 504 89.03 17.25 -0.07
CA ALA D 504 87.79 16.75 0.51
C ALA D 504 87.88 16.57 2.02
N GLU D 505 88.80 17.27 2.69
CA GLU D 505 88.87 17.23 4.14
C GLU D 505 87.86 18.16 4.80
N TYR D 506 87.12 18.95 4.02
CA TYR D 506 86.10 19.83 4.58
C TYR D 506 84.89 19.07 5.05
N ALA D 507 84.68 17.85 4.54
CA ALA D 507 83.55 17.01 4.91
C ALA D 507 83.91 15.96 5.96
N GLY D 508 84.94 15.17 5.70
CA GLY D 508 85.35 14.12 6.60
C GLY D 508 86.13 13.07 5.85
N GLU D 509 86.43 11.97 6.56
CA GLU D 509 87.18 10.87 5.95
C GLU D 509 86.25 9.93 5.17
N GLU D 510 85.03 9.74 5.67
CA GLU D 510 84.10 8.83 5.00
C GLU D 510 83.56 9.44 3.72
N ALA D 511 83.37 10.76 3.71
CA ALA D 511 82.90 11.41 2.49
C ALA D 511 84.03 11.58 1.48
N ALA D 512 85.29 11.60 1.95
CA ALA D 512 86.42 11.69 1.04
C ALA D 512 86.70 10.35 0.36
N GLU D 513 86.53 9.24 1.08
CA GLU D 513 86.69 7.94 0.46
C GLU D 513 85.53 7.61 -0.47
N SER D 514 84.35 8.15 -0.17
CA SER D 514 83.19 8.04 -1.05
C SER D 514 83.01 9.27 -1.93
N TRP D 515 84.04 10.12 -2.03
CA TRP D 515 84.02 11.22 -3.00
C TRP D 515 84.05 10.69 -4.42
N LYS D 516 84.81 9.63 -4.66
CA LYS D 516 84.97 9.14 -6.03
C LYS D 516 83.72 8.41 -6.52
N GLU D 517 83.04 7.68 -5.64
CA GLU D 517 81.97 6.81 -6.09
C GLU D 517 80.72 7.58 -6.50
N ILE D 518 80.45 8.72 -5.84
CA ILE D 518 79.20 9.44 -6.10
C ILE D 518 79.21 10.10 -7.48
N VAL D 519 80.35 10.69 -7.87
CA VAL D 519 80.43 11.37 -9.17
C VAL D 519 80.46 10.35 -10.31
N ASN D 520 80.91 9.12 -10.05
CA ASN D 520 80.75 8.06 -11.03
C ASN D 520 79.29 7.67 -11.21
N LEU D 521 78.51 7.67 -10.12
CA LEU D 521 77.08 7.40 -10.28
C LEU D 521 76.30 8.64 -10.71
N LEU D 522 76.83 9.84 -10.42
CA LEU D 522 76.13 11.06 -10.82
C LEU D 522 76.24 11.28 -12.32
N TYR D 523 77.38 10.93 -12.91
CA TYR D 523 77.56 11.11 -14.35
C TYR D 523 76.99 9.96 -15.15
N GLU D 524 76.92 8.76 -14.55
CA GLU D 524 76.30 7.63 -15.25
C GLU D 524 74.79 7.79 -15.31
N LEU D 525 74.22 8.54 -14.35
CA LEU D 525 72.79 8.85 -14.42
C LEU D 525 72.53 9.99 -15.40
N LEU D 526 73.44 10.97 -15.46
CA LEU D 526 73.34 12.02 -16.45
C LEU D 526 73.53 11.45 -17.85
N ALA D 527 74.38 10.43 -17.98
CA ALA D 527 74.47 9.71 -19.25
C ALA D 527 73.24 8.85 -19.50
N SER D 528 72.50 8.50 -18.44
CA SER D 528 71.26 7.76 -18.63
C SER D 528 70.09 8.65 -18.94
N LEU D 529 70.13 9.92 -18.50
CA LEU D 529 68.95 10.78 -18.61
C LEU D 529 68.87 11.48 -19.97
N ILE D 530 70.00 11.75 -20.62
CA ILE D 530 69.96 12.33 -21.95
C ILE D 530 70.36 11.30 -23.02
N ARG D 531 70.04 10.03 -22.81
CA ARG D 531 70.32 8.97 -23.77
C ARG D 531 69.08 8.76 -24.64
N GLY D 532 69.14 9.27 -25.87
CA GLY D 532 68.15 8.98 -26.89
C GLY D 532 67.05 10.02 -27.08
N ASN D 533 66.60 10.66 -26.00
CA ASN D 533 65.52 11.64 -26.11
C ASN D 533 66.12 12.97 -26.52
N ARG D 534 65.55 13.57 -27.58
CA ARG D 534 66.11 14.80 -28.12
C ARG D 534 65.70 16.02 -27.29
N ALA D 535 64.56 15.92 -26.59
CA ALA D 535 64.06 17.07 -25.83
C ALA D 535 64.93 17.38 -24.61
N ASN D 536 65.53 16.35 -24.01
CA ASN D 536 66.50 16.59 -22.95
C ASN D 536 67.89 16.91 -23.50
N CYS D 537 68.19 16.45 -24.73
CA CYS D 537 69.47 16.79 -25.34
C CYS D 537 69.47 18.23 -25.84
N ALA D 538 68.29 18.83 -26.02
CA ALA D 538 68.19 20.23 -26.40
C ALA D 538 68.41 21.17 -25.21
N LEU D 539 68.40 20.65 -23.97
CA LEU D 539 68.72 21.50 -22.83
C LEU D 539 70.22 21.81 -22.75
N PHE D 540 71.06 20.93 -23.32
CA PHE D 540 72.51 21.09 -23.20
C PHE D 540 73.12 21.94 -24.31
N SER D 541 72.34 22.78 -24.98
CA SER D 541 72.93 23.68 -25.97
C SER D 541 73.59 24.89 -25.34
N THR D 542 73.05 25.39 -24.21
CA THR D 542 73.57 26.61 -23.61
C THR D 542 74.77 26.37 -22.70
N ASN D 543 74.92 25.16 -22.16
CA ASN D 543 76.02 24.81 -21.27
C ASN D 543 76.87 23.69 -21.84
N LEU D 544 77.28 23.83 -23.10
CA LEU D 544 78.20 22.87 -23.72
C LEU D 544 79.57 22.92 -23.06
N ASP D 545 80.01 24.13 -22.67
CA ASP D 545 81.31 24.30 -22.05
C ASP D 545 81.34 23.74 -20.63
N TRP D 546 80.17 23.52 -20.03
CA TRP D 546 80.07 22.77 -18.77
C TRP D 546 80.52 21.31 -18.96
N VAL D 547 80.37 20.76 -20.16
CA VAL D 547 80.76 19.38 -20.44
C VAL D 547 82.17 19.35 -21.00
N VAL D 548 82.54 20.36 -21.79
CA VAL D 548 83.80 20.33 -22.53
C VAL D 548 84.98 20.64 -21.61
N SER D 549 84.82 21.60 -20.71
CA SER D 549 85.94 22.01 -19.85
C SER D 549 86.25 21.01 -18.74
N LYS D 550 85.44 19.97 -18.55
CA LYS D 550 85.71 18.95 -17.55
C LYS D 550 86.04 17.60 -18.17
N LEU D 551 86.70 17.59 -19.34
CA LEU D 551 87.11 16.34 -19.97
C LEU D 551 88.40 15.81 -19.37
N ASP D 552 89.36 16.68 -19.07
CA ASP D 552 90.62 16.27 -18.47
C ASP D 552 90.62 16.50 -16.96
N ARG D 553 89.45 16.38 -16.32
CA ARG D 553 89.35 16.50 -14.88
C ARG D 553 90.01 15.33 -14.16
N LEU D 554 90.13 14.18 -14.83
CA LEU D 554 90.76 12.93 -14.37
C LEU D 554 89.94 12.29 -13.25
N GLU D 555 88.74 12.81 -12.97
CA GLU D 555 87.80 12.21 -12.05
C GLU D 555 86.57 11.78 -12.84
N ALA D 556 86.42 10.45 -13.00
CA ALA D 556 85.37 9.81 -13.79
C ALA D 556 85.38 10.30 -15.23
N SER D 557 86.56 10.17 -15.88
CA SER D 557 86.73 10.69 -17.23
C SER D 557 85.97 9.86 -18.26
N SER D 558 85.62 8.62 -17.93
CA SER D 558 84.67 7.86 -18.74
C SER D 558 83.26 8.39 -18.58
N GLY D 559 83.00 9.13 -17.49
CA GLY D 559 81.64 9.61 -17.25
C GLY D 559 81.25 10.78 -18.12
N ILE D 560 82.12 11.79 -18.22
CA ILE D 560 81.82 12.98 -19.02
C ILE D 560 81.85 12.65 -20.52
N LEU D 561 82.73 11.71 -20.92
CA LEU D 561 82.88 11.38 -22.34
C LEU D 561 81.64 10.69 -22.89
N GLU D 562 80.98 9.84 -22.08
CA GLU D 562 79.75 9.21 -22.53
C GLU D 562 78.59 10.19 -22.49
N VAL D 563 78.65 11.19 -21.60
CA VAL D 563 77.66 12.27 -21.58
C VAL D 563 77.79 13.11 -22.84
N LEU D 564 79.02 13.42 -23.25
CA LEU D 564 79.23 14.20 -24.46
C LEU D 564 78.93 13.35 -25.70
N TYR D 565 79.08 12.03 -25.59
CA TYR D 565 78.78 11.14 -26.71
C TYR D 565 77.29 11.00 -26.95
N CYS D 566 76.49 10.89 -25.87
CA CYS D 566 75.05 10.72 -26.04
C CYS D 566 74.34 12.03 -26.34
N VAL D 567 75.02 13.17 -26.15
CA VAL D 567 74.39 14.46 -26.44
C VAL D 567 74.73 14.95 -27.85
N LEU D 568 75.73 14.35 -28.50
CA LEU D 568 76.12 14.73 -29.85
C LEU D 568 75.66 13.75 -30.92
N ILE D 569 74.90 12.73 -30.56
CA ILE D 569 74.33 11.79 -31.53
C ILE D 569 72.81 11.89 -31.58
N GLU D 570 72.21 12.76 -30.78
CA GLU D 570 70.76 12.89 -30.71
C GLU D 570 70.24 14.25 -31.15
N SER D 571 71.07 15.30 -31.08
CA SER D 571 70.66 16.65 -31.39
C SER D 571 71.65 17.30 -32.37
N PRO D 572 71.20 17.81 -33.52
CA PRO D 572 72.12 18.46 -34.46
C PRO D 572 72.36 19.93 -34.17
N GLU D 573 71.67 20.53 -33.19
CA GLU D 573 71.86 21.93 -32.88
C GLU D 573 73.13 22.19 -32.08
N VAL D 574 73.70 21.16 -31.45
CA VAL D 574 74.96 21.31 -30.74
C VAL D 574 76.15 21.24 -31.69
N LEU D 575 75.99 20.55 -32.83
CA LEU D 575 77.11 20.38 -33.75
C LEU D 575 77.49 21.65 -34.52
N ASN D 576 76.63 22.66 -34.56
CA ASN D 576 76.96 23.89 -35.26
C ASN D 576 77.30 25.05 -34.32
N ILE D 577 77.45 24.79 -33.03
CA ILE D 577 77.83 25.84 -32.09
C ILE D 577 79.21 25.54 -31.51
N ILE D 578 79.92 24.60 -32.14
CA ILE D 578 81.23 24.15 -31.67
C ILE D 578 82.30 24.89 -32.47
N GLN D 579 83.12 25.66 -31.76
CA GLN D 579 84.30 26.28 -32.33
C GLN D 579 85.52 25.41 -32.01
N GLU D 580 86.71 25.94 -32.31
CA GLU D 580 87.91 25.11 -32.36
C GLU D 580 88.43 24.75 -30.97
N ASN D 581 88.06 25.53 -29.94
CA ASN D 581 88.58 25.25 -28.60
C ASN D 581 87.93 24.02 -27.98
N HIS D 582 86.70 23.69 -28.38
CA HIS D 582 86.10 22.43 -27.96
C HIS D 582 86.77 21.25 -28.63
N ILE D 583 87.23 21.44 -29.88
CA ILE D 583 87.85 20.35 -30.62
C ILE D 583 89.26 20.07 -30.10
N LYS D 584 90.02 21.13 -29.78
CA LYS D 584 91.39 20.96 -29.30
C LYS D 584 91.42 20.29 -27.93
N SER D 585 90.37 20.46 -27.12
CA SER D 585 90.31 19.76 -25.85
C SER D 585 90.07 18.27 -26.03
N ILE D 586 89.45 17.88 -27.14
CA ILE D 586 89.14 16.46 -27.38
C ILE D 586 90.39 15.72 -27.89
N ILE D 587 91.21 16.38 -28.71
CA ILE D 587 92.52 15.81 -29.04
C ILE D 587 93.43 15.85 -27.81
N SER D 588 93.31 16.89 -26.98
CA SER D 588 94.03 16.91 -25.70
C SER D 588 93.49 15.85 -24.74
N LEU D 589 92.21 15.49 -24.88
CA LEU D 589 91.65 14.36 -24.16
C LEU D 589 92.28 13.05 -24.63
N LEU D 590 92.49 12.91 -25.93
CA LEU D 590 93.00 11.66 -26.47
C LEU D 590 94.50 11.53 -26.25
N ASP D 591 95.21 12.67 -26.18
CA ASP D 591 96.67 12.68 -26.10
C ASP D 591 97.17 12.51 -24.67
N LYS D 592 96.30 12.66 -23.66
CA LYS D 592 96.70 12.43 -22.27
C LYS D 592 95.96 11.30 -21.58
N HIS D 593 94.90 10.76 -22.17
CA HIS D 593 94.18 9.64 -21.58
C HIS D 593 94.24 8.38 -22.43
N GLY D 594 95.35 8.18 -23.14
CA GLY D 594 95.60 6.95 -23.86
C GLY D 594 94.86 6.86 -25.18
N ARG D 595 95.21 5.82 -25.94
CA ARG D 595 94.61 5.57 -27.25
C ARG D 595 93.23 4.95 -27.04
N ASN D 596 92.22 5.81 -26.94
CA ASN D 596 90.86 5.36 -26.70
C ASN D 596 90.06 5.37 -28.00
N HIS D 597 89.11 4.45 -28.09
CA HIS D 597 88.29 4.28 -29.29
C HIS D 597 86.97 5.01 -29.22
N LYS D 598 86.49 5.36 -28.01
CA LYS D 598 85.27 6.15 -27.89
C LYS D 598 85.54 7.62 -28.14
N VAL D 599 86.79 8.06 -28.00
CA VAL D 599 87.15 9.43 -28.35
C VAL D 599 87.16 9.58 -29.87
N LEU D 600 87.36 8.48 -30.60
CA LEU D 600 87.26 8.54 -32.05
C LEU D 600 85.80 8.55 -32.51
N ASP D 601 84.92 7.87 -31.78
CA ASP D 601 83.53 7.77 -32.21
C ASP D 601 82.78 9.08 -32.01
N VAL D 602 83.16 9.87 -31.00
CA VAL D 602 82.54 11.18 -30.83
C VAL D 602 83.05 12.14 -31.90
N LEU D 603 84.30 11.95 -32.34
CA LEU D 603 84.79 12.72 -33.50
C LEU D 603 84.16 12.26 -34.80
N CYS D 604 83.77 10.97 -34.89
CA CYS D 604 82.99 10.53 -36.04
C CYS D 604 81.59 11.12 -36.01
N SER D 605 81.02 11.28 -34.81
CA SER D 605 79.69 11.87 -34.68
C SER D 605 79.71 13.39 -34.80
N LEU D 606 80.87 14.02 -34.83
CA LEU D 606 80.96 15.47 -34.93
C LEU D 606 81.00 15.98 -36.36
N CYS D 607 81.23 15.12 -37.35
CA CYS D 607 81.36 15.54 -38.73
C CYS D 607 80.00 15.71 -39.40
N VAL D 608 79.20 14.64 -39.43
CA VAL D 608 77.91 14.64 -40.09
C VAL D 608 76.81 14.50 -39.05
N CYS D 609 75.60 14.93 -39.43
CA CYS D 609 74.43 14.83 -38.57
C CYS D 609 73.19 14.82 -39.44
N ASN D 610 72.32 13.82 -39.21
CA ASN D 610 71.08 13.58 -39.97
C ASN D 610 71.37 13.43 -41.46
N GLY D 611 72.51 12.82 -41.78
CA GLY D 611 72.95 12.70 -43.15
C GLY D 611 73.46 13.97 -43.79
N VAL D 612 73.69 15.03 -43.01
CA VAL D 612 74.12 16.34 -43.50
C VAL D 612 75.47 16.64 -42.88
N ALA D 613 76.45 16.99 -43.71
CA ALA D 613 77.79 17.27 -43.24
C ALA D 613 77.94 18.72 -42.79
N VAL D 614 78.79 18.93 -41.80
CA VAL D 614 79.12 20.26 -41.29
C VAL D 614 80.59 20.51 -41.58
N ARG D 615 80.89 21.41 -42.53
CA ARG D 615 82.28 21.70 -42.82
C ARG D 615 82.87 22.78 -41.93
N SER D 616 82.11 23.30 -40.97
CA SER D 616 82.73 24.13 -39.94
C SER D 616 83.51 23.28 -38.94
N ASN D 617 83.15 22.01 -38.82
CA ASN D 617 83.82 21.08 -37.92
C ASN D 617 84.67 20.03 -38.62
N GLN D 618 84.48 19.82 -39.92
CA GLN D 618 85.22 18.77 -40.61
C GLN D 618 86.65 19.18 -40.94
N ASP D 619 86.91 20.47 -41.10
CA ASP D 619 88.25 20.94 -41.44
C ASP D 619 89.12 21.16 -40.22
N LEU D 620 88.54 21.46 -39.06
CA LEU D 620 89.35 21.69 -37.88
C LEU D 620 89.93 20.40 -37.30
N ILE D 621 89.33 19.25 -37.61
CA ILE D 621 89.96 18.00 -37.24
C ILE D 621 91.14 17.70 -38.18
N THR D 622 91.01 18.04 -39.46
CA THR D 622 92.05 17.76 -40.45
C THR D 622 93.28 18.65 -40.27
N GLU D 623 93.14 19.83 -39.69
CA GLU D 623 94.29 20.71 -39.51
C GLU D 623 94.88 20.65 -38.10
N ASN D 624 94.27 19.89 -37.20
CA ASN D 624 94.81 19.69 -35.85
C ASN D 624 95.24 18.27 -35.56
N LEU D 625 94.46 17.27 -35.96
CA LEU D 625 94.78 15.90 -35.60
C LEU D 625 95.73 15.26 -36.61
N LEU D 626 95.58 15.59 -37.89
CA LEU D 626 96.33 14.94 -38.97
C LEU D 626 97.75 15.45 -39.25
N PRO D 627 98.04 16.76 -39.38
CA PRO D 627 99.39 17.14 -39.85
C PRO D 627 100.49 16.99 -38.81
N GLY D 628 100.15 16.71 -37.55
CA GLY D 628 101.18 16.44 -36.57
C GLY D 628 101.85 15.10 -36.81
N ARG D 629 101.05 14.07 -37.12
CA ARG D 629 101.50 12.71 -37.47
C ARG D 629 102.33 12.06 -36.37
N GLU D 630 102.02 12.36 -35.11
CA GLU D 630 102.67 11.74 -33.97
C GLU D 630 101.69 11.11 -32.98
N LEU D 631 100.40 11.37 -33.10
CA LEU D 631 99.39 10.83 -32.19
C LEU D 631 98.69 9.60 -32.77
N LEU D 632 98.59 9.50 -34.09
CA LEU D 632 97.84 8.45 -34.77
C LEU D 632 98.77 7.56 -35.57
N LEU D 633 98.30 6.35 -35.85
CA LEU D 633 99.15 5.33 -36.47
C LEU D 633 99.29 5.57 -37.97
N GLN D 634 100.51 5.42 -38.47
CA GLN D 634 100.86 5.69 -39.86
C GLN D 634 101.09 4.38 -40.60
N THR D 635 100.89 4.42 -41.91
CA THR D 635 101.10 3.27 -42.79
C THR D 635 101.97 3.68 -43.97
N ASN D 636 102.84 2.77 -44.39
CA ASN D 636 103.69 2.96 -45.57
C ASN D 636 104.14 1.58 -46.04
N LEU D 637 104.37 1.47 -47.34
CA LEU D 637 104.95 0.26 -47.92
C LEU D 637 106.47 0.30 -47.80
N ILE D 638 107.05 -0.71 -47.17
CA ILE D 638 108.49 -0.80 -46.95
C ILE D 638 109.00 -2.10 -47.57
N ASN D 639 110.27 -2.09 -47.97
CA ASN D 639 110.90 -3.23 -48.60
C ASN D 639 111.44 -4.22 -47.57
N TYR D 640 111.78 -5.41 -48.04
CA TYR D 640 112.47 -6.43 -47.24
C TYR D 640 113.97 -6.38 -47.51
N VAL D 641 114.77 -6.66 -46.47
CA VAL D 641 116.21 -6.72 -46.55
C VAL D 641 116.71 -7.98 -45.85
N THR D 642 117.93 -8.41 -46.19
CA THR D 642 118.58 -9.54 -45.56
C THR D 642 119.94 -9.12 -45.02
N SER D 643 120.70 -10.10 -44.52
CA SER D 643 122.09 -9.93 -44.13
C SER D 643 122.80 -11.27 -44.26
N ILE D 644 124.01 -11.26 -44.83
CA ILE D 644 124.81 -12.47 -45.01
C ILE D 644 126.21 -12.20 -44.45
N ARG D 645 126.79 -13.22 -43.82
CA ARG D 645 128.14 -13.14 -43.29
C ARG D 645 129.00 -14.28 -43.82
N PRO D 646 130.32 -14.11 -43.80
CA PRO D 646 131.22 -15.27 -43.82
C PRO D 646 131.61 -15.67 -42.39
N ASN D 647 132.24 -16.84 -42.28
CA ASN D 647 132.61 -17.38 -40.96
C ASN D 647 133.97 -16.84 -40.54
N ILE D 648 134.05 -15.52 -40.43
CA ILE D 648 135.27 -14.81 -40.07
C ILE D 648 134.94 -13.94 -38.86
N PHE D 649 135.25 -14.44 -37.67
CA PHE D 649 134.99 -13.73 -36.42
C PHE D 649 136.29 -13.19 -35.85
N VAL D 650 136.29 -11.90 -35.49
CA VAL D 650 137.48 -11.18 -35.05
C VAL D 650 137.23 -10.64 -33.65
N GLY D 651 138.11 -10.98 -32.70
CA GLY D 651 137.93 -10.55 -31.33
C GLY D 651 139.23 -10.12 -30.67
N ARG D 652 139.08 -9.38 -29.58
CA ARG D 652 140.17 -8.93 -28.74
C ARG D 652 139.79 -9.17 -27.28
N ALA D 653 140.75 -9.64 -26.49
CA ALA D 653 140.57 -9.79 -25.05
C ALA D 653 141.90 -9.50 -24.35
N GLU D 654 142.02 -9.93 -23.09
CA GLU D 654 143.30 -9.81 -22.39
C GLU D 654 144.35 -10.69 -23.04
N GLY D 655 144.04 -11.96 -23.23
CA GLY D 655 144.85 -12.82 -24.09
C GLY D 655 144.21 -12.95 -25.46
N SER D 656 144.71 -12.17 -26.43
CA SER D 656 144.20 -12.19 -27.78
C SER D 656 145.13 -13.03 -28.66
N THR D 657 144.58 -14.06 -29.29
CA THR D 657 145.36 -14.96 -30.15
C THR D 657 145.25 -14.62 -31.63
N GLN D 658 144.36 -13.70 -32.01
CA GLN D 658 144.29 -13.20 -33.37
C GLN D 658 145.11 -11.92 -33.52
N TYR D 659 145.12 -11.38 -34.74
CA TYR D 659 145.94 -10.23 -35.04
C TYR D 659 145.33 -8.95 -34.47
N GLY D 660 144.07 -8.67 -34.84
CA GLY D 660 143.36 -7.49 -34.37
C GLY D 660 143.10 -6.44 -35.43
N LYS D 661 143.82 -6.48 -36.56
CA LYS D 661 143.62 -5.51 -37.64
C LYS D 661 143.56 -6.25 -38.97
N TRP D 662 142.41 -6.17 -39.65
CA TRP D 662 142.15 -6.93 -40.85
C TRP D 662 141.61 -6.04 -41.95
N TYR D 663 141.37 -6.63 -43.12
CA TYR D 663 140.97 -5.87 -44.30
C TYR D 663 140.25 -6.79 -45.27
N PHE D 664 139.19 -6.30 -45.89
CA PHE D 664 138.48 -7.02 -46.93
C PHE D 664 137.85 -6.02 -47.90
N GLU D 665 137.51 -6.51 -49.09
CA GLU D 665 136.96 -5.68 -50.15
C GLU D 665 135.63 -6.24 -50.62
N VAL D 666 134.79 -5.35 -51.16
CA VAL D 666 133.48 -5.70 -51.71
C VAL D 666 133.34 -5.00 -53.05
N MET D 667 133.07 -5.77 -54.10
CA MET D 667 132.95 -5.22 -55.45
C MET D 667 131.54 -5.45 -55.98
N VAL D 668 130.83 -4.36 -56.25
CA VAL D 668 129.47 -4.39 -56.78
C VAL D 668 129.54 -4.46 -58.30
N ASP D 669 128.59 -5.16 -58.93
CA ASP D 669 128.51 -5.21 -60.39
C ASP D 669 127.14 -4.89 -60.96
N GLU D 670 126.07 -4.98 -60.19
CA GLU D 670 124.72 -4.77 -60.73
C GLU D 670 123.81 -4.33 -59.59
N VAL D 671 123.19 -3.17 -59.75
CA VAL D 671 122.22 -2.63 -58.79
C VAL D 671 121.13 -1.92 -59.58
N VAL D 672 119.88 -2.31 -59.31
CA VAL D 672 118.73 -1.60 -59.88
C VAL D 672 118.48 -0.37 -59.00
N PRO D 673 118.37 0.84 -59.59
CA PRO D 673 118.17 2.04 -58.77
C PRO D 673 116.83 2.08 -58.06
N PHE D 674 115.74 1.84 -58.79
CA PHE D 674 114.39 1.89 -58.21
C PHE D 674 113.57 0.74 -58.79
N LEU D 675 113.55 -0.38 -58.05
CA LEU D 675 112.70 -1.50 -58.45
C LEU D 675 111.26 -1.31 -57.98
N THR D 676 111.07 -0.77 -56.77
CA THR D 676 109.75 -0.44 -56.25
C THR D 676 109.71 1.04 -55.89
N ALA D 677 108.69 1.47 -55.14
CA ALA D 677 108.52 2.89 -54.86
C ALA D 677 109.58 3.41 -53.90
N GLN D 678 110.06 2.57 -53.00
CA GLN D 678 111.15 2.95 -52.10
C GLN D 678 112.49 2.53 -52.71
N ALA D 679 113.54 3.25 -52.30
CA ALA D 679 114.86 3.02 -52.87
C ALA D 679 115.47 1.72 -52.36
N THR D 680 116.38 1.16 -53.16
CA THR D 680 117.03 -0.11 -52.83
C THR D 680 118.09 0.14 -51.76
N HIS D 681 117.85 -0.41 -50.57
CA HIS D 681 118.73 -0.21 -49.42
C HIS D 681 119.93 -1.14 -49.54
N LEU D 682 121.14 -0.57 -49.63
CA LEU D 682 122.36 -1.35 -49.75
C LEU D 682 123.50 -0.62 -49.03
N ARG D 683 123.94 -1.17 -47.89
CA ARG D 683 125.10 -0.66 -47.16
C ARG D 683 126.05 -1.83 -46.88
N VAL D 684 127.27 -1.48 -46.44
CA VAL D 684 128.37 -2.43 -46.26
C VAL D 684 129.08 -2.05 -44.97
N GLY D 685 129.46 -3.05 -44.18
CA GLY D 685 130.30 -2.79 -43.02
C GLY D 685 130.40 -3.98 -42.10
N TRP D 686 130.69 -3.69 -40.83
CA TRP D 686 130.86 -4.70 -39.79
C TRP D 686 129.71 -4.63 -38.78
N ALA D 687 129.67 -5.64 -37.91
CA ALA D 687 128.72 -5.72 -36.81
C ALA D 687 129.29 -6.64 -35.75
N LEU D 688 128.58 -6.77 -34.63
CA LEU D 688 128.92 -7.73 -33.59
C LEU D 688 127.89 -8.84 -33.49
N THR D 689 128.24 -9.85 -32.70
CA THR D 689 127.51 -11.11 -32.62
C THR D 689 126.18 -11.00 -31.87
N GLU D 690 126.23 -10.55 -30.61
CA GLU D 690 125.07 -10.70 -29.74
C GLU D 690 124.00 -9.64 -29.99
N GLY D 691 124.36 -8.50 -30.56
CA GLY D 691 123.39 -7.44 -30.73
C GLY D 691 122.74 -7.35 -32.09
N TYR D 692 123.54 -7.47 -33.14
CA TYR D 692 123.06 -7.32 -34.51
C TYR D 692 122.18 -8.51 -34.86
N SER D 693 120.87 -8.33 -34.71
CA SER D 693 119.87 -9.36 -35.01
C SER D 693 118.87 -8.76 -35.98
N PRO D 694 119.18 -8.73 -37.28
CA PRO D 694 118.23 -8.18 -38.25
C PRO D 694 117.08 -9.13 -38.55
N TYR D 695 115.90 -8.79 -38.06
CA TYR D 695 114.72 -9.61 -38.28
C TYR D 695 113.99 -9.14 -39.54
N PRO D 696 113.41 -10.08 -40.31
CA PRO D 696 112.75 -9.70 -41.57
C PRO D 696 111.48 -8.88 -41.37
N GLY D 697 110.75 -9.12 -40.30
CA GLY D 697 109.54 -8.37 -40.00
C GLY D 697 109.69 -7.63 -38.69
N GLY D 698 109.46 -6.32 -38.75
CA GLY D 698 109.51 -5.47 -37.58
C GLY D 698 110.92 -5.00 -37.26
N GLY D 699 111.00 -3.97 -36.43
CA GLY D 699 112.27 -3.44 -36.00
C GLY D 699 112.18 -1.98 -35.64
N GLU D 700 113.35 -1.36 -35.51
CA GLU D 700 113.44 0.04 -35.15
C GLU D 700 113.30 0.92 -36.38
N GLY D 701 112.89 2.17 -36.16
CA GLY D 701 112.62 3.08 -37.26
C GLY D 701 111.27 2.81 -37.89
N TRP D 702 111.15 3.17 -39.16
CA TRP D 702 109.92 2.86 -39.89
C TRP D 702 109.97 1.44 -40.43
N GLY D 703 111.14 0.98 -40.86
CA GLY D 703 111.30 -0.42 -41.19
C GLY D 703 112.45 -0.65 -42.14
N GLY D 704 112.65 -1.93 -42.44
CA GLY D 704 113.76 -2.36 -43.28
C GLY D 704 115.11 -2.24 -42.61
N ASN D 705 115.19 -2.70 -41.36
CA ASN D 705 116.41 -2.56 -40.56
C ASN D 705 117.52 -3.50 -41.04
N GLY D 706 118.70 -2.93 -41.26
CA GLY D 706 119.86 -3.69 -41.68
C GLY D 706 121.11 -3.22 -40.96
N VAL D 707 122.22 -3.12 -41.69
CA VAL D 707 123.44 -2.55 -41.13
C VAL D 707 123.25 -1.05 -40.91
N GLY D 708 123.80 -0.53 -39.82
CA GLY D 708 123.75 0.89 -39.54
C GLY D 708 122.55 1.38 -38.78
N ASP D 709 121.54 0.52 -38.56
CA ASP D 709 120.32 0.94 -37.87
C ASP D 709 120.36 0.69 -36.38
N ASP D 710 121.51 0.30 -35.83
CA ASP D 710 121.69 0.20 -34.39
C ASP D 710 123.11 0.62 -34.03
N LEU D 711 123.39 0.62 -32.72
CA LEU D 711 124.75 0.90 -32.26
C LEU D 711 125.68 -0.29 -32.42
N TYR D 712 125.14 -1.44 -32.81
CA TYR D 712 125.88 -2.69 -32.99
C TYR D 712 126.49 -2.84 -34.37
N SER D 713 125.99 -2.13 -35.37
CA SER D 713 126.46 -2.28 -36.74
C SER D 713 126.89 -0.93 -37.31
N TYR D 714 127.74 -0.99 -38.34
CA TYR D 714 128.35 0.22 -38.89
C TYR D 714 128.23 0.15 -40.41
N GLY D 715 127.29 0.92 -40.97
CA GLY D 715 127.02 0.87 -42.39
C GLY D 715 127.70 1.99 -43.17
N PHE D 716 127.73 1.81 -44.49
CA PHE D 716 128.31 2.79 -45.39
C PHE D 716 127.68 2.59 -46.76
N ASP D 717 126.97 3.59 -47.26
CA ASP D 717 126.28 3.50 -48.55
C ASP D 717 126.96 4.31 -49.64
N GLY D 718 128.10 4.92 -49.35
CA GLY D 718 128.76 5.76 -50.32
C GLY D 718 128.85 7.21 -49.88
N LEU D 719 127.76 7.73 -49.30
CA LEU D 719 127.80 9.12 -48.83
C LEU D 719 127.13 9.31 -47.47
N HIS D 720 126.72 8.26 -46.78
CA HIS D 720 126.24 8.35 -45.41
C HIS D 720 126.96 7.34 -44.54
N LEU D 721 127.30 7.74 -43.31
CA LEU D 721 127.90 6.84 -42.33
C LEU D 721 126.81 6.44 -41.34
N TRP D 722 126.22 5.27 -41.54
CA TRP D 722 125.06 4.84 -40.77
C TRP D 722 125.51 4.14 -39.49
N THR D 723 125.14 4.70 -38.34
CA THR D 723 125.20 4.00 -37.06
C THR D 723 124.15 4.58 -36.13
N GLY D 724 123.45 3.72 -35.41
CA GLY D 724 122.42 4.15 -34.48
C GLY D 724 121.20 4.78 -35.12
N HIS D 725 120.87 4.36 -36.35
CA HIS D 725 119.70 4.82 -37.11
C HIS D 725 119.71 6.34 -37.35
N VAL D 726 120.89 6.93 -37.49
CA VAL D 726 121.04 8.33 -37.87
C VAL D 726 122.10 8.42 -38.98
N ALA D 727 121.79 9.17 -40.04
CA ALA D 727 122.65 9.29 -41.21
C ALA D 727 123.59 10.47 -41.06
N ARG D 728 124.87 10.27 -41.35
CA ARG D 728 125.89 11.31 -41.27
C ARG D 728 126.44 11.54 -42.67
N PRO D 729 126.21 12.67 -43.33
CA PRO D 729 126.70 12.85 -44.70
C PRO D 729 128.17 13.24 -44.71
N VAL D 730 128.90 12.70 -45.70
CA VAL D 730 130.35 12.80 -45.74
C VAL D 730 130.73 13.82 -46.81
N THR D 731 132.02 14.13 -46.86
CA THR D 731 132.63 14.93 -47.92
C THR D 731 133.72 14.07 -48.56
N SER D 732 133.33 13.26 -49.55
CA SER D 732 134.26 12.41 -50.27
C SER D 732 134.33 12.86 -51.73
N PRO D 733 135.50 12.75 -52.37
CA PRO D 733 135.61 13.17 -53.78
C PRO D 733 134.82 12.25 -54.70
N GLY D 734 133.84 12.83 -55.39
CA GLY D 734 132.93 12.06 -56.21
C GLY D 734 131.93 11.28 -55.37
N GLN D 735 131.22 11.99 -54.50
CA GLN D 735 130.26 11.33 -53.62
C GLN D 735 129.00 10.91 -54.39
N HIS D 736 128.64 9.64 -54.24
CA HIS D 736 127.48 9.05 -54.90
C HIS D 736 127.15 7.77 -54.15
N LEU D 737 126.11 7.08 -54.60
CA LEU D 737 125.74 5.81 -53.98
C LEU D 737 126.66 4.70 -54.51
N LEU D 738 126.42 3.47 -54.07
CA LEU D 738 127.22 2.35 -54.54
C LEU D 738 126.73 1.95 -55.92
N ALA D 739 127.28 2.64 -56.92
CA ALA D 739 127.02 2.36 -58.32
C ALA D 739 127.64 1.02 -58.71
N PRO D 740 127.19 0.41 -59.82
CA PRO D 740 127.87 -0.78 -60.32
C PRO D 740 129.30 -0.50 -60.77
N GLU D 741 130.09 -1.59 -60.83
CA GLU D 741 131.53 -1.56 -61.09
C GLU D 741 132.28 -0.69 -60.09
N ASP D 742 131.90 -0.79 -58.81
CA ASP D 742 132.56 -0.05 -57.74
C ASP D 742 133.17 -1.02 -56.74
N VAL D 743 134.30 -0.62 -56.16
CA VAL D 743 135.00 -1.40 -55.16
C VAL D 743 134.98 -0.61 -53.86
N VAL D 744 134.26 -1.12 -52.87
CA VAL D 744 134.21 -0.52 -51.54
C VAL D 744 135.00 -1.40 -50.58
N SER D 745 135.89 -0.78 -49.81
CA SER D 745 136.76 -1.47 -48.89
C SER D 745 136.48 -1.02 -47.47
N CYS D 746 136.72 -1.92 -46.51
CA CYS D 746 136.48 -1.64 -45.11
C CYS D 746 137.71 -2.01 -44.30
N CYS D 747 138.32 -1.04 -43.65
CA CYS D 747 139.48 -1.27 -42.79
C CYS D 747 139.03 -1.42 -41.34
N LEU D 748 139.74 -2.27 -40.60
CA LEU D 748 139.40 -2.54 -39.21
C LEU D 748 140.67 -2.60 -38.37
N ASP D 749 140.58 -2.05 -37.16
CA ASP D 749 141.65 -2.13 -36.16
C ASP D 749 140.97 -2.18 -34.80
N LEU D 750 141.39 -3.14 -33.96
CA LEU D 750 140.88 -3.26 -32.60
C LEU D 750 141.88 -2.88 -31.52
N SER D 751 143.16 -2.68 -31.88
CA SER D 751 144.17 -2.29 -30.88
C SER D 751 143.86 -0.92 -30.31
N VAL D 752 143.71 0.08 -31.19
CA VAL D 752 142.95 1.28 -30.89
C VAL D 752 141.68 1.22 -31.73
N PRO D 753 140.51 1.62 -31.20
CA PRO D 753 139.30 1.61 -32.03
C PRO D 753 139.37 2.60 -33.18
N SER D 754 139.32 2.07 -34.41
CA SER D 754 139.21 2.88 -35.63
C SER D 754 138.70 1.97 -36.75
N ILE D 755 137.63 2.40 -37.41
CA ILE D 755 137.05 1.66 -38.54
C ILE D 755 137.00 2.62 -39.72
N SER D 756 137.82 2.35 -40.74
CA SER D 756 137.92 3.20 -41.92
C SER D 756 137.30 2.52 -43.13
N PHE D 757 136.87 3.35 -44.07
CA PHE D 757 136.28 2.90 -45.33
C PHE D 757 136.93 3.67 -46.46
N ARG D 758 137.23 2.99 -47.57
CA ARG D 758 137.74 3.65 -48.77
C ARG D 758 136.96 3.13 -49.97
N ILE D 759 136.49 4.04 -50.81
CA ILE D 759 135.67 3.71 -51.97
C ILE D 759 136.48 3.95 -53.24
N ASN D 760 136.64 2.89 -54.05
CA ASN D 760 137.38 2.88 -55.32
C ASN D 760 138.81 3.39 -55.17
N GLY D 761 139.49 3.01 -54.08
CA GLY D 761 140.86 3.40 -53.86
C GLY D 761 141.06 4.81 -53.34
N CYS D 762 140.00 5.55 -53.06
CA CYS D 762 140.10 6.85 -52.43
C CYS D 762 139.49 6.78 -51.04
N PRO D 763 140.21 7.24 -50.02
CA PRO D 763 139.67 7.13 -48.65
C PRO D 763 138.60 8.18 -48.38
N VAL D 764 137.69 7.85 -47.47
CA VAL D 764 136.66 8.77 -47.04
C VAL D 764 137.16 9.48 -45.79
N GLN D 765 136.58 10.65 -45.52
CA GLN D 765 136.93 11.44 -44.33
C GLN D 765 135.86 11.24 -43.26
N GLY D 766 135.78 10.00 -42.77
CA GLY D 766 134.93 9.67 -41.66
C GLY D 766 135.20 8.28 -41.10
N VAL D 767 135.43 8.20 -39.79
CA VAL D 767 135.80 6.96 -39.12
C VAL D 767 135.03 6.85 -37.80
N PHE D 768 134.92 5.61 -37.31
CA PHE D 768 134.24 5.29 -36.06
C PHE D 768 135.29 4.90 -35.02
N GLU D 769 135.27 5.58 -33.87
CA GLU D 769 136.13 5.20 -32.75
C GLU D 769 135.34 5.14 -31.46
N ALA D 770 136.06 4.73 -30.40
CA ALA D 770 135.57 4.60 -29.03
C ALA D 770 134.38 3.64 -28.92
N PHE D 771 134.31 2.66 -29.80
CA PHE D 771 133.22 1.69 -29.75
C PHE D 771 133.56 0.59 -28.75
N ASN D 772 132.53 -0.17 -28.38
CA ASN D 772 132.71 -1.27 -27.45
C ASN D 772 133.20 -2.51 -28.19
N LEU D 773 134.10 -3.26 -27.55
CA LEU D 773 134.67 -4.46 -28.15
C LEU D 773 134.21 -5.73 -27.47
N ASP D 774 133.13 -5.68 -26.68
CA ASP D 774 132.57 -6.87 -26.04
C ASP D 774 131.80 -7.66 -27.09
N GLY D 775 132.52 -8.50 -27.82
CA GLY D 775 131.94 -9.33 -28.85
C GLY D 775 132.95 -9.56 -29.95
N LEU D 776 132.47 -10.15 -31.05
CA LEU D 776 133.31 -10.47 -32.19
C LEU D 776 132.77 -9.81 -33.45
N PHE D 777 133.67 -9.43 -34.34
CA PHE D 777 133.31 -8.67 -35.54
C PHE D 777 133.36 -9.59 -36.75
N PHE D 778 132.48 -9.30 -37.72
CA PHE D 778 132.39 -10.09 -38.95
C PHE D 778 131.81 -9.20 -40.05
N PRO D 779 132.20 -9.42 -41.30
CA PRO D 779 131.67 -8.58 -42.39
C PRO D 779 130.21 -8.89 -42.69
N VAL D 780 129.39 -7.85 -42.79
CA VAL D 780 127.99 -7.98 -43.16
C VAL D 780 127.66 -7.00 -44.29
N VAL D 781 126.91 -7.49 -45.28
CA VAL D 781 126.26 -6.65 -46.28
C VAL D 781 124.77 -6.84 -46.11
N SER D 782 123.99 -5.80 -46.42
CA SER D 782 122.54 -5.88 -46.38
C SER D 782 122.00 -5.29 -47.67
N PHE D 783 121.24 -6.08 -48.43
CA PHE D 783 120.76 -5.66 -49.73
C PHE D 783 119.25 -5.83 -49.83
N SER D 784 118.63 -4.94 -50.58
CA SER D 784 117.21 -5.01 -50.88
C SER D 784 117.01 -5.79 -52.18
N ALA D 785 115.83 -5.70 -52.78
CA ALA D 785 115.53 -6.47 -53.98
C ALA D 785 116.25 -5.89 -55.19
N GLY D 786 116.86 -6.77 -55.98
CA GLY D 786 117.51 -6.37 -57.22
C GLY D 786 118.95 -5.93 -57.07
N VAL D 787 119.73 -6.66 -56.28
CA VAL D 787 121.13 -6.32 -56.02
C VAL D 787 121.98 -7.58 -56.17
N LYS D 788 122.91 -7.55 -57.13
CA LYS D 788 123.97 -8.55 -57.23
C LYS D 788 125.28 -7.91 -56.79
N VAL D 789 126.02 -8.58 -55.90
CA VAL D 789 127.26 -8.04 -55.37
C VAL D 789 128.21 -9.20 -55.09
N ARG D 790 129.51 -8.96 -55.28
CA ARG D 790 130.54 -9.97 -55.10
C ARG D 790 131.40 -9.62 -53.89
N PHE D 791 131.91 -10.65 -53.22
CA PHE D 791 132.77 -10.47 -52.05
C PHE D 791 134.22 -10.78 -52.41
N LEU D 792 135.14 -10.01 -51.82
CA LEU D 792 136.58 -10.14 -52.01
C LEU D 792 137.19 -10.26 -50.61
N LEU D 793 137.31 -11.48 -50.11
CA LEU D 793 137.76 -11.68 -48.74
C LEU D 793 139.27 -11.85 -48.64
N GLY D 794 139.86 -12.65 -49.53
CA GLY D 794 141.29 -12.87 -49.50
C GLY D 794 141.82 -13.17 -50.88
N GLY D 795 143.12 -13.42 -50.96
CA GLY D 795 143.75 -13.73 -52.23
C GLY D 795 143.42 -15.11 -52.75
N ARG D 796 143.13 -16.06 -51.84
CA ARG D 796 142.79 -17.41 -52.26
C ARG D 796 141.36 -17.51 -52.75
N HIS D 797 140.46 -16.68 -52.21
CA HIS D 797 139.05 -16.71 -52.58
C HIS D 797 138.66 -15.64 -53.58
N GLY D 798 139.39 -14.52 -53.61
CA GLY D 798 139.14 -13.47 -54.58
C GLY D 798 140.42 -12.79 -55.03
N GLU D 799 140.30 -11.67 -55.73
CA GLU D 799 141.44 -10.91 -56.22
C GLU D 799 141.29 -9.46 -55.76
N PHE D 800 142.21 -9.00 -54.92
CA PHE D 800 142.15 -7.63 -54.44
C PHE D 800 142.54 -6.68 -55.56
N LYS D 801 141.61 -5.81 -55.95
CA LYS D 801 141.91 -4.82 -56.97
C LYS D 801 142.76 -3.68 -56.44
N PHE D 802 142.80 -3.51 -55.12
CA PHE D 802 143.65 -2.53 -54.47
C PHE D 802 144.47 -3.23 -53.40
N LEU D 803 145.72 -2.82 -53.28
CA LEU D 803 146.61 -3.45 -52.31
C LEU D 803 146.30 -2.90 -50.92
N PRO D 804 146.31 -3.75 -49.88
CA PRO D 804 145.93 -3.28 -48.55
C PRO D 804 147.03 -2.37 -47.96
N PRO D 805 146.66 -1.53 -47.01
CA PRO D 805 147.68 -0.72 -46.30
C PRO D 805 148.60 -1.60 -45.47
N PRO D 806 149.82 -1.13 -45.17
CA PRO D 806 150.76 -1.95 -44.39
C PRO D 806 150.29 -2.14 -42.95
N GLY D 807 150.12 -3.41 -42.58
CA GLY D 807 149.61 -3.76 -41.27
C GLY D 807 148.21 -4.33 -41.26
N TYR D 808 147.54 -4.37 -42.40
CA TYR D 808 146.20 -4.92 -42.51
C TYR D 808 146.26 -6.21 -43.34
N ALA D 809 145.99 -7.34 -42.69
CA ALA D 809 145.97 -8.68 -43.24
C ALA D 809 144.64 -8.94 -43.96
N PRO D 810 144.66 -9.77 -45.02
CA PRO D 810 143.40 -10.10 -45.70
C PRO D 810 142.51 -10.96 -44.83
N CYS D 811 141.21 -10.88 -45.10
CA CYS D 811 140.20 -11.42 -44.18
C CYS D 811 140.08 -12.94 -44.26
N HIS D 812 140.73 -13.58 -45.23
CA HIS D 812 140.65 -15.03 -45.40
C HIS D 812 141.54 -15.81 -44.43
N GLU D 813 142.36 -15.15 -43.62
CA GLU D 813 143.28 -15.85 -42.74
C GLU D 813 142.67 -16.17 -41.37
N ALA D 814 141.57 -15.54 -40.99
CA ALA D 814 141.00 -15.73 -39.67
C ALA D 814 139.95 -16.83 -39.63
N VAL D 815 139.86 -17.65 -40.68
CA VAL D 815 138.95 -18.79 -40.64
C VAL D 815 139.54 -19.89 -39.76
N LEU D 816 138.68 -20.54 -38.99
CA LEU D 816 139.11 -21.56 -38.05
C LEU D 816 139.43 -22.87 -38.77
N PRO D 817 140.32 -23.70 -38.22
CA PRO D 817 140.67 -24.96 -38.91
C PRO D 817 139.55 -26.00 -38.89
N ARG D 818 138.53 -25.83 -38.06
CA ARG D 818 137.42 -26.78 -37.96
C ARG D 818 136.24 -26.33 -38.84
N GLU D 819 136.48 -25.42 -39.77
CA GLU D 819 135.37 -24.88 -40.55
C GLU D 819 135.88 -24.38 -41.89
N ARG D 820 135.10 -24.62 -42.93
CA ARG D 820 135.33 -24.04 -44.24
C ARG D 820 134.51 -22.76 -44.38
N LEU D 821 134.93 -21.89 -45.28
CA LEU D 821 134.33 -20.56 -45.37
C LEU D 821 133.01 -20.66 -46.14
N ARG D 822 131.93 -20.24 -45.48
CA ARG D 822 130.56 -20.39 -45.95
C ARG D 822 129.94 -19.00 -46.00
N LEU D 823 128.80 -18.86 -46.67
CA LEU D 823 127.99 -17.63 -46.64
C LEU D 823 126.64 -17.98 -46.04
N GLU D 824 126.40 -17.51 -44.82
CA GLU D 824 125.23 -17.88 -44.04
C GLU D 824 124.52 -16.64 -43.52
N PRO D 825 123.20 -16.70 -43.33
CA PRO D 825 122.49 -15.60 -42.67
C PRO D 825 122.68 -15.65 -41.16
N ILE D 826 122.11 -14.64 -40.50
CA ILE D 826 122.28 -14.41 -39.07
C ILE D 826 120.91 -14.46 -38.40
N LYS D 827 120.82 -15.17 -37.27
CA LYS D 827 119.65 -15.21 -36.38
C LYS D 827 118.41 -15.74 -37.10
N GLU D 828 118.62 -16.74 -37.96
CA GLU D 828 117.57 -17.27 -38.81
C GLU D 828 116.57 -18.11 -38.02
N TYR D 829 115.40 -18.29 -38.62
CA TYR D 829 114.38 -19.19 -38.11
C TYR D 829 113.69 -20.00 -39.21
N ARG D 830 113.89 -19.64 -40.48
CA ARG D 830 113.32 -20.35 -41.61
C ARG D 830 114.42 -20.67 -42.60
N ARG D 831 114.61 -21.95 -42.89
CA ARG D 831 115.56 -22.41 -43.89
C ARG D 831 114.85 -23.31 -44.88
N GLU D 832 114.99 -23.02 -46.17
CA GLU D 832 114.31 -23.80 -47.20
C GLU D 832 114.98 -25.16 -47.38
N GLY D 833 114.16 -26.19 -47.50
CA GLY D 833 114.66 -27.55 -47.63
C GLY D 833 113.99 -28.31 -48.75
N PRO D 834 114.36 -29.58 -48.92
CA PRO D 834 113.76 -30.37 -50.01
C PRO D 834 112.30 -30.72 -49.78
N ARG D 835 111.94 -31.11 -48.56
CA ARG D 835 110.56 -31.45 -48.25
C ARG D 835 109.84 -30.25 -47.63
N PRO D 837 109.89 -26.03 -46.06
CA PRO D 837 110.75 -25.12 -45.29
C PRO D 837 111.04 -25.64 -43.89
N HIS D 838 112.31 -25.77 -43.55
CA HIS D 838 112.73 -26.28 -42.25
C HIS D 838 112.85 -25.14 -41.24
N LEU D 839 112.45 -25.43 -40.00
CA LEU D 839 112.57 -24.48 -38.90
C LEU D 839 113.81 -24.81 -38.10
N VAL D 840 114.65 -23.81 -37.86
CA VAL D 840 115.90 -23.99 -37.15
C VAL D 840 115.78 -23.39 -35.77
N GLY D 841 116.77 -23.69 -34.92
CA GLY D 841 116.87 -23.08 -33.61
C GLY D 841 117.90 -21.98 -33.59
N PRO D 842 118.18 -21.43 -32.40
CA PRO D 842 119.20 -20.38 -32.29
C PRO D 842 120.60 -20.97 -32.38
N SER D 843 121.46 -20.34 -33.17
CA SER D 843 122.81 -20.82 -33.36
C SER D 843 123.69 -20.46 -32.17
N ARG D 844 124.58 -21.38 -31.81
CA ARG D 844 125.53 -21.17 -30.72
C ARG D 844 126.81 -20.57 -31.30
N CYS D 845 126.87 -19.24 -31.30
CA CYS D 845 128.03 -18.55 -31.82
C CYS D 845 129.15 -18.51 -30.77
N LEU D 846 130.34 -18.12 -31.23
CA LEU D 846 131.52 -18.16 -30.37
C LEU D 846 131.49 -17.03 -29.34
N SER D 847 131.95 -17.36 -28.13
CA SER D 847 131.97 -16.40 -27.04
C SER D 847 133.21 -15.52 -27.13
N HIS D 848 133.22 -14.47 -26.31
CA HIS D 848 134.33 -13.52 -26.32
C HIS D 848 135.58 -14.12 -25.66
N THR D 849 135.41 -14.78 -24.52
CA THR D 849 136.52 -15.41 -23.81
C THR D 849 136.69 -16.87 -24.16
N ASP D 850 136.26 -17.29 -25.34
CA ASP D 850 136.48 -18.66 -25.80
C ASP D 850 137.78 -18.82 -26.57
N PHE D 851 138.27 -17.74 -27.20
CA PHE D 851 139.52 -17.81 -27.94
C PHE D 851 140.73 -17.72 -27.02
N VAL D 852 140.56 -17.26 -25.80
CA VAL D 852 141.70 -17.13 -24.88
C VAL D 852 142.07 -18.51 -24.36
N PRO D 853 143.36 -18.82 -24.22
CA PRO D 853 143.74 -20.09 -23.59
C PRO D 853 143.81 -19.97 -22.08
N CYS D 854 143.38 -21.03 -21.40
CA CYS D 854 143.33 -21.01 -19.95
C CYS D 854 144.30 -22.02 -19.35
N PRO D 855 145.03 -21.67 -18.28
CA PRO D 855 145.99 -22.56 -17.62
C PRO D 855 145.31 -23.61 -16.74
N ILE D 861 153.13 -26.08 -7.87
CA ILE D 861 153.09 -26.82 -6.62
C ILE D 861 154.44 -27.47 -6.33
N VAL D 862 154.57 -28.05 -5.14
CA VAL D 862 155.74 -28.83 -4.77
C VAL D 862 155.57 -30.24 -5.31
N LEU D 863 156.66 -30.99 -5.43
CA LEU D 863 156.64 -32.35 -5.96
C LEU D 863 157.34 -33.27 -4.98
N PRO D 864 156.70 -34.37 -4.54
CA PRO D 864 157.29 -35.23 -3.51
C PRO D 864 158.48 -36.02 -4.05
N PRO D 865 159.38 -36.49 -3.18
CA PRO D 865 160.58 -37.20 -3.67
C PRO D 865 160.31 -38.57 -4.28
N HIS D 866 159.15 -39.18 -4.03
CA HIS D 866 158.87 -40.49 -4.63
C HIS D 866 158.58 -40.40 -6.11
N LEU D 867 158.16 -39.24 -6.60
CA LEU D 867 157.95 -39.01 -8.03
C LEU D 867 159.03 -38.15 -8.66
N GLU D 868 160.03 -37.72 -7.89
CA GLU D 868 161.11 -36.94 -8.47
C GLU D 868 162.16 -37.83 -9.13
N ARG D 869 162.32 -39.07 -8.66
CA ARG D 869 163.25 -39.99 -9.28
C ARG D 869 162.68 -40.61 -10.56
N ILE D 870 161.36 -40.67 -10.68
CA ILE D 870 160.73 -41.26 -11.86
C ILE D 870 160.67 -40.28 -13.02
N ARG D 871 160.97 -39.00 -12.78
CA ARG D 871 160.95 -38.01 -13.85
C ARG D 871 162.10 -38.22 -14.82
N GLU D 872 163.24 -38.73 -14.33
CA GLU D 872 164.34 -39.07 -15.22
C GLU D 872 164.08 -40.36 -15.97
N LYS D 873 163.37 -41.30 -15.34
CA LYS D 873 163.08 -42.58 -16.01
C LYS D 873 162.02 -42.41 -17.08
N LEU D 874 161.10 -41.45 -16.90
CA LEU D 874 160.13 -41.13 -17.94
C LEU D 874 160.75 -40.30 -19.05
N ALA D 875 161.77 -39.50 -18.72
CA ALA D 875 162.41 -38.65 -19.72
C ALA D 875 163.29 -39.46 -20.66
N GLU D 876 163.94 -40.50 -20.13
CA GLU D 876 164.68 -41.43 -20.98
C GLU D 876 163.74 -42.34 -21.75
N ASN D 877 162.53 -42.56 -21.21
CA ASN D 877 161.54 -43.36 -21.90
C ASN D 877 160.98 -42.62 -23.12
N ILE D 878 160.75 -41.32 -22.99
CA ILE D 878 160.22 -40.54 -24.10
C ILE D 878 161.29 -40.33 -25.16
N HIS D 879 162.55 -40.21 -24.73
CA HIS D 879 163.65 -40.10 -25.67
C HIS D 879 163.89 -41.44 -26.38
N GLU D 880 163.60 -42.55 -25.71
CA GLU D 880 163.68 -43.85 -26.37
C GLU D 880 162.50 -44.05 -27.32
N LEU D 881 161.34 -43.46 -26.99
CA LEU D 881 160.19 -43.56 -27.90
C LEU D 881 160.33 -42.58 -29.07
N TRP D 882 161.02 -41.47 -28.85
CA TRP D 882 161.24 -40.52 -29.94
C TRP D 882 162.29 -41.05 -30.92
N ALA D 883 163.29 -41.78 -30.41
CA ALA D 883 164.32 -42.33 -31.27
C ALA D 883 163.83 -43.58 -32.00
N LEU D 884 162.80 -44.24 -31.47
CA LEU D 884 162.28 -45.44 -32.12
C LEU D 884 161.46 -45.08 -33.36
N THR D 885 160.65 -44.04 -33.28
CA THR D 885 159.84 -43.63 -34.43
C THR D 885 160.71 -42.90 -35.46
N ARG D 886 161.75 -42.20 -35.00
CA ARG D 886 162.60 -41.45 -35.91
C ARG D 886 163.47 -42.37 -36.76
N ILE D 887 163.93 -43.49 -36.18
CA ILE D 887 164.65 -44.49 -36.97
C ILE D 887 163.71 -45.28 -37.87
N GLU D 888 162.42 -45.33 -37.49
CA GLU D 888 161.44 -46.07 -38.27
C GLU D 888 161.06 -45.33 -39.55
N GLN D 889 161.07 -43.99 -39.50
CA GLN D 889 160.72 -43.22 -40.70
C GLN D 889 161.96 -42.81 -41.47
N GLY D 890 163.11 -42.66 -40.81
CA GLY D 890 164.35 -42.46 -41.56
C GLY D 890 165.44 -41.58 -40.96
N TRP D 891 165.28 -41.12 -39.72
CA TRP D 891 166.33 -40.34 -39.09
C TRP D 891 167.47 -41.25 -38.64
N THR D 892 168.68 -40.68 -38.62
CA THR D 892 169.87 -41.42 -38.25
C THR D 892 170.70 -40.60 -37.27
N TYR D 893 171.66 -41.28 -36.64
CA TYR D 893 172.59 -40.65 -35.72
C TYR D 893 173.62 -39.84 -36.52
N GLY D 894 173.79 -38.57 -36.12
CA GLY D 894 174.80 -37.74 -36.71
C GLY D 894 175.25 -36.65 -35.76
N PRO D 895 176.44 -36.08 -36.02
CA PRO D 895 176.89 -34.95 -35.19
C PRO D 895 176.18 -33.66 -35.53
N VAL D 896 175.85 -33.45 -36.80
CA VAL D 896 175.13 -32.26 -37.24
C VAL D 896 173.64 -32.57 -37.27
N ARG D 897 172.83 -31.52 -37.20
CA ARG D 897 171.38 -31.64 -37.20
C ARG D 897 170.82 -31.10 -38.51
N ASP D 898 170.06 -31.93 -39.22
CA ASP D 898 169.45 -31.56 -40.49
C ASP D 898 168.13 -32.31 -40.65
N ASP D 899 167.07 -31.57 -41.01
CA ASP D 899 165.77 -32.19 -41.22
C ASP D 899 165.65 -32.78 -42.61
N ASN D 900 166.20 -32.09 -43.61
CA ASN D 900 166.11 -32.58 -44.99
C ASN D 900 167.03 -33.76 -45.22
N LYS D 901 168.19 -33.79 -44.54
CA LYS D 901 169.09 -34.92 -44.64
C LYS D 901 168.74 -36.04 -43.65
N ARG D 902 167.72 -35.84 -42.82
CA ARG D 902 167.23 -36.78 -41.82
C ARG D 902 168.34 -37.16 -40.82
N LEU D 903 168.80 -36.15 -40.09
CA LEU D 903 169.85 -36.30 -39.08
C LEU D 903 169.26 -36.01 -37.72
N HIS D 904 169.43 -36.94 -36.79
CA HIS D 904 168.94 -36.80 -35.43
C HIS D 904 170.13 -36.79 -34.47
N PRO D 905 170.35 -35.70 -33.73
CA PRO D 905 171.51 -35.65 -32.83
C PRO D 905 171.32 -36.47 -31.57
N CYS D 906 170.10 -36.62 -31.07
CA CYS D 906 169.83 -37.35 -29.84
C CYS D 906 169.25 -38.74 -30.10
N LEU D 907 169.68 -39.40 -31.18
CA LEU D 907 169.15 -40.69 -31.56
C LEU D 907 169.86 -41.87 -30.89
N VAL D 908 171.01 -41.64 -30.25
CA VAL D 908 171.73 -42.72 -29.59
C VAL D 908 171.08 -43.06 -28.27
N ASN D 909 171.09 -42.10 -27.34
CA ASN D 909 170.61 -42.34 -25.98
C ASN D 909 170.26 -40.99 -25.34
N PHE D 910 169.73 -41.05 -24.13
CA PHE D 910 169.40 -39.84 -23.40
C PHE D 910 170.66 -39.18 -22.84
N HIS D 911 171.62 -39.99 -22.39
CA HIS D 911 172.89 -39.44 -21.91
C HIS D 911 173.76 -38.95 -23.06
N SER D 912 173.58 -39.51 -24.25
CA SER D 912 174.33 -39.05 -25.42
C SER D 912 173.76 -37.77 -26.00
N LEU D 913 172.55 -37.37 -25.59
CA LEU D 913 172.01 -36.08 -25.96
C LEU D 913 172.81 -34.97 -25.28
N PRO D 914 172.89 -33.79 -25.90
CA PRO D 914 173.58 -32.67 -25.26
C PRO D 914 172.79 -32.15 -24.06
N GLU D 915 173.43 -31.22 -23.34
CA GLU D 915 172.81 -30.68 -22.13
C GLU D 915 171.57 -29.81 -22.37
N PRO D 916 171.49 -28.91 -23.38
CA PRO D 916 170.21 -28.22 -23.58
C PRO D 916 169.08 -29.13 -24.08
N GLU D 917 169.43 -30.27 -24.66
CA GLU D 917 168.41 -31.29 -24.98
C GLU D 917 167.99 -32.04 -23.72
N ARG D 918 168.91 -32.19 -22.76
CA ARG D 918 168.61 -32.99 -21.58
C ARG D 918 167.76 -32.22 -20.58
N ASN D 919 168.12 -30.96 -20.29
CA ASN D 919 167.33 -30.18 -19.34
C ASN D 919 166.00 -29.73 -19.92
N TYR D 920 165.88 -29.69 -21.25
CA TYR D 920 164.58 -29.44 -21.87
C TYR D 920 163.63 -30.60 -21.62
N ASN D 921 164.15 -31.82 -21.61
CA ASN D 921 163.30 -33.00 -21.41
C ASN D 921 162.83 -33.05 -19.96
N LEU D 922 163.70 -32.64 -19.03
CA LEU D 922 163.35 -32.74 -17.61
C LEU D 922 162.42 -31.62 -17.17
N GLN D 923 162.49 -30.44 -17.80
CA GLN D 923 161.51 -29.41 -17.46
C GLN D 923 160.17 -29.73 -18.11
N MET D 924 160.20 -30.37 -19.28
CA MET D 924 158.97 -30.85 -19.89
C MET D 924 158.42 -32.05 -19.15
N SER D 925 159.31 -32.90 -18.61
CA SER D 925 158.86 -33.95 -17.70
C SER D 925 158.46 -33.34 -16.36
N GLY D 926 159.15 -32.27 -15.96
CA GLY D 926 158.79 -31.58 -14.73
C GLY D 926 157.50 -30.80 -14.84
N GLU D 927 157.10 -30.47 -16.08
CA GLU D 927 155.82 -29.80 -16.26
C GLU D 927 154.66 -30.78 -16.27
N THR D 928 154.84 -31.94 -16.91
CA THR D 928 153.69 -32.81 -17.18
C THR D 928 153.27 -33.60 -15.94
N LEU D 929 154.16 -33.76 -14.96
CA LEU D 929 153.72 -34.27 -13.67
C LEU D 929 153.31 -33.13 -12.74
N LYS D 930 153.72 -31.89 -13.06
CA LYS D 930 153.23 -30.75 -12.28
C LYS D 930 151.75 -30.50 -12.55
N THR D 931 151.31 -30.73 -13.79
CA THR D 931 149.88 -30.65 -14.10
C THR D 931 149.15 -31.95 -13.83
N LEU D 932 149.87 -33.03 -13.48
CA LEU D 932 149.22 -34.32 -13.26
C LEU D 932 148.47 -34.33 -11.93
N LEU D 933 149.12 -33.89 -10.85
CA LEU D 933 148.42 -33.75 -9.59
C LEU D 933 147.79 -32.36 -9.46
N ALA D 934 147.86 -31.53 -10.50
CA ALA D 934 147.13 -30.26 -10.51
C ALA D 934 145.66 -30.43 -10.88
N LEU D 935 145.29 -31.47 -11.63
CA LEU D 935 143.87 -31.71 -11.90
C LEU D 935 143.17 -32.35 -10.70
N GLY D 936 143.92 -33.06 -9.87
CA GLY D 936 143.36 -33.72 -8.70
C GLY D 936 143.41 -35.23 -8.70
N CYS D 937 144.11 -35.85 -9.66
CA CYS D 937 144.24 -37.30 -9.68
C CYS D 937 145.30 -37.73 -8.67
N HIS D 938 144.94 -38.66 -7.79
CA HIS D 938 145.85 -39.14 -6.76
C HIS D 938 146.74 -40.25 -7.31
N VAL D 939 148.04 -40.13 -7.08
CA VAL D 939 149.00 -41.17 -7.46
C VAL D 939 149.61 -41.76 -6.19
N GLY D 940 149.95 -43.05 -6.27
CA GLY D 940 150.73 -43.71 -5.24
C GLY D 940 151.82 -44.55 -5.86
N MET D 941 152.79 -44.93 -5.04
CA MET D 941 153.93 -45.72 -5.50
C MET D 941 153.87 -47.10 -4.89
N ALA D 942 153.67 -48.11 -5.72
CA ALA D 942 153.58 -49.50 -5.27
C ALA D 942 153.98 -50.42 -6.41
N ASP D 943 154.21 -51.69 -6.05
CA ASP D 943 154.61 -52.76 -6.98
C ASP D 943 155.89 -52.40 -7.73
N GLU D 944 156.95 -52.14 -6.95
CA GLU D 944 158.24 -51.80 -7.54
C GLU D 944 158.94 -53.03 -8.09
N LYS D 945 158.66 -54.20 -7.51
CA LYS D 945 159.26 -55.45 -7.99
C LYS D 945 158.67 -55.89 -9.32
N ALA D 946 157.39 -55.58 -9.55
CA ALA D 946 156.77 -55.92 -10.83
C ALA D 946 157.24 -54.99 -11.94
N GLU D 947 157.65 -53.77 -11.59
CA GLU D 947 158.18 -52.85 -12.59
C GLU D 947 159.61 -53.22 -12.97
N ASP D 948 160.40 -53.68 -11.99
CA ASP D 948 161.76 -54.13 -12.27
C ASP D 948 161.77 -55.47 -13.00
N ASN D 949 160.70 -56.26 -12.85
CA ASN D 949 160.59 -57.51 -13.61
C ASN D 949 160.22 -57.24 -15.06
N LEU D 950 159.67 -56.07 -15.36
CA LEU D 950 159.34 -55.72 -16.72
C LEU D 950 160.61 -55.36 -17.50
N LYS D 951 160.74 -55.95 -18.69
CA LYS D 951 161.90 -55.75 -19.54
C LYS D 951 161.55 -54.75 -20.65
N LYS D 952 162.51 -54.53 -21.54
CA LYS D 952 162.28 -53.68 -22.69
C LYS D 952 161.48 -54.41 -23.76
N THR D 953 160.95 -53.63 -24.70
CA THR D 953 160.22 -54.18 -25.84
C THR D 953 161.17 -54.84 -26.82
N LYS D 954 160.65 -55.79 -27.59
CA LYS D 954 161.48 -56.50 -28.56
C LYS D 954 161.73 -55.65 -29.79
N LEU D 955 162.97 -55.65 -30.26
CA LEU D 955 163.38 -54.87 -31.42
C LEU D 955 164.04 -55.83 -32.42
N PRO D 956 163.56 -55.88 -33.66
CA PRO D 956 164.12 -56.81 -34.64
C PRO D 956 165.33 -56.21 -35.36
N LYS D 957 165.77 -56.92 -36.41
CA LYS D 957 166.92 -56.49 -37.20
C LYS D 957 166.60 -55.26 -38.04
N THR D 958 165.35 -55.14 -38.50
CA THR D 958 164.92 -53.95 -39.23
C THR D 958 164.66 -52.77 -38.30
N TYR D 959 164.55 -53.01 -36.99
CA TYR D 959 164.25 -51.93 -36.07
C TYR D 959 165.48 -51.09 -35.73
N MET D 960 166.68 -51.68 -35.74
CA MET D 960 167.87 -50.88 -35.46
C MET D 960 168.26 -50.07 -36.69
N MET D 961 168.75 -48.85 -36.45
CA MET D 961 169.02 -47.89 -37.50
C MET D 961 170.37 -48.16 -38.16
N SER D 962 170.81 -47.21 -38.99
CA SER D 962 172.03 -47.38 -39.76
C SER D 962 173.29 -47.16 -38.94
N ASN D 963 173.19 -46.54 -37.76
CA ASN D 963 174.37 -46.33 -36.93
C ASN D 963 174.80 -47.57 -36.18
N GLY D 964 173.86 -48.47 -35.89
CA GLY D 964 174.14 -49.65 -35.09
C GLY D 964 173.63 -49.61 -33.67
N TYR D 965 173.00 -48.50 -33.26
CA TYR D 965 172.49 -48.35 -31.91
C TYR D 965 170.98 -48.12 -31.97
N LYS D 966 170.24 -48.85 -31.13
CA LYS D 966 168.79 -48.75 -31.08
C LYS D 966 168.31 -48.38 -29.68
N PRO D 967 167.24 -47.61 -29.57
CA PRO D 967 166.62 -47.40 -28.26
C PRO D 967 165.86 -48.64 -27.81
N ALA D 968 165.76 -48.80 -26.49
CA ALA D 968 165.06 -49.93 -25.88
C ALA D 968 163.94 -49.38 -25.00
N PRO D 969 162.77 -49.08 -25.58
CA PRO D 969 161.69 -48.53 -24.78
C PRO D 969 160.98 -49.59 -23.95
N LEU D 970 160.29 -49.12 -22.92
CA LEU D 970 159.57 -50.01 -22.04
C LEU D 970 158.30 -50.54 -22.72
N ASP D 971 158.08 -51.84 -22.60
CA ASP D 971 156.89 -52.45 -23.19
C ASP D 971 155.67 -52.15 -22.33
N LEU D 972 154.62 -51.62 -22.97
CA LEU D 972 153.37 -51.31 -22.28
C LEU D 972 152.22 -52.16 -22.79
N SER D 973 152.52 -53.30 -23.41
CA SER D 973 151.52 -54.19 -24.00
C SER D 973 150.77 -55.01 -22.97
N HIS D 974 151.31 -55.15 -21.76
CA HIS D 974 150.62 -55.84 -20.69
C HIS D 974 149.53 -54.97 -20.06
N VAL D 975 149.65 -53.65 -20.17
CA VAL D 975 148.73 -52.71 -19.55
C VAL D 975 147.83 -52.12 -20.62
N ARG D 976 146.52 -52.14 -20.36
CA ARG D 976 145.52 -51.57 -21.26
C ARG D 976 144.93 -50.31 -20.63
N LEU D 977 144.67 -49.31 -21.46
CA LEU D 977 144.13 -48.05 -20.96
C LEU D 977 142.62 -48.13 -20.84
N THR D 978 142.11 -47.54 -19.77
CA THR D 978 140.69 -47.46 -19.44
C THR D 978 140.11 -46.16 -19.95
N PRO D 979 138.78 -46.07 -20.12
CA PRO D 979 138.20 -44.78 -20.54
C PRO D 979 138.31 -43.67 -19.50
N ALA D 980 138.55 -44.00 -18.23
CA ALA D 980 138.88 -42.98 -17.24
C ALA D 980 140.25 -42.35 -17.55
N GLN D 981 141.19 -43.15 -18.06
CA GLN D 981 142.47 -42.59 -18.49
C GLN D 981 142.37 -41.96 -19.87
N THR D 982 141.39 -42.39 -20.67
CA THR D 982 141.18 -41.78 -21.97
C THR D 982 140.64 -40.35 -21.83
N THR D 983 139.87 -40.09 -20.78
CA THR D 983 139.37 -38.75 -20.54
C THR D 983 140.47 -37.87 -19.95
N LEU D 984 141.38 -38.46 -19.18
CA LEU D 984 142.47 -37.69 -18.58
C LEU D 984 143.58 -37.40 -19.59
N VAL D 985 143.79 -38.29 -20.56
CA VAL D 985 144.81 -38.04 -21.58
C VAL D 985 144.33 -36.98 -22.56
N ASP D 986 143.02 -36.73 -22.64
CA ASP D 986 142.54 -35.56 -23.37
C ASP D 986 142.68 -34.30 -22.53
N ARG D 987 142.54 -34.42 -21.20
CA ARG D 987 142.62 -33.23 -20.34
C ARG D 987 144.06 -32.79 -20.13
N LEU D 988 145.00 -33.74 -20.13
CA LEU D 988 146.41 -33.38 -20.06
C LEU D 988 146.90 -32.80 -21.39
N ALA D 989 146.34 -33.30 -22.49
CA ALA D 989 146.70 -32.76 -23.80
C ALA D 989 146.04 -31.41 -24.05
N GLU D 990 144.89 -31.17 -23.41
CA GLU D 990 144.27 -29.86 -23.47
C GLU D 990 145.06 -28.85 -22.65
N ASN D 991 145.57 -29.26 -21.49
CA ASN D 991 146.34 -28.35 -20.65
C ASN D 991 147.73 -28.12 -21.23
N GLY D 992 148.23 -29.06 -22.02
CA GLY D 992 149.56 -28.91 -22.60
C GLY D 992 149.60 -27.90 -23.74
N HIS D 993 148.52 -27.82 -24.53
CA HIS D 993 148.50 -26.89 -25.64
C HIS D 993 148.05 -25.50 -25.20
N ASN D 994 147.20 -25.42 -24.18
CA ASN D 994 146.76 -24.11 -23.70
C ASN D 994 147.88 -23.39 -22.95
N VAL D 995 148.79 -24.14 -22.32
CA VAL D 995 149.97 -23.51 -21.76
C VAL D 995 151.00 -23.24 -22.86
N TRP D 996 150.86 -23.90 -24.01
CA TRP D 996 151.69 -23.58 -25.17
C TRP D 996 151.11 -22.40 -25.93
N ALA D 997 149.79 -22.24 -25.92
CA ALA D 997 149.17 -21.12 -26.62
C ALA D 997 149.35 -19.82 -25.83
N ARG D 998 149.40 -19.91 -24.50
CA ARG D 998 149.55 -18.69 -23.70
C ARG D 998 150.98 -18.18 -23.75
N ASP D 999 151.95 -19.09 -23.79
CA ASP D 999 153.36 -18.68 -23.80
C ASP D 999 153.75 -18.12 -25.16
N ARG D 1000 153.14 -18.62 -26.23
CA ARG D 1000 153.39 -18.07 -27.56
C ARG D 1000 152.71 -16.73 -27.73
N VAL D 1001 151.56 -16.54 -27.07
CA VAL D 1001 150.89 -15.24 -27.07
C VAL D 1001 151.63 -14.24 -26.21
N ALA D 1002 152.32 -14.72 -25.17
CA ALA D 1002 153.15 -13.83 -24.36
C ALA D 1002 154.42 -13.42 -25.09
N GLN D 1003 154.86 -14.24 -26.04
CA GLN D 1003 156.03 -13.88 -26.84
C GLN D 1003 155.68 -12.84 -27.90
N GLY D 1004 154.47 -12.92 -28.45
CA GLY D 1004 154.02 -11.96 -29.44
C GLY D 1004 153.57 -12.57 -30.76
N TRP D 1005 153.16 -13.83 -30.73
CA TRP D 1005 152.70 -14.53 -31.91
C TRP D 1005 151.18 -14.38 -32.09
N SER D 1006 150.70 -14.70 -33.29
CA SER D 1006 149.28 -14.64 -33.61
C SER D 1006 148.90 -15.83 -34.49
N TYR D 1007 147.65 -15.84 -34.96
CA TYR D 1007 147.07 -16.94 -35.72
C TYR D 1007 146.65 -16.48 -37.12
N SER D 1008 146.90 -17.33 -38.11
CA SER D 1008 146.38 -17.15 -39.47
C SER D 1008 146.23 -18.49 -40.15
N ALA D 1009 145.56 -18.49 -41.29
CA ALA D 1009 145.43 -19.71 -42.08
C ALA D 1009 146.75 -20.06 -42.77
N VAL D 1010 147.51 -19.06 -43.19
CA VAL D 1010 148.85 -19.31 -43.70
C VAL D 1010 149.82 -19.37 -42.54
N GLN D 1011 150.94 -20.04 -42.75
CA GLN D 1011 151.98 -20.16 -41.73
C GLN D 1011 153.15 -19.29 -42.15
N ASP D 1012 153.30 -18.14 -41.51
CA ASP D 1012 154.38 -17.20 -41.84
C ASP D 1012 155.24 -17.02 -40.60
N ILE D 1013 156.41 -17.66 -40.61
CA ILE D 1013 157.34 -17.62 -39.48
C ILE D 1013 157.87 -16.21 -39.17
N PRO D 1014 158.36 -15.39 -40.14
CA PRO D 1014 158.82 -14.05 -39.72
C PRO D 1014 157.68 -13.07 -39.46
N ALA D 1015 156.45 -13.39 -39.83
CA ALA D 1015 155.30 -12.52 -39.55
C ALA D 1015 154.62 -12.85 -38.24
N ARG D 1016 155.21 -13.75 -37.44
CA ARG D 1016 154.71 -14.18 -36.11
C ARG D 1016 153.31 -14.80 -36.18
N ARG D 1017 153.02 -15.56 -37.24
CA ARG D 1017 151.72 -16.21 -37.39
C ARG D 1017 151.87 -17.71 -37.59
N ASN D 1018 151.13 -18.49 -36.80
CA ASN D 1018 151.19 -19.95 -36.82
C ASN D 1018 149.77 -20.48 -36.78
N PRO D 1019 149.42 -21.46 -37.63
CA PRO D 1019 148.00 -21.86 -37.75
C PRO D 1019 147.44 -22.70 -36.62
N ARG D 1020 148.24 -23.19 -35.67
CA ARG D 1020 147.68 -23.92 -34.54
C ARG D 1020 147.67 -23.12 -33.25
N LEU D 1021 147.54 -21.80 -33.35
CA LEU D 1021 147.46 -20.95 -32.15
C LEU D 1021 146.01 -20.62 -31.80
N VAL D 1022 145.22 -21.68 -31.73
CA VAL D 1022 143.83 -21.61 -31.27
C VAL D 1022 143.70 -22.56 -30.08
N PRO D 1023 142.71 -22.35 -29.20
CA PRO D 1023 142.53 -23.28 -28.07
C PRO D 1023 142.10 -24.68 -28.51
N TYR D 1024 142.09 -25.59 -27.52
CA TYR D 1024 142.03 -27.02 -27.80
C TYR D 1024 140.68 -27.46 -28.34
N ARG D 1025 139.60 -26.78 -27.94
CA ARG D 1025 138.29 -27.14 -28.49
C ARG D 1025 138.09 -26.57 -29.89
N LEU D 1026 138.88 -25.57 -30.28
CA LEU D 1026 138.83 -25.02 -31.62
C LEU D 1026 139.99 -25.49 -32.49
N LEU D 1027 140.79 -26.44 -32.00
CA LEU D 1027 141.86 -27.03 -32.79
C LEU D 1027 141.33 -28.21 -33.59
N ASP D 1028 141.93 -28.43 -34.77
CA ASP D 1028 141.54 -29.52 -35.63
C ASP D 1028 141.92 -30.87 -35.04
N GLU D 1029 141.25 -31.93 -35.51
CA GLU D 1029 141.39 -33.24 -34.91
C GLU D 1029 142.72 -33.90 -35.27
N ALA D 1030 143.39 -33.42 -36.31
CA ALA D 1030 144.69 -34.00 -36.70
C ALA D 1030 145.78 -33.59 -35.72
N THR D 1031 145.74 -32.34 -35.24
CA THR D 1031 146.71 -31.91 -34.23
C THR D 1031 146.29 -32.39 -32.84
N LYS D 1032 144.99 -32.58 -32.63
CA LYS D 1032 144.49 -33.03 -31.33
C LYS D 1032 144.84 -34.49 -31.08
N ARG D 1033 144.79 -35.32 -32.13
CA ARG D 1033 145.16 -36.72 -31.96
C ARG D 1033 146.67 -36.90 -31.90
N SER D 1034 147.41 -35.99 -32.53
CA SER D 1034 148.87 -36.11 -32.59
C SER D 1034 149.51 -35.91 -31.22
N ASN D 1035 148.97 -34.96 -30.44
CA ASN D 1035 149.52 -34.76 -29.10
C ASN D 1035 148.95 -35.78 -28.10
N ARG D 1036 147.83 -36.41 -28.45
CA ARG D 1036 147.28 -37.45 -27.58
C ARG D 1036 148.01 -38.77 -27.75
N ASP D 1037 148.47 -39.08 -28.97
CA ASP D 1037 149.31 -40.27 -29.11
C ASP D 1037 150.71 -40.04 -28.58
N SER D 1038 151.17 -38.79 -28.51
CA SER D 1038 152.47 -38.51 -27.91
C SER D 1038 152.41 -38.54 -26.40
N LEU D 1039 151.25 -38.23 -25.82
CA LEU D 1039 151.12 -38.21 -24.38
C LEU D 1039 150.56 -39.53 -23.84
N CYS D 1040 149.96 -40.36 -24.70
CA CYS D 1040 149.63 -41.73 -24.31
C CYS D 1040 150.87 -42.58 -24.10
N GLN D 1041 152.02 -42.17 -24.65
CA GLN D 1041 153.25 -42.89 -24.39
C GLN D 1041 153.71 -42.69 -22.96
N ALA D 1042 153.59 -41.48 -22.44
CA ALA D 1042 154.16 -41.19 -21.12
C ALA D 1042 153.27 -41.69 -20.00
N VAL D 1043 151.96 -41.85 -20.23
CA VAL D 1043 151.06 -42.28 -19.15
C VAL D 1043 151.22 -43.78 -18.90
N ARG D 1044 151.22 -44.59 -19.96
CA ARG D 1044 151.16 -46.03 -19.75
C ARG D 1044 152.49 -46.60 -19.27
N THR D 1045 153.61 -45.90 -19.50
CA THR D 1045 154.87 -46.29 -18.86
C THR D 1045 154.90 -45.89 -17.39
N LEU D 1046 154.34 -44.72 -17.05
CA LEU D 1046 154.19 -44.40 -15.63
C LEU D 1046 153.16 -45.32 -14.98
N LEU D 1047 152.15 -45.74 -15.75
CA LEU D 1047 151.29 -46.84 -15.32
C LEU D 1047 151.99 -48.18 -15.42
N GLY D 1048 153.06 -48.26 -16.23
CA GLY D 1048 153.86 -49.47 -16.29
C GLY D 1048 154.91 -49.58 -15.20
N TYR D 1049 155.25 -48.46 -14.54
CA TYR D 1049 156.19 -48.49 -13.43
C TYR D 1049 155.52 -48.78 -12.09
N GLY D 1050 154.23 -49.15 -12.10
CA GLY D 1050 153.52 -49.49 -10.88
C GLY D 1050 152.75 -48.35 -10.25
N TYR D 1051 152.87 -47.14 -10.78
CA TYR D 1051 152.15 -46.00 -10.23
C TYR D 1051 150.69 -46.08 -10.66
N ASN D 1052 149.78 -46.07 -9.69
CA ASN D 1052 148.35 -46.14 -9.95
C ASN D 1052 147.74 -44.74 -9.97
N ILE D 1053 146.79 -44.52 -10.88
CA ILE D 1053 146.12 -43.24 -11.05
C ILE D 1053 144.66 -43.42 -10.67
N GLU D 1054 144.19 -42.58 -9.74
CA GLU D 1054 142.80 -42.58 -9.33
C GLU D 1054 142.02 -41.52 -10.08
N PRO D 1055 140.74 -41.78 -10.39
CA PRO D 1055 139.89 -40.82 -11.10
C PRO D 1055 139.42 -39.68 -10.21
N ASP D 1070 121.84 -19.46 -26.53
CA ASP D 1070 121.13 -18.30 -26.00
C ASP D 1070 119.92 -18.72 -25.19
N ARG D 1071 118.73 -18.57 -25.78
CA ARG D 1071 117.50 -19.01 -25.13
C ARG D 1071 116.81 -20.02 -26.03
N VAL D 1072 115.54 -20.33 -25.76
CA VAL D 1072 114.80 -21.36 -26.47
C VAL D 1072 113.68 -20.72 -27.28
N ARG D 1073 113.54 -21.14 -28.53
CA ARG D 1073 112.51 -20.61 -29.43
C ARG D 1073 111.24 -21.46 -29.34
N ILE D 1074 110.10 -20.79 -29.51
CA ILE D 1074 108.78 -21.42 -29.47
C ILE D 1074 108.05 -21.06 -30.76
N PHE D 1075 107.68 -22.08 -31.54
CA PHE D 1075 107.00 -21.89 -32.83
C PHE D 1075 105.57 -22.39 -32.69
N ARG D 1076 104.62 -21.46 -32.63
CA ARG D 1076 103.20 -21.79 -32.53
C ARG D 1076 102.43 -21.11 -33.67
N ALA D 1077 101.21 -21.58 -33.88
CA ALA D 1077 100.37 -21.05 -34.94
C ALA D 1077 99.65 -19.79 -34.46
N GLU D 1078 98.85 -19.20 -35.35
CA GLU D 1078 98.11 -18.01 -34.99
C GLU D 1078 96.90 -18.37 -34.13
N LYS D 1079 96.44 -17.39 -33.35
CA LYS D 1079 95.36 -17.65 -32.40
C LYS D 1079 93.98 -17.71 -33.07
N SER D 1080 93.88 -17.34 -34.34
CA SER D 1080 92.62 -17.47 -35.05
C SER D 1080 92.34 -18.89 -35.54
N TYR D 1081 93.34 -19.77 -35.48
CA TYR D 1081 93.20 -21.17 -35.89
C TYR D 1081 93.08 -22.12 -34.71
N THR D 1082 92.62 -21.63 -33.55
CA THR D 1082 92.49 -22.49 -32.38
C THR D 1082 91.26 -23.37 -32.52
N VAL D 1083 91.38 -24.62 -32.07
CA VAL D 1083 90.32 -25.61 -32.25
C VAL D 1083 89.60 -25.79 -30.91
N GLN D 1084 88.32 -26.13 -31.00
CA GLN D 1084 87.48 -26.35 -29.84
C GLN D 1084 86.76 -27.69 -29.85
N SER D 1085 86.69 -28.36 -31.00
CA SER D 1085 85.96 -29.61 -31.11
C SER D 1085 86.55 -30.41 -32.26
N GLY D 1086 86.23 -31.70 -32.28
CA GLY D 1086 86.73 -32.58 -33.31
C GLY D 1086 88.06 -33.21 -32.93
N ARG D 1087 88.63 -33.88 -33.92
CA ARG D 1087 89.90 -34.58 -33.77
C ARG D 1087 90.88 -34.08 -34.84
N TRP D 1088 92.07 -33.68 -34.40
CA TRP D 1088 93.06 -33.05 -35.27
C TRP D 1088 94.41 -33.71 -35.12
N TYR D 1089 95.19 -33.71 -36.21
CA TYR D 1089 96.45 -34.42 -36.29
C TYR D 1089 97.47 -33.56 -37.06
N PHE D 1090 98.70 -33.55 -36.56
CA PHE D 1090 99.82 -32.96 -37.29
C PHE D 1090 101.05 -33.81 -36.99
N GLU D 1091 102.13 -33.52 -37.72
CA GLU D 1091 103.34 -34.32 -37.66
C GLU D 1091 104.54 -33.43 -37.41
N PHE D 1092 105.66 -34.04 -37.01
CA PHE D 1092 106.91 -33.32 -36.81
C PHE D 1092 108.08 -34.23 -37.16
N GLU D 1093 108.87 -33.84 -38.16
CA GLU D 1093 110.09 -34.55 -38.50
C GLU D 1093 111.26 -33.99 -37.70
N ALA D 1094 112.16 -34.89 -37.30
CA ALA D 1094 113.33 -34.53 -36.49
C ALA D 1094 114.59 -34.77 -37.33
N VAL D 1095 115.18 -33.69 -37.83
CA VAL D 1095 116.39 -33.81 -38.63
C VAL D 1095 117.61 -34.07 -37.75
N THR D 1096 117.81 -33.24 -36.73
CA THR D 1096 118.87 -33.42 -35.76
C THR D 1096 118.26 -33.69 -34.40
N THR D 1097 118.68 -34.78 -33.76
CA THR D 1097 118.14 -35.15 -32.46
C THR D 1097 118.63 -34.20 -31.38
N GLY D 1098 117.82 -34.05 -30.34
CA GLY D 1098 118.17 -33.18 -29.23
C GLY D 1098 116.93 -32.70 -28.50
N GLU D 1099 117.06 -31.53 -27.88
CA GLU D 1099 115.99 -30.95 -27.07
C GLU D 1099 115.01 -30.26 -28.00
N MET D 1100 113.95 -30.99 -28.36
CA MET D 1100 112.81 -30.41 -29.06
C MET D 1100 111.54 -30.91 -28.37
N ARG D 1101 110.55 -30.03 -28.27
CA ARG D 1101 109.31 -30.32 -27.58
C ARG D 1101 108.15 -29.97 -28.50
N VAL D 1102 107.35 -30.98 -28.87
CA VAL D 1102 106.20 -30.79 -29.74
C VAL D 1102 104.95 -31.34 -29.06
N GLY D 1103 103.82 -30.68 -29.31
CA GLY D 1103 102.55 -31.04 -28.74
C GLY D 1103 101.47 -30.02 -29.02
N TRP D 1104 100.57 -29.82 -28.07
CA TRP D 1104 99.48 -28.86 -28.18
C TRP D 1104 99.51 -27.89 -27.00
N ALA D 1105 99.15 -26.63 -27.26
CA ALA D 1105 99.16 -25.61 -26.21
C ALA D 1105 97.96 -24.70 -26.38
N ARG D 1106 97.54 -24.10 -25.27
CA ARG D 1106 96.44 -23.15 -25.28
C ARG D 1106 96.92 -21.79 -25.83
N PRO D 1107 96.02 -21.00 -26.43
CA PRO D 1107 96.45 -19.72 -27.03
C PRO D 1107 96.93 -18.67 -26.04
N GLU D 1108 96.63 -18.81 -24.76
CA GLU D 1108 97.13 -17.89 -23.75
C GLU D 1108 98.47 -18.37 -23.17
N LEU D 1109 99.40 -18.74 -24.04
CA LEU D 1109 100.70 -19.23 -23.64
C LEU D 1109 101.69 -18.08 -23.56
N ARG D 1110 102.42 -18.02 -22.43
CA ARG D 1110 103.41 -16.95 -22.24
C ARG D 1110 104.80 -17.42 -22.65
N PRO D 1111 105.57 -16.58 -23.36
CA PRO D 1111 106.89 -17.00 -23.84
C PRO D 1111 107.99 -16.92 -22.81
N ASP D 1112 107.73 -16.30 -21.66
CA ASP D 1112 108.74 -16.20 -20.61
C ASP D 1112 108.93 -17.53 -19.89
N VAL D 1113 107.84 -18.28 -19.70
CA VAL D 1113 107.94 -19.58 -19.04
C VAL D 1113 108.52 -20.61 -20.00
N GLU D 1114 109.19 -21.62 -19.43
CA GLU D 1114 109.69 -22.73 -20.24
C GLU D 1114 108.50 -23.57 -20.70
N LEU D 1115 108.54 -24.02 -21.95
CA LEU D 1115 107.42 -24.72 -22.56
C LEU D 1115 107.32 -26.12 -21.97
N GLY D 1116 106.30 -26.35 -21.14
CA GLY D 1116 106.06 -27.62 -20.49
C GLY D 1116 106.10 -27.57 -18.98
N ALA D 1117 106.61 -26.49 -18.40
CA ALA D 1117 106.65 -26.35 -16.95
C ALA D 1117 105.40 -25.70 -16.38
N ASP D 1118 104.45 -25.30 -17.21
CA ASP D 1118 103.23 -24.64 -16.77
C ASP D 1118 102.01 -25.46 -17.19
N GLU D 1119 100.83 -24.99 -16.78
CA GLU D 1119 99.57 -25.65 -17.08
C GLU D 1119 98.91 -25.12 -18.36
N LEU D 1120 99.70 -24.57 -19.27
CA LEU D 1120 99.19 -23.99 -20.51
C LEU D 1120 99.53 -24.84 -21.73
N ALA D 1121 100.16 -26.00 -21.53
CA ALA D 1121 100.58 -26.84 -22.64
C ALA D 1121 100.67 -28.30 -22.20
N TYR D 1122 100.42 -29.18 -23.16
CA TYR D 1122 100.60 -30.62 -23.00
C TYR D 1122 101.58 -31.06 -24.08
N VAL D 1123 102.86 -31.20 -23.68
CA VAL D 1123 103.95 -31.32 -24.64
C VAL D 1123 104.75 -32.58 -24.31
N PHE D 1124 105.44 -33.11 -25.32
CA PHE D 1124 106.22 -34.33 -25.22
C PHE D 1124 107.65 -34.06 -25.64
N ASN D 1125 108.58 -34.17 -24.69
CA ASN D 1125 110.00 -33.97 -24.95
C ASN D 1125 110.59 -35.31 -25.37
N GLY D 1126 111.41 -35.30 -26.41
CA GLY D 1126 111.92 -36.53 -27.00
C GLY D 1126 113.39 -36.82 -26.84
N HIS D 1127 114.15 -35.96 -26.16
CA HIS D 1127 115.58 -36.21 -26.03
C HIS D 1127 115.84 -37.31 -25.00
N ARG D 1128 115.23 -37.19 -23.82
CA ARG D 1128 115.30 -38.25 -22.81
C ARG D 1128 113.99 -39.02 -22.67
N GLY D 1129 112.98 -38.69 -23.48
CA GLY D 1129 111.73 -39.43 -23.48
C GLY D 1129 110.84 -39.22 -22.27
N GLN D 1130 110.28 -38.01 -22.14
CA GLN D 1130 109.40 -37.70 -21.03
C GLN D 1130 108.41 -36.63 -21.45
N ARG D 1131 107.23 -36.65 -20.82
CA ARG D 1131 106.21 -35.64 -21.03
C ARG D 1131 106.35 -34.53 -19.98
N TRP D 1132 105.96 -33.32 -20.37
CA TRP D 1132 106.14 -32.13 -19.54
C TRP D 1132 104.82 -31.40 -19.39
N HIS D 1133 104.18 -31.55 -18.22
CA HIS D 1133 102.99 -30.78 -17.87
C HIS D 1133 102.91 -30.72 -16.35
N LEU D 1134 103.20 -29.53 -15.78
CA LEU D 1134 103.27 -29.30 -14.34
C LEU D 1134 104.23 -30.26 -13.64
N GLY D 1135 105.37 -30.50 -14.29
CA GLY D 1135 106.36 -31.42 -13.80
C GLY D 1135 106.89 -32.28 -14.93
N SER D 1136 107.40 -33.46 -14.58
CA SER D 1136 107.96 -34.37 -15.55
C SER D 1136 107.65 -35.81 -15.15
N GLU D 1137 107.43 -36.65 -16.17
CA GLU D 1137 107.14 -38.07 -15.99
C GLU D 1137 107.66 -38.81 -17.20
N PRO D 1138 108.31 -39.95 -17.02
CA PRO D 1138 108.89 -40.67 -18.17
C PRO D 1138 107.82 -41.31 -19.04
N PHE D 1139 108.07 -41.32 -20.35
CA PHE D 1139 107.07 -41.77 -21.32
C PHE D 1139 107.78 -42.14 -22.61
N GLY D 1140 107.52 -43.34 -23.12
CA GLY D 1140 107.93 -43.70 -24.45
C GLY D 1140 109.42 -43.93 -24.62
N ARG D 1141 109.86 -43.70 -25.85
CA ARG D 1141 111.22 -43.95 -26.31
C ARG D 1141 111.92 -42.66 -26.69
N PRO D 1142 113.25 -42.63 -26.60
CA PRO D 1142 113.99 -41.47 -27.12
C PRO D 1142 113.92 -41.42 -28.65
N TRP D 1143 114.29 -40.26 -29.17
CA TRP D 1143 114.24 -40.01 -30.61
C TRP D 1143 115.53 -40.48 -31.28
N GLN D 1144 115.54 -40.44 -32.60
CA GLN D 1144 116.74 -40.64 -33.40
C GLN D 1144 116.82 -39.52 -34.43
N SER D 1145 117.71 -39.63 -35.41
CA SER D 1145 117.91 -38.58 -36.41
C SER D 1145 117.22 -39.01 -37.71
N GLY D 1146 116.05 -38.44 -37.97
CA GLY D 1146 115.34 -38.70 -39.21
C GLY D 1146 114.00 -39.40 -39.02
N ASP D 1147 113.36 -39.19 -37.88
CA ASP D 1147 112.09 -39.81 -37.57
C ASP D 1147 110.99 -38.75 -37.49
N VAL D 1148 109.75 -39.20 -37.69
CA VAL D 1148 108.60 -38.31 -37.65
C VAL D 1148 107.77 -38.60 -36.41
N VAL D 1149 107.34 -37.54 -35.73
CA VAL D 1149 106.59 -37.64 -34.48
C VAL D 1149 105.19 -37.11 -34.75
N GLY D 1150 104.20 -38.01 -34.76
CA GLY D 1150 102.82 -37.64 -35.02
C GLY D 1150 102.02 -37.38 -33.76
N CYS D 1151 101.36 -36.22 -33.70
CA CYS D 1151 100.58 -35.81 -32.55
C CYS D 1151 99.11 -35.75 -32.93
N MET D 1152 98.28 -36.49 -32.20
CA MET D 1152 96.84 -36.44 -32.37
C MET D 1152 96.17 -35.96 -31.09
N ILE D 1153 95.15 -35.13 -31.24
CA ILE D 1153 94.30 -34.70 -30.14
C ILE D 1153 92.88 -35.13 -30.50
N ASP D 1154 92.06 -35.41 -29.48
CA ASP D 1154 90.66 -35.80 -29.71
C ASP D 1154 89.88 -35.10 -28.60
N LEU D 1155 89.13 -34.06 -28.99
CA LEU D 1155 88.40 -33.24 -28.03
C LEU D 1155 87.09 -33.88 -27.57
N THR D 1156 86.68 -34.99 -28.19
CA THR D 1156 85.42 -35.63 -27.78
C THR D 1156 85.61 -36.51 -26.55
N GLU D 1157 86.75 -37.17 -26.41
CA GLU D 1157 87.03 -38.00 -25.26
C GLU D 1157 88.05 -37.38 -24.31
N ASN D 1158 88.65 -36.25 -24.71
CA ASN D 1158 89.68 -35.51 -23.97
C ASN D 1158 90.90 -36.40 -23.65
N THR D 1159 91.46 -36.97 -24.71
CA THR D 1159 92.67 -37.79 -24.64
C THR D 1159 93.65 -37.32 -25.71
N ILE D 1160 94.95 -37.37 -25.39
CA ILE D 1160 96.02 -37.02 -26.32
C ILE D 1160 96.87 -38.27 -26.50
N ILE D 1161 97.20 -38.60 -27.74
CA ILE D 1161 98.02 -39.75 -28.06
C ILE D 1161 99.24 -39.26 -28.83
N PHE D 1162 100.43 -39.69 -28.42
CA PHE D 1162 101.66 -39.41 -29.16
C PHE D 1162 102.11 -40.65 -29.92
N THR D 1163 102.31 -40.50 -31.23
CA THR D 1163 102.74 -41.60 -32.10
C THR D 1163 104.12 -41.25 -32.67
N LEU D 1164 105.12 -42.08 -32.38
CA LEU D 1164 106.47 -41.91 -32.90
C LEU D 1164 106.67 -42.91 -34.03
N ASN D 1165 106.80 -42.38 -35.26
CA ASN D 1165 107.02 -43.15 -36.50
C ASN D 1165 105.94 -44.21 -36.73
N GLY D 1166 104.69 -43.83 -36.48
CA GLY D 1166 103.56 -44.71 -36.63
C GLY D 1166 103.26 -45.61 -35.45
N GLU D 1167 104.23 -45.84 -34.58
CA GLU D 1167 104.03 -46.67 -33.41
C GLU D 1167 103.45 -45.82 -32.29
N VAL D 1168 102.32 -46.26 -31.74
CA VAL D 1168 101.68 -45.52 -30.66
C VAL D 1168 102.47 -45.70 -29.37
N LEU D 1169 102.96 -44.59 -28.82
CA LEU D 1169 103.83 -44.66 -27.65
C LEU D 1169 103.03 -44.95 -26.40
N MET D 1170 103.54 -45.88 -25.59
CA MET D 1170 102.94 -46.23 -24.32
C MET D 1170 103.82 -45.76 -23.17
N SER D 1171 103.20 -45.58 -22.02
CA SER D 1171 103.91 -45.21 -20.80
C SER D 1171 104.32 -46.47 -20.04
N ASP D 1172 104.79 -46.30 -18.80
CA ASP D 1172 105.27 -47.44 -18.01
C ASP D 1172 104.12 -48.30 -17.49
N SER D 1173 102.94 -47.71 -17.27
CA SER D 1173 101.82 -48.47 -16.76
C SER D 1173 101.10 -49.27 -17.84
N GLY D 1174 101.38 -49.00 -19.11
CA GLY D 1174 100.71 -49.66 -20.21
C GLY D 1174 99.68 -48.82 -20.92
N SER D 1175 99.51 -47.56 -20.54
CA SER D 1175 98.51 -46.70 -21.13
C SER D 1175 99.01 -46.11 -22.45
N GLU D 1176 98.18 -46.24 -23.49
CA GLU D 1176 98.51 -45.70 -24.80
C GLU D 1176 98.23 -44.20 -24.87
N THR D 1177 97.21 -43.73 -24.16
CA THR D 1177 96.98 -42.29 -24.07
C THR D 1177 97.95 -41.67 -23.06
N ALA D 1178 98.39 -40.45 -23.38
CA ALA D 1178 99.41 -39.78 -22.57
C ALA D 1178 98.82 -38.89 -21.47
N PHE D 1179 97.84 -38.05 -21.81
CA PHE D 1179 97.17 -37.19 -20.85
C PHE D 1179 95.67 -37.42 -20.91
N ARG D 1180 95.04 -37.43 -19.74
CA ARG D 1180 93.63 -37.78 -19.60
C ARG D 1180 92.86 -36.65 -18.94
N GLU D 1181 91.57 -36.60 -19.28
CA GLU D 1181 90.57 -35.73 -18.64
C GLU D 1181 90.95 -34.25 -18.72
N ILE D 1182 91.39 -33.83 -19.90
CA ILE D 1182 91.81 -32.45 -20.10
C ILE D 1182 90.58 -31.59 -20.39
N GLU D 1183 90.56 -30.39 -19.83
CA GLU D 1183 89.47 -29.46 -20.07
C GLU D 1183 89.69 -28.72 -21.38
N ILE D 1184 88.60 -28.40 -22.07
CA ILE D 1184 88.70 -27.66 -23.33
C ILE D 1184 89.04 -26.20 -23.04
N GLY D 1185 88.12 -25.48 -22.40
CA GLY D 1185 88.35 -24.11 -22.01
C GLY D 1185 88.47 -23.15 -23.17
N ASP D 1186 89.66 -22.56 -23.35
CA ASP D 1186 89.91 -21.62 -24.42
C ASP D 1186 90.35 -22.29 -25.73
N GLY D 1187 90.63 -23.58 -25.71
CA GLY D 1187 91.02 -24.29 -26.91
C GLY D 1187 92.48 -24.67 -26.94
N PHE D 1188 92.85 -25.35 -28.02
CA PHE D 1188 94.20 -25.86 -28.22
C PHE D 1188 94.72 -25.43 -29.59
N LEU D 1189 96.04 -25.33 -29.70
CA LEU D 1189 96.72 -25.05 -30.96
C LEU D 1189 98.07 -25.76 -30.96
N PRO D 1190 98.56 -26.23 -32.11
CA PRO D 1190 99.83 -26.95 -32.14
C PRO D 1190 101.02 -26.04 -31.85
N VAL D 1191 101.92 -26.52 -31.00
CA VAL D 1191 103.07 -25.76 -30.54
C VAL D 1191 104.33 -26.56 -30.88
N CYS D 1192 105.43 -25.85 -31.11
CA CYS D 1192 106.70 -26.49 -31.45
C CYS D 1192 107.84 -25.69 -30.84
N SER D 1193 108.74 -26.39 -30.15
CA SER D 1193 109.94 -25.76 -29.59
C SER D 1193 111.19 -26.46 -30.12
N LEU D 1194 112.22 -25.66 -30.37
CA LEU D 1194 113.51 -26.17 -30.84
C LEU D 1194 114.62 -25.62 -29.97
N GLY D 1195 115.57 -26.50 -29.61
CA GLY D 1195 116.68 -26.10 -28.79
C GLY D 1195 117.74 -25.34 -29.56
N PRO D 1196 118.87 -25.10 -28.91
CA PRO D 1196 119.97 -24.37 -29.56
C PRO D 1196 120.63 -25.22 -30.64
N GLY D 1197 120.61 -24.73 -31.88
CA GLY D 1197 121.27 -25.38 -32.98
C GLY D 1197 120.48 -26.46 -33.68
N GLN D 1198 119.27 -26.77 -33.23
CA GLN D 1198 118.50 -27.86 -33.80
C GLN D 1198 117.66 -27.39 -34.98
N VAL D 1199 117.34 -28.33 -35.87
CA VAL D 1199 116.69 -28.05 -37.15
C VAL D 1199 115.59 -29.10 -37.37
N GLY D 1200 114.39 -28.65 -37.72
CA GLY D 1200 113.31 -29.56 -38.04
C GLY D 1200 112.05 -28.85 -38.51
N HIS D 1201 111.42 -29.37 -39.57
CA HIS D 1201 110.24 -28.71 -40.13
C HIS D 1201 108.97 -29.25 -39.50
N LEU D 1202 107.97 -28.37 -39.41
CA LEU D 1202 106.68 -28.71 -38.80
C LEU D 1202 105.64 -28.74 -39.92
N ASN D 1203 105.39 -29.94 -40.45
CA ASN D 1203 104.39 -30.12 -41.50
C ASN D 1203 103.04 -30.26 -40.79
N LEU D 1204 102.23 -29.21 -40.86
CA LEU D 1204 100.95 -29.22 -40.16
C LEU D 1204 99.90 -30.09 -40.85
N GLY D 1205 100.17 -30.54 -42.07
CA GLY D 1205 99.25 -31.41 -42.78
C GLY D 1205 98.32 -30.67 -43.71
N GLN D 1206 98.88 -29.73 -44.48
CA GLN D 1206 98.07 -29.00 -45.45
C GLN D 1206 97.74 -29.87 -46.66
N ASP D 1207 98.74 -30.60 -47.15
CA ASP D 1207 98.54 -31.58 -48.20
C ASP D 1207 98.47 -32.98 -47.59
N VAL D 1208 97.53 -33.79 -48.10
CA VAL D 1208 97.34 -35.13 -47.55
C VAL D 1208 98.50 -36.04 -47.97
N SER D 1209 98.94 -35.93 -49.23
CA SER D 1209 100.04 -36.73 -49.72
C SER D 1209 101.40 -36.32 -49.14
N SER D 1210 101.50 -35.13 -48.55
CA SER D 1210 102.75 -34.73 -47.93
C SER D 1210 102.93 -35.37 -46.56
N LEU D 1211 101.83 -35.78 -45.91
CA LEU D 1211 101.92 -36.51 -44.65
C LEU D 1211 102.45 -37.91 -44.91
N ARG D 1212 103.51 -38.28 -44.19
CA ARG D 1212 104.18 -39.54 -44.46
C ARG D 1212 103.42 -40.72 -43.84
N PHE D 1213 103.17 -40.66 -42.54
CA PHE D 1213 102.63 -41.79 -41.79
C PHE D 1213 101.18 -41.54 -41.37
N PHE D 1214 100.40 -40.92 -42.26
CA PHE D 1214 99.00 -40.67 -41.97
C PHE D 1214 98.15 -41.93 -42.13
N ALA D 1215 98.33 -42.63 -43.26
CA ALA D 1215 97.49 -43.79 -43.54
C ALA D 1215 97.89 -45.01 -42.71
N ILE D 1216 99.12 -45.03 -42.19
CA ILE D 1216 99.56 -46.15 -41.36
C ILE D 1216 98.87 -46.10 -40.00
N CYS D 1217 98.90 -44.93 -39.35
CA CYS D 1217 98.22 -44.73 -38.08
C CYS D 1217 97.64 -43.33 -38.04
N GLY D 1218 96.35 -43.23 -37.70
CA GLY D 1218 95.70 -41.96 -37.48
C GLY D 1218 94.66 -41.56 -38.50
N LEU D 1219 94.38 -42.37 -39.51
CA LEU D 1219 93.32 -42.05 -40.46
C LEU D 1219 92.05 -42.86 -40.19
N GLN D 1220 92.19 -44.18 -40.01
CA GLN D 1220 91.03 -45.02 -39.75
C GLN D 1220 90.52 -44.89 -38.32
N GLU D 1221 91.32 -44.34 -37.40
CA GLU D 1221 90.81 -44.01 -36.07
C GLU D 1221 89.88 -42.80 -36.10
N GLY D 1222 89.92 -42.01 -37.17
CA GLY D 1222 89.04 -40.87 -37.35
C GLY D 1222 89.74 -39.52 -37.36
N PHE D 1223 91.03 -39.46 -37.03
CA PHE D 1223 91.71 -38.18 -36.91
C PHE D 1223 91.96 -37.57 -38.29
N GLU D 1224 91.74 -36.26 -38.39
CA GLU D 1224 91.91 -35.51 -39.61
C GLU D 1224 93.12 -34.58 -39.49
N PRO D 1225 93.77 -34.23 -40.59
CA PRO D 1225 94.85 -33.24 -40.51
C PRO D 1225 94.33 -31.85 -40.20
N PHE D 1226 95.26 -30.97 -39.84
CA PHE D 1226 94.89 -29.64 -39.35
C PHE D 1226 94.38 -28.76 -40.48
N ALA D 1227 95.23 -28.51 -41.48
CA ALA D 1227 94.88 -27.64 -42.59
C ALA D 1227 94.41 -28.44 -43.80
N ILE D 1228 93.36 -29.24 -43.58
CA ILE D 1228 92.90 -30.18 -44.60
C ILE D 1228 92.22 -29.44 -45.75
N ASN D 1229 91.53 -28.33 -45.45
CA ASN D 1229 90.91 -27.48 -46.46
C ASN D 1229 91.28 -26.02 -46.16
N MET D 1230 92.49 -25.63 -46.53
CA MET D 1230 92.95 -24.23 -46.44
C MET D 1230 93.65 -23.86 -47.73
N GLN D 1231 93.28 -22.71 -48.30
CA GLN D 1231 93.83 -22.28 -49.59
C GLN D 1231 95.17 -21.58 -49.47
N ARG D 1232 95.53 -21.08 -48.29
CA ARG D 1232 96.82 -20.47 -48.05
C ARG D 1232 97.49 -21.16 -46.87
N PRO D 1233 98.84 -21.18 -46.83
CA PRO D 1233 99.53 -21.86 -45.72
C PRO D 1233 99.30 -21.17 -44.38
N VAL D 1234 99.40 -21.97 -43.32
CA VAL D 1234 99.12 -21.50 -41.97
C VAL D 1234 100.27 -20.62 -41.48
N THR D 1235 99.94 -19.43 -41.00
CA THR D 1235 100.93 -18.52 -40.45
C THR D 1235 101.37 -18.98 -39.08
N THR D 1236 102.67 -18.92 -38.82
CA THR D 1236 103.25 -19.34 -37.56
C THR D 1236 103.77 -18.12 -36.80
N TRP D 1237 103.53 -18.10 -35.48
CA TRP D 1237 103.98 -17.03 -34.60
C TRP D 1237 105.15 -17.57 -33.77
N PHE D 1238 106.32 -16.97 -33.95
CA PHE D 1238 107.52 -17.42 -33.25
C PHE D 1238 107.97 -16.39 -32.22
N SER D 1239 108.81 -16.85 -31.30
CA SER D 1239 109.26 -16.03 -30.18
C SER D 1239 110.57 -15.32 -30.52
N LYS D 1240 110.69 -14.08 -30.08
CA LYS D 1240 111.90 -13.29 -30.27
C LYS D 1240 112.76 -13.33 -29.02
N SER D 1241 114.07 -13.17 -29.23
CA SER D 1241 115.02 -12.99 -28.14
C SER D 1241 115.44 -11.54 -27.98
N LEU D 1242 114.83 -10.63 -28.75
CA LEU D 1242 115.13 -9.22 -28.64
C LEU D 1242 114.16 -8.60 -27.64
N PRO D 1243 114.61 -8.14 -26.47
CA PRO D 1243 113.68 -7.67 -25.44
C PRO D 1243 113.07 -6.32 -25.81
N GLN D 1244 111.77 -6.19 -25.57
CA GLN D 1244 111.04 -4.98 -25.93
C GLN D 1244 110.23 -4.49 -24.74
N PHE D 1245 110.00 -3.18 -24.70
CA PHE D 1245 109.30 -2.56 -23.58
C PHE D 1245 107.80 -2.72 -23.73
N GLU D 1246 107.12 -2.97 -22.62
CA GLU D 1246 105.68 -3.15 -22.55
C GLU D 1246 105.25 -2.88 -21.12
N PRO D 1247 104.01 -2.41 -20.91
CA PRO D 1247 103.61 -1.99 -19.55
C PRO D 1247 103.49 -3.15 -18.57
N VAL D 1248 103.62 -2.79 -17.29
CA VAL D 1248 103.56 -3.76 -16.18
C VAL D 1248 102.12 -4.25 -16.04
N PRO D 1249 101.90 -5.55 -15.82
CA PRO D 1249 100.53 -6.02 -15.59
C PRO D 1249 100.05 -5.61 -14.20
N PRO D 1250 98.74 -5.41 -14.04
CA PRO D 1250 98.24 -5.01 -12.71
C PRO D 1250 98.27 -6.13 -11.68
N GLU D 1251 98.04 -7.37 -12.09
CA GLU D 1251 98.11 -8.51 -11.19
C GLU D 1251 99.45 -9.24 -11.33
N HIS D 1252 100.53 -8.52 -11.01
CA HIS D 1252 101.86 -9.13 -11.00
C HIS D 1252 102.27 -9.40 -9.57
N PRO D 1253 102.80 -10.59 -9.25
CA PRO D 1253 102.93 -10.97 -7.83
C PRO D 1253 104.09 -10.29 -7.11
N HIS D 1254 105.09 -9.78 -7.82
CA HIS D 1254 106.28 -9.22 -7.19
C HIS D 1254 106.30 -7.69 -7.20
N TYR D 1255 106.13 -7.05 -8.35
CA TYR D 1255 106.16 -5.60 -8.45
C TYR D 1255 104.77 -5.03 -8.69
N GLU D 1256 104.50 -3.88 -8.08
CA GLU D 1256 103.28 -3.12 -8.34
C GLU D 1256 103.60 -1.64 -8.19
N VAL D 1257 102.83 -0.81 -8.88
CA VAL D 1257 102.98 0.64 -8.80
C VAL D 1257 101.69 1.27 -8.28
N ALA D 1258 101.82 2.51 -7.82
CA ALA D 1258 100.70 3.25 -7.23
C ALA D 1258 100.88 4.72 -7.54
N ARG D 1259 99.93 5.29 -8.29
CA ARG D 1259 100.04 6.69 -8.72
C ARG D 1259 99.45 7.58 -7.64
N MET D 1260 100.33 8.12 -6.80
CA MET D 1260 99.91 8.94 -5.67
C MET D 1260 99.65 10.38 -6.12
N ASP D 1261 98.65 11.01 -5.51
CA ASP D 1261 98.28 12.35 -5.92
C ASP D 1261 99.19 13.38 -5.23
N GLY D 1262 99.14 14.60 -5.70
CA GLY D 1262 100.04 15.65 -5.25
C GLY D 1262 99.43 16.55 -4.20
N THR D 1263 100.12 16.67 -3.08
CA THR D 1263 99.69 17.54 -1.99
C THR D 1263 100.23 18.95 -2.21
N VAL D 1264 100.10 19.80 -1.19
CA VAL D 1264 100.67 21.14 -1.27
C VAL D 1264 102.18 21.10 -1.05
N ASP D 1265 102.69 20.03 -0.43
CA ASP D 1265 104.12 19.89 -0.16
C ASP D 1265 104.85 19.01 -1.16
N THR D 1266 104.27 17.85 -1.51
CA THR D 1266 104.87 16.87 -2.39
C THR D 1266 104.17 16.89 -3.75
N PRO D 1267 104.91 16.98 -4.85
CA PRO D 1267 104.29 17.03 -6.19
C PRO D 1267 103.65 15.70 -6.56
N PRO D 1268 102.76 15.68 -7.57
CA PRO D 1268 102.17 14.42 -8.04
C PRO D 1268 103.23 13.45 -8.56
N CYS D 1269 103.27 12.27 -7.95
CA CYS D 1269 104.38 11.34 -8.06
C CYS D 1269 103.87 9.89 -8.03
N LEU D 1270 104.70 8.98 -8.52
CA LEU D 1270 104.35 7.56 -8.54
C LEU D 1270 105.53 6.73 -8.07
N ARG D 1271 105.20 5.59 -7.45
CA ARG D 1271 106.11 4.76 -6.66
C ARG D 1271 106.07 3.32 -7.15
N LEU D 1272 107.16 2.59 -6.95
CA LEU D 1272 107.15 1.13 -7.07
C LEU D 1272 107.56 0.51 -5.73
N ALA D 1273 106.80 -0.50 -5.31
CA ALA D 1273 107.03 -1.18 -4.05
C ALA D 1273 107.01 -2.68 -4.27
N HIS D 1274 107.99 -3.38 -3.71
CA HIS D 1274 108.05 -4.82 -3.84
C HIS D 1274 107.00 -5.45 -2.93
N ARG D 1275 106.16 -6.31 -3.50
CA ARG D 1275 105.09 -6.93 -2.73
C ARG D 1275 105.64 -7.99 -1.78
N THR D 1276 106.46 -8.89 -2.30
CA THR D 1276 106.98 -10.04 -1.56
C THR D 1276 108.48 -9.88 -1.41
N TRP D 1277 108.90 -9.11 -0.40
CA TRP D 1277 110.32 -8.89 -0.18
C TRP D 1277 110.97 -9.97 0.69
N GLY D 1278 110.22 -10.58 1.61
CA GLY D 1278 110.82 -11.52 2.53
C GLY D 1278 110.96 -12.91 1.96
N SER D 1279 110.40 -13.91 2.63
CA SER D 1279 110.40 -15.27 2.12
C SER D 1279 109.25 -15.49 1.14
N GLN D 1280 108.92 -16.77 0.89
CA GLN D 1280 107.81 -17.20 0.03
C GLN D 1280 107.99 -16.73 -1.41
N ASN D 1281 109.02 -17.28 -2.06
CA ASN D 1281 109.28 -17.19 -3.50
C ASN D 1281 109.51 -15.74 -3.93
N SER D 1282 110.52 -15.12 -3.32
CA SER D 1282 110.92 -13.78 -3.68
C SER D 1282 111.88 -13.81 -4.85
N LEU D 1283 111.62 -12.98 -5.86
CA LEU D 1283 112.47 -12.90 -7.04
C LEU D 1283 113.17 -11.56 -7.05
N VAL D 1284 114.47 -11.57 -6.77
CA VAL D 1284 115.26 -10.35 -6.73
C VAL D 1284 116.24 -10.38 -7.90
N GLU D 1285 115.85 -9.73 -8.99
CA GLU D 1285 116.74 -9.51 -10.12
C GLU D 1285 116.52 -8.11 -10.66
N MET D 1286 117.54 -7.59 -11.35
CA MET D 1286 117.57 -6.18 -11.72
C MET D 1286 116.57 -5.90 -12.82
N LEU D 1287 115.59 -5.06 -12.51
CA LEU D 1287 114.49 -4.74 -13.42
C LEU D 1287 114.72 -3.35 -13.99
N PHE D 1288 114.37 -3.18 -15.26
CA PHE D 1288 114.61 -1.94 -15.98
C PHE D 1288 113.28 -1.25 -16.28
N LEU D 1289 113.08 -0.08 -15.69
CA LEU D 1289 111.81 0.65 -15.74
C LEU D 1289 111.98 1.91 -16.56
N ARG D 1290 110.98 2.19 -17.40
CA ARG D 1290 111.02 3.34 -18.29
C ARG D 1290 109.63 3.95 -18.30
N LEU D 1291 109.56 5.27 -18.48
CA LEU D 1291 108.25 5.91 -18.61
C LEU D 1291 107.74 5.75 -20.05
N SER D 1292 106.48 6.16 -20.25
CA SER D 1292 105.80 5.82 -21.50
C SER D 1292 105.95 6.91 -22.57
N LEU D 1293 106.15 8.17 -22.18
CA LEU D 1293 106.24 9.17 -23.23
C LEU D 1293 107.64 9.76 -23.30
N PRO D 1294 108.20 9.96 -24.49
CA PRO D 1294 109.49 10.63 -24.61
C PRO D 1294 109.35 12.14 -24.71
N VAL D 1295 110.49 12.80 -24.66
CA VAL D 1295 110.60 14.22 -24.97
C VAL D 1295 111.28 14.33 -26.32
N GLN D 1296 111.01 15.43 -27.03
CA GLN D 1296 111.53 15.60 -28.38
C GLN D 1296 112.27 16.92 -28.46
N PHE D 1297 113.56 16.85 -28.80
CA PHE D 1297 114.37 18.05 -28.92
C PHE D 1297 113.99 18.85 -30.17
N HIS D 1298 114.30 20.15 -30.13
CA HIS D 1298 114.01 21.02 -31.26
C HIS D 1298 115.01 20.81 -32.38
N GLN D 1299 114.53 21.04 -33.61
CA GLN D 1299 115.25 20.60 -34.79
C GLN D 1299 116.45 21.50 -35.09
N HIS D 1300 116.32 22.79 -34.80
CA HIS D 1300 117.44 23.71 -34.89
C HIS D 1300 117.82 24.16 -33.50
N PHE D 1301 119.10 24.06 -33.18
CA PHE D 1301 119.56 24.45 -31.86
C PHE D 1301 119.74 25.96 -31.80
N ARG D 1302 119.96 26.47 -30.57
CA ARG D 1302 119.93 27.91 -30.35
C ARG D 1302 121.15 28.59 -30.94
N CYS D 1303 122.34 28.00 -30.75
CA CYS D 1303 123.64 28.47 -31.26
C CYS D 1303 123.97 29.91 -30.85
N ASP D 1422 108.70 32.13 -9.54
CA ASP D 1422 109.65 33.01 -10.20
C ASP D 1422 108.92 34.10 -10.99
N ASP D 1423 109.67 34.75 -11.88
CA ASP D 1423 109.08 35.76 -12.76
C ASP D 1423 108.25 35.08 -13.85
N PRO D 1424 107.15 35.70 -14.27
CA PRO D 1424 106.35 35.10 -15.35
C PRO D 1424 107.01 35.24 -16.72
N GLU D 1425 107.95 36.16 -16.88
CA GLU D 1425 108.63 36.32 -18.17
C GLU D 1425 109.66 35.22 -18.40
N ILE D 1426 110.33 34.78 -17.33
CA ILE D 1426 111.39 33.80 -17.47
C ILE D 1426 110.84 32.38 -17.54
N ILE D 1427 109.59 32.16 -17.11
CA ILE D 1427 109.06 30.81 -17.16
C ILE D 1427 108.40 30.51 -18.51
N LEU D 1428 107.81 31.53 -19.16
CA LEU D 1428 107.14 31.31 -20.44
C LEU D 1428 108.11 31.22 -21.60
N ASN D 1429 109.32 31.75 -21.45
CA ASN D 1429 110.30 31.75 -22.53
C ASN D 1429 111.42 30.73 -22.32
N THR D 1430 111.39 29.96 -21.23
CA THR D 1430 112.45 28.99 -21.00
C THR D 1430 112.11 27.65 -21.65
N THR D 1431 113.16 26.92 -22.01
CA THR D 1431 113.03 25.56 -22.55
C THR D 1431 113.98 24.66 -21.75
N THR D 1432 113.61 24.36 -20.51
CA THR D 1432 114.41 23.44 -19.71
C THR D 1432 113.52 22.80 -18.65
N TYR D 1433 113.71 21.48 -18.46
CA TYR D 1433 112.73 20.66 -17.77
C TYR D 1433 113.43 19.76 -16.77
N TYR D 1434 112.73 19.44 -15.67
CA TYR D 1434 113.32 18.73 -14.54
C TYR D 1434 112.40 17.61 -14.07
N TYR D 1435 113.01 16.50 -13.66
CA TYR D 1435 112.31 15.45 -12.94
C TYR D 1435 113.31 14.80 -12.00
N SER D 1436 112.84 14.34 -10.85
CA SER D 1436 113.70 13.73 -9.85
C SER D 1436 113.12 12.40 -9.38
N VAL D 1437 113.99 11.60 -8.74
CA VAL D 1437 113.59 10.37 -8.08
C VAL D 1437 114.16 10.36 -6.68
N ARG D 1438 113.40 9.80 -5.73
CA ARG D 1438 113.82 9.73 -4.34
C ARG D 1438 114.06 8.27 -3.96
N VAL D 1439 115.29 7.98 -3.55
CA VAL D 1439 115.72 6.61 -3.24
C VAL D 1439 115.47 6.39 -1.75
N PHE D 1440 114.75 5.32 -1.43
CA PHE D 1440 114.22 5.09 -0.10
C PHE D 1440 115.29 4.55 0.84
N ALA D 1441 114.93 4.51 2.12
CA ALA D 1441 115.81 3.98 3.15
C ALA D 1441 115.88 2.46 3.07
N GLY D 1442 117.09 1.93 3.28
CA GLY D 1442 117.35 0.52 3.09
C GLY D 1442 117.73 0.13 1.68
N GLN D 1443 117.41 0.95 0.70
CA GLN D 1443 117.85 0.72 -0.67
C GLN D 1443 119.23 1.34 -0.87
N GLU D 1444 120.20 0.50 -1.20
CA GLU D 1444 121.57 0.96 -1.39
C GLU D 1444 121.70 1.75 -2.68
N PRO D 1445 122.35 2.91 -2.67
CA PRO D 1445 122.48 3.70 -3.91
C PRO D 1445 123.48 3.16 -4.92
N SER D 1446 124.20 2.08 -4.61
CA SER D 1446 125.11 1.50 -5.59
C SER D 1446 124.36 0.76 -6.70
N CYS D 1447 123.12 0.34 -6.45
CA CYS D 1447 122.34 -0.38 -7.44
C CYS D 1447 121.32 0.50 -8.15
N VAL D 1448 121.55 1.82 -8.17
CA VAL D 1448 120.61 2.77 -8.73
C VAL D 1448 121.29 3.52 -9.86
N TRP D 1449 120.68 3.48 -11.04
CA TRP D 1449 121.15 4.18 -12.23
C TRP D 1449 120.01 5.03 -12.78
N VAL D 1450 120.20 6.35 -12.78
CA VAL D 1450 119.13 7.30 -13.09
C VAL D 1450 119.54 8.13 -14.31
N GLY D 1451 118.63 8.23 -15.28
CA GLY D 1451 118.86 9.09 -16.44
C GLY D 1451 117.89 8.92 -17.59
N TRP D 1452 118.42 8.87 -18.81
CA TRP D 1452 117.61 8.83 -20.02
C TRP D 1452 118.05 7.73 -20.97
N VAL D 1453 117.09 7.21 -21.73
CA VAL D 1453 117.28 6.05 -22.61
C VAL D 1453 116.67 6.37 -23.96
N THR D 1454 117.49 6.33 -25.01
CA THR D 1454 116.97 6.53 -26.36
C THR D 1454 116.42 5.20 -26.89
N PRO D 1455 115.37 5.23 -27.74
CA PRO D 1455 114.50 4.05 -27.92
C PRO D 1455 115.11 2.76 -28.44
N ASP D 1456 116.28 2.75 -29.11
CA ASP D 1456 116.81 1.49 -29.61
C ASP D 1456 117.71 0.83 -28.56
N TYR D 1457 117.13 0.57 -27.39
CA TYR D 1457 117.79 -0.09 -26.28
C TYR D 1457 117.14 -1.45 -26.05
N HIS D 1458 117.87 -2.51 -26.40
CA HIS D 1458 117.37 -3.88 -26.26
C HIS D 1458 118.41 -4.76 -25.57
N GLN D 1459 119.03 -4.25 -24.51
CA GLN D 1459 119.96 -5.01 -23.68
C GLN D 1459 119.31 -5.28 -22.33
N HIS D 1460 119.15 -6.56 -22.00
CA HIS D 1460 118.55 -6.99 -20.73
C HIS D 1460 119.54 -7.95 -20.07
N ASP D 1461 120.41 -7.41 -19.22
CA ASP D 1461 121.43 -8.20 -18.53
C ASP D 1461 121.33 -7.94 -17.04
N MET D 1462 121.58 -8.98 -16.26
CA MET D 1462 121.49 -8.88 -14.81
C MET D 1462 122.78 -8.36 -14.18
N ASN D 1463 123.82 -8.11 -14.97
CA ASN D 1463 125.10 -7.57 -14.52
C ASN D 1463 125.37 -6.23 -15.18
N PHE D 1464 124.37 -5.37 -15.18
CA PHE D 1464 124.45 -4.12 -15.93
C PHE D 1464 125.32 -3.09 -15.21
N ASP D 1465 126.18 -2.42 -15.98
CA ASP D 1465 126.96 -1.30 -15.49
C ASP D 1465 127.12 -0.30 -16.62
N LEU D 1466 127.62 0.89 -16.27
CA LEU D 1466 127.77 1.95 -17.26
C LEU D 1466 128.96 1.72 -18.18
N SER D 1467 129.88 0.83 -17.84
CA SER D 1467 130.93 0.46 -18.79
C SER D 1467 130.38 -0.44 -19.89
N LYS D 1468 129.29 -1.16 -19.61
CA LYS D 1468 128.66 -2.03 -20.59
C LYS D 1468 127.54 -1.28 -21.32
N VAL D 1469 127.91 -0.11 -21.84
CA VAL D 1469 127.00 0.79 -22.54
C VAL D 1469 127.57 1.05 -23.92
N ARG D 1470 126.74 0.89 -24.96
CA ARG D 1470 127.16 1.13 -26.33
C ARG D 1470 127.46 2.62 -26.52
N ALA D 1471 128.69 2.94 -26.89
CA ALA D 1471 129.06 4.31 -27.24
C ALA D 1471 129.83 4.29 -28.55
N VAL D 1472 129.44 5.13 -29.50
CA VAL D 1472 130.13 5.24 -30.79
C VAL D 1472 130.50 6.71 -31.01
N THR D 1473 131.79 6.97 -31.23
CA THR D 1473 132.30 8.32 -31.43
C THR D 1473 132.71 8.46 -32.90
N VAL D 1474 132.01 9.32 -33.63
CA VAL D 1474 132.25 9.53 -35.05
C VAL D 1474 133.00 10.85 -35.22
N THR D 1475 134.14 10.80 -35.90
CA THR D 1475 134.92 12.00 -36.21
C THR D 1475 135.15 12.10 -37.71
N MET D 1476 134.66 13.19 -38.29
CA MET D 1476 134.70 13.41 -39.73
C MET D 1476 135.41 14.73 -39.99
N GLY D 1477 136.50 14.70 -40.75
CA GLY D 1477 137.29 15.89 -41.00
C GLY D 1477 137.44 16.23 -42.47
N ASP D 1478 138.49 16.97 -42.81
CA ASP D 1478 138.77 17.33 -44.18
C ASP D 1478 139.80 16.35 -44.75
N GLU D 1479 140.26 16.61 -45.98
CA GLU D 1479 141.28 15.78 -46.61
C GLU D 1479 142.67 16.06 -46.08
N GLN D 1480 142.87 17.17 -45.37
CA GLN D 1480 144.19 17.49 -44.83
C GLN D 1480 144.53 16.64 -43.61
N GLY D 1481 143.51 16.16 -42.90
CA GLY D 1481 143.70 15.31 -41.74
C GLY D 1481 143.15 15.88 -40.45
N ASN D 1482 142.95 17.19 -40.37
CA ASN D 1482 142.39 17.80 -39.18
C ASN D 1482 140.88 17.54 -39.13
N VAL D 1483 140.39 17.29 -37.91
CA VAL D 1483 138.98 16.96 -37.73
C VAL D 1483 138.12 18.21 -37.86
N HIS D 1484 136.84 18.00 -38.14
CA HIS D 1484 135.85 19.07 -38.19
C HIS D 1484 134.81 18.96 -37.10
N SER D 1485 134.40 17.75 -36.74
CA SER D 1485 133.35 17.55 -35.75
C SER D 1485 133.54 16.20 -35.09
N SER D 1486 132.97 16.08 -33.89
CA SER D 1486 133.01 14.85 -33.11
C SER D 1486 131.66 14.65 -32.43
N LEU D 1487 130.93 13.62 -32.83
CA LEU D 1487 129.66 13.29 -32.22
C LEU D 1487 129.72 11.90 -31.61
N LYS D 1488 129.22 11.77 -30.38
CA LYS D 1488 129.18 10.50 -29.68
C LYS D 1488 127.73 10.01 -29.65
N CYS D 1489 127.51 8.79 -30.13
CA CYS D 1489 126.19 8.19 -30.17
C CYS D 1489 126.12 7.09 -29.11
N SER D 1490 125.19 7.24 -28.18
CA SER D 1490 124.91 6.23 -27.18
C SER D 1490 123.41 6.03 -27.07
N ASN D 1491 123.02 4.89 -26.49
CA ASN D 1491 121.60 4.62 -26.22
C ASN D 1491 121.23 4.82 -24.76
N CYS D 1492 122.20 4.77 -23.85
CA CYS D 1492 121.95 4.82 -22.41
C CYS D 1492 122.77 5.98 -21.83
N TYR D 1493 122.09 7.09 -21.55
CA TYR D 1493 122.72 8.30 -21.01
C TYR D 1493 122.31 8.46 -19.55
N MET D 1494 122.94 7.69 -18.66
CA MET D 1494 122.60 7.74 -17.25
C MET D 1494 123.88 7.81 -16.41
N VAL D 1495 123.67 8.00 -15.11
CA VAL D 1495 124.75 8.18 -14.14
C VAL D 1495 124.58 7.17 -13.01
N TRP D 1496 125.67 6.91 -12.29
CA TRP D 1496 125.64 5.96 -11.19
C TRP D 1496 125.34 6.68 -9.88
N GLY D 1497 124.44 6.09 -9.09
CA GLY D 1497 124.02 6.72 -7.84
C GLY D 1497 125.02 6.56 -6.72
N GLY D 1498 125.89 5.56 -6.80
CA GLY D 1498 126.92 5.36 -5.80
C GLY D 1498 128.01 6.40 -5.81
N ASP D 1499 128.18 7.12 -6.93
CA ASP D 1499 129.21 8.16 -6.99
C ASP D 1499 128.78 9.43 -6.29
N PHE D 1500 127.46 9.62 -6.10
CA PHE D 1500 126.98 10.86 -5.47
C PHE D 1500 127.12 10.78 -3.96
N VAL D 1501 126.59 9.71 -3.36
CA VAL D 1501 126.63 9.54 -1.92
C VAL D 1501 127.94 8.88 -1.50
N ILE D 1509 123.76 1.38 5.71
CA ILE D 1509 122.47 1.59 6.34
C ILE D 1509 122.15 3.09 6.39
N SER D 1510 121.77 3.63 5.23
CA SER D 1510 121.45 5.05 5.15
C SER D 1510 120.05 5.33 5.65
N HIS D 1511 119.94 6.31 6.55
CA HIS D 1511 118.66 6.72 7.12
C HIS D 1511 118.07 7.93 6.42
N THR D 1512 118.80 8.56 5.51
CA THR D 1512 118.30 9.68 4.73
C THR D 1512 118.10 9.25 3.28
N ASP D 1513 117.31 10.04 2.57
CA ASP D 1513 116.91 9.67 1.22
C ASP D 1513 117.70 10.48 0.19
N LEU D 1514 118.08 9.81 -0.91
CA LEU D 1514 118.93 10.38 -1.93
C LEU D 1514 118.07 10.80 -3.12
N VAL D 1515 118.16 12.07 -3.50
CA VAL D 1515 117.35 12.64 -4.57
C VAL D 1515 118.26 12.93 -5.75
N ILE D 1516 118.10 12.16 -6.82
CA ILE D 1516 118.89 12.35 -8.05
C ILE D 1516 118.01 13.07 -9.05
N GLY D 1517 118.42 14.27 -9.46
CA GLY D 1517 117.65 15.04 -10.41
C GLY D 1517 118.29 15.13 -11.78
N CYS D 1518 117.48 15.33 -12.81
CA CYS D 1518 117.96 15.39 -14.18
C CYS D 1518 117.50 16.70 -14.82
N LEU D 1519 118.40 17.36 -15.53
CA LEU D 1519 118.13 18.63 -16.20
C LEU D 1519 118.41 18.49 -17.69
N VAL D 1520 117.45 18.89 -18.50
CA VAL D 1520 117.54 18.88 -19.96
C VAL D 1520 117.29 20.28 -20.46
N ASP D 1521 117.99 20.69 -21.53
CA ASP D 1521 117.70 21.90 -22.27
C ASP D 1521 117.41 21.48 -23.71
N LEU D 1522 116.17 21.67 -24.17
CA LEU D 1522 115.83 21.28 -25.53
C LEU D 1522 116.36 22.24 -26.58
N ALA D 1523 116.87 23.41 -26.18
CA ALA D 1523 117.39 24.37 -27.16
C ALA D 1523 118.88 24.15 -27.43
N THR D 1524 119.68 23.88 -26.40
CA THR D 1524 121.10 23.62 -26.59
C THR D 1524 121.45 22.14 -26.62
N GLY D 1525 120.56 21.27 -26.17
CA GLY D 1525 120.84 19.85 -26.14
C GLY D 1525 121.83 19.45 -25.06
N LEU D 1526 121.85 20.16 -23.95
CA LEU D 1526 122.79 19.93 -22.87
C LEU D 1526 122.07 19.33 -21.68
N MET D 1527 122.60 18.23 -21.15
CA MET D 1527 122.00 17.55 -20.02
C MET D 1527 122.98 17.49 -18.86
N THR D 1528 122.59 18.07 -17.73
CA THR D 1528 123.35 18.06 -16.50
C THR D 1528 122.56 17.32 -15.43
N PHE D 1529 123.26 16.58 -14.58
CA PHE D 1529 122.64 15.80 -13.52
C PHE D 1529 122.99 16.38 -12.16
N THR D 1530 121.96 16.60 -11.34
CA THR D 1530 122.12 17.14 -10.00
C THR D 1530 121.69 16.10 -8.97
N ALA D 1531 122.27 16.19 -7.78
CA ALA D 1531 121.94 15.29 -6.69
C ALA D 1531 121.86 16.09 -5.40
N ASN D 1532 120.69 16.07 -4.76
CA ASN D 1532 120.41 16.75 -3.49
C ASN D 1532 120.68 18.25 -3.55
N GLY D 1533 120.32 18.86 -4.68
CA GLY D 1533 120.54 20.28 -4.87
C GLY D 1533 121.95 20.68 -5.20
N LYS D 1534 122.83 19.73 -5.52
CA LYS D 1534 124.21 20.02 -5.87
C LYS D 1534 124.50 19.51 -7.27
N GLU D 1535 125.08 20.35 -8.12
CA GLU D 1535 125.42 19.94 -9.47
C GLU D 1535 126.70 19.12 -9.47
N SER D 1536 126.81 18.22 -10.45
CA SER D 1536 127.91 17.28 -10.54
C SER D 1536 128.74 17.53 -11.79
N ASN D 1537 129.78 16.71 -11.96
CA ASN D 1537 130.76 16.93 -13.02
C ASN D 1537 130.30 16.42 -14.38
N THR D 1538 129.22 15.67 -14.48
CA THR D 1538 128.85 15.04 -15.73
C THR D 1538 128.08 15.99 -16.65
N PHE D 1539 128.13 15.71 -17.95
CA PHE D 1539 127.39 16.44 -18.96
C PHE D 1539 127.27 15.57 -20.21
N PHE D 1540 126.17 15.74 -20.93
CA PHE D 1540 125.91 14.97 -22.15
C PHE D 1540 125.32 15.89 -23.20
N GLN D 1541 125.68 15.65 -24.46
CA GLN D 1541 125.10 16.37 -25.60
C GLN D 1541 124.53 15.37 -26.60
N VAL D 1542 123.40 15.72 -27.20
CA VAL D 1542 122.66 14.81 -28.05
C VAL D 1542 122.56 15.36 -29.48
N GLU D 1543 121.96 14.55 -30.35
CA GLU D 1543 121.64 14.94 -31.71
C GLU D 1543 120.51 15.95 -31.71
N PRO D 1544 120.38 16.76 -32.78
CA PRO D 1544 119.22 17.69 -32.85
C PRO D 1544 117.89 16.96 -32.93
N ASN D 1545 117.79 15.94 -33.78
CA ASN D 1545 116.58 15.14 -33.88
C ASN D 1545 116.80 13.84 -33.13
N THR D 1546 116.36 13.81 -31.87
CA THR D 1546 116.37 12.60 -31.08
C THR D 1546 115.22 12.67 -30.10
N LYS D 1547 114.87 11.52 -29.55
CA LYS D 1547 113.92 11.43 -28.45
C LYS D 1547 114.53 10.64 -27.30
N LEU D 1548 114.17 11.03 -26.08
CA LEU D 1548 114.76 10.48 -24.88
C LEU D 1548 113.66 10.09 -23.91
N PHE D 1549 113.76 8.87 -23.37
CA PHE D 1549 112.80 8.37 -22.40
C PHE D 1549 113.38 8.47 -21.00
N PRO D 1550 112.68 9.09 -20.05
CA PRO D 1550 113.15 9.10 -18.66
C PRO D 1550 113.07 7.73 -18.02
N ALA D 1551 114.22 7.11 -17.76
CA ALA D 1551 114.28 5.76 -17.21
C ALA D 1551 115.15 5.74 -15.97
N VAL D 1552 114.86 4.78 -15.09
CA VAL D 1552 115.65 4.52 -13.90
C VAL D 1552 115.89 3.02 -13.84
N PHE D 1553 117.15 2.60 -13.87
CA PHE D 1553 117.50 1.19 -13.79
C PHE D 1553 117.94 0.89 -12.37
N VAL D 1554 117.25 -0.04 -11.70
CA VAL D 1554 117.40 -0.26 -10.27
C VAL D 1554 117.24 -1.75 -9.99
N LEU D 1555 118.00 -2.24 -8.96
CA LEU D 1555 117.87 -3.56 -8.38
C LEU D 1555 117.26 -3.44 -7.00
N PRO D 1556 116.13 -4.10 -6.72
CA PRO D 1556 115.42 -3.87 -5.45
C PRO D 1556 116.10 -4.56 -4.28
N THR D 1557 116.59 -3.77 -3.34
CA THR D 1557 117.14 -4.29 -2.08
C THR D 1557 116.34 -3.84 -0.88
N HIS D 1558 115.08 -3.42 -1.06
CA HIS D 1558 114.17 -3.11 0.02
C HIS D 1558 112.76 -3.36 -0.49
N GLN D 1559 111.78 -3.16 0.41
CA GLN D 1559 110.38 -3.17 -0.02
C GLN D 1559 110.06 -1.92 -0.83
N ASN D 1560 110.43 -0.76 -0.32
CA ASN D 1560 110.31 0.50 -1.04
C ASN D 1560 111.56 0.74 -1.86
N VAL D 1561 111.39 0.87 -3.18
CA VAL D 1561 112.54 0.91 -4.07
C VAL D 1561 112.82 2.33 -4.58
N ILE D 1562 111.94 2.84 -5.44
CA ILE D 1562 112.11 4.12 -6.10
C ILE D 1562 110.77 4.86 -6.12
N GLN D 1563 110.83 6.12 -6.56
CA GLN D 1563 109.64 6.96 -6.64
C GLN D 1563 109.89 8.04 -7.68
N PHE D 1564 109.20 7.95 -8.82
CA PHE D 1564 109.28 9.00 -9.82
C PHE D 1564 108.48 10.21 -9.35
N GLU D 1565 109.15 11.32 -9.04
CA GLU D 1565 108.49 12.57 -8.66
C GLU D 1565 108.67 13.60 -9.76
N LEU D 1566 107.56 14.05 -10.33
CA LEU D 1566 107.57 15.03 -11.42
C LEU D 1566 107.39 16.44 -10.87
N GLY D 1567 108.39 16.90 -10.12
CA GLY D 1567 108.28 18.18 -9.45
C GLY D 1567 108.89 19.34 -10.24
N LYS D 1568 108.43 20.54 -9.91
CA LYS D 1568 108.94 21.77 -10.50
C LYS D 1568 109.83 22.49 -9.50
N GLN D 1569 110.95 23.03 -9.97
CA GLN D 1569 111.88 23.78 -9.12
C GLN D 1569 111.47 25.25 -9.14
N LYS D 1570 112.43 26.15 -8.89
CA LYS D 1570 112.12 27.57 -8.70
C LYS D 1570 111.66 28.23 -10.00
N ASN D 1571 112.37 27.99 -11.11
CA ASN D 1571 112.12 28.73 -12.34
C ASN D 1571 112.13 27.83 -13.56
N ILE D 1572 112.02 26.53 -13.37
CA ILE D 1572 112.05 25.57 -14.47
C ILE D 1572 110.78 24.72 -14.42
N MET D 1573 110.20 24.45 -15.59
CA MET D 1573 108.94 23.74 -15.70
C MET D 1573 109.14 22.22 -15.56
N PRO D 1574 108.12 21.50 -15.08
CA PRO D 1574 108.24 20.04 -14.94
C PRO D 1574 108.15 19.33 -16.30
N LEU D 1575 108.26 18.00 -16.25
CA LEU D 1575 108.41 17.22 -17.47
C LEU D 1575 107.11 17.10 -18.27
N SER D 1576 105.96 17.43 -17.66
CA SER D 1576 104.69 17.24 -18.35
C SER D 1576 104.47 18.26 -19.46
N ALA D 1577 105.27 19.34 -19.49
CA ALA D 1577 105.15 20.34 -20.54
C ALA D 1577 105.90 19.92 -21.81
N ALA D 1578 106.99 19.16 -21.68
CA ALA D 1578 107.75 18.75 -22.85
C ALA D 1578 107.11 17.58 -23.59
N MET D 1579 106.30 16.77 -22.89
CA MET D 1579 105.74 15.56 -23.45
C MET D 1579 104.38 15.78 -24.09
N PHE D 1580 103.69 16.86 -23.71
CA PHE D 1580 102.35 17.16 -24.19
C PHE D 1580 102.33 18.58 -24.74
N LEU D 1581 101.60 18.78 -25.83
CA LEU D 1581 101.58 20.08 -26.47
C LEU D 1581 100.50 20.99 -25.89
N SER D 1582 99.47 20.41 -25.27
CA SER D 1582 98.40 21.22 -24.71
C SER D 1582 98.82 21.92 -23.41
N GLU D 1583 99.79 21.35 -22.70
CA GLU D 1583 100.26 21.90 -21.43
C GLU D 1583 101.70 22.40 -21.50
N ARG D 1584 102.11 22.93 -22.65
CA ARG D 1584 103.45 23.51 -22.76
C ARG D 1584 103.59 24.76 -21.90
N LYS D 1585 102.53 25.55 -21.80
CA LYS D 1585 102.57 26.82 -21.07
C LYS D 1585 101.96 26.76 -19.68
N ASN D 1586 101.50 25.58 -19.23
CA ASN D 1586 100.99 25.43 -17.87
C ASN D 1586 102.12 24.88 -17.02
N PRO D 1587 102.61 25.61 -16.00
CA PRO D 1587 103.74 25.12 -15.21
C PRO D 1587 103.35 24.18 -14.08
N ALA D 1588 102.06 23.90 -13.88
CA ALA D 1588 101.66 23.03 -12.78
C ALA D 1588 101.97 21.57 -13.11
N PRO D 1589 102.50 20.80 -12.15
CA PRO D 1589 102.81 19.40 -12.42
C PRO D 1589 101.55 18.56 -12.47
N GLN D 1590 101.43 17.76 -13.53
CA GLN D 1590 100.30 16.86 -13.72
C GLN D 1590 100.80 15.44 -13.97
N CYS D 1591 99.92 14.48 -13.73
CA CYS D 1591 100.21 13.05 -13.96
C CYS D 1591 99.01 12.40 -14.63
N PRO D 1592 98.97 12.41 -15.96
CA PRO D 1592 97.85 11.79 -16.68
C PRO D 1592 98.01 10.28 -16.75
N PRO D 1593 96.93 9.53 -16.97
CA PRO D 1593 97.05 8.06 -17.07
C PRO D 1593 97.77 7.56 -18.32
N ARG D 1594 98.03 8.42 -19.31
CA ARG D 1594 98.93 8.04 -20.40
C ARG D 1594 100.37 7.91 -19.93
N LEU D 1595 100.75 8.59 -18.86
CA LEU D 1595 102.05 8.39 -18.24
C LEU D 1595 101.92 7.18 -17.33
N GLU D 1596 102.41 6.04 -17.80
CA GLU D 1596 102.64 4.88 -16.94
C GLU D 1596 104.11 4.50 -17.05
N VAL D 1597 104.52 3.58 -16.19
CA VAL D 1597 105.88 3.08 -16.23
C VAL D 1597 105.87 1.76 -16.99
N GLN D 1598 106.95 1.50 -17.72
CA GLN D 1598 107.11 0.29 -18.51
C GLN D 1598 108.15 -0.59 -17.85
N MET D 1599 108.22 -1.85 -18.29
CA MET D 1599 109.32 -2.73 -17.91
C MET D 1599 109.71 -3.59 -19.10
N LEU D 1600 111.01 -3.87 -19.21
CA LEU D 1600 111.56 -4.55 -20.37
C LEU D 1600 111.49 -6.06 -20.14
N MET D 1601 110.46 -6.72 -20.72
CA MET D 1601 110.47 -8.18 -20.62
C MET D 1601 111.44 -8.74 -21.66
N PRO D 1602 112.08 -9.89 -21.37
CA PRO D 1602 113.12 -10.38 -22.30
C PRO D 1602 112.58 -10.95 -23.61
N VAL D 1603 111.35 -11.44 -23.65
CA VAL D 1603 110.81 -12.07 -24.86
C VAL D 1603 109.48 -11.43 -25.22
N SER D 1604 109.09 -11.60 -26.49
CA SER D 1604 107.85 -11.04 -27.01
C SER D 1604 107.42 -11.87 -28.21
N TRP D 1605 106.14 -11.72 -28.57
CA TRP D 1605 105.54 -12.49 -29.66
C TRP D 1605 105.55 -11.67 -30.96
N SER D 1606 106.06 -12.26 -32.03
CA SER D 1606 105.98 -11.71 -33.37
C SER D 1606 105.52 -12.80 -34.35
N ARG D 1607 105.39 -12.42 -35.62
CA ARG D 1607 104.79 -13.28 -36.64
C ARG D 1607 105.75 -13.50 -37.79
N MET D 1608 105.87 -14.75 -38.24
CA MET D 1608 106.69 -15.09 -39.41
C MET D 1608 106.02 -14.58 -40.68
N PRO D 1609 106.76 -13.96 -41.59
CA PRO D 1609 106.20 -13.63 -42.91
C PRO D 1609 106.05 -14.88 -43.77
N ASN D 1610 105.16 -14.78 -44.75
CA ASN D 1610 104.82 -15.91 -45.60
C ASN D 1610 105.67 -16.01 -46.85
N HIS D 1611 106.41 -14.96 -47.19
CA HIS D 1611 107.30 -14.97 -48.35
C HIS D 1611 108.61 -14.30 -47.96
N PHE D 1612 109.68 -15.07 -47.94
CA PHE D 1612 111.01 -14.58 -47.59
C PHE D 1612 111.77 -14.21 -48.87
N LEU D 1613 112.86 -13.46 -48.68
CA LEU D 1613 113.72 -13.10 -49.81
C LEU D 1613 114.60 -14.29 -50.19
N GLN D 1614 114.54 -14.68 -51.46
CA GLN D 1614 115.25 -15.84 -51.97
C GLN D 1614 116.64 -15.40 -52.42
N VAL D 1615 117.66 -15.88 -51.71
CA VAL D 1615 119.04 -15.47 -51.92
C VAL D 1615 119.79 -16.57 -52.67
N GLU D 1616 120.69 -16.18 -53.57
CA GLU D 1616 121.46 -17.11 -54.38
C GLU D 1616 122.94 -16.98 -54.01
N THR D 1617 123.42 -17.92 -53.21
CA THR D 1617 124.80 -17.93 -52.73
C THR D 1617 125.58 -19.00 -53.49
N ARG D 1618 126.67 -18.59 -54.13
CA ARG D 1618 127.45 -19.45 -55.00
C ARG D 1618 128.82 -18.83 -55.20
N ARG D 1619 129.88 -19.65 -55.12
CA ARG D 1619 131.21 -19.14 -55.46
C ARG D 1619 131.47 -19.33 -56.95
N ALA D 1620 131.89 -18.26 -57.61
CA ALA D 1620 132.13 -18.25 -59.06
C ALA D 1620 133.57 -17.83 -59.30
N GLY D 1621 134.45 -18.81 -59.48
CA GLY D 1621 135.84 -18.54 -59.76
C GLY D 1621 136.66 -18.23 -58.52
N GLU D 1622 137.98 -18.31 -58.64
CA GLU D 1622 138.88 -18.05 -57.53
C GLU D 1622 139.32 -16.59 -57.45
N ARG D 1623 139.09 -15.80 -58.49
CA ARG D 1623 139.47 -14.39 -58.47
C ARG D 1623 138.27 -13.45 -58.41
N LEU D 1624 137.11 -13.86 -58.95
CA LEU D 1624 135.92 -13.03 -58.85
C LEU D 1624 135.39 -13.00 -57.43
N GLY D 1625 135.37 -14.15 -56.76
CA GLY D 1625 134.96 -14.24 -55.38
C GLY D 1625 133.58 -14.87 -55.25
N TRP D 1626 133.04 -14.77 -54.04
CA TRP D 1626 131.73 -15.32 -53.72
C TRP D 1626 130.65 -14.36 -54.19
N ALA D 1627 129.84 -14.81 -55.13
CA ALA D 1627 128.78 -13.99 -55.71
C ALA D 1627 127.48 -14.24 -54.98
N VAL D 1628 126.67 -13.19 -54.85
CA VAL D 1628 125.40 -13.27 -54.14
C VAL D 1628 124.44 -12.28 -54.80
N GLN D 1629 123.17 -12.68 -54.87
CA GLN D 1629 122.18 -11.92 -55.62
C GLN D 1629 120.78 -12.31 -55.17
N CYS D 1630 119.85 -11.34 -55.24
CA CYS D 1630 118.43 -11.62 -55.15
C CYS D 1630 117.69 -10.69 -56.10
N GLN D 1631 116.60 -11.22 -56.69
CA GLN D 1631 115.80 -10.47 -57.66
C GLN D 1631 114.30 -10.45 -57.35
N ASP D 1632 113.84 -11.14 -56.32
CA ASP D 1632 112.41 -11.19 -56.02
C ASP D 1632 111.95 -9.90 -55.36
N PRO D 1633 110.97 -9.19 -55.92
CA PRO D 1633 110.48 -7.96 -55.28
C PRO D 1633 109.44 -8.27 -54.20
N LEU D 1634 109.65 -7.71 -53.02
CA LEU D 1634 108.77 -7.95 -51.88
C LEU D 1634 108.55 -6.65 -51.10
N THR D 1635 107.29 -6.42 -50.73
CA THR D 1635 106.88 -5.24 -49.98
C THR D 1635 105.91 -5.69 -48.90
N MET D 1636 105.76 -4.86 -47.87
CA MET D 1636 104.76 -5.09 -46.83
C MET D 1636 104.34 -3.75 -46.24
N MET D 1637 103.19 -3.76 -45.58
CA MET D 1637 102.65 -2.59 -44.89
C MET D 1637 102.91 -2.73 -43.41
N ALA D 1638 103.19 -1.62 -42.73
CA ALA D 1638 103.50 -1.69 -41.31
C ALA D 1638 103.04 -0.41 -40.61
N LEU D 1639 102.69 -0.55 -39.34
CA LEU D 1639 102.41 0.60 -38.49
C LEU D 1639 103.72 1.23 -38.02
N HIS D 1640 103.68 2.55 -37.81
CA HIS D 1640 104.91 3.26 -37.47
C HIS D 1640 105.04 3.53 -35.97
N ILE D 1641 103.93 3.89 -35.31
CA ILE D 1641 103.81 4.15 -33.88
C ILE D 1641 104.83 5.17 -33.40
N PRO D 1642 104.59 6.48 -33.64
CA PRO D 1642 105.68 7.47 -33.49
C PRO D 1642 106.10 7.77 -32.06
N GLU D 1643 105.30 7.42 -31.04
CA GLU D 1643 105.72 7.75 -29.69
C GLU D 1643 106.77 6.79 -29.15
N GLU D 1644 106.93 5.62 -29.78
CA GLU D 1644 108.02 4.72 -29.43
C GLU D 1644 109.00 4.48 -30.58
N ASN D 1645 108.65 4.92 -31.80
CA ASN D 1645 109.48 4.82 -33.01
C ASN D 1645 109.81 3.35 -33.28
N ARG D 1646 108.78 2.51 -33.22
CA ARG D 1646 108.92 1.07 -33.36
C ARG D 1646 107.85 0.56 -34.30
N CYS D 1647 108.24 -0.29 -35.23
CA CYS D 1647 107.35 -0.77 -36.27
C CYS D 1647 106.96 -2.22 -36.01
N MET D 1648 105.70 -2.52 -36.33
CA MET D 1648 105.18 -3.88 -36.28
C MET D 1648 104.34 -4.09 -37.53
N ASP D 1649 104.22 -5.35 -37.93
CA ASP D 1649 103.49 -5.66 -39.15
C ASP D 1649 101.99 -5.46 -38.94
N ILE D 1650 101.31 -5.11 -40.04
CA ILE D 1650 99.87 -4.86 -39.96
C ILE D 1650 99.10 -6.18 -39.84
N LEU D 1651 99.74 -7.31 -40.15
CA LEU D 1651 99.12 -8.62 -40.00
C LEU D 1651 99.23 -9.17 -38.59
N GLU D 1652 100.02 -8.54 -37.71
CA GLU D 1652 100.06 -8.94 -36.30
C GLU D 1652 98.90 -8.39 -35.50
N LEU D 1653 98.08 -7.51 -36.08
CA LEU D 1653 96.92 -6.98 -35.36
C LEU D 1653 95.81 -7.99 -35.19
N SER D 1654 95.84 -9.10 -35.93
CA SER D 1654 94.86 -10.17 -35.73
C SER D 1654 95.06 -10.87 -34.39
N GLU D 1655 96.28 -10.82 -33.84
CA GLU D 1655 96.52 -11.30 -32.49
C GLU D 1655 96.66 -10.18 -31.46
N ARG D 1656 96.77 -8.93 -31.91
CA ARG D 1656 96.88 -7.81 -30.98
C ARG D 1656 95.52 -7.50 -30.34
N LEU D 1657 94.52 -7.25 -31.19
CA LEU D 1657 93.11 -6.99 -30.84
C LEU D 1657 92.90 -5.77 -29.93
N ASP D 1658 93.87 -4.86 -29.86
CA ASP D 1658 93.67 -3.55 -29.25
C ASP D 1658 93.96 -2.42 -30.22
N LEU D 1659 95.14 -2.45 -30.87
CA LEU D 1659 95.43 -1.52 -31.95
C LEU D 1659 94.75 -1.92 -33.25
N GLN D 1660 94.20 -3.13 -33.31
CA GLN D 1660 93.23 -3.47 -34.35
C GLN D 1660 92.00 -2.58 -34.23
N ARG D 1661 91.51 -2.42 -33.00
CA ARG D 1661 90.30 -1.64 -32.76
C ARG D 1661 90.56 -0.15 -32.95
N PHE D 1662 91.78 0.31 -32.63
CA PHE D 1662 92.10 1.73 -32.75
C PHE D 1662 92.26 2.13 -34.20
N HIS D 1663 92.94 1.32 -35.01
CA HIS D 1663 93.20 1.69 -36.40
C HIS D 1663 91.94 1.57 -37.24
N SER D 1664 91.05 0.65 -36.87
CA SER D 1664 89.77 0.55 -37.57
C SER D 1664 88.84 1.70 -37.18
N HIS D 1665 88.96 2.18 -35.95
CA HIS D 1665 88.17 3.35 -35.54
C HIS D 1665 88.80 4.63 -36.08
N THR D 1666 90.11 4.62 -36.32
CA THR D 1666 90.76 5.74 -36.99
C THR D 1666 90.37 5.80 -38.46
N LEU D 1667 90.16 4.63 -39.06
CA LEU D 1667 89.86 4.56 -40.49
C LEU D 1667 88.43 5.00 -40.76
N ARG D 1668 87.53 4.75 -39.82
CA ARG D 1668 86.16 5.25 -39.96
C ARG D 1668 86.12 6.76 -39.77
N LEU D 1669 87.02 7.30 -38.95
CA LEU D 1669 87.18 8.74 -38.87
C LEU D 1669 87.79 9.28 -40.16
N TYR D 1670 88.64 8.49 -40.81
CA TYR D 1670 89.17 8.87 -42.12
C TYR D 1670 88.08 8.84 -43.18
N ARG D 1671 87.02 8.06 -42.96
CA ARG D 1671 85.91 8.05 -43.90
C ARG D 1671 84.90 9.16 -43.59
N ALA D 1672 84.62 9.40 -42.31
CA ALA D 1672 83.52 10.30 -41.95
C ALA D 1672 83.92 11.78 -42.05
N VAL D 1673 85.22 12.08 -42.02
CA VAL D 1673 85.66 13.46 -42.17
C VAL D 1673 85.52 13.90 -43.62
N CYS D 1674 86.05 13.11 -44.54
CA CYS D 1674 86.00 13.44 -45.98
C CYS D 1674 84.77 12.83 -46.66
N ALA D 1675 83.63 12.91 -46.00
CA ALA D 1675 82.39 12.34 -46.51
C ALA D 1675 81.47 13.44 -47.02
N LEU D 1676 80.42 12.99 -47.73
CA LEU D 1676 79.33 13.83 -48.23
C LEU D 1676 79.84 14.88 -49.20
N GLY D 1677 80.81 14.49 -50.01
CA GLY D 1677 81.27 15.33 -51.10
C GLY D 1677 82.27 16.40 -50.74
N ASN D 1678 83.17 16.15 -49.80
CA ASN D 1678 84.16 17.15 -49.38
C ASN D 1678 85.50 16.70 -49.97
N ASN D 1679 85.81 17.22 -51.16
CA ASN D 1679 86.97 16.75 -51.91
C ASN D 1679 88.26 17.41 -51.46
N ARG D 1680 88.20 18.59 -50.83
CA ARG D 1680 89.42 19.31 -50.48
C ARG D 1680 90.18 18.61 -49.35
N VAL D 1681 89.46 18.03 -48.38
CA VAL D 1681 90.09 17.19 -47.37
C VAL D 1681 90.45 15.82 -47.96
N ALA D 1682 89.71 15.37 -48.97
CA ALA D 1682 89.94 14.05 -49.55
C ALA D 1682 91.26 13.99 -50.33
N HIS D 1683 91.72 15.13 -50.84
CA HIS D 1683 93.09 15.18 -51.35
C HIS D 1683 94.09 15.22 -50.21
N ALA D 1684 93.77 15.96 -49.14
CA ALA D 1684 94.68 16.07 -48.00
C ALA D 1684 94.81 14.74 -47.25
N LEU D 1685 93.78 13.90 -47.31
CA LEU D 1685 93.89 12.55 -46.75
C LEU D 1685 94.64 11.59 -47.67
N CYS D 1686 94.78 11.93 -48.95
CA CYS D 1686 95.52 11.06 -49.88
C CYS D 1686 97.02 11.07 -49.61
N SER D 1687 97.53 12.04 -48.86
CA SER D 1687 98.92 12.01 -48.44
C SER D 1687 99.17 10.96 -47.36
N HIS D 1688 98.19 10.74 -46.48
CA HIS D 1688 98.38 9.78 -45.41
C HIS D 1688 98.24 8.35 -45.92
N VAL D 1689 97.13 8.04 -46.57
CA VAL D 1689 96.93 6.73 -47.19
C VAL D 1689 97.31 6.85 -48.66
N ASP D 1690 98.42 6.22 -49.03
CA ASP D 1690 98.87 6.24 -50.42
C ASP D 1690 98.03 5.28 -51.26
N GLN D 1691 98.07 5.49 -52.58
CA GLN D 1691 97.29 4.64 -53.46
C GLN D 1691 97.95 3.29 -53.69
N ALA D 1692 99.28 3.22 -53.58
CA ALA D 1692 99.95 1.94 -53.73
C ALA D 1692 99.72 1.04 -52.52
N GLN D 1693 99.68 1.65 -51.32
CA GLN D 1693 99.40 0.88 -50.11
C GLN D 1693 97.92 0.56 -49.96
N LEU D 1694 97.05 1.26 -50.71
CA LEU D 1694 95.62 1.00 -50.63
C LEU D 1694 95.19 -0.05 -51.64
N LEU D 1695 95.82 -0.06 -52.83
CA LEU D 1695 95.54 -1.10 -53.81
C LEU D 1695 96.24 -2.41 -53.46
N HIS D 1696 97.33 -2.35 -52.69
CA HIS D 1696 97.96 -3.59 -52.22
C HIS D 1696 97.11 -4.27 -51.15
N ALA D 1697 96.43 -3.48 -50.32
CA ALA D 1697 95.58 -4.03 -49.27
C ALA D 1697 94.27 -4.61 -49.79
N LEU D 1698 93.98 -4.46 -51.09
CA LEU D 1698 92.75 -5.04 -51.64
C LEU D 1698 92.90 -6.55 -51.84
N GLU D 1699 94.03 -7.00 -52.36
CA GLU D 1699 94.22 -8.41 -52.66
C GLU D 1699 94.95 -9.17 -51.57
N ASP D 1700 95.36 -8.51 -50.49
CA ASP D 1700 96.06 -9.19 -49.40
C ASP D 1700 95.02 -9.94 -48.56
N ALA D 1701 95.11 -11.26 -48.56
CA ALA D 1701 94.12 -12.09 -47.88
C ALA D 1701 94.44 -12.31 -46.40
N HIS D 1702 95.65 -12.01 -45.95
CA HIS D 1702 96.02 -12.20 -44.56
C HIS D 1702 95.63 -11.02 -43.66
N LEU D 1703 94.97 -10.01 -44.22
CA LEU D 1703 94.49 -8.90 -43.41
C LEU D 1703 93.28 -9.34 -42.60
N PRO D 1704 93.11 -8.80 -41.40
CA PRO D 1704 91.97 -9.20 -40.55
C PRO D 1704 90.65 -8.66 -41.07
N GLY D 1705 89.58 -9.02 -40.36
CA GLY D 1705 88.22 -8.83 -40.80
C GLY D 1705 87.76 -7.39 -40.94
N PRO D 1706 87.62 -6.66 -39.82
CA PRO D 1706 87.16 -5.27 -39.92
C PRO D 1706 88.17 -4.32 -40.55
N LEU D 1707 89.45 -4.70 -40.58
CA LEU D 1707 90.45 -3.85 -41.23
C LEU D 1707 90.37 -3.96 -42.75
N ARG D 1708 90.04 -5.15 -43.26
CA ARG D 1708 89.84 -5.32 -44.70
C ARG D 1708 88.55 -4.66 -45.16
N ALA D 1709 87.50 -4.72 -44.34
CA ALA D 1709 86.21 -4.15 -44.73
C ALA D 1709 86.25 -2.63 -44.73
N GLY D 1710 87.09 -2.02 -43.90
CA GLY D 1710 87.17 -0.57 -43.88
C GLY D 1710 88.03 0.01 -44.99
N TYR D 1711 88.97 -0.78 -45.52
CA TYR D 1711 89.83 -0.29 -46.60
C TYR D 1711 89.08 -0.23 -47.93
N TYR D 1712 88.15 -1.15 -48.17
CA TYR D 1712 87.33 -1.04 -49.36
C TYR D 1712 86.33 0.09 -49.23
N ASP D 1713 85.84 0.35 -48.01
CA ASP D 1713 84.95 1.48 -47.80
C ASP D 1713 85.70 2.80 -47.82
N LEU D 1714 87.01 2.77 -47.54
CA LEU D 1714 87.80 4.00 -47.52
C LEU D 1714 88.06 4.50 -48.94
N LEU D 1715 88.38 3.59 -49.86
CA LEU D 1715 88.76 3.99 -51.21
C LEU D 1715 87.55 4.52 -51.98
N ILE D 1716 86.36 3.95 -51.73
CA ILE D 1716 85.16 4.48 -52.35
C ILE D 1716 84.75 5.80 -51.72
N SER D 1717 85.16 6.03 -50.46
CA SER D 1717 84.81 7.28 -49.78
C SER D 1717 85.69 8.44 -50.22
N ILE D 1718 86.91 8.16 -50.69
CA ILE D 1718 87.83 9.23 -51.09
C ILE D 1718 87.92 9.41 -52.60
N HIS D 1719 87.49 8.43 -53.39
CA HIS D 1719 87.70 8.52 -54.83
C HIS D 1719 86.40 8.38 -55.61
N LEU D 1720 85.49 7.55 -55.11
CA LEU D 1720 84.38 7.00 -55.88
C LEU D 1720 83.03 7.27 -55.22
N GLU D 1721 82.86 8.45 -54.62
CA GLU D 1721 81.58 8.81 -54.03
C GLU D 1721 81.03 10.11 -54.57
N SER D 1722 81.89 11.11 -54.83
CA SER D 1722 81.43 12.36 -55.41
C SER D 1722 80.98 12.18 -56.85
N ALA D 1723 81.57 11.21 -57.55
CA ALA D 1723 81.13 10.89 -58.90
C ALA D 1723 80.02 9.85 -58.90
N CYS D 1724 79.93 9.03 -57.85
CA CYS D 1724 78.88 8.01 -57.80
C CYS D 1724 77.54 8.63 -57.42
N ARG D 1725 77.55 9.62 -56.53
CA ARG D 1725 76.31 10.25 -56.09
C ARG D 1725 75.69 11.11 -57.19
N SER D 1726 76.54 11.68 -58.04
CA SER D 1726 76.03 12.58 -59.09
C SER D 1726 75.35 11.80 -60.20
N ARG D 1727 75.91 10.64 -60.56
CA ARG D 1727 75.36 9.87 -61.68
C ARG D 1727 74.14 9.07 -61.24
N ARG D 1728 74.10 8.59 -60.00
CA ARG D 1728 72.91 7.94 -59.47
C ARG D 1728 71.75 8.93 -59.37
N SER D 1729 72.05 10.20 -59.12
CA SER D 1729 71.02 11.23 -59.17
C SER D 1729 70.62 11.56 -60.60
N MET D 1730 71.51 11.31 -61.57
CA MET D 1730 71.23 11.55 -62.98
C MET D 1730 70.72 10.32 -63.70
N LEU D 1731 70.75 9.15 -63.07
CA LEU D 1731 70.31 7.93 -63.73
C LEU D 1731 68.78 7.83 -63.80
N SER D 1732 68.05 8.64 -63.04
CA SER D 1732 66.60 8.51 -62.99
C SER D 1732 65.93 9.13 -64.21
N GLU D 1733 66.40 10.29 -64.66
CA GLU D 1733 65.83 10.97 -65.81
C GLU D 1733 66.55 10.53 -67.09
N TYR D 1734 65.80 10.48 -68.18
CA TYR D 1734 66.29 9.94 -69.45
C TYR D 1734 66.25 11.05 -70.49
N ILE D 1735 67.42 11.48 -70.95
CA ILE D 1735 67.54 12.50 -71.99
C ILE D 1735 68.26 11.85 -73.17
N VAL D 1736 67.52 11.48 -74.20
CA VAL D 1736 68.07 10.85 -75.39
C VAL D 1736 67.97 11.83 -76.56
N PRO D 1737 69.07 12.16 -77.23
CA PRO D 1737 69.00 13.01 -78.42
C PRO D 1737 68.75 12.20 -79.68
N LEU D 1738 68.41 12.91 -80.75
CA LEU D 1738 68.14 12.30 -82.05
C LEU D 1738 69.36 12.34 -82.97
N THR D 1739 70.39 11.67 -82.51
CA THR D 1739 71.63 11.28 -83.15
C THR D 1739 71.41 9.99 -83.94
N PRO D 1740 72.16 9.77 -85.03
CA PRO D 1740 71.95 8.53 -85.81
C PRO D 1740 72.36 7.24 -85.11
N GLU D 1741 73.06 7.32 -83.97
CA GLU D 1741 73.33 6.12 -83.18
C GLU D 1741 72.06 5.56 -82.55
N THR D 1742 71.06 6.42 -82.31
CA THR D 1742 69.81 5.99 -81.72
C THR D 1742 68.89 5.31 -82.73
N ARG D 1743 68.93 5.73 -84.00
CA ARG D 1743 67.89 5.38 -84.96
C ARG D 1743 67.96 3.92 -85.39
N ALA D 1744 69.07 3.22 -85.11
CA ALA D 1744 69.18 1.79 -85.41
C ALA D 1744 69.37 1.08 -84.07
N ILE D 1745 68.27 0.95 -83.33
CA ILE D 1745 68.21 0.21 -82.07
C ILE D 1745 66.89 -0.55 -82.03
N THR D 1746 66.97 -1.84 -81.71
CA THR D 1746 65.79 -2.67 -81.48
C THR D 1746 65.84 -3.23 -80.07
N LEU D 1747 64.68 -3.71 -79.59
CA LEU D 1747 64.64 -4.29 -78.25
C LEU D 1747 65.34 -5.63 -78.21
N PHE D 1748 65.09 -6.49 -79.19
CA PHE D 1748 65.74 -7.79 -79.29
C PHE D 1748 66.92 -7.72 -80.25
N PRO D 1749 68.04 -8.36 -79.93
CA PRO D 1749 69.19 -8.34 -80.84
C PRO D 1749 68.93 -9.17 -82.08
N PRO D 1750 69.30 -8.68 -83.25
CA PRO D 1750 69.04 -9.44 -84.48
C PRO D 1750 70.01 -10.60 -84.64
N GLY D 1751 69.51 -11.68 -85.24
CA GLY D 1751 70.31 -12.87 -85.46
C GLY D 1751 69.49 -14.05 -85.95
N ARG D 1758 63.24 -13.71 -81.48
CA ARG D 1758 62.75 -13.06 -80.28
C ARG D 1758 63.44 -13.62 -79.03
N ARG D 1759 64.77 -13.65 -79.05
CA ARG D 1759 65.58 -14.07 -77.91
C ARG D 1759 66.14 -12.84 -77.23
N HIS D 1760 65.89 -12.70 -75.94
CA HIS D 1760 66.30 -11.51 -75.20
C HIS D 1760 67.80 -11.51 -74.96
N GLY D 1761 68.44 -10.37 -75.23
CA GLY D 1761 69.87 -10.25 -75.06
C GLY D 1761 70.29 -10.08 -73.61
N LEU D 1762 71.59 -9.91 -73.43
CA LEU D 1762 72.15 -9.83 -72.09
C LEU D 1762 71.92 -8.44 -71.50
N PRO D 1763 71.59 -8.32 -70.22
CA PRO D 1763 71.35 -7.00 -69.63
C PRO D 1763 72.64 -6.25 -69.39
N GLY D 1764 72.63 -4.96 -69.74
CA GLY D 1764 73.79 -4.13 -69.61
C GLY D 1764 74.74 -4.16 -70.79
N VAL D 1765 74.42 -4.95 -71.82
CA VAL D 1765 75.26 -5.10 -73.01
C VAL D 1765 74.54 -4.44 -74.17
N GLY D 1766 75.17 -3.43 -74.77
CA GLY D 1766 74.59 -2.78 -75.92
C GLY D 1766 75.02 -1.33 -75.99
N VAL D 1767 74.30 -0.59 -76.82
CA VAL D 1767 74.57 0.81 -77.07
C VAL D 1767 73.45 1.66 -76.45
N THR D 1768 73.86 2.71 -75.74
CA THR D 1768 72.96 3.67 -75.13
C THR D 1768 73.40 5.07 -75.52
N THR D 1769 72.44 6.00 -75.56
CA THR D 1769 72.75 7.37 -75.97
C THR D 1769 72.23 8.41 -74.98
N SER D 1770 71.91 8.01 -73.75
CA SER D 1770 71.40 8.97 -72.77
C SER D 1770 72.52 9.82 -72.23
N LEU D 1771 72.28 11.13 -72.15
CA LEU D 1771 73.31 12.09 -71.78
C LEU D 1771 73.48 12.14 -70.25
N ARG D 1772 74.69 11.83 -69.79
CA ARG D 1772 75.06 11.88 -68.38
C ARG D 1772 76.40 12.58 -68.24
N PRO D 1773 76.57 13.41 -67.20
CA PRO D 1773 77.77 14.25 -67.13
C PRO D 1773 78.98 13.43 -66.71
N PRO D 1774 80.17 13.81 -67.18
CA PRO D 1774 81.38 13.07 -66.78
C PRO D 1774 81.75 13.35 -65.33
N HIS D 1775 82.66 12.53 -64.83
CA HIS D 1775 82.97 12.49 -63.41
C HIS D 1775 83.87 13.65 -62.98
N HIS D 1776 84.62 14.23 -63.93
CA HIS D 1776 85.48 15.41 -63.73
C HIS D 1776 86.55 15.15 -62.67
N PHE D 1777 87.45 14.22 -62.99
CA PHE D 1777 88.52 13.91 -62.06
C PHE D 1777 89.67 14.90 -62.17
N SER D 1778 90.46 15.00 -61.10
CA SER D 1778 91.60 15.90 -61.01
C SER D 1778 92.76 15.16 -60.36
N PRO D 1779 93.97 15.27 -60.90
CA PRO D 1779 95.11 14.53 -60.35
C PRO D 1779 95.58 15.14 -59.03
N PRO D 1780 95.90 14.32 -58.04
CA PRO D 1780 96.41 14.85 -56.77
C PRO D 1780 97.87 15.27 -56.87
N CYS D 1781 98.20 16.37 -56.19
CA CYS D 1781 99.54 16.94 -56.19
C CYS D 1781 99.69 17.79 -54.93
N PHE D 1782 100.82 17.63 -54.23
CA PHE D 1782 101.06 18.33 -52.97
C PHE D 1782 102.21 19.33 -53.05
N VAL D 1783 102.78 19.58 -54.22
CA VAL D 1783 103.88 20.52 -54.37
C VAL D 1783 103.51 21.74 -55.20
N ALA D 1784 102.25 21.85 -55.63
CA ALA D 1784 101.83 23.00 -56.41
C ALA D 1784 101.69 24.23 -55.51
N ALA D 1785 101.75 25.40 -56.14
CA ALA D 1785 101.63 26.65 -55.40
C ALA D 1785 100.18 26.87 -54.99
N LEU D 1786 99.97 27.10 -53.70
CA LEU D 1786 98.63 27.31 -53.17
C LEU D 1786 98.16 28.72 -53.51
N PRO D 1787 96.98 28.89 -54.11
CA PRO D 1787 96.52 30.23 -54.48
C PRO D 1787 96.07 31.03 -53.26
N ALA D 1788 96.36 32.33 -53.30
CA ALA D 1788 96.03 33.31 -52.25
C ALA D 1788 96.56 32.93 -50.87
N GLU D 1793 89.16 32.75 -52.13
CA GLU D 1793 88.14 31.71 -52.25
C GLU D 1793 88.42 30.80 -53.45
N ALA D 1794 88.53 29.51 -53.19
CA ALA D 1794 88.70 28.54 -54.27
C ALA D 1794 87.37 28.38 -55.01
N PRO D 1795 87.41 28.28 -56.35
CA PRO D 1795 86.16 28.10 -57.12
C PRO D 1795 85.48 26.76 -56.85
N ALA D 1796 86.19 25.66 -57.10
CA ALA D 1796 85.71 24.32 -56.82
C ALA D 1796 86.92 23.39 -56.86
N ARG D 1797 86.85 22.30 -56.10
CA ARG D 1797 87.92 21.31 -56.15
C ARG D 1797 87.31 19.94 -56.37
N LEU D 1798 87.86 19.21 -57.34
CA LEU D 1798 87.28 17.97 -57.83
C LEU D 1798 87.73 16.77 -57.01
N SER D 1799 87.11 15.63 -57.31
CA SER D 1799 87.49 14.37 -56.68
C SER D 1799 88.87 13.94 -57.19
N PRO D 1800 89.69 13.32 -56.33
CA PRO D 1800 91.06 12.99 -56.74
C PRO D 1800 91.08 11.83 -57.73
N ALA D 1801 91.94 11.96 -58.74
CA ALA D 1801 91.99 11.01 -59.82
C ALA D 1801 92.74 9.75 -59.40
N ILE D 1802 92.17 8.60 -59.72
CA ILE D 1802 92.81 7.30 -59.52
C ILE D 1802 92.74 6.56 -60.85
N PRO D 1803 93.80 5.86 -61.27
CA PRO D 1803 93.71 5.09 -62.53
C PRO D 1803 92.70 3.96 -62.47
N LEU D 1804 91.62 4.10 -63.24
CA LEU D 1804 90.53 3.14 -63.22
C LEU D 1804 90.71 1.99 -64.21
N GLU D 1805 91.71 2.09 -65.10
CA GLU D 1805 91.96 1.01 -66.05
C GLU D 1805 92.62 -0.17 -65.37
N ALA D 1806 93.44 0.08 -64.36
CA ALA D 1806 94.05 -1.00 -63.59
C ALA D 1806 93.22 -1.40 -62.38
N LEU D 1807 92.35 -0.52 -61.90
CA LEU D 1807 91.52 -0.86 -60.74
C LEU D 1807 90.35 -1.75 -61.17
N ARG D 1808 89.89 -1.63 -62.42
CA ARG D 1808 88.77 -2.43 -62.88
C ARG D 1808 89.20 -3.88 -63.17
N ASP D 1809 90.42 -4.07 -63.66
CA ASP D 1809 90.90 -5.43 -63.93
C ASP D 1809 91.26 -6.13 -62.63
N LYS D 1810 91.67 -5.36 -61.62
CA LYS D 1810 91.93 -5.93 -60.30
C LYS D 1810 90.63 -6.29 -59.60
N ALA D 1811 89.60 -5.44 -59.76
CA ALA D 1811 88.31 -5.67 -59.11
C ALA D 1811 87.61 -6.91 -59.66
N LEU D 1812 87.81 -7.19 -60.94
CA LEU D 1812 87.23 -8.40 -61.52
C LEU D 1812 88.04 -9.62 -61.15
N ARG D 1813 89.33 -9.44 -60.83
CA ARG D 1813 90.18 -10.58 -60.51
C ARG D 1813 89.93 -11.09 -59.10
N MET D 1814 89.79 -10.19 -58.13
CA MET D 1814 89.57 -10.67 -56.76
C MET D 1814 88.14 -11.15 -56.57
N LEU D 1815 87.19 -10.65 -57.37
CA LEU D 1815 85.86 -11.23 -57.39
C LEU D 1815 85.86 -12.55 -58.14
N GLY D 1816 86.67 -12.67 -59.20
CA GLY D 1816 86.77 -13.92 -59.92
C GLY D 1816 87.44 -15.01 -59.12
N GLU D 1817 88.31 -14.61 -58.18
CA GLU D 1817 88.91 -15.58 -57.28
C GLU D 1817 87.98 -15.90 -56.11
N ALA D 1818 87.13 -14.94 -55.73
CA ALA D 1818 86.27 -15.14 -54.55
C ALA D 1818 85.12 -16.09 -54.84
N VAL D 1819 84.54 -16.03 -56.04
CA VAL D 1819 83.45 -16.96 -56.37
C VAL D 1819 84.01 -18.36 -56.63
N ARG D 1820 85.26 -18.45 -57.10
CA ARG D 1820 85.83 -19.77 -57.38
C ARG D 1820 86.32 -20.43 -56.09
N ASP D 1821 86.77 -19.65 -55.11
CA ASP D 1821 87.17 -20.19 -53.82
C ASP D 1821 86.00 -20.49 -52.90
N GLY D 1822 84.80 -20.02 -53.24
CA GLY D 1822 83.62 -20.34 -52.48
C GLY D 1822 83.01 -21.69 -52.78
N GLY D 1823 83.52 -22.39 -53.79
CA GLY D 1823 83.01 -23.70 -54.14
C GLY D 1823 83.76 -24.82 -53.44
N GLN D 1824 84.98 -24.53 -52.98
CA GLN D 1824 85.77 -25.53 -52.27
C GLN D 1824 85.40 -25.64 -50.80
N HIS D 1825 84.74 -24.61 -50.25
CA HIS D 1825 84.29 -24.54 -48.85
C HIS D 1825 85.45 -24.71 -47.87
N ALA D 1826 86.37 -23.76 -47.91
CA ALA D 1826 87.52 -23.78 -47.02
C ALA D 1826 87.11 -23.39 -45.60
N ARG D 1827 87.93 -23.80 -44.63
CA ARG D 1827 87.67 -23.51 -43.23
C ARG D 1827 88.21 -22.16 -42.79
N ASP D 1828 89.07 -21.53 -43.59
CA ASP D 1828 89.63 -20.21 -43.26
C ASP D 1828 89.57 -19.34 -44.50
N PRO D 1829 88.47 -18.62 -44.69
CA PRO D 1829 88.33 -17.76 -45.87
C PRO D 1829 89.08 -16.44 -45.69
N VAL D 1830 88.94 -15.57 -46.69
CA VAL D 1830 89.62 -14.28 -46.66
C VAL D 1830 88.92 -13.36 -45.66
N GLY D 1831 89.68 -12.91 -44.66
CA GLY D 1831 89.15 -12.05 -43.63
C GLY D 1831 88.71 -12.75 -42.36
N GLY D 1832 88.51 -14.07 -42.41
CA GLY D 1832 88.08 -14.84 -41.26
C GLY D 1832 86.64 -15.29 -41.31
N SER D 1833 85.84 -14.77 -42.24
CA SER D 1833 84.45 -15.18 -42.40
C SER D 1833 84.03 -14.97 -43.85
N VAL D 1834 82.87 -15.53 -44.21
CA VAL D 1834 82.38 -15.42 -45.58
C VAL D 1834 81.81 -14.03 -45.84
N GLU D 1835 81.42 -13.31 -44.78
CA GLU D 1835 80.88 -11.96 -44.93
C GLU D 1835 81.97 -10.98 -45.31
N PHE D 1836 83.13 -11.06 -44.64
CA PHE D 1836 84.23 -10.16 -44.94
C PHE D 1836 84.95 -10.49 -46.24
N GLN D 1837 84.69 -11.66 -46.83
CA GLN D 1837 85.26 -12.02 -48.12
C GLN D 1837 84.45 -11.46 -49.28
N PHE D 1838 83.13 -11.44 -49.17
CA PHE D 1838 82.26 -11.11 -50.30
C PHE D 1838 81.66 -9.72 -50.25
N VAL D 1839 81.36 -9.19 -49.06
CA VAL D 1839 80.72 -7.87 -48.98
C VAL D 1839 81.63 -6.73 -49.45
N PRO D 1840 82.91 -6.60 -49.02
CA PRO D 1840 83.69 -5.46 -49.52
C PRO D 1840 84.06 -5.56 -50.99
N VAL D 1841 84.12 -6.77 -51.54
CA VAL D 1841 84.40 -6.89 -52.97
C VAL D 1841 83.13 -6.61 -53.78
N LEU D 1842 81.95 -6.94 -53.23
CA LEU D 1842 80.72 -6.75 -54.00
C LEU D 1842 80.28 -5.29 -54.03
N LYS D 1843 80.44 -4.57 -52.91
CA LYS D 1843 80.03 -3.17 -52.89
C LYS D 1843 80.99 -2.32 -53.72
N LEU D 1844 82.23 -2.77 -53.88
CA LEU D 1844 83.14 -2.05 -54.77
C LEU D 1844 82.84 -2.40 -56.23
N VAL D 1845 82.50 -3.66 -56.51
CA VAL D 1845 82.07 -4.01 -57.88
C VAL D 1845 80.76 -3.31 -58.22
N SER D 1846 79.91 -3.07 -57.22
CA SER D 1846 78.65 -2.36 -57.46
C SER D 1846 78.86 -0.88 -57.74
N THR D 1847 79.86 -0.24 -57.14
CA THR D 1847 79.96 1.21 -57.28
C THR D 1847 80.70 1.61 -58.55
N LEU D 1848 81.68 0.81 -58.99
CA LEU D 1848 82.31 1.13 -60.27
C LEU D 1848 81.44 0.72 -61.45
N LEU D 1849 80.45 -0.14 -61.21
CA LEU D 1849 79.48 -0.48 -62.24
C LEU D 1849 78.42 0.61 -62.39
N VAL D 1850 78.05 1.27 -61.28
CA VAL D 1850 77.02 2.31 -61.37
C VAL D 1850 77.63 3.63 -61.85
N MET D 1851 78.94 3.83 -61.70
CA MET D 1851 79.56 4.98 -62.33
C MET D 1851 79.72 4.76 -63.83
N GLY D 1852 79.97 3.52 -64.24
CA GLY D 1852 79.88 3.20 -65.66
C GLY D 1852 81.19 3.13 -66.40
N ILE D 1853 82.22 2.51 -65.80
CA ILE D 1853 83.48 2.32 -66.50
C ILE D 1853 83.56 0.95 -67.14
N PHE D 1854 82.75 -0.01 -66.70
CA PHE D 1854 82.90 -1.40 -67.12
C PHE D 1854 82.47 -1.56 -68.57
N GLY D 1855 83.32 -2.22 -69.36
CA GLY D 1855 83.02 -2.45 -70.75
C GLY D 1855 81.97 -3.52 -70.93
N ASP D 1856 81.62 -3.76 -72.19
CA ASP D 1856 80.58 -4.74 -72.48
C ASP D 1856 81.07 -6.16 -72.20
N GLU D 1857 82.35 -6.44 -72.48
CA GLU D 1857 82.88 -7.78 -72.22
C GLU D 1857 83.04 -8.02 -70.72
N ASP D 1858 83.31 -6.97 -69.95
CA ASP D 1858 83.45 -7.13 -68.50
C ASP D 1858 82.11 -7.42 -67.85
N VAL D 1859 81.02 -6.80 -68.33
CA VAL D 1859 79.72 -7.03 -67.72
C VAL D 1859 79.14 -8.37 -68.16
N LYS D 1860 79.61 -8.91 -69.28
CA LYS D 1860 79.28 -10.30 -69.60
C LYS D 1860 79.98 -11.26 -68.65
N GLN D 1861 81.11 -10.86 -68.07
CA GLN D 1861 81.82 -11.75 -67.16
C GLN D 1861 81.25 -11.67 -65.75
N ILE D 1862 80.69 -10.51 -65.36
CA ILE D 1862 80.02 -10.41 -64.06
C ILE D 1862 78.75 -11.23 -64.06
N LEU D 1863 78.02 -11.27 -65.18
CA LEU D 1863 76.79 -12.06 -65.24
C LEU D 1863 77.09 -13.55 -65.32
N LYS D 1864 78.22 -13.93 -65.91
CA LYS D 1864 78.63 -15.32 -65.87
C LYS D 1864 79.10 -15.73 -64.47
N MET D 1865 79.65 -14.79 -63.70
CA MET D 1865 80.00 -15.09 -62.33
C MET D 1865 78.77 -15.09 -61.42
N ILE D 1866 77.74 -14.32 -61.78
CA ILE D 1866 76.48 -14.37 -61.04
C ILE D 1866 75.74 -15.67 -61.35
N GLU D 1867 75.54 -15.96 -62.63
CA GLU D 1867 74.88 -17.20 -63.06
C GLU D 1867 75.44 -17.58 -64.42
N PRO D 1868 76.30 -18.60 -64.49
CA PRO D 1868 76.89 -18.99 -65.77
C PRO D 1868 75.97 -19.81 -66.66
N GLU D 1869 74.79 -20.19 -66.19
CA GLU D 1869 73.86 -20.98 -66.98
C GLU D 1869 72.93 -20.11 -67.82
N VAL D 1870 72.44 -19.01 -67.23
CA VAL D 1870 71.47 -18.17 -67.90
C VAL D 1870 72.16 -17.18 -68.84
N PHE D 1871 73.29 -16.62 -68.44
CA PHE D 1871 73.91 -15.52 -69.15
C PHE D 1871 75.01 -15.94 -70.11
N THR D 1872 75.11 -17.21 -70.47
CA THR D 1872 76.13 -17.66 -71.41
C THR D 1872 75.65 -17.39 -72.84
N GLU D 1873 76.45 -16.63 -73.58
CA GLU D 1873 76.10 -16.25 -74.94
C GLU D 1873 76.26 -17.41 -75.92
N GLU D 1923 81.83 -24.30 -63.04
CA GLU D 1923 81.91 -23.68 -61.73
C GLU D 1923 80.52 -23.41 -61.16
N GLU D 1924 80.43 -23.35 -59.84
CA GLU D 1924 79.16 -23.02 -59.19
C GLU D 1924 78.90 -21.53 -59.25
N GLY D 1925 77.65 -21.16 -59.51
CA GLY D 1925 77.28 -19.76 -59.57
C GLY D 1925 77.20 -19.13 -58.19
N LEU D 1926 77.08 -17.79 -58.21
CA LEU D 1926 77.09 -17.03 -56.97
C LEU D 1926 75.73 -17.09 -56.24
N LEU D 1927 74.63 -17.24 -56.98
CA LEU D 1927 73.31 -17.29 -56.36
C LEU D 1927 72.97 -18.66 -55.80
N GLN D 1928 73.48 -19.73 -56.42
CA GLN D 1928 73.22 -21.08 -55.91
C GLN D 1928 74.02 -21.37 -54.65
N MET D 1929 75.06 -20.60 -54.38
CA MET D 1929 75.84 -20.76 -53.17
C MET D 1929 75.06 -20.18 -51.98
N LYS D 1930 75.27 -20.77 -50.80
CA LYS D 1930 74.65 -20.23 -49.60
C LYS D 1930 75.42 -19.00 -49.12
N LEU D 1931 74.69 -17.90 -48.96
CA LEU D 1931 75.25 -16.59 -48.63
C LEU D 1931 74.55 -16.05 -47.39
N PRO D 1932 75.27 -15.32 -46.52
CA PRO D 1932 74.60 -14.67 -45.39
C PRO D 1932 73.89 -13.38 -45.80
N GLU D 1933 73.19 -12.74 -44.86
CA GLU D 1933 72.24 -11.68 -45.21
C GLU D 1933 72.93 -10.39 -45.63
N SER D 1934 74.18 -10.20 -45.24
CA SER D 1934 74.91 -9.01 -45.69
C SER D 1934 75.31 -9.12 -47.15
N VAL D 1935 75.67 -10.32 -47.60
CA VAL D 1935 76.03 -10.54 -49.00
C VAL D 1935 74.78 -10.49 -49.88
N LYS D 1936 73.63 -10.90 -49.33
CA LYS D 1936 72.38 -10.86 -50.10
C LYS D 1936 71.95 -9.43 -50.40
N LEU D 1937 72.23 -8.50 -49.47
CA LEU D 1937 71.79 -7.12 -49.65
C LEU D 1937 72.60 -6.40 -50.72
N GLN D 1938 73.90 -6.71 -50.80
CA GLN D 1938 74.74 -6.08 -51.81
C GLN D 1938 74.47 -6.63 -53.20
N MET D 1939 73.88 -7.83 -53.30
CA MET D 1939 73.51 -8.36 -54.60
C MET D 1939 72.20 -7.81 -55.12
N CYS D 1940 71.31 -7.34 -54.24
CA CYS D 1940 70.09 -6.68 -54.71
C CYS D 1940 70.42 -5.33 -55.33
N ASN D 1941 71.44 -4.64 -54.80
CA ASN D 1941 71.87 -3.39 -55.39
C ASN D 1941 72.60 -3.63 -56.71
N LEU D 1942 73.15 -4.83 -56.90
CA LEU D 1942 73.78 -5.17 -58.16
C LEU D 1942 72.74 -5.48 -59.23
N LEU D 1943 71.65 -6.13 -58.84
CA LEU D 1943 70.60 -6.48 -59.79
C LEU D 1943 69.59 -5.36 -59.98
N GLU D 1944 69.55 -4.37 -59.05
CA GLU D 1944 68.80 -3.15 -59.33
C GLU D 1944 69.44 -2.34 -60.43
N TYR D 1945 70.74 -2.53 -60.66
CA TYR D 1945 71.39 -1.84 -61.77
C TYR D 1945 70.99 -2.43 -63.11
N PHE D 1946 70.95 -3.77 -63.21
CA PHE D 1946 70.68 -4.43 -64.48
C PHE D 1946 69.23 -4.25 -64.91
N CYS D 1947 68.32 -4.12 -63.94
CA CYS D 1947 66.93 -3.87 -64.28
C CYS D 1947 66.71 -2.41 -64.67
N ASP D 1948 67.49 -1.49 -64.09
CA ASP D 1948 67.43 -0.11 -64.53
C ASP D 1948 68.07 0.06 -65.90
N GLN D 1949 69.10 -0.75 -66.20
CA GLN D 1949 69.66 -0.75 -67.55
C GLN D 1949 68.73 -1.44 -68.54
N GLU D 1950 67.96 -2.43 -68.08
CA GLU D 1950 66.95 -3.05 -68.94
C GLU D 1950 65.78 -2.09 -69.15
N LEU D 1951 65.51 -1.23 -68.17
CA LEU D 1951 64.47 -0.23 -68.33
C LEU D 1951 64.94 0.91 -69.21
N GLN D 1952 66.22 1.29 -69.09
CA GLN D 1952 66.77 2.37 -69.90
C GLN D 1952 66.90 1.97 -71.36
N HIS D 1953 67.25 0.70 -71.62
CA HIS D 1953 67.28 0.20 -73.00
C HIS D 1953 65.87 0.14 -73.58
N ARG D 1954 64.87 -0.07 -72.74
CA ARG D 1954 63.49 -0.15 -73.22
C ARG D 1954 62.94 1.25 -73.52
N VAL D 1955 63.36 2.25 -72.75
CA VAL D 1955 62.90 3.62 -73.00
C VAL D 1955 63.60 4.18 -74.25
N GLU D 1956 64.88 3.86 -74.45
CA GLU D 1956 65.58 4.36 -75.63
C GLU D 1956 65.08 3.68 -76.90
N SER D 1957 64.64 2.42 -76.80
CA SER D 1957 64.08 1.75 -77.97
C SER D 1957 62.69 2.29 -78.30
N LEU D 1958 61.96 2.74 -77.28
CA LEU D 1958 60.65 3.35 -77.53
C LEU D 1958 60.82 4.73 -78.14
N ALA D 1959 61.86 5.45 -77.74
CA ALA D 1959 62.14 6.76 -78.34
C ALA D 1959 62.78 6.62 -79.71
N ALA D 1960 63.54 5.53 -79.93
CA ALA D 1960 64.10 5.29 -81.27
C ALA D 1960 63.01 4.92 -82.25
N PHE D 1961 61.99 4.20 -81.80
CA PHE D 1961 60.86 3.88 -82.65
C PHE D 1961 60.04 5.12 -82.97
N ALA D 1962 59.99 6.08 -82.03
CA ALA D 1962 59.15 7.26 -82.21
C ALA D 1962 59.71 8.18 -83.28
N GLU D 1963 61.04 8.33 -83.34
CA GLU D 1963 61.63 9.14 -84.40
C GLU D 1963 61.60 8.41 -85.75
N ARG D 1964 61.58 7.08 -85.73
CA ARG D 1964 61.39 6.35 -86.98
C ARG D 1964 59.94 6.35 -87.44
N TYR D 1965 59.00 6.76 -86.58
CA TYR D 1965 57.59 6.76 -86.94
C TYR D 1965 57.09 8.12 -87.40
N VAL D 1966 57.51 9.20 -86.73
CA VAL D 1966 56.96 10.51 -87.04
C VAL D 1966 57.61 11.12 -88.28
N ASP D 1967 58.74 10.55 -88.73
CA ASP D 1967 59.27 10.93 -90.03
C ASP D 1967 58.37 10.41 -91.14
N LYS D 1968 57.69 9.29 -90.89
CA LYS D 1968 56.72 8.72 -91.82
C LYS D 1968 55.33 9.32 -91.60
N LEU D 1969 55.08 9.85 -90.41
CA LEU D 1969 53.75 10.33 -90.07
C LEU D 1969 53.49 11.72 -90.63
N GLN D 1970 54.46 12.63 -90.50
CA GLN D 1970 54.31 13.97 -91.04
C GLN D 1970 54.44 13.97 -92.56
N ALA D 1971 55.07 12.95 -93.13
CA ALA D 1971 55.14 12.84 -94.59
C ALA D 1971 53.80 12.36 -95.15
N ASN D 1972 53.07 11.54 -94.39
CA ASN D 1972 51.79 11.04 -94.88
C ASN D 1972 50.70 12.11 -94.81
N GLN D 1973 50.72 12.91 -93.74
CA GLN D 1973 49.62 13.83 -93.48
C GLN D 1973 49.69 15.05 -94.40
N ARG D 1974 50.91 15.50 -94.72
CA ARG D 1974 51.07 16.59 -95.68
C ARG D 1974 50.72 16.10 -97.09
N SER D 1975 50.96 14.81 -97.37
CA SER D 1975 50.51 14.23 -98.63
C SER D 1975 49.00 14.09 -98.65
N ARG D 1976 48.37 13.94 -97.48
CA ARG D 1976 46.91 13.90 -97.43
C ARG D 1976 46.32 15.31 -97.50
N TYR D 1977 47.07 16.32 -97.08
CA TYR D 1977 46.60 17.70 -97.19
C TYR D 1977 46.73 18.20 -98.63
N ALA D 1978 47.76 17.74 -99.33
CA ALA D 1978 47.95 18.13 -100.72
C ALA D 1978 46.89 17.49 -101.62
N LEU D 1979 46.40 16.31 -101.23
CA LEU D 1979 45.26 15.73 -101.93
C LEU D 1979 43.96 16.44 -101.54
N LEU D 1980 43.88 16.98 -100.33
CA LEU D 1980 42.64 17.60 -99.89
C LEU D 1980 42.48 18.99 -100.50
N MET D 1981 43.59 19.69 -100.76
CA MET D 1981 43.52 21.00 -101.41
C MET D 1981 43.24 20.89 -102.90
N ARG D 1982 43.39 19.70 -103.48
CA ARG D 1982 43.02 19.41 -104.86
C ARG D 1982 41.70 18.66 -104.93
N ALA D 1983 40.94 18.66 -103.83
CA ALA D 1983 39.69 17.90 -103.72
C ALA D 1983 38.54 18.89 -103.73
N PHE D 1984 37.74 18.86 -104.80
CA PHE D 1984 36.62 19.78 -104.98
C PHE D 1984 35.32 19.02 -105.16
N THR D 1985 35.25 17.78 -104.67
CA THR D 1985 34.08 16.93 -104.92
C THR D 1985 33.10 16.93 -103.75
N MET D 1986 33.43 17.59 -102.64
CA MET D 1986 32.53 17.64 -101.49
C MET D 1986 32.75 18.95 -100.75
N SER D 1987 31.68 19.43 -100.12
CA SER D 1987 31.70 20.67 -99.35
C SER D 1987 31.37 20.46 -97.89
N ALA D 1988 30.33 19.66 -97.59
CA ALA D 1988 29.97 19.41 -96.19
C ALA D 1988 30.97 18.49 -95.52
N ALA D 1989 31.53 17.54 -96.28
CA ALA D 1989 32.56 16.66 -95.73
C ALA D 1989 33.96 17.24 -95.86
N GLU D 1990 34.13 18.35 -96.59
CA GLU D 1990 35.45 18.93 -96.76
C GLU D 1990 35.95 19.59 -95.48
N THR D 1991 35.05 20.25 -94.74
CA THR D 1991 35.42 20.75 -93.43
C THR D 1991 35.50 19.63 -92.39
N ALA D 1992 34.85 18.50 -92.65
CA ALA D 1992 34.91 17.39 -91.71
C ALA D 1992 36.24 16.67 -91.79
N ARG D 1993 36.88 16.71 -92.96
CA ARG D 1993 38.23 16.18 -93.07
C ARG D 1993 39.27 17.18 -92.60
N ARG D 1994 38.92 18.48 -92.56
CA ARG D 1994 39.87 19.54 -92.23
C ARG D 1994 39.83 19.96 -90.77
N THR D 1995 39.14 19.23 -89.90
CA THR D 1995 39.15 19.56 -88.47
C THR D 1995 40.50 19.26 -87.84
N ARG D 1996 41.11 18.12 -88.18
CA ARG D 1996 42.39 17.75 -87.59
C ARG D 1996 43.54 18.50 -88.24
N GLU D 1997 43.40 18.84 -89.52
CA GLU D 1997 44.55 19.34 -90.29
C GLU D 1997 44.92 20.78 -89.92
N PHE D 1998 43.93 21.66 -89.85
CA PHE D 1998 44.21 23.05 -89.54
C PHE D 1998 43.60 23.49 -88.23
N ARG D 1999 42.43 22.98 -87.87
CA ARG D 1999 41.72 23.49 -86.71
C ARG D 1999 42.21 22.85 -85.40
N SER D 2000 42.48 21.55 -85.40
CA SER D 2000 42.80 20.89 -84.15
C SER D 2000 44.24 21.22 -83.73
N PRO D 2001 44.49 21.38 -82.43
CA PRO D 2001 45.86 21.65 -81.96
C PRO D 2001 46.74 20.43 -82.19
N PRO D 2002 48.07 20.64 -82.34
CA PRO D 2002 48.94 19.52 -82.77
C PRO D 2002 49.10 18.42 -81.74
N GLN D 2003 48.80 18.68 -80.46
CA GLN D 2003 48.74 17.59 -79.50
C GLN D 2003 47.51 16.70 -79.74
N GLU D 2004 46.39 17.31 -80.11
CA GLU D 2004 45.17 16.55 -80.34
C GLU D 2004 45.22 15.77 -81.65
N GLN D 2005 46.16 16.11 -82.54
CA GLN D 2005 46.35 15.34 -83.77
C GLN D 2005 46.98 13.97 -83.46
N ILE D 2006 47.98 13.94 -82.59
CA ILE D 2006 48.64 12.67 -82.25
C ILE D 2006 47.72 11.78 -81.43
N ASN D 2007 46.88 12.37 -80.57
CA ASN D 2007 45.94 11.57 -79.80
C ASN D 2007 44.83 10.99 -80.68
N MET D 2008 44.47 11.71 -81.75
CA MET D 2008 43.43 11.23 -82.66
C MET D 2008 43.98 10.29 -83.73
N LEU D 2009 45.25 10.46 -84.13
CA LEU D 2009 45.80 9.60 -85.16
C LEU D 2009 46.22 8.24 -84.65
N LEU D 2010 46.47 8.10 -83.34
CA LEU D 2010 46.91 6.84 -82.75
C LEU D 2010 45.76 6.11 -82.06
N HIS D 2011 44.57 6.13 -82.65
CA HIS D 2011 43.39 5.52 -82.07
C HIS D 2011 42.92 4.30 -82.83
N PHE D 2012 43.82 3.62 -83.55
CA PHE D 2012 43.41 2.46 -84.35
C PHE D 2012 43.55 1.14 -83.60
N LYS D 2013 43.04 1.04 -82.38
CA LYS D 2013 43.03 -0.21 -81.64
C LYS D 2013 41.60 -0.53 -81.24
N ASP D 2014 41.20 -1.78 -81.47
CA ASP D 2014 39.86 -2.32 -81.21
C ASP D 2014 38.77 -1.55 -81.97
N ASP D 2020 37.73 6.79 -87.68
CA ASP D 2020 38.05 8.18 -87.38
C ASP D 2020 39.54 8.44 -87.49
N CYS D 2021 40.26 7.47 -88.04
CA CYS D 2021 41.71 7.58 -88.23
C CYS D 2021 42.00 7.54 -89.73
N PRO D 2022 42.48 8.63 -90.34
CA PRO D 2022 42.69 8.64 -91.79
C PRO D 2022 43.96 7.96 -92.26
N LEU D 2023 44.71 7.29 -91.38
CA LEU D 2023 45.93 6.62 -91.79
C LEU D 2023 45.58 5.33 -92.56
N PRO D 2024 46.29 5.03 -93.64
CA PRO D 2024 46.01 3.81 -94.40
C PRO D 2024 46.61 2.59 -93.70
N GLU D 2025 46.42 1.43 -94.30
CA GLU D 2025 46.81 0.16 -93.70
C GLU D 2025 48.30 -0.14 -93.82
N ASP D 2026 49.09 0.77 -94.37
CA ASP D 2026 50.53 0.57 -94.50
C ASP D 2026 51.27 0.99 -93.23
N ILE D 2027 50.82 2.05 -92.57
CA ILE D 2027 51.56 2.65 -91.46
C ILE D 2027 50.83 2.50 -90.12
N ARG D 2028 49.86 1.59 -90.02
CA ARG D 2028 49.22 1.35 -88.72
C ARG D 2028 49.55 -0.01 -88.13
N GLN D 2029 50.09 -0.94 -88.92
CA GLN D 2029 50.47 -2.25 -88.40
C GLN D 2029 51.87 -2.26 -87.83
N ASP D 2030 52.72 -1.31 -88.27
CA ASP D 2030 54.11 -1.28 -87.81
C ASP D 2030 54.21 -0.88 -86.34
N LEU D 2031 53.22 -0.12 -85.85
CA LEU D 2031 53.21 0.21 -84.42
C LEU D 2031 52.65 -0.94 -83.59
N GLN D 2032 51.66 -1.66 -84.12
CA GLN D 2032 51.21 -2.86 -83.42
C GLN D 2032 52.22 -3.99 -83.56
N ASP D 2033 53.06 -3.96 -84.60
CA ASP D 2033 54.21 -4.84 -84.64
C ASP D 2033 55.24 -4.45 -83.59
N PHE D 2034 55.34 -3.14 -83.29
CA PHE D 2034 56.19 -2.69 -82.21
C PHE D 2034 55.55 -2.95 -80.85
N HIS D 2035 54.22 -2.89 -80.78
CA HIS D 2035 53.52 -3.03 -79.51
C HIS D 2035 53.61 -4.44 -78.98
N GLN D 2036 53.42 -5.45 -79.85
CA GLN D 2036 53.55 -6.83 -79.40
C GLN D 2036 55.02 -7.22 -79.22
N ASP D 2037 55.93 -6.46 -79.83
CA ASP D 2037 57.35 -6.66 -79.54
C ASP D 2037 57.72 -6.13 -78.16
N LEU D 2038 57.02 -5.10 -77.70
CA LEU D 2038 57.37 -4.50 -76.41
C LEU D 2038 56.79 -5.30 -75.24
N LEU D 2039 55.57 -5.81 -75.39
CA LEU D 2039 54.99 -6.62 -74.32
C LEU D 2039 55.65 -7.98 -74.23
N ALA D 2040 56.12 -8.52 -75.35
CA ALA D 2040 56.90 -9.74 -75.31
C ALA D 2040 58.29 -9.52 -74.71
N HIS D 2041 58.77 -8.27 -74.76
CA HIS D 2041 60.00 -7.94 -74.05
C HIS D 2041 59.77 -7.88 -72.55
N CYS D 2042 58.54 -7.57 -72.12
CA CYS D 2042 58.19 -7.54 -70.71
C CYS D 2042 57.72 -8.94 -70.28
N GLY D 2043 57.14 -9.02 -69.08
CA GLY D 2043 56.69 -10.29 -68.54
C GLY D 2043 55.39 -10.82 -69.12
N ILE D 2044 54.70 -10.01 -69.93
CA ILE D 2044 53.43 -10.45 -70.51
C ILE D 2044 53.71 -11.42 -71.65
N GLN D 2045 53.01 -12.56 -71.64
CA GLN D 2045 53.22 -13.58 -72.66
C GLN D 2045 52.64 -13.20 -74.02
N LEU D 2046 51.44 -12.60 -74.03
CA LEU D 2046 50.78 -12.05 -75.22
C LEU D 2046 50.56 -13.12 -76.30
N GLU D 2047 50.05 -14.28 -75.91
CA GLU D 2047 49.79 -15.34 -76.88
C GLU D 2047 48.42 -15.18 -77.54
N PRO D 2091 65.82 -21.11 -65.18
CA PRO D 2091 65.35 -19.91 -65.87
C PRO D 2091 66.11 -19.63 -67.16
N GLN D 2092 65.43 -18.99 -68.12
CA GLN D 2092 66.05 -18.61 -69.39
C GLN D 2092 66.09 -17.10 -69.59
N SER D 2093 65.75 -16.31 -68.58
CA SER D 2093 65.71 -14.87 -68.73
C SER D 2093 66.07 -14.22 -67.39
N LEU D 2094 66.10 -12.88 -67.40
CA LEU D 2094 66.48 -12.14 -66.20
C LEU D 2094 65.36 -12.13 -65.17
N GLN D 2095 64.12 -11.91 -65.60
CA GLN D 2095 63.01 -11.79 -64.66
C GLN D 2095 62.65 -13.15 -64.06
N GLU D 2096 62.89 -14.22 -64.80
CA GLU D 2096 62.64 -15.56 -64.26
C GLU D 2096 63.75 -15.99 -63.32
N LEU D 2097 64.95 -15.43 -63.49
CA LEU D 2097 66.07 -15.77 -62.60
C LEU D 2097 65.94 -15.05 -61.27
N VAL D 2098 65.57 -13.77 -61.30
CA VAL D 2098 65.52 -12.96 -60.08
C VAL D 2098 64.33 -13.37 -59.22
N SER D 2099 63.19 -13.71 -59.86
CA SER D 2099 61.98 -14.04 -59.12
C SER D 2099 62.12 -15.36 -58.38
N HIS D 2100 62.74 -16.36 -59.02
CA HIS D 2100 62.93 -17.65 -58.35
C HIS D 2100 64.05 -17.57 -57.32
N MET D 2101 64.91 -16.56 -57.42
CA MET D 2101 65.99 -16.41 -56.45
C MET D 2101 65.50 -15.72 -55.17
N VAL D 2102 64.60 -14.75 -55.30
CA VAL D 2102 64.11 -14.02 -54.13
C VAL D 2102 63.25 -14.93 -53.25
N VAL D 2103 62.45 -15.79 -53.88
CA VAL D 2103 61.61 -16.71 -53.12
C VAL D 2103 62.44 -17.85 -52.52
N ARG D 2104 63.49 -18.29 -53.24
CA ARG D 2104 64.37 -19.32 -52.66
C ARG D 2104 65.18 -18.77 -51.50
N TRP D 2105 65.55 -17.48 -51.57
CA TRP D 2105 66.15 -16.81 -50.42
C TRP D 2105 65.14 -16.67 -49.28
N ALA D 2106 63.85 -16.56 -49.62
CA ALA D 2106 62.82 -16.43 -48.59
C ALA D 2106 62.40 -17.77 -48.00
N GLN D 2107 62.49 -18.86 -48.79
CA GLN D 2107 62.18 -20.18 -48.25
C GLN D 2107 63.34 -20.81 -47.50
N GLU D 2108 64.50 -20.14 -47.43
CA GLU D 2108 65.64 -20.70 -46.71
C GLU D 2108 65.45 -20.55 -45.20
N ASP D 2109 65.36 -19.31 -44.72
CA ASP D 2109 65.17 -19.04 -43.29
C ASP D 2109 64.50 -17.68 -43.14
N TYR D 2110 64.13 -17.38 -41.89
CA TYR D 2110 63.50 -16.11 -41.54
C TYR D 2110 64.53 -14.99 -41.61
N VAL D 2111 64.29 -14.00 -42.48
CA VAL D 2111 65.14 -12.81 -42.56
C VAL D 2111 64.78 -11.87 -41.42
N GLN D 2112 65.75 -11.61 -40.55
CA GLN D 2112 65.56 -10.69 -39.43
C GLN D 2112 66.11 -9.29 -39.70
N SER D 2113 66.60 -9.03 -40.90
CA SER D 2113 67.11 -7.72 -41.26
C SER D 2113 66.07 -7.00 -42.12
N PRO D 2114 65.51 -5.87 -41.66
CA PRO D 2114 64.46 -5.22 -42.44
C PRO D 2114 64.95 -4.53 -43.70
N GLU D 2115 66.25 -4.27 -43.82
CA GLU D 2115 66.77 -3.63 -45.02
C GLU D 2115 66.74 -4.57 -46.21
N LEU D 2116 67.05 -5.85 -45.98
CA LEU D 2116 67.11 -6.80 -47.09
C LEU D 2116 65.72 -7.19 -47.56
N VAL D 2117 64.79 -7.43 -46.62
CA VAL D 2117 63.48 -7.99 -46.98
C VAL D 2117 62.64 -6.96 -47.74
N ARG D 2118 62.84 -5.68 -47.44
CA ARG D 2118 62.21 -4.65 -48.27
C ARG D 2118 62.91 -4.54 -49.62
N ALA D 2119 64.24 -4.67 -49.64
CA ALA D 2119 64.98 -4.65 -50.89
C ALA D 2119 64.73 -5.91 -51.70
N MET D 2120 64.34 -7.00 -51.05
CA MET D 2120 63.96 -8.21 -51.78
C MET D 2120 62.60 -8.06 -52.44
N PHE D 2121 61.62 -7.52 -51.71
CA PHE D 2121 60.27 -7.43 -52.25
C PHE D 2121 60.11 -6.26 -53.21
N SER D 2122 60.94 -5.23 -53.05
CA SER D 2122 60.94 -4.15 -54.05
C SER D 2122 61.58 -4.63 -55.35
N LEU D 2123 62.53 -5.56 -55.25
CA LEU D 2123 63.12 -6.15 -56.46
C LEU D 2123 62.15 -7.11 -57.14
N LEU D 2124 61.37 -7.85 -56.36
CA LEU D 2124 60.44 -8.83 -56.94
C LEU D 2124 59.24 -8.14 -57.59
N HIS D 2125 58.82 -7.01 -57.01
CA HIS D 2125 57.70 -6.25 -57.59
C HIS D 2125 58.10 -5.56 -58.89
N ARG D 2126 59.38 -5.22 -59.04
CA ARG D 2126 59.83 -4.55 -60.26
C ARG D 2126 59.89 -5.51 -61.44
N GLN D 2127 60.06 -6.81 -61.18
CA GLN D 2127 60.21 -7.76 -62.28
C GLN D 2127 58.86 -8.19 -62.85
N TYR D 2128 57.89 -8.45 -61.97
CA TYR D 2128 56.58 -8.89 -62.44
C TYR D 2128 55.79 -7.72 -63.02
N ASP D 2129 55.78 -6.59 -62.33
CA ASP D 2129 55.15 -5.37 -62.82
C ASP D 2129 56.17 -4.61 -63.66
N GLY D 2130 56.39 -5.09 -64.88
CA GLY D 2130 57.36 -4.47 -65.77
C GLY D 2130 56.75 -3.35 -66.58
N LEU D 2131 55.50 -3.54 -67.02
CA LEU D 2131 54.84 -2.50 -67.80
C LEU D 2131 54.44 -1.33 -66.92
N GLY D 2132 54.14 -1.60 -65.64
CA GLY D 2132 53.84 -0.51 -64.72
C GLY D 2132 55.07 0.30 -64.36
N GLU D 2133 56.24 -0.35 -64.34
CA GLU D 2133 57.47 0.38 -64.04
C GLU D 2133 57.88 1.27 -65.21
N LEU D 2134 57.50 0.89 -66.43
CA LEU D 2134 57.84 1.69 -67.61
C LEU D 2134 56.95 2.92 -67.72
N LEU D 2135 55.66 2.78 -67.38
CA LEU D 2135 54.74 3.90 -67.51
C LEU D 2135 54.96 4.94 -66.42
N ARG D 2136 55.45 4.54 -65.26
CA ARG D 2136 55.77 5.52 -64.22
C ARG D 2136 57.12 6.20 -64.48
N ALA D 2137 57.95 5.63 -65.35
CA ALA D 2137 59.27 6.20 -65.64
C ALA D 2137 59.32 6.98 -66.94
N LEU D 2138 58.33 6.82 -67.82
CA LEU D 2138 58.30 7.50 -69.12
C LEU D 2138 57.99 9.01 -69.11
N PRO D 2139 57.18 9.57 -68.19
CA PRO D 2139 57.10 11.04 -68.14
C PRO D 2139 58.38 11.73 -67.68
N ARG D 2140 59.31 11.02 -67.03
CA ARG D 2140 60.64 11.56 -66.77
C ARG D 2140 61.62 11.24 -67.90
N ALA D 2141 61.11 10.90 -69.09
CA ALA D 2141 61.93 10.59 -70.25
C ALA D 2141 61.65 11.63 -71.33
N TYR D 2142 62.69 12.32 -71.77
CA TYR D 2142 62.60 13.41 -72.72
C TYR D 2142 63.42 13.11 -73.97
N THR D 2143 63.27 13.98 -74.96
CA THR D 2143 63.98 13.87 -76.22
C THR D 2143 64.28 15.26 -76.76
N ILE D 2144 65.56 15.56 -76.97
CA ILE D 2144 65.99 16.85 -77.46
C ILE D 2144 66.66 16.67 -78.82
N SER D 2145 66.92 17.81 -79.47
CA SER D 2145 67.64 17.85 -80.74
C SER D 2145 69.13 17.65 -80.50
N PRO D 2146 69.84 16.99 -81.43
CA PRO D 2146 71.28 16.75 -81.23
C PRO D 2146 72.16 17.99 -81.37
N SER D 2147 71.61 19.13 -81.77
CA SER D 2147 72.36 20.38 -81.81
C SER D 2147 72.36 21.11 -80.47
N SER D 2148 71.76 20.53 -79.43
CA SER D 2148 71.70 21.14 -78.11
C SER D 2148 72.45 20.34 -77.05
N VAL D 2149 73.24 19.34 -77.46
CA VAL D 2149 73.95 18.49 -76.50
C VAL D 2149 75.13 19.23 -75.87
N GLU D 2150 75.68 20.23 -76.57
CA GLU D 2150 76.83 20.96 -76.02
C GLU D 2150 76.43 21.87 -74.88
N ASP D 2151 75.16 22.26 -74.79
CA ASP D 2151 74.69 23.07 -73.67
C ASP D 2151 73.84 22.28 -72.66
N THR D 2152 73.35 21.10 -73.03
CA THR D 2152 72.51 20.34 -72.12
C THR D 2152 73.35 19.63 -71.06
N MET D 2153 74.49 19.06 -71.46
CA MET D 2153 75.40 18.46 -70.48
C MET D 2153 76.10 19.53 -69.65
N SER D 2154 76.21 20.75 -70.18
CA SER D 2154 76.66 21.87 -69.36
C SER D 2154 75.60 22.25 -68.33
N LEU D 2155 74.33 21.98 -68.63
CA LEU D 2155 73.26 22.21 -67.67
C LEU D 2155 73.21 21.12 -66.62
N LEU D 2156 73.47 19.86 -67.02
CA LEU D 2156 73.41 18.76 -66.08
C LEU D 2156 74.67 18.68 -65.21
N GLU D 2157 75.78 19.26 -65.69
CA GLU D 2157 76.95 19.40 -64.81
C GLU D 2157 76.69 20.46 -63.73
N CYS D 2158 75.88 21.46 -64.05
CA CYS D 2158 75.62 22.55 -63.12
C CYS D 2158 74.42 22.26 -62.22
N LEU D 2159 73.46 21.46 -62.68
CA LEU D 2159 72.41 20.99 -61.79
C LEU D 2159 72.94 19.94 -60.83
N GLY D 2160 73.92 19.13 -61.28
CA GLY D 2160 74.57 18.18 -60.38
C GLY D 2160 75.44 18.87 -59.34
N GLN D 2161 75.83 20.12 -59.60
CA GLN D 2161 76.52 20.93 -58.60
C GLN D 2161 75.58 21.26 -57.44
N ILE D 2162 74.32 21.51 -57.74
CA ILE D 2162 73.38 21.95 -56.71
C ILE D 2162 72.92 20.75 -55.86
N ARG D 2163 72.67 19.61 -56.50
CA ARG D 2163 72.22 18.44 -55.76
C ARG D 2163 73.37 17.82 -54.94
N SER D 2164 74.62 18.07 -55.34
CA SER D 2164 75.74 17.74 -54.48
C SER D 2164 75.93 18.75 -53.36
N LEU D 2165 75.35 19.96 -53.52
CA LEU D 2165 75.38 20.93 -52.44
C LEU D 2165 74.16 20.83 -51.53
N LEU D 2166 73.16 20.02 -51.89
CA LEU D 2166 71.98 19.88 -51.04
C LEU D 2166 72.28 19.00 -49.83
N ILE D 2167 73.19 18.04 -49.97
CA ILE D 2167 73.50 17.09 -48.92
C ILE D 2167 74.40 17.67 -47.83
N VAL D 2168 74.99 18.84 -48.05
CA VAL D 2168 75.80 19.50 -47.04
C VAL D 2168 75.10 20.78 -46.58
N GLN D 2169 75.29 21.14 -45.32
CA GLN D 2169 74.73 22.35 -44.75
C GLN D 2169 75.47 23.57 -45.29
N MET D 2170 74.73 24.66 -45.50
CA MET D 2170 75.25 25.84 -46.16
C MET D 2170 76.26 26.57 -45.26
N GLY D 2171 77.31 27.11 -45.89
CA GLY D 2171 78.30 27.91 -45.19
C GLY D 2171 78.57 29.20 -45.95
N PRO D 2172 79.67 29.89 -45.59
CA PRO D 2172 79.97 31.18 -46.23
C PRO D 2172 80.50 31.06 -47.65
N GLN D 2173 81.04 29.92 -48.05
CA GLN D 2173 81.60 29.77 -49.39
C GLN D 2173 80.70 28.98 -50.33
N GLU D 2174 79.93 28.02 -49.80
CA GLU D 2174 79.00 27.26 -50.63
C GLU D 2174 77.80 28.10 -51.07
N GLU D 2175 77.59 29.27 -50.47
CA GLU D 2175 76.54 30.19 -50.91
C GLU D 2175 76.86 30.78 -52.28
N ASN D 2176 78.10 31.23 -52.47
CA ASN D 2176 78.47 31.90 -53.72
C ASN D 2176 78.57 30.91 -54.87
N LEU D 2177 78.85 29.64 -54.57
CA LEU D 2177 78.81 28.61 -55.60
C LEU D 2177 77.38 28.34 -56.05
N MET D 2178 76.42 28.55 -55.15
CA MET D 2178 75.01 28.38 -55.53
C MET D 2178 74.53 29.54 -56.39
N ILE D 2179 75.04 30.75 -56.13
CA ILE D 2179 74.64 31.92 -56.91
C ILE D 2179 75.19 31.82 -58.33
N GLN D 2180 76.43 31.36 -58.47
CA GLN D 2180 77.02 31.22 -59.80
C GLN D 2180 76.37 30.05 -60.55
N SER D 2181 75.90 29.04 -59.81
CA SER D 2181 75.24 27.90 -60.46
C SER D 2181 73.87 28.30 -61.01
N ILE D 2182 73.02 28.93 -60.20
CA ILE D 2182 71.72 29.39 -60.70
C ILE D 2182 71.91 30.55 -61.68
N GLY D 2183 72.98 31.31 -61.50
CA GLY D 2183 73.36 32.33 -62.47
C GLY D 2183 73.84 31.79 -63.81
N ASN D 2184 74.11 30.48 -63.90
CA ASN D 2184 74.48 29.89 -65.18
C ASN D 2184 73.30 29.15 -65.83
N ILE D 2185 72.34 28.67 -65.02
CA ILE D 2185 71.13 28.03 -65.55
C ILE D 2185 70.24 29.02 -66.29
N MET D 2186 70.35 30.31 -65.98
CA MET D 2186 69.48 31.32 -66.57
C MET D 2186 70.09 31.98 -67.80
N ASN D 2187 71.25 31.50 -68.28
CA ASN D 2187 71.75 31.90 -69.59
C ASN D 2187 72.41 30.70 -70.28
N ASN D 2188 71.74 29.55 -70.25
CA ASN D 2188 72.24 28.34 -70.91
C ASN D 2188 71.41 28.02 -72.15
N LYS D 2189 70.35 28.80 -72.39
CA LYS D 2189 69.47 28.86 -73.57
C LYS D 2189 68.67 27.58 -73.78
N VAL D 2190 68.87 26.57 -72.94
CA VAL D 2190 68.08 25.34 -72.95
C VAL D 2190 66.93 25.49 -71.97
N PHE D 2191 67.10 26.34 -70.96
CA PHE D 2191 66.08 26.67 -69.97
C PHE D 2191 64.85 27.35 -70.59
N TYR D 2192 64.99 27.93 -71.78
CA TYR D 2192 63.92 28.71 -72.41
C TYR D 2192 63.23 28.04 -73.59
N GLN D 2193 63.93 27.22 -74.37
CA GLN D 2193 63.28 26.62 -75.54
C GLN D 2193 62.55 25.32 -75.18
N HIS D 2194 62.99 24.62 -74.14
CA HIS D 2194 62.34 23.41 -73.65
C HIS D 2194 61.93 23.61 -72.20
N PRO D 2195 60.74 24.15 -71.95
CA PRO D 2195 60.33 24.39 -70.55
C PRO D 2195 59.86 23.14 -69.83
N ASN D 2196 59.42 22.11 -70.56
CA ASN D 2196 58.86 20.91 -69.94
C ASN D 2196 59.91 19.97 -69.39
N LEU D 2197 61.19 20.14 -69.77
CA LEU D 2197 62.27 19.30 -69.29
C LEU D 2197 62.88 19.79 -67.98
N MET D 2198 62.93 21.11 -67.76
CA MET D 2198 63.39 21.64 -66.48
C MET D 2198 62.46 21.22 -65.35
N ARG D 2199 61.16 21.16 -65.62
CA ARG D 2199 60.18 20.69 -64.65
C ARG D 2199 60.28 19.19 -64.41
N ALA D 2200 60.74 18.42 -65.40
CA ALA D 2200 60.87 16.98 -65.24
C ALA D 2200 62.14 16.59 -64.50
N LEU D 2201 63.14 17.46 -64.50
CA LEU D 2201 64.42 17.16 -63.85
C LEU D 2201 64.38 17.41 -62.34
N GLY D 2202 63.30 17.99 -61.81
CA GLY D 2202 63.31 18.41 -60.44
C GLY D 2202 64.11 19.67 -60.18
N MET D 2203 64.11 20.61 -61.13
CA MET D 2203 64.86 21.85 -60.95
C MET D 2203 64.18 22.76 -59.94
N HIS D 2204 62.86 22.90 -60.02
CA HIS D 2204 62.13 23.77 -59.12
C HIS D 2204 62.07 23.23 -57.71
N GLU D 2205 62.17 21.90 -57.55
CA GLU D 2205 62.18 21.34 -56.22
C GLU D 2205 63.54 21.52 -55.56
N THR D 2206 64.62 21.52 -56.34
CA THR D 2206 65.94 21.69 -55.75
C THR D 2206 66.18 23.12 -55.28
N VAL D 2207 65.46 24.08 -55.86
CA VAL D 2207 65.60 25.46 -55.44
C VAL D 2207 64.73 25.75 -54.22
N MET D 2208 63.60 25.05 -54.06
CA MET D 2208 62.73 25.37 -52.93
C MET D 2208 63.20 24.74 -51.63
N GLU D 2209 63.77 23.54 -51.67
CA GLU D 2209 64.33 22.95 -50.44
C GLU D 2209 65.55 23.71 -49.92
N VAL D 2210 66.28 24.44 -50.76
CA VAL D 2210 67.31 25.31 -50.20
C VAL D 2210 66.67 26.57 -49.62
N MET D 2211 65.48 26.95 -50.12
CA MET D 2211 64.76 28.05 -49.49
C MET D 2211 64.03 27.59 -48.23
N VAL D 2212 63.73 26.29 -48.10
CA VAL D 2212 63.17 25.78 -46.86
C VAL D 2212 64.23 25.78 -45.76
N ASN D 2213 65.45 25.34 -46.08
CA ASN D 2213 66.47 25.17 -45.06
C ASN D 2213 67.02 26.52 -44.57
N VAL D 2214 66.96 27.55 -45.42
CA VAL D 2214 67.53 28.85 -45.03
C VAL D 2214 66.47 29.72 -44.34
N LEU D 2215 65.24 29.75 -44.89
CA LEU D 2215 64.15 30.45 -44.20
C LEU D 2215 63.74 29.76 -42.90
N GLY D 2216 64.00 28.46 -42.76
CA GLY D 2216 63.69 27.75 -41.54
C GLY D 2216 62.37 27.01 -41.58
N GLU D 2222 65.36 34.53 -37.89
CA GLU D 2222 65.95 35.47 -38.83
C GLU D 2222 66.61 34.74 -39.99
N ILE D 2223 67.00 35.49 -41.01
CA ILE D 2223 67.61 34.91 -42.20
C ILE D 2223 69.12 35.13 -42.09
N ARG D 2224 69.90 34.16 -42.57
CA ARG D 2224 71.35 34.20 -42.46
C ARG D 2224 72.04 34.61 -43.76
N PHE D 2225 71.53 34.15 -44.89
CA PHE D 2225 72.14 34.45 -46.19
C PHE D 2225 71.10 35.15 -47.07
N PRO D 2226 71.09 36.49 -47.07
CA PRO D 2226 70.09 37.20 -47.86
C PRO D 2226 70.41 37.22 -49.35
N LYS D 2227 71.69 37.11 -49.70
CA LYS D 2227 72.08 37.06 -51.11
C LYS D 2227 71.67 35.73 -51.73
N MET D 2228 71.57 34.68 -50.91
CA MET D 2228 71.20 33.38 -51.43
C MET D 2228 69.70 33.30 -51.66
N VAL D 2229 68.91 33.89 -50.76
CA VAL D 2229 67.47 33.70 -50.81
C VAL D 2229 66.82 34.57 -51.89
N THR D 2230 67.47 35.68 -52.28
CA THR D 2230 66.91 36.52 -53.33
C THR D 2230 67.15 35.94 -54.72
N SER D 2231 68.31 35.31 -54.92
CA SER D 2231 68.62 34.75 -56.23
C SER D 2231 67.80 33.51 -56.52
N CYS D 2232 67.38 32.81 -55.46
CA CYS D 2232 66.53 31.64 -55.63
C CYS D 2232 65.08 32.03 -55.94
N CYS D 2233 64.54 33.03 -55.25
CA CYS D 2233 63.16 33.40 -55.51
C CYS D 2233 63.06 34.14 -56.84
N ARG D 2234 64.12 34.88 -57.22
CA ARG D 2234 64.18 35.46 -58.55
C ARG D 2234 64.21 34.40 -59.63
N PHE D 2235 64.81 33.25 -59.33
CA PHE D 2235 64.83 32.15 -60.29
C PHE D 2235 63.44 31.54 -60.45
N LEU D 2236 62.68 31.43 -59.36
CA LEU D 2236 61.33 30.89 -59.46
C LEU D 2236 60.33 31.92 -60.01
N CYS D 2237 60.61 33.22 -59.89
CA CYS D 2237 59.75 34.21 -60.53
C CYS D 2237 59.89 34.17 -62.04
N TYR D 2238 61.13 34.08 -62.54
CA TYR D 2238 61.31 33.97 -63.98
C TYR D 2238 61.04 32.57 -64.49
N PHE D 2239 60.96 31.56 -63.61
CA PHE D 2239 60.59 30.22 -64.04
C PHE D 2239 59.10 30.10 -64.33
N CYS D 2240 58.26 30.85 -63.63
CA CYS D 2240 56.81 30.79 -63.82
C CYS D 2240 56.32 31.64 -64.99
N ARG D 2241 57.21 32.27 -65.74
CA ARG D 2241 56.81 33.00 -66.94
C ARG D 2241 57.40 32.46 -68.22
N ILE D 2242 58.03 31.28 -68.19
CA ILE D 2242 58.49 30.68 -69.45
C ILE D 2242 57.36 29.91 -70.11
N SER D 2243 56.54 29.23 -69.31
CA SER D 2243 55.36 28.52 -69.78
C SER D 2243 54.36 28.49 -68.64
N ARG D 2244 53.11 28.17 -68.98
CA ARG D 2244 52.03 28.30 -68.01
C ARG D 2244 51.96 27.08 -67.10
N GLN D 2245 52.36 25.90 -67.58
CA GLN D 2245 52.39 24.71 -66.73
C GLN D 2245 53.57 24.70 -65.77
N ASN D 2246 54.58 25.55 -66.01
CA ASN D 2246 55.62 25.75 -65.01
C ASN D 2246 55.09 26.50 -63.80
N GLN D 2247 54.09 27.36 -64.02
CA GLN D 2247 53.42 28.11 -62.97
C GLN D 2247 52.45 27.26 -62.15
N ARG D 2248 51.95 26.16 -62.72
CA ARG D 2248 50.94 25.37 -62.03
C ARG D 2248 51.58 24.43 -61.01
N SER D 2249 52.81 23.99 -61.27
CA SER D 2249 53.57 23.21 -60.29
C SER D 2249 54.02 24.07 -59.11
N MET D 2250 54.05 25.39 -59.28
CA MET D 2250 54.34 26.31 -58.19
C MET D 2250 53.11 26.69 -57.39
N PHE D 2251 51.92 26.46 -57.92
CA PHE D 2251 50.70 26.88 -57.22
C PHE D 2251 50.40 25.93 -56.06
N ASP D 2252 50.91 24.70 -56.12
CA ASP D 2252 50.78 23.74 -55.03
C ASP D 2252 51.59 24.14 -53.80
N HIS D 2253 52.59 25.00 -53.96
CA HIS D 2253 53.53 25.33 -52.91
C HIS D 2253 53.19 26.65 -52.22
N LEU D 2254 51.98 27.17 -52.43
CA LEU D 2254 51.70 28.55 -52.08
C LEU D 2254 51.43 28.71 -50.59
N SER D 2255 51.02 27.62 -49.93
CA SER D 2255 50.76 27.68 -48.49
C SER D 2255 52.05 27.91 -47.71
N TYR D 2256 53.18 27.39 -48.22
CA TYR D 2256 54.46 27.67 -47.61
C TYR D 2256 55.07 28.96 -48.15
N LEU D 2257 54.78 29.29 -49.42
CA LEU D 2257 55.37 30.47 -50.04
C LEU D 2257 54.72 31.75 -49.53
N LEU D 2258 53.52 31.66 -48.97
CA LEU D 2258 52.86 32.82 -48.38
C LEU D 2258 52.96 32.84 -46.87
N GLU D 2259 53.39 31.75 -46.24
CA GLU D 2259 53.53 31.74 -44.79
C GLU D 2259 54.77 32.49 -44.33
N ASN D 2260 55.86 32.41 -45.11
CA ASN D 2260 57.12 33.06 -44.76
C ASN D 2260 57.34 34.38 -45.51
N SER D 2261 56.26 35.00 -46.00
CA SER D 2261 56.43 36.28 -46.67
C SER D 2261 56.65 37.41 -45.67
N GLY D 2262 56.04 37.30 -44.50
CA GLY D 2262 56.20 38.31 -43.46
C GLY D 2262 57.25 37.95 -42.43
N MET D 2267 62.46 41.76 -46.46
CA MET D 2267 63.88 42.11 -46.52
C MET D 2267 64.25 42.67 -47.89
N GLN D 2268 65.49 43.15 -48.02
CA GLN D 2268 65.88 43.92 -49.20
C GLN D 2268 66.04 43.03 -50.42
N GLY D 2269 65.60 43.54 -51.56
CA GLY D 2269 65.64 42.81 -52.81
C GLY D 2269 64.35 42.06 -53.09
N SER D 2270 64.48 40.84 -53.60
CA SER D 2270 63.30 40.04 -53.87
C SER D 2270 62.89 39.24 -52.64
N THR D 2271 61.61 38.90 -52.57
CA THR D 2271 60.98 38.29 -51.41
C THR D 2271 60.03 37.20 -51.92
N PRO D 2272 59.82 36.11 -51.15
CA PRO D 2272 58.99 34.99 -51.64
C PRO D 2272 57.53 35.31 -51.96
N LEU D 2273 57.05 36.49 -51.55
CA LEU D 2273 55.75 36.95 -52.00
C LEU D 2273 55.76 37.28 -53.49
N ASP D 2274 56.92 37.62 -54.04
CA ASP D 2274 57.02 37.84 -55.49
C ASP D 2274 56.85 36.52 -56.25
N VAL D 2275 57.27 35.41 -55.65
CA VAL D 2275 56.94 34.10 -56.22
C VAL D 2275 55.45 33.84 -56.06
N ALA D 2276 54.87 34.29 -54.94
CA ALA D 2276 53.43 34.15 -54.72
C ALA D 2276 52.64 35.03 -55.68
N ALA D 2277 53.19 36.19 -56.04
CA ALA D 2277 52.53 37.05 -57.00
C ALA D 2277 52.69 36.54 -58.42
N ALA D 2278 53.85 35.94 -58.72
CA ALA D 2278 54.11 35.43 -60.07
C ALA D 2278 53.42 34.10 -60.33
N SER D 2279 52.91 33.45 -59.29
CA SER D 2279 52.21 32.17 -59.48
C SER D 2279 50.76 32.35 -59.86
N VAL D 2280 50.20 33.55 -59.71
CA VAL D 2280 48.77 33.75 -59.95
C VAL D 2280 48.52 34.88 -60.97
N ILE D 2281 49.55 35.29 -61.72
CA ILE D 2281 49.42 36.43 -62.62
C ILE D 2281 49.11 35.92 -64.02
N ASP D 2282 48.16 36.59 -64.68
CA ASP D 2282 47.81 36.40 -66.10
C ASP D 2282 47.34 34.97 -66.41
N ASN D 2283 46.74 34.30 -65.44
CA ASN D 2283 46.18 32.98 -65.68
C ASN D 2283 44.90 32.84 -64.87
N ASN D 2284 43.78 32.67 -65.56
CA ASN D 2284 42.48 32.66 -64.90
C ASN D 2284 42.18 31.32 -64.26
N GLU D 2285 42.91 30.27 -64.63
CA GLU D 2285 42.66 28.94 -64.06
C GLU D 2285 43.16 28.85 -62.62
N LEU D 2286 44.40 29.31 -62.37
CA LEU D 2286 44.94 29.28 -61.02
C LEU D 2286 44.33 30.38 -60.14
N ALA D 2287 43.84 31.45 -60.76
CA ALA D 2287 43.22 32.52 -59.98
C ALA D 2287 41.85 32.11 -59.47
N LEU D 2288 41.07 31.40 -60.29
CA LEU D 2288 39.74 30.97 -59.89
C LEU D 2288 39.76 29.74 -59.00
N ALA D 2289 40.85 28.98 -59.00
CA ALA D 2289 40.99 27.79 -58.15
C ALA D 2289 41.72 28.08 -56.85
N LEU D 2290 41.97 29.36 -56.56
CA LEU D 2290 42.61 29.75 -55.32
C LEU D 2290 41.65 29.65 -54.15
N GLN D 2291 42.11 29.07 -53.05
CA GLN D 2291 41.27 28.90 -51.88
C GLN D 2291 41.16 30.20 -51.11
N GLU D 2292 40.24 30.22 -50.14
CA GLU D 2292 40.12 31.34 -49.23
C GLU D 2292 41.16 31.30 -48.11
N GLN D 2293 41.73 30.12 -47.83
CA GLN D 2293 42.68 29.97 -46.72
C GLN D 2293 44.01 30.66 -47.00
N ASP D 2294 44.39 30.80 -48.27
CA ASP D 2294 45.57 31.58 -48.61
C ASP D 2294 45.29 33.08 -48.58
N LEU D 2295 44.01 33.47 -48.60
CA LEU D 2295 43.64 34.88 -48.62
C LEU D 2295 43.47 35.48 -47.23
N GLU D 2296 43.16 34.67 -46.21
CA GLU D 2296 43.04 35.21 -44.86
C GLU D 2296 44.41 35.45 -44.25
N LYS D 2297 45.46 34.81 -44.77
CA LYS D 2297 46.80 35.07 -44.27
C LYS D 2297 47.32 36.43 -44.72
N VAL D 2298 46.90 36.89 -45.90
CA VAL D 2298 47.40 38.17 -46.41
C VAL D 2298 46.76 39.32 -45.64
N VAL D 2299 45.46 39.21 -45.33
CA VAL D 2299 44.78 40.29 -44.64
C VAL D 2299 45.13 40.31 -43.15
N SER D 2300 45.62 39.19 -42.60
CA SER D 2300 46.10 39.22 -41.23
C SER D 2300 47.51 39.79 -41.17
N TYR D 2301 48.30 39.58 -42.23
CA TYR D 2301 49.58 40.27 -42.33
C TYR D 2301 49.38 41.77 -42.53
N LEU D 2302 48.31 42.14 -43.24
CA LEU D 2302 48.03 43.54 -43.47
C LEU D 2302 47.41 44.19 -42.22
N ALA D 2303 46.70 43.39 -41.41
CA ALA D 2303 46.20 43.89 -40.15
C ALA D 2303 47.29 44.05 -39.10
N GLY D 2304 48.47 43.46 -39.33
CA GLY D 2304 49.61 43.66 -38.46
C GLY D 2304 50.35 44.96 -38.74
N CYS D 2305 50.28 45.44 -39.97
CA CYS D 2305 51.03 46.64 -40.33
C CYS D 2305 50.37 47.92 -39.84
N GLY D 2306 49.09 47.88 -39.45
CA GLY D 2306 48.39 49.09 -39.06
C GLY D 2306 48.60 49.53 -37.63
N LEU D 2307 48.96 48.60 -36.74
CA LEU D 2307 49.16 48.93 -35.33
C LEU D 2307 50.63 49.08 -34.96
N GLN D 2308 51.49 48.19 -35.44
CA GLN D 2308 52.92 48.31 -35.21
C GLN D 2308 53.64 48.76 -36.48
N SER D 2309 54.75 49.47 -36.26
CA SER D 2309 55.51 50.10 -37.33
C SER D 2309 56.56 49.13 -37.88
N CYS D 2310 57.47 49.69 -38.67
CA CYS D 2310 58.53 48.89 -39.28
C CYS D 2310 59.67 48.69 -38.29
N PRO D 2311 60.12 47.45 -38.08
CA PRO D 2311 61.31 47.24 -37.24
C PRO D 2311 62.59 47.70 -37.92
N MET D 2312 62.61 47.73 -39.26
CA MET D 2312 63.81 48.17 -39.97
C MET D 2312 63.92 49.69 -40.00
N LEU D 2313 62.79 50.40 -39.87
CA LEU D 2313 62.81 51.85 -39.99
C LEU D 2313 63.23 52.51 -38.69
N LEU D 2314 62.64 52.08 -37.56
CA LEU D 2314 62.94 52.71 -36.28
C LEU D 2314 64.31 52.32 -35.76
N ALA D 2315 64.86 51.19 -36.21
CA ALA D 2315 66.23 50.85 -35.87
C ALA D 2315 67.24 51.64 -36.69
N LYS D 2316 66.85 52.13 -37.87
CA LYS D 2316 67.74 52.93 -38.70
C LYS D 2316 67.77 54.40 -38.29
N GLY D 2317 66.77 54.88 -37.58
CA GLY D 2317 66.71 56.26 -37.16
C GLY D 2317 65.56 57.07 -37.73
N TYR D 2318 64.53 56.44 -38.28
CA TYR D 2318 63.40 57.17 -38.83
C TYR D 2318 62.49 57.66 -37.71
N PRO D 2319 61.73 58.74 -37.94
CA PRO D 2319 60.77 59.20 -36.92
C PRO D 2319 59.66 58.19 -36.69
N ASP D 2320 59.08 58.26 -35.49
CA ASP D 2320 58.10 57.27 -35.08
C ASP D 2320 56.74 57.55 -35.71
N ILE D 2321 56.22 56.58 -36.45
CA ILE D 2321 54.87 56.64 -37.02
C ILE D 2321 54.16 55.36 -36.61
N GLY D 2322 52.87 55.48 -36.28
CA GLY D 2322 52.14 54.39 -35.65
C GLY D 2322 51.80 53.21 -36.54
N TRP D 2323 52.05 53.31 -37.84
CA TRP D 2323 51.70 52.23 -38.75
C TRP D 2323 52.76 52.07 -39.83
N ASN D 2324 52.66 50.95 -40.56
CA ASN D 2324 53.63 50.54 -41.58
C ASN D 2324 53.07 50.79 -42.97
N PRO D 2325 53.47 51.85 -43.67
CA PRO D 2325 53.00 52.06 -45.04
C PRO D 2325 53.71 51.20 -46.08
N CYS D 2326 55.04 51.11 -45.99
CA CYS D 2326 55.81 50.43 -47.02
C CYS D 2326 55.72 48.92 -46.89
N GLY D 2327 55.48 48.41 -45.68
CA GLY D 2327 55.36 46.97 -45.50
C GLY D 2327 54.04 46.43 -46.01
N GLY D 2328 52.94 47.11 -45.69
CA GLY D 2328 51.63 46.66 -46.13
C GLY D 2328 51.32 46.91 -47.59
N GLU D 2329 52.12 47.75 -48.26
CA GLU D 2329 51.95 47.95 -49.69
C GLU D 2329 52.39 46.73 -50.49
N ARG D 2330 53.25 45.90 -49.91
CA ARG D 2330 53.67 44.67 -50.58
C ARG D 2330 52.56 43.63 -50.55
N TYR D 2331 51.66 43.71 -49.57
CA TYR D 2331 50.54 42.77 -49.56
C TYR D 2331 49.36 43.29 -50.37
N LEU D 2332 49.25 44.61 -50.56
CA LEU D 2332 48.14 45.14 -51.36
C LEU D 2332 48.40 44.98 -52.86
N ASP D 2333 49.65 45.10 -53.33
CA ASP D 2333 49.86 44.90 -54.76
C ASP D 2333 49.90 43.42 -55.13
N PHE D 2334 50.02 42.55 -54.12
CA PHE D 2334 49.81 41.12 -54.33
C PHE D 2334 48.35 40.83 -54.67
N LEU D 2335 47.42 41.53 -54.04
CA LEU D 2335 46.01 41.17 -54.17
C LEU D 2335 45.34 41.82 -55.38
N ARG D 2336 46.00 42.78 -56.05
CA ARG D 2336 45.49 43.20 -57.35
C ARG D 2336 45.66 42.13 -58.41
N PHE D 2337 46.65 41.25 -58.25
CA PHE D 2337 46.91 40.21 -59.23
C PHE D 2337 45.92 39.07 -59.14
N ALA D 2338 45.25 38.91 -57.99
CA ALA D 2338 44.29 37.83 -57.82
C ALA D 2338 42.89 38.24 -58.24
N VAL D 2339 42.52 39.51 -57.99
CA VAL D 2339 41.16 39.97 -58.26
C VAL D 2339 41.01 40.56 -59.65
N PHE D 2340 42.10 40.72 -60.40
CA PHE D 2340 42.11 41.32 -61.72
C PHE D 2340 43.05 40.52 -62.60
N VAL D 2341 42.49 39.77 -63.55
CA VAL D 2341 43.27 38.92 -64.45
C VAL D 2341 42.91 39.24 -65.91
N ASN D 2342 43.94 39.60 -66.69
CA ASN D 2342 43.83 39.93 -68.12
C ASN D 2342 42.83 41.05 -68.40
N GLY D 2343 42.72 42.03 -67.50
CA GLY D 2343 41.83 43.15 -67.70
C GLY D 2343 40.37 42.88 -67.43
N GLU D 2344 40.03 41.71 -66.89
CA GLU D 2344 38.65 41.40 -66.50
C GLU D 2344 38.65 40.89 -65.07
N SER D 2345 37.80 41.50 -64.24
CA SER D 2345 37.74 41.14 -62.83
C SER D 2345 36.91 39.88 -62.61
N VAL D 2346 37.45 38.96 -61.82
CA VAL D 2346 36.73 37.75 -61.41
C VAL D 2346 35.69 38.12 -60.37
N GLU D 2347 34.65 37.30 -60.25
CA GLU D 2347 33.57 37.58 -59.31
C GLU D 2347 33.72 36.79 -58.01
N GLU D 2348 34.30 35.59 -58.09
CA GLU D 2348 34.39 34.75 -56.90
C GLU D 2348 35.48 35.23 -55.95
N ASN D 2349 36.63 35.65 -56.49
CA ASN D 2349 37.72 36.10 -55.64
C ASN D 2349 37.49 37.52 -55.15
N ALA D 2350 36.80 38.35 -55.95
CA ALA D 2350 36.49 39.71 -55.51
C ALA D 2350 35.41 39.70 -54.43
N ASN D 2351 34.52 38.72 -54.45
CA ASN D 2351 33.48 38.66 -53.43
C ASN D 2351 34.06 38.25 -52.07
N VAL D 2352 35.10 37.42 -52.09
CA VAL D 2352 35.62 36.88 -50.84
C VAL D 2352 36.70 37.80 -50.26
N VAL D 2353 37.32 38.66 -51.08
CA VAL D 2353 38.33 39.56 -50.54
C VAL D 2353 37.69 40.84 -49.98
N VAL D 2354 36.56 41.27 -50.55
CA VAL D 2354 35.85 42.41 -49.96
C VAL D 2354 35.15 41.99 -48.68
N ARG D 2355 34.63 40.75 -48.62
CA ARG D 2355 33.99 40.23 -47.40
C ARG D 2355 34.98 40.09 -46.24
N LEU D 2356 36.26 39.89 -46.56
CA LEU D 2356 37.30 39.64 -45.57
C LEU D 2356 37.95 40.93 -45.09
N LEU D 2357 37.98 41.96 -45.93
CA LEU D 2357 38.68 43.19 -45.60
C LEU D 2357 37.86 44.10 -44.69
N ILE D 2358 36.53 44.02 -44.78
CA ILE D 2358 35.67 44.95 -44.07
C ILE D 2358 35.35 44.52 -42.65
N ARG D 2359 35.67 43.28 -42.27
CA ARG D 2359 35.49 42.87 -40.89
C ARG D 2359 36.63 43.36 -40.02
N LYS D 2360 37.80 43.59 -40.62
CA LYS D 2360 38.97 44.09 -39.91
C LYS D 2360 39.20 45.54 -40.33
N PRO D 2361 38.94 46.53 -39.47
CA PRO D 2361 39.17 47.92 -39.87
C PRO D 2361 40.63 48.32 -39.91
N GLU D 2362 41.53 47.51 -39.35
CA GLU D 2362 42.95 47.84 -39.31
C GLU D 2362 43.67 47.57 -40.62
N CYS D 2363 43.06 46.80 -41.53
CA CYS D 2363 43.66 46.58 -42.83
C CYS D 2363 43.59 47.82 -43.71
N PHE D 2364 42.65 48.72 -43.44
CA PHE D 2364 42.63 50.01 -44.08
C PHE D 2364 43.61 50.94 -43.35
N GLY D 2365 43.77 52.14 -43.87
CA GLY D 2365 44.61 53.13 -43.24
C GLY D 2365 43.94 53.71 -42.01
N PRO D 2366 44.74 54.40 -41.17
CA PRO D 2366 44.16 54.98 -39.94
C PRO D 2366 43.30 56.20 -40.19
N ALA D 2367 43.38 56.79 -41.38
CA ALA D 2367 42.52 57.92 -41.71
C ALA D 2367 41.09 57.45 -41.98
N LEU D 2368 40.94 56.40 -42.80
CA LEU D 2368 39.60 55.90 -43.10
C LEU D 2368 39.05 55.03 -41.97
N ARG D 2369 39.92 54.51 -41.10
CA ARG D 2369 39.46 53.71 -39.96
C ARG D 2369 38.83 54.58 -38.88
N GLY D 2373 38.07 59.59 -37.43
CA GLY D 2373 38.41 59.29 -38.80
C GLY D 2373 38.61 60.53 -39.66
N SER D 2374 39.85 60.74 -40.09
CA SER D 2374 40.19 61.91 -40.90
C SER D 2374 39.83 61.68 -42.36
N GLY D 2375 39.82 62.78 -43.12
CA GLY D 2375 39.60 62.69 -44.55
C GLY D 2375 40.81 62.15 -45.29
N LEU D 2376 40.56 61.64 -46.49
CA LEU D 2376 41.61 61.00 -47.26
C LEU D 2376 42.50 62.04 -47.94
N LEU D 2377 41.90 63.14 -48.41
CA LEU D 2377 42.70 64.26 -48.91
C LEU D 2377 43.46 64.93 -47.78
N ALA D 2378 42.87 64.96 -46.58
CA ALA D 2378 43.52 65.56 -45.42
C ALA D 2378 44.68 64.70 -44.94
N ALA D 2379 44.65 63.39 -45.23
CA ALA D 2379 45.81 62.56 -44.95
C ALA D 2379 46.89 62.75 -46.01
N ILE D 2380 46.51 62.95 -47.26
CA ILE D 2380 47.50 63.10 -48.32
C ILE D 2380 48.06 64.53 -48.32
N GLU D 2381 47.26 65.52 -47.91
CA GLU D 2381 47.81 66.86 -47.71
C GLU D 2381 48.77 66.89 -46.52
N GLU D 2382 48.53 66.04 -45.52
CA GLU D 2382 49.50 65.85 -44.44
C GLU D 2382 50.70 65.04 -44.92
N ALA D 2383 50.51 64.24 -45.96
CA ALA D 2383 51.61 63.45 -46.50
C ALA D 2383 52.59 64.31 -47.27
N ILE D 2384 52.09 65.36 -47.93
CA ILE D 2384 52.94 66.32 -48.61
C ILE D 2384 53.68 67.18 -47.59
N ARG D 2385 53.04 67.42 -46.43
CA ARG D 2385 53.63 68.22 -45.37
C ARG D 2385 54.85 67.55 -44.75
N ILE D 2386 54.84 66.22 -44.65
CA ILE D 2386 55.99 65.51 -44.10
C ILE D 2386 57.02 65.24 -45.18
N SER D 2387 56.58 65.12 -46.45
CA SER D 2387 57.53 64.84 -47.53
C SER D 2387 58.32 66.09 -47.93
N GLU D 2388 57.70 67.27 -47.81
CA GLU D 2388 58.40 68.50 -48.17
C GLU D 2388 59.39 68.91 -47.09
N ASP D 2389 59.08 68.63 -45.83
CA ASP D 2389 59.94 69.00 -44.72
C ASP D 2389 61.02 67.94 -44.52
N PRO D 2390 62.29 68.33 -44.40
CA PRO D 2390 63.35 67.33 -44.21
C PRO D 2390 63.37 66.73 -42.81
N ALA D 2391 62.85 67.44 -41.81
CA ALA D 2391 62.87 66.91 -40.44
C ALA D 2391 61.78 65.88 -40.21
N ARG D 2392 60.61 66.09 -40.82
CA ARG D 2392 59.51 65.16 -40.65
C ARG D 2392 59.71 63.90 -41.50
N ASP D 2393 60.52 64.00 -42.54
CA ASP D 2393 60.78 62.85 -43.41
C ASP D 2393 61.84 61.94 -42.79
N GLY D 2394 62.20 60.89 -43.52
CA GLY D 2394 63.16 59.93 -43.05
C GLY D 2394 64.58 60.46 -43.06
N PRO D 2395 65.20 60.55 -41.88
CA PRO D 2395 66.57 61.06 -41.70
C PRO D 2395 67.27 60.46 -40.50
N ASN D 2414 67.90 55.03 -46.30
CA ASN D 2414 67.74 56.43 -46.69
C ASN D 2414 66.88 56.53 -47.94
N ARG D 2415 66.76 55.41 -48.66
CA ARG D 2415 65.96 55.38 -49.88
C ARG D 2415 64.47 55.32 -49.59
N VAL D 2416 64.09 54.71 -48.48
CA VAL D 2416 62.70 54.70 -48.06
C VAL D 2416 62.37 56.04 -47.41
N HIS D 2417 61.39 56.74 -47.94
CA HIS D 2417 60.87 57.94 -47.32
C HIS D 2417 59.45 57.68 -46.84
N LEU D 2418 59.11 58.30 -45.71
CA LEU D 2418 57.81 58.09 -45.10
C LEU D 2418 56.71 58.78 -45.89
N GLY D 2419 57.02 59.96 -46.44
CA GLY D 2419 55.99 60.77 -47.09
C GLY D 2419 55.51 60.21 -48.41
N HIS D 2420 56.32 59.38 -49.06
CA HIS D 2420 55.89 58.77 -50.31
C HIS D 2420 55.21 57.42 -50.08
N ALA D 2421 55.56 56.73 -48.99
CA ALA D 2421 55.03 55.38 -48.77
C ALA D 2421 53.57 55.42 -48.28
N ILE D 2422 53.19 56.52 -47.61
CA ILE D 2422 51.81 56.68 -47.15
C ILE D 2422 50.84 56.82 -48.33
N MET D 2423 51.21 57.58 -49.36
CA MET D 2423 50.31 57.68 -50.51
C MET D 2423 50.44 56.44 -51.39
N SER D 2424 51.61 55.80 -51.37
CA SER D 2424 51.81 54.56 -52.11
C SER D 2424 50.99 53.42 -51.50
N PHE D 2425 50.80 53.46 -50.18
CA PHE D 2425 49.91 52.50 -49.53
C PHE D 2425 48.46 52.80 -49.84
N TYR D 2426 48.10 54.08 -49.88
CA TYR D 2426 46.71 54.48 -50.10
C TYR D 2426 46.29 54.28 -51.55
N ALA D 2427 47.20 54.53 -52.49
CA ALA D 2427 46.89 54.28 -53.89
C ALA D 2427 46.84 52.78 -54.17
N ALA D 2428 47.62 51.99 -53.43
CA ALA D 2428 47.47 50.54 -53.51
C ALA D 2428 46.20 50.08 -52.81
N LEU D 2429 45.72 50.87 -51.85
CA LEU D 2429 44.46 50.54 -51.18
C LEU D 2429 43.26 50.92 -52.05
N ILE D 2430 43.37 52.02 -52.80
CA ILE D 2430 42.22 52.53 -53.55
C ILE D 2430 41.99 51.71 -54.81
N ASP D 2431 43.04 51.46 -55.58
CA ASP D 2431 42.88 50.71 -56.82
C ASP D 2431 42.57 49.24 -56.58
N LEU D 2432 42.96 48.70 -55.42
CA LEU D 2432 42.49 47.37 -55.03
C LEU D 2432 40.98 47.38 -54.83
N LEU D 2433 40.45 48.47 -54.27
CA LEU D 2433 39.02 48.61 -54.11
C LEU D 2433 38.33 48.90 -55.44
N GLY D 2434 39.09 49.32 -56.45
CA GLY D 2434 38.55 49.50 -57.79
C GLY D 2434 38.51 48.26 -58.65
N ARG D 2435 39.56 47.43 -58.56
CA ARG D 2435 39.67 46.26 -59.42
C ARG D 2435 38.80 45.12 -58.90
N CYS D 2436 38.42 45.15 -57.63
CA CYS D 2436 37.48 44.20 -57.06
C CYS D 2436 36.02 44.61 -57.26
N ALA D 2437 35.79 45.75 -57.92
CA ALA D 2437 34.42 46.18 -58.18
C ALA D 2437 33.82 45.37 -59.33
N PRO D 2438 32.52 45.10 -59.30
CA PRO D 2438 31.89 44.38 -60.41
C PRO D 2438 31.77 45.23 -61.66
N GLU D 2439 31.79 44.55 -62.81
CA GLU D 2439 31.57 45.20 -64.10
C GLU D 2439 30.11 45.62 -64.29
N MET D 2440 29.89 46.28 -65.42
CA MET D 2440 28.62 46.93 -65.72
C MET D 2440 27.53 45.92 -66.04
N HIS D 2441 27.90 44.75 -66.57
CA HIS D 2441 26.92 43.74 -66.93
C HIS D 2441 26.40 42.96 -65.72
N LEU D 2442 27.06 43.07 -64.57
CA LEU D 2442 26.52 42.49 -63.35
C LEU D 2442 25.57 43.46 -62.66
N ILE D 2443 25.83 44.76 -62.80
CA ILE D 2443 24.91 45.78 -62.34
C ILE D 2443 23.69 45.85 -63.25
N GLN D 2444 23.86 45.54 -64.54
CA GLN D 2444 22.74 45.53 -65.47
C GLN D 2444 21.78 44.37 -65.20
N ALA D 2445 22.25 43.30 -64.59
CA ALA D 2445 21.37 42.18 -64.26
C ALA D 2445 20.68 42.43 -62.92
N GLY D 2446 19.90 41.43 -62.49
CA GLY D 2446 19.19 41.53 -61.23
C GLY D 2446 19.92 40.87 -60.07
N LYS D 2447 21.25 40.84 -60.16
CA LYS D 2447 22.06 40.24 -59.11
C LYS D 2447 22.07 41.16 -57.89
N GLY D 2448 21.55 40.66 -56.77
CA GLY D 2448 21.61 41.42 -55.53
C GLY D 2448 22.97 41.45 -54.88
N GLU D 2449 23.91 40.64 -55.37
CA GLU D 2449 25.25 40.62 -54.81
C GLU D 2449 26.09 41.78 -55.35
N ALA D 2450 25.92 42.12 -56.63
CA ALA D 2450 26.82 43.09 -57.26
C ALA D 2450 26.51 44.51 -56.81
N LEU D 2451 25.23 44.85 -56.63
CA LEU D 2451 24.91 46.19 -56.14
C LEU D 2451 25.15 46.31 -54.64
N ARG D 2452 25.24 45.17 -53.93
CA ARG D 2452 25.62 45.22 -52.52
C ARG D 2452 27.09 45.57 -52.35
N ILE D 2453 27.97 44.98 -53.17
CA ILE D 2453 29.40 45.28 -53.10
C ILE D 2453 29.66 46.73 -53.51
N ARG D 2454 28.93 47.21 -54.52
CA ARG D 2454 29.12 48.58 -54.98
C ARG D 2454 28.56 49.57 -53.95
N ALA D 2455 27.59 49.13 -53.15
CA ALA D 2455 27.08 49.99 -52.08
C ALA D 2455 28.06 50.07 -50.92
N ILE D 2456 28.83 49.01 -50.68
CA ILE D 2456 29.82 49.05 -49.61
C ILE D 2456 30.99 49.95 -50.00
N LEU D 2457 31.54 49.76 -51.20
CA LEU D 2457 32.74 50.49 -51.60
C LEU D 2457 32.45 51.95 -51.92
N ARG D 2458 31.24 52.28 -52.40
CA ARG D 2458 30.89 53.70 -52.56
C ARG D 2458 30.73 54.37 -51.20
N SER D 2459 30.21 53.63 -50.22
CA SER D 2459 30.05 54.17 -48.87
C SER D 2459 31.30 53.98 -48.01
N LEU D 2460 32.25 53.14 -48.43
CA LEU D 2460 33.53 53.07 -47.73
C LEU D 2460 34.38 54.30 -48.00
N VAL D 2461 34.51 54.69 -49.26
CA VAL D 2461 35.34 55.81 -49.67
C VAL D 2461 34.46 56.86 -50.35
N PRO D 2462 34.43 58.10 -49.88
CA PRO D 2462 33.56 59.11 -50.49
C PRO D 2462 34.11 59.62 -51.82
N LEU D 2463 33.22 60.31 -52.55
CA LEU D 2463 33.51 60.81 -53.90
C LEU D 2463 34.29 62.10 -53.89
N ASP D 2464 33.84 63.09 -53.11
CA ASP D 2464 34.41 64.43 -53.18
C ASP D 2464 35.79 64.49 -52.55
N ASP D 2465 36.15 63.50 -51.74
CA ASP D 2465 37.54 63.37 -51.32
C ASP D 2465 38.42 63.01 -52.52
N LEU D 2466 37.91 62.19 -53.44
CA LEU D 2466 38.68 61.82 -54.62
C LEU D 2466 38.68 62.92 -55.67
N VAL D 2467 37.64 63.74 -55.70
CA VAL D 2467 37.61 64.89 -56.59
C VAL D 2467 38.67 65.90 -56.19
N GLY D 2468 38.92 66.03 -54.88
CA GLY D 2468 39.98 66.92 -54.43
C GLY D 2468 41.38 66.38 -54.66
N ILE D 2469 41.56 65.06 -54.52
CA ILE D 2469 42.89 64.46 -54.66
C ILE D 2469 43.33 64.47 -56.12
N ILE D 2470 42.39 64.24 -57.05
CA ILE D 2470 42.72 64.22 -58.47
C ILE D 2470 43.00 65.64 -58.94
N SER D 2471 42.46 66.63 -58.24
CA SER D 2471 42.67 68.05 -58.49
C SER D 2471 43.90 68.61 -57.78
N LEU D 2472 44.75 67.78 -57.21
CA LEU D 2472 45.84 68.31 -56.40
C LEU D 2472 46.94 68.82 -57.32
N PRO D 2473 47.38 70.07 -57.18
CA PRO D 2473 48.46 70.58 -58.04
C PRO D 2473 49.81 70.04 -57.61
N LEU D 2474 50.65 69.77 -58.62
CA LEU D 2474 51.93 69.11 -58.42
C LEU D 2474 53.06 70.02 -58.85
N GLN D 2475 54.26 69.71 -58.36
CA GLN D 2475 55.44 70.51 -58.72
C GLN D 2475 55.90 70.15 -60.13
N ILE D 2476 55.85 71.12 -61.03
CA ILE D 2476 56.21 70.93 -62.44
C ILE D 2476 57.71 71.10 -62.59
N PRO D 2477 58.40 70.20 -63.28
CA PRO D 2477 59.86 70.33 -63.46
C PRO D 2477 60.20 71.26 -64.63
N THR D 2478 60.70 72.45 -64.30
CA THR D 2478 61.12 73.41 -65.30
C THR D 2478 62.33 74.16 -64.77
N LEU D 2479 62.86 75.07 -65.59
CA LEU D 2479 64.04 75.84 -65.22
C LEU D 2479 63.71 76.93 -64.20
N VAL D 2486 66.00 72.04 -63.26
CA VAL D 2486 66.02 71.31 -62.00
C VAL D 2486 65.10 70.10 -62.14
N GLN D 2487 65.44 69.01 -61.44
CA GLN D 2487 64.65 67.79 -61.47
C GLN D 2487 64.26 67.40 -60.04
N PRO D 2488 63.00 67.08 -59.77
CA PRO D 2488 62.65 66.60 -58.43
C PRO D 2488 62.99 65.13 -58.23
N LYS D 2489 62.76 64.60 -57.03
CA LYS D 2489 63.00 63.19 -56.75
C LYS D 2489 61.68 62.45 -56.75
N MET D 2490 61.67 61.26 -57.37
CA MET D 2490 60.42 60.50 -57.48
C MET D 2490 60.05 59.79 -56.20
N SER D 2491 61.03 59.40 -55.40
CA SER D 2491 60.74 58.76 -54.13
C SER D 2491 60.49 59.75 -53.01
N ALA D 2492 60.44 61.05 -53.32
CA ALA D 2492 60.22 62.08 -52.31
C ALA D 2492 59.18 63.11 -52.73
N SER D 2493 58.42 62.85 -53.80
CA SER D 2493 57.40 63.76 -54.27
C SER D 2493 56.16 62.96 -54.65
N PHE D 2494 55.17 63.66 -55.20
CA PHE D 2494 53.98 63.00 -55.73
C PHE D 2494 54.27 62.52 -57.14
N VAL D 2495 53.97 61.25 -57.41
CA VAL D 2495 54.06 60.74 -58.78
C VAL D 2495 52.63 60.59 -59.28
N PRO D 2496 52.37 60.70 -60.58
CA PRO D 2496 50.98 60.59 -61.08
C PRO D 2496 50.41 59.17 -61.08
N ASP D 2497 51.13 58.18 -60.53
CA ASP D 2497 50.59 56.84 -60.43
C ASP D 2497 49.51 56.76 -59.35
N HIS D 2498 49.54 57.68 -58.37
CA HIS D 2498 48.47 57.70 -57.38
C HIS D 2498 47.17 58.22 -57.97
N LYS D 2499 47.23 59.26 -58.83
CA LYS D 2499 46.00 59.76 -59.45
C LYS D 2499 45.41 58.74 -60.41
N ALA D 2500 46.24 57.89 -61.00
CA ALA D 2500 45.72 56.83 -61.87
C ALA D 2500 44.96 55.78 -61.06
N SER D 2501 45.28 55.65 -59.77
CA SER D 2501 44.48 54.78 -58.92
C SER D 2501 43.14 55.41 -58.58
N MET D 2502 43.11 56.74 -58.42
CA MET D 2502 41.87 57.40 -57.99
C MET D 2502 40.88 57.54 -59.13
N VAL D 2503 41.37 57.69 -60.36
CA VAL D 2503 40.46 57.86 -61.49
C VAL D 2503 39.90 56.50 -61.92
N LEU D 2504 40.64 55.42 -61.65
CA LEU D 2504 40.15 54.10 -62.00
C LEU D 2504 39.07 53.64 -61.02
N PHE D 2505 39.20 54.04 -59.76
CA PHE D 2505 38.17 53.72 -58.77
C PHE D 2505 36.94 54.58 -58.99
N LEU D 2506 37.13 55.81 -59.45
CA LEU D 2506 36.01 56.70 -59.72
C LEU D 2506 35.27 56.26 -60.99
N ASP D 2507 36.00 55.65 -61.93
CA ASP D 2507 35.39 55.19 -63.17
C ASP D 2507 34.64 53.88 -63.00
N ARG D 2508 34.87 53.16 -61.90
CA ARG D 2508 34.40 51.79 -61.79
C ARG D 2508 33.31 51.62 -60.73
N VAL D 2509 33.37 52.35 -59.62
CA VAL D 2509 32.38 52.16 -58.56
C VAL D 2509 31.39 53.31 -58.60
N TYR D 2510 31.79 54.45 -59.18
CA TYR D 2510 30.94 55.62 -59.28
C TYR D 2510 30.45 55.85 -60.71
N GLY D 2511 31.39 55.98 -61.65
CA GLY D 2511 31.06 56.26 -63.03
C GLY D 2511 30.65 57.71 -63.24
N ILE D 2512 30.47 58.05 -64.52
CA ILE D 2512 29.96 59.35 -64.94
C ILE D 2512 28.64 59.13 -65.64
N GLU D 2513 27.58 59.73 -65.13
CA GLU D 2513 26.24 59.53 -65.65
C GLU D 2513 25.64 60.80 -66.24
N ASN D 2514 25.89 61.95 -65.61
CA ASN D 2514 25.32 63.23 -65.97
C ASN D 2514 26.38 64.14 -66.58
N GLN D 2515 26.13 65.45 -66.58
CA GLN D 2515 27.10 66.36 -67.18
C GLN D 2515 27.72 67.34 -66.17
N ASP D 2516 27.03 67.72 -65.08
CA ASP D 2516 27.65 68.65 -64.12
C ASP D 2516 28.77 67.97 -63.36
N PHE D 2517 28.64 66.67 -63.09
CA PHE D 2517 29.74 65.90 -62.53
C PHE D 2517 30.84 65.72 -63.58
N LEU D 2518 30.45 65.70 -64.86
CA LEU D 2518 31.40 65.40 -65.92
C LEU D 2518 32.35 66.57 -66.17
N LEU D 2519 31.81 67.77 -66.37
CA LEU D 2519 32.66 68.90 -66.73
C LEU D 2519 33.37 69.49 -65.51
N HIS D 2520 32.95 69.08 -64.30
CA HIS D 2520 33.58 69.61 -63.08
C HIS D 2520 34.92 68.93 -62.81
N VAL D 2521 34.94 67.59 -62.83
CA VAL D 2521 36.19 66.85 -62.61
C VAL D 2521 37.10 66.97 -63.81
N LEU D 2522 36.53 67.27 -64.96
CA LEU D 2522 37.31 67.45 -66.18
C LEU D 2522 38.00 68.81 -66.21
N ASP D 2523 37.36 69.83 -65.64
CA ASP D 2523 37.95 71.16 -65.50
C ASP D 2523 39.03 71.15 -64.44
N VAL D 2524 38.62 70.81 -63.22
CA VAL D 2524 39.43 71.05 -62.04
C VAL D 2524 40.46 69.94 -61.82
N GLY D 2525 40.25 68.76 -62.42
CA GLY D 2525 41.14 67.63 -62.21
C GLY D 2525 42.20 67.35 -63.27
N PHE D 2526 41.94 67.64 -64.54
CA PHE D 2526 42.84 67.23 -65.62
C PHE D 2526 43.45 68.37 -66.43
N LEU D 2527 42.82 69.54 -66.45
CA LEU D 2527 43.41 70.65 -67.20
C LEU D 2527 44.66 71.26 -66.53
N PRO D 2528 44.80 71.29 -65.19
CA PRO D 2528 46.16 71.53 -64.65
C PRO D 2528 47.13 70.39 -64.91
N ASP D 2529 46.64 69.20 -65.27
CA ASP D 2529 47.53 68.09 -65.60
C ASP D 2529 47.95 68.13 -67.07
N MET D 2530 47.04 68.54 -67.96
CA MET D 2530 47.30 68.41 -69.40
C MET D 2530 48.05 69.61 -69.97
N ARG D 2531 47.78 70.82 -69.46
CA ARG D 2531 48.58 71.97 -69.85
C ARG D 2531 50.00 71.88 -69.27
N ALA D 2532 50.16 71.13 -68.18
CA ALA D 2532 51.50 70.85 -67.67
C ALA D 2532 52.25 69.89 -68.59
N ALA D 2533 51.53 68.97 -69.23
CA ALA D 2533 52.16 68.07 -70.20
C ALA D 2533 52.36 68.77 -71.54
N ALA D 2534 51.52 69.76 -71.85
CA ALA D 2534 51.70 70.53 -73.08
C ALA D 2534 52.89 71.47 -72.98
N SER D 2535 53.27 71.86 -71.77
CA SER D 2535 54.41 72.74 -71.58
C SER D 2535 55.74 71.98 -71.58
N LEU D 2536 55.71 70.68 -71.30
CA LEU D 2536 56.91 69.86 -71.32
C LEU D 2536 57.13 69.16 -72.66
N ASP D 2537 56.49 69.64 -73.72
CA ASP D 2537 56.68 69.06 -75.04
C ASP D 2537 57.99 69.54 -75.66
N THR D 2544 63.33 64.28 -69.11
CA THR D 2544 62.51 64.53 -67.94
C THR D 2544 61.69 63.29 -67.60
N GLU D 2545 61.84 62.80 -66.36
CA GLU D 2545 61.14 61.57 -65.98
C GLU D 2545 59.69 61.84 -65.61
N MET D 2546 59.38 63.05 -65.12
CA MET D 2546 57.99 63.37 -64.80
C MET D 2546 57.18 63.66 -66.07
N ALA D 2547 57.87 64.09 -67.13
CA ALA D 2547 57.19 64.31 -68.41
C ALA D 2547 56.73 62.98 -69.02
N LEU D 2548 57.50 61.93 -68.79
CA LEU D 2548 57.20 60.59 -69.33
C LEU D 2548 56.29 59.81 -68.37
N ALA D 2549 56.28 60.16 -67.09
CA ALA D 2549 55.45 59.46 -66.12
C ALA D 2549 54.01 59.95 -66.15
N LEU D 2550 53.81 61.25 -66.42
CA LEU D 2550 52.45 61.76 -66.49
C LEU D 2550 51.86 61.56 -67.89
N ASN D 2551 52.72 61.42 -68.90
CA ASN D 2551 52.23 61.10 -70.25
C ASN D 2551 51.69 59.69 -70.33
N ARG D 2552 52.31 58.76 -69.60
CA ARG D 2552 51.73 57.42 -69.46
C ARG D 2552 50.47 57.46 -68.59
N TYR D 2553 50.38 58.47 -67.71
CA TYR D 2553 49.21 58.58 -66.84
C TYR D 2553 47.98 59.03 -67.61
N LEU D 2554 48.16 59.92 -68.60
CA LEU D 2554 47.04 60.43 -69.37
C LEU D 2554 46.48 59.36 -70.32
N CYS D 2555 47.36 58.74 -71.11
CA CYS D 2555 46.91 57.84 -72.16
C CYS D 2555 46.55 56.45 -71.65
N LEU D 2556 46.69 56.19 -70.35
CA LEU D 2556 46.24 54.92 -69.77
C LEU D 2556 44.98 55.05 -68.95
N ALA D 2557 44.68 56.22 -68.40
CA ALA D 2557 43.66 56.33 -67.37
C ALA D 2557 42.56 57.32 -67.68
N VAL D 2558 42.89 58.55 -68.08
CA VAL D 2558 41.87 59.57 -68.27
C VAL D 2558 41.28 59.51 -69.68
N LEU D 2559 42.10 59.26 -70.69
CA LEU D 2559 41.61 59.23 -72.06
C LEU D 2559 40.77 57.98 -72.38
N PRO D 2560 40.99 56.81 -71.74
CA PRO D 2560 39.91 55.81 -71.76
C PRO D 2560 38.65 56.21 -71.03
N LEU D 2561 38.74 57.12 -70.05
CA LEU D 2561 37.53 57.60 -69.39
C LEU D 2561 36.74 58.56 -70.27
N ILE D 2562 37.43 59.44 -71.00
CA ILE D 2562 36.74 60.44 -71.79
C ILE D 2562 36.07 59.80 -73.00
N THR D 2563 36.70 58.78 -73.58
CA THR D 2563 36.07 58.05 -74.68
C THR D 2563 34.93 57.17 -74.19
N LYS D 2564 34.93 56.80 -72.91
CA LYS D 2564 33.80 56.09 -72.33
C LYS D 2564 32.59 57.01 -72.23
N CYS D 2565 32.82 58.29 -71.93
CA CYS D 2565 31.78 59.28 -71.79
C CYS D 2565 31.76 60.24 -72.99
N ALA D 2566 32.11 59.72 -74.17
CA ALA D 2566 32.16 60.56 -75.37
C ALA D 2566 30.80 60.96 -75.93
N PRO D 2567 29.76 60.08 -76.00
CA PRO D 2567 28.46 60.57 -76.47
C PRO D 2567 27.74 61.50 -75.50
N LEU D 2568 28.22 61.63 -74.27
CA LEU D 2568 27.59 62.47 -73.25
C LEU D 2568 27.94 63.95 -73.42
N PHE D 2569 28.88 64.28 -74.32
CA PHE D 2569 29.27 65.66 -74.57
C PHE D 2569 28.34 66.41 -75.50
N ALA D 2570 27.13 65.91 -75.75
CA ALA D 2570 26.18 66.60 -76.62
C ALA D 2570 25.42 67.63 -75.80
N GLY D 2571 25.54 68.90 -76.18
CA GLY D 2571 24.79 69.94 -75.52
C GLY D 2571 25.59 70.77 -74.53
N THR D 2572 26.82 71.12 -74.88
CA THR D 2572 27.65 71.97 -74.02
C THR D 2572 27.47 73.45 -74.37
N GLU D 2573 26.22 73.90 -74.40
CA GLU D 2573 25.93 75.32 -74.57
C GLU D 2573 26.06 76.08 -73.26
N HIS D 2574 26.41 75.40 -72.17
CA HIS D 2574 26.71 76.05 -70.90
C HIS D 2574 28.03 76.80 -70.97
N ARG D 2575 29.09 76.11 -71.41
CA ARG D 2575 30.45 76.61 -71.39
C ARG D 2575 31.07 76.48 -72.78
N ALA D 2576 31.69 77.56 -73.25
CA ALA D 2576 32.28 77.60 -74.58
C ALA D 2576 33.80 77.63 -74.56
N ILE D 2577 34.41 77.97 -73.44
CA ILE D 2577 35.86 78.14 -73.41
C ILE D 2577 36.56 76.92 -72.79
N MET D 2578 35.84 76.10 -72.00
CA MET D 2578 36.47 74.93 -71.41
C MET D 2578 36.62 73.81 -72.44
N VAL D 2579 35.58 73.58 -73.25
CA VAL D 2579 35.66 72.52 -74.25
C VAL D 2579 36.54 72.96 -75.42
N ASP D 2580 36.66 74.27 -75.66
CA ASP D 2580 37.59 74.73 -76.67
C ASP D 2580 39.03 74.67 -76.18
N SER D 2581 39.25 74.95 -74.89
CA SER D 2581 40.62 74.88 -74.38
C SER D 2581 41.06 73.44 -74.20
N MET D 2582 40.13 72.52 -73.91
CA MET D 2582 40.52 71.12 -73.86
C MET D 2582 40.78 70.53 -75.24
N LEU D 2583 40.08 71.02 -76.26
CA LEU D 2583 40.17 70.32 -77.55
C LEU D 2583 41.45 70.72 -78.26
N HIS D 2584 42.02 71.86 -77.87
CA HIS D 2584 43.28 72.31 -78.46
C HIS D 2584 44.48 71.72 -77.72
N THR D 2585 44.36 71.47 -76.40
CA THR D 2585 45.50 70.94 -75.67
C THR D 2585 45.70 69.45 -75.95
N VAL D 2586 44.63 68.71 -76.23
CA VAL D 2586 44.76 67.32 -76.64
C VAL D 2586 45.42 67.22 -78.01
N TYR D 2587 45.05 68.13 -78.93
CA TYR D 2587 45.72 68.18 -80.21
C TYR D 2587 47.15 68.69 -80.06
N ARG D 2588 47.41 69.53 -79.07
CA ARG D 2588 48.79 69.93 -78.78
C ARG D 2588 49.56 68.77 -78.16
N LEU D 2589 48.87 67.90 -77.42
CA LEU D 2589 49.50 66.68 -76.90
C LEU D 2589 49.58 65.58 -77.95
N SER D 2590 48.89 65.71 -79.08
CA SER D 2590 48.90 64.65 -80.08
C SER D 2590 50.23 64.57 -80.82
N ARG D 2591 50.99 65.67 -80.88
CA ARG D 2591 52.31 65.70 -81.51
C ARG D 2591 53.36 65.91 -80.43
N GLY D 2592 54.16 64.89 -80.19
CA GLY D 2592 55.26 64.99 -79.23
C GLY D 2592 56.35 64.02 -79.58
N ARG D 2593 57.58 64.42 -79.29
CA ARG D 2593 58.74 63.61 -79.64
C ARG D 2593 58.98 62.45 -78.68
N SER D 2594 58.58 62.58 -77.42
CA SER D 2594 58.83 61.56 -76.41
C SER D 2594 57.67 60.58 -76.26
N LEU D 2595 56.75 60.56 -77.22
CA LEU D 2595 55.60 59.66 -77.17
C LEU D 2595 55.84 58.45 -78.07
N THR D 2596 55.27 57.32 -77.67
CA THR D 2596 55.34 56.10 -78.46
C THR D 2596 54.11 56.01 -79.36
N LYS D 2597 54.03 54.92 -80.13
CA LYS D 2597 52.92 54.77 -81.06
C LYS D 2597 51.64 54.32 -80.32
N ALA D 2598 51.80 53.59 -79.21
CA ALA D 2598 50.65 53.08 -78.48
C ALA D 2598 49.87 54.19 -77.79
N GLN D 2599 50.55 55.24 -77.32
CA GLN D 2599 49.85 56.33 -76.66
C GLN D 2599 49.28 57.34 -77.67
N ARG D 2600 49.99 57.59 -78.76
CA ARG D 2600 49.47 58.52 -79.78
C ARG D 2600 48.28 57.93 -80.52
N ASP D 2601 48.17 56.59 -80.55
CA ASP D 2601 46.97 55.98 -81.11
C ASP D 2601 45.78 56.15 -80.17
N VAL D 2602 46.03 56.26 -78.87
CA VAL D 2602 44.95 56.52 -77.93
C VAL D 2602 44.48 57.97 -78.04
N ILE D 2603 45.42 58.91 -78.15
CA ILE D 2603 45.08 60.34 -78.26
C ILE D 2603 44.36 60.62 -79.58
N GLU D 2604 44.78 59.97 -80.66
CA GLU D 2604 44.10 60.15 -81.94
C GLU D 2604 42.72 59.50 -81.93
N ASP D 2605 42.56 58.40 -81.19
CA ASP D 2605 41.23 57.83 -81.00
C ASP D 2605 40.41 58.65 -80.03
N CYS D 2606 41.08 59.32 -79.09
CA CYS D 2606 40.38 60.20 -78.16
C CYS D 2606 39.96 61.50 -78.86
N LEU D 2607 40.80 61.99 -79.76
CA LEU D 2607 40.44 63.20 -80.50
C LEU D 2607 39.37 62.91 -81.54
N MET D 2608 39.38 61.70 -82.11
CA MET D 2608 38.34 61.30 -83.07
C MET D 2608 36.98 61.16 -82.40
N ALA D 2609 36.95 60.68 -81.17
CA ALA D 2609 35.67 60.49 -80.48
C ALA D 2609 35.10 61.84 -80.02
N LEU D 2610 35.98 62.76 -79.64
CA LEU D 2610 35.53 64.03 -79.09
C LEU D 2610 35.19 65.05 -80.19
N CYS D 2611 35.69 64.84 -81.41
CA CYS D 2611 35.23 65.66 -82.52
C CYS D 2611 33.82 65.25 -82.97
N ARG D 2612 33.35 64.08 -82.56
CA ARG D 2612 31.96 63.70 -82.73
C ARG D 2612 31.22 63.98 -81.42
N TYR D 2613 29.87 63.92 -81.47
CA TYR D 2613 28.92 64.13 -80.38
C TYR D 2613 28.98 65.56 -79.85
N ILE D 2614 29.37 66.52 -80.69
CA ILE D 2614 29.42 67.92 -80.31
C ILE D 2614 29.15 68.75 -81.57
N ARG D 2615 28.55 69.95 -81.36
CA ARG D 2615 28.14 70.89 -82.38
C ARG D 2615 29.35 71.54 -83.04
N PRO D 2616 29.29 71.80 -84.36
CA PRO D 2616 30.45 72.39 -85.05
C PRO D 2616 30.73 73.87 -84.73
N SER D 2617 29.98 74.50 -83.83
CA SER D 2617 30.29 75.88 -83.46
C SER D 2617 31.59 75.97 -82.68
N MET D 2618 31.87 74.98 -81.84
CA MET D 2618 33.09 74.96 -81.03
C MET D 2618 34.24 74.30 -81.77
N LEU D 2619 33.95 73.46 -82.76
CA LEU D 2619 34.97 72.83 -83.59
C LEU D 2619 35.52 73.75 -84.67
N GLN D 2620 34.91 74.91 -84.89
CA GLN D 2620 35.40 75.80 -85.94
C GLN D 2620 36.72 76.44 -85.55
N HIS D 2621 36.97 76.55 -84.24
CA HIS D 2621 38.21 77.12 -83.75
C HIS D 2621 39.37 76.15 -83.90
N LEU D 2622 39.08 74.84 -83.86
CA LEU D 2622 40.13 73.87 -84.13
C LEU D 2622 40.23 73.55 -85.62
N LEU D 2623 39.12 73.67 -86.36
CA LEU D 2623 39.24 73.66 -87.81
C LEU D 2623 39.97 74.90 -88.32
N ARG D 2624 39.94 75.98 -87.52
CA ARG D 2624 40.79 77.15 -87.74
C ARG D 2624 42.28 76.81 -87.63
N ARG D 2625 42.66 76.10 -86.57
CA ARG D 2625 44.09 75.94 -86.27
C ARG D 2625 44.74 74.88 -87.17
N LEU D 2626 44.00 73.83 -87.54
CA LEU D 2626 44.59 72.77 -88.36
C LEU D 2626 44.82 73.21 -89.79
N VAL D 2627 43.99 74.10 -90.33
CA VAL D 2627 44.07 74.40 -91.76
C VAL D 2627 45.24 75.33 -92.06
N PHE D 2628 45.89 75.83 -91.01
CA PHE D 2628 47.13 76.58 -91.12
C PHE D 2628 48.33 75.64 -91.26
N ASP D 2629 48.26 74.47 -90.64
CA ASP D 2629 49.44 73.64 -90.46
C ASP D 2629 49.40 72.28 -91.15
N VAL D 2630 48.27 71.58 -91.17
CA VAL D 2630 48.24 70.26 -91.83
C VAL D 2630 48.05 70.29 -93.35
N PRO D 2631 47.17 71.09 -94.01
CA PRO D 2631 47.01 70.89 -95.46
C PRO D 2631 48.09 71.54 -96.31
N ILE D 2632 49.02 72.28 -95.71
CA ILE D 2632 50.09 72.92 -96.47
C ILE D 2632 51.18 71.93 -96.86
N LEU D 2633 51.20 70.75 -96.26
CA LEU D 2633 52.18 69.72 -96.52
C LEU D 2633 51.53 68.35 -96.52
N ASN D 2634 51.99 67.48 -97.41
CA ASN D 2634 51.43 66.12 -97.48
C ASN D 2634 52.19 65.17 -96.57
N UNK D 2638 50.30 62.18 -86.85
CA UNK D 2638 50.32 63.63 -86.73
C UNK D 2638 49.52 64.29 -87.86
N UNK D 2639 49.73 63.79 -89.08
CA UNK D 2639 49.04 64.32 -90.25
C UNK D 2639 47.93 63.40 -90.71
N UNK D 2640 48.09 62.11 -90.41
CA UNK D 2640 47.10 61.10 -90.81
C UNK D 2640 45.87 61.18 -89.92
N UNK D 2641 46.09 61.42 -88.64
CA UNK D 2641 45.00 61.54 -87.67
C UNK D 2641 44.31 62.90 -87.81
N UNK D 2642 45.05 63.89 -88.29
CA UNK D 2642 44.51 65.23 -88.48
C UNK D 2642 43.64 65.30 -89.72
N UNK D 2643 44.01 64.54 -90.75
CA UNK D 2643 43.24 64.51 -91.99
C UNK D 2643 42.00 63.65 -91.83
N UNK D 2644 42.07 62.66 -90.94
CA UNK D 2644 40.95 61.77 -90.69
C UNK D 2644 39.90 62.43 -89.79
N UNK D 2645 40.36 63.35 -88.95
CA UNK D 2645 39.47 64.11 -88.08
C UNK D 2645 38.78 65.22 -88.88
N UNK D 2646 39.47 65.70 -89.90
CA UNK D 2646 38.94 66.74 -90.77
C UNK D 2646 37.93 66.16 -91.75
N UNK D 2647 38.15 64.90 -92.13
CA UNK D 2647 37.25 64.21 -93.05
C UNK D 2647 35.97 63.79 -92.32
N UNK D 2648 36.10 63.49 -91.04
CA UNK D 2648 34.96 63.09 -90.22
C UNK D 2648 34.11 64.31 -89.86
N UNK D 2649 34.76 65.46 -89.76
CA UNK D 2649 34.05 66.71 -89.44
C UNK D 2649 33.34 67.25 -90.68
N UNK D 2650 33.91 66.98 -91.85
CA UNK D 2650 33.33 67.44 -93.10
C UNK D 2650 32.15 66.56 -93.50
N UNK D 2651 32.21 65.28 -93.13
CA UNK D 2651 31.13 64.34 -93.40
C UNK D 2651 29.98 64.58 -92.43
N UNK D 2652 30.31 65.13 -91.27
CA UNK D 2652 29.32 65.45 -90.24
C UNK D 2652 28.55 66.72 -90.61
N UNK D 2653 29.26 67.67 -91.21
CA UNK D 2653 28.67 68.94 -91.59
C UNK D 2653 27.89 68.84 -92.89
N UNK D 2654 28.16 67.79 -93.65
CA UNK D 2654 27.48 67.58 -94.93
C UNK D 2654 26.06 67.06 -94.71
N UNK D 2655 25.87 66.33 -93.62
CA UNK D 2655 24.56 65.78 -93.29
C UNK D 2655 23.66 66.85 -92.68
N UNK D 2662 33.94 82.80 -93.23
CA UNK D 2662 34.45 82.35 -91.94
C UNK D 2662 34.89 80.89 -92.00
N UNK D 2663 33.95 79.99 -91.73
CA UNK D 2663 34.24 78.56 -91.76
C UNK D 2663 34.28 78.04 -93.20
N UNK D 2664 33.54 78.71 -94.08
CA UNK D 2664 33.50 78.33 -95.48
C UNK D 2664 34.77 78.77 -96.20
N UNK D 2665 35.36 79.87 -95.73
CA UNK D 2665 36.59 80.38 -96.31
C UNK D 2665 37.78 79.55 -95.86
N UNK D 2666 37.69 79.00 -94.65
CA UNK D 2666 38.74 78.15 -94.11
C UNK D 2666 38.71 76.77 -94.76
N UNK D 2667 37.51 76.34 -95.14
CA UNK D 2667 37.33 75.04 -95.79
C UNK D 2667 37.75 75.13 -97.26
N UNK D 2668 37.59 76.31 -97.84
CA UNK D 2668 37.97 76.54 -99.23
C UNK D 2668 39.49 76.66 -99.33
N UNK D 2669 40.11 77.18 -98.27
CA UNK D 2669 41.55 77.30 -98.20
C UNK D 2669 42.17 75.94 -97.92
N UNK D 2670 41.39 75.04 -97.31
CA UNK D 2670 41.84 73.69 -97.01
C UNK D 2670 41.89 72.85 -98.29
N UNK D 2671 40.86 72.97 -99.12
CA UNK D 2671 40.77 72.22 -100.36
C UNK D 2671 41.76 72.74 -101.40
N UNK D 2672 42.10 74.01 -101.31
CA UNK D 2672 43.06 74.62 -102.23
C UNK D 2672 44.48 74.20 -101.86
N UNK D 2673 44.73 74.03 -100.57
CA UNK D 2673 46.04 73.63 -100.08
C UNK D 2673 46.26 72.13 -100.27
N UNK D 2674 45.17 71.37 -100.22
CA UNK D 2674 45.25 69.92 -100.38
C UNK D 2674 45.43 69.57 -101.86
N UNK D 2675 44.88 70.40 -102.74
CA UNK D 2675 45.01 70.18 -104.18
C UNK D 2675 46.38 70.63 -104.66
N UNK D 2676 46.95 71.61 -103.98
CA UNK D 2676 48.28 72.11 -104.33
C UNK D 2676 49.36 71.15 -103.85
N UNK D 2677 49.06 70.42 -102.77
CA UNK D 2677 50.00 69.46 -102.21
C UNK D 2677 49.97 68.16 -103.01
N UNK D 2678 48.86 67.91 -103.69
CA UNK D 2678 48.70 66.70 -104.49
C UNK D 2678 49.47 66.82 -105.80
N UNK D 2686 48.89 55.25 -100.74
CA UNK D 2686 49.23 55.42 -99.34
C UNK D 2686 48.60 56.68 -98.77
N UNK D 2687 49.31 57.80 -98.88
CA UNK D 2687 48.83 59.08 -98.38
C UNK D 2687 48.03 59.81 -99.45
N UNK D 2688 48.10 59.31 -100.67
CA UNK D 2688 47.37 59.90 -101.79
C UNK D 2688 45.89 59.55 -101.73
N UNK D 2689 45.59 58.38 -101.18
CA UNK D 2689 44.20 57.94 -101.03
C UNK D 2689 43.52 58.66 -99.89
N UNK D 2690 44.30 59.01 -98.87
CA UNK D 2690 43.77 59.72 -97.71
C UNK D 2690 43.57 61.19 -98.03
N UNK D 2691 44.40 61.71 -98.93
CA UNK D 2691 44.30 63.10 -99.35
C UNK D 2691 43.13 63.29 -100.32
N UNK D 2692 42.84 62.25 -101.10
CA UNK D 2692 41.75 62.29 -102.06
C UNK D 2692 40.41 62.13 -101.33
N UNK D 2693 40.43 61.39 -100.23
CA UNK D 2693 39.22 61.17 -99.43
C UNK D 2693 38.90 62.42 -98.60
N UNK D 2694 39.94 63.14 -98.22
CA UNK D 2694 39.77 64.36 -97.44
C UNK D 2694 39.30 65.51 -98.33
N UNK D 2695 39.72 65.48 -99.59
CA UNK D 2695 39.34 66.50 -100.56
C UNK D 2695 37.91 66.28 -101.03
N UNK D 2696 37.49 65.03 -101.07
CA UNK D 2696 36.14 64.69 -101.50
C UNK D 2696 35.13 64.98 -100.38
N UNK D 2697 35.60 64.88 -99.14
CA UNK D 2697 34.74 65.15 -97.99
C UNK D 2697 34.57 66.65 -97.78
N UNK D 2698 35.63 67.41 -98.07
CA UNK D 2698 35.61 68.86 -97.89
C UNK D 2698 34.91 69.56 -99.05
N UNK D 2699 34.69 68.83 -100.14
CA UNK D 2699 34.00 69.38 -101.31
C UNK D 2699 32.50 69.46 -101.06
N UNK D 2700 32.00 68.63 -100.14
CA UNK D 2700 30.58 68.62 -99.81
C UNK D 2700 30.22 69.82 -98.95
N GLU D 2741 59.05 97.37 -92.82
CA GLU D 2741 59.91 98.42 -92.27
C GLU D 2741 59.11 99.65 -91.85
N THR D 2742 59.14 99.96 -90.56
CA THR D 2742 58.48 101.15 -90.05
C THR D 2742 59.41 102.09 -89.30
N LEU D 2743 60.44 101.57 -88.62
CA LEU D 2743 61.37 102.45 -87.91
C LEU D 2743 62.34 103.12 -88.86
N ASN D 2744 62.66 102.47 -89.98
CA ASN D 2744 63.54 103.04 -91.00
C ASN D 2744 62.76 103.66 -92.15
N VAL D 2745 61.58 104.20 -91.87
CA VAL D 2745 60.72 104.82 -92.86
C VAL D 2745 60.78 106.34 -92.68
N ILE D 2746 60.83 107.07 -93.78
CA ILE D 2746 60.85 108.52 -93.73
C ILE D 2746 59.43 109.04 -93.59
N ILE D 2747 59.28 110.12 -92.84
CA ILE D 2747 58.00 110.80 -92.64
C ILE D 2747 58.00 112.07 -93.46
N PRO D 2748 56.91 112.41 -94.14
CA PRO D 2748 56.88 113.62 -94.95
C PRO D 2748 56.53 114.83 -94.10
N GLU D 2749 56.38 115.97 -94.78
CA GLU D 2749 55.99 117.21 -94.10
C GLU D 2749 54.54 117.15 -93.64
N LYS D 2750 53.69 116.39 -94.35
CA LYS D 2750 52.31 116.20 -93.91
C LYS D 2750 52.17 115.10 -92.86
N LEU D 2751 53.19 114.25 -92.69
CA LEU D 2751 53.12 113.20 -91.70
C LEU D 2751 53.34 113.73 -90.29
N ASP D 2752 54.07 114.83 -90.16
CA ASP D 2752 54.30 115.41 -88.84
C ASP D 2752 53.03 116.06 -88.30
N SER D 2753 52.20 116.62 -89.19
CA SER D 2753 50.91 117.15 -88.78
C SER D 2753 49.84 116.06 -88.69
N PHE D 2754 50.04 114.94 -89.38
CA PHE D 2754 49.07 113.85 -89.29
C PHE D 2754 49.23 113.04 -88.02
N ILE D 2755 50.42 113.04 -87.41
CA ILE D 2755 50.64 112.25 -86.20
C ILE D 2755 49.95 112.89 -85.00
N ASN D 2756 49.92 114.22 -84.95
CA ASN D 2756 49.27 114.91 -83.84
C ASN D 2756 47.78 115.07 -84.04
N LYS D 2757 47.33 115.14 -85.31
CA LYS D 2757 45.91 115.26 -85.58
C LYS D 2757 45.20 113.92 -85.36
N PHE D 2758 45.89 112.81 -85.60
CA PHE D 2758 45.32 111.50 -85.31
C PHE D 2758 45.29 111.22 -83.81
N ALA D 2759 46.26 111.76 -83.08
CA ALA D 2759 46.27 111.61 -81.62
C ALA D 2759 45.23 112.53 -80.98
N GLU D 2760 44.93 113.66 -81.61
CA GLU D 2760 43.93 114.56 -81.09
C GLU D 2760 42.53 114.03 -81.34
N TYR D 2761 42.32 113.40 -82.50
CA TYR D 2761 41.02 112.82 -82.83
C TYR D 2761 40.77 111.54 -82.02
N THR D 2762 41.83 110.83 -81.65
CA THR D 2762 41.66 109.64 -80.82
C THR D 2762 41.34 110.02 -79.39
N HIS D 2763 41.88 111.14 -78.91
CA HIS D 2763 41.53 111.63 -77.58
C HIS D 2763 40.13 112.24 -77.57
N GLU D 2764 39.71 112.82 -78.70
CA GLU D 2764 38.40 113.48 -78.75
C GLU D 2764 37.27 112.45 -78.82
N LYS D 2765 37.50 111.33 -79.50
CA LYS D 2765 36.49 110.28 -79.54
C LYS D 2765 36.45 109.50 -78.23
N TRP D 2766 37.59 109.36 -77.57
CA TRP D 2766 37.64 108.63 -76.30
C TRP D 2766 37.01 109.45 -75.18
N ALA D 2767 37.16 110.78 -75.23
CA ALA D 2767 36.48 111.64 -74.27
C ALA D 2767 35.00 111.72 -74.57
N PHE D 2768 34.61 111.58 -75.84
CA PHE D 2768 33.20 111.52 -76.19
C PHE D 2768 32.59 110.18 -75.80
N ASP D 2769 33.38 109.11 -75.83
CA ASP D 2769 32.88 107.81 -75.41
C ASP D 2769 32.78 107.69 -73.90
N LYS D 2770 33.63 108.41 -73.16
CA LYS D 2770 33.62 108.33 -71.70
C LYS D 2770 32.67 109.32 -71.07
N ILE D 2771 32.21 110.32 -71.80
CA ILE D 2771 31.32 111.34 -71.21
C ILE D 2771 29.93 110.78 -70.99
N GLN D 2772 29.51 109.82 -71.82
CA GLN D 2772 28.22 109.17 -71.65
C GLN D 2772 28.24 108.11 -70.55
N ASN D 2773 29.41 107.67 -70.11
CA ASN D 2773 29.53 106.65 -69.09
C ASN D 2773 29.69 107.23 -67.69
N ASN D 2774 29.40 108.53 -67.52
CA ASN D 2774 29.46 109.26 -66.24
C ASN D 2774 30.86 109.18 -65.62
N TRP D 2775 31.84 109.64 -66.38
CA TRP D 2775 33.23 109.64 -65.95
C TRP D 2775 33.53 111.00 -65.32
N SER D 2776 33.82 111.00 -64.02
CA SER D 2776 34.09 112.23 -63.30
C SER D 2776 35.53 112.68 -63.54
N TYR D 2777 35.87 113.83 -62.98
CA TYR D 2777 37.20 114.42 -63.14
C TYR D 2777 38.07 114.05 -61.96
N GLY D 2778 39.27 113.52 -62.24
CA GLY D 2778 40.19 113.14 -61.20
C GLY D 2778 41.62 113.47 -61.58
N GLU D 2779 42.49 113.51 -60.57
CA GLU D 2779 43.90 113.78 -60.81
C GLU D 2779 44.64 112.54 -61.29
N ASN D 2780 44.30 111.38 -60.74
CA ASN D 2780 44.88 110.11 -61.16
C ASN D 2780 43.77 109.16 -61.59
N VAL D 2781 44.15 108.16 -62.39
CA VAL D 2781 43.17 107.23 -62.95
C VAL D 2781 42.72 106.24 -61.88
N ASP D 2782 41.41 106.14 -61.67
CA ASP D 2782 40.81 105.16 -60.79
C ASP D 2782 39.68 104.45 -61.52
N GLU D 2783 39.61 103.13 -61.35
CA GLU D 2783 38.56 102.35 -62.01
C GLU D 2783 37.23 102.47 -61.27
N GLU D 2784 37.28 102.76 -59.96
CA GLU D 2784 36.06 102.85 -59.16
C GLU D 2784 35.36 104.19 -59.36
N LEU D 2785 36.12 105.28 -59.44
CA LEU D 2785 35.56 106.61 -59.64
C LEU D 2785 35.43 107.00 -61.11
N LYS D 2786 35.93 106.16 -62.03
CA LYS D 2786 35.95 106.43 -63.47
C LYS D 2786 36.66 107.74 -63.80
N THR D 2787 37.80 107.97 -63.17
CA THR D 2787 38.52 109.22 -63.32
C THR D 2787 39.40 109.22 -64.55
N HIS D 2788 39.43 110.35 -65.25
CA HIS D 2788 40.28 110.53 -66.42
C HIS D 2788 40.96 111.89 -66.28
N PRO D 2789 42.30 111.94 -66.22
CA PRO D 2789 42.98 113.23 -66.07
C PRO D 2789 43.43 113.87 -67.37
N MET D 2790 43.37 113.15 -68.49
CA MET D 2790 43.81 113.66 -69.78
C MET D 2790 42.66 114.21 -70.61
N LEU D 2791 41.62 114.74 -69.97
CA LEU D 2791 40.46 115.30 -70.66
C LEU D 2791 40.76 116.75 -71.04
N ARG D 2792 41.53 116.89 -72.11
CA ARG D 2792 41.96 118.21 -72.58
C ARG D 2792 42.34 118.07 -74.06
N PRO D 2793 42.63 119.19 -74.72
CA PRO D 2793 43.07 119.11 -76.12
C PRO D 2793 44.52 118.69 -76.22
N TYR D 2794 44.88 118.21 -77.41
CA TYR D 2794 46.25 117.76 -77.64
C TYR D 2794 47.23 118.91 -77.81
N LYS D 2795 46.74 120.13 -78.09
CA LYS D 2795 47.61 121.29 -78.20
C LYS D 2795 47.94 121.91 -76.84
N THR D 2796 47.32 121.45 -75.76
CA THR D 2796 47.63 121.95 -74.43
C THR D 2796 48.37 120.94 -73.57
N PHE D 2797 48.76 119.79 -74.13
CA PHE D 2797 49.56 118.82 -73.42
C PHE D 2797 51.05 119.11 -73.60
N SER D 2798 51.87 118.50 -72.77
CA SER D 2798 53.32 118.62 -72.80
C SER D 2798 53.93 117.33 -73.34
N GLU D 2799 55.27 117.27 -73.26
CA GLU D 2799 56.01 116.12 -73.76
C GLU D 2799 55.82 114.89 -72.87
N LYS D 2800 55.50 115.10 -71.59
CA LYS D 2800 55.25 113.99 -70.68
C LYS D 2800 53.83 113.43 -70.78
N ASP D 2801 52.93 114.12 -71.47
CA ASP D 2801 51.55 113.66 -71.63
C ASP D 2801 51.27 113.11 -73.02
N LYS D 2802 52.17 113.28 -73.98
CA LYS D 2802 51.95 112.87 -75.35
C LYS D 2802 52.78 111.66 -75.75
N GLU D 2803 53.56 111.09 -74.84
CA GLU D 2803 54.44 109.97 -75.18
C GLU D 2803 53.66 108.67 -75.35
N ILE D 2804 52.46 108.58 -74.77
CA ILE D 2804 51.62 107.40 -74.95
C ILE D 2804 50.91 107.39 -76.29
N TYR D 2805 50.89 108.51 -77.02
CA TYR D 2805 50.27 108.54 -78.34
C TYR D 2805 51.21 109.08 -79.40
N ARG D 2806 52.53 109.04 -79.16
CA ARG D 2806 53.49 109.47 -80.15
C ARG D 2806 53.89 108.33 -81.08
N TRP D 2807 54.45 107.26 -80.52
CA TRP D 2807 54.94 106.13 -81.31
C TRP D 2807 53.76 105.31 -81.84
N PRO D 2808 52.63 105.28 -81.14
CA PRO D 2808 51.49 104.48 -81.63
C PRO D 2808 50.80 105.12 -82.83
N ILE D 2809 50.88 106.43 -82.98
CA ILE D 2809 50.29 107.09 -84.13
C ILE D 2809 51.29 107.29 -85.27
N LYS D 2810 52.59 107.15 -85.01
CA LYS D 2810 53.60 107.35 -86.02
C LYS D 2810 54.04 106.05 -86.69
N GLU D 2811 53.92 104.92 -85.99
CA GLU D 2811 54.27 103.64 -86.59
C GLU D 2811 53.19 103.18 -87.58
N SER D 2812 51.94 103.58 -87.35
CA SER D 2812 50.86 103.21 -88.26
C SER D 2812 50.96 103.98 -89.58
N LEU D 2813 51.42 105.23 -89.52
CA LEU D 2813 51.61 105.99 -90.74
C LEU D 2813 52.90 105.57 -91.46
N LYS D 2814 53.89 105.12 -90.70
CA LYS D 2814 55.15 104.68 -91.32
C LYS D 2814 54.98 103.33 -92.00
N ALA D 2815 54.12 102.46 -91.45
CA ALA D 2815 53.77 101.23 -92.13
C ALA D 2815 52.88 101.51 -93.34
N MET D 2816 52.09 102.57 -93.28
CA MET D 2816 51.25 102.93 -94.43
C MET D 2816 52.07 103.57 -95.53
N ILE D 2817 53.13 104.30 -95.17
CA ILE D 2817 53.99 104.89 -96.19
C ILE D 2817 54.88 103.83 -96.83
N ALA D 2818 55.22 102.78 -96.08
CA ALA D 2818 56.04 101.72 -96.65
C ALA D 2818 55.23 100.82 -97.57
N TRP D 2819 53.94 100.65 -97.29
CA TRP D 2819 53.10 99.82 -98.16
C TRP D 2819 52.77 100.55 -99.46
N GLU D 2820 52.45 101.85 -99.36
CA GLU D 2820 52.17 102.68 -100.54
C GLU D 2820 52.69 104.08 -100.28
N TRP D 2821 53.70 104.51 -101.04
CA TRP D 2821 54.36 105.79 -100.82
C TRP D 2821 53.55 106.91 -101.47
N THR D 2822 52.45 107.26 -100.80
CA THR D 2822 51.57 108.37 -101.18
C THR D 2822 51.21 109.14 -99.91
N ILE D 2823 52.01 110.15 -99.57
CA ILE D 2823 51.80 110.97 -98.37
C ILE D 2823 51.78 112.42 -98.82
N GLU D 2824 50.59 112.92 -99.17
CA GLU D 2824 50.42 114.32 -99.56
C GLU D 2824 48.97 114.70 -99.35
N LYS D 2825 48.72 116.01 -99.30
CA LYS D 2825 47.39 116.56 -99.06
C LYS D 2825 46.80 117.01 -100.40
N ALA D 2826 45.66 116.42 -100.77
CA ALA D 2826 45.00 116.73 -102.02
C ALA D 2826 43.56 117.20 -101.82
N ARG D 2827 43.15 117.50 -100.58
CA ARG D 2827 41.79 117.93 -100.30
C ARG D 2827 41.80 118.86 -99.10
N GLU D 2828 40.61 119.39 -98.78
CA GLU D 2828 40.48 120.30 -97.66
C GLU D 2828 40.49 119.55 -96.33
N GLY D 2829 40.63 120.30 -95.24
CA GLY D 2829 40.60 119.70 -93.93
C GLY D 2829 39.18 119.35 -93.49
N GLU D 2830 39.07 118.26 -92.74
CA GLU D 2830 37.77 117.80 -92.28
C GLU D 2830 37.86 117.08 -90.94
N TYR D 2855 36.06 118.51 -69.86
CA TYR D 2855 36.10 118.73 -71.30
C TYR D 2855 34.92 118.08 -72.01
N ASN D 2856 34.43 118.75 -73.04
CA ASN D 2856 33.33 118.26 -73.87
C ASN D 2856 33.80 118.24 -75.32
N PRO D 2857 34.66 117.28 -75.68
CA PRO D 2857 35.18 117.23 -77.06
C PRO D 2857 34.20 116.50 -77.97
N GLN D 2858 33.65 117.24 -78.93
CA GLN D 2858 32.68 116.69 -79.88
C GLN D 2858 33.41 116.33 -81.16
N PRO D 2859 33.51 115.06 -81.52
CA PRO D 2859 34.21 114.68 -82.75
C PRO D 2859 33.32 114.93 -83.96
N PRO D 2860 33.91 115.23 -85.11
CA PRO D 2860 33.10 115.46 -86.31
C PRO D 2860 32.59 114.17 -86.91
N ASP D 2861 31.62 114.30 -87.81
CA ASP D 2861 30.98 113.16 -88.46
C ASP D 2861 31.92 112.62 -89.52
N LEU D 2862 32.68 111.58 -89.15
CA LEU D 2862 33.65 110.95 -90.03
C LEU D 2862 33.01 109.92 -90.97
N SER D 2863 31.71 109.64 -90.82
CA SER D 2863 31.00 108.71 -91.68
C SER D 2863 30.23 109.44 -92.78
N GLY D 2864 30.76 110.55 -93.28
CA GLY D 2864 30.05 111.27 -94.34
C GLY D 2864 30.20 110.62 -95.69
N VAL D 2865 31.44 110.41 -96.13
CA VAL D 2865 31.72 109.78 -97.41
C VAL D 2865 31.97 108.30 -97.15
N THR D 2866 31.31 107.45 -97.93
CA THR D 2866 31.44 106.00 -97.75
C THR D 2866 32.73 105.49 -98.37
N LEU D 2867 33.07 104.26 -98.03
CA LEU D 2867 34.27 103.62 -98.55
C LEU D 2867 34.03 103.16 -99.98
N SER D 2868 34.90 103.57 -100.89
CA SER D 2868 34.76 103.27 -102.31
C SER D 2868 35.49 101.96 -102.63
N ARG D 2869 35.74 101.70 -103.92
CA ARG D 2869 36.42 100.48 -104.33
C ARG D 2869 37.89 100.47 -103.93
N GLU D 2870 38.49 101.64 -103.74
CA GLU D 2870 39.89 101.72 -103.32
C GLU D 2870 40.06 101.78 -101.82
N LEU D 2871 39.11 102.42 -101.12
CA LEU D 2871 39.25 102.60 -99.68
C LEU D 2871 38.90 101.33 -98.92
N GLN D 2872 38.06 100.47 -99.50
CA GLN D 2872 37.67 99.24 -98.84
C GLN D 2872 38.80 98.22 -98.84
N ALA D 2873 39.64 98.24 -99.88
CA ALA D 2873 40.83 97.41 -99.91
C ALA D 2873 42.00 98.05 -99.16
N MET D 2874 41.98 99.38 -99.00
CA MET D 2874 43.03 100.05 -98.23
C MET D 2874 42.80 99.89 -96.74
N ALA D 2875 41.54 99.75 -96.31
CA ALA D 2875 41.25 99.58 -94.89
C ALA D 2875 41.61 98.18 -94.42
N GLU D 2876 41.39 97.17 -95.28
CA GLU D 2876 41.68 95.79 -94.90
C GLU D 2876 43.18 95.52 -94.95
N GLN D 2877 43.89 96.20 -95.84
CA GLN D 2877 45.34 96.02 -95.95
C GLN D 2877 46.07 96.67 -94.78
N LEU D 2878 45.55 97.81 -94.30
CA LEU D 2878 46.09 98.45 -93.11
C LEU D 2878 45.73 97.67 -91.85
N ALA D 2879 44.58 96.97 -91.88
CA ALA D 2879 44.19 96.14 -90.74
C ALA D 2879 45.04 94.88 -90.66
N GLU D 2880 45.41 94.33 -91.82
CA GLU D 2880 46.25 93.13 -91.84
C GLU D 2880 47.70 93.46 -91.50
N ASN D 2881 48.15 94.67 -91.88
CA ASN D 2881 49.51 95.08 -91.59
C ASN D 2881 49.70 95.42 -90.13
N TYR D 2882 48.66 95.98 -89.50
CA TYR D 2882 48.72 96.28 -88.07
C TYR D 2882 48.64 94.99 -87.26
N HIS D 2883 47.91 94.00 -87.75
CA HIS D 2883 47.88 92.69 -87.11
C HIS D 2883 49.19 91.94 -87.32
N ASN D 2884 49.88 92.19 -88.44
CA ASN D 2884 51.17 91.56 -88.69
C ASN D 2884 52.26 92.18 -87.84
N THR D 2885 52.15 93.49 -87.57
CA THR D 2885 53.12 94.13 -86.69
C THR D 2885 52.87 93.76 -85.24
N TRP D 2886 51.60 93.58 -84.86
CA TRP D 2886 51.29 93.19 -83.49
C TRP D 2886 51.63 91.73 -83.24
N GLY D 2887 51.53 90.89 -84.27
CA GLY D 2887 51.93 89.50 -84.12
C GLY D 2887 53.43 89.33 -84.05
N ARG D 2888 54.16 90.19 -84.78
CA ARG D 2888 55.61 90.20 -84.65
C ARG D 2888 56.06 90.80 -83.33
N LYS D 2889 55.29 91.74 -82.79
CA LYS D 2889 55.61 92.30 -81.48
C LYS D 2889 55.30 91.30 -80.37
N LYS D 2890 54.30 90.43 -80.58
CA LYS D 2890 54.04 89.37 -79.62
C LYS D 2890 55.06 88.25 -79.75
N LYS D 2891 55.59 88.03 -80.95
CA LYS D 2891 56.59 86.98 -81.13
C LYS D 2891 57.95 87.39 -80.58
N GLN D 2892 58.29 88.67 -80.69
CA GLN D 2892 59.53 89.17 -80.13
C GLN D 2892 59.47 89.27 -78.61
N GLU D 2893 58.26 89.48 -78.06
CA GLU D 2893 58.12 89.51 -76.62
C GLU D 2893 58.09 88.11 -76.02
N LEU D 2894 57.64 87.12 -76.80
CA LEU D 2894 57.61 85.75 -76.29
C LEU D 2894 58.99 85.12 -76.31
N GLU D 2895 59.83 85.48 -77.28
CA GLU D 2895 61.16 84.89 -77.37
C GLU D 2895 62.11 85.48 -76.33
N ALA D 2896 61.92 86.75 -75.97
CA ALA D 2896 62.79 87.43 -75.02
C ALA D 2896 62.28 87.23 -73.59
N LEU D 2905 49.06 85.12 -81.94
CA LEU D 2905 49.65 84.35 -83.04
C LEU D 2905 48.57 83.88 -84.00
N VAL D 2906 47.64 84.77 -84.32
CA VAL D 2906 46.52 84.48 -85.20
C VAL D 2906 46.64 85.36 -86.43
N PRO D 2907 46.36 84.85 -87.64
CA PRO D 2907 46.34 85.73 -88.81
C PRO D 2907 45.05 86.51 -88.90
N TYR D 2908 45.10 87.61 -89.65
CA TYR D 2908 43.94 88.48 -89.79
C TYR D 2908 42.90 87.88 -90.71
N ASP D 2909 43.33 87.04 -91.67
CA ASP D 2909 42.39 86.44 -92.60
C ASP D 2909 41.58 85.33 -91.95
N THR D 2910 42.19 84.57 -91.05
CA THR D 2910 41.54 83.45 -90.39
C THR D 2910 41.14 83.77 -88.95
N LEU D 2911 41.03 85.05 -88.60
CA LEU D 2911 40.64 85.42 -87.25
C LEU D 2911 39.14 85.19 -87.05
N THR D 2912 38.74 85.09 -85.79
CA THR D 2912 37.36 84.81 -85.43
C THR D 2912 36.50 86.05 -85.63
N ALA D 2913 35.17 85.83 -85.67
CA ALA D 2913 34.25 86.93 -85.93
C ALA D 2913 34.15 87.88 -84.74
N LYS D 2914 34.33 87.35 -83.53
CA LYS D 2914 34.27 88.20 -82.34
C LYS D 2914 35.53 89.05 -82.20
N GLU D 2915 36.68 88.53 -82.64
CA GLU D 2915 37.92 89.30 -82.56
C GLU D 2915 38.04 90.26 -83.73
N LYS D 2916 37.48 89.91 -84.89
CA LYS D 2916 37.58 90.79 -86.06
C LYS D 2916 36.58 91.93 -86.00
N ALA D 2917 35.54 91.81 -85.16
CA ALA D 2917 34.58 92.90 -85.02
C ALA D 2917 35.17 94.07 -84.25
N ARG D 2918 36.05 93.79 -83.29
CA ARG D 2918 36.66 94.85 -82.49
C ARG D 2918 37.98 95.34 -83.07
N ASP D 2919 38.70 94.48 -83.81
CA ASP D 2919 39.99 94.89 -84.36
C ASP D 2919 39.84 95.74 -85.60
N ARG D 2920 38.72 95.59 -86.32
CA ARG D 2920 38.44 96.43 -87.47
C ARG D 2920 37.95 97.82 -87.07
N GLU D 2921 37.58 98.00 -85.80
CA GLU D 2921 37.16 99.32 -85.34
C GLU D 2921 38.34 100.27 -85.23
N LYS D 2922 39.54 99.74 -84.96
CA LYS D 2922 40.73 100.58 -84.95
C LYS D 2922 41.17 100.93 -86.37
N ALA D 2923 40.92 100.03 -87.33
CA ALA D 2923 41.29 100.31 -88.71
C ALA D 2923 40.29 101.26 -89.37
N GLN D 2924 39.02 101.20 -88.97
CA GLN D 2924 38.00 102.06 -89.58
C GLN D 2924 38.13 103.49 -89.09
N GLU D 2925 38.54 103.68 -87.84
CA GLU D 2925 38.71 105.03 -87.30
C GLU D 2925 39.99 105.67 -87.83
N LEU D 2926 41.03 104.86 -88.06
CA LEU D 2926 42.29 105.39 -88.56
C LEU D 2926 42.17 105.77 -90.04
N LEU D 2927 41.37 105.01 -90.79
CA LEU D 2927 41.09 105.38 -92.17
C LEU D 2927 40.16 106.58 -92.25
N LYS D 2928 39.29 106.75 -91.25
CA LYS D 2928 38.45 107.94 -91.19
C LYS D 2928 39.27 109.16 -90.74
N PHE D 2929 40.32 108.95 -89.96
CA PHE D 2929 41.18 110.06 -89.58
C PHE D 2929 42.13 110.44 -90.71
N LEU D 2930 42.55 109.46 -91.50
CA LEU D 2930 43.45 109.76 -92.61
C LEU D 2930 42.69 110.35 -93.80
N GLN D 2931 41.38 110.11 -93.90
CA GLN D 2931 40.61 110.64 -95.02
C GLN D 2931 40.43 112.15 -94.91
N MET D 2932 40.45 112.69 -93.71
CA MET D 2932 40.46 114.13 -93.54
C MET D 2932 41.86 114.68 -93.82
N ASN D 2933 41.92 116.00 -94.01
CA ASN D 2933 43.13 116.79 -94.29
C ASN D 2933 43.85 116.37 -95.56
N GLY D 2934 43.16 115.73 -96.50
CA GLY D 2934 43.71 115.40 -97.80
C GLY D 2934 44.70 114.25 -97.86
N TYR D 2935 44.94 113.57 -96.74
CA TYR D 2935 45.94 112.50 -96.70
C TYR D 2935 45.34 111.14 -97.04
N ALA D 2936 44.64 111.07 -98.17
CA ALA D 2936 43.98 109.84 -98.62
C ALA D 2936 45.01 108.99 -99.35
N VAL D 2937 45.57 108.01 -98.66
CA VAL D 2937 46.54 107.09 -99.26
C VAL D 2937 45.78 106.07 -100.09
N THR D 2938 45.99 106.10 -101.41
CA THR D 2938 45.31 105.21 -102.35
C THR D 2938 46.36 104.54 -103.21
N ARG D 2939 46.42 103.21 -103.13
CA ARG D 2939 47.38 102.44 -103.90
C ARG D 2939 46.98 102.37 -105.38
N UNK D 2951 32.98 81.14 -104.90
CA UNK D 2951 33.93 80.07 -104.64
C UNK D 2951 33.67 78.89 -105.56
N UNK D 2952 32.70 79.03 -106.46
CA UNK D 2952 32.35 77.98 -107.39
C UNK D 2952 32.94 78.25 -108.77
N UNK D 2953 33.17 79.52 -109.07
CA UNK D 2953 33.72 79.92 -110.36
C UNK D 2953 35.22 79.62 -110.41
N UNK D 2954 35.89 79.79 -109.27
CA UNK D 2954 37.32 79.53 -109.18
C UNK D 2954 37.60 78.03 -109.14
N UNK D 2955 36.64 77.28 -108.59
CA UNK D 2955 36.77 75.83 -108.51
C UNK D 2955 36.52 75.18 -109.86
N UNK D 2956 35.65 75.81 -110.66
CA UNK D 2956 35.34 75.31 -111.99
C UNK D 2956 36.45 75.63 -112.96
N UNK D 2957 37.14 76.74 -112.72
CA UNK D 2957 38.26 77.16 -113.57
C UNK D 2957 39.49 76.30 -113.28
N UNK D 2958 39.62 75.87 -112.03
CA UNK D 2958 40.73 75.02 -111.63
C UNK D 2958 40.50 73.59 -112.10
N UNK D 2959 39.24 73.19 -112.20
CA UNK D 2959 38.88 71.86 -112.67
C UNK D 2959 39.03 71.76 -114.18
N UNK D 2960 38.80 72.89 -114.87
CA UNK D 2960 38.93 72.95 -116.31
C UNK D 2960 40.39 72.98 -116.72
N UNK D 2961 41.23 73.57 -115.86
CA UNK D 2961 42.67 73.65 -116.12
C UNK D 2961 43.32 72.31 -115.83
N UNK D 2962 42.74 71.57 -114.87
CA UNK D 2962 43.25 70.25 -114.51
C UNK D 2962 42.83 69.22 -115.56
N UNK D 2963 41.68 69.45 -116.18
CA UNK D 2963 41.19 68.55 -117.23
C UNK D 2963 41.94 68.77 -118.52
N UNK D 2964 42.39 70.01 -118.74
CA UNK D 2964 43.15 70.34 -119.93
C UNK D 2964 44.58 69.82 -119.81
N UNK D 2965 45.09 69.76 -118.58
CA UNK D 2965 46.42 69.26 -118.32
C UNK D 2965 46.43 67.73 -118.39
N UNK D 2966 45.31 67.12 -118.03
CA UNK D 2966 45.17 65.67 -118.07
C UNK D 2966 44.97 65.19 -119.50
N UNK D 2967 44.34 66.03 -120.32
CA UNK D 2967 44.11 65.71 -121.73
C UNK D 2967 45.40 65.86 -122.52
N UNK D 2968 46.26 66.79 -122.08
CA UNK D 2968 47.55 67.01 -122.74
C UNK D 2968 48.53 65.92 -122.35
N UNK D 2969 48.36 65.38 -121.15
CA UNK D 2969 49.21 64.30 -120.67
C UNK D 2969 48.81 62.97 -121.29
N UNK D 2970 47.52 62.84 -121.58
CA UNK D 2970 47.01 61.62 -122.22
C UNK D 2970 47.36 61.60 -123.70
N UNK D 2971 47.44 62.78 -124.30
CA UNK D 2971 47.79 62.91 -125.70
C UNK D 2971 49.29 62.67 -125.90
N UNK D 2972 50.08 63.02 -124.89
CA UNK D 2972 51.52 62.83 -124.93
C UNK D 2972 51.86 61.36 -124.67
N UNK D 2973 51.01 60.69 -123.90
CA UNK D 2973 51.21 59.28 -123.59
C UNK D 2973 50.77 58.40 -124.75
N UNK D 2974 49.80 58.88 -125.51
CA UNK D 2974 49.30 58.15 -126.66
C UNK D 2974 50.21 58.33 -127.87
N UNK D 2975 50.99 59.40 -127.85
CA UNK D 2975 51.93 59.69 -128.92
C UNK D 2975 53.18 58.82 -128.80
N UNK D 2976 53.48 58.39 -127.58
CA UNK D 2976 54.63 57.54 -127.32
C UNK D 2976 54.30 56.09 -127.61
N UNK D 2996 53.52 60.55 -112.05
CA UNK D 2996 53.02 61.30 -110.91
C UNK D 2996 51.81 62.15 -111.30
N UNK D 2997 51.59 62.29 -112.61
CA UNK D 2997 50.48 63.07 -113.12
C UNK D 2997 49.24 62.22 -113.28
N UNK D 2998 49.43 60.90 -113.27
CA UNK D 2998 48.32 59.95 -113.42
C UNK D 2998 47.54 59.85 -112.11
N UNK D 2999 48.25 59.98 -110.99
CA UNK D 2999 47.62 59.90 -109.67
C UNK D 2999 46.87 61.19 -109.37
N UNK D 3000 47.36 62.30 -109.92
CA UNK D 3000 46.73 63.60 -109.71
C UNK D 3000 45.48 63.73 -110.57
N UNK D 3001 45.51 63.09 -111.74
CA UNK D 3001 44.37 63.11 -112.65
C UNK D 3001 43.26 62.19 -112.16
N UNK D 3002 43.65 61.12 -111.47
CA UNK D 3002 42.70 60.17 -110.92
C UNK D 3002 42.03 60.75 -109.67
N UNK D 3003 42.77 61.57 -108.94
CA UNK D 3003 42.26 62.22 -107.74
C UNK D 3003 41.34 63.37 -108.11
N UNK D 3004 41.62 64.00 -109.25
CA UNK D 3004 40.80 65.11 -109.74
C UNK D 3004 39.49 64.59 -110.35
N UNK D 3005 39.56 63.39 -110.91
CA UNK D 3005 38.38 62.77 -111.52
C UNK D 3005 37.47 62.21 -110.42
N UNK D 3006 38.06 61.79 -109.32
CA UNK D 3006 37.31 61.26 -108.19
C UNK D 3006 36.64 62.39 -107.41
N UNK D 3007 37.30 63.56 -107.41
CA UNK D 3007 36.76 64.73 -106.73
C UNK D 3007 35.64 65.35 -107.55
N UNK D 3008 35.74 65.22 -108.87
CA UNK D 3008 34.72 65.76 -109.76
C UNK D 3008 33.49 64.87 -109.77
N UNK D 3009 33.70 63.57 -109.55
CA UNK D 3009 32.61 62.61 -109.51
C UNK D 3009 31.88 62.71 -108.17
N UNK D 3010 32.61 63.08 -107.12
CA UNK D 3010 32.02 63.24 -105.80
C UNK D 3010 31.25 64.55 -105.72
N UNK D 3011 31.69 65.55 -106.47
CA UNK D 3011 31.03 66.85 -106.50
C UNK D 3011 29.76 66.78 -107.34
N UNK D 3012 29.78 65.92 -108.35
CA UNK D 3012 28.62 65.75 -109.23
C UNK D 3012 27.55 64.92 -108.55
N UNK D 3013 27.98 64.01 -107.67
CA UNK D 3013 27.05 63.16 -106.93
C UNK D 3013 26.42 63.92 -105.78
N UNK D 3014 27.12 64.94 -105.28
CA UNK D 3014 26.63 65.77 -104.19
C UNK D 3014 25.78 66.93 -104.72
N UNK D 3015 25.87 67.16 -106.02
CA UNK D 3015 25.12 68.23 -106.66
C UNK D 3015 23.66 67.82 -106.85
N UNK D 3025 26.88 81.49 -116.75
CA UNK D 3025 28.18 81.70 -116.12
C UNK D 3025 28.77 80.38 -115.66
N UNK D 3026 28.19 79.81 -114.61
CA UNK D 3026 28.67 78.54 -114.07
C UNK D 3026 28.16 77.37 -114.91
N UNK D 3027 27.05 77.58 -115.61
CA UNK D 3027 26.47 76.55 -116.45
C UNK D 3027 27.26 76.39 -117.75
N UNK D 3028 27.84 77.51 -118.21
CA UNK D 3028 28.64 77.50 -119.43
C UNK D 3028 30.02 76.90 -119.16
N UNK D 3029 30.50 77.06 -117.94
CA UNK D 3029 31.79 76.51 -117.54
C UNK D 3029 31.68 75.02 -117.29
N UNK D 3030 30.51 74.58 -116.84
CA UNK D 3030 30.27 73.17 -116.57
C UNK D 3030 30.05 72.42 -117.88
N UNK D 3031 29.49 73.10 -118.87
CA UNK D 3031 29.24 72.51 -120.18
C UNK D 3031 30.54 72.42 -120.97
N UNK D 3032 31.45 73.36 -120.73
CA UNK D 3032 32.75 73.38 -121.39
C UNK D 3032 33.67 72.33 -120.79
N UNK D 3033 33.49 72.06 -119.50
CA UNK D 3033 34.28 71.06 -118.81
C UNK D 3033 33.81 69.66 -119.16
N UNK D 3034 32.52 69.53 -119.45
CA UNK D 3034 31.94 68.25 -119.84
C UNK D 3034 32.29 67.92 -121.29
N UNK D 3035 32.44 68.96 -122.10
CA UNK D 3035 32.80 68.79 -123.50
C UNK D 3035 34.28 68.46 -123.63
N UNK D 3036 35.08 68.99 -122.70
CA UNK D 3036 36.52 68.73 -122.70
C UNK D 3036 36.81 67.33 -122.16
N UNK D 3037 35.95 66.86 -121.27
CA UNK D 3037 36.11 65.53 -120.70
C UNK D 3037 35.66 64.47 -121.69
N UNK D 3038 34.69 64.82 -122.53
CA UNK D 3038 34.18 63.91 -123.54
C UNK D 3038 35.16 63.82 -124.71
N UNK D 3039 35.88 64.90 -124.96
CA UNK D 3039 36.86 64.94 -126.03
C UNK D 3039 38.14 64.20 -125.62
N UNK D 3040 38.43 64.22 -124.33
CA UNK D 3040 39.62 63.55 -123.80
C UNK D 3040 39.37 62.05 -123.69
N UNK D 3041 38.11 61.67 -123.51
CA UNK D 3041 37.75 60.26 -123.40
C UNK D 3041 37.68 59.61 -124.78
N UNK D 3042 37.46 60.43 -125.81
CA UNK D 3042 37.37 59.94 -127.17
C UNK D 3042 38.75 59.66 -127.73
N UNK D 3049 37.35 53.11 -116.71
CA UNK D 3049 36.38 52.68 -115.72
C UNK D 3049 35.85 53.87 -114.93
N UNK D 3050 36.76 54.63 -114.34
CA UNK D 3050 36.38 55.80 -113.54
C UNK D 3050 36.12 57.00 -114.44
N UNK D 3051 36.69 56.97 -115.64
CA UNK D 3051 36.50 58.05 -116.61
C UNK D 3051 35.12 57.99 -117.24
N UNK D 3052 34.58 56.77 -117.38
CA UNK D 3052 33.26 56.58 -117.95
C UNK D 3052 32.18 56.93 -116.94
N UNK D 3053 32.49 56.74 -115.66
CA UNK D 3053 31.56 57.06 -114.59
C UNK D 3053 31.52 58.56 -114.34
N UNK D 3054 32.65 59.22 -114.58
CA UNK D 3054 32.74 60.66 -114.40
C UNK D 3054 32.08 61.40 -115.56
N UNK D 3055 32.11 60.77 -116.74
CA UNK D 3055 31.49 61.35 -117.92
C UNK D 3055 29.98 61.17 -117.87
N UNK D 3056 29.54 60.09 -117.23
CA UNK D 3056 28.11 59.81 -117.08
C UNK D 3056 27.51 60.70 -116.00
N UNK D 3057 28.32 61.05 -115.00
CA UNK D 3057 27.87 61.91 -113.92
C UNK D 3057 27.81 63.37 -114.37
N UNK D 3058 28.69 63.72 -115.30
CA UNK D 3058 28.74 65.08 -115.84
C UNK D 3058 27.60 65.29 -116.83
N UNK D 3059 27.19 64.21 -117.50
CA UNK D 3059 26.11 64.27 -118.47
C UNK D 3059 24.76 64.30 -117.75
N UNK D 3060 24.69 63.67 -116.58
CA UNK D 3060 23.47 63.63 -115.79
C UNK D 3060 23.27 64.96 -115.06
N UNK D 3061 24.37 65.63 -114.74
CA UNK D 3061 24.32 66.92 -114.06
C UNK D 3061 23.97 68.04 -115.04
N UNK D 3062 24.29 67.83 -116.31
CA UNK D 3062 24.02 68.82 -117.34
C UNK D 3062 22.55 68.77 -117.76
N UNK D 3141 29.78 74.97 -129.49
CA UNK D 3141 30.88 74.15 -129.01
C UNK D 3141 30.40 72.78 -128.57
N UNK D 3142 29.26 72.75 -127.88
CA UNK D 3142 28.68 71.51 -127.39
C UNK D 3142 27.95 70.77 -128.52
N UNK D 3143 27.52 71.52 -129.52
CA UNK D 3143 26.82 70.94 -130.66
C UNK D 3143 27.80 70.24 -131.59
N UNK D 3144 29.03 70.73 -131.64
CA UNK D 3144 30.06 70.15 -132.48
C UNK D 3144 30.61 68.87 -131.83
N UNK D 3145 30.59 68.83 -130.51
CA UNK D 3145 31.07 67.67 -129.76
C UNK D 3145 30.02 66.56 -129.79
N UNK D 3146 28.75 66.95 -129.86
CA UNK D 3146 27.65 65.99 -129.92
C UNK D 3146 27.55 65.40 -131.33
N UNK D 3147 27.92 66.18 -132.33
CA UNK D 3147 27.90 65.73 -133.71
C UNK D 3147 29.08 64.80 -133.99
N UNK D 3148 30.18 65.05 -133.29
CA UNK D 3148 31.38 64.23 -133.44
C UNK D 3148 31.21 62.90 -132.72
N UNK D 3149 30.44 62.91 -131.64
CA UNK D 3149 30.17 61.70 -130.87
C UNK D 3149 29.15 60.83 -131.59
N UNK D 3150 28.25 61.47 -132.32
CA UNK D 3150 27.24 60.75 -133.09
C UNK D 3150 27.85 60.14 -134.35
N UNK D 3151 28.86 60.82 -134.89
CA UNK D 3151 29.55 60.32 -136.07
C UNK D 3151 30.49 59.19 -135.71
N UNK D 3152 31.01 59.21 -134.49
CA UNK D 3152 31.90 58.16 -134.00
C UNK D 3152 31.09 56.92 -133.65
N UNK D 3153 29.85 57.12 -133.21
CA UNK D 3153 28.97 56.02 -132.86
C UNK D 3153 28.41 55.37 -134.12
N UNK D 3154 28.25 56.15 -135.18
CA UNK D 3154 27.76 55.66 -136.44
C UNK D 3154 28.84 54.89 -137.19
N UNK D 3155 30.09 55.31 -136.99
CA UNK D 3155 31.23 54.65 -137.61
C UNK D 3155 31.55 53.35 -136.88
N UNK D 3156 31.25 53.31 -135.59
CA UNK D 3156 31.48 52.11 -134.79
C UNK D 3156 30.39 51.07 -135.06
N UNK D 3157 29.20 51.55 -135.39
CA UNK D 3157 28.08 50.68 -135.70
C UNK D 3157 28.24 50.08 -137.10
N UNK D 3158 28.88 50.84 -137.98
CA UNK D 3158 29.14 50.40 -139.34
C UNK D 3158 30.29 49.40 -139.37
N UNK D 3159 31.22 49.55 -138.43
CA UNK D 3159 32.36 48.66 -138.32
C UNK D 3159 31.95 47.35 -137.66
N UNK D 3160 30.95 47.41 -136.79
CA UNK D 3160 30.44 46.22 -136.11
C UNK D 3160 29.53 45.43 -137.03
N UNK D 3161 28.93 46.11 -137.99
CA UNK D 3161 28.04 45.46 -138.96
C UNK D 3161 28.84 44.74 -140.02
N UNK D 3162 30.07 45.20 -140.26
CA UNK D 3162 30.95 44.59 -141.24
C UNK D 3162 31.66 43.37 -140.66
N UNK D 3169 38.11 50.14 -129.57
CA UNK D 3169 37.48 49.42 -130.66
C UNK D 3169 36.05 49.04 -130.31
N UNK D 3170 35.91 47.99 -129.51
CA UNK D 3170 34.59 47.52 -129.08
C UNK D 3170 34.24 48.05 -127.70
N UNK D 3171 35.26 48.18 -126.85
CA UNK D 3171 35.06 48.69 -125.49
C UNK D 3171 34.83 50.20 -125.51
N UNK D 3172 35.47 50.88 -126.47
CA UNK D 3172 35.31 52.32 -126.61
C UNK D 3172 33.97 52.65 -127.27
N UNK D 3173 33.47 51.71 -128.07
CA UNK D 3173 32.19 51.88 -128.74
C UNK D 3173 31.04 51.66 -127.76
N UNK D 3174 31.24 50.75 -126.82
CA UNK D 3174 30.23 50.45 -125.81
C UNK D 3174 30.18 51.55 -124.76
N UNK D 3175 31.32 52.19 -124.53
CA UNK D 3175 31.40 53.28 -123.56
C UNK D 3175 30.80 54.56 -124.14
N UNK D 3176 30.91 54.72 -125.45
CA UNK D 3176 30.35 55.88 -126.14
C UNK D 3176 28.85 55.73 -126.29
N UNK D 3177 28.39 54.49 -126.41
CA UNK D 3177 26.95 54.22 -126.54
C UNK D 3177 26.26 54.35 -125.19
N UNK D 3178 26.98 54.05 -124.13
CA UNK D 3178 26.44 54.16 -122.78
C UNK D 3178 26.41 55.62 -122.33
N UNK D 3179 27.36 56.41 -122.85
CA UNK D 3179 27.42 57.83 -122.53
C UNK D 3179 26.36 58.60 -123.31
N UNK D 3180 26.03 58.11 -124.50
CA UNK D 3180 25.01 58.73 -125.33
C UNK D 3180 23.62 58.40 -124.81
N UNK D 3181 23.49 57.22 -124.21
CA UNK D 3181 22.22 56.79 -123.64
C UNK D 3181 21.95 57.49 -122.32
N UNK D 3182 23.02 57.82 -121.61
CA UNK D 3182 22.91 58.54 -120.34
C UNK D 3182 22.62 60.01 -120.58
N UNK D 3183 23.11 60.53 -121.69
CA UNK D 3183 22.89 61.92 -122.05
C UNK D 3183 21.48 62.12 -122.59
N UNK D 3184 20.96 61.09 -123.24
CA UNK D 3184 19.61 61.13 -123.78
C UNK D 3184 18.57 60.98 -122.68
N UNK D 3185 18.93 60.23 -121.64
CA UNK D 3185 18.04 60.01 -120.50
C UNK D 3185 18.01 61.25 -119.61
N UNK D 3186 19.11 61.99 -119.59
CA UNK D 3186 19.21 63.21 -118.79
C UNK D 3186 18.52 64.37 -119.49
N UNK D 3187 18.49 64.33 -120.81
CA UNK D 3187 17.84 65.37 -121.60
C UNK D 3187 16.33 65.14 -121.67
N UNK D 3188 15.91 63.91 -121.44
CA UNK D 3188 14.50 63.56 -121.46
C UNK D 3188 13.81 64.01 -120.17
N UNK D 3189 14.57 64.08 -119.09
CA UNK D 3189 14.05 64.49 -117.80
C UNK D 3189 13.99 66.02 -117.72
N UNK D 3198 21.99 68.68 -134.91
CA UNK D 3198 22.50 67.32 -135.08
C UNK D 3198 21.36 66.33 -135.28
N UNK D 3199 20.34 66.75 -136.01
CA UNK D 3199 19.18 65.90 -136.29
C UNK D 3199 19.49 64.89 -137.38
N UNK D 3200 20.39 65.26 -138.28
CA UNK D 3200 20.78 64.39 -139.38
C UNK D 3200 21.72 63.29 -138.88
N UNK D 3201 22.52 63.61 -137.88
CA UNK D 3201 23.45 62.65 -137.29
C UNK D 3201 22.70 61.65 -136.41
N UNK D 3202 21.62 62.12 -135.80
CA UNK D 3202 20.80 61.27 -134.94
C UNK D 3202 19.94 60.33 -135.78
N UNK D 3203 19.56 60.79 -136.97
CA UNK D 3203 18.74 59.99 -137.87
C UNK D 3203 19.60 58.93 -138.56
N UNK D 3204 20.88 59.24 -138.76
CA UNK D 3204 21.81 58.31 -139.37
C UNK D 3204 22.23 57.24 -138.37
N UNK D 3205 22.26 57.61 -137.10
CA UNK D 3205 22.62 56.68 -136.04
C UNK D 3205 21.46 55.75 -135.74
N UNK D 3206 20.24 56.24 -135.93
CA UNK D 3206 19.05 55.44 -135.71
C UNK D 3206 18.82 54.47 -136.86
N UNK D 3207 19.26 54.87 -138.05
CA UNK D 3207 19.13 54.03 -139.24
C UNK D 3207 20.19 52.93 -139.23
N UNK D 3208 21.34 53.23 -138.63
CA UNK D 3208 22.43 52.26 -138.52
C UNK D 3208 22.13 51.24 -137.44
N UNK D 3209 21.39 51.67 -136.42
CA UNK D 3209 21.02 50.79 -135.32
C UNK D 3209 19.87 49.87 -135.73
N UNK D 3210 19.02 50.36 -136.64
CA UNK D 3210 17.90 49.58 -137.13
C UNK D 3210 18.36 48.57 -138.18
N UNK D 3211 19.45 48.88 -138.85
CA UNK D 3211 20.00 47.99 -139.87
C UNK D 3211 20.79 46.85 -139.23
N UNK D 3212 21.28 47.10 -138.01
CA UNK D 3212 22.06 46.10 -137.28
C UNK D 3212 21.13 45.03 -136.68
N UNK D 3221 25.65 42.62 -127.59
CA UNK D 3221 25.53 44.07 -127.47
C UNK D 3221 24.24 44.56 -128.10
N UNK D 3222 23.26 43.68 -128.21
CA UNK D 3222 21.98 44.03 -128.82
C UNK D 3222 21.08 44.74 -127.80
N UNK D 3223 21.31 44.47 -126.53
CA UNK D 3223 20.53 45.08 -125.47
C UNK D 3223 20.96 46.53 -125.23
N UNK D 3224 22.24 46.79 -125.44
CA UNK D 3224 22.79 48.13 -125.28
C UNK D 3224 22.40 49.02 -126.46
N UNK D 3225 22.26 48.40 -127.62
CA UNK D 3225 21.88 49.13 -128.83
C UNK D 3225 20.39 49.44 -128.83
N UNK D 3226 19.61 48.58 -128.17
CA UNK D 3226 18.17 48.77 -128.07
C UNK D 3226 17.84 49.83 -127.03
N UNK D 3227 18.68 49.92 -126.00
CA UNK D 3227 18.48 50.91 -124.94
C UNK D 3227 18.91 52.30 -125.42
N UNK D 3228 19.88 52.34 -126.33
CA UNK D 3228 20.36 53.60 -126.88
C UNK D 3228 19.40 54.14 -127.92
N UNK D 3229 18.71 53.22 -128.61
CA UNK D 3229 17.75 53.62 -129.64
C UNK D 3229 16.44 54.07 -129.00
N UNK D 3230 16.12 53.52 -127.84
CA UNK D 3230 14.91 53.87 -127.13
C UNK D 3230 15.07 55.22 -126.41
N UNK D 3231 16.30 55.53 -126.02
CA UNK D 3231 16.59 56.77 -125.33
C UNK D 3231 16.89 57.89 -126.33
N UNK D 3269 7.36 58.94 -137.81
CA UNK D 3269 6.01 59.34 -138.20
C UNK D 3269 5.29 58.19 -138.90
N UNK D 3270 5.41 58.15 -140.22
CA UNK D 3270 4.77 57.10 -141.01
C UNK D 3270 5.58 55.80 -140.95
N UNK D 3271 6.88 55.94 -140.74
CA UNK D 3271 7.76 54.79 -140.66
C UNK D 3271 7.62 54.09 -139.31
N UNK D 3272 7.29 54.87 -138.28
CA UNK D 3272 7.11 54.33 -136.94
C UNK D 3272 5.75 53.63 -136.83
N UNK D 3273 4.78 54.13 -137.60
CA UNK D 3273 3.44 53.54 -137.61
C UNK D 3273 3.43 52.25 -138.42
N UNK D 3274 4.29 52.20 -139.44
CA UNK D 3274 4.40 51.01 -140.28
C UNK D 3274 5.16 49.91 -139.56
N UNK D 3275 6.09 50.31 -138.70
CA UNK D 3275 6.89 49.36 -137.93
C UNK D 3275 6.06 48.79 -136.77
N UNK D 3276 5.13 49.60 -136.26
CA UNK D 3276 4.25 49.18 -135.18
C UNK D 3276 3.16 48.26 -135.71
N UNK D 3277 2.76 48.48 -136.96
CA UNK D 3277 1.75 47.64 -137.59
C UNK D 3277 2.34 46.30 -138.01
N UNK D 3278 3.63 46.30 -138.33
CA UNK D 3278 4.32 45.08 -138.72
C UNK D 3278 4.63 44.23 -137.48
N UNK D 3279 4.84 44.90 -136.36
CA UNK D 3279 5.13 44.21 -135.10
C UNK D 3279 3.84 43.63 -134.51
N UNK D 3280 2.73 44.29 -134.78
CA UNK D 3280 1.42 43.82 -134.29
C UNK D 3280 0.94 42.65 -135.13
N UNK D 3281 1.32 42.64 -136.41
CA UNK D 3281 0.94 41.57 -137.31
C UNK D 3281 1.78 40.33 -137.05
N UNK D 3282 3.01 40.54 -136.60
CA UNK D 3282 3.92 39.44 -136.29
C UNK D 3282 3.57 38.81 -134.94
N UNK D 3283 3.02 39.63 -134.04
CA UNK D 3283 2.62 39.15 -132.73
C UNK D 3283 1.29 38.42 -132.80
N UNK D 3284 0.49 38.76 -133.80
CA UNK D 3284 -0.82 38.12 -133.99
C UNK D 3284 -0.66 36.76 -134.65
N UNK D 3285 0.43 36.58 -135.39
CA UNK D 3285 0.71 35.32 -136.07
C UNK D 3285 1.35 34.33 -135.11
N UNK D 3293 15.57 39.80 -131.82
CA UNK D 3293 16.23 40.83 -131.02
C UNK D 3293 15.89 42.23 -131.54
N UNK D 3294 15.65 42.33 -132.84
CA UNK D 3294 15.31 43.60 -133.47
C UNK D 3294 13.83 43.90 -133.31
N UNK D 3295 13.05 42.87 -133.04
CA UNK D 3295 11.61 43.02 -132.86
C UNK D 3295 11.29 43.65 -131.51
N UNK D 3296 12.13 43.35 -130.52
CA UNK D 3296 11.96 43.91 -129.18
C UNK D 3296 12.41 45.37 -129.13
N UNK D 3297 13.38 45.70 -129.98
CA UNK D 3297 13.89 47.07 -130.07
C UNK D 3297 12.91 47.96 -130.83
N UNK D 3298 12.21 47.36 -131.80
CA UNK D 3298 11.23 48.09 -132.59
C UNK D 3298 9.94 48.32 -131.79
N UNK D 3299 9.64 47.38 -130.89
CA UNK D 3299 8.46 47.49 -130.04
C UNK D 3299 8.69 48.50 -128.93
N UNK D 3300 9.94 48.61 -128.49
CA UNK D 3300 10.30 49.57 -127.44
C UNK D 3300 10.37 50.98 -128.01
N UNK D 3301 10.72 51.08 -129.28
CA UNK D 3301 10.79 52.38 -129.94
C UNK D 3301 9.40 52.88 -130.29
N UNK D 3302 8.50 51.96 -130.57
CA UNK D 3302 7.12 52.30 -130.89
C UNK D 3302 6.35 52.69 -129.64
N UNK D 3303 6.73 52.08 -128.51
CA UNK D 3303 6.10 52.38 -127.23
C UNK D 3303 6.59 53.72 -126.69
N UNK D 3304 7.83 54.07 -127.03
CA UNK D 3304 8.42 55.33 -126.60
C UNK D 3304 7.87 56.49 -127.44
N UNK D 3305 7.55 56.19 -128.69
CA UNK D 3305 7.01 57.19 -129.61
C UNK D 3305 5.53 57.45 -129.29
N UNK D 3306 4.85 56.42 -128.78
CA UNK D 3306 3.45 56.55 -128.42
C UNK D 3306 3.30 57.27 -127.09
N UNK D 3307 4.29 57.12 -126.22
CA UNK D 3307 4.28 57.76 -124.92
C UNK D 3307 4.65 59.24 -125.05
N UNK D 3308 5.46 59.55 -126.05
CA UNK D 3308 5.88 60.92 -126.30
C UNK D 3308 4.79 61.71 -127.02
N UNK D 3309 3.94 61.00 -127.75
CA UNK D 3309 2.85 61.62 -128.49
C UNK D 3309 1.64 61.83 -127.57
N UNK D 3316 -4.79 57.49 -128.86
CA UNK D 3316 -5.04 56.72 -127.64
C UNK D 3316 -5.29 55.25 -127.96
N UNK D 3317 -5.74 54.99 -129.19
CA UNK D 3317 -6.02 53.63 -129.62
C UNK D 3317 -4.73 52.92 -130.06
N UNK D 3318 -3.72 53.70 -130.39
CA UNK D 3318 -2.45 53.16 -130.83
C UNK D 3318 -1.65 52.65 -129.63
N UNK D 3319 -1.85 53.28 -128.47
CA UNK D 3319 -1.17 52.87 -127.25
C UNK D 3319 -1.81 51.62 -126.67
N UNK D 3320 -3.11 51.48 -126.89
CA UNK D 3320 -3.85 50.32 -126.40
C UNK D 3320 -3.57 49.10 -127.28
N UNK D 3321 -3.32 49.35 -128.56
CA UNK D 3321 -3.02 48.28 -129.51
C UNK D 3321 -1.59 47.79 -129.32
N UNK D 3322 -0.71 48.69 -128.89
CA UNK D 3322 0.68 48.35 -128.65
C UNK D 3322 0.82 47.58 -127.34
N UNK D 3323 -0.06 47.88 -126.39
CA UNK D 3323 -0.05 47.22 -125.09
C UNK D 3323 -0.67 45.83 -125.21
N UNK D 3324 -1.61 45.67 -126.14
CA UNK D 3324 -2.26 44.40 -126.37
C UNK D 3324 -1.33 43.47 -127.15
N UNK D 3325 -0.50 44.06 -128.00
CA UNK D 3325 0.46 43.29 -128.80
C UNK D 3325 1.63 42.84 -127.93
N UNK D 3326 1.96 43.66 -126.94
CA UNK D 3326 3.05 43.34 -126.02
C UNK D 3326 2.62 42.28 -125.02
N UNK D 3327 1.33 42.28 -124.69
CA UNK D 3327 0.78 41.29 -123.77
C UNK D 3327 0.60 39.94 -124.46
N UNK D 3328 0.34 39.99 -125.76
CA UNK D 3328 0.17 38.77 -126.54
C UNK D 3328 1.52 38.13 -126.84
N UNK D 3329 2.55 38.96 -126.95
CA UNK D 3329 3.90 38.47 -127.21
C UNK D 3329 4.51 37.89 -125.95
N UNK D 3330 4.09 38.42 -124.80
CA UNK D 3330 4.59 37.94 -123.51
C UNK D 3330 3.90 36.63 -123.12
N UNK D 3331 2.66 36.48 -123.57
CA UNK D 3331 1.88 35.28 -123.27
C UNK D 3331 2.31 34.13 -124.18
N UNK D 3332 2.77 34.46 -125.37
CA UNK D 3332 3.22 33.46 -126.34
C UNK D 3332 4.62 32.97 -125.98
N UNK D 3333 5.40 33.84 -125.36
CA UNK D 3333 6.77 33.49 -124.96
C UNK D 3333 6.76 32.70 -123.66
N UNK D 3340 16.86 37.24 -119.51
CA UNK D 3340 16.55 37.48 -120.90
C UNK D 3340 16.12 38.93 -121.14
N UNK D 3341 15.36 39.16 -122.19
CA UNK D 3341 14.87 40.50 -122.52
C UNK D 3341 13.43 40.67 -122.06
N UNK D 3342 13.15 40.26 -120.83
CA UNK D 3342 11.81 40.38 -120.27
C UNK D 3342 11.72 41.56 -119.31
N UNK D 3343 12.88 42.01 -118.83
CA UNK D 3343 12.93 43.14 -117.90
C UNK D 3343 12.70 44.46 -118.65
N UNK D 3344 13.19 44.53 -119.88
CA UNK D 3344 13.03 45.73 -120.69
C UNK D 3344 11.62 45.81 -121.26
N UNK D 3345 11.00 44.65 -121.46
CA UNK D 3345 9.64 44.58 -121.97
C UNK D 3345 8.63 44.93 -120.89
N UNK D 3346 8.97 44.58 -119.64
CA UNK D 3346 8.10 44.87 -118.51
C UNK D 3346 8.20 46.33 -118.11
N UNK D 3347 9.37 46.92 -118.34
CA UNK D 3347 9.60 48.33 -118.03
C UNK D 3347 8.92 49.22 -119.06
N UNK D 3348 8.85 48.74 -120.30
CA UNK D 3348 8.21 49.48 -121.38
C UNK D 3348 6.69 49.37 -121.26
N UNK D 3349 6.22 48.26 -120.69
CA UNK D 3349 4.79 48.04 -120.51
C UNK D 3349 4.27 48.84 -119.31
N UNK D 3350 5.13 49.01 -118.30
CA UNK D 3350 4.78 49.76 -117.10
C UNK D 3350 4.81 51.26 -117.37
N UNK D 3351 5.61 51.66 -118.36
CA UNK D 3351 5.71 53.06 -118.74
C UNK D 3351 4.52 53.50 -119.56
N UNK D 3352 3.85 52.54 -120.20
CA UNK D 3352 2.68 52.81 -121.02
C UNK D 3352 1.47 52.06 -120.49
N UNK D 3353 1.36 51.97 -119.17
CA UNK D 3353 0.24 51.28 -118.53
C UNK D 3353 -0.85 52.27 -118.12
N UNK D 3354 -0.59 53.55 -118.34
CA UNK D 3354 -1.54 54.59 -117.99
C UNK D 3354 -2.70 54.63 -118.98
N UNK D 3355 -2.39 54.50 -120.26
CA UNK D 3355 -3.39 54.52 -121.32
C UNK D 3355 -4.10 53.17 -121.41
N UNK D 3359 -13.21 51.21 -121.63
CA UNK D 3359 -13.19 50.72 -123.01
C UNK D 3359 -11.94 49.89 -123.27
N UNK D 3360 -10.78 50.54 -123.19
CA UNK D 3360 -9.51 49.87 -123.42
C UNK D 3360 -9.07 49.10 -122.19
N UNK D 3361 -9.57 49.50 -121.03
CA UNK D 3361 -9.25 48.85 -119.77
C UNK D 3361 -9.98 47.52 -119.64
N UNK D 3362 -11.16 47.43 -120.26
CA UNK D 3362 -11.95 46.22 -120.23
C UNK D 3362 -11.36 45.17 -121.17
N UNK D 3363 -10.77 45.63 -122.27
CA UNK D 3363 -10.15 44.74 -123.24
C UNK D 3363 -8.80 44.25 -122.73
N UNK D 3364 -8.15 45.08 -121.91
CA UNK D 3364 -6.86 44.73 -121.33
C UNK D 3364 -7.04 43.74 -120.19
N UNK D 3365 -8.17 43.83 -119.49
CA UNK D 3365 -8.46 42.94 -118.38
C UNK D 3365 -8.92 41.57 -118.91
N UNK D 3366 -9.53 41.57 -120.09
CA UNK D 3366 -9.99 40.35 -120.71
C UNK D 3366 -8.83 39.59 -121.35
N UNK D 3367 -7.80 40.34 -121.74
CA UNK D 3367 -6.62 39.74 -122.35
C UNK D 3367 -5.65 39.22 -121.28
N UNK D 3368 -5.72 39.82 -120.10
CA UNK D 3368 -4.87 39.42 -118.98
C UNK D 3368 -5.52 38.31 -118.18
N UNK D 3369 -6.79 38.03 -118.47
CA UNK D 3369 -7.54 36.97 -117.79
C UNK D 3369 -7.08 35.61 -118.29
N UNK D 3370 -6.66 35.55 -119.54
CA UNK D 3370 -6.15 34.32 -120.13
C UNK D 3370 -4.74 34.02 -119.64
N UNK D 3371 -3.99 35.08 -119.35
CA UNK D 3371 -2.63 34.95 -118.84
C UNK D 3371 -2.65 34.58 -117.36
N UNK D 3372 -3.69 35.03 -116.66
CA UNK D 3372 -3.85 34.72 -115.25
C UNK D 3372 -4.33 33.29 -115.07
N UNK D 3373 -5.11 32.81 -116.03
CA UNK D 3373 -5.62 31.44 -116.00
C UNK D 3373 -4.51 30.46 -116.38
N UNK D 3374 -3.59 30.91 -117.22
CA UNK D 3374 -2.46 30.08 -117.63
C UNK D 3374 -1.42 30.00 -116.53
N UNK D 3375 -1.33 31.07 -115.73
CA UNK D 3375 -0.40 31.12 -114.61
C UNK D 3375 -0.93 30.31 -113.44
N UNK D 3376 -2.25 30.23 -113.32
CA UNK D 3376 -2.89 29.46 -112.27
C UNK D 3376 -2.82 27.97 -112.60
N UNK D 3377 -2.85 27.66 -113.89
CA UNK D 3377 -2.76 26.27 -114.34
C UNK D 3377 -1.33 25.76 -114.23
N UNK D 3378 -0.38 26.67 -114.39
CA UNK D 3378 1.04 26.33 -114.28
C UNK D 3378 1.43 26.16 -112.81
N UNK D 3379 0.76 26.91 -111.94
CA UNK D 3379 1.01 26.83 -110.51
C UNK D 3379 0.38 25.57 -109.92
N UNK D 3380 -0.72 25.14 -110.52
CA UNK D 3380 -1.41 23.93 -110.08
C UNK D 3380 -0.66 22.70 -110.56
N UNK D 3381 0.00 22.81 -111.71
CA UNK D 3381 0.79 21.72 -112.25
C UNK D 3381 2.11 21.58 -111.51
N UNK D 3382 2.61 22.69 -111.00
CA UNK D 3382 3.86 22.70 -110.24
C UNK D 3382 3.62 22.17 -108.82
N UNK D 3383 2.41 22.41 -108.32
CA UNK D 3383 2.04 21.94 -106.98
C UNK D 3383 1.75 20.44 -107.01
N UNK D 3384 1.26 19.96 -108.14
CA UNK D 3384 0.95 18.54 -108.30
C UNK D 3384 2.23 17.74 -108.53
N UNK D 3385 3.23 18.40 -109.12
CA UNK D 3385 4.52 17.76 -109.38
C UNK D 3385 5.36 17.73 -108.10
N UNK D 3386 5.14 18.70 -107.22
CA UNK D 3386 5.86 18.78 -105.97
C UNK D 3386 5.25 17.85 -104.92
N UNK D 3387 3.98 17.50 -105.14
CA UNK D 3387 3.27 16.61 -104.23
C UNK D 3387 3.66 15.16 -104.48
N UNK D 3388 4.13 14.88 -105.69
CA UNK D 3388 4.55 13.52 -106.05
C UNK D 3388 5.95 13.23 -105.54
N UNK D 3395 18.43 15.27 -110.25
CA UNK D 3395 17.25 14.42 -110.41
C UNK D 3395 16.06 15.24 -110.93
N UNK D 3396 14.87 14.90 -110.48
CA UNK D 3396 13.66 15.60 -110.91
C UNK D 3396 13.41 16.84 -110.05
N UNK D 3397 14.13 16.94 -108.93
CA UNK D 3397 13.98 18.07 -108.03
C UNK D 3397 14.66 19.31 -108.59
N UNK D 3398 15.73 19.09 -109.35
CA UNK D 3398 16.47 20.20 -109.96
C UNK D 3398 15.70 20.75 -111.16
N UNK D 3399 14.98 19.88 -111.86
CA UNK D 3399 14.18 20.28 -113.01
C UNK D 3399 12.91 20.98 -112.56
N UNK D 3400 12.41 20.60 -111.40
CA UNK D 3400 11.19 21.20 -110.85
C UNK D 3400 11.50 22.57 -110.26
N UNK D 3401 12.70 22.73 -109.71
CA UNK D 3401 13.12 24.00 -109.14
C UNK D 3401 13.43 25.02 -110.23
N UNK D 3402 13.92 24.52 -111.37
CA UNK D 3402 14.23 25.38 -112.50
C UNK D 3402 12.94 25.81 -113.21
N UNK D 3403 11.94 24.93 -113.17
CA UNK D 3403 10.64 25.22 -113.77
C UNK D 3403 9.85 26.18 -112.89
N UNK D 3404 10.05 26.08 -111.58
CA UNK D 3404 9.36 26.96 -110.63
C UNK D 3404 9.97 28.35 -110.64
N UNK D 3405 11.28 28.41 -110.89
CA UNK D 3405 11.99 29.70 -110.95
C UNK D 3405 11.63 30.45 -112.23
N UNK D 3406 11.38 29.69 -113.29
CA UNK D 3406 10.98 30.27 -114.57
C UNK D 3406 9.52 30.70 -114.52
N UNK D 3407 8.74 30.01 -113.69
CA UNK D 3407 7.33 30.33 -113.53
C UNK D 3407 7.15 31.53 -112.60
N UNK D 3408 8.03 31.65 -111.62
CA UNK D 3408 7.98 32.76 -110.67
C UNK D 3408 8.41 34.07 -111.32
N UNK D 3409 9.32 33.97 -112.29
CA UNK D 3409 9.77 35.13 -113.03
C UNK D 3409 8.70 35.57 -114.02
N UNK D 3410 7.93 34.61 -114.50
CA UNK D 3410 6.82 34.89 -115.42
C UNK D 3410 5.63 35.43 -114.66
N UNK D 3411 5.47 35.00 -113.41
CA UNK D 3411 4.37 35.45 -112.58
C UNK D 3411 4.63 36.84 -112.02
N UNK D 3412 5.90 37.16 -111.80
CA UNK D 3412 6.28 38.47 -111.28
C UNK D 3412 6.07 39.56 -112.33
N UNK D 3413 6.24 39.19 -113.59
CA UNK D 3413 5.99 40.10 -114.70
C UNK D 3413 4.49 40.19 -114.97
N UNK D 3414 3.77 39.13 -114.58
CA UNK D 3414 2.32 39.08 -114.75
C UNK D 3414 1.62 39.84 -113.64
N UNK D 3415 2.15 39.74 -112.42
CA UNK D 3415 1.57 40.42 -111.27
C UNK D 3415 1.86 41.92 -111.33
N UNK D 3416 2.95 42.29 -111.99
CA UNK D 3416 3.30 43.70 -112.16
C UNK D 3416 2.36 44.35 -113.16
N UNK D 3417 1.89 43.57 -114.13
CA UNK D 3417 0.93 44.05 -115.11
C UNK D 3417 -0.48 43.97 -114.53
N UNK D 3418 -0.68 43.08 -113.57
CA UNK D 3418 -1.97 42.91 -112.92
C UNK D 3418 -2.21 44.01 -111.88
N UNK D 3419 -1.14 44.41 -111.21
CA UNK D 3419 -1.23 45.47 -110.20
C UNK D 3419 -1.45 46.82 -110.84
N UNK D 3420 -0.92 46.99 -112.05
CA UNK D 3420 -1.12 48.22 -112.82
C UNK D 3420 -2.53 48.26 -113.39
N UNK D 3421 -3.10 47.07 -113.62
CA UNK D 3421 -4.45 46.96 -114.15
C UNK D 3421 -5.47 47.08 -113.01
N UNK D 3422 -5.08 46.63 -111.82
CA UNK D 3422 -5.97 46.70 -110.66
C UNK D 3422 -6.04 48.12 -110.12
N UNK D 3423 -4.93 48.84 -110.24
CA UNK D 3423 -4.87 50.23 -109.79
C UNK D 3423 -5.65 51.13 -110.74
N UNK D 3424 -5.70 50.73 -112.01
CA UNK D 3424 -6.45 51.47 -113.01
C UNK D 3424 -7.94 51.15 -112.89
N UNK D 3425 -8.24 49.96 -112.38
CA UNK D 3425 -9.62 49.53 -112.18
C UNK D 3425 -10.19 50.10 -110.88
N UNK D 3426 -9.31 50.37 -109.93
CA UNK D 3426 -9.70 50.95 -108.65
C UNK D 3426 -9.81 52.47 -108.75
N UNK D 3427 -9.29 53.02 -109.83
CA UNK D 3427 -9.36 54.46 -110.09
C UNK D 3427 -10.53 54.76 -111.02
N UNK D 3428 -11.02 53.73 -111.70
CA UNK D 3428 -12.14 53.88 -112.63
C UNK D 3428 -13.41 53.30 -112.04
N UNK D 3429 -13.47 51.98 -111.93
CA UNK D 3429 -14.63 51.31 -111.36
C UNK D 3429 -14.64 51.42 -109.84
N UNK D 3430 -15.02 52.60 -109.34
CA UNK D 3430 -15.07 52.85 -107.91
C UNK D 3430 -16.09 53.94 -107.59
N UNK D 3435 -17.45 41.33 -112.14
CA UNK D 3435 -17.39 40.65 -113.42
C UNK D 3435 -15.98 40.14 -113.71
N UNK D 3436 -15.21 40.92 -114.46
CA UNK D 3436 -13.84 40.57 -114.81
C UNK D 3436 -12.89 40.91 -113.66
N UNK D 3437 -13.30 41.86 -112.83
CA UNK D 3437 -12.49 42.27 -111.70
C UNK D 3437 -12.57 41.25 -110.57
N UNK D 3438 -13.71 40.57 -110.48
CA UNK D 3438 -13.90 39.54 -109.47
C UNK D 3438 -13.18 38.26 -109.86
N UNK D 3439 -13.08 38.02 -111.16
CA UNK D 3439 -12.38 36.84 -111.68
C UNK D 3439 -10.87 37.02 -111.58
N UNK D 3440 -10.43 38.26 -111.70
CA UNK D 3440 -9.01 38.58 -111.60
C UNK D 3440 -8.56 38.55 -110.15
N UNK D 3441 -9.48 38.87 -109.24
CA UNK D 3441 -9.20 38.84 -107.81
C UNK D 3441 -9.19 37.41 -107.29
N UNK D 3442 -10.00 36.56 -107.91
CA UNK D 3442 -10.08 35.16 -107.53
C UNK D 3442 -8.87 34.39 -108.04
N UNK D 3443 -8.32 34.84 -109.17
CA UNK D 3443 -7.15 34.22 -109.76
C UNK D 3443 -5.89 34.64 -109.02
N UNK D 3444 -5.90 35.86 -108.50
CA UNK D 3444 -4.76 36.39 -107.76
C UNK D 3444 -4.71 35.80 -106.35
N UNK D 3445 -5.88 35.49 -105.81
CA UNK D 3445 -5.96 34.89 -104.48
C UNK D 3445 -5.59 33.40 -104.54
N UNK D 3446 -5.87 32.78 -105.67
CA UNK D 3446 -5.52 31.38 -105.88
C UNK D 3446 -4.04 31.22 -106.14
N UNK D 3447 -3.45 32.24 -106.76
CA UNK D 3447 -2.02 32.23 -107.05
C UNK D 3447 -1.21 32.53 -105.79
N UNK D 3448 -1.80 33.31 -104.89
CA UNK D 3448 -1.15 33.65 -103.63
C UNK D 3448 -1.24 32.49 -102.65
N UNK D 3449 -2.31 31.70 -102.77
CA UNK D 3449 -2.50 30.54 -101.91
C UNK D 3449 -1.61 29.39 -102.37
N UNK D 3450 -1.35 29.33 -103.67
CA UNK D 3450 -0.50 28.29 -104.23
C UNK D 3450 0.97 28.58 -103.96
N UNK D 3451 1.30 29.87 -103.84
CA UNK D 3451 2.66 30.29 -103.57
C UNK D 3451 2.98 30.15 -102.08
N UNK D 3452 1.94 30.21 -101.26
CA UNK D 3452 2.11 30.09 -99.82
C UNK D 3452 2.25 28.62 -99.41
N UNK D 3456 9.67 26.07 -101.06
CA UNK D 3456 10.05 25.62 -102.39
C UNK D 3456 9.88 26.75 -103.41
N UNK D 3457 8.68 27.31 -103.47
CA UNK D 3457 8.38 28.39 -104.40
C UNK D 3457 8.89 29.72 -103.86
N UNK D 3458 9.01 29.82 -102.55
CA UNK D 3458 9.49 31.04 -101.91
C UNK D 3458 11.01 31.16 -102.06
N UNK D 3459 11.69 30.03 -102.09
CA UNK D 3459 13.14 30.01 -102.26
C UNK D 3459 13.52 30.29 -103.70
N UNK D 3460 12.65 29.88 -104.63
CA UNK D 3460 12.89 30.09 -106.05
C UNK D 3460 12.61 31.54 -106.43
N UNK D 3461 11.66 32.16 -105.72
CA UNK D 3461 11.30 33.54 -105.97
C UNK D 3461 12.34 34.49 -105.39
N UNK D 3462 12.97 34.05 -104.29
CA UNK D 3462 14.02 34.84 -103.65
C UNK D 3462 15.31 34.77 -104.43
N UNK D 3463 15.53 33.65 -105.10
CA UNK D 3463 16.74 33.45 -105.91
C UNK D 3463 16.61 34.19 -107.24
N UNK D 3464 15.38 34.33 -107.73
CA UNK D 3464 15.12 35.03 -108.97
C UNK D 3464 15.18 36.53 -108.77
N UNK D 3465 14.84 36.98 -107.57
CA UNK D 3465 14.86 38.40 -107.24
C UNK D 3465 16.28 38.86 -106.92
N UNK D 3466 17.12 37.92 -106.49
CA UNK D 3466 18.51 38.23 -106.16
C UNK D 3466 19.35 38.36 -107.42
N UNK D 3513 6.98 41.77 -102.43
CA UNK D 3513 7.21 42.02 -103.85
C UNK D 3513 5.92 42.40 -104.55
N UNK D 3514 5.77 42.00 -105.80
CA UNK D 3514 4.58 42.30 -106.58
C UNK D 3514 3.46 41.31 -106.27
N UNK D 3515 3.83 40.18 -105.69
CA UNK D 3515 2.85 39.15 -105.32
C UNK D 3515 2.07 39.55 -104.09
N UNK D 3516 2.70 40.34 -103.21
CA UNK D 3516 2.06 40.82 -102.01
C UNK D 3516 1.09 41.95 -102.32
N UNK D 3517 1.42 42.74 -103.34
CA UNK D 3517 0.57 43.84 -103.76
C UNK D 3517 -0.62 43.32 -104.56
N UNK D 3518 -0.42 42.20 -105.24
CA UNK D 3518 -1.49 41.58 -106.03
C UNK D 3518 -2.47 40.86 -105.12
N UNK D 3519 -1.97 40.35 -104.00
CA UNK D 3519 -2.80 39.66 -103.03
C UNK D 3519 -3.59 40.66 -102.19
N UNK D 3520 -3.02 41.85 -102.00
CA UNK D 3520 -3.67 42.90 -101.24
C UNK D 3520 -4.78 43.55 -102.07
N UNK D 3521 -4.58 43.60 -103.38
CA UNK D 3521 -5.57 44.15 -104.29
C UNK D 3521 -6.70 43.16 -104.52
N UNK D 3522 -6.38 41.88 -104.39
CA UNK D 3522 -7.38 40.82 -104.54
C UNK D 3522 -8.26 40.73 -103.31
N UNK D 3523 -7.67 41.00 -102.15
CA UNK D 3523 -8.41 40.96 -100.89
C UNK D 3523 -9.30 42.19 -100.75
N UNK D 3524 -8.88 43.29 -101.36
CA UNK D 3524 -9.65 44.53 -101.34
C UNK D 3524 -10.82 44.45 -102.30
N UNK D 3525 -10.65 43.68 -103.37
CA UNK D 3525 -11.70 43.50 -104.36
C UNK D 3525 -12.72 42.46 -103.90
N UNK D 3526 -12.24 41.51 -103.11
CA UNK D 3526 -13.12 40.46 -102.57
C UNK D 3526 -13.98 41.00 -101.45
N UNK D 3527 -13.45 41.99 -100.73
CA UNK D 3527 -14.19 42.65 -99.66
C UNK D 3527 -15.19 43.63 -100.25
N UNK D 3528 -14.94 44.05 -101.49
CA UNK D 3528 -15.80 44.99 -102.18
C UNK D 3528 -17.08 44.32 -102.67
N UNK D 3529 -16.99 43.03 -102.95
CA UNK D 3529 -18.13 42.26 -103.43
C UNK D 3529 -18.76 41.45 -102.30
N UNK D 3534 -22.23 39.60 -92.68
CA UNK D 3534 -21.56 38.39 -93.16
C UNK D 3534 -20.13 38.32 -92.65
N UNK D 3535 -19.85 39.05 -91.58
CA UNK D 3535 -18.51 39.06 -91.00
C UNK D 3535 -18.30 37.86 -90.08
N UNK D 3536 -19.39 37.37 -89.50
CA UNK D 3536 -19.33 36.22 -88.61
C UNK D 3536 -19.18 34.92 -89.40
N UNK D 3537 -19.75 34.89 -90.60
CA UNK D 3537 -19.68 33.73 -91.47
C UNK D 3537 -18.30 33.66 -92.13
N UNK D 3538 -17.69 34.82 -92.36
CA UNK D 3538 -16.38 34.89 -92.97
C UNK D 3538 -15.29 34.54 -91.96
N UNK D 3539 -15.55 34.84 -90.69
CA UNK D 3539 -14.61 34.53 -89.62
C UNK D 3539 -14.67 33.06 -89.27
N UNK D 3540 -15.85 32.46 -89.42
CA UNK D 3540 -16.04 31.04 -89.15
C UNK D 3540 -15.44 30.20 -90.26
N UNK D 3541 -15.46 30.73 -91.48
CA UNK D 3541 -14.89 30.04 -92.64
C UNK D 3541 -13.37 30.13 -92.63
N UNK D 3542 -12.86 31.21 -92.05
CA UNK D 3542 -11.42 31.43 -91.96
C UNK D 3542 -10.82 30.57 -90.85
N UNK D 3543 -11.61 30.32 -89.80
CA UNK D 3543 -11.19 29.49 -88.69
C UNK D 3543 -11.23 28.02 -89.07
N UNK D 3544 -12.13 27.67 -89.98
CA UNK D 3544 -12.27 26.30 -90.44
C UNK D 3544 -11.19 25.97 -91.47
N UNK D 3545 -10.77 26.99 -92.22
CA UNK D 3545 -9.73 26.81 -93.23
C UNK D 3545 -8.35 26.77 -92.58
N UNK D 3546 -8.22 27.38 -91.41
CA UNK D 3546 -6.97 27.41 -90.69
C UNK D 3546 -6.72 26.08 -89.97
N UNK D 3547 -7.80 25.39 -89.65
CA UNK D 3547 -7.72 24.10 -88.96
C UNK D 3547 -7.40 22.99 -89.95
N UNK D 3553 -13.20 21.07 -97.26
CA UNK D 3553 -13.89 20.76 -96.02
C UNK D 3553 -14.36 22.05 -95.32
N UNK D 3554 -13.77 23.16 -95.72
CA UNK D 3554 -14.12 24.46 -95.15
C UNK D 3554 -15.41 25.00 -95.75
N UNK D 3555 -15.66 24.63 -97.01
CA UNK D 3555 -16.86 25.08 -97.71
C UNK D 3555 -18.08 24.30 -97.24
N UNK D 3556 -17.87 23.06 -96.82
CA UNK D 3556 -18.95 22.21 -96.33
C UNK D 3556 -19.36 22.62 -94.92
N UNK D 3557 -18.41 23.17 -94.17
CA UNK D 3557 -18.67 23.61 -92.80
C UNK D 3557 -19.31 25.00 -92.80
N UNK D 3558 -19.00 25.78 -93.82
CA UNK D 3558 -19.54 27.13 -93.94
C UNK D 3558 -20.98 27.09 -94.45
N UNK D 3559 -21.28 26.09 -95.26
CA UNK D 3559 -22.63 25.92 -95.81
C UNK D 3559 -23.57 25.32 -94.77
N UNK D 3560 -23.00 24.57 -93.83
CA UNK D 3560 -23.79 23.93 -92.78
C UNK D 3560 -24.18 24.94 -91.71
N UNK D 3569 -23.60 51.01 -86.71
CA UNK D 3569 -22.66 50.94 -87.82
C UNK D 3569 -23.02 49.82 -88.79
N UNK D 3570 -23.88 48.90 -88.33
CA UNK D 3570 -24.28 47.76 -89.14
C UNK D 3570 -25.41 48.14 -90.10
N UNK D 3571 -26.21 49.12 -89.71
CA UNK D 3571 -27.33 49.57 -90.53
C UNK D 3571 -26.84 50.42 -91.70
N UNK D 3572 -25.78 51.18 -91.47
CA UNK D 3572 -25.19 52.02 -92.50
C UNK D 3572 -24.37 51.20 -93.48
N UNK D 3573 -23.80 50.10 -92.98
CA UNK D 3573 -23.00 49.21 -93.82
C UNK D 3573 -23.91 48.37 -94.72
N UNK D 3574 -25.10 48.08 -94.22
CA UNK D 3574 -26.08 47.32 -94.99
C UNK D 3574 -26.75 48.21 -96.03
N UNK D 3575 -26.85 49.50 -95.73
CA UNK D 3575 -27.44 50.46 -96.65
C UNK D 3575 -26.47 50.80 -97.78
N UNK D 3576 -25.18 50.74 -97.46
CA UNK D 3576 -24.15 51.03 -98.46
C UNK D 3576 -23.94 49.83 -99.38
N UNK D 3577 -24.18 48.63 -98.85
CA UNK D 3577 -24.04 47.41 -99.62
C UNK D 3577 -25.25 47.21 -100.54
N UNK D 3578 -26.39 47.72 -100.12
CA UNK D 3578 -27.61 47.60 -100.91
C UNK D 3578 -27.61 48.63 -102.04
N UNK D 3579 -26.91 49.74 -101.83
CA UNK D 3579 -26.82 50.80 -102.83
C UNK D 3579 -25.79 50.44 -103.90
N UNK D 3590 -24.05 30.56 -104.76
CA UNK D 3590 -22.61 30.61 -105.03
C UNK D 3590 -21.93 31.65 -104.15
N UNK D 3591 -22.65 32.13 -103.14
CA UNK D 3591 -22.12 33.13 -102.22
C UNK D 3591 -21.26 32.48 -101.15
N UNK D 3592 -21.47 31.18 -100.93
CA UNK D 3592 -20.72 30.43 -99.93
C UNK D 3592 -19.30 30.14 -100.42
N UNK D 3593 -19.16 29.98 -101.74
CA UNK D 3593 -17.86 29.71 -102.34
C UNK D 3593 -17.02 30.98 -102.39
N UNK D 3594 -17.70 32.13 -102.54
CA UNK D 3594 -17.02 33.41 -102.59
C UNK D 3594 -16.59 33.85 -101.19
N UNK D 3595 -17.37 33.44 -100.19
CA UNK D 3595 -17.07 33.78 -98.81
C UNK D 3595 -15.93 32.91 -98.29
N UNK D 3596 -15.84 31.69 -98.81
CA UNK D 3596 -14.78 30.76 -98.41
C UNK D 3596 -13.47 31.14 -99.07
N UNK D 3597 -13.56 31.72 -100.27
CA UNK D 3597 -12.37 32.15 -101.00
C UNK D 3597 -11.81 33.43 -100.41
N UNK D 3598 -12.70 34.26 -99.88
CA UNK D 3598 -12.30 35.53 -99.26
C UNK D 3598 -11.71 35.27 -97.88
N UNK D 3599 -12.18 34.22 -97.23
CA UNK D 3599 -11.68 33.85 -95.90
C UNK D 3599 -10.33 33.17 -96.01
N UNK D 3600 -10.12 32.46 -97.12
CA UNK D 3600 -8.85 31.77 -97.36
C UNK D 3600 -7.78 32.78 -97.79
N UNK D 3601 -8.21 33.84 -98.45
CA UNK D 3601 -7.30 34.90 -98.88
C UNK D 3601 -6.90 35.78 -97.71
N UNK D 3602 -7.81 35.91 -96.76
CA UNK D 3602 -7.56 36.71 -95.55
C UNK D 3602 -6.67 35.94 -94.58
N UNK D 3603 -6.78 34.62 -94.60
CA UNK D 3603 -5.97 33.77 -93.75
C UNK D 3603 -4.56 33.65 -94.30
N UNK D 3604 -4.44 33.72 -95.62
CA UNK D 3604 -3.13 33.66 -96.27
C UNK D 3604 -2.40 34.99 -96.13
N UNK D 3605 -3.15 36.06 -96.06
CA UNK D 3605 -2.57 37.40 -95.89
C UNK D 3605 -2.14 37.61 -94.45
N UNK D 3606 -2.84 36.97 -93.52
CA UNK D 3606 -2.51 37.07 -92.10
C UNK D 3606 -1.31 36.20 -91.77
N UNK D 3607 -1.16 35.11 -92.51
CA UNK D 3607 -0.03 34.21 -92.31
C UNK D 3607 1.24 34.78 -92.92
N UNK D 3608 1.08 35.56 -93.98
CA UNK D 3608 2.22 36.19 -94.65
C UNK D 3608 2.69 37.40 -93.87
N UNK D 3609 1.78 38.04 -93.14
CA UNK D 3609 2.11 39.20 -92.33
C UNK D 3609 2.73 38.78 -91.01
N UNK D 3610 2.43 37.56 -90.58
CA UNK D 3610 2.96 37.03 -89.33
C UNK D 3610 4.39 36.56 -89.51
N LEU D 3623 26.66 34.59 -72.71
CA LEU D 3623 27.33 34.30 -73.97
C LEU D 3623 28.62 33.52 -73.75
N LEU D 3624 29.55 33.67 -74.69
CA LEU D 3624 30.87 33.05 -74.57
C LEU D 3624 31.75 33.87 -73.63
N SER D 3625 32.68 33.19 -72.96
CA SER D 3625 33.61 33.86 -72.06
C SER D 3625 34.67 34.62 -72.88
N LYS D 3626 35.41 35.47 -72.17
CA LYS D 3626 36.39 36.34 -72.84
C LYS D 3626 37.60 35.56 -73.32
N GLN D 3627 37.97 34.48 -72.63
CA GLN D 3627 39.12 33.69 -73.08
C GLN D 3627 38.72 32.70 -74.18
N ARG D 3628 37.45 32.31 -74.25
CA ARG D 3628 37.04 31.43 -75.35
C ARG D 3628 37.02 32.17 -76.69
N ARG D 3629 36.84 33.50 -76.68
CA ARG D 3629 36.85 34.23 -77.94
C ARG D 3629 38.27 34.47 -78.44
N ARG D 3630 39.27 34.54 -77.55
CA ARG D 3630 40.65 34.50 -78.05
C ARG D 3630 41.08 33.06 -78.33
N ALA D 3631 40.32 32.09 -77.80
CA ALA D 3631 40.63 30.68 -78.08
C ALA D 3631 40.08 30.25 -79.43
N VAL D 3632 38.87 30.68 -79.76
CA VAL D 3632 38.27 30.30 -81.04
C VAL D 3632 38.94 31.03 -82.20
N VAL D 3633 39.63 32.14 -81.93
CA VAL D 3633 40.41 32.80 -82.96
C VAL D 3633 41.75 32.09 -83.16
N ALA D 3634 42.42 31.70 -82.07
CA ALA D 3634 43.73 31.06 -82.18
C ALA D 3634 43.65 29.60 -82.61
N CYS D 3635 42.45 29.06 -82.79
CA CYS D 3635 42.27 27.70 -83.31
C CYS D 3635 42.76 27.56 -84.74
N PHE D 3636 42.72 28.65 -85.49
CA PHE D 3636 42.86 28.59 -86.94
C PHE D 3636 44.31 28.77 -87.38
N ARG D 3637 45.10 29.46 -86.56
CA ARG D 3637 46.54 29.58 -86.72
C ARG D 3637 47.31 28.47 -86.03
N MET D 3638 46.65 27.35 -85.77
CA MET D 3638 47.33 26.19 -85.18
C MET D 3638 48.29 25.59 -86.20
N THR D 3639 49.52 25.36 -85.77
CA THR D 3639 50.52 24.83 -86.68
C THR D 3639 50.26 23.34 -86.93
N PRO D 3640 50.49 22.87 -88.15
CA PRO D 3640 50.40 21.43 -88.40
C PRO D 3640 51.63 20.70 -87.89
N LEU D 3641 51.66 19.37 -88.07
CA LEU D 3641 52.76 18.58 -87.55
C LEU D 3641 53.99 18.61 -88.44
N TYR D 3642 53.80 18.72 -89.76
CA TYR D 3642 54.94 18.68 -90.67
C TYR D 3642 55.76 19.96 -90.64
N ASN D 3643 55.19 21.08 -90.17
CA ASN D 3643 55.97 22.27 -89.90
C ASN D 3643 56.58 22.30 -88.50
N LEU D 3644 56.15 21.39 -87.62
CA LEU D 3644 56.75 21.32 -86.29
C LEU D 3644 58.11 20.62 -86.36
N PRO D 3645 59.02 20.97 -85.45
CA PRO D 3645 60.30 20.25 -85.39
C PRO D 3645 60.10 18.84 -84.85
N THR D 3646 61.11 18.00 -85.07
CA THR D 3646 60.96 16.58 -84.82
C THR D 3646 61.08 16.23 -83.34
N HIS D 3647 61.83 17.01 -82.57
CA HIS D 3647 62.04 16.68 -81.16
C HIS D 3647 60.80 17.00 -80.32
N ARG D 3648 60.09 18.07 -80.66
CA ARG D 3648 58.82 18.35 -79.98
C ARG D 3648 57.70 17.49 -80.53
N ALA D 3649 57.84 17.02 -81.77
CA ALA D 3649 56.86 16.07 -82.31
C ALA D 3649 57.05 14.70 -81.69
N CYS D 3650 58.25 14.40 -81.20
CA CYS D 3650 58.50 13.10 -80.57
C CYS D 3650 57.96 13.05 -79.15
N ASN D 3651 58.06 14.16 -78.40
CA ASN D 3651 57.57 14.17 -77.02
C ASN D 3651 56.05 14.13 -76.97
N MET D 3652 55.38 14.64 -78.00
CA MET D 3652 53.93 14.48 -78.09
C MET D 3652 53.55 13.06 -78.51
N PHE D 3653 54.51 12.29 -79.03
CA PHE D 3653 54.24 10.90 -79.41
C PHE D 3653 54.38 9.96 -78.22
N LEU D 3654 55.39 10.17 -77.36
CA LEU D 3654 55.59 9.30 -76.20
C LEU D 3654 54.46 9.48 -75.19
N GLU D 3655 53.92 10.69 -75.09
CA GLU D 3655 52.80 10.92 -74.17
C GLU D 3655 51.51 10.37 -74.73
N SER D 3656 51.37 10.35 -76.06
CA SER D 3656 50.13 9.86 -76.66
C SER D 3656 50.12 8.34 -76.75
N TYR D 3657 51.29 7.74 -77.00
CA TYR D 3657 51.38 6.29 -77.03
C TYR D 3657 51.23 5.70 -75.63
N LYS D 3658 51.57 6.48 -74.60
CA LYS D 3658 51.42 6.04 -73.22
C LYS D 3658 49.95 6.01 -72.81
N ALA D 3659 49.20 7.07 -73.16
CA ALA D 3659 47.83 7.19 -72.70
C ALA D 3659 46.86 6.34 -73.51
N ALA D 3660 47.25 5.88 -74.70
CA ALA D 3660 46.34 5.16 -75.58
C ALA D 3660 46.61 3.65 -75.62
N TRP D 3661 47.84 3.24 -75.32
CA TRP D 3661 48.23 1.84 -75.43
C TRP D 3661 48.71 1.23 -74.12
N ILE D 3662 49.50 1.96 -73.33
CA ILE D 3662 50.08 1.35 -72.13
C ILE D 3662 49.11 1.44 -70.96
N LEU D 3663 48.39 2.56 -70.82
CA LEU D 3663 47.41 2.67 -69.73
C LEU D 3663 46.19 1.79 -69.98
N THR D 3664 45.82 1.57 -71.24
CA THR D 3664 44.66 0.76 -71.56
C THR D 3664 44.94 -0.74 -71.52
N GLU D 3665 46.20 -1.13 -71.43
CA GLU D 3665 46.55 -2.55 -71.40
C GLU D 3665 46.30 -3.13 -70.01
N ASP D 3666 45.70 -4.32 -69.98
CA ASP D 3666 45.37 -5.00 -68.73
C ASP D 3666 46.21 -6.27 -68.59
N HIS D 3667 46.65 -6.53 -67.37
CA HIS D 3667 47.41 -7.74 -67.06
C HIS D 3667 46.98 -8.23 -65.69
N SER D 3668 47.06 -9.55 -65.48
CA SER D 3668 46.58 -10.17 -64.26
C SER D 3668 47.73 -10.82 -63.50
N PHE D 3669 48.81 -10.06 -63.28
CA PHE D 3669 49.95 -10.55 -62.50
C PHE D 3669 49.69 -10.55 -61.00
N GLU D 3670 48.55 -10.03 -60.56
CA GLU D 3670 48.30 -9.91 -59.12
C GLU D 3670 47.97 -11.27 -58.51
N ASP D 3671 47.34 -12.15 -59.30
CA ASP D 3671 47.02 -13.48 -58.78
C ASP D 3671 48.27 -14.36 -58.74
N ARG D 3672 49.08 -14.31 -59.80
CA ARG D 3672 50.14 -15.31 -59.94
C ARG D 3672 51.31 -15.05 -59.01
N MET D 3673 51.51 -13.80 -58.57
CA MET D 3673 52.58 -13.54 -57.62
C MET D 3673 52.16 -13.97 -56.21
N ILE D 3674 50.89 -13.81 -55.86
CA ILE D 3674 50.50 -14.14 -54.50
C ILE D 3674 50.40 -15.65 -54.30
N ASP D 3675 50.02 -16.39 -55.33
CA ASP D 3675 49.92 -17.84 -55.18
C ASP D 3675 51.29 -18.50 -55.10
N ASP D 3676 52.31 -17.91 -55.73
CA ASP D 3676 53.62 -18.56 -55.71
C ASP D 3676 54.37 -18.26 -54.42
N LEU D 3677 54.10 -17.09 -53.80
CA LEU D 3677 54.62 -16.83 -52.46
C LEU D 3677 53.83 -17.59 -51.39
N SER D 3678 52.59 -17.96 -51.69
CA SER D 3678 51.80 -18.72 -50.72
C SER D 3678 52.09 -20.20 -50.79
N LYS D 3679 52.38 -20.75 -51.97
CA LYS D 3679 52.84 -22.13 -52.06
C LYS D 3679 54.30 -22.25 -51.67
N ALA D 3680 54.98 -21.12 -51.46
CA ALA D 3680 56.34 -21.05 -50.94
C ALA D 3680 56.40 -21.32 -49.43
N GLY D 3681 55.27 -21.51 -48.77
CA GLY D 3681 55.30 -21.92 -47.38
C GLY D 3681 55.81 -23.33 -47.19
N GLU D 3682 55.65 -24.18 -48.20
CA GLU D 3682 56.08 -25.57 -48.14
C GLU D 3682 57.30 -25.78 -49.04
N GLN D 3683 58.31 -26.45 -48.50
CA GLN D 3683 59.54 -26.74 -49.22
C GLN D 3683 60.17 -27.99 -48.62
N GLU D 3684 61.34 -28.35 -49.14
CA GLU D 3684 62.13 -29.43 -48.56
C GLU D 3684 62.88 -28.92 -47.34
N LYS D 3693 58.09 -24.60 -39.04
CA LYS D 3693 57.27 -23.55 -38.44
C LYS D 3693 57.82 -22.16 -38.74
N LYS D 3694 58.73 -22.07 -39.70
CA LYS D 3694 59.32 -20.78 -40.06
C LYS D 3694 58.33 -19.98 -40.88
N PRO D 3695 58.42 -18.63 -40.85
CA PRO D 3695 57.42 -17.81 -41.56
C PRO D 3695 57.52 -17.91 -43.08
N ASP D 3696 56.34 -17.96 -43.71
CA ASP D 3696 56.18 -17.98 -45.15
C ASP D 3696 56.54 -16.62 -45.75
N PRO D 3697 56.88 -16.58 -47.06
CA PRO D 3697 57.23 -15.27 -47.67
C PRO D 3697 56.11 -14.27 -47.70
N LEU D 3698 54.85 -14.70 -47.85
CA LEU D 3698 53.75 -13.75 -47.72
C LEU D 3698 53.53 -13.39 -46.25
N HIS D 3699 53.87 -14.30 -45.34
CA HIS D 3699 53.80 -14.00 -43.91
C HIS D 3699 54.97 -13.11 -43.50
N GLN D 3700 56.11 -13.22 -44.19
CA GLN D 3700 57.24 -12.36 -43.90
C GLN D 3700 56.96 -10.92 -44.32
N LEU D 3701 56.15 -10.75 -45.36
CA LEU D 3701 55.90 -9.42 -45.91
C LEU D 3701 54.95 -8.63 -45.01
N VAL D 3702 53.94 -9.30 -44.45
CA VAL D 3702 52.92 -8.58 -43.69
C VAL D 3702 53.40 -8.21 -42.30
N LEU D 3703 54.29 -9.00 -41.70
CA LEU D 3703 54.90 -8.58 -40.44
C LEU D 3703 55.95 -7.50 -40.67
N HIS D 3704 56.55 -7.47 -41.86
CA HIS D 3704 57.40 -6.33 -42.21
C HIS D 3704 56.56 -5.08 -42.42
N PHE D 3705 55.36 -5.24 -42.98
CA PHE D 3705 54.43 -4.11 -43.04
C PHE D 3705 53.83 -3.80 -41.67
N SER D 3706 53.80 -4.77 -40.77
CA SER D 3706 53.27 -4.50 -39.43
C SER D 3706 54.29 -3.85 -38.52
N ARG D 3707 55.58 -4.12 -38.71
CA ARG D 3707 56.59 -3.55 -37.82
C ARG D 3707 56.89 -2.10 -38.17
N THR D 3708 56.79 -1.74 -39.44
CA THR D 3708 56.97 -0.34 -39.84
C THR D 3708 55.76 0.54 -39.53
N ALA D 3709 54.72 -0.02 -38.93
CA ALA D 3709 53.59 0.78 -38.49
C ALA D 3709 53.70 1.22 -37.04
N LEU D 3710 54.36 0.44 -36.19
CA LEU D 3710 54.34 0.68 -34.76
C LEU D 3710 55.58 1.38 -34.24
N THR D 3711 56.43 1.87 -35.13
CA THR D 3711 57.49 2.78 -34.73
C THR D 3711 56.90 4.15 -34.39
N GLU D 3712 57.46 4.81 -33.37
CA GLU D 3712 56.90 6.07 -32.89
C GLU D 3712 57.30 7.20 -33.83
N LYS D 3713 56.31 7.78 -34.49
CA LYS D 3713 56.54 8.93 -35.34
C LYS D 3713 55.26 9.76 -35.36
N SER D 3714 55.44 11.07 -35.56
CA SER D 3714 54.31 12.00 -35.52
C SER D 3714 53.37 11.76 -36.69
N LYS D 3715 53.91 11.42 -37.86
CA LYS D 3715 53.11 11.10 -39.03
C LYS D 3715 53.69 9.86 -39.70
N LEU D 3716 52.92 9.29 -40.62
CA LEU D 3716 53.33 8.11 -41.36
C LEU D 3716 53.93 8.52 -42.70
N ASP D 3717 55.09 7.95 -43.02
CA ASP D 3717 55.70 8.21 -44.32
C ASP D 3717 54.89 7.54 -45.42
N GLU D 3718 54.90 8.17 -46.60
CA GLU D 3718 54.31 7.55 -47.77
C GLU D 3718 55.30 6.54 -48.35
N ASP D 3719 54.85 5.30 -48.47
CA ASP D 3719 55.68 4.21 -48.94
C ASP D 3719 55.04 3.75 -50.24
N TYR D 3720 55.77 3.87 -51.35
CA TYR D 3720 55.27 3.40 -52.63
C TYR D 3720 55.17 1.88 -52.65
N LEU D 3721 56.01 1.21 -51.86
CA LEU D 3721 56.03 -0.25 -51.87
C LEU D 3721 54.81 -0.82 -51.14
N TYR D 3722 54.29 -0.11 -50.14
CA TYR D 3722 53.09 -0.61 -49.48
C TYR D 3722 51.85 -0.36 -50.32
N MET D 3723 51.80 0.79 -51.01
CA MET D 3723 50.68 1.06 -51.92
C MET D 3723 50.65 0.06 -53.06
N ALA D 3724 51.83 -0.34 -53.52
CA ALA D 3724 51.92 -1.25 -54.66
C ALA D 3724 51.66 -2.69 -54.25
N TYR D 3725 51.93 -3.04 -53.00
CA TYR D 3725 51.59 -4.39 -52.57
C TYR D 3725 50.15 -4.48 -52.06
N ALA D 3726 49.55 -3.37 -51.63
CA ALA D 3726 48.19 -3.45 -51.10
C ALA D 3726 47.16 -3.66 -52.19
N ASP D 3727 47.37 -3.07 -53.37
CA ASP D 3727 46.38 -3.24 -54.44
C ASP D 3727 46.60 -4.55 -55.19
N ILE D 3728 47.76 -5.18 -55.02
CA ILE D 3728 47.96 -6.54 -55.52
C ILE D 3728 47.17 -7.53 -54.68
N MET D 3729 47.20 -7.37 -53.35
CA MET D 3729 46.38 -8.19 -52.47
C MET D 3729 44.90 -7.85 -52.58
N ALA D 3730 44.57 -6.64 -53.02
CA ALA D 3730 43.17 -6.29 -53.21
C ALA D 3730 42.60 -6.93 -54.47
N LYS D 3731 43.33 -6.87 -55.59
CA LYS D 3731 42.85 -7.48 -56.83
C LYS D 3731 43.07 -8.99 -56.86
N SER D 3732 43.80 -9.55 -55.90
CA SER D 3732 43.89 -11.00 -55.82
C SER D 3732 42.59 -11.61 -55.34
N CYS D 3733 41.84 -10.89 -54.52
CA CYS D 3733 40.52 -11.34 -54.08
C CYS D 3733 39.38 -10.68 -54.83
N HIS D 3734 39.66 -9.70 -55.69
CA HIS D 3734 38.63 -9.09 -56.52
C HIS D 3734 38.27 -9.94 -57.73
N LEU D 3735 38.93 -11.08 -57.92
CA LEU D 3735 38.62 -11.98 -59.04
C LEU D 3735 37.30 -12.71 -58.83
N GLU D 3736 37.02 -13.14 -57.60
CA GLU D 3736 35.79 -13.87 -57.30
C GLU D 3736 34.65 -12.97 -56.86
N GLU D 3737 34.92 -11.70 -56.58
CA GLU D 3737 33.88 -10.75 -56.17
C GLU D 3737 33.30 -10.01 -57.37
N GLU D 3750 20.08 -15.87 -64.85
CA GLU D 3750 19.67 -17.04 -64.10
C GLU D 3750 20.86 -17.94 -63.75
N VAL D 3751 21.29 -17.89 -62.49
CA VAL D 3751 22.41 -18.67 -61.99
C VAL D 3751 21.89 -19.74 -61.05
N SER D 3752 22.66 -20.81 -60.88
CA SER D 3752 22.23 -21.99 -60.13
C SER D 3752 22.76 -21.95 -58.71
N PHE D 3753 22.54 -23.04 -57.97
CA PHE D 3753 22.93 -23.09 -56.56
C PHE D 3753 24.38 -23.50 -56.40
N GLU D 3754 24.84 -24.48 -57.18
CA GLU D 3754 26.18 -25.01 -56.97
C GLU D 3754 27.23 -24.01 -57.41
N GLU D 3755 26.95 -23.26 -58.47
CA GLU D 3755 27.97 -22.34 -58.98
C GLU D 3755 28.16 -21.12 -58.10
N LYS D 3756 27.12 -20.65 -57.39
CA LYS D 3756 27.30 -19.45 -56.57
C LYS D 3756 28.05 -19.76 -55.28
N GLU D 3757 27.85 -20.96 -54.73
CA GLU D 3757 28.62 -21.35 -53.56
C GLU D 3757 30.05 -21.75 -53.90
N MET D 3758 30.31 -22.21 -55.13
CA MET D 3758 31.70 -22.44 -55.52
C MET D 3758 32.39 -21.13 -55.86
N GLU D 3759 31.63 -20.09 -56.20
CA GLU D 3759 32.22 -18.75 -56.24
C GLU D 3759 32.44 -18.22 -54.83
N LYS D 3760 31.61 -18.64 -53.87
CA LYS D 3760 31.76 -18.12 -52.52
C LYS D 3760 32.91 -18.79 -51.78
N GLN D 3761 32.99 -20.13 -51.86
CA GLN D 3761 34.09 -20.83 -51.18
C GLN D 3761 35.42 -20.59 -51.88
N ARG D 3762 35.40 -20.15 -53.14
CA ARG D 3762 36.63 -19.66 -53.76
C ARG D 3762 37.05 -18.33 -53.16
N LEU D 3763 36.08 -17.43 -52.92
CA LEU D 3763 36.40 -16.10 -52.40
C LEU D 3763 36.85 -16.18 -50.95
N LEU D 3764 36.23 -17.05 -50.15
CA LEU D 3764 36.70 -17.26 -48.79
C LEU D 3764 38.01 -18.06 -48.75
N TYR D 3765 38.42 -18.65 -49.88
CA TYR D 3765 39.75 -19.26 -49.94
C TYR D 3765 40.83 -18.21 -50.19
N GLN D 3766 40.57 -17.24 -51.07
CA GLN D 3766 41.52 -16.16 -51.29
C GLN D 3766 41.60 -15.24 -50.08
N GLN D 3767 40.51 -15.12 -49.33
CA GLN D 3767 40.57 -14.39 -48.07
C GLN D 3767 41.20 -15.23 -46.97
N SER D 3768 41.12 -16.57 -47.07
CA SER D 3768 41.85 -17.41 -46.13
C SER D 3768 43.34 -17.41 -46.45
N ARG D 3769 43.70 -17.20 -47.71
CA ARG D 3769 45.10 -17.21 -48.08
C ARG D 3769 45.82 -15.96 -47.61
N LEU D 3770 45.08 -14.87 -47.37
CA LEU D 3770 45.67 -13.60 -46.96
C LEU D 3770 45.68 -13.40 -45.45
N HIS D 3771 44.60 -13.75 -44.75
CA HIS D 3771 44.36 -13.29 -43.39
C HIS D 3771 44.86 -14.25 -42.31
N THR D 3772 45.18 -15.50 -42.64
CA THR D 3772 45.78 -16.36 -41.64
C THR D 3772 47.24 -16.01 -41.42
N ARG D 3773 47.83 -15.25 -42.35
CA ARG D 3773 49.17 -14.71 -42.20
C ARG D 3773 49.20 -13.46 -41.33
N GLY D 3774 48.04 -13.00 -40.86
CA GLY D 3774 47.98 -11.85 -39.98
C GLY D 3774 47.79 -10.53 -40.70
N ALA D 3775 47.08 -10.54 -41.82
CA ALA D 3775 46.81 -9.31 -42.55
C ALA D 3775 45.64 -8.53 -41.97
N ALA D 3776 44.81 -9.18 -41.15
CA ALA D 3776 43.66 -8.51 -40.55
C ALA D 3776 44.08 -7.51 -39.50
N GLU D 3777 45.17 -7.78 -38.79
CA GLU D 3777 45.69 -6.82 -37.83
C GLU D 3777 46.59 -5.80 -38.49
N MET D 3778 47.12 -6.14 -39.68
CA MET D 3778 48.04 -5.24 -40.38
C MET D 3778 47.31 -4.01 -40.91
N VAL D 3779 46.08 -4.19 -41.38
CA VAL D 3779 45.28 -3.07 -41.86
C VAL D 3779 44.82 -2.19 -40.69
N LEU D 3780 44.55 -2.78 -39.53
CA LEU D 3780 44.06 -1.98 -38.42
C LEU D 3780 45.18 -1.23 -37.71
N GLN D 3781 46.43 -1.68 -37.86
CA GLN D 3781 47.53 -0.94 -37.26
C GLN D 3781 47.82 0.35 -38.01
N MET D 3782 47.48 0.39 -39.30
CA MET D 3782 47.94 1.47 -40.14
C MET D 3782 46.84 2.50 -40.38
N ILE D 3783 45.57 2.12 -40.09
CA ILE D 3783 44.54 3.13 -39.82
C ILE D 3783 44.76 3.74 -38.44
N SER D 3784 45.31 2.94 -37.51
CA SER D 3784 45.59 3.45 -36.17
C SER D 3784 46.76 4.42 -36.18
N ALA D 3785 47.77 4.13 -37.01
CA ALA D 3785 48.95 4.98 -37.10
C ALA D 3785 48.79 6.09 -38.14
N CYS D 3786 47.63 6.22 -38.78
CA CYS D 3786 47.48 7.28 -39.77
C CYS D 3786 47.13 8.61 -39.11
N LYS D 3787 46.32 8.56 -38.04
CA LYS D 3787 45.98 9.70 -37.17
C LYS D 3787 45.28 10.83 -37.93
N GLY D 3788 44.33 10.48 -38.80
CA GLY D 3788 43.47 11.48 -39.41
C GLY D 3788 44.01 12.18 -40.64
N GLU D 3789 45.04 11.65 -41.28
CA GLU D 3789 45.57 12.22 -42.52
C GLU D 3789 45.03 11.41 -43.70
N THR D 3790 44.17 12.04 -44.50
CA THR D 3790 43.54 11.34 -45.62
C THR D 3790 44.42 11.33 -46.88
N GLY D 3791 45.62 10.77 -46.76
CA GLY D 3791 46.55 10.71 -47.88
C GLY D 3791 46.20 9.62 -48.87
N ALA D 3792 47.18 9.31 -49.73
CA ALA D 3792 46.97 8.28 -50.74
C ALA D 3792 47.03 6.88 -50.16
N MET D 3793 47.50 6.71 -48.92
CA MET D 3793 47.71 5.38 -48.34
C MET D 3793 46.45 4.79 -47.74
N VAL D 3794 45.51 5.62 -47.26
CA VAL D 3794 44.25 5.07 -46.74
C VAL D 3794 43.35 4.60 -47.87
N SER D 3795 43.56 5.11 -49.09
CA SER D 3795 42.84 4.56 -50.22
C SER D 3795 43.33 3.16 -50.57
N SER D 3796 44.58 2.85 -50.24
CA SER D 3796 45.18 1.56 -50.58
C SER D 3796 44.95 0.50 -49.52
N THR D 3797 44.89 0.89 -48.24
CA THR D 3797 44.75 -0.09 -47.17
C THR D 3797 43.27 -0.40 -46.92
N LEU D 3798 42.37 0.56 -47.17
CA LEU D 3798 40.96 0.33 -46.91
C LEU D 3798 40.28 -0.40 -48.06
N LYS D 3799 40.80 -0.24 -49.29
CA LYS D 3799 40.36 -1.14 -50.35
C LYS D 3799 40.87 -2.56 -50.12
N LEU D 3800 42.02 -2.70 -49.46
CA LEU D 3800 42.44 -4.00 -48.99
C LEU D 3800 41.58 -4.47 -47.81
N GLY D 3801 41.12 -3.52 -46.99
CA GLY D 3801 40.33 -3.88 -45.81
C GLY D 3801 38.95 -4.43 -46.16
N ILE D 3802 38.41 -4.00 -47.30
CA ILE D 3802 37.12 -4.51 -47.75
C ILE D 3802 37.27 -5.87 -48.41
N SER D 3803 38.28 -6.02 -49.28
CA SER D 3803 38.45 -7.26 -50.03
C SER D 3803 38.83 -8.44 -49.14
N ILE D 3804 39.37 -8.18 -47.94
CA ILE D 3804 39.57 -9.22 -46.94
C ILE D 3804 38.25 -9.50 -46.22
N LEU D 3805 37.44 -8.45 -45.99
CA LEU D 3805 36.19 -8.56 -45.26
C LEU D 3805 34.98 -8.70 -46.17
N ASN D 3806 35.20 -9.09 -47.42
CA ASN D 3806 34.13 -9.08 -48.40
C ASN D 3806 33.22 -10.30 -48.25
N GLY D 3807 31.91 -10.07 -48.30
CA GLY D 3807 30.94 -11.13 -48.25
C GLY D 3807 30.42 -11.49 -46.87
N GLY D 3808 30.82 -10.77 -45.83
CA GLY D 3808 30.38 -11.09 -44.49
C GLY D 3808 31.11 -12.27 -43.90
N ASN D 3809 32.43 -12.31 -44.05
CA ASN D 3809 33.27 -13.35 -43.49
C ASN D 3809 33.38 -13.16 -41.98
N ALA D 3810 33.40 -14.28 -41.25
CA ALA D 3810 33.29 -14.23 -39.79
C ALA D 3810 34.61 -14.43 -39.06
N GLU D 3811 35.54 -15.22 -39.59
CA GLU D 3811 36.81 -15.42 -38.87
C GLU D 3811 37.72 -14.20 -39.02
N VAL D 3812 37.50 -13.38 -40.05
CA VAL D 3812 38.30 -12.17 -40.18
C VAL D 3812 37.84 -11.10 -39.19
N GLN D 3813 36.56 -11.13 -38.80
CA GLN D 3813 36.03 -10.10 -37.93
C GLN D 3813 36.37 -10.39 -36.47
N GLN D 3814 36.28 -11.66 -36.07
CA GLN D 3814 36.64 -12.04 -34.71
C GLN D 3814 38.14 -11.95 -34.48
N LYS D 3815 38.94 -12.11 -35.55
CA LYS D 3815 40.37 -11.83 -35.42
C LYS D 3815 40.65 -10.34 -35.30
N MET D 3816 39.73 -9.50 -35.78
CA MET D 3816 39.89 -8.07 -35.58
C MET D 3816 39.40 -7.63 -34.21
N LEU D 3817 38.40 -8.33 -33.67
CA LEU D 3817 37.79 -7.84 -32.43
C LEU D 3817 38.63 -8.19 -31.21
N ASP D 3818 39.23 -9.39 -31.16
CA ASP D 3818 40.06 -9.74 -30.01
C ASP D 3818 41.35 -8.93 -30.01
N TYR D 3819 41.82 -8.52 -31.19
CA TYR D 3819 43.03 -7.71 -31.29
C TYR D 3819 42.83 -6.33 -30.70
N LEU D 3820 41.68 -5.72 -30.93
CA LEU D 3820 41.40 -4.42 -30.29
C LEU D 3820 40.97 -4.57 -28.84
N LYS D 3821 40.79 -5.81 -28.34
CA LYS D 3821 40.47 -5.98 -26.93
C LYS D 3821 41.66 -6.43 -26.09
N ASP D 3822 42.67 -7.10 -26.68
CA ASP D 3822 43.85 -7.37 -25.86
C ASP D 3822 44.80 -6.18 -25.85
N LYS D 3823 44.77 -5.35 -26.89
CA LYS D 3823 45.59 -4.16 -26.95
C LYS D 3823 45.02 -3.04 -26.09
N LYS D 3824 43.73 -2.74 -26.28
CA LYS D 3824 43.01 -1.65 -25.60
C LYS D 3824 43.71 -0.31 -25.79
N GLU D 3825 44.11 -0.05 -27.03
CA GLU D 3825 44.82 1.16 -27.41
C GLU D 3825 43.87 2.06 -28.20
N VAL D 3826 43.60 3.25 -27.66
CA VAL D 3826 42.73 4.19 -28.35
C VAL D 3826 43.51 4.88 -29.45
N GLY D 3827 42.89 5.04 -30.61
CA GLY D 3827 43.57 5.62 -31.74
C GLY D 3827 43.16 5.00 -33.07
N PHE D 3828 42.46 3.87 -33.01
CA PHE D 3828 41.82 3.29 -34.18
C PHE D 3828 40.43 3.88 -34.40
N PHE D 3829 39.72 4.18 -33.31
CA PHE D 3829 38.36 4.70 -33.37
C PHE D 3829 38.34 6.21 -33.51
N GLN D 3830 39.35 6.90 -32.94
CA GLN D 3830 39.44 8.34 -33.13
C GLN D 3830 39.89 8.67 -34.54
N SER D 3831 40.58 7.73 -35.20
CA SER D 3831 41.04 7.99 -36.56
C SER D 3831 39.91 7.87 -37.56
N ILE D 3832 38.96 6.95 -37.33
CA ILE D 3832 37.75 6.88 -38.16
C ILE D 3832 36.91 8.14 -37.95
N GLN D 3833 36.93 8.70 -36.74
CA GLN D 3833 36.19 9.94 -36.49
C GLN D 3833 36.81 11.14 -37.20
N ALA D 3834 38.15 11.21 -37.27
CA ALA D 3834 38.77 12.33 -37.96
C ALA D 3834 38.72 12.14 -39.47
N LEU D 3835 38.73 10.88 -39.92
CA LEU D 3835 38.52 10.56 -41.33
C LEU D 3835 37.09 10.82 -41.78
N MET D 3836 36.12 10.84 -40.85
CA MET D 3836 34.73 11.05 -41.23
C MET D 3836 34.38 12.54 -41.39
N GLN D 3837 34.96 13.41 -40.57
CA GLN D 3837 34.58 14.81 -40.62
C GLN D 3837 35.34 15.58 -41.70
N THR D 3838 36.45 15.03 -42.18
CA THR D 3838 37.16 15.62 -43.33
C THR D 3838 36.77 14.91 -44.63
N CYS D 3839 35.47 14.89 -44.89
CA CYS D 3839 34.92 14.47 -46.18
C CYS D 3839 34.15 15.63 -46.79
N SER D 3840 34.23 15.74 -48.12
CA SER D 3840 33.57 16.80 -48.85
C SER D 3840 32.13 16.45 -49.18
N VAL D 3841 31.30 17.49 -49.30
CA VAL D 3841 29.90 17.38 -49.67
C VAL D 3841 29.66 18.29 -50.87
N LEU D 3842 28.40 18.42 -51.31
CA LEU D 3842 28.08 19.33 -52.42
C LEU D 3842 28.21 20.77 -51.94
N ASP D 3843 29.36 21.39 -52.21
CA ASP D 3843 29.52 22.80 -51.92
C ASP D 3843 28.90 23.65 -53.02
N LEU D 3844 28.42 24.83 -52.65
CA LEU D 3844 27.85 25.79 -53.58
C LEU D 3844 28.71 27.05 -53.69
N ASN D 3845 29.98 26.96 -53.35
CA ASN D 3845 30.95 28.03 -53.56
C ASN D 3845 31.97 27.67 -54.63
N ALA D 3846 32.48 26.43 -54.61
CA ALA D 3846 33.39 25.97 -55.64
C ALA D 3846 32.68 25.40 -56.87
N PHE D 3847 31.35 25.33 -56.84
CA PHE D 3847 30.62 24.79 -57.98
C PHE D 3847 30.54 25.82 -59.11
N GLU D 3848 30.36 27.10 -58.78
CA GLU D 3848 30.37 28.13 -59.80
C GLU D 3848 31.79 28.44 -60.26
N ARG D 3849 32.79 28.14 -59.42
CA ARG D 3849 34.18 28.24 -59.86
C ARG D 3849 34.48 27.17 -60.91
N GLN D 3850 33.86 26.00 -60.78
CA GLN D 3850 34.03 24.93 -61.77
C GLN D 3850 33.26 25.24 -63.04
N ASN D 3851 32.11 25.90 -62.93
CA ASN D 3851 31.29 26.20 -64.10
C ASN D 3851 31.91 27.30 -64.93
N LYS D 3852 32.61 28.24 -64.27
CA LYS D 3852 33.28 29.31 -65.00
C LYS D 3852 34.56 28.82 -65.65
N ALA D 3853 35.27 27.91 -65.00
CA ALA D 3853 36.53 27.39 -65.55
C ALA D 3853 36.30 26.33 -66.63
N GLU D 3854 35.11 25.74 -66.69
CA GLU D 3854 34.81 24.77 -67.73
C GLU D 3854 34.55 25.41 -69.09
N GLY D 3855 34.25 26.71 -69.11
CA GLY D 3855 34.00 27.39 -70.37
C GLY D 3855 35.24 27.63 -71.20
N LEU D 3856 36.43 27.50 -70.62
CA LEU D 3856 37.68 27.64 -71.37
C LEU D 3856 38.01 26.29 -72.02
N GLY D 3857 37.58 26.13 -73.27
CA GLY D 3857 37.73 24.85 -73.94
C GLY D 3857 39.16 24.55 -74.34
N MET D 3858 39.92 25.58 -74.72
CA MET D 3858 41.29 25.39 -75.16
C MET D 3858 42.09 26.62 -74.79
N VAL D 3859 43.25 26.42 -74.18
CA VAL D 3859 44.10 27.55 -73.82
C VAL D 3859 45.04 27.86 -74.98
N ASN D 3860 45.38 29.14 -75.14
CA ASN D 3860 46.13 29.65 -76.28
C ASN D 3860 47.57 29.10 -76.32
N GLU D 3861 48.22 29.34 -77.46
CA GLU D 3861 49.58 28.89 -77.79
C GLU D 3861 49.70 27.37 -77.75
N ASP D 3862 48.78 26.70 -78.44
CA ASP D 3862 48.78 25.25 -78.69
C ASP D 3862 48.76 24.45 -77.39
N GLY D 3863 47.73 24.71 -76.60
CA GLY D 3863 47.57 24.05 -75.32
C GLY D 3863 46.22 23.41 -75.14
N THR D 3864 46.21 22.10 -74.87
CA THR D 3864 44.98 21.44 -74.46
C THR D 3864 44.88 21.48 -72.94
N VAL D 3865 43.69 21.83 -72.44
CA VAL D 3865 43.52 22.02 -71.00
C VAL D 3865 43.50 20.66 -70.31
N ILE D 3866 44.34 20.52 -69.29
CA ILE D 3866 44.48 19.27 -68.55
C ILE D 3866 43.31 19.21 -67.58
N ASN D 3867 42.20 18.63 -68.04
CA ASN D 3867 41.00 18.51 -67.22
C ASN D 3867 41.18 17.46 -66.12
N ARG D 3868 42.08 16.51 -66.32
CA ARG D 3868 42.32 15.48 -65.31
C ARG D 3868 43.20 15.97 -64.17
N GLN D 3869 43.92 17.08 -64.35
CA GLN D 3869 44.78 17.59 -63.27
C GLN D 3869 43.96 18.20 -62.15
N ASN D 3870 43.08 19.14 -62.48
CA ASN D 3870 42.18 19.70 -61.48
C ASN D 3870 41.03 18.74 -61.18
N GLY D 3871 40.45 18.12 -62.19
CA GLY D 3871 39.35 17.20 -61.96
C GLY D 3871 38.07 17.95 -61.61
N GLU D 3872 37.31 17.39 -60.67
CA GLU D 3872 36.09 17.99 -60.17
C GLU D 3872 36.35 18.58 -58.80
N LYS D 3873 36.15 19.90 -58.66
CA LYS D 3873 36.43 20.56 -57.39
C LYS D 3873 35.41 20.18 -56.33
N VAL D 3874 34.14 20.04 -56.70
CA VAL D 3874 33.10 19.67 -55.75
C VAL D 3874 32.94 18.15 -55.74
N MET D 3875 32.95 17.61 -54.51
CA MET D 3875 32.95 16.16 -54.22
C MET D 3875 34.12 15.44 -54.90
N ALA D 3876 35.33 15.97 -54.70
CA ALA D 3876 36.55 15.30 -55.15
C ALA D 3876 36.91 14.11 -54.28
N ASP D 3877 36.46 14.09 -53.03
CA ASP D 3877 36.79 13.04 -52.06
C ASP D 3877 35.64 12.05 -51.96
N ASP D 3878 34.97 11.81 -53.11
CA ASP D 3878 33.73 11.04 -53.11
C ASP D 3878 33.98 9.54 -52.97
N GLU D 3879 35.06 9.05 -53.56
CA GLU D 3879 35.32 7.62 -53.61
C GLU D 3879 35.70 7.11 -52.23
N PHE D 3880 36.55 7.87 -51.53
CA PHE D 3880 37.08 7.44 -50.25
C PHE D 3880 36.03 7.51 -49.15
N THR D 3881 35.14 8.50 -49.20
CA THR D 3881 34.08 8.58 -48.20
C THR D 3881 32.96 7.58 -48.49
N GLN D 3882 32.97 6.95 -49.65
CA GLN D 3882 32.15 5.76 -49.86
C GLN D 3882 32.96 4.49 -49.56
N ASP D 3883 34.28 4.57 -49.77
CA ASP D 3883 35.17 3.45 -49.47
C ASP D 3883 35.33 3.25 -47.97
N LEU D 3884 35.21 4.34 -47.20
CA LEU D 3884 35.24 4.23 -45.75
C LEU D 3884 33.93 3.70 -45.20
N PHE D 3885 32.80 4.12 -45.78
CA PHE D 3885 31.51 3.72 -45.24
C PHE D 3885 31.14 2.30 -45.69
N ARG D 3886 31.72 1.83 -46.79
CA ARG D 3886 31.53 0.43 -47.18
C ARG D 3886 32.34 -0.49 -46.27
N PHE D 3887 33.50 0.00 -45.79
CA PHE D 3887 34.27 -0.76 -44.82
C PHE D 3887 33.53 -0.85 -43.48
N LEU D 3888 32.83 0.22 -43.10
CA LEU D 3888 32.08 0.21 -41.85
C LEU D 3888 30.77 -0.54 -41.98
N GLN D 3889 30.26 -0.70 -43.21
CA GLN D 3889 29.06 -1.51 -43.40
C GLN D 3889 29.40 -3.00 -43.30
N LEU D 3890 30.49 -3.41 -43.95
CA LEU D 3890 30.85 -4.83 -44.00
C LEU D 3890 31.45 -5.32 -42.68
N LEU D 3891 31.78 -4.42 -41.76
CA LEU D 3891 32.23 -4.83 -40.44
C LEU D 3891 31.12 -5.49 -39.64
N CYS D 3892 29.87 -5.07 -39.86
CA CYS D 3892 28.71 -5.61 -39.17
C CYS D 3892 27.71 -6.18 -40.16
N GLU D 3893 28.20 -6.84 -41.21
CA GLU D 3893 27.36 -7.41 -42.25
C GLU D 3893 26.77 -8.76 -41.85
N GLY D 3894 27.50 -9.56 -41.08
CA GLY D 3894 26.98 -10.86 -40.67
C GLY D 3894 26.14 -10.84 -39.41
N HIS D 3895 25.56 -9.67 -39.10
CA HIS D 3895 24.65 -9.44 -37.98
C HIS D 3895 25.31 -9.79 -36.64
N ASN D 3896 26.59 -9.44 -36.49
CA ASN D 3896 27.32 -9.75 -35.28
C ASN D 3896 27.02 -8.68 -34.24
N ASN D 3897 26.50 -9.11 -33.08
CA ASN D 3897 25.93 -8.14 -32.15
C ASN D 3897 27.01 -7.43 -31.34
N ASP D 3898 28.14 -8.08 -31.11
CA ASP D 3898 29.16 -7.51 -30.22
C ASP D 3898 29.92 -6.37 -30.88
N PHE D 3899 29.87 -6.27 -32.21
CA PHE D 3899 30.47 -5.12 -32.90
C PHE D 3899 29.66 -3.84 -32.72
N GLN D 3900 28.33 -3.92 -32.86
CA GLN D 3900 27.53 -2.70 -32.74
C GLN D 3900 27.39 -2.24 -31.30
N ASN D 3901 27.68 -3.11 -30.34
CA ASN D 3901 27.85 -2.63 -28.98
C ASN D 3901 29.24 -2.07 -28.74
N TYR D 3902 30.24 -2.56 -29.47
CA TYR D 3902 31.59 -2.05 -29.30
C TYR D 3902 31.78 -0.71 -30.01
N LEU D 3903 31.18 -0.55 -31.20
CA LEU D 3903 31.28 0.70 -31.93
C LEU D 3903 30.45 1.80 -31.27
N ARG D 3904 29.45 1.41 -30.46
CA ARG D 3904 28.61 2.38 -29.77
C ARG D 3904 29.22 2.84 -28.46
N THR D 3905 29.75 1.92 -27.68
CA THR D 3905 30.36 2.27 -26.39
C THR D 3905 31.54 1.34 -26.15
N GLN D 3906 32.73 1.93 -26.07
CA GLN D 3906 33.96 1.16 -25.84
C GLN D 3906 34.22 1.14 -24.34
N THR D 3907 33.68 0.12 -23.66
CA THR D 3907 33.82 0.05 -22.22
C THR D 3907 35.20 -0.45 -21.79
N GLY D 3908 35.97 -1.05 -22.70
CA GLY D 3908 37.31 -1.46 -22.39
C GLY D 3908 38.31 -0.32 -22.46
N ASN D 3909 38.13 0.56 -23.43
CA ASN D 3909 38.96 1.75 -23.55
C ASN D 3909 38.45 2.85 -22.60
N THR D 3910 39.28 3.86 -22.41
CA THR D 3910 38.94 4.93 -21.47
C THR D 3910 38.05 5.99 -22.12
N THR D 3911 38.11 6.15 -23.44
CA THR D 3911 37.31 7.15 -24.14
C THR D 3911 36.48 6.48 -25.22
N THR D 3912 35.16 6.65 -25.13
CA THR D 3912 34.24 6.15 -26.14
C THR D 3912 34.05 7.20 -27.24
N ILE D 3913 33.93 6.73 -28.47
CA ILE D 3913 33.87 7.59 -29.64
C ILE D 3913 32.48 7.61 -30.27
N ASN D 3914 31.84 6.45 -30.37
CA ASN D 3914 30.47 6.24 -30.87
C ASN D 3914 30.35 6.76 -32.29
N ILE D 3915 30.97 6.03 -33.23
CA ILE D 3915 30.92 6.26 -34.67
C ILE D 3915 29.49 6.49 -35.19
N ILE D 3916 28.50 5.83 -34.56
CA ILE D 3916 27.12 5.85 -35.04
C ILE D 3916 26.51 7.24 -34.92
N ILE D 3917 26.93 8.03 -33.93
CA ILE D 3917 26.49 9.42 -33.84
C ILE D 3917 27.18 10.27 -34.91
N CYS D 3918 28.46 10.03 -35.14
CA CYS D 3918 29.19 10.76 -36.17
C CYS D 3918 28.79 10.30 -37.57
N THR D 3919 28.16 9.13 -37.68
CA THR D 3919 27.51 8.73 -38.92
C THR D 3919 26.30 9.61 -39.21
N VAL D 3920 25.51 9.89 -38.17
CA VAL D 3920 24.35 10.77 -38.32
C VAL D 3920 24.80 12.22 -38.48
N ASP D 3921 25.94 12.57 -37.88
CA ASP D 3921 26.46 13.94 -38.03
C ASP D 3921 26.94 14.21 -39.45
N TYR D 3922 27.50 13.20 -40.12
CA TYR D 3922 27.93 13.39 -41.50
C TYR D 3922 26.75 13.38 -42.47
N LEU D 3923 25.75 12.56 -42.18
CA LEU D 3923 24.59 12.48 -43.07
C LEU D 3923 23.67 13.68 -42.89
N LEU D 3924 23.61 14.24 -41.68
CA LEU D 3924 22.93 15.52 -41.48
C LEU D 3924 23.66 16.65 -42.19
N ARG D 3925 25.00 16.58 -42.23
CA ARG D 3925 25.77 17.50 -43.06
C ARG D 3925 25.50 17.23 -44.53
N LEU D 3926 25.27 15.97 -44.89
CA LEU D 3926 24.99 15.64 -46.27
C LEU D 3926 23.54 15.97 -46.63
N GLN D 3927 22.64 15.95 -45.64
CA GLN D 3927 21.26 16.34 -45.92
C GLN D 3927 21.16 17.82 -46.27
N GLU D 3928 21.84 18.69 -45.50
CA GLU D 3928 21.69 20.12 -45.74
C GLU D 3928 22.43 20.57 -46.99
N SER D 3929 23.33 19.74 -47.51
CA SER D 3929 24.10 20.14 -48.70
C SER D 3929 23.33 19.85 -49.99
N ILE D 3930 22.77 18.63 -50.10
CA ILE D 3930 21.84 18.28 -51.19
C ILE D 3930 20.53 19.04 -51.10
N SER D 3931 20.09 19.44 -49.91
CA SER D 3931 18.87 20.25 -49.85
C SER D 3931 19.15 21.67 -50.33
N ASP D 3932 20.31 22.22 -49.99
CA ASP D 3932 20.68 23.54 -50.50
C ASP D 3932 21.08 23.46 -51.97
N PHE D 3933 21.54 22.30 -52.43
CA PHE D 3933 21.78 22.11 -53.86
C PHE D 3933 20.46 22.08 -54.63
N TYR D 3934 19.38 21.63 -53.98
CA TYR D 3934 18.06 21.68 -54.60
C TYR D 3934 17.53 23.11 -54.64
N TRP D 3935 17.76 23.89 -53.57
CA TRP D 3935 17.25 25.26 -53.52
C TRP D 3935 17.99 26.18 -54.48
N TYR D 3936 19.23 25.83 -54.83
CA TYR D 3936 19.93 26.58 -55.87
C TYR D 3936 19.37 26.29 -57.25
N TYR D 3937 18.96 25.05 -57.50
CA TYR D 3937 18.38 24.64 -58.78
C TYR D 3937 16.86 24.61 -58.77
N SER D 3938 16.23 25.27 -57.79
CA SER D 3938 14.78 25.29 -57.73
C SER D 3938 14.17 26.26 -58.73
N GLY D 3939 14.92 27.25 -59.18
CA GLY D 3939 14.41 28.22 -60.14
C GLY D 3939 14.65 27.85 -61.58
N LYS D 3940 15.72 27.09 -61.84
CA LYS D 3940 16.02 26.66 -63.20
C LYS D 3940 15.09 25.53 -63.63
N ASP D 3941 14.81 25.48 -64.93
CA ASP D 3941 13.89 24.47 -65.44
C ASP D 3941 14.58 23.12 -65.62
N VAL D 3942 15.61 23.07 -66.47
CA VAL D 3942 16.30 21.83 -66.76
C VAL D 3942 17.64 21.81 -66.02
N ILE D 3943 18.21 20.61 -65.90
CA ILE D 3943 19.52 20.41 -65.30
C ILE D 3943 20.47 19.95 -66.40
N GLU D 3944 21.67 20.53 -66.43
CA GLU D 3944 22.66 20.13 -67.41
C GLU D 3944 23.39 18.88 -66.93
N GLU D 3945 24.33 18.41 -67.77
CA GLU D 3945 25.07 17.18 -67.46
C GLU D 3945 26.04 17.38 -66.29
N GLN D 3946 26.35 18.62 -65.95
CA GLN D 3946 27.20 18.89 -64.78
C GLN D 3946 26.45 18.68 -63.47
N GLY D 3947 25.17 19.06 -63.44
CA GLY D 3947 24.42 18.97 -62.20
C GLY D 3947 23.96 17.56 -61.88
N LYS D 3948 23.54 16.81 -62.91
CA LYS D 3948 23.12 15.43 -62.68
C LYS D 3948 24.32 14.52 -62.45
N ARG D 3949 25.51 14.97 -62.84
CA ARG D 3949 26.74 14.27 -62.45
C ARG D 3949 26.95 14.39 -60.95
N ASN D 3950 26.81 15.60 -60.42
CA ASN D 3950 27.15 15.84 -59.02
C ASN D 3950 26.05 15.36 -58.09
N PHE D 3951 24.83 15.24 -58.61
CA PHE D 3951 23.72 14.80 -57.77
C PHE D 3951 23.71 13.28 -57.63
N SER D 3952 24.06 12.57 -58.70
CA SER D 3952 24.19 11.11 -58.62
C SER D 3952 25.44 10.72 -57.86
N LYS D 3953 26.45 11.60 -57.85
CA LYS D 3953 27.62 11.41 -56.99
C LYS D 3953 27.24 11.54 -55.52
N ALA D 3954 26.35 12.48 -55.20
CA ALA D 3954 25.98 12.70 -53.81
C ALA D 3954 24.94 11.71 -53.34
N MET D 3955 24.11 11.21 -54.27
CA MET D 3955 23.08 10.27 -53.85
C MET D 3955 23.63 8.85 -53.70
N SER D 3956 24.73 8.54 -54.38
CA SER D 3956 25.32 7.20 -54.26
C SER D 3956 26.05 7.04 -52.93
N VAL D 3957 26.73 8.09 -52.48
CA VAL D 3957 27.35 8.05 -51.16
C VAL D 3957 26.28 8.14 -50.07
N ALA D 3958 25.16 8.81 -50.38
CA ALA D 3958 24.05 8.87 -49.43
C ALA D 3958 23.37 7.51 -49.28
N LYS D 3959 23.45 6.66 -50.30
CA LYS D 3959 22.91 5.31 -50.21
C LYS D 3959 23.88 4.40 -49.46
N GLN D 3960 25.18 4.67 -49.57
CA GLN D 3960 26.19 3.86 -48.87
C GLN D 3960 26.13 4.08 -47.37
N VAL D 3961 25.90 5.32 -46.93
CA VAL D 3961 25.72 5.59 -45.51
C VAL D 3961 24.35 5.13 -45.05
N PHE D 3962 23.37 5.10 -45.98
CA PHE D 3962 22.11 4.44 -45.68
C PHE D 3962 22.29 2.93 -45.52
N ASN D 3963 23.17 2.32 -46.32
CA ASN D 3963 23.50 0.91 -46.12
C ASN D 3963 24.41 0.72 -44.92
N SER D 3964 25.20 1.73 -44.58
CA SER D 3964 26.05 1.64 -43.39
C SER D 3964 25.21 1.74 -42.13
N LEU D 3965 24.09 2.46 -42.19
CA LEU D 3965 23.28 2.68 -41.00
C LEU D 3965 22.32 1.52 -40.75
N THR D 3966 21.83 0.87 -41.81
CA THR D 3966 20.83 -0.19 -41.61
C THR D 3966 21.48 -1.46 -41.09
N GLU D 3967 22.72 -1.74 -41.52
CA GLU D 3967 23.42 -2.93 -41.03
C GLU D 3967 23.87 -2.76 -39.60
N TYR D 3968 23.99 -1.50 -39.13
CA TYR D 3968 24.20 -1.26 -37.71
C TYR D 3968 22.96 -1.62 -36.88
N ILE D 3969 21.77 -1.56 -37.47
CA ILE D 3969 20.53 -1.76 -36.73
C ILE D 3969 19.75 -2.97 -37.24
N GLN D 3970 20.28 -3.72 -38.22
CA GLN D 3970 19.57 -4.90 -38.68
C GLN D 3970 19.71 -6.06 -37.70
N GLY D 3971 20.81 -6.11 -36.97
CA GLY D 3971 20.95 -7.06 -35.88
C GLY D 3971 19.99 -6.71 -34.78
N PRO D 3972 19.53 -7.71 -34.01
CA PRO D 3972 18.56 -7.42 -32.94
C PRO D 3972 19.21 -6.73 -31.74
N CYS D 3973 19.57 -5.47 -31.92
CA CYS D 3973 20.27 -4.70 -30.91
C CYS D 3973 19.38 -3.57 -30.41
N THR D 3974 19.09 -3.56 -29.11
CA THR D 3974 18.33 -2.48 -28.53
C THR D 3974 19.18 -1.22 -28.35
N GLY D 3975 20.50 -1.36 -28.37
CA GLY D 3975 21.36 -0.22 -28.06
C GLY D 3975 21.41 0.83 -29.16
N ASN D 3976 21.50 0.38 -30.42
CA ASN D 3976 21.57 1.34 -31.53
C ASN D 3976 20.21 1.97 -31.80
N GLN D 3977 19.12 1.25 -31.58
CA GLN D 3977 17.81 1.78 -31.94
C GLN D 3977 17.36 2.85 -30.95
N GLN D 3978 17.85 2.79 -29.70
CA GLN D 3978 17.63 3.90 -28.80
C GLN D 3978 18.64 5.02 -29.04
N SER D 3979 19.79 4.68 -29.62
CA SER D 3979 20.77 5.71 -29.96
C SER D 3979 20.32 6.49 -31.20
N LEU D 3980 19.73 5.81 -32.18
CA LEU D 3980 19.20 6.51 -33.34
C LEU D 3980 17.92 7.26 -32.99
N ALA D 3981 17.19 6.81 -31.98
CA ALA D 3981 15.97 7.50 -31.56
C ALA D 3981 16.28 8.74 -30.74
N HIS D 3982 17.38 8.73 -29.99
CA HIS D 3982 17.78 9.88 -29.20
C HIS D 3982 18.73 10.83 -29.93
N SER D 3983 19.10 10.51 -31.17
CA SER D 3983 19.94 11.39 -31.96
C SER D 3983 19.06 12.33 -32.79
N ARG D 3984 19.67 13.08 -33.70
CA ARG D 3984 18.96 13.97 -34.61
C ARG D 3984 18.76 13.34 -35.99
N LEU D 3985 18.48 12.03 -36.02
CA LEU D 3985 18.18 11.33 -37.27
C LEU D 3985 16.83 11.76 -37.84
N TRP D 3986 15.90 12.18 -36.98
CA TRP D 3986 14.54 12.47 -37.43
C TRP D 3986 14.47 13.74 -38.27
N ASP D 3987 15.24 14.77 -37.91
CA ASP D 3987 15.27 15.97 -38.74
C ASP D 3987 16.08 15.74 -40.01
N ALA D 3988 16.92 14.70 -40.03
CA ALA D 3988 17.57 14.32 -41.28
C ALA D 3988 16.59 13.63 -42.21
N VAL D 3989 15.81 12.69 -41.68
CA VAL D 3989 14.87 11.90 -42.49
C VAL D 3989 13.72 12.79 -42.97
N VAL D 3990 13.30 13.74 -42.13
CA VAL D 3990 12.29 14.73 -42.52
C VAL D 3990 12.82 15.59 -43.66
N GLY D 3991 14.08 16.01 -43.57
CA GLY D 3991 14.66 16.80 -44.64
C GLY D 3991 14.94 16.00 -45.90
N PHE D 3992 15.26 14.71 -45.74
CA PHE D 3992 15.38 13.84 -46.91
C PHE D 3992 14.03 13.55 -47.54
N LEU D 3993 12.97 13.50 -46.73
CA LEU D 3993 11.63 13.34 -47.30
C LEU D 3993 11.17 14.63 -47.97
N HIS D 3994 11.74 15.78 -47.59
CA HIS D 3994 11.38 17.04 -48.22
C HIS D 3994 12.01 17.17 -49.59
N VAL D 3995 13.28 16.77 -49.72
CA VAL D 3995 13.96 16.94 -51.00
C VAL D 3995 13.51 15.85 -51.98
N PHE D 3996 13.05 14.70 -51.46
CA PHE D 3996 12.59 13.65 -52.36
C PHE D 3996 11.23 13.98 -52.93
N ALA D 3997 10.35 14.58 -52.12
CA ALA D 3997 8.98 14.85 -52.57
C ALA D 3997 8.94 15.95 -53.63
N HIS D 3998 9.91 16.85 -53.63
CA HIS D 3998 9.87 17.97 -54.55
C HIS D 3998 10.64 17.67 -55.84
N MET D 3999 11.70 16.85 -55.76
CA MET D 3999 12.48 16.55 -56.95
C MET D 3999 11.75 15.59 -57.88
N MET D 4000 10.96 14.67 -57.32
CA MET D 4000 10.24 13.73 -58.17
C MET D 4000 9.08 14.39 -58.90
N MET D 4001 8.52 15.45 -58.34
CA MET D 4001 7.63 16.29 -59.14
C MET D 4001 8.37 17.37 -59.92
N LYS D 4002 9.69 17.48 -59.79
CA LYS D 4002 10.41 18.37 -60.70
C LYS D 4002 11.03 17.58 -61.85
N LEU D 4003 11.59 16.40 -61.56
CA LEU D 4003 12.23 15.56 -62.56
C LEU D 4003 11.25 14.76 -63.41
N ALA D 4004 9.95 14.80 -63.10
CA ALA D 4004 8.97 14.08 -63.92
C ALA D 4004 8.50 14.88 -65.13
N GLN D 4005 8.97 16.12 -65.30
CA GLN D 4005 8.52 16.98 -66.40
C GLN D 4005 9.46 16.95 -67.59
N ASP D 4006 10.25 15.90 -67.74
CA ASP D 4006 11.15 15.77 -68.89
C ASP D 4006 11.51 14.30 -69.06
N SER D 4007 11.88 13.93 -70.28
CA SER D 4007 12.20 12.56 -70.62
C SER D 4007 13.70 12.29 -70.65
N SER D 4008 14.55 13.33 -70.60
CA SER D 4008 15.98 13.15 -70.44
C SER D 4008 16.39 13.03 -68.99
N GLN D 4009 15.46 13.25 -68.07
CA GLN D 4009 15.70 13.21 -66.63
C GLN D 4009 15.25 11.88 -66.03
N ILE D 4010 15.30 10.81 -66.82
CA ILE D 4010 14.88 9.50 -66.36
C ILE D 4010 15.97 8.82 -65.52
N GLU D 4011 17.25 9.05 -65.83
CA GLU D 4011 18.33 8.35 -65.12
C GLU D 4011 18.47 8.84 -63.68
N LEU D 4012 18.19 10.12 -63.45
CA LEU D 4012 18.30 10.66 -62.10
C LEU D 4012 17.13 10.23 -61.24
N LEU D 4013 15.97 9.99 -61.86
CA LEU D 4013 14.76 9.71 -61.10
C LEU D 4013 14.70 8.24 -60.67
N LYS D 4014 15.23 7.33 -61.49
CA LYS D 4014 15.40 5.95 -61.06
C LYS D 4014 16.44 5.84 -59.96
N GLU D 4015 17.52 6.63 -60.05
CA GLU D 4015 18.54 6.59 -59.01
C GLU D 4015 18.01 7.20 -57.71
N LEU D 4016 17.03 8.08 -57.81
CA LEU D 4016 16.42 8.62 -56.59
C LEU D 4016 15.39 7.65 -56.03
N LEU D 4017 14.66 6.93 -56.90
CA LEU D 4017 13.67 5.97 -56.41
C LEU D 4017 14.33 4.75 -55.79
N ASP D 4018 15.56 4.43 -56.22
CA ASP D 4018 16.33 3.41 -55.51
C ASP D 4018 16.92 3.95 -54.22
N LEU D 4019 17.06 5.27 -54.10
CA LEU D 4019 17.60 5.85 -52.88
C LEU D 4019 16.54 5.89 -51.77
N GLN D 4020 15.30 6.29 -52.11
CA GLN D 4020 14.26 6.24 -51.10
C GLN D 4020 13.79 4.80 -50.86
N LYS D 4021 14.11 3.90 -51.80
CA LYS D 4021 14.02 2.47 -51.51
C LYS D 4021 14.97 2.10 -50.37
N ASP D 4022 16.17 2.67 -50.35
CA ASP D 4022 17.16 2.30 -49.34
C ASP D 4022 16.85 2.90 -47.98
N MET D 4023 16.10 4.00 -47.95
CA MET D 4023 15.82 4.65 -46.66
C MET D 4023 14.64 3.98 -45.97
N VAL D 4024 13.62 3.56 -46.73
CA VAL D 4024 12.47 2.94 -46.10
C VAL D 4024 12.79 1.52 -45.60
N VAL D 4025 13.75 0.83 -46.22
CA VAL D 4025 14.21 -0.42 -45.63
C VAL D 4025 15.10 -0.12 -44.42
N MET D 4026 15.79 1.02 -44.44
CA MET D 4026 16.45 1.52 -43.23
C MET D 4026 15.44 1.89 -42.18
N LEU D 4027 14.27 2.43 -42.59
CA LEU D 4027 13.23 2.73 -41.61
C LEU D 4027 12.51 1.47 -41.16
N LEU D 4028 12.45 0.45 -42.02
CA LEU D 4028 11.82 -0.81 -41.63
C LEU D 4028 12.74 -1.63 -40.74
N SER D 4029 14.06 -1.50 -40.92
CA SER D 4029 14.99 -2.21 -40.06
C SER D 4029 15.13 -1.55 -38.70
N LEU D 4030 14.64 -0.31 -38.57
CA LEU D 4030 14.57 0.33 -37.26
C LEU D 4030 13.39 -0.19 -36.44
N LEU D 4031 12.35 -0.68 -37.10
CA LEU D 4031 11.11 -1.11 -36.46
C LEU D 4031 11.10 -2.61 -36.13
N GLU D 4032 12.25 -3.26 -36.17
CA GLU D 4032 12.30 -4.70 -35.90
C GLU D 4032 12.29 -4.97 -34.40
N GLY D 4033 11.52 -5.97 -34.00
CA GLY D 4033 11.35 -6.29 -32.58
C GLY D 4033 10.60 -5.23 -31.82
N ASN D 4034 9.58 -4.63 -32.42
CA ASN D 4034 8.89 -3.49 -31.84
C ASN D 4034 7.66 -3.97 -31.08
N VAL D 4035 7.53 -3.50 -29.84
CA VAL D 4035 6.41 -3.86 -28.98
C VAL D 4035 5.17 -3.07 -29.40
N VAL D 4036 3.98 -3.66 -29.16
CA VAL D 4036 2.70 -3.12 -29.62
C VAL D 4036 2.41 -1.73 -29.06
N ASN D 4037 3.07 -1.32 -27.97
CA ASN D 4037 3.12 0.10 -27.60
C ASN D 4037 4.54 0.42 -27.19
N GLY D 4038 5.36 0.80 -28.17
CA GLY D 4038 6.72 1.18 -27.92
C GLY D 4038 6.98 2.58 -28.43
N MET D 4039 8.10 3.15 -27.97
CA MET D 4039 8.41 4.54 -28.27
C MET D 4039 9.01 4.73 -29.65
N ILE D 4040 9.52 3.68 -30.28
CA ILE D 4040 10.11 3.82 -31.62
C ILE D 4040 9.02 4.13 -32.63
N ALA D 4041 7.87 3.47 -32.50
CA ALA D 4041 6.77 3.70 -33.43
C ALA D 4041 6.11 5.04 -33.20
N ARG D 4042 6.11 5.54 -31.96
CA ARG D 4042 5.49 6.85 -31.71
C ARG D 4042 6.42 7.99 -32.09
N GLN D 4043 7.73 7.80 -31.97
CA GLN D 4043 8.64 8.81 -32.51
C GLN D 4043 8.80 8.67 -34.02
N MET D 4044 8.33 7.57 -34.60
CA MET D 4044 8.27 7.50 -36.06
C MET D 4044 7.07 8.24 -36.61
N VAL D 4045 5.94 8.21 -35.90
CA VAL D 4045 4.72 8.81 -36.46
C VAL D 4045 4.69 10.32 -36.19
N ASP D 4046 5.31 10.79 -35.09
CA ASP D 4046 5.32 12.25 -34.89
C ASP D 4046 6.32 12.91 -35.82
N MET D 4047 7.33 12.14 -36.27
CA MET D 4047 8.18 12.55 -37.37
C MET D 4047 7.38 12.69 -38.66
N LEU D 4048 6.35 11.83 -38.82
CA LEU D 4048 5.51 11.90 -40.02
C LEU D 4048 4.50 13.05 -39.94
N VAL D 4049 4.05 13.42 -38.72
CA VAL D 4049 3.12 14.56 -38.64
C VAL D 4049 3.84 15.88 -38.45
N GLU D 4050 5.14 15.86 -38.10
CA GLU D 4050 6.00 17.03 -38.24
C GLU D 4050 6.29 17.35 -39.69
N SER D 4051 6.17 16.33 -40.55
CA SER D 4051 6.49 16.36 -41.96
C SER D 4051 5.30 15.85 -42.76
N SER D 4052 4.14 16.45 -42.53
CA SER D 4052 2.92 16.02 -43.21
C SER D 4052 2.90 16.45 -44.66
N SER D 4053 3.51 17.59 -44.97
CA SER D 4053 3.31 18.23 -46.27
C SER D 4053 3.97 17.43 -47.39
N ASN D 4054 5.13 16.85 -47.12
CA ASN D 4054 5.91 16.19 -48.17
C ASN D 4054 5.54 14.71 -48.31
N VAL D 4055 5.14 14.05 -47.22
CA VAL D 4055 4.81 12.63 -47.34
C VAL D 4055 3.40 12.47 -47.91
N GLU D 4056 2.56 13.51 -47.79
CA GLU D 4056 1.32 13.50 -48.58
C GLU D 4056 1.61 13.74 -50.06
N MET D 4057 2.69 14.44 -50.39
CA MET D 4057 3.05 14.61 -51.80
C MET D 4057 3.72 13.35 -52.35
N ILE D 4058 4.31 12.51 -51.50
CA ILE D 4058 4.89 11.26 -52.02
C ILE D 4058 3.79 10.21 -52.22
N LEU D 4059 2.75 10.24 -51.38
CA LEU D 4059 1.68 9.25 -51.51
C LEU D 4059 0.63 9.70 -52.51
N LYS D 4060 0.54 11.00 -52.78
CA LYS D 4060 -0.29 11.43 -53.90
C LYS D 4060 0.41 11.17 -55.23
N PHE D 4061 1.76 11.21 -55.22
CA PHE D 4061 2.55 10.83 -56.39
C PHE D 4061 2.31 9.36 -56.75
N PHE D 4062 2.35 8.48 -55.75
CA PHE D 4062 2.25 7.06 -56.01
C PHE D 4062 0.80 6.67 -56.30
N ASP D 4063 -0.15 7.57 -56.01
CA ASP D 4063 -1.56 7.29 -56.29
C ASP D 4063 -1.93 7.67 -57.71
N MET D 4064 -1.56 8.88 -58.15
CA MET D 4064 -2.02 9.36 -59.46
C MET D 4064 -1.34 8.64 -60.62
N PHE D 4065 -0.15 8.08 -60.39
CA PHE D 4065 0.52 7.39 -61.48
C PHE D 4065 0.25 5.89 -61.46
N LEU D 4066 -0.34 5.36 -60.39
CA LEU D 4066 -0.83 3.99 -60.36
C LEU D 4066 -2.29 3.89 -60.76
N LYS D 4067 -3.09 4.92 -60.47
CA LYS D 4067 -4.50 4.95 -60.88
C LYS D 4067 -4.69 5.09 -62.38
N LEU D 4068 -3.70 5.66 -63.09
CA LEU D 4068 -3.90 6.01 -64.49
C LEU D 4068 -3.98 4.77 -65.37
N LYS D 4069 -3.23 3.71 -65.01
CA LYS D 4069 -3.34 2.46 -65.76
C LYS D 4069 -4.65 1.76 -65.48
N ASP D 4070 -5.25 1.99 -64.31
CA ASP D 4070 -6.63 1.59 -64.09
C ASP D 4070 -7.60 2.55 -64.78
N ILE D 4071 -7.19 3.80 -64.99
CA ILE D 4071 -8.03 4.78 -65.68
C ILE D 4071 -7.97 4.55 -67.19
N VAL D 4072 -6.77 4.39 -67.74
CA VAL D 4072 -6.64 4.16 -69.18
C VAL D 4072 -7.07 2.74 -69.56
N GLY D 4073 -7.21 1.85 -68.59
CA GLY D 4073 -7.73 0.52 -68.82
C GLY D 4073 -9.24 0.43 -68.91
N SER D 4074 -9.95 1.55 -68.77
CA SER D 4074 -11.40 1.55 -68.88
C SER D 4074 -11.83 1.47 -70.34
N GLU D 4075 -13.06 0.97 -70.54
CA GLU D 4075 -13.62 0.86 -71.88
C GLU D 4075 -14.08 2.21 -72.42
N ALA D 4076 -14.30 3.19 -71.54
CA ALA D 4076 -14.80 4.49 -71.98
C ALA D 4076 -13.72 5.32 -72.64
N PHE D 4077 -12.52 5.37 -72.04
CA PHE D 4077 -11.50 6.29 -72.51
C PHE D 4077 -10.75 5.74 -73.72
N GLN D 4078 -10.80 4.42 -73.95
CA GLN D 4078 -10.36 3.91 -75.24
C GLN D 4078 -11.44 4.05 -76.31
N ASP D 4079 -12.69 4.29 -75.91
CA ASP D 4079 -13.73 4.58 -76.89
C ASP D 4079 -13.79 6.06 -77.25
N TYR D 4080 -13.18 6.92 -76.43
CA TYR D 4080 -13.15 8.35 -76.72
C TYR D 4080 -12.08 8.71 -77.74
N VAL D 4081 -11.11 7.82 -77.97
CA VAL D 4081 -10.08 8.04 -78.98
C VAL D 4081 -10.41 7.20 -80.21
N THR D 4082 -10.29 7.83 -81.40
CA THR D 4082 -10.58 7.14 -82.64
C THR D 4082 -9.41 7.22 -83.63
N ASP D 4083 -8.23 7.63 -83.18
CA ASP D 4083 -7.08 7.67 -84.08
C ASP D 4083 -6.59 6.24 -84.33
N PRO D 4084 -6.33 5.86 -85.58
CA PRO D 4084 -5.81 4.50 -85.84
C PRO D 4084 -4.37 4.33 -85.39
N ARG D 4085 -3.58 5.40 -85.42
CA ARG D 4085 -2.18 5.34 -85.04
C ARG D 4085 -2.01 5.27 -83.52
N GLY D 4086 -2.97 5.80 -82.76
CA GLY D 4086 -2.95 5.71 -81.32
C GLY D 4086 -2.42 6.92 -80.58
N LEU D 4087 -2.03 7.97 -81.30
CA LEU D 4087 -1.47 9.18 -80.70
C LEU D 4087 -2.63 10.13 -80.39
N ILE D 4088 -3.08 10.16 -79.15
CA ILE D 4088 -4.26 10.95 -78.80
C ILE D 4088 -3.86 12.40 -78.53
N SER D 4089 -4.79 13.31 -78.79
CA SER D 4089 -4.56 14.73 -78.58
C SER D 4089 -4.60 15.06 -77.09
N LYS D 4090 -4.21 16.30 -76.74
CA LYS D 4090 -4.10 16.64 -75.33
C LYS D 4090 -5.41 17.18 -74.76
N LYS D 4091 -6.23 17.84 -75.58
CA LYS D 4091 -7.46 18.46 -75.08
C LYS D 4091 -8.55 17.43 -74.86
N ASP D 4092 -8.57 16.38 -75.69
CA ASP D 4092 -9.64 15.39 -75.59
C ASP D 4092 -9.44 14.48 -74.38
N PHE D 4093 -8.19 14.14 -74.08
CA PHE D 4093 -7.89 13.32 -72.92
C PHE D 4093 -8.01 14.12 -71.63
N GLN D 4094 -7.87 15.44 -71.71
CA GLN D 4094 -8.03 16.29 -70.53
C GLN D 4094 -9.49 16.40 -70.13
N LYS D 4095 -10.39 16.53 -71.11
CA LYS D 4095 -11.82 16.57 -70.80
C LYS D 4095 -12.34 15.18 -70.44
N ALA D 4096 -11.65 14.12 -70.88
CA ALA D 4096 -12.08 12.77 -70.55
C ALA D 4096 -11.78 12.45 -69.08
N MET D 4097 -10.57 12.78 -68.62
CA MET D 4097 -10.21 12.54 -67.24
C MET D 4097 -10.90 13.51 -66.29
N ASP D 4098 -11.39 14.64 -66.81
CA ASP D 4098 -12.20 15.53 -65.99
C ASP D 4098 -13.63 15.04 -65.84
N SER D 4099 -14.07 14.13 -66.71
CA SER D 4099 -15.41 13.58 -66.57
C SER D 4099 -15.49 12.60 -65.41
N GLN D 4100 -14.40 11.90 -65.11
CA GLN D 4100 -14.35 10.99 -63.97
C GLN D 4100 -14.04 11.76 -62.70
N LYS D 4101 -14.64 11.32 -61.59
CA LYS D 4101 -14.46 11.97 -60.30
C LYS D 4101 -13.24 11.48 -59.53
N GLN D 4102 -12.44 10.57 -60.10
CA GLN D 4102 -11.28 10.05 -59.40
C GLN D 4102 -10.10 11.02 -59.45
N PHE D 4103 -10.03 11.87 -60.47
CA PHE D 4103 -8.94 12.82 -60.64
C PHE D 4103 -9.49 14.24 -60.59
N THR D 4104 -8.65 15.17 -60.13
CA THR D 4104 -9.05 16.53 -59.87
C THR D 4104 -8.55 17.49 -60.93
N GLY D 4105 -8.92 18.76 -60.75
CA GLY D 4105 -8.58 19.84 -61.65
C GLY D 4105 -7.09 20.09 -61.79
N PRO D 4106 -6.41 20.48 -60.71
CA PRO D 4106 -4.95 20.69 -60.80
C PRO D 4106 -4.14 19.41 -61.01
N GLU D 4107 -4.75 18.23 -60.85
CA GLU D 4107 -4.02 16.99 -61.08
C GLU D 4107 -3.76 16.76 -62.57
N ILE D 4108 -4.73 17.10 -63.43
CA ILE D 4108 -4.63 16.66 -64.81
C ILE D 4108 -3.63 17.51 -65.61
N GLN D 4109 -3.56 18.83 -65.33
CA GLN D 4109 -2.56 19.65 -66.02
C GLN D 4109 -1.17 19.41 -65.46
N PHE D 4110 -1.08 18.80 -64.27
CA PHE D 4110 0.21 18.28 -63.81
C PHE D 4110 0.62 17.05 -64.61
N LEU D 4111 -0.35 16.18 -64.92
CA LEU D 4111 -0.04 14.95 -65.65
C LEU D 4111 0.21 15.21 -67.13
N LEU D 4112 -0.45 16.21 -67.72
CA LEU D 4112 -0.11 16.56 -69.10
C LEU D 4112 1.18 17.39 -69.17
N SER D 4113 1.54 18.09 -68.10
CA SER D 4113 2.86 18.74 -68.09
C SER D 4113 3.98 17.72 -67.90
N CYS D 4114 3.69 16.61 -67.24
CA CYS D 4114 4.67 15.54 -67.08
C CYS D 4114 4.78 14.70 -68.34
N SER D 4115 3.73 14.67 -69.16
CA SER D 4115 3.72 13.86 -70.36
C SER D 4115 4.51 14.54 -71.49
N GLU D 4116 4.78 13.77 -72.54
CA GLU D 4116 5.38 14.32 -73.74
C GLU D 4116 4.34 15.14 -74.49
N ALA D 4117 4.68 16.40 -74.79
CA ALA D 4117 3.74 17.27 -75.48
C ALA D 4117 3.57 16.86 -76.94
N ASP D 4118 4.67 16.95 -77.72
CA ASP D 4118 4.75 16.58 -79.14
C ASP D 4118 3.69 17.33 -79.96
N GLU D 4119 3.83 18.66 -79.97
CA GLU D 4119 2.91 19.60 -80.63
C GLU D 4119 1.46 19.45 -80.16
N ASN D 4120 1.29 19.08 -78.88
CA ASN D 4120 -0.01 18.97 -78.19
C ASN D 4120 -0.98 18.02 -78.87
N GLU D 4121 -0.48 17.01 -79.59
CA GLU D 4121 -1.31 16.07 -80.31
C GLU D 4121 -0.91 14.62 -80.11
N MET D 4122 0.19 14.36 -79.39
CA MET D 4122 0.66 13.00 -79.14
C MET D 4122 1.07 12.90 -77.68
N ILE D 4123 0.21 12.29 -76.86
CA ILE D 4123 0.56 11.99 -75.49
C ILE D 4123 1.09 10.57 -75.32
N ASN D 4124 0.63 9.63 -76.14
CA ASN D 4124 1.01 8.21 -76.14
C ASN D 4124 0.78 7.59 -74.76
N PHE D 4125 -0.49 7.34 -74.43
CA PHE D 4125 -0.89 6.86 -73.11
C PHE D 4125 -0.26 5.52 -72.75
N GLU D 4126 0.16 4.74 -73.75
CA GLU D 4126 0.77 3.44 -73.48
C GLU D 4126 2.16 3.58 -72.87
N GLU D 4127 2.98 4.50 -73.39
CA GLU D 4127 4.35 4.62 -72.89
C GLU D 4127 4.40 5.46 -71.62
N PHE D 4128 3.47 6.41 -71.48
CA PHE D 4128 3.42 7.21 -70.26
C PHE D 4128 2.93 6.40 -69.07
N ALA D 4129 2.25 5.28 -69.29
CA ALA D 4129 1.77 4.43 -68.20
C ALA D 4129 2.89 3.55 -67.65
N ASN D 4130 3.61 2.85 -68.53
CA ASN D 4130 4.62 1.91 -68.08
C ASN D 4130 5.97 2.56 -67.83
N ARG D 4131 6.05 3.89 -67.92
CA ARG D 4131 7.31 4.59 -67.69
C ARG D 4131 7.73 4.57 -66.23
N PHE D 4132 6.82 4.92 -65.33
CA PHE D 4132 7.10 5.02 -63.91
C PHE D 4132 6.41 3.91 -63.11
N GLN D 4133 6.28 2.73 -63.69
CA GLN D 4133 5.86 1.55 -62.94
C GLN D 4133 7.07 0.74 -62.49
N GLU D 4134 7.94 0.40 -63.44
CA GLU D 4134 9.14 -0.39 -63.14
C GLU D 4134 10.15 0.29 -62.21
N PRO D 4135 10.47 1.59 -62.33
CA PRO D 4135 11.30 2.19 -61.27
C PRO D 4135 10.57 2.44 -59.97
N ALA D 4136 9.24 2.50 -59.98
CA ALA D 4136 8.47 2.77 -58.78
C ALA D 4136 7.71 1.56 -58.27
N ARG D 4137 8.06 0.35 -58.74
CA ARG D 4137 7.47 -0.85 -58.16
C ARG D 4137 7.99 -1.11 -56.76
N ASP D 4138 9.31 -0.99 -56.55
CA ASP D 4138 9.91 -1.40 -55.28
C ASP D 4138 9.63 -0.38 -54.19
N ILE D 4139 9.73 0.91 -54.52
CA ILE D 4139 9.48 1.94 -53.52
C ILE D 4139 7.98 2.07 -53.23
N GLY D 4140 7.13 1.89 -54.25
CA GLY D 4140 5.69 1.94 -54.03
C GLY D 4140 5.18 0.76 -53.23
N PHE D 4141 5.93 -0.35 -53.28
CA PHE D 4141 5.65 -1.50 -52.41
C PHE D 4141 6.08 -1.22 -50.98
N ASN D 4142 7.24 -0.57 -50.79
CA ASN D 4142 7.80 -0.50 -49.44
C ASN D 4142 7.22 0.65 -48.63
N VAL D 4143 6.75 1.72 -49.28
CA VAL D 4143 6.00 2.72 -48.52
C VAL D 4143 4.62 2.17 -48.18
N ALA D 4144 4.15 1.17 -48.93
CA ALA D 4144 2.94 0.47 -48.55
C ALA D 4144 3.20 -0.48 -47.39
N VAL D 4145 4.40 -1.08 -47.35
CA VAL D 4145 4.78 -1.95 -46.25
C VAL D 4145 5.06 -1.14 -44.99
N LEU D 4146 5.59 0.08 -45.14
CA LEU D 4146 5.88 0.91 -43.97
C LEU D 4146 4.60 1.41 -43.32
N LEU D 4147 3.55 1.63 -44.12
CA LEU D 4147 2.29 2.09 -43.55
C LEU D 4147 1.51 0.96 -42.89
N THR D 4148 1.56 -0.25 -43.45
CA THR D 4148 0.82 -1.35 -42.84
C THR D 4148 1.55 -1.90 -41.63
N ASN D 4149 2.87 -1.73 -41.57
CA ASN D 4149 3.62 -2.18 -40.40
C ASN D 4149 3.34 -1.28 -39.22
N LEU D 4150 3.29 0.03 -39.45
CA LEU D 4150 3.07 0.96 -38.35
C LEU D 4150 1.62 0.99 -37.91
N SER D 4151 0.69 0.63 -38.80
CA SER D 4151 -0.72 0.68 -38.43
C SER D 4151 -1.12 -0.46 -37.51
N GLU D 4152 -0.70 -1.69 -37.83
CA GLU D 4152 -1.06 -2.83 -37.00
C GLU D 4152 -0.17 -2.97 -35.77
N HIS D 4153 0.92 -2.21 -35.70
CA HIS D 4153 1.72 -2.20 -34.47
C HIS D 4153 1.18 -1.19 -33.46
N VAL D 4154 1.03 0.06 -33.85
CA VAL D 4154 0.38 1.01 -32.96
C VAL D 4154 -1.01 1.33 -33.51
N PRO D 4155 -2.07 0.84 -32.87
CA PRO D 4155 -3.42 1.19 -33.29
C PRO D 4155 -3.96 2.40 -32.55
N HIS D 4156 -5.22 2.77 -32.83
CA HIS D 4156 -5.97 3.83 -32.14
C HIS D 4156 -5.27 5.18 -32.28
N ASP D 4157 -4.83 5.49 -33.49
CA ASP D 4157 -4.18 6.77 -33.79
C ASP D 4157 -4.94 7.40 -34.95
N PRO D 4158 -5.48 8.61 -34.79
CA PRO D 4158 -6.19 9.24 -35.92
C PRO D 4158 -5.27 9.73 -37.01
N ARG D 4159 -4.03 10.11 -36.67
CA ARG D 4159 -3.14 10.65 -37.69
C ARG D 4159 -2.53 9.54 -38.53
N LEU D 4160 -2.38 8.34 -37.98
CA LEU D 4160 -2.08 7.19 -38.83
C LEU D 4160 -3.31 6.74 -39.61
N ARG D 4161 -4.50 6.85 -39.01
CA ARG D 4161 -5.73 6.58 -39.75
C ARG D 4161 -5.98 7.66 -40.80
N ASN D 4162 -5.36 8.83 -40.64
CA ASN D 4162 -5.29 9.80 -41.73
C ASN D 4162 -4.40 9.28 -42.85
N PHE D 4163 -3.37 8.49 -42.50
CA PHE D 4163 -2.36 8.14 -43.51
C PHE D 4163 -2.79 6.96 -44.39
N LEU D 4164 -3.60 6.04 -43.86
CA LEU D 4164 -4.02 4.89 -44.67
C LEU D 4164 -5.16 5.25 -45.63
N GLU D 4165 -6.03 6.21 -45.25
CA GLU D 4165 -7.05 6.63 -46.20
C GLU D 4165 -6.46 7.49 -47.32
N LEU D 4166 -5.31 8.11 -47.08
CA LEU D 4166 -4.63 8.91 -48.09
C LEU D 4166 -3.83 8.07 -49.06
N ALA D 4167 -3.55 6.82 -48.72
CA ALA D 4167 -2.78 5.90 -49.52
C ALA D 4167 -3.46 4.54 -49.60
N GLU D 4168 -4.76 4.56 -49.92
CA GLU D 4168 -5.52 3.33 -49.97
C GLU D 4168 -5.18 2.50 -51.21
N SER D 4169 -4.81 3.16 -52.31
CA SER D 4169 -4.66 2.43 -53.57
C SER D 4169 -3.34 1.66 -53.63
N ILE D 4170 -2.30 2.15 -52.96
CA ILE D 4170 -1.04 1.39 -52.98
C ILE D 4170 -1.08 0.23 -52.00
N LEU D 4171 -2.08 0.16 -51.12
CA LEU D 4171 -2.26 -1.02 -50.29
C LEU D 4171 -3.10 -2.09 -50.98
N GLU D 4172 -4.22 -1.72 -51.59
CA GLU D 4172 -5.09 -2.71 -52.22
C GLU D 4172 -4.49 -3.28 -53.50
N TYR D 4173 -3.57 -2.54 -54.13
CA TYR D 4173 -2.89 -3.06 -55.31
C TYR D 4173 -1.81 -4.07 -54.92
N PHE D 4174 -1.14 -3.83 -53.80
CA PHE D 4174 -0.07 -4.70 -53.32
C PHE D 4174 -0.52 -5.68 -52.24
N ARG D 4175 -1.84 -5.89 -52.08
CA ARG D 4175 -2.29 -6.87 -51.09
C ARG D 4175 -2.06 -8.34 -51.53
N PRO D 4176 -2.33 -8.77 -52.77
CA PRO D 4176 -1.94 -10.14 -53.12
C PRO D 4176 -0.44 -10.34 -53.32
N TYR D 4177 0.36 -9.28 -53.33
CA TYR D 4177 1.82 -9.41 -53.41
C TYR D 4177 2.49 -9.33 -52.05
N LEU D 4178 1.82 -8.77 -51.05
CA LEU D 4178 2.34 -8.72 -49.69
C LEU D 4178 1.89 -9.96 -48.95
N GLY D 4179 2.83 -10.63 -48.28
CA GLY D 4179 2.53 -11.73 -47.38
C GLY D 4179 2.93 -11.37 -45.96
N ARG D 4180 1.99 -11.55 -45.04
CA ARG D 4180 2.25 -11.35 -43.62
C ARG D 4180 2.39 -12.70 -42.94
N ILE D 4181 3.51 -12.89 -42.26
CA ILE D 4181 3.86 -14.13 -41.58
C ILE D 4181 4.43 -13.78 -40.21
N GLU D 4182 4.19 -14.64 -39.24
CA GLU D 4182 4.66 -14.43 -37.87
C GLU D 4182 5.50 -15.60 -37.42
N ILE D 4183 6.67 -15.30 -36.85
CA ILE D 4183 7.52 -16.29 -36.20
C ILE D 4183 7.62 -15.91 -34.73
N MET D 4184 8.08 -16.87 -33.92
CA MET D 4184 8.19 -16.67 -32.47
C MET D 4184 9.61 -16.97 -32.04
N GLY D 4185 10.35 -15.92 -31.69
CA GLY D 4185 11.72 -16.03 -31.21
C GLY D 4185 12.04 -14.80 -30.40
N ALA D 4186 13.33 -14.70 -30.02
CA ALA D 4186 13.88 -13.58 -29.26
C ALA D 4186 13.15 -13.37 -27.95
N SER D 4187 13.33 -14.32 -27.01
CA SER D 4187 12.70 -14.35 -25.68
C SER D 4187 11.18 -14.41 -25.78
N ARG D 4188 10.68 -15.39 -26.55
CA ARG D 4188 9.28 -15.82 -26.59
C ARG D 4188 8.33 -14.73 -27.06
N ARG D 4189 8.81 -13.75 -27.82
CA ARG D 4189 7.96 -12.69 -28.32
C ARG D 4189 7.65 -12.89 -29.80
N ILE D 4190 6.37 -12.94 -30.14
CA ILE D 4190 5.95 -13.08 -31.54
C ILE D 4190 6.10 -11.74 -32.25
N GLU D 4191 6.64 -11.80 -33.47
CA GLU D 4191 6.77 -10.64 -34.33
C GLU D 4191 6.12 -10.96 -35.67
N ARG D 4192 5.70 -9.91 -36.38
CA ARG D 4192 5.10 -10.05 -37.70
C ARG D 4192 6.14 -9.72 -38.77
N ILE D 4193 6.40 -10.69 -39.65
CA ILE D 4193 7.46 -10.58 -40.65
C ILE D 4193 6.80 -10.26 -41.98
N TYR D 4194 7.32 -9.25 -42.68
CA TYR D 4194 6.74 -8.82 -43.95
C TYR D 4194 7.72 -9.11 -45.09
N PHE D 4195 7.20 -9.70 -46.16
CA PHE D 4195 8.00 -10.09 -47.33
C PHE D 4195 7.18 -9.85 -48.59
N GLU D 4196 7.73 -10.25 -49.74
CA GLU D 4196 7.10 -10.01 -51.03
C GLU D 4196 6.87 -11.33 -51.75
N ILE D 4197 5.72 -11.46 -52.39
CA ILE D 4197 5.41 -12.58 -53.28
C ILE D 4197 5.43 -12.05 -54.71
N SER D 4198 6.31 -12.59 -55.54
CA SER D 4198 6.34 -12.20 -56.94
C SER D 4198 5.16 -12.81 -57.69
N GLU D 4199 4.94 -12.33 -58.91
CA GLU D 4199 3.79 -12.77 -59.69
C GLU D 4199 3.96 -14.20 -60.21
N THR D 4200 5.21 -14.65 -60.35
CA THR D 4200 5.44 -15.99 -60.91
C THR D 4200 5.19 -17.06 -59.86
N ASN D 4201 5.43 -16.75 -58.58
CA ASN D 4201 5.31 -17.75 -57.54
C ASN D 4201 3.85 -18.04 -57.19
N ARG D 4202 2.99 -17.03 -57.26
CA ARG D 4202 1.60 -17.24 -56.92
C ARG D 4202 0.81 -17.82 -58.09
N ALA D 4203 1.28 -17.56 -59.32
CA ALA D 4203 0.62 -18.11 -60.50
C ALA D 4203 0.83 -19.62 -60.61
N GLN D 4204 1.98 -20.13 -60.15
CA GLN D 4204 2.17 -21.57 -60.12
C GLN D 4204 1.63 -22.20 -58.84
N TRP D 4205 1.24 -21.40 -57.85
CA TRP D 4205 0.63 -21.96 -56.65
C TRP D 4205 -0.80 -22.40 -56.90
N GLU D 4206 -1.55 -21.63 -57.68
CA GLU D 4206 -2.94 -21.98 -57.99
C GLU D 4206 -3.02 -22.68 -59.34
N MET D 4207 -2.47 -23.90 -59.37
CA MET D 4207 -2.59 -24.80 -60.50
C MET D 4207 -2.99 -26.16 -59.94
N PRO D 4208 -3.76 -26.96 -60.69
CA PRO D 4208 -4.36 -28.17 -60.10
C PRO D 4208 -3.38 -29.25 -59.70
N GLN D 4209 -2.19 -29.30 -60.30
CA GLN D 4209 -1.22 -30.31 -59.89
C GLN D 4209 -0.60 -29.96 -58.54
N VAL D 4210 -0.56 -28.67 -58.22
CA VAL D 4210 0.02 -28.27 -56.95
C VAL D 4210 -0.98 -28.46 -55.80
N LYS D 4211 -2.26 -28.15 -56.01
CA LYS D 4211 -3.22 -28.25 -54.91
C LYS D 4211 -3.66 -29.69 -54.66
N GLU D 4212 -3.45 -30.59 -55.63
CA GLU D 4212 -3.79 -31.99 -55.37
C GLU D 4212 -2.77 -32.62 -54.43
N SER D 4213 -1.50 -32.18 -54.49
CA SER D 4213 -0.54 -32.60 -53.48
C SER D 4213 -0.80 -31.88 -52.16
N LYS D 4214 -1.42 -30.69 -52.23
CA LYS D 4214 -1.80 -29.98 -51.02
C LYS D 4214 -2.98 -30.66 -50.33
N ARG D 4215 -3.91 -31.21 -51.12
CA ARG D 4215 -5.10 -31.83 -50.54
C ARG D 4215 -4.77 -33.16 -49.85
N GLN D 4216 -3.80 -33.90 -50.38
CA GLN D 4216 -3.42 -35.16 -49.76
C GLN D 4216 -2.44 -34.95 -48.60
N PHE D 4217 -1.65 -33.88 -48.63
CA PHE D 4217 -0.72 -33.64 -47.52
C PHE D 4217 -1.45 -33.20 -46.26
N ILE D 4218 -2.50 -32.38 -46.40
CA ILE D 4218 -3.33 -32.02 -45.26
C ILE D 4218 -4.03 -33.24 -44.68
N PHE D 4219 -4.34 -34.22 -45.55
CA PHE D 4219 -5.02 -35.43 -45.11
C PHE D 4219 -4.09 -36.34 -44.31
N ASP D 4220 -2.86 -36.55 -44.77
CA ASP D 4220 -2.02 -37.53 -44.09
C ASP D 4220 -1.31 -36.99 -42.86
N VAL D 4221 -1.60 -35.75 -42.45
CA VAL D 4221 -1.00 -35.17 -41.25
C VAL D 4221 -1.99 -35.14 -40.09
N VAL D 4222 -3.19 -34.60 -40.29
CA VAL D 4222 -4.13 -34.52 -39.18
C VAL D 4222 -4.74 -35.89 -38.89
N ASN D 4223 -4.69 -36.82 -39.85
CA ASN D 4223 -5.22 -38.15 -39.59
C ASN D 4223 -4.16 -39.00 -38.88
N GLU D 4224 -3.01 -39.27 -39.50
CA GLU D 4224 -2.05 -40.20 -38.88
C GLU D 4224 -0.76 -39.52 -38.42
N GLY D 4225 -0.53 -38.27 -38.78
CA GLY D 4225 0.73 -37.63 -38.44
C GLY D 4225 0.77 -37.16 -36.99
N GLY D 4226 1.99 -37.09 -36.45
CA GLY D 4226 2.18 -36.72 -35.07
C GLY D 4226 1.99 -35.23 -34.80
N GLU D 4227 2.28 -34.85 -33.55
CA GLU D 4227 2.15 -33.48 -33.10
C GLU D 4227 3.45 -32.70 -33.23
N ALA D 4228 4.56 -33.28 -32.79
CA ALA D 4228 5.86 -32.62 -32.90
C ALA D 4228 6.43 -32.75 -34.30
N GLU D 4229 6.10 -33.83 -35.00
CA GLU D 4229 6.63 -34.09 -36.33
C GLU D 4229 5.77 -33.50 -37.44
N LYS D 4230 4.73 -32.74 -37.11
CA LYS D 4230 3.86 -32.18 -38.15
C LYS D 4230 4.49 -30.96 -38.83
N MET D 4231 5.32 -30.22 -38.09
CA MET D 4231 6.04 -29.11 -38.71
C MET D 4231 7.28 -29.61 -39.44
N GLU D 4232 7.81 -30.75 -39.03
CA GLU D 4232 8.86 -31.41 -39.80
C GLU D 4232 8.31 -31.97 -41.11
N LEU D 4233 7.02 -32.35 -41.12
CA LEU D 4233 6.39 -32.78 -42.36
C LEU D 4233 5.98 -31.58 -43.21
N PHE D 4234 5.70 -30.44 -42.58
CA PHE D 4234 5.27 -29.25 -43.32
C PHE D 4234 6.42 -28.72 -44.17
N VAL D 4235 7.62 -28.66 -43.58
CA VAL D 4235 8.78 -28.18 -44.32
C VAL D 4235 9.21 -29.19 -45.38
N SER D 4236 8.99 -30.49 -45.12
CA SER D 4236 9.22 -31.49 -46.15
C SER D 4236 8.17 -31.39 -47.25
N PHE D 4237 6.98 -30.90 -46.91
CA PHE D 4237 6.00 -30.60 -47.95
C PHE D 4237 6.37 -29.33 -48.69
N CYS D 4238 6.98 -28.35 -47.99
CA CYS D 4238 7.35 -27.10 -48.64
C CYS D 4238 8.48 -27.27 -49.64
N GLU D 4239 9.54 -28.00 -49.27
CA GLU D 4239 10.68 -28.16 -50.18
C GLU D 4239 10.32 -29.01 -51.39
N ASP D 4240 9.31 -29.89 -51.24
CA ASP D 4240 8.86 -30.68 -52.37
C ASP D 4240 8.10 -29.83 -53.37
N THR D 4241 7.34 -28.84 -52.87
CA THR D 4241 6.60 -27.97 -53.79
C THR D 4241 7.49 -26.95 -54.48
N ILE D 4242 8.61 -26.55 -53.87
CA ILE D 4242 9.58 -25.73 -54.60
C ILE D 4242 10.15 -26.50 -55.78
N PHE D 4243 10.35 -27.80 -55.59
CA PHE D 4243 10.88 -28.62 -56.66
C PHE D 4243 9.83 -28.91 -57.72
N GLU D 4244 8.57 -29.13 -57.32
CA GLU D 4244 7.60 -29.53 -58.34
C GLU D 4244 7.12 -28.33 -59.14
N MET D 4245 7.32 -27.11 -58.63
CA MET D 4245 7.18 -25.95 -59.51
C MET D 4245 8.45 -25.71 -60.32
N GLN D 4246 9.61 -26.19 -59.84
CA GLN D 4246 10.83 -26.03 -60.63
C GLN D 4246 10.84 -27.01 -61.81
N ILE D 4247 10.30 -28.22 -61.61
CA ILE D 4247 10.17 -29.13 -62.73
C ILE D 4247 9.01 -28.67 -63.62
N ALA D 4248 8.07 -27.90 -63.07
CA ALA D 4248 6.99 -27.32 -63.87
C ALA D 4248 7.47 -26.09 -64.64
N ALA D 4249 8.37 -25.30 -64.06
CA ALA D 4249 8.92 -24.16 -64.79
C ALA D 4249 9.89 -24.61 -65.87
N GLN D 4250 10.48 -25.80 -65.71
CA GLN D 4250 11.33 -26.37 -66.74
C GLN D 4250 10.50 -26.87 -67.92
N ILE D 4251 9.31 -27.40 -67.66
CA ILE D 4251 8.47 -27.98 -68.70
C ILE D 4251 7.43 -26.98 -69.21
N SER D 4252 7.52 -25.72 -68.79
CA SER D 4252 6.56 -24.73 -69.28
C SER D 4252 6.94 -24.29 -70.69
N GLU D 4253 5.92 -23.90 -71.45
CA GLU D 4253 6.11 -23.43 -72.81
C GLU D 4253 6.43 -21.94 -72.83
N UNK D 4318 -15.06 -33.89 -60.23
CA UNK D 4318 -14.70 -33.58 -61.61
C UNK D 4318 -14.67 -34.85 -62.46
N UNK D 4319 -13.82 -35.80 -62.05
CA UNK D 4319 -13.71 -37.06 -62.78
C UNK D 4319 -14.79 -38.05 -62.35
N UNK D 4320 -15.41 -37.77 -61.21
CA UNK D 4320 -16.46 -38.64 -60.69
C UNK D 4320 -17.78 -38.40 -61.43
N UNK D 4321 -18.02 -37.15 -61.80
CA UNK D 4321 -19.24 -36.79 -62.52
C UNK D 4321 -19.15 -37.23 -63.98
N UNK D 4322 -17.94 -37.30 -64.51
CA UNK D 4322 -17.72 -37.73 -65.88
C UNK D 4322 -17.82 -39.25 -65.99
N UNK D 4323 -17.43 -39.94 -64.92
CA UNK D 4323 -17.49 -41.40 -64.88
C UNK D 4323 -18.91 -41.89 -64.67
N UNK D 4324 -19.70 -41.09 -63.93
CA UNK D 4324 -21.09 -41.43 -63.67
C UNK D 4324 -21.95 -41.17 -64.90
N UNK D 4325 -21.55 -40.18 -65.69
CA UNK D 4325 -22.27 -39.84 -66.91
C UNK D 4325 -21.94 -40.83 -68.01
N UNK D 4326 -20.73 -41.37 -67.98
CA UNK D 4326 -20.30 -42.36 -68.97
C UNK D 4326 -20.92 -43.72 -68.68
N UNK D 4327 -21.16 -43.99 -67.39
CA UNK D 4327 -21.79 -45.24 -66.99
C UNK D 4327 -23.29 -45.22 -67.26
N UNK D 4328 -23.86 -44.02 -67.21
CA UNK D 4328 -25.29 -43.85 -67.46
C UNK D 4328 -25.58 -43.86 -68.95
N UNK D 4329 -24.63 -43.39 -69.74
CA UNK D 4329 -24.78 -43.36 -71.19
C UNK D 4329 -24.60 -44.75 -71.79
N UNK D 4330 -23.83 -45.59 -71.10
CA UNK D 4330 -23.59 -46.95 -71.55
C UNK D 4330 -24.72 -47.88 -71.13
N UNK D 4331 -25.35 -47.58 -70.01
CA UNK D 4331 -26.49 -48.34 -69.53
C UNK D 4331 -27.71 -48.04 -70.38
N UNK D 4332 -27.77 -46.82 -70.90
CA UNK D 4332 -28.86 -46.41 -71.78
C UNK D 4332 -28.66 -46.99 -73.17
N UNK D 4333 -27.40 -47.15 -73.56
CA UNK D 4333 -27.07 -47.70 -74.87
C UNK D 4333 -27.21 -49.22 -74.90
N UNK D 4334 -27.01 -49.84 -73.73
CA UNK D 4334 -27.17 -51.28 -73.61
C UNK D 4334 -28.66 -51.63 -73.54
N UNK D 4335 -29.45 -50.71 -73.00
CA UNK D 4335 -30.89 -50.91 -72.91
C UNK D 4335 -31.54 -50.67 -74.26
N UNK D 4336 -30.93 -49.79 -75.06
CA UNK D 4336 -31.45 -49.49 -76.39
C UNK D 4336 -31.10 -50.62 -77.36
N UNK D 4337 -29.99 -51.31 -77.09
CA UNK D 4337 -29.55 -52.41 -77.94
C UNK D 4337 -30.34 -53.67 -77.63
N UNK D 4338 -30.61 -53.90 -76.34
CA UNK D 4338 -31.37 -55.08 -75.91
C UNK D 4338 -32.86 -54.87 -76.13
N TRP D 4541 22.02 -34.34 -85.37
CA TRP D 4541 21.54 -34.93 -84.13
C TRP D 4541 20.93 -33.89 -83.21
N GLY D 4542 21.21 -32.61 -83.51
CA GLY D 4542 20.66 -31.54 -82.71
C GLY D 4542 19.19 -31.27 -82.99
N GLU D 4543 18.77 -31.48 -84.25
CA GLU D 4543 17.37 -31.24 -84.61
C GLU D 4543 16.48 -32.38 -84.14
N LEU D 4544 17.00 -33.60 -84.14
CA LEU D 4544 16.21 -34.75 -83.68
C LEU D 4544 16.10 -34.76 -82.16
N GLU D 4545 17.06 -34.13 -81.47
CA GLU D 4545 17.01 -34.05 -80.02
C GLU D 4545 16.00 -33.02 -79.55
N VAL D 4546 15.92 -31.87 -80.24
CA VAL D 4546 14.95 -30.86 -79.82
C VAL D 4546 13.54 -31.28 -80.24
N GLN D 4547 13.44 -32.13 -81.27
CA GLN D 4547 12.13 -32.68 -81.63
C GLN D 4547 11.70 -33.76 -80.64
N ARG D 4548 12.66 -34.34 -79.92
CA ARG D 4548 12.34 -35.31 -78.88
C ARG D 4548 11.85 -34.61 -77.61
N VAL D 4549 12.50 -33.50 -77.24
CA VAL D 4549 12.07 -32.77 -76.05
C VAL D 4549 10.83 -31.92 -76.35
N LYS D 4550 10.49 -31.74 -77.62
CA LYS D 4550 9.22 -31.09 -77.95
C LYS D 4550 8.06 -32.07 -77.86
N PHE D 4551 8.31 -33.34 -78.21
CA PHE D 4551 7.26 -34.35 -78.12
C PHE D 4551 7.05 -34.81 -76.68
N LEU D 4552 8.13 -34.87 -75.90
CA LEU D 4552 8.00 -35.26 -74.50
C LEU D 4552 7.34 -34.16 -73.68
N ASN D 4553 7.53 -32.90 -74.07
CA ASN D 4553 6.91 -31.80 -73.34
C ASN D 4553 5.47 -31.56 -73.77
N TYR D 4554 5.15 -31.81 -75.04
CA TYR D 4554 3.76 -31.71 -75.50
C TYR D 4554 2.89 -32.77 -74.85
N LEU D 4555 3.47 -33.94 -74.59
CA LEU D 4555 2.70 -35.04 -74.01
C LEU D 4555 2.50 -34.81 -72.51
N SER D 4556 3.47 -34.23 -71.83
CA SER D 4556 3.42 -34.14 -70.38
C SER D 4556 2.52 -33.02 -69.89
N ARG D 4557 2.29 -31.98 -70.69
CA ARG D 4557 1.29 -30.97 -70.31
C ARG D 4557 -0.13 -31.47 -70.53
N ASN D 4558 -0.31 -32.55 -71.28
CA ASN D 4558 -1.62 -33.14 -71.54
C ASN D 4558 -1.70 -34.52 -70.90
N PHE D 4559 -1.13 -34.65 -69.70
CA PHE D 4559 -1.11 -35.96 -69.04
C PHE D 4559 -2.48 -36.32 -68.47
N TYR D 4560 -3.24 -35.32 -68.02
CA TYR D 4560 -4.59 -35.60 -67.51
C TYR D 4560 -5.57 -35.82 -68.65
N THR D 4561 -5.36 -35.15 -69.78
CA THR D 4561 -6.22 -35.34 -70.95
C THR D 4561 -5.96 -36.71 -71.58
N LEU D 4562 -4.71 -37.17 -71.55
CA LEU D 4562 -4.34 -38.42 -72.21
C LEU D 4562 -4.90 -39.63 -71.47
N ARG D 4563 -5.01 -39.54 -70.14
CA ARG D 4563 -5.58 -40.67 -69.40
C ARG D 4563 -7.10 -40.66 -69.39
N PHE D 4564 -7.67 -39.47 -69.67
CA PHE D 4564 -9.14 -39.34 -69.77
C PHE D 4564 -9.58 -40.08 -71.05
N LEU D 4565 -8.82 -39.90 -72.13
CA LEU D 4565 -9.08 -40.59 -73.38
C LEU D 4565 -8.67 -42.06 -73.26
N ALA D 4566 -7.74 -42.36 -72.37
CA ALA D 4566 -7.35 -43.76 -72.16
C ALA D 4566 -8.43 -44.53 -71.41
N LEU D 4567 -9.20 -43.85 -70.56
CA LEU D 4567 -10.28 -44.51 -69.83
C LEU D 4567 -11.57 -44.52 -70.64
N PHE D 4568 -11.82 -43.45 -71.40
CA PHE D 4568 -12.98 -43.39 -72.30
C PHE D 4568 -12.88 -44.44 -73.39
N LEU D 4569 -11.67 -44.66 -73.92
CA LEU D 4569 -11.50 -45.69 -74.93
C LEU D 4569 -11.42 -47.08 -74.28
N ALA D 4570 -11.11 -47.12 -72.98
CA ALA D 4570 -11.18 -48.39 -72.24
C ALA D 4570 -12.62 -48.81 -72.02
N PHE D 4571 -13.52 -47.84 -71.78
CA PHE D 4571 -14.92 -48.17 -71.59
C PHE D 4571 -15.60 -48.40 -72.95
N ALA D 4572 -15.02 -47.84 -74.01
CA ALA D 4572 -15.60 -47.96 -75.34
C ALA D 4572 -15.37 -49.35 -75.93
N ILE D 4573 -14.22 -49.96 -75.64
CA ILE D 4573 -13.92 -51.27 -76.22
C ILE D 4573 -14.61 -52.38 -75.41
N ASN D 4574 -14.98 -52.11 -74.15
CA ASN D 4574 -15.73 -53.10 -73.39
C ASN D 4574 -17.24 -52.90 -73.47
N PHE D 4575 -17.70 -51.77 -73.98
CA PHE D 4575 -19.13 -51.65 -74.26
C PHE D 4575 -19.50 -52.42 -75.52
N ILE D 4576 -18.64 -52.36 -76.55
CA ILE D 4576 -18.92 -53.04 -77.81
C ILE D 4576 -18.71 -54.55 -77.69
N LEU D 4577 -17.96 -54.99 -76.67
CA LEU D 4577 -17.66 -56.41 -76.48
C LEU D 4577 -18.86 -57.20 -75.95
N LEU D 4578 -19.91 -56.52 -75.49
CA LEU D 4578 -21.13 -57.15 -74.97
C LEU D 4578 -21.92 -57.92 -76.01
N PHE D 4579 -21.60 -57.80 -77.30
CA PHE D 4579 -22.36 -58.45 -78.36
C PHE D 4579 -21.61 -59.63 -78.99
N TYR D 4580 -20.84 -60.38 -78.20
CA TYR D 4580 -20.20 -61.57 -78.71
C TYR D 4580 -21.13 -62.76 -78.63
N LYS D 4581 -20.85 -63.77 -79.47
CA LYS D 4581 -21.68 -64.96 -79.57
C LYS D 4581 -20.78 -66.16 -79.86
N VAL D 4582 -21.15 -67.31 -79.27
CA VAL D 4582 -20.50 -68.59 -79.55
C VAL D 4582 -21.46 -69.43 -80.37
N SER D 4583 -20.91 -70.19 -81.32
CA SER D 4583 -21.71 -71.08 -82.15
C SER D 4583 -20.88 -72.29 -82.52
N ASP D 4584 -21.58 -73.40 -82.78
CA ASP D 4584 -20.93 -74.56 -83.37
C ASP D 4584 -20.67 -74.37 -84.86
N SER D 4585 -21.45 -73.51 -85.52
CA SER D 4585 -21.31 -73.24 -86.95
C SER D 4585 -20.17 -72.26 -87.20
N PRO D 4586 -19.46 -72.39 -88.33
CA PRO D 4586 -18.45 -71.40 -88.67
C PRO D 4586 -19.10 -70.09 -89.09
N PRO D 4587 -18.41 -68.95 -88.93
CA PRO D 4587 -18.96 -67.65 -89.33
C PRO D 4587 -19.09 -67.49 -90.84
N ASN D 4626 -15.32 -77.32 -83.40
CA ASN D 4626 -15.08 -76.60 -82.15
C ASN D 4626 -15.73 -75.20 -82.17
N MET D 4627 -15.81 -74.58 -81.01
CA MET D 4627 -16.49 -73.29 -80.90
C MET D 4627 -15.61 -72.16 -81.43
N VAL D 4628 -16.22 -71.23 -82.14
CA VAL D 4628 -15.55 -70.04 -82.64
C VAL D 4628 -16.13 -68.81 -81.93
N TYR D 4629 -15.35 -67.75 -81.88
CA TYR D 4629 -15.77 -66.49 -81.26
C TYR D 4629 -15.94 -65.47 -82.37
N TYR D 4630 -17.18 -65.25 -82.79
CA TYR D 4630 -17.48 -64.30 -83.84
C TYR D 4630 -18.42 -63.23 -83.30
N PHE D 4631 -18.37 -62.06 -83.93
CA PHE D 4631 -19.14 -60.91 -83.47
C PHE D 4631 -20.47 -60.86 -84.19
N LEU D 4632 -21.51 -60.43 -83.47
CA LEU D 4632 -22.85 -60.28 -84.02
C LEU D 4632 -23.25 -58.82 -83.91
N GLU D 4633 -23.78 -58.27 -85.00
CA GLU D 4633 -24.33 -56.93 -85.01
C GLU D 4633 -25.47 -56.86 -86.01
N GLU D 4634 -26.46 -56.03 -85.72
CA GLU D 4634 -27.62 -55.85 -86.58
C GLU D 4634 -27.45 -54.56 -87.37
N SER D 4635 -27.39 -54.70 -88.71
CA SER D 4635 -27.31 -53.60 -89.67
C SER D 4635 -26.08 -52.72 -89.46
N THR D 4636 -24.98 -53.32 -88.99
CA THR D 4636 -23.70 -52.61 -88.85
C THR D 4636 -22.58 -53.63 -89.04
N GLY D 4637 -21.66 -53.33 -89.95
CA GLY D 4637 -20.53 -54.20 -90.20
C GLY D 4637 -19.20 -53.53 -89.94
N TYR D 4638 -19.27 -52.35 -89.35
CA TYR D 4638 -18.10 -51.52 -89.08
C TYR D 4638 -17.55 -51.76 -87.67
N MET D 4639 -18.23 -52.59 -86.87
CA MET D 4639 -17.90 -52.71 -85.47
C MET D 4639 -16.64 -53.56 -85.26
N GLU D 4640 -16.41 -54.53 -86.14
CA GLU D 4640 -15.21 -55.36 -86.02
C GLU D 4640 -13.94 -54.67 -86.50
N PRO D 4641 -13.91 -53.87 -87.58
CA PRO D 4641 -12.72 -53.02 -87.80
C PRO D 4641 -12.57 -51.89 -86.80
N ALA D 4642 -13.64 -51.50 -86.11
CA ALA D 4642 -13.52 -50.47 -85.09
C ALA D 4642 -12.80 -50.99 -83.85
N LEU D 4643 -13.13 -52.23 -83.43
CA LEU D 4643 -12.49 -52.80 -82.25
C LEU D 4643 -11.03 -53.13 -82.50
N TRP D 4644 -10.68 -53.44 -83.76
CA TRP D 4644 -9.28 -53.60 -84.13
C TRP D 4644 -8.57 -52.25 -84.18
N CYS D 4645 -9.31 -51.17 -84.42
CA CYS D 4645 -8.71 -49.85 -84.46
C CYS D 4645 -8.55 -49.26 -83.06
N LEU D 4646 -9.51 -49.54 -82.16
CA LEU D 4646 -9.45 -48.95 -80.83
C LEU D 4646 -8.49 -49.69 -79.92
N SER D 4647 -8.19 -50.96 -80.24
CA SER D 4647 -7.25 -51.73 -79.43
C SER D 4647 -5.81 -51.29 -79.71
N LEU D 4648 -5.50 -51.00 -80.97
CA LEU D 4648 -4.20 -50.42 -81.28
C LEU D 4648 -4.10 -48.99 -80.79
N LEU D 4649 -5.23 -48.29 -80.69
CA LEU D 4649 -5.20 -46.92 -80.20
C LEU D 4649 -5.07 -46.89 -78.67
N HIS D 4650 -5.57 -47.93 -78.00
CA HIS D 4650 -5.47 -47.98 -76.54
C HIS D 4650 -4.08 -48.40 -76.09
N THR D 4651 -3.44 -49.32 -76.83
CA THR D 4651 -2.09 -49.75 -76.48
C THR D 4651 -1.08 -48.64 -76.76
N LEU D 4652 -1.34 -47.84 -77.79
CA LEU D 4652 -0.48 -46.69 -78.07
C LEU D 4652 -0.64 -45.62 -77.00
N VAL D 4653 -1.87 -45.34 -76.57
CA VAL D 4653 -2.09 -44.27 -75.60
C VAL D 4653 -1.67 -44.72 -74.20
N ALA D 4654 -1.65 -46.03 -73.96
CA ALA D 4654 -1.15 -46.52 -72.67
C ALA D 4654 0.36 -46.40 -72.60
N PHE D 4655 1.06 -46.58 -73.72
CA PHE D 4655 2.51 -46.53 -73.73
C PHE D 4655 3.00 -45.09 -73.62
N LEU D 4656 2.25 -44.13 -74.19
CA LEU D 4656 2.58 -42.73 -73.99
C LEU D 4656 2.33 -42.29 -72.56
N CYS D 4657 1.40 -42.95 -71.87
CA CYS D 4657 1.17 -42.63 -70.45
C CYS D 4657 2.32 -43.13 -69.58
N ILE D 4658 2.94 -44.25 -69.96
CA ILE D 4658 4.07 -44.77 -69.20
C ILE D 4658 5.29 -43.86 -69.37
N ILE D 4659 5.56 -43.41 -70.60
CA ILE D 4659 6.69 -42.54 -70.84
C ILE D 4659 6.42 -41.14 -70.28
N GLY D 4660 5.14 -40.78 -70.14
CA GLY D 4660 4.81 -39.53 -69.49
C GLY D 4660 5.03 -39.57 -67.98
N TYR D 4661 4.71 -40.71 -67.35
CA TYR D 4661 4.95 -40.84 -65.92
C TYR D 4661 6.44 -41.04 -65.66
N ASN D 4662 7.15 -41.59 -66.66
CA ASN D 4662 8.61 -41.69 -66.61
C ASN D 4662 9.30 -40.39 -67.01
N CYS D 4663 8.52 -39.36 -67.36
CA CYS D 4663 9.10 -38.05 -67.60
C CYS D 4663 8.81 -37.08 -66.46
N LEU D 4664 7.64 -37.19 -65.82
CA LEU D 4664 7.14 -36.15 -64.94
C LEU D 4664 7.35 -36.46 -63.45
N LYS D 4665 6.82 -37.58 -62.98
CA LYS D 4665 6.83 -37.87 -61.54
C LYS D 4665 8.02 -38.71 -61.08
N VAL D 4666 8.73 -39.40 -61.98
CA VAL D 4666 9.91 -40.11 -61.53
C VAL D 4666 11.10 -39.20 -61.14
N PRO D 4667 11.25 -37.93 -61.59
CA PRO D 4667 12.21 -37.09 -60.86
C PRO D 4667 11.70 -36.68 -59.48
N LEU D 4668 10.39 -36.75 -59.25
CA LEU D 4668 9.85 -36.39 -57.94
C LEU D 4668 10.09 -37.50 -56.92
N VAL D 4669 10.02 -38.75 -57.35
CA VAL D 4669 10.07 -39.86 -56.41
C VAL D 4669 11.52 -40.19 -56.03
N ILE D 4670 12.49 -39.80 -56.86
CA ILE D 4670 13.88 -39.90 -56.43
C ILE D 4670 14.21 -38.77 -55.47
N PHE D 4671 13.64 -37.58 -55.71
CA PHE D 4671 13.97 -36.40 -54.91
C PHE D 4671 13.57 -36.58 -53.45
N LYS D 4672 12.48 -37.31 -53.19
CA LYS D 4672 12.11 -37.52 -51.79
C LYS D 4672 12.97 -38.59 -51.13
N ARG D 4673 13.60 -39.48 -51.92
CA ARG D 4673 14.43 -40.50 -51.29
C ARG D 4673 15.84 -39.99 -51.06
N GLU D 4674 16.42 -39.21 -51.98
CA GLU D 4674 17.75 -38.69 -51.69
C GLU D 4674 17.69 -37.44 -50.82
N LYS D 4675 16.49 -36.92 -50.54
CA LYS D 4675 16.35 -35.94 -49.47
C LYS D 4675 16.35 -36.62 -48.11
N GLU D 4676 15.62 -37.73 -47.99
CA GLU D 4676 15.54 -38.41 -46.70
C GLU D 4676 16.84 -39.13 -46.35
N LEU D 4677 17.61 -39.59 -47.33
CA LEU D 4677 18.81 -40.35 -47.00
C LEU D 4677 19.97 -39.42 -46.70
N ALA D 4678 20.07 -38.30 -47.42
CA ALA D 4678 21.19 -37.38 -47.23
C ALA D 4678 21.10 -36.67 -45.88
N ARG D 4679 19.89 -36.56 -45.34
CA ARG D 4679 19.74 -36.12 -43.96
C ARG D 4679 19.83 -37.30 -42.99
N LYS D 4680 19.55 -38.52 -43.48
CA LYS D 4680 19.80 -39.71 -42.67
C LYS D 4680 21.30 -40.00 -42.56
N LEU D 4681 22.08 -39.60 -43.56
CA LEU D 4681 23.53 -39.81 -43.49
C LEU D 4681 24.22 -38.78 -42.61
N GLU D 4682 23.80 -37.52 -42.67
CA GLU D 4682 24.59 -36.45 -42.06
C GLU D 4682 24.18 -36.18 -40.62
N PHE D 4683 22.88 -36.21 -40.31
CA PHE D 4683 22.43 -35.86 -38.98
C PHE D 4683 22.62 -37.01 -37.99
N ASP D 4684 21.88 -38.11 -38.16
CA ASP D 4684 21.96 -39.22 -37.23
C ASP D 4684 22.92 -40.33 -37.70
N GLY D 4685 23.46 -40.24 -38.92
CA GLY D 4685 24.50 -41.16 -39.35
C GLY D 4685 24.06 -42.59 -39.61
N LEU D 4686 23.28 -42.80 -40.68
CA LEU D 4686 22.67 -44.11 -40.92
C LEU D 4686 23.68 -45.13 -41.45
N TYR D 4687 24.70 -44.68 -42.19
CA TYR D 4687 25.65 -45.60 -42.82
C TYR D 4687 27.09 -45.43 -42.36
N ILE D 4688 27.34 -44.66 -41.30
CA ILE D 4688 28.70 -44.38 -40.84
C ILE D 4688 28.94 -44.85 -39.41
N THR D 4689 27.95 -44.70 -38.53
CA THR D 4689 28.08 -45.14 -37.14
C THR D 4689 27.28 -46.40 -36.85
N GLU D 4690 26.09 -46.53 -37.42
CA GLU D 4690 25.26 -47.72 -37.28
C GLU D 4690 25.07 -48.33 -38.66
N GLN D 4691 24.42 -49.49 -38.69
CA GLN D 4691 24.09 -50.18 -39.92
C GLN D 4691 22.76 -50.87 -39.72
N PRO D 4692 21.88 -50.87 -40.75
CA PRO D 4692 20.59 -51.56 -40.66
C PRO D 4692 20.75 -53.08 -40.58
N ASP D 4696 15.37 -54.25 -43.05
CA ASP D 4696 14.74 -53.45 -44.08
C ASP D 4696 15.50 -53.58 -45.41
N VAL D 4697 14.75 -53.81 -46.49
CA VAL D 4697 15.38 -53.96 -47.80
C VAL D 4697 15.76 -52.58 -48.36
N LYS D 4698 15.10 -51.51 -47.87
CA LYS D 4698 15.38 -50.17 -48.36
C LYS D 4698 16.73 -49.67 -47.87
N GLY D 4699 17.21 -50.20 -46.74
CA GLY D 4699 18.49 -49.77 -46.22
C GLY D 4699 19.68 -50.35 -46.98
N GLN D 4700 19.54 -51.60 -47.46
CA GLN D 4700 20.63 -52.25 -48.16
C GLN D 4700 20.61 -51.99 -49.67
N TRP D 4701 19.43 -51.71 -50.24
CA TRP D 4701 19.39 -51.31 -51.65
C TRP D 4701 19.98 -49.93 -51.86
N ASP D 4702 19.91 -49.08 -50.83
CA ASP D 4702 20.44 -47.72 -50.93
C ASP D 4702 21.96 -47.66 -50.86
N ARG D 4703 22.65 -48.79 -50.65
CA ARG D 4703 24.10 -48.81 -50.60
C ARG D 4703 24.75 -48.65 -51.98
N LEU D 4704 23.99 -48.88 -53.05
CA LEU D 4704 24.51 -48.79 -54.41
C LEU D 4704 24.56 -47.36 -54.93
N VAL D 4705 24.11 -46.37 -54.17
CA VAL D 4705 24.05 -44.99 -54.64
C VAL D 4705 25.05 -44.06 -53.93
N LEU D 4706 25.71 -44.51 -52.86
CA LEU D 4706 26.69 -43.62 -52.22
C LEU D 4706 27.98 -43.50 -53.03
N ASN D 4707 28.40 -44.56 -53.72
CA ASN D 4707 29.65 -44.51 -54.46
C ASN D 4707 29.52 -43.99 -55.90
N THR D 4708 28.34 -43.49 -56.29
CA THR D 4708 28.35 -42.87 -57.62
C THR D 4708 28.61 -41.37 -57.51
N PRO D 4709 29.31 -40.76 -58.48
CA PRO D 4709 29.50 -39.30 -58.43
C PRO D 4709 28.25 -38.52 -58.81
N SER D 4710 27.25 -39.16 -59.41
CA SER D 4710 25.98 -38.53 -59.75
C SER D 4710 24.92 -38.80 -58.67
N PHE D 4711 25.38 -38.88 -57.43
CA PHE D 4711 24.47 -38.93 -56.28
C PHE D 4711 23.60 -37.67 -56.17
N PRO D 4712 24.13 -36.41 -56.07
CA PRO D 4712 23.22 -35.30 -55.78
C PRO D 4712 22.62 -34.66 -57.03
N SER D 4713 22.64 -35.39 -58.15
CA SER D 4713 22.32 -34.84 -59.46
C SER D 4713 20.87 -34.36 -59.56
N ASN D 4714 19.96 -34.93 -58.78
CA ASN D 4714 18.57 -34.51 -58.78
C ASN D 4714 18.19 -33.98 -57.38
N TYR D 4715 19.12 -33.25 -56.78
CA TYR D 4715 18.94 -32.74 -55.42
C TYR D 4715 19.52 -31.33 -55.35
N TRP D 4716 18.91 -30.50 -54.50
CA TRP D 4716 19.37 -29.12 -54.40
C TRP D 4716 20.69 -29.02 -53.65
N ASP D 4717 20.95 -29.93 -52.71
CA ASP D 4717 22.23 -29.94 -52.00
C ASP D 4717 23.18 -30.91 -52.70
N LYS D 4718 24.36 -30.40 -53.05
CA LYS D 4718 25.39 -31.22 -53.65
C LYS D 4718 26.69 -31.29 -52.85
N PHE D 4719 26.84 -30.48 -51.81
CA PHE D 4719 28.01 -30.54 -50.94
C PHE D 4719 27.73 -31.37 -49.69
N VAL D 4720 26.91 -32.43 -49.83
CA VAL D 4720 26.49 -33.20 -48.65
C VAL D 4720 27.63 -34.09 -48.15
N LYS D 4721 28.53 -34.50 -49.05
CA LYS D 4721 29.60 -35.41 -48.66
C LYS D 4721 30.70 -34.66 -47.88
N ARG D 4722 30.86 -33.37 -48.16
CA ARG D 4722 31.79 -32.55 -47.38
C ARG D 4722 31.14 -32.05 -46.08
N LYS D 4723 29.81 -32.12 -45.98
CA LYS D 4723 29.17 -31.88 -44.69
C LYS D 4723 29.50 -32.99 -43.70
N VAL D 4724 29.49 -34.24 -44.16
CA VAL D 4724 29.61 -35.37 -43.25
C VAL D 4724 31.07 -35.76 -43.03
N LEU D 4725 31.98 -35.35 -43.92
CA LEU D 4725 33.39 -35.61 -43.67
C LEU D 4725 33.94 -34.58 -42.69
N ASP D 4726 33.42 -33.35 -42.70
CA ASP D 4726 33.79 -32.38 -41.70
C ASP D 4726 33.09 -32.63 -40.37
N LYS D 4727 32.08 -33.48 -40.36
CA LYS D 4727 31.35 -33.81 -39.13
C LYS D 4727 31.87 -35.08 -38.47
N HIS D 4728 32.11 -36.14 -39.25
CA HIS D 4728 32.53 -37.42 -38.70
C HIS D 4728 33.84 -37.92 -39.29
N GLY D 4729 34.74 -37.00 -39.65
CA GLY D 4729 36.02 -37.39 -40.19
C GLY D 4729 37.16 -37.39 -39.20
N ASP D 4730 36.90 -37.01 -37.95
CA ASP D 4730 37.88 -37.05 -36.88
C ASP D 4730 37.67 -38.23 -35.94
N ILE D 4731 36.42 -38.68 -35.77
CA ILE D 4731 36.16 -39.78 -34.84
C ILE D 4731 36.53 -41.14 -35.44
N PHE D 4732 36.58 -41.27 -36.76
CA PHE D 4732 36.93 -42.50 -37.46
C PHE D 4732 38.05 -42.22 -38.45
N GLY D 4733 38.46 -43.28 -39.17
CA GLY D 4733 39.45 -43.12 -40.21
C GLY D 4733 38.84 -42.43 -41.42
N ARG D 4734 39.44 -41.32 -41.86
CA ARG D 4734 38.83 -40.51 -42.91
C ARG D 4734 39.03 -41.14 -44.28
N GLU D 4735 40.04 -42.01 -44.42
CA GLU D 4735 40.24 -42.71 -45.69
C GLU D 4735 39.18 -43.78 -45.90
N ARG D 4736 38.65 -44.33 -44.80
CA ARG D 4736 37.60 -45.34 -44.89
C ARG D 4736 36.25 -44.70 -45.23
N ILE D 4737 35.97 -43.53 -44.65
CA ILE D 4737 34.69 -42.87 -44.94
C ILE D 4737 34.71 -42.26 -46.34
N ALA D 4738 35.90 -41.90 -46.84
CA ALA D 4738 36.00 -41.43 -48.22
C ALA D 4738 35.85 -42.57 -49.22
N GLU D 4739 36.27 -43.78 -48.84
CA GLU D 4739 36.06 -44.94 -49.71
C GLU D 4739 34.62 -45.44 -49.60
N LEU D 4740 33.96 -45.16 -48.47
CA LEU D 4740 32.55 -45.47 -48.31
C LEU D 4740 31.67 -44.52 -49.11
N LEU D 4741 32.06 -43.26 -49.21
CA LEU D 4741 31.27 -42.22 -49.85
C LEU D 4741 31.58 -42.06 -51.34
N GLY D 4742 32.53 -42.82 -51.87
CA GLY D 4742 32.83 -42.79 -53.29
C GLY D 4742 33.44 -41.50 -53.80
N MET D 4743 34.02 -40.70 -52.91
CA MET D 4743 34.59 -39.41 -53.28
C MET D 4743 35.92 -39.65 -53.99
N ASP D 4744 35.92 -39.50 -55.31
CA ASP D 4744 37.10 -39.75 -56.12
C ASP D 4744 38.09 -38.61 -55.93
N LEU D 4745 39.30 -38.95 -55.44
CA LEU D 4745 40.39 -38.03 -55.16
C LEU D 4745 39.97 -36.96 -54.15
N ALA D 4746 39.69 -37.44 -52.94
CA ALA D 4746 39.18 -36.54 -51.90
C ALA D 4746 40.24 -35.57 -51.41
N SER D 4747 41.51 -35.94 -51.48
CA SER D 4747 42.59 -35.03 -51.13
C SER D 4747 43.09 -34.23 -52.34
N LEU D 4748 42.47 -34.38 -53.51
CA LEU D 4748 42.90 -33.68 -54.70
C LEU D 4748 41.79 -32.84 -55.30
N GLU D 4749 40.53 -33.30 -55.21
CA GLU D 4749 39.43 -32.51 -55.74
C GLU D 4749 39.10 -31.34 -54.81
N ILE D 4750 39.36 -31.50 -53.51
CA ILE D 4750 39.13 -30.42 -52.56
C ILE D 4750 40.18 -29.33 -52.72
N THR D 4751 41.39 -29.72 -53.12
CA THR D 4751 42.42 -28.72 -53.42
C THR D 4751 42.19 -28.09 -54.79
N ALA D 4752 41.61 -28.85 -55.72
CA ALA D 4752 41.31 -28.28 -57.04
C ALA D 4752 40.13 -27.34 -56.99
N HIS D 4753 39.14 -27.62 -56.13
CA HIS D 4753 38.00 -26.73 -56.01
C HIS D 4753 38.33 -25.47 -55.21
N ASN D 4754 39.37 -25.51 -54.38
CA ASN D 4754 39.72 -24.32 -53.60
C ASN D 4754 40.50 -23.32 -54.45
N GLU D 4755 41.51 -23.79 -55.19
CA GLU D 4755 42.32 -22.87 -55.98
C GLU D 4755 41.57 -22.40 -57.22
N ARG D 4756 40.99 -23.33 -57.96
CA ARG D 4756 40.27 -22.98 -59.19
C ARG D 4756 39.00 -23.82 -59.36
N THR D 4766 30.03 -39.91 -77.02
CA THR D 4766 30.16 -40.79 -75.85
C THR D 4766 29.33 -40.29 -74.68
N TRP D 4767 28.08 -39.88 -74.96
CA TRP D 4767 27.21 -39.40 -73.91
C TRP D 4767 26.70 -40.54 -73.04
N LEU D 4768 26.44 -41.70 -73.66
CA LEU D 4768 26.03 -42.88 -72.91
C LEU D 4768 27.21 -43.48 -72.15
N MET D 4769 28.43 -43.31 -72.66
CA MET D 4769 29.60 -43.81 -71.94
C MET D 4769 29.97 -42.91 -70.77
N SER D 4770 29.56 -41.64 -70.81
CA SER D 4770 29.72 -40.78 -69.66
C SER D 4770 28.69 -41.05 -68.57
N ILE D 4771 27.61 -41.76 -68.89
CA ILE D 4771 26.57 -42.04 -67.90
C ILE D 4771 27.05 -43.12 -66.92
N ASP D 4772 26.57 -43.04 -65.69
CA ASP D 4772 26.92 -44.01 -64.65
C ASP D 4772 25.99 -45.21 -64.76
N VAL D 4773 26.57 -46.41 -64.75
CA VAL D 4773 25.74 -47.61 -64.84
C VAL D 4773 25.26 -48.06 -63.46
N LYS D 4774 25.93 -47.64 -62.39
CA LYS D 4774 25.50 -48.05 -61.06
C LYS D 4774 24.35 -47.18 -60.56
N TYR D 4775 24.29 -45.93 -61.01
CA TYR D 4775 23.22 -45.03 -60.57
C TYR D 4775 21.91 -45.34 -61.27
N GLN D 4776 21.96 -45.70 -62.56
CA GLN D 4776 20.74 -45.96 -63.31
C GLN D 4776 20.17 -47.33 -62.98
N ILE D 4777 21.00 -48.30 -62.62
CA ILE D 4777 20.46 -49.57 -62.14
C ILE D 4777 19.87 -49.37 -60.73
N TRP D 4778 20.39 -48.41 -59.98
CA TRP D 4778 19.80 -48.05 -58.69
C TRP D 4778 18.49 -47.31 -58.87
N LYS D 4779 18.44 -46.37 -59.83
CA LYS D 4779 17.24 -45.55 -60.00
C LYS D 4779 16.13 -46.34 -60.67
N PHE D 4780 16.49 -47.32 -61.52
CA PHE D 4780 15.50 -48.23 -62.07
C PHE D 4780 15.07 -49.29 -61.07
N GLY D 4781 15.75 -49.39 -59.92
CA GLY D 4781 15.32 -50.34 -58.91
C GLY D 4781 14.24 -49.79 -57.98
N VAL D 4782 14.30 -48.50 -57.68
CA VAL D 4782 13.35 -47.86 -56.77
C VAL D 4782 12.06 -47.46 -57.48
N ILE D 4783 12.12 -47.20 -58.79
CA ILE D 4783 10.93 -46.94 -59.58
C ILE D 4783 10.05 -48.19 -59.64
N PHE D 4784 10.69 -49.36 -59.67
CA PHE D 4784 10.01 -50.64 -59.56
C PHE D 4784 9.48 -50.91 -58.15
N THR D 4785 9.96 -50.18 -57.13
CA THR D 4785 9.38 -50.33 -55.81
C THR D 4785 8.08 -49.54 -55.68
N ASP D 4786 7.92 -48.49 -56.49
CA ASP D 4786 6.77 -47.59 -56.43
C ASP D 4786 5.48 -48.30 -56.79
N ASN D 4787 4.45 -48.12 -55.94
CA ASN D 4787 3.21 -48.86 -56.10
C ASN D 4787 2.36 -48.34 -57.26
N SER D 4788 2.51 -47.07 -57.61
CA SER D 4788 1.74 -46.54 -58.73
C SER D 4788 2.28 -47.07 -60.06
N PHE D 4789 3.60 -47.21 -60.18
CA PHE D 4789 4.19 -47.65 -61.44
C PHE D 4789 3.94 -49.14 -61.68
N LEU D 4790 3.91 -49.95 -60.61
CA LEU D 4790 3.55 -51.35 -60.79
C LEU D 4790 2.06 -51.50 -61.08
N TYR D 4791 1.25 -50.51 -60.70
CA TYR D 4791 -0.13 -50.48 -61.16
C TYR D 4791 -0.20 -50.00 -62.61
N LEU D 4792 0.60 -48.97 -62.96
CA LEU D 4792 0.66 -48.53 -64.34
C LEU D 4792 1.38 -49.56 -65.22
N GLY D 4793 2.31 -50.32 -64.65
CA GLY D 4793 2.93 -51.41 -65.39
C GLY D 4793 2.00 -52.59 -65.58
N TRP D 4794 1.10 -52.81 -64.62
CA TRP D 4794 0.08 -53.83 -64.79
C TRP D 4794 -0.95 -53.41 -65.84
N TYR D 4795 -1.16 -52.09 -65.97
CA TYR D 4795 -2.12 -51.58 -66.94
C TYR D 4795 -1.61 -51.73 -68.37
N MET D 4796 -0.29 -51.59 -68.56
CA MET D 4796 0.24 -51.67 -69.92
C MET D 4796 0.44 -53.12 -70.34
N VAL D 4797 0.82 -53.99 -69.40
CA VAL D 4797 1.11 -55.38 -69.74
C VAL D 4797 -0.18 -56.15 -70.01
N MET D 4798 -1.31 -55.68 -69.52
CA MET D 4798 -2.56 -56.36 -69.82
C MET D 4798 -3.19 -55.80 -71.09
N SER D 4799 -2.87 -54.54 -71.43
CA SER D 4799 -3.34 -53.97 -72.68
C SER D 4799 -2.64 -54.57 -73.88
N LEU D 4800 -1.37 -54.94 -73.73
CA LEU D 4800 -0.66 -55.63 -74.80
C LEU D 4800 -1.07 -57.10 -74.84
N LEU D 4801 -1.52 -57.65 -73.71
CA LEU D 4801 -2.09 -58.99 -73.69
C LEU D 4801 -3.50 -59.03 -74.26
N GLY D 4802 -4.13 -57.86 -74.44
CA GLY D 4802 -5.46 -57.81 -75.02
C GLY D 4802 -5.51 -58.07 -76.51
N HIS D 4803 -4.37 -57.97 -77.21
CA HIS D 4803 -4.36 -58.34 -78.61
C HIS D 4803 -4.30 -59.86 -78.79
N TYR D 4804 -3.78 -60.58 -77.80
CA TYR D 4804 -3.83 -62.04 -77.84
C TYR D 4804 -5.25 -62.55 -77.67
N ASN D 4805 -5.96 -62.05 -76.66
CA ASN D 4805 -7.37 -62.32 -76.46
C ASN D 4805 -8.04 -61.00 -76.08
N ASN D 4806 -9.07 -60.61 -76.82
CA ASN D 4806 -9.69 -59.31 -76.60
C ASN D 4806 -10.58 -59.31 -75.36
N PHE D 4807 -10.87 -60.47 -74.78
CA PHE D 4807 -11.54 -60.56 -73.49
C PHE D 4807 -10.64 -60.15 -72.33
N PHE D 4808 -9.33 -60.00 -72.57
CA PHE D 4808 -8.40 -59.53 -71.53
C PHE D 4808 -8.52 -58.04 -71.28
N PHE D 4809 -9.30 -57.32 -72.09
CA PHE D 4809 -9.58 -55.91 -71.84
C PHE D 4809 -10.57 -55.69 -70.71
N ALA D 4810 -11.06 -56.75 -70.07
CA ALA D 4810 -12.05 -56.62 -69.00
C ALA D 4810 -11.46 -56.01 -67.72
N ALA D 4811 -10.20 -56.28 -67.42
CA ALA D 4811 -9.65 -55.88 -66.13
C ALA D 4811 -9.35 -54.38 -66.04
N HIS D 4812 -9.35 -53.67 -67.17
CA HIS D 4812 -9.15 -52.23 -67.13
C HIS D 4812 -10.40 -51.48 -66.71
N LEU D 4813 -11.56 -52.14 -66.60
CA LEU D 4813 -12.71 -51.48 -66.01
C LEU D 4813 -12.73 -51.59 -64.48
N LEU D 4814 -11.72 -52.24 -63.89
CA LEU D 4814 -11.46 -52.12 -62.46
C LEU D 4814 -10.68 -50.85 -62.11
N ASP D 4815 -10.41 -49.99 -63.11
CA ASP D 4815 -9.78 -48.71 -62.86
C ASP D 4815 -10.72 -47.77 -62.11
N ILE D 4816 -12.04 -47.99 -62.23
CA ILE D 4816 -13.03 -47.19 -61.53
C ILE D 4816 -12.95 -47.43 -60.01
N ALA D 4817 -12.42 -48.58 -59.59
CA ALA D 4817 -12.26 -48.84 -58.16
C ALA D 4817 -11.10 -48.02 -57.59
N MET D 4818 -10.03 -47.84 -58.37
CA MET D 4818 -8.86 -47.10 -57.90
C MET D 4818 -8.83 -45.66 -58.37
N GLY D 4819 -9.63 -45.30 -59.37
CA GLY D 4819 -9.62 -43.94 -59.89
C GLY D 4819 -10.27 -42.93 -58.97
N VAL D 4820 -11.55 -43.13 -58.69
CA VAL D 4820 -12.27 -42.26 -57.76
C VAL D 4820 -11.96 -42.68 -56.33
N LYS D 4821 -11.97 -41.71 -55.42
CA LYS D 4821 -11.67 -42.01 -54.02
C LYS D 4821 -12.89 -42.62 -53.30
N THR D 4822 -14.07 -42.55 -53.91
CA THR D 4822 -15.27 -43.11 -53.29
C THR D 4822 -15.21 -44.64 -53.23
N LEU D 4823 -14.93 -45.28 -54.37
CA LEU D 4823 -14.87 -46.74 -54.44
C LEU D 4823 -13.50 -47.30 -54.09
N ARG D 4824 -12.55 -46.47 -53.69
CA ARG D 4824 -11.27 -47.00 -53.22
C ARG D 4824 -11.31 -47.31 -51.74
N THR D 4825 -12.15 -46.61 -50.97
CA THR D 4825 -12.31 -46.92 -49.56
C THR D 4825 -13.05 -48.23 -49.35
N ILE D 4826 -13.83 -48.66 -50.35
CA ILE D 4826 -14.46 -49.97 -50.27
C ILE D 4826 -13.43 -51.07 -50.51
N LEU D 4827 -12.47 -50.83 -51.41
CA LEU D 4827 -11.44 -51.82 -51.69
C LEU D 4827 -10.33 -51.79 -50.66
N SER D 4828 -10.03 -50.62 -50.11
CA SER D 4828 -9.01 -50.54 -49.08
C SER D 4828 -9.51 -50.98 -47.71
N SER D 4829 -10.83 -51.10 -47.52
CA SER D 4829 -11.35 -51.59 -46.25
C SER D 4829 -11.12 -53.08 -46.07
N VAL D 4830 -10.89 -53.82 -47.15
CA VAL D 4830 -10.61 -55.24 -47.04
C VAL D 4830 -9.21 -55.45 -46.47
N THR D 4831 -8.25 -54.62 -46.88
CA THR D 4831 -6.88 -54.73 -46.41
C THR D 4831 -6.59 -53.85 -45.19
N HIS D 4832 -7.51 -52.96 -44.82
CA HIS D 4832 -7.35 -52.18 -43.59
C HIS D 4832 -7.51 -53.06 -42.36
N ASN D 4833 -8.45 -54.00 -42.40
CA ASN D 4833 -8.68 -54.95 -41.31
C ASN D 4833 -8.51 -56.35 -41.83
N GLY D 4834 -7.47 -56.55 -42.66
CA GLY D 4834 -7.28 -57.83 -43.31
C GLY D 4834 -6.69 -58.88 -42.39
N LYS D 4835 -6.02 -58.46 -41.32
CA LYS D 4835 -5.50 -59.41 -40.34
C LYS D 4835 -6.64 -60.04 -39.54
N GLN D 4836 -7.61 -59.23 -39.14
CA GLN D 4836 -8.73 -59.75 -38.38
C GLN D 4836 -9.66 -60.61 -39.23
N LEU D 4837 -9.72 -60.38 -40.54
CA LEU D 4837 -10.64 -61.15 -41.37
C LEU D 4837 -10.08 -62.54 -41.68
N VAL D 4838 -8.75 -62.64 -41.85
CA VAL D 4838 -8.18 -63.91 -42.33
C VAL D 4838 -8.17 -64.94 -41.20
N MET D 4839 -8.24 -64.50 -39.94
CA MET D 4839 -8.37 -65.44 -38.84
C MET D 4839 -9.82 -65.87 -38.61
N THR D 4840 -10.80 -65.01 -38.88
CA THR D 4840 -12.19 -65.44 -38.75
C THR D 4840 -12.58 -66.45 -39.82
N VAL D 4841 -12.12 -66.24 -41.06
CA VAL D 4841 -12.31 -67.28 -42.08
C VAL D 4841 -11.40 -68.47 -41.78
N GLY D 4842 -10.31 -68.25 -41.04
CA GLY D 4842 -9.55 -69.37 -40.49
C GLY D 4842 -10.28 -70.05 -39.35
N LEU D 4843 -11.06 -69.28 -38.59
CA LEU D 4843 -11.88 -69.88 -37.53
C LEU D 4843 -13.10 -70.57 -38.13
N LEU D 4844 -13.67 -70.00 -39.19
CA LEU D 4844 -14.82 -70.62 -39.85
C LEU D 4844 -14.40 -71.89 -40.58
N ALA D 4845 -13.13 -72.00 -40.97
CA ALA D 4845 -12.66 -73.20 -41.62
C ALA D 4845 -12.54 -74.37 -40.65
N VAL D 4846 -12.13 -74.10 -39.40
CA VAL D 4846 -11.91 -75.20 -38.46
C VAL D 4846 -13.20 -75.57 -37.73
N VAL D 4847 -14.20 -74.68 -37.70
CA VAL D 4847 -15.49 -75.06 -37.13
C VAL D 4847 -16.26 -75.94 -38.10
N VAL D 4848 -16.26 -75.58 -39.39
CA VAL D 4848 -16.94 -76.37 -40.41
C VAL D 4848 -16.26 -77.72 -40.59
N TYR D 4849 -14.92 -77.75 -40.50
CA TYR D 4849 -14.20 -79.02 -40.51
C TYR D 4849 -14.47 -79.83 -39.25
N LEU D 4850 -14.78 -79.16 -38.14
CA LEU D 4850 -15.20 -79.90 -36.96
C LEU D 4850 -16.68 -80.28 -37.06
N TYR D 4851 -17.43 -79.60 -37.93
CA TYR D 4851 -18.81 -80.02 -38.19
C TYR D 4851 -18.88 -81.14 -39.22
N THR D 4852 -17.86 -81.28 -40.07
CA THR D 4852 -17.91 -82.37 -41.04
C THR D 4852 -17.47 -83.69 -40.42
N VAL D 4853 -16.60 -83.65 -39.39
CA VAL D 4853 -16.09 -84.89 -38.80
C VAL D 4853 -17.17 -85.56 -37.95
N VAL D 4854 -18.03 -84.75 -37.32
CA VAL D 4854 -19.15 -85.30 -36.57
C VAL D 4854 -20.20 -85.85 -37.54
N ALA D 4855 -20.35 -85.22 -38.70
CA ALA D 4855 -21.26 -85.72 -39.72
C ALA D 4855 -20.70 -86.93 -40.44
N PHE D 4856 -19.37 -87.07 -40.47
CA PHE D 4856 -18.76 -88.19 -41.18
C PHE D 4856 -18.86 -89.48 -40.37
N ASN D 4857 -18.86 -89.38 -39.04
CA ASN D 4857 -18.85 -90.57 -38.21
C ASN D 4857 -20.24 -91.01 -37.78
N PHE D 4858 -21.19 -90.08 -37.60
CA PHE D 4858 -22.51 -90.45 -37.09
C PHE D 4858 -23.65 -90.14 -38.04
N PHE D 4859 -23.50 -89.20 -38.95
CA PHE D 4859 -24.62 -88.84 -39.83
C PHE D 4859 -24.34 -89.08 -41.30
N ARG D 4860 -23.67 -90.18 -41.64
CA ARG D 4860 -23.22 -90.36 -43.01
C ARG D 4860 -24.30 -90.93 -43.91
N LYS D 4861 -25.27 -91.66 -43.34
CA LYS D 4861 -26.34 -92.25 -44.15
C LYS D 4861 -27.37 -91.22 -44.59
N PHE D 4862 -27.32 -89.99 -44.07
CA PHE D 4862 -28.26 -88.95 -44.45
C PHE D 4862 -27.83 -88.21 -45.71
N TYR D 4863 -26.54 -88.11 -45.97
CA TYR D 4863 -26.01 -87.26 -47.04
C TYR D 4863 -26.12 -88.01 -48.37
N ASN D 4864 -27.10 -87.62 -49.18
CA ASN D 4864 -27.31 -88.26 -50.48
C ASN D 4864 -28.12 -87.26 -51.31
N LYS D 4865 -27.46 -86.61 -52.27
CA LYS D 4865 -28.14 -85.64 -53.13
C LYS D 4865 -28.83 -86.27 -54.33
N SER D 4866 -28.56 -87.54 -54.62
CA SER D 4866 -29.12 -88.18 -55.80
C SER D 4866 -30.59 -88.52 -55.58
N GLU D 4867 -31.44 -88.08 -56.51
CA GLU D 4867 -32.87 -88.39 -56.47
C GLU D 4867 -33.21 -89.66 -57.24
N ASP D 4868 -32.23 -90.28 -57.88
CA ASP D 4868 -32.43 -91.53 -58.60
C ASP D 4868 -32.04 -92.69 -57.69
N GLU D 4869 -32.90 -93.69 -57.60
CA GLU D 4869 -32.70 -94.77 -56.62
C GLU D 4869 -31.63 -95.75 -57.06
N ASP D 4870 -31.54 -96.05 -58.36
CA ASP D 4870 -30.58 -97.06 -58.81
C ASP D 4870 -29.17 -96.52 -58.83
N GLU D 4871 -28.99 -95.24 -59.16
CA GLU D 4871 -27.67 -94.62 -59.20
C GLU D 4871 -27.46 -93.74 -57.97
N PRO D 4872 -26.89 -94.29 -56.89
CA PRO D 4872 -26.80 -93.52 -55.65
C PRO D 4872 -25.51 -92.72 -55.53
N ASP D 4873 -25.61 -91.44 -55.19
CA ASP D 4873 -24.43 -90.59 -55.02
C ASP D 4873 -24.42 -90.11 -53.57
N MET D 4874 -23.69 -90.85 -52.72
CA MET D 4874 -23.53 -90.48 -51.32
C MET D 4874 -22.25 -89.66 -51.20
N LYS D 4875 -22.43 -88.36 -50.92
CA LYS D 4875 -21.28 -87.44 -50.90
C LYS D 4875 -20.44 -87.60 -49.64
N CYS D 4876 -21.00 -88.11 -48.53
CA CYS D 4876 -20.26 -88.23 -47.26
C CYS D 4876 -19.61 -89.62 -47.15
N ASP D 4877 -18.74 -89.90 -48.12
CA ASP D 4877 -17.93 -91.11 -48.16
C ASP D 4877 -16.44 -90.86 -48.08
N ASP D 4878 -15.93 -89.83 -48.76
CA ASP D 4878 -14.57 -89.35 -48.51
C ASP D 4878 -14.65 -87.99 -47.83
N MET D 4879 -13.71 -87.73 -46.93
CA MET D 4879 -13.83 -86.56 -46.07
C MET D 4879 -13.42 -85.29 -46.81
N MET D 4880 -12.42 -85.38 -47.68
CA MET D 4880 -12.03 -84.23 -48.49
C MET D 4880 -13.12 -83.88 -49.51
N THR D 4881 -13.87 -84.89 -49.96
CA THR D 4881 -15.06 -84.63 -50.78
C THR D 4881 -16.14 -83.93 -49.95
N CYS D 4882 -16.35 -84.37 -48.71
CA CYS D 4882 -17.46 -83.86 -47.91
C CYS D 4882 -17.14 -82.49 -47.30
N TYR D 4883 -15.87 -82.26 -46.94
CA TYR D 4883 -15.48 -80.95 -46.40
C TYR D 4883 -15.56 -79.87 -47.48
N LEU D 4884 -15.31 -80.25 -48.74
CA LEU D 4884 -15.54 -79.32 -49.84
C LEU D 4884 -17.03 -79.08 -50.03
N PHE D 4885 -17.86 -80.07 -49.68
CA PHE D 4885 -19.31 -79.93 -49.83
C PHE D 4885 -19.89 -79.00 -48.76
N HIS D 4886 -19.34 -79.03 -47.55
CA HIS D 4886 -19.86 -78.19 -46.46
C HIS D 4886 -19.51 -76.73 -46.66
N MET D 4887 -18.28 -76.43 -47.06
CA MET D 4887 -17.87 -75.04 -47.20
C MET D 4887 -18.38 -74.41 -48.49
N TYR D 4888 -19.05 -75.19 -49.35
CA TYR D 4888 -19.63 -74.65 -50.58
C TYR D 4888 -21.15 -74.43 -50.50
N VAL D 4889 -21.90 -75.27 -49.80
CA VAL D 4889 -23.34 -75.11 -49.68
C VAL D 4889 -23.75 -74.66 -48.29
N GLY D 4890 -22.93 -74.96 -47.28
CA GLY D 4890 -23.32 -74.66 -45.90
C GLY D 4890 -23.20 -73.18 -45.57
N VAL D 4891 -22.19 -72.51 -46.12
CA VAL D 4891 -22.03 -71.08 -45.89
C VAL D 4891 -22.81 -70.24 -46.90
N ARG D 4892 -23.47 -70.88 -47.87
CA ARG D 4892 -24.25 -70.17 -48.87
C ARG D 4892 -25.75 -70.31 -48.71
N ALA D 4893 -26.22 -71.30 -47.95
CA ALA D 4893 -27.65 -71.61 -47.94
C ALA D 4893 -28.43 -70.58 -47.12
N GLY D 4894 -27.82 -70.04 -46.06
CA GLY D 4894 -28.48 -69.11 -45.18
C GLY D 4894 -29.33 -69.73 -44.11
N GLY D 4895 -29.72 -70.99 -44.25
CA GLY D 4895 -30.55 -71.67 -43.28
C GLY D 4895 -29.94 -72.97 -42.79
N GLY D 4896 -28.65 -73.17 -43.00
CA GLY D 4896 -27.95 -74.32 -42.47
C GLY D 4896 -27.75 -75.41 -43.50
N ILE D 4897 -27.17 -76.52 -43.02
CA ILE D 4897 -26.87 -77.64 -43.90
C ILE D 4897 -28.10 -78.51 -44.19
N GLY D 4898 -29.14 -78.41 -43.36
CA GLY D 4898 -30.29 -79.30 -43.47
C GLY D 4898 -31.22 -79.04 -44.63
N ASP D 4899 -30.99 -77.96 -45.39
CA ASP D 4899 -31.82 -77.70 -46.56
C ASP D 4899 -31.53 -78.68 -47.69
N GLU D 4900 -30.30 -79.17 -47.78
CA GLU D 4900 -29.88 -80.02 -48.89
C GLU D 4900 -29.93 -81.50 -48.52
N ILE D 4901 -30.34 -81.81 -47.30
CA ILE D 4901 -30.32 -83.17 -46.77
C ILE D 4901 -31.76 -83.57 -46.48
N GLU D 4902 -32.02 -84.88 -46.51
CA GLU D 4902 -33.34 -85.42 -46.21
C GLU D 4902 -33.77 -85.10 -44.78
N ASP D 4903 -35.08 -85.10 -44.57
CA ASP D 4903 -35.64 -84.74 -43.28
C ASP D 4903 -35.45 -85.84 -42.24
N PRO D 4904 -35.26 -85.49 -40.96
CA PRO D 4904 -35.06 -86.52 -39.93
C PRO D 4904 -36.37 -87.06 -39.36
N ALA D 4905 -37.27 -87.54 -40.21
CA ALA D 4905 -38.51 -88.12 -39.72
C ALA D 4905 -38.33 -89.55 -39.21
N GLY D 4906 -37.22 -90.19 -39.57
CA GLY D 4906 -36.94 -91.52 -39.06
C GLY D 4906 -36.54 -91.48 -37.59
N ASP D 4907 -36.80 -92.59 -36.91
CA ASP D 4907 -36.55 -92.68 -35.47
C ASP D 4907 -35.07 -92.77 -35.14
N GLU D 4908 -34.25 -93.26 -36.08
CA GLU D 4908 -32.82 -93.40 -35.86
C GLU D 4908 -32.16 -92.03 -35.96
N TYR D 4909 -31.60 -91.56 -34.84
CA TYR D 4909 -30.93 -90.27 -34.70
C TYR D 4909 -31.85 -89.10 -35.07
N GLU D 4910 -33.04 -89.10 -34.46
CA GLU D 4910 -34.02 -88.06 -34.73
C GLU D 4910 -33.78 -86.81 -33.87
N LEU D 4911 -33.32 -86.98 -32.63
CA LEU D 4911 -33.05 -85.86 -31.74
C LEU D 4911 -31.61 -85.36 -31.80
N TYR D 4912 -30.67 -86.23 -32.17
CA TYR D 4912 -29.28 -85.82 -32.33
C TYR D 4912 -29.10 -84.91 -33.54
N ARG D 4913 -29.76 -85.25 -34.65
CA ARG D 4913 -29.63 -84.46 -35.87
C ARG D 4913 -30.36 -83.13 -35.77
N VAL D 4914 -31.53 -83.10 -35.12
CA VAL D 4914 -32.32 -81.86 -35.06
C VAL D 4914 -31.66 -80.83 -34.15
N VAL D 4915 -30.72 -81.24 -33.32
CA VAL D 4915 -29.96 -80.32 -32.48
C VAL D 4915 -28.67 -79.99 -33.23
N PHE D 4916 -28.24 -80.90 -34.12
CA PHE D 4916 -26.97 -80.73 -34.83
C PHE D 4916 -27.05 -79.62 -35.87
N ASP D 4917 -28.16 -79.55 -36.61
CA ASP D 4917 -28.30 -78.54 -37.66
C ASP D 4917 -28.54 -77.16 -37.07
N ILE D 4918 -29.20 -77.10 -35.91
CA ILE D 4918 -29.56 -75.82 -35.32
C ILE D 4918 -28.33 -75.11 -34.77
N THR D 4919 -27.46 -75.86 -34.09
CA THR D 4919 -26.21 -75.26 -33.59
C THR D 4919 -25.21 -75.05 -34.72
N PHE D 4920 -25.41 -75.66 -35.88
CA PHE D 4920 -24.58 -75.36 -37.04
C PHE D 4920 -25.07 -74.09 -37.73
N PHE D 4921 -26.40 -73.94 -37.80
CA PHE D 4921 -26.99 -72.73 -38.37
C PHE D 4921 -26.73 -71.52 -37.48
N PHE D 4922 -26.68 -71.72 -36.16
CA PHE D 4922 -26.50 -70.62 -35.24
C PHE D 4922 -25.07 -70.09 -35.26
N PHE D 4923 -24.09 -70.91 -35.64
CA PHE D 4923 -22.69 -70.53 -35.52
C PHE D 4923 -22.15 -69.91 -36.80
N VAL D 4924 -22.30 -70.59 -37.94
CA VAL D 4924 -21.55 -70.26 -39.15
C VAL D 4924 -22.20 -69.15 -39.97
N ILE D 4925 -23.51 -68.96 -39.85
CA ILE D 4925 -24.25 -67.99 -40.65
C ILE D 4925 -24.72 -66.82 -39.79
N VAL D 4926 -25.36 -67.11 -38.66
CA VAL D 4926 -25.93 -66.07 -37.80
C VAL D 4926 -24.83 -65.28 -37.09
N ILE D 4927 -23.72 -65.91 -36.74
CA ILE D 4927 -22.67 -65.22 -36.00
C ILE D 4927 -21.46 -64.96 -36.89
N LEU D 4928 -20.80 -66.03 -37.34
CA LEU D 4928 -19.48 -65.90 -37.96
C LEU D 4928 -19.57 -65.24 -39.33
N LEU D 4929 -20.66 -65.46 -40.06
CA LEU D 4929 -20.85 -64.75 -41.32
C LEU D 4929 -21.40 -63.35 -41.08
N ALA D 4930 -21.98 -63.09 -39.91
CA ALA D 4930 -22.30 -61.72 -39.53
C ALA D 4930 -21.15 -61.04 -38.82
N ILE D 4931 -20.15 -61.82 -38.37
CA ILE D 4931 -18.90 -61.23 -37.89
C ILE D 4931 -18.13 -60.61 -39.07
N ILE D 4932 -18.10 -61.31 -40.21
CA ILE D 4932 -17.29 -60.87 -41.35
C ILE D 4932 -17.90 -59.63 -42.00
N GLN D 4933 -19.21 -59.63 -42.23
CA GLN D 4933 -19.86 -58.41 -42.70
C GLN D 4933 -19.96 -57.40 -41.56
N GLY D 4934 -19.90 -57.85 -40.32
CA GLY D 4934 -19.71 -56.94 -39.20
C GLY D 4934 -18.31 -56.41 -39.07
N LEU D 4935 -17.36 -56.93 -39.86
CA LEU D 4935 -15.97 -56.48 -39.80
C LEU D 4935 -15.59 -55.53 -40.93
N ILE D 4936 -16.22 -55.66 -42.11
CA ILE D 4936 -15.84 -54.81 -43.24
C ILE D 4936 -16.62 -53.50 -43.24
N ILE D 4937 -17.93 -53.56 -42.96
CA ILE D 4937 -18.78 -52.36 -43.06
C ILE D 4937 -18.44 -51.32 -42.00
N ASP D 4938 -18.09 -51.74 -40.79
CA ASP D 4938 -17.61 -50.75 -39.82
C ASP D 4938 -16.17 -50.33 -40.13
N ALA D 4939 -15.39 -51.22 -40.75
CA ALA D 4939 -14.11 -50.78 -41.31
C ALA D 4939 -14.34 -49.82 -42.47
N PHE D 4940 -15.35 -50.09 -43.30
CA PHE D 4940 -15.76 -49.11 -44.30
C PHE D 4940 -16.39 -47.90 -43.65
N GLY D 4941 -17.08 -48.10 -42.53
CA GLY D 4941 -17.70 -46.97 -41.85
C GLY D 4941 -16.68 -46.07 -41.17
N GLU D 4942 -15.68 -46.65 -40.52
CA GLU D 4942 -14.69 -45.86 -39.80
C GLU D 4942 -13.77 -45.10 -40.75
N LEU D 4943 -13.41 -45.72 -41.88
CA LEU D 4943 -12.53 -45.05 -42.84
C LEU D 4943 -13.19 -43.82 -43.46
N ARG D 4944 -14.49 -43.86 -43.71
CA ARG D 4944 -15.15 -42.64 -44.19
C ARG D 4944 -15.35 -41.64 -43.06
N ASP D 4945 -15.43 -42.12 -41.81
CA ASP D 4945 -15.52 -41.19 -40.69
C ASP D 4945 -14.19 -40.47 -40.44
N GLN D 4946 -13.05 -41.08 -40.80
CA GLN D 4946 -11.81 -40.32 -40.66
C GLN D 4946 -11.57 -39.42 -41.88
N GLN D 4947 -12.20 -39.68 -43.01
CA GLN D 4947 -12.08 -38.72 -44.11
C GLN D 4947 -13.00 -37.52 -43.91
N GLU D 4948 -14.07 -37.66 -43.11
CA GLU D 4948 -14.89 -36.49 -42.85
C GLU D 4948 -14.37 -35.69 -41.67
N GLN D 4949 -13.68 -36.33 -40.72
CA GLN D 4949 -13.20 -35.61 -39.54
C GLN D 4949 -11.91 -34.86 -39.86
N VAL D 4950 -11.18 -35.30 -40.89
CA VAL D 4950 -10.04 -34.55 -41.40
C VAL D 4950 -10.51 -33.20 -41.95
N LYS D 4951 -11.64 -33.20 -42.67
CA LYS D 4951 -12.20 -31.95 -43.18
C LYS D 4951 -12.74 -31.07 -42.05
N GLU D 4952 -13.28 -31.68 -40.99
CA GLU D 4952 -13.95 -30.91 -39.95
C GLU D 4952 -12.93 -30.28 -38.99
N ASP D 4953 -11.89 -31.03 -38.63
CA ASP D 4953 -10.85 -30.51 -37.74
C ASP D 4953 -9.98 -29.48 -38.47
N MET D 4954 -9.86 -29.62 -39.79
CA MET D 4954 -9.18 -28.61 -40.59
C MET D 4954 -9.99 -27.32 -40.63
N GLU D 4955 -11.31 -27.42 -40.69
CA GLU D 4955 -12.18 -26.27 -40.68
C GLU D 4955 -12.34 -25.65 -39.29
N THR D 4956 -11.78 -26.27 -38.26
CA THR D 4956 -11.88 -25.79 -36.89
C THR D 4956 -10.54 -25.37 -36.33
N LYS D 4957 -9.52 -26.20 -36.43
CA LYS D 4957 -8.19 -25.82 -35.94
C LYS D 4957 -7.35 -25.22 -37.06
N CYS D 4958 -6.17 -24.73 -36.67
CA CYS D 4958 -5.44 -23.74 -37.46
C CYS D 4958 -4.19 -24.29 -38.14
N PHE D 4959 -3.85 -25.58 -37.94
CA PHE D 4959 -2.78 -26.34 -38.60
C PHE D 4959 -1.36 -25.89 -38.22
N ILE D 4960 -1.24 -24.73 -37.58
CA ILE D 4960 0.03 -24.11 -37.27
C ILE D 4960 0.13 -23.81 -35.77
N CYS D 4961 -0.86 -23.11 -35.23
CA CYS D 4961 -0.94 -22.76 -33.81
C CYS D 4961 -2.03 -23.56 -33.11
N GLY D 4962 -1.92 -23.64 -31.78
CA GLY D 4962 -2.76 -24.53 -30.99
C GLY D 4962 -3.97 -23.92 -30.33
N ILE D 4963 -4.72 -23.09 -31.04
CA ILE D 4963 -5.97 -22.53 -30.54
C ILE D 4963 -7.09 -22.85 -31.51
N GLY D 4964 -8.25 -23.25 -30.97
CA GLY D 4964 -9.40 -23.60 -31.79
C GLY D 4964 -10.12 -22.38 -32.34
N SER D 4965 -11.22 -22.65 -33.03
CA SER D 4965 -12.03 -21.60 -33.63
C SER D 4965 -13.00 -20.96 -32.65
N ASP D 4966 -12.99 -21.40 -31.39
CA ASP D 4966 -13.88 -20.83 -30.38
C ASP D 4966 -13.30 -19.58 -29.75
N TYR D 4967 -11.98 -19.41 -29.84
CA TYR D 4967 -11.34 -18.20 -29.31
C TYR D 4967 -11.54 -17.01 -30.26
N PHE D 4968 -11.63 -17.26 -31.55
CA PHE D 4968 -11.72 -16.20 -32.54
C PHE D 4968 -13.16 -15.80 -32.84
N ASP D 4969 -14.10 -16.25 -32.02
CA ASP D 4969 -15.51 -15.90 -32.14
C ASP D 4969 -15.83 -14.54 -31.51
N THR D 4970 -14.86 -13.86 -30.91
CA THR D 4970 -15.11 -12.56 -30.32
C THR D 4970 -15.29 -11.48 -31.38
N THR D 4971 -14.68 -11.65 -32.56
CA THR D 4971 -14.86 -10.75 -33.67
C THR D 4971 -15.46 -11.51 -34.86
N PRO D 4972 -16.37 -10.90 -35.62
CA PRO D 4972 -16.92 -11.58 -36.80
C PRO D 4972 -15.88 -11.73 -37.88
N HIS D 4973 -15.93 -12.90 -38.56
CA HIS D 4973 -14.94 -13.34 -39.55
C HIS D 4973 -13.52 -13.34 -38.99
N GLY D 4974 -13.39 -13.74 -37.73
CA GLY D 4974 -12.07 -13.73 -37.09
C GLY D 4974 -11.23 -14.93 -37.49
N PHE D 4975 -11.87 -16.08 -37.69
CA PHE D 4975 -11.12 -17.26 -38.09
C PHE D 4975 -10.68 -17.20 -39.55
N GLU D 4976 -11.46 -16.54 -40.40
CA GLU D 4976 -11.05 -16.40 -41.80
C GLU D 4976 -9.96 -15.34 -41.91
N THR D 4977 -10.01 -14.33 -41.05
CA THR D 4977 -8.90 -13.38 -40.93
C THR D 4977 -7.66 -14.05 -40.34
N HIS D 4978 -7.86 -15.03 -39.46
CA HIS D 4978 -6.72 -15.76 -38.91
C HIS D 4978 -6.17 -16.76 -39.91
N THR D 4979 -7.00 -17.20 -40.86
CA THR D 4979 -6.56 -18.18 -41.84
C THR D 4979 -5.91 -17.53 -43.06
N LEU D 4980 -6.63 -16.66 -43.76
CA LEU D 4980 -6.16 -16.14 -45.04
C LEU D 4980 -5.02 -15.13 -44.87
N GLU D 4981 -5.15 -14.22 -43.92
CA GLU D 4981 -4.13 -13.19 -43.74
C GLU D 4981 -2.99 -13.62 -42.83
N GLU D 4982 -3.27 -13.95 -41.59
CA GLU D 4982 -2.20 -14.14 -40.60
C GLU D 4982 -1.52 -15.51 -40.67
N HIS D 4983 -2.27 -16.59 -40.52
CA HIS D 4983 -1.71 -17.94 -40.52
C HIS D 4983 -2.22 -18.72 -41.74
N ASN D 4984 -1.55 -18.52 -42.87
CA ASN D 4984 -1.85 -19.24 -44.10
C ASN D 4984 -0.68 -20.14 -44.48
N LEU D 4985 -1.01 -21.37 -44.94
CA LEU D 4985 0.04 -22.31 -45.28
C LEU D 4985 0.78 -21.91 -46.55
N ALA D 4986 0.13 -21.14 -47.42
CA ALA D 4986 0.78 -20.68 -48.64
C ALA D 4986 1.79 -19.57 -48.38
N ASN D 4987 1.56 -18.77 -47.33
CA ASN D 4987 2.51 -17.72 -47.00
C ASN D 4987 3.76 -18.28 -46.34
N TYR D 4988 3.68 -19.49 -45.78
CA TYR D 4988 4.85 -20.09 -45.14
C TYR D 4988 5.80 -20.67 -46.18
N MET D 4989 5.28 -21.13 -47.32
CA MET D 4989 6.15 -21.46 -48.44
C MET D 4989 6.66 -20.21 -49.11
N PHE D 4990 5.80 -19.20 -49.26
CA PHE D 4990 6.19 -17.97 -49.97
C PHE D 4990 7.25 -17.21 -49.20
N PHE D 4991 7.29 -17.39 -47.87
CA PHE D 4991 8.43 -16.92 -47.07
C PHE D 4991 9.69 -17.69 -47.43
N LEU D 4992 9.56 -19.00 -47.71
CA LEU D 4992 10.74 -19.84 -47.86
C LEU D 4992 11.42 -19.58 -49.20
N MET D 4993 10.65 -19.55 -50.30
CA MET D 4993 11.23 -19.34 -51.62
C MET D 4993 11.68 -17.90 -51.82
N TYR D 4994 11.15 -16.98 -51.03
CA TYR D 4994 11.70 -15.62 -51.00
C TYR D 4994 13.07 -15.62 -50.32
N LEU D 4995 13.27 -16.52 -49.34
CA LEU D 4995 14.57 -16.61 -48.67
C LEU D 4995 15.57 -17.41 -49.50
N ILE D 4996 15.09 -18.24 -50.42
CA ILE D 4996 16.00 -18.94 -51.33
C ILE D 4996 16.59 -17.96 -52.33
N ASN D 4997 15.76 -17.07 -52.88
CA ASN D 4997 16.19 -16.29 -54.05
C ASN D 4997 17.07 -15.11 -53.65
N LYS D 4998 16.81 -14.50 -52.49
CA LYS D 4998 17.60 -13.34 -52.09
C LYS D 4998 18.90 -13.77 -51.42
N ASP D 4999 19.85 -12.86 -51.39
CA ASP D 4999 21.20 -13.16 -50.91
C ASP D 4999 21.23 -13.25 -49.38
N GLU D 5000 22.30 -13.85 -48.87
CA GLU D 5000 22.52 -13.91 -47.43
C GLU D 5000 22.95 -12.57 -46.86
N THR D 5001 23.57 -11.70 -47.67
CA THR D 5001 23.95 -10.38 -47.21
C THR D 5001 22.82 -9.37 -47.36
N GLU D 5002 21.68 -9.78 -47.89
CA GLU D 5002 20.51 -8.92 -48.02
C GLU D 5002 19.43 -9.27 -47.00
N HIS D 5003 19.68 -10.23 -46.13
CA HIS D 5003 18.70 -10.61 -45.12
C HIS D 5003 18.66 -9.58 -44.00
N THR D 5004 17.49 -9.42 -43.39
CA THR D 5004 17.37 -8.63 -42.17
C THR D 5004 17.59 -9.54 -40.98
N GLY D 5005 17.41 -9.01 -39.76
CA GLY D 5005 17.69 -9.79 -38.56
C GLY D 5005 16.65 -10.87 -38.31
N GLN D 5006 15.39 -10.58 -38.62
CA GLN D 5006 14.34 -11.57 -38.42
C GLN D 5006 14.42 -12.67 -39.46
N GLU D 5007 14.87 -12.35 -40.67
CA GLU D 5007 14.91 -13.35 -41.74
C GLU D 5007 16.19 -14.18 -41.67
N SER D 5008 17.28 -13.59 -41.17
CA SER D 5008 18.50 -14.36 -40.98
C SER D 5008 18.39 -15.28 -39.76
N TYR D 5009 17.49 -14.96 -38.83
CA TYR D 5009 17.31 -15.80 -37.66
C TYR D 5009 16.52 -17.06 -38.00
N VAL D 5010 15.51 -16.92 -38.86
CA VAL D 5010 14.71 -18.08 -39.25
C VAL D 5010 15.48 -18.89 -40.29
N TRP D 5011 16.40 -18.24 -41.03
CA TRP D 5011 17.21 -18.97 -42.01
C TRP D 5011 18.25 -19.85 -41.33
N LYS D 5012 18.86 -19.37 -40.24
CA LYS D 5012 19.81 -20.21 -39.52
C LYS D 5012 19.09 -21.28 -38.72
N MET D 5013 17.84 -21.05 -38.33
CA MET D 5013 17.11 -22.05 -37.57
C MET D 5013 16.56 -23.14 -38.48
N TYR D 5014 16.40 -22.83 -39.77
CA TYR D 5014 15.87 -23.82 -40.71
C TYR D 5014 16.95 -24.77 -41.22
N GLN D 5015 18.19 -24.29 -41.40
CA GLN D 5015 19.22 -25.14 -41.99
C GLN D 5015 19.76 -26.16 -40.99
N GLU D 5016 19.66 -25.89 -39.69
CA GLU D 5016 19.92 -26.92 -38.70
C GLU D 5016 18.64 -27.65 -38.29
N ARG D 5017 17.52 -27.32 -38.94
CA ARG D 5017 16.27 -28.08 -38.92
C ARG D 5017 15.63 -28.13 -37.53
N CYS D 5018 15.39 -26.94 -36.97
CA CYS D 5018 14.65 -26.80 -35.73
C CYS D 5018 13.44 -25.90 -35.97
N TRP D 5019 12.30 -26.26 -35.40
CA TRP D 5019 11.02 -25.63 -35.68
C TRP D 5019 10.42 -24.96 -34.46
N ASP D 5020 11.28 -24.33 -33.65
CA ASP D 5020 10.82 -23.51 -32.54
C ASP D 5020 10.42 -22.10 -32.96
N PHE D 5021 10.65 -21.72 -34.22
CA PHE D 5021 10.22 -20.40 -34.65
C PHE D 5021 8.72 -20.35 -34.92
N PHE D 5022 8.06 -21.51 -35.06
CA PHE D 5022 6.62 -21.53 -35.23
C PHE D 5022 5.94 -21.10 -33.92
N PRO D 5023 4.80 -20.38 -34.00
CA PRO D 5023 4.16 -19.87 -32.78
C PRO D 5023 3.65 -20.96 -31.85
N ALA D 5024 2.77 -21.81 -32.37
CA ALA D 5024 2.17 -22.97 -31.70
C ALA D 5024 1.46 -22.58 -30.40
N GLY D 5025 0.42 -21.77 -30.56
CA GLY D 5025 -0.50 -21.47 -29.47
C GLY D 5025 -0.69 -20.01 -29.12
N ASP D 5026 -0.10 -19.09 -29.86
CA ASP D 5026 -0.23 -17.66 -29.58
C ASP D 5026 -0.01 -16.88 -30.87
N CYS D 5027 -1.01 -16.11 -31.31
CA CYS D 5027 -0.83 -15.45 -32.60
C CYS D 5027 -1.48 -14.07 -32.55
N PHE D 5028 -0.76 -13.10 -31.97
CA PHE D 5028 -1.06 -11.66 -31.90
C PHE D 5028 -2.38 -11.33 -31.18
N ARG D 5029 -3.04 -12.33 -30.57
CA ARG D 5029 -4.33 -12.10 -29.92
C ARG D 5029 -4.42 -12.70 -28.51
N LYS D 5030 -3.30 -13.17 -27.95
CA LYS D 5030 -3.25 -13.67 -26.58
C LYS D 5030 -2.35 -12.87 -25.64
N GLN D 5031 -1.25 -12.32 -26.15
CA GLN D 5031 -0.26 -11.57 -25.39
C GLN D 5031 -0.48 -10.07 -25.45
N TYR D 5032 -1.00 -9.56 -26.56
CA TYR D 5032 -1.30 -8.15 -26.72
C TYR D 5032 -2.80 -7.93 -26.78
N GLU D 5033 -3.56 -8.81 -26.12
CA GLU D 5033 -5.02 -8.75 -26.19
C GLU D 5033 -5.57 -7.57 -25.40
N ASP D 5034 -4.91 -7.19 -24.31
CA ASP D 5034 -5.37 -6.05 -23.53
C ASP D 5034 -4.88 -4.73 -24.10
N GLN D 5035 -3.77 -4.73 -24.83
CA GLN D 5035 -3.19 -3.51 -25.38
C GLN D 5035 -3.48 -3.30 -26.86
N LEU D 5036 -4.43 -4.02 -27.46
CA LEU D 5036 -4.91 -3.68 -28.80
C LEU D 5036 -6.43 -3.71 -28.77
N SER D 5037 -7.06 -2.70 -29.37
CA SER D 5037 -8.51 -2.61 -29.40
C SER D 5037 -9.01 -2.20 -30.78
N GLY E 1 116.92 29.89 -49.25
CA GLY E 1 118.07 29.02 -49.43
C GLY E 1 117.72 27.58 -49.72
N VAL E 2 118.15 27.10 -50.89
CA VAL E 2 117.94 25.72 -51.31
C VAL E 2 119.29 25.02 -51.30
N GLU E 3 119.44 24.01 -50.46
CA GLU E 3 120.68 23.22 -50.38
C GLU E 3 120.52 22.01 -51.28
N ILE E 4 121.22 22.00 -52.41
CA ILE E 4 121.19 20.89 -53.35
C ILE E 4 122.40 19.99 -53.07
N GLU E 5 122.10 18.82 -52.52
CA GLU E 5 123.10 17.78 -52.30
C GLU E 5 122.82 16.63 -53.25
N THR E 6 123.83 16.25 -54.03
CA THR E 6 123.64 15.24 -55.06
C THR E 6 123.65 13.83 -54.46
N ILE E 7 122.96 12.92 -55.14
CA ILE E 7 122.89 11.53 -54.71
C ILE E 7 123.48 10.59 -55.77
N SER E 8 123.08 10.75 -57.02
CA SER E 8 123.63 9.99 -58.13
C SER E 8 124.06 10.95 -59.23
N PRO E 9 125.16 10.67 -59.92
CA PRO E 9 125.64 11.58 -60.97
C PRO E 9 124.76 11.52 -62.21
N GLY E 10 124.84 12.61 -62.99
CA GLY E 10 124.04 12.74 -64.20
C GLY E 10 124.87 13.10 -65.42
N ASP E 11 124.24 13.74 -66.40
CA ASP E 11 124.93 14.06 -67.65
C ASP E 11 125.83 15.28 -67.48
N GLY E 12 125.31 16.35 -66.89
CA GLY E 12 126.09 17.52 -66.60
C GLY E 12 126.17 18.57 -67.69
N ARG E 13 125.46 18.39 -68.81
CA ARG E 13 125.43 19.39 -69.86
C ARG E 13 124.02 19.88 -70.20
N THR E 14 123.00 19.07 -70.02
CA THR E 14 121.63 19.48 -70.32
C THR E 14 120.93 19.96 -69.06
N PHE E 15 120.57 21.25 -69.03
CA PHE E 15 119.92 21.91 -67.91
C PHE E 15 118.62 22.56 -68.38
N PRO E 16 117.59 22.63 -67.53
CA PRO E 16 116.30 23.21 -67.96
C PRO E 16 116.37 24.72 -68.16
N LYS E 17 115.68 25.19 -69.20
CA LYS E 17 115.58 26.59 -69.57
C LYS E 17 114.12 27.03 -69.41
N LYS E 18 113.83 28.29 -69.77
CA LYS E 18 112.48 28.81 -69.58
C LYS E 18 111.51 28.23 -70.59
N GLY E 19 110.24 28.12 -70.19
CA GLY E 19 109.18 27.74 -71.10
C GLY E 19 109.24 26.31 -71.57
N GLN E 20 109.95 25.45 -70.83
CA GLN E 20 110.25 24.09 -71.21
C GLN E 20 109.67 23.17 -70.15
N THR E 21 109.13 22.03 -70.58
CA THR E 21 108.56 21.10 -69.62
C THR E 21 109.69 20.30 -68.98
N CYS E 22 109.41 19.76 -67.80
CA CYS E 22 110.27 18.76 -67.20
C CYS E 22 109.39 17.66 -66.66
N VAL E 23 109.91 16.44 -66.62
CA VAL E 23 109.30 15.36 -65.87
C VAL E 23 110.24 15.06 -64.69
N VAL E 24 109.67 14.99 -63.49
CA VAL E 24 110.42 14.79 -62.25
C VAL E 24 109.69 13.72 -61.44
N HIS E 25 110.40 12.63 -61.13
CA HIS E 25 109.80 11.55 -60.36
C HIS E 25 110.22 11.68 -58.90
N TYR E 26 109.72 12.72 -58.24
CA TYR E 26 110.18 13.08 -56.90
C TYR E 26 109.54 12.20 -55.83
N THR E 27 110.06 12.35 -54.61
CA THR E 27 109.40 11.87 -53.40
C THR E 27 109.79 12.79 -52.25
N GLY E 28 108.81 13.47 -51.68
CA GLY E 28 109.07 14.50 -50.70
C GLY E 28 108.97 13.99 -49.27
N MET E 29 109.77 14.60 -48.39
CA MET E 29 109.79 14.20 -46.99
C MET E 29 109.87 15.44 -46.12
N LEU E 30 109.63 15.25 -44.83
CA LEU E 30 109.77 16.31 -43.85
C LEU E 30 111.14 16.18 -43.18
N GLN E 31 111.42 17.09 -42.25
CA GLN E 31 112.71 17.07 -41.56
C GLN E 31 112.79 15.92 -40.57
N ASN E 32 111.65 15.56 -39.96
CA ASN E 32 111.62 14.50 -38.97
C ASN E 32 111.83 13.11 -39.56
N GLY E 33 111.59 12.94 -40.87
CA GLY E 33 111.67 11.64 -41.51
C GLY E 33 110.34 11.07 -41.95
N LYS E 34 109.26 11.83 -41.87
CA LYS E 34 107.94 11.36 -42.26
C LYS E 34 107.66 11.78 -43.70
N LYS E 35 107.27 10.81 -44.53
CA LYS E 35 107.01 11.11 -45.93
C LYS E 35 105.59 11.65 -46.07
N PHE E 36 105.47 12.75 -46.83
CA PHE E 36 104.18 13.38 -47.07
C PHE E 36 103.73 13.29 -48.52
N ASP E 37 104.66 13.06 -49.46
CA ASP E 37 104.33 12.94 -50.86
C ASP E 37 105.32 11.95 -51.48
N SER E 38 104.85 11.25 -52.51
CA SER E 38 105.72 10.45 -53.36
C SER E 38 105.02 10.39 -54.72
N SER E 39 105.79 10.45 -55.80
CA SER E 39 105.20 10.31 -57.12
C SER E 39 105.48 8.95 -57.74
N ARG E 40 106.02 8.01 -56.96
CA ARG E 40 106.31 6.66 -57.42
C ARG E 40 105.37 5.61 -56.84
N ASP E 41 104.58 5.96 -55.83
CA ASP E 41 103.51 5.08 -55.39
C ASP E 41 102.36 5.07 -56.39
N ARG E 42 102.16 6.19 -57.09
CA ARG E 42 101.15 6.30 -58.13
C ARG E 42 101.62 5.76 -59.47
N ASN E 43 102.93 5.58 -59.65
CA ASN E 43 103.58 5.22 -60.92
C ASN E 43 103.21 6.18 -62.04
N LYS E 44 103.15 7.47 -61.73
CA LYS E 44 102.86 8.53 -62.69
C LYS E 44 103.80 9.69 -62.42
N PRO E 45 104.73 9.99 -63.34
CA PRO E 45 105.74 11.01 -63.05
C PRO E 45 105.17 12.42 -63.12
N PHE E 46 105.62 13.25 -62.19
CA PHE E 46 105.17 14.63 -62.14
C PHE E 46 105.81 15.44 -63.26
N LYS E 47 104.97 16.15 -64.01
CA LYS E 47 105.44 17.02 -65.07
C LYS E 47 104.95 18.44 -64.85
N PHE E 48 105.86 19.41 -64.99
CA PHE E 48 105.61 20.80 -64.68
C PHE E 48 106.34 21.68 -65.70
N ARG E 49 105.83 22.92 -65.86
CA ARG E 49 106.46 23.91 -66.72
C ARG E 49 107.24 24.91 -65.89
N ILE E 50 108.47 25.20 -66.31
CA ILE E 50 109.38 26.00 -65.50
C ILE E 50 109.11 27.46 -65.84
N GLY E 51 108.94 28.28 -64.80
CA GLY E 51 108.79 29.72 -64.93
C GLY E 51 107.36 30.21 -64.86
N LYS E 52 106.37 29.35 -65.06
CA LYS E 52 104.98 29.77 -65.03
C LYS E 52 104.33 29.64 -63.66
N GLN E 53 105.12 29.40 -62.61
CA GLN E 53 104.71 29.42 -61.20
C GLN E 53 103.66 28.36 -60.90
N GLU E 54 103.89 27.15 -61.41
CA GLU E 54 103.04 26.01 -61.06
C GLU E 54 103.43 25.43 -59.72
N VAL E 55 104.70 25.04 -59.59
CA VAL E 55 105.25 24.47 -58.37
C VAL E 55 105.61 25.60 -57.41
N ILE E 56 105.95 25.24 -56.17
CA ILE E 56 106.45 26.20 -55.20
C ILE E 56 107.81 26.74 -55.63
N LYS E 57 108.22 27.84 -54.98
CA LYS E 57 109.45 28.52 -55.36
C LYS E 57 110.69 27.67 -55.07
N GLY E 58 110.64 26.85 -54.02
CA GLY E 58 111.79 26.02 -53.69
C GLY E 58 111.97 24.86 -54.65
N PHE E 59 110.90 24.45 -55.32
CA PHE E 59 110.96 23.30 -56.22
C PHE E 59 111.60 23.67 -57.55
N GLU E 60 111.27 24.85 -58.09
CA GLU E 60 111.76 25.22 -59.41
C GLU E 60 113.17 25.78 -59.34
N GLU E 61 113.50 26.54 -58.29
CA GLU E 61 114.89 26.90 -58.04
C GLU E 61 115.72 25.70 -57.63
N GLY E 62 115.07 24.62 -57.20
CA GLY E 62 115.74 23.35 -57.03
C GLY E 62 115.91 22.52 -58.29
N ALA E 63 114.91 22.53 -59.18
CA ALA E 63 115.00 21.73 -60.40
C ALA E 63 115.84 22.39 -61.49
N ALA E 64 116.08 23.71 -61.37
CA ALA E 64 116.83 24.41 -62.41
C ALA E 64 118.32 24.17 -62.30
N GLN E 65 118.81 23.79 -61.13
CA GLN E 65 120.24 23.63 -60.92
C GLN E 65 120.75 22.24 -61.25
N MET E 66 119.89 21.34 -61.68
CA MET E 66 120.29 19.96 -61.93
C MET E 66 120.43 19.69 -63.42
N SER E 67 120.92 18.50 -63.72
CA SER E 67 121.16 18.05 -65.08
C SER E 67 120.19 16.93 -65.43
N LEU E 68 120.24 16.49 -66.68
CA LEU E 68 119.40 15.39 -67.13
C LEU E 68 119.94 14.08 -66.57
N GLY E 69 119.06 13.29 -65.95
CA GLY E 69 119.44 12.04 -65.34
C GLY E 69 120.06 12.15 -63.98
N GLN E 70 120.21 13.35 -63.44
CA GLN E 70 120.76 13.54 -62.11
C GLN E 70 119.68 13.39 -61.05
N ARG E 71 120.05 12.79 -59.93
CA ARG E 71 119.16 12.64 -58.77
C ARG E 71 119.83 13.31 -57.57
N ALA E 72 119.17 14.34 -57.03
CA ALA E 72 119.72 15.12 -55.92
C ALA E 72 118.72 15.14 -54.76
N LYS E 73 119.15 15.77 -53.67
CA LYS E 73 118.38 15.85 -52.43
C LYS E 73 118.31 17.31 -52.00
N LEU E 74 117.10 17.86 -51.96
CA LEU E 74 116.99 19.26 -51.57
C LEU E 74 116.54 19.37 -50.12
N THR E 75 116.86 20.51 -49.51
CA THR E 75 116.36 20.87 -48.19
C THR E 75 115.78 22.29 -48.32
N CYS E 76 114.48 22.36 -48.59
CA CYS E 76 113.83 23.65 -48.78
C CYS E 76 113.49 24.28 -47.43
N THR E 77 113.96 25.50 -47.21
CA THR E 77 113.68 26.23 -45.99
C THR E 77 112.20 26.61 -45.92
N PRO E 78 111.64 26.73 -44.71
CA PRO E 78 110.20 27.07 -44.62
C PRO E 78 109.84 28.47 -45.08
N ASP E 79 110.83 29.35 -45.30
CA ASP E 79 110.53 30.69 -45.81
C ASP E 79 110.12 30.66 -47.28
N VAL E 80 110.67 29.71 -48.06
CA VAL E 80 110.44 29.68 -49.50
C VAL E 80 109.30 28.74 -49.88
N ALA E 81 108.80 27.93 -48.95
CA ALA E 81 107.75 26.96 -49.24
C ALA E 81 106.81 26.85 -48.04
N TYR E 82 105.59 27.40 -48.18
CA TYR E 82 104.51 27.32 -47.20
C TYR E 82 104.92 27.89 -45.84
N GLY E 83 105.16 29.20 -45.79
CA GLY E 83 105.64 29.85 -44.59
C GLY E 83 104.70 29.89 -43.39
N ALA E 84 103.55 30.53 -43.54
CA ALA E 84 102.70 30.83 -42.39
C ALA E 84 101.53 29.87 -42.23
N THR E 85 100.61 29.82 -43.20
CA THR E 85 99.44 28.98 -43.04
C THR E 85 99.68 27.55 -43.50
N GLY E 86 100.65 27.33 -44.40
CA GLY E 86 100.94 26.01 -44.92
C GLY E 86 99.82 25.43 -45.78
N HIS E 87 99.93 24.13 -45.99
CA HIS E 87 98.90 23.36 -46.68
C HIS E 87 98.14 22.57 -45.63
N PRO E 88 96.83 22.82 -45.43
CA PRO E 88 96.13 22.20 -44.30
C PRO E 88 95.87 20.71 -44.53
N GLY E 89 96.26 19.89 -43.56
CA GLY E 89 96.05 18.46 -43.61
C GLY E 89 97.25 17.64 -43.99
N VAL E 90 98.28 18.25 -44.59
CA VAL E 90 99.45 17.54 -45.06
C VAL E 90 100.67 17.98 -44.28
N ILE E 91 101.03 19.24 -44.41
CA ILE E 91 102.27 19.80 -43.87
C ILE E 91 101.90 20.70 -42.70
N PRO E 92 102.54 20.54 -41.54
CA PRO E 92 102.32 21.49 -40.43
C PRO E 92 102.94 22.84 -40.75
N PRO E 93 102.44 23.91 -40.14
CA PRO E 93 103.03 25.24 -40.38
C PRO E 93 104.43 25.35 -39.80
N ASN E 94 105.29 26.07 -40.51
CA ASN E 94 106.71 26.31 -40.19
C ASN E 94 107.46 24.97 -40.07
N ALA E 95 107.46 24.23 -41.18
CA ALA E 95 108.10 22.93 -41.26
C ALA E 95 109.05 22.92 -42.46
N THR E 96 110.19 22.25 -42.29
CA THR E 96 111.19 22.16 -43.35
C THR E 96 110.90 20.98 -44.26
N LEU E 97 110.97 21.21 -45.57
CA LEU E 97 110.60 20.24 -46.58
C LEU E 97 111.84 19.70 -47.27
N ILE E 98 111.91 18.38 -47.42
CA ILE E 98 113.04 17.70 -48.05
C ILE E 98 112.51 16.94 -49.28
N PHE E 99 113.18 17.11 -50.41
CA PHE E 99 112.76 16.52 -51.67
C PHE E 99 113.92 15.73 -52.28
N ASP E 100 113.63 14.50 -52.71
CA ASP E 100 114.60 13.68 -53.44
C ASP E 100 114.11 13.68 -54.90
N VAL E 101 114.51 14.72 -55.63
CA VAL E 101 114.07 14.91 -56.99
C VAL E 101 114.96 14.11 -57.93
N GLU E 102 114.36 13.58 -59.00
CA GLU E 102 115.11 12.92 -60.07
C GLU E 102 114.49 13.31 -61.41
N LEU E 103 115.29 13.93 -62.27
CA LEU E 103 114.85 14.36 -63.59
C LEU E 103 115.01 13.22 -64.59
N LEU E 104 113.88 12.72 -65.11
CA LEU E 104 113.93 11.56 -66.00
C LEU E 104 114.31 11.94 -67.42
N ASN E 105 113.50 12.78 -68.07
CA ASN E 105 113.80 13.17 -69.45
C ASN E 105 113.39 14.61 -69.70
N LEU E 106 113.79 15.09 -70.89
CA LEU E 106 113.47 16.39 -71.47
C LEU E 106 113.91 17.53 -70.54
N GLU E 107 115.23 17.72 -70.48
CA GLU E 107 115.91 18.73 -69.64
C GLU E 107 115.56 18.60 -68.15
N MET F 1 53.22 34.99 -71.37
CA MET F 1 54.30 34.07 -71.04
C MET F 1 55.39 34.18 -72.11
N ALA F 2 56.38 33.28 -72.06
CA ALA F 2 57.44 33.27 -73.06
C ALA F 2 57.36 32.08 -74.01
N ASP F 3 56.29 31.27 -73.93
CA ASP F 3 56.14 30.16 -74.86
C ASP F 3 55.51 30.58 -76.19
N GLN F 4 55.17 31.86 -76.34
CA GLN F 4 54.69 32.37 -77.63
C GLN F 4 55.77 32.34 -78.71
N LEU F 5 57.04 32.34 -78.32
CA LEU F 5 58.15 32.33 -79.27
C LEU F 5 58.63 30.89 -79.46
N THR F 6 59.15 30.59 -80.64
CA THR F 6 59.71 29.26 -80.90
C THR F 6 61.09 29.14 -80.25
N GLU F 7 61.78 28.03 -80.56
CA GLU F 7 63.16 27.84 -80.14
C GLU F 7 64.09 28.82 -80.83
N GLU F 8 63.72 29.22 -82.06
CA GLU F 8 64.68 29.68 -83.06
C GLU F 8 64.81 31.20 -83.05
N GLN F 9 63.82 31.89 -82.48
CA GLN F 9 64.04 33.26 -82.05
C GLN F 9 64.83 33.33 -80.75
N ILE F 10 64.66 32.35 -79.85
CA ILE F 10 65.35 32.40 -78.56
C ILE F 10 66.82 32.06 -78.73
N ALA F 11 67.13 31.10 -79.62
CA ALA F 11 68.53 30.79 -79.92
C ALA F 11 69.17 31.91 -80.72
N GLU F 12 68.38 32.68 -81.47
CA GLU F 12 68.90 33.85 -82.16
C GLU F 12 69.12 35.00 -81.19
N PHE F 13 68.29 35.11 -80.15
CA PHE F 13 68.41 36.22 -79.21
C PHE F 13 69.57 36.01 -78.24
N LYS F 14 69.87 34.76 -77.90
CA LYS F 14 71.05 34.48 -77.10
C LYS F 14 72.31 34.63 -77.96
N GLU F 15 72.17 34.37 -79.26
CA GLU F 15 73.26 34.62 -80.21
C GLU F 15 73.59 36.11 -80.28
N ALA F 16 72.57 36.96 -80.26
CA ALA F 16 72.80 38.40 -80.25
C ALA F 16 73.27 38.90 -78.90
N PHE F 17 72.82 38.28 -77.81
CA PHE F 17 73.18 38.74 -76.47
C PHE F 17 74.60 38.35 -76.11
N SER F 18 74.98 37.10 -76.38
CA SER F 18 76.32 36.63 -76.01
C SER F 18 77.39 37.21 -76.95
N LEU F 19 76.99 37.72 -78.11
CA LEU F 19 77.95 38.39 -79.00
C LEU F 19 78.41 39.71 -78.42
N PHE F 20 77.50 40.48 -77.82
CA PHE F 20 77.84 41.81 -77.34
C PHE F 20 77.78 41.89 -75.82
N ASP F 21 77.82 40.74 -75.13
CA ASP F 21 77.91 40.71 -73.67
C ASP F 21 79.29 41.16 -73.22
N LYS F 22 79.36 41.69 -72.00
CA LYS F 22 80.59 42.28 -71.50
C LYS F 22 81.62 41.23 -71.12
N ASP F 23 81.29 40.36 -70.17
CA ASP F 23 82.27 39.41 -69.68
C ASP F 23 81.67 38.00 -69.53
N GLY F 24 80.52 37.76 -70.16
CA GLY F 24 79.82 36.51 -69.98
C GLY F 24 78.90 36.48 -68.78
N ASP F 25 78.77 37.61 -68.08
CA ASP F 25 77.84 37.70 -66.96
C ASP F 25 76.40 37.69 -67.43
N GLY F 26 76.14 38.14 -68.64
CA GLY F 26 74.82 38.44 -69.08
C GLY F 26 74.46 39.90 -68.92
N THR F 27 75.43 40.79 -68.98
CA THR F 27 75.21 42.21 -68.71
C THR F 27 75.46 43.03 -69.98
N ILE F 28 74.71 44.12 -70.11
CA ILE F 28 74.87 45.12 -71.16
C ILE F 28 74.58 46.48 -70.54
N THR F 29 75.02 47.53 -71.21
CA THR F 29 74.71 48.89 -70.75
C THR F 29 73.45 49.41 -71.45
N THR F 30 73.08 50.64 -71.13
CA THR F 30 71.90 51.24 -71.72
C THR F 30 72.19 51.73 -73.15
N LYS F 31 73.47 51.84 -73.53
CA LYS F 31 73.78 51.93 -74.96
C LYS F 31 73.57 50.61 -75.70
N ALA F 32 74.04 49.49 -75.15
CA ALA F 32 74.19 48.27 -75.91
C ALA F 32 72.87 47.60 -76.22
N LEU F 33 71.80 47.97 -75.52
CA LEU F 33 70.47 47.49 -75.86
C LEU F 33 70.01 48.10 -77.18
N GLY F 34 70.50 49.31 -77.49
CA GLY F 34 70.20 49.90 -78.77
C GLY F 34 70.94 49.25 -79.93
N THR F 35 72.24 48.95 -79.73
CA THR F 35 73.01 48.37 -80.82
C THR F 35 72.68 46.90 -81.04
N VAL F 36 72.19 46.22 -79.99
CA VAL F 36 71.80 44.82 -80.14
C VAL F 36 70.44 44.68 -80.83
N MET F 37 69.62 45.74 -80.90
CA MET F 37 68.41 45.57 -81.68
C MET F 37 68.60 46.02 -83.12
N ARG F 38 69.45 47.02 -83.37
CA ARG F 38 69.74 47.43 -84.74
C ARG F 38 70.68 46.46 -85.44
N SER F 39 71.26 45.48 -84.73
CA SER F 39 72.06 44.45 -85.38
C SER F 39 71.19 43.38 -86.05
N LEU F 40 69.89 43.36 -85.77
CA LEU F 40 68.98 42.35 -86.29
C LEU F 40 67.91 42.92 -87.21
N GLY F 41 68.03 44.18 -87.62
CA GLY F 41 67.08 44.73 -88.56
C GLY F 41 66.03 45.62 -87.91
N GLN F 42 65.71 45.35 -86.64
CA GLN F 42 64.68 46.11 -85.94
C GLN F 42 65.26 47.47 -85.54
N ASN F 43 64.64 48.56 -85.99
CA ASN F 43 65.18 49.90 -85.78
C ASN F 43 64.18 50.79 -85.05
N PRO F 44 64.07 50.65 -83.73
CA PRO F 44 63.15 51.50 -82.97
C PRO F 44 63.76 52.87 -82.69
N THR F 45 62.90 53.88 -82.56
CA THR F 45 63.40 55.16 -82.09
C THR F 45 63.51 55.09 -80.57
N GLU F 46 64.08 56.13 -79.97
CA GLU F 46 64.58 56.01 -78.61
C GLU F 46 63.45 56.07 -77.56
N ALA F 47 62.22 56.32 -77.98
CA ALA F 47 61.08 56.21 -77.06
C ALA F 47 60.73 54.76 -76.81
N GLU F 48 60.98 53.89 -77.78
CA GLU F 48 60.66 52.48 -77.61
C GLU F 48 61.61 51.83 -76.62
N LEU F 49 62.85 52.32 -76.59
CA LEU F 49 63.78 51.86 -75.58
C LEU F 49 63.50 52.52 -74.23
N GLN F 50 63.14 53.81 -74.29
CA GLN F 50 62.95 54.66 -73.08
C GLN F 50 61.93 54.09 -72.10
N ASP F 51 60.94 53.34 -72.56
CA ASP F 51 59.92 52.86 -71.63
C ASP F 51 60.27 51.49 -71.06
N MET F 52 61.12 50.72 -71.75
CA MET F 52 61.34 49.32 -71.37
C MET F 52 62.29 49.19 -70.19
N ILE F 53 63.27 50.08 -70.07
CA ILE F 53 64.13 50.10 -68.88
C ILE F 53 63.38 50.63 -67.66
N ASN F 54 62.43 51.52 -67.94
CA ASN F 54 61.52 52.05 -66.88
C ASN F 54 60.57 50.89 -66.51
N GLU F 55 60.30 50.00 -67.48
CA GLU F 55 59.45 48.84 -67.23
C GLU F 55 60.25 47.72 -66.57
N VAL F 56 61.55 47.59 -66.85
CA VAL F 56 62.38 46.73 -65.99
C VAL F 56 63.13 47.58 -64.96
N ASN F 61 68.29 50.72 -63.04
CA ASN F 61 69.46 50.13 -62.43
C ASN F 61 70.70 50.12 -63.34
N GLY F 62 70.48 50.08 -64.65
CA GLY F 62 71.56 50.09 -65.61
C GLY F 62 72.11 48.73 -66.00
N THR F 63 71.58 47.65 -65.43
CA THR F 63 72.01 46.29 -65.72
C THR F 63 70.85 45.54 -66.36
N ILE F 64 70.95 45.28 -67.66
CA ILE F 64 69.91 44.60 -68.41
C ILE F 64 70.37 43.16 -68.59
N ASP F 65 69.76 42.26 -67.84
CA ASP F 65 70.17 40.86 -67.85
C ASP F 65 69.38 40.12 -68.92
N PHE F 66 69.77 38.86 -69.18
CA PHE F 66 69.18 38.13 -70.30
C PHE F 66 67.71 37.75 -70.13
N PRO F 67 67.20 37.36 -68.94
CA PRO F 67 65.74 37.25 -68.81
C PRO F 67 64.99 38.57 -68.94
N ALA F 68 65.62 39.70 -68.61
CA ALA F 68 64.97 40.99 -68.82
C ALA F 68 64.92 41.35 -70.30
N PHE F 69 65.97 40.98 -71.04
CA PHE F 69 66.00 41.28 -72.47
C PHE F 69 65.09 40.33 -73.24
N LEU F 70 64.91 39.11 -72.73
CA LEU F 70 64.05 38.14 -73.42
C LEU F 70 62.59 38.48 -73.25
N THR F 71 62.23 39.08 -72.10
CA THR F 71 60.84 39.47 -71.88
C THR F 71 60.47 40.72 -72.67
N MET F 72 61.46 41.57 -72.96
CA MET F 72 61.19 42.79 -73.71
C MET F 72 61.04 42.52 -75.20
N MET F 73 61.76 41.53 -75.74
CA MET F 73 61.53 41.13 -77.13
C MET F 73 60.25 40.34 -77.29
N ALA F 74 59.82 39.64 -76.23
CA ALA F 74 58.60 38.86 -76.32
C ALA F 74 57.38 39.76 -76.36
N ARG F 75 57.42 40.87 -75.62
CA ARG F 75 56.34 41.86 -75.70
C ARG F 75 56.45 42.68 -76.98
N LYS F 76 57.67 42.81 -77.53
CA LYS F 76 57.85 43.57 -78.76
C LYS F 76 57.42 42.75 -79.98
N MET F 77 57.38 41.43 -79.86
CA MET F 77 56.93 40.60 -80.96
C MET F 77 55.47 40.20 -80.84
N LYS F 78 54.94 40.07 -79.62
CA LYS F 78 53.58 39.55 -79.47
C LYS F 78 52.51 40.58 -79.84
N ASP F 79 52.81 41.87 -79.73
CA ASP F 79 51.78 42.89 -79.97
C ASP F 79 51.45 43.00 -81.45
N THR F 80 52.46 42.84 -82.32
CA THR F 80 52.20 42.84 -83.75
C THR F 80 51.62 41.51 -84.20
N ASP F 81 52.00 40.42 -83.52
CA ASP F 81 51.45 39.11 -83.88
C ASP F 81 50.01 38.96 -83.36
N SER F 82 49.67 39.59 -82.24
CA SER F 82 48.28 39.54 -81.77
C SER F 82 47.39 40.48 -82.58
N GLU F 83 47.98 41.43 -83.30
CA GLU F 83 47.18 42.27 -84.18
C GLU F 83 46.98 41.62 -85.54
N GLU F 84 47.86 40.69 -85.91
CA GLU F 84 47.84 40.05 -87.22
C GLU F 84 47.49 38.57 -87.17
N GLU F 85 47.20 38.01 -85.99
CA GLU F 85 46.81 36.61 -85.89
C GLU F 85 45.45 36.33 -86.51
N ILE F 86 44.61 37.35 -86.63
CA ILE F 86 43.17 37.15 -86.82
C ILE F 86 42.79 37.22 -88.30
N ARG F 87 43.69 37.74 -89.14
CA ARG F 87 43.45 37.78 -90.58
C ARG F 87 43.75 36.42 -91.23
N GLU F 88 44.85 35.79 -90.81
CA GLU F 88 45.17 34.46 -91.30
C GLU F 88 44.25 33.44 -90.66
N ALA F 89 43.68 33.79 -89.50
CA ALA F 89 42.61 32.98 -88.91
C ALA F 89 41.30 33.15 -89.70
N PHE F 90 41.17 34.22 -90.46
CA PHE F 90 40.02 34.47 -91.32
C PHE F 90 40.16 33.87 -92.71
N ARG F 91 41.32 33.28 -93.04
CA ARG F 91 41.58 32.94 -94.43
C ARG F 91 40.92 31.63 -94.84
N VAL F 92 40.70 30.72 -93.88
CA VAL F 92 40.08 29.45 -94.24
C VAL F 92 38.56 29.60 -94.34
N PHE F 93 38.02 30.74 -93.85
CA PHE F 93 36.59 31.01 -93.94
C PHE F 93 36.15 31.33 -95.36
N ASP F 94 36.95 32.07 -96.12
CA ASP F 94 36.58 32.44 -97.49
C ASP F 94 37.52 31.78 -98.50
N LYS F 95 36.98 31.45 -99.68
CA LYS F 95 37.76 30.68 -100.64
C LYS F 95 38.71 31.57 -101.43
N ASP F 96 38.37 32.85 -101.66
CA ASP F 96 39.24 33.67 -102.50
C ASP F 96 40.31 34.37 -101.68
N GLY F 97 39.95 34.96 -100.55
CA GLY F 97 40.91 35.63 -99.69
C GLY F 97 40.77 37.12 -99.55
N ASN F 98 39.77 37.74 -100.20
CA ASN F 98 39.61 39.19 -100.06
C ASN F 98 38.88 39.55 -98.78
N GLY F 99 38.06 38.65 -98.24
CA GLY F 99 37.41 38.89 -96.96
C GLY F 99 35.92 38.67 -96.98
N TYR F 100 35.44 38.06 -98.06
CA TYR F 100 34.02 37.90 -98.31
C TYR F 100 33.67 36.42 -98.21
N ILE F 101 32.93 36.05 -97.16
CA ILE F 101 32.60 34.66 -96.89
C ILE F 101 31.09 34.49 -96.82
N SER F 102 30.61 33.35 -97.32
CA SER F 102 29.18 33.07 -97.40
C SER F 102 28.62 32.75 -96.02
N ALA F 103 27.34 33.07 -95.83
CA ALA F 103 26.68 32.76 -94.57
C ALA F 103 26.29 31.29 -94.50
N ALA F 104 26.07 30.65 -95.64
CA ALA F 104 25.75 29.23 -95.65
C ALA F 104 27.01 28.38 -95.46
N ALA F 105 28.18 28.94 -95.79
CA ALA F 105 29.42 28.20 -95.62
C ALA F 105 29.87 28.17 -94.16
N LEU F 106 29.38 29.10 -93.33
CA LEU F 106 29.96 29.31 -92.02
C LEU F 106 29.31 28.47 -90.91
N ARG F 107 28.25 27.70 -91.18
CA ARG F 107 27.65 26.91 -90.09
C ARG F 107 28.08 25.44 -90.03
N HIS F 108 28.91 24.95 -90.95
CA HIS F 108 29.45 23.61 -90.79
C HIS F 108 30.95 23.63 -90.50
N VAL F 109 31.65 24.66 -90.95
CA VAL F 109 33.08 24.83 -90.69
C VAL F 109 33.37 25.51 -89.34
N MET F 110 32.40 26.23 -88.76
CA MET F 110 32.63 26.85 -87.45
C MET F 110 32.06 26.01 -86.31
N THR F 111 31.18 25.06 -86.60
CA THR F 111 30.73 24.13 -85.56
C THR F 111 31.67 22.94 -85.38
N ASN F 112 32.74 22.84 -86.18
CA ASN F 112 33.55 21.64 -86.24
C ASN F 112 35.02 21.92 -85.96
N LEU F 113 35.33 23.00 -85.24
CA LEU F 113 36.71 23.47 -85.12
C LEU F 113 37.45 22.91 -83.91
N GLY F 114 36.78 22.21 -83.01
CA GLY F 114 37.47 21.55 -81.92
C GLY F 114 37.46 22.24 -80.57
N GLU F 115 36.71 23.32 -80.40
CA GLU F 115 36.51 23.93 -79.09
C GLU F 115 35.17 23.54 -78.48
N LYS F 116 34.58 22.42 -78.96
CA LYS F 116 33.29 21.88 -78.50
C LYS F 116 32.16 22.89 -78.65
N LEU F 117 32.14 23.61 -79.78
CA LEU F 117 31.09 24.58 -80.05
C LEU F 117 29.87 23.84 -80.59
N THR F 118 28.71 24.06 -79.97
CA THR F 118 27.51 23.37 -80.39
C THR F 118 26.87 24.14 -81.54
N ASP F 119 25.66 23.74 -81.94
CA ASP F 119 24.91 24.51 -82.92
C ASP F 119 24.35 25.79 -82.33
N GLU F 120 24.31 25.90 -80.99
CA GLU F 120 23.65 27.02 -80.35
C GLU F 120 24.57 28.24 -80.22
N GLU F 121 25.88 28.02 -80.09
CA GLU F 121 26.80 29.13 -79.84
C GLU F 121 27.08 29.92 -81.11
N VAL F 122 27.25 29.22 -82.24
CA VAL F 122 27.41 29.91 -83.52
C VAL F 122 26.08 30.48 -84.01
N ASP F 123 24.94 30.01 -83.49
CA ASP F 123 23.68 30.65 -83.82
C ASP F 123 23.53 31.96 -83.06
N GLU F 124 24.03 32.02 -81.83
CA GLU F 124 24.12 33.28 -81.10
C GLU F 124 25.19 34.19 -81.71
N MET F 125 26.20 33.60 -82.35
CA MET F 125 27.37 34.36 -82.76
C MET F 125 27.07 35.21 -83.99
N ILE F 126 26.28 34.68 -84.92
CA ILE F 126 26.10 35.35 -86.22
C ILE F 126 24.89 36.27 -86.23
N ARG F 127 23.94 36.08 -85.32
CA ARG F 127 22.78 36.97 -85.22
C ARG F 127 22.90 38.00 -84.11
N GLU F 128 24.06 38.09 -83.45
CA GLU F 128 24.47 39.29 -82.76
C GLU F 128 25.47 40.13 -83.55
N ALA F 129 25.65 39.84 -84.83
CA ALA F 129 26.55 40.63 -85.67
C ALA F 129 25.92 41.99 -85.96
N GLY F 135 23.98 36.23 -98.39
CA GLY F 135 24.76 37.41 -98.07
C GLY F 135 26.18 37.11 -97.63
N GLN F 136 27.03 38.13 -97.60
CA GLN F 136 28.42 37.97 -97.23
C GLN F 136 28.89 39.22 -96.50
N VAL F 137 29.68 39.02 -95.44
CA VAL F 137 30.09 40.09 -94.53
C VAL F 137 31.59 40.31 -94.74
N ASN F 138 32.04 41.56 -94.52
CA ASN F 138 33.41 41.93 -94.81
C ASN F 138 34.35 41.38 -93.72
N TYR F 139 35.66 41.58 -93.95
CA TYR F 139 36.66 41.08 -93.03
C TYR F 139 36.84 41.97 -91.80
N GLU F 140 36.69 43.29 -91.93
CA GLU F 140 36.98 44.16 -90.79
C GLU F 140 35.84 44.14 -89.79
N ALA F 141 34.64 43.72 -90.23
CA ALA F 141 33.52 43.56 -89.30
C ALA F 141 33.69 42.31 -88.45
N PHE F 142 34.47 41.34 -88.92
CA PHE F 142 34.59 40.08 -88.19
C PHE F 142 35.54 40.22 -87.01
N VAL F 143 36.51 41.13 -87.12
CA VAL F 143 37.27 41.55 -85.94
C VAL F 143 36.41 42.40 -85.02
N GLN F 144 35.49 43.19 -85.60
CA GLN F 144 34.63 44.04 -84.79
C GLN F 144 33.64 43.19 -83.99
N MET F 145 33.27 42.05 -84.53
CA MET F 145 32.34 41.12 -83.88
C MET F 145 33.04 40.01 -83.11
N MET F 146 34.37 39.86 -83.21
CA MET F 146 35.04 38.86 -82.39
C MET F 146 35.58 39.44 -81.09
N THR F 147 36.32 40.55 -81.17
CA THR F 147 36.91 41.14 -79.98
C THR F 147 35.85 41.80 -79.11
N ALA F 148 34.81 42.35 -79.74
CA ALA F 148 33.64 42.97 -79.12
C ALA F 148 34.01 44.07 -78.11
N GLN G 12 -6.06 -7.81 35.18
CA GLN G 12 -7.44 -7.38 35.34
C GLN G 12 -8.15 -8.19 36.43
N PHE G 13 -7.96 -9.50 36.39
CA PHE G 13 -8.55 -10.40 37.37
C PHE G 13 -7.47 -11.30 37.92
N LEU G 14 -7.50 -11.54 39.23
CA LEU G 14 -6.49 -12.39 39.82
C LEU G 14 -6.74 -13.86 39.51
N ARG G 15 -5.67 -14.64 39.62
CA ARG G 15 -5.64 -16.05 39.29
C ARG G 15 -5.00 -16.80 40.46
N THR G 16 -4.85 -18.11 40.28
CA THR G 16 -4.01 -18.90 41.15
C THR G 16 -2.56 -18.82 40.63
N ASP G 17 -1.59 -18.86 41.56
CA ASP G 17 -0.15 -18.74 41.29
C ASP G 17 0.21 -17.36 40.72
N ASP G 18 -0.15 -16.31 41.48
CA ASP G 18 0.39 -14.97 41.29
C ASP G 18 0.87 -14.42 42.63
N GLU G 19 2.04 -13.80 42.63
CA GLU G 19 2.62 -13.22 43.84
C GLU G 19 1.99 -11.85 44.11
N VAL G 20 1.44 -11.67 45.31
CA VAL G 20 0.76 -10.44 45.70
C VAL G 20 1.48 -9.83 46.89
N VAL G 21 1.16 -8.56 47.18
CA VAL G 21 1.63 -7.87 48.37
C VAL G 21 0.46 -7.24 49.12
N LEU G 22 0.24 -7.69 50.35
CA LEU G 22 -0.86 -7.22 51.18
C LEU G 22 -0.49 -5.88 51.79
N GLN G 23 -1.24 -4.83 51.45
CA GLN G 23 -0.94 -3.49 51.92
C GLN G 23 -2.23 -2.77 52.27
N CYS G 24 -2.13 -1.85 53.23
CA CYS G 24 -3.24 -1.09 53.77
C CYS G 24 -3.04 0.39 53.49
N SER G 25 -3.94 1.22 54.02
CA SER G 25 -3.84 2.67 53.91
C SER G 25 -4.04 3.29 55.28
N ALA G 26 -3.23 4.30 55.59
CA ALA G 26 -3.33 4.99 56.87
C ALA G 26 -2.96 6.45 56.70
N GLU G 31 -1.10 12.32 56.50
CA GLU G 31 -1.07 11.92 55.10
C GLU G 31 -1.24 10.41 54.96
N GLN G 32 -1.73 9.99 53.80
CA GLN G 32 -1.99 8.57 53.54
C GLN G 32 -0.68 7.82 53.30
N LEU G 33 -0.50 6.71 53.99
CA LEU G 33 0.74 5.96 53.92
C LEU G 33 0.42 4.47 53.82
N LYS G 34 1.05 3.80 52.85
CA LYS G 34 0.80 2.40 52.59
C LYS G 34 1.74 1.55 53.44
N LEU G 35 1.20 0.49 54.04
CA LEU G 35 1.97 -0.43 54.89
C LEU G 35 1.89 -1.83 54.31
N CYS G 36 2.90 -2.21 53.54
CA CYS G 36 2.97 -3.56 52.99
C CYS G 36 3.31 -4.56 54.09
N LEU G 37 2.56 -5.66 54.12
CA LEU G 37 2.71 -6.69 55.15
C LEU G 37 3.85 -7.63 54.76
N ALA G 38 5.01 -7.45 55.40
CA ALA G 38 6.20 -8.22 55.10
C ALA G 38 6.59 -9.07 56.31
N ALA G 39 7.14 -10.25 56.02
CA ALA G 39 7.46 -11.24 57.04
C ALA G 39 8.90 -11.69 56.89
N GLU G 40 9.65 -11.65 57.99
CA GLU G 40 11.09 -11.92 57.91
C GLU G 40 11.38 -13.39 57.70
N GLY G 41 10.93 -14.25 58.62
CA GLY G 41 11.17 -15.67 58.48
C GLY G 41 12.52 -16.10 59.01
N PHE G 42 12.60 -17.34 59.51
CA PHE G 42 13.77 -17.89 60.21
C PHE G 42 14.19 -16.96 61.36
N GLY G 43 13.21 -16.58 62.16
CA GLY G 43 13.40 -15.60 63.21
C GLY G 43 12.36 -14.49 63.15
N ASN G 44 11.72 -14.21 64.29
CA ASN G 44 10.70 -13.17 64.47
C ASN G 44 9.53 -13.39 63.51
N ARG G 45 8.86 -14.53 63.72
CA ARG G 45 7.82 -14.99 62.81
C ARG G 45 6.58 -14.11 62.82
N LEU G 46 6.35 -13.36 63.91
CA LEU G 46 5.24 -12.41 63.94
C LEU G 46 5.50 -11.28 62.97
N CYS G 47 4.49 -10.96 62.17
CA CYS G 47 4.66 -10.04 61.04
C CYS G 47 4.72 -8.59 61.52
N PHE G 48 5.27 -7.75 60.66
CA PHE G 48 5.41 -6.32 60.91
C PHE G 48 4.95 -5.59 59.65
N LEU G 49 5.09 -4.27 59.64
CA LEU G 49 4.70 -3.45 58.50
C LEU G 49 5.85 -2.54 58.11
N GLU G 50 5.82 -2.07 56.87
CA GLU G 50 6.90 -1.29 56.29
C GLU G 50 6.38 0.02 55.72
N PRO G 51 7.07 1.13 55.98
CA PRO G 51 6.72 2.38 55.27
C PRO G 51 7.26 2.33 53.85
N THR G 52 6.38 2.60 52.89
CA THR G 52 6.75 2.50 51.49
C THR G 52 6.31 3.68 50.63
N SER G 53 5.59 4.66 51.19
CA SER G 53 5.33 5.90 50.45
C SER G 53 6.57 6.79 50.40
N ASN G 54 7.54 6.56 51.28
CA ASN G 54 8.80 7.30 51.32
C ASN G 54 9.92 6.61 50.56
N ALA G 55 9.60 6.02 49.40
CA ALA G 55 10.62 5.44 48.53
C ALA G 55 11.49 6.50 47.85
N GLN G 56 11.07 7.77 47.88
CA GLN G 56 11.87 8.84 47.31
C GLN G 56 13.11 9.15 48.14
N ASN G 57 13.13 8.78 49.41
CA ASN G 57 14.29 8.99 50.27
C ASN G 57 14.89 7.71 50.83
N VAL G 58 14.08 6.68 51.08
CA VAL G 58 14.63 5.40 51.53
C VAL G 58 13.94 4.23 50.83
N PRO G 59 14.69 3.31 50.24
CA PRO G 59 14.07 2.16 49.55
C PRO G 59 13.63 1.08 50.54
N PRO G 60 12.44 0.50 50.35
CA PRO G 60 11.98 -0.56 51.24
C PRO G 60 12.50 -1.92 50.80
N ASP G 61 12.16 -2.94 51.58
CA ASP G 61 12.57 -4.32 51.31
C ASP G 61 11.31 -5.11 50.97
N LEU G 62 11.10 -5.35 49.68
CA LEU G 62 9.96 -6.13 49.19
C LEU G 62 10.30 -7.59 48.95
N ALA G 63 11.53 -8.02 49.23
CA ALA G 63 11.89 -9.42 49.09
C ALA G 63 11.24 -10.29 50.16
N ILE G 64 10.86 -9.69 51.28
CA ILE G 64 10.17 -10.40 52.35
C ILE G 64 8.67 -10.13 52.34
N CYS G 65 8.14 -9.60 51.24
CA CYS G 65 6.73 -9.27 51.12
C CYS G 65 6.03 -10.07 50.03
N CYS G 66 6.76 -10.88 49.27
CA CYS G 66 6.16 -11.65 48.19
C CYS G 66 5.36 -12.81 48.75
N PHE G 67 4.04 -12.77 48.59
CA PHE G 67 3.14 -13.82 49.03
C PHE G 67 2.43 -14.41 47.82
N THR G 68 2.55 -15.72 47.65
CA THR G 68 1.95 -16.43 46.52
C THR G 68 0.69 -17.16 46.95
N LEU G 69 -0.31 -17.16 46.07
CA LEU G 69 -1.59 -17.82 46.32
C LEU G 69 -1.52 -19.22 45.72
N GLU G 70 -1.31 -20.23 46.57
CA GLU G 70 -1.04 -21.56 46.04
C GLU G 70 -2.32 -22.31 45.66
N GLN G 71 -3.36 -22.25 46.51
CA GLN G 71 -4.61 -22.95 46.27
C GLN G 71 -5.77 -22.07 46.69
N SER G 72 -6.89 -22.18 45.97
CA SER G 72 -8.09 -21.41 46.25
C SER G 72 -9.29 -22.34 46.25
N LEU G 73 -9.94 -22.50 47.40
CA LEU G 73 -11.12 -23.35 47.54
C LEU G 73 -12.28 -22.55 48.13
N SER G 74 -13.42 -23.21 48.26
CA SER G 74 -14.61 -22.62 48.84
C SER G 74 -14.70 -22.98 50.33
N VAL G 75 -15.86 -22.66 50.93
CA VAL G 75 -16.02 -22.80 52.38
C VAL G 75 -16.30 -24.26 52.75
N ARG G 76 -17.25 -24.90 52.05
CA ARG G 76 -17.49 -26.31 52.33
C ARG G 76 -16.51 -27.20 51.57
N ALA G 77 -15.75 -26.63 50.64
CA ALA G 77 -14.70 -27.39 49.97
C ALA G 77 -13.50 -27.60 50.90
N LEU G 78 -13.22 -26.63 51.78
CA LEU G 78 -12.16 -26.83 52.75
C LEU G 78 -12.65 -27.73 53.88
N GLN G 79 -13.97 -27.73 54.13
CA GLN G 79 -14.54 -28.44 55.27
C GLN G 79 -14.33 -29.95 55.16
N GLU G 80 -14.47 -30.50 53.95
CA GLU G 80 -14.27 -31.94 53.82
C GLU G 80 -12.79 -32.29 53.66
N MET G 81 -11.94 -31.31 53.32
CA MET G 81 -10.51 -31.64 53.26
C MET G 81 -9.91 -31.71 54.67
N LEU G 82 -10.34 -30.82 55.58
CA LEU G 82 -9.91 -30.95 56.97
C LEU G 82 -10.60 -32.13 57.64
N ALA G 83 -11.77 -32.52 57.14
CA ALA G 83 -12.41 -33.74 57.62
C ALA G 83 -11.69 -34.99 57.13
N ASN G 84 -11.02 -34.90 55.98
CA ASN G 84 -10.27 -36.03 55.45
C ASN G 84 -8.94 -36.18 56.19
N GLY G 97 -4.92 -25.98 36.69
CA GLY G 97 -3.71 -25.28 37.09
C GLY G 97 -3.98 -23.92 37.72
N HIS G 98 -4.33 -22.94 36.89
CA HIS G 98 -4.64 -21.59 37.34
C HIS G 98 -6.15 -21.42 37.39
N ARG G 99 -6.69 -21.33 38.59
CA ARG G 99 -8.12 -21.18 38.83
C ARG G 99 -8.41 -19.76 39.33
N THR G 100 -9.31 -19.06 38.65
CA THR G 100 -9.65 -17.70 39.03
C THR G 100 -10.53 -17.71 40.28
N LEU G 101 -10.08 -17.02 41.31
CA LEU G 101 -10.77 -16.97 42.59
C LEU G 101 -11.92 -15.98 42.56
N LEU G 102 -12.97 -16.30 43.31
CA LEU G 102 -14.17 -15.49 43.42
C LEU G 102 -14.33 -14.97 44.84
N TYR G 103 -15.30 -14.08 45.03
CA TYR G 103 -15.59 -13.57 46.36
C TYR G 103 -16.32 -14.60 47.20
N GLY G 104 -16.03 -14.60 48.50
CA GLY G 104 -16.54 -15.60 49.41
C GLY G 104 -15.70 -16.85 49.50
N HIS G 105 -14.69 -17.00 48.65
CA HIS G 105 -13.85 -18.18 48.63
C HIS G 105 -12.78 -18.09 49.71
N ALA G 106 -12.08 -19.20 49.92
CA ALA G 106 -10.92 -19.24 50.80
C ALA G 106 -9.65 -19.11 49.97
N ILE G 107 -8.56 -18.69 50.64
CA ILE G 107 -7.27 -18.59 49.99
C ILE G 107 -6.18 -18.89 51.02
N LEU G 108 -5.10 -19.50 50.54
CA LEU G 108 -3.95 -19.90 51.37
C LEU G 108 -2.73 -19.14 50.84
N LEU G 109 -2.38 -18.07 51.54
CA LEU G 109 -1.21 -17.28 51.19
C LEU G 109 0.04 -17.95 51.73
N ARG G 110 1.05 -18.10 50.87
CA ARG G 110 2.31 -18.73 51.27
C ARG G 110 3.47 -17.84 50.87
N HIS G 111 4.45 -17.71 51.76
CA HIS G 111 5.59 -16.82 51.56
C HIS G 111 6.52 -17.37 50.48
N ALA G 112 7.31 -16.47 49.89
CA ALA G 112 8.18 -16.79 48.76
C ALA G 112 9.63 -17.00 49.15
N HIS G 113 10.14 -16.27 50.14
CA HIS G 113 11.48 -16.52 50.65
C HIS G 113 11.49 -17.74 51.56
N SER G 114 10.61 -17.74 52.56
CA SER G 114 10.62 -18.73 53.63
C SER G 114 9.72 -19.94 53.37
N ARG G 115 8.90 -19.91 52.31
CA ARG G 115 8.14 -21.07 51.81
C ARG G 115 7.19 -21.68 52.83
N MET G 116 6.60 -20.84 53.68
CA MET G 116 5.67 -21.31 54.69
C MET G 116 4.42 -20.44 54.69
N TYR G 117 3.46 -20.81 55.52
CA TYR G 117 2.10 -20.32 55.42
C TYR G 117 1.89 -19.17 56.40
N LEU G 118 1.01 -18.23 56.05
CA LEU G 118 0.63 -17.16 56.97
C LEU G 118 -0.67 -17.58 57.66
N SER G 119 -0.58 -17.89 58.95
CA SER G 119 -1.72 -18.35 59.74
C SER G 119 -1.95 -17.41 60.92
N CYS G 120 -2.87 -17.82 61.79
CA CYS G 120 -3.19 -17.07 63.01
C CYS G 120 -2.95 -17.97 64.21
N LEU G 121 -1.85 -17.73 64.95
CA LEU G 121 -1.52 -18.59 66.08
C LEU G 121 -2.38 -18.26 67.29
N THR G 122 -2.30 -19.13 68.29
CA THR G 122 -3.17 -19.08 69.46
C THR G 122 -2.73 -18.03 70.49
N THR G 123 -1.51 -17.52 70.39
CA THR G 123 -0.98 -16.63 71.42
C THR G 123 -1.61 -15.23 71.29
N SER G 124 -1.31 -14.39 72.28
CA SER G 124 -1.81 -13.02 72.31
C SER G 124 -0.71 -12.14 72.88
N ARG G 125 -0.19 -11.22 72.07
CA ARG G 125 0.88 -10.32 72.48
C ARG G 125 0.40 -8.90 72.72
N SER G 126 -0.92 -8.68 72.77
CA SER G 126 -1.44 -7.33 72.98
C SER G 126 -1.37 -6.96 74.46
N MET G 127 -1.55 -7.95 75.35
CA MET G 127 -1.47 -7.82 76.81
C MET G 127 -2.42 -6.77 77.38
N THR G 128 -3.61 -6.62 76.77
CA THR G 128 -4.59 -5.65 77.25
C THR G 128 -6.01 -6.22 77.25
N ASP G 129 -6.15 -7.54 77.05
CA ASP G 129 -7.44 -8.25 77.01
C ASP G 129 -8.38 -7.67 75.95
N LYS G 130 -7.80 -7.26 74.82
CA LYS G 130 -8.57 -6.73 73.71
C LYS G 130 -9.09 -7.83 72.80
N LEU G 131 -8.84 -9.10 73.16
CA LEU G 131 -9.27 -10.29 72.44
C LEU G 131 -8.74 -10.28 71.00
N ALA G 132 -7.43 -10.14 70.87
CA ALA G 132 -6.77 -10.09 69.57
C ALA G 132 -5.65 -11.12 69.54
N PHE G 133 -5.72 -12.04 68.58
CA PHE G 133 -4.67 -13.02 68.35
C PHE G 133 -3.69 -12.46 67.33
N ASP G 134 -2.40 -12.66 67.58
CA ASP G 134 -1.39 -12.20 66.64
C ASP G 134 -1.23 -13.21 65.49
N VAL G 135 -0.91 -12.69 64.31
CA VAL G 135 -0.87 -13.49 63.08
C VAL G 135 0.60 -13.64 62.69
N GLY G 136 0.99 -14.89 62.40
CA GLY G 136 2.38 -15.19 62.10
C GLY G 136 2.48 -16.49 61.33
N LEU G 137 3.71 -16.86 61.03
CA LEU G 137 3.98 -17.93 60.08
C LEU G 137 4.05 -19.30 60.75
N GLN G 138 3.72 -20.33 59.98
CA GLN G 138 3.68 -21.70 60.45
C GLN G 138 4.30 -22.61 59.40
N GLU G 139 4.97 -23.67 59.86
CA GLU G 139 5.50 -24.68 58.93
C GLU G 139 4.55 -25.84 58.68
N ASP G 140 3.73 -26.18 59.67
CA ASP G 140 2.82 -27.31 59.52
C ASP G 140 1.70 -26.96 58.56
N ALA G 141 1.25 -27.96 57.81
CA ALA G 141 0.30 -27.76 56.73
C ALA G 141 -1.14 -28.04 57.16
N THR G 142 -1.44 -27.91 58.45
CA THR G 142 -2.82 -28.05 58.92
C THR G 142 -3.64 -26.84 58.50
N GLY G 143 -4.78 -27.09 57.86
CA GLY G 143 -5.59 -26.03 57.28
C GLY G 143 -6.66 -25.47 58.21
N GLU G 144 -6.47 -25.61 59.52
CA GLU G 144 -7.43 -25.03 60.45
C GLU G 144 -7.28 -23.52 60.52
N ALA G 145 -6.03 -23.03 60.56
CA ALA G 145 -5.76 -21.61 60.75
C ALA G 145 -4.98 -20.99 59.59
N CYS G 146 -4.58 -21.79 58.60
CA CYS G 146 -3.78 -21.28 57.50
C CYS G 146 -4.62 -20.71 56.36
N TRP G 147 -5.93 -20.87 56.43
CA TRP G 147 -6.83 -20.45 55.36
C TRP G 147 -7.46 -19.10 55.71
N TRP G 148 -7.75 -18.31 54.68
CA TRP G 148 -8.34 -16.99 54.84
C TRP G 148 -9.46 -16.78 53.83
N THR G 149 -10.61 -16.32 54.32
CA THR G 149 -11.79 -16.12 53.50
C THR G 149 -12.02 -14.64 53.25
N MET G 150 -12.38 -14.30 52.01
CA MET G 150 -12.52 -12.92 51.58
C MET G 150 -13.96 -12.45 51.71
N HIS G 151 -14.13 -11.14 51.87
CA HIS G 151 -15.43 -10.51 51.90
C HIS G 151 -15.35 -9.15 51.22
N PRO G 152 -16.38 -8.76 50.49
CA PRO G 152 -16.36 -7.47 49.80
C PRO G 152 -16.51 -6.31 50.79
N ALA G 153 -15.99 -5.15 50.38
CA ALA G 153 -16.03 -3.98 51.25
C ALA G 153 -17.39 -3.29 51.19
N SER G 154 -17.94 -3.10 50.01
CA SER G 154 -19.18 -2.36 49.81
C SER G 154 -20.24 -3.26 49.18
N LYS G 155 -21.40 -2.66 48.90
CA LYS G 155 -22.51 -3.34 48.24
C LYS G 155 -22.38 -3.39 46.73
N GLN G 156 -21.30 -2.82 46.17
CA GLN G 156 -21.07 -2.87 44.73
C GLN G 156 -20.78 -4.29 44.26
N ARG G 157 -19.97 -5.03 45.01
CA ARG G 157 -19.70 -6.42 44.70
C ARG G 157 -20.30 -7.32 45.79
N SER G 158 -20.91 -8.41 45.36
CA SER G 158 -21.48 -9.40 46.28
C SER G 158 -20.79 -10.74 46.06
N GLU G 159 -21.28 -11.76 46.75
CA GLU G 159 -20.67 -13.08 46.66
C GLU G 159 -21.00 -13.72 45.32
N GLY G 160 -19.97 -14.25 44.66
CA GLY G 160 -20.13 -14.83 43.35
C GLY G 160 -19.55 -14.01 42.21
N GLU G 161 -18.89 -12.89 42.49
CA GLU G 161 -18.20 -12.11 41.49
C GLU G 161 -16.70 -12.44 41.53
N LYS G 162 -15.99 -11.97 40.50
CA LYS G 162 -14.54 -12.16 40.47
C LYS G 162 -13.82 -10.92 40.96
N VAL G 163 -12.62 -11.12 41.51
CA VAL G 163 -11.83 -10.05 42.07
C VAL G 163 -11.08 -9.32 40.98
N ARG G 164 -10.90 -8.02 41.17
CA ARG G 164 -10.17 -7.14 40.25
C ARG G 164 -8.84 -6.74 40.87
N VAL G 165 -8.02 -6.07 40.07
CA VAL G 165 -6.83 -5.45 40.62
C VAL G 165 -7.22 -4.13 41.30
N GLY G 166 -6.89 -4.04 42.58
CA GLY G 166 -7.15 -2.81 43.32
C GLY G 166 -8.54 -2.71 43.94
N ASP G 167 -9.07 -3.83 44.43
CA ASP G 167 -10.34 -3.83 45.16
C ASP G 167 -10.07 -4.07 46.63
N ASP G 168 -10.74 -3.29 47.48
CA ASP G 168 -10.51 -3.38 48.92
C ASP G 168 -11.20 -4.62 49.48
N LEU G 169 -10.41 -5.52 50.07
CA LEU G 169 -10.88 -6.83 50.51
C LEU G 169 -10.73 -6.99 52.01
N ILE G 170 -11.49 -7.93 52.55
CA ILE G 170 -11.63 -8.16 53.99
C ILE G 170 -11.33 -9.64 54.23
N LEU G 171 -10.15 -9.94 54.78
CA LEU G 171 -9.77 -11.33 55.03
C LEU G 171 -10.22 -11.76 56.42
N VAL G 172 -10.84 -12.93 56.52
CA VAL G 172 -11.39 -13.46 57.76
C VAL G 172 -10.80 -14.84 58.02
N SER G 173 -10.32 -15.06 59.24
CA SER G 173 -9.77 -16.35 59.63
C SER G 173 -10.88 -17.40 59.80
N VAL G 174 -10.50 -18.66 59.67
CA VAL G 174 -11.47 -19.75 59.70
C VAL G 174 -11.70 -20.25 61.12
N SER G 175 -10.63 -20.67 61.80
CA SER G 175 -10.80 -21.30 63.10
C SER G 175 -11.08 -20.28 64.20
N SER G 176 -10.32 -19.18 64.21
CA SER G 176 -10.47 -18.20 65.27
C SER G 176 -11.48 -17.12 64.93
N GLU G 177 -11.80 -16.95 63.63
CA GLU G 177 -12.89 -16.11 63.12
C GLU G 177 -12.71 -14.63 63.46
N ARG G 178 -11.49 -14.12 63.33
CA ARG G 178 -11.22 -12.70 63.47
C ARG G 178 -10.70 -12.14 62.16
N TYR G 179 -10.64 -10.81 62.07
CA TYR G 179 -10.31 -10.16 60.82
C TYR G 179 -8.92 -9.54 60.97
N LEU G 180 -8.08 -9.69 59.95
CA LEU G 180 -6.72 -9.17 60.02
C LEU G 180 -6.76 -7.66 59.81
N HIS G 181 -6.50 -6.91 60.87
CA HIS G 181 -6.67 -5.47 60.87
C HIS G 181 -5.41 -4.78 61.39
N LEU G 182 -5.40 -3.46 61.27
CA LEU G 182 -4.29 -2.64 61.72
C LEU G 182 -4.63 -2.07 63.10
N SER G 183 -3.76 -2.31 64.08
CA SER G 183 -3.97 -1.88 65.46
C SER G 183 -3.29 -0.53 65.67
N THR G 184 -4.04 0.43 66.22
CA THR G 184 -3.53 1.77 66.51
C THR G 184 -3.53 2.04 68.01
N ALA G 185 -3.51 0.99 68.82
CA ALA G 185 -3.70 1.17 70.26
C ALA G 185 -2.41 1.64 70.95
N SER G 186 -1.36 0.84 70.88
CA SER G 186 -0.14 1.08 71.63
C SER G 186 1.06 1.15 70.69
N GLY G 187 1.82 2.23 70.79
CA GLY G 187 3.05 2.36 70.02
C GLY G 187 2.80 2.59 68.53
N GLU G 188 3.64 1.96 67.72
CA GLU G 188 3.54 2.08 66.28
C GLU G 188 2.42 1.19 65.74
N LEU G 189 2.28 1.19 64.42
CA LEU G 189 1.19 0.48 63.75
C LEU G 189 1.57 -0.98 63.54
N GLN G 190 0.74 -1.90 64.04
CA GLN G 190 1.00 -3.33 63.92
C GLN G 190 -0.27 -4.05 63.47
N VAL G 191 -0.09 -5.32 63.07
CA VAL G 191 -1.18 -6.15 62.59
C VAL G 191 -1.66 -7.07 63.71
N ASP G 192 -2.94 -7.38 63.66
CA ASP G 192 -3.59 -8.25 64.64
C ASP G 192 -4.80 -8.89 63.97
N ALA G 193 -5.21 -10.04 64.49
CA ALA G 193 -6.49 -10.64 64.14
C ALA G 193 -7.46 -10.30 65.27
N SER G 194 -8.38 -9.40 64.99
CA SER G 194 -9.38 -8.96 65.97
C SER G 194 -10.67 -8.69 65.21
N PHE G 195 -11.68 -8.20 65.93
CA PHE G 195 -12.98 -7.97 65.29
C PHE G 195 -13.13 -6.52 64.86
N MET G 196 -12.15 -6.05 64.09
CA MET G 196 -12.19 -4.73 63.48
C MET G 196 -12.02 -4.93 61.98
N GLN G 197 -12.88 -4.30 61.19
CA GLN G 197 -12.80 -4.43 59.74
C GLN G 197 -11.91 -3.34 59.18
N THR G 198 -10.83 -3.75 58.52
CA THR G 198 -9.94 -2.84 57.84
C THR G 198 -9.72 -3.40 56.45
N LEU G 199 -9.81 -2.53 55.45
CA LEU G 199 -9.74 -2.95 54.06
C LEU G 199 -8.29 -3.07 53.61
N TRP G 200 -8.01 -4.07 52.78
CA TRP G 200 -6.66 -4.34 52.31
C TRP G 200 -6.65 -4.50 50.80
N ASN G 201 -5.53 -4.15 50.17
CA ASN G 201 -5.35 -4.25 48.74
C ASN G 201 -4.48 -5.47 48.40
N MET G 202 -4.87 -6.20 47.36
CA MET G 202 -4.14 -7.41 47.01
C MET G 202 -2.90 -7.11 46.17
N ASN G 203 -3.07 -6.38 45.04
CA ASN G 203 -2.00 -5.79 44.21
C ASN G 203 -0.96 -6.81 43.75
N PRO G 204 -1.23 -7.59 42.71
CA PRO G 204 -0.31 -8.67 42.28
C PRO G 204 1.05 -8.14 41.83
N ILE G 205 2.09 -8.51 42.58
CA ILE G 205 3.42 -7.97 42.32
C ILE G 205 4.13 -8.69 41.17
N CYS G 206 3.68 -9.90 40.81
CA CYS G 206 4.33 -10.70 39.76
C CYS G 206 3.35 -11.77 39.30
N SER G 207 3.03 -11.78 38.01
CA SER G 207 2.22 -12.83 37.42
C SER G 207 3.11 -13.94 36.89
N CYS G 208 2.51 -14.85 36.13
CA CYS G 208 3.21 -16.00 35.56
C CYS G 208 4.16 -15.52 34.47
N CYS G 209 5.46 -15.58 34.74
CA CYS G 209 6.47 -15.01 33.85
C CYS G 209 7.04 -16.10 32.95
N GLU G 210 7.31 -15.72 31.69
CA GLU G 210 7.95 -16.64 30.77
C GLU G 210 9.42 -16.79 31.09
N GLU G 211 9.92 -18.02 31.02
CA GLU G 211 11.32 -18.28 31.29
C GLU G 211 12.20 -17.81 30.14
N GLY G 212 13.33 -17.20 30.48
CA GLY G 212 14.23 -16.65 29.50
C GLY G 212 14.24 -15.13 29.40
N TYR G 213 13.56 -14.44 30.32
CA TYR G 213 13.56 -12.99 30.34
C TYR G 213 13.66 -12.53 31.78
N VAL G 214 14.29 -11.38 31.98
CA VAL G 214 14.49 -10.85 33.33
C VAL G 214 13.21 -10.15 33.78
N THR G 215 12.86 -10.32 35.05
CA THR G 215 11.87 -9.48 35.70
C THR G 215 12.50 -8.81 36.92
N GLY G 216 11.78 -7.85 37.48
CA GLY G 216 12.24 -7.16 38.68
C GLY G 216 12.05 -8.03 39.90
N GLY G 217 13.02 -7.99 40.82
CA GLY G 217 13.00 -8.83 42.00
C GLY G 217 13.76 -10.13 41.85
N HIS G 218 14.37 -10.38 40.70
CA HIS G 218 15.07 -11.62 40.44
C HIS G 218 16.49 -11.56 40.97
N VAL G 219 16.94 -12.66 41.57
CA VAL G 219 18.30 -12.79 42.07
C VAL G 219 19.16 -13.31 40.93
N LEU G 220 20.19 -12.56 40.57
CA LEU G 220 20.90 -12.78 39.33
C LEU G 220 22.35 -12.31 39.48
N ARG G 221 23.17 -12.69 38.50
CA ARG G 221 24.58 -12.31 38.46
C ARG G 221 24.87 -11.43 37.25
N LEU G 222 26.08 -10.88 37.21
CA LEU G 222 26.51 -9.90 36.21
C LEU G 222 27.79 -10.37 35.52
N PHE G 223 27.77 -11.59 34.98
CA PHE G 223 28.91 -12.15 34.28
C PHE G 223 29.21 -11.36 33.00
N HIS G 224 30.50 -11.16 32.73
CA HIS G 224 30.93 -10.47 31.52
C HIS G 224 32.08 -11.20 30.83
N GLU G 229 34.27 -13.02 34.26
CA GLU G 229 34.42 -12.57 35.64
C GLU G 229 33.11 -12.02 36.19
N CYS G 230 33.01 -11.95 37.51
CA CYS G 230 31.80 -11.51 38.19
C CYS G 230 32.05 -10.22 38.94
N LEU G 231 31.02 -9.36 38.99
CA LEU G 231 31.09 -8.07 39.66
C LEU G 231 30.78 -8.29 41.13
N THR G 232 31.83 -8.42 41.94
CA THR G 232 31.71 -8.83 43.33
C THR G 232 32.45 -7.88 44.26
N ILE G 233 32.37 -8.15 45.57
CA ILE G 233 32.94 -7.29 46.60
C ILE G 233 34.08 -8.07 47.25
N SER G 234 34.82 -7.45 48.17
CA SER G 234 35.81 -8.16 48.96
C SER G 234 35.13 -8.94 50.08
N ALA G 235 35.91 -9.83 50.70
CA ALA G 235 35.42 -10.68 51.78
C ALA G 235 35.56 -9.99 53.14
N GLN G 241 35.35 -1.91 54.86
CA GLN G 241 34.02 -2.33 55.27
C GLN G 241 33.25 -2.90 54.08
N ARG G 242 34.00 -3.40 53.09
CA ARG G 242 33.47 -4.05 51.88
C ARG G 242 32.59 -3.10 51.07
N ARG G 243 33.09 -1.89 50.80
CA ARG G 243 32.33 -0.97 49.96
C ARG G 243 32.83 -0.92 48.53
N LEU G 244 34.12 -1.15 48.30
CA LEU G 244 34.66 -1.15 46.95
C LEU G 244 34.33 -2.44 46.22
N VAL G 245 34.06 -2.32 44.92
CA VAL G 245 33.55 -3.42 44.11
C VAL G 245 34.66 -3.92 43.19
N TYR G 246 34.85 -5.23 43.13
CA TYR G 246 35.97 -5.80 42.41
C TYR G 246 35.53 -6.79 41.32
N TYR G 247 36.49 -7.47 40.71
CA TYR G 247 36.24 -8.59 39.82
C TYR G 247 37.06 -9.79 40.30
N GLU G 248 36.52 -10.99 40.06
CA GLU G 248 37.18 -12.22 40.49
C GLU G 248 36.76 -13.36 39.57
N GLY G 249 37.25 -14.56 39.88
CA GLY G 249 37.09 -15.71 39.02
C GLY G 249 35.91 -16.59 39.34
N GLY G 250 36.03 -17.87 39.00
CA GLY G 250 34.92 -18.80 39.08
C GLY G 250 34.67 -19.40 40.45
N ALA G 251 35.68 -19.40 41.32
CA ALA G 251 35.47 -19.88 42.68
C ALA G 251 34.64 -18.88 43.49
N VAL G 252 34.84 -17.59 43.24
CA VAL G 252 34.01 -16.55 43.86
C VAL G 252 32.61 -16.52 43.26
N CYS G 253 32.48 -16.91 41.99
CA CYS G 253 31.21 -16.79 41.28
C CYS G 253 30.16 -17.76 41.81
N THR G 254 30.59 -18.93 42.29
CA THR G 254 29.65 -19.85 42.90
C THR G 254 29.34 -19.50 44.35
N HIS G 255 30.12 -18.60 44.96
CA HIS G 255 29.86 -18.17 46.33
C HIS G 255 28.73 -17.14 46.37
N ALA G 256 28.39 -16.69 47.57
CA ALA G 256 27.24 -15.83 47.78
C ALA G 256 27.55 -14.34 47.71
N ARG G 257 28.82 -13.96 47.55
CA ARG G 257 29.15 -12.54 47.51
C ARG G 257 28.82 -11.93 46.15
N SER G 258 28.79 -12.74 45.10
CA SER G 258 28.48 -12.25 43.76
C SER G 258 27.03 -12.57 43.38
N LEU G 259 26.11 -12.02 44.18
CA LEU G 259 24.68 -12.09 43.89
C LEU G 259 24.10 -10.70 44.07
N TRP G 260 23.46 -10.17 43.02
CA TRP G 260 22.80 -8.87 43.07
C TRP G 260 21.34 -9.02 42.67
N ARG G 261 20.50 -8.14 43.22
CA ARG G 261 19.06 -8.20 43.02
C ARG G 261 18.54 -6.84 42.55
N LEU G 262 17.70 -6.88 41.51
CA LEU G 262 17.23 -5.68 40.83
C LEU G 262 15.83 -5.32 41.29
N GLU G 263 15.62 -4.06 41.66
CA GLU G 263 14.30 -3.58 42.06
C GLU G 263 13.94 -2.37 41.22
N PRO G 264 12.72 -2.28 40.69
CA PRO G 264 12.30 -1.06 39.99
C PRO G 264 11.98 0.07 40.97
N LEU G 265 11.76 1.26 40.39
CA LEU G 265 11.43 2.43 41.20
C LEU G 265 10.00 2.39 41.69
N ARG G 266 9.05 2.19 40.78
CA ARG G 266 7.64 2.34 41.10
C ARG G 266 7.13 1.07 41.79
N ILE G 267 6.08 1.24 42.61
CA ILE G 267 5.64 0.19 43.53
C ILE G 267 4.94 -0.94 42.79
N SER G 268 3.99 -0.62 41.92
CA SER G 268 3.10 -1.64 41.37
C SER G 268 3.73 -2.32 40.17
N TRP G 269 3.42 -3.63 40.05
CA TRP G 269 3.90 -4.50 38.97
C TRP G 269 5.43 -4.54 38.93
N SER G 270 6.02 -4.91 40.08
CA SER G 270 7.47 -4.96 40.17
C SER G 270 8.04 -6.17 39.43
N GLY G 271 7.30 -7.28 39.39
CA GLY G 271 7.73 -8.47 38.69
C GLY G 271 7.45 -8.51 37.21
N SER G 272 7.20 -7.37 36.59
CA SER G 272 7.09 -7.32 35.13
C SER G 272 8.46 -7.44 34.49
N HIS G 273 8.46 -7.72 33.19
CA HIS G 273 9.72 -7.82 32.46
C HIS G 273 10.34 -6.44 32.25
N LEU G 274 11.63 -6.33 32.53
CA LEU G 274 12.35 -5.09 32.34
C LEU G 274 12.60 -4.82 30.87
N ARG G 275 12.60 -3.54 30.50
CA ARG G 275 12.90 -3.11 29.15
C ARG G 275 14.01 -2.05 29.20
N TRP G 276 14.38 -1.56 28.01
CA TRP G 276 15.43 -0.56 27.90
C TRP G 276 14.90 0.82 28.20
N GLY G 277 15.75 1.67 28.78
CA GLY G 277 15.30 2.96 29.26
C GLY G 277 14.54 2.88 30.56
N GLN G 278 14.92 1.97 31.45
CA GLN G 278 14.22 1.72 32.69
C GLN G 278 15.14 1.98 33.88
N PRO G 279 14.81 2.92 34.75
CA PRO G 279 15.62 3.11 35.96
C PRO G 279 15.31 2.05 37.02
N LEU G 280 16.37 1.59 37.69
CA LEU G 280 16.24 0.56 38.71
C LEU G 280 17.42 0.68 39.66
N ARG G 281 17.38 -0.09 40.73
CA ARG G 281 18.42 -0.07 41.74
C ARG G 281 19.08 -1.44 41.89
N ILE G 282 20.34 -1.41 42.32
CA ILE G 282 21.14 -2.62 42.49
C ILE G 282 21.28 -2.88 43.98
N ARG G 283 20.95 -4.10 44.41
CA ARG G 283 20.92 -4.50 45.81
C ARG G 283 21.77 -5.75 46.02
N HIS G 284 22.63 -5.70 47.02
CA HIS G 284 23.33 -6.90 47.47
C HIS G 284 22.51 -7.60 48.55
N VAL G 285 22.46 -8.93 48.46
CA VAL G 285 21.56 -9.71 49.29
C VAL G 285 22.20 -10.15 50.62
N THR G 286 23.53 -10.05 50.74
CA THR G 286 24.21 -10.44 51.96
C THR G 286 24.58 -9.23 52.83
N THR G 287 25.20 -8.23 52.23
CA THR G 287 25.61 -7.05 52.98
C THR G 287 24.44 -6.10 53.23
N GLY G 288 23.39 -6.17 52.44
CA GLY G 288 22.26 -5.27 52.60
C GLY G 288 22.56 -3.85 52.18
N ARG G 289 23.34 -3.67 51.12
CA ARG G 289 23.80 -2.38 50.68
C ARG G 289 23.34 -2.12 49.24
N TYR G 290 23.25 -0.85 48.88
CA TYR G 290 22.79 -0.42 47.57
C TYR G 290 23.94 0.16 46.77
N LEU G 291 24.09 -0.28 45.52
CA LEU G 291 25.18 0.18 44.67
C LEU G 291 24.96 1.62 44.22
N ALA G 292 25.91 2.49 44.56
CA ALA G 292 25.85 3.89 44.16
C ALA G 292 26.96 4.20 43.16
N LEU G 299 32.53 3.64 41.95
CA LEU G 299 31.27 2.95 42.22
C LEU G 299 31.36 2.12 43.50
N VAL G 300 30.70 2.62 44.54
CA VAL G 300 30.69 1.97 45.84
C VAL G 300 29.26 1.56 46.16
N VAL G 301 29.13 0.61 47.09
CA VAL G 301 27.83 0.28 47.67
C VAL G 301 27.62 1.14 48.89
N VAL G 302 26.37 1.54 49.14
CA VAL G 302 26.08 2.50 50.20
C VAL G 302 25.00 1.89 51.10
N ASP G 303 24.90 2.41 52.32
CA ASP G 303 23.91 1.93 53.29
C ASP G 303 22.49 2.26 52.82
N ALA G 304 21.52 1.58 53.45
CA ALA G 304 20.12 1.72 53.02
C ALA G 304 19.50 3.02 53.48
N CYS G 305 20.02 3.62 54.56
CA CYS G 305 19.37 4.80 55.11
C CYS G 305 19.72 6.06 54.33
N LYS G 306 20.96 6.14 53.83
CA LYS G 306 21.40 7.26 53.03
C LYS G 306 21.28 7.01 51.53
N ALA G 307 20.78 5.85 51.12
CA ALA G 307 20.53 5.58 49.71
C ALA G 307 19.28 6.32 49.24
N HIS G 308 19.43 7.13 48.19
CA HIS G 308 18.36 7.98 47.69
C HIS G 308 18.04 7.58 46.27
N THR G 309 17.18 8.36 45.61
CA THR G 309 16.96 8.16 44.17
C THR G 309 18.08 8.79 43.36
N LYS G 310 18.59 9.94 43.83
CA LYS G 310 19.70 10.58 43.13
C LYS G 310 21.03 9.88 43.39
N ALA G 311 21.14 9.09 44.46
CA ALA G 311 22.39 8.41 44.75
C ALA G 311 22.47 7.07 44.01
N THR G 312 21.46 6.22 44.17
CA THR G 312 21.41 4.92 43.52
C THR G 312 20.21 4.82 42.59
N SER G 313 20.48 4.94 41.29
CA SER G 313 19.51 4.62 40.24
C SER G 313 20.30 4.30 38.98
N PHE G 314 20.19 3.08 38.49
CA PHE G 314 20.94 2.64 37.32
C PHE G 314 19.98 2.06 36.29
N CYS G 315 20.48 1.89 35.07
CA CYS G 315 19.64 1.40 33.98
C CYS G 315 20.43 0.44 33.10
N PHE G 316 19.69 -0.25 32.24
CA PHE G 316 20.25 -1.21 31.30
C PHE G 316 19.85 -0.78 29.90
N ARG G 317 20.84 -0.57 29.02
CA ARG G 317 20.60 -0.24 27.62
C ARG G 317 21.57 -1.04 26.75
N VAL G 318 21.22 -1.15 25.47
CA VAL G 318 22.02 -1.95 24.53
C VAL G 318 23.21 -1.16 24.01
N SER G 319 23.01 0.12 23.69
CA SER G 319 24.08 0.97 23.21
C SER G 319 23.71 2.43 23.46
N LYS G 320 24.70 3.24 23.85
CA LYS G 320 24.48 4.69 24.00
C LYS G 320 24.69 5.39 22.68
N GLU G 321 23.58 5.77 22.04
CA GLU G 321 23.58 6.74 20.97
C GLU G 321 23.09 8.09 21.47
N LYS G 322 23.04 9.08 20.56
CA LYS G 322 22.56 10.42 20.91
C LYS G 322 21.03 10.46 20.86
N LEU G 323 20.43 10.02 21.96
CA LEU G 323 18.97 9.94 22.04
C LEU G 323 18.47 10.47 23.39
N GLY G 333 -0.94 -5.14 32.31
CA GLY G 333 -0.53 -6.47 32.71
C GLY G 333 0.96 -6.59 32.92
N MET G 334 1.55 -7.65 32.38
CA MET G 334 2.98 -7.86 32.50
C MET G 334 3.73 -7.08 31.42
N GLY G 335 5.03 -6.85 31.68
CA GLY G 335 5.85 -6.08 30.79
C GLY G 335 6.22 -6.81 29.51
N PRO G 336 6.64 -6.07 28.47
CA PRO G 336 7.06 -6.71 27.22
C PRO G 336 8.41 -7.40 27.39
N PRO G 337 8.58 -8.58 26.80
CA PRO G 337 9.86 -9.29 26.95
C PRO G 337 10.98 -8.70 26.09
N GLU G 338 11.61 -7.63 26.60
CA GLU G 338 12.66 -6.92 25.88
C GLU G 338 14.05 -7.43 26.20
N ILE G 339 14.36 -7.66 27.48
CA ILE G 339 15.66 -8.11 27.92
C ILE G 339 15.60 -9.61 28.16
N LYS G 340 16.54 -10.36 27.58
CA LYS G 340 16.63 -11.79 27.74
C LYS G 340 17.77 -12.13 28.71
N TYR G 341 17.83 -13.41 29.09
CA TYR G 341 18.87 -13.93 29.98
C TYR G 341 20.07 -14.36 29.17
N GLY G 342 21.09 -13.50 29.13
CA GLY G 342 22.33 -13.79 28.44
C GLY G 342 22.36 -13.46 26.97
N GLU G 343 21.21 -13.16 26.36
CA GLU G 343 21.13 -12.87 24.93
C GLU G 343 21.04 -11.37 24.66
N SER G 344 21.20 -10.53 25.68
CA SER G 344 21.12 -9.08 25.53
C SER G 344 22.48 -8.41 25.46
N LEU G 345 23.46 -8.93 26.21
CA LEU G 345 24.83 -8.40 26.29
C LEU G 345 24.86 -6.93 26.72
N CYS G 346 24.07 -6.60 27.74
CA CYS G 346 23.80 -5.22 28.12
C CYS G 346 24.58 -4.78 29.35
N PHE G 347 25.00 -3.51 29.34
CA PHE G 347 25.78 -2.83 30.36
C PHE G 347 24.89 -2.18 31.41
N VAL G 348 25.47 -1.98 32.58
CA VAL G 348 24.85 -1.17 33.62
C VAL G 348 25.32 0.27 33.46
N GLN G 349 24.41 1.22 33.68
CA GLN G 349 24.73 2.64 33.55
C GLN G 349 23.74 3.48 34.34
N HIS G 350 24.21 4.65 34.78
CA HIS G 350 23.40 5.52 35.61
C HIS G 350 22.44 6.34 34.75
N VAL G 351 21.35 6.78 35.36
CA VAL G 351 20.32 7.53 34.64
C VAL G 351 20.63 9.03 34.58
N ALA G 352 21.35 9.56 35.55
CA ALA G 352 21.68 10.98 35.61
C ALA G 352 23.15 11.25 35.40
N SER G 353 24.02 10.34 35.87
CA SER G 353 25.46 10.53 35.69
C SER G 353 25.86 10.29 34.24
N GLY G 354 25.36 9.21 33.64
CA GLY G 354 25.67 8.89 32.25
C GLY G 354 27.08 8.38 32.08
N LEU G 355 27.51 7.52 33.00
CA LEU G 355 28.88 7.04 33.05
C LEU G 355 28.93 5.52 32.88
N TRP G 356 29.89 5.05 32.08
CA TRP G 356 30.04 3.64 31.78
C TRP G 356 30.80 2.92 32.89
N LEU G 357 30.29 1.76 33.28
CA LEU G 357 30.89 0.96 34.37
C LEU G 357 31.82 -0.09 33.77
N THR G 358 33.12 0.21 33.76
CA THR G 358 34.13 -0.65 33.16
C THR G 358 35.22 -0.96 34.19
N TYR G 359 36.28 -1.63 33.74
CA TYR G 359 37.37 -2.03 34.61
C TYR G 359 38.35 -0.86 34.81
N ALA G 360 39.44 -1.13 35.52
CA ALA G 360 40.45 -0.13 35.79
C ALA G 360 41.49 -0.07 34.68
N LEU G 372 44.56 -9.44 39.29
CA LEU G 372 43.30 -10.08 38.92
C LEU G 372 42.15 -9.20 39.40
N LYS G 373 42.27 -8.69 40.62
CA LYS G 373 41.19 -7.95 41.26
C LYS G 373 41.17 -6.53 40.72
N LYS G 374 40.40 -6.33 39.65
CA LYS G 374 40.29 -5.05 38.96
C LYS G 374 39.11 -4.28 39.56
N LYS G 375 39.40 -3.09 40.10
CA LYS G 375 38.36 -2.28 40.71
C LYS G 375 37.44 -1.71 39.63
N ALA G 376 36.14 -1.66 39.95
CA ALA G 376 35.13 -1.17 39.01
C ALA G 376 34.93 0.31 39.22
N ILE G 377 34.97 1.07 38.13
CA ILE G 377 34.89 2.53 38.17
C ILE G 377 34.02 3.02 37.02
N LEU G 378 33.30 4.11 37.27
CA LEU G 378 32.42 4.72 36.27
C LEU G 378 33.28 5.64 35.40
N HIS G 379 33.75 5.13 34.27
CA HIS G 379 34.66 5.88 33.41
C HIS G 379 33.93 6.49 32.21
N GLN G 380 34.33 7.72 31.86
CA GLN G 380 33.70 8.43 30.74
C GLN G 380 34.19 7.93 29.40
N GLU G 381 35.36 7.32 29.35
CA GLU G 381 35.86 6.75 28.09
C GLU G 381 35.10 5.48 27.74
N GLY G 382 34.87 4.61 28.71
CA GLY G 382 34.21 3.34 28.46
C GLY G 382 35.13 2.34 27.78
N HIS G 383 34.57 1.17 27.50
CA HIS G 383 35.32 0.12 26.82
C HIS G 383 34.36 -0.77 26.05
N MET G 384 34.92 -1.57 25.15
CA MET G 384 34.12 -2.47 24.33
C MET G 384 33.93 -3.84 24.96
N ASP G 385 34.55 -4.11 26.11
CA ASP G 385 34.40 -5.38 26.80
C ASP G 385 33.42 -5.29 27.97
N ASP G 386 32.58 -4.26 28.01
CA ASP G 386 31.62 -4.06 29.08
C ASP G 386 30.27 -4.73 28.83
N ALA G 387 30.15 -5.50 27.74
CA ALA G 387 28.87 -6.15 27.42
C ALA G 387 28.63 -7.35 28.32
N LEU G 388 28.12 -7.12 29.52
CA LEU G 388 27.89 -8.20 30.48
C LEU G 388 26.56 -8.88 30.23
N PHE G 389 26.54 -10.21 30.36
CA PHE G 389 25.35 -11.01 30.15
C PHE G 389 24.80 -11.49 31.48
N LEU G 390 23.48 -11.40 31.64
CA LEU G 390 22.83 -11.72 32.91
C LEU G 390 22.47 -13.20 32.96
N THR G 391 22.87 -13.87 34.03
CA THR G 391 22.56 -15.27 34.27
C THR G 391 21.82 -15.37 35.60
N ARG G 392 20.69 -16.09 35.62
CA ARG G 392 19.96 -16.23 36.86
C ARG G 392 20.70 -17.18 37.79
N CYS G 393 20.62 -16.89 39.10
CA CYS G 393 21.03 -17.82 40.13
C CYS G 393 19.91 -18.85 40.39
N GLN G 394 20.17 -19.77 41.31
CA GLN G 394 19.21 -20.81 41.63
C GLN G 394 18.36 -20.34 42.82
N GLN G 395 17.35 -21.13 43.20
CA GLN G 395 16.43 -20.75 44.26
C GLN G 395 16.92 -21.14 45.65
N GLU G 396 17.75 -22.18 45.77
CA GLU G 396 18.28 -22.60 47.06
C GLU G 396 19.47 -21.78 47.51
N GLU G 397 20.04 -20.98 46.62
CA GLU G 397 21.12 -20.06 46.97
C GLU G 397 20.61 -18.69 47.37
N SER G 398 19.50 -18.25 46.76
CA SER G 398 18.93 -16.94 47.09
C SER G 398 18.27 -16.95 48.46
N GLN G 399 17.70 -18.09 48.87
CA GLN G 399 17.12 -18.18 50.20
C GLN G 399 18.19 -18.24 51.27
N ALA G 400 19.29 -18.96 51.00
CA ALA G 400 20.36 -19.11 51.98
C ALA G 400 21.15 -17.81 52.14
N ALA G 401 21.19 -16.99 51.09
CA ALA G 401 21.94 -15.75 51.16
C ALA G 401 21.22 -14.69 51.98
N ARG G 402 19.89 -14.70 51.96
CA ARG G 402 19.15 -13.71 52.73
C ARG G 402 19.12 -14.06 54.21
N MET G 403 19.07 -15.35 54.54
CA MET G 403 19.08 -15.71 55.95
C MET G 403 20.50 -15.63 56.51
N ILE G 404 21.50 -15.57 55.64
CA ILE G 404 22.83 -15.12 56.06
C ILE G 404 22.77 -13.67 56.52
N HIS G 405 22.04 -12.82 55.79
CA HIS G 405 21.94 -11.41 56.15
C HIS G 405 21.00 -11.20 57.34
N SER G 406 19.96 -12.05 57.46
CA SER G 406 19.03 -11.93 58.57
C SER G 406 19.67 -12.39 59.88
N THR G 407 20.61 -13.32 59.80
CA THR G 407 21.33 -13.73 61.00
C THR G 407 22.50 -12.81 61.32
N ALA G 408 23.15 -12.24 60.30
CA ALA G 408 24.27 -11.34 60.54
C ALA G 408 23.78 -10.00 61.10
N GLY G 409 22.59 -9.56 60.68
CA GLY G 409 22.01 -8.35 61.23
C GLY G 409 21.56 -8.48 62.67
N LEU G 410 21.27 -9.71 63.12
CA LEU G 410 20.89 -9.96 64.50
C LEU G 410 22.10 -10.15 65.39
N TYR G 411 23.15 -10.77 64.87
CA TYR G 411 24.22 -11.24 65.75
C TYR G 411 25.32 -10.21 65.89
N ASN G 412 25.48 -9.33 64.91
CA ASN G 412 26.30 -8.15 65.12
C ASN G 412 25.69 -7.24 66.19
N GLN G 413 24.36 -7.19 66.21
CA GLN G 413 23.66 -6.45 67.26
C GLN G 413 23.71 -7.18 68.59
N PHE G 414 23.86 -8.51 68.56
CA PHE G 414 23.96 -9.28 69.79
C PHE G 414 25.32 -9.08 70.45
N ILE G 415 26.36 -8.84 69.65
CA ILE G 415 27.70 -8.68 70.20
C ILE G 415 27.90 -7.28 70.77
N LYS G 416 27.44 -6.23 70.07
CA LYS G 416 27.58 -4.89 70.65
C LYS G 416 26.57 -4.65 71.76
N GLY G 417 25.53 -5.49 71.83
CA GLY G 417 24.69 -5.51 73.01
C GLY G 417 25.38 -6.18 74.18
N LEU G 418 26.11 -7.25 73.91
CA LEU G 418 26.79 -7.98 75.00
C LEU G 418 28.05 -7.25 75.45
N ASP G 419 28.72 -6.54 74.52
CA ASP G 419 29.88 -5.73 74.93
C ASP G 419 29.48 -4.39 75.52
N SER G 420 28.19 -4.08 75.59
CA SER G 420 27.78 -2.86 76.28
C SER G 420 27.99 -2.97 77.78
N PHE G 421 27.82 -4.18 78.32
CA PHE G 421 28.05 -4.46 79.74
C PHE G 421 29.19 -5.44 79.97
N SER G 422 30.15 -5.53 79.04
CA SER G 422 31.30 -6.42 79.24
C SER G 422 32.26 -5.84 80.27
N GLY G 423 32.51 -4.54 80.23
CA GLY G 423 33.38 -3.89 81.18
C GLY G 423 32.70 -2.99 82.20
N LYS G 424 31.39 -2.97 82.25
CA LYS G 424 30.64 -2.13 83.19
C LYS G 424 29.75 -3.00 84.05
N PRO G 425 29.93 -3.03 85.36
CA PRO G 425 29.08 -3.88 86.21
C PRO G 425 27.69 -3.30 86.38
N ARG G 426 26.71 -4.20 86.50
CA ARG G 426 25.32 -3.84 86.68
C ARG G 426 24.93 -4.00 88.14
N GLY G 427 24.39 -2.94 88.73
CA GLY G 427 23.97 -2.96 90.11
C GLY G 427 22.49 -3.26 90.29
N PRO G 434 19.44 -0.51 76.04
CA PRO G 434 19.16 -1.42 74.92
C PRO G 434 18.91 -2.86 75.39
N ALA G 435 17.67 -3.32 75.21
CA ALA G 435 17.31 -4.68 75.61
C ALA G 435 17.85 -5.70 74.62
N LEU G 436 18.49 -6.75 75.15
CA LEU G 436 19.06 -7.76 74.27
C LEU G 436 18.00 -8.77 73.84
N PRO G 437 17.93 -9.09 72.54
CA PRO G 437 16.90 -10.01 72.01
C PRO G 437 17.21 -11.48 72.27
N ILE G 438 16.87 -11.93 73.48
CA ILE G 438 17.13 -13.32 73.86
C ILE G 438 16.16 -14.26 73.15
N GLU G 439 14.88 -13.87 73.08
CA GLU G 439 13.89 -14.70 72.40
C GLU G 439 14.14 -14.76 70.90
N ALA G 440 14.80 -13.75 70.34
CA ALA G 440 15.15 -13.76 68.92
C ALA G 440 16.44 -14.56 68.68
N VAL G 441 17.34 -14.60 69.66
CA VAL G 441 18.61 -15.28 69.46
C VAL G 441 18.46 -16.79 69.59
N ILE G 442 17.38 -17.25 70.23
CA ILE G 442 17.23 -18.67 70.54
C ILE G 442 16.53 -19.40 69.40
N LEU G 443 15.40 -18.85 68.96
CA LEU G 443 14.61 -19.48 67.90
C LEU G 443 15.31 -19.39 66.55
N SER G 444 16.13 -18.36 66.35
CA SER G 444 16.90 -18.27 65.11
C SER G 444 18.01 -19.32 65.07
N LEU G 445 18.59 -19.64 66.23
CA LEU G 445 19.49 -20.80 66.28
C LEU G 445 18.73 -22.11 66.15
N GLN G 446 17.50 -22.19 66.68
CA GLN G 446 16.76 -23.45 66.63
C GLN G 446 16.28 -23.76 65.22
N ASP G 447 16.05 -22.73 64.40
CA ASP G 447 15.75 -22.99 62.99
C ASP G 447 17.03 -23.22 62.19
N LEU G 448 18.16 -22.64 62.62
CA LEU G 448 19.41 -22.84 61.90
C LEU G 448 19.98 -24.25 62.10
N ILE G 449 19.76 -24.87 63.26
CA ILE G 449 20.16 -26.26 63.45
C ILE G 449 19.24 -27.19 62.66
N GLY G 450 17.94 -26.91 62.66
CA GLY G 450 17.00 -27.66 61.84
C GLY G 450 17.16 -27.44 60.35
N TYR G 451 17.86 -26.38 59.95
CA TYR G 451 18.16 -26.15 58.55
C TYR G 451 19.39 -26.95 58.10
N PHE G 452 20.34 -27.19 59.00
CA PHE G 452 21.56 -27.94 58.71
C PHE G 452 21.52 -29.35 59.27
N GLU G 453 20.33 -29.90 59.48
CA GLU G 453 20.23 -31.23 60.06
C GLU G 453 20.45 -32.28 58.97
N PRO G 454 21.35 -33.25 59.19
CA PRO G 454 21.73 -34.17 58.11
C PRO G 454 20.61 -35.15 57.78
N PRO G 455 20.57 -35.69 56.56
CA PRO G 455 19.45 -36.54 56.16
C PRO G 455 19.48 -37.89 56.87
N SER G 456 18.33 -38.57 56.80
CA SER G 456 18.17 -39.85 57.46
C SER G 456 18.95 -40.95 56.73
N GLU G 457 19.26 -42.01 57.46
CA GLU G 457 20.03 -43.12 56.90
C GLU G 457 19.13 -44.12 56.18
N GLU G 458 17.83 -44.13 56.50
CA GLU G 458 16.87 -45.02 55.88
C GLU G 458 16.29 -44.47 54.57
N LEU G 459 16.90 -43.42 54.03
CA LEU G 459 16.44 -42.79 52.80
C LEU G 459 17.10 -43.46 51.60
N GLN G 460 16.52 -43.23 50.42
CA GLN G 460 17.07 -43.77 49.18
C GLN G 460 18.41 -43.11 48.85
N HIS G 461 19.35 -43.92 48.34
CA HIS G 461 20.70 -43.45 48.08
C HIS G 461 20.75 -42.44 46.93
N GLU G 462 19.81 -42.56 45.98
CA GLU G 462 19.76 -41.59 44.89
C GLU G 462 19.27 -40.22 45.38
N GLU G 463 18.51 -40.20 46.47
CA GLU G 463 18.04 -38.96 47.07
C GLU G 463 18.95 -38.50 48.20
N LYS G 464 19.66 -39.43 48.85
CA LYS G 464 20.56 -39.05 49.95
C LYS G 464 21.78 -38.30 49.46
N GLN G 465 22.27 -38.68 48.26
CA GLN G 465 23.49 -38.07 47.76
C GLN G 465 23.23 -36.65 47.27
N SER G 466 22.04 -36.41 46.72
CA SER G 466 21.71 -35.08 46.23
C SER G 466 21.47 -34.11 47.38
N LYS G 467 20.95 -34.61 48.51
CA LYS G 467 20.77 -33.76 49.68
C LYS G 467 22.08 -33.58 50.44
N LEU G 468 22.97 -34.57 50.37
CA LEU G 468 24.26 -34.41 51.04
C LEU G 468 25.18 -33.46 50.28
N ARG G 469 25.20 -33.53 48.94
CA ARG G 469 26.03 -32.58 48.19
C ARG G 469 25.41 -31.20 48.22
N SER G 470 24.08 -31.13 48.35
CA SER G 470 23.45 -29.82 48.49
C SER G 470 23.89 -29.19 49.79
N LEU G 471 23.81 -29.98 50.89
CA LEU G 471 24.10 -29.48 52.23
C LEU G 471 25.54 -28.99 52.36
N ARG G 472 26.49 -29.66 51.70
CA ARG G 472 27.89 -29.25 51.77
C ARG G 472 28.15 -27.92 51.07
N ASN G 473 27.41 -27.60 50.01
CA ASN G 473 27.66 -26.35 49.32
C ASN G 473 27.15 -25.17 50.13
N ARG G 474 25.96 -25.32 50.71
CA ARG G 474 25.39 -24.35 51.65
C ARG G 474 25.98 -24.36 53.06
N GLN G 475 26.84 -25.31 53.44
CA GLN G 475 27.64 -25.01 54.63
C GLN G 475 28.98 -24.41 54.22
N SER G 476 29.38 -24.60 52.97
CA SER G 476 30.54 -23.88 52.45
C SER G 476 30.18 -22.44 52.09
N LEU G 477 28.94 -22.22 51.63
CA LEU G 477 28.51 -20.88 51.28
C LEU G 477 28.22 -20.04 52.52
N PHE G 478 27.77 -20.69 53.60
CA PHE G 478 27.52 -19.97 54.86
C PHE G 478 28.81 -19.50 55.49
N GLN G 479 29.85 -20.36 55.47
CA GLN G 479 31.07 -20.04 56.18
C GLN G 479 31.93 -19.01 55.45
N GLU G 480 31.73 -18.86 54.13
CA GLU G 480 32.60 -17.97 53.37
C GLU G 480 32.24 -16.52 53.64
N GLU G 481 30.95 -16.20 53.67
CA GLU G 481 30.46 -14.91 54.18
C GLU G 481 30.14 -14.97 55.68
N GLY G 482 31.18 -15.08 56.49
CA GLY G 482 30.99 -14.98 57.94
C GLY G 482 30.44 -16.28 58.50
N MET G 483 29.55 -16.15 59.49
CA MET G 483 28.75 -17.22 60.09
C MET G 483 29.60 -18.30 60.77
N LEU G 484 30.90 -18.07 60.93
CA LEU G 484 31.74 -18.92 61.77
C LEU G 484 32.61 -18.13 62.73
N SER G 485 33.36 -17.14 62.23
CA SER G 485 34.08 -16.22 63.11
C SER G 485 33.10 -15.35 63.88
N LEU G 486 31.91 -15.13 63.32
CA LEU G 486 30.81 -14.57 64.08
C LEU G 486 30.37 -15.49 65.21
N VAL G 487 30.46 -16.81 65.01
CA VAL G 487 29.95 -17.74 66.00
C VAL G 487 30.97 -17.93 67.14
N LEU G 488 32.26 -17.87 66.82
CA LEU G 488 33.25 -18.01 67.89
C LEU G 488 33.28 -16.78 68.80
N ASN G 489 33.01 -15.59 68.26
CA ASN G 489 33.08 -14.38 69.07
C ASN G 489 31.88 -14.22 70.01
N CYS G 490 30.69 -14.71 69.63
CA CYS G 490 29.59 -14.67 70.58
C CYS G 490 29.78 -15.73 71.67
N ILE G 491 30.56 -16.76 71.38
CA ILE G 491 30.88 -17.76 72.41
C ILE G 491 32.01 -17.27 73.32
N ASP G 492 33.06 -16.64 72.76
CA ASP G 492 34.16 -16.21 73.62
C ASP G 492 33.81 -14.96 74.43
N ARG G 493 32.71 -14.29 74.10
CA ARG G 493 32.21 -13.26 75.00
C ARG G 493 31.27 -13.83 76.06
N LEU G 494 30.68 -15.01 75.81
CA LEU G 494 29.74 -15.60 76.76
C LEU G 494 30.39 -16.58 77.74
N ASN G 495 31.58 -17.10 77.45
CA ASN G 495 32.18 -18.08 78.35
C ASN G 495 32.89 -17.44 79.53
N VAL G 496 33.10 -16.12 79.49
CA VAL G 496 33.87 -15.45 80.54
C VAL G 496 33.08 -15.42 81.84
N TYR G 497 31.75 -15.44 81.76
CA TYR G 497 30.91 -15.70 82.92
C TYR G 497 30.73 -17.21 83.02
N THR G 498 31.56 -17.86 83.83
CA THR G 498 31.51 -19.33 83.91
C THR G 498 30.30 -19.81 84.69
N THR G 499 29.76 -18.97 85.57
CA THR G 499 28.60 -19.34 86.38
C THR G 499 27.31 -18.94 85.68
N ALA G 500 26.22 -19.62 86.03
CA ALA G 500 24.96 -19.42 85.31
C ALA G 500 24.17 -18.23 85.82
N ALA G 501 24.17 -17.98 87.14
CA ALA G 501 23.36 -16.91 87.71
C ALA G 501 24.18 -15.88 88.46
N HIS G 502 25.37 -16.23 88.94
CA HIS G 502 26.18 -15.29 89.71
C HIS G 502 26.88 -14.30 88.80
N PHE G 503 27.73 -14.79 87.90
CA PHE G 503 28.48 -13.90 87.02
C PHE G 503 27.65 -13.36 85.86
N ALA G 504 26.46 -13.93 85.61
CA ALA G 504 25.56 -13.43 84.58
C ALA G 504 24.59 -12.38 85.11
N GLU G 505 24.93 -11.71 86.21
CA GLU G 505 24.11 -10.62 86.71
C GLU G 505 24.36 -9.30 85.97
N TYR G 506 25.36 -9.28 85.07
CA TYR G 506 25.64 -8.07 84.30
C TYR G 506 24.57 -7.81 83.25
N ALA G 507 23.82 -8.84 82.86
CA ALA G 507 22.77 -8.72 81.85
C ALA G 507 21.38 -8.60 82.47
N GLY G 508 21.01 -9.52 83.34
CA GLY G 508 19.70 -9.52 83.96
C GLY G 508 19.36 -10.92 84.44
N GLU G 509 18.11 -11.06 84.89
CA GLU G 509 17.64 -12.36 85.38
C GLU G 509 17.17 -13.25 84.23
N GLU G 510 16.57 -12.65 83.21
CA GLU G 510 16.06 -13.43 82.09
C GLU G 510 17.19 -13.94 81.21
N ALA G 511 18.27 -13.16 81.08
CA ALA G 511 19.41 -13.62 80.29
C ALA G 511 20.25 -14.61 81.09
N ALA G 512 20.18 -14.56 82.42
CA ALA G 512 20.92 -15.53 83.23
C ALA G 512 20.22 -16.89 83.25
N GLU G 513 18.89 -16.91 83.25
CA GLU G 513 18.18 -18.18 83.18
C GLU G 513 18.26 -18.77 81.77
N SER G 514 18.38 -17.92 80.76
CA SER G 514 18.62 -18.36 79.39
C SER G 514 20.10 -18.31 79.01
N TRP G 515 20.99 -18.17 79.99
CA TRP G 515 22.42 -18.31 79.73
C TRP G 515 22.78 -19.72 79.31
N LYS G 516 22.13 -20.71 79.93
CA LYS G 516 22.51 -22.09 79.66
C LYS G 516 22.01 -22.56 78.29
N GLU G 517 20.83 -22.10 77.88
CA GLU G 517 20.21 -22.67 76.69
C GLU G 517 20.90 -22.21 75.41
N ILE G 518 21.44 -20.99 75.38
CA ILE G 518 22.01 -20.45 74.14
C ILE G 518 23.31 -21.16 73.78
N VAL G 519 24.17 -21.43 74.76
CA VAL G 519 25.45 -22.08 74.48
C VAL G 519 25.24 -23.56 74.12
N ASN G 520 24.15 -24.16 74.59
CA ASN G 520 23.79 -25.49 74.11
C ASN G 520 23.38 -25.46 72.64
N LEU G 521 22.68 -24.41 72.22
CA LEU G 521 22.34 -24.30 70.80
C LEU G 521 23.49 -23.73 69.98
N LEU G 522 24.38 -22.96 70.62
CA LEU G 522 25.51 -22.40 69.88
C LEU G 522 26.54 -23.47 69.54
N TYR G 523 26.73 -24.43 70.45
CA TYR G 523 27.70 -25.50 70.20
C TYR G 523 27.11 -26.63 69.37
N GLU G 524 25.79 -26.82 69.43
CA GLU G 524 25.16 -27.84 68.59
C GLU G 524 25.11 -27.39 67.14
N LEU G 525 25.12 -26.07 66.90
CA LEU G 525 25.22 -25.57 65.54
C LEU G 525 26.66 -25.62 65.05
N LEU G 526 27.62 -25.35 65.93
CA LEU G 526 29.02 -25.51 65.58
C LEU G 526 29.35 -26.97 65.32
N ALA G 527 28.71 -27.88 66.06
CA ALA G 527 28.81 -29.30 65.75
C ALA G 527 28.08 -29.66 64.46
N SER G 528 27.11 -28.83 64.05
CA SER G 528 26.43 -29.07 62.80
C SER G 528 27.18 -28.49 61.61
N LEU G 529 27.98 -27.44 61.83
CA LEU G 529 28.60 -26.74 60.70
C LEU G 529 29.91 -27.37 60.26
N ILE G 530 30.63 -28.03 61.15
CA ILE G 530 31.85 -28.73 60.74
C ILE G 530 31.65 -30.25 60.76
N ARG G 531 30.44 -30.72 60.47
CA ARG G 531 30.13 -32.15 60.41
C ARG G 531 30.28 -32.62 58.96
N GLY G 532 31.38 -33.30 58.67
CA GLY G 532 31.56 -33.99 57.42
C GLY G 532 32.36 -33.26 56.35
N ASN G 533 32.24 -31.94 56.27
CA ASN G 533 32.95 -31.18 55.25
C ASN G 533 34.36 -30.91 55.75
N ARG G 534 35.36 -31.25 54.91
CA ARG G 534 36.75 -31.12 55.33
C ARG G 534 37.24 -29.67 55.23
N ALA G 535 36.62 -28.87 54.36
CA ALA G 535 37.08 -27.50 54.15
C ALA G 535 36.78 -26.60 55.35
N ASN G 536 35.68 -26.88 56.06
CA ASN G 536 35.43 -26.17 57.31
C ASN G 536 36.18 -26.79 58.48
N CYS G 537 36.52 -28.09 58.38
CA CYS G 537 37.32 -28.71 59.44
C CYS G 537 38.78 -28.29 59.35
N ALA G 538 39.20 -27.78 58.19
CA ALA G 538 40.55 -27.25 58.04
C ALA G 538 40.70 -25.85 58.64
N LEU G 539 39.59 -25.18 58.98
CA LEU G 539 39.71 -23.89 59.66
C LEU G 539 40.12 -24.05 61.12
N PHE G 540 39.83 -25.21 61.72
CA PHE G 540 40.09 -25.42 63.14
C PHE G 540 41.49 -25.97 63.44
N SER G 541 42.45 -25.80 62.52
CA SER G 541 43.81 -26.22 62.82
C SER G 541 44.54 -25.22 63.69
N THR G 542 44.26 -23.92 63.54
CA THR G 542 45.01 -22.89 64.25
C THR G 542 44.48 -22.64 65.66
N ASN G 543 43.20 -22.94 65.92
CA ASN G 543 42.57 -22.73 67.21
C ASN G 543 42.09 -24.04 67.82
N LEU G 544 42.95 -25.06 67.84
CA LEU G 544 42.62 -26.32 68.49
C LEU G 544 42.50 -26.14 70.00
N ASP G 545 43.33 -25.27 70.57
CA ASP G 545 43.31 -25.04 72.02
C ASP G 545 42.07 -24.26 72.44
N TRP G 546 41.40 -23.60 71.49
CA TRP G 546 40.08 -23.02 71.74
C TRP G 546 39.04 -24.11 72.05
N VAL G 547 39.24 -25.32 71.54
CA VAL G 547 38.30 -26.42 71.77
C VAL G 547 38.78 -27.26 72.95
N VAL G 548 40.09 -27.39 73.11
CA VAL G 548 40.64 -28.32 74.09
C VAL G 548 40.56 -27.74 75.49
N SER G 549 40.83 -26.45 75.65
CA SER G 549 40.85 -25.84 76.99
C SER G 549 39.46 -25.64 77.58
N LYS G 550 38.39 -25.87 76.81
CA LYS G 550 37.03 -25.73 77.33
C LYS G 550 36.30 -27.06 77.41
N LEU G 551 37.04 -28.16 77.69
CA LEU G 551 36.41 -29.47 77.85
C LEU G 551 35.81 -29.65 79.24
N ASP G 552 36.50 -29.17 80.28
CA ASP G 552 36.01 -29.26 81.64
C ASP G 552 35.36 -27.95 82.10
N ARG G 553 34.75 -27.22 81.16
CA ARG G 553 34.04 -26.00 81.50
C ARG G 553 32.77 -26.27 82.30
N LEU G 554 32.21 -27.48 82.17
CA LEU G 554 31.02 -27.99 82.86
C LEU G 554 29.76 -27.26 82.38
N GLU G 555 29.88 -26.44 81.34
CA GLU G 555 28.74 -25.80 80.69
C GLU G 555 28.65 -26.34 79.28
N ALA G 556 27.63 -27.17 79.02
CA ALA G 556 27.39 -27.88 77.76
C ALA G 556 28.58 -28.73 77.37
N SER G 557 29.00 -29.62 78.29
CA SER G 557 30.20 -30.43 78.08
C SER G 557 29.99 -31.51 77.02
N SER G 558 28.73 -31.85 76.73
CA SER G 558 28.43 -32.66 75.56
C SER G 558 28.57 -31.85 74.27
N GLY G 559 28.55 -30.52 74.38
CA GLY G 559 28.61 -29.70 73.17
C GLY G 559 30.01 -29.61 72.59
N ILE G 560 31.01 -29.35 73.43
CA ILE G 560 32.40 -29.22 72.95
C ILE G 560 32.95 -30.58 72.53
N LEU G 561 32.52 -31.66 73.21
CA LEU G 561 33.05 -33.00 72.91
C LEU G 561 32.61 -33.49 71.54
N GLU G 562 31.38 -33.17 71.12
CA GLU G 562 30.93 -33.55 69.79
C GLU G 562 31.57 -32.66 68.73
N VAL G 563 31.90 -31.40 69.09
CA VAL G 563 32.65 -30.52 68.19
C VAL G 563 34.05 -31.06 67.97
N LEU G 564 34.70 -31.52 69.04
CA LEU G 564 36.03 -32.09 68.91
C LEU G 564 35.99 -33.46 68.23
N TYR G 565 34.85 -34.15 68.35
CA TYR G 565 34.71 -35.46 67.70
C TYR G 565 34.50 -35.33 66.20
N CYS G 566 33.71 -34.34 65.76
CA CYS G 566 33.47 -34.18 64.32
C CYS G 566 34.62 -33.48 63.61
N VAL G 567 35.54 -32.87 64.35
CA VAL G 567 36.68 -32.20 63.72
C VAL G 567 37.91 -33.11 63.65
N LEU G 568 37.91 -34.22 64.38
CA LEU G 568 39.02 -35.16 64.37
C LEU G 568 38.75 -36.43 63.58
N ILE G 569 37.59 -36.53 62.92
CA ILE G 569 37.28 -37.66 62.05
C ILE G 569 37.18 -37.25 60.59
N GLU G 570 37.37 -35.97 60.28
CA GLU G 570 37.24 -35.45 58.93
C GLU G 570 38.53 -34.89 58.35
N SER G 571 39.47 -34.46 59.21
CA SER G 571 40.71 -33.83 58.77
C SER G 571 41.90 -34.49 59.46
N PRO G 572 42.90 -34.98 58.71
CA PRO G 572 44.07 -35.59 59.34
C PRO G 572 45.16 -34.59 59.71
N GLU G 573 45.02 -33.31 59.36
CA GLU G 573 46.03 -32.32 59.69
C GLU G 573 45.98 -31.89 61.15
N VAL G 574 44.86 -32.13 61.84
CA VAL G 574 44.77 -31.82 63.26
C VAL G 574 45.39 -32.92 64.10
N LEU G 575 45.43 -34.16 63.59
CA LEU G 575 45.95 -35.27 64.37
C LEU G 575 47.47 -35.25 64.56
N ASN G 576 48.22 -34.49 63.77
CA ASN G 576 49.66 -34.42 63.93
C ASN G 576 50.13 -33.13 64.57
N ILE G 577 49.23 -32.30 65.09
CA ILE G 577 49.63 -31.07 65.77
C ILE G 577 49.25 -31.16 67.25
N ILE G 578 48.92 -32.37 67.70
CA ILE G 578 48.48 -32.61 69.07
C ILE G 578 49.67 -33.09 69.89
N GLN G 579 50.03 -32.32 70.92
CA GLN G 579 51.01 -32.73 71.90
C GLN G 579 50.30 -33.31 73.12
N GLU G 580 51.06 -33.55 74.19
CA GLU G 580 50.56 -34.37 75.28
C GLU G 580 49.58 -33.64 76.18
N ASN G 581 49.59 -32.29 76.17
CA ASN G 581 48.69 -31.54 77.04
C ASN G 581 47.25 -31.59 76.56
N HIS G 582 47.04 -31.76 75.25
CA HIS G 582 45.69 -31.98 74.75
C HIS G 582 45.18 -33.35 75.15
N ILE G 583 46.08 -34.34 75.22
CA ILE G 583 45.68 -35.70 75.55
C ILE G 583 45.35 -35.82 77.04
N LYS G 584 46.16 -35.18 77.90
CA LYS G 584 45.94 -35.26 79.34
C LYS G 584 44.64 -34.58 79.76
N SER G 585 44.19 -33.58 79.00
CA SER G 585 42.90 -32.96 79.29
C SER G 585 41.74 -33.88 78.95
N ILE G 586 41.95 -34.81 78.01
CA ILE G 586 40.87 -35.72 77.60
C ILE G 586 40.71 -36.86 78.61
N ILE G 587 41.82 -37.35 79.17
CA ILE G 587 41.71 -38.28 80.30
C ILE G 587 41.19 -37.54 81.54
N SER G 588 41.57 -36.27 81.71
CA SER G 588 40.98 -35.45 82.77
C SER G 588 39.51 -35.16 82.51
N LEU G 589 39.12 -35.13 81.23
CA LEU G 589 37.71 -35.06 80.87
C LEU G 589 36.97 -36.33 81.27
N LEU G 590 37.61 -37.49 81.08
CA LEU G 590 36.95 -38.75 81.36
C LEU G 590 36.93 -39.06 82.85
N ASP G 591 37.92 -38.54 83.59
CA ASP G 591 38.08 -38.86 85.01
C ASP G 591 37.23 -37.97 85.91
N LYS G 592 36.68 -36.87 85.38
CA LYS G 592 35.78 -36.02 86.16
C LYS G 592 34.36 -35.93 85.62
N HIS G 593 34.10 -36.41 84.41
CA HIS G 593 32.74 -36.39 83.86
C HIS G 593 32.19 -37.78 83.61
N GLY G 594 32.57 -38.74 84.45
CA GLY G 594 31.99 -40.07 84.42
C GLY G 594 32.54 -40.96 83.32
N ARG G 595 32.15 -42.23 83.40
CA ARG G 595 32.59 -43.24 82.43
C ARG G 595 31.76 -43.05 81.15
N ASN G 596 32.28 -42.23 80.24
CA ASN G 596 31.59 -41.93 79.00
C ASN G 596 32.21 -42.72 77.86
N HIS G 597 31.36 -43.06 76.88
CA HIS G 597 31.78 -43.88 75.74
C HIS G 597 32.16 -43.05 74.53
N LYS G 598 31.71 -41.79 74.45
CA LYS G 598 32.13 -40.92 73.35
C LYS G 598 33.51 -40.35 73.58
N VAL G 599 33.97 -40.33 74.84
CA VAL G 599 35.34 -39.93 75.13
C VAL G 599 36.30 -41.03 74.70
N LEU G 600 35.83 -42.27 74.63
CA LEU G 600 36.67 -43.35 74.10
C LEU G 600 36.73 -43.31 72.58
N ASP G 601 35.64 -42.90 71.92
CA ASP G 601 35.60 -42.91 70.47
C ASP G 601 36.48 -41.83 69.86
N VAL G 602 36.61 -40.69 70.55
CA VAL G 602 37.52 -39.64 70.06
C VAL G 602 38.97 -40.07 70.27
N LEU G 603 39.24 -40.86 71.33
CA LEU G 603 40.56 -41.45 71.48
C LEU G 603 40.81 -42.56 70.47
N CYS G 604 39.75 -43.26 70.03
CA CYS G 604 39.91 -44.20 68.93
C CYS G 604 40.18 -43.47 67.62
N SER G 605 39.59 -42.29 67.44
CA SER G 605 39.81 -41.50 66.23
C SER G 605 41.13 -40.74 66.27
N LEU G 606 41.83 -40.72 67.40
CA LEU G 606 43.09 -40.00 67.52
C LEU G 606 44.30 -40.84 67.15
N CYS G 607 44.16 -42.15 67.04
CA CYS G 607 45.29 -43.03 66.77
C CYS G 607 45.61 -43.10 65.28
N VAL G 608 44.64 -43.50 64.46
CA VAL G 608 44.83 -43.68 63.04
C VAL G 608 43.99 -42.66 62.29
N CYS G 609 44.39 -42.40 61.05
CA CYS G 609 43.67 -41.46 60.18
C CYS G 609 43.97 -41.82 58.73
N ASN G 610 42.90 -41.97 57.93
CA ASN G 610 42.95 -42.37 56.52
C ASN G 610 43.69 -43.70 56.34
N GLY G 611 43.52 -44.60 57.31
CA GLY G 611 44.24 -45.86 57.32
C GLY G 611 45.71 -45.77 57.67
N VAL G 612 46.18 -44.61 58.16
CA VAL G 612 47.58 -44.38 58.48
C VAL G 612 47.67 -44.08 59.96
N ALA G 613 48.55 -44.79 60.66
CA ALA G 613 48.72 -44.62 62.10
C ALA G 613 49.68 -43.48 62.42
N VAL G 614 49.43 -42.82 63.54
CA VAL G 614 50.28 -41.76 64.06
C VAL G 614 50.85 -42.23 65.39
N ARG G 615 52.15 -42.54 65.42
CA ARG G 615 52.75 -42.98 66.67
C ARG G 615 53.23 -41.83 67.55
N SER G 616 53.02 -40.58 67.13
CA SER G 616 53.22 -39.47 68.06
C SER G 616 52.08 -39.38 69.06
N ASN G 617 50.91 -39.92 68.71
CA ASN G 617 49.75 -39.91 69.57
C ASN G 617 49.39 -41.28 70.13
N GLN G 618 49.90 -42.36 69.56
CA GLN G 618 49.52 -43.69 70.02
C GLN G 618 50.24 -44.09 71.30
N ASP G 619 51.42 -43.56 71.55
CA ASP G 619 52.18 -43.92 72.75
C ASP G 619 51.81 -43.07 73.95
N LEU G 620 51.33 -41.84 73.76
CA LEU G 620 50.99 -41.00 74.89
C LEU G 620 49.69 -41.43 75.56
N ILE G 621 48.83 -42.17 74.85
CA ILE G 621 47.68 -42.76 75.52
C ILE G 621 48.11 -43.97 76.35
N THR G 622 49.08 -44.74 75.85
CA THR G 622 49.54 -45.95 76.54
C THR G 622 50.34 -45.64 77.81
N GLU G 623 50.97 -44.47 77.90
CA GLU G 623 51.75 -44.14 79.08
C GLU G 623 51.01 -43.23 80.05
N ASN G 624 49.80 -42.80 79.72
CA ASN G 624 48.97 -42.00 80.62
C ASN G 624 47.71 -42.69 81.06
N LEU G 625 46.99 -43.37 80.16
CA LEU G 625 45.71 -43.95 80.52
C LEU G 625 45.87 -45.35 81.10
N LEU G 626 46.82 -46.12 80.59
CA LEU G 626 46.98 -47.53 80.96
C LEU G 626 47.76 -47.83 82.25
N PRO G 627 48.95 -47.27 82.54
CA PRO G 627 49.70 -47.78 83.70
C PRO G 627 49.16 -47.35 85.05
N GLY G 628 48.19 -46.43 85.10
CA GLY G 628 47.56 -46.10 86.36
C GLY G 628 46.68 -47.22 86.88
N ARG G 629 45.90 -47.83 85.98
CA ARG G 629 45.03 -49.00 86.25
C ARG G 629 44.01 -48.73 87.35
N GLU G 630 43.52 -47.49 87.43
CA GLU G 630 42.46 -47.12 88.36
C GLU G 630 41.27 -46.45 87.70
N LEU G 631 41.38 -46.05 86.44
CA LEU G 631 40.29 -45.38 85.73
C LEU G 631 39.50 -46.34 84.84
N LEU G 632 40.14 -47.41 84.35
CA LEU G 632 39.54 -48.33 83.39
C LEU G 632 39.38 -49.71 84.01
N LEU G 633 38.47 -50.49 83.43
CA LEU G 633 38.09 -51.77 84.01
C LEU G 633 39.14 -52.84 83.71
N GLN G 634 39.46 -53.64 84.73
CA GLN G 634 40.48 -54.67 84.66
C GLN G 634 39.85 -56.05 84.61
N THR G 635 40.58 -57.00 84.03
CA THR G 635 40.14 -58.39 83.94
C THR G 635 41.26 -59.30 84.42
N ASN G 636 40.85 -60.39 85.10
CA ASN G 636 41.77 -61.42 85.56
C ASN G 636 40.96 -62.69 85.79
N LEU G 637 41.61 -63.83 85.62
CA LEU G 637 41.01 -65.12 85.96
C LEU G 637 41.19 -65.40 87.44
N ILE G 638 40.09 -65.63 88.14
CA ILE G 638 40.09 -65.90 89.58
C ILE G 638 39.44 -67.25 89.84
N ASN G 639 39.84 -67.90 90.93
CA ASN G 639 39.34 -69.21 91.30
C ASN G 639 38.02 -69.10 92.08
N TYR G 640 37.35 -70.24 92.22
CA TYR G 640 36.17 -70.37 93.08
C TYR G 640 36.56 -70.95 94.42
N VAL G 641 35.87 -70.51 95.48
CA VAL G 641 36.07 -71.00 96.84
C VAL G 641 34.71 -71.28 97.47
N THR G 642 34.71 -72.12 98.51
CA THR G 642 33.52 -72.45 99.28
C THR G 642 33.76 -72.14 100.75
N SER G 643 32.78 -72.52 101.59
CA SER G 643 32.89 -72.48 103.04
C SER G 643 31.96 -73.53 103.62
N ILE G 644 32.45 -74.29 104.61
CA ILE G 644 31.66 -75.32 105.28
C ILE G 644 31.77 -75.11 106.78
N ARG G 645 30.67 -75.36 107.49
CA ARG G 645 30.62 -75.25 108.94
C ARG G 645 30.09 -76.53 109.56
N PRO G 646 30.40 -76.78 110.83
CA PRO G 646 29.57 -77.69 111.63
C PRO G 646 28.52 -76.91 112.41
N ASN G 647 27.58 -77.64 113.00
CA ASN G 647 26.46 -77.02 113.73
C ASN G 647 26.86 -76.75 115.18
N ILE G 648 27.90 -75.93 115.33
CA ILE G 648 28.45 -75.58 116.63
C ILE G 648 28.45 -74.06 116.71
N PHE G 649 27.43 -73.49 117.34
CA PHE G 649 27.29 -72.04 117.49
C PHE G 649 27.60 -71.64 118.92
N VAL G 650 28.46 -70.63 119.07
CA VAL G 650 28.97 -70.19 120.36
C VAL G 650 28.61 -68.73 120.57
N GLY G 651 27.94 -68.41 121.67
CA GLY G 651 27.51 -67.06 121.93
C GLY G 651 27.67 -66.64 123.37
N ARG G 652 27.67 -65.33 123.58
CA ARG G 652 27.72 -64.71 124.89
C ARG G 652 26.67 -63.61 124.95
N ALA G 653 25.98 -63.51 126.09
CA ALA G 653 25.03 -62.43 126.35
C ALA G 653 25.07 -62.07 127.82
N GLU G 654 24.04 -61.36 128.29
CA GLU G 654 23.93 -61.08 129.73
C GLU G 654 23.71 -62.37 130.51
N GLY G 655 22.72 -63.16 130.10
CA GLY G 655 22.60 -64.52 130.58
C GLY G 655 23.16 -65.50 129.56
N SER G 656 24.40 -65.95 129.79
CA SER G 656 25.07 -66.88 128.90
C SER G 656 24.98 -68.28 129.49
N THR G 657 24.40 -69.22 128.74
CA THR G 657 24.25 -70.60 129.19
C THR G 657 25.33 -71.53 128.66
N GLN G 658 26.17 -71.07 127.74
CA GLN G 658 27.32 -71.83 127.28
C GLN G 658 28.57 -71.45 128.08
N TYR G 659 29.69 -72.09 127.74
CA TYR G 659 30.92 -71.89 128.48
C TYR G 659 31.57 -70.57 128.11
N GLY G 660 31.83 -70.36 126.82
CA GLY G 660 32.44 -69.14 126.33
C GLY G 660 33.86 -69.29 125.81
N LYS G 661 34.55 -70.39 126.15
CA LYS G 661 35.91 -70.63 125.68
C LYS G 661 36.03 -72.07 125.20
N TRP G 662 36.32 -72.25 123.90
CA TRP G 662 36.31 -73.55 123.27
C TRP G 662 37.59 -73.76 122.46
N TYR G 663 37.70 -74.94 121.87
CA TYR G 663 38.92 -75.33 121.17
C TYR G 663 38.59 -76.41 120.15
N PHE G 664 39.20 -76.34 118.97
CA PHE G 664 39.09 -77.37 117.96
C PHE G 664 40.35 -77.39 117.12
N GLU G 665 40.55 -78.51 116.42
CA GLU G 665 41.74 -78.72 115.61
C GLU G 665 41.36 -79.05 114.18
N VAL G 666 42.27 -78.75 113.25
CA VAL G 666 42.12 -79.02 111.83
C VAL G 666 43.40 -79.64 111.32
N MET G 667 43.32 -80.82 110.72
CA MET G 667 44.49 -81.53 110.23
C MET G 667 44.40 -81.70 108.72
N VAL G 668 45.36 -81.11 108.00
CA VAL G 668 45.44 -81.17 106.55
C VAL G 668 46.22 -82.42 106.16
N ASP G 669 45.86 -83.05 105.04
CA ASP G 669 46.61 -84.21 104.54
C ASP G 669 47.01 -84.10 103.07
N GLU G 670 46.36 -83.27 102.26
CA GLU G 670 46.64 -83.21 100.83
C GLU G 670 46.25 -81.83 100.31
N VAL G 671 47.21 -81.13 99.72
CA VAL G 671 46.99 -79.82 99.11
C VAL G 671 47.86 -79.74 97.85
N VAL G 672 47.22 -79.42 96.73
CA VAL G 672 47.97 -79.16 95.49
C VAL G 672 48.46 -77.71 95.56
N PRO G 673 49.76 -77.46 95.33
CA PRO G 673 50.27 -76.08 95.43
C PRO G 673 49.73 -75.15 94.36
N PHE G 674 49.79 -75.57 93.09
CA PHE G 674 49.32 -74.73 91.97
C PHE G 674 48.58 -75.62 90.98
N LEU G 675 47.25 -75.67 91.13
CA LEU G 675 46.43 -76.38 90.17
C LEU G 675 46.13 -75.53 88.94
N THR G 676 45.89 -74.24 89.14
CA THR G 676 45.68 -73.29 88.04
C THR G 676 46.70 -72.15 88.17
N ALA G 677 46.50 -71.06 87.44
CA ALA G 677 47.49 -69.99 87.41
C ALA G 677 47.54 -69.22 88.73
N GLN G 678 46.41 -69.13 89.42
CA GLN G 678 46.38 -68.50 90.74
C GLN G 678 46.55 -69.57 91.83
N ALA G 679 47.07 -69.12 92.97
CA ALA G 679 47.37 -70.05 94.07
C ALA G 679 46.10 -70.55 94.74
N THR G 680 46.21 -71.73 95.35
CA THR G 680 45.08 -72.37 96.02
C THR G 680 44.83 -71.67 97.35
N HIS G 681 43.69 -70.98 97.46
CA HIS G 681 43.36 -70.22 98.64
C HIS G 681 42.81 -71.15 99.72
N LEU G 682 43.50 -71.22 100.86
CA LEU G 682 43.09 -72.08 101.97
C LEU G 682 43.45 -71.40 103.29
N ARG G 683 42.43 -70.95 104.03
CA ARG G 683 42.60 -70.39 105.37
C ARG G 683 41.62 -71.09 106.32
N VAL G 684 41.83 -70.87 107.63
CA VAL G 684 41.11 -71.57 108.69
C VAL G 684 40.80 -70.53 109.77
N GLY G 685 39.59 -70.58 110.33
CA GLY G 685 39.29 -69.75 111.48
C GLY G 685 37.81 -69.74 111.81
N TRP G 686 37.39 -68.65 112.46
CA TRP G 686 36.01 -68.46 112.90
C TRP G 686 35.35 -67.34 112.10
N ALA G 687 34.04 -67.21 112.28
CA ALA G 687 33.25 -66.15 111.70
C ALA G 687 31.97 -65.99 112.52
N LEU G 688 31.15 -65.01 112.17
CA LEU G 688 29.84 -64.83 112.77
C LEU G 688 28.72 -65.10 111.77
N THR G 689 27.50 -65.15 112.30
CA THR G 689 26.32 -65.61 111.57
C THR G 689 25.81 -64.61 110.54
N GLU G 690 25.51 -63.38 110.97
CA GLU G 690 24.74 -62.48 110.12
C GLU G 690 25.60 -61.80 109.07
N GLY G 691 26.90 -61.69 109.29
CA GLY G 691 27.74 -60.96 108.35
C GLY G 691 28.47 -61.80 107.33
N TYR G 692 29.06 -62.90 107.78
CA TYR G 692 29.88 -63.76 106.92
C TYR G 692 28.97 -64.47 105.93
N SER G 693 28.85 -63.90 104.73
CA SER G 693 28.03 -64.46 103.65
C SER G 693 28.93 -64.61 102.42
N PRO G 694 29.71 -65.69 102.34
CA PRO G 694 30.57 -65.88 101.17
C PRO G 694 29.79 -66.35 99.95
N TYR G 695 29.64 -65.45 98.98
CA TYR G 695 28.92 -65.78 97.75
C TYR G 695 29.90 -66.30 96.70
N PRO G 696 29.47 -67.28 95.89
CA PRO G 696 30.40 -67.87 94.90
C PRO G 696 30.78 -66.92 93.78
N GLY G 697 29.89 -66.02 93.38
CA GLY G 697 30.18 -65.04 92.34
C GLY G 697 30.09 -63.64 92.91
N GLY G 698 31.17 -62.88 92.72
CA GLY G 698 31.22 -61.50 93.15
C GLY G 698 31.63 -61.36 94.61
N GLY G 699 32.03 -60.15 94.97
CA GLY G 699 32.40 -59.85 96.33
C GLY G 699 33.40 -58.72 96.41
N GLU G 700 34.00 -58.58 97.59
CA GLU G 700 34.97 -57.53 97.84
C GLU G 700 36.35 -57.95 97.37
N GLY G 701 37.20 -56.96 97.10
CA GLY G 701 38.52 -57.24 96.55
C GLY G 701 38.45 -57.53 95.07
N TRP G 702 39.44 -58.28 94.58
CA TRP G 702 39.42 -58.71 93.18
C TRP G 702 38.55 -59.94 93.02
N GLY G 703 38.57 -60.85 93.98
CA GLY G 703 37.63 -61.94 93.99
C GLY G 703 38.11 -63.12 94.79
N GLY G 704 37.26 -64.13 94.85
CA GLY G 704 37.51 -65.32 95.64
C GLY G 704 37.43 -65.08 97.13
N ASN G 705 36.37 -64.39 97.56
CA ASN G 705 36.21 -64.02 98.96
C ASN G 705 35.86 -65.21 99.85
N GLY G 706 36.61 -65.38 100.93
CA GLY G 706 36.37 -66.44 101.88
C GLY G 706 36.54 -65.95 103.31
N VAL G 707 37.18 -66.76 104.15
CA VAL G 707 37.50 -66.32 105.51
C VAL G 707 38.59 -65.25 105.45
N GLY G 708 38.49 -64.25 106.31
CA GLY G 708 39.50 -63.22 106.42
C GLY G 708 39.32 -62.02 105.50
N ASP G 709 38.35 -62.07 104.57
CA ASP G 709 38.15 -60.98 103.63
C ASP G 709 37.13 -59.96 104.10
N ASP G 710 36.67 -60.06 105.34
CA ASP G 710 35.81 -59.03 105.94
C ASP G 710 36.15 -58.90 107.42
N LEU G 711 35.48 -57.96 108.07
CA LEU G 711 35.64 -57.79 109.52
C LEU G 711 34.87 -58.84 110.31
N TYR G 712 34.06 -59.65 109.64
CA TYR G 712 33.24 -60.69 110.24
C TYR G 712 33.96 -62.02 110.41
N SER G 713 35.03 -62.27 109.66
CA SER G 713 35.72 -63.54 109.70
C SER G 713 37.20 -63.34 109.99
N TYR G 714 37.84 -64.40 110.50
CA TYR G 714 39.22 -64.31 110.96
C TYR G 714 39.99 -65.50 110.40
N GLY G 715 40.80 -65.25 109.36
CA GLY G 715 41.50 -66.32 108.68
C GLY G 715 42.95 -66.47 109.14
N PHE G 716 43.53 -67.61 108.78
CA PHE G 716 44.91 -67.91 109.10
C PHE G 716 45.41 -68.94 108.09
N ASP G 717 46.42 -68.56 107.29
CA ASP G 717 46.95 -69.44 106.25
C ASP G 717 48.31 -70.01 106.61
N GLY G 718 48.82 -69.74 107.80
CA GLY G 718 50.14 -70.20 108.19
C GLY G 718 51.09 -69.06 108.46
N LEU G 719 51.06 -68.02 107.61
CA LEU G 719 51.95 -66.88 107.84
C LEU G 719 51.27 -65.53 107.61
N HIS G 720 49.96 -65.48 107.39
CA HIS G 720 49.22 -64.23 107.34
C HIS G 720 48.00 -64.31 108.24
N LEU G 721 47.70 -63.22 108.94
CA LEU G 721 46.50 -63.13 109.78
C LEU G 721 45.48 -62.28 109.01
N TRP G 722 44.55 -62.95 108.34
CA TRP G 722 43.61 -62.28 107.45
C TRP G 722 42.39 -61.80 108.23
N THR G 723 42.17 -60.49 108.23
CA THR G 723 40.89 -59.91 108.65
C THR G 723 40.72 -58.57 107.94
N GLY G 724 39.51 -58.31 107.46
CA GLY G 724 39.21 -57.07 106.76
C GLY G 724 39.92 -56.89 105.45
N HIS G 725 40.20 -57.99 104.74
CA HIS G 725 40.85 -58.02 103.42
C HIS G 725 42.23 -57.34 103.41
N VAL G 726 42.95 -57.43 104.52
CA VAL G 726 44.34 -56.98 104.60
C VAL G 726 45.16 -58.07 105.29
N ALA G 727 46.32 -58.39 104.71
CA ALA G 727 47.18 -59.47 105.20
C ALA G 727 48.21 -58.93 106.18
N ARG G 728 48.37 -59.61 107.30
CA ARG G 728 49.33 -59.23 108.34
C ARG G 728 50.35 -60.35 108.47
N PRO G 729 51.62 -60.15 108.09
CA PRO G 729 52.59 -61.25 108.16
C PRO G 729 53.13 -61.43 109.58
N VAL G 730 53.32 -62.70 109.96
CA VAL G 730 53.63 -63.06 111.33
C VAL G 730 55.11 -63.41 111.42
N THR G 731 55.57 -63.62 112.65
CA THR G 731 56.90 -64.16 112.94
C THR G 731 56.69 -65.43 113.77
N SER G 732 56.51 -66.56 113.07
CA SER G 732 56.35 -67.85 113.70
C SER G 732 57.52 -68.75 113.36
N PRO G 733 57.95 -69.63 114.28
CA PRO G 733 59.08 -70.52 113.98
C PRO G 733 58.72 -71.55 112.92
N GLY G 734 59.44 -71.50 111.80
CA GLY G 734 59.14 -72.33 110.67
C GLY G 734 57.89 -71.86 109.94
N GLN G 735 57.90 -70.58 109.53
CA GLN G 735 56.74 -70.01 108.85
C GLN G 735 56.65 -70.52 107.41
N HIS G 736 55.47 -71.03 107.07
CA HIS G 736 55.19 -71.56 105.73
C HIS G 736 53.67 -71.62 105.60
N LEU G 737 53.21 -72.08 104.43
CA LEU G 737 51.78 -72.23 104.22
C LEU G 737 51.28 -73.51 104.90
N LEU G 738 49.99 -73.79 104.75
CA LEU G 738 49.43 -75.02 105.33
C LEU G 738 49.80 -76.19 104.44
N ALA G 739 51.00 -76.72 104.69
CA ALA G 739 51.50 -77.90 104.02
C ALA G 739 50.70 -79.13 104.45
N PRO G 740 50.75 -80.22 103.66
CA PRO G 740 50.13 -81.47 104.12
C PRO G 740 50.81 -82.04 105.36
N GLU G 741 50.06 -82.91 106.05
CA GLU G 741 50.42 -83.49 107.35
C GLU G 741 50.69 -82.41 108.39
N ASP G 742 49.86 -81.37 108.41
CA ASP G 742 49.96 -80.29 109.38
C ASP G 742 48.70 -80.21 110.22
N VAL G 743 48.87 -79.85 111.49
CA VAL G 743 47.76 -79.68 112.43
C VAL G 743 47.70 -78.22 112.82
N VAL G 744 46.63 -77.54 112.40
CA VAL G 744 46.39 -76.15 112.78
C VAL G 744 45.24 -76.11 113.78
N SER G 745 45.45 -75.39 114.88
CA SER G 745 44.49 -75.30 115.96
C SER G 745 44.04 -73.86 116.13
N CYS G 746 42.80 -73.69 116.61
CA CYS G 746 42.23 -72.37 116.80
C CYS G 746 41.65 -72.28 118.20
N CYS G 747 42.18 -71.38 119.02
CA CYS G 747 41.68 -71.15 120.37
C CYS G 747 40.69 -69.98 120.36
N LEU G 748 39.68 -70.07 121.23
CA LEU G 748 38.64 -69.06 121.30
C LEU G 748 38.31 -68.76 122.76
N ASP G 749 38.08 -67.49 123.06
CA ASP G 749 37.61 -67.04 124.37
C ASP G 749 36.72 -65.83 124.14
N LEU G 750 35.53 -65.83 124.74
CA LEU G 750 34.61 -64.70 124.65
C LEU G 750 34.47 -63.90 125.94
N SER G 751 35.00 -64.41 127.06
CA SER G 751 34.92 -63.68 128.33
C SER G 751 35.70 -62.38 128.26
N VAL G 752 36.97 -62.46 127.90
CA VAL G 752 37.70 -61.34 127.31
C VAL G 752 37.93 -61.69 125.84
N PRO G 753 37.81 -60.74 124.90
CA PRO G 753 38.09 -61.08 123.50
C PRO G 753 39.55 -61.43 123.26
N SER G 754 39.78 -62.67 122.83
CA SER G 754 41.10 -63.14 122.39
C SER G 754 40.90 -64.39 121.54
N ILE G 755 41.48 -64.38 120.34
CA ILE G 755 41.41 -65.53 119.43
C ILE G 755 42.84 -65.89 119.07
N SER G 756 43.29 -67.06 119.54
CA SER G 756 44.65 -67.52 119.32
C SER G 756 44.68 -68.69 118.34
N PHE G 757 45.83 -68.85 117.68
CA PHE G 757 46.06 -69.92 116.72
C PHE G 757 47.41 -70.55 117.04
N ARG G 758 47.50 -71.87 116.97
CA ARG G 758 48.77 -72.57 117.13
C ARG G 758 48.90 -73.59 116.01
N ILE G 759 50.05 -73.61 115.34
CA ILE G 759 50.31 -74.48 114.21
C ILE G 759 51.32 -75.55 114.61
N ASN G 760 50.90 -76.82 114.49
CA ASN G 760 51.70 -78.02 114.81
C ASN G 760 52.24 -77.99 116.25
N GLY G 761 51.42 -77.54 117.20
CA GLY G 761 51.81 -77.51 118.59
C GLY G 761 52.70 -76.36 118.99
N CYS G 762 53.02 -75.44 118.08
CA CYS G 762 53.76 -74.24 118.42
C CYS G 762 52.85 -73.04 118.25
N PRO G 763 52.76 -72.16 119.25
CA PRO G 763 51.84 -71.01 119.14
C PRO G 763 52.41 -69.93 118.24
N VAL G 764 51.51 -69.16 117.63
CA VAL G 764 51.89 -68.03 116.81
C VAL G 764 51.86 -66.78 117.69
N GLN G 765 52.59 -65.76 117.26
CA GLN G 765 52.63 -64.48 117.98
C GLN G 765 51.73 -63.47 117.27
N GLY G 766 50.43 -63.77 117.29
CA GLY G 766 49.42 -62.86 116.79
C GLY G 766 48.02 -63.29 117.16
N VAL G 767 47.26 -62.37 117.77
CA VAL G 767 45.92 -62.64 118.27
C VAL G 767 45.00 -61.47 117.92
N PHE G 768 43.70 -61.77 117.91
CA PHE G 768 42.65 -60.80 117.63
C PHE G 768 41.89 -60.48 118.91
N GLU G 769 41.82 -59.20 119.27
CA GLU G 769 41.01 -58.77 120.40
C GLU G 769 40.14 -57.58 120.03
N ALA G 770 39.32 -57.18 121.01
CA ALA G 770 38.38 -56.05 120.95
C ALA G 770 37.38 -56.19 119.81
N PHE G 771 37.04 -57.42 119.44
CA PHE G 771 36.07 -57.63 118.38
C PHE G 771 34.65 -57.57 118.96
N ASN G 772 33.69 -57.44 118.05
CA ASN G 772 32.29 -57.39 118.46
C ASN G 772 31.75 -58.80 118.67
N LEU G 773 30.90 -58.96 119.68
CA LEU G 773 30.32 -60.26 120.00
C LEU G 773 28.83 -60.32 119.71
N ASP G 774 28.29 -59.39 118.91
CA ASP G 774 26.89 -59.42 118.52
C ASP G 774 26.71 -60.48 117.44
N GLY G 775 26.52 -61.71 117.88
CA GLY G 775 26.32 -62.83 116.99
C GLY G 775 26.88 -64.10 117.62
N LEU G 776 26.93 -65.16 116.81
CA LEU G 776 27.41 -66.46 117.27
C LEU G 776 28.57 -66.91 116.40
N PHE G 777 29.50 -67.63 117.01
CA PHE G 777 30.73 -68.04 116.34
C PHE G 777 30.66 -69.52 115.99
N PHE G 778 31.31 -69.89 114.87
CA PHE G 778 31.32 -71.26 114.40
C PHE G 778 32.57 -71.47 113.55
N PRO G 779 33.14 -72.67 113.54
CA PRO G 779 34.36 -72.91 112.75
C PRO G 779 34.07 -72.93 111.25
N VAL G 780 34.87 -72.20 110.49
CA VAL G 780 34.77 -72.19 109.03
C VAL G 780 36.16 -72.43 108.42
N VAL G 781 36.20 -73.28 107.40
CA VAL G 781 37.35 -73.40 106.51
C VAL G 781 36.89 -72.98 105.13
N SER G 782 37.81 -72.43 104.33
CA SER G 782 37.53 -72.06 102.96
C SER G 782 38.65 -72.60 102.09
N PHE G 783 38.31 -73.44 101.11
CA PHE G 783 39.31 -74.08 100.28
C PHE G 783 39.02 -73.85 98.80
N SER G 784 40.08 -73.77 98.02
CA SER G 784 39.99 -73.66 96.57
C SER G 784 40.03 -75.07 95.97
N ALA G 785 40.28 -75.17 94.67
CA ALA G 785 40.26 -76.46 94.00
C ALA G 785 41.51 -77.27 94.34
N GLY G 786 41.30 -78.55 94.66
CA GLY G 786 42.40 -79.47 94.93
C GLY G 786 42.88 -79.48 96.36
N VAL G 787 41.95 -79.48 97.31
CA VAL G 787 42.28 -79.45 98.74
C VAL G 787 41.44 -80.52 99.46
N LYS G 788 42.12 -81.49 100.06
CA LYS G 788 41.50 -82.41 101.01
C LYS G 788 41.97 -82.06 102.41
N VAL G 789 41.03 -81.95 103.35
CA VAL G 789 41.35 -81.55 104.72
C VAL G 789 40.37 -82.24 105.66
N ARG G 790 40.85 -82.60 106.86
CA ARG G 790 40.06 -83.31 107.85
C ARG G 790 39.80 -82.39 109.04
N PHE G 791 38.65 -82.58 109.68
CA PHE G 791 38.28 -81.81 110.86
C PHE G 791 38.42 -82.65 112.13
N LEU G 792 38.85 -81.99 113.21
CA LEU G 792 39.05 -82.60 114.52
C LEU G 792 38.27 -81.73 115.51
N LEU G 793 37.00 -82.07 115.72
CA LEU G 793 36.14 -81.23 116.56
C LEU G 793 36.16 -81.65 118.02
N GLY G 794 36.06 -82.95 118.30
CA GLY G 794 36.07 -83.43 119.65
C GLY G 794 36.65 -84.82 119.74
N GLY G 795 36.66 -85.37 120.95
CA GLY G 795 37.20 -86.70 121.16
C GLY G 795 36.30 -87.80 120.63
N ARG G 796 34.98 -87.55 120.60
CA ARG G 796 34.05 -88.55 120.09
C ARG G 796 34.04 -88.62 118.57
N HIS G 797 34.31 -87.48 117.91
CA HIS G 797 34.29 -87.42 116.45
C HIS G 797 35.68 -87.49 115.83
N GLY G 798 36.71 -87.07 116.56
CA GLY G 798 38.08 -87.17 116.08
C GLY G 798 39.06 -87.47 117.19
N GLU G 799 40.35 -87.36 116.91
CA GLU G 799 41.40 -87.61 117.88
C GLU G 799 42.32 -86.40 117.94
N PHE G 800 42.36 -85.72 119.07
CA PHE G 800 43.22 -84.55 119.22
C PHE G 800 44.67 -84.99 119.29
N LYS G 801 45.48 -84.55 118.32
CA LYS G 801 46.90 -84.87 118.35
C LYS G 801 47.66 -84.03 119.35
N PHE G 802 47.08 -82.92 119.79
CA PHE G 802 47.65 -82.09 120.84
C PHE G 802 46.59 -81.86 121.91
N LEU G 803 47.03 -81.87 123.15
CA LEU G 803 46.10 -81.70 124.26
C LEU G 803 45.74 -80.23 124.40
N PRO G 804 44.47 -79.91 124.69
CA PRO G 804 44.08 -78.50 124.74
C PRO G 804 44.65 -77.81 125.99
N PRO G 805 44.77 -76.49 125.96
CA PRO G 805 45.18 -75.76 127.17
C PRO G 805 44.14 -75.86 128.26
N PRO G 806 44.52 -75.67 129.53
CA PRO G 806 43.54 -75.78 130.63
C PRO G 806 42.53 -74.64 130.60
N GLY G 807 41.26 -75.02 130.50
CA GLY G 807 40.18 -74.06 130.39
C GLY G 807 39.51 -74.00 129.03
N TYR G 808 40.01 -74.75 128.05
CA TYR G 808 39.43 -74.79 126.72
C TYR G 808 38.84 -76.18 126.49
N ALA G 809 37.52 -76.24 126.37
CA ALA G 809 36.70 -77.42 126.14
C ALA G 809 36.71 -77.79 124.66
N PRO G 810 36.62 -79.08 124.32
CA PRO G 810 36.55 -79.47 122.90
C PRO G 810 35.23 -79.03 122.28
N CYS G 811 35.26 -78.85 120.96
CA CYS G 811 34.19 -78.18 120.25
C CYS G 811 32.96 -79.07 120.05
N HIS G 812 33.05 -80.36 120.36
CA HIS G 812 31.94 -81.28 120.17
C HIS G 812 30.89 -81.21 121.28
N GLU G 813 31.10 -80.42 122.32
CA GLU G 813 30.16 -80.37 123.44
C GLU G 813 29.06 -79.33 123.26
N ALA G 814 29.22 -78.38 122.34
CA ALA G 814 28.26 -77.31 122.17
C ALA G 814 27.19 -77.63 121.14
N VAL G 815 27.07 -78.88 120.72
CA VAL G 815 25.99 -79.25 119.82
C VAL G 815 24.68 -79.35 120.60
N LEU G 816 23.60 -78.88 119.97
CA LEU G 816 22.30 -78.85 120.63
C LEU G 816 21.68 -80.24 120.67
N PRO G 817 20.80 -80.52 121.66
CA PRO G 817 20.19 -81.86 121.72
C PRO G 817 19.17 -82.14 120.63
N ARG G 818 18.71 -81.11 119.90
CA ARG G 818 17.73 -81.28 118.84
C ARG G 818 18.42 -81.40 117.47
N GLU G 819 19.72 -81.67 117.45
CA GLU G 819 20.44 -81.68 116.19
C GLU G 819 21.66 -82.58 116.30
N ARG G 820 21.93 -83.32 115.23
CA ARG G 820 23.16 -84.07 115.09
C ARG G 820 24.17 -83.24 114.31
N LEU G 821 25.44 -83.56 114.48
CA LEU G 821 26.51 -82.72 113.93
C LEU G 821 26.66 -83.02 112.44
N ARG G 822 26.50 -81.99 111.62
CA ARG G 822 26.45 -82.07 110.17
C ARG G 822 27.53 -81.16 109.62
N LEU G 823 27.86 -81.30 108.34
CA LEU G 823 28.74 -80.38 107.63
C LEU G 823 27.94 -79.74 106.50
N GLU G 824 27.63 -78.45 106.65
CA GLU G 824 26.73 -77.74 105.75
C GLU G 824 27.38 -76.46 105.27
N PRO G 825 27.02 -75.99 104.07
CA PRO G 825 27.47 -74.67 103.63
C PRO G 825 26.62 -73.56 104.26
N ILE G 826 27.01 -72.32 103.95
CA ILE G 826 26.44 -71.12 104.54
C ILE G 826 25.84 -70.27 103.43
N LYS G 827 24.62 -69.76 103.66
CA LYS G 827 23.94 -68.78 102.80
C LYS G 827 23.73 -69.31 101.38
N GLU G 828 23.41 -70.60 101.29
CA GLU G 828 23.30 -71.29 100.02
C GLU G 828 22.03 -70.89 99.27
N TYR G 829 22.06 -71.14 97.96
CA TYR G 829 20.89 -70.98 97.10
C TYR G 829 20.74 -72.11 96.08
N ARG G 830 21.76 -72.96 95.92
CA ARG G 830 21.73 -74.09 95.00
C ARG G 830 22.16 -75.33 95.75
N ARG G 831 21.28 -76.34 95.81
CA ARG G 831 21.59 -77.63 96.39
C ARG G 831 21.30 -78.72 95.38
N GLU G 832 22.26 -79.60 95.15
CA GLU G 832 22.09 -80.67 94.17
C GLU G 832 21.17 -81.75 94.70
N GLY G 833 20.27 -82.21 93.84
CA GLY G 833 19.29 -83.22 94.22
C GLY G 833 19.20 -84.35 93.22
N PRO G 834 18.29 -85.29 93.47
CA PRO G 834 18.16 -86.43 92.55
C PRO G 834 17.54 -86.06 91.20
N ARG G 835 16.51 -85.24 91.21
CA ARG G 835 15.87 -84.82 89.97
C ARG G 835 16.41 -83.47 89.51
N PRO G 837 19.02 -79.86 90.19
CA PRO G 837 19.47 -78.98 91.28
C PRO G 837 18.31 -78.25 91.95
N HIS G 838 18.19 -78.40 93.26
CA HIS G 838 17.11 -77.79 94.02
C HIS G 838 17.51 -76.39 94.48
N LEU G 839 16.54 -75.48 94.45
CA LEU G 839 16.73 -74.11 94.93
C LEU G 839 16.18 -74.01 96.34
N VAL G 840 16.99 -73.47 97.25
CA VAL G 840 16.63 -73.36 98.65
C VAL G 840 16.34 -71.90 98.97
N GLY G 841 15.76 -71.67 100.15
CA GLY G 841 15.55 -70.34 100.66
C GLY G 841 16.59 -69.97 101.69
N PRO G 842 16.42 -68.80 102.33
CA PRO G 842 17.37 -68.39 103.38
C PRO G 842 17.13 -69.17 104.66
N SER G 843 18.20 -69.66 105.28
CA SER G 843 18.09 -70.44 106.49
C SER G 843 17.86 -69.54 107.70
N ARG G 844 17.02 -70.01 108.62
CA ARG G 844 16.73 -69.29 109.86
C ARG G 844 17.71 -69.75 110.93
N CYS G 845 18.81 -69.01 111.04
CA CYS G 845 19.83 -69.33 112.02
C CYS G 845 19.43 -68.80 113.41
N LEU G 846 20.18 -69.24 114.41
CA LEU G 846 19.84 -68.91 115.79
C LEU G 846 20.19 -67.46 116.12
N SER G 847 19.32 -66.82 116.90
CA SER G 847 19.51 -65.44 117.27
C SER G 847 20.46 -65.34 118.47
N HIS G 848 20.87 -64.10 118.76
CA HIS G 848 21.80 -63.87 119.87
C HIS G 848 21.12 -64.02 121.22
N THR G 849 19.92 -63.46 121.37
CA THR G 849 19.17 -63.56 122.62
C THR G 849 18.18 -64.71 122.62
N ASP G 850 18.44 -65.76 121.85
CA ASP G 850 17.59 -66.95 121.86
C ASP G 850 18.06 -67.98 122.87
N PHE G 851 19.36 -68.00 123.19
CA PHE G 851 19.88 -68.94 124.16
C PHE G 851 19.62 -68.50 125.59
N VAL G 852 19.30 -67.23 125.81
CA VAL G 852 19.05 -66.74 127.17
C VAL G 852 17.68 -67.22 127.63
N PRO G 853 17.52 -67.63 128.89
CA PRO G 853 16.18 -67.96 129.40
C PRO G 853 15.46 -66.73 129.91
N CYS G 854 14.16 -66.68 129.66
CA CYS G 854 13.37 -65.53 130.04
C CYS G 854 12.33 -65.90 131.11
N PRO G 855 12.14 -65.05 132.13
CA PRO G 855 11.17 -65.30 133.20
C PRO G 855 9.73 -65.02 132.78
N ILE G 861 3.88 -61.57 142.77
CA ILE G 861 2.58 -61.01 143.08
C ILE G 861 2.08 -61.51 144.42
N VAL G 862 0.96 -60.94 144.88
CA VAL G 862 0.27 -61.41 146.07
C VAL G 862 -0.61 -62.59 145.69
N LEU G 863 -1.02 -63.39 146.67
CA LEU G 863 -1.84 -64.57 146.44
C LEU G 863 -3.05 -64.51 147.36
N PRO G 864 -4.28 -64.62 146.84
CA PRO G 864 -5.48 -64.46 147.68
C PRO G 864 -5.67 -65.65 148.62
N PRO G 865 -6.41 -65.48 149.72
CA PRO G 865 -6.55 -66.58 150.69
C PRO G 865 -7.39 -67.75 150.20
N HIS G 866 -8.19 -67.60 149.14
CA HIS G 866 -8.97 -68.73 148.65
C HIS G 866 -8.13 -69.77 147.94
N LEU G 867 -6.95 -69.38 147.44
CA LEU G 867 -6.01 -70.30 146.82
C LEU G 867 -4.81 -70.60 147.70
N GLU G 868 -4.74 -70.02 148.90
CA GLU G 868 -3.63 -70.32 149.80
C GLU G 868 -3.85 -71.61 150.56
N ARG G 869 -5.11 -71.99 150.80
CA ARG G 869 -5.40 -73.25 151.47
C ARG G 869 -5.28 -74.44 150.52
N ILE G 870 -5.44 -74.22 149.22
CA ILE G 870 -5.37 -75.31 148.25
C ILE G 870 -3.93 -75.64 147.88
N ARG G 871 -2.97 -74.81 148.29
CA ARG G 871 -1.57 -75.08 148.00
C ARG G 871 -1.05 -76.26 148.80
N GLU G 872 -1.58 -76.47 150.01
CA GLU G 872 -1.22 -77.65 150.79
C GLU G 872 -1.91 -78.90 150.27
N LYS G 873 -3.12 -78.75 149.74
CA LYS G 873 -3.85 -79.91 149.21
C LYS G 873 -3.26 -80.37 147.88
N LEU G 874 -2.70 -79.45 147.10
CA LEU G 874 -2.00 -79.82 145.88
C LEU G 874 -0.62 -80.39 146.18
N ALA G 875 0.00 -79.94 147.27
CA ALA G 875 1.34 -80.41 147.63
C ALA G 875 1.31 -81.84 148.16
N GLU G 876 0.25 -82.18 148.90
CA GLU G 876 0.05 -83.57 149.31
C GLU G 876 -0.40 -84.43 148.15
N ASN G 877 -1.04 -83.82 147.15
CA ASN G 877 -1.45 -84.55 145.96
C ASN G 877 -0.26 -84.93 145.11
N ILE G 878 0.71 -84.03 144.96
CA ILE G 878 1.90 -84.31 144.16
C ILE G 878 2.80 -85.30 144.88
N HIS G 879 2.83 -85.23 146.22
CA HIS G 879 3.59 -86.21 146.99
C HIS G 879 2.91 -87.58 146.95
N GLU G 880 1.58 -87.60 146.83
CA GLU G 880 0.89 -88.88 146.66
C GLU G 880 1.10 -89.42 145.25
N LEU G 881 1.24 -88.52 144.26
CA LEU G 881 1.50 -88.98 142.89
C LEU G 881 2.96 -89.38 142.73
N TRP G 882 3.86 -88.76 143.48
CA TRP G 882 5.27 -89.14 143.41
C TRP G 882 5.52 -90.47 144.09
N ALA G 883 4.77 -90.75 145.17
CA ALA G 883 4.94 -92.01 145.88
C ALA G 883 4.24 -93.15 145.15
N LEU G 884 3.26 -92.84 144.30
CA LEU G 884 2.56 -93.89 143.56
C LEU G 884 3.43 -94.44 142.43
N THR G 885 4.13 -93.57 141.71
CA THR G 885 4.99 -94.02 140.62
C THR G 885 6.28 -94.64 141.17
N ARG G 886 6.74 -94.16 142.33
CA ARG G 886 7.98 -94.67 142.90
C ARG G 886 7.80 -96.10 143.44
N ILE G 887 6.63 -96.40 144.00
CA ILE G 887 6.34 -97.77 144.42
C ILE G 887 6.05 -98.66 143.22
N GLU G 888 5.63 -98.06 142.10
CA GLU G 888 5.31 -98.83 140.91
C GLU G 888 6.58 -99.30 140.20
N GLN G 889 7.66 -98.52 140.27
CA GLN G 889 8.90 -98.92 139.62
C GLN G 889 9.85 -99.62 140.59
N GLY G 890 9.75 -99.32 141.89
CA GLY G 890 10.49 -100.12 142.85
C GLY G 890 11.04 -99.44 144.10
N TRP G 891 10.72 -98.18 144.33
CA TRP G 891 11.15 -97.52 145.56
C TRP G 891 10.31 -97.98 146.74
N THR G 892 10.94 -97.97 147.92
CA THR G 892 10.29 -98.41 149.14
C THR G 892 10.54 -97.40 150.26
N TYR G 893 9.76 -97.56 151.33
CA TYR G 893 9.90 -96.73 152.53
C TYR G 893 11.15 -97.16 153.29
N GLY G 894 12.00 -96.18 153.62
CA GLY G 894 13.15 -96.44 154.44
C GLY G 894 13.58 -95.20 155.21
N PRO G 895 14.36 -95.40 156.28
CA PRO G 895 14.89 -94.23 157.00
C PRO G 895 16.05 -93.57 156.28
N VAL G 896 16.87 -94.36 155.59
CA VAL G 896 18.00 -93.84 154.82
C VAL G 896 17.56 -93.64 153.38
N ARG G 897 18.27 -92.77 152.66
CA ARG G 897 17.97 -92.46 151.28
C ARG G 897 19.06 -93.03 150.38
N ASP G 898 18.66 -93.85 149.40
CA ASP G 898 19.58 -94.47 148.46
C ASP G 898 18.88 -94.67 147.12
N ASP G 899 19.53 -94.25 146.04
CA ASP G 899 18.96 -94.41 144.71
C ASP G 899 19.22 -95.81 144.17
N ASN G 900 20.43 -96.35 144.42
CA ASN G 900 20.77 -97.67 143.90
C ASN G 900 20.05 -98.77 144.68
N LYS G 901 19.81 -98.56 145.97
CA LYS G 901 19.05 -99.52 146.76
C LYS G 901 17.54 -99.29 146.69
N ARG G 902 17.10 -98.25 145.95
CA ARG G 902 15.71 -97.87 145.75
C ARG G 902 15.00 -97.60 147.09
N LEU G 903 15.50 -96.58 147.79
CA LEU G 903 14.96 -96.16 149.08
C LEU G 903 14.38 -94.78 148.94
N HIS G 904 13.12 -94.63 149.33
CA HIS G 904 12.41 -93.35 149.27
C HIS G 904 12.06 -92.91 150.69
N PRO G 905 12.57 -91.78 151.16
CA PRO G 905 12.28 -91.35 152.54
C PRO G 905 10.88 -90.78 152.70
N CYS G 906 10.31 -90.16 151.67
CA CYS G 906 9.00 -89.54 151.75
C CYS G 906 7.92 -90.38 151.07
N LEU G 907 8.03 -91.70 151.14
CA LEU G 907 7.10 -92.59 150.46
C LEU G 907 5.86 -92.93 151.30
N VAL G 908 5.86 -92.60 152.59
CA VAL G 908 4.71 -92.89 153.44
C VAL G 908 3.61 -91.88 153.20
N ASN G 909 3.88 -90.61 153.52
CA ASN G 909 2.87 -89.56 153.45
C ASN G 909 3.59 -88.21 153.36
N PHE G 910 2.79 -87.15 153.21
CA PHE G 910 3.34 -85.81 153.16
C PHE G 910 3.76 -85.33 154.55
N HIS G 911 2.97 -85.69 155.57
CA HIS G 911 3.33 -85.35 156.94
C HIS G 911 4.49 -86.19 157.45
N SER G 912 4.67 -87.40 156.91
CA SER G 912 5.79 -88.25 157.29
C SER G 912 7.08 -87.82 156.63
N LEU G 913 7.02 -86.96 155.61
CA LEU G 913 8.21 -86.37 155.03
C LEU G 913 8.85 -85.43 156.05
N PRO G 914 10.18 -85.27 155.99
CA PRO G 914 10.84 -84.31 156.88
C PRO G 914 10.50 -82.87 156.50
N GLU G 915 10.96 -81.95 157.35
CA GLU G 915 10.66 -80.53 157.15
C GLU G 915 11.33 -79.90 155.93
N PRO G 916 12.62 -80.16 155.59
CA PRO G 916 13.12 -79.59 154.33
C PRO G 916 12.50 -80.19 153.07
N GLU G 917 11.93 -81.39 153.18
CA GLU G 917 11.12 -81.93 152.09
C GLU G 917 9.76 -81.28 152.03
N ARG G 918 9.23 -80.85 153.18
CA ARG G 918 7.87 -80.30 153.21
C ARG G 918 7.84 -78.86 152.73
N ASN G 919 8.77 -78.01 153.20
CA ASN G 919 8.77 -76.62 152.76
C ASN G 919 9.28 -76.46 151.34
N TYR G 920 10.04 -77.45 150.83
CA TYR G 920 10.40 -77.45 149.42
C TYR G 920 9.18 -77.66 148.54
N ASN G 921 8.24 -78.48 149.00
CA ASN G 921 7.04 -78.77 148.20
C ASN G 921 6.14 -77.54 148.18
N LEU G 922 6.08 -76.81 149.29
CA LEU G 922 5.18 -75.67 149.38
C LEU G 922 5.72 -74.44 148.67
N GLN G 923 7.05 -74.29 148.60
CA GLN G 923 7.58 -73.17 147.80
C GLN G 923 7.49 -73.50 146.32
N MET G 924 7.61 -74.79 145.97
CA MET G 924 7.39 -75.21 144.60
C MET G 924 5.91 -75.16 144.25
N SER G 925 5.04 -75.46 145.22
CA SER G 925 3.62 -75.23 145.02
C SER G 925 3.32 -73.73 145.06
N GLY G 926 4.07 -72.99 145.88
CA GLY G 926 3.91 -71.55 145.93
C GLY G 926 4.44 -70.85 144.69
N GLU G 927 5.34 -71.52 143.96
CA GLU G 927 5.82 -70.95 142.71
C GLU G 927 4.86 -71.20 141.56
N THR G 928 4.27 -72.40 141.49
CA THR G 928 3.55 -72.80 140.28
C THR G 928 2.16 -72.17 140.22
N LEU G 929 1.61 -71.73 141.35
CA LEU G 929 0.43 -70.90 141.30
C LEU G 929 0.79 -69.42 141.23
N LYS G 930 2.04 -69.07 141.57
CA LYS G 930 2.49 -67.69 141.38
C LYS G 930 2.63 -67.37 139.90
N THR G 931 3.06 -68.35 139.10
CA THR G 931 3.11 -68.16 137.65
C THR G 931 1.79 -68.50 136.98
N LEU G 932 0.81 -69.02 137.73
CA LEU G 932 -0.46 -69.41 137.13
C LEU G 932 -1.32 -68.19 136.81
N LEU G 933 -1.45 -67.26 137.76
CA LEU G 933 -2.13 -66.01 137.47
C LEU G 933 -1.14 -64.95 136.96
N ALA G 934 0.13 -65.32 136.75
CA ALA G 934 1.08 -64.41 136.10
C ALA G 934 0.94 -64.41 134.58
N LEU G 935 0.44 -65.48 133.97
CA LEU G 935 0.20 -65.45 132.52
C LEU G 935 -1.08 -64.69 132.18
N GLY G 936 -2.02 -64.64 133.12
CA GLY G 936 -3.29 -63.95 132.91
C GLY G 936 -4.53 -64.83 132.90
N CYS G 937 -4.41 -66.11 133.25
CA CYS G 937 -5.57 -66.98 133.32
C CYS G 937 -6.34 -66.72 134.61
N HIS G 938 -7.64 -66.46 134.49
CA HIS G 938 -8.47 -66.17 135.64
C HIS G 938 -8.97 -67.47 136.29
N VAL G 939 -8.82 -67.57 137.60
CA VAL G 939 -9.33 -68.71 138.37
C VAL G 939 -10.43 -68.22 139.30
N GLY G 940 -11.41 -69.10 139.55
CA GLY G 940 -12.41 -68.87 140.57
C GLY G 940 -12.60 -70.12 141.40
N MET G 941 -13.23 -69.95 142.55
CA MET G 941 -13.47 -71.06 143.47
C MET G 941 -14.96 -71.35 143.54
N ALA G 942 -15.36 -72.52 143.06
CA ALA G 942 -16.76 -72.93 143.06
C ALA G 942 -16.84 -74.45 143.06
N ASP G 943 -18.04 -74.95 143.34
CA ASP G 943 -18.37 -76.38 143.41
C ASP G 943 -17.48 -77.11 144.42
N GLU G 944 -17.55 -76.64 145.67
CA GLU G 944 -16.76 -77.24 146.74
C GLU G 944 -17.39 -78.56 147.20
N LYS G 945 -18.71 -78.69 147.06
CA LYS G 945 -19.38 -79.93 147.44
C LYS G 945 -19.10 -81.06 146.47
N ALA G 946 -18.89 -80.74 145.19
CA ALA G 946 -18.55 -81.76 144.20
C ALA G 946 -17.10 -82.23 144.37
N GLU G 947 -16.24 -81.36 144.90
CA GLU G 947 -14.86 -81.75 145.14
C GLU G 947 -14.76 -82.65 146.38
N ASP G 948 -15.57 -82.35 147.40
CA ASP G 948 -15.60 -83.19 148.60
C ASP G 948 -16.29 -84.52 148.34
N ASN G 949 -17.18 -84.57 147.34
CA ASN G 949 -17.80 -85.84 146.96
C ASN G 949 -16.83 -86.72 146.19
N LEU G 950 -15.78 -86.14 145.62
CA LEU G 950 -14.78 -86.92 144.92
C LEU G 950 -13.89 -87.66 145.91
N LYS G 951 -13.70 -88.96 145.66
CA LYS G 951 -12.90 -89.82 146.52
C LYS G 951 -11.52 -90.02 145.90
N LYS G 952 -10.72 -90.85 146.56
CA LYS G 952 -9.42 -91.20 146.03
C LYS G 952 -9.54 -92.24 144.92
N THR G 953 -8.45 -92.39 144.17
CA THR G 953 -8.38 -93.39 143.12
C THR G 953 -8.26 -94.79 143.71
N LYS G 954 -8.68 -95.79 142.94
CA LYS G 954 -8.62 -97.16 143.42
C LYS G 954 -7.20 -97.71 143.32
N LEU G 955 -6.77 -98.40 144.37
CA LEU G 955 -5.43 -98.99 144.46
C LEU G 955 -5.58 -100.48 144.74
N PRO G 956 -5.01 -101.35 143.92
CA PRO G 956 -5.16 -102.80 144.13
C PRO G 956 -4.10 -103.33 145.09
N LYS G 957 -4.05 -104.67 145.18
CA LYS G 957 -3.10 -105.35 146.05
C LYS G 957 -1.67 -105.21 145.54
N THR G 958 -1.49 -105.18 144.22
CA THR G 958 -0.17 -104.96 143.64
C THR G 958 0.26 -103.50 143.71
N TYR G 959 -0.68 -102.58 143.99
CA TYR G 959 -0.33 -101.17 144.02
C TYR G 959 0.34 -100.76 145.33
N MET G 960 0.02 -101.42 146.44
CA MET G 960 0.69 -101.06 147.69
C MET G 960 2.09 -101.67 147.73
N MET G 961 3.02 -100.92 148.32
CA MET G 961 4.43 -101.27 148.30
C MET G 961 4.75 -102.29 149.38
N SER G 962 6.05 -102.52 149.60
CA SER G 962 6.51 -103.55 150.53
C SER G 962 6.41 -103.11 151.98
N ASN G 963 6.26 -101.81 152.25
CA ASN G 963 6.14 -101.36 153.63
C ASN G 963 4.76 -101.59 154.21
N GLY G 964 3.73 -101.63 153.39
CA GLY G 964 2.37 -101.75 153.83
C GLY G 964 1.54 -100.48 153.76
N TYR G 965 2.14 -99.36 153.33
CA TYR G 965 1.45 -98.08 153.25
C TYR G 965 1.46 -97.60 151.80
N LYS G 966 0.30 -97.16 151.31
CA LYS G 966 0.16 -96.68 149.95
C LYS G 966 -0.38 -95.26 149.93
N PRO G 967 0.05 -94.45 148.96
CA PRO G 967 -0.59 -93.14 148.76
C PRO G 967 -1.96 -93.30 148.13
N ALA G 968 -2.83 -92.33 148.41
CA ALA G 968 -4.19 -92.30 147.89
C ALA G 968 -4.37 -91.01 147.10
N PRO G 969 -3.97 -90.99 145.83
CA PRO G 969 -4.11 -89.76 145.05
C PRO G 969 -5.53 -89.52 144.57
N LEU G 970 -5.81 -88.27 144.24
CA LEU G 970 -7.13 -87.90 143.78
C LEU G 970 -7.35 -88.39 142.35
N ASP G 971 -8.53 -88.97 142.12
CA ASP G 971 -8.87 -89.46 140.79
C ASP G 971 -9.27 -88.30 139.89
N LEU G 972 -8.63 -88.22 138.72
CA LEU G 972 -8.92 -87.17 137.75
C LEU G 972 -9.49 -87.75 136.46
N SER G 973 -10.04 -88.96 136.52
CA SER G 973 -10.58 -89.66 135.36
C SER G 973 -11.93 -89.12 134.92
N HIS G 974 -12.64 -88.40 135.79
CA HIS G 974 -13.90 -87.77 135.41
C HIS G 974 -13.68 -86.49 134.59
N VAL G 975 -12.51 -85.87 134.73
CA VAL G 975 -12.20 -84.60 134.07
C VAL G 975 -11.25 -84.86 132.92
N ARG G 976 -11.59 -84.33 131.74
CA ARG G 976 -10.77 -84.44 130.55
C ARG G 976 -10.16 -83.08 130.22
N LEU G 977 -8.92 -83.09 129.76
CA LEU G 977 -8.23 -81.85 129.45
C LEU G 977 -8.57 -81.39 128.04
N THR G 978 -8.74 -80.09 127.89
CA THR G 978 -9.06 -79.41 126.65
C THR G 978 -7.78 -78.91 125.98
N PRO G 979 -7.80 -78.65 124.67
CA PRO G 979 -6.58 -78.08 124.04
C PRO G 979 -6.22 -76.68 124.50
N ALA G 980 -7.16 -75.94 125.09
CA ALA G 980 -6.81 -74.68 125.74
C ALA G 980 -5.95 -74.92 126.97
N GLN G 981 -6.19 -76.02 127.69
CA GLN G 981 -5.33 -76.38 128.80
C GLN G 981 -4.06 -77.08 128.33
N THR G 982 -4.10 -77.68 127.14
CA THR G 982 -2.91 -78.30 126.58
C THR G 982 -1.89 -77.24 126.16
N THR G 983 -2.36 -76.06 125.74
CA THR G 983 -1.45 -74.99 125.39
C THR G 983 -0.90 -74.32 126.65
N LEU G 984 -1.69 -74.30 127.73
CA LEU G 984 -1.24 -73.68 128.98
C LEU G 984 -0.29 -74.60 129.75
N VAL G 985 -0.46 -75.91 129.62
CA VAL G 985 0.44 -76.84 130.30
C VAL G 985 1.80 -76.88 129.60
N ASP G 986 1.86 -76.45 128.33
CA ASP G 986 3.16 -76.23 127.70
C ASP G 986 3.76 -74.90 128.13
N ARG G 987 2.91 -73.89 128.39
CA ARG G 987 3.42 -72.57 128.76
C ARG G 987 3.87 -72.54 130.22
N LEU G 988 3.22 -73.32 131.08
CA LEU G 988 3.67 -73.44 132.46
C LEU G 988 4.94 -74.28 132.56
N ALA G 989 5.07 -75.28 131.68
CA ALA G 989 6.28 -76.09 131.66
C ALA G 989 7.43 -75.34 131.00
N GLU G 990 7.12 -74.40 130.10
CA GLU G 990 8.15 -73.54 129.55
C GLU G 990 8.64 -72.53 130.59
N ASN G 991 7.73 -72.00 131.40
CA ASN G 991 8.12 -71.04 132.41
C ASN G 991 8.83 -71.72 133.58
N GLY G 992 8.56 -73.01 133.79
CA GLY G 992 9.18 -73.72 134.89
C GLY G 992 10.64 -74.05 134.63
N HIS G 993 10.99 -74.34 133.37
CA HIS G 993 12.37 -74.67 133.06
C HIS G 993 13.22 -73.43 132.82
N ASN G 994 12.59 -72.35 132.31
CA ASN G 994 13.35 -71.13 132.08
C ASN G 994 13.69 -70.43 133.40
N VAL G 995 12.84 -70.61 134.42
CA VAL G 995 13.22 -70.12 135.74
C VAL G 995 14.19 -71.10 136.41
N TRP G 996 14.26 -72.34 135.91
CA TRP G 996 15.27 -73.28 136.37
C TRP G 996 16.59 -73.05 135.64
N ALA G 997 16.53 -72.61 134.39
CA ALA G 997 17.75 -72.34 133.63
C ALA G 997 18.42 -71.05 134.09
N ARG G 998 17.63 -70.07 134.53
CA ARG G 998 18.20 -68.80 134.95
C ARG G 998 18.84 -68.93 136.33
N ASP G 999 18.25 -69.72 137.21
CA ASP G 999 18.78 -69.88 138.56
C ASP G 999 20.05 -70.72 138.56
N ARG G 1000 20.14 -71.68 137.63
CA ARG G 1000 21.36 -72.47 137.49
C ARG G 1000 22.47 -71.66 136.85
N VAL G 1001 22.10 -70.73 135.96
CA VAL G 1001 23.07 -69.83 135.37
C VAL G 1001 23.53 -68.79 136.37
N ALA G 1002 22.66 -68.43 137.32
CA ALA G 1002 23.06 -67.51 138.38
C ALA G 1002 23.97 -68.19 139.40
N GLN G 1003 23.89 -69.52 139.51
CA GLN G 1003 24.78 -70.24 140.40
C GLN G 1003 26.17 -70.39 139.79
N GLY G 1004 26.24 -70.54 138.46
CA GLY G 1004 27.52 -70.66 137.79
C GLY G 1004 27.68 -71.91 136.95
N TRP G 1005 26.56 -72.48 136.50
CA TRP G 1005 26.57 -73.68 135.69
C TRP G 1005 26.59 -73.33 134.20
N SER G 1006 26.92 -74.32 133.36
CA SER G 1006 26.96 -74.16 131.91
C SER G 1006 26.41 -75.42 131.24
N TYR G 1007 26.49 -75.45 129.91
CA TYR G 1007 25.92 -76.52 129.09
C TYR G 1007 27.01 -77.24 128.30
N SER G 1008 26.89 -78.57 128.21
CA SER G 1008 27.72 -79.38 127.32
C SER G 1008 26.96 -80.63 126.92
N ALA G 1009 27.50 -81.34 125.94
CA ALA G 1009 26.92 -82.62 125.53
C ALA G 1009 27.18 -83.71 126.57
N VAL G 1010 28.34 -83.67 127.22
CA VAL G 1010 28.61 -84.56 128.33
C VAL G 1010 28.05 -83.95 129.61
N GLN G 1011 27.77 -84.80 130.58
CA GLN G 1011 27.25 -84.34 131.87
C GLN G 1011 28.36 -84.49 132.90
N ASP G 1012 28.98 -83.38 133.28
CA ASP G 1012 30.07 -83.38 134.24
C ASP G 1012 29.65 -82.55 135.45
N ILE G 1013 29.30 -83.22 136.53
CA ILE G 1013 28.84 -82.57 137.76
C ILE G 1013 29.90 -81.68 138.41
N PRO G 1014 31.18 -82.09 138.62
CA PRO G 1014 32.12 -81.13 139.23
C PRO G 1014 32.62 -80.06 138.26
N ALA G 1015 32.40 -80.21 136.97
CA ALA G 1015 32.80 -79.20 135.99
C ALA G 1015 31.71 -78.18 135.71
N ARG G 1016 30.61 -78.22 136.48
CA ARG G 1016 29.45 -77.29 136.38
C ARG G 1016 28.79 -77.33 135.00
N ARG G 1017 28.71 -78.52 134.37
CA ARG G 1017 28.08 -78.65 133.06
C ARG G 1017 26.97 -79.69 133.09
N ASN G 1018 25.79 -79.32 132.59
CA ASN G 1018 24.61 -80.18 132.58
C ASN G 1018 23.96 -80.07 131.22
N PRO G 1019 23.57 -81.19 130.59
CA PRO G 1019 23.12 -81.14 129.19
C PRO G 1019 21.72 -80.58 128.95
N ARG G 1020 20.91 -80.33 129.98
CA ARG G 1020 19.61 -79.72 129.75
C ARG G 1020 19.56 -78.25 130.16
N LEU G 1021 20.68 -77.55 130.06
CA LEU G 1021 20.72 -76.12 130.37
C LEU G 1021 20.59 -75.27 129.10
N VAL G 1022 19.56 -75.60 128.32
CA VAL G 1022 19.18 -74.83 127.14
C VAL G 1022 17.72 -74.41 127.33
N PRO G 1023 17.27 -73.34 126.66
CA PRO G 1023 15.86 -72.94 126.78
C PRO G 1023 14.89 -73.96 126.20
N TYR G 1024 13.61 -73.71 126.45
CA TYR G 1024 12.56 -74.71 126.25
C TYR G 1024 12.32 -75.03 124.77
N ARG G 1025 12.50 -74.04 123.89
CA ARG G 1025 12.33 -74.32 122.46
C ARG G 1025 13.55 -75.04 121.88
N LEU G 1026 14.69 -75.00 122.56
CA LEU G 1026 15.88 -75.71 122.13
C LEU G 1026 16.13 -76.96 122.96
N LEU G 1027 15.19 -77.33 123.83
CA LEU G 1027 15.28 -78.57 124.60
C LEU G 1027 14.68 -79.72 123.81
N ASP G 1028 15.23 -80.92 124.02
CA ASP G 1028 14.75 -82.11 123.35
C ASP G 1028 13.37 -82.51 123.84
N GLU G 1029 12.67 -83.30 123.02
CA GLU G 1029 11.27 -83.62 123.29
C GLU G 1029 11.10 -84.62 124.42
N ALA G 1030 12.18 -85.35 124.77
CA ALA G 1030 12.09 -86.31 125.86
C ALA G 1030 12.03 -85.61 127.21
N THR G 1031 12.79 -84.52 127.37
CA THR G 1031 12.73 -83.74 128.60
C THR G 1031 11.51 -82.82 128.60
N LYS G 1032 11.05 -82.41 127.41
CA LYS G 1032 9.90 -81.52 127.30
C LYS G 1032 8.60 -82.25 127.65
N ARG G 1033 8.49 -83.52 127.27
CA ARG G 1033 7.30 -84.29 127.61
C ARG G 1033 7.33 -84.74 129.06
N SER G 1034 8.52 -84.91 129.62
CA SER G 1034 8.66 -85.42 130.99
C SER G 1034 8.16 -84.40 132.01
N ASN G 1035 8.43 -83.12 131.78
CA ASN G 1035 7.94 -82.10 132.70
C ASN G 1035 6.48 -81.75 132.41
N ARG G 1036 5.99 -82.08 131.22
CA ARG G 1036 4.58 -81.84 130.91
C ARG G 1036 3.69 -82.92 131.50
N ASP G 1037 4.17 -84.17 131.56
CA ASP G 1037 3.38 -85.17 132.27
C ASP G 1037 3.46 -85.01 133.79
N SER G 1038 4.52 -84.36 134.29
CA SER G 1038 4.60 -84.08 135.72
C SER G 1038 3.73 -82.90 136.11
N LEU G 1039 3.51 -81.96 135.18
CA LEU G 1039 2.72 -80.79 135.49
C LEU G 1039 1.25 -80.98 135.07
N CYS G 1040 0.96 -81.96 134.20
CA CYS G 1040 -0.43 -82.34 133.95
C CYS G 1040 -1.06 -82.99 135.16
N GLN G 1041 -0.27 -83.49 136.11
CA GLN G 1041 -0.83 -84.02 137.33
C GLN G 1041 -1.40 -82.91 138.21
N ALA G 1042 -0.70 -81.79 138.29
CA ALA G 1042 -1.11 -80.74 139.23
C ALA G 1042 -2.27 -79.92 138.70
N VAL G 1043 -2.45 -79.84 137.38
CA VAL G 1043 -3.51 -79.01 136.82
C VAL G 1043 -4.87 -79.70 136.99
N ARG G 1044 -4.95 -80.99 136.64
CA ARG G 1044 -6.26 -81.62 136.59
C ARG G 1044 -6.82 -81.93 137.98
N THR G 1045 -5.96 -82.00 139.01
CA THR G 1045 -6.46 -82.06 140.38
C THR G 1045 -6.93 -80.70 140.87
N LEU G 1046 -6.24 -79.62 140.48
CA LEU G 1046 -6.77 -78.29 140.77
C LEU G 1046 -8.02 -78.04 139.95
N LEU G 1047 -8.10 -78.60 138.74
CA LEU G 1047 -9.35 -78.66 138.00
C LEU G 1047 -10.30 -79.68 138.59
N GLY G 1048 -9.78 -80.64 139.36
CA GLY G 1048 -10.63 -81.59 140.07
C GLY G 1048 -11.18 -81.07 141.38
N TYR G 1049 -10.58 -80.02 141.95
CA TYR G 1049 -11.08 -79.42 143.16
C TYR G 1049 -12.15 -78.36 142.91
N GLY G 1050 -12.63 -78.24 141.67
CA GLY G 1050 -13.68 -77.29 141.35
C GLY G 1050 -13.19 -75.95 140.83
N TYR G 1051 -11.89 -75.71 140.84
CA TYR G 1051 -11.35 -74.44 140.36
C TYR G 1051 -11.37 -74.43 138.84
N ASN G 1052 -12.03 -73.43 138.25
CA ASN G 1052 -12.13 -73.29 136.81
C ASN G 1052 -11.06 -72.35 136.29
N ILE G 1053 -10.51 -72.69 135.11
CA ILE G 1053 -9.46 -71.91 134.47
C ILE G 1053 -10.01 -71.33 133.19
N GLU G 1054 -9.90 -70.01 133.04
CA GLU G 1054 -10.31 -69.32 131.84
C GLU G 1054 -9.13 -69.09 130.91
N PRO G 1055 -9.36 -69.15 129.59
CA PRO G 1055 -8.29 -68.93 128.60
C PRO G 1055 -7.90 -67.47 128.47
N ASP G 1070 15.32 -64.08 107.64
CA ASP G 1070 15.89 -62.82 107.17
C ASP G 1070 14.92 -62.10 106.24
N ARG G 1071 15.21 -62.16 104.94
CA ARG G 1071 14.32 -61.58 103.93
C ARG G 1071 13.89 -62.67 102.96
N VAL G 1072 13.32 -62.30 101.82
CA VAL G 1072 12.75 -63.24 100.86
C VAL G 1072 13.57 -63.20 99.58
N ARG G 1073 13.90 -64.39 99.06
CA ARG G 1073 14.68 -64.52 97.83
C ARG G 1073 13.77 -64.59 96.62
N ILE G 1074 14.25 -64.04 95.50
CA ILE G 1074 13.53 -64.02 94.24
C ILE G 1074 14.43 -64.62 93.17
N PHE G 1075 13.98 -65.71 92.54
CA PHE G 1075 14.74 -66.43 91.52
C PHE G 1075 14.06 -66.22 90.18
N ARG G 1076 14.67 -65.40 89.33
CA ARG G 1076 14.15 -65.14 87.99
C ARG G 1076 15.22 -65.43 86.95
N ALA G 1077 14.79 -65.54 85.69
CA ALA G 1077 15.70 -65.84 84.60
C ALA G 1077 16.38 -64.57 84.11
N GLU G 1078 17.23 -64.71 83.10
CA GLU G 1078 17.91 -63.55 82.54
C GLU G 1078 16.98 -62.77 81.63
N LYS G 1079 17.29 -61.48 81.46
CA LYS G 1079 16.41 -60.60 80.71
C LYS G 1079 16.53 -60.80 79.20
N SER G 1080 17.53 -61.55 78.73
CA SER G 1080 17.64 -61.84 77.31
C SER G 1080 16.70 -62.95 76.85
N TYR G 1081 16.08 -63.67 77.79
CA TYR G 1081 15.14 -64.75 77.47
C TYR G 1081 13.68 -64.33 77.67
N THR G 1082 13.38 -63.03 77.61
CA THR G 1082 12.01 -62.56 77.79
C THR G 1082 11.20 -62.84 76.53
N VAL G 1083 9.95 -63.24 76.73
CA VAL G 1083 9.08 -63.65 75.63
C VAL G 1083 8.09 -62.52 75.33
N GLN G 1084 7.68 -62.44 74.07
CA GLN G 1084 6.75 -61.44 73.61
C GLN G 1084 5.55 -62.01 72.86
N SER G 1085 5.63 -63.27 72.43
CA SER G 1085 4.55 -63.88 71.66
C SER G 1085 4.61 -65.38 71.84
N GLY G 1086 3.51 -66.04 71.48
CA GLY G 1086 3.43 -67.47 71.61
C GLY G 1086 2.89 -67.89 72.97
N ARG G 1087 2.96 -69.19 73.20
CA ARG G 1087 2.47 -69.81 74.43
C ARG G 1087 3.61 -70.62 75.07
N TRP G 1088 3.86 -70.37 76.35
CA TRP G 1088 4.99 -70.95 77.06
C TRP G 1088 4.54 -71.57 78.37
N TYR G 1089 5.26 -72.62 78.79
CA TYR G 1089 4.89 -73.42 79.94
C TYR G 1089 6.16 -73.81 80.71
N PHE G 1090 6.07 -73.74 82.03
CA PHE G 1090 7.10 -74.27 82.91
C PHE G 1090 6.41 -74.85 84.14
N GLU G 1091 7.20 -75.54 84.97
CA GLU G 1091 6.67 -76.26 86.11
C GLU G 1091 7.44 -75.89 87.36
N PHE G 1092 6.86 -76.22 88.52
CA PHE G 1092 7.52 -75.98 89.81
C PHE G 1092 7.13 -77.08 90.79
N GLU G 1093 8.10 -77.85 91.26
CA GLU G 1093 7.87 -78.84 92.29
C GLU G 1093 8.06 -78.22 93.67
N ALA G 1094 7.22 -78.64 94.61
CA ALA G 1094 7.23 -78.13 95.98
C ALA G 1094 7.67 -79.25 96.92
N VAL G 1095 8.91 -79.18 97.38
CA VAL G 1095 9.42 -80.20 98.30
C VAL G 1095 8.89 -79.98 99.71
N THR G 1096 9.04 -78.77 100.23
CA THR G 1096 8.50 -78.40 101.54
C THR G 1096 7.44 -77.33 101.34
N THR G 1097 6.25 -77.56 101.89
CA THR G 1097 5.16 -76.61 101.74
C THR G 1097 5.41 -75.36 102.58
N GLY G 1098 4.85 -74.25 102.11
CA GLY G 1098 5.01 -72.99 102.81
C GLY G 1098 4.83 -71.81 101.86
N GLU G 1099 5.47 -70.70 102.22
CA GLU G 1099 5.35 -69.45 101.45
C GLU G 1099 6.30 -69.53 100.27
N MET G 1100 5.76 -69.95 99.12
CA MET G 1100 6.45 -69.86 97.85
C MET G 1100 5.49 -69.27 96.82
N ARG G 1101 6.03 -68.43 95.94
CA ARG G 1101 5.23 -67.72 94.95
C ARG G 1101 5.86 -67.93 93.58
N VAL G 1102 5.14 -68.58 92.68
CA VAL G 1102 5.61 -68.84 91.32
C VAL G 1102 4.61 -68.30 90.31
N GLY G 1103 5.14 -67.82 89.19
CA GLY G 1103 4.35 -67.24 88.13
C GLY G 1103 5.20 -66.59 87.06
N TRP G 1104 4.72 -65.50 86.48
CA TRP G 1104 5.42 -64.75 85.44
C TRP G 1104 5.57 -63.29 85.86
N ALA G 1105 6.70 -62.69 85.50
CA ALA G 1105 6.97 -61.29 85.86
C ALA G 1105 7.65 -60.59 84.70
N ARG G 1106 7.46 -59.27 84.65
CA ARG G 1106 8.12 -58.45 83.63
C ARG G 1106 9.59 -58.24 83.98
N PRO G 1107 10.45 -58.01 82.98
CA PRO G 1107 11.90 -57.88 83.26
C PRO G 1107 12.28 -56.63 84.05
N GLU G 1108 11.41 -55.63 84.14
CA GLU G 1108 11.68 -54.46 84.96
C GLU G 1108 11.16 -54.63 86.38
N LEU G 1109 11.47 -55.77 86.99
CA LEU G 1109 11.01 -56.08 88.34
C LEU G 1109 12.05 -55.63 89.35
N ARG G 1110 11.58 -54.90 90.38
CA ARG G 1110 12.49 -54.41 91.43
C ARG G 1110 12.52 -55.37 92.61
N PRO G 1111 13.71 -55.65 93.17
CA PRO G 1111 13.81 -56.62 94.27
C PRO G 1111 13.46 -56.06 95.63
N ASP G 1112 13.30 -54.74 95.75
CA ASP G 1112 12.94 -54.14 97.03
C ASP G 1112 11.47 -54.37 97.36
N VAL G 1113 10.60 -54.37 96.35
CA VAL G 1113 9.19 -54.61 96.60
C VAL G 1113 8.95 -56.11 96.83
N GLU G 1114 7.89 -56.41 97.60
CA GLU G 1114 7.49 -57.79 97.79
C GLU G 1114 6.89 -58.32 96.49
N LEU G 1115 7.23 -59.56 96.13
CA LEU G 1115 6.82 -60.13 94.85
C LEU G 1115 5.33 -60.43 94.88
N GLY G 1116 4.55 -59.65 94.14
CA GLY G 1116 3.11 -59.80 94.07
C GLY G 1116 2.32 -58.60 94.54
N ALA G 1117 2.96 -57.67 95.25
CA ALA G 1117 2.28 -56.47 95.72
C ALA G 1117 2.34 -55.33 94.72
N ASP G 1118 2.99 -55.50 93.58
CA ASP G 1118 3.12 -54.45 92.58
C ASP G 1118 2.51 -54.92 91.25
N GLU G 1119 2.52 -54.03 90.27
CA GLU G 1119 1.96 -54.30 88.95
C GLU G 1119 3.00 -54.82 87.96
N LEU G 1120 4.07 -55.43 88.47
CA LEU G 1120 5.16 -55.93 87.64
C LEU G 1120 5.18 -57.46 87.56
N ALA G 1121 4.20 -58.13 88.18
CA ALA G 1121 4.18 -59.58 88.22
C ALA G 1121 2.75 -60.08 88.38
N TYR G 1122 2.51 -61.26 87.82
CA TYR G 1122 1.27 -62.00 87.98
C TYR G 1122 1.64 -63.35 88.59
N VAL G 1123 1.48 -63.46 89.91
CA VAL G 1123 2.06 -64.57 90.66
C VAL G 1123 0.95 -65.24 91.48
N PHE G 1124 1.17 -66.51 91.82
CA PHE G 1124 0.21 -67.33 92.54
C PHE G 1124 0.86 -67.88 93.80
N ASN G 1125 0.38 -67.45 94.96
CA ASN G 1125 0.88 -67.92 96.24
C ASN G 1125 0.08 -69.16 96.63
N GLY G 1126 0.78 -70.19 97.11
CA GLY G 1126 0.16 -71.48 97.37
C GLY G 1126 0.04 -71.91 98.81
N HIS G 1127 0.47 -71.09 99.77
CA HIS G 1127 0.39 -71.51 101.16
C HIS G 1127 -1.05 -71.40 101.67
N ARG G 1128 -1.69 -70.26 101.46
CA ARG G 1128 -3.10 -70.08 101.77
C ARG G 1128 -3.99 -70.06 100.53
N GLY G 1129 -3.42 -70.24 99.34
CA GLY G 1129 -4.20 -70.32 98.12
C GLY G 1129 -4.81 -69.02 97.64
N GLN G 1130 -3.96 -68.09 97.19
CA GLN G 1130 -4.44 -66.81 96.69
C GLN G 1130 -3.46 -66.27 95.66
N ARG G 1131 -3.99 -65.48 94.72
CA ARG G 1131 -3.18 -64.79 93.73
C ARG G 1131 -2.82 -63.40 94.21
N TRP G 1132 -1.67 -62.90 93.77
CA TRP G 1132 -1.11 -61.64 94.24
C TRP G 1132 -0.78 -60.75 93.05
N HIS G 1133 -1.63 -59.76 92.79
CA HIS G 1133 -1.36 -58.73 91.78
C HIS G 1133 -2.16 -57.49 92.16
N LEU G 1134 -1.46 -56.45 92.65
CA LEU G 1134 -2.05 -55.20 93.15
C LEU G 1134 -3.09 -55.46 94.24
N GLY G 1135 -2.78 -56.41 95.12
CA GLY G 1135 -3.67 -56.81 96.19
C GLY G 1135 -3.68 -58.32 96.31
N SER G 1136 -4.77 -58.84 96.86
CA SER G 1136 -4.91 -60.27 97.07
C SER G 1136 -6.36 -60.69 96.84
N GLU G 1137 -6.52 -61.90 96.29
CA GLU G 1137 -7.83 -62.49 96.02
C GLU G 1137 -7.70 -63.99 96.12
N PRO G 1138 -8.65 -64.67 96.75
CA PRO G 1138 -8.52 -66.13 96.93
C PRO G 1138 -8.72 -66.88 95.63
N PHE G 1139 -7.97 -67.98 95.47
CA PHE G 1139 -7.95 -68.73 94.22
C PHE G 1139 -7.44 -70.13 94.50
N GLY G 1140 -8.19 -71.13 94.05
CA GLY G 1140 -7.69 -72.49 94.04
C GLY G 1140 -7.59 -73.15 95.41
N ARG G 1141 -6.66 -74.09 95.47
CA ARG G 1141 -6.43 -74.95 96.61
C ARG G 1141 -5.06 -74.70 97.22
N PRO G 1142 -4.90 -74.97 98.52
CA PRO G 1142 -3.56 -74.92 99.11
C PRO G 1142 -2.68 -76.06 98.60
N TRP G 1143 -1.37 -75.92 98.84
CA TRP G 1143 -0.39 -76.88 98.38
C TRP G 1143 -0.24 -78.01 99.39
N GLN G 1144 0.54 -79.03 99.01
CA GLN G 1144 0.97 -80.08 99.91
C GLN G 1144 2.46 -80.27 99.73
N SER G 1145 3.03 -81.33 100.28
CA SER G 1145 4.48 -81.58 100.21
C SER G 1145 4.75 -82.65 99.16
N GLY G 1146 5.20 -82.21 97.98
CA GLY G 1146 5.57 -83.14 96.93
C GLY G 1146 4.71 -83.04 95.68
N ASP G 1147 4.16 -81.86 95.42
CA ASP G 1147 3.30 -81.62 94.27
C ASP G 1147 3.98 -80.68 93.29
N VAL G 1148 3.55 -80.75 92.03
CA VAL G 1148 4.11 -79.91 90.97
C VAL G 1148 3.07 -78.89 90.54
N VAL G 1149 3.51 -77.65 90.38
CA VAL G 1149 2.64 -76.53 90.03
C VAL G 1149 3.02 -76.06 88.63
N GLY G 1150 2.16 -76.32 87.64
CA GLY G 1150 2.42 -75.95 86.27
C GLY G 1150 1.83 -74.61 85.88
N CYS G 1151 2.65 -73.73 85.33
CA CYS G 1151 2.25 -72.39 84.94
C CYS G 1151 2.31 -72.26 83.42
N MET G 1152 1.19 -71.88 82.81
CA MET G 1152 1.12 -71.60 81.39
C MET G 1152 0.72 -70.16 81.15
N ILE G 1153 1.35 -69.54 80.16
CA ILE G 1153 0.98 -68.21 79.70
C ILE G 1153 0.62 -68.36 78.22
N ASP G 1154 -0.27 -67.51 77.73
CA ASP G 1154 -0.67 -67.53 76.31
C ASP G 1154 -0.80 -66.07 75.92
N LEU G 1155 0.16 -65.58 75.13
CA LEU G 1155 0.20 -64.18 74.76
C LEU G 1155 -0.75 -63.83 73.61
N THR G 1156 -1.38 -64.83 72.99
CA THR G 1156 -2.30 -64.55 71.89
C THR G 1156 -3.68 -64.13 72.39
N GLU G 1157 -4.15 -64.70 73.50
CA GLU G 1157 -5.43 -64.34 74.08
C GLU G 1157 -5.29 -63.53 75.36
N ASN G 1158 -4.06 -63.35 75.86
CA ASN G 1158 -3.71 -62.63 77.09
C ASN G 1158 -4.46 -63.21 78.31
N THR G 1159 -4.26 -64.52 78.51
CA THR G 1159 -4.82 -65.24 79.65
C THR G 1159 -3.71 -66.07 80.29
N ILE G 1160 -3.74 -66.19 81.62
CA ILE G 1160 -2.80 -67.00 82.38
C ILE G 1160 -3.61 -68.07 83.09
N ILE G 1161 -3.15 -69.32 83.03
CA ILE G 1161 -3.82 -70.44 83.67
C ILE G 1161 -2.82 -71.08 84.62
N PHE G 1162 -3.23 -71.33 85.86
CA PHE G 1162 -2.43 -72.07 86.82
C PHE G 1162 -2.97 -73.49 86.98
N THR G 1163 -2.09 -74.47 86.79
CA THR G 1163 -2.46 -75.89 86.90
C THR G 1163 -1.67 -76.50 88.06
N LEU G 1164 -2.38 -77.02 89.06
CA LEU G 1164 -1.77 -77.68 90.21
C LEU G 1164 -1.94 -79.18 90.02
N ASN G 1165 -0.81 -79.88 89.80
CA ASN G 1165 -0.73 -81.34 89.62
C ASN G 1165 -1.63 -81.83 88.48
N GLY G 1166 -1.62 -81.08 87.38
CA GLY G 1166 -2.42 -81.41 86.21
C GLY G 1166 -3.85 -80.91 86.24
N GLU G 1167 -4.38 -80.62 87.42
CA GLU G 1167 -5.74 -80.12 87.55
C GLU G 1167 -5.74 -78.61 87.35
N VAL G 1168 -6.56 -78.13 86.42
CA VAL G 1168 -6.63 -76.70 86.16
C VAL G 1168 -7.38 -76.00 87.29
N LEU G 1169 -6.70 -75.09 87.96
CA LEU G 1169 -7.28 -74.44 89.14
C LEU G 1169 -8.32 -73.41 88.74
N MET G 1170 -9.47 -73.45 89.42
CA MET G 1170 -10.54 -72.49 89.21
C MET G 1170 -10.66 -71.57 90.42
N SER G 1171 -11.23 -70.40 90.17
CA SER G 1171 -11.50 -69.43 91.22
C SER G 1171 -12.90 -69.66 91.79
N ASP G 1172 -13.38 -68.72 92.61
CA ASP G 1172 -14.68 -68.87 93.26
C ASP G 1172 -15.83 -68.65 92.28
N SER G 1173 -15.63 -67.83 91.25
CA SER G 1173 -16.69 -67.56 90.30
C SER G 1173 -16.86 -68.67 89.26
N GLY G 1174 -15.90 -69.58 89.16
CA GLY G 1174 -15.93 -70.64 88.17
C GLY G 1174 -14.98 -70.45 87.01
N SER G 1175 -14.18 -69.39 87.02
CA SER G 1175 -13.28 -69.10 85.91
C SER G 1175 -12.01 -69.92 86.02
N GLU G 1176 -11.65 -70.59 84.92
CA GLU G 1176 -10.44 -71.39 84.87
C GLU G 1176 -9.20 -70.52 84.64
N THR G 1177 -9.35 -69.43 83.90
CA THR G 1177 -8.25 -68.48 83.75
C THR G 1177 -8.16 -67.60 85.00
N ALA G 1178 -6.92 -67.27 85.37
CA ALA G 1178 -6.67 -66.54 86.62
C ALA G 1178 -6.62 -65.02 86.42
N PHE G 1179 -5.88 -64.55 85.42
CA PHE G 1179 -5.79 -63.13 85.09
C PHE G 1179 -6.16 -62.91 83.63
N ARG G 1180 -6.90 -61.84 83.38
CA ARG G 1180 -7.45 -61.56 82.06
C ARG G 1180 -6.99 -60.19 81.57
N GLU G 1181 -6.94 -60.09 80.23
CA GLU G 1181 -6.72 -58.83 79.50
C GLU G 1181 -5.40 -58.16 79.90
N ILE G 1182 -4.34 -58.96 80.00
CA ILE G 1182 -3.04 -58.44 80.39
C ILE G 1182 -2.34 -57.85 79.16
N GLU G 1183 -1.66 -56.74 79.36
CA GLU G 1183 -0.92 -56.11 78.27
C GLU G 1183 0.45 -56.77 78.13
N ILE G 1184 0.93 -56.84 76.90
CA ILE G 1184 2.25 -57.42 76.65
C ILE G 1184 3.35 -56.46 77.11
N GLY G 1185 3.45 -55.31 76.46
CA GLY G 1185 4.40 -54.29 76.84
C GLY G 1185 5.85 -54.68 76.65
N ASP G 1186 6.59 -54.80 77.75
CA ASP G 1186 8.00 -55.18 77.71
C ASP G 1186 8.22 -56.69 77.72
N GLY G 1187 7.19 -57.49 77.95
CA GLY G 1187 7.32 -58.93 77.93
C GLY G 1187 7.22 -59.55 79.31
N PHE G 1188 7.31 -60.88 79.31
CA PHE G 1188 7.18 -61.68 80.51
C PHE G 1188 8.36 -62.64 80.63
N LEU G 1189 8.69 -63.03 81.85
CA LEU G 1189 9.71 -64.03 82.14
C LEU G 1189 9.31 -64.79 83.40
N PRO G 1190 9.62 -66.08 83.51
CA PRO G 1190 9.21 -66.85 84.69
C PRO G 1190 9.97 -66.43 85.94
N VAL G 1191 9.24 -66.28 87.04
CA VAL G 1191 9.77 -65.79 88.30
C VAL G 1191 9.46 -66.84 89.37
N CYS G 1192 10.32 -66.92 90.38
CA CYS G 1192 10.16 -67.88 91.46
C CYS G 1192 10.64 -67.26 92.76
N SER G 1193 9.81 -67.35 93.80
CA SER G 1193 10.18 -66.88 95.14
C SER G 1193 10.07 -68.01 96.14
N LEU G 1194 11.01 -68.04 97.08
CA LEU G 1194 11.02 -69.03 98.15
C LEU G 1194 11.15 -68.34 99.49
N GLY G 1195 10.36 -68.80 100.47
CA GLY G 1195 10.38 -68.23 101.79
C GLY G 1195 11.58 -68.69 102.60
N PRO G 1196 11.58 -68.34 103.88
CA PRO G 1196 12.70 -68.73 104.77
C PRO G 1196 12.68 -70.23 105.05
N GLY G 1197 13.76 -70.91 104.68
CA GLY G 1197 13.92 -72.31 104.96
C GLY G 1197 13.30 -73.26 103.95
N GLN G 1198 12.64 -72.76 102.92
CA GLN G 1198 11.94 -73.62 101.97
C GLN G 1198 12.87 -74.06 100.84
N VAL G 1199 12.54 -75.20 100.24
CA VAL G 1199 13.38 -75.86 99.24
C VAL G 1199 12.49 -76.33 98.09
N GLY G 1200 12.89 -76.04 96.86
CA GLY G 1200 12.17 -76.51 95.69
C GLY G 1200 12.84 -76.14 94.38
N HIS G 1201 12.92 -77.10 93.45
CA HIS G 1201 13.60 -76.85 92.18
C HIS G 1201 12.64 -76.33 91.13
N LEU G 1202 13.17 -75.49 90.24
CA LEU G 1202 12.38 -74.86 89.18
C LEU G 1202 12.83 -75.48 87.85
N ASN G 1203 12.10 -76.50 87.41
CA ASN G 1203 12.39 -77.16 86.14
C ASN G 1203 11.70 -76.34 85.07
N LEU G 1204 12.49 -75.57 84.30
CA LEU G 1204 11.92 -74.70 83.29
C LEU G 1204 11.44 -75.45 82.05
N GLY G 1205 11.78 -76.72 81.92
CA GLY G 1205 11.33 -77.52 80.81
C GLY G 1205 12.32 -77.59 79.68
N GLN G 1206 13.60 -77.80 80.01
CA GLN G 1206 14.62 -77.93 78.98
C GLN G 1206 14.53 -79.28 78.28
N ASP G 1207 14.34 -80.34 79.05
CA ASP G 1207 14.07 -81.67 78.51
C ASP G 1207 12.58 -81.95 78.57
N VAL G 1208 12.07 -82.57 77.49
CA VAL G 1208 10.64 -82.86 77.42
C VAL G 1208 10.27 -84.00 78.37
N SER G 1209 11.12 -85.03 78.42
CA SER G 1209 10.88 -86.17 79.30
C SER G 1209 11.08 -85.84 80.77
N SER G 1210 11.76 -84.74 81.10
CA SER G 1210 11.91 -84.35 82.48
C SER G 1210 10.65 -83.69 83.04
N LEU G 1211 9.81 -83.13 82.16
CA LEU G 1211 8.53 -82.58 82.59
C LEU G 1211 7.58 -83.72 82.97
N ARG G 1212 7.03 -83.64 84.18
CA ARG G 1212 6.24 -84.75 84.69
C ARG G 1212 4.83 -84.74 84.10
N PHE G 1213 4.12 -83.62 84.26
CA PHE G 1213 2.70 -83.53 83.92
C PHE G 1213 2.48 -82.67 82.67
N PHE G 1214 3.37 -82.81 81.68
CA PHE G 1214 3.23 -82.07 80.44
C PHE G 1214 2.16 -82.69 79.54
N ALA G 1215 2.22 -84.01 79.34
CA ALA G 1215 1.31 -84.66 78.41
C ALA G 1215 -0.09 -84.81 79.00
N ILE G 1216 -0.22 -84.75 80.32
CA ILE G 1216 -1.55 -84.85 80.94
C ILE G 1216 -2.35 -83.57 80.69
N CYS G 1217 -1.74 -82.41 80.96
CA CYS G 1217 -2.37 -81.13 80.69
C CYS G 1217 -1.32 -80.15 80.20
N GLY G 1218 -1.60 -79.49 79.08
CA GLY G 1218 -0.77 -78.42 78.58
C GLY G 1218 -0.01 -78.72 77.30
N LEU G 1219 -0.17 -79.89 76.70
CA LEU G 1219 0.48 -80.16 75.41
C LEU G 1219 -0.51 -80.08 74.25
N GLN G 1220 -1.68 -80.72 74.39
CA GLN G 1220 -2.68 -80.68 73.32
C GLN G 1220 -3.42 -79.36 73.26
N GLU G 1221 -3.37 -78.54 74.32
CA GLU G 1221 -3.90 -77.18 74.24
C GLU G 1221 -3.01 -76.28 73.40
N GLY G 1222 -1.77 -76.67 73.15
CA GLY G 1222 -0.85 -75.94 72.31
C GLY G 1222 0.36 -75.36 73.02
N PHE G 1223 0.40 -75.42 74.35
CA PHE G 1223 1.49 -74.78 75.08
C PHE G 1223 2.78 -75.58 74.93
N GLU G 1224 3.89 -74.86 74.75
CA GLU G 1224 5.21 -75.43 74.58
C GLU G 1224 6.06 -75.12 75.80
N PRO G 1225 7.05 -75.95 76.11
CA PRO G 1225 7.96 -75.63 77.21
C PRO G 1225 8.87 -74.45 76.85
N PHE G 1226 9.52 -73.92 77.88
CA PHE G 1226 10.29 -72.69 77.73
C PHE G 1226 11.57 -72.94 76.95
N ALA G 1227 12.45 -73.81 77.46
CA ALA G 1227 13.73 -74.08 76.84
C ALA G 1227 13.67 -75.36 75.99
N ILE G 1228 12.75 -75.36 75.03
CA ILE G 1228 12.48 -76.56 74.25
C ILE G 1228 13.62 -76.85 73.29
N ASN G 1229 14.27 -75.81 72.76
CA ASN G 1229 15.45 -75.96 71.91
C ASN G 1229 16.53 -74.99 72.40
N MET G 1230 17.24 -75.39 73.47
CA MET G 1230 18.38 -74.64 73.98
C MET G 1230 19.50 -75.63 74.29
N GLN G 1231 20.71 -75.32 73.81
CA GLN G 1231 21.85 -76.23 73.97
C GLN G 1231 22.55 -76.10 75.31
N ARG G 1232 22.36 -74.99 76.02
CA ARG G 1232 22.90 -74.80 77.36
C ARG G 1232 21.78 -74.45 78.31
N PRO G 1233 21.93 -74.78 79.61
CA PRO G 1233 20.85 -74.48 80.57
C PRO G 1233 20.65 -72.99 80.78
N VAL G 1234 19.42 -72.64 81.15
CA VAL G 1234 19.03 -71.25 81.31
C VAL G 1234 19.63 -70.67 82.58
N THR G 1235 20.31 -69.53 82.46
CA THR G 1235 20.90 -68.86 83.60
C THR G 1235 19.81 -68.16 84.41
N THR G 1236 19.91 -68.28 85.73
CA THR G 1236 18.95 -67.68 86.64
C THR G 1236 19.60 -66.53 87.41
N TRP G 1237 18.85 -65.43 87.57
CA TRP G 1237 19.31 -64.27 88.31
C TRP G 1237 18.57 -64.23 89.64
N PHE G 1238 19.32 -64.34 90.74
CA PHE G 1238 18.74 -64.37 92.07
C PHE G 1238 19.08 -63.10 92.84
N SER G 1239 18.31 -62.86 93.90
CA SER G 1239 18.43 -61.65 94.70
C SER G 1239 19.38 -61.86 95.86
N LYS G 1240 20.17 -60.84 96.16
CA LYS G 1240 21.09 -60.86 97.29
C LYS G 1240 20.48 -60.14 98.48
N SER G 1241 20.92 -60.56 99.67
CA SER G 1241 20.59 -59.86 100.91
C SER G 1241 21.76 -59.02 101.41
N LEU G 1242 22.84 -58.95 100.65
CA LEU G 1242 23.99 -58.15 101.02
C LEU G 1242 23.83 -56.76 100.41
N PRO G 1243 23.63 -55.71 101.21
CA PRO G 1243 23.30 -54.39 100.64
C PRO G 1243 24.53 -53.75 100.01
N GLN G 1244 24.33 -53.14 98.84
CA GLN G 1244 25.42 -52.54 98.08
C GLN G 1244 25.06 -51.12 97.68
N PHE G 1245 26.09 -50.29 97.53
CA PHE G 1245 25.88 -48.88 97.21
C PHE G 1245 25.63 -48.69 95.73
N GLU G 1246 24.72 -47.78 95.40
CA GLU G 1246 24.34 -47.45 94.04
C GLU G 1246 23.71 -46.06 94.06
N PRO G 1247 23.81 -45.31 92.97
CA PRO G 1247 23.35 -43.90 93.00
C PRO G 1247 21.84 -43.75 93.13
N VAL G 1248 21.45 -42.60 93.65
CA VAL G 1248 20.04 -42.27 93.88
C VAL G 1248 19.35 -42.04 92.53
N PRO G 1249 18.13 -42.55 92.34
CA PRO G 1249 17.43 -42.28 91.08
C PRO G 1249 16.94 -40.83 91.05
N PRO G 1250 16.83 -40.24 89.85
CA PRO G 1250 16.36 -38.84 89.78
C PRO G 1250 14.88 -38.69 90.08
N GLU G 1251 14.05 -39.65 89.69
CA GLU G 1251 12.62 -39.61 89.98
C GLU G 1251 12.30 -40.49 91.18
N HIS G 1252 12.86 -40.11 92.34
CA HIS G 1252 12.53 -40.81 93.58
C HIS G 1252 11.57 -39.95 94.39
N PRO G 1253 10.49 -40.52 94.94
CA PRO G 1253 9.41 -39.66 95.48
C PRO G 1253 9.74 -39.02 96.82
N HIS G 1254 10.68 -39.55 97.58
CA HIS G 1254 10.96 -39.05 98.93
C HIS G 1254 12.23 -38.20 99.00
N TYR G 1255 13.36 -38.70 98.52
CA TYR G 1255 14.62 -37.96 98.58
C TYR G 1255 15.04 -37.46 97.20
N GLU G 1256 15.60 -36.26 97.18
CA GLU G 1256 16.22 -35.71 95.97
C GLU G 1256 17.38 -34.84 96.37
N VAL G 1257 18.34 -34.69 95.46
CA VAL G 1257 19.51 -33.85 95.69
C VAL G 1257 19.56 -32.74 94.64
N ALA G 1258 20.35 -31.72 94.94
CA ALA G 1258 20.48 -30.55 94.08
C ALA G 1258 21.89 -30.00 94.22
N ARG G 1259 22.64 -30.01 93.12
CA ARG G 1259 24.04 -29.59 93.14
C ARG G 1259 24.10 -28.08 92.93
N MET G 1260 24.20 -27.35 94.04
CA MET G 1260 24.20 -25.89 94.01
C MET G 1260 25.60 -25.37 93.69
N ASP G 1261 25.64 -24.26 92.95
CA ASP G 1261 26.92 -23.72 92.52
C ASP G 1261 27.51 -22.84 93.63
N GLY G 1262 28.77 -22.51 93.50
CA GLY G 1262 29.51 -21.81 94.52
C GLY G 1262 29.60 -20.32 94.29
N THR G 1263 29.17 -19.55 95.28
CA THR G 1263 29.22 -18.10 95.23
C THR G 1263 30.58 -17.61 95.73
N VAL G 1264 30.69 -16.30 95.95
CA VAL G 1264 31.92 -15.75 96.52
C VAL G 1264 31.98 -16.01 98.03
N ASP G 1265 30.83 -16.27 98.66
CA ASP G 1265 30.76 -16.51 100.09
C ASP G 1265 30.68 -17.99 100.45
N THR G 1266 29.84 -18.76 99.75
CA THR G 1266 29.60 -20.16 100.03
C THR G 1266 30.27 -21.02 98.96
N PRO G 1267 31.05 -22.03 99.34
CA PRO G 1267 31.75 -22.88 98.35
C PRO G 1267 30.77 -23.75 97.58
N PRO G 1268 31.20 -24.32 96.44
CA PRO G 1268 30.32 -25.24 95.68
C PRO G 1268 29.96 -26.48 96.50
N CYS G 1269 28.66 -26.68 96.67
CA CYS G 1269 28.10 -27.59 97.66
C CYS G 1269 26.83 -28.25 97.13
N LEU G 1270 26.46 -29.37 97.74
CA LEU G 1270 25.25 -30.10 97.34
C LEU G 1270 24.47 -30.51 98.57
N ARG G 1271 23.14 -30.59 98.41
CA ARG G 1271 22.15 -30.68 99.47
C ARG G 1271 21.24 -31.87 99.23
N LEU G 1272 20.67 -32.41 100.30
CA LEU G 1272 19.54 -33.33 100.20
C LEU G 1272 18.35 -32.75 100.96
N ALA G 1273 17.18 -32.78 100.32
CA ALA G 1273 15.95 -32.25 100.89
C ALA G 1273 14.85 -33.27 100.74
N HIS G 1274 14.09 -33.49 101.82
CA HIS G 1274 12.98 -34.43 101.79
C HIS G 1274 11.81 -33.79 101.03
N ARG G 1275 11.31 -34.50 100.03
CA ARG G 1275 10.22 -33.96 99.20
C ARG G 1275 8.91 -33.97 99.97
N THR G 1276 8.56 -35.11 100.56
CA THR G 1276 7.28 -35.32 101.23
C THR G 1276 7.54 -35.51 102.72
N TRP G 1277 7.67 -34.40 103.44
CA TRP G 1277 7.92 -34.47 104.88
C TRP G 1277 6.65 -34.58 105.70
N GLY G 1278 5.54 -34.02 105.24
CA GLY G 1278 4.34 -33.98 106.05
C GLY G 1278 3.53 -35.26 105.96
N SER G 1279 2.25 -35.14 105.58
CA SER G 1279 1.41 -36.32 105.39
C SER G 1279 1.62 -36.91 104.00
N GLN G 1280 0.65 -37.73 103.55
CA GLN G 1280 0.62 -38.35 102.22
C GLN G 1280 1.83 -39.26 101.98
N ASN G 1281 1.87 -40.35 102.75
CA ASN G 1281 2.78 -41.49 102.58
C ASN G 1281 4.24 -41.07 102.72
N SER G 1282 4.55 -40.51 103.89
CA SER G 1282 5.91 -40.13 104.22
C SER G 1282 6.66 -41.33 104.80
N LEU G 1283 7.86 -41.57 104.28
CA LEU G 1283 8.70 -42.67 104.73
C LEU G 1283 9.90 -42.11 105.45
N VAL G 1284 9.92 -42.24 106.78
CA VAL G 1284 11.00 -41.72 107.59
C VAL G 1284 11.76 -42.91 108.18
N GLU G 1285 12.85 -43.29 107.51
CA GLU G 1285 13.77 -44.29 108.03
C GLU G 1285 15.19 -43.85 107.71
N MET G 1286 16.14 -44.37 108.50
CA MET G 1286 17.51 -43.87 108.47
C MET G 1286 18.21 -44.30 107.21
N LEU G 1287 18.60 -43.33 106.40
CA LEU G 1287 19.20 -43.56 105.09
C LEU G 1287 20.69 -43.28 105.20
N PHE G 1288 21.48 -44.08 104.50
CA PHE G 1288 22.94 -44.00 104.56
C PHE G 1288 23.48 -43.49 103.23
N LEU G 1289 24.10 -42.32 103.26
CA LEU G 1289 24.55 -41.61 102.07
C LEU G 1289 26.06 -41.58 102.02
N ARG G 1290 26.62 -41.81 100.84
CA ARG G 1290 28.06 -41.87 100.66
C ARG G 1290 28.39 -41.16 99.34
N LEU G 1291 29.56 -40.53 99.28
CA LEU G 1291 29.98 -39.93 98.01
C LEU G 1291 30.56 -41.00 97.10
N SER G 1292 30.84 -40.60 95.85
CA SER G 1292 31.16 -41.58 94.82
C SER G 1292 32.66 -41.84 94.69
N LEU G 1293 33.51 -40.87 95.04
CA LEU G 1293 34.94 -41.15 94.86
C LEU G 1293 35.64 -41.25 96.20
N PRO G 1294 36.55 -42.21 96.38
CA PRO G 1294 37.34 -42.26 97.61
C PRO G 1294 38.61 -41.45 97.50
N VAL G 1295 39.29 -41.33 98.63
CA VAL G 1295 40.65 -40.80 98.70
C VAL G 1295 41.57 -41.97 98.96
N GLN G 1296 42.83 -41.84 98.54
CA GLN G 1296 43.79 -42.94 98.63
C GLN G 1296 45.02 -42.44 99.36
N PHE G 1297 45.33 -43.09 100.49
CA PHE G 1297 46.49 -42.71 101.28
C PHE G 1297 47.78 -43.14 100.59
N HIS G 1298 48.87 -42.46 100.94
CA HIS G 1298 50.17 -42.77 100.35
C HIS G 1298 50.75 -44.03 100.96
N GLN G 1299 51.56 -44.73 100.15
CA GLN G 1299 51.94 -46.09 100.47
C GLN G 1299 53.01 -46.13 101.56
N HIS G 1300 53.90 -45.14 101.58
CA HIS G 1300 54.87 -44.99 102.65
C HIS G 1300 54.51 -43.74 103.45
N PHE G 1301 54.44 -43.90 104.76
CA PHE G 1301 54.09 -42.77 105.60
C PHE G 1301 55.32 -41.91 105.86
N ARG G 1302 55.10 -40.72 106.45
CA ARG G 1302 56.16 -39.72 106.54
C ARG G 1302 57.22 -40.13 107.56
N CYS G 1303 56.79 -40.63 108.72
CA CYS G 1303 57.63 -41.10 109.83
C CYS G 1303 58.63 -40.06 110.34
N ASP G 1422 46.63 -18.12 102.16
CA ASP G 1422 47.85 -18.38 102.91
C ASP G 1422 49.08 -18.19 102.03
N ASP G 1423 50.22 -18.72 102.49
CA ASP G 1423 51.44 -18.67 101.71
C ASP G 1423 51.37 -19.69 100.57
N PRO G 1424 51.96 -19.37 99.42
CA PRO G 1424 51.96 -20.35 98.31
C PRO G 1424 52.91 -21.52 98.54
N GLU G 1425 53.89 -21.37 99.43
CA GLU G 1425 54.82 -22.46 99.70
C GLU G 1425 54.18 -23.53 100.57
N ILE G 1426 53.33 -23.13 101.51
CA ILE G 1426 52.74 -24.08 102.45
C ILE G 1426 51.53 -24.79 101.84
N ILE G 1427 50.96 -24.25 100.77
CA ILE G 1427 49.78 -24.91 100.20
C ILE G 1427 50.19 -25.95 99.16
N LEU G 1428 51.30 -25.73 98.44
CA LEU G 1428 51.74 -26.68 97.41
C LEU G 1428 52.45 -27.89 97.98
N ASN G 1429 52.96 -27.79 99.21
CA ASN G 1429 53.68 -28.90 99.83
C ASN G 1429 52.89 -29.60 100.91
N THR G 1430 51.65 -29.18 101.17
CA THR G 1430 50.87 -29.83 102.22
C THR G 1430 50.08 -31.02 101.66
N THR G 1431 49.83 -31.99 102.52
CA THR G 1431 48.97 -33.14 102.19
C THR G 1431 47.93 -33.28 103.29
N THR G 1432 46.94 -32.39 103.30
CA THR G 1432 45.85 -32.49 104.26
C THR G 1432 44.62 -31.79 103.71
N TYR G 1433 43.46 -32.43 103.88
CA TYR G 1433 42.27 -32.10 103.11
C TYR G 1433 41.07 -32.02 104.05
N TYR G 1434 40.11 -31.16 103.70
CA TYR G 1434 38.99 -30.83 104.57
C TYR G 1434 37.68 -30.86 103.78
N TYR G 1435 36.62 -31.33 104.44
CA TYR G 1435 35.27 -31.17 103.94
C TYR G 1435 34.35 -31.07 105.15
N SER G 1436 33.27 -30.31 105.02
CA SER G 1436 32.34 -30.11 106.12
C SER G 1436 30.90 -30.34 105.66
N VAL G 1437 30.02 -30.52 106.64
CA VAL G 1437 28.58 -30.60 106.40
C VAL G 1437 27.88 -29.67 107.37
N ARG G 1438 26.79 -29.04 106.90
CA ARG G 1438 26.02 -28.11 107.71
C ARG G 1438 24.65 -28.70 107.99
N VAL G 1439 24.35 -28.87 109.28
CA VAL G 1439 23.11 -29.51 109.72
C VAL G 1439 22.07 -28.42 109.92
N PHE G 1440 20.92 -28.58 109.29
CA PHE G 1440 19.93 -27.53 109.17
C PHE G 1440 19.11 -27.38 110.44
N ALA G 1441 18.32 -26.32 110.48
CA ALA G 1441 17.43 -26.04 111.60
C ALA G 1441 16.24 -26.98 111.59
N GLY G 1442 15.85 -27.45 112.78
CA GLY G 1442 14.84 -28.46 112.92
C GLY G 1442 15.34 -29.88 112.86
N GLN G 1443 16.52 -30.10 112.28
CA GLN G 1443 17.14 -31.42 112.29
C GLN G 1443 17.94 -31.59 113.57
N GLU G 1444 17.57 -32.58 114.37
CA GLU G 1444 18.24 -32.83 115.64
C GLU G 1444 19.63 -33.42 115.41
N PRO G 1445 20.68 -32.94 116.08
CA PRO G 1445 22.02 -33.48 115.86
C PRO G 1445 22.27 -34.84 116.49
N SER G 1446 21.30 -35.41 117.23
CA SER G 1446 21.49 -36.75 117.80
C SER G 1446 21.40 -37.83 116.72
N CYS G 1447 20.75 -37.54 115.60
CA CYS G 1447 20.57 -38.52 114.54
C CYS G 1447 21.56 -38.30 113.38
N VAL G 1448 22.68 -37.63 113.65
CA VAL G 1448 23.64 -37.27 112.61
C VAL G 1448 24.98 -37.92 112.96
N TRP G 1449 25.51 -38.70 112.03
CA TRP G 1449 26.81 -39.36 112.16
C TRP G 1449 27.66 -38.99 110.94
N VAL G 1450 28.77 -38.30 111.16
CA VAL G 1450 29.58 -37.72 110.09
C VAL G 1450 30.99 -38.31 110.15
N GLY G 1451 31.49 -38.78 109.00
CA GLY G 1451 32.85 -39.26 108.92
C GLY G 1451 33.22 -39.98 107.63
N TRP G 1452 33.93 -41.11 107.77
CA TRP G 1452 34.44 -41.86 106.64
C TRP G 1452 34.12 -43.34 106.75
N VAL G 1453 33.98 -43.98 105.58
CA VAL G 1453 33.53 -45.36 105.45
C VAL G 1453 34.47 -46.08 104.49
N THR G 1454 35.11 -47.14 104.96
CA THR G 1454 35.95 -47.93 104.07
C THR G 1454 35.08 -48.96 103.33
N PRO G 1455 35.43 -49.33 102.08
CA PRO G 1455 34.43 -49.90 101.15
C PRO G 1455 33.74 -51.21 101.53
N ASP G 1456 34.26 -52.03 102.44
CA ASP G 1456 33.57 -53.28 102.75
C ASP G 1456 32.57 -53.07 103.90
N TYR G 1457 31.63 -52.16 103.68
CA TYR G 1457 30.56 -51.84 104.62
C TYR G 1457 29.25 -52.26 104.01
N HIS G 1458 28.65 -53.32 104.55
CA HIS G 1458 27.38 -53.85 104.07
C HIS G 1458 26.42 -54.10 105.23
N GLN G 1459 26.34 -53.14 106.15
CA GLN G 1459 25.38 -53.18 107.25
C GLN G 1459 24.33 -52.10 107.03
N HIS G 1460 23.07 -52.52 106.93
CA HIS G 1460 21.94 -51.62 106.71
C HIS G 1460 20.93 -51.92 107.81
N ASP G 1461 21.01 -51.18 108.92
CA ASP G 1461 20.13 -51.35 110.06
C ASP G 1461 19.51 -50.01 110.43
N MET G 1462 18.25 -50.06 110.85
CA MET G 1462 17.53 -48.85 111.20
C MET G 1462 17.78 -48.41 112.63
N ASN G 1463 18.58 -49.16 113.40
CA ASN G 1463 18.93 -48.84 114.78
C ASN G 1463 20.45 -48.67 114.89
N PHE G 1464 21.02 -47.91 113.97
CA PHE G 1464 22.48 -47.82 113.88
C PHE G 1464 23.04 -46.90 114.96
N ASP G 1465 24.13 -47.35 115.58
CA ASP G 1465 24.89 -46.54 116.51
C ASP G 1465 26.36 -46.90 116.37
N LEU G 1466 27.22 -46.08 117.00
CA LEU G 1466 28.65 -46.30 116.89
C LEU G 1466 29.14 -47.46 117.74
N SER G 1467 28.34 -47.94 118.69
CA SER G 1467 28.70 -49.17 119.39
C SER G 1467 28.49 -50.39 118.50
N LYS G 1468 27.60 -50.29 117.52
CA LYS G 1468 27.33 -51.39 116.59
C LYS G 1468 28.20 -51.23 115.34
N VAL G 1469 29.50 -51.07 115.58
CA VAL G 1469 30.50 -50.87 114.54
C VAL G 1469 31.55 -51.95 114.69
N ARG G 1470 31.88 -52.63 113.58
CA ARG G 1470 32.89 -53.68 113.59
C ARG G 1470 34.26 -53.06 113.88
N ALA G 1471 34.90 -53.49 114.95
CA ALA G 1471 36.27 -53.09 115.25
C ALA G 1471 37.08 -54.33 115.60
N VAL G 1472 38.24 -54.49 114.98
CA VAL G 1472 39.14 -55.62 115.26
C VAL G 1472 40.52 -55.06 115.61
N THR G 1473 41.03 -55.42 116.78
CA THR G 1473 42.32 -54.95 117.26
C THR G 1473 43.31 -56.13 117.23
N VAL G 1474 44.33 -56.02 116.37
CA VAL G 1474 45.32 -57.08 116.18
C VAL G 1474 46.60 -56.66 116.90
N THR G 1475 47.09 -57.53 117.79
CA THR G 1475 48.34 -57.29 118.49
C THR G 1475 49.28 -58.47 118.27
N MET G 1476 50.43 -58.17 117.67
CA MET G 1476 51.42 -59.18 117.29
C MET G 1476 52.74 -58.82 117.94
N GLY G 1477 53.29 -59.72 118.75
CA GLY G 1477 54.51 -59.46 119.48
C GLY G 1477 55.62 -60.44 119.20
N ASP G 1478 56.56 -60.57 120.13
CA ASP G 1478 57.65 -61.51 120.01
C ASP G 1478 57.30 -62.79 120.78
N GLU G 1479 58.26 -63.72 120.87
CA GLU G 1479 58.06 -64.95 121.62
C GLU G 1479 58.18 -64.75 123.12
N GLN G 1480 58.74 -63.62 123.56
CA GLN G 1480 58.89 -63.37 125.00
C GLN G 1480 57.56 -62.99 125.65
N GLY G 1481 56.63 -62.43 124.86
CA GLY G 1481 55.32 -62.06 125.36
C GLY G 1481 55.00 -60.59 125.24
N ASN G 1482 56.01 -59.73 125.12
CA ASN G 1482 55.78 -58.31 124.96
C ASN G 1482 55.33 -58.01 123.53
N VAL G 1483 54.40 -57.08 123.41
CA VAL G 1483 53.82 -56.74 122.11
C VAL G 1483 54.80 -55.91 121.29
N HIS G 1484 54.61 -55.91 119.98
CA HIS G 1484 55.38 -55.08 119.06
C HIS G 1484 54.55 -54.02 118.39
N SER G 1485 53.30 -54.31 118.05
CA SER G 1485 52.45 -53.37 117.34
C SER G 1485 50.99 -53.67 117.67
N SER G 1486 50.16 -52.65 117.47
CA SER G 1486 48.72 -52.75 117.70
C SER G 1486 48.00 -51.98 116.60
N LEU G 1487 47.27 -52.68 115.75
CA LEU G 1487 46.49 -52.05 114.70
C LEU G 1487 45.02 -52.38 114.89
N LYS G 1488 44.17 -51.36 114.77
CA LYS G 1488 42.73 -51.52 114.88
C LYS G 1488 42.11 -51.39 113.49
N CYS G 1489 41.34 -52.39 113.09
CA CYS G 1489 40.69 -52.42 111.80
C CYS G 1489 39.19 -52.19 112.00
N SER G 1490 38.67 -51.14 111.39
CA SER G 1490 37.25 -50.86 111.39
C SER G 1490 36.82 -50.48 109.98
N ASN G 1491 35.51 -50.58 109.73
CA ASN G 1491 34.93 -50.14 108.46
C ASN G 1491 34.25 -48.78 108.54
N CYS G 1492 33.83 -48.36 109.73
CA CYS G 1492 33.06 -47.15 109.92
C CYS G 1492 33.80 -46.26 110.92
N TYR G 1493 34.47 -45.22 110.39
CA TYR G 1493 35.25 -44.28 111.20
C TYR G 1493 34.52 -42.95 111.25
N MET G 1494 33.49 -42.86 112.09
CA MET G 1494 32.70 -41.64 112.20
C MET G 1494 32.47 -41.29 113.66
N VAL G 1495 31.88 -40.10 113.85
CA VAL G 1495 31.64 -39.53 115.18
C VAL G 1495 30.17 -39.18 115.30
N TRP G 1496 29.71 -39.06 116.55
CA TRP G 1496 28.32 -38.72 116.82
C TRP G 1496 28.14 -37.21 116.95
N GLY G 1497 27.10 -36.70 116.29
CA GLY G 1497 26.88 -35.25 116.29
C GLY G 1497 26.27 -34.73 117.56
N GLY G 1498 25.61 -35.59 118.34
CA GLY G 1498 25.03 -35.19 119.61
C GLY G 1498 26.05 -34.90 120.69
N ASP G 1499 27.27 -35.42 120.54
CA ASP G 1499 28.30 -35.15 121.55
C ASP G 1499 28.91 -33.77 121.39
N PHE G 1500 28.78 -33.16 120.21
CA PHE G 1500 29.38 -31.85 119.99
C PHE G 1500 28.51 -30.74 120.55
N VAL G 1501 27.22 -30.74 120.19
CA VAL G 1501 26.30 -29.72 120.65
C VAL G 1501 25.70 -30.12 121.99
N ILE G 1509 14.98 -27.64 119.84
CA ILE G 1509 14.63 -26.68 118.81
C ILE G 1509 15.79 -25.71 118.58
N SER G 1510 16.82 -26.20 117.89
CA SER G 1510 18.00 -25.38 117.63
C SER G 1510 17.75 -24.45 116.44
N HIS G 1511 18.05 -23.17 116.64
CA HIS G 1511 17.90 -22.15 115.61
C HIS G 1511 19.20 -21.86 114.88
N THR G 1512 20.32 -22.41 115.34
CA THR G 1512 21.60 -22.25 114.67
C THR G 1512 22.02 -23.57 114.04
N ASP G 1513 22.96 -23.47 113.11
CA ASP G 1513 23.35 -24.63 112.30
C ASP G 1513 24.68 -25.18 112.78
N LEU G 1514 24.79 -26.51 112.79
CA LEU G 1514 25.94 -27.21 113.33
C LEU G 1514 26.82 -27.68 112.18
N VAL G 1515 28.09 -27.28 112.19
CA VAL G 1515 29.03 -27.57 111.13
C VAL G 1515 30.05 -28.57 111.66
N ILE G 1516 29.99 -29.81 111.17
CA ILE G 1516 30.92 -30.86 111.55
C ILE G 1516 31.95 -31.00 110.44
N GLY G 1517 33.21 -30.76 110.76
CA GLY G 1517 34.27 -30.86 109.77
C GLY G 1517 35.18 -32.05 109.99
N CYS G 1518 35.81 -32.52 108.91
CA CYS G 1518 36.68 -33.68 108.97
C CYS G 1518 38.04 -33.32 108.38
N LEU G 1519 39.10 -33.73 109.06
CA LEU G 1519 40.47 -33.46 108.65
C LEU G 1519 41.22 -34.78 108.48
N VAL G 1520 41.87 -34.93 107.33
CA VAL G 1520 42.67 -36.10 106.99
C VAL G 1520 44.07 -35.63 106.65
N ASP G 1521 45.08 -36.42 107.04
CA ASP G 1521 46.46 -36.23 106.57
C ASP G 1521 46.87 -37.52 105.86
N LEU G 1522 47.10 -37.44 104.54
CA LEU G 1522 47.48 -38.63 103.79
C LEU G 1522 48.93 -39.05 104.03
N ALA G 1523 49.74 -38.21 104.69
CA ALA G 1523 51.13 -38.56 104.93
C ALA G 1523 51.31 -39.30 106.26
N THR G 1524 50.63 -38.86 107.32
CA THR G 1524 50.71 -39.53 108.61
C THR G 1524 49.57 -40.49 108.88
N GLY G 1525 48.48 -40.39 108.12
CA GLY G 1525 47.33 -41.25 108.34
C GLY G 1525 46.54 -40.90 109.59
N LEU G 1526 46.52 -39.63 109.96
CA LEU G 1526 45.86 -39.18 111.18
C LEU G 1526 44.61 -38.39 110.82
N MET G 1527 43.50 -38.74 111.44
CA MET G 1527 42.22 -38.09 111.18
C MET G 1527 41.67 -37.48 112.45
N THR G 1528 41.48 -36.16 112.44
CA THR G 1528 40.88 -35.41 113.53
C THR G 1528 39.58 -34.78 113.06
N PHE G 1529 38.60 -34.72 113.95
CA PHE G 1529 37.29 -34.17 113.64
C PHE G 1529 37.07 -32.87 114.40
N THR G 1530 36.66 -31.84 113.67
CA THR G 1530 36.38 -30.53 114.24
C THR G 1530 34.90 -30.20 114.09
N ALA G 1531 34.39 -29.38 115.01
CA ALA G 1531 33.01 -28.94 114.98
C ALA G 1531 32.95 -27.47 115.32
N ASN G 1532 32.42 -26.67 114.39
CA ASN G 1532 32.24 -25.21 114.52
C ASN G 1532 33.55 -24.49 114.82
N GLY G 1533 34.62 -24.92 114.17
CA GLY G 1533 35.93 -24.33 114.37
C GLY G 1533 36.63 -24.73 115.65
N LYS G 1534 36.15 -25.75 116.35
CA LYS G 1534 36.77 -26.23 117.58
C LYS G 1534 37.16 -27.70 117.42
N GLU G 1535 38.40 -28.03 117.75
CA GLU G 1535 38.85 -29.41 117.65
C GLU G 1535 38.36 -30.22 118.85
N SER G 1536 38.17 -31.51 118.63
CA SER G 1536 37.59 -32.41 119.61
C SER G 1536 38.60 -33.46 120.05
N ASN G 1537 38.16 -34.34 120.95
CA ASN G 1537 39.06 -35.30 121.59
C ASN G 1537 39.34 -36.53 120.73
N THR G 1538 38.61 -36.74 119.63
CA THR G 1538 38.73 -37.98 118.88
C THR G 1538 39.92 -37.95 117.91
N PHE G 1539 40.41 -39.14 117.57
CA PHE G 1539 41.47 -39.32 116.58
C PHE G 1539 41.42 -40.76 116.07
N PHE G 1540 41.81 -40.93 114.82
CA PHE G 1540 41.81 -42.25 114.18
C PHE G 1540 43.06 -42.38 113.33
N GLN G 1541 43.61 -43.60 113.29
CA GLN G 1541 44.75 -43.93 112.44
C GLN G 1541 44.40 -45.13 111.56
N VAL G 1542 44.86 -45.10 110.31
CA VAL G 1542 44.48 -46.08 109.32
C VAL G 1542 45.70 -46.85 108.82
N GLU G 1543 45.44 -47.83 107.95
CA GLU G 1543 46.47 -48.59 107.27
C GLU G 1543 47.15 -47.72 106.22
N PRO G 1544 48.38 -48.05 105.81
CA PRO G 1544 49.02 -47.28 104.73
C PRO G 1544 48.29 -47.40 103.41
N ASN G 1545 47.91 -48.61 103.01
CA ASN G 1545 47.13 -48.83 101.80
C ASN G 1545 45.67 -49.03 102.19
N THR G 1546 44.90 -47.96 102.13
CA THR G 1546 43.46 -48.02 102.33
C THR G 1546 42.83 -46.91 101.53
N LYS G 1547 41.53 -47.04 101.31
CA LYS G 1547 40.72 -45.98 100.72
C LYS G 1547 39.52 -45.70 101.62
N LEU G 1548 39.12 -44.43 101.65
CA LEU G 1548 38.09 -43.95 102.55
C LEU G 1548 37.07 -43.13 101.78
N PHE G 1549 35.79 -43.42 101.98
CA PHE G 1549 34.73 -42.70 101.33
C PHE G 1549 34.10 -41.70 102.30
N PRO G 1550 33.99 -40.43 101.94
CA PRO G 1550 33.30 -39.46 102.80
C PRO G 1550 31.81 -39.71 102.86
N ALA G 1551 31.31 -40.17 104.01
CA ALA G 1551 29.91 -40.51 104.18
C ALA G 1551 29.33 -39.79 105.38
N VAL G 1552 28.01 -39.57 105.33
CA VAL G 1552 27.25 -39.00 106.43
C VAL G 1552 26.02 -39.86 106.61
N PHE G 1553 25.86 -40.46 107.78
CA PHE G 1553 24.70 -41.30 108.09
C PHE G 1553 23.74 -40.47 108.92
N VAL G 1554 22.52 -40.30 108.42
CA VAL G 1554 21.57 -39.35 108.98
C VAL G 1554 20.16 -39.92 108.85
N LEU G 1555 19.30 -39.60 109.86
CA LEU G 1555 17.87 -39.86 109.86
C LEU G 1555 17.12 -38.55 109.69
N PRO G 1556 16.27 -38.41 108.67
CA PRO G 1556 15.66 -37.10 108.38
C PRO G 1556 14.54 -36.76 109.35
N THR G 1557 14.74 -35.70 110.12
CA THR G 1557 13.69 -35.16 111.00
C THR G 1557 13.29 -33.75 110.61
N HIS G 1558 13.57 -33.34 109.38
CA HIS G 1558 13.10 -32.07 108.83
C HIS G 1558 12.98 -32.23 107.33
N GLN G 1559 12.52 -31.16 106.66
CA GLN G 1559 12.55 -31.13 105.21
C GLN G 1559 13.99 -30.97 104.71
N ASN G 1560 14.72 -30.01 105.26
CA ASN G 1560 16.13 -29.83 104.97
C ASN G 1560 16.96 -30.67 105.93
N VAL G 1561 17.76 -31.57 105.39
CA VAL G 1561 18.45 -32.55 106.23
C VAL G 1561 19.93 -32.22 106.39
N ILE G 1562 20.71 -32.37 105.32
CA ILE G 1562 22.15 -32.20 105.34
C ILE G 1562 22.58 -31.45 104.09
N GLN G 1563 23.87 -31.09 104.06
CA GLN G 1563 24.44 -30.35 102.93
C GLN G 1563 25.93 -30.63 102.90
N PHE G 1564 26.39 -31.39 101.91
CA PHE G 1564 27.83 -31.59 101.73
C PHE G 1564 28.45 -30.32 101.15
N GLU G 1565 29.29 -29.64 101.93
CA GLU G 1565 30.01 -28.46 101.46
C GLU G 1565 31.49 -28.77 101.34
N LEU G 1566 32.02 -28.67 100.13
CA LEU G 1566 33.43 -28.97 99.86
C LEU G 1566 34.26 -27.69 99.90
N GLY G 1567 34.36 -27.11 101.10
CA GLY G 1567 35.04 -25.83 101.24
C GLY G 1567 36.51 -25.96 101.63
N LYS G 1568 37.26 -24.89 101.34
CA LYS G 1568 38.66 -24.80 101.70
C LYS G 1568 38.82 -23.84 102.88
N GLN G 1569 39.68 -24.20 103.82
CA GLN G 1569 39.96 -23.37 104.99
C GLN G 1569 41.13 -22.44 104.66
N LYS G 1570 41.86 -21.98 105.68
CA LYS G 1570 42.88 -20.96 105.49
C LYS G 1570 44.08 -21.48 104.70
N ASN G 1571 44.58 -22.66 105.04
CA ASN G 1571 45.84 -23.13 104.46
C ASN G 1571 45.78 -24.60 104.07
N ILE G 1572 44.57 -25.16 103.98
CA ILE G 1572 44.41 -26.57 103.64
C ILE G 1572 43.50 -26.68 102.42
N MET G 1573 43.84 -27.59 101.50
CA MET G 1573 43.14 -27.74 100.24
C MET G 1573 41.84 -28.54 100.41
N PRO G 1574 40.84 -28.31 99.55
CA PRO G 1574 39.58 -29.06 99.65
C PRO G 1574 39.74 -30.49 99.13
N LEU G 1575 38.63 -31.24 99.19
CA LEU G 1575 38.68 -32.68 98.95
C LEU G 1575 38.84 -33.02 97.47
N SER G 1576 38.62 -32.05 96.56
CA SER G 1576 38.67 -32.36 95.13
C SER G 1576 40.10 -32.59 94.64
N ALA G 1577 41.11 -32.21 95.44
CA ALA G 1577 42.49 -32.44 95.05
C ALA G 1577 42.95 -33.86 95.37
N ALA G 1578 42.40 -34.48 96.42
CA ALA G 1578 42.81 -35.83 96.79
C ALA G 1578 42.17 -36.90 95.91
N MET G 1579 41.01 -36.59 95.32
CA MET G 1579 40.23 -37.57 94.57
C MET G 1579 40.59 -37.58 93.09
N PHE G 1580 41.17 -36.49 92.58
CA PHE G 1580 41.51 -36.34 91.18
C PHE G 1580 42.97 -35.96 91.05
N LEU G 1581 43.63 -36.51 90.04
CA LEU G 1581 45.06 -36.26 89.88
C LEU G 1581 45.33 -35.00 89.05
N SER G 1582 44.37 -34.57 88.23
CA SER G 1582 44.59 -33.39 87.41
C SER G 1582 44.50 -32.10 88.22
N GLU G 1583 43.78 -32.13 89.33
CA GLU G 1583 43.59 -30.95 90.18
C GLU G 1583 44.24 -31.10 91.55
N ARG G 1584 45.37 -31.81 91.63
CA ARG G 1584 46.09 -31.92 92.89
C ARG G 1584 46.66 -30.58 93.33
N LYS G 1585 47.12 -29.77 92.38
CA LYS G 1585 47.76 -28.49 92.69
C LYS G 1585 46.86 -27.28 92.51
N ASN G 1586 45.58 -27.47 92.16
CA ASN G 1586 44.64 -26.36 92.07
C ASN G 1586 43.88 -26.31 93.39
N PRO G 1587 43.99 -25.23 94.18
CA PRO G 1587 43.30 -25.19 95.47
C PRO G 1587 41.85 -24.74 95.40
N ALA G 1588 41.33 -24.41 94.23
CA ALA G 1588 39.95 -23.93 94.13
C ALA G 1588 38.98 -25.09 94.27
N PRO G 1589 37.90 -24.92 95.03
CA PRO G 1589 36.93 -26.01 95.19
C PRO G 1589 36.09 -26.19 93.94
N GLN G 1590 36.00 -27.44 93.48
CA GLN G 1590 35.20 -27.80 92.31
C GLN G 1590 34.24 -28.93 92.66
N CYS G 1591 33.20 -29.05 91.85
CA CYS G 1591 32.19 -30.12 92.00
C CYS G 1591 31.86 -30.69 90.63
N PRO G 1592 32.60 -31.71 90.20
CA PRO G 1592 32.33 -32.33 88.89
C PRO G 1592 31.14 -33.29 88.97
N PRO G 1593 30.50 -33.59 87.84
CA PRO G 1593 29.36 -34.53 87.87
C PRO G 1593 29.73 -35.98 88.17
N ARG G 1594 31.03 -36.33 88.15
CA ARG G 1594 31.44 -37.64 88.67
C ARG G 1594 31.27 -37.73 90.19
N LEU G 1595 31.29 -36.60 90.89
CA LEU G 1595 30.96 -36.58 92.31
C LEU G 1595 29.44 -36.53 92.40
N GLU G 1596 28.84 -37.67 92.69
CA GLU G 1596 27.44 -37.71 93.11
C GLU G 1596 27.39 -38.40 94.47
N VAL G 1597 26.22 -38.37 95.08
CA VAL G 1597 26.00 -39.04 96.35
C VAL G 1597 25.34 -40.38 96.06
N GLN G 1598 25.67 -41.38 96.87
CA GLN G 1598 25.15 -42.73 96.74
C GLN G 1598 24.19 -42.98 97.89
N MET G 1599 23.40 -44.06 97.78
CA MET G 1599 22.63 -44.56 98.91
C MET G 1599 22.63 -46.08 98.89
N LEU G 1600 22.64 -46.66 100.09
CA LEU G 1600 22.79 -48.10 100.25
C LEU G 1600 21.41 -48.76 100.18
N MET G 1601 21.05 -49.31 99.00
CA MET G 1601 19.79 -50.06 98.99
C MET G 1601 20.03 -51.45 99.58
N PRO G 1602 19.02 -52.05 100.24
CA PRO G 1602 19.26 -53.32 100.93
C PRO G 1602 19.44 -54.52 100.01
N VAL G 1603 18.90 -54.51 98.80
CA VAL G 1603 18.96 -55.66 97.90
C VAL G 1603 19.51 -55.23 96.55
N SER G 1604 20.01 -56.21 95.80
CA SER G 1604 20.60 -55.97 94.48
C SER G 1604 20.51 -57.26 93.68
N TRP G 1605 20.66 -57.12 92.36
CA TRP G 1605 20.55 -58.25 91.44
C TRP G 1605 21.93 -58.79 91.09
N SER G 1606 22.10 -60.11 91.24
CA SER G 1606 23.29 -60.81 90.78
C SER G 1606 22.87 -62.07 90.02
N ARG G 1607 23.87 -62.82 89.53
CA ARG G 1607 23.63 -63.93 88.62
C ARG G 1607 24.22 -65.22 89.19
N MET G 1608 23.45 -66.31 89.12
CA MET G 1608 23.93 -67.63 89.54
C MET G 1608 24.95 -68.16 88.54
N PRO G 1609 26.08 -68.71 89.01
CA PRO G 1609 26.99 -69.40 88.09
C PRO G 1609 26.42 -70.74 87.64
N ASN G 1610 26.92 -71.21 86.51
CA ASN G 1610 26.40 -72.43 85.89
C ASN G 1610 27.13 -73.68 86.32
N HIS G 1611 28.29 -73.55 86.97
CA HIS G 1611 29.04 -74.70 87.48
C HIS G 1611 29.56 -74.37 88.87
N PHE G 1612 29.05 -75.07 89.88
CA PHE G 1612 29.45 -74.87 91.26
C PHE G 1612 30.56 -75.86 91.63
N LEU G 1613 31.23 -75.58 92.75
CA LEU G 1613 32.26 -76.49 93.25
C LEU G 1613 31.61 -77.69 93.92
N GLN G 1614 31.98 -78.88 93.47
CA GLN G 1614 31.41 -80.13 93.96
C GLN G 1614 32.20 -80.60 95.17
N VAL G 1615 31.56 -80.59 96.33
CA VAL G 1615 32.20 -80.89 97.61
C VAL G 1615 31.81 -82.29 98.05
N GLU G 1616 32.76 -83.02 98.66
CA GLU G 1616 32.54 -84.38 99.12
C GLU G 1616 32.65 -84.41 100.65
N THR G 1617 31.49 -84.44 101.31
CA THR G 1617 31.41 -84.44 102.77
C THR G 1617 31.06 -85.85 103.24
N ARG G 1618 31.90 -86.40 104.11
CA ARG G 1618 31.78 -87.78 104.56
C ARG G 1618 32.58 -87.95 105.84
N ARG G 1619 32.03 -88.63 106.83
CA ARG G 1619 32.80 -88.96 108.03
C ARG G 1619 33.50 -90.30 107.82
N ALA G 1620 34.80 -90.32 108.07
CA ALA G 1620 35.64 -91.51 107.86
C ALA G 1620 36.32 -91.84 109.19
N GLY G 1621 35.73 -92.77 109.94
CA GLY G 1621 36.30 -93.20 111.19
C GLY G 1621 35.99 -92.28 112.35
N GLU G 1622 36.17 -92.77 113.58
CA GLU G 1622 35.90 -91.99 114.77
C GLU G 1622 37.11 -91.22 115.27
N ARG G 1623 38.30 -91.52 114.78
CA ARG G 1623 39.51 -90.81 115.20
C ARG G 1623 40.08 -89.92 114.11
N LEU G 1624 39.89 -90.26 112.83
CA LEU G 1624 40.35 -89.39 111.75
C LEU G 1624 39.51 -88.13 111.67
N GLY G 1625 38.20 -88.25 111.80
CA GLY G 1625 37.31 -87.11 111.81
C GLY G 1625 36.53 -87.00 110.51
N TRP G 1626 35.87 -85.86 110.36
CA TRP G 1626 35.06 -85.58 109.18
C TRP G 1626 35.96 -85.11 108.05
N ALA G 1627 36.01 -85.89 106.98
CA ALA G 1627 36.85 -85.59 105.83
C ALA G 1627 36.06 -84.81 104.79
N VAL G 1628 36.74 -83.91 104.10
CA VAL G 1628 36.11 -83.06 103.09
C VAL G 1628 37.15 -82.76 102.03
N GLN G 1629 36.70 -82.71 100.78
CA GLN G 1629 37.60 -82.60 99.64
C GLN G 1629 36.83 -82.10 98.42
N CYS G 1630 37.54 -81.36 97.56
CA CYS G 1630 37.07 -81.06 96.21
C CYS G 1630 38.25 -81.08 95.26
N GLN G 1631 38.00 -81.55 94.03
CA GLN G 1631 39.04 -81.67 93.01
C GLN G 1631 38.67 -81.03 91.67
N ASP G 1632 37.48 -80.48 91.51
CA ASP G 1632 37.08 -79.91 90.23
C ASP G 1632 37.72 -78.54 90.03
N PRO G 1633 38.47 -78.31 88.97
CA PRO G 1633 39.06 -76.98 88.73
C PRO G 1633 38.07 -76.04 88.05
N LEU G 1634 37.90 -74.85 88.62
CA LEU G 1634 36.96 -73.87 88.12
C LEU G 1634 37.57 -72.47 88.17
N THR G 1635 37.39 -71.71 87.09
CA THR G 1635 37.89 -70.35 86.98
C THR G 1635 36.78 -69.51 86.36
N MET G 1636 36.88 -68.19 86.55
CA MET G 1636 35.99 -67.24 85.89
C MET G 1636 36.70 -65.92 85.71
N MET G 1637 36.17 -65.10 84.82
CA MET G 1637 36.69 -63.75 84.55
C MET G 1637 35.78 -62.75 85.23
N ALA G 1638 36.37 -61.67 85.74
CA ALA G 1638 35.57 -60.67 86.45
C ALA G 1638 36.18 -59.29 86.28
N LEU G 1639 35.31 -58.28 86.32
CA LEU G 1639 35.75 -56.89 86.34
C LEU G 1639 36.19 -56.51 87.75
N HIS G 1640 37.15 -55.59 87.84
CA HIS G 1640 37.72 -55.25 89.13
C HIS G 1640 37.14 -53.97 89.71
N ILE G 1641 36.93 -52.96 88.86
CA ILE G 1641 36.33 -51.65 89.18
C ILE G 1641 37.05 -50.98 90.34
N PRO G 1642 38.22 -50.36 90.09
CA PRO G 1642 39.10 -49.97 91.21
C PRO G 1642 38.62 -48.80 92.05
N GLU G 1643 37.66 -47.99 91.58
CA GLU G 1643 37.25 -46.86 92.39
C GLU G 1643 36.30 -47.25 93.51
N GLU G 1644 35.70 -48.45 93.45
CA GLU G 1644 34.92 -48.98 94.55
C GLU G 1644 35.49 -50.27 95.12
N ASN G 1645 36.49 -50.88 94.45
CA ASN G 1645 37.18 -52.10 94.87
C ASN G 1645 36.16 -53.23 95.06
N ARG G 1646 35.30 -53.39 94.06
CA ARG G 1646 34.21 -54.35 94.09
C ARG G 1646 34.16 -55.09 92.77
N CYS G 1647 34.03 -56.41 92.85
CA CYS G 1647 34.08 -57.24 91.66
C CYS G 1647 32.69 -57.77 91.31
N MET G 1648 32.44 -57.84 90.00
CA MET G 1648 31.23 -58.44 89.47
C MET G 1648 31.62 -59.31 88.28
N ASP G 1649 30.79 -60.30 88.00
CA ASP G 1649 31.11 -61.24 86.93
C ASP G 1649 30.96 -60.57 85.58
N ILE G 1650 31.76 -61.04 84.61
CA ILE G 1650 31.72 -60.46 83.27
C ILE G 1650 30.47 -60.91 82.52
N LEU G 1651 29.79 -61.95 82.99
CA LEU G 1651 28.54 -62.42 82.39
C LEU G 1651 27.33 -61.65 82.90
N GLU G 1652 27.47 -60.83 83.93
CA GLU G 1652 26.37 -59.97 84.38
C GLU G 1652 26.22 -58.71 83.53
N LEU G 1653 27.15 -58.46 82.60
CA LEU G 1653 27.04 -57.29 81.74
C LEU G 1653 25.96 -57.43 80.69
N SER G 1654 25.45 -58.64 80.45
CA SER G 1654 24.33 -58.83 79.54
C SER G 1654 23.04 -58.23 80.10
N GLU G 1655 22.95 -58.10 81.42
CA GLU G 1655 21.84 -57.39 82.04
C GLU G 1655 22.21 -55.99 82.51
N ARG G 1656 23.51 -55.66 82.54
CA ARG G 1656 23.93 -54.33 82.96
C ARG G 1656 23.66 -53.30 81.87
N LEU G 1657 24.19 -53.54 80.67
CA LEU G 1657 24.01 -52.75 79.44
C LEU G 1657 24.49 -51.30 79.56
N ASP G 1658 25.33 -50.98 80.54
CA ASP G 1658 26.04 -49.71 80.57
C ASP G 1658 27.55 -49.91 80.62
N LEU G 1659 28.05 -50.74 81.54
CA LEU G 1659 29.45 -51.14 81.53
C LEU G 1659 29.74 -52.20 80.49
N GLN G 1660 28.70 -52.79 79.90
CA GLN G 1660 28.86 -53.53 78.65
C GLN G 1660 29.36 -52.61 77.55
N ARG G 1661 28.75 -51.42 77.45
CA ARG G 1661 29.09 -50.47 76.39
C ARG G 1661 30.46 -49.84 76.65
N PHE G 1662 30.83 -49.67 77.92
CA PHE G 1662 32.10 -49.04 78.24
C PHE G 1662 33.26 -49.98 77.99
N HIS G 1663 33.12 -51.25 78.37
CA HIS G 1663 34.23 -52.19 78.22
C HIS G 1663 34.42 -52.59 76.76
N SER G 1664 33.34 -52.58 75.98
CA SER G 1664 33.47 -52.84 74.55
C SER G 1664 34.07 -51.65 73.83
N HIS G 1665 33.80 -50.44 74.32
CA HIS G 1665 34.43 -49.26 73.75
C HIS G 1665 35.87 -49.11 74.22
N THR G 1666 36.17 -49.65 75.41
CA THR G 1666 37.56 -49.71 75.87
C THR G 1666 38.36 -50.73 75.07
N LEU G 1667 37.71 -51.80 74.64
CA LEU G 1667 38.38 -52.87 73.93
C LEU G 1667 38.70 -52.46 72.50
N ARG G 1668 37.86 -51.62 71.91
CA ARG G 1668 38.15 -51.09 70.59
C ARG G 1668 39.30 -50.08 70.66
N LEU G 1669 39.40 -49.36 71.78
CA LEU G 1669 40.57 -48.53 72.02
C LEU G 1669 41.81 -49.39 72.23
N TYR G 1670 41.63 -50.58 72.83
CA TYR G 1670 42.74 -51.52 72.95
C TYR G 1670 43.16 -52.08 71.60
N ARG G 1671 42.24 -52.06 70.62
CA ARG G 1671 42.60 -52.51 69.28
C ARG G 1671 43.21 -51.37 68.46
N ALA G 1672 42.66 -50.17 68.58
CA ALA G 1672 43.06 -49.08 67.67
C ALA G 1672 44.38 -48.42 68.09
N VAL G 1673 44.78 -48.58 69.35
CA VAL G 1673 46.07 -48.03 69.77
C VAL G 1673 47.21 -48.87 69.22
N CYS G 1674 47.15 -50.19 69.43
CA CYS G 1674 48.20 -51.10 68.96
C CYS G 1674 47.91 -51.66 67.56
N ALA G 1675 47.45 -50.79 66.68
CA ALA G 1675 47.08 -51.18 65.32
C ALA G 1675 48.14 -50.71 64.33
N LEU G 1676 48.02 -51.24 63.11
CA LEU G 1676 48.83 -50.87 61.95
C LEU G 1676 50.31 -51.17 62.18
N GLY G 1677 50.58 -52.28 62.86
CA GLY G 1677 51.93 -52.78 63.01
C GLY G 1677 52.75 -52.15 64.11
N ASN G 1678 52.14 -51.80 65.24
CA ASN G 1678 52.87 -51.17 66.34
C ASN G 1678 53.01 -52.24 67.43
N ASN G 1679 54.13 -52.96 67.40
CA ASN G 1679 54.32 -54.11 68.26
C ASN G 1679 54.79 -53.74 69.67
N ARG G 1680 55.41 -52.56 69.82
CA ARG G 1680 55.97 -52.20 71.13
C ARG G 1680 54.88 -51.91 72.16
N VAL G 1681 53.78 -51.30 71.74
CA VAL G 1681 52.62 -51.16 72.61
C VAL G 1681 51.86 -52.48 72.72
N ALA G 1682 51.94 -53.33 71.69
CA ALA G 1682 51.20 -54.59 71.69
C ALA G 1682 51.77 -55.58 72.72
N HIS G 1683 53.05 -55.46 73.05
CA HIS G 1683 53.57 -56.20 74.21
C HIS G 1683 53.10 -55.54 75.50
N ALA G 1684 53.07 -54.21 75.54
CA ALA G 1684 52.66 -53.51 76.77
C ALA G 1684 51.18 -53.70 77.05
N LEU G 1685 50.37 -53.95 76.02
CA LEU G 1685 48.97 -54.30 76.23
C LEU G 1685 48.79 -55.76 76.64
N CYS G 1686 49.79 -56.61 76.40
CA CYS G 1686 49.69 -58.02 76.80
C CYS G 1686 49.75 -58.20 78.31
N SER G 1687 50.21 -57.20 79.06
CA SER G 1687 50.15 -57.27 80.51
C SER G 1687 48.73 -57.09 81.03
N HIS G 1688 47.93 -56.26 80.34
CA HIS G 1688 46.56 -56.02 80.81
C HIS G 1688 45.65 -57.20 80.47
N VAL G 1689 45.60 -57.58 79.20
CA VAL G 1689 44.85 -58.75 78.78
C VAL G 1689 45.80 -59.93 78.71
N ASP G 1690 45.63 -60.87 79.63
CA ASP G 1690 46.48 -62.07 79.65
C ASP G 1690 46.04 -63.04 78.56
N GLN G 1691 46.94 -63.97 78.22
CA GLN G 1691 46.62 -64.93 77.17
C GLN G 1691 45.72 -66.04 77.70
N ALA G 1692 45.79 -66.35 78.99
CA ALA G 1692 44.90 -67.38 79.54
C ALA G 1692 43.47 -66.87 79.63
N GLN G 1693 43.30 -65.58 79.97
CA GLN G 1693 41.97 -65.00 80.04
C GLN G 1693 41.43 -64.68 78.66
N LEU G 1694 42.29 -64.62 77.63
CA LEU G 1694 41.84 -64.33 76.28
C LEU G 1694 41.47 -65.60 75.53
N LEU G 1695 42.20 -66.70 75.78
CA LEU G 1695 41.85 -67.98 75.18
C LEU G 1695 40.67 -68.64 75.90
N HIS G 1696 40.45 -68.29 77.17
CA HIS G 1696 39.25 -68.80 77.86
C HIS G 1696 37.99 -68.12 77.34
N ALA G 1697 38.09 -66.85 76.97
CA ALA G 1697 36.94 -66.11 76.45
C ALA G 1697 36.57 -66.50 75.02
N LEU G 1698 37.37 -67.35 74.36
CA LEU G 1698 37.02 -67.78 73.01
C LEU G 1698 35.91 -68.83 73.03
N GLU G 1699 35.98 -69.79 73.94
CA GLU G 1699 35.02 -70.88 73.98
C GLU G 1699 33.89 -70.65 74.96
N ASP G 1700 33.89 -69.54 75.71
CA ASP G 1700 32.83 -69.26 76.66
C ASP G 1700 31.61 -68.75 75.89
N ALA G 1701 30.53 -69.52 75.93
CA ALA G 1701 29.33 -69.20 75.16
C ALA G 1701 28.39 -68.25 75.88
N HIS G 1702 28.56 -68.05 77.19
CA HIS G 1702 27.68 -67.18 77.95
C HIS G 1702 28.11 -65.71 77.89
N LEU G 1703 29.15 -65.40 77.13
CA LEU G 1703 29.56 -64.01 76.95
C LEU G 1703 28.58 -63.30 76.02
N PRO G 1704 28.34 -62.01 76.24
CA PRO G 1704 27.39 -61.27 75.39
C PRO G 1704 27.93 -61.02 73.99
N GLY G 1705 27.10 -60.39 73.17
CA GLY G 1705 27.31 -60.26 71.75
C GLY G 1705 28.52 -59.43 71.32
N PRO G 1706 28.47 -58.12 71.56
CA PRO G 1706 29.61 -57.28 71.14
C PRO G 1706 30.88 -57.50 71.95
N LEU G 1707 30.76 -58.08 73.15
CA LEU G 1707 31.95 -58.37 73.94
C LEU G 1707 32.69 -59.60 73.41
N ARG G 1708 31.95 -60.59 72.90
CA ARG G 1708 32.57 -61.75 72.27
C ARG G 1708 33.19 -61.40 70.93
N ALA G 1709 32.55 -60.51 70.17
CA ALA G 1709 33.06 -60.14 68.85
C ALA G 1709 34.32 -59.30 68.94
N GLY G 1710 34.47 -58.52 70.02
CA GLY G 1710 35.67 -57.71 70.16
C GLY G 1710 36.87 -58.47 70.67
N TYR G 1711 36.64 -59.59 71.38
CA TYR G 1711 37.76 -60.39 71.90
C TYR G 1711 38.44 -61.19 70.80
N TYR G 1712 37.68 -61.65 69.80
CA TYR G 1712 38.31 -62.29 68.66
C TYR G 1712 39.04 -61.29 67.79
N ASP G 1713 38.52 -60.06 67.70
CA ASP G 1713 39.21 -59.02 66.95
C ASP G 1713 40.41 -58.49 67.72
N LEU G 1714 40.41 -58.64 69.05
CA LEU G 1714 41.52 -58.13 69.85
C LEU G 1714 42.75 -59.02 69.70
N LEU G 1715 42.55 -60.35 69.70
CA LEU G 1715 43.67 -61.27 69.68
C LEU G 1715 44.36 -61.25 68.32
N ILE G 1716 43.60 -61.06 67.24
CA ILE G 1716 44.21 -60.93 65.92
C ILE G 1716 44.89 -59.57 65.77
N SER G 1717 44.45 -58.57 66.54
CA SER G 1717 45.05 -57.24 66.46
C SER G 1717 46.37 -57.16 67.22
N ILE G 1718 46.57 -58.01 68.23
CA ILE G 1718 47.79 -57.96 69.03
C ILE G 1718 48.78 -59.06 68.68
N HIS G 1719 48.36 -60.12 67.99
CA HIS G 1719 49.25 -61.25 67.77
C HIS G 1719 49.39 -61.60 66.30
N LEU G 1720 48.30 -61.43 65.54
CA LEU G 1720 48.12 -62.04 64.23
C LEU G 1720 47.80 -61.02 63.15
N GLU G 1721 48.41 -59.84 63.22
CA GLU G 1721 48.21 -58.83 62.18
C GLU G 1721 49.50 -58.37 61.54
N SER G 1722 50.59 -58.24 62.33
CA SER G 1722 51.87 -57.86 61.77
C SER G 1722 52.45 -58.96 60.90
N ALA G 1723 52.12 -60.22 61.22
CA ALA G 1723 52.54 -61.34 60.39
C ALA G 1723 51.54 -61.63 59.28
N CYS G 1724 50.28 -61.26 59.48
CA CYS G 1724 49.26 -61.51 58.45
C CYS G 1724 49.37 -60.51 57.31
N ARG G 1725 49.70 -59.25 57.63
CA ARG G 1725 49.80 -58.22 56.60
C ARG G 1725 51.03 -58.44 55.72
N SER G 1726 52.10 -59.00 56.29
CA SER G 1726 53.34 -59.17 55.53
C SER G 1726 53.22 -60.31 54.53
N ARG G 1727 52.54 -61.39 54.91
CA ARG G 1727 52.44 -62.55 54.02
C ARG G 1727 51.38 -62.34 52.95
N ARG G 1728 50.29 -61.63 53.27
CA ARG G 1728 49.30 -61.27 52.26
C ARG G 1728 49.90 -60.32 51.22
N SER G 1729 50.85 -59.49 51.63
CA SER G 1729 51.58 -58.67 50.67
C SER G 1729 52.59 -59.50 49.89
N MET G 1730 53.04 -60.63 50.44
CA MET G 1730 53.98 -61.51 49.76
C MET G 1730 53.29 -62.64 49.01
N LEU G 1731 51.98 -62.82 49.18
CA LEU G 1731 51.28 -63.91 48.51
C LEU G 1731 51.02 -63.61 47.03
N SER G 1732 51.18 -62.36 46.60
CA SER G 1732 50.84 -62.01 45.22
C SER G 1732 51.93 -62.44 44.24
N GLU G 1733 53.19 -62.26 44.60
CA GLU G 1733 54.31 -62.62 43.74
C GLU G 1733 54.76 -64.05 44.03
N TYR G 1734 55.21 -64.74 43.00
CA TYR G 1734 55.54 -66.16 43.06
C TYR G 1734 57.02 -66.34 42.76
N ILE G 1735 57.79 -66.77 43.75
CA ILE G 1735 59.21 -67.03 43.61
C ILE G 1735 59.42 -68.51 43.91
N VAL G 1736 59.59 -69.32 42.89
CA VAL G 1736 59.80 -70.76 43.04
C VAL G 1736 61.24 -71.09 42.63
N PRO G 1737 62.03 -71.71 43.50
CA PRO G 1737 63.38 -72.15 43.11
C PRO G 1737 63.37 -73.53 42.47
N LEU G 1738 64.49 -73.87 41.86
CA LEU G 1738 64.67 -75.15 41.18
C LEU G 1738 65.38 -76.17 42.08
N THR G 1739 64.72 -76.46 43.17
CA THR G 1739 64.92 -77.51 44.16
C THR G 1739 64.26 -78.81 43.65
N PRO G 1740 64.78 -79.98 44.04
CA PRO G 1740 64.16 -81.23 43.56
C PRO G 1740 62.77 -81.52 44.11
N GLU G 1741 62.30 -80.78 45.12
CA GLU G 1741 60.92 -80.91 45.56
C GLU G 1741 59.94 -80.40 44.51
N THR G 1742 60.38 -79.46 43.67
CA THR G 1742 59.52 -78.91 42.63
C THR G 1742 59.40 -79.84 41.42
N ARG G 1743 60.45 -80.61 41.11
CA ARG G 1743 60.55 -81.27 39.81
C ARG G 1743 59.59 -82.46 39.70
N ALA G 1744 59.01 -82.93 40.81
CA ALA G 1744 58.01 -84.00 40.77
C ALA G 1744 56.71 -83.42 41.33
N ILE G 1745 56.05 -82.61 40.49
CA ILE G 1745 54.73 -82.03 40.78
C ILE G 1745 53.91 -82.08 39.50
N THR G 1746 52.68 -82.58 39.61
CA THR G 1746 51.71 -82.56 38.53
C THR G 1746 50.48 -81.79 38.97
N LEU G 1747 49.66 -81.38 37.99
CA LEU G 1747 48.44 -80.65 38.32
C LEU G 1747 47.41 -81.56 38.95
N PHE G 1748 47.21 -82.76 38.40
CA PHE G 1748 46.28 -83.73 38.93
C PHE G 1748 47.03 -84.76 39.77
N PRO G 1749 46.48 -85.17 40.91
CA PRO G 1749 47.15 -86.17 41.74
C PRO G 1749 47.12 -87.54 41.09
N PRO G 1750 48.22 -88.28 41.12
CA PRO G 1750 48.24 -89.61 40.48
C PRO G 1750 47.50 -90.64 41.31
N GLY G 1751 46.88 -91.58 40.61
CA GLY G 1751 46.13 -92.64 41.26
C GLY G 1751 45.31 -93.47 40.28
N ARG G 1758 42.27 -88.14 35.66
CA ARG G 1758 42.08 -86.70 35.58
C ARG G 1758 41.02 -86.22 36.58
N ARG G 1759 41.20 -86.61 37.85
CA ARG G 1759 40.33 -86.17 38.93
C ARG G 1759 41.05 -85.10 39.73
N HIS G 1760 40.41 -83.95 39.87
CA HIS G 1760 41.05 -82.80 40.53
C HIS G 1760 41.13 -83.01 42.03
N GLY G 1761 42.29 -82.74 42.61
CA GLY G 1761 42.49 -82.92 44.03
C GLY G 1761 41.89 -81.81 44.86
N LEU G 1762 42.11 -81.92 46.17
CA LEU G 1762 41.51 -80.98 47.10
C LEU G 1762 42.31 -79.67 47.11
N PRO G 1763 41.65 -78.52 47.17
CA PRO G 1763 42.38 -77.24 47.18
C PRO G 1763 43.05 -76.98 48.51
N GLY G 1764 44.30 -76.51 48.44
CA GLY G 1764 45.08 -76.25 49.63
C GLY G 1764 45.83 -77.44 50.18
N VAL G 1765 45.71 -78.61 49.54
CA VAL G 1765 46.34 -79.84 49.98
C VAL G 1765 47.44 -80.18 48.98
N GLY G 1766 48.67 -80.24 49.43
CA GLY G 1766 49.76 -80.62 48.57
C GLY G 1766 51.06 -79.98 49.01
N VAL G 1767 52.02 -80.01 48.11
CA VAL G 1767 53.36 -79.48 48.35
C VAL G 1767 53.56 -78.22 47.50
N THR G 1768 54.08 -77.18 48.14
CA THR G 1768 54.41 -75.92 47.50
C THR G 1768 55.85 -75.54 47.86
N THR G 1769 56.50 -74.79 46.96
CA THR G 1769 57.90 -74.43 47.20
C THR G 1769 58.13 -72.92 47.04
N SER G 1770 57.08 -72.11 47.08
CA SER G 1770 57.26 -70.66 46.91
C SER G 1770 57.82 -70.06 48.19
N LEU G 1771 58.82 -69.18 48.03
CA LEU G 1771 59.55 -68.63 49.16
C LEU G 1771 58.78 -67.46 49.77
N ARG G 1772 58.43 -67.59 51.05
CA ARG G 1772 57.76 -66.57 51.82
C ARG G 1772 58.43 -66.42 53.18
N PRO G 1773 58.56 -65.18 53.67
CA PRO G 1773 59.38 -64.96 54.87
C PRO G 1773 58.64 -65.42 56.12
N PRO G 1774 59.37 -65.89 57.14
CA PRO G 1774 58.72 -66.32 58.38
C PRO G 1774 58.19 -65.12 59.17
N HIS G 1775 57.37 -65.45 60.17
CA HIS G 1775 56.60 -64.44 60.87
C HIS G 1775 57.44 -63.68 61.90
N HIS G 1776 58.55 -64.30 62.36
CA HIS G 1776 59.52 -63.70 63.28
C HIS G 1776 58.87 -63.31 64.61
N PHE G 1777 58.41 -64.32 65.34
CA PHE G 1777 57.78 -64.05 66.62
C PHE G 1777 58.82 -63.88 67.72
N SER G 1778 58.42 -63.20 68.80
CA SER G 1778 59.27 -62.93 69.95
C SER G 1778 58.46 -63.14 71.22
N PRO G 1779 59.01 -63.83 72.22
CA PRO G 1779 58.25 -64.12 73.45
C PRO G 1779 58.10 -62.87 74.31
N PRO G 1780 56.92 -62.65 74.88
CA PRO G 1780 56.73 -61.49 75.76
C PRO G 1780 57.33 -61.72 77.13
N CYS G 1781 57.90 -60.65 77.69
CA CYS G 1781 58.56 -60.68 79.00
C CYS G 1781 58.58 -59.27 79.56
N PHE G 1782 58.23 -59.11 80.83
CA PHE G 1782 58.14 -57.79 81.45
C PHE G 1782 59.16 -57.59 82.57
N VAL G 1783 60.09 -58.51 82.77
CA VAL G 1783 61.10 -58.39 83.82
C VAL G 1783 62.51 -58.25 83.27
N ALA G 1784 62.66 -58.20 81.95
CA ALA G 1784 63.98 -58.03 81.36
C ALA G 1784 64.48 -56.60 81.54
N ALA G 1785 65.80 -56.44 81.45
CA ALA G 1785 66.41 -55.12 81.60
C ALA G 1785 66.16 -54.30 80.35
N LEU G 1786 65.61 -53.10 80.54
CA LEU G 1786 65.31 -52.21 79.43
C LEU G 1786 66.60 -51.56 78.93
N PRO G 1787 66.91 -51.62 77.63
CA PRO G 1787 68.15 -51.02 77.14
C PRO G 1787 68.07 -49.50 77.11
N ALA G 1788 69.21 -48.87 77.43
CA ALA G 1788 69.39 -47.41 77.46
C ALA G 1788 68.38 -46.69 78.35
N GLU G 1793 67.92 -45.81 70.92
CA GLU G 1793 66.98 -46.22 69.86
C GLU G 1793 66.93 -47.74 69.74
N ALA G 1794 65.74 -48.30 69.87
CA ALA G 1794 65.56 -49.73 69.67
C ALA G 1794 65.65 -50.06 68.19
N PRO G 1795 66.32 -51.17 67.81
CA PRO G 1795 66.42 -51.54 66.39
C PRO G 1795 65.08 -51.90 65.77
N ALA G 1796 64.41 -52.91 66.33
CA ALA G 1796 63.08 -53.33 65.91
C ALA G 1796 62.51 -54.21 67.01
N ARG G 1797 61.18 -54.22 67.13
CA ARG G 1797 60.54 -55.10 68.09
C ARG G 1797 59.45 -55.89 67.39
N LEU G 1798 59.45 -57.20 67.60
CA LEU G 1798 58.63 -58.12 66.85
C LEU G 1798 57.25 -58.28 67.48
N SER G 1799 56.39 -59.00 66.76
CA SER G 1799 55.06 -59.32 67.25
C SER G 1799 55.18 -60.33 68.40
N PRO G 1800 54.31 -60.23 69.41
CA PRO G 1800 54.44 -61.11 70.59
C PRO G 1800 54.04 -62.53 70.27
N ALA G 1801 54.83 -63.48 70.80
CA ALA G 1801 54.64 -64.88 70.49
C ALA G 1801 53.47 -65.46 71.28
N ILE G 1802 52.62 -66.20 70.59
CA ILE G 1802 51.53 -66.95 71.21
C ILE G 1802 51.65 -68.39 70.72
N PRO G 1803 51.45 -69.40 71.58
CA PRO G 1803 51.50 -70.80 71.09
C PRO G 1803 50.39 -71.12 70.10
N LEU G 1804 50.78 -71.36 68.85
CA LEU G 1804 49.83 -71.60 67.77
C LEU G 1804 49.45 -73.07 67.61
N GLU G 1805 50.17 -73.97 68.30
CA GLU G 1805 49.83 -75.39 68.22
C GLU G 1805 48.58 -75.71 69.01
N ALA G 1806 48.34 -74.99 70.09
CA ALA G 1806 47.12 -75.16 70.87
C ALA G 1806 46.00 -74.23 70.42
N LEU G 1807 46.35 -73.12 69.76
CA LEU G 1807 45.31 -72.20 69.31
C LEU G 1807 44.65 -72.71 68.02
N ARG G 1808 45.38 -73.51 67.23
CA ARG G 1808 44.82 -74.01 65.98
C ARG G 1808 43.85 -75.18 66.24
N ASP G 1809 44.13 -76.00 67.26
CA ASP G 1809 43.22 -77.09 67.58
C ASP G 1809 41.97 -76.58 68.28
N LYS G 1810 42.11 -75.46 69.00
CA LYS G 1810 40.95 -74.82 69.62
C LYS G 1810 40.09 -74.13 68.57
N ALA G 1811 40.73 -73.51 67.58
CA ALA G 1811 40.01 -72.79 66.53
C ALA G 1811 39.20 -73.73 65.65
N LEU G 1812 39.70 -74.95 65.46
CA LEU G 1812 38.95 -75.92 64.68
C LEU G 1812 37.85 -76.55 65.52
N ARG G 1813 38.00 -76.53 66.85
CA ARG G 1813 37.01 -77.16 67.71
C ARG G 1813 35.77 -76.28 67.87
N MET G 1814 35.95 -74.98 68.06
CA MET G 1814 34.78 -74.12 68.23
C MET G 1814 34.07 -73.86 66.91
N LEU G 1815 34.81 -73.96 65.79
CA LEU G 1815 34.15 -73.94 64.49
C LEU G 1815 33.48 -75.28 64.21
N GLY G 1816 34.08 -76.39 64.67
CA GLY G 1816 33.45 -77.68 64.50
C GLY G 1816 32.21 -77.85 65.34
N GLU G 1817 32.13 -77.12 66.46
CA GLU G 1817 30.93 -77.13 67.26
C GLU G 1817 29.90 -76.15 66.71
N ALA G 1818 30.35 -75.09 66.05
CA ALA G 1818 29.43 -74.06 65.57
C ALA G 1818 28.64 -74.51 64.35
N VAL G 1819 29.28 -75.26 63.44
CA VAL G 1819 28.54 -75.75 62.26
C VAL G 1819 27.61 -76.89 62.66
N ARG G 1820 27.96 -77.64 63.72
CA ARG G 1820 27.11 -78.76 64.12
C ARG G 1820 25.93 -78.26 64.95
N ASP G 1821 26.09 -77.17 65.70
CA ASP G 1821 24.99 -76.58 66.44
C ASP G 1821 24.07 -75.72 65.58
N GLY G 1822 24.49 -75.40 64.36
CA GLY G 1822 23.63 -74.67 63.44
C GLY G 1822 22.60 -75.51 62.73
N GLY G 1823 22.66 -76.83 62.88
CA GLY G 1823 21.70 -77.71 62.24
C GLY G 1823 20.50 -78.00 63.12
N GLN G 1824 20.65 -77.80 64.43
CA GLN G 1824 19.55 -78.02 65.36
C GLN G 1824 18.59 -76.83 65.43
N HIS G 1825 19.05 -75.66 65.02
CA HIS G 1825 18.27 -74.40 65.00
C HIS G 1825 17.75 -74.04 66.39
N ALA G 1826 18.68 -73.77 67.29
CA ALA G 1826 18.33 -73.40 68.65
C ALA G 1826 17.81 -71.96 68.70
N ARG G 1827 17.06 -71.66 69.75
CA ARG G 1827 16.49 -70.33 69.93
C ARG G 1827 17.43 -69.36 70.62
N ASP G 1828 18.51 -69.86 71.23
CA ASP G 1828 19.49 -69.00 71.92
C ASP G 1828 20.89 -69.46 71.53
N PRO G 1829 21.44 -68.91 70.45
CA PRO G 1829 22.77 -69.31 70.00
C PRO G 1829 23.86 -68.62 70.82
N VAL G 1830 25.11 -68.86 70.42
CA VAL G 1830 26.25 -68.30 71.14
C VAL G 1830 26.37 -66.81 70.80
N GLY G 1831 26.28 -65.97 71.84
CA GLY G 1831 26.34 -64.54 71.67
C GLY G 1831 25.01 -63.83 71.59
N GLY G 1832 23.92 -64.56 71.35
CA GLY G 1832 22.60 -63.99 71.24
C GLY G 1832 22.05 -63.90 69.83
N SER G 1833 22.89 -64.12 68.81
CA SER G 1833 22.45 -64.11 67.43
C SER G 1833 23.36 -65.01 66.62
N VAL G 1834 22.94 -65.31 65.38
CA VAL G 1834 23.72 -66.17 64.51
C VAL G 1834 24.93 -65.44 63.94
N GLU G 1835 24.88 -64.10 63.90
CA GLU G 1835 26.00 -63.31 63.39
C GLU G 1835 27.17 -63.34 64.37
N PHE G 1836 26.89 -63.17 65.66
CA PHE G 1836 27.95 -63.19 66.67
C PHE G 1836 28.49 -64.59 66.94
N GLN G 1837 27.82 -65.63 66.49
CA GLN G 1837 28.31 -66.99 66.63
C GLN G 1837 29.30 -67.37 65.53
N PHE G 1838 29.08 -66.92 64.30
CA PHE G 1838 29.84 -67.38 63.15
C PHE G 1838 30.88 -66.41 62.65
N VAL G 1839 30.62 -65.09 62.74
CA VAL G 1839 31.58 -64.12 62.21
C VAL G 1839 32.91 -64.08 62.98
N PRO G 1840 32.95 -64.00 64.34
CA PRO G 1840 34.26 -63.96 64.98
C PRO G 1840 35.04 -65.26 64.89
N VAL G 1841 34.36 -66.39 64.73
CA VAL G 1841 35.09 -67.65 64.57
C VAL G 1841 35.59 -67.78 63.13
N LEU G 1842 34.85 -67.23 62.15
CA LEU G 1842 35.27 -67.39 60.76
C LEU G 1842 36.43 -66.48 60.40
N LYS G 1843 36.42 -65.23 60.90
CA LYS G 1843 37.51 -64.32 60.57
C LYS G 1843 38.80 -64.74 61.28
N LEU G 1844 38.68 -65.45 62.39
CA LEU G 1844 39.89 -65.98 63.03
C LEU G 1844 40.36 -67.23 62.31
N VAL G 1845 39.44 -68.08 61.84
CA VAL G 1845 39.84 -69.23 61.01
C VAL G 1845 40.43 -68.74 59.68
N SER G 1846 39.96 -67.60 59.18
CA SER G 1846 40.50 -67.06 57.93
C SER G 1846 41.91 -66.50 58.11
N THR G 1847 42.23 -65.93 59.27
CA THR G 1847 43.52 -65.24 59.37
C THR G 1847 44.65 -66.21 59.72
N LEU G 1848 44.37 -67.26 60.49
CA LEU G 1848 45.43 -68.24 60.73
C LEU G 1848 45.62 -69.17 59.53
N LEU G 1849 44.64 -69.20 58.63
CA LEU G 1849 44.79 -69.94 57.38
C LEU G 1849 45.63 -69.16 56.36
N VAL G 1850 45.51 -67.82 56.36
CA VAL G 1850 46.27 -67.03 55.40
C VAL G 1850 47.71 -66.82 55.89
N MET G 1851 47.98 -66.94 57.19
CA MET G 1851 49.35 -66.95 57.64
C MET G 1851 50.02 -68.28 57.35
N GLY G 1852 49.26 -69.37 57.41
CA GLY G 1852 49.76 -70.63 56.90
C GLY G 1852 50.30 -71.60 57.92
N ILE G 1853 49.60 -71.75 59.05
CA ILE G 1853 50.00 -72.74 60.04
C ILE G 1853 49.23 -74.04 59.88
N PHE G 1854 48.08 -74.02 59.20
CA PHE G 1854 47.20 -75.18 59.16
C PHE G 1854 47.80 -76.29 58.31
N GLY G 1855 47.81 -77.50 58.86
CA GLY G 1855 48.35 -78.64 58.17
C GLY G 1855 47.42 -79.10 57.06
N ASP G 1856 47.87 -80.13 56.34
CA ASP G 1856 47.07 -80.64 55.23
C ASP G 1856 45.82 -81.36 55.73
N GLU G 1857 45.92 -82.07 56.85
CA GLU G 1857 44.75 -82.76 57.38
C GLU G 1857 43.75 -81.78 57.97
N ASP G 1858 44.23 -80.65 58.49
CA ASP G 1858 43.33 -79.65 59.05
C ASP G 1858 42.53 -78.95 57.95
N VAL G 1859 43.16 -78.69 56.80
CA VAL G 1859 42.45 -77.99 55.73
C VAL G 1859 41.51 -78.93 54.99
N LYS G 1860 41.76 -80.26 55.09
CA LYS G 1860 40.74 -81.20 54.63
C LYS G 1860 39.51 -81.19 55.54
N GLN G 1861 39.69 -80.81 56.80
CA GLN G 1861 38.55 -80.78 57.71
C GLN G 1861 37.76 -79.48 57.59
N ILE G 1862 38.42 -78.38 57.21
CA ILE G 1862 37.71 -77.13 56.97
C ILE G 1862 36.84 -77.25 55.72
N LEU G 1863 37.33 -77.96 54.69
CA LEU G 1863 36.54 -78.13 53.47
C LEU G 1863 35.40 -79.12 53.68
N LYS G 1864 35.58 -80.09 54.57
CA LYS G 1864 34.46 -80.96 54.91
C LYS G 1864 33.42 -80.22 55.76
N MET G 1865 33.84 -79.23 56.54
CA MET G 1865 32.88 -78.42 57.27
C MET G 1865 32.22 -77.39 56.37
N ILE G 1866 32.91 -76.96 55.31
CA ILE G 1866 32.29 -76.08 54.33
C ILE G 1866 31.29 -76.86 53.48
N GLU G 1867 31.73 -77.97 52.90
CA GLU G 1867 30.86 -78.83 52.10
C GLU G 1867 31.37 -80.25 52.21
N PRO G 1868 30.68 -81.11 52.97
CA PRO G 1868 31.15 -82.49 53.14
C PRO G 1868 30.84 -83.41 51.97
N GLU G 1869 30.11 -82.94 50.96
CA GLU G 1869 29.75 -83.76 49.81
C GLU G 1869 30.81 -83.67 48.71
N VAL G 1870 31.32 -82.47 48.46
CA VAL G 1870 32.26 -82.25 47.36
C VAL G 1870 33.68 -82.61 47.78
N PHE G 1871 34.07 -82.27 49.00
CA PHE G 1871 35.46 -82.37 49.42
C PHE G 1871 35.79 -83.65 50.18
N THR G 1872 34.95 -84.68 50.11
CA THR G 1872 35.24 -85.94 50.79
C THR G 1872 36.18 -86.77 49.93
N GLU G 1873 37.33 -87.13 50.50
CA GLU G 1873 38.35 -87.89 49.77
C GLU G 1873 37.94 -89.35 49.59
N GLU G 1923 25.95 -84.68 58.45
CA GLU G 1923 25.75 -83.33 58.94
C GLU G 1923 25.47 -82.36 57.80
N GLU G 1924 24.78 -81.27 58.10
CA GLU G 1924 24.52 -80.25 57.10
C GLU G 1924 25.74 -79.37 56.89
N GLY G 1925 26.02 -79.03 55.63
CA GLY G 1925 27.15 -78.20 55.32
C GLY G 1925 26.90 -76.74 55.67
N LEU G 1926 27.99 -75.96 55.61
CA LEU G 1926 27.93 -74.57 56.01
C LEU G 1926 27.30 -73.67 54.93
N LEU G 1927 27.43 -74.04 53.66
CA LEU G 1927 26.87 -73.23 52.57
C LEU G 1927 25.39 -73.49 52.36
N GLN G 1928 24.92 -74.71 52.62
CA GLN G 1928 23.49 -75.00 52.47
C GLN G 1928 22.67 -74.40 53.60
N MET G 1929 23.31 -74.04 54.71
CA MET G 1929 22.60 -73.38 55.80
C MET G 1929 22.32 -71.93 55.43
N LYS G 1930 21.22 -71.40 55.96
CA LYS G 1930 20.91 -69.99 55.75
C LYS G 1930 21.76 -69.12 56.66
N LEU G 1931 22.48 -68.17 56.07
CA LEU G 1931 23.45 -67.32 56.74
C LEU G 1931 23.12 -65.86 56.46
N PRO G 1932 23.34 -64.97 57.44
CA PRO G 1932 23.16 -63.53 57.16
C PRO G 1932 24.35 -62.94 56.41
N GLU G 1933 24.27 -61.65 56.05
CA GLU G 1933 25.20 -61.08 55.08
C GLU G 1933 26.59 -60.86 55.66
N SER G 1934 26.70 -60.78 56.99
CA SER G 1934 28.03 -60.64 57.59
C SER G 1934 28.80 -61.95 57.53
N VAL G 1935 28.10 -63.08 57.69
CA VAL G 1935 28.74 -64.39 57.61
C VAL G 1935 29.10 -64.72 56.17
N LYS G 1936 28.31 -64.22 55.21
CA LYS G 1936 28.59 -64.47 53.80
C LYS G 1936 29.87 -63.77 53.36
N LEU G 1937 30.16 -62.60 53.93
CA LEU G 1937 31.34 -61.84 53.51
C LEU G 1937 32.63 -62.48 54.00
N GLN G 1938 32.60 -63.07 55.20
CA GLN G 1938 33.79 -63.72 55.73
C GLN G 1938 34.07 -65.04 55.04
N MET G 1939 33.05 -65.65 54.40
CA MET G 1939 33.28 -66.86 53.64
C MET G 1939 33.84 -66.61 52.25
N CYS G 1940 33.62 -65.41 51.68
CA CYS G 1940 34.25 -65.10 50.41
C CYS G 1940 35.75 -64.89 50.59
N ASN G 1941 36.16 -64.36 51.75
CA ASN G 1941 37.59 -64.24 52.04
C ASN G 1941 38.21 -65.59 52.33
N LEU G 1942 37.40 -66.56 52.75
CA LEU G 1942 37.91 -67.90 52.97
C LEU G 1942 38.09 -68.64 51.65
N LEU G 1943 37.19 -68.41 50.70
CA LEU G 1943 37.29 -69.08 49.40
C LEU G 1943 38.18 -68.31 48.42
N GLU G 1944 38.48 -67.03 48.70
CA GLU G 1944 39.52 -66.35 47.95
C GLU G 1944 40.89 -66.92 48.26
N TYR G 1945 41.05 -67.55 49.42
CA TYR G 1945 42.31 -68.20 49.75
C TYR G 1945 42.50 -69.48 48.94
N PHE G 1946 41.45 -70.30 48.83
CA PHE G 1946 41.57 -71.59 48.16
C PHE G 1946 41.75 -71.44 46.66
N CYS G 1947 41.20 -70.36 46.08
CA CYS G 1947 41.40 -70.12 44.66
C CYS G 1947 42.79 -69.54 44.40
N ASP G 1948 43.33 -68.77 45.35
CA ASP G 1948 44.71 -68.32 45.22
C ASP G 1948 45.69 -69.46 45.43
N GLN G 1949 45.33 -70.43 46.28
CA GLN G 1949 46.15 -71.63 46.43
C GLN G 1949 46.00 -72.54 45.22
N GLU G 1950 44.82 -72.54 44.58
CA GLU G 1950 44.65 -73.30 43.34
C GLU G 1950 45.39 -72.61 42.20
N LEU G 1951 45.52 -71.28 42.26
CA LEU G 1951 46.29 -70.57 41.26
C LEU G 1951 47.79 -70.75 41.50
N GLN G 1952 48.20 -70.76 42.76
CA GLN G 1952 49.62 -70.93 43.09
C GLN G 1952 50.11 -72.33 42.77
N HIS G 1953 49.25 -73.35 42.97
CA HIS G 1953 49.61 -74.71 42.58
C HIS G 1953 49.69 -74.83 41.06
N ARG G 1954 48.91 -74.02 40.34
CA ARG G 1954 48.93 -74.08 38.88
C ARG G 1954 50.16 -73.37 38.32
N VAL G 1955 50.62 -72.32 38.99
CA VAL G 1955 51.83 -71.63 38.54
C VAL G 1955 53.07 -72.45 38.85
N GLU G 1956 53.09 -73.13 39.99
CA GLU G 1956 54.25 -73.96 40.33
C GLU G 1956 54.32 -75.20 39.47
N SER G 1957 53.17 -75.72 39.02
CA SER G 1957 53.18 -76.86 38.11
C SER G 1957 53.61 -76.45 36.71
N LEU G 1958 53.32 -75.21 36.33
CA LEU G 1958 53.78 -74.71 35.03
C LEU G 1958 55.28 -74.44 35.06
N ALA G 1959 55.80 -74.00 36.21
CA ALA G 1959 57.24 -73.80 36.34
C ALA G 1959 57.98 -75.12 36.55
N ALA G 1960 57.31 -76.11 37.16
CA ALA G 1960 57.92 -77.43 37.29
C ALA G 1960 58.00 -78.12 35.94
N PHE G 1961 57.02 -77.91 35.08
CA PHE G 1961 57.08 -78.46 33.73
C PHE G 1961 58.15 -77.78 32.90
N ALA G 1962 58.42 -76.49 33.17
CA ALA G 1962 59.37 -75.74 32.36
C ALA G 1962 60.80 -76.20 32.61
N GLU G 1963 61.14 -76.52 33.87
CA GLU G 1963 62.47 -77.05 34.16
C GLU G 1963 62.61 -78.50 33.70
N ARG G 1964 61.50 -79.24 33.64
CA ARG G 1964 61.56 -80.57 33.05
C ARG G 1964 61.62 -80.55 31.53
N TYR G 1965 61.35 -79.40 30.91
CA TYR G 1965 61.35 -79.30 29.45
C TYR G 1965 62.66 -78.76 28.89
N VAL G 1966 63.24 -77.74 29.53
CA VAL G 1966 64.41 -77.08 28.97
C VAL G 1966 65.68 -77.88 29.24
N ASP G 1967 65.62 -78.85 30.17
CA ASP G 1967 66.72 -79.79 30.30
C ASP G 1967 66.78 -80.72 29.09
N LYS G 1968 65.62 -80.98 28.49
CA LYS G 1968 65.54 -81.77 27.25
C LYS G 1968 65.72 -80.90 26.02
N LEU G 1969 65.47 -79.59 26.15
CA LEU G 1969 65.49 -78.70 25.00
C LEU G 1969 66.91 -78.28 24.64
N GLN G 1970 67.71 -77.93 25.65
CA GLN G 1970 69.10 -77.55 25.39
C GLN G 1970 69.95 -78.77 25.07
N ALA G 1971 69.51 -79.97 25.46
CA ALA G 1971 70.23 -81.18 25.08
C ALA G 1971 69.97 -81.54 23.63
N ASN G 1972 68.78 -81.21 23.12
CA ASN G 1972 68.45 -81.53 21.73
C ASN G 1972 69.14 -80.59 20.77
N GLN G 1973 69.22 -79.30 21.12
CA GLN G 1973 69.68 -78.29 20.18
C GLN G 1973 71.20 -78.33 20.03
N ARG G 1974 71.92 -78.64 21.11
CA ARG G 1974 73.37 -78.83 21.02
C ARG G 1974 73.69 -80.11 20.26
N SER G 1975 72.82 -81.12 20.35
CA SER G 1975 72.97 -82.31 19.53
C SER G 1975 72.66 -82.00 18.07
N ARG G 1976 71.80 -81.01 17.81
CA ARG G 1976 71.55 -80.60 16.43
C ARG G 1976 72.67 -79.71 15.91
N TYR G 1977 73.36 -79.00 16.79
CA TYR G 1977 74.49 -78.18 16.36
C TYR G 1977 75.71 -79.06 16.07
N ALA G 1978 75.87 -80.14 16.83
CA ALA G 1978 76.98 -81.06 16.61
C ALA G 1978 76.80 -81.83 15.31
N LEU G 1979 75.55 -82.07 14.91
CA LEU G 1979 75.30 -82.64 13.59
C LEU G 1979 75.49 -81.60 12.50
N LEU G 1980 75.26 -80.32 12.80
CA LEU G 1980 75.36 -79.29 11.77
C LEU G 1980 76.82 -78.95 11.49
N MET G 1981 77.69 -79.04 12.50
CA MET G 1981 79.11 -78.79 12.30
C MET G 1981 79.81 -79.94 11.59
N ARG G 1982 79.16 -81.11 11.51
CA ARG G 1982 79.64 -82.24 10.73
C ARG G 1982 78.87 -82.38 9.42
N ALA G 1983 78.17 -81.32 9.03
CA ALA G 1983 77.31 -81.33 7.84
C ALA G 1983 77.97 -80.47 6.77
N PHE G 1984 78.42 -81.11 5.70
CA PHE G 1984 79.13 -80.44 4.61
C PHE G 1984 78.43 -80.65 3.28
N THR G 1985 77.12 -80.97 3.31
CA THR G 1985 76.40 -81.32 2.09
C THR G 1985 75.62 -80.16 1.51
N MET G 1986 75.60 -79.00 2.16
CA MET G 1986 74.89 -77.84 1.66
C MET G 1986 75.59 -76.58 2.13
N SER G 1987 75.49 -75.53 1.32
CA SER G 1987 76.09 -74.23 1.62
C SER G 1987 75.06 -73.12 1.72
N ALA G 1988 74.10 -73.06 0.79
CA ALA G 1988 73.07 -72.02 0.85
C ALA G 1988 72.08 -72.29 1.97
N ALA G 1989 71.79 -73.57 2.24
CA ALA G 1989 70.91 -73.91 3.35
C ALA G 1989 71.65 -74.05 4.67
N GLU G 1990 72.99 -74.03 4.66
CA GLU G 1990 73.76 -74.20 5.89
C GLU G 1990 73.65 -72.95 6.77
N THR G 1991 73.66 -71.77 6.16
CA THR G 1991 73.40 -70.55 6.92
C THR G 1991 71.91 -70.40 7.26
N ALA G 1992 71.04 -71.07 6.52
CA ALA G 1992 69.62 -70.98 6.81
C ALA G 1992 69.26 -71.80 8.03
N ARG G 1993 70.01 -72.87 8.31
CA ARG G 1993 69.83 -73.61 9.53
C ARG G 1993 70.54 -72.95 10.71
N ARG G 1994 71.53 -72.10 10.43
CA ARG G 1994 72.36 -71.49 11.47
C ARG G 1994 71.89 -70.10 11.89
N THR G 1995 70.72 -69.65 11.46
CA THR G 1995 70.21 -68.35 11.90
C THR G 1995 69.79 -68.39 13.38
N ARG G 1996 69.13 -69.46 13.81
CA ARG G 1996 68.67 -69.54 15.19
C ARG G 1996 69.81 -69.94 16.12
N GLU G 1997 70.78 -70.71 15.63
CA GLU G 1997 71.76 -71.33 16.51
C GLU G 1997 72.79 -70.32 17.02
N PHE G 1998 73.35 -69.51 16.14
CA PHE G 1998 74.37 -68.55 16.55
C PHE G 1998 73.92 -67.11 16.38
N ARG G 1999 73.14 -66.82 15.34
CA ARG G 1999 72.82 -65.43 15.04
C ARG G 1999 71.65 -64.91 15.87
N SER G 2000 70.61 -65.71 16.07
CA SER G 2000 69.41 -65.20 16.72
C SER G 2000 69.65 -65.06 18.23
N PRO G 2001 69.11 -64.02 18.87
CA PRO G 2001 69.26 -63.87 20.32
C PRO G 2001 68.50 -64.97 21.05
N PRO G 2002 68.94 -65.32 22.27
CA PRO G 2002 68.38 -66.52 22.93
C PRO G 2002 66.92 -66.39 23.35
N GLN G 2003 66.40 -65.16 23.45
CA GLN G 2003 64.96 -65.01 23.64
C GLN G 2003 64.19 -65.37 22.36
N GLU G 2004 64.74 -65.02 21.20
CA GLU G 2004 64.08 -65.31 19.94
C GLU G 2004 64.16 -66.79 19.57
N GLN G 2005 65.06 -67.54 20.22
CA GLN G 2005 65.12 -68.98 20.00
C GLN G 2005 63.92 -69.68 20.64
N ILE G 2006 63.55 -69.30 21.86
CA ILE G 2006 62.41 -69.92 22.54
C ILE G 2006 61.10 -69.54 21.86
N ASN G 2007 61.00 -68.32 21.34
CA ASN G 2007 59.78 -67.91 20.64
C ASN G 2007 59.65 -68.63 19.30
N MET G 2008 60.77 -68.96 18.66
CA MET G 2008 60.73 -69.67 17.38
C MET G 2008 60.62 -71.19 17.56
N LEU G 2009 61.15 -71.74 18.65
CA LEU G 2009 61.11 -73.18 18.84
C LEU G 2009 59.75 -73.66 19.34
N LEU G 2010 58.95 -72.78 19.96
CA LEU G 2010 57.65 -73.14 20.51
C LEU G 2010 56.51 -72.72 19.59
N HIS G 2011 56.69 -72.85 18.28
CA HIS G 2011 55.70 -72.43 17.29
C HIS G 2011 55.05 -73.60 16.58
N PHE G 2012 55.01 -74.78 17.19
CA PHE G 2012 54.44 -75.95 16.52
C PHE G 2012 52.97 -76.15 16.83
N LYS G 2013 52.14 -75.12 16.70
CA LYS G 2013 50.70 -75.24 16.86
C LYS G 2013 50.02 -74.74 15.60
N ASP G 2014 49.06 -75.51 15.10
CA ASP G 2014 48.29 -75.26 13.88
C ASP G 2014 49.19 -75.14 12.65
N ASP G 2020 59.06 -74.59 10.28
CA ASP G 2020 60.08 -73.65 10.73
C ASP G 2020 60.56 -73.98 12.13
N CYS G 2021 60.17 -75.15 12.62
CA CYS G 2021 60.56 -75.63 13.94
C CYS G 2021 61.39 -76.90 13.78
N PRO G 2022 62.69 -76.88 14.10
CA PRO G 2022 63.53 -78.06 13.88
C PRO G 2022 63.40 -79.15 14.92
N LEU G 2023 62.46 -79.04 15.87
CA LEU G 2023 62.32 -80.08 16.88
C LEU G 2023 61.62 -81.31 16.28
N PRO G 2024 62.07 -82.51 16.62
CA PRO G 2024 61.45 -83.72 16.08
C PRO G 2024 60.14 -84.02 16.81
N GLU G 2025 59.49 -85.10 16.40
CA GLU G 2025 58.16 -85.45 16.91
C GLU G 2025 58.18 -86.11 18.28
N ASP G 2026 59.35 -86.23 18.91
CA ASP G 2026 59.45 -86.83 20.23
C ASP G 2026 59.20 -85.81 21.34
N ILE G 2027 59.65 -84.57 21.14
CA ILE G 2027 59.63 -83.56 22.19
C ILE G 2027 58.67 -82.40 21.89
N ARG G 2028 57.73 -82.58 20.96
CA ARG G 2028 56.73 -81.53 20.73
C ARG G 2028 55.33 -81.93 21.17
N GLN G 2029 55.07 -83.21 21.41
CA GLN G 2029 53.76 -83.65 21.87
C GLN G 2029 53.64 -83.59 23.38
N ASP G 2030 54.77 -83.62 24.10
CA ASP G 2030 54.73 -83.61 25.56
C ASP G 2030 54.27 -82.26 26.11
N LEU G 2031 54.49 -81.19 25.34
CA LEU G 2031 53.98 -79.88 25.76
C LEU G 2031 52.50 -79.74 25.43
N GLN G 2032 52.05 -80.30 24.30
CA GLN G 2032 50.62 -80.31 24.03
C GLN G 2032 49.91 -81.33 24.91
N ASP G 2033 50.62 -82.34 25.40
CA ASP G 2033 50.07 -83.18 26.45
C ASP G 2033 49.96 -82.41 27.76
N PHE G 2034 50.89 -81.46 27.99
CA PHE G 2034 50.78 -80.60 29.16
C PHE G 2034 49.73 -79.51 28.93
N HIS G 2035 49.56 -79.07 27.68
CA HIS G 2035 48.65 -77.97 27.39
C HIS G 2035 47.20 -78.38 27.59
N GLN G 2036 46.82 -79.58 27.10
CA GLN G 2036 45.46 -80.04 27.30
C GLN G 2036 45.24 -80.51 28.74
N ASP G 2037 46.33 -80.80 29.46
CA ASP G 2037 46.20 -81.07 30.89
C ASP G 2037 45.94 -79.79 31.68
N LEU G 2038 46.42 -78.65 31.19
CA LEU G 2038 46.26 -77.40 31.92
C LEU G 2038 44.89 -76.80 31.68
N LEU G 2039 44.36 -76.87 30.46
CA LEU G 2039 43.03 -76.34 30.18
C LEU G 2039 41.95 -77.22 30.79
N ALA G 2040 42.19 -78.52 30.89
CA ALA G 2040 41.26 -79.39 31.61
C ALA G 2040 41.31 -79.16 33.10
N HIS G 2041 42.43 -78.63 33.61
CA HIS G 2041 42.48 -78.21 35.00
C HIS G 2041 41.67 -76.94 35.23
N CYS G 2042 41.53 -76.11 34.20
CA CYS G 2042 40.72 -74.90 34.29
C CYS G 2042 39.27 -75.23 33.91
N GLY G 2043 38.46 -74.18 33.70
CA GLY G 2043 37.06 -74.37 33.38
C GLY G 2043 36.76 -74.77 31.95
N ILE G 2044 37.78 -74.76 31.08
CA ILE G 2044 37.57 -75.13 29.68
C ILE G 2044 37.44 -76.64 29.57
N GLN G 2045 36.40 -77.09 28.86
CA GLN G 2045 36.14 -78.52 28.73
C GLN G 2045 37.12 -79.21 27.78
N LEU G 2046 37.46 -78.56 26.65
CA LEU G 2046 38.47 -79.00 25.69
C LEU G 2046 38.17 -80.39 25.12
N GLU G 2047 36.93 -80.61 24.70
CA GLU G 2047 36.56 -81.90 24.13
C GLU G 2047 36.86 -81.96 22.63
N PRO G 2091 27.55 -80.30 42.66
CA PRO G 2091 28.86 -80.03 42.06
C PRO G 2091 29.91 -81.08 42.41
N GLN G 2092 30.87 -81.28 41.51
CA GLN G 2092 31.96 -82.22 41.74
C GLN G 2092 33.32 -81.54 41.77
N SER G 2093 33.36 -80.21 41.78
CA SER G 2093 34.63 -79.49 41.75
C SER G 2093 34.48 -78.18 42.52
N LEU G 2094 35.59 -77.44 42.60
CA LEU G 2094 35.59 -76.19 43.34
C LEU G 2094 34.88 -75.08 42.58
N GLN G 2095 35.13 -74.96 41.28
CA GLN G 2095 34.55 -73.86 40.50
C GLN G 2095 33.05 -74.07 40.28
N GLU G 2096 32.61 -75.32 40.25
CA GLU G 2096 31.18 -75.59 40.12
C GLU G 2096 30.45 -75.40 41.45
N LEU G 2097 31.18 -75.52 42.56
CA LEU G 2097 30.58 -75.33 43.87
C LEU G 2097 30.41 -73.84 44.17
N VAL G 2098 31.42 -73.04 43.87
CA VAL G 2098 31.41 -71.62 44.21
C VAL G 2098 30.44 -70.86 43.31
N SER G 2099 30.36 -71.25 42.02
CA SER G 2099 29.51 -70.54 41.07
C SER G 2099 28.03 -70.76 41.38
N HIS G 2100 27.65 -71.98 41.74
CA HIS G 2100 26.24 -72.23 42.07
C HIS G 2100 25.89 -71.68 43.44
N MET G 2101 26.90 -71.42 44.28
CA MET G 2101 26.64 -70.86 45.61
C MET G 2101 26.43 -69.35 45.55
N VAL G 2102 27.18 -68.66 44.68
CA VAL G 2102 27.07 -67.20 44.58
C VAL G 2102 25.73 -66.80 43.99
N VAL G 2103 25.25 -67.57 43.01
CA VAL G 2103 23.96 -67.27 42.39
C VAL G 2103 22.81 -67.68 43.33
N ARG G 2104 22.98 -68.76 44.10
CA ARG G 2104 21.93 -69.13 45.06
C ARG G 2104 21.87 -68.13 46.20
N TRP G 2105 23.01 -67.55 46.59
CA TRP G 2105 23.01 -66.42 47.52
C TRP G 2105 22.36 -65.19 46.90
N ALA G 2106 22.46 -65.05 45.58
CA ALA G 2106 21.86 -63.90 44.90
C ALA G 2106 20.37 -64.10 44.63
N GLN G 2107 19.92 -65.34 44.44
CA GLN G 2107 18.50 -65.59 44.24
C GLN G 2107 17.73 -65.68 45.56
N GLU G 2108 18.40 -65.54 46.71
CA GLU G 2108 17.69 -65.60 47.98
C GLU G 2108 16.96 -64.29 48.27
N ASP G 2109 17.70 -63.19 48.36
CA ASP G 2109 17.13 -61.87 48.61
C ASP G 2109 18.06 -60.80 48.08
N TYR G 2110 17.57 -59.56 48.10
CA TYR G 2110 18.34 -58.40 47.65
C TYR G 2110 19.44 -58.09 48.67
N VAL G 2111 20.69 -58.14 48.21
CA VAL G 2111 21.83 -57.76 49.04
C VAL G 2111 21.94 -56.25 49.08
N GLN G 2112 21.80 -55.67 50.27
CA GLN G 2112 21.91 -54.23 50.46
C GLN G 2112 23.29 -53.79 50.96
N SER G 2113 24.23 -54.72 51.08
CA SER G 2113 25.58 -54.39 51.51
C SER G 2113 26.50 -54.37 50.29
N PRO G 2114 27.10 -53.23 49.94
CA PRO G 2114 27.92 -53.19 48.73
C PRO G 2114 29.25 -53.91 48.85
N GLU G 2115 29.72 -54.20 50.07
CA GLU G 2115 30.97 -54.91 50.23
C GLU G 2115 30.86 -56.37 49.81
N LEU G 2116 29.72 -57.00 50.13
CA LEU G 2116 29.55 -58.41 49.81
C LEU G 2116 29.29 -58.64 48.33
N VAL G 2117 28.45 -57.79 47.72
CA VAL G 2117 28.01 -58.04 46.34
C VAL G 2117 29.15 -57.83 45.36
N ARG G 2118 30.08 -56.92 45.68
CA ARG G 2118 31.30 -56.82 44.88
C ARG G 2118 32.23 -57.99 45.15
N ALA G 2119 32.31 -58.44 46.41
CA ALA G 2119 33.12 -59.60 46.75
C ALA G 2119 32.51 -60.88 46.22
N MET G 2120 31.19 -60.88 46.00
CA MET G 2120 30.54 -62.04 45.37
C MET G 2120 30.84 -62.11 43.88
N PHE G 2121 30.75 -60.97 43.18
CA PHE G 2121 30.93 -60.98 41.73
C PHE G 2121 32.41 -61.03 41.34
N SER G 2122 33.28 -60.54 42.22
CA SER G 2122 34.71 -60.71 41.98
C SER G 2122 35.13 -62.16 42.18
N LEU G 2123 34.44 -62.87 43.08
CA LEU G 2123 34.69 -64.30 43.26
C LEU G 2123 34.16 -65.12 42.09
N LEU G 2124 33.00 -64.72 41.55
CA LEU G 2124 32.40 -65.49 40.47
C LEU G 2124 33.15 -65.28 39.15
N HIS G 2125 33.71 -64.07 38.95
CA HIS G 2125 34.49 -63.80 37.75
C HIS G 2125 35.82 -64.53 37.78
N ARG G 2126 36.37 -64.79 38.96
CA ARG G 2126 37.65 -65.48 39.06
C ARG G 2126 37.52 -66.96 38.72
N GLN G 2127 36.33 -67.54 38.92
CA GLN G 2127 36.17 -68.98 38.69
C GLN G 2127 35.95 -69.31 37.22
N TYR G 2128 35.12 -68.51 36.54
CA TYR G 2128 34.84 -68.78 35.14
C TYR G 2128 36.01 -68.36 34.25
N ASP G 2129 36.56 -67.17 34.50
CA ASP G 2129 37.75 -66.70 33.80
C ASP G 2129 38.98 -67.19 34.56
N GLY G 2130 39.29 -68.48 34.38
CA GLY G 2130 40.41 -69.08 35.07
C GLY G 2130 41.70 -68.91 34.29
N LEU G 2131 41.62 -69.04 32.96
CA LEU G 2131 42.81 -68.88 32.14
C LEU G 2131 43.24 -67.42 32.07
N GLY G 2132 42.27 -66.50 32.15
CA GLY G 2132 42.62 -65.09 32.18
C GLY G 2132 43.25 -64.67 33.49
N GLU G 2133 42.87 -65.33 34.58
CA GLU G 2133 43.48 -65.03 35.88
C GLU G 2133 44.91 -65.53 35.96
N LEU G 2134 45.21 -66.60 35.22
CA LEU G 2134 46.56 -67.16 35.22
C LEU G 2134 47.52 -66.31 34.39
N LEU G 2135 47.03 -65.78 33.26
CA LEU G 2135 47.91 -65.01 32.38
C LEU G 2135 48.20 -63.62 32.95
N ARG G 2136 47.29 -63.08 33.75
CA ARG G 2136 47.57 -61.80 34.41
C ARG G 2136 48.46 -61.97 35.64
N ALA G 2137 48.58 -63.20 36.16
CA ALA G 2137 49.39 -63.44 37.34
C ALA G 2137 50.77 -64.03 37.04
N LEU G 2138 50.98 -64.55 35.83
CA LEU G 2138 52.24 -65.17 35.44
C LEU G 2138 53.44 -64.23 35.22
N PRO G 2139 53.29 -62.97 34.73
CA PRO G 2139 54.46 -62.08 34.73
C PRO G 2139 54.95 -61.67 36.11
N ARG G 2140 54.14 -61.82 37.16
CA ARG G 2140 54.62 -61.66 38.53
C ARG G 2140 55.11 -62.98 39.11
N ALA G 2141 55.42 -63.97 38.26
CA ALA G 2141 55.91 -65.26 38.69
C ALA G 2141 57.33 -65.44 38.14
N TYR G 2142 58.28 -65.68 39.04
CA TYR G 2142 59.69 -65.77 38.70
C TYR G 2142 60.24 -67.14 39.11
N THR G 2143 61.48 -67.38 38.71
CA THR G 2143 62.18 -68.61 39.00
C THR G 2143 63.66 -68.32 39.18
N ILE G 2144 64.20 -68.66 40.36
CA ILE G 2144 65.60 -68.42 40.68
C ILE G 2144 66.30 -69.77 40.90
N SER G 2145 67.62 -69.70 41.01
CA SER G 2145 68.45 -70.85 41.31
C SER G 2145 68.36 -71.18 42.81
N PRO G 2146 68.43 -72.46 43.18
CA PRO G 2146 68.32 -72.83 44.60
C PRO G 2146 69.53 -72.47 45.45
N SER G 2147 70.62 -71.99 44.85
CA SER G 2147 71.77 -71.50 45.60
C SER G 2147 71.63 -70.05 46.02
N SER G 2148 70.50 -69.41 45.74
CA SER G 2148 70.27 -68.02 46.10
C SER G 2148 69.13 -67.84 47.10
N VAL G 2149 68.64 -68.94 47.69
CA VAL G 2149 67.51 -68.85 48.62
C VAL G 2149 67.94 -68.26 49.96
N GLU G 2150 69.22 -68.38 50.32
CA GLU G 2150 69.67 -67.85 51.60
C GLU G 2150 69.74 -66.34 51.60
N ASP G 2151 69.83 -65.71 50.43
CA ASP G 2151 69.82 -64.26 50.34
C ASP G 2151 68.50 -63.69 49.81
N THR G 2152 67.66 -64.52 49.17
CA THR G 2152 66.42 -64.01 48.61
C THR G 2152 65.36 -63.81 49.70
N MET G 2153 65.28 -64.75 50.66
CA MET G 2153 64.38 -64.57 51.79
C MET G 2153 64.89 -63.50 52.74
N SER G 2154 66.20 -63.25 52.73
CA SER G 2154 66.73 -62.09 53.45
C SER G 2154 66.32 -60.80 52.77
N LEU G 2155 66.10 -60.84 51.45
CA LEU G 2155 65.61 -59.67 50.72
C LEU G 2155 64.12 -59.47 50.95
N LEU G 2156 63.35 -60.56 51.02
CA LEU G 2156 61.91 -60.43 51.21
C LEU G 2156 61.55 -60.13 52.66
N GLU G 2157 62.44 -60.47 53.60
CA GLU G 2157 62.23 -60.01 54.98
C GLU G 2157 62.47 -58.51 55.09
N CYS G 2158 63.37 -57.98 54.27
CA CYS G 2158 63.71 -56.57 54.33
C CYS G 2158 62.81 -55.71 53.45
N LEU G 2159 62.27 -56.27 52.36
CA LEU G 2159 61.25 -55.56 51.61
C LEU G 2159 59.93 -55.55 52.36
N GLY G 2160 59.65 -56.61 53.12
CA GLY G 2160 58.46 -56.62 53.97
C GLY G 2160 58.58 -55.65 55.14
N GLN G 2161 59.80 -55.25 55.49
CA GLN G 2161 60.01 -54.19 56.47
C GLN G 2161 59.51 -52.86 55.94
N ILE G 2162 59.72 -52.61 54.65
CA ILE G 2162 59.37 -51.31 54.08
C ILE G 2162 57.86 -51.20 53.84
N ARG G 2163 57.24 -52.28 53.36
CA ARG G 2163 55.80 -52.25 53.13
C ARG G 2163 55.01 -52.27 54.43
N SER G 2164 55.61 -52.76 55.51
CA SER G 2164 55.01 -52.59 56.83
C SER G 2164 55.25 -51.18 57.37
N LEU G 2165 56.25 -50.47 56.83
CA LEU G 2165 56.46 -49.09 57.21
C LEU G 2165 55.71 -48.10 56.32
N LEU G 2166 55.11 -48.58 55.22
CA LEU G 2166 54.36 -47.68 54.34
C LEU G 2166 53.01 -47.31 54.95
N ILE G 2167 52.43 -48.22 55.74
CA ILE G 2167 51.10 -48.01 56.31
C ILE G 2167 51.10 -47.07 57.51
N VAL G 2168 52.27 -46.74 58.06
CA VAL G 2168 52.37 -45.79 59.16
C VAL G 2168 53.07 -44.52 58.67
N GLN G 2169 52.70 -43.39 59.25
CA GLN G 2169 53.31 -42.11 58.92
C GLN G 2169 54.71 -42.03 59.51
N MET G 2170 55.62 -41.39 58.79
CA MET G 2170 57.03 -41.37 59.15
C MET G 2170 57.28 -40.52 60.40
N GLY G 2171 58.20 -40.99 61.24
CA GLY G 2171 58.62 -40.25 62.41
C GLY G 2171 60.13 -40.18 62.50
N PRO G 2172 60.65 -39.81 63.69
CA PRO G 2172 62.11 -39.65 63.83
C PRO G 2172 62.87 -40.97 63.91
N GLN G 2173 62.23 -42.07 64.26
CA GLN G 2173 62.91 -43.35 64.40
C GLN G 2173 62.66 -44.29 63.23
N GLU G 2174 61.46 -44.22 62.62
CA GLU G 2174 61.18 -45.05 61.45
C GLU G 2174 61.95 -44.60 60.21
N GLU G 2175 62.55 -43.41 60.23
CA GLU G 2175 63.40 -42.96 59.14
C GLU G 2175 64.68 -43.77 59.06
N ASN G 2176 65.33 -44.00 60.20
CA ASN G 2176 66.62 -44.69 60.20
C ASN G 2176 66.47 -46.18 59.93
N LEU G 2177 65.29 -46.74 60.23
CA LEU G 2177 65.00 -48.11 59.85
C LEU G 2177 64.82 -48.24 58.34
N MET G 2178 64.37 -47.16 57.69
CA MET G 2178 64.24 -47.17 56.24
C MET G 2178 65.61 -47.07 55.57
N ILE G 2179 66.53 -46.31 56.17
CA ILE G 2179 67.87 -46.15 55.61
C ILE G 2179 68.64 -47.47 55.70
N GLN G 2180 68.51 -48.16 56.83
CA GLN G 2180 69.21 -49.44 57.00
C GLN G 2180 68.58 -50.51 56.11
N SER G 2181 67.27 -50.38 55.84
CA SER G 2181 66.60 -51.35 54.97
C SER G 2181 67.04 -51.20 53.52
N ILE G 2182 66.99 -49.98 52.97
CA ILE G 2182 67.47 -49.77 51.61
C ILE G 2182 68.99 -49.92 51.53
N GLY G 2183 69.68 -49.64 52.65
CA GLY G 2183 71.09 -49.92 52.76
C GLY G 2183 71.45 -51.39 52.79
N ASN G 2184 70.46 -52.28 52.98
CA ASN G 2184 70.74 -53.71 52.92
C ASN G 2184 70.32 -54.32 51.58
N ILE G 2185 69.35 -53.71 50.88
CA ILE G 2185 68.95 -54.17 49.54
C ILE G 2185 70.04 -53.94 48.51
N MET G 2186 70.95 -53.00 48.76
CA MET G 2186 71.98 -52.66 47.80
C MET G 2186 73.29 -53.41 48.04
N ASN G 2187 73.32 -54.36 48.98
CA ASN G 2187 74.44 -55.29 49.09
C ASN G 2187 73.92 -56.68 49.47
N ASN G 2188 72.87 -57.13 48.79
CA ASN G 2188 72.30 -58.46 49.03
C ASN G 2188 72.62 -59.39 47.86
N LYS G 2189 73.24 -58.85 46.80
CA LYS G 2189 73.82 -59.51 45.62
C LYS G 2189 72.77 -60.18 44.74
N VAL G 2190 71.51 -60.16 45.15
CA VAL G 2190 70.39 -60.65 44.34
C VAL G 2190 69.81 -59.49 43.53
N PHE G 2191 69.97 -58.27 44.04
CA PHE G 2191 69.57 -57.04 43.36
C PHE G 2191 70.30 -56.81 42.04
N TYR G 2192 71.45 -57.45 41.84
CA TYR G 2192 72.29 -57.21 40.66
C TYR G 2192 72.29 -58.33 39.64
N GLN G 2193 72.15 -59.59 40.03
CA GLN G 2193 72.20 -60.67 39.04
C GLN G 2193 70.84 -60.93 38.40
N HIS G 2194 69.75 -60.64 39.10
CA HIS G 2194 68.39 -60.77 38.57
C HIS G 2194 67.71 -59.41 38.63
N PRO G 2195 67.85 -58.59 37.58
CA PRO G 2195 67.22 -57.26 37.62
C PRO G 2195 65.73 -57.28 37.33
N ASN G 2196 65.22 -58.31 36.66
CA ASN G 2196 63.82 -58.36 36.26
C ASN G 2196 62.88 -58.74 37.39
N LEU G 2197 63.41 -59.29 38.50
CA LEU G 2197 62.60 -59.68 39.65
C LEU G 2197 62.36 -58.53 40.63
N MET G 2198 63.34 -57.63 40.79
CA MET G 2198 63.13 -56.45 41.63
C MET G 2198 62.04 -55.56 41.06
N ARG G 2199 61.96 -55.46 39.74
CA ARG G 2199 60.90 -54.71 39.07
C ARG G 2199 59.54 -55.40 39.19
N ALA G 2200 59.52 -56.73 39.30
CA ALA G 2200 58.26 -57.45 39.41
C ALA G 2200 57.72 -57.44 40.83
N LEU G 2201 58.57 -57.21 41.83
CA LEU G 2201 58.14 -57.21 43.22
C LEU G 2201 57.51 -55.89 43.64
N GLY G 2202 57.55 -54.86 42.80
CA GLY G 2202 57.14 -53.54 43.22
C GLY G 2202 58.14 -52.84 44.11
N MET G 2203 59.43 -53.05 43.87
CA MET G 2203 60.47 -52.41 44.68
C MET G 2203 60.55 -50.93 44.38
N HIS G 2204 60.54 -50.57 43.10
CA HIS G 2204 60.66 -49.17 42.69
C HIS G 2204 59.42 -48.36 43.05
N GLU G 2205 58.26 -49.01 43.12
CA GLU G 2205 57.06 -48.29 43.51
C GLU G 2205 57.04 -48.04 45.02
N THR G 2206 57.62 -48.94 45.81
CA THR G 2206 57.61 -48.73 47.26
C THR G 2206 58.57 -47.62 47.67
N VAL G 2207 59.57 -47.33 46.85
CA VAL G 2207 60.50 -46.26 47.16
C VAL G 2207 59.94 -44.91 46.71
N MET G 2208 59.13 -44.89 45.65
CA MET G 2208 58.66 -43.59 45.17
C MET G 2208 57.48 -43.06 45.98
N GLU G 2209 56.59 -43.92 46.46
CA GLU G 2209 55.51 -43.44 47.34
C GLU G 2209 56.01 -42.93 48.69
N VAL G 2210 57.18 -43.37 49.16
CA VAL G 2210 57.72 -42.72 50.34
C VAL G 2210 58.36 -41.38 49.95
N MET G 2211 58.78 -41.23 48.69
CA MET G 2211 59.24 -39.93 48.23
C MET G 2211 58.06 -39.01 47.89
N VAL G 2212 56.89 -39.57 47.59
CA VAL G 2212 55.70 -38.75 47.41
C VAL G 2212 55.25 -38.16 48.74
N ASN G 2213 55.22 -38.99 49.79
CA ASN G 2213 54.67 -38.56 51.06
C ASN G 2213 55.59 -37.57 51.79
N VAL G 2214 56.89 -37.62 51.52
CA VAL G 2214 57.82 -36.74 52.22
C VAL G 2214 58.01 -35.42 51.45
N LEU G 2215 58.17 -35.51 50.12
CA LEU G 2215 58.22 -34.28 49.31
C LEU G 2215 56.88 -33.55 49.27
N GLY G 2216 55.77 -34.25 49.52
CA GLY G 2216 54.47 -33.62 49.55
C GLY G 2216 53.70 -33.71 48.25
N GLU G 2222 58.27 -27.37 52.49
CA GLU G 2222 59.65 -27.72 52.82
C GLU G 2222 59.77 -29.22 53.07
N ILE G 2223 61.00 -29.70 53.17
CA ILE G 2223 61.27 -31.11 53.38
C ILE G 2223 61.60 -31.31 54.86
N ARG G 2224 61.17 -32.44 55.43
CA ARG G 2224 61.34 -32.71 56.85
C ARG G 2224 62.48 -33.67 57.13
N PHE G 2225 62.67 -34.69 56.29
CA PHE G 2225 63.70 -35.70 56.50
C PHE G 2225 64.62 -35.70 55.28
N PRO G 2226 65.72 -34.94 55.32
CA PRO G 2226 66.61 -34.89 54.16
C PRO G 2226 67.49 -36.13 54.02
N LYS G 2227 67.77 -36.80 55.13
CA LYS G 2227 68.56 -38.03 55.08
C LYS G 2227 67.75 -39.16 54.46
N MET G 2228 66.42 -39.09 54.57
CA MET G 2228 65.58 -40.13 54.01
C MET G 2228 65.44 -39.96 52.50
N VAL G 2229 65.32 -38.71 52.04
CA VAL G 2229 64.99 -38.48 50.64
C VAL G 2229 66.21 -38.66 49.74
N THR G 2230 67.43 -38.50 50.29
CA THR G 2230 68.63 -38.70 49.47
C THR G 2230 68.95 -40.17 49.27
N SER G 2231 68.69 -41.00 50.30
CA SER G 2231 69.00 -42.42 50.18
C SER G 2231 68.02 -43.12 49.26
N CYS G 2232 66.81 -42.59 49.15
CA CYS G 2232 65.82 -43.16 48.23
C CYS G 2232 66.11 -42.80 46.78
N CYS G 2233 66.48 -41.54 46.51
CA CYS G 2233 66.74 -41.18 45.13
C CYS G 2233 68.07 -41.77 44.67
N ARG G 2234 69.02 -41.93 45.60
CA ARG G 2234 70.25 -42.65 45.28
C ARG G 2234 69.97 -44.10 44.95
N PHE G 2235 68.94 -44.68 45.56
CA PHE G 2235 68.57 -46.05 45.26
C PHE G 2235 67.97 -46.16 43.86
N LEU G 2236 67.18 -45.16 43.45
CA LEU G 2236 66.60 -45.19 42.11
C LEU G 2236 67.61 -44.77 41.04
N CYS G 2237 68.65 -44.01 41.39
CA CYS G 2237 69.70 -43.72 40.42
C CYS G 2237 70.52 -44.96 40.11
N TYR G 2238 70.90 -45.73 41.13
CA TYR G 2238 71.62 -46.96 40.87
C TYR G 2238 70.71 -48.09 40.41
N PHE G 2239 69.39 -47.94 40.56
CA PHE G 2239 68.47 -48.95 40.02
C PHE G 2239 68.33 -48.85 38.51
N CYS G 2240 68.44 -47.65 37.94
CA CYS G 2240 68.30 -47.45 36.50
C CYS G 2240 69.58 -47.74 35.73
N ARG G 2241 70.63 -48.21 36.37
CA ARG G 2241 71.84 -48.63 35.66
C ARG G 2241 72.18 -50.10 35.83
N ILE G 2242 71.27 -50.90 36.39
CA ILE G 2242 71.54 -52.34 36.43
C ILE G 2242 71.11 -53.00 35.13
N SER G 2243 70.01 -52.55 34.55
CA SER G 2243 69.51 -53.00 33.26
C SER G 2243 68.72 -51.86 32.64
N ARG G 2244 68.48 -51.98 31.34
CA ARG G 2244 67.90 -50.86 30.60
C ARG G 2244 66.38 -50.82 30.76
N GLN G 2245 65.73 -51.96 30.95
CA GLN G 2245 64.29 -51.98 31.18
C GLN G 2245 63.92 -51.55 32.59
N ASN G 2246 64.88 -51.53 33.52
CA ASN G 2246 64.63 -50.92 34.83
C ASN G 2246 64.53 -49.41 34.70
N GLN G 2247 65.21 -48.83 33.71
CA GLN G 2247 65.16 -47.40 33.41
C GLN G 2247 63.88 -46.99 32.70
N ARG G 2248 63.21 -47.92 32.01
CA ARG G 2248 62.04 -47.56 31.22
C ARG G 2248 60.79 -47.47 32.10
N SER G 2249 60.74 -48.25 33.18
CA SER G 2249 59.67 -48.13 34.16
C SER G 2249 59.79 -46.83 34.97
N MET G 2250 60.98 -46.23 35.00
CA MET G 2250 61.17 -44.94 35.64
C MET G 2250 60.87 -43.77 34.72
N PHE G 2251 60.81 -44.00 33.41
CA PHE G 2251 60.60 -42.89 32.48
C PHE G 2251 59.14 -42.45 32.49
N ASP G 2252 58.23 -43.32 32.93
CA ASP G 2252 56.82 -42.98 33.08
C ASP G 2252 56.58 -42.01 34.24
N HIS G 2253 57.52 -41.91 35.17
CA HIS G 2253 57.35 -41.15 36.39
C HIS G 2253 58.00 -39.78 36.32
N LEU G 2254 58.38 -39.33 35.13
CA LEU G 2254 59.29 -38.20 35.01
C LEU G 2254 58.56 -36.87 35.21
N SER G 2255 57.25 -36.86 34.97
CA SER G 2255 56.46 -35.64 35.16
C SER G 2255 56.39 -35.25 36.63
N TYR G 2256 56.41 -36.24 37.53
CA TYR G 2256 56.48 -35.94 38.94
C TYR G 2256 57.92 -35.80 39.41
N LEU G 2257 58.85 -36.52 38.77
CA LEU G 2257 60.24 -36.49 39.20
C LEU G 2257 60.94 -35.21 38.79
N LEU G 2258 60.38 -34.50 37.80
CA LEU G 2258 60.92 -33.21 37.39
C LEU G 2258 60.12 -32.03 37.93
N GLU G 2259 58.94 -32.28 38.50
CA GLU G 2259 58.15 -31.18 39.05
C GLU G 2259 58.68 -30.74 40.40
N ASN G 2260 59.20 -31.68 41.21
CA ASN G 2260 59.71 -31.38 42.54
C ASN G 2260 61.24 -31.27 42.58
N SER G 2261 61.87 -31.02 41.44
CA SER G 2261 63.32 -30.86 41.44
C SER G 2261 63.73 -29.49 41.99
N GLY G 2262 62.91 -28.48 41.75
CA GLY G 2262 63.19 -27.14 42.24
C GLY G 2262 62.47 -26.82 43.54
N MET G 2267 68.54 -29.19 47.47
CA MET G 2267 69.06 -29.42 48.82
C MET G 2267 70.32 -30.27 48.79
N GLN G 2268 70.96 -30.43 49.95
CA GLN G 2268 72.30 -31.02 50.02
C GLN G 2268 72.26 -32.51 49.76
N GLY G 2269 73.25 -32.99 49.02
CA GLY G 2269 73.34 -34.40 48.66
C GLY G 2269 72.70 -34.70 47.32
N SER G 2270 71.99 -35.82 47.24
CA SER G 2270 71.32 -36.17 46.00
C SER G 2270 69.93 -35.56 45.95
N THR G 2271 69.44 -35.35 44.74
CA THR G 2271 68.22 -34.62 44.45
C THR G 2271 67.47 -35.39 43.35
N PRO G 2272 66.11 -35.35 43.34
CA PRO G 2272 65.35 -36.15 42.36
C PRO G 2272 65.59 -35.82 40.88
N LEU G 2273 66.26 -34.71 40.59
CA LEU G 2273 66.72 -34.45 39.23
C LEU G 2273 67.81 -35.44 38.82
N ASP G 2274 68.56 -35.98 39.78
CA ASP G 2274 69.54 -37.01 39.45
C ASP G 2274 68.85 -38.31 39.01
N VAL G 2275 67.67 -38.58 39.55
CA VAL G 2275 66.85 -39.68 39.01
C VAL G 2275 66.35 -39.30 37.63
N ALA G 2276 66.02 -38.03 37.42
CA ALA G 2276 65.59 -37.55 36.11
C ALA G 2276 66.73 -37.58 35.10
N ALA G 2277 67.96 -37.36 35.57
CA ALA G 2277 69.11 -37.44 34.68
C ALA G 2277 69.49 -38.89 34.41
N ALA G 2278 69.33 -39.77 35.39
CA ALA G 2278 69.68 -41.17 35.22
C ALA G 2278 68.64 -41.95 34.43
N SER G 2279 67.45 -41.37 34.22
CA SER G 2279 66.41 -42.06 33.46
C SER G 2279 66.57 -41.87 31.96
N VAL G 2280 67.40 -40.92 31.52
CA VAL G 2280 67.51 -40.62 30.10
C VAL G 2280 68.95 -40.71 29.60
N ILE G 2281 69.85 -41.33 30.37
CA ILE G 2281 71.26 -41.36 30.03
C ILE G 2281 71.58 -42.66 29.30
N ASP G 2282 72.36 -42.54 28.21
CA ASP G 2282 72.93 -43.66 27.46
C ASP G 2282 71.87 -44.59 26.86
N ASN G 2283 70.70 -44.05 26.55
CA ASN G 2283 69.67 -44.84 25.89
C ASN G 2283 68.92 -43.94 24.91
N ASN G 2284 69.02 -44.28 23.62
CA ASN G 2284 68.46 -43.43 22.58
C ASN G 2284 66.96 -43.60 22.43
N GLU G 2285 66.40 -44.68 22.98
CA GLU G 2285 64.97 -44.92 22.86
C GLU G 2285 64.17 -43.98 23.76
N LEU G 2286 64.58 -43.86 25.03
CA LEU G 2286 63.88 -42.97 25.95
C LEU G 2286 64.22 -41.50 25.68
N ALA G 2287 65.38 -41.24 25.05
CA ALA G 2287 65.74 -39.86 24.74
C ALA G 2287 64.93 -39.33 23.57
N LEU G 2288 64.69 -40.17 22.56
CA LEU G 2288 63.94 -39.75 21.38
C LEU G 2288 62.43 -39.75 21.62
N ALA G 2289 61.96 -40.47 22.63
CA ALA G 2289 60.53 -40.52 22.97
C ALA G 2289 60.16 -39.54 24.07
N LEU G 2290 61.08 -38.65 24.43
CA LEU G 2290 60.82 -37.64 25.43
C LEU G 2290 59.95 -36.52 24.86
N GLN G 2291 58.93 -36.12 25.60
CA GLN G 2291 58.02 -35.08 25.14
C GLN G 2291 58.66 -33.70 25.31
N GLU G 2292 58.02 -32.70 24.72
CA GLU G 2292 58.43 -31.32 24.93
C GLU G 2292 57.92 -30.75 26.25
N GLN G 2293 56.87 -31.34 26.83
CA GLN G 2293 56.27 -30.81 28.05
C GLN G 2293 57.17 -31.00 29.27
N ASP G 2294 58.04 -32.02 29.26
CA ASP G 2294 59.03 -32.15 30.32
C ASP G 2294 60.21 -31.21 30.12
N LEU G 2295 60.36 -30.66 28.90
CA LEU G 2295 61.48 -29.78 28.60
C LEU G 2295 61.18 -28.30 28.87
N GLU G 2296 59.92 -27.89 28.85
CA GLU G 2296 59.60 -26.50 29.16
C GLU G 2296 59.65 -26.25 30.66
N LYS G 2297 59.56 -27.29 31.47
CA LYS G 2297 59.68 -27.11 32.91
C LYS G 2297 61.11 -26.83 33.33
N VAL G 2298 62.09 -27.39 32.61
CA VAL G 2298 63.49 -27.18 32.97
C VAL G 2298 63.93 -25.76 32.63
N VAL G 2299 63.48 -25.24 31.49
CA VAL G 2299 63.90 -23.90 31.08
C VAL G 2299 63.14 -22.83 31.85
N SER G 2300 61.99 -23.16 32.44
CA SER G 2300 61.32 -22.20 33.31
C SER G 2300 61.95 -22.21 34.70
N TYR G 2301 62.47 -23.36 35.12
CA TYR G 2301 63.28 -23.39 36.34
C TYR G 2301 64.59 -22.65 36.15
N LEU G 2302 65.14 -22.71 34.94
CA LEU G 2302 66.38 -22.01 34.66
C LEU G 2302 66.14 -20.52 34.46
N ALA G 2303 64.95 -20.15 33.99
CA ALA G 2303 64.59 -18.74 33.91
C ALA G 2303 64.29 -18.13 35.27
N GLY G 2304 64.10 -18.95 36.29
CA GLY G 2304 63.94 -18.45 37.65
C GLY G 2304 65.26 -18.13 38.32
N CYS G 2305 66.33 -18.81 37.92
CA CYS G 2305 67.61 -18.61 38.58
C CYS G 2305 68.31 -17.32 38.14
N GLY G 2306 67.89 -16.71 37.03
CA GLY G 2306 68.57 -15.53 36.52
C GLY G 2306 68.17 -14.22 37.16
N LEU G 2307 66.96 -14.15 37.74
CA LEU G 2307 66.49 -12.91 38.35
C LEU G 2307 66.61 -12.93 39.87
N GLN G 2308 66.26 -14.04 40.51
CA GLN G 2308 66.43 -14.17 41.95
C GLN G 2308 67.60 -15.10 42.29
N SER G 2309 68.21 -14.82 43.43
CA SER G 2309 69.42 -15.50 43.87
C SER G 2309 69.08 -16.75 44.67
N CYS G 2310 70.09 -17.30 45.33
CA CYS G 2310 69.92 -18.51 46.13
C CYS G 2310 69.36 -18.15 47.50
N PRO G 2311 68.29 -18.81 47.94
CA PRO G 2311 67.82 -18.59 49.32
C PRO G 2311 68.74 -19.20 50.35
N MET G 2312 69.51 -20.23 49.98
CA MET G 2312 70.44 -20.85 50.93
C MET G 2312 71.71 -20.04 51.08
N LEU G 2313 72.07 -19.25 50.07
CA LEU G 2313 73.34 -18.53 50.13
C LEU G 2313 73.21 -17.24 50.93
N LEU G 2314 72.17 -16.46 50.69
CA LEU G 2314 72.02 -15.18 51.37
C LEU G 2314 71.61 -15.36 52.82
N ALA G 2315 71.01 -16.50 53.17
CA ALA G 2315 70.71 -16.79 54.56
C ALA G 2315 71.96 -17.24 55.31
N LYS G 2316 72.95 -17.78 54.61
CA LYS G 2316 74.18 -18.22 55.26
C LYS G 2316 75.18 -17.08 55.46
N GLY G 2317 75.04 -15.98 54.73
CA GLY G 2317 75.93 -14.85 54.85
C GLY G 2317 76.77 -14.53 53.62
N TYR G 2318 76.40 -15.05 52.45
CA TYR G 2318 77.16 -14.76 51.23
C TYR G 2318 76.82 -13.36 50.72
N PRO G 2319 77.73 -12.74 49.97
CA PRO G 2319 77.41 -11.42 49.38
C PRO G 2319 76.31 -11.52 48.34
N ASP G 2320 75.62 -10.39 48.14
CA ASP G 2320 74.44 -10.37 47.29
C ASP G 2320 74.84 -10.34 45.81
N ILE G 2321 74.37 -11.33 45.06
CA ILE G 2321 74.55 -11.38 43.61
C ILE G 2321 73.17 -11.60 43.00
N GLY G 2322 72.92 -10.93 41.87
CA GLY G 2322 71.56 -10.86 41.32
C GLY G 2322 71.04 -12.13 40.68
N TRP G 2323 71.88 -13.16 40.54
CA TRP G 2323 71.44 -14.39 39.89
C TRP G 2323 72.05 -15.60 40.58
N ASN G 2324 71.51 -16.78 40.23
CA ASN G 2324 71.87 -18.06 40.83
C ASN G 2324 72.76 -18.86 39.90
N PRO G 2325 74.08 -18.91 40.11
CA PRO G 2325 74.94 -19.74 39.26
C PRO G 2325 74.90 -21.22 39.60
N CYS G 2326 74.96 -21.55 40.89
CA CYS G 2326 75.08 -22.95 41.29
C CYS G 2326 73.75 -23.68 41.19
N GLY G 2327 72.63 -22.96 41.30
CA GLY G 2327 71.33 -23.60 41.18
C GLY G 2327 70.99 -23.97 39.75
N GLY G 2328 71.22 -23.03 38.82
CA GLY G 2328 70.91 -23.28 37.42
C GLY G 2328 71.87 -24.20 36.71
N GLU G 2329 73.04 -24.45 37.30
CA GLU G 2329 73.98 -25.41 36.72
C GLU G 2329 73.47 -26.84 36.86
N ARG G 2330 72.59 -27.10 37.83
CA ARG G 2330 72.00 -28.42 37.97
C ARG G 2330 70.97 -28.70 36.88
N TYR G 2331 70.38 -27.65 36.32
CA TYR G 2331 69.45 -27.87 35.21
C TYR G 2331 70.16 -27.90 33.87
N LEU G 2332 71.33 -27.27 33.76
CA LEU G 2332 72.06 -27.30 32.49
C LEU G 2332 72.79 -28.63 32.28
N ASP G 2333 73.31 -29.26 33.34
CA ASP G 2333 73.98 -30.54 33.11
C ASP G 2333 72.96 -31.68 32.98
N PHE G 2334 71.70 -31.41 33.36
CA PHE G 2334 70.61 -32.33 33.04
C PHE G 2334 70.36 -32.38 31.54
N LEU G 2335 70.46 -31.24 30.86
CA LEU G 2335 70.05 -31.17 29.46
C LEU G 2335 71.16 -31.57 28.49
N ARG G 2336 72.40 -31.73 28.96
CA ARG G 2336 73.39 -32.37 28.11
C ARG G 2336 73.11 -33.85 27.92
N PHE G 2337 72.45 -34.48 28.87
CA PHE G 2337 72.17 -35.91 28.79
C PHE G 2337 71.04 -36.22 27.82
N ALA G 2338 70.18 -35.24 27.52
CA ALA G 2338 69.07 -35.46 26.62
C ALA G 2338 69.46 -35.18 25.17
N VAL G 2339 70.30 -34.17 24.94
CA VAL G 2339 70.65 -33.76 23.58
C VAL G 2339 71.88 -34.46 23.04
N PHE G 2340 72.57 -35.25 23.87
CA PHE G 2340 73.79 -35.94 23.51
C PHE G 2340 73.74 -37.33 24.12
N VAL G 2341 73.58 -38.35 23.27
CA VAL G 2341 73.48 -39.74 23.71
C VAL G 2341 74.50 -40.60 22.95
N ASN G 2342 75.37 -41.28 23.72
CA ASN G 2342 76.41 -42.18 23.20
C ASN G 2342 77.35 -41.50 22.20
N GLY G 2343 77.65 -40.21 22.41
CA GLY G 2343 78.56 -39.50 21.54
C GLY G 2343 77.98 -39.06 20.22
N GLU G 2344 76.67 -39.20 20.00
CA GLU G 2344 76.01 -38.71 18.80
C GLU G 2344 74.82 -37.88 19.20
N SER G 2345 74.73 -36.66 18.66
CA SER G 2345 73.65 -35.74 19.01
C SER G 2345 72.39 -36.07 18.23
N VAL G 2346 71.27 -36.12 18.94
CA VAL G 2346 69.95 -36.29 18.32
C VAL G 2346 69.53 -34.99 17.65
N GLU G 2347 68.65 -35.09 16.67
CA GLU G 2347 68.22 -33.91 15.93
C GLU G 2347 66.87 -33.39 16.42
N GLU G 2348 66.00 -34.27 16.91
CA GLU G 2348 64.66 -33.85 17.32
C GLU G 2348 64.69 -33.12 18.65
N ASN G 2349 65.49 -33.62 19.60
CA ASN G 2349 65.54 -32.99 20.92
C ASN G 2349 66.41 -31.74 20.90
N ALA G 2350 67.44 -31.71 20.04
CA ALA G 2350 68.27 -30.51 19.93
C ALA G 2350 67.53 -29.39 19.21
N ASN G 2351 66.60 -29.73 18.32
CA ASN G 2351 65.85 -28.68 17.63
C ASN G 2351 64.85 -28.02 18.56
N VAL G 2352 64.32 -28.78 19.52
CA VAL G 2352 63.26 -28.25 20.36
C VAL G 2352 63.83 -27.55 21.61
N VAL G 2353 65.08 -27.87 21.99
CA VAL G 2353 65.67 -27.21 23.15
C VAL G 2353 66.32 -25.88 22.75
N VAL G 2354 66.84 -25.78 21.52
CA VAL G 2354 67.36 -24.50 21.06
C VAL G 2354 66.20 -23.54 20.77
N ARG G 2355 65.08 -24.05 20.23
CA ARG G 2355 63.89 -23.23 19.97
C ARG G 2355 63.27 -22.67 21.25
N LEU G 2356 63.46 -23.37 22.36
CA LEU G 2356 62.85 -23.01 23.64
C LEU G 2356 63.73 -22.08 24.45
N LEU G 2357 65.05 -22.16 24.27
CA LEU G 2357 65.98 -21.39 25.09
C LEU G 2357 66.12 -19.95 24.61
N ILE G 2358 65.92 -19.71 23.31
CA ILE G 2358 66.18 -18.40 22.73
C ILE G 2358 65.00 -17.45 22.83
N ARG G 2359 63.81 -17.95 23.21
CA ARG G 2359 62.69 -17.05 23.42
C ARG G 2359 62.77 -16.40 24.79
N LYS G 2360 63.44 -17.05 25.74
CA LYS G 2360 63.63 -16.52 27.08
C LYS G 2360 65.08 -16.10 27.24
N PRO G 2361 65.39 -14.80 27.29
CA PRO G 2361 66.80 -14.37 27.44
C PRO G 2361 67.34 -14.57 28.84
N GLU G 2362 66.48 -14.84 29.83
CA GLU G 2362 66.93 -14.99 31.21
C GLU G 2362 67.53 -16.36 31.50
N CYS G 2363 67.31 -17.34 30.61
CA CYS G 2363 67.93 -18.64 30.80
C CYS G 2363 69.43 -18.61 30.52
N PHE G 2364 69.88 -17.63 29.73
CA PHE G 2364 71.30 -17.40 29.58
C PHE G 2364 71.80 -16.56 30.76
N GLY G 2365 73.10 -16.33 30.81
CA GLY G 2365 73.68 -15.50 31.83
C GLY G 2365 73.39 -14.03 31.59
N PRO G 2366 73.60 -13.19 32.62
CA PRO G 2366 73.32 -11.76 32.46
C PRO G 2366 74.35 -11.04 31.61
N ALA G 2367 75.51 -11.66 31.36
CA ALA G 2367 76.50 -11.04 30.48
C ALA G 2367 76.06 -11.14 29.02
N LEU G 2368 75.62 -12.32 28.59
CA LEU G 2368 75.19 -12.49 27.20
C LEU G 2368 73.78 -11.95 26.98
N ARG G 2369 72.99 -11.80 28.04
CA ARG G 2369 71.65 -11.25 27.92
C ARG G 2369 71.68 -9.74 27.67
N GLY G 2373 74.91 -5.57 27.57
CA GLY G 2373 75.46 -6.90 27.47
C GLY G 2373 76.97 -6.92 27.46
N SER G 2374 77.56 -7.47 28.53
CA SER G 2374 79.01 -7.53 28.66
C SER G 2374 79.59 -8.71 27.87
N GLY G 2375 80.90 -8.67 27.68
CA GLY G 2375 81.58 -9.77 27.04
C GLY G 2375 81.71 -10.98 27.95
N LEU G 2376 81.91 -12.14 27.34
CA LEU G 2376 81.96 -13.39 28.09
C LEU G 2376 83.31 -13.56 28.78
N LEU G 2377 84.40 -13.15 28.11
CA LEU G 2377 85.70 -13.11 28.77
C LEU G 2377 85.73 -12.06 29.86
N ALA G 2378 85.02 -10.94 29.65
CA ALA G 2378 84.96 -9.87 30.63
C ALA G 2378 84.15 -10.30 31.85
N ALA G 2379 83.23 -11.25 31.68
CA ALA G 2379 82.55 -11.81 32.84
C ALA G 2379 83.44 -12.82 33.58
N ILE G 2380 84.24 -13.58 32.84
CA ILE G 2380 85.09 -14.59 33.48
C ILE G 2380 86.33 -13.92 34.07
N GLU G 2381 86.81 -12.83 33.47
CA GLU G 2381 87.88 -12.06 34.10
C GLU G 2381 87.38 -11.37 35.37
N GLU G 2382 86.10 -11.01 35.41
CA GLU G 2382 85.49 -10.53 36.64
C GLU G 2382 85.24 -11.68 37.61
N ALA G 2383 85.13 -12.90 37.09
CA ALA G 2383 84.93 -14.06 37.95
C ALA G 2383 86.21 -14.44 38.69
N ILE G 2384 87.36 -14.22 38.06
CA ILE G 2384 88.64 -14.43 38.71
C ILE G 2384 88.88 -13.35 39.75
N ARG G 2385 88.36 -12.14 39.50
CA ARG G 2385 88.51 -11.01 40.40
C ARG G 2385 87.78 -11.23 41.72
N ILE G 2386 86.63 -11.90 41.69
CA ILE G 2386 85.91 -12.18 42.92
C ILE G 2386 86.42 -13.46 43.58
N SER G 2387 86.96 -14.39 42.78
CA SER G 2387 87.46 -15.65 43.35
C SER G 2387 88.81 -15.45 44.03
N GLU G 2388 89.64 -14.53 43.52
CA GLU G 2388 90.94 -14.30 44.14
C GLU G 2388 90.82 -13.49 45.42
N ASP G 2389 89.85 -12.59 45.48
CA ASP G 2389 89.67 -11.74 46.65
C ASP G 2389 88.83 -12.46 47.69
N PRO G 2390 89.26 -12.49 48.96
CA PRO G 2390 88.47 -13.19 49.99
C PRO G 2390 87.22 -12.44 50.40
N ALA G 2391 87.17 -11.12 50.22
CA ALA G 2391 85.99 -10.36 50.63
C ALA G 2391 84.86 -10.48 49.61
N ARG G 2392 85.21 -10.51 48.32
CA ARG G 2392 84.20 -10.63 47.29
C ARG G 2392 83.66 -12.05 47.19
N ASP G 2393 84.43 -13.03 47.65
CA ASP G 2393 83.99 -14.42 47.60
C ASP G 2393 83.05 -14.73 48.76
N GLY G 2394 82.63 -15.99 48.84
CA GLY G 2394 81.72 -16.43 49.86
C GLY G 2394 82.36 -16.51 51.23
N PRO G 2395 81.87 -15.71 52.18
CA PRO G 2395 82.38 -15.64 53.55
C PRO G 2395 81.31 -15.23 54.55
N ASN G 2414 80.12 -23.00 53.23
CA ASN G 2414 81.47 -22.47 53.02
C ASN G 2414 82.13 -23.16 51.83
N ARG G 2415 81.58 -24.32 51.46
CA ARG G 2415 82.13 -25.08 50.33
C ARG G 2415 81.71 -24.49 48.99
N VAL G 2416 80.54 -23.87 48.93
CA VAL G 2416 80.11 -23.17 47.73
C VAL G 2416 80.80 -21.82 47.67
N HIS G 2417 81.54 -21.58 46.59
CA HIS G 2417 82.12 -20.28 46.33
C HIS G 2417 81.45 -19.67 45.11
N LEU G 2418 81.29 -18.35 45.14
CA LEU G 2418 80.60 -17.64 44.07
C LEU G 2418 81.45 -17.58 42.82
N GLY G 2419 82.77 -17.43 42.99
CA GLY G 2419 83.65 -17.20 41.85
C GLY G 2419 83.85 -18.42 40.98
N HIS G 2420 83.63 -19.61 41.53
CA HIS G 2420 83.77 -20.82 40.72
C HIS G 2420 82.43 -21.22 40.09
N ALA G 2421 81.31 -20.86 40.72
CA ALA G 2421 80.01 -21.31 40.22
C ALA G 2421 79.57 -20.52 38.98
N ILE G 2422 80.06 -19.27 38.86
CA ILE G 2422 79.74 -18.45 37.69
C ILE G 2422 80.37 -19.04 36.42
N MET G 2423 81.62 -19.51 36.49
CA MET G 2423 82.21 -20.11 35.31
C MET G 2423 81.69 -21.53 35.11
N SER G 2424 81.32 -22.19 36.21
CA SER G 2424 80.73 -23.53 36.13
C SER G 2424 79.35 -23.48 35.49
N PHE G 2425 78.63 -22.38 35.70
CA PHE G 2425 77.35 -22.18 35.01
C PHE G 2425 77.57 -21.86 33.54
N TYR G 2426 78.60 -21.07 33.23
CA TYR G 2426 78.86 -20.64 31.86
C TYR G 2426 79.43 -21.78 31.02
N ALA G 2427 80.28 -22.61 31.62
CA ALA G 2427 80.80 -23.76 30.90
C ALA G 2427 79.72 -24.82 30.71
N ALA G 2428 78.76 -24.89 31.64
CA ALA G 2428 77.60 -25.74 31.42
C ALA G 2428 76.66 -25.11 30.39
N LEU G 2429 76.71 -23.79 30.25
CA LEU G 2429 75.91 -23.12 29.24
C LEU G 2429 76.53 -23.26 27.85
N ILE G 2430 77.86 -23.26 27.78
CA ILE G 2430 78.53 -23.25 26.48
C ILE G 2430 78.52 -24.63 25.85
N ASP G 2431 78.88 -25.66 26.62
CA ASP G 2431 78.93 -27.01 26.07
C ASP G 2431 77.54 -27.57 25.78
N LEU G 2432 76.51 -27.08 26.48
CA LEU G 2432 75.14 -27.40 26.10
C LEU G 2432 74.84 -26.84 24.71
N LEU G 2433 75.34 -25.65 24.42
CA LEU G 2433 75.18 -25.06 23.10
C LEU G 2433 76.05 -25.75 22.06
N GLY G 2434 77.07 -26.50 22.50
CA GLY G 2434 77.88 -27.30 21.60
C GLY G 2434 77.31 -28.67 21.26
N ARG G 2435 76.73 -29.33 22.25
CA ARG G 2435 76.26 -30.70 22.06
C ARG G 2435 74.91 -30.71 21.34
N CYS G 2436 74.18 -29.60 21.35
CA CYS G 2436 72.96 -29.45 20.59
C CYS G 2436 73.21 -28.98 19.15
N ALA G 2437 74.47 -28.79 18.77
CA ALA G 2437 74.78 -28.38 17.41
C ALA G 2437 74.66 -29.59 16.48
N PRO G 2438 74.25 -29.37 15.22
CA PRO G 2438 74.18 -30.48 14.27
C PRO G 2438 75.56 -30.94 13.82
N GLU G 2439 75.64 -32.22 13.47
CA GLU G 2439 76.84 -32.81 12.90
C GLU G 2439 77.10 -32.32 11.48
N MET G 2440 78.24 -32.78 10.94
CA MET G 2440 78.76 -32.30 9.67
C MET G 2440 77.96 -32.84 8.49
N HIS G 2441 77.33 -34.01 8.64
CA HIS G 2441 76.57 -34.60 7.56
C HIS G 2441 75.19 -33.96 7.40
N LEU G 2442 74.73 -33.18 8.37
CA LEU G 2442 73.51 -32.41 8.20
C LEU G 2442 73.80 -31.07 7.53
N ILE G 2443 74.99 -30.52 7.79
CA ILE G 2443 75.44 -29.33 7.09
C ILE G 2443 75.83 -29.68 5.65
N GLN G 2444 76.31 -30.91 5.43
CA GLN G 2444 76.66 -31.34 4.08
C GLN G 2444 75.43 -31.53 3.20
N ALA G 2445 74.27 -31.78 3.78
CA ALA G 2445 73.04 -31.93 3.01
C ALA G 2445 72.42 -30.56 2.75
N GLY G 2446 71.26 -30.58 2.09
CA GLY G 2446 70.55 -29.36 1.79
C GLY G 2446 69.47 -29.02 2.80
N LYS G 2447 69.67 -29.46 4.04
CA LYS G 2447 68.71 -29.19 5.11
C LYS G 2447 68.80 -27.73 5.52
N GLY G 2448 67.69 -26.99 5.33
CA GLY G 2448 67.65 -25.61 5.78
C GLY G 2448 67.50 -25.45 7.28
N GLU G 2449 67.23 -26.54 8.00
CA GLU G 2449 67.10 -26.48 9.44
C GLU G 2449 68.46 -26.46 10.13
N ALA G 2450 69.43 -27.22 9.60
CA ALA G 2450 70.70 -27.39 10.31
C ALA G 2450 71.58 -26.16 10.20
N LEU G 2451 71.58 -25.48 9.05
CA LEU G 2451 72.37 -24.26 8.94
C LEU G 2451 71.67 -23.08 9.62
N ARG G 2452 70.35 -23.20 9.87
CA ARG G 2452 69.67 -22.18 10.65
C ARG G 2452 70.07 -22.23 12.12
N ILE G 2453 70.15 -23.44 12.69
CA ILE G 2453 70.56 -23.60 14.10
C ILE G 2453 72.01 -23.17 14.28
N ARG G 2454 72.86 -23.49 13.29
CA ARG G 2454 74.27 -23.13 13.40
C ARG G 2454 74.45 -21.62 13.21
N ALA G 2455 73.51 -20.97 12.50
CA ALA G 2455 73.56 -19.52 12.37
C ALA G 2455 73.11 -18.83 13.64
N ILE G 2456 72.22 -19.45 14.42
CA ILE G 2456 71.80 -18.85 15.68
C ILE G 2456 72.91 -18.96 16.72
N LEU G 2457 73.49 -20.15 16.87
CA LEU G 2457 74.47 -20.36 17.93
C LEU G 2457 75.82 -19.71 17.61
N ARG G 2458 76.19 -19.57 16.33
CA ARG G 2458 77.39 -18.81 16.02
C ARG G 2458 77.18 -17.32 16.28
N SER G 2459 75.95 -16.83 16.04
CA SER G 2459 75.64 -15.44 16.31
C SER G 2459 75.18 -15.20 17.75
N LEU G 2460 74.85 -16.26 18.50
CA LEU G 2460 74.58 -16.10 19.93
C LEU G 2460 75.86 -15.84 20.72
N VAL G 2461 76.89 -16.63 20.47
CA VAL G 2461 78.16 -16.54 21.19
C VAL G 2461 79.27 -16.24 20.18
N PRO G 2462 80.03 -15.17 20.35
CA PRO G 2462 81.08 -14.83 19.38
C PRO G 2462 82.31 -15.73 19.52
N LEU G 2463 83.15 -15.68 18.50
CA LEU G 2463 84.34 -16.52 18.39
C LEU G 2463 85.52 -15.99 19.18
N ASP G 2464 85.84 -14.70 19.02
CA ASP G 2464 87.06 -14.15 19.60
C ASP G 2464 86.95 -13.99 21.10
N ASP G 2465 85.74 -14.01 21.65
CA ASP G 2465 85.59 -14.13 23.09
C ASP G 2465 86.07 -15.50 23.57
N LEU G 2466 85.83 -16.55 22.77
CA LEU G 2466 86.29 -17.89 23.14
C LEU G 2466 87.77 -18.08 22.88
N VAL G 2467 88.32 -17.36 21.91
CA VAL G 2467 89.75 -17.40 21.66
C VAL G 2467 90.51 -16.79 22.83
N GLY G 2468 89.93 -15.77 23.46
CA GLY G 2468 90.56 -15.19 24.64
C GLY G 2468 90.44 -16.04 25.89
N ILE G 2469 89.30 -16.73 26.05
CA ILE G 2469 89.06 -17.54 27.25
C ILE G 2469 89.93 -18.79 27.24
N ILE G 2470 90.13 -19.39 26.05
CA ILE G 2470 90.93 -20.60 25.96
C ILE G 2470 92.41 -20.24 26.14
N SER G 2471 92.76 -18.98 25.87
CA SER G 2471 94.10 -18.43 26.05
C SER G 2471 94.34 -17.89 27.45
N LEU G 2472 93.46 -18.14 28.40
CA LEU G 2472 93.59 -17.50 29.70
C LEU G 2472 94.67 -18.22 30.50
N PRO G 2473 95.68 -17.52 31.01
CA PRO G 2473 96.72 -18.18 31.80
C PRO G 2473 96.23 -18.51 33.20
N LEU G 2474 96.68 -19.68 33.69
CA LEU G 2474 96.20 -20.24 34.94
C LEU G 2474 97.34 -20.36 35.93
N GLN G 2475 96.99 -20.48 37.21
CA GLN G 2475 98.00 -20.61 38.26
C GLN G 2475 98.54 -22.04 38.26
N ILE G 2476 99.83 -22.18 37.99
CA ILE G 2476 100.50 -23.48 37.91
C ILE G 2476 100.93 -23.90 39.31
N PRO G 2477 100.66 -25.13 39.72
CA PRO G 2477 101.08 -25.59 41.06
C PRO G 2477 102.52 -26.06 41.08
N THR G 2478 103.39 -25.26 41.70
CA THR G 2478 104.79 -25.61 41.85
C THR G 2478 105.28 -25.09 43.18
N LEU G 2479 106.55 -25.36 43.48
CA LEU G 2479 107.15 -24.95 44.75
C LEU G 2479 107.44 -23.45 44.78
N VAL G 2486 103.21 -26.09 47.06
CA VAL G 2486 101.92 -25.53 47.42
C VAL G 2486 100.88 -26.08 46.45
N GLN G 2487 99.64 -26.24 46.94
CA GLN G 2487 98.54 -26.74 46.13
C GLN G 2487 97.38 -25.75 46.17
N PRO G 2488 96.80 -25.38 45.03
CA PRO G 2488 95.61 -24.51 45.07
C PRO G 2488 94.35 -25.28 45.40
N LYS G 2489 93.21 -24.59 45.52
CA LYS G 2489 91.93 -25.23 45.78
C LYS G 2489 91.14 -25.30 44.48
N MET G 2490 90.50 -26.44 44.25
CA MET G 2490 89.77 -26.64 42.99
C MET G 2490 88.42 -25.94 42.99
N SER G 2491 87.79 -25.80 44.15
CA SER G 2491 86.52 -25.09 44.22
C SER G 2491 86.69 -23.59 44.36
N ALA G 2492 87.93 -23.08 44.26
CA ALA G 2492 88.19 -21.66 44.40
C ALA G 2492 89.12 -21.12 43.31
N SER G 2493 89.39 -21.90 42.27
CA SER G 2493 90.27 -21.48 41.18
C SER G 2493 89.64 -21.91 39.86
N PHE G 2494 90.38 -21.67 38.78
CA PHE G 2494 89.97 -22.14 37.46
C PHE G 2494 90.39 -23.60 37.30
N VAL G 2495 89.45 -24.45 36.89
CA VAL G 2495 89.80 -25.82 36.54
C VAL G 2495 89.76 -25.92 35.03
N PRO G 2496 90.53 -26.80 34.39
CA PRO G 2496 90.52 -26.89 32.92
C PRO G 2496 89.28 -27.54 32.32
N ASP G 2497 88.26 -27.87 33.13
CA ASP G 2497 87.02 -28.39 32.59
C ASP G 2497 86.21 -27.32 31.87
N HIS G 2498 86.45 -26.04 32.23
CA HIS G 2498 85.76 -24.97 31.51
C HIS G 2498 86.34 -24.79 30.11
N LYS G 2499 87.67 -24.89 29.95
CA LYS G 2499 88.26 -24.76 28.62
C LYS G 2499 87.87 -25.93 27.73
N ALA G 2500 87.60 -27.09 28.31
CA ALA G 2500 87.14 -28.24 27.52
C ALA G 2500 85.73 -28.00 27.00
N SER G 2501 84.94 -27.15 27.67
CA SER G 2501 83.66 -26.76 27.13
C SER G 2501 83.81 -25.78 25.97
N MET G 2502 84.81 -24.90 26.04
CA MET G 2502 84.95 -23.86 25.02
C MET G 2502 85.55 -24.41 23.74
N VAL G 2503 86.42 -25.42 23.86
CA VAL G 2503 87.06 -25.96 22.65
C VAL G 2503 86.10 -26.91 21.94
N LEU G 2504 85.16 -27.51 22.68
CA LEU G 2504 84.19 -28.40 22.05
C LEU G 2504 83.14 -27.61 21.30
N PHE G 2505 82.79 -26.43 21.81
CA PHE G 2505 81.83 -25.57 21.11
C PHE G 2505 82.49 -24.93 19.90
N LEU G 2506 83.79 -24.65 20.01
CA LEU G 2506 84.51 -24.06 18.88
C LEU G 2506 84.75 -25.10 17.79
N ASP G 2507 84.87 -26.37 18.18
CA ASP G 2507 85.09 -27.43 17.20
C ASP G 2507 83.81 -27.84 16.49
N ARG G 2508 82.65 -27.46 17.01
CA ARG G 2508 81.39 -28.02 16.54
C ARG G 2508 80.52 -27.00 15.81
N VAL G 2509 80.51 -25.74 16.23
CA VAL G 2509 79.64 -24.76 15.59
C VAL G 2509 80.47 -23.87 14.67
N TYR G 2510 81.78 -23.78 14.93
CA TYR G 2510 82.69 -22.98 14.13
C TYR G 2510 83.60 -23.83 13.26
N GLY G 2511 84.35 -24.74 13.87
CA GLY G 2511 85.29 -25.57 13.16
C GLY G 2511 86.55 -24.81 12.77
N ILE G 2512 87.51 -25.56 12.22
CA ILE G 2512 88.74 -25.01 11.67
C ILE G 2512 88.76 -25.34 10.19
N GLU G 2513 88.83 -24.32 9.36
CA GLU G 2513 88.77 -24.48 7.92
C GLU G 2513 90.05 -24.06 7.22
N ASN G 2514 90.69 -22.99 7.69
CA ASN G 2514 91.87 -22.39 7.09
C ASN G 2514 93.09 -22.64 7.96
N GLN G 2515 94.14 -21.83 7.76
CA GLN G 2515 95.35 -22.04 8.55
C GLN G 2515 95.69 -20.86 9.48
N ASP G 2516 95.31 -19.61 9.15
CA ASP G 2516 95.63 -18.50 10.06
C ASP G 2516 94.80 -18.59 11.34
N PHE G 2517 93.57 -19.08 11.24
CA PHE G 2517 92.78 -19.37 12.44
C PHE G 2517 93.35 -20.58 13.15
N LEU G 2518 94.00 -21.49 12.41
CA LEU G 2518 94.47 -22.74 12.98
C LEU G 2518 95.69 -22.53 13.87
N LEU G 2519 96.72 -21.86 13.34
CA LEU G 2519 97.96 -21.72 14.08
C LEU G 2519 97.87 -20.62 15.15
N HIS G 2520 96.81 -19.80 15.09
CA HIS G 2520 96.66 -18.72 16.08
C HIS G 2520 96.13 -19.25 17.41
N VAL G 2521 95.05 -20.03 17.37
CA VAL G 2521 94.49 -20.60 18.60
C VAL G 2521 95.37 -21.72 19.12
N LEU G 2522 96.18 -22.30 18.24
CA LEU G 2522 97.10 -23.35 18.63
C LEU G 2522 98.33 -22.79 19.33
N ASP G 2523 98.77 -21.60 18.93
CA ASP G 2523 99.87 -20.89 19.59
C ASP G 2523 99.43 -20.35 20.93
N VAL G 2524 98.43 -19.49 20.89
CA VAL G 2524 98.08 -18.64 22.02
C VAL G 2524 97.18 -19.38 23.03
N GLY G 2525 96.52 -20.46 22.60
CA GLY G 2525 95.60 -21.17 23.47
C GLY G 2525 96.08 -22.43 24.16
N PHE G 2526 96.99 -23.19 23.54
CA PHE G 2526 97.37 -24.51 24.07
C PHE G 2526 98.83 -24.65 24.45
N LEU G 2527 99.73 -23.84 23.89
CA LEU G 2527 101.14 -23.95 24.28
C LEU G 2527 101.44 -23.41 25.69
N PRO G 2528 100.75 -22.39 26.23
CA PRO G 2528 100.84 -22.20 27.69
C PRO G 2528 100.16 -23.30 28.49
N ASP G 2529 99.32 -24.13 27.88
CA ASP G 2529 98.71 -25.25 28.57
C ASP G 2529 99.61 -26.49 28.55
N MET G 2530 100.32 -26.70 27.43
CA MET G 2530 101.03 -27.97 27.25
C MET G 2530 102.44 -27.93 27.84
N ARG G 2531 103.12 -26.78 27.78
CA ARG G 2531 104.39 -26.65 28.48
C ARG G 2531 104.19 -26.62 29.99
N ALA G 2532 103.00 -26.24 30.44
CA ALA G 2532 102.67 -26.36 31.86
C ALA G 2532 102.48 -27.82 32.27
N ALA G 2533 101.99 -28.65 31.35
CA ALA G 2533 101.88 -30.08 31.63
C ALA G 2533 103.20 -30.79 31.46
N ALA G 2534 104.08 -30.24 30.61
CA ALA G 2534 105.41 -30.81 30.43
C ALA G 2534 106.29 -30.52 31.63
N SER G 2535 106.00 -29.45 32.38
CA SER G 2535 106.78 -29.11 33.56
C SER G 2535 106.35 -29.89 34.79
N LEU G 2536 105.11 -30.41 34.80
CA LEU G 2536 104.61 -31.20 35.91
C LEU G 2536 104.81 -32.71 35.69
N ASP G 2537 105.69 -33.09 34.78
CA ASP G 2537 105.97 -34.50 34.55
C ASP G 2537 106.88 -35.06 35.63
N THR G 2544 99.68 -34.34 42.47
CA THR G 2544 99.12 -33.07 42.04
C THR G 2544 97.80 -33.29 41.32
N GLU G 2545 96.74 -32.64 41.80
CA GLU G 2545 95.43 -32.85 41.20
C GLU G 2545 95.24 -32.03 39.93
N MET G 2546 95.92 -30.88 39.83
CA MET G 2546 95.82 -30.08 38.61
C MET G 2546 96.64 -30.69 37.48
N ALA G 2547 97.68 -31.45 37.83
CA ALA G 2547 98.48 -32.15 36.82
C ALA G 2547 97.65 -33.25 36.14
N LEU G 2548 96.77 -33.87 36.92
CA LEU G 2548 95.91 -34.98 36.41
C LEU G 2548 94.62 -34.43 35.80
N ALA G 2549 94.21 -33.22 36.18
CA ALA G 2549 92.97 -32.64 35.64
C ALA G 2549 93.21 -32.01 34.28
N LEU G 2550 94.39 -31.43 34.06
CA LEU G 2550 94.66 -30.83 32.76
C LEU G 2550 95.19 -31.88 31.78
N ASN G 2551 95.75 -32.98 32.30
CA ASN G 2551 96.16 -34.08 31.41
C ASN G 2551 94.97 -34.80 30.82
N ARG G 2552 93.89 -34.93 31.58
CA ARG G 2552 92.63 -35.42 31.02
C ARG G 2552 92.01 -34.39 30.10
N TYR G 2553 92.35 -33.10 30.30
CA TYR G 2553 91.80 -32.05 29.45
C TYR G 2553 92.43 -32.07 28.06
N LEU G 2554 93.72 -32.38 27.98
CA LEU G 2554 94.41 -32.40 26.69
C LEU G 2554 93.98 -33.59 25.84
N CYS G 2555 94.03 -34.79 26.42
CA CYS G 2555 93.80 -36.01 25.64
C CYS G 2555 92.32 -36.30 25.40
N LEU G 2556 91.41 -35.47 25.90
CA LEU G 2556 89.99 -35.61 25.60
C LEU G 2556 89.47 -34.57 24.64
N ALA G 2557 90.09 -33.40 24.57
CA ALA G 2557 89.47 -32.26 23.91
C ALA G 2557 90.31 -31.65 22.80
N VAL G 2558 91.59 -31.35 23.05
CA VAL G 2558 92.39 -30.65 22.05
C VAL G 2558 93.04 -31.63 21.07
N LEU G 2559 93.50 -32.78 21.55
CA LEU G 2559 94.16 -33.73 20.67
C LEU G 2559 93.20 -34.47 19.73
N PRO G 2560 91.91 -34.69 20.08
CA PRO G 2560 90.95 -35.00 19.01
C PRO G 2560 90.70 -33.85 18.03
N LEU G 2561 90.92 -32.60 18.45
CA LEU G 2561 90.79 -31.49 17.50
C LEU G 2561 91.96 -31.42 16.52
N ILE G 2562 93.17 -31.68 17.01
CA ILE G 2562 94.35 -31.55 16.15
C ILE G 2562 94.39 -32.67 15.13
N THR G 2563 93.96 -33.87 15.51
CA THR G 2563 93.87 -34.97 14.56
C THR G 2563 92.72 -34.79 13.58
N LYS G 2564 91.71 -34.00 13.95
CA LYS G 2564 90.66 -33.65 13.01
C LYS G 2564 91.19 -32.73 11.92
N CYS G 2565 92.11 -31.83 12.28
CA CYS G 2565 92.71 -30.88 11.37
C CYS G 2565 94.15 -31.27 11.03
N ALA G 2566 94.42 -32.57 11.00
CA ALA G 2566 95.78 -33.05 10.73
C ALA G 2566 96.23 -32.91 9.27
N PRO G 2567 95.40 -33.18 8.23
CA PRO G 2567 95.89 -32.93 6.86
C PRO G 2567 96.02 -31.45 6.50
N LEU G 2568 95.52 -30.54 7.33
CA LEU G 2568 95.56 -29.11 7.07
C LEU G 2568 96.92 -28.50 7.41
N PHE G 2569 97.82 -29.25 8.05
CA PHE G 2569 99.15 -28.78 8.41
C PHE G 2569 100.16 -28.84 7.27
N ALA G 2570 99.71 -28.99 6.02
CA ALA G 2570 100.62 -29.02 4.88
C ALA G 2570 100.92 -27.60 4.44
N GLY G 2571 102.19 -27.21 4.49
CA GLY G 2571 102.58 -25.90 4.01
C GLY G 2571 102.82 -24.87 5.10
N THR G 2572 103.47 -25.27 6.19
CA THR G 2572 103.81 -24.34 7.26
C THR G 2572 105.20 -23.73 7.05
N GLU G 2573 105.42 -23.17 5.87
CA GLU G 2573 106.64 -22.41 5.59
C GLU G 2573 106.56 -21.00 6.13
N HIS G 2574 105.45 -20.63 6.77
CA HIS G 2574 105.32 -19.35 7.45
C HIS G 2574 106.16 -19.33 8.72
N ARG G 2575 105.98 -20.34 9.57
CA ARG G 2575 106.57 -20.40 10.90
C ARG G 2575 107.31 -21.72 11.07
N ALA G 2576 108.55 -21.65 11.56
CA ALA G 2576 109.39 -22.82 11.73
C ALA G 2576 109.62 -23.19 13.20
N ILE G 2577 109.36 -22.29 14.13
CA ILE G 2577 109.68 -22.55 15.52
C ILE G 2577 108.43 -22.94 16.32
N MET G 2578 107.23 -22.60 15.84
CA MET G 2578 106.02 -22.97 16.57
C MET G 2578 105.69 -24.45 16.36
N VAL G 2579 105.80 -24.93 15.12
CA VAL G 2579 105.50 -26.34 14.86
C VAL G 2579 106.61 -27.24 15.38
N ASP G 2580 107.84 -26.71 15.46
CA ASP G 2580 108.91 -27.49 16.07
C ASP G 2580 108.79 -27.51 17.59
N SER G 2581 108.34 -26.42 18.20
CA SER G 2581 108.19 -26.42 19.64
C SER G 2581 106.96 -27.21 20.07
N MET G 2582 105.93 -27.26 19.23
CA MET G 2582 104.79 -28.12 19.56
C MET G 2582 105.10 -29.59 19.37
N LEU G 2583 105.98 -29.94 18.43
CA LEU G 2583 106.12 -31.35 18.10
C LEU G 2583 107.02 -32.02 19.13
N HIS G 2584 107.82 -31.23 19.83
CA HIS G 2584 108.69 -31.76 20.88
C HIS G 2584 107.95 -31.84 22.22
N THR G 2585 107.01 -30.92 22.49
CA THR G 2585 106.32 -30.95 23.78
C THR G 2585 105.28 -32.07 23.82
N VAL G 2586 104.68 -32.42 22.68
CA VAL G 2586 103.78 -33.56 22.64
C VAL G 2586 104.54 -34.86 22.85
N TYR G 2587 105.74 -34.97 22.27
CA TYR G 2587 106.59 -36.12 22.53
C TYR G 2587 107.12 -36.10 23.96
N ARG G 2588 107.30 -34.91 24.53
CA ARG G 2588 107.66 -34.82 25.94
C ARG G 2588 106.46 -35.21 26.83
N LEU G 2589 105.24 -34.93 26.34
CA LEU G 2589 104.04 -35.39 27.06
C LEU G 2589 103.72 -36.85 26.79
N SER G 2590 104.37 -37.48 25.79
CA SER G 2590 104.06 -38.87 25.46
C SER G 2590 104.58 -39.84 26.50
N ARG G 2591 105.62 -39.47 27.25
CA ARG G 2591 106.16 -40.29 28.33
C ARG G 2591 105.89 -39.60 29.66
N GLY G 2592 105.02 -40.21 30.46
CA GLY G 2592 104.73 -39.69 31.79
C GLY G 2592 104.27 -40.80 32.69
N ARG G 2593 104.61 -40.68 33.97
CA ARG G 2593 104.29 -41.72 34.94
C ARG G 2593 102.85 -41.69 35.41
N SER G 2594 102.21 -40.53 35.41
CA SER G 2594 100.84 -40.38 35.90
C SER G 2594 99.80 -40.51 34.80
N LEU G 2595 100.18 -41.02 33.64
CA LEU G 2595 99.25 -41.20 32.52
C LEU G 2595 98.79 -42.65 32.44
N THR G 2596 97.55 -42.82 31.97
CA THR G 2596 97.00 -44.14 31.75
C THR G 2596 97.24 -44.57 30.31
N LYS G 2597 96.76 -45.77 29.96
CA LYS G 2597 96.99 -46.28 28.62
C LYS G 2597 96.04 -45.63 27.61
N ALA G 2598 94.86 -45.21 28.06
CA ALA G 2598 93.87 -44.63 27.15
C ALA G 2598 94.30 -43.26 26.65
N GLN G 2599 95.00 -42.47 27.48
CA GLN G 2599 95.44 -41.15 27.05
C GLN G 2599 96.75 -41.22 26.25
N ARG G 2600 97.66 -42.13 26.62
CA ARG G 2600 98.91 -42.25 25.85
C ARG G 2600 98.67 -42.85 24.48
N ASP G 2601 97.58 -43.60 24.31
CA ASP G 2601 97.20 -44.06 22.98
C ASP G 2601 96.67 -42.91 22.12
N VAL G 2602 96.07 -41.90 22.75
CA VAL G 2602 95.62 -40.73 22.01
C VAL G 2602 96.81 -39.88 21.58
N ILE G 2603 97.78 -39.68 22.49
CA ILE G 2603 98.96 -38.87 22.19
C ILE G 2603 99.83 -39.54 21.12
N GLU G 2604 99.95 -40.88 21.17
CA GLU G 2604 100.70 -41.59 20.16
C GLU G 2604 99.97 -41.57 18.82
N ASP G 2605 98.64 -41.58 18.84
CA ASP G 2605 97.88 -41.41 17.60
C ASP G 2605 97.91 -39.96 17.14
N CYS G 2606 98.03 -39.03 18.08
CA CYS G 2606 98.16 -37.62 17.72
C CYS G 2606 99.55 -37.32 17.17
N LEU G 2607 100.57 -37.97 17.72
CA LEU G 2607 101.92 -37.75 17.21
C LEU G 2607 102.11 -38.45 15.87
N MET G 2608 101.42 -39.58 15.66
CA MET G 2608 101.48 -40.28 14.37
C MET G 2608 100.81 -39.48 13.26
N ALA G 2609 99.73 -38.78 13.58
CA ALA G 2609 99.03 -38.02 12.56
C ALA G 2609 99.80 -36.75 12.21
N LEU G 2610 100.47 -36.15 13.19
CA LEU G 2610 101.15 -34.88 12.97
C LEU G 2610 102.54 -35.08 12.37
N CYS G 2611 103.12 -36.28 12.47
CA CYS G 2611 104.34 -36.56 11.73
C CYS G 2611 104.06 -36.77 10.23
N ARG G 2612 102.81 -36.99 9.87
CA ARG G 2612 102.39 -36.97 8.47
C ARG G 2612 101.80 -35.58 8.17
N TYR G 2613 101.59 -35.31 6.86
CA TYR G 2613 101.03 -34.08 6.29
C TYR G 2613 101.93 -32.87 6.56
N ILE G 2614 103.24 -33.08 6.71
CA ILE G 2614 104.19 -32.01 6.93
C ILE G 2614 105.53 -32.45 6.33
N ARG G 2615 106.31 -31.45 5.87
CA ARG G 2615 107.60 -31.61 5.21
C ARG G 2615 108.66 -32.08 6.20
N PRO G 2616 109.59 -32.94 5.76
CA PRO G 2616 110.61 -33.46 6.69
C PRO G 2616 111.69 -32.45 7.11
N SER G 2617 111.62 -31.18 6.68
CA SER G 2617 112.59 -30.19 7.13
C SER G 2617 112.42 -29.88 8.62
N MET G 2618 111.18 -29.86 9.09
CA MET G 2618 110.88 -29.56 10.49
C MET G 2618 110.90 -30.82 11.36
N LEU G 2619 110.72 -31.99 10.74
CA LEU G 2619 110.79 -33.26 11.44
C LEU G 2619 112.22 -33.73 11.69
N GLN G 2620 113.22 -33.09 11.09
CA GLN G 2620 114.60 -33.53 11.28
C GLN G 2620 115.09 -33.21 12.67
N HIS G 2621 114.49 -32.19 13.30
CA HIS G 2621 114.86 -31.82 14.66
C HIS G 2621 114.30 -32.80 15.68
N LEU G 2622 113.17 -33.43 15.37
CA LEU G 2622 112.66 -34.47 16.25
C LEU G 2622 113.23 -35.84 15.90
N LEU G 2623 113.59 -36.05 14.62
CA LEU G 2623 114.40 -37.22 14.30
C LEU G 2623 115.79 -37.11 14.90
N ARG G 2624 116.23 -35.87 15.15
CA ARG G 2624 117.44 -35.60 15.94
C ARG G 2624 117.31 -36.10 17.38
N ARG G 2625 116.19 -35.78 18.03
CA ARG G 2625 116.09 -36.02 19.48
C ARG G 2625 115.80 -37.49 19.79
N LEU G 2626 115.04 -38.18 18.93
CA LEU G 2626 114.70 -39.57 19.21
C LEU G 2626 115.88 -40.51 19.02
N VAL G 2627 116.81 -40.20 18.10
CA VAL G 2627 117.85 -41.17 17.77
C VAL G 2627 118.93 -41.18 18.83
N PHE G 2628 118.86 -40.26 19.80
CA PHE G 2628 119.71 -40.26 20.97
C PHE G 2628 119.17 -41.21 22.03
N ASP G 2629 117.85 -41.37 22.10
CA ASP G 2629 117.23 -42.02 23.25
C ASP G 2629 116.49 -43.31 22.95
N VAL G 2630 115.77 -43.43 21.84
CA VAL G 2630 115.04 -44.67 21.57
C VAL G 2630 115.89 -45.80 20.93
N PRO G 2631 116.78 -45.62 19.94
CA PRO G 2631 117.39 -46.82 19.34
C PRO G 2631 118.54 -47.40 20.15
N ILE G 2632 118.94 -46.77 21.25
CA ILE G 2632 120.04 -47.28 22.06
C ILE G 2632 119.60 -48.43 22.95
N LEU G 2633 118.29 -48.64 23.09
CA LEU G 2633 117.73 -49.69 23.92
C LEU G 2633 116.50 -50.28 23.24
N ASN G 2634 116.34 -51.60 23.39
CA ASN G 2634 115.19 -52.28 22.78
C ASN G 2634 114.01 -52.31 23.73
N UNK G 2638 105.93 -45.91 24.69
CA UNK G 2638 107.06 -45.00 24.80
C UNK G 2638 108.11 -45.30 23.73
N UNK G 2639 108.41 -46.59 23.55
CA UNK G 2639 109.40 -47.02 22.57
C UNK G 2639 108.73 -47.61 21.34
N UNK G 2640 107.53 -48.14 21.52
CA UNK G 2640 106.79 -48.76 20.42
C UNK G 2640 106.19 -47.70 19.52
N UNK G 2641 105.71 -46.62 20.11
CA UNK G 2641 105.13 -45.51 19.36
C UNK G 2641 106.23 -44.66 18.72
N UNK G 2642 107.41 -44.68 19.33
CA UNK G 2642 108.54 -43.92 18.81
C UNK G 2642 109.16 -44.61 17.61
N UNK G 2643 109.16 -45.94 17.63
CA UNK G 2643 109.71 -46.73 16.53
C UNK G 2643 108.74 -46.76 15.35
N UNK G 2644 107.45 -46.64 15.65
CA UNK G 2644 106.42 -46.66 14.62
C UNK G 2644 106.33 -45.30 13.91
N UNK G 2645 106.68 -44.24 14.63
CA UNK G 2645 106.71 -42.90 14.06
C UNK G 2645 107.97 -42.71 13.22
N UNK G 2646 109.02 -43.42 13.60
CA UNK G 2646 110.28 -43.37 12.87
C UNK G 2646 110.21 -44.19 11.59
N UNK G 2647 109.41 -45.27 11.64
CA UNK G 2647 109.22 -46.13 10.48
C UNK G 2647 108.30 -45.46 9.46
N UNK G 2648 107.37 -44.67 9.96
CA UNK G 2648 106.43 -43.95 9.09
C UNK G 2648 107.12 -42.75 8.44
N UNK G 2649 108.10 -42.20 9.13
CA UNK G 2649 108.85 -41.06 8.61
C UNK G 2649 109.88 -41.53 7.58
N UNK G 2650 110.38 -42.74 7.76
CA UNK G 2650 111.37 -43.30 6.85
C UNK G 2650 110.70 -43.81 5.58
N UNK G 2651 109.46 -44.25 5.69
CA UNK G 2651 108.69 -44.71 4.54
C UNK G 2651 108.19 -43.51 3.74
N UNK G 2652 108.05 -42.38 4.42
CA UNK G 2652 107.61 -41.14 3.79
C UNK G 2652 108.75 -40.50 3.00
N UNK G 2653 109.96 -40.62 3.54
CA UNK G 2653 111.14 -40.03 2.92
C UNK G 2653 111.66 -40.90 1.78
N UNK G 2654 111.27 -42.17 1.77
CA UNK G 2654 111.69 -43.10 0.73
C UNK G 2654 110.95 -42.84 -0.57
N UNK G 2655 109.72 -42.35 -0.46
CA UNK G 2655 108.91 -42.06 -1.64
C UNK G 2655 109.33 -40.74 -2.27
N UNK G 2662 124.18 -34.87 8.00
CA UNK G 2662 123.16 -34.25 8.85
C UNK G 2662 122.06 -35.24 9.19
N UNK G 2663 121.04 -35.30 8.34
CA UNK G 2663 119.91 -36.20 8.56
C UNK G 2663 120.29 -37.63 8.14
N UNK G 2664 121.22 -37.74 7.21
CA UNK G 2664 121.67 -39.04 6.73
C UNK G 2664 122.60 -39.69 7.75
N UNK G 2665 123.33 -38.86 8.49
CA UNK G 2665 124.25 -39.35 9.52
C UNK G 2665 123.47 -39.78 10.76
N UNK G 2666 122.35 -39.13 11.01
CA UNK G 2666 121.49 -39.46 12.14
C UNK G 2666 120.70 -40.74 11.86
N UNK G 2667 120.40 -40.96 10.59
CA UNK G 2667 119.66 -42.16 10.17
C UNK G 2667 120.60 -43.36 10.13
N UNK G 2668 121.87 -43.11 9.86
CA UNK G 2668 122.88 -44.17 9.82
C UNK G 2668 123.25 -44.58 11.24
N UNK G 2669 123.17 -43.62 12.17
CA UNK G 2669 123.43 -43.88 13.57
C UNK G 2669 122.24 -44.60 14.20
N UNK G 2670 121.07 -44.42 13.60
CA UNK G 2670 119.84 -45.08 14.06
C UNK G 2670 119.86 -46.56 13.69
N UNK G 2671 120.28 -46.87 12.47
CA UNK G 2671 120.33 -48.24 11.99
C UNK G 2671 121.46 -49.02 12.65
N UNK G 2672 122.51 -48.31 13.05
CA UNK G 2672 123.65 -48.94 13.71
C UNK G 2672 123.30 -49.27 15.16
N UNK G 2673 122.48 -48.42 15.77
CA UNK G 2673 122.06 -48.62 17.15
C UNK G 2673 120.96 -49.67 17.25
N UNK G 2674 120.15 -49.78 16.20
CA UNK G 2674 119.07 -50.75 16.16
C UNK G 2674 119.61 -52.14 15.88
N UNK G 2675 120.71 -52.22 15.13
CA UNK G 2675 121.34 -53.50 14.82
C UNK G 2675 122.16 -53.99 16.00
N UNK G 2676 122.67 -53.05 16.79
CA UNK G 2676 123.46 -53.39 17.97
C UNK G 2676 122.54 -53.85 19.11
N UNK G 2677 121.32 -53.34 19.12
CA UNK G 2677 120.35 -53.70 20.14
C UNK G 2677 119.70 -55.05 19.82
N UNK G 2678 119.73 -55.43 18.55
CA UNK G 2678 119.15 -56.69 18.11
C UNK G 2678 120.08 -57.85 18.46
N UNK G 2686 107.69 -60.30 18.96
CA UNK G 2686 107.09 -59.20 19.71
C UNK G 2686 107.73 -57.87 19.33
N UNK G 2687 108.81 -57.52 20.01
CA UNK G 2687 109.52 -56.27 19.75
C UNK G 2687 110.60 -56.48 18.70
N UNK G 2688 110.88 -57.74 18.38
CA UNK G 2688 111.88 -58.08 17.38
C UNK G 2688 111.35 -57.84 15.97
N UNK G 2689 110.05 -57.99 15.80
CA UNK G 2689 109.41 -57.77 14.51
C UNK G 2689 109.29 -56.27 14.22
N UNK G 2690 109.11 -55.49 15.28
CA UNK G 2690 108.98 -54.05 15.15
C UNK G 2690 110.35 -53.41 14.92
N UNK G 2691 111.39 -54.03 15.46
CA UNK G 2691 112.75 -53.55 15.29
C UNK G 2691 113.28 -53.89 13.90
N UNK G 2692 112.81 -55.00 13.36
CA UNK G 2692 113.22 -55.44 12.03
C UNK G 2692 112.51 -54.61 10.96
N UNK G 2693 111.30 -54.17 11.27
CA UNK G 2693 110.51 -53.36 10.35
C UNK G 2693 111.03 -51.92 10.34
N UNK G 2694 111.56 -51.49 11.48
CA UNK G 2694 112.11 -50.14 11.60
C UNK G 2694 113.49 -50.07 10.94
N UNK G 2695 114.21 -51.18 10.96
CA UNK G 2695 115.53 -51.25 10.34
C UNK G 2695 115.42 -51.36 8.83
N UNK G 2696 114.35 -51.99 8.37
CA UNK G 2696 114.12 -52.16 6.94
C UNK G 2696 113.60 -50.86 6.32
N UNK G 2697 112.91 -50.06 7.12
CA UNK G 2697 112.38 -48.79 6.66
C UNK G 2697 113.48 -47.73 6.62
N UNK G 2698 114.40 -47.80 7.57
CA UNK G 2698 115.49 -46.84 7.66
C UNK G 2698 116.61 -47.16 6.68
N UNK G 2699 116.58 -48.37 6.12
CA UNK G 2699 117.58 -48.79 5.14
C UNK G 2699 117.31 -48.15 3.78
N UNK G 2700 116.06 -47.78 3.55
CA UNK G 2700 115.66 -47.14 2.29
C UNK G 2700 116.13 -45.69 2.24
N GLU G 2741 139.39 -32.96 32.65
CA GLU G 2741 140.06 -32.18 33.68
C GLU G 2741 140.74 -30.94 33.08
N THR G 2742 140.29 -29.76 33.51
CA THR G 2742 140.90 -28.51 33.08
C THR G 2742 141.39 -27.64 34.22
N LEU G 2743 140.73 -27.68 35.38
CA LEU G 2743 141.19 -26.87 36.51
C LEU G 2743 142.40 -27.49 37.19
N ASN G 2744 142.52 -28.82 37.14
CA ASN G 2744 143.67 -29.53 37.70
C ASN G 2744 144.71 -29.87 36.63
N VAL G 2745 144.83 -29.03 35.61
CA VAL G 2745 145.78 -29.22 34.52
C VAL G 2745 146.93 -28.24 34.69
N ILE G 2746 148.15 -28.70 34.44
CA ILE G 2746 149.32 -27.84 34.53
C ILE G 2746 149.47 -27.06 33.24
N ILE G 2747 149.93 -25.82 33.36
CA ILE G 2747 150.20 -24.94 32.23
C ILE G 2747 151.70 -24.87 32.03
N PRO G 2748 152.20 -24.91 30.81
CA PRO G 2748 153.65 -24.85 30.58
C PRO G 2748 154.13 -23.40 30.55
N GLU G 2749 155.42 -23.25 30.25
CA GLU G 2749 156.01 -21.92 30.12
C GLU G 2749 155.50 -21.21 28.88
N LYS G 2750 155.16 -21.97 27.82
CA LYS G 2750 154.56 -21.37 26.64
C LYS G 2750 153.06 -21.13 26.77
N LEU G 2751 152.42 -21.75 27.76
CA LEU G 2751 150.99 -21.55 27.94
C LEU G 2751 150.68 -20.22 28.60
N ASP G 2752 151.62 -19.68 29.37
CA ASP G 2752 151.40 -18.39 30.01
C ASP G 2752 151.47 -17.26 28.98
N SER G 2753 152.30 -17.42 27.94
CA SER G 2753 152.33 -16.46 26.85
C SER G 2753 151.24 -16.71 25.82
N PHE G 2754 150.72 -17.94 25.76
CA PHE G 2754 149.65 -18.23 24.82
C PHE G 2754 148.30 -17.73 25.32
N ILE G 2755 148.13 -17.58 26.63
CA ILE G 2755 146.84 -17.14 27.17
C ILE G 2755 146.61 -15.66 26.89
N ASN G 2756 147.67 -14.86 26.93
CA ASN G 2756 147.54 -13.44 26.67
C ASN G 2756 147.58 -13.10 25.19
N LYS G 2757 148.27 -13.93 24.39
CA LYS G 2757 148.32 -13.70 22.96
C LYS G 2757 147.01 -14.10 22.29
N PHE G 2758 146.32 -15.09 22.84
CA PHE G 2758 145.00 -15.46 22.32
C PHE G 2758 143.95 -14.44 22.74
N ALA G 2759 144.11 -13.82 23.90
CA ALA G 2759 143.19 -12.77 24.33
C ALA G 2759 143.45 -11.47 23.56
N GLU G 2760 144.70 -11.25 23.15
CA GLU G 2760 145.01 -10.06 22.37
C GLU G 2760 144.52 -10.19 20.94
N TYR G 2761 144.61 -11.40 20.38
CA TYR G 2761 144.13 -11.64 19.02
C TYR G 2761 142.60 -11.66 18.97
N THR G 2762 141.96 -12.05 20.06
CA THR G 2762 140.50 -12.04 20.09
C THR G 2762 139.98 -10.61 20.23
N HIS G 2763 140.71 -9.76 20.93
CA HIS G 2763 140.33 -8.35 21.01
C HIS G 2763 140.64 -7.62 19.70
N GLU G 2764 141.68 -8.06 18.99
CA GLU G 2764 142.07 -7.38 17.75
C GLU G 2764 141.11 -7.72 16.61
N LYS G 2765 140.58 -8.94 16.58
CA LYS G 2765 139.61 -9.31 15.56
C LYS G 2765 138.24 -8.71 15.88
N TRP G 2766 137.92 -8.59 17.17
CA TRP G 2766 136.63 -8.01 17.55
C TRP G 2766 136.59 -6.51 17.32
N ALA G 2767 137.74 -5.83 17.49
CA ALA G 2767 137.83 -4.42 17.17
C ALA G 2767 137.86 -4.21 15.67
N PHE G 2768 138.39 -5.19 14.92
CA PHE G 2768 138.33 -5.11 13.47
C PHE G 2768 136.94 -5.41 12.95
N ASP G 2769 136.17 -6.25 13.66
CA ASP G 2769 134.80 -6.52 13.24
C ASP G 2769 133.85 -5.38 13.60
N LYS G 2770 134.16 -4.63 14.66
CA LYS G 2770 133.29 -3.53 15.07
C LYS G 2770 133.63 -2.22 14.39
N ILE G 2771 134.80 -2.10 13.77
CA ILE G 2771 135.18 -0.83 13.14
C ILE G 2771 134.41 -0.60 11.85
N GLN G 2772 134.01 -1.69 11.18
CA GLN G 2772 133.21 -1.58 9.97
C GLN G 2772 131.74 -1.32 10.27
N ASN G 2773 131.29 -1.54 11.50
CA ASN G 2773 129.91 -1.36 11.88
C ASN G 2773 129.64 0.02 12.47
N ASN G 2774 130.57 0.96 12.30
CA ASN G 2774 130.48 2.36 12.76
C ASN G 2774 130.26 2.44 14.27
N TRP G 2775 131.19 1.83 15.01
CA TRP G 2775 131.15 1.80 16.45
C TRP G 2775 131.96 2.99 16.98
N SER G 2776 131.28 3.92 17.64
CA SER G 2776 131.93 5.11 18.17
C SER G 2776 132.64 4.79 19.48
N TYR G 2777 133.33 5.79 20.02
CA TYR G 2777 134.08 5.65 21.26
C TYR G 2777 133.24 6.13 22.43
N GLY G 2778 133.13 5.29 23.47
CA GLY G 2778 132.37 5.64 24.64
C GLY G 2778 133.05 5.15 25.91
N GLU G 2779 132.64 5.73 27.04
CA GLU G 2779 133.19 5.33 28.32
C GLU G 2779 132.53 4.06 28.84
N ASN G 2780 131.23 3.92 28.63
CA ASN G 2780 130.50 2.71 29.01
C ASN G 2780 129.80 2.14 27.78
N VAL G 2781 129.47 0.84 27.87
CA VAL G 2781 128.87 0.14 26.73
C VAL G 2781 127.41 0.54 26.59
N ASP G 2782 127.04 0.99 25.39
CA ASP G 2782 125.66 1.28 25.04
C ASP G 2782 125.32 0.61 23.72
N GLU G 2783 124.13 0.01 23.65
CA GLU G 2783 123.71 -0.66 22.42
C GLU G 2783 123.22 0.34 21.38
N GLU G 2784 122.75 1.50 21.83
CA GLU G 2784 122.21 2.51 20.91
C GLU G 2784 123.32 3.30 20.23
N LEU G 2785 124.37 3.65 20.97
CA LEU G 2785 125.50 4.39 20.43
C LEU G 2785 126.61 3.51 19.89
N LYS G 2786 126.50 2.18 20.06
CA LYS G 2786 127.52 1.19 19.66
C LYS G 2786 128.87 1.49 20.29
N THR G 2787 128.86 1.82 21.57
CA THR G 2787 130.08 2.22 22.26
C THR G 2787 130.88 1.02 22.74
N HIS G 2788 132.20 1.11 22.61
CA HIS G 2788 133.11 0.07 23.08
C HIS G 2788 134.24 0.77 23.83
N PRO G 2789 134.43 0.49 25.12
CA PRO G 2789 135.50 1.15 25.87
C PRO G 2789 136.81 0.38 25.93
N MET G 2790 136.83 -0.88 25.51
CA MET G 2790 138.02 -1.72 25.57
C MET G 2790 138.78 -1.75 24.25
N LEU G 2791 138.71 -0.67 23.47
CA LEU G 2791 139.39 -0.58 22.18
C LEU G 2791 140.84 -0.14 22.41
N ARG G 2792 141.65 -1.10 22.83
CA ARG G 2792 143.05 -0.84 23.15
C ARG G 2792 143.81 -2.16 23.07
N PRO G 2793 145.13 -2.12 23.20
CA PRO G 2793 145.90 -3.38 23.20
C PRO G 2793 145.80 -4.08 24.54
N TYR G 2794 146.11 -5.38 24.51
CA TYR G 2794 146.06 -6.18 25.73
C TYR G 2794 147.24 -5.92 26.67
N LYS G 2795 148.32 -5.32 26.16
CA LYS G 2795 149.46 -4.97 27.01
C LYS G 2795 149.27 -3.65 27.75
N THR G 2796 148.21 -2.90 27.46
CA THR G 2796 147.93 -1.66 28.17
C THR G 2796 146.73 -1.76 29.09
N PHE G 2797 146.14 -2.95 29.24
CA PHE G 2797 145.06 -3.16 30.19
C PHE G 2797 145.61 -3.53 31.57
N SER G 2798 144.75 -3.45 32.57
CA SER G 2798 145.07 -3.79 33.94
C SER G 2798 144.39 -5.11 34.33
N GLU G 2799 144.48 -5.43 35.62
CA GLU G 2799 143.91 -6.67 36.14
C GLU G 2799 142.39 -6.62 36.17
N LYS G 2800 141.81 -5.42 36.25
CA LYS G 2800 140.35 -5.27 36.24
C LYS G 2800 139.76 -5.29 34.83
N ASP G 2801 140.58 -5.19 33.79
CA ASP G 2801 140.10 -5.22 32.41
C ASP G 2801 140.38 -6.54 31.71
N LYS G 2802 141.17 -7.43 32.29
CA LYS G 2802 141.56 -8.68 31.66
C LYS G 2802 140.89 -9.89 32.29
N GLU G 2803 140.03 -9.71 33.28
CA GLU G 2803 139.42 -10.84 33.97
C GLU G 2803 138.33 -11.50 33.13
N ILE G 2804 137.78 -10.79 32.15
CA ILE G 2804 136.78 -11.37 31.25
C ILE G 2804 137.42 -12.23 30.17
N TYR G 2805 138.74 -12.16 29.99
CA TYR G 2805 139.41 -13.01 29.00
C TYR G 2805 140.57 -13.79 29.61
N ARG G 2806 140.57 -13.96 30.93
CA ARG G 2806 141.62 -14.75 31.57
C ARG G 2806 141.24 -16.23 31.63
N TRP G 2807 140.13 -16.55 32.30
CA TRP G 2807 139.70 -17.93 32.48
C TRP G 2807 139.17 -18.50 31.17
N PRO G 2808 138.59 -17.67 30.30
CA PRO G 2808 138.05 -18.20 29.03
C PRO G 2808 139.13 -18.59 28.04
N ILE G 2809 140.31 -17.99 28.13
CA ILE G 2809 141.42 -18.36 27.25
C ILE G 2809 142.33 -19.39 27.87
N LYS G 2810 142.26 -19.61 29.19
CA LYS G 2810 143.12 -20.57 29.87
C LYS G 2810 142.48 -21.94 30.03
N GLU G 2811 141.14 -22.00 30.07
CA GLU G 2811 140.46 -23.29 30.18
C GLU G 2811 140.48 -24.03 28.84
N SER G 2812 140.52 -23.29 27.74
CA SER G 2812 140.56 -23.93 26.42
C SER G 2812 141.93 -24.54 26.15
N LEU G 2813 143.00 -23.91 26.65
CA LEU G 2813 144.33 -24.49 26.51
C LEU G 2813 144.55 -25.62 27.50
N LYS G 2814 143.90 -25.56 28.66
CA LYS G 2814 144.05 -26.62 29.66
C LYS G 2814 143.29 -27.87 29.24
N ALA G 2815 142.15 -27.70 28.55
CA ALA G 2815 141.47 -28.84 27.97
C ALA G 2815 142.24 -29.39 26.77
N MET G 2816 142.97 -28.53 26.07
CA MET G 2816 143.78 -29.01 24.95
C MET G 2816 145.03 -29.72 25.43
N ILE G 2817 145.57 -29.30 26.58
CA ILE G 2817 146.75 -29.99 27.12
C ILE G 2817 146.35 -31.33 27.73
N ALA G 2818 145.12 -31.43 28.24
CA ALA G 2818 144.67 -32.69 28.81
C ALA G 2818 144.32 -33.71 27.74
N TRP G 2819 143.85 -33.24 26.58
CA TRP G 2819 143.54 -34.17 25.49
C TRP G 2819 144.81 -34.67 24.81
N GLU G 2820 145.78 -33.78 24.59
CA GLU G 2820 147.07 -34.17 24.02
C GLU G 2820 148.15 -33.30 24.64
N TRP G 2821 149.06 -33.92 25.39
CA TRP G 2821 150.09 -33.20 26.13
C TRP G 2821 151.25 -32.85 25.21
N THR G 2822 151.02 -31.83 24.37
CA THR G 2822 152.02 -31.27 23.46
C THR G 2822 151.91 -29.75 23.53
N ILE G 2823 152.66 -29.13 24.43
CA ILE G 2823 152.65 -27.67 24.62
C ILE G 2823 154.09 -27.20 24.52
N GLU G 2824 154.53 -26.87 23.31
CA GLU G 2824 155.87 -26.34 23.08
C GLU G 2824 155.87 -25.57 21.77
N LYS G 2825 156.88 -24.72 21.60
CA LYS G 2825 157.03 -23.87 20.43
C LYS G 2825 158.05 -24.50 19.48
N ALA G 2826 157.61 -24.82 18.26
CA ALA G 2826 158.47 -25.45 17.27
C ALA G 2826 158.55 -24.64 15.98
N ARG G 2827 158.06 -23.40 15.97
CA ARG G 2827 158.07 -22.58 14.77
C ARG G 2827 158.18 -21.11 15.17
N GLU G 2828 158.27 -20.25 14.15
CA GLU G 2828 158.39 -18.82 14.40
C GLU G 2828 157.04 -18.22 14.77
N GLY G 2829 157.07 -16.97 15.25
CA GLY G 2829 155.85 -16.29 15.59
C GLY G 2829 155.13 -15.77 14.35
N GLU G 2830 153.80 -15.76 14.42
CA GLU G 2830 152.99 -15.32 13.30
C GLU G 2830 151.67 -14.71 13.76
N TYR G 2855 140.99 3.03 18.35
CA TYR G 2855 141.97 2.01 17.96
C TYR G 2855 141.66 1.41 16.60
N ASN G 2856 142.72 1.11 15.85
CA ASN G 2856 142.63 0.47 14.54
C ASN G 2856 143.46 -0.79 14.57
N PRO G 2857 142.99 -1.84 15.25
CA PRO G 2857 143.78 -3.08 15.32
C PRO G 2857 143.55 -3.94 14.09
N GLN G 2858 144.61 -4.13 13.30
CA GLN G 2858 144.54 -4.92 12.08
C GLN G 2858 145.06 -6.33 12.38
N PRO G 2859 144.22 -7.34 12.32
CA PRO G 2859 144.69 -8.71 12.60
C PRO G 2859 145.44 -9.28 11.41
N PRO G 2860 146.40 -10.16 11.65
CA PRO G 2860 147.15 -10.76 10.53
C PRO G 2860 146.33 -11.81 9.81
N ASP G 2861 146.81 -12.18 8.62
CA ASP G 2861 146.14 -13.17 7.78
C ASP G 2861 146.40 -14.56 8.33
N LEU G 2862 145.45 -15.05 9.13
CA LEU G 2862 145.54 -16.35 9.77
C LEU G 2862 145.13 -17.50 8.84
N SER G 2863 144.64 -17.20 7.64
CA SER G 2863 144.25 -18.20 6.66
C SER G 2863 145.34 -18.45 5.63
N GLY G 2864 146.61 -18.35 6.03
CA GLY G 2864 147.69 -18.57 5.08
C GLY G 2864 147.92 -20.04 4.78
N VAL G 2865 148.16 -20.83 5.83
CA VAL G 2865 148.38 -22.26 5.70
C VAL G 2865 147.06 -22.96 5.96
N THR G 2866 146.69 -23.88 5.06
CA THR G 2866 145.42 -24.59 5.18
C THR G 2866 145.52 -25.71 6.21
N LEU G 2867 144.36 -26.23 6.59
CA LEU G 2867 144.29 -27.32 7.55
C LEU G 2867 144.66 -28.63 6.88
N SER G 2868 145.63 -29.34 7.45
CA SER G 2868 146.14 -30.58 6.89
C SER G 2868 145.34 -31.76 7.44
N ARG G 2869 145.87 -32.98 7.29
CA ARG G 2869 145.18 -34.18 7.76
C ARG G 2869 145.15 -34.26 9.28
N GLU G 2870 146.10 -33.60 9.96
CA GLU G 2870 146.12 -33.61 11.43
C GLU G 2870 145.37 -32.44 12.03
N LEU G 2871 145.38 -31.28 11.36
CA LEU G 2871 144.75 -30.10 11.93
C LEU G 2871 143.24 -30.13 11.78
N GLN G 2872 142.74 -30.84 10.76
CA GLN G 2872 141.31 -30.93 10.54
C GLN G 2872 140.64 -31.81 11.58
N ALA G 2873 141.34 -32.83 12.07
CA ALA G 2873 140.82 -33.64 13.18
C ALA G 2873 141.10 -32.99 14.52
N MET G 2874 142.11 -32.12 14.61
CA MET G 2874 142.38 -31.42 15.86
C MET G 2874 141.39 -30.28 16.08
N ALA G 2875 140.88 -29.69 15.00
CA ALA G 2875 139.91 -28.61 15.15
C ALA G 2875 138.54 -29.13 15.57
N GLU G 2876 138.15 -30.31 15.06
CA GLU G 2876 136.85 -30.87 15.40
C GLU G 2876 136.86 -31.46 16.81
N GLN G 2877 138.02 -31.96 17.25
CA GLN G 2877 138.12 -32.53 18.59
C GLN G 2877 138.11 -31.44 19.66
N LEU G 2878 138.72 -30.29 19.35
CA LEU G 2878 138.66 -29.14 20.24
C LEU G 2878 137.27 -28.50 20.23
N ALA G 2879 136.56 -28.61 19.11
CA ALA G 2879 135.19 -28.09 19.04
C ALA G 2879 134.23 -28.97 19.83
N GLU G 2880 134.46 -30.29 19.82
CA GLU G 2880 133.60 -31.20 20.56
C GLU G 2880 133.89 -31.14 22.06
N ASN G 2881 135.15 -30.87 22.43
CA ASN G 2881 135.52 -30.78 23.83
C ASN G 2881 135.01 -29.49 24.45
N TYR G 2882 134.99 -28.40 23.67
CA TYR G 2882 134.45 -27.14 24.17
C TYR G 2882 132.94 -27.21 24.28
N HIS G 2883 132.29 -27.96 23.39
CA HIS G 2883 130.86 -28.20 23.50
C HIS G 2883 130.54 -29.13 24.66
N ASN G 2884 131.46 -30.04 24.99
CA ASN G 2884 131.25 -30.94 26.13
C ASN G 2884 131.44 -30.21 27.44
N THR G 2885 132.35 -29.23 27.47
CA THR G 2885 132.54 -28.44 28.68
C THR G 2885 131.39 -27.46 28.87
N TRP G 2886 130.86 -26.93 27.76
CA TRP G 2886 129.75 -25.99 27.85
C TRP G 2886 128.45 -26.71 28.19
N GLY G 2887 128.32 -27.97 27.76
CA GLY G 2887 127.14 -28.74 28.12
C GLY G 2887 127.17 -29.18 29.57
N ARG G 2888 128.37 -29.46 30.09
CA ARG G 2888 128.52 -29.74 31.51
C ARG G 2888 128.34 -28.49 32.35
N LYS G 2889 128.72 -27.33 31.81
CA LYS G 2889 128.50 -26.08 32.53
C LYS G 2889 127.02 -25.69 32.52
N LYS G 2890 126.29 -26.09 31.48
CA LYS G 2890 124.85 -25.86 31.47
C LYS G 2890 124.13 -26.87 32.37
N LYS G 2891 124.69 -28.08 32.51
CA LYS G 2891 124.06 -29.07 33.36
C LYS G 2891 124.28 -28.78 34.83
N GLN G 2892 125.44 -28.23 35.18
CA GLN G 2892 125.71 -27.85 36.56
C GLN G 2892 124.95 -26.58 36.94
N GLU G 2893 124.66 -25.71 35.96
CA GLU G 2893 123.87 -24.53 36.26
C GLU G 2893 122.38 -24.85 36.36
N LEU G 2894 121.93 -25.90 35.65
CA LEU G 2894 120.53 -26.27 35.72
C LEU G 2894 120.20 -27.01 37.00
N GLU G 2895 121.15 -27.79 37.54
CA GLU G 2895 120.89 -28.54 38.76
C GLU G 2895 120.94 -27.64 39.99
N ALA G 2896 121.76 -26.60 39.97
CA ALA G 2896 121.91 -25.70 41.10
C ALA G 2896 120.89 -24.57 41.04
N LEU G 2905 121.94 -28.76 25.86
CA LEU G 2905 121.99 -30.21 26.07
C LEU G 2905 121.99 -30.94 24.73
N VAL G 2906 122.77 -30.44 23.78
CA VAL G 2906 122.86 -30.99 22.44
C VAL G 2906 124.28 -31.49 22.23
N PRO G 2907 124.49 -32.64 21.59
CA PRO G 2907 125.85 -33.05 21.26
C PRO G 2907 126.36 -32.34 20.03
N TYR G 2908 127.69 -32.31 19.90
CA TYR G 2908 128.33 -31.62 18.79
C TYR G 2908 128.20 -32.41 17.50
N ASP G 2909 128.10 -33.74 17.59
CA ASP G 2909 127.99 -34.56 16.39
C ASP G 2909 126.60 -34.46 15.76
N THR G 2910 125.56 -34.36 16.58
CA THR G 2910 124.19 -34.30 16.12
C THR G 2910 123.60 -32.90 16.17
N LEU G 2911 124.44 -31.87 16.23
CA LEU G 2911 123.96 -30.50 16.26
C LEU G 2911 123.46 -30.07 14.89
N THR G 2912 122.62 -29.04 14.88
CA THR G 2912 122.00 -28.55 13.65
C THR G 2912 123.01 -27.77 12.82
N ALA G 2913 122.69 -27.58 11.53
CA ALA G 2913 123.60 -26.91 10.61
C ALA G 2913 123.71 -25.43 10.92
N LYS G 2914 122.63 -24.82 11.43
CA LYS G 2914 122.67 -23.40 11.76
C LYS G 2914 123.47 -23.15 13.03
N GLU G 2915 123.43 -24.08 13.98
CA GLU G 2915 124.20 -23.92 15.21
C GLU G 2915 125.65 -24.32 15.01
N LYS G 2916 125.92 -25.28 14.13
CA LYS G 2916 127.30 -25.71 13.91
C LYS G 2916 128.07 -24.75 13.01
N ALA G 2917 127.37 -23.90 12.27
CA ALA G 2917 128.06 -22.92 11.44
C ALA G 2917 128.68 -21.81 12.28
N ARG G 2918 128.04 -21.45 13.39
CA ARG G 2918 128.57 -20.39 14.25
C ARG G 2918 129.45 -20.92 15.36
N ASP G 2919 129.26 -22.16 15.79
CA ASP G 2919 130.06 -22.71 16.88
C ASP G 2919 131.43 -23.15 16.39
N ARG G 2920 131.55 -23.51 15.11
CA ARG G 2920 132.84 -23.85 14.54
C ARG G 2920 133.70 -22.62 14.24
N GLU G 2921 133.10 -21.43 14.27
CA GLU G 2921 133.87 -20.21 14.06
C GLU G 2921 134.76 -19.90 15.25
N LYS G 2922 134.34 -20.31 16.45
CA LYS G 2922 135.19 -20.14 17.63
C LYS G 2922 136.31 -21.17 17.64
N ALA G 2923 136.06 -22.36 17.08
CA ALA G 2923 137.11 -23.38 17.03
C ALA G 2923 138.11 -23.09 15.92
N GLN G 2924 137.67 -22.47 14.82
CA GLN G 2924 138.58 -22.19 13.71
C GLN G 2924 139.51 -21.04 14.03
N GLU G 2925 139.03 -20.06 14.80
CA GLU G 2925 139.87 -18.92 15.18
C GLU G 2925 140.86 -19.31 16.27
N LEU G 2926 140.46 -20.22 17.16
CA LEU G 2926 141.35 -20.65 18.23
C LEU G 2926 142.46 -21.56 17.70
N LEU G 2927 142.14 -22.36 16.68
CA LEU G 2927 143.17 -23.16 16.01
C LEU G 2927 144.07 -22.29 15.16
N LYS G 2928 143.54 -21.18 14.63
CA LYS G 2928 144.37 -20.24 13.89
C LYS G 2928 145.24 -19.41 14.85
N PHE G 2929 144.78 -19.20 16.08
CA PHE G 2929 145.60 -18.50 17.05
C PHE G 2929 146.66 -19.42 17.64
N LEU G 2930 146.35 -20.71 17.77
CA LEU G 2930 147.33 -21.65 18.31
C LEU G 2930 148.37 -22.04 17.26
N GLN G 2931 148.05 -21.90 15.97
CA GLN G 2931 148.99 -22.27 14.92
C GLN G 2931 150.16 -21.28 14.84
N MET G 2932 149.94 -20.04 15.24
CA MET G 2932 151.04 -19.10 15.35
C MET G 2932 151.83 -19.38 16.63
N ASN G 2933 153.03 -18.80 16.68
CA ASN G 2933 154.00 -18.88 17.78
C ASN G 2933 154.46 -20.31 18.07
N GLY G 2934 154.35 -21.22 17.11
CA GLY G 2934 154.87 -22.57 17.24
C GLY G 2934 154.09 -23.52 18.12
N TYR G 2935 152.96 -23.10 18.66
CA TYR G 2935 152.18 -23.94 19.58
C TYR G 2935 151.17 -24.82 18.85
N ALA G 2936 151.64 -25.56 17.85
CA ALA G 2936 150.78 -26.43 17.04
C ALA G 2936 150.63 -27.75 17.77
N VAL G 2937 149.51 -27.92 18.48
CA VAL G 2937 149.23 -29.16 19.18
C VAL G 2937 148.74 -30.19 18.18
N THR G 2938 149.52 -31.26 17.98
CA THR G 2938 149.21 -32.31 17.02
C THR G 2938 149.27 -33.65 17.74
N ARG G 2939 148.15 -34.35 17.77
CA ARG G 2939 148.06 -35.65 18.43
C ARG G 2939 148.77 -36.73 17.61
N UNK G 2951 129.11 -44.65 3.56
CA UNK G 2951 128.21 -45.31 4.50
C UNK G 2951 127.70 -46.63 3.93
N UNK G 2952 128.19 -46.99 2.75
CA UNK G 2952 127.78 -48.22 2.10
C UNK G 2952 128.85 -49.30 2.26
N UNK G 2953 130.09 -48.88 2.44
CA UNK G 2953 131.20 -49.81 2.60
C UNK G 2953 131.20 -50.41 4.01
N UNK G 2954 130.80 -49.61 4.99
CA UNK G 2954 130.73 -50.07 6.37
C UNK G 2954 129.51 -50.96 6.59
N UNK G 2955 128.46 -50.70 5.81
CA UNK G 2955 127.24 -51.49 5.90
C UNK G 2955 127.42 -52.84 5.23
N UNK G 2956 128.25 -52.88 4.19
CA UNK G 2956 128.53 -54.12 3.48
C UNK G 2956 129.49 -54.99 4.27
N UNK G 2957 130.36 -54.36 5.04
CA UNK G 2957 131.32 -55.07 5.87
C UNK G 2957 130.63 -55.66 7.10
N UNK G 2958 129.60 -54.97 7.57
CA UNK G 2958 128.83 -55.43 8.72
C UNK G 2958 127.88 -56.56 8.31
N UNK G 2959 127.44 -56.52 7.06
CA UNK G 2959 126.55 -57.54 6.52
C UNK G 2959 127.33 -58.82 6.21
N UNK G 2960 128.60 -58.65 5.84
CA UNK G 2960 129.47 -59.78 5.54
C UNK G 2960 129.91 -60.47 6.82
N UNK G 2961 130.04 -59.69 7.88
CA UNK G 2961 130.44 -60.23 9.18
C UNK G 2961 129.27 -60.93 9.84
N UNK G 2962 128.05 -60.46 9.55
CA UNK G 2962 126.84 -61.06 10.08
C UNK G 2962 126.51 -62.35 9.34
N UNK G 2963 126.88 -62.40 8.07
CA UNK G 2963 126.65 -63.59 7.24
C UNK G 2963 127.65 -64.67 7.58
N UNK G 2964 128.85 -64.26 8.00
CA UNK G 2964 129.90 -65.20 8.39
C UNK G 2964 129.59 -65.78 9.77
N UNK G 2965 128.93 -64.99 10.61
CA UNK G 2965 128.55 -65.43 11.94
C UNK G 2965 127.34 -66.35 11.87
N UNK G 2966 126.49 -66.11 10.88
CA UNK G 2966 125.29 -66.93 10.68
C UNK G 2966 125.67 -68.27 10.05
N UNK G 2967 126.71 -68.26 9.24
CA UNK G 2967 127.20 -69.48 8.59
C UNK G 2967 127.94 -70.36 9.59
N UNK G 2968 128.58 -69.72 10.57
CA UNK G 2968 129.30 -70.45 11.61
C UNK G 2968 128.32 -71.03 12.62
N UNK G 2969 127.19 -70.35 12.80
CA UNK G 2969 126.16 -70.80 13.72
C UNK G 2969 125.35 -71.94 13.09
N UNK G 2970 125.22 -71.90 11.77
CA UNK G 2970 124.50 -72.95 11.05
C UNK G 2970 125.35 -74.21 10.94
N UNK G 2971 126.66 -74.03 10.89
CA UNK G 2971 127.59 -75.15 10.81
C UNK G 2971 127.70 -75.83 12.17
N UNK G 2972 127.54 -75.06 13.24
CA UNK G 2972 127.61 -75.58 14.59
C UNK G 2972 126.30 -76.30 14.94
N UNK G 2973 125.21 -75.85 14.32
CA UNK G 2973 123.90 -76.46 14.56
C UNK G 2973 123.76 -77.75 13.77
N UNK G 2974 124.44 -77.81 12.62
CA UNK G 2974 124.40 -78.99 11.78
C UNK G 2974 125.34 -80.07 12.30
N UNK G 2975 126.33 -79.66 13.09
CA UNK G 2975 127.27 -80.58 13.68
C UNK G 2975 126.66 -81.31 14.87
N UNK G 2976 125.68 -80.68 15.51
CA UNK G 2976 125.00 -81.27 16.65
C UNK G 2976 123.91 -82.23 16.19
N UNK G 2996 118.91 -67.35 20.23
CA UNK G 2996 118.83 -65.90 20.12
C UNK G 2996 119.59 -65.41 18.89
N UNK G 2997 120.39 -66.29 18.29
CA UNK G 2997 121.16 -65.95 17.11
C UNK G 2997 120.37 -66.23 15.85
N UNK G 2998 119.31 -67.02 15.98
CA UNK G 2998 118.46 -67.38 14.84
C UNK G 2998 117.54 -66.21 14.48
N UNK G 2999 117.13 -65.45 15.49
CA UNK G 2999 116.27 -64.30 15.28
C UNK G 2999 117.05 -63.13 14.71
N UNK G 3000 118.33 -63.06 15.06
CA UNK G 3000 119.20 -61.99 14.57
C UNK G 3000 119.62 -62.27 13.12
N UNK G 3001 119.73 -63.55 12.78
CA UNK G 3001 120.10 -63.94 11.42
C UNK G 3001 118.91 -63.79 10.47
N UNK G 3002 117.70 -63.96 11.01
CA UNK G 3002 116.48 -63.81 10.22
C UNK G 3002 116.19 -62.33 9.98
N UNK G 3003 116.57 -61.50 10.94
CA UNK G 3003 116.36 -60.05 10.83
C UNK G 3003 117.39 -59.45 9.88
N UNK G 3004 118.57 -60.05 9.84
CA UNK G 3004 119.64 -59.58 8.96
C UNK G 3004 119.37 -60.01 7.51
N UNK G 3005 118.71 -61.15 7.35
CA UNK G 3005 118.36 -61.66 6.03
C UNK G 3005 117.17 -60.88 5.47
N UNK G 3006 116.30 -60.42 6.34
CA UNK G 3006 115.14 -59.63 5.93
C UNK G 3006 115.55 -58.21 5.58
N UNK G 3007 116.60 -57.72 6.25
CA UNK G 3007 117.12 -56.39 5.98
C UNK G 3007 117.93 -56.37 4.70
N UNK G 3008 118.57 -57.50 4.39
CA UNK G 3008 119.36 -57.63 3.18
C UNK G 3008 118.46 -57.80 1.96
N UNK G 3009 117.30 -58.43 2.18
CA UNK G 3009 116.33 -58.65 1.12
C UNK G 3009 115.58 -57.35 0.81
N UNK G 3010 115.41 -56.52 1.83
CA UNK G 3010 114.73 -55.24 1.68
C UNK G 3010 115.66 -54.23 1.02
N UNK G 3011 116.96 -54.37 1.25
CA UNK G 3011 117.95 -53.48 0.66
C UNK G 3011 118.18 -53.84 -0.80
N UNK G 3012 118.03 -55.12 -1.11
CA UNK G 3012 118.22 -55.60 -2.49
C UNK G 3012 117.01 -55.25 -3.34
N UNK G 3013 115.84 -55.19 -2.70
CA UNK G 3013 114.60 -54.85 -3.41
C UNK G 3013 114.51 -53.35 -3.64
N UNK G 3014 115.17 -52.57 -2.78
CA UNK G 3014 115.18 -51.12 -2.89
C UNK G 3014 116.31 -50.66 -3.81
N UNK G 3015 117.24 -51.56 -4.11
CA UNK G 3015 118.37 -51.26 -4.97
C UNK G 3015 117.93 -51.24 -6.44
N UNK G 3025 135.08 -52.08 -5.76
CA UNK G 3025 135.10 -51.83 -4.33
C UNK G 3025 133.83 -52.37 -3.68
N UNK G 3026 132.70 -51.72 -3.95
CA UNK G 3026 131.42 -52.14 -3.38
C UNK G 3026 130.85 -53.33 -4.15
N UNK G 3027 131.25 -53.45 -5.42
CA UNK G 3027 130.79 -54.54 -6.25
C UNK G 3027 131.48 -55.85 -5.89
N UNK G 3028 132.74 -55.74 -5.44
CA UNK G 3028 133.51 -56.90 -5.03
C UNK G 3028 133.06 -57.40 -3.67
N UNK G 3029 132.59 -56.48 -2.84
CA UNK G 3029 132.09 -56.83 -1.51
C UNK G 3029 130.71 -57.45 -1.59
N UNK G 3030 129.94 -57.03 -2.59
CA UNK G 3030 128.60 -57.56 -2.80
C UNK G 3030 128.67 -58.95 -3.43
N UNK G 3031 129.70 -59.18 -4.23
CA UNK G 3031 129.91 -60.47 -4.88
C UNK G 3031 130.44 -61.49 -3.88
N UNK G 3032 131.21 -61.00 -2.90
CA UNK G 3032 131.76 -61.86 -1.86
C UNK G 3032 130.70 -62.23 -0.84
N UNK G 3033 129.74 -61.33 -0.64
CA UNK G 3033 128.64 -61.56 0.28
C UNK G 3033 127.62 -62.51 -0.33
N UNK G 3034 127.49 -62.46 -1.65
CA UNK G 3034 126.58 -63.33 -2.37
C UNK G 3034 127.15 -64.75 -2.48
N UNK G 3035 128.48 -64.83 -2.53
CA UNK G 3035 129.15 -66.12 -2.61
C UNK G 3035 129.16 -66.80 -1.25
N UNK G 3036 129.19 -65.99 -0.19
CA UNK G 3036 129.17 -66.51 1.17
C UNK G 3036 127.77 -66.96 1.56
N UNK G 3037 126.77 -66.31 0.99
CA UNK G 3037 125.38 -66.65 1.25
C UNK G 3037 124.99 -67.91 0.48
N UNK G 3038 125.61 -68.11 -0.68
CA UNK G 3038 125.35 -69.28 -1.50
C UNK G 3038 126.05 -70.51 -0.91
N UNK G 3039 127.18 -70.28 -0.25
CA UNK G 3039 127.94 -71.36 0.37
C UNK G 3039 127.28 -71.79 1.68
N UNK G 3040 126.62 -70.84 2.34
CA UNK G 3040 125.94 -71.13 3.60
C UNK G 3040 124.61 -71.83 3.34
N UNK G 3041 124.02 -71.57 2.17
CA UNK G 3041 122.76 -72.18 1.81
C UNK G 3041 122.98 -73.61 1.30
N UNK G 3042 124.18 -73.89 0.82
CA UNK G 3042 124.53 -75.21 0.31
C UNK G 3042 124.79 -76.18 1.47
N UNK G 3049 113.13 -70.91 3.13
CA UNK G 3049 112.10 -70.12 2.48
C UNK G 3049 112.57 -68.68 2.25
N UNK G 3050 112.99 -68.04 3.33
CA UNK G 3050 113.47 -66.66 3.25
C UNK G 3050 114.92 -66.61 2.78
N UNK G 3051 115.64 -67.72 2.96
CA UNK G 3051 117.02 -67.80 2.54
C UNK G 3051 117.14 -67.97 1.04
N UNK G 3052 116.14 -68.63 0.44
CA UNK G 3052 116.11 -68.83 -1.00
C UNK G 3052 115.69 -67.55 -1.72
N UNK G 3053 114.87 -66.74 -1.06
CA UNK G 3053 114.42 -65.48 -1.62
C UNK G 3053 115.51 -64.42 -1.51
N UNK G 3054 116.34 -64.54 -0.48
CA UNK G 3054 117.44 -63.60 -0.29
C UNK G 3054 118.59 -63.92 -1.23
N UNK G 3055 118.74 -65.20 -1.58
CA UNK G 3055 119.78 -65.63 -2.50
C UNK G 3055 119.40 -65.28 -3.93
N UNK G 3056 118.09 -65.28 -4.21
CA UNK G 3056 117.59 -64.95 -5.54
C UNK G 3056 117.64 -63.43 -5.75
N UNK G 3057 117.48 -62.68 -4.67
CA UNK G 3057 117.53 -61.23 -4.74
C UNK G 3057 118.98 -60.74 -4.88
N UNK G 3058 119.90 -61.50 -4.30
CA UNK G 3058 121.32 -61.16 -4.36
C UNK G 3058 121.89 -61.52 -5.73
N UNK G 3059 121.31 -62.54 -6.37
CA UNK G 3059 121.74 -62.97 -7.68
C UNK G 3059 121.19 -62.04 -8.76
N UNK G 3060 120.02 -61.47 -8.50
CA UNK G 3060 119.38 -60.54 -9.43
C UNK G 3060 120.04 -59.17 -9.35
N UNK G 3061 120.58 -58.83 -8.18
CA UNK G 3061 121.25 -57.55 -7.98
C UNK G 3061 122.66 -57.59 -8.56
N UNK G 3062 123.23 -58.79 -8.63
CA UNK G 3062 124.57 -58.96 -9.17
C UNK G 3062 124.57 -58.93 -10.69
N UNK G 3141 137.13 -66.49 -7.03
CA UNK G 3141 136.34 -66.87 -5.87
C UNK G 3141 134.90 -67.18 -6.25
N UNK G 3142 134.34 -66.35 -7.13
CA UNK G 3142 132.97 -66.52 -7.59
C UNK G 3142 132.88 -67.63 -8.64
N UNK G 3143 134.00 -67.87 -9.33
CA UNK G 3143 134.04 -68.90 -10.36
C UNK G 3143 134.11 -70.28 -9.73
N UNK G 3144 134.72 -70.37 -8.55
CA UNK G 3144 134.84 -71.63 -7.82
C UNK G 3144 133.51 -71.99 -7.17
N UNK G 3145 132.75 -70.97 -6.79
CA UNK G 3145 131.45 -71.17 -6.16
C UNK G 3145 130.41 -71.55 -7.21
N UNK G 3146 130.59 -71.05 -8.43
CA UNK G 3146 129.68 -71.35 -9.54
C UNK G 3146 129.95 -72.75 -10.08
N UNK G 3147 131.20 -73.19 -9.99
CA UNK G 3147 131.58 -74.51 -10.43
C UNK G 3147 131.14 -75.57 -9.43
N UNK G 3148 131.11 -75.18 -8.16
CA UNK G 3148 130.68 -76.08 -7.09
C UNK G 3148 129.16 -76.22 -7.09
N UNK G 3149 128.48 -75.17 -7.51
CA UNK G 3149 127.02 -75.18 -7.59
C UNK G 3149 126.55 -75.97 -8.81
N UNK G 3150 127.37 -75.94 -9.86
CA UNK G 3150 127.06 -76.68 -11.07
C UNK G 3150 127.33 -78.16 -10.89
N UNK G 3151 128.32 -78.48 -10.05
CA UNK G 3151 128.67 -79.86 -9.77
C UNK G 3151 127.66 -80.47 -8.81
N UNK G 3152 127.08 -79.64 -7.95
CA UNK G 3152 126.06 -80.09 -7.00
C UNK G 3152 124.73 -80.30 -7.71
N UNK G 3153 124.50 -79.52 -8.76
CA UNK G 3153 123.28 -79.64 -9.54
C UNK G 3153 123.35 -80.84 -10.47
N UNK G 3154 124.56 -81.18 -10.91
CA UNK G 3154 124.78 -82.31 -11.78
C UNK G 3154 124.71 -83.62 -10.99
N UNK G 3155 125.12 -83.56 -9.72
CA UNK G 3155 125.07 -84.71 -8.84
C UNK G 3155 123.65 -84.98 -8.37
N UNK G 3156 122.85 -83.91 -8.28
CA UNK G 3156 121.46 -84.03 -7.87
C UNK G 3156 120.61 -84.53 -9.03
N UNK G 3157 121.02 -84.20 -10.25
CA UNK G 3157 120.31 -84.64 -11.44
C UNK G 3157 120.62 -86.11 -11.72
N UNK G 3158 121.82 -86.54 -11.34
CA UNK G 3158 122.23 -87.92 -11.52
C UNK G 3158 121.59 -88.81 -10.47
N UNK G 3159 121.32 -88.24 -9.30
CA UNK G 3159 120.69 -88.96 -8.21
C UNK G 3159 119.19 -89.09 -8.46
N UNK G 3160 118.62 -88.11 -9.15
CA UNK G 3160 117.20 -88.11 -9.48
C UNK G 3160 116.92 -89.03 -10.66
N UNK G 3161 117.93 -89.24 -11.49
CA UNK G 3161 117.81 -90.12 -12.65
C UNK G 3161 117.91 -91.58 -12.23
N UNK G 3162 118.58 -91.83 -11.11
CA UNK G 3162 118.75 -93.18 -10.58
C UNK G 3162 117.52 -93.60 -9.78
N UNK G 3169 117.88 -82.83 -0.07
CA UNK G 3169 117.81 -83.92 -1.03
C UNK G 3169 117.09 -83.49 -2.30
N UNK G 3170 115.77 -83.41 -2.24
CA UNK G 3170 114.97 -83.00 -3.38
C UNK G 3170 114.59 -81.53 -3.28
N UNK G 3171 114.38 -81.06 -2.06
CA UNK G 3171 114.02 -79.66 -1.82
C UNK G 3171 115.24 -78.76 -1.99
N UNK G 3172 116.41 -79.29 -1.65
CA UNK G 3172 117.65 -78.54 -1.78
C UNK G 3172 118.11 -78.51 -3.24
N UNK G 3173 117.70 -79.53 -3.99
CA UNK G 3173 118.04 -79.61 -5.41
C UNK G 3173 117.16 -78.67 -6.23
N UNK G 3174 115.92 -78.51 -5.79
CA UNK G 3174 114.98 -77.62 -6.47
C UNK G 3174 115.30 -76.17 -6.16
N UNK G 3175 115.85 -75.92 -4.98
CA UNK G 3175 116.23 -74.57 -4.57
C UNK G 3175 117.52 -74.14 -5.27
N UNK G 3176 118.38 -75.10 -5.54
CA UNK G 3176 119.64 -74.84 -6.23
C UNK G 3176 119.40 -74.64 -7.72
N UNK G 3177 118.39 -75.31 -8.25
CA UNK G 3177 118.03 -75.19 -9.66
C UNK G 3177 117.31 -73.88 -9.92
N UNK G 3178 116.56 -73.41 -8.93
CA UNK G 3178 115.84 -72.15 -9.04
C UNK G 3178 116.81 -70.97 -8.88
N UNK G 3179 117.86 -71.17 -8.10
CA UNK G 3179 118.86 -70.14 -7.88
C UNK G 3179 119.78 -70.03 -9.10
N UNK G 3180 119.98 -71.15 -9.79
CA UNK G 3180 120.82 -71.17 -10.98
C UNK G 3180 120.06 -70.59 -12.17
N UNK G 3181 118.74 -70.75 -12.16
CA UNK G 3181 117.90 -70.21 -13.22
C UNK G 3181 117.71 -68.71 -13.06
N UNK G 3182 117.74 -68.26 -11.81
CA UNK G 3182 117.61 -66.83 -11.51
C UNK G 3182 118.92 -66.11 -11.80
N UNK G 3183 120.03 -66.81 -11.64
CA UNK G 3183 121.35 -66.25 -11.90
C UNK G 3183 121.61 -66.18 -13.40
N UNK G 3184 121.04 -67.13 -14.13
CA UNK G 3184 121.19 -67.17 -15.58
C UNK G 3184 120.32 -66.13 -16.25
N UNK G 3185 119.18 -65.83 -15.63
CA UNK G 3185 118.25 -64.83 -16.15
C UNK G 3185 118.77 -63.43 -15.87
N UNK G 3186 119.52 -63.28 -14.78
CA UNK G 3186 120.10 -61.99 -14.40
C UNK G 3186 121.34 -61.70 -15.23
N UNK G 3187 122.04 -62.75 -15.65
CA UNK G 3187 123.24 -62.59 -16.46
C UNK G 3187 122.88 -62.38 -17.92
N UNK G 3188 121.68 -62.79 -18.31
CA UNK G 3188 121.21 -62.63 -19.68
C UNK G 3188 120.78 -61.18 -19.93
N UNK G 3189 120.34 -60.51 -18.88
CA UNK G 3189 119.91 -59.12 -18.99
C UNK G 3189 121.10 -58.18 -18.96
N UNK G 3198 133.86 -72.21 -16.31
CA UNK G 3198 132.90 -73.25 -15.93
C UNK G 3198 132.05 -73.66 -17.12
N UNK G 3199 132.66 -73.73 -18.29
CA UNK G 3199 131.95 -74.11 -19.51
C UNK G 3199 131.76 -75.62 -19.57
N UNK G 3200 132.70 -76.36 -18.97
CA UNK G 3200 132.63 -77.81 -18.96
C UNK G 3200 131.59 -78.30 -17.96
N UNK G 3201 131.40 -77.54 -16.89
CA UNK G 3201 130.42 -77.88 -15.87
C UNK G 3201 129.00 -77.55 -16.35
N UNK G 3202 128.90 -76.52 -17.19
CA UNK G 3202 127.62 -76.11 -17.75
C UNK G 3202 127.18 -77.07 -18.86
N UNK G 3203 128.17 -77.64 -19.55
CA UNK G 3203 127.90 -78.58 -20.63
C UNK G 3203 127.52 -79.95 -20.05
N UNK G 3204 128.06 -80.26 -18.89
CA UNK G 3204 127.76 -81.51 -18.22
C UNK G 3204 126.39 -81.45 -17.55
N UNK G 3205 126.00 -80.26 -17.14
CA UNK G 3205 124.69 -80.05 -16.51
C UNK G 3205 123.60 -80.04 -17.57
N UNK G 3206 123.95 -79.58 -18.77
CA UNK G 3206 123.00 -79.55 -19.88
C UNK G 3206 122.81 -80.94 -20.47
N UNK G 3207 123.85 -81.75 -20.39
CA UNK G 3207 123.79 -83.13 -20.89
C UNK G 3207 123.03 -84.02 -19.92
N UNK G 3208 123.10 -83.69 -18.64
CA UNK G 3208 122.40 -84.44 -17.61
C UNK G 3208 120.92 -84.10 -17.61
N UNK G 3209 120.61 -82.87 -18.00
CA UNK G 3209 119.23 -82.41 -18.06
C UNK G 3209 118.55 -82.95 -19.32
N UNK G 3210 119.33 -83.15 -20.37
CA UNK G 3210 118.81 -83.68 -21.63
C UNK G 3210 118.61 -85.18 -21.54
N UNK G 3211 119.38 -85.83 -20.68
CA UNK G 3211 119.29 -87.28 -20.48
C UNK G 3211 118.11 -87.62 -19.59
N UNK G 3212 117.70 -86.66 -18.75
CA UNK G 3212 116.59 -86.87 -17.84
C UNK G 3212 115.26 -86.76 -18.58
N UNK G 3221 108.88 -82.23 -11.67
CA UNK G 3221 109.98 -81.28 -11.69
C UNK G 3221 110.57 -81.16 -13.09
N UNK G 3222 109.77 -81.48 -14.10
CA UNK G 3222 110.21 -81.42 -15.48
C UNK G 3222 110.13 -79.99 -16.00
N UNK G 3223 109.22 -79.20 -15.43
CA UNK G 3223 109.04 -77.82 -15.84
C UNK G 3223 110.17 -76.93 -15.30
N UNK G 3224 110.67 -77.28 -14.12
CA UNK G 3224 111.75 -76.54 -13.50
C UNK G 3224 113.08 -76.86 -14.18
N UNK G 3225 113.20 -78.08 -14.68
CA UNK G 3225 114.41 -78.51 -15.38
C UNK G 3225 114.46 -77.93 -16.79
N UNK G 3226 113.27 -77.70 -17.37
CA UNK G 3226 113.18 -77.14 -18.71
C UNK G 3226 113.44 -75.63 -18.67
N UNK G 3227 113.06 -75.00 -17.56
CA UNK G 3227 113.26 -73.57 -17.40
C UNK G 3227 114.73 -73.26 -17.08
N UNK G 3228 115.40 -74.21 -16.43
CA UNK G 3228 116.80 -74.05 -16.07
C UNK G 3228 117.69 -74.31 -17.28
N UNK G 3229 117.22 -75.18 -18.18
CA UNK G 3229 117.98 -75.50 -19.39
C UNK G 3229 117.82 -74.40 -20.43
N UNK G 3230 116.68 -73.73 -20.41
CA UNK G 3230 116.42 -72.64 -21.35
C UNK G 3230 117.15 -71.37 -20.92
N UNK G 3231 117.35 -71.22 -19.62
CA UNK G 3231 118.04 -70.05 -19.09
C UNK G 3231 119.55 -70.27 -19.06
N UNK G 3269 125.43 -76.10 -31.51
CA UNK G 3269 125.79 -75.82 -32.90
C UNK G 3269 125.14 -76.83 -33.84
N UNK G 3270 125.84 -77.91 -34.12
CA UNK G 3270 125.33 -78.96 -35.01
C UNK G 3270 124.34 -79.86 -34.27
N UNK G 3271 124.52 -79.96 -32.96
CA UNK G 3271 123.64 -80.79 -32.13
C UNK G 3271 122.31 -80.09 -31.90
N UNK G 3272 122.33 -78.75 -31.88
CA UNK G 3272 121.13 -77.97 -31.68
C UNK G 3272 120.31 -77.92 -32.97
N UNK G 3273 121.00 -77.98 -34.10
CA UNK G 3273 120.34 -77.97 -35.41
C UNK G 3273 119.73 -79.33 -35.70
N UNK G 3274 120.36 -80.38 -35.19
CA UNK G 3274 119.86 -81.73 -35.38
C UNK G 3274 118.67 -82.00 -34.48
N UNK G 3275 118.64 -81.35 -33.33
CA UNK G 3275 117.54 -81.49 -32.38
C UNK G 3275 116.34 -80.70 -32.84
N UNK G 3276 116.59 -79.59 -33.55
CA UNK G 3276 115.53 -78.75 -34.08
C UNK G 3276 114.91 -79.40 -35.32
N UNK G 3277 115.72 -80.14 -36.06
CA UNK G 3277 115.24 -80.84 -37.25
C UNK G 3277 114.45 -82.08 -36.86
N UNK G 3278 114.80 -82.68 -35.73
CA UNK G 3278 114.11 -83.85 -35.23
C UNK G 3278 112.77 -83.45 -34.60
N UNK G 3279 112.73 -82.26 -34.04
CA UNK G 3279 111.51 -81.74 -33.42
C UNK G 3279 110.53 -81.27 -34.49
N UNK G 3280 111.07 -80.80 -35.61
CA UNK G 3280 110.24 -80.35 -36.72
C UNK G 3280 109.67 -81.53 -37.49
N UNK G 3281 110.41 -82.64 -37.50
CA UNK G 3281 109.97 -83.84 -38.17
C UNK G 3281 108.93 -84.57 -37.34
N UNK G 3282 109.02 -84.42 -36.03
CA UNK G 3282 108.07 -85.04 -35.11
C UNK G 3282 106.76 -84.25 -35.07
N UNK G 3283 106.86 -82.95 -35.30
CA UNK G 3283 105.69 -82.08 -35.31
C UNK G 3283 104.95 -82.21 -36.63
N UNK G 3284 105.67 -82.58 -37.68
CA UNK G 3284 105.07 -82.74 -39.00
C UNK G 3284 104.33 -84.07 -39.09
N UNK G 3285 104.75 -85.05 -38.29
CA UNK G 3285 104.12 -86.35 -38.27
C UNK G 3285 102.86 -86.34 -37.41
N UNK G 3293 107.52 -84.45 -22.66
CA UNK G 3293 108.01 -83.42 -21.75
C UNK G 3293 109.39 -82.94 -22.17
N UNK G 3294 110.17 -83.83 -22.78
CA UNK G 3294 111.51 -83.51 -23.24
C UNK G 3294 111.47 -82.83 -24.60
N UNK G 3295 110.36 -82.99 -25.30
CA UNK G 3295 110.19 -82.39 -26.62
C UNK G 3295 109.91 -80.89 -26.49
N UNK G 3296 109.24 -80.51 -25.41
CA UNK G 3296 108.94 -79.11 -25.16
C UNK G 3296 110.18 -78.37 -24.66
N UNK G 3297 111.06 -79.09 -23.97
CA UNK G 3297 112.29 -78.52 -23.46
C UNK G 3297 113.31 -78.35 -24.58
N UNK G 3298 113.26 -79.25 -25.56
CA UNK G 3298 114.16 -79.20 -26.70
C UNK G 3298 113.73 -78.11 -27.68
N UNK G 3299 112.42 -77.86 -27.73
CA UNK G 3299 111.88 -76.83 -28.60
C UNK G 3299 112.13 -75.44 -28.02
N UNK G 3300 112.15 -75.36 -26.69
CA UNK G 3300 112.41 -74.11 -26.00
C UNK G 3300 113.89 -73.76 -26.05
N UNK G 3301 114.73 -74.79 -26.08
CA UNK G 3301 116.17 -74.59 -26.16
C UNK G 3301 116.59 -74.21 -27.58
N UNK G 3302 115.85 -74.71 -28.56
CA UNK G 3302 116.12 -74.40 -29.95
C UNK G 3302 115.65 -73.00 -30.30
N UNK G 3303 114.58 -72.56 -29.62
CA UNK G 3303 114.04 -71.23 -29.84
C UNK G 3303 114.91 -70.18 -29.16
N UNK G 3304 115.55 -70.57 -28.06
CA UNK G 3304 116.44 -69.68 -27.33
C UNK G 3304 117.78 -69.54 -28.05
N UNK G 3305 118.18 -70.59 -28.73
CA UNK G 3305 119.43 -70.60 -29.49
C UNK G 3305 119.27 -69.81 -30.79
N UNK G 3306 118.05 -69.82 -31.33
CA UNK G 3306 117.76 -69.09 -32.56
C UNK G 3306 117.60 -67.61 -32.28
N UNK G 3307 117.13 -67.28 -31.08
CA UNK G 3307 116.94 -65.89 -30.68
C UNK G 3307 118.28 -65.25 -30.31
N UNK G 3308 119.20 -66.08 -29.82
CA UNK G 3308 120.52 -65.61 -29.44
C UNK G 3308 121.42 -65.43 -30.66
N UNK G 3309 121.12 -66.18 -31.71
CA UNK G 3309 121.89 -66.11 -32.95
C UNK G 3309 121.39 -64.96 -33.82
N UNK G 3316 117.64 -66.71 -40.51
CA UNK G 3316 116.31 -66.13 -40.42
C UNK G 3316 115.23 -67.14 -40.81
N UNK G 3317 115.63 -68.13 -41.61
CA UNK G 3317 114.71 -69.17 -42.07
C UNK G 3317 114.55 -70.25 -40.99
N UNK G 3318 115.53 -70.34 -40.10
CA UNK G 3318 115.48 -71.33 -39.02
C UNK G 3318 114.51 -70.89 -37.93
N UNK G 3319 114.36 -69.58 -37.75
CA UNK G 3319 113.45 -69.04 -36.76
C UNK G 3319 112.01 -69.12 -37.25
N UNK G 3320 111.84 -69.03 -38.57
CA UNK G 3320 110.52 -69.11 -39.17
C UNK G 3320 110.04 -70.56 -39.21
N UNK G 3321 110.98 -71.48 -39.34
CA UNK G 3321 110.66 -72.91 -39.38
C UNK G 3321 110.35 -73.42 -37.98
N UNK G 3322 110.98 -72.81 -36.98
CA UNK G 3322 110.75 -73.19 -35.58
C UNK G 3322 109.42 -72.63 -35.10
N UNK G 3323 109.03 -71.49 -35.64
CA UNK G 3323 107.77 -70.85 -35.28
C UNK G 3323 106.60 -71.56 -35.95
N UNK G 3324 106.85 -72.12 -37.13
CA UNK G 3324 105.84 -72.86 -37.87
C UNK G 3324 105.64 -74.24 -37.26
N UNK G 3325 106.70 -74.79 -36.69
CA UNK G 3325 106.64 -76.10 -36.05
C UNK G 3325 105.96 -75.99 -34.68
N UNK G 3326 106.13 -74.84 -34.04
CA UNK G 3326 105.51 -74.60 -32.74
C UNK G 3326 104.02 -74.30 -32.90
N UNK G 3327 103.67 -73.70 -34.03
CA UNK G 3327 102.27 -73.39 -34.32
C UNK G 3327 101.51 -74.65 -34.75
N UNK G 3328 102.23 -75.57 -35.38
CA UNK G 3328 101.64 -76.82 -35.83
C UNK G 3328 101.46 -77.77 -34.65
N UNK G 3329 102.34 -77.67 -33.67
CA UNK G 3329 102.27 -78.51 -32.48
C UNK G 3329 101.18 -78.01 -31.54
N UNK G 3330 100.92 -76.70 -31.58
CA UNK G 3330 99.89 -76.10 -30.74
C UNK G 3330 98.51 -76.35 -31.34
N UNK G 3331 98.45 -76.46 -32.66
CA UNK G 3331 97.19 -76.71 -33.35
C UNK G 3331 96.80 -78.18 -33.25
N UNK G 3332 97.81 -79.04 -33.17
CA UNK G 3332 97.57 -80.48 -33.07
C UNK G 3332 97.16 -80.85 -31.64
N UNK G 3333 97.64 -80.09 -30.68
CA UNK G 3333 97.32 -80.34 -29.27
C UNK G 3333 95.96 -79.76 -28.92
N UNK G 3340 98.80 -76.63 -17.87
CA UNK G 3340 99.72 -77.51 -18.57
C UNK G 3340 100.98 -76.75 -18.98
N UNK G 3341 101.65 -77.24 -20.03
CA UNK G 3341 102.86 -76.61 -20.53
C UNK G 3341 102.55 -75.77 -21.77
N UNK G 3342 101.50 -74.97 -21.69
CA UNK G 3342 101.10 -74.11 -22.80
C UNK G 3342 101.54 -72.67 -22.55
N UNK G 3343 101.81 -72.35 -21.29
CA UNK G 3343 102.24 -71.01 -20.92
C UNK G 3343 103.69 -70.77 -21.31
N UNK G 3344 104.50 -71.83 -21.20
CA UNK G 3344 105.91 -71.74 -21.55
C UNK G 3344 106.09 -71.75 -23.06
N UNK G 3345 105.16 -72.40 -23.75
CA UNK G 3345 105.20 -72.49 -25.21
C UNK G 3345 104.75 -71.17 -25.83
N UNK G 3346 103.82 -70.49 -25.16
CA UNK G 3346 103.32 -69.21 -25.64
C UNK G 3346 104.32 -68.10 -25.36
N UNK G 3347 105.10 -68.26 -24.29
CA UNK G 3347 106.11 -67.27 -23.94
C UNK G 3347 107.32 -67.39 -24.85
N UNK G 3348 107.59 -68.61 -25.30
CA UNK G 3348 108.71 -68.86 -26.21
C UNK G 3348 108.35 -68.43 -27.62
N UNK G 3349 107.06 -68.49 -27.95
CA UNK G 3349 106.58 -68.09 -29.26
C UNK G 3349 106.51 -66.57 -29.37
N UNK G 3350 106.21 -65.92 -28.25
CA UNK G 3350 106.12 -64.46 -28.20
C UNK G 3350 107.51 -63.83 -28.19
N UNK G 3351 108.49 -64.59 -27.71
CA UNK G 3351 109.87 -64.11 -27.66
C UNK G 3351 110.52 -64.19 -29.03
N UNK G 3352 109.98 -65.06 -29.89
CA UNK G 3352 110.50 -65.23 -31.24
C UNK G 3352 109.42 -64.92 -32.27
N UNK G 3353 108.60 -63.91 -31.99
CA UNK G 3353 107.53 -63.51 -32.90
C UNK G 3353 107.97 -62.34 -33.77
N UNK G 3354 109.19 -61.85 -33.54
CA UNK G 3354 109.72 -60.74 -34.31
C UNK G 3354 110.14 -61.18 -35.71
N UNK G 3355 110.78 -62.34 -35.79
CA UNK G 3355 111.24 -62.88 -37.06
C UNK G 3355 110.08 -63.53 -37.82
N UNK G 3359 107.34 -62.39 -46.65
CA UNK G 3359 107.69 -63.75 -47.05
C UNK G 3359 107.33 -64.75 -45.97
N UNK G 3360 107.98 -64.63 -44.82
CA UNK G 3360 107.73 -65.53 -43.70
C UNK G 3360 106.47 -65.13 -42.94
N UNK G 3361 106.10 -63.86 -43.07
CA UNK G 3361 104.91 -63.33 -42.41
C UNK G 3361 103.64 -63.79 -43.13
N UNK G 3362 103.75 -64.01 -44.44
CA UNK G 3362 102.63 -64.46 -45.23
C UNK G 3362 102.36 -65.95 -44.98
N UNK G 3363 103.43 -66.69 -44.73
CA UNK G 3363 103.32 -68.13 -44.46
C UNK G 3363 102.83 -68.37 -43.04
N UNK G 3364 103.14 -67.43 -42.14
CA UNK G 3364 102.71 -67.52 -40.76
C UNK G 3364 101.24 -67.14 -40.63
N UNK G 3365 100.78 -66.24 -41.50
CA UNK G 3365 99.39 -65.81 -41.48
C UNK G 3365 98.50 -66.87 -42.13
N UNK G 3366 99.05 -67.63 -43.06
CA UNK G 3366 98.32 -68.68 -43.73
C UNK G 3366 98.21 -69.92 -42.84
N UNK G 3367 99.19 -70.08 -41.95
CA UNK G 3367 99.19 -71.20 -41.02
C UNK G 3367 98.31 -70.92 -39.81
N UNK G 3368 98.14 -69.63 -39.50
CA UNK G 3368 97.32 -69.22 -38.37
C UNK G 3368 95.87 -69.05 -38.80
N UNK G 3369 95.63 -69.10 -40.11
CA UNK G 3369 94.28 -68.97 -40.66
C UNK G 3369 93.49 -70.25 -40.42
N UNK G 3370 94.20 -71.38 -40.39
CA UNK G 3370 93.57 -72.66 -40.13
C UNK G 3370 93.25 -72.82 -38.65
N UNK G 3371 94.07 -72.20 -37.81
CA UNK G 3371 93.87 -72.24 -36.36
C UNK G 3371 92.74 -71.28 -35.96
N UNK G 3372 92.59 -70.20 -36.73
CA UNK G 3372 91.53 -69.23 -36.47
C UNK G 3372 90.19 -69.78 -36.94
N UNK G 3373 90.21 -70.60 -37.98
CA UNK G 3373 89.00 -71.22 -38.51
C UNK G 3373 88.56 -72.35 -37.61
N UNK G 3374 89.51 -73.01 -36.95
CA UNK G 3374 89.22 -74.09 -36.04
C UNK G 3374 88.68 -73.55 -34.72
N UNK G 3375 89.14 -72.35 -34.35
CA UNK G 3375 88.69 -71.70 -33.13
C UNK G 3375 87.30 -71.10 -33.32
N UNK G 3376 87.00 -70.71 -34.55
CA UNK G 3376 85.69 -70.15 -34.88
C UNK G 3376 84.66 -71.26 -34.97
N UNK G 3377 85.10 -72.44 -35.39
CA UNK G 3377 84.22 -73.60 -35.50
C UNK G 3377 83.94 -74.18 -34.12
N UNK G 3378 84.90 -74.05 -33.22
CA UNK G 3378 84.76 -74.53 -31.85
C UNK G 3378 83.87 -73.58 -31.05
N UNK G 3379 83.91 -72.30 -31.40
CA UNK G 3379 83.09 -71.30 -30.73
C UNK G 3379 81.64 -71.38 -31.21
N UNK G 3380 81.47 -71.80 -32.46
CA UNK G 3380 80.14 -71.96 -33.04
C UNK G 3380 79.48 -73.24 -32.51
N UNK G 3381 80.31 -74.24 -32.21
CA UNK G 3381 79.82 -75.50 -31.66
C UNK G 3381 79.47 -75.34 -30.19
N UNK G 3382 80.18 -74.45 -29.52
CA UNK G 3382 79.93 -74.19 -28.10
C UNK G 3382 78.69 -73.31 -27.93
N UNK G 3383 78.43 -72.46 -28.93
CA UNK G 3383 77.27 -71.59 -28.91
C UNK G 3383 76.00 -72.38 -29.25
N UNK G 3384 76.17 -73.41 -30.07
CA UNK G 3384 75.05 -74.26 -30.47
C UNK G 3384 74.69 -75.22 -29.34
N UNK G 3385 75.69 -75.58 -28.53
CA UNK G 3385 75.48 -76.48 -27.41
C UNK G 3385 74.87 -75.73 -26.23
N UNK G 3386 75.16 -74.43 -26.14
CA UNK G 3386 74.63 -73.60 -25.08
C UNK G 3386 73.20 -73.15 -25.39
N UNK G 3387 72.86 -73.18 -26.68
CA UNK G 3387 71.53 -72.79 -27.12
C UNK G 3387 70.52 -73.91 -26.88
N UNK G 3388 71.02 -75.14 -26.81
CA UNK G 3388 70.17 -76.30 -26.57
C UNK G 3388 69.84 -76.43 -25.09
N UNK G 3395 75.82 -82.27 -14.50
CA UNK G 3395 75.05 -82.56 -15.70
C UNK G 3395 75.85 -82.19 -16.96
N UNK G 3396 75.16 -81.71 -17.98
CA UNK G 3396 75.80 -81.32 -19.23
C UNK G 3396 76.31 -79.90 -19.16
N UNK G 3397 75.88 -79.16 -18.14
CA UNK G 3397 76.29 -77.77 -17.97
C UNK G 3397 77.71 -77.69 -17.44
N UNK G 3398 78.10 -78.69 -16.65
CA UNK G 3398 79.45 -78.74 -16.09
C UNK G 3398 80.46 -79.16 -17.15
N UNK G 3399 80.03 -80.00 -18.08
CA UNK G 3399 80.88 -80.46 -19.16
C UNK G 3399 81.04 -79.37 -20.22
N UNK G 3400 80.01 -78.55 -20.37
CA UNK G 3400 80.04 -77.46 -21.33
C UNK G 3400 80.89 -76.30 -20.82
N UNK G 3401 80.88 -76.11 -19.50
CA UNK G 3401 81.67 -75.05 -18.89
C UNK G 3401 83.15 -75.41 -18.87
N UNK G 3402 83.44 -76.70 -18.76
CA UNK G 3402 84.81 -77.19 -18.77
C UNK G 3402 85.37 -77.15 -20.19
N UNK G 3403 84.49 -77.35 -21.17
CA UNK G 3403 84.89 -77.32 -22.57
C UNK G 3403 85.08 -75.87 -23.03
N UNK G 3404 84.30 -74.96 -22.46
CA UNK G 3404 84.41 -73.54 -22.80
C UNK G 3404 85.64 -72.92 -22.17
N UNK G 3405 86.01 -73.43 -20.99
CA UNK G 3405 87.20 -72.94 -20.28
C UNK G 3405 88.47 -73.41 -20.97
N UNK G 3406 88.40 -74.60 -21.56
CA UNK G 3406 89.53 -75.17 -22.30
C UNK G 3406 89.65 -74.50 -23.66
N UNK G 3407 88.52 -74.03 -24.18
CA UNK G 3407 88.51 -73.35 -25.47
C UNK G 3407 88.96 -71.90 -25.32
N UNK G 3408 88.64 -71.30 -24.18
CA UNK G 3408 89.02 -69.92 -23.91
C UNK G 3408 90.51 -69.80 -23.64
N UNK G 3409 91.08 -70.85 -23.05
CA UNK G 3409 92.53 -70.90 -22.80
C UNK G 3409 93.28 -71.14 -24.10
N UNK G 3410 92.64 -71.84 -25.02
CA UNK G 3410 93.22 -72.12 -26.32
C UNK G 3410 93.09 -70.89 -27.23
N UNK G 3411 92.03 -70.12 -27.02
CA UNK G 3411 91.79 -68.92 -27.81
C UNK G 3411 92.67 -67.77 -27.34
N UNK G 3412 92.98 -67.75 -26.06
CA UNK G 3412 93.82 -66.71 -25.48
C UNK G 3412 95.27 -66.86 -25.95
N UNK G 3413 95.68 -68.09 -26.18
CA UNK G 3413 97.01 -68.37 -26.71
C UNK G 3413 97.02 -68.14 -28.22
N UNK G 3414 95.84 -68.25 -28.82
CA UNK G 3414 95.70 -68.03 -30.26
C UNK G 3414 95.61 -66.54 -30.57
N UNK G 3415 94.92 -65.79 -29.71
CA UNK G 3415 94.78 -64.35 -29.90
C UNK G 3415 96.08 -63.62 -29.58
N UNK G 3416 96.90 -64.21 -28.72
CA UNK G 3416 98.20 -63.64 -28.39
C UNK G 3416 99.16 -63.80 -29.55
N UNK G 3417 98.98 -64.88 -30.31
CA UNK G 3417 99.78 -65.11 -31.51
C UNK G 3417 99.21 -64.34 -32.68
N UNK G 3418 97.92 -64.04 -32.62
CA UNK G 3418 97.24 -63.28 -33.67
C UNK G 3418 97.54 -61.79 -33.54
N UNK G 3419 97.66 -61.32 -32.31
CA UNK G 3419 97.95 -59.90 -32.06
C UNK G 3419 99.41 -59.59 -32.40
N UNK G 3420 100.27 -60.58 -32.25
CA UNK G 3420 101.68 -60.42 -32.61
C UNK G 3420 101.83 -60.48 -34.13
N UNK G 3421 100.90 -61.18 -34.78
CA UNK G 3421 100.91 -61.29 -36.24
C UNK G 3421 100.25 -60.06 -36.87
N UNK G 3422 99.27 -59.50 -36.17
CA UNK G 3422 98.57 -58.32 -36.66
C UNK G 3422 99.44 -57.07 -36.51
N UNK G 3423 100.25 -57.05 -35.46
CA UNK G 3423 101.15 -55.92 -35.22
C UNK G 3423 102.32 -55.95 -36.21
N UNK G 3424 102.67 -57.16 -36.65
CA UNK G 3424 103.73 -57.32 -37.64
C UNK G 3424 103.19 -57.00 -39.03
N UNK G 3425 101.89 -57.20 -39.21
CA UNK G 3425 101.24 -56.92 -40.49
C UNK G 3425 100.91 -55.43 -40.62
N UNK G 3426 100.74 -54.77 -39.49
CA UNK G 3426 100.45 -53.34 -39.47
C UNK G 3426 101.74 -52.53 -39.54
N UNK G 3427 102.88 -53.21 -39.34
CA UNK G 3427 104.18 -52.57 -39.43
C UNK G 3427 104.79 -52.82 -40.81
N UNK G 3428 104.24 -53.80 -41.52
CA UNK G 3428 104.73 -54.14 -42.85
C UNK G 3428 103.75 -53.67 -43.92
N UNK G 3429 102.59 -54.32 -43.99
CA UNK G 3429 101.56 -53.95 -44.96
C UNK G 3429 100.82 -52.69 -44.51
N UNK G 3430 101.46 -51.53 -44.68
CA UNK G 3430 100.87 -50.27 -44.29
C UNK G 3430 101.45 -49.13 -45.13
N UNK G 3435 93.39 -59.46 -48.27
CA UNK G 3435 93.54 -60.86 -48.61
C UNK G 3435 93.48 -61.74 -47.38
N UNK G 3436 94.64 -62.09 -46.84
CA UNK G 3436 94.73 -62.93 -45.65
C UNK G 3436 94.51 -62.10 -44.39
N UNK G 3437 94.78 -60.80 -44.50
CA UNK G 3437 94.61 -59.90 -43.37
C UNK G 3437 93.13 -59.58 -43.15
N UNK G 3438 92.36 -59.58 -44.24
CA UNK G 3438 90.93 -59.33 -44.16
C UNK G 3438 90.19 -60.55 -43.64
N UNK G 3439 90.73 -61.73 -43.94
CA UNK G 3439 90.13 -62.98 -43.47
C UNK G 3439 90.44 -63.21 -42.00
N UNK G 3440 91.60 -62.72 -41.56
CA UNK G 3440 91.99 -62.84 -40.16
C UNK G 3440 91.23 -61.84 -39.30
N UNK G 3441 90.86 -60.71 -39.90
CA UNK G 3441 90.09 -59.68 -39.21
C UNK G 3441 88.63 -60.09 -39.11
N UNK G 3442 88.16 -60.84 -40.10
CA UNK G 3442 86.79 -61.31 -40.12
C UNK G 3442 86.60 -62.47 -39.14
N UNK G 3443 87.67 -63.23 -38.93
CA UNK G 3443 87.64 -64.36 -38.02
C UNK G 3443 87.76 -63.88 -36.57
N UNK G 3444 88.47 -62.78 -36.38
CA UNK G 3444 88.65 -62.21 -35.05
C UNK G 3444 87.41 -61.46 -34.61
N UNK G 3445 86.69 -60.90 -35.58
CA UNK G 3445 85.45 -60.18 -35.29
C UNK G 3445 84.31 -61.16 -35.01
N UNK G 3446 84.38 -62.33 -35.64
CA UNK G 3446 83.39 -63.37 -35.42
C UNK G 3446 83.61 -64.06 -34.09
N UNK G 3447 84.87 -64.12 -33.67
CA UNK G 3447 85.22 -64.74 -32.39
C UNK G 3447 84.88 -63.80 -31.23
N UNK G 3448 84.95 -62.50 -31.50
CA UNK G 3448 84.62 -61.49 -30.49
C UNK G 3448 83.12 -61.37 -30.33
N UNK G 3449 82.38 -61.62 -31.42
CA UNK G 3449 80.93 -61.56 -31.40
C UNK G 3449 80.35 -62.80 -30.73
N UNK G 3450 81.06 -63.92 -30.86
CA UNK G 3450 80.62 -65.17 -30.27
C UNK G 3450 80.92 -65.18 -28.76
N UNK G 3451 81.96 -64.45 -28.37
CA UNK G 3451 82.34 -64.36 -26.97
C UNK G 3451 81.45 -63.37 -26.23
N UNK G 3452 80.91 -62.41 -26.98
CA UNK G 3452 80.04 -61.40 -26.39
C UNK G 3452 78.63 -61.95 -26.20
N UNK G 3456 78.45 -66.65 -19.71
CA UNK G 3456 78.87 -68.05 -19.75
C UNK G 3456 80.34 -68.16 -20.18
N UNK G 3457 80.66 -67.57 -21.32
CA UNK G 3457 82.03 -67.60 -21.84
C UNK G 3457 82.89 -66.57 -21.14
N UNK G 3458 82.27 -65.51 -20.63
CA UNK G 3458 82.98 -64.46 -19.92
C UNK G 3458 83.38 -64.91 -18.53
N UNK G 3459 82.56 -65.75 -17.92
CA UNK G 3459 82.83 -66.28 -16.59
C UNK G 3459 83.91 -67.36 -16.64
N UNK G 3460 83.96 -68.08 -17.76
CA UNK G 3460 84.95 -69.13 -17.95
C UNK G 3460 86.32 -68.53 -18.28
N UNK G 3461 86.30 -67.38 -18.94
CA UNK G 3461 87.53 -66.69 -19.31
C UNK G 3461 88.13 -65.98 -18.10
N UNK G 3462 87.26 -65.54 -17.20
CA UNK G 3462 87.69 -64.86 -15.98
C UNK G 3462 88.24 -65.86 -14.97
N UNK G 3463 87.71 -67.08 -15.01
CA UNK G 3463 88.17 -68.14 -14.11
C UNK G 3463 89.49 -68.72 -14.59
N UNK G 3464 89.70 -68.70 -15.91
CA UNK G 3464 90.93 -69.21 -16.49
C UNK G 3464 92.06 -68.21 -16.33
N UNK G 3465 91.72 -66.93 -16.27
CA UNK G 3465 92.72 -65.88 -16.10
C UNK G 3465 93.12 -65.74 -14.64
N UNK G 3466 92.22 -66.16 -13.74
CA UNK G 3466 92.48 -66.09 -12.31
C UNK G 3466 93.39 -67.23 -11.87
N UNK G 3513 91.75 -58.12 -22.06
CA UNK G 3513 92.77 -59.15 -22.25
C UNK G 3513 93.30 -59.13 -23.68
N UNK G 3514 93.64 -60.30 -24.20
CA UNK G 3514 94.15 -60.42 -25.56
C UNK G 3514 93.01 -60.44 -26.58
N UNK G 3515 91.81 -60.72 -26.10
CA UNK G 3515 90.64 -60.77 -26.96
C UNK G 3515 90.17 -59.36 -27.33
N UNK G 3516 90.43 -58.41 -26.43
CA UNK G 3516 90.06 -57.03 -26.66
C UNK G 3516 91.04 -56.37 -27.65
N UNK G 3517 92.29 -56.81 -27.60
CA UNK G 3517 93.32 -56.28 -28.49
C UNK G 3517 93.17 -56.89 -29.88
N UNK G 3518 92.65 -58.11 -29.94
CA UNK G 3518 92.43 -58.79 -31.22
C UNK G 3518 91.20 -58.22 -31.92
N UNK G 3519 90.22 -57.77 -31.12
CA UNK G 3519 89.01 -57.19 -31.66
C UNK G 3519 89.26 -55.75 -32.13
N UNK G 3520 90.22 -55.09 -31.47
CA UNK G 3520 90.58 -53.72 -31.84
C UNK G 3520 91.41 -53.71 -33.11
N UNK G 3521 92.20 -54.75 -33.30
CA UNK G 3521 93.02 -54.89 -34.50
C UNK G 3521 92.17 -55.33 -35.68
N UNK G 3522 91.09 -56.04 -35.38
CA UNK G 3522 90.17 -56.49 -36.42
C UNK G 3522 89.30 -55.35 -36.91
N UNK G 3523 88.96 -54.45 -35.99
CA UNK G 3523 88.13 -53.29 -36.32
C UNK G 3523 88.95 -52.25 -37.09
N UNK G 3524 90.25 -52.22 -36.82
CA UNK G 3524 91.14 -51.29 -37.49
C UNK G 3524 91.45 -51.77 -38.91
N UNK G 3525 91.43 -53.09 -39.09
CA UNK G 3525 91.69 -53.69 -40.40
C UNK G 3525 90.43 -53.65 -41.27
N UNK G 3526 89.27 -53.69 -40.62
CA UNK G 3526 88.00 -53.64 -41.33
C UNK G 3526 87.71 -52.22 -41.80
N UNK G 3527 88.20 -51.25 -41.04
CA UNK G 3527 88.06 -49.84 -41.41
C UNK G 3527 89.05 -49.48 -42.50
N UNK G 3528 90.11 -50.27 -42.61
CA UNK G 3528 91.15 -50.05 -43.60
C UNK G 3528 90.68 -50.48 -44.99
N UNK G 3529 89.79 -51.45 -45.04
CA UNK G 3529 89.27 -51.95 -46.30
C UNK G 3529 87.90 -51.37 -46.60
N UNK G 3534 80.59 -43.99 -47.13
CA UNK G 3534 79.96 -45.22 -46.68
C UNK G 3534 79.81 -45.24 -45.17
N UNK G 3535 79.87 -44.07 -44.55
CA UNK G 3535 79.74 -43.97 -43.11
C UNK G 3535 78.27 -43.99 -42.68
N UNK G 3536 77.40 -43.52 -43.56
CA UNK G 3536 75.97 -43.50 -43.29
C UNK G 3536 75.37 -44.89 -43.43
N UNK G 3537 75.91 -45.68 -44.34
CA UNK G 3537 75.44 -47.05 -44.56
C UNK G 3537 75.94 -47.96 -43.45
N UNK G 3538 77.10 -47.65 -42.89
CA UNK G 3538 77.68 -48.43 -41.82
C UNK G 3538 76.98 -48.13 -40.50
N UNK G 3539 76.50 -46.90 -40.36
CA UNK G 3539 75.78 -46.49 -39.15
C UNK G 3539 74.36 -47.03 -39.16
N UNK G 3540 73.80 -47.18 -40.36
CA UNK G 3540 72.45 -47.73 -40.50
C UNK G 3540 72.45 -49.23 -40.30
N UNK G 3541 73.57 -49.87 -40.66
CA UNK G 3541 73.70 -51.31 -40.49
C UNK G 3541 73.99 -51.66 -39.03
N UNK G 3542 74.63 -50.73 -38.33
CA UNK G 3542 74.95 -50.92 -36.92
C UNK G 3542 73.71 -50.70 -36.05
N UNK G 3543 72.83 -49.81 -36.51
CA UNK G 3543 71.59 -49.53 -35.81
C UNK G 3543 70.58 -50.64 -36.02
N UNK G 3544 70.67 -51.31 -37.16
CA UNK G 3544 69.78 -52.42 -37.49
C UNK G 3544 70.22 -53.69 -36.78
N UNK G 3545 71.53 -53.82 -36.54
CA UNK G 3545 72.08 -54.97 -35.87
C UNK G 3545 71.88 -54.86 -34.36
N UNK G 3546 71.76 -53.63 -33.87
CA UNK G 3546 71.56 -53.39 -32.45
C UNK G 3546 70.10 -53.65 -32.06
N UNK G 3547 69.21 -53.49 -33.02
CA UNK G 3547 67.78 -53.72 -32.79
C UNK G 3547 67.45 -55.20 -32.83
N UNK G 3553 69.10 -60.45 -40.60
CA UNK G 3553 68.07 -59.47 -40.90
C UNK G 3553 68.68 -58.08 -41.09
N UNK G 3554 69.90 -57.91 -40.61
CA UNK G 3554 70.60 -56.64 -40.72
C UNK G 3554 71.21 -56.47 -42.10
N UNK G 3555 71.56 -57.58 -42.73
CA UNK G 3555 72.15 -57.56 -44.06
C UNK G 3555 71.08 -57.31 -45.13
N UNK G 3556 69.86 -57.74 -44.84
CA UNK G 3556 68.74 -57.55 -45.76
C UNK G 3556 68.24 -56.11 -45.72
N UNK G 3557 68.41 -55.46 -44.57
CA UNK G 3557 67.98 -54.08 -44.40
C UNK G 3557 69.04 -53.12 -44.95
N UNK G 3558 70.29 -53.56 -44.93
CA UNK G 3558 71.39 -52.74 -45.43
C UNK G 3558 71.44 -52.78 -46.95
N UNK G 3559 71.02 -53.90 -47.52
CA UNK G 3559 71.01 -54.06 -48.98
C UNK G 3559 69.81 -53.35 -49.59
N UNK G 3560 68.75 -53.19 -48.80
CA UNK G 3560 67.54 -52.52 -49.26
C UNK G 3560 67.72 -51.01 -49.27
N UNK G 3569 86.51 -32.50 -46.22
CA UNK G 3569 87.19 -33.66 -45.66
C UNK G 3569 86.75 -34.95 -46.34
N UNK G 3570 85.63 -34.88 -47.05
CA UNK G 3570 85.08 -36.05 -47.72
C UNK G 3570 85.77 -36.29 -49.06
N UNK G 3571 86.25 -35.21 -49.68
CA UNK G 3571 86.92 -35.31 -50.97
C UNK G 3571 88.32 -35.87 -50.81
N UNK G 3572 88.97 -35.54 -49.70
CA UNK G 3572 90.32 -36.02 -49.42
C UNK G 3572 90.29 -37.47 -48.96
N UNK G 3573 89.19 -37.86 -48.31
CA UNK G 3573 89.03 -39.22 -47.83
C UNK G 3573 88.70 -40.16 -48.99
N UNK G 3574 88.03 -39.62 -50.00
CA UNK G 3574 87.69 -40.39 -51.19
C UNK G 3574 88.91 -40.52 -52.10
N UNK G 3575 89.78 -39.53 -52.05
CA UNK G 3575 91.00 -39.55 -52.86
C UNK G 3575 92.04 -40.50 -52.25
N UNK G 3576 91.99 -40.62 -50.92
CA UNK G 3576 92.92 -41.51 -50.22
C UNK G 3576 92.47 -42.96 -50.34
N UNK G 3577 91.16 -43.16 -50.47
CA UNK G 3577 90.59 -44.49 -50.61
C UNK G 3577 90.77 -45.01 -52.03
N UNK G 3578 90.80 -44.09 -52.99
CA UNK G 3578 90.98 -44.44 -54.40
C UNK G 3578 92.44 -44.74 -54.69
N UNK G 3579 93.34 -44.14 -53.91
CA UNK G 3579 94.77 -44.35 -54.08
C UNK G 3579 95.22 -45.66 -53.43
N UNK G 3590 79.57 -58.05 -52.80
CA UNK G 3590 79.93 -58.61 -51.50
C UNK G 3590 80.41 -57.51 -50.55
N UNK G 3591 80.15 -56.26 -50.93
CA UNK G 3591 80.54 -55.12 -50.10
C UNK G 3591 79.52 -54.88 -49.00
N UNK G 3592 78.31 -55.39 -49.18
CA UNK G 3592 77.24 -55.23 -48.20
C UNK G 3592 77.47 -56.16 -47.00
N UNK G 3593 78.08 -57.31 -47.27
CA UNK G 3593 78.37 -58.28 -46.22
C UNK G 3593 79.56 -57.82 -45.38
N UNK G 3594 80.49 -57.12 -46.01
CA UNK G 3594 81.67 -56.61 -45.34
C UNK G 3594 81.32 -55.38 -44.50
N UNK G 3595 80.33 -54.62 -44.96
CA UNK G 3595 79.89 -53.43 -44.25
C UNK G 3595 79.04 -53.82 -43.04
N UNK G 3596 78.33 -54.95 -43.16
CA UNK G 3596 77.49 -55.44 -42.07
C UNK G 3596 78.35 -56.09 -41.00
N UNK G 3597 79.48 -56.68 -41.41
CA UNK G 3597 80.39 -57.31 -40.48
C UNK G 3597 81.20 -56.28 -39.72
N UNK G 3598 81.48 -55.16 -40.38
CA UNK G 3598 82.23 -54.07 -39.76
C UNK G 3598 81.34 -53.29 -38.81
N UNK G 3599 80.05 -53.25 -39.10
CA UNK G 3599 79.08 -52.55 -38.25
C UNK G 3599 78.77 -53.39 -37.01
N UNK G 3600 78.82 -54.71 -37.17
CA UNK G 3600 78.57 -55.63 -36.06
C UNK G 3600 79.77 -55.67 -35.13
N UNK G 3601 80.96 -55.47 -35.69
CA UNK G 3601 82.19 -55.45 -34.91
C UNK G 3601 82.32 -54.14 -34.15
N UNK G 3602 81.78 -53.08 -34.73
CA UNK G 3602 81.82 -51.76 -34.10
C UNK G 3602 80.77 -51.67 -32.99
N UNK G 3603 79.67 -52.41 -33.16
CA UNK G 3603 78.61 -52.43 -32.16
C UNK G 3603 79.02 -53.31 -30.98
N UNK G 3604 79.82 -54.33 -31.25
CA UNK G 3604 80.30 -55.23 -30.21
C UNK G 3604 81.42 -54.56 -29.40
N UNK G 3605 82.17 -53.69 -30.06
CA UNK G 3605 83.25 -52.96 -29.41
C UNK G 3605 82.69 -51.82 -28.56
N UNK G 3606 81.55 -51.28 -28.98
CA UNK G 3606 80.90 -50.20 -28.24
C UNK G 3606 80.17 -50.76 -27.03
N UNK G 3607 79.70 -52.00 -27.15
CA UNK G 3607 79.00 -52.65 -26.05
C UNK G 3607 79.98 -53.13 -25.00
N UNK G 3608 81.19 -53.48 -25.43
CA UNK G 3608 82.23 -53.95 -24.52
C UNK G 3608 82.86 -52.77 -23.79
N UNK G 3609 82.86 -51.61 -24.42
CA UNK G 3609 83.41 -50.40 -23.82
C UNK G 3609 82.43 -49.78 -22.85
N UNK G 3610 81.14 -50.05 -23.06
CA UNK G 3610 80.09 -49.52 -22.21
C UNK G 3610 80.00 -50.31 -20.90
N LEU G 3623 72.18 -44.23 5.25
CA LEU G 3623 72.73 -45.55 5.50
C LEU G 3623 72.15 -46.16 6.77
N LEU G 3624 72.91 -47.06 7.38
CA LEU G 3624 72.51 -47.66 8.65
C LEU G 3624 72.79 -46.70 9.80
N SER G 3625 71.99 -46.81 10.86
CA SER G 3625 72.18 -45.98 12.04
C SER G 3625 73.40 -46.46 12.84
N LYS G 3626 73.82 -45.63 13.79
CA LYS G 3626 75.03 -45.92 14.56
C LYS G 3626 74.82 -47.06 15.54
N GLN G 3627 73.60 -47.23 16.05
CA GLN G 3627 73.35 -48.33 16.99
C GLN G 3627 73.09 -49.64 16.24
N ARG G 3628 72.63 -49.58 14.99
CA ARG G 3628 72.46 -50.83 14.24
C ARG G 3628 73.81 -51.45 13.85
N ARG G 3629 74.87 -50.64 13.74
CA ARG G 3629 76.16 -51.22 13.41
C ARG G 3629 76.83 -51.85 14.62
N ARG G 3630 76.54 -51.38 15.84
CA ARG G 3630 76.97 -52.15 17.00
C ARG G 3630 76.00 -53.31 17.28
N ALA G 3631 74.79 -53.24 16.69
CA ALA G 3631 73.83 -54.34 16.83
C ALA G 3631 74.15 -55.49 15.89
N VAL G 3632 74.52 -55.19 14.65
CA VAL G 3632 74.83 -56.23 13.68
C VAL G 3632 76.17 -56.90 14.01
N VAL G 3633 77.02 -56.25 14.79
CA VAL G 3633 78.24 -56.88 15.26
C VAL G 3633 77.95 -57.80 16.45
N ALA G 3634 77.13 -57.35 17.39
CA ALA G 3634 76.83 -58.15 18.58
C ALA G 3634 75.85 -59.29 18.33
N CYS G 3635 75.35 -59.42 17.11
CA CYS G 3635 74.49 -60.54 16.73
C CYS G 3635 75.23 -61.86 16.77
N PHE G 3636 76.54 -61.83 16.55
CA PHE G 3636 77.31 -63.03 16.25
C PHE G 3636 77.90 -63.66 17.51
N ARG G 3637 78.12 -62.84 18.54
CA ARG G 3637 78.51 -63.27 19.87
C ARG G 3637 77.32 -63.56 20.76
N MET G 3638 76.15 -63.82 20.17
CA MET G 3638 74.98 -64.20 20.94
C MET G 3638 75.17 -65.59 21.53
N THR G 3639 74.92 -65.71 22.83
CA THR G 3639 75.12 -66.99 23.49
C THR G 3639 74.00 -67.96 23.11
N PRO G 3640 74.31 -69.24 22.95
CA PRO G 3640 73.24 -70.22 22.73
C PRO G 3640 72.54 -70.57 24.03
N LEU G 3641 71.55 -71.47 23.96
CA LEU G 3641 70.76 -71.80 25.12
C LEU G 3641 71.44 -72.80 26.04
N TYR G 3642 72.23 -73.72 25.47
CA TYR G 3642 72.86 -74.76 26.28
C TYR G 3642 74.01 -74.23 27.12
N ASN G 3643 74.59 -73.07 26.77
CA ASN G 3643 75.53 -72.40 27.63
C ASN G 3643 74.87 -71.45 28.63
N LEU G 3644 73.57 -71.17 28.46
CA LEU G 3644 72.88 -70.33 29.41
C LEU G 3644 72.52 -71.14 30.66
N PRO G 3645 72.43 -70.48 31.82
CA PRO G 3645 71.97 -71.17 33.03
C PRO G 3645 70.49 -71.49 32.94
N THR G 3646 70.06 -72.41 33.80
CA THR G 3646 68.73 -72.99 33.68
C THR G 3646 67.65 -72.05 34.22
N HIS G 3647 67.97 -71.21 35.20
CA HIS G 3647 66.95 -70.36 35.80
C HIS G 3647 66.58 -69.19 34.88
N ARG G 3648 67.55 -68.66 34.14
CA ARG G 3648 67.23 -67.64 33.15
C ARG G 3648 66.68 -68.25 31.88
N ALA G 3649 66.99 -69.53 31.63
CA ALA G 3649 66.37 -70.23 30.50
C ALA G 3649 64.92 -70.57 30.80
N CYS G 3650 64.57 -70.67 32.09
CA CYS G 3650 63.20 -70.99 32.46
C CYS G 3650 62.29 -69.76 32.36
N ASN G 3651 62.81 -68.58 32.72
CA ASN G 3651 61.99 -67.36 32.66
C ASN G 3651 61.72 -66.94 31.22
N MET G 3652 62.62 -67.28 30.30
CA MET G 3652 62.33 -67.05 28.88
C MET G 3652 61.34 -68.08 28.34
N PHE G 3653 61.13 -69.18 29.08
CA PHE G 3653 60.16 -70.19 28.65
C PHE G 3653 58.75 -69.83 29.10
N LEU G 3654 58.59 -69.31 30.33
CA LEU G 3654 57.26 -68.95 30.83
C LEU G 3654 56.69 -67.76 30.06
N GLU G 3655 57.56 -66.86 29.62
CA GLU G 3655 57.09 -65.71 28.83
C GLU G 3655 56.76 -66.12 27.41
N SER G 3656 57.46 -67.13 26.88
CA SER G 3656 57.22 -67.54 25.50
C SER G 3656 56.01 -68.47 25.41
N TYR G 3657 55.82 -69.32 26.44
CA TYR G 3657 54.65 -70.18 26.44
C TYR G 3657 53.38 -69.38 26.70
N LYS G 3658 53.50 -68.24 27.36
CA LYS G 3658 52.36 -67.37 27.60
C LYS G 3658 51.91 -66.67 26.32
N ALA G 3659 52.87 -66.15 25.55
CA ALA G 3659 52.53 -65.36 24.38
C ALA G 3659 52.14 -66.21 23.18
N ALA G 3660 52.47 -67.51 23.18
CA ALA G 3660 52.24 -68.36 22.02
C ALA G 3660 51.05 -69.31 22.21
N TRP G 3661 50.72 -69.63 23.45
CA TRP G 3661 49.68 -70.62 23.74
C TRP G 3661 48.53 -70.07 24.56
N ILE G 3662 48.80 -69.25 25.58
CA ILE G 3662 47.72 -68.81 26.46
C ILE G 3662 47.01 -67.59 25.89
N LEU G 3663 47.76 -66.66 25.29
CA LEU G 3663 47.12 -65.49 24.68
C LEU G 3663 46.36 -65.85 23.40
N THR G 3664 46.82 -66.86 22.67
CA THR G 3664 46.17 -67.26 21.43
C THR G 3664 44.95 -68.16 21.66
N GLU G 3665 44.75 -68.64 22.88
CA GLU G 3665 43.62 -69.52 23.16
C GLU G 3665 42.34 -68.70 23.31
N ASP G 3666 41.26 -69.18 22.70
CA ASP G 3666 39.97 -68.51 22.73
C ASP G 3666 38.97 -69.34 23.52
N HIS G 3667 38.13 -68.65 24.29
CA HIS G 3667 37.07 -69.29 25.06
C HIS G 3667 35.85 -68.39 25.04
N SER G 3668 34.68 -69.00 25.13
CA SER G 3668 33.42 -68.27 25.01
C SER G 3668 32.62 -68.35 26.30
N PHE G 3669 33.27 -68.03 27.43
CA PHE G 3669 32.59 -68.00 28.73
C PHE G 3669 31.74 -66.77 28.92
N GLU G 3670 31.76 -65.82 27.99
CA GLU G 3670 31.04 -64.57 28.18
C GLU G 3670 29.53 -64.77 28.00
N ASP G 3671 29.15 -65.72 27.13
CA ASP G 3671 27.73 -65.99 26.91
C ASP G 3671 27.16 -66.78 28.09
N ARG G 3672 27.89 -67.80 28.55
CA ARG G 3672 27.29 -68.76 29.48
C ARG G 3672 27.15 -68.19 30.89
N MET G 3673 27.96 -67.20 31.26
CA MET G 3673 27.80 -66.59 32.57
C MET G 3673 26.62 -65.62 32.57
N ILE G 3674 26.38 -64.92 31.47
CA ILE G 3674 25.31 -63.94 31.48
C ILE G 3674 23.94 -64.61 31.39
N ASP G 3675 23.85 -65.74 30.69
CA ASP G 3675 22.55 -66.41 30.59
C ASP G 3675 22.15 -67.10 31.90
N ASP G 3676 23.13 -67.52 32.70
CA ASP G 3676 22.77 -68.22 33.93
C ASP G 3676 22.40 -67.24 35.04
N LEU G 3677 22.98 -66.03 35.02
CA LEU G 3677 22.54 -64.97 35.92
C LEU G 3677 21.23 -64.36 35.45
N SER G 3678 20.91 -64.47 34.16
CA SER G 3678 19.64 -63.93 33.66
C SER G 3678 18.49 -64.90 33.87
N LYS G 3679 18.73 -66.21 33.77
CA LYS G 3679 17.71 -67.19 34.13
C LYS G 3679 17.59 -67.34 35.65
N ALA G 3680 18.51 -66.72 36.39
CA ALA G 3680 18.46 -66.63 37.84
C ALA G 3680 17.42 -65.63 38.34
N GLY G 3681 16.74 -64.91 37.45
CA GLY G 3681 15.64 -64.07 37.87
C GLY G 3681 14.44 -64.86 38.36
N GLU G 3682 14.28 -66.08 37.88
CA GLU G 3682 13.16 -66.93 38.25
C GLU G 3682 13.65 -68.08 39.13
N GLN G 3683 12.94 -68.31 40.23
CA GLN G 3683 13.27 -69.36 41.18
C GLN G 3683 12.00 -69.77 41.91
N GLU G 3684 12.15 -70.68 42.86
CA GLU G 3684 11.04 -71.06 43.74
C GLU G 3684 10.89 -70.01 44.84
N LYS G 3693 9.22 -59.82 42.90
CA LYS G 3693 9.65 -58.54 42.34
C LYS G 3693 11.03 -58.13 42.83
N LYS G 3694 11.76 -59.07 43.42
CA LYS G 3694 13.09 -58.78 43.92
C LYS G 3694 14.09 -58.71 42.76
N PRO G 3695 15.19 -57.95 42.91
CA PRO G 3695 16.11 -57.77 41.78
C PRO G 3695 16.89 -59.04 41.42
N ASP G 3696 17.02 -59.24 40.11
CA ASP G 3696 17.77 -60.33 39.52
C ASP G 3696 19.27 -60.13 39.74
N PRO G 3697 20.08 -61.21 39.68
CA PRO G 3697 21.54 -61.04 39.89
C PRO G 3697 22.23 -60.20 38.84
N LEU G 3698 21.79 -60.23 37.59
CA LEU G 3698 22.34 -59.29 36.61
C LEU G 3698 21.80 -57.89 36.85
N HIS G 3699 20.59 -57.79 37.41
CA HIS G 3699 20.04 -56.48 37.78
C HIS G 3699 20.71 -55.96 39.05
N GLN G 3700 21.16 -56.87 39.93
CA GLN G 3700 21.86 -56.45 41.13
C GLN G 3700 23.24 -55.89 40.80
N LEU G 3701 23.84 -56.39 39.72
CA LEU G 3701 25.20 -56.00 39.37
C LEU G 3701 25.23 -54.60 38.76
N VAL G 3702 24.23 -54.27 37.94
CA VAL G 3702 24.26 -53.01 37.21
C VAL G 3702 23.87 -51.84 38.11
N LEU G 3703 23.00 -52.05 39.11
CA LEU G 3703 22.75 -50.99 40.07
C LEU G 3703 23.90 -50.84 41.04
N HIS G 3704 24.67 -51.91 41.27
CA HIS G 3704 25.92 -51.76 42.01
C HIS G 3704 26.94 -50.99 41.21
N PHE G 3705 26.96 -51.20 39.88
CA PHE G 3705 27.80 -50.37 39.03
C PHE G 3705 27.23 -48.97 38.87
N SER G 3706 25.91 -48.80 39.07
CA SER G 3706 25.32 -47.46 38.97
C SER G 3706 25.50 -46.65 40.24
N ARG G 3707 25.56 -47.30 41.41
CA ARG G 3707 25.67 -46.55 42.65
C ARG G 3707 27.10 -46.07 42.89
N THR G 3708 28.09 -46.84 42.43
CA THR G 3708 29.48 -46.41 42.55
C THR G 3708 29.87 -45.36 41.52
N ALA G 3709 28.94 -44.91 40.68
CA ALA G 3709 29.20 -43.82 39.77
C ALA G 3709 28.78 -42.47 40.32
N LEU G 3710 27.76 -42.42 41.17
CA LEU G 3710 27.16 -41.17 41.58
C LEU G 3710 27.63 -40.69 42.94
N THR G 3711 28.64 -41.34 43.51
CA THR G 3711 29.31 -40.79 44.68
C THR G 3711 30.16 -39.59 44.27
N GLU G 3712 30.23 -38.58 45.14
CA GLU G 3712 30.92 -37.34 44.79
C GLU G 3712 32.42 -37.53 44.94
N LYS G 3713 33.13 -37.46 43.82
CA LYS G 3713 34.58 -37.53 43.83
C LYS G 3713 35.10 -36.74 42.64
N SER G 3714 36.32 -36.21 42.80
CA SER G 3714 36.89 -35.35 41.77
C SER G 3714 37.22 -36.14 40.51
N LYS G 3715 37.66 -37.38 40.67
CA LYS G 3715 37.93 -38.27 39.55
C LYS G 3715 37.36 -39.65 39.86
N LEU G 3716 37.29 -40.48 38.83
CA LEU G 3716 36.78 -41.84 38.95
C LEU G 3716 37.93 -42.81 39.15
N ASP G 3717 37.80 -43.70 40.13
CA ASP G 3717 38.82 -44.72 40.34
C ASP G 3717 38.77 -45.75 39.21
N GLU G 3718 39.92 -46.31 38.90
CA GLU G 3718 39.99 -47.42 37.97
C GLU G 3718 39.60 -48.70 38.70
N ASP G 3719 38.59 -49.38 38.18
CA ASP G 3719 38.07 -50.59 38.79
C ASP G 3719 38.31 -51.70 37.78
N TYR G 3720 39.12 -52.69 38.16
CA TYR G 3720 39.37 -53.82 37.27
C TYR G 3720 38.12 -54.67 37.12
N LEU G 3721 37.25 -54.66 38.13
CA LEU G 3721 36.05 -55.49 38.08
C LEU G 3721 35.02 -54.92 37.12
N TYR G 3722 34.97 -53.60 36.94
CA TYR G 3722 34.03 -53.05 35.97
C TYR G 3722 34.54 -53.24 34.55
N MET G 3723 35.85 -53.11 34.34
CA MET G 3723 36.43 -53.37 33.01
C MET G 3723 36.23 -54.82 32.61
N ALA G 3724 36.31 -55.72 33.59
CA ALA G 3724 36.21 -57.15 33.30
C ALA G 3724 34.76 -57.57 33.11
N TYR G 3725 33.82 -56.87 33.73
CA TYR G 3725 32.42 -57.20 33.48
C TYR G 3725 31.86 -56.48 32.26
N ALA G 3726 32.46 -55.35 31.85
CA ALA G 3726 31.92 -54.62 30.71
C ALA G 3726 32.20 -55.32 29.39
N ASP G 3727 33.37 -55.96 29.26
CA ASP G 3727 33.69 -56.63 28.00
C ASP G 3727 33.04 -58.02 27.93
N ILE G 3728 32.59 -58.55 29.07
CA ILE G 3728 31.78 -59.76 29.05
C ILE G 3728 30.39 -59.46 28.52
N MET G 3729 29.79 -58.33 28.94
CA MET G 3729 28.52 -57.89 28.39
C MET G 3729 28.67 -57.40 26.96
N ALA G 3730 29.86 -56.97 26.56
CA ALA G 3730 30.06 -56.55 25.18
C ALA G 3730 30.14 -57.74 24.24
N LYS G 3731 30.91 -58.77 24.61
CA LYS G 3731 31.02 -59.95 23.76
C LYS G 3731 29.83 -60.89 23.90
N SER G 3732 28.94 -60.66 24.86
CA SER G 3732 27.71 -61.44 24.91
C SER G 3732 26.76 -61.07 23.79
N CYS G 3733 26.80 -59.82 23.34
CA CYS G 3733 26.01 -59.38 22.20
C CYS G 3733 26.81 -59.29 20.91
N HIS G 3734 28.13 -59.48 20.96
CA HIS G 3734 28.96 -59.51 19.76
C HIS G 3734 28.88 -60.84 19.02
N LEU G 3735 28.12 -61.81 19.55
CA LEU G 3735 27.95 -63.10 18.89
C LEU G 3735 27.06 -63.00 17.67
N GLU G 3736 25.99 -62.21 17.74
CA GLU G 3736 25.05 -62.07 16.63
C GLU G 3736 25.40 -60.91 15.70
N GLU G 3737 26.32 -60.04 16.09
CA GLU G 3737 26.73 -58.91 15.27
C GLU G 3737 27.92 -59.28 14.39
N GLU G 3750 25.41 -64.92 -0.67
CA GLU G 3750 23.97 -64.89 -0.90
C GLU G 3750 23.21 -65.44 0.31
N VAL G 3751 22.61 -64.54 1.09
CA VAL G 3751 21.85 -64.90 2.28
C VAL G 3751 20.37 -64.63 2.02
N SER G 3752 19.51 -65.30 2.77
CA SER G 3752 18.07 -65.27 2.53
C SER G 3752 17.39 -64.28 3.46
N PHE G 3753 16.05 -64.26 3.42
CA PHE G 3753 15.29 -63.30 4.21
C PHE G 3753 15.07 -63.80 5.63
N GLU G 3754 14.75 -65.08 5.80
CA GLU G 3754 14.38 -65.57 7.12
C GLU G 3754 15.59 -65.63 8.04
N GLU G 3755 16.76 -65.95 7.48
CA GLU G 3755 17.94 -66.10 8.33
C GLU G 3755 18.48 -64.77 8.82
N LYS G 3756 18.33 -63.67 8.06
CA LYS G 3756 18.91 -62.41 8.53
C LYS G 3756 18.03 -61.77 9.61
N GLU G 3757 16.71 -61.97 9.54
CA GLU G 3757 15.85 -61.48 10.61
C GLU G 3757 15.91 -62.36 11.85
N MET G 3758 16.23 -63.64 11.72
CA MET G 3758 16.46 -64.45 12.92
C MET G 3758 17.82 -64.15 13.53
N GLU G 3759 18.76 -63.63 12.74
CA GLU G 3759 19.96 -63.05 13.35
C GLU G 3759 19.65 -61.71 14.00
N LYS G 3760 18.66 -60.98 13.48
CA LYS G 3760 18.37 -59.67 14.03
C LYS G 3760 17.57 -59.79 15.32
N GLN G 3761 16.52 -60.62 15.32
CA GLN G 3761 15.72 -60.78 16.54
C GLN G 3761 16.48 -61.55 17.62
N ARG G 3762 17.53 -62.27 17.24
CA ARG G 3762 18.45 -62.80 18.25
C ARG G 3762 19.28 -61.70 18.88
N LEU G 3763 19.75 -60.74 18.06
CA LEU G 3763 20.60 -59.67 18.57
C LEU G 3763 19.80 -58.70 19.43
N LEU G 3764 18.56 -58.41 19.04
CA LEU G 3764 17.70 -57.59 19.90
C LEU G 3764 17.20 -58.36 21.12
N TYR G 3765 17.39 -59.69 21.15
CA TYR G 3765 17.10 -60.43 22.37
C TYR G 3765 18.25 -60.31 23.37
N GLN G 3766 19.51 -60.39 22.90
CA GLN G 3766 20.65 -60.20 23.79
C GLN G 3766 20.75 -58.75 24.26
N GLN G 3767 20.28 -57.81 23.44
CA GLN G 3767 20.19 -56.43 23.91
C GLN G 3767 18.98 -56.22 24.80
N SER G 3768 17.93 -57.03 24.64
CA SER G 3768 16.81 -56.97 25.59
C SER G 3768 17.20 -57.61 26.91
N ARG G 3769 18.11 -58.57 26.89
CA ARG G 3769 18.50 -59.24 28.11
C ARG G 3769 19.37 -58.35 28.99
N LEU G 3770 20.03 -57.36 28.40
CA LEU G 3770 20.93 -56.47 29.13
C LEU G 3770 20.27 -55.18 29.59
N HIS G 3771 19.44 -54.55 28.76
CA HIS G 3771 19.04 -53.16 28.95
C HIS G 3771 17.73 -53.00 29.71
N THR G 3772 16.93 -54.05 29.87
CA THR G 3772 15.74 -53.91 30.70
C THR G 3772 16.11 -53.93 32.18
N ARG G 3773 17.33 -54.38 32.49
CA ARG G 3773 17.88 -54.32 33.84
C ARG G 3773 18.43 -52.94 34.18
N GLY G 3774 18.39 -52.00 33.23
CA GLY G 3774 18.85 -50.65 33.47
C GLY G 3774 20.31 -50.41 33.14
N ALA G 3775 20.81 -51.10 32.12
CA ALA G 3775 22.19 -50.91 31.70
C ALA G 3775 22.36 -49.70 30.78
N ALA G 3776 21.26 -49.21 30.20
CA ALA G 3776 21.33 -48.06 29.31
C ALA G 3776 21.62 -46.77 30.07
N GLU G 3777 21.16 -46.67 31.30
CA GLU G 3777 21.49 -45.51 32.12
C GLU G 3777 22.82 -45.69 32.83
N MET G 3778 23.27 -46.95 32.97
CA MET G 3778 24.52 -47.23 33.67
C MET G 3778 25.72 -46.75 32.87
N VAL G 3779 25.66 -46.90 31.55
CA VAL G 3779 26.74 -46.43 30.69
C VAL G 3779 26.76 -44.90 30.62
N LEU G 3780 25.60 -44.25 30.69
CA LEU G 3780 25.58 -42.80 30.58
C LEU G 3780 25.96 -42.11 31.89
N GLN G 3781 25.84 -42.82 33.02
CA GLN G 3781 26.27 -42.23 34.29
C GLN G 3781 27.79 -42.16 34.39
N MET G 3782 28.48 -43.05 33.68
CA MET G 3782 29.90 -43.22 33.91
C MET G 3782 30.72 -42.53 32.83
N ILE G 3783 30.08 -42.18 31.69
CA ILE G 3783 30.63 -41.13 30.83
C ILE G 3783 30.39 -39.76 31.47
N SER G 3784 29.30 -39.63 32.23
CA SER G 3784 29.02 -38.37 32.92
C SER G 3784 29.98 -38.15 34.07
N ALA G 3785 30.34 -39.22 34.78
CA ALA G 3785 31.25 -39.13 35.90
C ALA G 3785 32.72 -39.26 35.50
N CYS G 3786 33.02 -39.38 34.21
CA CYS G 3786 34.42 -39.51 33.80
C CYS G 3786 35.09 -38.15 33.72
N LYS G 3787 34.36 -37.14 33.26
CA LYS G 3787 34.77 -35.72 33.24
C LYS G 3787 36.02 -35.48 32.39
N GLY G 3788 36.08 -36.11 31.22
CA GLY G 3788 37.13 -35.79 30.25
C GLY G 3788 38.45 -36.50 30.43
N GLU G 3789 38.51 -37.57 31.21
CA GLU G 3789 39.73 -38.36 31.37
C GLU G 3789 39.65 -39.59 30.46
N THR G 3790 40.49 -39.64 29.43
CA THR G 3790 40.44 -40.74 28.47
C THR G 3790 41.25 -41.96 28.93
N GLY G 3791 40.89 -42.50 30.10
CA GLY G 3791 41.58 -43.65 30.65
C GLY G 3791 41.18 -44.95 29.98
N ALA G 3792 41.53 -46.06 30.64
CA ALA G 3792 41.21 -47.37 30.11
C ALA G 3792 39.74 -47.73 30.28
N MET G 3793 38.99 -46.98 31.09
CA MET G 3793 37.60 -47.34 31.42
C MET G 3793 36.61 -46.87 30.36
N VAL G 3794 36.90 -45.77 29.64
CA VAL G 3794 35.99 -45.35 28.57
C VAL G 3794 36.10 -46.26 27.37
N SER G 3795 37.22 -46.97 27.22
CA SER G 3795 37.30 -47.98 26.17
C SER G 3795 36.40 -49.18 26.49
N SER G 3796 36.13 -49.42 27.76
CA SER G 3796 35.35 -50.58 28.19
C SER G 3796 33.85 -50.29 28.24
N THR G 3797 33.46 -49.06 28.59
CA THR G 3797 32.05 -48.74 28.72
C THR G 3797 31.45 -48.34 27.38
N LEU G 3798 32.25 -47.75 26.49
CA LEU G 3798 31.73 -47.29 25.20
C LEU G 3798 31.66 -48.43 24.19
N LYS G 3799 32.54 -49.43 24.32
CA LYS G 3799 32.33 -50.65 23.54
C LYS G 3799 31.12 -51.41 24.05
N LEU G 3800 30.79 -51.28 25.33
CA LEU G 3800 29.51 -51.76 25.82
C LEU G 3800 28.36 -50.88 25.34
N GLY G 3801 28.62 -49.58 25.17
CA GLY G 3801 27.57 -48.65 24.76
C GLY G 3801 27.13 -48.87 23.32
N ILE G 3802 28.03 -49.37 22.48
CA ILE G 3802 27.68 -49.67 21.09
C ILE G 3802 26.95 -51.00 20.99
N SER G 3803 27.44 -52.03 21.69
CA SER G 3803 26.85 -53.37 21.58
C SER G 3803 25.44 -53.43 22.16
N ILE G 3804 25.07 -52.50 23.05
CA ILE G 3804 23.69 -52.36 23.48
C ILE G 3804 22.88 -51.60 22.43
N LEU G 3805 23.51 -50.62 21.78
CA LEU G 3805 22.85 -49.77 20.79
C LEU G 3805 23.07 -50.24 19.36
N ASN G 3806 23.46 -51.50 19.18
CA ASN G 3806 23.87 -51.97 17.87
C ASN G 3806 22.66 -52.30 17.00
N GLY G 3807 22.69 -51.86 15.74
CA GLY G 3807 21.66 -52.17 14.79
C GLY G 3807 20.54 -51.16 14.69
N GLY G 3808 20.61 -50.05 15.41
CA GLY G 3808 19.54 -49.06 15.37
C GLY G 3808 18.34 -49.46 16.20
N ASN G 3809 18.59 -49.95 17.41
CA ASN G 3809 17.53 -50.33 18.33
C ASN G 3809 16.87 -49.07 18.90
N ALA G 3810 15.54 -49.14 19.09
CA ALA G 3810 14.77 -47.95 19.42
C ALA G 3810 14.38 -47.84 20.89
N GLU G 3811 14.15 -48.95 21.59
CA GLU G 3811 13.77 -48.84 23.00
C GLU G 3811 14.98 -48.51 23.88
N VAL G 3812 16.19 -48.79 23.40
CA VAL G 3812 17.37 -48.41 24.17
C VAL G 3812 17.64 -46.91 24.06
N GLN G 3813 17.22 -46.29 22.95
CA GLN G 3813 17.52 -44.88 22.75
C GLN G 3813 16.53 -44.00 23.50
N GLN G 3814 15.25 -44.38 23.48
CA GLN G 3814 14.24 -43.63 24.21
C GLN G 3814 14.39 -43.81 25.71
N LYS G 3815 14.95 -44.94 26.15
CA LYS G 3815 15.31 -45.06 27.57
C LYS G 3815 16.51 -44.20 27.93
N MET G 3816 17.34 -43.85 26.94
CA MET G 3816 18.43 -42.92 27.21
C MET G 3816 17.97 -41.48 27.16
N LEU G 3817 16.95 -41.18 26.34
CA LEU G 3817 16.59 -39.78 26.14
C LEU G 3817 15.75 -39.25 27.29
N ASP G 3818 14.82 -40.05 27.83
CA ASP G 3818 14.01 -39.57 28.95
C ASP G 3818 14.85 -39.46 30.22
N TYR G 3819 15.91 -40.27 30.32
CA TYR G 3819 16.79 -40.21 31.49
C TYR G 3819 17.57 -38.91 31.53
N LEU G 3820 18.05 -38.44 30.38
CA LEU G 3820 18.73 -37.14 30.36
C LEU G 3820 17.74 -35.97 30.38
N LYS G 3821 16.43 -36.24 30.31
CA LYS G 3821 15.46 -35.15 30.41
C LYS G 3821 14.80 -35.07 31.78
N ASP G 3822 14.70 -36.17 32.53
CA ASP G 3822 14.19 -36.00 33.90
C ASP G 3822 15.30 -35.56 34.85
N LYS G 3823 16.55 -35.90 34.54
CA LYS G 3823 17.68 -35.50 35.36
C LYS G 3823 18.04 -34.03 35.11
N LYS G 3824 18.22 -33.67 33.83
CA LYS G 3824 18.64 -32.32 33.39
C LYS G 3824 19.95 -31.91 34.05
N GLU G 3825 20.91 -32.83 34.08
CA GLU G 3825 22.21 -32.63 34.69
C GLU G 3825 23.24 -32.49 33.60
N VAL G 3826 23.89 -31.32 33.54
CA VAL G 3826 24.93 -31.09 32.54
C VAL G 3826 26.21 -31.77 32.99
N GLY G 3827 26.90 -32.42 32.05
CA GLY G 3827 28.10 -33.16 32.39
C GLY G 3827 28.25 -34.43 31.58
N PHE G 3828 27.19 -34.84 30.89
CA PHE G 3828 27.27 -35.91 29.90
C PHE G 3828 27.69 -35.38 28.54
N PHE G 3829 27.24 -34.18 28.19
CA PHE G 3829 27.52 -33.57 26.90
C PHE G 3829 28.83 -32.81 26.90
N GLN G 3830 29.22 -32.25 28.05
CA GLN G 3830 30.53 -31.60 28.14
C GLN G 3830 31.65 -32.64 28.17
N SER G 3831 31.33 -33.87 28.60
CA SER G 3831 32.34 -34.90 28.64
C SER G 3831 32.64 -35.44 27.26
N ILE G 3832 31.62 -35.54 26.39
CA ILE G 3832 31.86 -35.90 24.99
C ILE G 3832 32.67 -34.80 24.29
N GLN G 3833 32.48 -33.55 24.70
CA GLN G 3833 33.24 -32.46 24.11
C GLN G 3833 34.71 -32.49 24.54
N ALA G 3834 34.99 -32.86 25.80
CA ALA G 3834 36.39 -32.93 26.23
C ALA G 3834 37.04 -34.21 25.73
N LEU G 3835 36.26 -35.27 25.55
CA LEU G 3835 36.75 -36.50 24.93
C LEU G 3835 37.01 -36.32 23.43
N MET G 3836 36.38 -35.33 22.79
CA MET G 3836 36.57 -35.13 21.36
C MET G 3836 37.84 -34.33 21.04
N GLN G 3837 38.18 -33.35 21.86
CA GLN G 3837 39.31 -32.49 21.54
C GLN G 3837 40.64 -33.10 21.97
N THR G 3838 40.61 -34.08 22.87
CA THR G 3838 41.82 -34.83 23.23
C THR G 3838 41.90 -36.14 22.45
N CYS G 3839 41.85 -36.02 21.12
CA CYS G 3839 42.15 -37.12 20.20
C CYS G 3839 43.33 -36.73 19.33
N SER G 3840 44.16 -37.72 19.02
CA SER G 3840 45.34 -37.51 18.22
C SER G 3840 45.04 -37.58 16.73
N VAL G 3841 45.85 -36.87 15.94
CA VAL G 3841 45.77 -36.86 14.49
C VAL G 3841 47.15 -37.21 13.94
N LEU G 3842 47.32 -37.15 12.62
CA LEU G 3842 48.64 -37.41 12.02
C LEU G 3842 49.57 -36.26 12.34
N ASP G 3843 50.39 -36.42 13.38
CA ASP G 3843 51.43 -35.44 13.68
C ASP G 3843 52.64 -35.65 12.79
N LEU G 3844 53.34 -34.57 12.49
CA LEU G 3844 54.56 -34.60 11.70
C LEU G 3844 55.78 -34.20 12.54
N ASN G 3845 55.69 -34.32 13.85
CA ASN G 3845 56.82 -34.14 14.76
C ASN G 3845 57.26 -35.45 15.39
N ALA G 3846 56.30 -36.27 15.84
CA ALA G 3846 56.61 -37.58 16.39
C ALA G 3846 56.72 -38.67 15.33
N PHE G 3847 56.46 -38.33 14.06
CA PHE G 3847 56.55 -39.34 13.00
C PHE G 3847 58.01 -39.61 12.64
N GLU G 3848 58.85 -38.58 12.61
CA GLU G 3848 60.27 -38.80 12.36
C GLU G 3848 60.96 -39.36 13.59
N ARG G 3849 60.39 -39.14 14.78
CA ARG G 3849 60.90 -39.80 15.98
C ARG G 3849 60.65 -41.30 15.92
N GLN G 3850 59.53 -41.69 15.31
CA GLN G 3850 59.21 -43.11 15.14
C GLN G 3850 60.06 -43.73 14.04
N ASN G 3851 60.39 -42.96 13.01
CA ASN G 3851 61.16 -43.49 11.89
C ASN G 3851 62.62 -43.68 12.28
N LYS G 3852 63.12 -42.82 13.18
CA LYS G 3852 64.50 -42.95 13.64
C LYS G 3852 64.64 -44.09 14.65
N ALA G 3853 63.62 -44.29 15.50
CA ALA G 3853 63.67 -45.33 16.50
C ALA G 3853 63.36 -46.71 15.92
N GLU G 3854 62.74 -46.78 14.74
CA GLU G 3854 62.47 -48.06 14.11
C GLU G 3854 63.71 -48.69 13.49
N GLY G 3855 64.76 -47.90 13.24
CA GLY G 3855 65.98 -48.43 12.67
C GLY G 3855 66.80 -49.28 13.62
N LEU G 3856 66.53 -49.21 14.91
CA LEU G 3856 67.24 -50.05 15.89
C LEU G 3856 66.53 -51.40 15.96
N GLY G 3857 67.03 -52.35 15.17
CA GLY G 3857 66.35 -53.64 15.06
C GLY G 3857 66.53 -54.50 16.30
N MET G 3858 67.69 -54.41 16.95
CA MET G 3858 67.97 -55.24 18.12
C MET G 3858 68.89 -54.46 19.04
N VAL G 3859 68.54 -54.40 20.32
CA VAL G 3859 69.39 -53.71 21.29
C VAL G 3859 70.41 -54.69 21.85
N ASN G 3860 71.60 -54.18 22.18
CA ASN G 3860 72.76 -54.97 22.58
C ASN G 3860 72.51 -55.70 23.91
N GLU G 3861 73.44 -56.63 24.20
CA GLU G 3861 73.43 -57.50 25.39
C GLU G 3861 72.17 -58.36 25.45
N ASP G 3862 71.88 -59.04 24.35
CA ASP G 3862 70.82 -60.06 24.22
C ASP G 3862 69.44 -59.49 24.55
N GLY G 3863 69.08 -58.45 23.81
CA GLY G 3863 67.81 -57.78 24.02
C GLY G 3863 67.00 -57.65 22.75
N THR G 3864 65.78 -58.18 22.77
CA THR G 3864 64.83 -57.91 21.70
C THR G 3864 64.02 -56.67 22.05
N VAL G 3865 63.87 -55.76 21.09
CA VAL G 3865 63.21 -54.49 21.35
C VAL G 3865 61.71 -54.71 21.48
N ILE G 3866 61.14 -54.21 22.58
CA ILE G 3866 59.72 -54.39 22.89
C ILE G 3866 58.98 -53.36 22.06
N ASN G 3867 58.60 -53.75 20.84
CA ASN G 3867 57.89 -52.86 19.93
C ASN G 3867 56.45 -52.64 20.38
N ARG G 3868 55.89 -53.57 21.15
CA ARG G 3868 54.52 -53.44 21.64
C ARG G 3868 54.42 -52.50 22.83
N GLN G 3869 55.53 -52.20 23.51
CA GLN G 3869 55.48 -51.31 24.68
C GLN G 3869 55.24 -49.87 24.25
N ASN G 3870 56.09 -49.35 23.34
CA ASN G 3870 55.87 -48.02 22.80
C ASN G 3870 54.75 -48.02 21.77
N GLY G 3871 54.72 -49.01 20.87
CA GLY G 3871 53.69 -49.05 19.86
C GLY G 3871 53.94 -48.01 18.77
N GLU G 3872 52.85 -47.40 18.31
CA GLU G 3872 52.91 -46.35 17.31
C GLU G 3872 52.67 -45.01 17.99
N LYS G 3873 53.66 -44.10 17.89
CA LYS G 3873 53.53 -42.81 18.56
C LYS G 3873 52.50 -41.93 17.89
N VAL G 3874 52.41 -41.96 16.56
CA VAL G 3874 51.44 -41.16 15.84
C VAL G 3874 50.16 -41.96 15.63
N MET G 3875 49.04 -41.31 15.98
CA MET G 3875 47.70 -41.91 16.01
C MET G 3875 47.63 -43.15 16.90
N ALA G 3876 48.13 -43.01 18.13
CA ALA G 3876 47.99 -44.07 19.13
C ALA G 3876 46.58 -44.16 19.68
N ASP G 3877 45.81 -43.08 19.63
CA ASP G 3877 44.47 -43.01 20.19
C ASP G 3877 43.44 -43.19 19.08
N ASP G 3878 43.77 -44.04 18.10
CA ASP G 3878 42.97 -44.14 16.88
C ASP G 3878 41.69 -44.95 17.10
N GLU G 3879 41.76 -45.98 17.94
CA GLU G 3879 40.65 -46.89 18.11
C GLU G 3879 39.52 -46.21 18.87
N PHE G 3880 39.88 -45.46 19.91
CA PHE G 3880 38.89 -44.84 20.79
C PHE G 3880 38.20 -43.67 20.11
N THR G 3881 38.92 -42.91 19.29
CA THR G 3881 38.29 -41.80 18.57
C THR G 3881 37.47 -42.29 17.38
N GLN G 3882 37.59 -43.57 17.03
CA GLN G 3882 36.61 -44.18 16.13
C GLN G 3882 35.52 -44.88 16.94
N ASP G 3883 35.88 -45.35 18.14
CA ASP G 3883 34.92 -45.99 19.03
C ASP G 3883 33.95 -44.97 19.62
N LEU G 3884 34.40 -43.73 19.78
CA LEU G 3884 33.52 -42.66 20.24
C LEU G 3884 32.60 -42.18 19.13
N PHE G 3885 33.11 -42.10 17.90
CA PHE G 3885 32.30 -41.57 16.81
C PHE G 3885 31.33 -42.62 16.26
N ARG G 3886 31.63 -43.90 16.47
CA ARG G 3886 30.67 -44.94 16.12
C ARG G 3886 29.53 -44.98 17.13
N PHE G 3887 29.81 -44.62 18.40
CA PHE G 3887 28.76 -44.50 19.39
C PHE G 3887 27.85 -43.31 19.08
N LEU G 3888 28.43 -42.23 18.56
CA LEU G 3888 27.64 -41.06 18.22
C LEU G 3888 26.91 -41.23 16.90
N GLN G 3889 27.37 -42.14 16.04
CA GLN G 3889 26.64 -42.44 14.81
C GLN G 3889 25.41 -43.29 15.10
N LEU G 3890 25.58 -44.32 15.94
CA LEU G 3890 24.49 -45.26 16.21
C LEU G 3890 23.44 -44.67 17.16
N LEU G 3891 23.72 -43.53 17.77
CA LEU G 3891 22.72 -42.85 18.58
C LEU G 3891 21.58 -42.31 17.73
N CYS G 3892 21.88 -41.91 16.50
CA CYS G 3892 20.90 -41.36 15.57
C CYS G 3892 20.83 -42.19 14.30
N GLU G 3893 20.94 -43.51 14.43
CA GLU G 3893 20.92 -44.43 13.30
C GLU G 3893 19.51 -44.72 12.80
N GLY G 3894 18.53 -44.77 13.69
CA GLY G 3894 17.16 -45.05 13.27
C GLY G 3894 16.37 -43.83 12.84
N HIS G 3895 17.08 -42.77 12.42
CA HIS G 3895 16.52 -41.52 11.90
C HIS G 3895 15.59 -40.86 12.91
N ASN G 3896 15.98 -40.88 14.19
CA ASN G 3896 15.15 -40.30 15.24
C ASN G 3896 15.42 -38.80 15.30
N ASN G 3897 14.36 -38.01 15.12
CA ASN G 3897 14.56 -36.58 14.90
C ASN G 3897 14.85 -35.84 16.20
N ASP G 3898 14.34 -36.32 17.32
CA ASP G 3898 14.47 -35.58 18.58
C ASP G 3898 15.88 -35.65 19.15
N PHE G 3899 16.69 -36.62 18.71
CA PHE G 3899 18.08 -36.67 19.13
C PHE G 3899 18.93 -35.59 18.46
N GLN G 3900 18.76 -35.38 17.14
CA GLN G 3900 19.59 -34.39 16.47
C GLN G 3900 19.15 -32.97 16.78
N ASN G 3901 17.95 -32.78 17.31
CA ASN G 3901 17.62 -31.50 17.88
C ASN G 3901 18.14 -31.36 19.31
N TYR G 3902 18.27 -32.47 20.02
CA TYR G 3902 18.80 -32.42 21.39
C TYR G 3902 20.31 -32.26 21.40
N LEU G 3903 21.01 -32.94 20.49
CA LEU G 3903 22.46 -32.83 20.41
C LEU G 3903 22.88 -31.47 19.86
N ARG G 3904 21.99 -30.79 19.13
CA ARG G 3904 22.28 -29.48 18.57
C ARG G 3904 22.03 -28.35 19.56
N THR G 3905 20.90 -28.41 20.27
CA THR G 3905 20.57 -27.37 21.24
C THR G 3905 19.83 -28.02 22.40
N GLN G 3906 20.43 -27.95 23.59
CA GLN G 3906 19.85 -28.52 24.80
C GLN G 3906 19.03 -27.44 25.49
N THR G 3907 17.76 -27.34 25.14
CA THR G 3907 16.92 -26.29 25.69
C THR G 3907 16.46 -26.60 27.11
N GLY G 3908 16.58 -27.86 27.55
CA GLY G 3908 16.25 -28.21 28.91
C GLY G 3908 17.36 -27.88 29.89
N ASN G 3909 18.60 -28.09 29.46
CA ASN G 3909 19.76 -27.73 30.27
C ASN G 3909 20.07 -26.24 30.10
N THR G 3910 20.91 -25.73 31.01
CA THR G 3910 21.23 -24.30 30.99
C THR G 3910 22.33 -23.97 29.99
N THR G 3911 23.20 -24.92 29.66
CA THR G 3911 24.30 -24.69 28.73
C THR G 3911 24.23 -25.70 27.59
N THR G 3912 24.14 -25.18 26.36
CA THR G 3912 24.16 -26.01 25.17
C THR G 3912 25.60 -26.22 24.70
N ILE G 3913 25.88 -27.42 24.20
CA ILE G 3913 27.23 -27.83 23.83
C ILE G 3913 27.40 -27.93 22.32
N ASN G 3914 26.40 -28.51 21.64
CA ASN G 3914 26.32 -28.64 20.17
C ASN G 3914 27.51 -29.43 19.66
N ILE G 3915 27.51 -30.74 19.94
CA ILE G 3915 28.49 -31.72 19.48
C ILE G 3915 28.77 -31.61 17.97
N ILE G 3916 27.75 -31.24 17.19
CA ILE G 3916 27.83 -31.23 15.73
C ILE G 3916 28.83 -30.18 15.23
N ILE G 3917 28.99 -29.08 15.96
CA ILE G 3917 30.03 -28.10 15.62
C ILE G 3917 31.41 -28.64 15.99
N CYS G 3918 31.51 -29.30 17.15
CA CYS G 3918 32.79 -29.88 17.56
C CYS G 3918 33.12 -31.13 16.74
N THR G 3919 32.13 -31.71 16.06
CA THR G 3919 32.40 -32.73 15.06
C THR G 3919 33.12 -32.14 13.86
N VAL G 3920 32.66 -30.96 13.41
CA VAL G 3920 33.31 -30.27 12.30
C VAL G 3920 34.66 -29.69 12.74
N ASP G 3921 34.78 -29.33 14.02
CA ASP G 3921 36.05 -28.81 14.53
C ASP G 3921 37.12 -29.89 14.57
N TYR G 3922 36.74 -31.13 14.87
CA TYR G 3922 37.71 -32.22 14.88
C TYR G 3922 38.08 -32.66 13.47
N LEU G 3923 37.10 -32.64 12.56
CA LEU G 3923 37.37 -33.07 11.19
C LEU G 3923 38.13 -32.01 10.41
N LEU G 3924 37.91 -30.73 10.74
CA LEU G 3924 38.77 -29.67 10.20
C LEU G 3924 40.19 -29.78 10.73
N ARG G 3925 40.34 -30.20 11.99
CA ARG G 3925 41.66 -30.53 12.51
C ARG G 3925 42.21 -31.76 11.81
N LEU G 3926 41.34 -32.70 11.44
CA LEU G 3926 41.79 -33.88 10.74
C LEU G 3926 42.05 -33.59 9.27
N GLN G 3927 41.37 -32.59 8.70
CA GLN G 3927 41.66 -32.22 7.32
C GLN G 3927 43.06 -31.63 7.18
N GLU G 3928 43.44 -30.72 8.08
CA GLU G 3928 44.73 -30.05 7.92
C GLU G 3928 45.89 -30.97 8.29
N SER G 3929 45.63 -32.10 8.96
CA SER G 3929 46.71 -32.99 9.35
C SER G 3929 47.07 -33.96 8.22
N ILE G 3930 46.06 -34.59 7.61
CA ILE G 3930 46.24 -35.39 6.39
C ILE G 3930 46.64 -34.54 5.19
N SER G 3931 46.25 -33.27 5.14
CA SER G 3931 46.72 -32.44 4.03
C SER G 3931 48.19 -32.08 4.20
N ASP G 3932 48.61 -31.81 5.44
CA ASP G 3932 50.03 -31.56 5.69
C ASP G 3932 50.83 -32.86 5.63
N PHE G 3933 50.19 -34.00 5.89
CA PHE G 3933 50.85 -35.29 5.68
C PHE G 3933 51.07 -35.55 4.20
N TYR G 3934 50.20 -35.02 3.34
CA TYR G 3934 50.41 -35.12 1.90
C TYR G 3934 51.53 -34.20 1.44
N TRP G 3935 51.61 -32.99 2.01
CA TRP G 3935 52.64 -32.04 1.59
C TRP G 3935 54.03 -32.47 2.05
N TYR G 3936 54.11 -33.26 3.11
CA TYR G 3936 55.39 -33.83 3.51
C TYR G 3936 55.83 -34.93 2.55
N TYR G 3937 54.89 -35.71 2.03
CA TYR G 3937 55.18 -36.80 1.09
C TYR G 3937 54.95 -36.40 -0.37
N SER G 3938 54.86 -35.09 -0.65
CA SER G 3938 54.64 -34.65 -2.02
C SER G 3938 55.91 -34.72 -2.86
N GLY G 3939 57.08 -34.71 -2.23
CA GLY G 3939 58.33 -34.77 -2.97
C GLY G 3939 58.86 -36.17 -3.17
N LYS G 3940 58.51 -37.08 -2.27
CA LYS G 3940 58.96 -38.47 -2.40
C LYS G 3940 58.13 -39.20 -3.46
N ASP G 3941 58.77 -40.17 -4.11
CA ASP G 3941 58.11 -40.90 -5.18
C ASP G 3941 57.19 -41.99 -4.63
N VAL G 3942 57.74 -42.94 -3.89
CA VAL G 3942 56.98 -44.06 -3.37
C VAL G 3942 56.74 -43.85 -1.88
N ILE G 3943 55.76 -44.58 -1.35
CA ILE G 3943 55.45 -44.58 0.07
C ILE G 3943 55.80 -45.95 0.63
N GLU G 3944 56.47 -45.96 1.79
CA GLU G 3944 56.81 -47.22 2.43
C GLU G 3944 55.62 -47.75 3.22
N GLU G 3945 55.81 -48.91 3.86
CA GLU G 3945 54.74 -49.57 4.60
C GLU G 3945 54.39 -48.80 5.88
N GLN G 3946 55.27 -47.91 6.33
CA GLN G 3946 54.96 -47.07 7.49
C GLN G 3946 53.97 -45.97 7.15
N GLY G 3947 54.09 -45.39 5.96
CA GLY G 3947 53.23 -44.27 5.61
C GLY G 3947 51.83 -44.70 5.21
N LYS G 3948 51.72 -45.82 4.48
CA LYS G 3948 50.39 -46.31 4.09
C LYS G 3948 49.69 -46.96 5.27
N ARG G 3949 50.44 -47.33 6.31
CA ARG G 3949 49.81 -47.75 7.56
C ARG G 3949 49.11 -46.57 8.23
N ASN G 3950 49.80 -45.43 8.30
CA ASN G 3950 49.27 -44.29 9.05
C ASN G 3950 48.21 -43.55 8.24
N PHE G 3951 48.23 -43.69 6.92
CA PHE G 3951 47.26 -42.99 6.09
C PHE G 3951 45.93 -43.74 6.06
N SER G 3952 45.98 -45.08 6.05
CA SER G 3952 44.75 -45.87 6.14
C SER G 3952 44.18 -45.83 7.55
N LYS G 3953 45.04 -45.59 8.55
CA LYS G 3953 44.57 -45.34 9.91
C LYS G 3953 43.82 -44.02 9.99
N ALA G 3954 44.29 -43.00 9.27
CA ALA G 3954 43.66 -41.69 9.34
C ALA G 3954 42.44 -41.61 8.45
N MET G 3955 42.42 -42.40 7.37
CA MET G 3955 41.28 -42.33 6.47
C MET G 3955 40.11 -43.16 6.98
N SER G 3956 40.38 -44.17 7.82
CA SER G 3956 39.30 -44.99 8.36
C SER G 3956 38.52 -44.23 9.44
N VAL G 3957 39.23 -43.47 10.28
CA VAL G 3957 38.56 -42.62 11.26
C VAL G 3957 37.89 -41.44 10.56
N ALA G 3958 38.45 -41.00 9.42
CA ALA G 3958 37.82 -39.93 8.65
C ALA G 3958 36.53 -40.40 8.00
N LYS G 3959 36.41 -41.70 7.73
CA LYS G 3959 35.16 -42.25 7.20
C LYS G 3959 34.14 -42.44 8.31
N GLN G 3960 34.60 -42.72 9.53
CA GLN G 3960 33.69 -42.90 10.66
C GLN G 3960 33.03 -41.59 11.05
N VAL G 3961 33.79 -40.49 11.03
CA VAL G 3961 33.20 -39.17 11.28
C VAL G 3961 32.38 -38.72 10.08
N PHE G 3962 32.73 -39.20 8.88
CA PHE G 3962 31.84 -39.00 7.74
C PHE G 3962 30.54 -39.78 7.90
N ASN G 3963 30.60 -40.98 8.48
CA ASN G 3963 29.38 -41.71 8.79
C ASN G 3963 28.68 -41.12 10.01
N SER G 3964 29.44 -40.49 10.91
CA SER G 3964 28.82 -39.84 12.06
C SER G 3964 28.09 -38.58 11.64
N LEU G 3965 28.57 -37.92 10.58
CA LEU G 3965 27.98 -36.65 10.17
C LEU G 3965 26.76 -36.86 9.28
N THR G 3966 26.74 -37.92 8.47
CA THR G 3966 25.62 -38.11 7.54
C THR G 3966 24.38 -38.59 8.27
N GLU G 3967 24.55 -39.42 9.31
CA GLU G 3967 23.40 -39.89 10.07
C GLU G 3967 22.81 -38.80 10.95
N TYR G 3968 23.60 -37.75 11.23
CA TYR G 3968 23.06 -36.56 11.87
C TYR G 3968 22.14 -35.79 10.92
N ILE G 3969 22.35 -35.90 9.61
CA ILE G 3969 21.61 -35.11 8.64
C ILE G 3969 20.78 -35.98 7.70
N GLN G 3970 20.77 -37.31 7.88
CA GLN G 3970 19.95 -38.15 7.02
C GLN G 3970 18.48 -38.08 7.40
N GLY G 3971 18.18 -37.84 8.67
CA GLY G 3971 16.82 -37.56 9.08
C GLY G 3971 16.38 -36.24 8.50
N PRO G 3972 15.07 -36.09 8.26
CA PRO G 3972 14.58 -34.83 7.66
C PRO G 3972 14.58 -33.68 8.66
N CYS G 3973 15.76 -33.20 9.01
CA CYS G 3973 15.94 -32.16 10.00
C CYS G 3973 16.47 -30.90 9.34
N THR G 3974 15.72 -29.80 9.45
CA THR G 3974 16.19 -28.53 8.94
C THR G 3974 17.24 -27.91 9.86
N GLY G 3975 17.32 -28.35 11.11
CA GLY G 3975 18.20 -27.69 12.06
C GLY G 3975 19.68 -27.97 11.82
N ASN G 3976 20.01 -29.23 11.52
CA ASN G 3976 21.42 -29.57 11.29
C ASN G 3976 21.92 -29.06 9.94
N GLN G 3977 21.04 -29.01 8.94
CA GLN G 3977 21.50 -28.64 7.60
C GLN G 3977 21.78 -27.14 7.51
N GLN G 3978 21.10 -26.34 8.34
CA GLN G 3978 21.49 -24.94 8.44
C GLN G 3978 22.69 -24.77 9.38
N SER G 3979 22.89 -25.72 10.29
CA SER G 3979 24.06 -25.66 11.16
C SER G 3979 25.31 -26.06 10.40
N LEU G 3980 25.21 -27.06 9.52
CA LEU G 3980 26.36 -27.43 8.70
C LEU G 3980 26.61 -26.39 7.61
N ALA G 3981 25.58 -25.66 7.19
CA ALA G 3981 25.75 -24.63 6.18
C ALA G 3981 26.36 -23.36 6.77
N HIS G 3982 26.09 -23.07 8.04
CA HIS G 3982 26.66 -21.90 8.70
C HIS G 3982 27.96 -22.19 9.42
N SER G 3983 28.44 -23.44 9.40
CA SER G 3983 29.73 -23.78 10.00
C SER G 3983 30.82 -23.67 8.95
N ARG G 3984 32.04 -24.12 9.30
CA ARG G 3984 33.16 -24.13 8.38
C ARG G 3984 33.38 -25.51 7.76
N LEU G 3985 32.28 -26.20 7.43
CA LEU G 3985 32.35 -27.49 6.75
C LEU G 3985 32.83 -27.34 5.31
N TRP G 3986 32.57 -26.18 4.69
CA TRP G 3986 32.87 -26.01 3.27
C TRP G 3986 34.37 -25.93 3.01
N ASP G 3987 35.13 -25.26 3.89
CA ASP G 3987 36.58 -25.24 3.71
C ASP G 3987 37.20 -26.58 4.11
N ALA G 3988 36.47 -27.40 4.86
CA ALA G 3988 36.93 -28.77 5.10
C ALA G 3988 36.74 -29.62 3.85
N VAL G 3989 35.57 -29.53 3.23
CA VAL G 3989 35.24 -30.36 2.06
C VAL G 3989 36.07 -29.93 0.86
N VAL G 3990 36.34 -28.62 0.74
CA VAL G 3990 37.24 -28.10 -0.29
C VAL G 3990 38.64 -28.64 -0.09
N GLY G 3991 39.11 -28.67 1.15
CA GLY G 3991 40.43 -29.21 1.42
C GLY G 3991 40.50 -30.73 1.28
N PHE G 3992 39.40 -31.41 1.59
CA PHE G 3992 39.35 -32.86 1.31
C PHE G 3992 39.26 -33.15 -0.17
N LEU G 3993 38.63 -32.26 -0.95
CA LEU G 3993 38.63 -32.43 -2.39
C LEU G 3993 40.00 -32.11 -2.98
N HIS G 3994 40.81 -31.31 -2.29
CA HIS G 3994 42.15 -30.99 -2.76
C HIS G 3994 43.09 -32.16 -2.56
N VAL G 3995 43.01 -32.82 -1.41
CA VAL G 3995 43.95 -33.91 -1.13
C VAL G 3995 43.53 -35.17 -1.89
N PHE G 3996 42.24 -35.30 -2.22
CA PHE G 3996 41.80 -36.47 -2.96
C PHE G 3996 42.20 -36.37 -4.43
N ALA G 3997 42.13 -35.16 -5.00
CA ALA G 3997 42.41 -35.00 -6.42
C ALA G 3997 43.89 -35.19 -6.74
N HIS G 3998 44.76 -34.93 -5.78
CA HIS G 3998 46.19 -35.01 -6.04
C HIS G 3998 46.76 -36.39 -5.70
N MET G 3999 46.19 -37.07 -4.70
CA MET G 3999 46.70 -38.38 -4.32
C MET G 3999 46.33 -39.45 -5.33
N MET G 4000 45.15 -39.33 -5.95
CA MET G 4000 44.74 -40.33 -6.93
C MET G 4000 45.53 -40.22 -8.23
N MET G 4001 46.03 -39.04 -8.55
CA MET G 4001 47.03 -38.95 -9.61
C MET G 4001 48.45 -39.14 -9.09
N LYS G 4002 48.64 -39.32 -7.79
CA LYS G 4002 49.98 -39.72 -7.34
C LYS G 4002 50.05 -41.24 -7.11
N LEU G 4003 49.00 -41.83 -6.54
CA LEU G 4003 48.95 -43.25 -6.26
C LEU G 4003 48.62 -44.11 -7.48
N ALA G 4004 48.30 -43.49 -8.62
CA ALA G 4004 48.03 -44.28 -9.83
C ALA G 4004 49.29 -44.65 -10.61
N GLN G 4005 50.47 -44.21 -10.16
CA GLN G 4005 51.71 -44.45 -10.89
C GLN G 4005 52.48 -45.65 -10.34
N ASP G 4006 51.80 -46.57 -9.67
CA ASP G 4006 52.45 -47.78 -9.16
C ASP G 4006 51.39 -48.84 -8.92
N SER G 4007 51.81 -50.10 -8.95
CA SER G 4007 50.91 -51.23 -8.80
C SER G 4007 50.92 -51.81 -7.38
N SER G 4008 51.85 -51.40 -6.52
CA SER G 4008 51.81 -51.76 -5.11
C SER G 4008 50.97 -50.80 -4.29
N GLN G 4009 50.52 -49.71 -4.90
CA GLN G 4009 49.73 -48.68 -4.24
C GLN G 4009 48.24 -48.84 -4.55
N ILE G 4010 47.80 -50.08 -4.78
CA ILE G 4010 46.41 -50.35 -5.10
C ILE G 4010 45.54 -50.37 -3.84
N GLU G 4011 46.07 -50.82 -2.69
CA GLU G 4011 45.26 -50.95 -1.48
C GLU G 4011 44.88 -49.59 -0.91
N LEU G 4012 45.77 -48.60 -1.05
CA LEU G 4012 45.49 -47.28 -0.52
C LEU G 4012 44.50 -46.54 -1.40
N LEU G 4013 44.48 -46.85 -2.70
CA LEU G 4013 43.67 -46.09 -3.64
C LEU G 4013 42.22 -46.57 -3.63
N LYS G 4014 41.99 -47.88 -3.40
CA LYS G 4014 40.64 -48.36 -3.17
C LYS G 4014 40.08 -47.84 -1.85
N GLU G 4015 40.93 -47.76 -0.82
CA GLU G 4015 40.47 -47.24 0.46
C GLU G 4015 40.18 -45.73 0.37
N LEU G 4016 40.83 -45.05 -0.56
CA LEU G 4016 40.53 -43.64 -0.77
C LEU G 4016 39.27 -43.47 -1.62
N LEU G 4017 39.05 -44.37 -2.59
CA LEU G 4017 37.86 -44.26 -3.45
C LEU G 4017 36.60 -44.65 -2.67
N ASP G 4018 36.74 -45.49 -1.64
CA ASP G 4018 35.62 -45.72 -0.73
C ASP G 4018 35.43 -44.56 0.23
N LEU G 4019 36.48 -43.76 0.45
CA LEU G 4019 36.35 -42.62 1.35
C LEU G 4019 35.64 -41.46 0.67
N GLN G 4020 35.98 -41.16 -0.59
CA GLN G 4020 35.24 -40.12 -1.29
C GLN G 4020 33.86 -40.63 -1.73
N LYS G 4021 33.68 -41.95 -1.74
CA LYS G 4021 32.32 -42.51 -1.79
C LYS G 4021 31.52 -42.09 -0.56
N ASP G 4022 32.15 -42.07 0.62
CA ASP G 4022 31.43 -41.76 1.84
C ASP G 4022 31.12 -40.27 1.97
N MET G 4023 31.91 -39.42 1.31
CA MET G 4023 31.70 -37.98 1.44
C MET G 4023 30.60 -37.50 0.50
N VAL G 4024 30.54 -38.06 -0.72
CA VAL G 4024 29.52 -37.62 -1.65
C VAL G 4024 28.12 -38.11 -1.25
N VAL G 4025 28.02 -39.25 -0.55
CA VAL G 4025 26.73 -39.62 0.02
C VAL G 4025 26.43 -38.74 1.25
N MET G 4026 27.48 -38.29 1.93
CA MET G 4026 27.32 -37.24 2.94
C MET G 4026 26.90 -35.93 2.30
N LEU G 4027 27.41 -35.65 1.10
CA LEU G 4027 26.98 -34.43 0.40
C LEU G 4027 25.60 -34.60 -0.21
N LEU G 4028 25.22 -35.84 -0.56
CA LEU G 4028 23.88 -36.08 -1.09
C LEU G 4028 22.84 -36.10 0.02
N SER G 4029 23.23 -36.51 1.23
CA SER G 4029 22.30 -36.49 2.35
C SER G 4029 22.12 -35.09 2.91
N LEU G 4030 22.99 -34.16 2.53
CA LEU G 4030 22.79 -32.75 2.88
C LEU G 4030 21.75 -32.09 1.97
N LEU G 4031 21.58 -32.62 0.76
CA LEU G 4031 20.69 -32.03 -0.24
C LEU G 4031 19.28 -32.61 -0.22
N GLU G 4032 18.92 -33.32 0.85
CA GLU G 4032 17.59 -33.94 0.91
C GLU G 4032 16.54 -32.92 1.34
N GLY G 4033 15.39 -32.97 0.68
CA GLY G 4033 14.33 -32.00 0.92
C GLY G 4033 14.67 -30.60 0.48
N ASN G 4034 15.37 -30.47 -0.65
CA ASN G 4034 15.89 -29.19 -1.09
C ASN G 4034 14.90 -28.53 -2.05
N VAL G 4035 14.58 -27.26 -1.79
CA VAL G 4035 13.65 -26.50 -2.61
C VAL G 4035 14.37 -26.05 -3.89
N VAL G 4036 13.59 -25.89 -4.98
CA VAL G 4036 14.11 -25.60 -6.33
C VAL G 4036 14.92 -24.30 -6.38
N ASN G 4037 14.74 -23.39 -5.41
CA ASN G 4037 15.71 -22.31 -5.20
C ASN G 4037 15.94 -22.18 -3.70
N GLY G 4038 16.90 -22.95 -3.20
CA GLY G 4038 17.27 -22.91 -1.82
C GLY G 4038 18.74 -22.58 -1.66
N MET G 4039 19.11 -22.19 -0.44
CA MET G 4039 20.46 -21.72 -0.18
C MET G 4039 21.46 -22.84 0.00
N ILE G 4040 21.01 -24.08 0.27
CA ILE G 4040 21.94 -25.19 0.42
C ILE G 4040 22.60 -25.52 -0.90
N ALA G 4041 21.83 -25.48 -1.98
CA ALA G 4041 22.38 -25.79 -3.30
C ALA G 4041 23.28 -24.67 -3.81
N ARG G 4042 23.00 -23.42 -3.43
CA ARG G 4042 23.86 -22.32 -3.89
C ARG G 4042 25.13 -22.22 -3.07
N GLN G 4043 25.09 -22.58 -1.78
CA GLN G 4043 26.35 -22.67 -1.04
C GLN G 4043 27.08 -23.98 -1.34
N MET G 4044 26.43 -24.93 -2.01
CA MET G 4044 27.17 -26.09 -2.50
C MET G 4044 27.92 -25.77 -3.78
N VAL G 4045 27.35 -24.94 -4.65
CA VAL G 4045 27.98 -24.71 -5.95
C VAL G 4045 29.07 -23.64 -5.85
N ASP G 4046 28.94 -22.68 -4.91
CA ASP G 4046 30.02 -21.70 -4.78
C ASP G 4046 31.22 -22.32 -4.08
N MET G 4047 30.97 -23.37 -3.28
CA MET G 4047 32.04 -24.22 -2.78
C MET G 4047 32.75 -24.94 -3.92
N LEU G 4048 32.00 -25.28 -4.98
CA LEU G 4048 32.59 -25.94 -6.14
C LEU G 4048 33.35 -24.97 -7.03
N VAL G 4049 32.94 -23.69 -7.08
CA VAL G 4049 33.69 -22.74 -7.90
C VAL G 4049 34.78 -22.03 -7.10
N GLU G 4050 34.74 -22.12 -5.77
CA GLU G 4050 35.90 -21.78 -4.94
C GLU G 4050 37.00 -22.82 -5.08
N SER G 4051 36.63 -24.03 -5.49
CA SER G 4051 37.47 -25.20 -5.60
C SER G 4051 37.32 -25.80 -6.99
N SER G 4052 37.53 -24.96 -8.01
CA SER G 4052 37.39 -25.42 -9.39
C SER G 4052 38.55 -26.30 -9.82
N SER G 4053 39.74 -26.07 -9.28
CA SER G 4053 40.95 -26.66 -9.84
C SER G 4053 41.00 -28.16 -9.57
N ASN G 4054 40.53 -28.59 -8.40
CA ASN G 4054 40.67 -29.98 -8.00
C ASN G 4054 39.48 -30.83 -8.46
N VAL G 4055 38.28 -30.25 -8.54
CA VAL G 4055 37.13 -31.06 -8.95
C VAL G 4055 37.12 -31.22 -10.47
N GLU G 4056 37.79 -30.32 -11.19
CA GLU G 4056 38.05 -30.61 -12.61
C GLU G 4056 39.10 -31.70 -12.76
N MET G 4057 40.01 -31.85 -11.80
CA MET G 4057 40.97 -32.95 -11.87
C MET G 4057 40.33 -34.27 -11.44
N ILE G 4058 39.25 -34.24 -10.66
CA ILE G 4058 38.59 -35.51 -10.32
C ILE G 4058 37.69 -35.96 -11.46
N LEU G 4059 37.10 -35.02 -12.20
CA LEU G 4059 36.21 -35.40 -13.30
C LEU G 4059 37.00 -35.65 -14.58
N LYS G 4060 38.20 -35.10 -14.70
CA LYS G 4060 39.06 -35.50 -15.81
C LYS G 4060 39.67 -36.87 -15.54
N PHE G 4061 39.88 -37.20 -14.25
CA PHE G 4061 40.32 -38.54 -13.86
C PHE G 4061 39.28 -39.60 -14.24
N PHE G 4062 38.01 -39.32 -13.95
CA PHE G 4062 36.97 -40.30 -14.18
C PHE G 4062 36.60 -40.36 -15.66
N ASP G 4063 37.06 -39.38 -16.45
CA ASP G 4063 36.78 -39.38 -17.88
C ASP G 4063 37.83 -40.18 -18.65
N MET G 4064 39.12 -39.93 -18.38
CA MET G 4064 40.18 -40.56 -19.19
C MET G 4064 40.31 -42.05 -18.90
N PHE G 4065 39.89 -42.50 -17.73
CA PHE G 4065 40.02 -43.92 -17.43
C PHE G 4065 38.73 -44.69 -17.75
N LEU G 4066 37.63 -43.99 -18.02
CA LEU G 4066 36.41 -44.61 -18.53
C LEU G 4066 36.36 -44.59 -20.04
N LYS G 4067 36.94 -43.58 -20.68
CA LYS G 4067 36.98 -43.50 -22.14
C LYS G 4067 37.91 -44.55 -22.76
N LEU G 4068 38.90 -45.03 -22.01
CA LEU G 4068 39.93 -45.88 -22.60
C LEU G 4068 39.38 -47.25 -22.98
N LYS G 4069 38.42 -47.76 -22.21
CA LYS G 4069 37.79 -49.03 -22.58
C LYS G 4069 36.88 -48.86 -23.78
N ASP G 4070 36.35 -47.66 -23.99
CA ASP G 4070 35.70 -47.35 -25.26
C ASP G 4070 36.73 -47.08 -26.35
N ILE G 4071 37.93 -46.65 -25.97
CA ILE G 4071 39.00 -46.41 -26.94
C ILE G 4071 39.66 -47.73 -27.34
N VAL G 4072 39.99 -48.58 -26.36
CA VAL G 4072 40.61 -49.86 -26.68
C VAL G 4072 39.60 -50.84 -27.26
N GLY G 4073 38.31 -50.55 -27.13
CA GLY G 4073 37.27 -51.34 -27.75
C GLY G 4073 37.04 -51.07 -29.22
N SER G 4074 37.79 -50.14 -29.81
CA SER G 4074 37.65 -49.84 -31.22
C SER G 4074 38.33 -50.90 -32.08
N GLU G 4075 37.86 -51.02 -33.33
CA GLU G 4075 38.42 -51.99 -34.26
C GLU G 4075 39.77 -51.51 -34.81
N ALA G 4076 40.06 -50.22 -34.72
CA ALA G 4076 41.30 -49.69 -35.28
C ALA G 4076 42.50 -50.02 -34.41
N PHE G 4077 42.37 -49.84 -33.09
CA PHE G 4077 43.53 -49.97 -32.21
C PHE G 4077 43.85 -51.41 -31.88
N GLN G 4078 42.88 -52.33 -32.05
CA GLN G 4078 43.24 -53.74 -32.03
C GLN G 4078 43.79 -54.21 -33.37
N ASP G 4079 43.60 -53.43 -34.44
CA ASP G 4079 44.23 -53.76 -35.71
C ASP G 4079 45.64 -53.18 -35.82
N TYR G 4080 45.98 -52.21 -34.96
CA TYR G 4080 47.32 -51.64 -34.96
C TYR G 4080 48.32 -52.52 -34.23
N VAL G 4081 47.86 -53.45 -33.40
CA VAL G 4081 48.73 -54.39 -32.71
C VAL G 4081 48.68 -55.74 -33.43
N THR G 4082 49.86 -56.34 -33.64
CA THR G 4082 49.94 -57.63 -34.31
C THR G 4082 50.71 -58.66 -33.49
N ASP G 4083 50.96 -58.40 -32.21
CA ASP G 4083 51.65 -59.38 -31.38
C ASP G 4083 50.68 -60.51 -31.04
N PRO G 4084 51.10 -61.78 -31.18
CA PRO G 4084 50.18 -62.88 -30.81
C PRO G 4084 49.99 -63.01 -29.31
N ARG G 4085 51.00 -62.64 -28.53
CA ARG G 4085 50.93 -62.75 -27.08
C ARG G 4085 50.07 -61.65 -26.46
N GLY G 4086 49.94 -60.50 -27.14
CA GLY G 4086 49.08 -59.43 -26.69
C GLY G 4086 49.75 -58.31 -25.92
N LEU G 4087 51.06 -58.38 -25.72
CA LEU G 4087 51.80 -57.37 -24.96
C LEU G 4087 52.26 -56.29 -25.94
N ILE G 4088 51.53 -55.18 -26.00
CA ILE G 4088 51.82 -54.15 -26.98
C ILE G 4088 52.93 -53.23 -26.47
N SER G 4089 53.70 -52.67 -27.40
CA SER G 4089 54.78 -51.76 -27.06
C SER G 4089 54.22 -50.39 -26.65
N LYS G 4090 55.10 -49.53 -26.13
CA LYS G 4090 54.63 -48.26 -25.59
C LYS G 4090 54.57 -47.16 -26.64
N LYS G 4091 55.47 -47.22 -27.64
CA LYS G 4091 55.52 -46.15 -28.64
C LYS G 4091 54.40 -46.27 -29.66
N ASP G 4092 53.99 -47.50 -29.97
CA ASP G 4092 52.97 -47.70 -31.00
C ASP G 4092 51.59 -47.33 -30.49
N PHE G 4093 51.31 -47.62 -29.22
CA PHE G 4093 50.04 -47.25 -28.62
C PHE G 4093 49.98 -45.76 -28.32
N GLN G 4094 51.13 -45.12 -28.16
CA GLN G 4094 51.15 -43.68 -27.93
C GLN G 4094 50.82 -42.91 -29.20
N LYS G 4095 51.34 -43.36 -30.34
CA LYS G 4095 51.01 -42.72 -31.61
C LYS G 4095 49.60 -43.09 -32.05
N ALA G 4096 49.06 -44.21 -31.57
CA ALA G 4096 47.71 -44.61 -31.94
C ALA G 4096 46.69 -43.73 -31.23
N MET G 4097 46.87 -43.50 -29.92
CA MET G 4097 45.95 -42.65 -29.18
C MET G 4097 46.13 -41.18 -29.52
N ASP G 4098 47.28 -40.81 -30.10
CA ASP G 4098 47.45 -39.46 -30.58
C ASP G 4098 46.77 -39.24 -31.92
N SER G 4099 46.44 -40.31 -32.64
CA SER G 4099 45.72 -40.16 -33.90
C SER G 4099 44.27 -39.78 -33.67
N GLN G 4100 43.68 -40.24 -32.57
CA GLN G 4100 42.31 -39.88 -32.23
C GLN G 4100 42.28 -38.53 -31.52
N LYS G 4101 41.23 -37.76 -31.78
CA LYS G 4101 41.08 -36.43 -31.20
C LYS G 4101 40.42 -36.43 -29.83
N GLN G 4102 40.09 -37.60 -29.27
CA GLN G 4102 39.44 -37.66 -27.98
C GLN G 4102 40.42 -37.46 -26.83
N PHE G 4103 41.70 -37.80 -27.03
CA PHE G 4103 42.72 -37.68 -26.00
C PHE G 4103 43.78 -36.69 -26.45
N THR G 4104 44.42 -36.04 -25.47
CA THR G 4104 45.34 -34.94 -25.73
C THR G 4104 46.78 -35.36 -25.53
N GLY G 4105 47.68 -34.40 -25.78
CA GLY G 4105 49.11 -34.59 -25.68
C GLY G 4105 49.61 -34.95 -24.29
N PRO G 4106 49.41 -34.07 -23.31
CA PRO G 4106 49.83 -34.41 -21.93
C PRO G 4106 49.02 -35.52 -21.28
N GLU G 4107 47.87 -35.89 -21.85
CA GLU G 4107 47.08 -36.97 -21.27
C GLU G 4107 47.74 -38.33 -21.48
N ILE G 4108 48.36 -38.55 -22.64
CA ILE G 4108 48.78 -39.91 -22.97
C ILE G 4108 50.05 -40.31 -22.23
N GLN G 4109 51.00 -39.37 -22.02
CA GLN G 4109 52.18 -39.70 -21.24
C GLN G 4109 51.87 -39.77 -19.76
N PHE G 4110 50.72 -39.22 -19.34
CA PHE G 4110 50.22 -39.49 -18.00
C PHE G 4110 49.70 -40.92 -17.89
N LEU G 4111 49.02 -41.40 -18.94
CA LEU G 4111 48.46 -42.75 -18.91
C LEU G 4111 49.52 -43.82 -19.10
N LEU G 4112 50.59 -43.55 -19.86
CA LEU G 4112 51.68 -44.51 -19.93
C LEU G 4112 52.57 -44.44 -18.69
N SER G 4113 52.61 -43.30 -17.99
CA SER G 4113 53.32 -43.27 -16.72
C SER G 4113 52.53 -44.00 -15.64
N CYS G 4114 51.21 -44.03 -15.76
CA CYS G 4114 50.37 -44.78 -14.82
C CYS G 4114 50.40 -46.27 -15.12
N SER G 4115 50.68 -46.65 -16.37
CA SER G 4115 50.68 -48.04 -16.76
C SER G 4115 51.96 -48.74 -16.31
N GLU G 4116 51.94 -50.06 -16.40
CA GLU G 4116 53.14 -50.85 -16.16
C GLU G 4116 54.09 -50.69 -17.34
N ALA G 4117 55.33 -50.32 -17.06
CA ALA G 4117 56.31 -50.11 -18.13
C ALA G 4117 56.75 -51.44 -18.73
N ASP G 4118 57.40 -52.28 -17.91
CA ASP G 4118 57.89 -53.62 -18.28
C ASP G 4118 58.82 -53.57 -19.50
N GLU G 4119 59.93 -52.85 -19.32
CA GLU G 4119 60.94 -52.59 -20.35
C GLU G 4119 60.36 -51.92 -21.60
N ASN G 4120 59.33 -51.08 -21.40
CA ASN G 4120 58.69 -50.27 -22.44
C ASN G 4120 58.14 -51.08 -23.61
N GLU G 4121 57.77 -52.34 -23.38
CA GLU G 4121 57.29 -53.22 -24.43
C GLU G 4121 56.03 -53.98 -24.04
N MET G 4122 55.58 -53.86 -22.79
CA MET G 4122 54.38 -54.56 -22.32
C MET G 4122 53.54 -53.59 -21.50
N ILE G 4123 52.48 -53.07 -22.09
CA ILE G 4123 51.52 -52.26 -21.37
C ILE G 4123 50.33 -53.07 -20.87
N ASN G 4124 49.95 -54.13 -21.59
CA ASN G 4124 48.83 -55.02 -21.28
C ASN G 4124 47.53 -54.24 -21.11
N PHE G 4125 46.97 -53.79 -22.24
CA PHE G 4125 45.79 -52.93 -22.25
C PHE G 4125 44.58 -53.57 -21.59
N GLU G 4126 44.54 -54.91 -21.52
CA GLU G 4126 43.40 -55.59 -20.90
C GLU G 4126 43.38 -55.41 -19.39
N GLU G 4127 44.53 -55.51 -18.73
CA GLU G 4127 44.55 -55.42 -17.27
C GLU G 4127 44.54 -53.96 -16.82
N PHE G 4128 45.12 -53.07 -17.62
CA PHE G 4128 45.11 -51.64 -17.28
C PHE G 4128 43.71 -51.04 -17.42
N ALA G 4129 42.82 -51.67 -18.19
CA ALA G 4129 41.46 -51.18 -18.35
C ALA G 4129 40.58 -51.54 -17.16
N ASN G 4130 40.59 -52.81 -16.76
CA ASN G 4130 39.70 -53.27 -15.68
C ASN G 4130 40.28 -53.06 -14.30
N ARG G 4131 41.43 -52.40 -14.20
CA ARG G 4131 42.07 -52.16 -12.90
C ARG G 4131 41.30 -51.15 -12.07
N PHE G 4132 40.97 -50.00 -12.66
CA PHE G 4132 40.30 -48.91 -11.97
C PHE G 4132 38.86 -48.73 -12.43
N GLN G 4133 38.18 -49.82 -12.78
CA GLN G 4133 36.75 -49.78 -13.00
C GLN G 4133 36.00 -50.22 -11.75
N GLU G 4134 36.36 -51.39 -11.21
CA GLU G 4134 35.70 -51.92 -10.00
C GLU G 4134 35.89 -51.07 -8.75
N PRO G 4135 37.08 -50.51 -8.42
CA PRO G 4135 37.11 -49.57 -7.29
C PRO G 4135 36.49 -48.22 -7.59
N ALA G 4136 36.36 -47.84 -8.86
CA ALA G 4136 35.82 -46.54 -9.23
C ALA G 4136 34.43 -46.63 -9.85
N ARG G 4137 33.75 -47.77 -9.71
CA ARG G 4137 32.35 -47.85 -10.14
C ARG G 4137 31.44 -47.04 -9.24
N ASP G 4138 31.61 -47.16 -7.92
CA ASP G 4138 30.66 -46.56 -6.98
C ASP G 4138 30.86 -45.05 -6.88
N ILE G 4139 32.11 -44.60 -6.84
CA ILE G 4139 32.37 -43.18 -6.74
C ILE G 4139 32.11 -42.48 -8.08
N GLY G 4140 32.42 -43.15 -9.20
CA GLY G 4140 32.14 -42.57 -10.51
C GLY G 4140 30.65 -42.48 -10.79
N PHE G 4141 29.87 -43.35 -10.15
CA PHE G 4141 28.41 -43.24 -10.20
C PHE G 4141 27.91 -42.08 -9.35
N ASN G 4142 28.50 -41.87 -8.17
CA ASN G 4142 27.89 -40.94 -7.23
C ASN G 4142 28.31 -39.49 -7.50
N VAL G 4143 29.48 -39.27 -8.10
CA VAL G 4143 29.78 -37.91 -8.55
C VAL G 4143 28.95 -37.59 -9.78
N ALA G 4144 28.48 -38.62 -10.49
CA ALA G 4144 27.53 -38.39 -11.57
C ALA G 4144 26.14 -38.10 -11.01
N VAL G 4145 25.80 -38.73 -9.88
CA VAL G 4145 24.52 -38.46 -9.22
C VAL G 4145 24.53 -37.09 -8.55
N LEU G 4146 25.69 -36.66 -8.04
CA LEU G 4146 25.77 -35.36 -7.38
C LEU G 4146 25.65 -34.22 -8.40
N LEU G 4147 26.12 -34.44 -9.62
CA LEU G 4147 26.02 -33.40 -10.64
C LEU G 4147 24.62 -33.32 -11.23
N THR G 4148 23.94 -34.46 -11.40
CA THR G 4148 22.59 -34.41 -11.97
C THR G 4148 21.57 -33.96 -10.93
N ASN G 4149 21.87 -34.17 -9.65
CA ASN G 4149 20.95 -33.72 -8.60
C ASN G 4149 21.00 -32.21 -8.48
N LEU G 4150 22.20 -31.64 -8.55
CA LEU G 4150 22.33 -30.20 -8.39
C LEU G 4150 21.91 -29.45 -9.65
N SER G 4151 21.98 -30.10 -10.82
CA SER G 4151 21.63 -29.41 -12.05
C SER G 4151 20.13 -29.23 -12.20
N GLU G 4152 19.35 -30.29 -11.95
CA GLU G 4152 17.90 -30.19 -12.08
C GLU G 4152 17.23 -29.55 -10.88
N HIS G 4153 17.96 -29.36 -9.78
CA HIS G 4153 17.41 -28.60 -8.66
C HIS G 4153 17.61 -27.10 -8.83
N VAL G 4154 18.84 -26.65 -9.04
CA VAL G 4154 19.04 -25.24 -9.36
C VAL G 4154 19.41 -25.12 -10.85
N PRO G 4155 18.52 -24.62 -11.68
CA PRO G 4155 18.85 -24.39 -13.09
C PRO G 4155 19.36 -22.98 -13.33
N HIS G 4156 19.64 -22.66 -14.60
CA HIS G 4156 20.04 -21.32 -15.07
C HIS G 4156 21.32 -20.85 -14.39
N ASP G 4157 22.30 -21.73 -14.32
CA ASP G 4157 23.61 -21.42 -13.74
C ASP G 4157 24.67 -21.77 -14.78
N PRO G 4158 25.51 -20.82 -15.20
CA PRO G 4158 26.54 -21.15 -16.19
C PRO G 4158 27.67 -21.97 -15.61
N ARG G 4159 27.97 -21.81 -14.32
CA ARG G 4159 29.09 -22.54 -13.75
C ARG G 4159 28.73 -24.00 -13.46
N LEU G 4160 27.45 -24.28 -13.20
CA LEU G 4160 27.02 -25.67 -13.21
C LEU G 4160 26.91 -26.21 -14.63
N ARG G 4161 26.51 -25.36 -15.58
CA ARG G 4161 26.52 -25.76 -16.99
C ARG G 4161 27.95 -25.91 -17.50
N ASN G 4162 28.91 -25.29 -16.81
CA ASN G 4162 30.32 -25.60 -17.04
C ASN G 4162 30.64 -27.01 -16.53
N PHE G 4163 29.94 -27.46 -15.48
CA PHE G 4163 30.34 -28.71 -14.83
C PHE G 4163 29.79 -29.95 -15.54
N LEU G 4164 28.63 -29.84 -16.20
CA LEU G 4164 28.09 -31.02 -16.88
C LEU G 4164 28.74 -31.25 -18.24
N GLU G 4165 29.21 -30.20 -18.92
CA GLU G 4165 29.94 -30.43 -20.16
C GLU G 4165 31.34 -30.96 -19.90
N LEU G 4166 31.88 -30.74 -18.69
CA LEU G 4166 33.18 -31.24 -18.32
C LEU G 4166 33.14 -32.69 -17.88
N ALA G 4167 31.96 -33.20 -17.56
CA ALA G 4167 31.74 -34.56 -17.08
C ALA G 4167 30.58 -35.20 -17.83
N GLU G 4168 30.59 -35.10 -19.15
CA GLU G 4168 29.50 -35.64 -19.94
C GLU G 4168 29.55 -37.17 -20.02
N SER G 4169 30.75 -37.75 -19.97
CA SER G 4169 30.86 -39.19 -20.23
C SER G 4169 30.44 -40.02 -19.02
N ILE G 4170 30.63 -39.50 -17.80
CA ILE G 4170 30.18 -40.28 -16.65
C ILE G 4170 28.68 -40.16 -16.43
N LEU G 4171 28.00 -39.24 -17.13
CA LEU G 4171 26.54 -39.22 -17.10
C LEU G 4171 25.93 -40.14 -18.15
N GLU G 4172 26.42 -40.11 -19.39
CA GLU G 4172 25.83 -40.93 -20.44
C GLU G 4172 26.15 -42.41 -20.27
N TYR G 4173 27.23 -42.73 -19.55
CA TYR G 4173 27.54 -44.12 -19.27
C TYR G 4173 26.65 -44.68 -18.17
N PHE G 4174 26.32 -43.85 -17.18
CA PHE G 4174 25.48 -44.25 -16.06
C PHE G 4174 24.03 -43.84 -16.20
N ARG G 4175 23.58 -43.48 -17.42
CA ARG G 4175 22.16 -43.15 -17.59
C ARG G 4175 21.23 -44.38 -17.56
N PRO G 4176 21.52 -45.52 -18.20
CA PRO G 4176 20.64 -46.67 -17.99
C PRO G 4176 20.79 -47.34 -16.63
N TYR G 4177 21.78 -46.97 -15.82
CA TYR G 4177 21.91 -47.48 -14.46
C TYR G 4177 21.32 -46.56 -13.41
N LEU G 4178 21.14 -45.28 -13.73
CA LEU G 4178 20.51 -44.33 -12.83
C LEU G 4178 19.01 -44.33 -13.10
N GLY G 4179 18.23 -44.45 -12.02
CA GLY G 4179 16.78 -44.29 -12.09
C GLY G 4179 16.35 -43.08 -11.27
N ARG G 4180 15.57 -42.21 -11.90
CA ARG G 4180 14.99 -41.06 -11.23
C ARG G 4180 13.52 -41.33 -10.94
N ILE G 4181 13.14 -41.20 -9.68
CA ILE G 4181 11.79 -41.47 -9.20
C ILE G 4181 11.42 -40.36 -8.23
N GLU G 4182 10.13 -40.02 -8.20
CA GLU G 4182 9.62 -38.95 -7.34
C GLU G 4182 8.52 -39.49 -6.45
N ILE G 4183 8.62 -39.20 -5.15
CA ILE G 4183 7.56 -39.46 -4.19
C ILE G 4183 7.07 -38.13 -3.64
N MET G 4184 5.90 -38.16 -3.00
CA MET G 4184 5.29 -36.95 -2.46
C MET G 4184 5.00 -37.16 -0.98
N GLY G 4185 5.77 -36.49 -0.13
CA GLY G 4185 5.60 -36.55 1.30
C GLY G 4185 6.21 -35.30 1.90
N ALA G 4186 6.26 -35.29 3.25
CA ALA G 4186 6.84 -34.22 4.05
C ALA G 4186 6.19 -32.87 3.74
N SER G 4187 4.91 -32.73 4.15
CA SER G 4187 4.07 -31.54 3.94
C SER G 4187 3.87 -31.25 2.46
N ARG G 4188 3.42 -32.26 1.72
CA ARG G 4188 2.89 -32.17 0.36
C ARG G 4188 3.92 -31.66 -0.65
N ARG G 4189 5.21 -31.83 -0.37
CA ARG G 4189 6.24 -31.39 -1.30
C ARG G 4189 6.85 -32.58 -2.04
N ILE G 4190 6.82 -32.54 -3.36
CA ILE G 4190 7.42 -33.60 -4.18
C ILE G 4190 8.94 -33.44 -4.20
N GLU G 4191 9.63 -34.55 -4.05
CA GLU G 4191 11.08 -34.61 -4.13
C GLU G 4191 11.46 -35.66 -5.16
N ARG G 4192 12.65 -35.51 -5.73
CA ARG G 4192 13.19 -36.46 -6.70
C ARG G 4192 14.19 -37.38 -6.01
N ILE G 4193 13.91 -38.69 -6.06
CA ILE G 4193 14.70 -39.69 -5.34
C ILE G 4193 15.61 -40.37 -6.36
N TYR G 4194 16.89 -40.48 -6.03
CA TYR G 4194 17.87 -41.08 -6.94
C TYR G 4194 18.39 -42.39 -6.36
N PHE G 4195 18.43 -43.43 -7.19
CA PHE G 4195 18.86 -44.77 -6.79
C PHE G 4195 19.64 -45.40 -7.93
N GLU G 4196 20.02 -46.67 -7.76
CA GLU G 4196 20.83 -47.37 -8.74
C GLU G 4196 20.11 -48.62 -9.22
N ILE G 4197 20.20 -48.88 -10.52
CA ILE G 4197 19.74 -50.14 -11.12
C ILE G 4197 20.96 -50.95 -11.50
N SER G 4198 21.09 -52.14 -10.93
CA SER G 4198 22.19 -53.02 -11.30
C SER G 4198 21.93 -53.64 -12.68
N GLU G 4199 22.98 -54.26 -13.22
CA GLU G 4199 22.88 -54.81 -14.58
C GLU G 4199 22.01 -56.07 -14.62
N THR G 4200 21.89 -56.77 -13.49
CA THR G 4200 21.13 -58.02 -13.48
C THR G 4200 19.63 -57.75 -13.45
N ASN G 4201 19.22 -56.64 -12.84
CA ASN G 4201 17.80 -56.36 -12.68
C ASN G 4201 17.17 -55.86 -13.98
N ARG G 4202 17.92 -55.11 -14.78
CA ARG G 4202 17.37 -54.59 -16.02
C ARG G 4202 17.44 -55.64 -17.14
N ALA G 4203 18.39 -56.57 -17.05
CA ALA G 4203 18.49 -57.62 -18.05
C ALA G 4203 17.34 -58.62 -17.94
N GLN G 4204 16.82 -58.86 -16.73
CA GLN G 4204 15.65 -59.70 -16.59
C GLN G 4204 14.35 -58.92 -16.75
N TRP G 4205 14.42 -57.59 -16.80
CA TRP G 4205 13.20 -56.81 -17.04
C TRP G 4205 12.79 -56.87 -18.50
N GLU G 4206 13.74 -56.85 -19.42
CA GLU G 4206 13.44 -56.91 -20.85
C GLU G 4206 13.59 -58.34 -21.36
N MET G 4207 12.68 -59.20 -20.89
CA MET G 4207 12.55 -60.56 -21.37
C MET G 4207 11.06 -60.79 -21.64
N PRO G 4208 10.72 -61.63 -22.63
CA PRO G 4208 9.31 -61.69 -23.08
C PRO G 4208 8.34 -62.25 -22.07
N GLN G 4209 8.79 -63.06 -21.11
CA GLN G 4209 7.87 -63.57 -20.10
C GLN G 4209 7.50 -62.48 -19.10
N VAL G 4210 8.38 -61.51 -18.91
CA VAL G 4210 8.09 -60.45 -17.96
C VAL G 4210 7.17 -59.40 -18.58
N LYS G 4211 7.36 -59.04 -19.86
CA LYS G 4211 6.54 -57.99 -20.45
C LYS G 4211 5.17 -58.49 -20.85
N GLU G 4212 4.97 -59.81 -20.98
CA GLU G 4212 3.63 -60.31 -21.27
C GLU G 4212 2.74 -60.21 -20.05
N SER G 4213 3.31 -60.34 -18.84
CA SER G 4213 2.54 -60.04 -17.64
C SER G 4213 2.37 -58.54 -17.47
N LYS G 4214 3.30 -57.75 -18.03
CA LYS G 4214 3.16 -56.31 -18.01
C LYS G 4214 2.07 -55.84 -18.97
N ARG G 4215 1.92 -56.52 -20.11
CA ARG G 4215 0.93 -56.10 -21.09
C ARG G 4215 -0.50 -56.40 -20.62
N GLN G 4216 -0.68 -57.50 -19.89
CA GLN G 4216 -2.01 -57.83 -19.38
C GLN G 4216 -2.35 -57.06 -18.10
N PHE G 4217 -1.33 -56.69 -17.31
CA PHE G 4217 -1.63 -55.94 -16.09
C PHE G 4217 -2.06 -54.51 -16.39
N ILE G 4218 -1.45 -53.88 -17.41
CA ILE G 4218 -1.89 -52.56 -17.85
C ILE G 4218 -3.31 -52.62 -18.39
N PHE G 4219 -3.68 -53.77 -18.98
CA PHE G 4219 -5.01 -53.93 -19.55
C PHE G 4219 -6.07 -54.07 -18.46
N ASP G 4220 -5.82 -54.87 -17.43
CA ASP G 4220 -6.90 -55.12 -16.46
C ASP G 4220 -7.03 -54.04 -15.40
N VAL G 4221 -6.27 -52.94 -15.51
CA VAL G 4221 -6.38 -51.84 -14.56
C VAL G 4221 -7.12 -50.65 -15.16
N VAL G 4222 -6.73 -50.19 -16.34
CA VAL G 4222 -7.41 -49.02 -16.90
C VAL G 4222 -8.78 -49.41 -17.45
N ASN G 4223 -9.01 -50.69 -17.73
CA ASN G 4223 -10.31 -51.11 -18.21
C ASN G 4223 -11.27 -51.32 -17.02
N GLU G 4224 -10.99 -52.26 -16.12
CA GLU G 4224 -11.96 -52.56 -15.05
C GLU G 4224 -11.48 -52.16 -13.66
N GLY G 4225 -10.22 -51.79 -13.49
CA GLY G 4225 -9.71 -51.50 -12.17
C GLY G 4225 -10.11 -50.11 -11.68
N GLY G 4226 -10.19 -49.97 -10.36
CA GLY G 4226 -10.62 -48.74 -9.74
C GLY G 4226 -9.57 -47.63 -9.78
N GLU G 4227 -9.90 -46.52 -9.12
CA GLU G 4227 -9.04 -45.35 -9.07
C GLU G 4227 -8.14 -45.36 -7.83
N ALA G 4228 -8.71 -45.65 -6.67
CA ALA G 4228 -7.93 -45.70 -5.44
C ALA G 4228 -7.19 -47.02 -5.31
N GLU G 4229 -7.74 -48.09 -5.88
CA GLU G 4229 -7.15 -49.42 -5.77
C GLU G 4229 -6.17 -49.72 -6.90
N LYS G 4230 -5.86 -48.75 -7.77
CA LYS G 4230 -4.96 -49.02 -8.88
C LYS G 4230 -3.50 -49.02 -8.44
N MET G 4231 -3.17 -48.25 -7.40
CA MET G 4231 -1.82 -48.29 -6.84
C MET G 4231 -1.66 -49.47 -5.90
N GLU G 4232 -2.75 -49.94 -5.32
CA GLU G 4232 -2.73 -51.20 -4.57
C GLU G 4232 -2.54 -52.38 -5.51
N LEU G 4233 -3.03 -52.27 -6.75
CA LEU G 4233 -2.77 -53.31 -7.74
C LEU G 4233 -1.38 -53.19 -8.34
N PHE G 4234 -0.83 -51.97 -8.37
CA PHE G 4234 0.50 -51.77 -8.96
C PHE G 4234 1.56 -52.43 -8.09
N VAL G 4235 1.45 -52.26 -6.76
CA VAL G 4235 2.41 -52.87 -5.86
C VAL G 4235 2.22 -54.38 -5.80
N SER G 4236 0.98 -54.86 -5.99
CA SER G 4236 0.75 -56.29 -6.11
C SER G 4236 1.30 -56.81 -7.44
N PHE G 4237 1.35 -55.96 -8.45
CA PHE G 4237 2.04 -56.33 -9.68
C PHE G 4237 3.54 -56.29 -9.49
N CYS G 4238 4.05 -55.36 -8.67
CA CYS G 4238 5.49 -55.24 -8.46
C CYS G 4238 6.05 -56.43 -7.69
N GLU G 4239 5.41 -56.84 -6.59
CA GLU G 4239 5.92 -57.94 -5.78
C GLU G 4239 5.83 -59.26 -6.52
N ASP G 4240 4.89 -59.38 -7.47
CA ASP G 4240 4.79 -60.59 -8.26
C ASP G 4240 5.95 -60.68 -9.26
N THR G 4241 6.38 -59.54 -9.79
CA THR G 4241 7.50 -59.56 -10.73
C THR G 4241 8.85 -59.76 -10.06
N ILE G 4242 9.00 -59.36 -8.79
CA ILE G 4242 10.21 -59.72 -8.05
C ILE G 4242 10.30 -61.22 -7.89
N PHE G 4243 9.15 -61.86 -7.69
CA PHE G 4243 9.14 -63.30 -7.53
C PHE G 4243 9.34 -64.03 -8.85
N GLU G 4244 8.76 -63.50 -9.95
CA GLU G 4244 8.86 -64.26 -11.20
C GLU G 4244 10.23 -64.08 -11.84
N MET G 4245 10.98 -63.04 -11.45
CA MET G 4245 12.39 -63.03 -11.80
C MET G 4245 13.21 -63.87 -10.82
N GLN G 4246 12.71 -64.07 -9.59
CA GLN G 4246 13.45 -64.92 -8.66
C GLN G 4246 13.29 -66.39 -9.04
N ILE G 4247 12.11 -66.78 -9.54
CA ILE G 4247 11.96 -68.14 -10.03
C ILE G 4247 12.67 -68.27 -11.38
N ALA G 4248 12.88 -67.15 -12.08
CA ALA G 4248 13.64 -67.16 -13.33
C ALA G 4248 15.15 -67.19 -13.05
N ALA G 4249 15.60 -66.53 -11.99
CA ALA G 4249 17.02 -66.60 -11.64
C ALA G 4249 17.37 -67.96 -11.05
N GLN G 4250 16.38 -68.66 -10.49
CA GLN G 4250 16.61 -70.01 -10.00
C GLN G 4250 16.73 -71.00 -11.16
N ILE G 4251 15.98 -70.78 -12.24
CA ILE G 4251 15.97 -71.70 -13.37
C ILE G 4251 16.93 -71.25 -14.48
N SER G 4252 17.74 -70.23 -14.22
CA SER G 4252 18.70 -69.80 -15.24
C SER G 4252 19.88 -70.76 -15.28
N GLU G 4253 20.49 -70.85 -16.46
CA GLU G 4253 21.65 -71.71 -16.65
C GLU G 4253 22.93 -70.96 -16.31
N UNK G 4318 3.20 -62.19 -33.55
CA UNK G 4318 4.26 -63.18 -33.60
C UNK G 4318 3.69 -64.57 -33.87
N UNK G 4319 2.80 -65.02 -32.98
CA UNK G 4319 2.18 -66.33 -33.13
C UNK G 4319 0.99 -66.27 -34.08
N UNK G 4320 0.50 -65.06 -34.32
CA UNK G 4320 -0.65 -64.86 -35.21
C UNK G 4320 -0.22 -64.96 -36.66
N UNK G 4321 0.97 -64.47 -36.96
CA UNK G 4321 1.50 -64.50 -38.33
C UNK G 4321 1.96 -65.92 -38.70
N UNK G 4322 2.35 -66.69 -37.70
CA UNK G 4322 2.78 -68.06 -37.92
C UNK G 4322 1.58 -68.99 -38.10
N UNK G 4323 0.48 -68.64 -37.44
CA UNK G 4323 -0.74 -69.43 -37.54
C UNK G 4323 -1.46 -69.15 -38.86
N UNK G 4324 -1.33 -67.92 -39.35
CA UNK G 4324 -1.94 -67.54 -40.62
C UNK G 4324 -1.16 -68.12 -41.80
N UNK G 4325 0.14 -68.28 -41.61
CA UNK G 4325 1.00 -68.85 -42.64
C UNK G 4325 0.84 -70.37 -42.69
N UNK G 4326 0.53 -70.97 -41.54
CA UNK G 4326 0.32 -72.41 -41.47
C UNK G 4326 -1.05 -72.79 -42.03
N UNK G 4327 -2.00 -71.88 -41.89
CA UNK G 4327 -3.35 -72.10 -42.41
C UNK G 4327 -3.38 -71.91 -43.92
N UNK G 4328 -2.50 -71.03 -44.41
CA UNK G 4328 -2.42 -70.75 -45.85
C UNK G 4328 -1.65 -71.85 -46.56
N UNK G 4329 -0.69 -72.44 -45.88
CA UNK G 4329 0.11 -73.52 -46.44
C UNK G 4329 -0.69 -74.82 -46.51
N UNK G 4330 -1.65 -74.96 -45.60
CA UNK G 4330 -2.49 -76.15 -45.55
C UNK G 4330 -3.64 -76.05 -46.54
N UNK G 4331 -4.09 -74.83 -46.80
CA UNK G 4331 -5.15 -74.59 -47.77
C UNK G 4331 -4.60 -74.76 -49.18
N UNK G 4332 -3.32 -74.46 -49.35
CA UNK G 4332 -2.64 -74.63 -50.62
C UNK G 4332 -2.33 -76.09 -50.87
N UNK G 4333 -2.07 -76.82 -49.79
CA UNK G 4333 -1.75 -78.24 -49.89
C UNK G 4333 -3.01 -79.08 -50.09
N UNK G 4334 -4.13 -78.58 -49.58
CA UNK G 4334 -5.41 -79.26 -49.76
C UNK G 4334 -5.94 -79.00 -51.16
N UNK G 4335 -5.59 -77.86 -51.72
CA UNK G 4335 -6.00 -77.51 -53.08
C UNK G 4335 -5.14 -78.26 -54.09
N UNK G 4336 -3.90 -78.55 -53.72
CA UNK G 4336 -2.99 -79.28 -54.59
C UNK G 4336 -3.33 -80.77 -54.59
N UNK G 4337 -3.90 -81.25 -53.48
CA UNK G 4337 -4.28 -82.65 -53.35
C UNK G 4337 -5.60 -82.91 -54.06
N UNK G 4338 -6.53 -81.96 -53.95
CA UNK G 4338 -7.84 -82.09 -54.59
C UNK G 4338 -7.76 -81.75 -56.07
N TRP G 4541 21.77 -91.90 -5.64
CA TRP G 4541 20.53 -91.15 -5.74
C TRP G 4541 20.81 -89.67 -6.02
N GLY G 4542 22.05 -89.26 -5.79
CA GLY G 4542 22.43 -87.88 -6.04
C GLY G 4542 22.60 -87.56 -7.51
N GLU G 4543 23.06 -88.54 -8.29
CA GLU G 4543 23.27 -88.33 -9.72
C GLU G 4543 21.95 -88.36 -10.48
N LEU G 4544 21.01 -89.19 -10.03
CA LEU G 4544 19.70 -89.27 -10.69
C LEU G 4544 18.85 -88.06 -10.35
N GLU G 4545 19.11 -87.43 -9.20
CA GLU G 4545 18.37 -86.23 -8.82
C GLU G 4545 18.83 -85.02 -9.60
N VAL G 4546 20.14 -84.88 -9.83
CA VAL G 4546 20.61 -83.72 -10.60
C VAL G 4546 20.31 -83.92 -12.09
N GLN G 4547 20.15 -85.18 -12.52
CA GLN G 4547 19.72 -85.42 -13.90
C GLN G 4547 18.22 -85.15 -14.06
N ARG G 4548 17.48 -85.17 -12.94
CA ARG G 4548 16.07 -84.82 -12.98
C ARG G 4548 15.88 -83.30 -13.05
N VAL G 4549 16.68 -82.55 -12.28
CA VAL G 4549 16.57 -81.10 -12.30
C VAL G 4549 17.25 -80.52 -13.55
N LYS G 4550 18.06 -81.32 -14.24
CA LYS G 4550 18.60 -80.88 -15.51
C LYS G 4550 17.59 -81.06 -16.63
N PHE G 4551 16.76 -82.11 -16.55
CA PHE G 4551 15.75 -82.33 -17.57
C PHE G 4551 14.54 -81.41 -17.36
N LEU G 4552 14.21 -81.12 -16.10
CA LEU G 4552 13.10 -80.21 -15.83
C LEU G 4552 13.46 -78.78 -16.17
N ASN G 4553 14.74 -78.43 -16.06
CA ASN G 4553 15.17 -77.07 -16.39
C ASN G 4553 15.40 -76.89 -17.88
N TYR G 4554 15.85 -77.94 -18.57
CA TYR G 4554 16.00 -77.86 -20.03
C TYR G 4554 14.64 -77.73 -20.70
N LEU G 4555 13.61 -78.34 -20.13
CA LEU G 4555 12.29 -78.30 -20.73
C LEU G 4555 11.61 -76.95 -20.47
N SER G 4556 11.86 -76.36 -19.31
CA SER G 4556 11.12 -75.15 -18.93
C SER G 4556 11.65 -73.90 -19.60
N ARG G 4557 12.92 -73.87 -20.01
CA ARG G 4557 13.40 -72.74 -20.82
C ARG G 4557 12.91 -72.82 -22.26
N ASN G 4558 12.42 -73.97 -22.70
CA ASN G 4558 11.89 -74.15 -24.05
C ASN G 4558 10.40 -74.42 -23.99
N PHE G 4559 9.70 -73.71 -23.10
CA PHE G 4559 8.27 -73.94 -22.93
C PHE G 4559 7.47 -73.33 -24.08
N TYR G 4560 7.94 -72.22 -24.64
CA TYR G 4560 7.25 -71.62 -25.78
C TYR G 4560 7.55 -72.37 -27.06
N THR G 4561 8.76 -72.93 -27.17
CA THR G 4561 9.12 -73.72 -28.34
C THR G 4561 8.38 -75.06 -28.35
N LEU G 4562 8.16 -75.62 -27.16
CA LEU G 4562 7.54 -76.94 -27.04
C LEU G 4562 6.06 -76.90 -27.41
N ARG G 4563 5.38 -75.78 -27.12
CA ARG G 4563 3.97 -75.70 -27.48
C ARG G 4563 3.78 -75.29 -28.94
N PHE G 4564 4.82 -74.68 -29.51
CA PHE G 4564 4.78 -74.29 -30.94
C PHE G 4564 4.81 -75.59 -31.75
N LEU G 4565 5.67 -76.53 -31.35
CA LEU G 4565 5.75 -77.82 -32.00
C LEU G 4565 4.54 -78.68 -31.63
N ALA G 4566 3.92 -78.40 -30.49
CA ALA G 4566 2.71 -79.13 -30.11
C ALA G 4566 1.51 -78.69 -30.95
N LEU G 4567 1.50 -77.44 -31.41
CA LEU G 4567 0.41 -76.96 -32.24
C LEU G 4567 0.67 -77.26 -33.72
N PHE G 4568 1.93 -77.17 -34.14
CA PHE G 4568 2.32 -77.53 -35.51
C PHE G 4568 2.07 -79.01 -35.77
N LEU G 4569 2.34 -79.87 -34.79
CA LEU G 4569 2.07 -81.28 -34.97
C LEU G 4569 0.59 -81.58 -34.76
N ALA G 4570 -0.13 -80.67 -34.07
CA ALA G 4570 -1.58 -80.80 -33.97
C ALA G 4570 -2.25 -80.48 -35.30
N PHE G 4571 -1.71 -79.51 -36.04
CA PHE G 4571 -2.28 -79.18 -37.34
C PHE G 4571 -1.82 -80.19 -38.39
N ALA G 4572 -0.68 -80.85 -38.14
CA ALA G 4572 -0.13 -81.80 -39.09
C ALA G 4572 -0.92 -83.11 -39.10
N ILE G 4573 -1.43 -83.53 -37.94
CA ILE G 4573 -2.15 -84.80 -37.88
C ILE G 4573 -3.60 -84.62 -38.34
N ASN G 4574 -4.12 -83.39 -38.31
CA ASN G 4574 -5.46 -83.15 -38.84
C ASN G 4574 -5.46 -82.71 -40.29
N PHE G 4575 -4.31 -82.33 -40.84
CA PHE G 4575 -4.25 -82.11 -42.29
C PHE G 4575 -4.24 -83.43 -43.05
N ILE G 4576 -3.51 -84.43 -42.53
CA ILE G 4576 -3.41 -85.72 -43.20
C ILE G 4576 -4.69 -86.54 -43.01
N LEU G 4577 -5.51 -86.19 -42.01
CA LEU G 4577 -6.73 -86.93 -41.73
C LEU G 4577 -7.84 -86.64 -42.74
N LEU G 4578 -7.69 -85.62 -43.59
CA LEU G 4578 -8.67 -85.25 -44.61
C LEU G 4578 -8.83 -86.29 -45.72
N PHE G 4579 -7.98 -87.31 -45.79
CA PHE G 4579 -8.02 -88.30 -46.85
C PHE G 4579 -8.56 -89.66 -46.37
N TYR G 4580 -9.50 -89.67 -45.43
CA TYR G 4580 -10.11 -90.92 -45.00
C TYR G 4580 -11.27 -91.28 -45.92
N LYS G 4581 -11.60 -92.58 -45.95
CA LYS G 4581 -12.64 -93.11 -46.81
C LYS G 4581 -13.35 -94.26 -46.09
N VAL G 4582 -14.66 -94.35 -46.31
CA VAL G 4582 -15.46 -95.46 -45.83
C VAL G 4582 -15.85 -96.33 -47.01
N SER G 4583 -15.87 -97.64 -46.80
CA SER G 4583 -16.25 -98.58 -47.85
C SER G 4583 -16.94 -99.78 -47.22
N ASP G 4584 -17.80 -100.43 -47.99
CA ASP G 4584 -18.34 -101.72 -47.60
C ASP G 4584 -17.33 -102.84 -47.77
N SER G 4585 -16.37 -102.66 -48.70
CA SER G 4585 -15.34 -103.65 -48.98
C SER G 4585 -14.23 -103.60 -47.92
N PRO G 4586 -13.63 -104.75 -47.58
CA PRO G 4586 -12.48 -104.71 -46.68
C PRO G 4586 -11.25 -104.14 -47.37
N PRO G 4587 -10.32 -103.55 -46.62
CA PRO G 4587 -9.10 -102.97 -47.22
C PRO G 4587 -8.15 -104.03 -47.78
N ASN G 4626 -19.83 -104.79 -42.36
CA ASN G 4626 -19.89 -103.47 -41.74
C ASN G 4626 -18.82 -102.53 -42.30
N MET G 4627 -18.96 -101.24 -42.02
CA MET G 4627 -18.04 -100.25 -42.58
C MET G 4627 -16.71 -100.26 -41.84
N VAL G 4628 -15.63 -100.11 -42.61
CA VAL G 4628 -14.28 -100.01 -42.07
C VAL G 4628 -13.74 -98.61 -42.37
N TYR G 4629 -12.79 -98.18 -41.57
CA TYR G 4629 -12.15 -96.87 -41.73
C TYR G 4629 -10.71 -97.11 -42.19
N TYR G 4630 -10.48 -96.98 -43.49
CA TYR G 4630 -9.16 -97.19 -44.04
C TYR G 4630 -8.71 -95.91 -44.74
N PHE G 4631 -7.39 -95.75 -44.83
CA PHE G 4631 -6.80 -94.53 -45.38
C PHE G 4631 -6.54 -94.72 -46.87
N LEU G 4632 -6.73 -93.63 -47.63
CA LEU G 4632 -6.49 -93.63 -49.07
C LEU G 4632 -5.39 -92.61 -49.36
N GLU G 4633 -4.42 -93.00 -50.17
CA GLU G 4633 -3.39 -92.10 -50.64
C GLU G 4633 -2.94 -92.55 -52.02
N GLU G 4634 -2.55 -91.59 -52.85
CA GLU G 4634 -2.09 -91.84 -54.20
C GLU G 4634 -0.57 -91.78 -54.23
N SER G 4635 0.06 -92.92 -54.57
CA SER G 4635 1.51 -93.06 -54.73
C SER G 4635 2.28 -92.72 -53.46
N THR G 4636 1.69 -92.99 -52.30
CA THR G 4636 2.36 -92.82 -51.01
C THR G 4636 1.79 -93.84 -50.03
N GLY G 4637 2.66 -94.63 -49.42
CA GLY G 4637 2.23 -95.62 -48.45
C GLY G 4637 2.83 -95.39 -47.08
N TYR G 4638 3.47 -94.24 -46.92
CA TYR G 4638 4.16 -93.87 -45.69
C TYR G 4638 3.26 -93.06 -44.76
N MET G 4639 2.06 -92.73 -45.20
CA MET G 4639 1.22 -91.78 -44.47
C MET G 4639 0.58 -92.43 -43.25
N GLU G 4640 0.30 -93.74 -43.33
CA GLU G 4640 -0.29 -94.43 -42.17
C GLU G 4640 0.72 -94.75 -41.08
N PRO G 4641 1.97 -95.15 -41.34
CA PRO G 4641 2.96 -95.16 -40.23
C PRO G 4641 3.36 -93.77 -39.76
N ALA G 4642 3.15 -92.73 -40.56
CA ALA G 4642 3.45 -91.38 -40.10
C ALA G 4642 2.44 -90.90 -39.06
N LEU G 4643 1.15 -91.19 -39.30
CA LEU G 4643 0.12 -90.76 -38.36
C LEU G 4643 0.18 -91.54 -37.05
N TRP G 4644 0.67 -92.78 -37.11
CA TRP G 4644 0.92 -93.53 -35.88
C TRP G 4644 2.16 -93.00 -35.16
N CYS G 4645 3.09 -92.37 -35.90
CA CYS G 4645 4.28 -91.81 -35.29
C CYS G 4645 4.01 -90.43 -34.70
N LEU G 4646 3.15 -89.64 -35.36
CA LEU G 4646 2.92 -88.28 -34.89
C LEU G 4646 1.94 -88.24 -33.73
N SER G 4647 1.11 -89.28 -33.60
CA SER G 4647 0.16 -89.34 -32.48
C SER G 4647 0.87 -89.69 -31.18
N LEU G 4648 1.86 -90.59 -31.24
CA LEU G 4648 2.68 -90.86 -30.07
C LEU G 4648 3.60 -89.69 -29.77
N LEU G 4649 3.96 -88.91 -30.80
CA LEU G 4649 4.82 -87.76 -30.57
C LEU G 4649 4.03 -86.59 -29.99
N HIS G 4650 2.73 -86.52 -30.31
CA HIS G 4650 1.90 -85.44 -29.79
C HIS G 4650 1.50 -85.69 -28.34
N THR G 4651 1.24 -86.96 -27.99
CA THR G 4651 0.87 -87.30 -26.61
C THR G 4651 2.08 -87.15 -25.69
N LEU G 4652 3.27 -87.43 -26.21
CA LEU G 4652 4.49 -87.23 -25.42
C LEU G 4652 4.76 -85.74 -25.21
N VAL G 4653 4.59 -84.92 -26.25
CA VAL G 4653 4.90 -83.50 -26.13
C VAL G 4653 3.82 -82.77 -25.34
N ALA G 4654 2.61 -83.33 -25.30
CA ALA G 4654 1.57 -82.74 -24.45
C ALA G 4654 1.83 -83.02 -22.99
N PHE G 4655 2.40 -84.18 -22.67
CA PHE G 4655 2.64 -84.55 -21.28
C PHE G 4655 3.84 -83.77 -20.72
N LEU G 4656 4.84 -83.48 -21.57
CA LEU G 4656 5.94 -82.62 -21.14
C LEU G 4656 5.46 -81.18 -20.94
N CYS G 4657 4.41 -80.76 -21.65
CA CYS G 4657 3.86 -79.42 -21.44
C CYS G 4657 3.13 -79.33 -20.10
N ILE G 4658 2.51 -80.43 -19.66
CA ILE G 4658 1.81 -80.43 -18.37
C ILE G 4658 2.82 -80.38 -17.22
N ILE G 4659 3.90 -81.15 -17.31
CA ILE G 4659 4.91 -81.14 -16.27
C ILE G 4659 5.71 -79.84 -16.31
N GLY G 4660 5.76 -79.18 -17.48
CA GLY G 4660 6.38 -77.88 -17.55
C GLY G 4660 5.55 -76.79 -16.90
N TYR G 4661 4.23 -76.85 -17.06
CA TYR G 4661 3.36 -75.88 -16.41
C TYR G 4661 3.26 -76.19 -14.92
N ASN G 4662 3.46 -77.46 -14.56
CA ASN G 4662 3.54 -77.87 -13.15
C ASN G 4662 4.93 -77.62 -12.57
N CYS G 4663 5.86 -77.11 -13.37
CA CYS G 4663 7.16 -76.71 -12.85
C CYS G 4663 7.28 -75.19 -12.74
N LEU G 4664 6.68 -74.45 -13.67
CA LEU G 4664 6.99 -73.03 -13.85
C LEU G 4664 5.95 -72.11 -13.22
N LYS G 4665 4.68 -72.23 -13.63
CA LYS G 4665 3.66 -71.28 -13.19
C LYS G 4665 2.87 -71.71 -11.97
N VAL G 4666 2.90 -72.99 -11.59
CA VAL G 4666 2.23 -73.36 -10.35
C VAL G 4666 2.92 -72.85 -9.07
N PRO G 4667 4.24 -72.53 -9.00
CA PRO G 4667 4.66 -71.73 -7.84
C PRO G 4667 4.17 -70.29 -7.90
N LEU G 4668 3.80 -69.80 -9.08
CA LEU G 4668 3.30 -68.43 -9.19
C LEU G 4668 1.86 -68.32 -8.71
N VAL G 4669 1.06 -69.36 -8.96
CA VAL G 4669 -0.37 -69.27 -8.67
C VAL G 4669 -0.64 -69.54 -7.18
N ILE G 4670 0.27 -70.22 -6.49
CA ILE G 4670 0.13 -70.31 -5.04
C ILE G 4670 0.58 -69.01 -4.40
N PHE G 4671 1.62 -68.38 -4.97
CA PHE G 4671 2.19 -67.17 -4.35
C PHE G 4671 1.19 -66.02 -4.33
N LYS G 4672 0.29 -65.94 -5.31
CA LYS G 4672 -0.70 -64.87 -5.26
C LYS G 4672 -1.83 -65.19 -4.28
N ARG G 4673 -2.04 -66.48 -3.96
CA ARG G 4673 -3.11 -66.79 -3.02
C ARG G 4673 -2.63 -66.69 -1.57
N GLU G 4674 -1.40 -67.12 -1.27
CA GLU G 4674 -0.95 -66.96 0.11
C GLU G 4674 -0.40 -65.55 0.35
N LYS G 4675 -0.30 -64.72 -0.69
CA LYS G 4675 -0.09 -63.29 -0.46
C LYS G 4675 -1.40 -62.62 -0.09
N GLU G 4676 -2.49 -62.95 -0.79
CA GLU G 4676 -3.77 -62.31 -0.51
C GLU G 4676 -4.38 -62.79 0.80
N LEU G 4677 -4.11 -64.03 1.22
CA LEU G 4677 -4.75 -64.52 2.44
C LEU G 4677 -3.99 -64.06 3.67
N ALA G 4678 -2.66 -64.02 3.60
CA ALA G 4678 -1.85 -63.64 4.76
C ALA G 4678 -2.02 -62.17 5.10
N ARG G 4679 -2.40 -61.36 4.11
CA ARG G 4679 -2.82 -60.00 4.40
C ARG G 4679 -4.31 -59.94 4.73
N LYS G 4680 -5.09 -60.93 4.26
CA LYS G 4680 -6.48 -61.04 4.70
C LYS G 4680 -6.57 -61.51 6.15
N LEU G 4681 -5.58 -62.27 6.62
CA LEU G 4681 -5.60 -62.72 8.00
C LEU G 4681 -5.14 -61.64 8.96
N GLU G 4682 -4.12 -60.86 8.60
CA GLU G 4682 -3.47 -59.99 9.57
C GLU G 4682 -4.09 -58.60 9.62
N PHE G 4683 -4.47 -58.04 8.47
CA PHE G 4683 -4.98 -56.68 8.45
C PHE G 4683 -6.45 -56.62 8.88
N ASP G 4684 -7.35 -57.17 8.07
CA ASP G 4684 -8.77 -57.10 8.40
C ASP G 4684 -9.29 -58.34 9.12
N GLY G 4685 -8.48 -59.38 9.28
CA GLY G 4685 -8.85 -60.52 10.10
C GLY G 4685 -9.94 -61.41 9.55
N LEU G 4686 -9.64 -62.16 8.48
CA LEU G 4686 -10.67 -62.93 7.78
C LEU G 4686 -11.08 -64.18 8.55
N TYR G 4687 -10.16 -64.78 9.33
CA TYR G 4687 -10.44 -66.05 10.00
C TYR G 4687 -10.35 -65.97 11.52
N ILE G 4688 -10.27 -64.77 12.11
CA ILE G 4688 -10.11 -64.62 13.55
C ILE G 4688 -11.24 -63.84 14.18
N THR G 4689 -11.75 -62.80 13.50
CA THR G 4689 -12.86 -62.00 14.03
C THR G 4689 -14.16 -62.27 13.30
N GLU G 4690 -14.11 -62.47 11.98
CA GLU G 4690 -15.28 -62.82 11.18
C GLU G 4690 -15.05 -64.19 10.57
N GLN G 4691 -16.09 -64.70 9.90
CA GLN G 4691 -16.02 -65.97 9.21
C GLN G 4691 -16.88 -65.85 7.95
N PRO G 4692 -16.43 -66.41 6.81
CA PRO G 4692 -17.23 -66.39 5.58
C PRO G 4692 -18.50 -67.23 5.69
N ASP G 4696 -18.85 -68.39 -0.22
CA ASP G 4696 -17.70 -68.58 -1.09
C ASP G 4696 -16.97 -69.89 -0.77
N VAL G 4697 -16.67 -70.66 -1.81
CA VAL G 4697 -15.99 -71.93 -1.61
C VAL G 4697 -14.49 -71.69 -1.36
N LYS G 4698 -13.98 -70.53 -1.78
CA LYS G 4698 -12.56 -70.23 -1.62
C LYS G 4698 -12.23 -69.92 -0.17
N GLY G 4699 -13.23 -69.47 0.60
CA GLY G 4699 -12.98 -69.16 2.00
C GLY G 4699 -12.88 -70.39 2.88
N GLN G 4700 -13.66 -71.44 2.56
CA GLN G 4700 -13.66 -72.65 3.37
C GLN G 4700 -12.62 -73.67 2.91
N TRP G 4701 -12.23 -73.65 1.63
CA TRP G 4701 -11.14 -74.51 1.19
C TRP G 4701 -9.80 -74.04 1.74
N ASP G 4702 -9.66 -72.75 2.02
CA ASP G 4702 -8.43 -72.19 2.54
C ASP G 4702 -8.22 -72.50 4.02
N ARG G 4703 -9.16 -73.16 4.69
CA ARG G 4703 -9.01 -73.52 6.09
C ARG G 4703 -8.03 -74.68 6.31
N LEU G 4704 -7.73 -75.45 5.26
CA LEU G 4704 -6.84 -76.59 5.35
C LEU G 4704 -5.36 -76.21 5.30
N VAL G 4705 -5.03 -74.92 5.14
CA VAL G 4705 -3.64 -74.49 5.00
C VAL G 4705 -3.13 -73.69 6.20
N LEU G 4706 -4.00 -73.28 7.13
CA LEU G 4706 -3.49 -72.53 8.28
C LEU G 4706 -2.77 -73.44 9.28
N ASN G 4707 -3.20 -74.69 9.43
CA ASN G 4707 -2.58 -75.58 10.41
C ASN G 4707 -1.38 -76.36 9.88
N THR G 4708 -0.90 -76.07 8.66
CA THR G 4708 0.33 -76.76 8.29
C THR G 4708 1.54 -75.90 8.64
N PRO G 4709 2.67 -76.50 9.05
CA PRO G 4709 3.87 -75.68 9.29
C PRO G 4709 4.55 -75.20 8.02
N SER G 4710 4.22 -75.77 6.86
CA SER G 4710 4.76 -75.34 5.57
C SER G 4710 3.79 -74.37 4.88
N PHE G 4711 3.10 -73.57 5.68
CA PHE G 4711 2.31 -72.45 5.14
C PHE G 4711 3.16 -71.43 4.40
N PRO G 4712 4.21 -70.78 4.98
CA PRO G 4712 4.85 -69.68 4.25
C PRO G 4712 5.98 -70.13 3.33
N SER G 4713 5.99 -71.42 2.99
CA SER G 4713 7.13 -72.05 2.31
C SER G 4713 7.38 -71.47 0.92
N ASN G 4714 6.36 -70.94 0.26
CA ASN G 4714 6.51 -70.33 -1.05
C ASN G 4714 6.12 -68.85 -0.97
N TYR G 4715 6.52 -68.21 0.11
CA TYR G 4715 6.17 -66.81 0.37
C TYR G 4715 7.37 -66.11 1.00
N TRP G 4716 7.50 -64.82 0.70
CA TRP G 4716 8.65 -64.07 1.22
C TRP G 4716 8.50 -63.79 2.71
N ASP G 4717 7.27 -63.65 3.21
CA ASP G 4717 7.04 -63.43 4.63
C ASP G 4717 6.76 -64.77 5.29
N LYS G 4718 7.53 -65.08 6.33
CA LYS G 4718 7.33 -66.29 7.11
C LYS G 4718 7.01 -66.04 8.58
N PHE G 4719 7.12 -64.81 9.06
CA PHE G 4719 6.76 -64.48 10.43
C PHE G 4719 5.34 -63.91 10.51
N VAL G 4720 4.44 -64.39 9.64
CA VAL G 4720 3.10 -63.80 9.56
C VAL G 4720 2.25 -64.21 10.76
N LYS G 4721 2.52 -65.39 11.34
CA LYS G 4721 1.71 -65.88 12.44
C LYS G 4721 2.05 -65.14 13.74
N ARG G 4722 3.29 -64.67 13.87
CA ARG G 4722 3.66 -63.84 15.02
C ARG G 4722 3.26 -62.38 14.82
N LYS G 4723 2.97 -61.98 13.56
CA LYS G 4723 2.37 -60.67 13.35
C LYS G 4723 0.95 -60.62 13.91
N VAL G 4724 0.18 -61.68 13.72
CA VAL G 4724 -1.23 -61.63 14.05
C VAL G 4724 -1.48 -62.08 15.49
N LEU G 4725 -0.53 -62.78 16.12
CA LEU G 4725 -0.68 -63.10 17.53
C LEU G 4725 -0.30 -61.90 18.39
N ASP G 4726 0.65 -61.08 17.93
CA ASP G 4726 0.95 -59.85 18.62
C ASP G 4726 -0.08 -58.76 18.34
N LYS G 4727 -0.93 -58.97 17.34
CA LYS G 4727 -1.98 -58.00 17.00
C LYS G 4727 -3.32 -58.35 17.63
N HIS G 4728 -3.74 -59.62 17.60
CA HIS G 4728 -5.04 -60.03 18.11
C HIS G 4728 -4.93 -61.12 19.16
N GLY G 4729 -3.86 -61.12 19.95
CA GLY G 4729 -3.71 -62.10 21.01
C GLY G 4729 -4.09 -61.62 22.38
N ASP G 4730 -4.50 -60.37 22.51
CA ASP G 4730 -5.00 -59.82 23.77
C ASP G 4730 -6.51 -59.69 23.80
N ILE G 4731 -7.15 -59.49 22.65
CA ILE G 4731 -8.60 -59.32 22.62
C ILE G 4731 -9.33 -60.65 22.74
N PHE G 4732 -8.71 -61.77 22.39
CA PHE G 4732 -9.29 -63.10 22.47
C PHE G 4732 -8.36 -64.02 23.26
N GLY G 4733 -8.78 -65.28 23.40
CA GLY G 4733 -7.94 -66.27 24.04
C GLY G 4733 -6.78 -66.66 23.13
N ARG G 4734 -5.55 -66.53 23.62
CA ARG G 4734 -4.39 -66.73 22.75
C ARG G 4734 -4.13 -68.22 22.51
N GLU G 4735 -4.62 -69.08 23.40
CA GLU G 4735 -4.47 -70.52 23.19
C GLU G 4735 -5.39 -71.02 22.08
N ARG G 4736 -6.52 -70.32 21.87
CA ARG G 4736 -7.44 -70.69 20.80
C ARG G 4736 -6.92 -70.23 19.44
N ILE G 4737 -6.31 -69.04 19.38
CA ILE G 4737 -5.78 -68.56 18.10
C ILE G 4737 -4.50 -69.31 17.74
N ALA G 4738 -3.77 -69.80 18.73
CA ALA G 4738 -2.61 -70.64 18.44
C ALA G 4738 -3.02 -72.04 17.97
N GLU G 4739 -4.17 -72.53 18.42
CA GLU G 4739 -4.67 -73.81 17.92
C GLU G 4739 -5.34 -73.63 16.56
N LEU G 4740 -5.82 -72.41 16.28
CA LEU G 4740 -6.36 -72.09 14.97
C LEU G 4740 -5.26 -71.95 13.93
N LEU G 4741 -4.11 -71.41 14.32
CA LEU G 4741 -3.01 -71.11 13.41
C LEU G 4741 -2.02 -72.26 13.28
N GLY G 4742 -2.22 -73.36 13.99
CA GLY G 4742 -1.37 -74.53 13.86
C GLY G 4742 0.05 -74.35 14.34
N MET G 4743 0.30 -73.37 15.19
CA MET G 4743 1.64 -73.08 15.68
C MET G 4743 2.03 -74.12 16.73
N ASP G 4744 2.87 -75.06 16.34
CA ASP G 4744 3.28 -76.15 17.21
C ASP G 4744 4.25 -75.62 18.26
N LEU G 4745 3.86 -75.75 19.54
CA LEU G 4745 4.61 -75.31 20.71
C LEU G 4745 4.88 -73.80 20.64
N ALA G 4746 3.78 -73.04 20.72
CA ALA G 4746 3.87 -71.60 20.58
C ALA G 4746 4.55 -70.94 21.77
N SER G 4747 4.46 -71.54 22.95
CA SER G 4747 5.17 -71.05 24.12
C SER G 4747 6.56 -71.67 24.27
N LEU G 4748 6.99 -72.50 23.32
CA LEU G 4748 8.29 -73.15 23.41
C LEU G 4748 9.17 -72.85 22.20
N GLU G 4749 8.56 -72.70 21.01
CA GLU G 4749 9.35 -72.37 19.83
C GLU G 4749 9.76 -70.91 19.85
N ILE G 4750 8.94 -70.05 20.46
CA ILE G 4750 9.27 -68.62 20.57
C ILE G 4750 10.41 -68.42 21.57
N THR G 4751 10.48 -69.27 22.59
CA THR G 4751 11.60 -69.21 23.52
C THR G 4751 12.84 -69.87 22.93
N ALA G 4752 12.65 -70.86 22.06
CA ALA G 4752 13.80 -71.50 21.42
C ALA G 4752 14.39 -70.60 20.33
N HIS G 4753 13.54 -69.83 19.64
CA HIS G 4753 14.05 -68.93 18.62
C HIS G 4753 14.70 -67.69 19.22
N ASN G 4754 14.35 -67.33 20.45
CA ASN G 4754 14.95 -66.14 21.06
C ASN G 4754 16.34 -66.44 21.60
N GLU G 4755 16.51 -67.55 22.32
CA GLU G 4755 17.81 -67.87 22.90
C GLU G 4755 18.78 -68.37 21.83
N ARG G 4756 18.35 -69.33 21.02
CA ARG G 4756 19.21 -69.89 19.98
C ARG G 4756 18.43 -70.16 18.69
N THR G 4766 13.68 -90.67 4.27
CA THR G 4766 12.33 -90.30 4.70
C THR G 4766 11.99 -88.87 4.27
N TRP G 4767 12.30 -88.53 3.02
CA TRP G 4767 12.00 -87.20 2.51
C TRP G 4767 10.51 -87.04 2.25
N LEU G 4768 9.86 -88.11 1.76
CA LEU G 4768 8.43 -88.09 1.56
C LEU G 4768 7.67 -88.14 2.88
N MET G 4769 8.26 -88.77 3.90
CA MET G 4769 7.62 -88.80 5.21
C MET G 4769 7.76 -87.48 5.94
N SER G 4770 8.77 -86.68 5.59
CA SER G 4770 8.87 -85.34 6.12
C SER G 4770 7.91 -84.37 5.45
N ILE G 4771 7.35 -84.74 4.29
CA ILE G 4771 6.44 -83.85 3.59
C ILE G 4771 5.07 -83.82 4.29
N ASP G 4772 4.39 -82.68 4.20
CA ASP G 4772 3.07 -82.51 4.80
C ASP G 4772 2.02 -83.04 3.84
N VAL G 4773 1.10 -83.86 4.35
CA VAL G 4773 0.05 -84.39 3.49
C VAL G 4773 -1.14 -83.44 3.41
N LYS G 4774 -1.30 -82.54 4.39
CA LYS G 4774 -2.43 -81.62 4.36
C LYS G 4774 -2.15 -80.43 3.44
N TYR G 4775 -0.87 -80.06 3.30
CA TYR G 4775 -0.51 -78.93 2.44
C TYR G 4775 -0.57 -79.30 0.97
N GLN G 4776 -0.15 -80.52 0.63
CA GLN G 4776 -0.13 -80.93 -0.77
C GLN G 4776 -1.51 -81.30 -1.28
N ILE G 4777 -2.39 -81.79 -0.41
CA ILE G 4777 -3.78 -81.98 -0.83
C ILE G 4777 -4.47 -80.62 -0.97
N TRP G 4778 -4.02 -79.63 -0.22
CA TRP G 4778 -4.52 -78.26 -0.38
C TRP G 4778 -3.99 -77.63 -1.66
N LYS G 4779 -2.70 -77.84 -1.94
CA LYS G 4779 -2.09 -77.20 -3.10
C LYS G 4779 -2.52 -77.87 -4.39
N PHE G 4780 -2.81 -79.18 -4.34
CA PHE G 4780 -3.39 -79.87 -5.49
C PHE G 4780 -4.88 -79.56 -5.65
N GLY G 4781 -5.50 -78.91 -4.67
CA GLY G 4781 -6.90 -78.54 -4.81
C GLY G 4781 -7.10 -77.22 -5.55
N VAL G 4782 -6.20 -76.27 -5.34
CA VAL G 4782 -6.31 -74.94 -5.96
C VAL G 4782 -5.76 -74.92 -7.39
N ILE G 4783 -4.82 -75.83 -7.70
CA ILE G 4783 -4.32 -75.97 -9.06
C ILE G 4783 -5.44 -76.49 -9.97
N PHE G 4784 -6.30 -77.35 -9.41
CA PHE G 4784 -7.52 -77.80 -10.09
C PHE G 4784 -8.59 -76.72 -10.18
N THR G 4785 -8.48 -75.64 -9.40
CA THR G 4785 -9.42 -74.54 -9.56
C THR G 4785 -9.00 -73.64 -10.73
N ASP G 4786 -7.71 -73.64 -11.08
CA ASP G 4786 -7.18 -72.78 -12.12
C ASP G 4786 -7.74 -73.12 -13.50
N ASN G 4787 -8.19 -72.08 -14.21
CA ASN G 4787 -8.89 -72.29 -15.48
C ASN G 4787 -7.95 -72.68 -16.60
N SER G 4788 -6.68 -72.27 -16.52
CA SER G 4788 -5.73 -72.64 -17.57
C SER G 4788 -5.36 -74.12 -17.47
N PHE G 4789 -5.23 -74.65 -16.25
CA PHE G 4789 -4.82 -76.04 -16.08
C PHE G 4789 -5.94 -77.00 -16.44
N LEU G 4790 -7.20 -76.62 -16.19
CA LEU G 4790 -8.31 -77.45 -16.64
C LEU G 4790 -8.48 -77.37 -18.15
N TYR G 4791 -7.98 -76.30 -18.78
CA TYR G 4791 -7.89 -76.28 -20.23
C TYR G 4791 -6.71 -77.11 -20.71
N LEU G 4792 -5.56 -77.01 -20.01
CA LEU G 4792 -4.43 -77.87 -20.33
C LEU G 4792 -4.69 -79.32 -19.96
N GLY G 4793 -5.51 -79.55 -18.92
CA GLY G 4793 -5.90 -80.92 -18.59
C GLY G 4793 -6.90 -81.48 -19.59
N TRP G 4794 -7.74 -80.63 -20.16
CA TRP G 4794 -8.63 -81.06 -21.24
C TRP G 4794 -7.83 -81.37 -22.51
N TYR G 4795 -6.71 -80.67 -22.70
CA TYR G 4795 -5.89 -80.88 -23.88
C TYR G 4795 -5.15 -82.21 -23.82
N MET G 4796 -4.74 -82.64 -22.62
CA MET G 4796 -4.00 -83.88 -22.52
C MET G 4796 -4.93 -85.08 -22.51
N VAL G 4797 -6.12 -84.94 -21.90
CA VAL G 4797 -7.03 -86.08 -21.78
C VAL G 4797 -7.69 -86.38 -23.12
N MET G 4798 -7.73 -85.43 -24.04
CA MET G 4798 -8.30 -85.71 -25.35
C MET G 4798 -7.22 -86.22 -26.30
N SER G 4799 -5.96 -85.86 -26.05
CA SER G 4799 -4.86 -86.38 -26.84
C SER G 4799 -4.60 -87.85 -26.55
N LEU G 4800 -4.81 -88.27 -25.31
CA LEU G 4800 -4.70 -89.69 -24.98
C LEU G 4800 -5.94 -90.45 -25.44
N LEU G 4801 -7.07 -89.76 -25.56
CA LEU G 4801 -8.27 -90.35 -26.14
C LEU G 4801 -8.18 -90.44 -27.66
N GLY G 4802 -7.20 -89.75 -28.27
CA GLY G 4802 -7.02 -89.82 -29.71
C GLY G 4802 -6.43 -91.12 -30.21
N HIS G 4803 -5.80 -91.91 -29.33
CA HIS G 4803 -5.33 -93.22 -29.74
C HIS G 4803 -6.47 -94.24 -29.80
N TYR G 4804 -7.54 -94.01 -29.03
CA TYR G 4804 -8.73 -94.85 -29.16
C TYR G 4804 -9.44 -94.62 -30.48
N ASN G 4805 -9.69 -93.37 -30.83
CA ASN G 4805 -10.21 -92.99 -32.14
C ASN G 4805 -9.43 -91.78 -32.60
N ASN G 4806 -8.84 -91.85 -33.80
CA ASN G 4806 -7.98 -90.78 -34.27
C ASN G 4806 -8.77 -89.58 -34.75
N PHE G 4807 -10.09 -89.71 -34.90
CA PHE G 4807 -10.96 -88.57 -35.16
C PHE G 4807 -11.15 -87.68 -33.94
N PHE G 4808 -10.71 -88.12 -32.76
CA PHE G 4808 -10.77 -87.29 -31.55
C PHE G 4808 -9.70 -86.22 -31.53
N PHE G 4809 -8.76 -86.24 -32.49
CA PHE G 4809 -7.77 -85.18 -32.62
C PHE G 4809 -8.35 -83.90 -33.22
N ALA G 4810 -9.65 -83.87 -33.54
CA ALA G 4810 -10.27 -82.70 -34.16
C ALA G 4810 -10.39 -81.51 -33.20
N ALA G 4811 -10.61 -81.77 -31.92
CA ALA G 4811 -10.91 -80.68 -30.99
C ALA G 4811 -9.69 -79.84 -30.63
N HIS G 4812 -8.48 -80.32 -30.93
CA HIS G 4812 -7.29 -79.53 -30.67
C HIS G 4812 -7.07 -78.43 -31.71
N LEU G 4813 -7.83 -78.42 -32.81
CA LEU G 4813 -7.78 -77.28 -33.71
C LEU G 4813 -8.71 -76.15 -33.28
N LEU G 4814 -9.43 -76.32 -32.16
CA LEU G 4814 -10.08 -75.20 -31.49
C LEU G 4814 -9.12 -74.42 -30.59
N ASP G 4815 -7.83 -74.78 -30.60
CA ASP G 4815 -6.82 -74.03 -29.87
C ASP G 4815 -6.59 -72.67 -30.51
N ILE G 4816 -6.89 -72.54 -31.81
CA ILE G 4816 -6.76 -71.27 -32.52
C ILE G 4816 -7.78 -70.25 -32.01
N ALA G 4817 -8.88 -70.71 -31.42
CA ALA G 4817 -9.86 -69.79 -30.84
C ALA G 4817 -9.34 -69.18 -29.54
N MET G 4818 -8.62 -69.97 -28.75
CA MET G 4818 -8.11 -69.49 -27.46
C MET G 4818 -6.65 -69.05 -27.51
N GLY G 4819 -5.92 -69.41 -28.56
CA GLY G 4819 -4.51 -69.06 -28.65
C GLY G 4819 -4.28 -67.59 -28.96
N VAL G 4820 -4.78 -67.15 -30.10
CA VAL G 4820 -4.67 -65.74 -30.49
C VAL G 4820 -5.76 -64.95 -29.78
N LYS G 4821 -5.46 -63.68 -29.48
CA LYS G 4821 -6.44 -62.84 -28.79
C LYS G 4821 -7.50 -62.31 -29.75
N THR G 4822 -7.28 -62.42 -31.07
CA THR G 4822 -8.24 -61.93 -32.05
C THR G 4822 -9.52 -62.77 -32.04
N LEU G 4823 -9.39 -64.09 -32.14
CA LEU G 4823 -10.54 -64.99 -32.15
C LEU G 4823 -11.00 -65.41 -30.76
N ARG G 4824 -10.41 -64.87 -29.71
CA ARG G 4824 -10.93 -65.14 -28.37
C ARG G 4824 -12.01 -64.15 -27.98
N THR G 4825 -11.97 -62.94 -28.53
CA THR G 4825 -13.02 -61.97 -28.26
C THR G 4825 -14.32 -62.35 -28.97
N ILE G 4826 -14.23 -63.16 -30.02
CA ILE G 4826 -15.44 -63.68 -30.65
C ILE G 4826 -16.08 -64.76 -29.79
N LEU G 4827 -15.25 -65.58 -29.12
CA LEU G 4827 -15.76 -66.64 -28.27
C LEU G 4827 -16.16 -66.12 -26.90
N SER G 4828 -15.46 -65.10 -26.40
CA SER G 4828 -15.82 -64.52 -25.11
C SER G 4828 -17.00 -63.56 -25.21
N SER G 4829 -17.38 -63.14 -26.42
CA SER G 4829 -18.56 -62.29 -26.56
C SER G 4829 -19.86 -63.05 -26.34
N VAL G 4830 -19.83 -64.38 -26.48
CA VAL G 4830 -21.03 -65.16 -26.22
C VAL G 4830 -21.32 -65.21 -24.73
N THR G 4831 -20.28 -65.32 -23.90
CA THR G 4831 -20.44 -65.37 -22.46
C THR G 4831 -20.35 -64.00 -21.79
N HIS G 4832 -19.94 -62.97 -22.53
CA HIS G 4832 -19.97 -61.62 -21.97
C HIS G 4832 -21.38 -61.11 -21.80
N ASN G 4833 -22.26 -61.41 -22.74
CA ASN G 4833 -23.67 -61.05 -22.68
C ASN G 4833 -24.53 -62.29 -22.73
N GLY G 4834 -24.09 -63.32 -21.99
CA GLY G 4834 -24.76 -64.61 -22.05
C GLY G 4834 -26.05 -64.64 -21.25
N LYS G 4835 -26.20 -63.74 -20.28
CA LYS G 4835 -27.46 -63.66 -19.52
C LYS G 4835 -28.57 -63.09 -20.39
N GLN G 4836 -28.25 -62.06 -21.18
CA GLN G 4836 -29.26 -61.46 -22.05
C GLN G 4836 -29.62 -62.36 -23.22
N LEU G 4837 -28.72 -63.24 -23.65
CA LEU G 4837 -29.02 -64.08 -24.80
C LEU G 4837 -29.92 -65.26 -24.42
N VAL G 4838 -29.73 -65.80 -23.21
CA VAL G 4838 -30.43 -67.04 -22.85
C VAL G 4838 -31.90 -66.75 -22.55
N MET G 4839 -32.23 -65.51 -22.23
CA MET G 4839 -33.64 -65.14 -22.05
C MET G 4839 -34.32 -64.83 -23.38
N THR G 4840 -33.59 -64.28 -24.37
CA THR G 4840 -34.21 -64.05 -25.68
C THR G 4840 -34.50 -65.36 -26.41
N VAL G 4841 -33.59 -66.33 -26.33
CA VAL G 4841 -33.91 -67.66 -26.85
C VAL G 4841 -34.93 -68.34 -25.94
N GLY G 4842 -35.01 -67.94 -24.67
CA GLY G 4842 -36.12 -68.34 -23.83
C GLY G 4842 -37.41 -67.64 -24.22
N LEU G 4843 -37.31 -66.41 -24.71
CA LEU G 4843 -38.48 -65.70 -25.20
C LEU G 4843 -38.90 -66.23 -26.56
N LEU G 4844 -37.93 -66.59 -27.40
CA LEU G 4844 -38.23 -67.14 -28.72
C LEU G 4844 -38.82 -68.54 -28.59
N ALA G 4845 -38.52 -69.25 -27.49
CA ALA G 4845 -39.08 -70.57 -27.27
C ALA G 4845 -40.56 -70.49 -26.93
N VAL G 4846 -40.97 -69.48 -26.16
CA VAL G 4846 -42.37 -69.43 -25.71
C VAL G 4846 -43.25 -68.73 -26.73
N VAL G 4847 -42.67 -67.94 -27.64
CA VAL G 4847 -43.47 -67.37 -28.72
C VAL G 4847 -43.77 -68.42 -29.78
N VAL G 4848 -42.77 -69.21 -30.15
CA VAL G 4848 -42.94 -70.28 -31.13
C VAL G 4848 -43.86 -71.36 -30.59
N TYR G 4849 -43.75 -71.67 -29.29
CA TYR G 4849 -44.69 -72.58 -28.65
C TYR G 4849 -46.10 -71.99 -28.57
N LEU G 4850 -46.19 -70.66 -28.50
CA LEU G 4850 -47.51 -70.05 -28.59
C LEU G 4850 -47.97 -69.95 -30.04
N TYR G 4851 -47.04 -70.04 -30.99
CA TYR G 4851 -47.43 -70.12 -32.40
C TYR G 4851 -47.80 -71.53 -32.82
N THR G 4852 -47.30 -72.55 -32.10
CA THR G 4852 -47.67 -73.92 -32.48
C THR G 4852 -49.05 -74.29 -31.92
N VAL G 4853 -49.46 -73.70 -30.79
CA VAL G 4853 -50.73 -74.07 -30.17
C VAL G 4853 -51.90 -73.50 -30.98
N VAL G 4854 -51.70 -72.33 -31.58
CA VAL G 4854 -52.71 -71.75 -32.46
C VAL G 4854 -52.79 -72.54 -33.76
N ALA G 4855 -51.64 -73.05 -34.22
CA ALA G 4855 -51.62 -73.88 -35.42
C ALA G 4855 -52.14 -75.29 -35.14
N PHE G 4856 -52.06 -75.74 -33.89
CA PHE G 4856 -52.51 -77.09 -33.56
C PHE G 4856 -54.03 -77.16 -33.47
N ASN G 4857 -54.68 -76.07 -33.07
CA ASN G 4857 -56.11 -76.10 -32.86
C ASN G 4857 -56.91 -75.64 -34.08
N PHE G 4858 -56.37 -74.72 -34.89
CA PHE G 4858 -57.13 -74.18 -36.01
C PHE G 4858 -56.51 -74.44 -37.37
N PHE G 4859 -55.21 -74.66 -37.46
CA PHE G 4859 -54.59 -74.84 -38.78
C PHE G 4859 -53.93 -76.20 -38.95
N ARG G 4860 -54.56 -77.26 -38.46
CA ARG G 4860 -53.89 -78.57 -38.44
C ARG G 4860 -54.02 -79.30 -39.76
N LYS G 4861 -55.06 -79.01 -40.55
CA LYS G 4861 -55.25 -79.69 -41.83
C LYS G 4861 -54.30 -79.18 -42.90
N PHE G 4862 -53.57 -78.09 -42.65
CA PHE G 4862 -52.63 -77.54 -43.63
C PHE G 4862 -51.26 -78.22 -43.56
N TYR G 4863 -50.86 -78.72 -42.40
CA TYR G 4863 -49.51 -79.21 -42.18
C TYR G 4863 -49.40 -80.64 -42.70
N ASN G 4864 -48.77 -80.80 -43.87
CA ASN G 4864 -48.61 -82.12 -44.47
C ASN G 4864 -47.43 -81.98 -45.45
N LYS G 4865 -46.29 -82.53 -45.09
CA LYS G 4865 -45.11 -82.48 -45.95
C LYS G 4865 -45.06 -83.59 -46.99
N SER G 4866 -45.91 -84.61 -46.87
CA SER G 4866 -45.86 -85.74 -47.78
C SER G 4866 -46.47 -85.37 -49.13
N GLU G 4867 -45.71 -85.62 -50.20
CA GLU G 4867 -46.18 -85.38 -51.56
C GLU G 4867 -46.85 -86.61 -52.16
N ASP G 4868 -46.88 -87.73 -51.45
CA ASP G 4868 -47.54 -88.94 -51.89
C ASP G 4868 -48.94 -88.99 -51.29
N GLU G 4869 -49.93 -89.26 -52.14
CA GLU G 4869 -51.32 -89.16 -51.70
C GLU G 4869 -51.74 -90.35 -50.83
N ASP G 4870 -51.26 -91.55 -51.15
CA ASP G 4870 -51.72 -92.72 -50.41
C ASP G 4870 -51.06 -92.82 -49.04
N GLU G 4871 -49.80 -92.39 -48.93
CA GLU G 4871 -49.09 -92.43 -47.66
C GLU G 4871 -49.02 -91.02 -47.05
N PRO G 4872 -49.99 -90.64 -46.21
CA PRO G 4872 -50.02 -89.26 -45.72
C PRO G 4872 -49.26 -89.06 -44.42
N ASP G 4873 -48.40 -88.05 -44.37
CA ASP G 4873 -47.63 -87.74 -43.17
C ASP G 4873 -48.04 -86.34 -42.71
N MET G 4874 -49.01 -86.29 -41.79
CA MET G 4874 -49.46 -85.03 -41.20
C MET G 4874 -48.67 -84.81 -39.92
N LYS G 4875 -47.78 -83.81 -39.95
CA LYS G 4875 -46.88 -83.57 -38.82
C LYS G 4875 -47.59 -82.91 -37.64
N CYS G 4876 -48.69 -82.18 -37.87
CA CYS G 4876 -49.39 -81.46 -36.79
C CYS G 4876 -50.51 -82.33 -36.19
N ASP G 4877 -50.08 -83.48 -35.67
CA ASP G 4877 -50.95 -84.41 -34.95
C ASP G 4877 -50.58 -84.60 -33.49
N ASP G 4878 -49.29 -84.68 -33.17
CA ASP G 4878 -48.85 -84.58 -31.78
C ASP G 4878 -48.11 -83.26 -31.60
N MET G 4879 -48.26 -82.66 -30.42
CA MET G 4879 -47.79 -81.29 -30.24
C MET G 4879 -46.28 -81.25 -30.02
N MET G 4880 -45.74 -82.25 -29.32
CA MET G 4880 -44.29 -82.34 -29.14
C MET G 4880 -43.60 -82.65 -30.47
N THR G 4881 -44.28 -83.37 -31.36
CA THR G 4881 -43.77 -83.54 -32.73
C THR G 4881 -43.79 -82.22 -33.49
N CYS G 4882 -44.88 -81.44 -33.34
CA CYS G 4882 -45.05 -80.24 -34.13
C CYS G 4882 -44.21 -79.07 -33.60
N TYR G 4883 -44.05 -78.99 -32.28
CA TYR G 4883 -43.21 -77.94 -31.69
C TYR G 4883 -41.74 -78.14 -32.04
N LEU G 4884 -41.33 -79.41 -32.19
CA LEU G 4884 -39.99 -79.69 -32.70
C LEU G 4884 -39.89 -79.30 -34.17
N PHE G 4885 -41.01 -79.36 -34.90
CA PHE G 4885 -41.01 -79.01 -36.32
C PHE G 4885 -40.91 -77.51 -36.52
N HIS G 4886 -41.54 -76.72 -35.64
CA HIS G 4886 -41.51 -75.26 -35.78
C HIS G 4886 -40.15 -74.67 -35.45
N MET G 4887 -39.52 -75.14 -34.38
CA MET G 4887 -38.24 -74.57 -33.98
C MET G 4887 -37.08 -75.09 -34.83
N TYR G 4888 -37.34 -76.02 -35.75
CA TYR G 4888 -36.30 -76.52 -36.64
C TYR G 4888 -36.36 -75.94 -38.06
N VAL G 4889 -37.55 -75.66 -38.60
CA VAL G 4889 -37.67 -75.10 -39.94
C VAL G 4889 -38.14 -73.65 -39.90
N GLY G 4890 -38.83 -73.25 -38.83
CA GLY G 4890 -39.39 -71.90 -38.78
C GLY G 4890 -38.34 -70.84 -38.51
N VAL G 4891 -37.34 -71.16 -37.68
CA VAL G 4891 -36.27 -70.21 -37.41
C VAL G 4891 -35.14 -70.31 -38.42
N ARG G 4892 -35.22 -71.26 -39.36
CA ARG G 4892 -34.18 -71.43 -40.37
C ARG G 4892 -34.59 -70.98 -41.76
N ALA G 4893 -35.90 -70.83 -42.02
CA ALA G 4893 -36.35 -70.61 -43.39
C ALA G 4893 -36.06 -69.18 -43.85
N GLY G 4894 -36.12 -68.21 -42.93
CA GLY G 4894 -35.92 -66.82 -43.28
C GLY G 4894 -37.14 -66.11 -43.80
N GLY G 4895 -38.16 -66.84 -44.25
CA GLY G 4895 -39.37 -66.24 -44.78
C GLY G 4895 -40.62 -66.76 -44.11
N GLY G 4896 -40.49 -67.38 -42.94
CA GLY G 4896 -41.64 -67.80 -42.17
C GLY G 4896 -41.94 -69.27 -42.33
N ILE G 4897 -43.04 -69.69 -41.68
CA ILE G 4897 -43.44 -71.09 -41.69
C ILE G 4897 -44.15 -71.47 -42.98
N GLY G 4898 -44.67 -70.49 -43.73
CA GLY G 4898 -45.51 -70.78 -44.89
C GLY G 4898 -44.78 -71.29 -46.12
N ASP G 4899 -43.44 -71.34 -46.08
CA ASP G 4899 -42.70 -71.87 -47.21
C ASP G 4899 -42.84 -73.39 -47.31
N GLU G 4900 -43.02 -74.07 -46.17
CA GLU G 4900 -43.06 -75.52 -46.14
C GLU G 4900 -44.49 -76.06 -46.13
N ILE G 4901 -45.47 -75.18 -46.17
CA ILE G 4901 -46.88 -75.53 -46.04
C ILE G 4901 -47.57 -75.15 -47.35
N GLU G 4902 -48.67 -75.85 -47.65
CA GLU G 4902 -49.46 -75.57 -48.86
C GLU G 4902 -50.04 -74.17 -48.83
N ASP G 4903 -50.33 -73.65 -50.02
CA ASP G 4903 -50.82 -72.29 -50.15
C ASP G 4903 -52.28 -72.16 -49.70
N PRO G 4904 -52.66 -71.01 -49.13
CA PRO G 4904 -54.05 -70.84 -48.68
C PRO G 4904 -55.00 -70.35 -49.78
N ALA G 4905 -55.04 -71.05 -50.91
CA ALA G 4905 -55.97 -70.66 -51.97
C ALA G 4905 -57.39 -71.12 -51.70
N GLY G 4906 -57.57 -72.07 -50.77
CA GLY G 4906 -58.91 -72.49 -50.41
C GLY G 4906 -59.63 -71.43 -49.59
N ASP G 4907 -60.96 -71.45 -49.68
CA ASP G 4907 -61.78 -70.45 -49.02
C ASP G 4907 -61.84 -70.64 -47.51
N GLU G 4908 -61.62 -71.87 -47.03
CA GLU G 4908 -61.65 -72.15 -45.60
C GLU G 4908 -60.37 -71.63 -44.95
N TYR G 4909 -60.54 -70.64 -44.06
CA TYR G 4909 -59.45 -69.98 -43.33
C TYR G 4909 -58.42 -69.36 -44.28
N GLU G 4910 -58.91 -68.57 -45.23
CA GLU G 4910 -58.04 -67.92 -46.20
C GLU G 4910 -57.46 -66.61 -45.67
N LEU G 4911 -58.22 -65.87 -44.87
CA LEU G 4911 -57.73 -64.61 -44.31
C LEU G 4911 -57.10 -64.76 -42.94
N TYR G 4912 -57.48 -65.79 -42.17
CA TYR G 4912 -56.87 -66.04 -40.88
C TYR G 4912 -55.43 -66.52 -41.04
N ARG G 4913 -55.19 -67.41 -42.01
CA ARG G 4913 -53.85 -67.95 -42.21
C ARG G 4913 -52.90 -66.92 -42.82
N VAL G 4914 -53.40 -66.09 -43.75
CA VAL G 4914 -52.53 -65.13 -44.44
C VAL G 4914 -52.09 -64.00 -43.50
N VAL G 4915 -52.76 -63.85 -42.36
CA VAL G 4915 -52.36 -62.87 -41.36
C VAL G 4915 -51.48 -63.62 -40.34
N PHE G 4916 -51.69 -64.93 -40.23
CA PHE G 4916 -50.99 -65.73 -39.22
C PHE G 4916 -49.50 -65.89 -39.56
N ASP G 4917 -49.20 -66.13 -40.84
CA ASP G 4917 -47.81 -66.35 -41.24
C ASP G 4917 -47.03 -65.04 -41.24
N ILE G 4918 -47.70 -63.93 -41.52
CA ILE G 4918 -47.03 -62.64 -41.65
C ILE G 4918 -46.58 -62.14 -40.28
N THR G 4919 -47.45 -62.26 -39.27
CA THR G 4919 -47.06 -61.87 -37.92
C THR G 4919 -46.13 -62.89 -37.28
N PHE G 4920 -46.02 -64.09 -37.84
CA PHE G 4920 -45.02 -65.04 -37.38
C PHE G 4920 -43.67 -64.74 -38.01
N PHE G 4921 -43.67 -64.35 -39.28
CA PHE G 4921 -42.44 -63.95 -39.98
C PHE G 4921 -41.91 -62.64 -39.41
N PHE G 4922 -42.80 -61.75 -38.98
CA PHE G 4922 -42.38 -60.45 -38.49
C PHE G 4922 -41.73 -60.54 -37.11
N PHE G 4923 -42.06 -61.57 -36.33
CA PHE G 4923 -41.62 -61.62 -34.94
C PHE G 4923 -40.32 -62.43 -34.77
N VAL G 4924 -40.28 -63.65 -35.29
CA VAL G 4924 -39.25 -64.61 -34.91
C VAL G 4924 -37.97 -64.46 -35.73
N ILE G 4925 -38.06 -63.90 -36.94
CA ILE G 4925 -36.92 -63.78 -37.84
C ILE G 4925 -36.49 -62.32 -38.00
N VAL G 4926 -37.45 -61.43 -38.29
CA VAL G 4926 -37.14 -60.03 -38.52
C VAL G 4926 -36.71 -59.32 -37.24
N ILE G 4927 -37.29 -59.69 -36.10
CA ILE G 4927 -36.98 -59.00 -34.85
C ILE G 4927 -36.11 -59.87 -33.96
N LEU G 4928 -36.65 -61.00 -33.50
CA LEU G 4928 -36.03 -61.76 -32.42
C LEU G 4928 -34.73 -62.44 -32.88
N LEU G 4929 -34.67 -62.84 -34.15
CA LEU G 4929 -33.41 -63.37 -34.68
C LEU G 4929 -32.46 -62.25 -35.07
N ALA G 4930 -32.97 -61.03 -35.27
CA ALA G 4930 -32.10 -59.87 -35.41
C ALA G 4930 -31.78 -59.25 -34.07
N ILE G 4931 -32.53 -59.59 -33.02
CA ILE G 4931 -32.14 -59.22 -31.66
C ILE G 4931 -30.88 -59.99 -31.25
N ILE G 4932 -30.82 -61.29 -31.59
CA ILE G 4932 -29.72 -62.14 -31.14
C ILE G 4932 -28.42 -61.79 -31.85
N GLN G 4933 -28.47 -61.62 -33.18
CA GLN G 4933 -27.30 -61.11 -33.89
C GLN G 4933 -27.11 -59.63 -33.61
N GLY G 4934 -28.16 -58.93 -33.20
CA GLY G 4934 -28.00 -57.60 -32.65
C GLY G 4934 -27.44 -57.57 -31.26
N LEU G 4935 -27.29 -58.73 -30.60
CA LEU G 4935 -26.78 -58.80 -29.24
C LEU G 4935 -25.31 -59.24 -29.18
N ILE G 4936 -24.86 -60.07 -30.13
CA ILE G 4936 -23.49 -60.57 -30.08
C ILE G 4936 -22.51 -59.62 -30.77
N ILE G 4937 -22.89 -59.09 -31.94
CA ILE G 4937 -21.97 -58.26 -32.73
C ILE G 4937 -21.65 -56.94 -32.05
N ASP G 4938 -22.62 -56.32 -31.38
CA ASP G 4938 -22.28 -55.14 -30.59
C ASP G 4938 -21.56 -55.52 -29.30
N ALA G 4939 -21.84 -56.72 -28.77
CA ALA G 4939 -20.99 -57.23 -27.70
C ALA G 4939 -19.60 -57.54 -28.22
N PHE G 4940 -19.50 -58.08 -29.44
CA PHE G 4940 -18.20 -58.20 -30.08
C PHE G 4940 -17.64 -56.83 -30.45
N GLY G 4941 -18.52 -55.88 -30.79
CA GLY G 4941 -18.06 -54.55 -31.13
C GLY G 4941 -17.55 -53.78 -29.93
N GLU G 4942 -18.25 -53.87 -28.80
CA GLU G 4942 -17.85 -53.12 -27.61
C GLU G 4942 -16.59 -53.68 -26.97
N LEU G 4943 -16.42 -55.01 -26.99
CA LEU G 4943 -15.22 -55.61 -26.41
C LEU G 4943 -13.95 -55.22 -27.18
N ARG G 4944 -14.03 -55.10 -28.50
CA ARG G 4944 -12.85 -54.60 -29.22
C ARG G 4944 -12.67 -53.10 -29.04
N ASP G 4945 -13.77 -52.38 -28.76
CA ASP G 4945 -13.63 -50.95 -28.48
C ASP G 4945 -13.00 -50.70 -27.10
N GLN G 4946 -13.14 -51.63 -26.16
CA GLN G 4946 -12.43 -51.43 -24.90
C GLN G 4946 -10.98 -51.92 -24.99
N GLN G 4947 -10.64 -52.80 -25.94
CA GLN G 4947 -9.24 -53.13 -26.12
C GLN G 4947 -8.49 -52.05 -26.89
N GLU G 4948 -9.20 -51.23 -27.68
CA GLU G 4948 -8.49 -50.15 -28.33
C GLU G 4948 -8.40 -48.91 -27.45
N GLN G 4949 -9.37 -48.71 -26.54
CA GLN G 4949 -9.35 -47.51 -25.71
C GLN G 4949 -8.39 -47.68 -24.53
N VAL G 4950 -8.08 -48.92 -24.17
CA VAL G 4950 -7.01 -49.20 -23.20
C VAL G 4950 -5.68 -48.74 -23.76
N LYS G 4951 -5.43 -49.00 -25.06
CA LYS G 4951 -4.20 -48.54 -25.69
C LYS G 4951 -4.18 -47.02 -25.84
N GLU G 4952 -5.33 -46.40 -26.06
CA GLU G 4952 -5.36 -44.97 -26.36
C GLU G 4952 -5.23 -44.14 -25.08
N ASP G 4953 -5.90 -44.56 -24.01
CA ASP G 4953 -5.82 -43.84 -22.74
C ASP G 4953 -4.46 -44.06 -22.08
N MET G 4954 -3.82 -45.21 -22.36
CA MET G 4954 -2.46 -45.43 -21.91
C MET G 4954 -1.48 -44.52 -22.64
N GLU G 4955 -1.72 -44.27 -23.92
CA GLU G 4955 -0.89 -43.38 -24.71
C GLU G 4955 -1.17 -41.91 -24.42
N THR G 4956 -2.18 -41.60 -23.61
CA THR G 4956 -2.55 -40.23 -23.28
C THR G 4956 -2.33 -39.91 -21.82
N LYS G 4957 -2.82 -40.74 -20.89
CA LYS G 4957 -2.59 -40.49 -19.48
C LYS G 4957 -1.36 -41.25 -18.98
N CYS G 4958 -1.01 -40.97 -17.72
CA CYS G 4958 0.33 -41.23 -17.22
C CYS G 4958 0.43 -42.40 -16.26
N PHE G 4959 -0.68 -43.07 -15.92
CA PHE G 4959 -0.80 -44.30 -15.12
C PHE G 4959 -0.45 -44.12 -13.64
N ILE G 4960 0.18 -43.00 -13.29
CA ILE G 4960 0.68 -42.74 -11.96
C ILE G 4960 0.12 -41.43 -11.41
N CYS G 4961 0.25 -40.34 -12.17
CA CYS G 4961 -0.24 -39.02 -11.80
C CYS G 4961 -1.44 -38.64 -12.67
N GLY G 4962 -2.23 -37.68 -12.17
CA GLY G 4962 -3.50 -37.35 -12.77
C GLY G 4962 -3.53 -36.15 -13.71
N ILE G 4963 -2.56 -36.04 -14.61
CA ILE G 4963 -2.55 -35.00 -15.63
C ILE G 4963 -2.43 -35.64 -17.00
N GLY G 4964 -3.22 -35.14 -17.96
CA GLY G 4964 -3.22 -35.67 -19.31
C GLY G 4964 -2.01 -35.22 -20.11
N SER G 4965 -2.00 -35.62 -21.38
CA SER G 4965 -0.91 -35.28 -22.29
C SER G 4965 -1.06 -33.90 -22.90
N ASP G 4966 -2.11 -33.16 -22.54
CA ASP G 4966 -2.32 -31.81 -23.06
C ASP G 4966 -1.56 -30.77 -22.27
N TYR G 4967 -1.19 -31.09 -21.03
CA TYR G 4967 -0.39 -30.17 -20.22
C TYR G 4967 1.07 -30.18 -20.65
N PHE G 4968 1.57 -31.31 -21.12
CA PHE G 4968 2.97 -31.45 -21.46
C PHE G 4968 3.27 -31.08 -22.91
N ASP G 4969 2.32 -30.44 -23.58
CA ASP G 4969 2.48 -29.96 -24.95
C ASP G 4969 3.20 -28.62 -25.02
N THR G 4970 3.57 -28.02 -23.88
CA THR G 4970 4.29 -26.76 -23.90
C THR G 4970 5.73 -26.92 -24.34
N THR G 4971 6.32 -28.10 -24.12
CA THR G 4971 7.66 -28.41 -24.58
C THR G 4971 7.60 -29.61 -25.53
N PRO G 4972 8.39 -29.61 -26.61
CA PRO G 4972 8.41 -30.77 -27.51
C PRO G 4972 9.02 -31.98 -26.84
N HIS G 4973 8.43 -33.16 -27.13
CA HIS G 4973 8.75 -34.45 -26.50
C HIS G 4973 8.63 -34.38 -24.98
N GLY G 4974 7.63 -33.66 -24.49
CA GLY G 4974 7.47 -33.51 -23.05
C GLY G 4974 6.81 -34.73 -22.41
N PHE G 4975 5.89 -35.37 -23.12
CA PHE G 4975 5.23 -36.54 -22.57
C PHE G 4975 6.16 -37.76 -22.58
N GLU G 4976 7.06 -37.84 -23.56
CA GLU G 4976 8.00 -38.96 -23.57
C GLU G 4976 9.09 -38.74 -22.52
N THR G 4977 9.44 -37.48 -22.28
CA THR G 4977 10.31 -37.15 -21.14
C THR G 4977 9.60 -37.40 -19.82
N HIS G 4978 8.28 -37.22 -19.78
CA HIS G 4978 7.53 -37.50 -18.56
C HIS G 4978 7.33 -38.99 -18.37
N THR G 4979 7.38 -39.77 -19.46
CA THR G 4979 7.17 -41.20 -19.38
C THR G 4979 8.46 -41.95 -19.09
N LEU G 4980 9.47 -41.81 -19.95
CA LEU G 4980 10.68 -42.65 -19.86
C LEU G 4980 11.56 -42.25 -18.68
N GLU G 4981 11.78 -40.95 -18.49
CA GLU G 4981 12.66 -40.50 -17.42
C GLU G 4981 11.97 -40.34 -16.08
N GLU G 4982 10.97 -39.48 -15.98
CA GLU G 4982 10.42 -39.10 -14.68
C GLU G 4982 9.42 -40.11 -14.12
N HIS G 4983 8.35 -40.41 -14.83
CA HIS G 4983 7.31 -41.32 -14.34
C HIS G 4983 7.27 -42.57 -15.22
N ASN G 4984 8.14 -43.53 -14.90
CA ASN G 4984 8.19 -44.82 -15.58
C ASN G 4984 7.82 -45.93 -14.62
N LEU G 4985 7.02 -46.90 -15.12
CA LEU G 4985 6.57 -47.98 -14.25
C LEU G 4985 7.70 -48.94 -13.91
N ALA G 4986 8.74 -49.01 -14.76
CA ALA G 4986 9.87 -49.87 -14.48
C ALA G 4986 10.77 -49.31 -13.40
N ASN G 4987 10.83 -47.98 -13.27
CA ASN G 4987 11.64 -47.37 -12.22
C ASN G 4987 10.99 -47.51 -10.85
N TYR G 4988 9.67 -47.74 -10.82
CA TYR G 4988 8.98 -47.89 -9.54
C TYR G 4988 9.21 -49.28 -8.95
N MET G 4989 9.38 -50.29 -9.82
CA MET G 4989 9.85 -51.58 -9.33
C MET G 4989 11.32 -51.53 -8.99
N PHE G 4990 12.12 -50.85 -9.81
CA PHE G 4990 13.57 -50.81 -9.61
C PHE G 4990 13.92 -50.06 -8.33
N PHE G 4991 13.04 -49.14 -7.90
CA PHE G 4991 13.15 -48.55 -6.57
C PHE G 4991 12.89 -49.60 -5.50
N LEU G 4992 11.95 -50.52 -5.76
CA LEU G 4992 11.50 -51.43 -4.71
C LEU G 4992 12.55 -52.51 -4.45
N MET G 4993 13.07 -53.14 -5.51
CA MET G 4993 14.05 -54.21 -5.34
C MET G 4993 15.41 -53.67 -4.91
N TYR G 4994 15.66 -52.39 -5.15
CA TYR G 4994 16.83 -51.75 -4.56
C TYR G 4994 16.64 -51.57 -3.06
N LEU G 4995 15.39 -51.38 -2.61
CA LEU G 4995 15.13 -51.25 -1.18
C LEU G 4995 15.07 -52.61 -0.49
N ILE G 4996 14.82 -53.68 -1.26
CA ILE G 4996 14.88 -55.02 -0.69
C ILE G 4996 16.31 -55.41 -0.38
N ASN G 4997 17.23 -55.11 -1.30
CA ASN G 4997 18.57 -55.70 -1.21
C ASN G 4997 19.45 -54.95 -0.21
N LYS G 4998 19.29 -53.64 -0.08
CA LYS G 4998 20.12 -52.87 0.83
C LYS G 4998 19.57 -52.94 2.26
N ASP G 4999 20.44 -52.65 3.22
CA ASP G 4999 20.11 -52.81 4.62
C ASP G 4999 19.20 -51.67 5.11
N GLU G 5000 18.57 -51.90 6.26
CA GLU G 5000 17.76 -50.87 6.89
C GLU G 5000 18.61 -49.77 7.52
N THR G 5001 19.85 -50.09 7.91
CA THR G 5001 20.74 -49.07 8.46
C THR G 5001 21.50 -48.32 7.38
N GLU G 5002 21.31 -48.66 6.11
CA GLU G 5002 21.92 -47.97 4.99
C GLU G 5002 20.92 -47.08 4.24
N HIS G 5003 19.68 -47.01 4.71
CA HIS G 5003 18.68 -46.18 4.06
C HIS G 5003 18.91 -44.71 4.39
N THR G 5004 18.54 -43.83 3.47
CA THR G 5004 18.51 -42.41 3.74
C THR G 5004 17.13 -42.04 4.27
N GLY G 5005 16.87 -40.75 4.47
CA GLY G 5005 15.61 -40.33 5.07
C GLY G 5005 14.44 -40.47 4.11
N GLN G 5006 14.67 -40.21 2.83
CA GLN G 5006 13.60 -40.33 1.84
C GLN G 5006 13.27 -41.80 1.57
N GLU G 5007 14.27 -42.68 1.66
CA GLU G 5007 14.04 -44.09 1.33
C GLU G 5007 13.50 -44.84 2.54
N SER G 5008 13.86 -44.41 3.76
CA SER G 5008 13.29 -45.02 4.95
C SER G 5008 11.85 -44.56 5.17
N TYR G 5009 11.47 -43.42 4.60
CA TYR G 5009 10.11 -42.93 4.74
C TYR G 5009 9.15 -43.70 3.83
N VAL G 5010 9.60 -44.01 2.62
CA VAL G 5010 8.75 -44.78 1.70
C VAL G 5010 8.77 -46.25 2.09
N TRP G 5011 9.83 -46.70 2.78
CA TRP G 5011 9.88 -48.09 3.23
C TRP G 5011 8.92 -48.33 4.39
N LYS G 5012 8.80 -47.37 5.31
CA LYS G 5012 7.85 -47.54 6.40
C LYS G 5012 6.42 -47.33 5.91
N MET G 5013 6.23 -46.56 4.84
CA MET G 5013 4.88 -46.34 4.33
C MET G 5013 4.41 -47.53 3.49
N TYR G 5014 5.35 -48.32 2.98
CA TYR G 5014 4.99 -49.47 2.15
C TYR G 5014 4.63 -50.69 2.99
N GLN G 5015 5.30 -50.88 4.14
CA GLN G 5015 5.07 -52.10 4.91
C GLN G 5015 3.75 -52.04 5.69
N GLU G 5016 3.24 -50.85 5.99
CA GLU G 5016 1.88 -50.73 6.49
C GLU G 5016 0.88 -50.48 5.36
N ARG G 5017 1.36 -50.51 4.11
CA ARG G 5017 0.55 -50.59 2.89
C ARG G 5017 -0.34 -49.36 2.69
N CYS G 5018 0.29 -48.19 2.68
CA CYS G 5018 -0.38 -46.94 2.34
C CYS G 5018 0.33 -46.30 1.16
N TRP G 5019 -0.44 -45.76 0.22
CA TRP G 5019 0.06 -45.28 -1.06
C TRP G 5019 -0.14 -43.79 -1.24
N ASP G 5020 0.05 -43.02 -0.16
CA ASP G 5020 0.05 -41.57 -0.24
C ASP G 5020 1.38 -41.00 -0.69
N PHE G 5021 2.43 -41.83 -0.83
CA PHE G 5021 3.69 -41.30 -1.32
C PHE G 5021 3.67 -41.09 -2.82
N PHE G 5022 2.71 -41.68 -3.54
CA PHE G 5022 2.59 -41.44 -4.97
C PHE G 5022 2.12 -40.00 -5.21
N PRO G 5023 2.61 -39.35 -6.29
CA PRO G 5023 2.26 -37.93 -6.52
C PRO G 5023 0.78 -37.68 -6.78
N ALA G 5024 0.25 -38.34 -7.81
CA ALA G 5024 -1.16 -38.32 -8.22
C ALA G 5024 -1.65 -36.89 -8.50
N GLY G 5025 -1.04 -36.28 -9.51
CA GLY G 5025 -1.52 -35.02 -10.05
C GLY G 5025 -0.53 -33.87 -10.07
N ASP G 5026 0.71 -34.08 -9.68
CA ASP G 5026 1.72 -33.01 -9.68
C ASP G 5026 3.10 -33.64 -9.82
N CYS G 5027 3.83 -33.29 -10.87
CA CYS G 5027 5.12 -33.96 -11.05
C CYS G 5027 6.14 -32.97 -11.61
N PHE G 5028 6.71 -32.17 -10.70
CA PHE G 5028 7.82 -31.21 -10.92
C PHE G 5028 7.52 -30.11 -11.96
N ARG G 5029 6.27 -30.02 -12.44
CA ARG G 5029 5.92 -29.04 -13.47
C ARG G 5029 4.64 -28.26 -13.17
N LYS G 5030 4.10 -28.39 -11.95
CA LYS G 5030 2.94 -27.61 -11.51
C LYS G 5030 3.20 -26.67 -10.35
N GLN G 5031 4.09 -27.05 -9.42
CA GLN G 5031 4.42 -26.30 -8.22
C GLN G 5031 5.66 -25.43 -8.39
N TYR G 5032 6.62 -25.87 -9.20
CA TYR G 5032 7.82 -25.12 -9.47
C TYR G 5032 7.84 -24.65 -10.92
N GLU G 5033 6.64 -24.42 -11.48
CA GLU G 5033 6.53 -24.06 -12.89
C GLU G 5033 7.00 -22.63 -13.14
N ASP G 5034 6.79 -21.74 -12.17
CA ASP G 5034 7.24 -20.35 -12.33
C ASP G 5034 8.71 -20.19 -11.99
N GLN G 5035 9.26 -21.06 -11.13
CA GLN G 5035 10.65 -20.94 -10.70
C GLN G 5035 11.60 -21.90 -11.41
N LEU G 5036 11.21 -22.53 -12.52
CA LEU G 5036 12.15 -23.25 -13.37
C LEU G 5036 11.91 -22.84 -14.81
N SER G 5037 12.98 -22.57 -15.54
CA SER G 5037 12.87 -22.15 -16.93
C SER G 5037 13.90 -22.87 -17.80
N GLY H 1 67.77 -52.59 98.17
CA GLY H 1 67.31 -53.52 99.18
C GLY H 1 66.24 -54.48 98.70
N VAL H 2 66.54 -55.77 98.74
CA VAL H 2 65.60 -56.83 98.36
C VAL H 2 65.22 -57.59 99.62
N GLU H 3 63.93 -57.54 99.97
CA GLU H 3 63.42 -58.26 101.14
C GLU H 3 62.88 -59.60 100.66
N ILE H 4 63.60 -60.67 101.01
CA ILE H 4 63.21 -62.02 100.64
C ILE H 4 62.47 -62.65 101.84
N GLU H 5 61.16 -62.80 101.68
CA GLU H 5 60.32 -63.49 102.65
C GLU H 5 59.86 -64.81 102.05
N THR H 6 60.13 -65.90 102.76
CA THR H 6 59.83 -67.22 102.23
C THR H 6 58.35 -67.56 102.36
N ILE H 7 57.87 -68.41 101.47
CA ILE H 7 56.48 -68.86 101.47
C ILE H 7 56.38 -70.37 101.67
N SER H 8 57.15 -71.15 100.93
CA SER H 8 57.21 -72.59 101.10
C SER H 8 58.66 -73.02 101.22
N PRO H 9 58.96 -74.02 102.06
CA PRO H 9 60.36 -74.44 102.24
C PRO H 9 60.89 -75.20 101.03
N GLY H 10 62.22 -75.21 100.92
CA GLY H 10 62.89 -75.87 99.81
C GLY H 10 63.97 -76.84 100.25
N ASP H 11 64.95 -77.08 99.38
CA ASP H 11 66.00 -78.04 99.69
C ASP H 11 67.03 -77.47 100.65
N GLY H 12 67.51 -76.26 100.39
CA GLY H 12 68.42 -75.56 101.27
C GLY H 12 69.89 -75.85 101.05
N ARG H 13 70.26 -76.63 100.03
CA ARG H 13 71.67 -76.87 99.74
C ARG H 13 72.07 -76.48 98.32
N THR H 14 71.16 -76.53 97.35
CA THR H 14 71.48 -76.17 95.98
C THR H 14 71.09 -74.72 95.70
N PHE H 15 72.08 -73.88 95.43
CA PHE H 15 71.92 -72.45 95.17
C PHE H 15 72.55 -72.10 93.82
N PRO H 16 71.99 -71.13 93.09
CA PRO H 16 72.54 -70.80 91.76
C PRO H 16 73.89 -70.11 91.83
N LYS H 17 74.76 -70.47 90.88
CA LYS H 17 76.10 -69.92 90.74
C LYS H 17 76.19 -69.17 89.42
N LYS H 18 77.37 -68.66 89.08
CA LYS H 18 77.52 -67.84 87.88
C LYS H 18 77.48 -68.71 86.62
N GLY H 19 76.98 -68.11 85.53
CA GLY H 19 77.03 -68.76 84.23
C GLY H 19 76.12 -69.96 84.09
N GLN H 20 75.11 -70.05 84.95
CA GLN H 20 74.24 -71.21 85.06
C GLN H 20 72.83 -70.75 84.78
N THR H 21 72.05 -71.58 84.09
CA THR H 21 70.67 -71.21 83.78
C THR H 21 69.81 -71.47 85.01
N CYS H 22 68.69 -70.78 85.09
CA CYS H 22 67.65 -71.12 86.04
C CYS H 22 66.32 -71.08 85.31
N VAL H 23 65.37 -71.88 85.77
CA VAL H 23 63.98 -71.74 85.36
C VAL H 23 63.21 -71.25 86.59
N VAL H 24 62.40 -70.20 86.40
CA VAL H 24 61.65 -69.55 87.47
C VAL H 24 60.22 -69.32 86.98
N HIS H 25 59.26 -69.90 87.70
CA HIS H 25 57.86 -69.76 87.31
C HIS H 25 57.22 -68.65 88.14
N TYR H 26 57.64 -67.41 87.90
CA TYR H 26 57.26 -66.29 88.75
C TYR H 26 55.86 -65.79 88.42
N THR H 27 55.38 -64.88 89.28
CA THR H 27 54.22 -64.04 88.99
C THR H 27 54.40 -62.72 89.75
N GLY H 28 54.51 -61.63 89.01
CA GLY H 28 54.85 -60.35 89.59
C GLY H 28 53.63 -59.50 89.90
N MET H 29 53.75 -58.69 90.94
CA MET H 29 52.66 -57.83 91.36
C MET H 29 53.21 -56.47 91.74
N LEU H 30 52.30 -55.51 91.90
CA LEU H 30 52.64 -54.18 92.37
C LEU H 30 52.35 -54.09 93.86
N GLN H 31 52.62 -52.92 94.45
CA GLN H 31 52.41 -52.75 95.88
C GLN H 31 50.92 -52.65 96.20
N ASN H 32 50.14 -52.09 95.28
CA ASN H 32 48.71 -51.90 95.50
C ASN H 32 47.93 -53.20 95.45
N GLY H 33 48.48 -54.25 94.85
CA GLY H 33 47.77 -55.50 94.68
C GLY H 33 47.36 -55.82 93.25
N LYS H 34 47.81 -55.04 92.27
CA LYS H 34 47.46 -55.25 90.88
C LYS H 34 48.56 -56.06 90.20
N LYS H 35 48.17 -57.16 89.55
CA LYS H 35 49.15 -58.01 88.89
C LYS H 35 49.49 -57.44 87.52
N PHE H 36 50.78 -57.36 87.23
CA PHE H 36 51.27 -56.86 85.95
C PHE H 36 51.94 -57.92 85.09
N ASP H 37 52.38 -59.03 85.69
CA ASP H 37 53.02 -60.10 84.96
C ASP H 37 52.68 -61.40 85.67
N SER H 38 52.62 -62.48 84.90
CA SER H 38 52.55 -63.83 85.43
C SER H 38 53.14 -64.73 84.36
N SER H 39 53.89 -65.74 84.77
CA SER H 39 54.43 -66.70 83.82
C SER H 39 53.70 -68.03 83.84
N ARG H 40 52.57 -68.10 84.55
CA ARG H 40 51.75 -69.30 84.63
C ARG H 40 50.44 -69.20 83.86
N ASP H 41 50.06 -67.99 83.43
CA ASP H 41 48.95 -67.87 82.50
C ASP H 41 49.34 -68.35 81.10
N ARG H 42 50.62 -68.20 80.75
CA ARG H 42 51.15 -68.68 79.48
C ARG H 42 51.51 -70.16 79.51
N ASN H 43 51.63 -70.75 80.71
CA ASN H 43 52.13 -72.11 80.93
C ASN H 43 53.49 -72.35 80.28
N LYS H 44 54.38 -71.36 80.38
CA LYS H 44 55.73 -71.42 79.86
C LYS H 44 56.67 -70.80 80.89
N PRO H 45 57.55 -71.60 81.51
CA PRO H 45 58.36 -71.07 82.61
C PRO H 45 59.47 -70.16 82.11
N PHE H 46 59.72 -69.09 82.85
CA PHE H 46 60.76 -68.15 82.49
C PHE H 46 62.12 -68.74 82.81
N LYS H 47 63.01 -68.69 81.81
CA LYS H 47 64.38 -69.15 81.98
C LYS H 47 65.36 -68.03 81.64
N PHE H 48 66.35 -67.85 82.52
CA PHE H 48 67.30 -66.75 82.42
C PHE H 48 68.69 -67.23 82.85
N ARG H 49 69.71 -66.53 82.38
CA ARG H 49 71.10 -66.80 82.76
C ARG H 49 71.56 -65.79 83.80
N ILE H 50 72.20 -66.28 84.85
CA ILE H 50 72.53 -65.44 86.00
C ILE H 50 73.89 -64.80 85.71
N GLY H 51 73.95 -63.48 85.89
CA GLY H 51 75.19 -62.74 85.76
C GLY H 51 75.38 -62.02 84.44
N LYS H 52 74.63 -62.39 83.41
CA LYS H 52 74.78 -61.77 82.09
C LYS H 52 73.83 -60.59 81.87
N GLN H 53 73.16 -60.12 82.94
CA GLN H 53 72.34 -58.90 82.96
C GLN H 53 71.16 -58.99 82.00
N GLU H 54 70.48 -60.14 82.02
CA GLU H 54 69.24 -60.28 81.26
C GLU H 54 68.06 -59.67 82.02
N VAL H 55 67.85 -60.14 83.24
CA VAL H 55 66.78 -59.65 84.11
C VAL H 55 67.22 -58.35 84.78
N ILE H 56 66.28 -57.69 85.45
CA ILE H 56 66.61 -56.51 86.26
C ILE H 56 67.48 -56.91 87.45
N LYS H 57 68.07 -55.89 88.09
CA LYS H 57 69.01 -56.13 89.19
C LYS H 57 68.32 -56.72 90.41
N GLY H 58 67.05 -56.35 90.63
CA GLY H 58 66.34 -56.87 91.80
C GLY H 58 65.95 -58.33 91.64
N PHE H 59 65.83 -58.79 90.39
CA PHE H 59 65.39 -60.16 90.14
C PHE H 59 66.52 -61.16 90.36
N GLU H 60 67.75 -60.82 89.95
CA GLU H 60 68.84 -61.77 90.04
C GLU H 60 69.46 -61.79 91.43
N GLU H 61 69.54 -60.62 92.09
CA GLU H 61 69.90 -60.59 93.50
C GLU H 61 68.79 -61.17 94.36
N GLY H 62 67.58 -61.28 93.82
CA GLY H 62 66.53 -62.04 94.46
C GLY H 62 66.57 -63.54 94.21
N ALA H 63 66.93 -63.96 93.00
CA ALA H 63 66.95 -65.38 92.69
C ALA H 63 68.22 -66.08 93.19
N ALA H 64 69.27 -65.32 93.52
CA ALA H 64 70.52 -65.92 93.95
C ALA H 64 70.47 -66.39 95.40
N GLN H 65 69.57 -65.82 96.20
CA GLN H 65 69.51 -66.11 97.62
C GLN H 65 68.63 -67.30 97.95
N MET H 66 68.00 -67.92 96.96
CA MET H 66 67.06 -69.00 97.20
C MET H 66 67.69 -70.35 96.89
N SER H 67 66.94 -71.40 97.21
CA SER H 67 67.35 -72.78 97.02
C SER H 67 66.49 -73.42 95.95
N LEU H 68 66.83 -74.66 95.61
CA LEU H 68 66.05 -75.40 94.62
C LEU H 68 64.74 -75.86 95.25
N GLY H 69 63.64 -75.58 94.55
CA GLY H 69 62.32 -75.93 95.04
C GLY H 69 61.74 -74.96 96.06
N GLN H 70 62.45 -73.90 96.39
CA GLN H 70 61.94 -72.91 97.34
C GLN H 70 61.08 -71.88 96.60
N ARG H 71 60.02 -71.43 97.27
CA ARG H 71 59.15 -70.39 96.75
C ARG H 71 59.12 -69.25 97.77
N ALA H 72 59.58 -68.07 97.35
CA ALA H 72 59.68 -66.92 98.22
C ALA H 72 58.92 -65.73 97.63
N LYS H 73 58.89 -64.63 98.38
CA LYS H 73 58.18 -63.42 98.02
C LYS H 73 59.12 -62.24 98.15
N LEU H 74 59.40 -61.57 97.02
CA LEU H 74 60.32 -60.45 97.10
C LEU H 74 59.55 -59.14 97.10
N THR H 75 60.18 -58.10 97.64
CA THR H 75 59.69 -56.73 97.56
C THR H 75 60.85 -55.87 97.03
N CYS H 76 60.88 -55.69 95.71
CA CYS H 76 61.95 -54.93 95.09
C CYS H 76 61.68 -53.43 95.19
N THR H 77 62.63 -52.70 95.76
CA THR H 77 62.50 -51.26 95.90
C THR H 77 62.60 -50.59 94.52
N PRO H 78 61.95 -49.43 94.33
CA PRO H 78 61.98 -48.78 93.01
C PRO H 78 63.34 -48.25 92.59
N ASP H 79 64.32 -48.19 93.50
CA ASP H 79 65.66 -47.75 93.13
C ASP H 79 66.38 -48.80 92.30
N VAL H 80 66.11 -50.09 92.55
CA VAL H 80 66.85 -51.17 91.91
C VAL H 80 66.14 -51.70 90.66
N ALA H 81 64.89 -51.29 90.42
CA ALA H 81 64.11 -51.80 89.29
C ALA H 81 63.24 -50.67 88.75
N TYR H 82 63.60 -50.15 87.57
CA TYR H 82 62.85 -49.13 86.83
C TYR H 82 62.62 -47.86 87.64
N GLY H 83 63.69 -47.13 87.94
CA GLY H 83 63.63 -45.96 88.80
C GLY H 83 62.87 -44.77 88.24
N ALA H 84 63.33 -44.20 87.13
CA ALA H 84 62.84 -42.91 86.68
C ALA H 84 61.80 -43.02 85.57
N THR H 85 62.17 -43.55 84.40
CA THR H 85 61.24 -43.60 83.29
C THR H 85 60.34 -44.84 83.33
N GLY H 86 60.79 -45.92 83.97
CA GLY H 86 60.03 -47.14 84.04
C GLY H 86 59.88 -47.84 82.69
N HIS H 87 58.93 -48.79 82.67
CA HIS H 87 58.55 -49.48 81.46
C HIS H 87 57.22 -48.91 81.00
N PRO H 88 57.13 -48.26 79.84
CA PRO H 88 55.90 -47.55 79.46
C PRO H 88 54.77 -48.50 79.08
N GLY H 89 53.61 -48.31 79.72
CA GLY H 89 52.44 -49.09 79.43
C GLY H 89 52.14 -50.19 80.44
N VAL H 90 53.11 -50.58 81.25
CA VAL H 90 52.94 -51.67 82.21
C VAL H 90 53.03 -51.13 83.63
N ILE H 91 54.19 -50.62 83.99
CA ILE H 91 54.52 -50.21 85.35
C ILE H 91 54.56 -48.69 85.40
N PRO H 92 53.88 -48.04 86.34
CA PRO H 92 54.02 -46.59 86.48
C PRO H 92 55.38 -46.23 87.04
N PRO H 93 55.86 -45.01 86.79
CA PRO H 93 57.17 -44.61 87.34
C PRO H 93 57.12 -44.46 88.86
N ASN H 94 58.24 -44.84 89.50
CA ASN H 94 58.43 -44.85 90.95
C ASN H 94 57.37 -45.70 91.65
N ALA H 95 57.37 -46.98 91.29
CA ALA H 95 56.44 -47.96 91.83
C ALA H 95 57.22 -49.15 92.38
N THR H 96 56.73 -49.71 93.49
CA THR H 96 57.37 -50.84 94.13
C THR H 96 56.86 -52.15 93.52
N LEU H 97 57.80 -53.05 93.21
CA LEU H 97 57.50 -54.30 92.51
C LEU H 97 57.61 -55.47 93.47
N ILE H 98 56.61 -56.35 93.44
CA ILE H 98 56.54 -57.53 94.29
C ILE H 98 56.54 -58.77 93.40
N PHE H 99 57.40 -59.74 93.71
CA PHE H 99 57.55 -60.96 92.92
C PHE H 99 57.40 -62.18 93.80
N ASP H 100 56.58 -63.14 93.35
CA ASP H 100 56.44 -64.43 94.01
C ASP H 100 57.18 -65.43 93.13
N VAL H 101 58.48 -65.52 93.34
CA VAL H 101 59.35 -66.36 92.52
C VAL H 101 59.32 -67.78 93.05
N GLU H 102 59.40 -68.76 92.14
CA GLU H 102 59.55 -70.15 92.51
C GLU H 102 60.52 -70.82 91.54
N LEU H 103 61.62 -71.35 92.08
CA LEU H 103 62.64 -72.02 91.28
C LEU H 103 62.28 -73.48 91.09
N LEU H 104 62.00 -73.87 89.84
CA LEU H 104 61.53 -75.24 89.58
C LEU H 104 62.70 -76.23 89.53
N ASN H 105 63.64 -76.05 88.60
CA ASN H 105 64.75 -76.97 88.51
C ASN H 105 66.03 -76.25 88.09
N LEU H 106 67.13 -77.01 88.15
CA LEU H 106 68.48 -76.64 87.72
C LEU H 106 68.96 -75.38 88.47
N GLU H 107 69.27 -75.58 89.76
CA GLU H 107 69.72 -74.54 90.70
C GLU H 107 68.75 -73.36 90.79
N MET I 1 75.36 -50.16 31.07
CA MET I 1 74.58 -50.73 32.16
C MET I 1 75.42 -51.78 32.88
N ALA I 2 74.82 -52.52 33.80
CA ALA I 2 75.52 -53.58 34.51
C ALA I 2 75.07 -54.98 34.11
N ASP I 3 74.21 -55.10 33.09
CA ASP I 3 73.81 -56.42 32.62
C ASP I 3 74.81 -57.04 31.64
N GLN I 4 75.89 -56.33 31.31
CA GLN I 4 76.95 -56.89 30.49
C GLN I 4 77.69 -58.02 31.19
N LEU I 5 77.67 -58.07 32.52
CA LEU I 5 78.34 -59.10 33.28
C LEU I 5 77.35 -60.20 33.62
N THR I 6 77.84 -61.44 33.76
CA THR I 6 76.99 -62.55 34.17
C THR I 6 76.73 -62.49 35.67
N GLU I 7 76.11 -63.56 36.19
CA GLU I 7 75.91 -63.71 37.63
C GLU I 7 77.25 -63.92 38.34
N GLU I 8 78.19 -64.54 37.63
CA GLU I 8 79.28 -65.30 38.25
C GLU I 8 80.52 -64.44 38.45
N GLN I 9 80.63 -63.35 37.70
CA GLN I 9 81.54 -62.27 38.07
C GLN I 9 80.98 -61.44 39.24
N ILE I 10 79.65 -61.27 39.31
CA ILE I 10 79.06 -60.43 40.36
C ILE I 10 79.10 -61.17 41.70
N ALA I 11 78.86 -62.47 41.69
CA ALA I 11 78.99 -63.26 42.91
C ALA I 11 80.45 -63.40 43.33
N GLU I 12 81.37 -63.32 42.37
CA GLU I 12 82.79 -63.31 42.71
C GLU I 12 83.22 -61.96 43.25
N PHE I 13 82.59 -60.87 42.77
CA PHE I 13 83.00 -59.53 43.22
C PHE I 13 82.44 -59.23 44.60
N LYS I 14 81.28 -59.77 44.94
CA LYS I 14 80.78 -59.63 46.31
C LYS I 14 81.56 -60.54 47.25
N GLU I 15 82.06 -61.66 46.72
CA GLU I 15 82.96 -62.53 47.47
C GLU I 15 84.26 -61.82 47.81
N ALA I 16 84.79 -61.02 46.88
CA ALA I 16 86.00 -60.25 47.16
C ALA I 16 85.71 -59.05 48.04
N PHE I 17 84.53 -58.45 47.92
CA PHE I 17 84.21 -57.25 48.68
C PHE I 17 83.89 -57.57 50.13
N SER I 18 83.09 -58.61 50.36
CA SER I 18 82.70 -58.96 51.73
C SER I 18 83.83 -59.62 52.49
N LEU I 19 84.86 -60.12 51.78
CA LEU I 19 86.03 -60.67 52.44
C LEU I 19 86.86 -59.58 53.11
N PHE I 20 87.02 -58.43 52.45
CA PHE I 20 87.87 -57.37 52.96
C PHE I 20 87.08 -56.14 53.38
N ASP I 21 85.77 -56.29 53.58
CA ASP I 21 84.95 -55.21 54.10
C ASP I 21 85.25 -54.96 55.57
N LYS I 22 85.01 -53.73 56.02
CA LYS I 22 85.38 -53.34 57.37
C LYS I 22 84.47 -53.93 58.43
N ASP I 23 83.18 -53.61 58.36
CA ASP I 23 82.26 -54.06 59.41
C ASP I 23 80.96 -54.59 58.84
N GLY I 24 80.94 -54.91 57.54
CA GLY I 24 79.72 -55.31 56.89
C GLY I 24 78.89 -54.16 56.38
N ASP I 25 79.39 -52.92 56.50
CA ASP I 25 78.71 -51.75 55.95
C ASP I 25 78.75 -51.74 54.44
N GLY I 26 79.75 -52.35 53.85
CA GLY I 26 80.05 -52.16 52.46
C GLY I 26 81.10 -51.09 52.22
N THR I 27 82.01 -50.88 53.16
CA THR I 27 82.98 -49.80 53.09
C THR I 27 84.39 -50.37 52.97
N ILE I 28 85.24 -49.64 52.25
CA ILE I 28 86.67 -49.91 52.14
C ILE I 28 87.38 -48.57 52.09
N THR I 29 88.69 -48.58 52.35
CA THR I 29 89.48 -47.37 52.24
C THR I 29 90.11 -47.28 50.84
N THR I 30 90.88 -46.21 50.63
CA THR I 30 91.53 -46.00 49.34
C THR I 30 92.77 -46.90 49.21
N LYS I 31 93.26 -47.47 50.32
CA LYS I 31 94.19 -48.60 50.19
C LYS I 31 93.51 -49.88 49.72
N ALA I 32 92.35 -50.22 50.29
CA ALA I 32 91.80 -51.57 50.15
C ALA I 32 91.23 -51.84 48.78
N LEU I 33 90.99 -50.80 47.99
CA LEU I 33 90.59 -50.99 46.61
C LEU I 33 91.76 -51.52 45.79
N GLY I 34 92.98 -51.20 46.20
CA GLY I 34 94.15 -51.76 45.55
C GLY I 34 94.37 -53.22 45.89
N THR I 35 94.20 -53.58 47.16
CA THR I 35 94.47 -54.97 47.55
C THR I 35 93.34 -55.90 47.12
N VAL I 36 92.13 -55.36 46.95
CA VAL I 36 91.02 -56.18 46.47
C VAL I 36 91.09 -56.43 44.97
N MET I 37 91.86 -55.65 44.21
CA MET I 37 91.99 -56.02 42.82
C MET I 37 93.19 -56.93 42.58
N ARG I 38 94.27 -56.75 43.34
CA ARG I 38 95.42 -57.66 43.23
C ARG I 38 95.17 -59.02 43.87
N SER I 39 94.05 -59.19 44.60
CA SER I 39 93.70 -60.50 45.12
C SER I 39 93.07 -61.40 44.06
N LEU I 40 92.71 -60.86 42.90
CA LEU I 40 92.04 -61.60 41.84
C LEU I 40 92.86 -61.68 40.57
N GLY I 41 94.14 -61.31 40.61
CA GLY I 41 94.97 -61.45 39.43
C GLY I 41 95.18 -60.16 38.66
N GLN I 42 94.20 -59.26 38.73
CA GLN I 42 94.28 -58.00 37.99
C GLN I 42 95.24 -57.07 38.71
N ASN I 43 96.30 -56.61 38.02
CA ASN I 43 97.35 -55.82 38.65
C ASN I 43 97.51 -54.46 37.96
N PRO I 44 96.65 -53.50 38.25
CA PRO I 44 96.78 -52.19 37.62
C PRO I 44 97.82 -51.34 38.35
N THR I 45 98.44 -50.42 37.60
CA THR I 45 99.30 -49.46 38.27
C THR I 45 98.41 -48.36 38.82
N GLU I 46 98.99 -47.45 39.59
CA GLU I 46 98.20 -46.59 40.47
C GLU I 46 97.50 -45.45 39.72
N ALA I 47 97.76 -45.30 38.42
CA ALA I 47 96.99 -44.36 37.62
C ALA I 47 95.61 -44.90 37.31
N GLU I 48 95.49 -46.22 37.22
CA GLU I 48 94.20 -46.83 36.92
C GLU I 48 93.25 -46.69 38.09
N LEU I 49 93.82 -46.70 39.30
CA LEU I 49 93.01 -46.44 40.48
C LEU I 49 92.75 -44.96 40.64
N GLN I 50 93.78 -44.16 40.33
CA GLN I 50 93.78 -42.68 40.54
C GLN I 50 92.61 -41.98 39.85
N ASP I 51 92.10 -42.51 38.73
CA ASP I 51 91.03 -41.80 38.03
C ASP I 51 89.65 -42.25 38.49
N MET I 52 89.53 -43.45 39.06
CA MET I 52 88.23 -44.04 39.33
C MET I 52 87.58 -43.45 40.59
N ILE I 53 88.40 -43.09 41.59
CA ILE I 53 87.87 -42.41 42.77
C ILE I 53 87.51 -40.95 42.46
N ASN I 54 88.33 -40.35 41.59
CA ASN I 54 88.03 -38.98 41.09
C ASN I 54 86.75 -39.12 40.25
N GLU I 55 86.58 -40.29 39.62
CA GLU I 55 85.37 -40.62 38.84
C GLU I 55 84.21 -40.70 39.84
N VAL I 56 84.31 -41.60 40.83
CA VAL I 56 83.24 -41.66 41.85
C VAL I 56 83.47 -40.57 42.91
N ASN I 61 85.71 -38.65 48.52
CA ASN I 61 85.04 -38.84 49.81
C ASN I 61 85.74 -39.87 50.70
N GLY I 62 86.41 -40.86 50.10
CA GLY I 62 87.11 -41.88 50.84
C GLY I 62 86.31 -43.11 51.19
N THR I 63 85.03 -43.16 50.82
CA THR I 63 84.15 -44.28 51.09
C THR I 63 83.73 -44.90 49.77
N ILE I 64 84.26 -46.07 49.46
CA ILE I 64 83.97 -46.76 48.21
C ILE I 64 82.98 -47.86 48.54
N ASP I 65 81.72 -47.64 48.16
CA ASP I 65 80.65 -48.56 48.50
C ASP I 65 80.53 -49.62 47.39
N PHE I 66 79.71 -50.64 47.64
CA PHE I 66 79.66 -51.78 46.71
C PHE I 66 79.04 -51.47 45.35
N PRO I 67 77.98 -50.64 45.22
CA PRO I 67 77.61 -50.22 43.85
C PRO I 67 78.64 -49.35 43.15
N ALA I 68 79.47 -48.61 43.89
CA ALA I 68 80.54 -47.85 43.25
C ALA I 68 81.66 -48.78 42.78
N PHE I 69 81.92 -49.84 43.53
CA PHE I 69 82.97 -50.78 43.15
C PHE I 69 82.50 -51.67 42.01
N LEU I 70 81.19 -51.95 41.95
CA LEU I 70 80.66 -52.81 40.89
C LEU I 70 80.64 -52.08 39.56
N THR I 71 80.42 -50.76 39.58
CA THR I 71 80.41 -49.99 38.35
C THR I 71 81.82 -49.78 37.80
N MET I 72 82.82 -49.77 38.68
CA MET I 72 84.19 -49.57 38.24
C MET I 72 84.78 -50.83 37.64
N MET I 73 84.38 -52.02 38.13
CA MET I 73 84.82 -53.26 37.47
C MET I 73 84.07 -53.49 36.17
N ALA I 74 82.84 -52.97 36.06
CA ALA I 74 82.07 -53.17 34.85
C ALA I 74 82.66 -52.35 33.70
N ARG I 75 83.14 -51.15 34.01
CA ARG I 75 83.84 -50.36 32.99
C ARG I 75 85.24 -50.89 32.74
N LYS I 76 85.83 -51.56 33.73
CA LYS I 76 87.17 -52.13 33.57
C LYS I 76 87.12 -53.41 32.75
N MET I 77 85.98 -54.08 32.71
CA MET I 77 85.85 -55.29 31.91
C MET I 77 85.24 -55.03 30.55
N LYS I 78 84.38 -54.03 30.40
CA LYS I 78 83.67 -53.85 29.14
C LYS I 78 84.56 -53.26 28.05
N ASP I 79 85.60 -52.50 28.40
CA ASP I 79 86.40 -51.82 27.39
C ASP I 79 87.29 -52.81 26.63
N THR I 80 87.78 -53.84 27.33
CA THR I 80 88.55 -54.87 26.64
C THR I 80 87.63 -55.84 25.91
N ASP I 81 86.42 -56.05 26.42
CA ASP I 81 85.47 -56.92 25.75
C ASP I 81 84.85 -56.25 24.54
N SER I 82 84.68 -54.93 24.57
CA SER I 82 84.18 -54.22 23.39
C SER I 82 85.26 -54.06 22.33
N GLU I 83 86.52 -54.22 22.71
CA GLU I 83 87.59 -54.20 21.71
C GLU I 83 87.80 -55.58 21.09
N GLU I 84 87.37 -56.62 21.78
CA GLU I 84 87.59 -58.00 21.35
C GLU I 84 86.30 -58.74 20.97
N GLU I 85 85.14 -58.07 21.03
CA GLU I 85 83.88 -58.69 20.64
C GLU I 85 83.81 -58.97 19.14
N ILE I 86 84.59 -58.25 18.34
CA ILE I 86 84.31 -58.13 16.91
C ILE I 86 85.14 -59.12 16.10
N ARG I 87 86.17 -59.72 16.71
CA ARG I 87 86.98 -60.74 16.06
C ARG I 87 86.28 -62.10 16.11
N GLU I 88 85.68 -62.44 17.25
CA GLU I 88 84.93 -63.68 17.36
C GLU I 88 83.59 -63.53 16.64
N ALA I 89 83.15 -62.28 16.46
CA ALA I 89 82.02 -62.00 15.59
C ALA I 89 82.39 -62.16 14.11
N PHE I 90 83.68 -62.09 13.79
CA PHE I 90 84.20 -62.30 12.45
C PHE I 90 84.50 -63.76 12.14
N ARG I 91 84.38 -64.66 13.12
CA ARG I 91 84.92 -66.01 12.94
C ARG I 91 83.98 -66.90 12.13
N VAL I 92 82.68 -66.64 12.18
CA VAL I 92 81.75 -67.48 11.43
C VAL I 92 81.71 -67.06 9.97
N PHE I 93 82.28 -65.89 9.65
CA PHE I 93 82.35 -65.41 8.26
C PHE I 93 83.33 -66.20 7.42
N ASP I 94 84.48 -66.57 7.98
CA ASP I 94 85.50 -67.30 7.24
C ASP I 94 85.66 -68.72 7.80
N LYS I 95 85.97 -69.67 6.92
CA LYS I 95 86.01 -71.07 7.33
C LYS I 95 87.32 -71.43 8.04
N ASP I 96 88.43 -70.77 7.70
CA ASP I 96 89.69 -71.17 8.29
C ASP I 96 89.97 -70.42 9.59
N GLY I 97 89.76 -69.11 9.60
CA GLY I 97 89.96 -68.33 10.81
C GLY I 97 91.09 -67.31 10.77
N ASN I 98 91.80 -67.18 9.64
CA ASN I 98 92.88 -66.20 9.59
C ASN I 98 92.35 -64.80 9.29
N GLY I 99 91.19 -64.69 8.64
CA GLY I 99 90.58 -63.39 8.42
C GLY I 99 90.18 -63.14 6.99
N TYR I 100 90.23 -64.19 6.18
CA TYR I 100 90.03 -64.10 4.74
C TYR I 100 88.72 -64.79 4.38
N ILE I 101 87.72 -63.99 3.99
CA ILE I 101 86.38 -64.50 3.70
C ILE I 101 86.00 -64.14 2.27
N SER I 102 85.27 -65.07 1.63
CA SER I 102 84.88 -64.90 0.24
C SER I 102 83.75 -63.88 0.11
N ALA I 103 83.73 -63.20 -1.05
CA ALA I 103 82.66 -62.24 -1.30
C ALA I 103 81.37 -62.92 -1.70
N ALA I 104 81.46 -64.12 -2.29
CA ALA I 104 80.26 -64.86 -2.64
C ALA I 104 79.65 -65.55 -1.43
N ALA I 105 80.45 -65.80 -0.39
CA ALA I 105 79.94 -66.41 0.82
C ALA I 105 79.16 -65.43 1.68
N LEU I 106 79.39 -64.12 1.51
CA LEU I 106 78.91 -63.13 2.47
C LEU I 106 77.50 -62.61 2.15
N ARG I 107 76.86 -62.98 1.03
CA ARG I 107 75.53 -62.44 0.76
C ARG I 107 74.36 -63.36 1.13
N HIS I 108 74.61 -64.56 1.62
CA HIS I 108 73.50 -65.37 2.14
C HIS I 108 73.57 -65.53 3.66
N VAL I 109 74.77 -65.47 4.23
CA VAL I 109 74.96 -65.54 5.67
C VAL I 109 74.80 -64.20 6.38
N MET I 110 74.92 -63.07 5.66
CA MET I 110 74.73 -61.76 6.30
C MET I 110 73.32 -61.22 6.07
N THR I 111 72.57 -61.76 5.10
CA THR I 111 71.17 -61.37 4.97
C THR I 111 70.25 -62.18 5.86
N ASN I 112 70.77 -63.13 6.64
CA ASN I 112 69.94 -64.10 7.35
C ASN I 112 70.23 -64.10 8.85
N LEU I 113 70.75 -63.02 9.40
CA LEU I 113 71.27 -63.01 10.76
C LEU I 113 70.24 -62.60 11.82
N GLY I 114 69.07 -62.13 11.43
CA GLY I 114 68.01 -61.86 12.39
C GLY I 114 67.82 -60.42 12.82
N GLU I 115 68.50 -59.47 12.19
CA GLU I 115 68.23 -58.05 12.41
C GLU I 115 67.37 -57.44 11.30
N LYS I 116 66.65 -58.31 10.57
CA LYS I 116 65.76 -57.93 9.45
C LYS I 116 66.49 -57.15 8.37
N LEU I 117 67.70 -57.60 8.03
CA LEU I 117 68.50 -56.96 6.99
C LEU I 117 68.02 -57.49 5.64
N THR I 118 67.68 -56.57 4.73
CA THR I 118 67.18 -56.98 3.43
C THR I 118 68.36 -57.25 2.50
N ASP I 119 68.08 -57.46 1.22
CA ASP I 119 69.15 -57.57 0.24
C ASP I 119 69.77 -56.22 -0.08
N GLU I 120 69.10 -55.12 0.29
CA GLU I 120 69.57 -53.79 -0.10
C GLU I 120 70.62 -53.24 0.86
N GLU I 121 70.55 -53.61 2.14
CA GLU I 121 71.46 -53.02 3.13
C GLU I 121 72.86 -53.62 3.05
N VAL I 122 72.94 -54.94 2.84
CA VAL I 122 74.25 -55.57 2.62
C VAL I 122 74.80 -55.26 1.23
N ASP I 123 73.95 -54.83 0.30
CA ASP I 123 74.47 -54.39 -0.98
C ASP I 123 75.09 -53.00 -0.85
N GLU I 124 74.52 -52.15 0.00
CA GLU I 124 75.16 -50.88 0.35
C GLU I 124 76.39 -51.10 1.22
N MET I 125 76.41 -52.20 1.97
CA MET I 125 77.44 -52.40 2.99
C MET I 125 78.78 -52.77 2.35
N ILE I 126 78.75 -53.59 1.30
CA ILE I 126 80.00 -54.15 0.77
C ILE I 126 80.58 -53.30 -0.36
N ARG I 127 79.77 -52.46 -1.00
CA ARG I 127 80.27 -51.56 -2.04
C ARG I 127 80.50 -50.13 -1.55
N GLU I 128 80.38 -49.89 -0.24
CA GLU I 128 81.03 -48.76 0.41
C GLU I 128 82.30 -49.15 1.14
N ALA I 129 82.82 -50.36 0.92
CA ALA I 129 84.05 -50.79 1.55
C ALA I 129 85.24 -50.06 0.91
N GLY I 135 87.24 -62.45 -4.90
CA GLY I 135 88.13 -61.72 -4.02
C GLY I 135 87.86 -61.95 -2.55
N GLN I 136 88.80 -61.57 -1.69
CA GLN I 136 88.65 -61.72 -0.26
C GLN I 136 89.34 -60.57 0.45
N VAL I 137 88.70 -60.08 1.52
CA VAL I 137 89.11 -58.88 2.23
C VAL I 137 89.64 -59.30 3.60
N ASN I 138 90.59 -58.53 4.14
CA ASN I 138 91.25 -58.90 5.37
C ASN I 138 90.34 -58.64 6.58
N TYR I 139 90.81 -59.05 7.75
CA TYR I 139 90.04 -58.90 8.98
C TYR I 139 90.10 -57.49 9.55
N GLU I 140 91.23 -56.78 9.41
CA GLU I 140 91.34 -55.48 10.07
C GLU I 140 90.60 -54.41 9.28
N ALA I 141 90.32 -54.67 8.00
CA ALA I 141 89.52 -53.75 7.20
C ALA I 141 88.03 -53.85 7.58
N PHE I 142 87.62 -55.00 8.14
CA PHE I 142 86.20 -55.20 8.43
C PHE I 142 85.80 -54.45 9.70
N VAL I 143 86.74 -54.27 10.62
CA VAL I 143 86.54 -53.33 11.71
C VAL I 143 86.59 -51.90 11.21
N GLN I 144 87.42 -51.64 10.19
CA GLN I 144 87.52 -50.29 9.64
C GLN I 144 86.25 -49.90 8.91
N MET I 145 85.56 -50.88 8.35
CA MET I 145 84.31 -50.68 7.63
C MET I 145 83.07 -50.91 8.48
N MET I 146 83.20 -51.42 9.71
CA MET I 146 82.02 -51.55 10.57
C MET I 146 81.85 -50.36 11.50
N THR I 147 82.91 -49.98 12.22
CA THR I 147 82.80 -48.88 13.16
C THR I 147 82.69 -47.53 12.44
N ALA I 148 83.35 -47.43 11.28
CA ALA I 148 83.34 -46.27 10.38
C ALA I 148 83.71 -44.96 11.07
N GLN J 12 -26.64 24.64 4.34
CA GLN J 12 -26.57 25.38 3.09
C GLN J 12 -27.93 25.95 2.70
N PHE J 13 -28.97 25.13 2.82
CA PHE J 13 -30.32 25.54 2.51
C PHE J 13 -31.22 25.17 3.67
N LEU J 14 -32.14 26.06 4.02
CA LEU J 14 -33.03 25.78 5.13
C LEU J 14 -34.11 24.77 4.74
N ARG J 15 -34.66 24.13 5.76
CA ARG J 15 -35.63 23.06 5.64
C ARG J 15 -36.80 23.38 6.57
N THR J 16 -37.76 22.46 6.61
CA THR J 16 -38.78 22.47 7.64
C THR J 16 -38.21 21.72 8.86
N ASP J 17 -38.63 22.16 10.06
CA ASP J 17 -38.19 21.64 11.36
C ASP J 17 -36.69 21.88 11.59
N ASP J 18 -36.30 23.17 11.51
CA ASP J 18 -35.01 23.63 12.03
C ASP J 18 -35.23 24.87 12.90
N GLU J 19 -34.55 24.90 14.04
CA GLU J 19 -34.66 26.02 14.98
C GLU J 19 -33.78 27.18 14.51
N VAL J 20 -34.37 28.36 14.35
CA VAL J 20 -33.67 29.54 13.86
C VAL J 20 -33.72 30.63 14.93
N VAL J 21 -32.88 31.65 14.76
CA VAL J 21 -32.89 32.85 15.59
C VAL J 21 -32.95 34.10 14.71
N LEU J 22 -34.03 34.87 14.85
CA LEU J 22 -34.25 36.07 14.07
C LEU J 22 -33.43 37.21 14.66
N GLN J 23 -32.48 37.73 13.88
CA GLN J 23 -31.61 38.79 14.36
C GLN J 23 -31.38 39.81 13.26
N CYS J 24 -31.12 41.05 13.68
CA CYS J 24 -30.97 42.20 12.81
C CYS J 24 -29.55 42.76 12.97
N SER J 25 -29.29 43.88 12.30
CA SER J 25 -28.03 44.59 12.42
C SER J 25 -28.30 46.07 12.66
N ALA J 26 -27.53 46.67 13.57
CA ALA J 26 -27.68 48.08 13.88
C ALA J 26 -26.33 48.68 14.24
N GLU J 31 -21.13 51.35 16.18
CA GLU J 31 -20.68 50.03 15.78
C GLU J 31 -21.87 49.11 15.51
N GLN J 32 -21.64 48.09 14.69
CA GLN J 32 -22.71 47.16 14.31
C GLN J 32 -23.01 46.20 15.45
N LEU J 33 -24.29 46.06 15.80
CA LEU J 33 -24.69 45.24 16.92
C LEU J 33 -25.91 44.42 16.53
N LYS J 34 -25.84 43.11 16.82
CA LYS J 34 -26.89 42.18 16.45
C LYS J 34 -27.93 42.11 17.56
N LEU J 35 -29.20 42.13 17.18
CA LEU J 35 -30.31 42.06 18.14
C LEU J 35 -31.16 40.84 17.83
N CYS J 36 -30.91 39.75 18.55
CA CYS J 36 -31.71 38.54 18.40
C CYS J 36 -33.09 38.74 19.02
N LEU J 37 -34.12 38.34 18.27
CA LEU J 37 -35.51 38.52 18.67
C LEU J 37 -35.92 37.39 19.61
N ALA J 38 -35.96 37.68 20.91
CA ALA J 38 -36.27 36.69 21.93
C ALA J 38 -37.58 37.04 22.63
N ALA J 39 -38.31 36.01 23.02
CA ALA J 39 -39.65 36.16 23.59
C ALA J 39 -39.74 35.40 24.90
N GLU J 40 -40.20 36.08 25.95
CA GLU J 40 -40.19 35.50 27.27
C GLU J 40 -41.25 34.41 27.44
N GLY J 41 -42.51 34.76 27.25
CA GLY J 41 -43.58 33.79 27.38
C GLY J 41 -44.03 33.60 28.81
N PHE J 42 -45.32 33.27 28.99
CA PHE J 42 -46.00 33.19 30.29
C PHE J 42 -45.80 34.50 31.07
N GLY J 43 -46.07 35.60 30.38
CA GLY J 43 -45.81 36.93 30.91
C GLY J 43 -45.02 37.78 29.95
N ASN J 44 -45.50 39.00 29.69
CA ASN J 44 -44.89 40.00 28.81
C ASN J 44 -44.70 39.44 27.40
N ARG J 45 -45.84 39.13 26.79
CA ARG J 45 -45.86 38.44 25.50
C ARG J 45 -45.32 39.28 24.35
N LEU J 46 -45.33 40.61 24.48
CA LEU J 46 -44.72 41.47 23.47
C LEU J 46 -43.21 41.28 23.47
N CYS J 47 -42.64 41.11 22.28
CA CYS J 47 -41.25 40.71 22.15
C CYS J 47 -40.31 41.88 22.40
N PHE J 48 -39.07 41.54 22.71
CA PHE J 48 -38.00 42.51 22.97
C PHE J 48 -36.78 42.06 22.19
N LEU J 49 -35.67 42.77 22.37
CA LEU J 49 -34.42 42.44 21.69
C LEU J 49 -33.30 42.35 22.71
N GLU J 50 -32.22 41.65 22.33
CA GLU J 50 -31.12 41.36 23.22
C GLU J 50 -29.81 41.79 22.61
N PRO J 51 -28.93 42.45 23.39
CA PRO J 51 -27.57 42.69 22.90
C PRO J 51 -26.74 41.41 22.98
N THR J 52 -26.11 41.04 21.87
CA THR J 52 -25.37 39.79 21.80
C THR J 52 -23.99 39.91 21.17
N SER J 53 -23.59 41.10 20.69
CA SER J 53 -22.21 41.28 20.29
C SER J 53 -21.27 41.43 21.47
N ASN J 54 -21.81 41.72 22.65
CA ASN J 54 -21.05 41.84 23.89
C ASN J 54 -21.04 40.55 24.71
N ALA J 55 -20.93 39.40 24.04
CA ALA J 55 -20.79 38.12 24.74
C ALA J 55 -19.43 37.97 25.41
N GLN J 56 -18.45 38.81 25.06
CA GLN J 56 -17.15 38.77 25.70
C GLN J 56 -17.18 39.26 27.14
N ASN J 57 -18.19 40.04 27.52
CA ASN J 57 -18.32 40.52 28.89
C ASN J 57 -19.61 40.07 29.58
N VAL J 58 -20.70 39.90 28.84
CA VAL J 58 -21.93 39.38 29.45
C VAL J 58 -22.61 38.36 28.54
N PRO J 59 -22.93 37.17 29.04
CA PRO J 59 -23.59 36.15 28.20
C PRO J 59 -25.07 36.43 28.03
N PRO J 60 -25.61 36.26 26.82
CA PRO J 60 -27.04 36.49 26.59
C PRO J 60 -27.84 35.23 26.91
N ASP J 61 -29.16 35.35 26.78
CA ASP J 61 -30.10 34.25 27.04
C ASP J 61 -30.72 33.86 25.70
N LEU J 62 -30.25 32.78 25.11
CA LEU J 62 -30.78 32.27 23.85
C LEU J 62 -31.80 31.16 24.04
N ALA J 63 -32.13 30.81 25.28
CA ALA J 63 -33.16 29.81 25.53
C ALA J 63 -34.55 30.32 25.19
N ILE J 64 -34.73 31.64 25.18
CA ILE J 64 -36.00 32.26 24.81
C ILE J 64 -35.98 32.80 23.39
N CYS J 65 -35.01 32.39 22.58
CA CYS J 65 -34.86 32.85 21.21
C CYS J 65 -35.02 31.73 20.19
N CYS J 66 -35.16 30.48 20.63
CA CYS J 66 -35.28 29.37 19.70
C CYS J 66 -36.67 29.36 19.06
N PHE J 67 -36.72 29.60 17.76
CA PHE J 67 -37.95 29.59 16.99
C PHE J 67 -37.86 28.50 15.93
N THR J 68 -38.84 27.59 15.94
CA THR J 68 -38.88 26.47 15.01
C THR J 68 -39.89 26.73 13.90
N LEU J 69 -39.54 26.31 12.69
CA LEU J 69 -40.41 26.48 11.52
C LEU J 69 -41.22 25.19 11.35
N GLU J 70 -42.49 25.23 11.76
CA GLU J 70 -43.26 23.99 11.81
C GLU J 70 -43.84 23.61 10.45
N GLN J 71 -44.39 24.58 9.71
CA GLN J 71 -45.01 24.33 8.42
C GLN J 71 -44.68 25.46 7.47
N SER J 72 -44.53 25.13 6.19
CA SER J 72 -44.21 26.11 5.15
C SER J 72 -45.14 25.90 3.97
N LEU J 73 -45.99 26.88 3.69
CA LEU J 73 -46.93 26.82 2.57
C LEU J 73 -46.75 28.04 1.67
N SER J 74 -47.54 28.07 0.59
CA SER J 74 -47.54 29.18 -0.35
C SER J 74 -48.66 30.16 -0.01
N VAL J 75 -48.89 31.12 -0.92
CA VAL J 75 -49.82 32.21 -0.65
C VAL J 75 -51.27 31.75 -0.87
N ARG J 76 -51.54 31.10 -2.00
CA ARG J 76 -52.88 30.58 -2.21
C ARG J 76 -53.06 29.22 -1.54
N ALA J 77 -51.97 28.61 -1.06
CA ALA J 77 -52.09 27.39 -0.28
C ALA J 77 -52.61 27.67 1.13
N LEU J 78 -52.26 28.83 1.69
CA LEU J 78 -52.82 29.19 2.99
C LEU J 78 -54.24 29.70 2.82
N GLN J 79 -54.57 30.24 1.63
CA GLN J 79 -55.86 30.88 1.40
C GLN J 79 -57.00 29.88 1.50
N GLU J 80 -56.81 28.67 0.99
CA GLU J 80 -57.89 27.69 1.09
C GLU J 80 -57.90 26.99 2.44
N MET J 81 -56.79 27.04 3.19
CA MET J 81 -56.83 26.43 4.52
C MET J 81 -57.57 27.33 5.51
N LEU J 82 -57.41 28.66 5.40
CA LEU J 82 -58.22 29.55 6.22
C LEU J 82 -59.66 29.59 5.71
N ALA J 83 -59.87 29.29 4.43
CA ALA J 83 -61.22 29.15 3.92
C ALA J 83 -61.88 27.86 4.41
N ASN J 84 -61.09 26.84 4.72
CA ASN J 84 -61.61 25.59 5.23
C ASN J 84 -61.96 25.72 6.71
N GLY J 97 -42.27 15.22 5.16
CA GLY J 97 -41.75 15.61 6.46
C GLY J 97 -41.01 16.94 6.45
N HIS J 98 -39.80 16.94 5.90
CA HIS J 98 -38.99 18.14 5.80
C HIS J 98 -39.07 18.68 4.38
N ARG J 99 -39.74 19.81 4.22
CA ARG J 99 -39.94 20.46 2.93
C ARG J 99 -39.09 21.72 2.86
N THR J 100 -38.26 21.83 1.83
CA THR J 100 -37.40 22.99 1.66
C THR J 100 -38.21 24.20 1.20
N LEU J 101 -38.14 25.27 1.97
CA LEU J 101 -38.91 26.47 1.69
C LEU J 101 -38.23 27.32 0.62
N LEU J 102 -39.06 28.01 -0.17
CA LEU J 102 -38.61 28.87 -1.26
C LEU J 102 -39.00 30.31 -0.97
N TYR J 103 -38.49 31.22 -1.80
CA TYR J 103 -38.85 32.63 -1.67
C TYR J 103 -40.26 32.89 -2.16
N GLY J 104 -40.93 33.83 -1.49
CA GLY J 104 -42.33 34.11 -1.75
C GLY J 104 -43.30 33.25 -0.97
N HIS J 105 -42.81 32.23 -0.26
CA HIS J 105 -43.65 31.32 0.49
C HIS J 105 -44.03 31.94 1.83
N ALA J 106 -44.97 31.29 2.52
CA ALA J 106 -45.32 31.64 3.88
C ALA J 106 -44.58 30.73 4.86
N ILE J 107 -44.45 31.20 6.11
CA ILE J 107 -43.84 30.41 7.16
C ILE J 107 -44.50 30.75 8.49
N LEU J 108 -44.60 29.74 9.36
CA LEU J 108 -45.21 29.85 10.68
C LEU J 108 -44.14 29.55 11.71
N LEU J 109 -43.59 30.62 12.30
CA LEU J 109 -42.58 30.48 13.35
C LEU J 109 -43.27 30.19 14.67
N ARG J 110 -42.78 29.16 15.37
CA ARG J 110 -43.35 28.78 16.67
C ARG J 110 -42.22 28.66 17.70
N HIS J 111 -42.47 29.18 18.89
CA HIS J 111 -41.48 29.22 19.96
C HIS J 111 -41.21 27.82 20.51
N ALA J 112 -40.03 27.65 21.12
CA ALA J 112 -39.56 26.37 21.60
C ALA J 112 -39.75 26.16 23.09
N HIS J 113 -39.61 27.21 23.90
CA HIS J 113 -39.93 27.11 25.32
C HIS J 113 -41.43 27.13 25.56
N SER J 114 -42.10 28.15 25.01
CA SER J 114 -43.51 28.41 25.29
C SER J 114 -44.48 27.78 24.30
N ARG J 115 -43.98 27.18 23.22
CA ARG J 115 -44.77 26.33 22.30
C ARG J 115 -45.97 27.04 21.67
N MET J 116 -45.82 28.33 21.40
CA MET J 116 -46.89 29.10 20.79
C MET J 116 -46.34 29.92 19.63
N TYR J 117 -47.24 30.61 18.94
CA TYR J 117 -46.95 31.17 17.64
C TYR J 117 -46.59 32.65 17.77
N LEU J 118 -45.74 33.14 16.87
CA LEU J 118 -45.42 34.56 16.81
C LEU J 118 -46.32 35.22 15.77
N SER J 119 -47.28 36.02 16.23
CA SER J 119 -48.24 36.67 15.35
C SER J 119 -48.15 38.19 15.51
N CYS J 120 -49.10 38.89 14.88
CA CYS J 120 -49.19 40.34 14.97
C CYS J 120 -50.57 40.71 15.52
N LEU J 121 -50.62 41.13 16.79
CA LEU J 121 -51.91 41.44 17.41
C LEU J 121 -52.43 42.80 16.96
N THR J 122 -53.68 43.06 17.30
CA THR J 122 -54.40 44.23 16.82
C THR J 122 -54.05 45.51 17.58
N THR J 123 -53.40 45.40 18.74
CA THR J 123 -53.16 46.57 19.58
C THR J 123 -52.03 47.42 19.00
N SER J 124 -51.84 48.59 19.61
CA SER J 124 -50.79 49.53 19.20
C SER J 124 -50.23 50.18 20.45
N ARG J 125 -48.95 49.92 20.74
CA ARG J 125 -48.30 50.48 21.92
C ARG J 125 -47.33 51.60 21.59
N SER J 126 -47.36 52.10 20.36
CA SER J 126 -46.44 53.18 19.97
C SER J 126 -46.93 54.52 20.49
N MET J 127 -48.26 54.71 20.55
CA MET J 127 -48.95 55.90 21.06
C MET J 127 -48.53 57.18 20.36
N THR J 128 -48.23 57.11 19.06
CA THR J 128 -47.83 58.29 18.30
C THR J 128 -48.49 58.34 16.93
N ASP J 129 -49.50 57.48 16.67
CA ASP J 129 -50.23 57.39 15.41
C ASP J 129 -49.30 57.14 14.22
N LYS J 130 -48.26 56.34 14.45
CA LYS J 130 -47.31 55.97 13.40
C LYS J 130 -47.79 54.78 12.60
N LEU J 131 -49.00 54.28 12.90
CA LEU J 131 -49.65 53.16 12.23
C LEU J 131 -48.77 51.90 12.30
N ALA J 132 -48.41 51.53 13.52
CA ALA J 132 -47.56 50.37 13.77
C ALA J 132 -48.23 49.46 14.79
N PHE J 133 -48.47 48.21 14.41
CA PHE J 133 -49.01 47.20 15.29
C PHE J 133 -47.86 46.46 15.95
N ASP J 134 -47.98 46.20 17.25
CA ASP J 134 -46.94 45.45 17.95
C ASP J 134 -47.12 43.94 17.72
N VAL J 135 -46.00 43.23 17.70
CA VAL J 135 -45.97 41.81 17.35
C VAL J 135 -45.68 41.03 18.62
N GLY J 136 -46.48 39.99 18.86
CA GLY J 136 -46.38 39.22 20.08
C GLY J 136 -47.01 37.86 19.90
N LEU J 137 -46.99 37.08 20.97
CA LEU J 137 -47.30 35.66 20.91
C LEU J 137 -48.79 35.39 21.12
N GLN J 138 -49.26 34.29 20.54
CA GLN J 138 -50.65 33.89 20.58
C GLN J 138 -50.74 32.39 20.83
N GLU J 139 -51.78 31.98 21.56
CA GLU J 139 -52.02 30.54 21.76
C GLU J 139 -52.96 29.95 20.73
N ASP J 140 -53.91 30.74 20.22
CA ASP J 140 -54.88 30.23 19.26
C ASP J 140 -54.22 29.97 17.92
N ALA J 141 -54.69 28.94 17.23
CA ALA J 141 -54.07 28.46 16.01
C ALA J 141 -54.72 29.02 14.76
N THR J 142 -55.37 30.18 14.86
CA THR J 142 -55.94 30.83 13.68
C THR J 142 -54.81 31.41 12.81
N GLY J 143 -54.83 31.07 11.53
CA GLY J 143 -53.75 31.44 10.63
C GLY J 143 -53.95 32.76 9.91
N GLU J 144 -54.76 33.65 10.46
CA GLU J 144 -54.92 34.97 9.85
C GLU J 144 -53.69 35.83 10.08
N ALA J 145 -53.15 35.81 11.29
CA ALA J 145 -52.04 36.68 11.66
C ALA J 145 -50.79 35.93 12.10
N CYS J 146 -50.84 34.60 12.15
CA CYS J 146 -49.70 33.81 12.61
C CYS J 146 -48.73 33.48 11.49
N TRP J 147 -49.07 33.79 10.25
CA TRP J 147 -48.27 33.43 9.09
C TRP J 147 -47.44 34.63 8.65
N TRP J 148 -46.26 34.35 8.09
CA TRP J 148 -45.34 35.39 7.63
C TRP J 148 -44.77 35.01 6.27
N THR J 149 -44.80 35.96 5.34
CA THR J 149 -44.36 35.74 3.97
C THR J 149 -43.03 36.45 3.75
N MET J 150 -42.12 35.78 3.05
CA MET J 150 -40.77 36.26 2.84
C MET J 150 -40.65 37.01 1.52
N HIS J 151 -39.69 37.92 1.46
CA HIS J 151 -39.36 38.64 0.25
C HIS J 151 -37.86 38.86 0.18
N PRO J 152 -37.27 38.78 -1.01
CA PRO J 152 -35.83 38.97 -1.14
C PRO J 152 -35.43 40.43 -0.94
N ALA J 153 -34.19 40.64 -0.53
CA ALA J 153 -33.71 41.99 -0.26
C ALA J 153 -33.30 42.70 -1.55
N SER J 154 -32.56 42.02 -2.42
CA SER J 154 -32.01 42.62 -3.63
C SER J 154 -32.55 41.90 -4.86
N LYS J 155 -32.06 42.33 -6.03
CA LYS J 155 -32.41 41.73 -7.31
C LYS J 155 -31.60 40.49 -7.63
N GLN J 156 -30.68 40.08 -6.74
CA GLN J 156 -29.90 38.87 -6.96
C GLN J 156 -30.76 37.62 -6.87
N ARG J 157 -31.67 37.58 -5.91
CA ARG J 157 -32.61 36.47 -5.80
C ARG J 157 -34.02 36.97 -6.08
N SER J 158 -34.78 36.19 -6.84
CA SER J 158 -36.17 36.49 -7.14
C SER J 158 -37.07 35.38 -6.60
N GLU J 159 -38.36 35.47 -6.91
CA GLU J 159 -39.31 34.49 -6.40
C GLU J 159 -39.14 33.17 -7.14
N GLY J 160 -39.07 32.08 -6.38
CA GLY J 160 -38.85 30.77 -6.94
C GLY J 160 -37.47 30.19 -6.69
N GLU J 161 -36.62 30.87 -5.94
CA GLU J 161 -35.32 30.35 -5.54
C GLU J 161 -35.41 29.80 -4.11
N LYS J 162 -34.36 29.07 -3.71
CA LYS J 162 -34.30 28.55 -2.35
C LYS J 162 -33.45 29.45 -1.47
N VAL J 163 -33.76 29.44 -0.17
CA VAL J 163 -33.07 30.28 0.79
C VAL J 163 -31.76 29.64 1.21
N ARG J 164 -30.78 30.48 1.49
CA ARG J 164 -29.45 30.07 1.95
C ARG J 164 -29.27 30.42 3.41
N VAL J 165 -28.17 29.96 3.98
CA VAL J 165 -27.80 30.42 5.32
C VAL J 165 -27.14 31.80 5.20
N GLY J 166 -27.73 32.77 5.89
CA GLY J 166 -27.16 34.11 5.91
C GLY J 166 -27.60 35.01 4.77
N ASP J 167 -28.87 34.90 4.36
CA ASP J 167 -29.44 35.80 3.37
C ASP J 167 -30.42 36.75 4.05
N ASP J 168 -30.34 38.03 3.70
CA ASP J 168 -31.17 39.04 4.34
C ASP J 168 -32.60 38.96 3.80
N LEU J 169 -33.55 38.70 4.70
CA LEU J 169 -34.93 38.43 4.33
C LEU J 169 -35.87 39.47 4.90
N ILE J 170 -37.06 39.56 4.30
CA ILE J 170 -38.05 40.59 4.59
C ILE J 170 -39.37 39.86 4.89
N LEU J 171 -39.75 39.81 6.17
CA LEU J 171 -40.98 39.11 6.55
C LEU J 171 -42.16 40.08 6.51
N VAL J 172 -43.26 39.65 5.90
CA VAL J 172 -44.46 40.47 5.72
C VAL J 172 -45.65 39.73 6.32
N SER J 173 -46.45 40.44 7.12
CA SER J 173 -47.65 39.87 7.71
C SER J 173 -48.75 39.69 6.66
N VAL J 174 -49.67 38.78 6.94
CA VAL J 174 -50.71 38.44 5.98
C VAL J 174 -51.94 39.32 6.17
N SER J 175 -52.51 39.34 7.36
CA SER J 175 -53.78 40.04 7.57
C SER J 175 -53.58 41.54 7.67
N SER J 176 -52.58 41.98 8.44
CA SER J 176 -52.38 43.40 8.65
C SER J 176 -51.43 44.01 7.62
N GLU J 177 -50.63 43.18 6.95
CA GLU J 177 -49.81 43.55 5.78
C GLU J 177 -48.74 44.60 6.11
N ARG J 178 -48.08 44.46 7.26
CA ARG J 178 -46.96 45.31 7.62
C ARG J 178 -45.70 44.47 7.74
N TYR J 179 -44.56 45.14 7.82
CA TYR J 179 -43.28 44.44 7.80
C TYR J 179 -42.66 44.54 9.19
N LEU J 180 -42.11 43.43 9.68
CA LEU J 180 -41.53 43.41 11.03
C LEU J 180 -40.18 44.12 10.98
N HIS J 181 -40.11 45.31 11.57
CA HIS J 181 -38.94 46.17 11.46
C HIS J 181 -38.49 46.63 12.85
N LEU J 182 -37.34 47.28 12.87
CA LEU J 182 -36.76 47.81 14.10
C LEU J 182 -37.09 49.29 14.21
N SER J 183 -37.72 49.68 15.32
CA SER J 183 -38.14 51.07 15.54
C SER J 183 -37.05 51.81 16.31
N THR J 184 -36.66 52.98 15.79
CA THR J 184 -35.66 53.83 16.41
C THR J 184 -36.26 55.15 16.87
N ALA J 185 -37.57 55.19 17.09
CA ALA J 185 -38.24 56.47 17.34
C ALA J 185 -38.06 56.92 18.79
N SER J 186 -38.54 56.14 19.74
CA SER J 186 -38.58 56.54 21.14
C SER J 186 -37.85 55.53 22.01
N GLY J 187 -36.91 56.01 22.81
CA GLY J 187 -36.21 55.16 23.75
C GLY J 187 -35.23 54.20 23.09
N GLU J 188 -35.19 52.98 23.62
CA GLU J 188 -34.30 51.95 23.11
C GLU J 188 -34.90 51.32 21.85
N LEU J 189 -34.19 50.33 21.32
CA LEU J 189 -34.55 49.70 20.05
C LEU J 189 -35.58 48.59 20.30
N GLN J 190 -36.72 48.69 19.62
CA GLN J 190 -37.81 47.72 19.77
C GLN J 190 -38.33 47.29 18.40
N VAL J 191 -39.14 46.22 18.41
CA VAL J 191 -39.70 45.67 17.19
C VAL J 191 -41.14 46.15 17.03
N ASP J 192 -41.55 46.27 15.77
CA ASP J 192 -42.89 46.72 15.41
C ASP J 192 -43.21 46.14 14.03
N ALA J 193 -44.50 46.01 13.76
CA ALA J 193 -44.98 45.75 12.41
C ALA J 193 -45.46 47.08 11.83
N SER J 194 -44.69 47.61 10.90
CA SER J 194 -45.01 48.89 10.25
C SER J 194 -44.54 48.80 8.81
N PHE J 195 -44.67 49.90 8.08
CA PHE J 195 -44.31 49.88 6.66
C PHE J 195 -42.90 50.40 6.44
N MET J 196 -41.95 49.80 7.16
CA MET J 196 -40.53 50.09 7.00
C MET J 196 -39.84 48.76 6.71
N GLN J 197 -39.02 48.73 5.68
CA GLN J 197 -38.31 47.50 5.32
C GLN J 197 -36.98 47.45 6.04
N THR J 198 -36.81 46.41 6.86
CA THR J 198 -35.57 46.16 7.55
C THR J 198 -35.22 44.69 7.33
N LEU J 199 -33.98 44.44 6.98
CA LEU J 199 -33.55 43.10 6.61
C LEU J 199 -33.20 42.29 7.86
N TRP J 200 -33.53 41.00 7.84
CA TRP J 200 -33.30 40.11 8.99
C TRP J 200 -32.60 38.85 8.54
N ASN J 201 -31.82 38.26 9.44
CA ASN J 201 -31.07 37.04 9.18
C ASN J 201 -31.78 35.86 9.86
N MET J 202 -31.85 34.73 9.15
CA MET J 202 -32.56 33.58 9.70
C MET J 202 -31.68 32.77 10.65
N ASN J 203 -30.48 32.34 10.18
CA ASN J 203 -29.40 31.75 10.97
C ASN J 203 -29.83 30.53 11.79
N PRO J 204 -29.95 29.35 11.19
CA PRO J 204 -30.47 28.17 11.90
C PRO J 204 -29.59 27.76 13.08
N ILE J 205 -30.17 27.85 14.29
CA ILE J 205 -29.40 27.60 15.50
C ILE J 205 -29.27 26.10 15.80
N CYS J 206 -30.12 25.26 15.22
CA CYS J 206 -30.12 23.82 15.50
C CYS J 206 -30.88 23.11 14.39
N SER J 207 -30.22 22.18 13.70
CA SER J 207 -30.87 21.35 12.71
C SER J 207 -31.37 20.06 13.36
N CYS J 208 -31.79 19.12 12.52
CA CYS J 208 -32.32 17.83 12.98
C CYS J 208 -31.20 17.00 13.58
N CYS J 209 -31.20 16.83 14.90
CA CYS J 209 -30.12 16.19 15.62
C CYS J 209 -30.43 14.72 15.85
N GLU J 210 -29.40 13.88 15.76
CA GLU J 210 -29.56 12.47 16.06
C GLU J 210 -29.66 12.25 17.55
N GLU J 211 -30.56 11.36 17.96
CA GLU J 211 -30.74 11.06 19.36
C GLU J 211 -29.59 10.20 19.88
N GLY J 212 -29.12 10.50 21.08
CA GLY J 212 -27.99 9.80 21.67
C GLY J 212 -26.70 10.59 21.71
N TYR J 213 -26.73 11.87 21.37
CA TYR J 213 -25.55 12.71 21.42
C TYR J 213 -25.95 14.07 21.96
N VAL J 214 -25.03 14.71 22.67
CA VAL J 214 -25.31 16.02 23.29
C VAL J 214 -25.15 17.10 22.23
N THR J 215 -26.04 18.09 22.26
CA THR J 215 -25.84 19.33 21.54
C THR J 215 -25.87 20.49 22.53
N GLY J 216 -25.49 21.67 22.04
CA GLY J 216 -25.52 22.87 22.87
C GLY J 216 -26.94 23.39 23.01
N GLY J 217 -27.27 23.86 24.21
CA GLY J 217 -28.62 24.31 24.51
C GLY J 217 -29.50 23.26 25.14
N HIS J 218 -28.99 22.06 25.37
CA HIS J 218 -29.77 20.97 25.91
C HIS J 218 -29.82 21.04 27.43
N VAL J 219 -30.99 20.77 27.99
CA VAL J 219 -31.19 20.72 29.43
C VAL J 219 -30.88 19.31 29.89
N LEU J 220 -29.91 19.18 30.80
CA LEU J 220 -29.31 17.90 31.11
C LEU J 220 -28.80 17.90 32.55
N ARG J 221 -28.47 16.71 33.03
CA ARG J 221 -27.95 16.51 34.37
C ARG J 221 -26.51 15.98 34.33
N LEU J 222 -25.88 15.94 35.50
CA LEU J 222 -24.46 15.61 35.66
C LEU J 222 -24.29 14.46 36.64
N PHE J 223 -25.00 13.36 36.41
CA PHE J 223 -24.90 12.18 37.27
C PHE J 223 -23.52 11.56 37.22
N HIS J 224 -23.03 11.12 38.37
CA HIS J 224 -21.73 10.45 38.45
C HIS J 224 -21.80 9.19 39.31
N GLU J 229 -24.89 10.26 42.35
CA GLU J 229 -25.25 11.55 42.92
C GLU J 229 -25.29 12.64 41.85
N CYS J 230 -25.97 13.74 42.15
CA CYS J 230 -26.15 14.84 41.22
C CYS J 230 -25.46 16.09 41.72
N LEU J 231 -24.93 16.88 40.79
CA LEU J 231 -24.21 18.11 41.11
C LEU J 231 -25.25 19.22 41.25
N THR J 232 -25.66 19.50 42.48
CA THR J 232 -26.79 20.39 42.76
C THR J 232 -26.41 21.45 43.78
N ILE J 233 -27.37 22.34 44.08
CA ILE J 233 -27.14 23.48 44.96
C ILE J 233 -27.99 23.25 46.21
N SER J 234 -27.88 24.12 47.21
CA SER J 234 -28.77 24.07 48.36
C SER J 234 -30.13 24.68 48.02
N ALA J 235 -31.09 24.46 48.91
CA ALA J 235 -32.45 24.95 48.73
C ALA J 235 -32.62 26.36 49.30
N GLN J 241 -26.94 32.33 49.92
CA GLN J 241 -27.69 32.77 48.75
C GLN J 241 -27.61 31.72 47.64
N ARG J 242 -27.38 30.47 48.05
CA ARG J 242 -27.31 29.30 47.16
C ARG J 242 -26.21 29.43 46.12
N ARG J 243 -25.00 29.78 46.56
CA ARG J 243 -23.88 29.85 45.62
C ARG J 243 -22.98 28.62 45.67
N LEU J 244 -22.87 27.97 46.83
CA LEU J 244 -22.04 26.78 46.94
C LEU J 244 -22.76 25.57 46.37
N VAL J 245 -21.98 24.69 45.73
CA VAL J 245 -22.51 23.57 44.96
C VAL J 245 -22.26 22.28 45.73
N TYR J 246 -23.28 21.44 45.84
CA TYR J 246 -23.20 20.25 46.67
C TYR J 246 -23.47 18.96 45.89
N TYR J 247 -23.57 17.84 46.60
CA TYR J 247 -24.04 16.58 46.06
C TYR J 247 -25.17 16.05 46.93
N GLU J 248 -26.10 15.33 46.30
CA GLU J 248 -27.26 14.80 47.00
C GLU J 248 -27.74 13.54 46.29
N GLY J 249 -28.83 12.98 46.80
CA GLY J 249 -29.34 11.69 46.35
C GLY J 249 -30.40 11.77 45.28
N GLY J 250 -31.25 10.74 45.25
CA GLY J 250 -32.21 10.58 44.17
C GLY J 250 -33.49 11.37 44.32
N ALA J 251 -33.83 11.78 45.54
CA ALA J 251 -35.00 12.63 45.72
C ALA J 251 -34.74 14.04 45.21
N VAL J 252 -33.51 14.52 45.37
CA VAL J 252 -33.12 15.82 44.81
C VAL J 252 -32.96 15.74 43.30
N CYS J 253 -32.59 14.56 42.78
CA CYS J 253 -32.27 14.41 41.36
C CYS J 253 -33.50 14.55 40.48
N THR J 254 -34.67 14.15 40.99
CA THR J 254 -35.91 14.36 40.23
C THR J 254 -36.45 15.76 40.39
N HIS J 255 -35.95 16.55 41.34
CA HIS J 255 -36.37 17.92 41.51
C HIS J 255 -35.71 18.84 40.49
N ALA J 256 -36.05 20.13 40.54
CA ALA J 256 -35.61 21.08 39.54
C ALA J 256 -34.31 21.79 39.87
N ARG J 257 -33.73 21.54 41.05
CA ARG J 257 -32.49 22.23 41.41
C ARG J 257 -31.29 21.59 40.71
N SER J 258 -31.38 20.33 40.34
CA SER J 258 -30.28 19.64 39.67
C SER J 258 -30.54 19.55 38.16
N LEU J 259 -30.65 20.73 37.54
CA LEU J 259 -30.74 20.85 36.09
C LEU J 259 -29.78 21.93 35.64
N TRP J 260 -28.85 21.58 34.74
CA TRP J 260 -27.89 22.52 34.18
C TRP J 260 -28.00 22.52 32.66
N ARG J 261 -27.70 23.67 32.06
CA ARG J 261 -27.83 23.86 30.62
C ARG J 261 -26.53 24.40 30.04
N LEU J 262 -26.10 23.79 28.93
CA LEU J 262 -24.79 24.06 28.33
C LEU J 262 -24.95 25.00 27.14
N GLU J 263 -24.15 26.06 27.10
CA GLU J 263 -24.15 26.99 25.97
C GLU J 263 -22.73 27.11 25.43
N PRO J 264 -22.54 27.08 24.11
CA PRO J 264 -21.21 27.33 23.55
C PRO J 264 -20.87 28.82 23.58
N LEU J 265 -19.60 29.11 23.24
CA LEU J 265 -19.13 30.48 23.22
C LEU J 265 -19.62 31.23 21.99
N ARG J 266 -19.42 30.65 20.81
CA ARG J 266 -19.66 31.37 19.57
C ARG J 266 -21.16 31.32 19.23
N ILE J 267 -21.62 32.33 18.48
CA ILE J 267 -23.05 32.57 18.29
C ILE J 267 -23.67 31.54 17.36
N SER J 268 -23.05 31.30 16.21
CA SER J 268 -23.70 30.53 15.16
C SER J 268 -23.53 29.04 15.37
N TRP J 269 -24.57 28.28 15.00
CA TRP J 269 -24.64 26.82 15.10
C TRP J 269 -24.43 26.36 16.54
N SER J 270 -25.30 26.89 17.43
CA SER J 270 -25.19 26.55 18.84
C SER J 270 -25.69 25.13 19.12
N GLY J 271 -26.69 24.67 18.37
CA GLY J 271 -27.23 23.34 18.51
C GLY J 271 -26.48 22.23 17.81
N SER J 272 -25.22 22.46 17.43
CA SER J 272 -24.41 21.39 16.88
C SER J 272 -23.96 20.45 18.01
N HIS J 273 -23.48 19.28 17.61
CA HIS J 273 -22.98 18.32 18.59
C HIS J 273 -21.64 18.77 19.17
N LEU J 274 -21.54 18.71 20.49
CA LEU J 274 -20.31 19.07 21.18
C LEU J 274 -19.24 18.00 20.98
N ARG J 275 -17.99 18.45 20.93
CA ARG J 275 -16.85 17.56 20.83
C ARG J 275 -15.84 17.89 21.95
N TRP J 276 -14.74 17.15 21.96
CA TRP J 276 -13.71 17.35 22.98
C TRP J 276 -12.81 18.51 22.61
N GLY J 277 -12.32 19.22 23.63
CA GLY J 277 -11.58 20.44 23.40
C GLY J 277 -12.47 21.61 23.04
N GLN J 278 -13.66 21.69 23.64
CA GLN J 278 -14.64 22.71 23.33
C GLN J 278 -14.95 23.53 24.57
N PRO J 279 -14.71 24.84 24.55
CA PRO J 279 -15.11 25.67 25.69
C PRO J 279 -16.59 25.97 25.67
N LEU J 280 -17.20 25.96 26.85
CA LEU J 280 -18.63 26.21 26.99
C LEU J 280 -18.88 26.70 28.41
N ARG J 281 -20.13 27.11 28.65
CA ARG J 281 -20.52 27.64 29.95
C ARG J 281 -21.64 26.80 30.57
N ILE J 282 -21.68 26.81 31.90
CA ILE J 282 -22.66 26.05 32.67
C ILE J 282 -23.68 27.03 33.23
N ARG J 283 -24.96 26.75 33.00
CA ARG J 283 -26.07 27.63 33.37
C ARG J 283 -27.09 26.87 34.19
N HIS J 284 -27.49 27.44 35.31
CA HIS J 284 -28.63 26.93 36.06
C HIS J 284 -29.91 27.60 35.58
N VAL J 285 -30.96 26.79 35.45
CA VAL J 285 -32.18 27.24 34.81
C VAL J 285 -33.18 27.84 35.80
N THR J 286 -32.99 27.65 37.10
CA THR J 286 -33.90 28.20 38.10
C THR J 286 -33.32 29.46 38.75
N THR J 287 -32.08 29.40 39.21
CA THR J 287 -31.47 30.55 39.87
C THR J 287 -30.99 31.59 38.87
N GLY J 288 -30.75 31.21 37.62
CA GLY J 288 -30.26 32.15 36.63
C GLY J 288 -28.81 32.54 36.85
N ARG J 289 -27.98 31.60 37.28
CA ARG J 289 -26.59 31.87 37.65
C ARG J 289 -25.67 31.02 36.79
N TYR J 290 -24.42 31.48 36.65
CA TYR J 290 -23.42 30.82 35.83
C TYR J 290 -22.34 30.22 36.72
N LEU J 291 -22.00 28.96 36.47
CA LEU J 291 -21.00 28.26 37.29
C LEU J 291 -19.60 28.79 36.99
N ALA J 292 -18.94 29.29 38.03
CA ALA J 292 -17.58 29.79 37.91
C ALA J 292 -16.61 28.90 38.69
N LEU J 299 -15.65 26.16 43.62
CA LEU J 299 -16.53 26.31 42.47
C LEU J 299 -17.90 26.81 42.91
N VAL J 300 -18.16 28.09 42.59
CA VAL J 300 -19.41 28.73 42.96
C VAL J 300 -20.13 29.13 41.66
N VAL J 301 -21.43 29.35 41.78
CA VAL J 301 -22.21 29.96 40.70
C VAL J 301 -22.20 31.46 40.90
N VAL J 302 -22.18 32.21 39.79
CA VAL J 302 -22.02 33.65 39.87
C VAL J 302 -23.16 34.30 39.08
N ASP J 303 -23.42 35.58 39.36
CA ASP J 303 -24.47 36.32 38.69
C ASP J 303 -24.15 36.52 37.21
N ALA J 304 -25.18 36.88 36.44
CA ALA J 304 -25.02 36.99 34.99
C ALA J 304 -24.30 38.26 34.58
N CYS J 305 -24.33 39.30 35.42
CA CYS J 305 -23.75 40.58 35.01
C CYS J 305 -22.23 40.58 35.16
N LYS J 306 -21.72 39.91 36.20
CA LYS J 306 -20.29 39.80 36.42
C LYS J 306 -19.68 38.52 35.86
N ALA J 307 -20.49 37.68 35.21
CA ALA J 307 -19.97 36.50 34.55
C ALA J 307 -19.27 36.88 33.25
N HIS J 308 -18.01 36.48 33.11
CA HIS J 308 -17.18 36.85 31.97
C HIS J 308 -16.76 35.59 31.22
N THR J 309 -15.88 35.75 30.24
CA THR J 309 -15.29 34.58 29.59
C THR J 309 -14.17 34.01 30.45
N LYS J 310 -13.41 34.89 31.12
CA LYS J 310 -12.34 34.41 32.00
C LYS J 310 -12.87 33.86 33.32
N ALA J 311 -14.10 34.22 33.71
CA ALA J 311 -14.65 33.73 34.96
C ALA J 311 -15.33 32.37 34.76
N THR J 312 -16.27 32.29 33.82
CA THR J 312 -16.98 31.06 33.53
C THR J 312 -16.71 30.59 32.10
N SER J 313 -15.87 29.57 31.97
CA SER J 313 -15.68 28.83 30.73
C SER J 313 -15.14 27.46 31.10
N PHE J 314 -15.90 26.41 30.80
CA PHE J 314 -15.51 25.05 31.15
C PHE J 314 -15.55 24.18 29.91
N CYS J 315 -14.95 22.99 30.01
CA CYS J 315 -14.86 22.09 28.87
C CYS J 315 -15.07 20.65 29.32
N PHE J 316 -15.26 19.78 28.34
CA PHE J 316 -15.46 18.35 28.56
C PHE J 316 -14.39 17.61 27.77
N ARG J 317 -13.60 16.79 28.47
CA ARG J 317 -12.58 15.94 27.84
C ARG J 317 -12.64 14.56 28.47
N VAL J 318 -12.06 13.58 27.76
CA VAL J 318 -12.10 12.18 28.21
C VAL J 318 -10.99 11.91 29.22
N SER J 319 -9.80 12.44 28.98
CA SER J 319 -8.68 12.27 29.90
C SER J 319 -7.67 13.38 29.67
N LYS J 320 -7.07 13.88 30.76
CA LYS J 320 -6.00 14.88 30.66
C LYS J 320 -4.66 14.19 30.49
N GLU J 321 -4.16 14.20 29.27
CA GLU J 321 -2.76 13.90 28.99
C GLU J 321 -2.00 15.20 28.71
N LYS J 322 -0.69 15.06 28.44
CA LYS J 322 0.16 16.22 28.14
C LYS J 322 0.01 16.61 26.67
N LEU J 323 -1.05 17.38 26.39
CA LEU J 323 -1.35 17.79 25.03
C LEU J 323 -1.73 19.27 24.97
N GLY J 333 -22.16 22.55 8.48
CA GLY J 333 -23.41 22.00 8.93
C GLY J 333 -23.42 21.70 10.42
N MET J 334 -23.92 20.52 10.78
CA MET J 334 -23.96 20.11 12.17
C MET J 334 -22.63 19.52 12.60
N GLY J 335 -22.40 19.50 13.92
CA GLY J 335 -21.16 19.02 14.48
C GLY J 335 -21.01 17.51 14.42
N PRO J 336 -19.77 17.02 14.54
CA PRO J 336 -19.54 15.56 14.55
C PRO J 336 -20.03 14.95 15.86
N PRO J 337 -20.65 13.77 15.80
CA PRO J 337 -21.14 13.14 17.04
C PRO J 337 -20.03 12.52 17.88
N GLU J 338 -19.33 13.35 18.66
CA GLU J 338 -18.22 12.91 19.48
C GLU J 338 -18.62 12.51 20.89
N ILE J 339 -19.47 13.30 21.55
CA ILE J 339 -19.91 13.03 22.91
C ILE J 339 -21.28 12.39 22.86
N LYS J 340 -21.44 11.26 23.56
CA LYS J 340 -22.71 10.55 23.63
C LYS J 340 -23.36 10.80 25.00
N TYR J 341 -24.62 10.37 25.11
CA TYR J 341 -25.39 10.49 26.35
C TYR J 341 -25.13 9.29 27.24
N GLY J 342 -24.27 9.48 28.23
CA GLY J 342 -23.95 8.45 29.20
C GLY J 342 -22.86 7.48 28.81
N GLU J 343 -22.44 7.48 27.54
CA GLU J 343 -21.43 6.56 27.05
C GLU J 343 -20.05 7.21 26.94
N SER J 344 -19.90 8.44 27.43
CA SER J 344 -18.64 9.17 27.37
C SER J 344 -17.87 9.13 28.67
N LEU J 345 -18.57 9.17 29.81
CA LEU J 345 -17.99 9.16 31.16
C LEU J 345 -17.01 10.32 31.37
N CYS J 346 -17.41 11.51 30.93
CA CYS J 346 -16.51 12.66 30.85
C CYS J 346 -16.73 13.67 31.97
N PHE J 347 -15.62 14.26 32.41
CA PHE J 347 -15.52 15.24 33.49
C PHE J 347 -15.68 16.66 32.98
N VAL J 348 -16.09 17.54 33.88
CA VAL J 348 -16.07 18.97 33.64
C VAL J 348 -14.74 19.54 34.09
N GLN J 349 -14.20 20.49 33.32
CA GLN J 349 -12.91 21.10 33.65
C GLN J 349 -12.79 22.46 32.97
N HIS J 350 -12.01 23.34 33.59
CA HIS J 350 -11.85 24.69 33.11
C HIS J 350 -10.84 24.74 31.96
N VAL J 351 -10.97 25.76 31.12
CA VAL J 351 -10.09 25.89 29.96
C VAL J 351 -8.78 26.61 30.29
N ALA J 352 -8.78 27.48 31.29
CA ALA J 352 -7.60 28.24 31.67
C ALA J 352 -7.06 27.85 33.03
N SER J 353 -7.95 27.47 33.96
CA SER J 353 -7.50 27.05 35.29
C SER J 353 -6.84 25.68 35.24
N GLY J 354 -7.47 24.73 34.54
CA GLY J 354 -6.92 23.38 34.40
C GLY J 354 -7.05 22.58 35.68
N LEU J 355 -8.20 22.70 36.33
CA LEU J 355 -8.45 22.11 37.63
C LEU J 355 -9.60 21.10 37.57
N TRP J 356 -9.40 19.95 38.23
CA TRP J 356 -10.39 18.88 38.23
C TRP J 356 -11.48 19.14 39.26
N LEU J 357 -12.72 18.93 38.84
CA LEU J 357 -13.89 19.15 39.71
C LEU J 357 -14.29 17.84 40.38
N THR J 358 -13.87 17.66 41.62
CA THR J 358 -14.12 16.44 42.37
C THR J 358 -14.78 16.77 43.71
N TYR J 359 -14.94 15.76 44.56
CA TYR J 359 -15.59 15.92 45.84
C TYR J 359 -14.61 16.48 46.88
N ALA J 360 -15.08 16.60 48.12
CA ALA J 360 -14.27 17.11 49.21
C ALA J 360 -13.46 16.00 49.87
N LEU J 372 -23.29 13.48 53.80
CA LEU J 372 -23.79 13.16 52.47
C LEU J 372 -23.49 14.34 51.54
N LYS J 373 -23.73 15.54 52.03
CA LYS J 373 -23.62 16.75 51.22
C LYS J 373 -22.14 17.14 51.10
N LYS J 374 -21.50 16.62 50.06
CA LYS J 374 -20.08 16.84 49.80
C LYS J 374 -19.95 18.06 48.88
N LYS J 375 -19.22 19.07 49.37
CA LYS J 375 -19.03 20.29 48.58
C LYS J 375 -18.10 20.01 47.41
N ALA J 376 -18.41 20.63 46.27
CA ALA J 376 -17.63 20.44 45.04
C ALA J 376 -16.55 21.50 44.97
N ILE J 377 -15.32 21.07 44.71
CA ILE J 377 -14.15 21.95 44.71
C ILE J 377 -13.24 21.56 43.56
N LEU J 378 -12.58 22.56 42.99
CA LEU J 378 -11.64 22.36 41.88
C LEU J 378 -10.29 21.98 42.47
N HIS J 379 -10.01 20.67 42.57
CA HIS J 379 -8.80 20.20 43.21
C HIS J 379 -7.74 19.80 42.18
N GLN J 380 -6.48 20.11 42.50
CA GLN J 380 -5.37 19.81 41.60
C GLN J 380 -4.97 18.35 41.65
N GLU J 381 -5.29 17.66 42.73
CA GLU J 381 -4.99 16.22 42.81
C GLU J 381 -5.95 15.42 41.93
N GLY J 382 -7.23 15.75 41.97
CA GLY J 382 -8.23 15.01 41.21
C GLY J 382 -8.55 13.67 41.85
N HIS J 383 -9.44 12.94 41.18
CA HIS J 383 -9.83 11.62 41.66
C HIS J 383 -10.26 10.76 40.48
N MET J 384 -10.34 9.46 40.71
CA MET J 384 -10.75 8.52 39.68
C MET J 384 -12.26 8.29 39.62
N ASP J 385 -13.03 8.87 40.55
CA ASP J 385 -14.47 8.73 40.56
C ASP J 385 -15.18 9.96 39.98
N ASP J 386 -14.46 10.78 39.23
CA ASP J 386 -15.02 11.99 38.64
C ASP J 386 -15.61 11.77 37.25
N ALA J 387 -15.67 10.52 36.78
CA ALA J 387 -16.19 10.24 35.44
C ALA J 387 -17.72 10.33 35.42
N LEU J 388 -18.26 11.54 35.30
CA LEU J 388 -19.70 11.73 35.33
C LEU J 388 -20.32 11.50 33.96
N PHE J 389 -21.48 10.86 33.93
CA PHE J 389 -22.18 10.55 32.69
C PHE J 389 -23.40 11.47 32.55
N LEU J 390 -23.59 11.99 31.34
CA LEU J 390 -24.64 12.97 31.08
C LEU J 390 -25.94 12.27 30.70
N THR J 391 -27.03 12.62 31.37
CA THR J 391 -28.36 12.10 31.09
C THR J 391 -29.26 13.28 30.77
N ARG J 392 -30.02 13.18 29.68
CA ARG J 392 -30.92 14.27 29.34
C ARG J 392 -32.12 14.26 30.29
N CYS J 393 -32.61 15.46 30.60
CA CYS J 393 -33.89 15.64 31.27
C CYS J 393 -35.03 15.55 30.24
N GLN J 394 -36.26 15.67 30.72
CA GLN J 394 -37.42 15.59 29.86
C GLN J 394 -37.81 17.02 29.42
N GLN J 395 -38.81 17.14 28.54
CA GLN J 395 -39.21 18.42 27.99
C GLN J 395 -40.23 19.15 28.85
N GLU J 396 -41.03 18.43 29.64
CA GLU J 396 -42.02 19.06 30.51
C GLU J 396 -41.42 19.56 31.81
N GLU J 397 -40.20 19.17 32.12
CA GLU J 397 -39.50 19.68 33.30
C GLU J 397 -38.65 20.91 32.97
N SER J 398 -38.10 20.97 31.76
CA SER J 398 -37.29 22.12 31.36
C SER J 398 -38.14 23.36 31.13
N GLN J 399 -39.38 23.18 30.68
CA GLN J 399 -40.27 24.33 30.50
C GLN J 399 -40.76 24.85 31.85
N ALA J 400 -41.05 23.93 32.78
CA ALA J 400 -41.57 24.33 34.09
C ALA J 400 -40.48 24.98 34.94
N ALA J 401 -39.22 24.61 34.70
CA ALA J 401 -38.14 25.17 35.50
C ALA J 401 -37.81 26.61 35.08
N ARG J 402 -38.00 26.93 33.80
CA ARG J 402 -37.70 28.30 33.37
C ARG J 402 -38.81 29.27 33.76
N MET J 403 -40.06 28.80 33.77
CA MET J 403 -41.13 29.69 34.18
C MET J 403 -41.18 29.80 35.70
N ILE J 404 -40.50 28.88 36.40
CA ILE J 404 -40.19 29.11 37.81
C ILE J 404 -39.26 30.31 37.94
N HIS J 405 -38.26 30.42 37.07
CA HIS J 405 -37.31 31.52 37.13
C HIS J 405 -37.92 32.82 36.60
N SER J 406 -38.82 32.70 35.61
CA SER J 406 -39.47 33.89 35.06
C SER J 406 -40.48 34.48 36.03
N THR J 407 -41.08 33.64 36.88
CA THR J 407 -41.98 34.16 37.90
C THR J 407 -41.23 34.61 39.14
N ALA J 408 -40.11 33.96 39.49
CA ALA J 408 -39.35 34.37 40.66
C ALA J 408 -38.62 35.69 40.41
N GLY J 409 -38.19 35.93 39.17
CA GLY J 409 -37.58 37.20 38.83
C GLY J 409 -38.54 38.37 38.82
N LEU J 410 -39.84 38.10 38.63
CA LEU J 410 -40.85 39.14 38.66
C LEU J 410 -41.35 39.40 40.08
N TYR J 411 -41.42 38.37 40.90
CA TYR J 411 -42.15 38.51 42.16
C TYR J 411 -41.23 38.90 43.30
N ASN J 412 -39.93 38.60 43.18
CA ASN J 412 -38.97 39.22 44.09
C ASN J 412 -38.89 40.71 43.85
N GLN J 413 -39.05 41.12 42.59
CA GLN J 413 -39.10 42.54 42.26
C GLN J 413 -40.44 43.15 42.68
N PHE J 414 -41.49 42.34 42.75
CA PHE J 414 -42.79 42.84 43.19
C PHE J 414 -42.81 43.10 44.69
N ILE J 415 -42.02 42.34 45.45
CA ILE J 415 -42.01 42.50 46.91
C ILE J 415 -41.15 43.69 47.32
N LYS J 416 -39.96 43.86 46.72
CA LYS J 416 -39.15 45.03 47.07
C LYS J 416 -39.71 46.30 46.44
N GLY J 417 -40.58 46.15 45.43
CA GLY J 417 -41.35 47.29 44.99
C GLY J 417 -42.46 47.65 45.96
N LEU J 418 -43.09 46.63 46.55
CA LEU J 418 -44.19 46.88 47.48
C LEU J 418 -43.67 47.30 48.85
N ASP J 419 -42.49 46.81 49.25
CA ASP J 419 -41.89 47.28 50.50
C ASP J 419 -41.16 48.60 50.35
N SER J 420 -41.12 49.19 49.15
CA SER J 420 -40.56 50.52 49.01
C SER J 420 -41.45 51.57 49.65
N PHE J 421 -42.76 51.35 49.60
CA PHE J 421 -43.74 52.24 50.23
C PHE J 421 -44.52 51.56 51.35
N SER J 422 -43.95 50.53 51.99
CA SER J 422 -44.62 49.88 53.11
C SER J 422 -44.60 50.76 54.35
N GLY J 423 -43.47 51.40 54.63
CA GLY J 423 -43.33 52.27 55.77
C GLY J 423 -43.25 53.76 55.46
N LYS J 424 -43.44 54.16 54.22
CA LYS J 424 -43.36 55.56 53.81
C LYS J 424 -44.68 55.98 53.18
N PRO J 425 -45.41 56.94 53.74
CA PRO J 425 -46.68 57.34 53.16
C PRO J 425 -46.49 58.17 51.90
N ARG J 426 -47.43 58.02 50.96
CA ARG J 426 -47.42 58.73 49.70
C ARG J 426 -48.42 59.88 49.76
N GLY J 427 -47.94 61.09 49.45
CA GLY J 427 -48.78 62.27 49.47
C GLY J 427 -49.33 62.63 48.10
N PRO J 434 -39.63 53.88 41.07
CA PRO J 434 -39.81 52.57 40.44
C PRO J 434 -41.28 52.19 40.28
N ALA J 435 -41.73 52.10 39.03
CA ALA J 435 -43.12 51.75 38.75
C ALA J 435 -43.34 50.25 38.94
N LEU J 436 -44.40 49.90 39.65
CA LEU J 436 -44.67 48.49 39.91
C LEU J 436 -45.42 47.87 38.72
N PRO J 437 -44.98 46.69 38.25
CA PRO J 437 -45.58 46.03 37.08
C PRO J 437 -46.90 45.31 37.40
N ILE J 438 -47.98 46.09 37.41
CA ILE J 438 -49.29 45.53 37.72
C ILE J 438 -49.81 44.71 36.55
N GLU J 439 -49.62 45.21 35.32
CA GLU J 439 -50.07 44.48 34.14
C GLU J 439 -49.25 43.20 33.93
N ALA J 440 -48.02 43.16 34.43
CA ALA J 440 -47.21 41.96 34.35
C ALA J 440 -47.56 40.97 35.47
N VAL J 441 -48.01 41.48 36.62
CA VAL J 441 -48.28 40.60 37.75
C VAL J 441 -49.62 39.88 37.59
N ILE J 442 -50.50 40.41 36.73
CA ILE J 442 -51.85 39.89 36.63
C ILE J 442 -51.92 38.77 35.59
N LEU J 443 -51.39 39.04 34.40
CA LEU J 443 -51.43 38.07 33.31
C LEU J 443 -50.52 36.88 33.57
N SER J 444 -49.45 37.09 34.34
CA SER J 444 -48.59 35.97 34.71
C SER J 444 -49.28 35.05 35.72
N LEU J 445 -50.10 35.61 36.60
CA LEU J 445 -50.95 34.76 37.43
C LEU J 445 -52.06 34.11 36.61
N GLN J 446 -52.59 34.81 35.60
CA GLN J 446 -53.71 34.26 34.83
C GLN J 446 -53.25 33.11 33.94
N ASP J 447 -51.99 33.11 33.52
CA ASP J 447 -51.46 31.95 32.80
C ASP J 447 -51.04 30.85 33.78
N LEU J 448 -50.64 31.22 35.00
CA LEU J 448 -50.24 30.21 35.98
C LEU J 448 -51.42 29.41 36.52
N ILE J 449 -52.60 30.04 36.63
CA ILE J 449 -53.80 29.28 37.02
C ILE J 449 -54.26 28.38 35.88
N GLY J 450 -54.19 28.88 34.64
CA GLY J 450 -54.51 28.07 33.48
C GLY J 450 -53.48 26.99 33.19
N TYR J 451 -52.29 27.09 33.79
CA TYR J 451 -51.28 26.05 33.67
C TYR J 451 -51.53 24.92 34.67
N PHE J 452 -52.08 25.24 35.84
CA PHE J 452 -52.37 24.26 36.89
C PHE J 452 -53.85 23.90 36.96
N GLU J 453 -54.58 24.07 35.86
CA GLU J 453 -56.02 23.81 35.88
C GLU J 453 -56.24 22.30 35.73
N PRO J 454 -57.03 21.68 36.61
CA PRO J 454 -57.16 20.22 36.62
C PRO J 454 -57.93 19.70 35.42
N PRO J 455 -57.71 18.46 35.00
CA PRO J 455 -58.35 17.96 33.78
C PRO J 455 -59.85 17.74 33.97
N SER J 456 -60.52 17.61 32.82
CA SER J 456 -61.97 17.44 32.81
C SER J 456 -62.35 16.04 33.29
N GLU J 457 -63.59 15.92 33.77
CA GLU J 457 -64.09 14.65 34.30
C GLU J 457 -64.65 13.77 33.18
N GLU J 458 -65.01 14.36 32.04
CA GLU J 458 -65.53 13.62 30.90
C GLU J 458 -64.43 13.07 29.98
N LEU J 459 -63.19 13.08 30.45
CA LEU J 459 -62.06 12.60 29.66
C LEU J 459 -61.85 11.11 29.91
N GLN J 460 -61.09 10.47 29.02
CA GLN J 460 -60.78 9.05 29.15
C GLN J 460 -59.87 8.81 30.36
N HIS J 461 -60.13 7.70 31.08
CA HIS J 461 -59.41 7.41 32.31
C HIS J 461 -57.94 7.08 32.05
N GLU J 462 -57.64 6.51 30.87
CA GLU J 462 -56.25 6.22 30.53
C GLU J 462 -55.46 7.51 30.27
N GLU J 463 -56.15 8.58 29.86
CA GLU J 463 -55.52 9.87 29.65
C GLU J 463 -55.64 10.77 30.87
N LYS J 464 -56.67 10.56 31.71
CA LYS J 464 -56.84 11.40 32.89
C LYS J 464 -55.78 11.11 33.94
N GLN J 465 -55.37 9.84 34.04
CA GLN J 465 -54.42 9.46 35.08
C GLN J 465 -53.03 9.96 34.74
N SER J 466 -52.68 9.98 33.46
CA SER J 466 -51.36 10.44 33.04
C SER J 466 -51.24 11.95 33.20
N LYS J 467 -52.34 12.69 33.02
CA LYS J 467 -52.30 14.13 33.23
C LYS J 467 -52.40 14.48 34.71
N LEU J 468 -53.05 13.62 35.50
CA LEU J 468 -53.11 13.89 36.94
C LEU J 468 -51.78 13.59 37.62
N ARG J 469 -51.10 12.51 37.24
CA ARG J 469 -49.80 12.24 37.85
C ARG J 469 -48.76 13.21 37.32
N SER J 470 -48.94 13.70 36.09
CA SER J 470 -48.04 14.71 35.58
C SER J 470 -48.18 15.97 36.41
N LEU J 471 -49.44 16.40 36.64
CA LEU J 471 -49.74 17.66 37.33
C LEU J 471 -49.20 17.66 38.75
N ARG J 472 -49.26 16.51 39.44
CA ARG J 472 -48.77 16.43 40.82
C ARG J 472 -47.26 16.56 40.91
N ASN J 473 -46.51 16.11 39.90
CA ASN J 473 -45.06 16.21 39.99
C ASN J 473 -44.60 17.65 39.79
N ARG J 474 -45.22 18.34 38.81
CA ARG J 474 -45.02 19.77 38.59
C ARG J 474 -45.72 20.71 39.57
N GLN J 475 -46.59 20.24 40.46
CA GLN J 475 -46.88 21.12 41.59
C GLN J 475 -45.98 20.78 42.78
N SER J 476 -45.38 19.59 42.78
CA SER J 476 -44.35 19.29 43.76
C SER J 476 -43.01 19.91 43.36
N LEU J 477 -42.76 20.01 42.06
CA LEU J 477 -41.52 20.62 41.59
C LEU J 477 -41.55 22.14 41.71
N PHE J 478 -42.75 22.73 41.58
CA PHE J 478 -42.88 24.18 41.74
C PHE J 478 -42.67 24.60 43.18
N GLN J 479 -43.22 23.83 44.13
CA GLN J 479 -43.18 24.23 45.53
C GLN J 479 -41.80 24.01 46.16
N GLU J 480 -40.99 23.13 45.58
CA GLU J 480 -39.72 22.81 46.23
C GLU J 480 -38.71 23.93 46.02
N GLU J 481 -38.65 24.49 44.82
CA GLU J 481 -37.94 25.74 44.54
C GLU J 481 -38.86 26.96 44.68
N GLY J 482 -39.25 27.26 45.91
CA GLY J 482 -39.99 28.49 46.16
C GLY J 482 -41.45 28.34 45.76
N MET J 483 -42.00 29.42 45.20
CA MET J 483 -43.33 29.50 44.58
C MET J 483 -44.48 29.20 45.54
N LEU J 484 -44.20 29.10 46.84
CA LEU J 484 -45.24 29.05 47.86
C LEU J 484 -45.00 30.02 49.00
N SER J 485 -43.81 29.99 49.61
CA SER J 485 -43.44 31.01 50.59
C SER J 485 -43.28 32.36 49.92
N LEU J 486 -42.96 32.36 48.63
CA LEU J 486 -43.06 33.57 47.83
C LEU J 486 -44.50 34.05 47.71
N VAL J 487 -45.46 33.12 47.68
CA VAL J 487 -46.85 33.50 47.45
C VAL J 487 -47.49 34.01 48.75
N LEU J 488 -47.10 33.44 49.90
CA LEU J 488 -47.66 33.94 51.15
C LEU J 488 -47.13 35.34 51.49
N ASN J 489 -45.89 35.66 51.12
CA ASN J 489 -45.34 36.97 51.48
C ASN J 489 -45.89 38.10 50.61
N CYS J 490 -46.24 37.84 49.35
CA CYS J 490 -46.90 38.91 48.59
C CYS J 490 -48.34 39.11 49.05
N ILE J 491 -48.93 38.09 49.67
CA ILE J 491 -50.26 38.24 50.24
C ILE J 491 -50.21 38.93 51.60
N ASP J 492 -49.24 38.57 52.47
CA ASP J 492 -49.21 39.19 53.79
C ASP J 492 -48.67 40.62 53.74
N ARG J 493 -48.09 41.04 52.62
CA ARG J 493 -47.80 42.46 52.45
C ARG J 493 -48.99 43.21 51.85
N LEU J 494 -49.90 42.51 51.16
CA LEU J 494 -51.04 43.16 50.52
C LEU J 494 -52.29 43.20 51.40
N ASN J 495 -52.40 42.36 52.42
CA ASN J 495 -53.62 42.35 53.22
C ASN J 495 -53.64 43.44 54.27
N VAL J 496 -52.51 44.10 54.52
CA VAL J 496 -52.43 45.10 55.59
C VAL J 496 -53.23 46.34 55.22
N TYR J 497 -53.38 46.62 53.93
CA TYR J 497 -54.36 47.60 53.46
C TYR J 497 -55.68 46.87 53.26
N THR J 498 -56.55 46.91 54.27
CA THR J 498 -57.79 46.15 54.19
C THR J 498 -58.80 46.82 53.25
N THR J 499 -58.67 48.11 53.02
CA THR J 499 -59.57 48.85 52.14
C THR J 499 -59.03 48.86 50.72
N ALA J 500 -59.94 49.05 49.76
CA ALA J 500 -59.56 48.94 48.35
C ALA J 500 -58.96 50.22 47.79
N ALA J 501 -59.48 51.38 48.19
CA ALA J 501 -59.03 52.65 47.63
C ALA J 501 -58.48 53.61 48.67
N HIS J 502 -58.87 53.46 49.93
CA HIS J 502 -58.41 54.38 50.97
C HIS J 502 -56.98 54.04 51.41
N PHE J 503 -56.77 52.84 51.94
CA PHE J 503 -55.46 52.46 52.43
C PHE J 503 -54.50 52.08 51.31
N ALA J 504 -54.99 51.88 50.09
CA ALA J 504 -54.14 51.60 48.94
C ALA J 504 -53.69 52.87 48.21
N GLU J 505 -53.70 54.01 48.89
CA GLU J 505 -53.19 55.24 48.29
C GLU J 505 -51.67 55.34 48.37
N TYR J 506 -51.02 54.39 49.05
CA TYR J 506 -49.56 54.40 49.14
C TYR J 506 -48.91 54.01 47.82
N ALA J 507 -49.65 53.32 46.94
CA ALA J 507 -49.14 52.88 45.65
C ALA J 507 -49.57 53.80 44.52
N GLY J 508 -50.86 54.05 44.38
CA GLY J 508 -51.37 54.88 43.31
C GLY J 508 -52.84 54.56 43.08
N GLU J 509 -53.38 55.16 42.01
CA GLU J 509 -54.78 54.94 41.66
C GLU J 509 -54.95 53.66 40.83
N GLU J 510 -53.96 53.36 39.98
CA GLU J 510 -54.07 52.17 39.13
C GLU J 510 -53.84 50.90 39.93
N ALA J 511 -52.98 50.96 40.95
CA ALA J 511 -52.77 49.78 41.79
C ALA J 511 -53.91 49.61 42.79
N ALA J 512 -54.61 50.70 43.12
CA ALA J 512 -55.76 50.59 44.03
C ALA J 512 -56.97 50.02 43.32
N GLU J 513 -57.18 50.37 42.04
CA GLU J 513 -58.27 49.77 41.29
C GLU J 513 -57.99 48.32 40.93
N SER J 514 -56.71 47.98 40.78
CA SER J 514 -56.29 46.60 40.58
C SER J 514 -55.83 45.94 41.88
N TRP J 515 -56.14 46.55 43.03
CA TRP J 515 -55.90 45.89 44.32
C TRP J 515 -56.79 44.67 44.47
N LYS J 516 -58.04 44.76 44.00
CA LYS J 516 -58.98 43.67 44.23
C LYS J 516 -58.68 42.47 43.33
N GLU J 517 -58.23 42.71 42.09
CA GLU J 517 -58.12 41.63 41.13
C GLU J 517 -56.95 40.70 41.43
N ILE J 518 -55.86 41.24 41.98
CA ILE J 518 -54.65 40.42 42.18
C ILE J 518 -54.85 39.39 43.29
N VAL J 519 -55.51 39.78 44.39
CA VAL J 519 -55.71 38.85 45.50
C VAL J 519 -56.76 37.79 45.14
N ASN J 520 -57.66 38.10 44.21
CA ASN J 520 -58.54 37.07 43.67
C ASN J 520 -57.77 36.05 42.84
N LEU J 521 -56.75 36.50 42.09
CA LEU J 521 -55.94 35.54 41.35
C LEU J 521 -54.86 34.92 42.23
N LEU J 522 -54.45 35.62 43.30
CA LEU J 522 -53.43 35.06 44.18
C LEU J 522 -53.99 33.92 45.02
N TYR J 523 -55.25 34.03 45.44
CA TYR J 523 -55.86 32.98 46.24
C TYR J 523 -56.41 31.85 45.39
N GLU J 524 -56.79 32.14 44.14
CA GLU J 524 -57.25 31.07 43.25
C GLU J 524 -56.09 30.21 42.79
N LEU J 525 -54.87 30.77 42.78
CA LEU J 525 -53.69 29.96 42.49
C LEU J 525 -53.26 29.16 43.72
N LEU J 526 -53.40 29.75 44.91
CA LEU J 526 -53.13 29.01 46.14
C LEU J 526 -54.16 27.89 46.33
N ALA J 527 -55.39 28.13 45.89
CA ALA J 527 -56.38 27.05 45.84
C ALA J 527 -56.07 26.05 44.74
N SER J 528 -55.29 26.45 43.73
CA SER J 528 -54.89 25.51 42.70
C SER J 528 -53.65 24.71 43.09
N LEU J 529 -52.80 25.27 43.96
CA LEU J 529 -51.52 24.62 44.24
C LEU J 529 -51.62 23.57 45.33
N ILE J 530 -52.55 23.70 46.27
CA ILE J 530 -52.73 22.67 47.27
C ILE J 530 -54.02 21.86 47.03
N ARG J 531 -54.42 21.70 45.77
CA ARG J 531 -55.61 20.93 45.40
C ARG J 531 -55.17 19.49 45.09
N GLY J 532 -55.42 18.58 46.03
CA GLY J 532 -55.27 17.16 45.80
C GLY J 532 -53.98 16.54 46.29
N ASN J 533 -52.87 17.25 46.19
CA ASN J 533 -51.58 16.70 46.60
C ASN J 533 -51.44 16.86 48.11
N ARG J 534 -51.12 15.76 48.80
CA ARG J 534 -51.05 15.79 50.25
C ARG J 534 -49.74 16.40 50.75
N ALA J 535 -48.68 16.33 49.92
CA ALA J 535 -47.37 16.82 50.36
C ALA J 535 -47.34 18.35 50.46
N ASN J 536 -48.11 19.04 49.62
CA ASN J 536 -48.25 20.48 49.77
C ASN J 536 -49.30 20.85 50.81
N CYS J 537 -50.27 19.95 51.06
CA CYS J 537 -51.25 20.20 52.11
C CYS J 537 -50.66 19.98 53.49
N ALA J 538 -49.54 19.26 53.57
CA ALA J 538 -48.83 19.09 54.84
C ALA J 538 -47.99 20.30 55.21
N LEU J 539 -47.78 21.24 54.28
CA LEU J 539 -47.08 22.47 54.64
C LEU J 539 -47.96 23.41 55.46
N PHE J 540 -49.28 23.30 55.32
CA PHE J 540 -50.20 24.22 55.98
C PHE J 540 -50.62 23.77 57.38
N SER J 541 -49.86 22.90 58.03
CA SER J 541 -50.18 22.53 59.40
C SER J 541 -49.72 23.58 60.40
N THR J 542 -48.61 24.27 60.14
CA THR J 542 -48.06 25.22 61.10
C THR J 542 -48.69 26.60 61.02
N ASN J 543 -49.26 26.96 59.87
CA ASN J 543 -49.89 28.26 59.67
C ASN J 543 -51.37 28.12 59.32
N LEU J 544 -52.10 27.33 60.11
CA LEU J 544 -53.54 27.21 59.95
C LEU J 544 -54.24 28.52 60.28
N ASP J 545 -53.73 29.25 61.28
CA ASP J 545 -54.33 30.50 61.70
C ASP J 545 -54.10 31.61 60.67
N TRP J 546 -53.12 31.42 59.77
CA TRP J 546 -52.97 32.29 58.61
C TRP J 546 -54.17 32.20 57.67
N VAL J 547 -54.86 31.06 57.65
CA VAL J 547 -56.02 30.86 56.79
C VAL J 547 -57.30 31.18 57.56
N VAL J 548 -57.32 30.88 58.86
CA VAL J 548 -58.55 30.97 59.64
C VAL J 548 -58.86 32.42 60.00
N SER J 549 -57.84 33.20 60.35
CA SER J 549 -58.08 34.59 60.79
C SER J 549 -58.41 35.53 59.64
N LYS J 550 -58.33 35.09 58.40
CA LYS J 550 -58.69 35.93 57.25
C LYS J 550 -59.94 35.43 56.53
N LEU J 551 -60.89 34.84 57.27
CA LEU J 551 -62.14 34.38 56.68
C LEU J 551 -63.13 35.52 56.50
N ASP J 552 -63.22 36.43 57.49
CA ASP J 552 -64.11 37.57 57.42
C ASP J 552 -63.38 38.83 56.99
N ARG J 553 -62.34 38.68 56.16
CA ARG J 553 -61.62 39.83 55.63
C ARG J 553 -62.46 40.63 54.64
N LEU J 554 -63.46 40.00 54.02
CA LEU J 554 -64.42 40.56 53.07
C LEU J 554 -63.73 40.93 51.75
N GLU J 555 -62.46 40.56 51.59
CA GLU J 555 -61.74 40.71 50.33
C GLU J 555 -61.41 39.32 49.81
N ALA J 556 -62.10 38.93 48.72
CA ALA J 556 -62.03 37.61 48.09
C ALA J 556 -62.34 36.50 49.09
N SER J 557 -63.52 36.60 49.73
CA SER J 557 -63.90 35.66 50.77
C SER J 557 -64.24 34.29 50.21
N SER J 558 -64.54 34.20 48.91
CA SER J 558 -64.60 32.91 48.24
C SER J 558 -63.21 32.33 48.03
N GLY J 559 -62.17 33.16 48.09
CA GLY J 559 -60.83 32.68 47.83
C GLY J 559 -60.25 31.89 49.00
N ILE J 560 -60.35 32.43 50.21
CA ILE J 560 -59.79 31.77 51.40
C ILE J 560 -60.60 30.52 51.75
N LEU J 561 -61.92 30.55 51.49
CA LEU J 561 -62.79 29.43 51.86
C LEU J 561 -62.50 28.19 51.02
N GLU J 562 -62.17 28.38 49.73
CA GLU J 562 -61.81 27.24 48.89
C GLU J 562 -60.40 26.74 49.22
N VAL J 563 -59.53 27.65 49.69
CA VAL J 563 -58.20 27.26 50.17
C VAL J 563 -58.33 26.40 51.43
N LEU J 564 -59.22 26.80 52.35
CA LEU J 564 -59.42 26.02 53.56
C LEU J 564 -60.18 24.73 53.26
N TYR J 565 -60.98 24.73 52.18
CA TYR J 565 -61.71 23.53 51.79
C TYR J 565 -60.80 22.48 51.17
N CYS J 566 -59.86 22.90 50.32
CA CYS J 566 -58.97 21.94 49.67
C CYS J 566 -57.85 21.48 50.58
N VAL J 567 -57.63 22.16 51.71
CA VAL J 567 -56.57 21.74 52.63
C VAL J 567 -57.11 20.84 53.74
N LEU J 568 -58.43 20.78 53.92
CA LEU J 568 -59.05 19.95 54.94
C LEU J 568 -59.69 18.69 54.39
N ILE J 569 -59.57 18.42 53.09
CA ILE J 569 -60.06 17.18 52.49
C ILE J 569 -58.93 16.30 51.99
N GLU J 570 -57.69 16.74 52.12
CA GLU J 570 -56.53 16.01 51.62
C GLU J 570 -55.58 15.54 52.70
N SER J 571 -55.56 16.19 53.86
CA SER J 571 -54.64 15.89 54.95
C SER J 571 -55.39 15.73 56.26
N PRO J 572 -55.25 14.60 56.97
CA PRO J 572 -55.92 14.43 58.25
C PRO J 572 -55.15 15.00 59.44
N GLU J 573 -53.93 15.49 59.25
CA GLU J 573 -53.17 16.04 60.36
C GLU J 573 -53.62 17.44 60.76
N VAL J 574 -54.35 18.14 59.88
CA VAL J 574 -54.90 19.45 60.23
C VAL J 574 -56.18 19.31 61.03
N LEU J 575 -56.91 18.21 60.87
CA LEU J 575 -58.19 18.05 61.55
C LEU J 575 -58.07 17.81 63.06
N ASN J 576 -56.90 17.42 63.56
CA ASN J 576 -56.73 17.20 64.99
C ASN J 576 -55.95 18.31 65.68
N ILE J 577 -55.69 19.42 65.01
CA ILE J 577 -54.99 20.54 65.64
C ILE J 577 -55.93 21.74 65.72
N ILE J 578 -57.23 21.49 65.49
CA ILE J 578 -58.23 22.55 65.46
C ILE J 578 -58.92 22.60 66.82
N GLN J 579 -58.80 23.74 67.50
CA GLN J 579 -59.55 24.01 68.71
C GLN J 579 -60.79 24.83 68.37
N GLU J 580 -61.47 25.32 69.40
CA GLU J 580 -62.82 25.84 69.22
C GLU J 580 -62.84 27.22 68.57
N ASN J 581 -61.72 27.97 68.64
CA ASN J 581 -61.71 29.31 68.07
C ASN J 581 -61.69 29.30 66.55
N HIS J 582 -61.13 28.23 65.95
CA HIS J 582 -61.22 28.08 64.51
C HIS J 582 -62.65 27.76 64.08
N ILE J 583 -63.38 27.01 64.93
CA ILE J 583 -64.74 26.60 64.59
C ILE J 583 -65.70 27.78 64.72
N LYS J 584 -65.54 28.60 65.76
CA LYS J 584 -66.43 29.74 65.97
C LYS J 584 -66.27 30.80 64.88
N SER J 585 -65.09 30.89 64.27
CA SER J 585 -64.91 31.80 63.16
C SER J 585 -65.65 31.33 61.91
N ILE J 586 -65.87 30.02 61.79
CA ILE J 586 -66.54 29.46 60.61
C ILE J 586 -68.06 29.65 60.71
N ILE J 587 -68.62 29.51 61.91
CA ILE J 587 -70.02 29.90 62.11
C ILE J 587 -70.16 31.42 62.01
N SER J 588 -69.16 32.17 62.47
CA SER J 588 -69.15 33.62 62.26
C SER J 588 -68.97 33.97 60.78
N LEU J 589 -68.29 33.10 60.03
CA LEU J 589 -68.23 33.23 58.58
C LEU J 589 -69.60 33.01 57.95
N LEU J 590 -70.36 32.05 58.46
CA LEU J 590 -71.65 31.72 57.86
C LEU J 590 -72.72 32.72 58.28
N ASP J 591 -72.56 33.33 59.45
CA ASP J 591 -73.59 34.21 60.02
C ASP J 591 -73.46 35.64 59.50
N LYS J 592 -72.34 36.00 58.87
CA LYS J 592 -72.20 37.33 58.27
C LYS J 592 -72.02 37.33 56.77
N HIS J 593 -71.79 36.19 56.14
CA HIS J 593 -71.65 36.12 54.68
C HIS J 593 -72.74 35.29 54.02
N GLY J 594 -73.94 35.30 54.60
CA GLY J 594 -75.10 34.69 53.98
C GLY J 594 -75.15 33.18 54.15
N ARG J 595 -76.29 32.62 53.75
CA ARG J 595 -76.53 31.17 53.84
C ARG J 595 -75.78 30.50 52.68
N ASN J 596 -74.53 30.12 52.94
CA ASN J 596 -73.70 29.51 51.92
C ASN J 596 -73.63 28.00 52.14
N HIS J 597 -73.49 27.27 51.03
CA HIS J 597 -73.48 25.81 51.06
C HIS J 597 -72.07 25.22 51.09
N LYS J 598 -71.06 26.00 50.69
CA LYS J 598 -69.68 25.52 50.80
C LYS J 598 -69.15 25.66 52.21
N VAL J 599 -69.76 26.53 53.02
CA VAL J 599 -69.40 26.63 54.43
C VAL J 599 -69.94 25.40 55.18
N LEU J 600 -70.99 24.77 54.66
CA LEU J 600 -71.47 23.53 55.26
C LEU J 600 -70.59 22.35 54.87
N ASP J 601 -70.04 22.36 53.65
CA ASP J 601 -69.26 21.22 53.18
C ASP J 601 -67.91 21.13 53.88
N VAL J 602 -67.33 22.28 54.26
CA VAL J 602 -66.08 22.25 55.02
C VAL J 602 -66.35 21.79 56.45
N LEU J 603 -67.54 22.09 56.98
CA LEU J 603 -67.93 21.53 58.27
C LEU J 603 -68.26 20.05 58.17
N CYS J 604 -68.73 19.59 57.00
CA CYS J 604 -68.88 18.15 56.78
C CYS J 604 -67.52 17.47 56.69
N SER J 605 -66.53 18.16 56.11
CA SER J 605 -65.18 17.61 56.00
C SER J 605 -64.40 17.71 57.30
N LEU J 606 -64.90 18.42 58.30
CA LEU J 606 -64.20 18.58 59.57
C LEU J 606 -64.52 17.49 60.58
N CYS J 607 -65.57 16.71 60.37
CA CYS J 607 -65.98 15.70 61.33
C CYS J 607 -65.17 14.41 61.19
N VAL J 608 -65.19 13.81 60.01
CA VAL J 608 -64.53 12.54 59.76
C VAL J 608 -63.39 12.76 58.77
N CYS J 609 -62.42 11.84 58.79
CA CYS J 609 -61.29 11.87 57.89
C CYS J 609 -60.73 10.46 57.74
N ASN J 610 -60.57 10.04 56.47
CA ASN J 610 -60.12 8.70 56.08
C ASN J 610 -61.01 7.61 56.69
N GLY J 611 -62.31 7.90 56.77
CA GLY J 611 -63.25 7.01 57.41
C GLY J 611 -63.17 6.94 58.92
N VAL J 612 -62.43 7.85 59.56
CA VAL J 612 -62.21 7.86 61.00
C VAL J 612 -62.77 9.16 61.54
N ALA J 613 -63.63 9.07 62.56
CA ALA J 613 -64.25 10.25 63.15
C ALA J 613 -63.36 10.89 64.21
N VAL J 614 -63.47 12.20 64.33
CA VAL J 614 -62.75 12.97 65.34
C VAL J 614 -63.80 13.60 66.25
N ARG J 615 -63.90 13.11 67.50
CA ARG J 615 -64.87 13.68 68.42
C ARG J 615 -64.33 14.88 69.18
N SER J 616 -63.10 15.31 68.90
CA SER J 616 -62.66 16.61 69.42
C SER J 616 -63.31 17.75 68.63
N ASN J 617 -63.71 17.48 67.39
CA ASN J 617 -64.35 18.48 66.53
C ASN J 617 -65.83 18.23 66.31
N GLN J 618 -66.34 17.03 66.58
CA GLN J 618 -67.74 16.74 66.30
C GLN J 618 -68.68 17.32 67.35
N ASP J 619 -68.21 17.50 68.58
CA ASP J 619 -69.06 18.03 69.64
C ASP J 619 -69.08 19.55 69.68
N LEU J 620 -68.02 20.22 69.21
CA LEU J 620 -68.01 21.67 69.25
C LEU J 620 -68.91 22.30 68.19
N ILE J 621 -69.24 21.55 67.14
CA ILE J 621 -70.26 22.04 66.21
C ILE J 621 -71.65 21.89 66.82
N THR J 622 -71.88 20.81 67.57
CA THR J 622 -73.19 20.55 68.16
C THR J 622 -73.52 21.49 69.32
N GLU J 623 -72.52 22.05 70.00
CA GLU J 623 -72.79 22.96 71.10
C GLU J 623 -72.67 24.43 70.72
N ASN J 624 -72.30 24.73 69.48
CA ASN J 624 -72.26 26.11 68.99
C ASN J 624 -73.25 26.40 67.88
N LEU J 625 -73.39 25.50 66.91
CA LEU J 625 -74.26 25.80 65.77
C LEU J 625 -75.71 25.41 66.03
N LEU J 626 -75.93 24.33 66.76
CA LEU J 626 -77.26 23.77 66.97
C LEU J 626 -78.13 24.41 68.09
N PRO J 627 -77.66 24.63 69.33
CA PRO J 627 -78.62 25.05 70.37
C PRO J 627 -79.08 26.50 70.27
N GLY J 628 -78.48 27.30 69.39
CA GLY J 628 -78.99 28.65 69.18
C GLY J 628 -80.32 28.65 68.45
N ARG J 629 -80.44 27.81 67.42
CA ARG J 629 -81.65 27.59 66.62
C ARG J 629 -82.19 28.87 65.98
N GLU J 630 -81.28 29.77 65.59
CA GLU J 630 -81.64 30.98 64.87
C GLU J 630 -80.89 31.16 63.57
N LEU J 631 -79.84 30.38 63.30
CA LEU J 631 -79.05 30.49 62.09
C LEU J 631 -79.46 29.46 61.03
N LEU J 632 -79.98 28.31 61.45
CA LEU J 632 -80.29 27.19 60.56
C LEU J 632 -81.79 26.94 60.53
N LEU J 633 -82.24 26.29 59.46
CA LEU J 633 -83.67 26.12 59.22
C LEU J 633 -84.24 25.00 60.09
N GLN J 634 -85.41 25.25 60.67
CA GLN J 634 -86.08 24.34 61.58
C GLN J 634 -87.27 23.69 60.91
N THR J 635 -87.64 22.51 61.40
CA THR J 635 -88.78 21.76 60.90
C THR J 635 -89.66 21.33 62.07
N ASN J 636 -90.97 21.34 61.85
CA ASN J 636 -91.96 20.89 62.82
C ASN J 636 -93.24 20.56 62.06
N LEU J 637 -93.99 19.61 62.59
CA LEU J 637 -95.32 19.30 62.07
C LEU J 637 -96.36 20.25 62.67
N ILE J 638 -97.08 20.96 61.81
CA ILE J 638 -98.09 21.93 62.23
C ILE J 638 -99.44 21.54 61.63
N ASN J 639 -100.51 21.92 62.31
CA ASN J 639 -101.86 21.60 61.89
C ASN J 639 -102.39 22.62 60.88
N TYR J 640 -103.49 22.26 60.23
CA TYR J 640 -104.23 23.16 59.36
C TYR J 640 -105.40 23.79 60.10
N VAL J 641 -105.72 25.04 59.77
CA VAL J 641 -106.84 25.77 60.35
C VAL J 641 -107.60 26.46 59.22
N THR J 642 -108.87 26.80 59.50
CA THR J 642 -109.73 27.54 58.58
C THR J 642 -110.26 28.79 59.25
N SER J 643 -111.16 29.49 58.56
CA SER J 643 -111.91 30.62 59.09
C SER J 643 -113.22 30.72 58.33
N ILE J 644 -114.33 30.93 59.07
CA ILE J 644 -115.65 31.08 58.47
C ILE J 644 -116.29 32.34 59.02
N ARG J 645 -117.04 33.05 58.17
CA ARG J 645 -117.75 34.25 58.56
C ARG J 645 -119.22 34.15 58.19
N PRO J 646 -120.08 34.92 58.85
CA PRO J 646 -121.39 35.25 58.27
C PRO J 646 -121.31 36.58 57.52
N ASN J 647 -122.38 36.88 56.77
CA ASN J 647 -122.42 38.09 55.95
C ASN J 647 -122.93 39.27 56.77
N ILE J 648 -122.21 39.57 57.83
CA ILE J 648 -122.56 40.64 58.76
C ILE J 648 -121.34 41.56 58.85
N PHE J 649 -121.37 42.65 58.08
CA PHE J 649 -120.28 43.62 58.05
C PHE J 649 -120.69 44.89 58.79
N VAL J 650 -119.82 45.35 59.69
CA VAL J 650 -120.11 46.47 60.57
C VAL J 650 -119.07 47.55 60.35
N GLY J 651 -119.51 48.77 60.05
CA GLY J 651 -118.58 49.85 59.77
C GLY J 651 -119.02 51.17 60.37
N ARG J 652 -118.05 52.08 60.48
CA ARG J 652 -118.26 53.44 60.94
C ARG J 652 -117.53 54.39 60.00
N ALA J 653 -118.17 55.52 59.68
CA ALA J 653 -117.54 56.58 58.89
C ALA J 653 -118.06 57.93 59.38
N GLU J 654 -117.88 58.97 58.57
CA GLU J 654 -118.45 60.27 58.90
C GLU J 654 -119.97 60.21 58.86
N GLY J 655 -120.54 59.71 57.78
CA GLY J 655 -121.94 59.34 57.75
C GLY J 655 -122.11 57.85 57.95
N SER J 656 -122.42 57.44 59.17
CA SER J 656 -122.62 56.04 59.50
C SER J 656 -124.11 55.73 59.55
N THR J 657 -124.54 54.77 58.74
CA THR J 657 -125.95 54.38 58.67
C THR J 657 -126.28 53.15 59.51
N GLN J 658 -125.28 52.47 60.06
CA GLN J 658 -125.50 51.38 60.99
C GLN J 658 -125.44 51.89 62.43
N TYR J 659 -125.64 50.96 63.37
CA TYR J 659 -125.71 51.32 64.77
C TYR J 659 -124.32 51.61 65.34
N GLY J 660 -123.40 50.65 65.21
CA GLY J 660 -122.05 50.80 65.70
C GLY J 660 -121.70 49.93 66.89
N LYS J 661 -122.68 49.39 67.60
CA LYS J 661 -122.45 48.53 68.76
C LYS J 661 -123.35 47.30 68.67
N TRP J 662 -122.74 46.11 68.56
CA TRP J 662 -123.47 44.88 68.31
C TRP J 662 -123.02 43.80 69.27
N TYR J 663 -123.65 42.63 69.17
CA TYR J 663 -123.41 41.54 70.11
C TYR J 663 -123.79 40.23 69.45
N PHE J 664 -123.00 39.19 69.68
CA PHE J 664 -123.31 37.85 69.24
C PHE J 664 -122.68 36.84 70.19
N GLU J 665 -123.19 35.61 70.14
CA GLU J 665 -122.76 34.54 71.03
C GLU J 665 -122.29 33.34 70.22
N VAL J 666 -121.41 32.54 70.83
CA VAL J 666 -120.87 31.32 70.24
C VAL J 666 -120.92 30.23 71.30
N MET J 667 -121.57 29.11 70.99
CA MET J 667 -121.73 28.02 71.94
C MET J 667 -121.04 26.77 71.40
N VAL J 668 -120.04 26.29 72.13
CA VAL J 668 -119.28 25.10 71.77
C VAL J 668 -119.99 23.88 72.35
N ASP J 669 -119.94 22.75 71.65
CA ASP J 669 -120.50 21.50 72.17
C ASP J 669 -119.56 20.31 72.11
N GLU J 670 -118.52 20.33 71.29
CA GLU J 670 -117.64 19.17 71.14
C GLU J 670 -116.27 19.64 70.67
N VAL J 671 -115.24 19.32 71.44
CA VAL J 671 -113.85 19.64 71.10
C VAL J 671 -112.98 18.48 71.55
N VAL J 672 -112.18 17.95 70.63
CA VAL J 672 -111.19 16.94 70.98
C VAL J 672 -109.96 17.68 71.53
N PRO J 673 -109.45 17.31 72.71
CA PRO J 673 -108.30 18.03 73.28
C PRO J 673 -107.01 17.85 72.48
N PHE J 674 -106.65 16.62 72.15
CA PHE J 674 -105.41 16.34 71.40
C PHE J 674 -105.70 15.27 70.37
N LEU J 675 -106.01 15.71 69.14
CA LEU J 675 -106.18 14.77 68.04
C LEU J 675 -104.84 14.37 67.42
N THR J 676 -103.91 15.32 67.31
CA THR J 676 -102.56 15.06 66.82
C THR J 676 -101.56 15.53 67.88
N ALA J 677 -100.28 15.64 67.51
CA ALA J 677 -99.24 15.95 68.49
C ALA J 677 -99.34 17.41 68.96
N GLN J 678 -99.79 18.30 68.09
CA GLN J 678 -100.01 19.69 68.48
C GLN J 678 -101.45 19.88 68.92
N ALA J 679 -101.66 20.90 69.77
CA ALA J 679 -102.97 21.14 70.35
C ALA J 679 -103.94 21.72 69.32
N THR J 680 -105.23 21.50 69.55
CA THR J 680 -106.27 21.96 68.64
C THR J 680 -106.47 23.46 68.83
N HIS J 681 -106.12 24.24 67.80
CA HIS J 681 -106.19 25.69 67.87
C HIS J 681 -107.62 26.14 67.63
N LEU J 682 -108.22 26.81 68.62
CA LEU J 682 -109.59 27.30 68.52
C LEU J 682 -109.72 28.62 69.28
N ARG J 683 -109.88 29.72 68.55
CA ARG J 683 -110.14 31.04 69.13
C ARG J 683 -111.37 31.65 68.45
N VAL J 684 -111.88 32.72 69.05
CA VAL J 684 -113.14 33.36 68.64
C VAL J 684 -112.93 34.87 68.71
N GLY J 685 -113.44 35.60 67.72
CA GLY J 685 -113.43 37.05 67.81
C GLY J 685 -113.80 37.70 66.49
N TRP J 686 -113.33 38.94 66.33
CA TRP J 686 -113.60 39.76 65.15
C TRP J 686 -112.33 39.95 64.33
N ALA J 687 -112.51 40.51 63.13
CA ALA J 687 -111.41 40.86 62.25
C ALA J 687 -111.91 41.94 61.28
N LEU J 688 -111.02 42.43 60.43
CA LEU J 688 -111.39 43.35 59.36
C LEU J 688 -111.22 42.71 57.99
N THR J 689 -111.71 43.42 56.98
CA THR J 689 -111.86 42.91 55.62
C THR J 689 -110.53 42.80 54.87
N GLU J 690 -109.81 43.92 54.75
CA GLU J 690 -108.69 43.97 53.80
C GLU J 690 -107.43 43.30 54.34
N GLY J 691 -107.28 43.18 55.65
CA GLY J 691 -106.06 42.65 56.20
C GLY J 691 -106.09 41.19 56.57
N TYR J 692 -107.16 40.75 57.22
CA TYR J 692 -107.28 39.38 57.71
C TYR J 692 -107.44 38.45 56.52
N SER J 693 -106.33 37.87 56.08
CA SER J 693 -106.31 36.92 54.95
C SER J 693 -105.63 35.64 55.44
N PRO J 694 -106.37 34.76 56.11
CA PRO J 694 -105.76 33.51 56.58
C PRO J 694 -105.58 32.50 55.45
N TYR J 695 -104.33 32.29 55.06
CA TYR J 695 -104.02 31.34 54.00
C TYR J 695 -103.74 29.96 54.60
N PRO J 696 -104.16 28.88 53.91
CA PRO J 696 -103.97 27.53 54.48
C PRO J 696 -102.52 27.10 54.55
N GLY J 697 -101.68 27.54 53.61
CA GLY J 697 -100.27 27.21 53.62
C GLY J 697 -99.43 28.46 53.76
N GLY J 698 -98.56 28.46 54.77
CA GLY J 698 -97.66 29.56 55.00
C GLY J 698 -98.29 30.67 55.82
N GLY J 699 -97.43 31.53 56.37
CA GLY J 699 -97.89 32.66 57.13
C GLY J 699 -96.86 33.09 58.15
N GLU J 700 -97.31 33.94 59.08
CA GLU J 700 -96.45 34.47 60.12
C GLU J 700 -96.35 33.50 61.29
N GLY J 701 -95.27 33.62 62.05
CA GLY J 701 -95.02 32.69 63.13
C GLY J 701 -94.44 31.38 62.62
N TRP J 702 -94.66 30.32 63.39
CA TRP J 702 -94.24 29.00 62.94
C TRP J 702 -95.29 28.40 62.01
N GLY J 703 -96.56 28.63 62.29
CA GLY J 703 -97.59 28.26 61.34
C GLY J 703 -98.94 28.10 61.99
N GLY J 704 -99.93 27.79 61.16
CA GLY J 704 -101.30 27.67 61.59
C GLY J 704 -101.95 28.99 61.96
N ASN J 705 -101.76 30.00 61.10
CA ASN J 705 -102.23 31.34 61.39
C ASN J 705 -103.75 31.45 61.26
N GLY J 706 -104.39 32.00 62.29
CA GLY J 706 -105.82 32.20 62.31
C GLY J 706 -106.18 33.55 62.91
N VAL J 707 -107.22 33.58 63.74
CA VAL J 707 -107.56 34.81 64.46
C VAL J 707 -106.50 35.07 65.52
N GLY J 708 -106.17 36.34 65.73
CA GLY J 708 -105.23 36.74 66.76
C GLY J 708 -103.78 36.75 66.36
N ASP J 709 -103.44 36.25 65.17
CA ASP J 709 -102.04 36.20 64.74
C ASP J 709 -101.60 37.40 63.94
N ASP J 710 -102.43 38.44 63.86
CA ASP J 710 -102.04 39.72 63.27
C ASP J 710 -102.69 40.85 64.03
N LEU J 711 -102.37 42.08 63.62
CA LEU J 711 -103.00 43.26 64.21
C LEU J 711 -104.41 43.49 63.67
N TYR J 712 -104.82 42.72 62.67
CA TYR J 712 -106.12 42.82 62.02
C TYR J 712 -107.21 42.00 62.71
N SER J 713 -106.86 40.99 63.50
CA SER J 713 -107.83 40.13 64.11
C SER J 713 -107.62 40.07 65.62
N TYR J 714 -108.68 39.70 66.34
CA TYR J 714 -108.68 39.74 67.80
C TYR J 714 -109.24 38.43 68.32
N GLY J 715 -108.35 37.54 68.80
CA GLY J 715 -108.76 36.22 69.22
C GLY J 715 -108.94 36.11 70.73
N PHE J 716 -109.60 35.02 71.13
CA PHE J 716 -109.84 34.73 72.55
C PHE J 716 -110.05 33.23 72.69
N ASP J 717 -109.17 32.56 73.42
CA ASP J 717 -109.24 31.11 73.58
C ASP J 717 -109.72 30.71 74.97
N GLY J 718 -110.09 31.66 75.81
CA GLY J 718 -110.50 31.34 77.17
C GLY J 718 -109.57 31.94 78.20
N LEU J 719 -108.26 31.88 77.96
CA LEU J 719 -107.33 32.47 78.92
C LEU J 719 -106.18 33.24 78.25
N HIS J 720 -106.20 33.44 76.95
CA HIS J 720 -105.23 34.30 76.27
C HIS J 720 -105.98 35.29 75.38
N LEU J 721 -105.50 36.53 75.34
CA LEU J 721 -106.05 37.55 74.45
C LEU J 721 -105.08 37.71 73.28
N TRP J 722 -105.38 37.05 72.16
CA TRP J 722 -104.47 36.99 71.03
C TRP J 722 -104.67 38.19 70.11
N THR J 723 -103.62 38.99 69.95
CA THR J 723 -103.55 39.99 68.88
C THR J 723 -102.08 40.24 68.57
N GLY J 724 -101.77 40.33 67.27
CA GLY J 724 -100.40 40.57 66.83
C GLY J 724 -99.43 39.45 67.12
N HIS J 725 -99.91 38.21 67.14
CA HIS J 725 -99.12 36.99 67.37
C HIS J 725 -98.37 37.00 68.70
N VAL J 726 -98.95 37.62 69.72
CA VAL J 726 -98.44 37.58 71.09
C VAL J 726 -99.59 37.27 72.04
N ALA J 727 -99.39 36.33 72.95
CA ALA J 727 -100.42 35.87 73.88
C ALA J 727 -100.37 36.66 75.17
N ARG J 728 -101.54 37.12 75.63
CA ARG J 728 -101.66 37.89 76.87
C ARG J 728 -102.51 37.08 77.84
N PRO J 729 -101.97 36.57 78.94
CA PRO J 729 -102.78 35.74 79.85
C PRO J 729 -103.64 36.60 80.77
N VAL J 730 -104.86 36.13 81.02
CA VAL J 730 -105.87 36.91 81.71
C VAL J 730 -106.01 36.39 83.13
N THR J 731 -106.80 37.11 83.93
CA THR J 731 -107.22 36.68 85.26
C THR J 731 -108.74 36.65 85.27
N SER J 732 -109.32 35.52 84.84
CA SER J 732 -110.75 35.33 84.82
C SER J 732 -111.15 34.24 85.80
N PRO J 733 -112.31 34.34 86.45
CA PRO J 733 -112.73 33.31 87.41
C PRO J 733 -113.04 31.99 86.71
N GLY J 734 -112.29 30.96 87.07
CA GLY J 734 -112.39 29.68 86.40
C GLY J 734 -111.76 29.71 85.02
N GLN J 735 -110.48 30.11 84.96
CA GLN J 735 -109.81 30.21 83.67
C GLN J 735 -109.44 28.83 83.14
N HIS J 736 -109.83 28.58 81.89
CA HIS J 736 -109.58 27.31 81.21
C HIS J 736 -109.76 27.58 79.72
N LEU J 737 -109.56 26.53 78.91
CA LEU J 737 -109.76 26.66 77.47
C LEU J 737 -111.25 26.59 77.15
N LEU J 738 -111.58 26.66 75.87
CA LEU J 738 -112.98 26.57 75.46
C LEU J 738 -113.41 25.11 75.50
N ALA J 739 -113.83 24.69 76.70
CA ALA J 739 -114.36 23.37 76.93
C ALA J 739 -115.72 23.22 76.24
N PRO J 740 -116.17 21.97 76.01
CA PRO J 740 -117.54 21.79 75.51
C PRO J 740 -118.60 22.26 76.50
N GLU J 741 -119.80 22.50 75.95
CA GLU J 741 -120.94 23.09 76.67
C GLU J 741 -120.59 24.44 77.28
N ASP J 742 -119.86 25.26 76.53
CA ASP J 742 -119.49 26.61 76.95
C ASP J 742 -120.06 27.65 76.00
N VAL J 743 -120.44 28.80 76.56
CA VAL J 743 -120.97 29.91 75.78
C VAL J 743 -119.99 31.06 75.89
N VAL J 744 -119.35 31.41 74.78
CA VAL J 744 -118.44 32.55 74.71
C VAL J 744 -119.12 33.66 73.92
N SER J 745 -119.10 34.87 74.47
CA SER J 745 -119.76 36.02 73.88
C SER J 745 -118.73 37.09 73.56
N CYS J 746 -119.02 37.89 72.53
CA CYS J 746 -118.12 38.94 72.09
C CYS J 746 -118.90 40.23 71.95
N CYS J 747 -118.53 41.24 72.73
CA CYS J 747 -119.15 42.56 72.66
C CYS J 747 -118.32 43.47 71.77
N LEU J 748 -119.02 44.37 71.05
CA LEU J 748 -118.36 45.28 70.13
C LEU J 748 -118.97 46.67 70.25
N ASP J 749 -118.11 47.69 70.17
CA ASP J 749 -118.52 49.09 70.13
C ASP J 749 -117.52 49.82 69.26
N LEU J 750 -118.02 50.62 68.30
CA LEU J 750 -117.16 51.43 67.44
C LEU J 750 -117.25 52.93 67.72
N SER J 751 -118.21 53.37 68.54
CA SER J 751 -118.32 54.79 68.87
C SER J 751 -117.10 55.27 69.64
N VAL J 752 -116.79 54.60 70.75
CA VAL J 752 -115.45 54.59 71.31
C VAL J 752 -114.90 53.18 71.08
N PRO J 753 -113.61 53.02 70.73
CA PRO J 753 -113.08 51.66 70.57
C PRO J 753 -113.04 50.88 71.87
N SER J 754 -113.79 49.78 71.92
CA SER J 754 -113.75 48.83 73.03
C SER J 754 -114.34 47.51 72.54
N ILE J 755 -113.59 46.42 72.73
CA ILE J 755 -114.04 45.07 72.35
C ILE J 755 -113.95 44.21 73.60
N SER J 756 -115.10 43.80 74.12
CA SER J 756 -115.17 42.99 75.34
C SER J 756 -115.60 41.57 75.03
N PHE J 757 -115.21 40.66 75.92
CA PHE J 757 -115.53 39.25 75.82
C PHE J 757 -116.04 38.78 77.17
N ARG J 758 -117.07 37.95 77.19
CA ARG J 758 -117.57 37.34 78.42
C ARG J 758 -117.77 35.85 78.17
N ILE J 759 -117.26 35.02 79.07
CA ILE J 759 -117.32 33.57 78.95
C ILE J 759 -118.28 33.01 79.99
N ASN J 760 -119.31 32.30 79.51
CA ASN J 760 -120.37 31.66 80.31
C ASN J 760 -121.07 32.66 81.25
N GLY J 761 -121.32 33.87 80.78
CA GLY J 761 -122.02 34.88 81.55
C GLY J 761 -121.17 35.61 82.57
N CYS J 762 -119.87 35.33 82.64
CA CYS J 762 -118.97 36.08 83.50
C CYS J 762 -118.01 36.87 82.63
N PRO J 763 -117.85 38.17 82.87
CA PRO J 763 -116.97 38.98 82.00
C PRO J 763 -115.50 38.74 82.32
N VAL J 764 -114.66 38.94 81.31
CA VAL J 764 -113.22 38.84 81.48
C VAL J 764 -112.68 40.23 81.75
N GLN J 765 -111.50 40.28 82.37
CA GLN J 765 -110.84 41.56 82.67
C GLN J 765 -109.74 41.82 81.64
N GLY J 766 -110.18 42.00 80.40
CA GLY J 766 -109.29 42.40 79.32
C GLY J 766 -110.04 42.81 78.08
N VAL J 767 -109.72 44.01 77.56
CA VAL J 767 -110.41 44.61 76.42
C VAL J 767 -109.38 45.24 75.49
N PHE J 768 -109.80 45.41 74.23
CA PHE J 768 -108.98 46.02 73.18
C PHE J 768 -109.54 47.41 72.86
N GLU J 769 -108.69 48.43 72.94
CA GLU J 769 -109.07 49.77 72.52
C GLU J 769 -108.01 50.39 71.63
N ALA J 770 -108.33 51.59 71.15
CA ALA J 770 -107.50 52.44 70.29
C ALA J 770 -107.12 51.73 68.98
N PHE J 771 -107.97 50.84 68.50
CA PHE J 771 -107.70 50.15 67.25
C PHE J 771 -108.16 51.01 66.08
N ASN J 772 -107.68 50.64 64.89
CA ASN J 772 -108.06 51.35 63.68
C ASN J 772 -109.40 50.86 63.17
N LEU J 773 -110.21 51.79 62.66
CA LEU J 773 -111.53 51.45 62.14
C LEU J 773 -111.64 51.58 60.63
N ASP J 774 -110.51 51.63 59.93
CA ASP J 774 -110.51 51.68 58.46
C ASP J 774 -110.81 50.29 57.93
N GLY J 775 -112.10 49.99 57.83
CA GLY J 775 -112.55 48.71 57.34
C GLY J 775 -113.87 48.34 58.01
N LEU J 776 -114.28 47.09 57.77
CA LEU J 776 -115.53 46.58 58.32
C LEU J 776 -115.27 45.33 59.15
N PHE J 777 -116.08 45.16 60.19
CA PHE J 777 -115.88 44.08 61.15
C PHE J 777 -116.91 42.98 60.92
N PHE J 778 -116.51 41.74 61.19
CA PHE J 778 -117.37 40.58 61.01
C PHE J 778 -116.91 39.48 61.95
N PRO J 779 -117.81 38.64 62.44
CA PRO J 779 -117.41 37.56 63.35
C PRO J 779 -116.64 36.46 62.63
N VAL J 780 -115.51 36.06 63.19
CA VAL J 780 -114.70 34.95 62.67
C VAL J 780 -114.38 33.98 63.81
N VAL J 781 -114.51 32.68 63.51
CA VAL J 781 -113.97 31.62 64.34
C VAL J 781 -112.92 30.89 63.51
N SER J 782 -111.90 30.35 64.18
CA SER J 782 -110.88 29.56 63.51
C SER J 782 -110.69 28.28 64.30
N PHE J 783 -110.88 27.13 63.66
CA PHE J 783 -110.83 25.85 64.34
C PHE J 783 -109.87 24.91 63.63
N SER J 784 -109.21 24.06 64.41
CA SER J 784 -108.35 23.02 63.90
C SER J 784 -109.17 21.74 63.71
N ALA J 785 -108.50 20.60 63.56
CA ALA J 785 -109.20 19.35 63.29
C ALA J 785 -109.88 18.83 64.55
N GLY J 786 -111.14 18.41 64.40
CA GLY J 786 -111.89 17.80 65.49
C GLY J 786 -112.63 18.79 66.37
N VAL J 787 -113.27 19.78 65.76
CA VAL J 787 -113.99 20.82 66.50
C VAL J 787 -115.38 20.99 65.88
N LYS J 788 -116.42 20.74 66.67
CA LYS J 788 -117.79 21.12 66.32
C LYS J 788 -118.21 22.29 67.19
N VAL J 789 -118.76 23.34 66.58
CA VAL J 789 -119.14 24.54 67.30
C VAL J 789 -120.36 25.15 66.62
N ARG J 790 -121.25 25.75 67.42
CA ARG J 790 -122.49 26.34 66.94
C ARG J 790 -122.43 27.85 67.08
N PHE J 791 -123.10 28.55 66.16
CA PHE J 791 -123.16 30.01 66.19
C PHE J 791 -124.52 30.48 66.66
N LEU J 792 -124.52 31.58 67.43
CA LEU J 792 -125.72 32.21 67.97
C LEU J 792 -125.66 33.68 67.56
N LEU J 793 -126.23 33.99 66.39
CA LEU J 793 -126.11 35.35 65.86
C LEU J 793 -127.26 36.25 66.29
N GLY J 794 -128.49 35.74 66.23
CA GLY J 794 -129.64 36.53 66.62
C GLY J 794 -130.75 35.66 67.15
N GLY J 795 -131.87 36.29 67.50
CA GLY J 795 -133.01 35.55 68.02
C GLY J 795 -133.75 34.76 66.96
N ARG J 796 -133.69 35.22 65.70
CA ARG J 796 -134.38 34.51 64.63
C ARG J 796 -133.59 33.29 64.16
N HIS J 797 -132.26 33.34 64.27
CA HIS J 797 -131.40 32.25 63.82
C HIS J 797 -130.93 31.35 64.95
N GLY J 798 -130.84 31.89 66.17
CA GLY J 798 -130.47 31.09 67.34
C GLY J 798 -131.20 31.53 68.58
N GLU J 799 -130.77 31.03 69.74
CA GLU J 799 -131.37 31.37 71.02
C GLU J 799 -130.27 31.85 71.96
N PHE J 800 -130.34 33.12 72.37
CA PHE J 800 -129.33 33.66 73.27
C PHE J 800 -129.54 33.08 74.66
N LYS J 801 -128.54 32.36 75.16
CA LYS J 801 -128.62 31.82 76.51
C LYS J 801 -128.38 32.88 77.57
N PHE J 802 -127.79 34.01 77.19
CA PHE J 802 -127.60 35.14 78.08
C PHE J 802 -128.15 36.39 77.39
N LEU J 803 -128.78 37.24 78.18
CA LEU J 803 -129.38 38.45 77.63
C LEU J 803 -128.30 39.48 77.38
N PRO J 804 -128.36 40.23 76.27
CA PRO J 804 -127.28 41.17 75.96
C PRO J 804 -127.33 42.38 76.91
N PRO J 805 -126.21 43.07 77.06
CA PRO J 805 -126.21 44.33 77.85
C PRO J 805 -127.04 45.40 77.17
N PRO J 806 -127.54 46.39 77.92
CA PRO J 806 -128.36 47.45 77.30
C PRO J 806 -127.55 48.34 76.37
N GLY J 807 -127.98 48.38 75.12
CA GLY J 807 -127.28 49.13 74.09
C GLY J 807 -126.57 48.28 73.05
N TYR J 808 -126.57 46.96 73.21
CA TYR J 808 -125.95 46.05 72.26
C TYR J 808 -127.05 45.24 71.58
N ALA J 809 -127.21 45.46 70.27
CA ALA J 809 -128.18 44.83 69.38
C ALA J 809 -127.66 43.46 68.94
N PRO J 810 -128.55 42.49 68.70
CA PRO J 810 -128.10 41.19 68.19
C PRO J 810 -127.58 41.30 66.77
N CYS J 811 -126.70 40.36 66.42
CA CYS J 811 -125.91 40.47 65.21
C CYS J 811 -126.69 40.14 63.95
N HIS J 812 -127.92 39.63 64.07
CA HIS J 812 -128.72 39.25 62.92
C HIS J 812 -129.42 40.44 62.24
N GLU J 813 -129.32 41.64 62.79
CA GLU J 813 -130.01 42.78 62.22
C GLU J 813 -129.21 43.52 61.16
N ALA J 814 -127.90 43.31 61.08
CA ALA J 814 -127.06 44.04 60.15
C ALA J 814 -126.90 43.34 58.81
N VAL J 815 -127.72 42.33 58.53
CA VAL J 815 -127.67 41.71 57.21
C VAL J 815 -128.36 42.61 56.19
N LEU J 816 -127.78 42.67 54.99
CA LEU J 816 -128.29 43.54 53.95
C LEU J 816 -129.55 42.96 53.30
N PRO J 817 -130.43 43.80 52.76
CA PRO J 817 -131.66 43.26 52.15
C PRO J 817 -131.42 42.51 50.84
N ARG J 818 -130.25 42.65 50.22
CA ARG J 818 -129.93 41.98 48.96
C ARG J 818 -129.18 40.67 49.21
N GLU J 819 -129.22 40.16 50.43
CA GLU J 819 -128.44 38.97 50.75
C GLU J 819 -129.06 38.22 51.91
N ARG J 820 -129.04 36.90 51.82
CA ARG J 820 -129.42 36.04 52.92
C ARG J 820 -128.17 35.63 53.69
N LEU J 821 -128.36 35.25 54.94
CA LEU J 821 -127.22 35.01 55.83
C LEU J 821 -126.62 33.64 55.52
N ARG J 822 -125.34 33.63 55.16
CA ARG J 822 -124.62 32.46 54.68
C ARG J 822 -123.41 32.26 55.59
N LEU J 823 -122.78 31.09 55.51
CA LEU J 823 -121.50 30.82 56.18
C LEU J 823 -120.47 30.52 55.11
N GLU J 824 -119.54 31.45 54.90
CA GLU J 824 -118.58 31.38 53.81
C GLU J 824 -117.17 31.57 54.34
N PRO J 825 -116.17 30.99 53.66
CA PRO J 825 -114.77 31.28 54.01
C PRO J 825 -114.33 32.62 53.43
N ILE J 826 -113.09 32.98 53.76
CA ILE J 826 -112.50 34.27 53.43
C ILE J 826 -111.27 34.05 52.57
N LYS J 827 -111.14 34.84 51.49
CA LYS J 827 -109.96 34.90 50.62
C LYS J 827 -109.64 33.55 49.98
N GLU J 828 -110.70 32.84 49.60
CA GLU J 828 -110.58 31.48 49.09
C GLU J 828 -110.00 31.45 47.67
N TYR J 829 -109.49 30.29 47.30
CA TYR J 829 -109.05 30.02 45.94
C TYR J 829 -109.44 28.63 45.45
N ARG J 830 -109.91 27.74 46.34
CA ARG J 830 -110.34 26.40 45.99
C ARG J 830 -111.72 26.17 46.58
N ARG J 831 -112.69 25.87 45.72
CA ARG J 831 -114.04 25.52 46.14
C ARG J 831 -114.42 24.19 45.51
N GLU J 832 -114.88 23.25 46.33
CA GLU J 832 -115.24 21.92 45.84
C GLU J 832 -116.56 21.97 45.07
N GLY J 833 -116.59 21.28 43.94
CA GLY J 833 -117.76 21.26 43.08
C GLY J 833 -118.15 19.87 42.65
N PRO J 834 -119.19 19.78 41.82
CA PRO J 834 -119.64 18.44 41.38
C PRO J 834 -118.68 17.77 40.41
N ARG J 835 -118.15 18.51 39.45
CA ARG J 835 -117.21 17.95 38.49
C ARG J 835 -115.77 18.22 38.92
N PRO J 837 -112.82 20.10 41.76
CA PRO J 837 -112.63 21.32 42.54
C PRO J 837 -112.56 22.57 41.67
N HIS J 838 -113.42 23.54 41.93
CA HIS J 838 -113.48 24.77 41.15
C HIS J 838 -112.53 25.81 41.72
N LEU J 839 -111.90 26.56 40.83
CA LEU J 839 -111.01 27.65 41.21
C LEU J 839 -111.77 28.96 41.10
N VAL J 840 -111.72 29.76 42.16
CA VAL J 840 -112.45 31.01 42.23
C VAL J 840 -111.47 32.17 42.12
N GLY J 841 -112.01 33.37 41.93
CA GLY J 841 -111.21 34.57 41.92
C GLY J 841 -111.34 35.32 43.24
N PRO J 842 -110.76 36.52 43.31
CA PRO J 842 -110.87 37.32 44.54
C PRO J 842 -112.25 37.94 44.66
N SER J 843 -112.83 37.86 45.85
CA SER J 843 -114.16 38.39 46.07
C SER J 843 -114.12 39.91 46.24
N ARG J 844 -115.13 40.58 45.69
CA ARG J 844 -115.25 42.03 45.81
C ARG J 844 -116.09 42.35 47.05
N CYS J 845 -115.40 42.56 48.17
CA CYS J 845 -116.06 42.87 49.42
C CYS J 845 -116.43 44.36 49.47
N LEU J 846 -117.25 44.70 50.46
CA LEU J 846 -117.79 46.05 50.56
C LEU J 846 -116.73 47.04 51.04
N SER J 847 -116.75 48.24 50.47
CA SER J 847 -115.79 49.27 50.82
C SER J 847 -116.23 50.00 52.08
N HIS J 848 -115.32 50.82 52.61
CA HIS J 848 -115.61 51.56 53.84
C HIS J 848 -116.58 52.72 53.58
N THR J 849 -116.36 53.47 52.50
CA THR J 849 -117.23 54.59 52.15
C THR J 849 -118.32 54.20 51.16
N ASP J 850 -118.71 52.93 51.14
CA ASP J 850 -119.82 52.50 50.28
C ASP J 850 -121.16 52.58 50.99
N PHE J 851 -121.17 52.47 52.33
CA PHE J 851 -122.41 52.55 53.07
C PHE J 851 -122.88 54.00 53.27
N VAL J 852 -122.00 54.97 53.08
CA VAL J 852 -122.38 56.37 53.27
C VAL J 852 -123.21 56.82 52.07
N PRO J 853 -124.26 57.62 52.28
CA PRO J 853 -125.00 58.17 51.14
C PRO J 853 -124.37 59.47 50.65
N CYS J 854 -124.37 59.64 49.33
CA CYS J 854 -123.74 60.81 48.74
C CYS J 854 -124.76 61.70 48.05
N PRO J 855 -124.66 63.03 48.20
CA PRO J 855 -125.59 63.98 47.59
C PRO J 855 -125.33 64.19 46.10
N ILE J 861 -128.80 75.49 43.63
CA ILE J 861 -128.68 76.40 42.49
C ILE J 861 -129.90 77.30 42.38
N VAL J 862 -129.83 78.27 41.48
CA VAL J 862 -130.98 79.12 41.15
C VAL J 862 -131.86 78.40 40.15
N LEU J 863 -133.12 78.82 40.02
CA LEU J 863 -134.07 78.18 39.12
C LEU J 863 -134.70 79.26 38.24
N PRO J 864 -134.67 79.11 36.92
CA PRO J 864 -135.16 80.18 36.02
C PRO J 864 -136.68 80.29 36.07
N PRO J 865 -137.25 81.44 35.70
CA PRO J 865 -138.72 81.61 35.81
C PRO J 865 -139.52 80.79 34.82
N HIS J 866 -138.92 80.25 33.75
CA HIS J 866 -139.69 79.44 32.81
C HIS J 866 -140.03 78.08 33.37
N LEU J 867 -139.27 77.59 34.35
CA LEU J 867 -139.57 76.34 35.03
C LEU J 867 -140.13 76.54 36.43
N GLU J 868 -140.31 77.79 36.87
CA GLU J 868 -140.89 78.02 38.18
C GLU J 868 -142.42 77.94 38.15
N ARG J 869 -143.03 78.25 37.01
CA ARG J 869 -144.48 78.14 36.88
C ARG J 869 -144.92 76.69 36.66
N ILE J 870 -144.04 75.85 36.13
CA ILE J 870 -144.39 74.45 35.87
C ILE J 870 -144.27 73.59 37.12
N ARG J 871 -143.68 74.13 38.20
CA ARG J 871 -143.54 73.37 39.43
C ARG J 871 -144.89 73.19 40.12
N GLU J 872 -145.80 74.16 39.96
CA GLU J 872 -147.14 74.00 40.49
C GLU J 872 -147.98 73.07 39.63
N LYS J 873 -147.74 73.07 38.32
CA LYS J 873 -148.50 72.18 37.43
C LYS J 873 -148.07 70.74 37.58
N LEU J 874 -146.80 70.50 37.92
CA LEU J 874 -146.34 69.15 38.21
C LEU J 874 -146.78 68.70 39.59
N ALA J 875 -146.93 69.64 40.53
CA ALA J 875 -147.33 69.30 41.89
C ALA J 875 -148.80 68.91 41.96
N GLU J 876 -149.63 69.57 41.15
CA GLU J 876 -151.03 69.16 41.04
C GLU J 876 -151.17 67.89 40.23
N ASN J 877 -150.20 67.62 39.34
CA ASN J 877 -150.21 66.39 38.57
C ASN J 877 -149.88 65.19 39.44
N ILE J 878 -148.93 65.33 40.36
CA ILE J 878 -148.56 64.23 41.24
C ILE J 878 -149.64 63.99 42.28
N HIS J 879 -150.32 65.07 42.70
CA HIS J 879 -151.44 64.91 43.62
C HIS J 879 -152.64 64.29 42.91
N GLU J 880 -152.78 64.53 41.61
CA GLU J 880 -153.83 63.86 40.84
C GLU J 880 -153.47 62.40 40.60
N LEU J 881 -152.17 62.10 40.48
CA LEU J 881 -151.76 60.71 40.30
C LEU J 881 -151.78 59.96 41.63
N TRP J 882 -151.57 60.66 42.74
CA TRP J 882 -151.64 60.01 44.05
C TRP J 882 -153.09 59.73 44.43
N ALA J 883 -154.01 60.61 44.03
CA ALA J 883 -155.42 60.41 44.35
C ALA J 883 -156.06 59.37 43.42
N LEU J 884 -155.46 59.14 42.25
CA LEU J 884 -156.02 58.16 41.32
C LEU J 884 -155.73 56.74 41.79
N THR J 885 -154.52 56.49 42.28
CA THR J 885 -154.17 55.15 42.76
C THR J 885 -154.81 54.89 44.13
N ARG J 886 -154.99 55.94 44.93
CA ARG J 886 -155.56 55.77 46.27
C ARG J 886 -157.05 55.43 46.20
N ILE J 887 -157.77 56.00 45.24
CA ILE J 887 -159.17 55.63 45.03
C ILE J 887 -159.28 54.26 44.37
N GLU J 888 -158.23 53.85 43.66
CA GLU J 888 -158.25 52.57 42.97
C GLU J 888 -158.07 51.41 43.95
N GLN J 889 -157.31 51.63 45.03
CA GLN J 889 -157.11 50.56 46.00
C GLN J 889 -158.10 50.66 47.17
N GLY J 890 -158.58 51.87 47.48
CA GLY J 890 -159.67 51.98 48.44
C GLY J 890 -159.73 53.19 49.36
N TRP J 891 -158.86 54.17 49.17
CA TRP J 891 -158.93 55.38 49.97
C TRP J 891 -160.07 56.27 49.50
N THR J 892 -160.63 57.03 50.45
CA THR J 892 -161.76 57.90 50.17
C THR J 892 -161.51 59.28 50.79
N TYR J 893 -162.33 60.24 50.35
CA TYR J 893 -162.28 61.60 50.88
C TYR J 893 -162.89 61.62 52.27
N GLY J 894 -162.15 62.21 53.22
CA GLY J 894 -162.66 62.40 54.55
C GLY J 894 -162.00 63.58 55.24
N PRO J 895 -162.65 64.10 56.29
CA PRO J 895 -162.01 65.18 57.06
C PRO J 895 -160.91 64.68 57.97
N VAL J 896 -161.07 63.49 58.52
CA VAL J 896 -160.06 62.88 59.39
C VAL J 896 -159.16 61.98 58.55
N ARG J 897 -157.96 61.73 59.05
CA ARG J 897 -156.98 60.90 58.37
C ARG J 897 -156.80 59.58 59.13
N ASP J 898 -156.99 58.47 58.42
CA ASP J 898 -156.86 57.14 58.99
C ASP J 898 -156.39 56.17 57.92
N ASP J 899 -155.35 55.39 58.24
CA ASP J 899 -154.83 54.41 57.29
C ASP J 899 -155.64 53.12 57.33
N ASN J 900 -156.06 52.70 58.52
CA ASN J 900 -156.82 51.45 58.65
C ASN J 900 -158.24 51.63 58.15
N LYS J 901 -158.82 52.82 58.32
CA LYS J 901 -160.15 53.10 57.79
C LYS J 901 -160.12 53.56 56.33
N ARG J 902 -158.92 53.69 55.74
CA ARG J 902 -158.70 54.13 54.36
C ARG J 902 -159.31 55.51 54.10
N LEU J 903 -158.79 56.50 54.81
CA LEU J 903 -159.23 57.89 54.71
C LEU J 903 -158.09 58.72 54.16
N HIS J 904 -158.35 59.45 53.07
CA HIS J 904 -157.37 60.31 52.44
C HIS J 904 -157.84 61.76 52.54
N PRO J 905 -157.09 62.63 53.21
CA PRO J 905 -157.54 64.02 53.36
C PRO J 905 -157.36 64.85 52.09
N CYS J 906 -156.34 64.54 51.27
CA CYS J 906 -156.07 65.31 50.07
C CYS J 906 -156.52 64.58 48.80
N LEU J 907 -157.64 63.87 48.87
CA LEU J 907 -158.13 63.08 47.75
C LEU J 907 -159.03 63.87 46.80
N VAL J 908 -159.47 65.06 47.20
CA VAL J 908 -160.34 65.87 46.34
C VAL J 908 -159.52 66.54 45.25
N ASN J 909 -158.62 67.44 45.66
CA ASN J 909 -157.86 68.25 44.72
C ASN J 909 -156.60 68.75 45.43
N PHE J 910 -155.75 69.45 44.67
CA PHE J 910 -154.54 70.02 45.23
C PHE J 910 -154.86 71.27 46.05
N HIS J 911 -155.82 72.06 45.59
CA HIS J 911 -156.25 73.24 46.36
C HIS J 911 -157.06 72.84 47.58
N SER J 912 -157.74 71.69 47.54
CA SER J 912 -158.50 71.22 48.69
C SER J 912 -157.60 70.60 49.75
N LEU J 913 -156.34 70.31 49.42
CA LEU J 913 -155.37 69.87 50.41
C LEU J 913 -155.06 71.03 51.36
N PRO J 914 -154.72 70.72 52.61
CA PRO J 914 -154.33 71.78 53.55
C PRO J 914 -152.98 72.39 53.17
N GLU J 915 -152.63 73.46 53.90
CA GLU J 915 -151.40 74.18 53.60
C GLU J 915 -150.11 73.40 53.90
N PRO J 916 -149.96 72.65 55.02
CA PRO J 916 -148.71 71.85 55.15
C PRO J 916 -148.62 70.70 54.16
N GLU J 917 -149.74 70.26 53.60
CA GLU J 917 -149.69 69.31 52.48
C GLU J 917 -149.31 70.01 51.18
N ARG J 918 -149.66 71.28 51.05
CA ARG J 918 -149.42 71.98 49.78
C ARG J 918 -147.97 72.43 49.67
N ASN J 919 -147.41 73.03 50.73
CA ASN J 919 -146.02 73.48 50.65
C ASN J 919 -145.03 72.32 50.72
N TYR J 920 -145.46 71.16 51.25
CA TYR J 920 -144.63 69.96 51.19
C TYR J 920 -144.49 69.48 49.75
N ASN J 921 -145.54 69.62 48.95
CA ASN J 921 -145.50 69.15 47.57
C ASN J 921 -144.61 70.08 46.75
N LEU J 922 -144.63 71.37 47.05
CA LEU J 922 -143.87 72.33 46.26
C LEU J 922 -142.38 72.32 46.61
N GLN J 923 -142.03 72.00 47.87
CA GLN J 923 -140.61 71.87 48.18
C GLN J 923 -140.08 70.55 47.64
N MET J 924 -140.93 69.52 47.60
CA MET J 924 -140.55 68.27 46.97
C MET J 924 -140.52 68.42 45.45
N SER J 925 -141.42 69.24 44.90
CA SER J 925 -141.31 69.59 43.49
C SER J 925 -140.15 70.55 43.28
N GLY J 926 -139.89 71.41 44.27
CA GLY J 926 -138.74 72.30 44.19
C GLY J 926 -137.42 71.59 44.35
N GLU J 927 -137.44 70.40 44.97
CA GLU J 927 -136.22 69.63 45.08
C GLU J 927 -135.92 68.85 43.81
N THR J 928 -136.96 68.27 43.18
CA THR J 928 -136.72 67.28 42.12
C THR J 928 -136.35 67.96 40.80
N LEU J 929 -136.69 69.24 40.63
CA LEU J 929 -136.14 69.98 39.51
C LEU J 929 -134.83 70.67 39.90
N LYS J 930 -134.56 70.80 41.21
CA LYS J 930 -133.26 71.32 41.63
C LYS J 930 -132.16 70.30 41.34
N THR J 931 -132.46 69.01 41.48
CA THR J 931 -131.51 67.98 41.10
C THR J 931 -131.60 67.61 39.63
N LEU J 932 -132.58 68.16 38.89
CA LEU J 932 -132.74 67.81 37.49
C LEU J 932 -131.66 68.47 36.63
N LEU J 933 -131.45 69.78 36.81
CA LEU J 933 -130.35 70.45 36.13
C LEU J 933 -129.07 70.38 36.97
N ALA J 934 -129.07 69.67 38.10
CA ALA J 934 -127.85 69.43 38.85
C ALA J 934 -127.02 68.28 38.27
N LEU J 935 -127.64 67.33 37.57
CA LEU J 935 -126.85 66.28 36.91
C LEU J 935 -126.22 66.79 35.62
N GLY J 936 -126.82 67.80 35.00
CA GLY J 936 -126.31 68.36 33.75
C GLY J 936 -127.19 68.19 32.53
N CYS J 937 -128.42 67.70 32.70
CA CYS J 937 -129.34 67.57 31.59
C CYS J 937 -129.94 68.93 31.24
N HIS J 938 -129.83 69.32 29.97
CA HIS J 938 -130.35 70.61 29.53
C HIS J 938 -131.84 70.51 29.20
N VAL J 939 -132.63 71.44 29.73
CA VAL J 939 -134.06 71.53 29.43
C VAL J 939 -134.32 72.83 28.67
N GLY J 940 -135.32 72.78 27.78
CA GLY J 940 -135.83 73.98 27.13
C GLY J 940 -137.34 73.96 27.14
N MET J 941 -137.93 75.12 26.89
CA MET J 941 -139.38 75.28 26.89
C MET J 941 -139.85 75.56 25.48
N ALA J 942 -140.62 74.63 24.91
CA ALA J 942 -141.14 74.77 23.55
C ALA J 942 -142.40 73.94 23.42
N ASP J 943 -143.13 74.19 22.33
CA ASP J 943 -144.39 73.52 21.99
C ASP J 943 -145.43 73.66 23.11
N GLU J 944 -145.74 74.92 23.43
CA GLU J 944 -146.72 75.21 24.48
C GLU J 944 -148.14 74.98 23.97
N LYS J 945 -148.36 75.15 22.66
CA LYS J 945 -149.68 74.93 22.08
C LYS J 945 -150.03 73.45 22.02
N ALA J 946 -149.03 72.58 21.86
CA ALA J 946 -149.27 71.14 21.85
C ALA J 946 -149.56 70.62 23.25
N GLU J 947 -149.02 71.29 24.27
CA GLU J 947 -149.29 70.90 25.64
C GLU J 947 -150.70 71.33 26.07
N ASP J 948 -151.13 72.51 25.61
CA ASP J 948 -152.48 72.98 25.91
C ASP J 948 -153.53 72.21 25.11
N ASN J 949 -153.14 71.64 23.97
CA ASN J 949 -154.06 70.79 23.22
C ASN J 949 -154.22 69.42 23.87
N LEU J 950 -153.29 69.03 24.74
CA LEU J 950 -153.41 67.78 25.45
C LEU J 950 -154.45 67.89 26.56
N LYS J 951 -155.35 66.91 26.62
CA LYS J 951 -156.42 66.89 27.60
C LYS J 951 -156.05 65.92 28.73
N LYS J 952 -156.99 65.75 29.66
CA LYS J 952 -156.82 64.80 30.73
C LYS J 952 -157.07 63.37 30.25
N THR J 953 -156.63 62.41 31.05
CA THR J 953 -156.87 61.00 30.77
C THR J 953 -158.32 60.64 31.01
N LYS J 954 -158.78 59.59 30.34
CA LYS J 954 -160.17 59.17 30.49
C LYS J 954 -160.38 58.41 31.79
N LEU J 955 -161.47 58.72 32.48
CA LEU J 955 -161.80 58.09 33.76
C LEU J 955 -163.20 57.51 33.65
N PRO J 956 -163.40 56.23 33.91
CA PRO J 956 -164.72 55.61 33.78
C PRO J 956 -165.55 55.78 35.05
N LYS J 957 -166.68 55.07 35.07
CA LYS J 957 -167.59 55.12 36.21
C LYS J 957 -167.02 54.42 37.43
N THR J 958 -166.23 53.36 37.21
CA THR J 958 -165.55 52.68 38.30
C THR J 958 -164.33 53.45 38.79
N TYR J 959 -163.85 54.43 38.01
CA TYR J 959 -162.66 55.17 38.41
C TYR J 959 -162.95 56.24 39.46
N MET J 960 -164.16 56.82 39.46
CA MET J 960 -164.46 57.82 40.48
C MET J 960 -164.79 57.14 41.80
N MET J 961 -164.37 57.77 42.90
CA MET J 961 -164.45 57.18 44.22
C MET J 961 -165.85 57.37 44.81
N SER J 962 -165.96 57.06 46.11
CA SER J 962 -167.25 57.08 46.78
C SER J 962 -167.72 58.49 47.13
N ASN J 963 -166.83 59.48 47.11
CA ASN J 963 -167.22 60.83 47.44
C ASN J 963 -167.93 61.53 46.28
N GLY J 964 -167.63 61.13 45.05
CA GLY J 964 -168.17 61.78 43.87
C GLY J 964 -167.20 62.66 43.12
N TYR J 965 -165.96 62.80 43.60
CA TYR J 965 -164.96 63.64 42.97
C TYR J 965 -163.77 62.79 42.57
N LYS J 966 -163.30 62.96 41.33
CA LYS J 966 -162.17 62.21 40.82
C LYS J 966 -161.05 63.13 40.36
N PRO J 967 -159.80 62.73 40.50
CA PRO J 967 -158.70 63.48 39.89
C PRO J 967 -158.67 63.26 38.39
N ALA J 968 -158.15 64.27 37.68
CA ALA J 968 -158.02 64.23 36.22
C ALA J 968 -156.55 64.40 35.87
N PRO J 969 -155.78 63.31 35.88
CA PRO J 969 -154.34 63.43 35.56
C PRO J 969 -154.10 63.58 34.07
N LEU J 970 -152.92 64.10 33.75
CA LEU J 970 -152.54 64.30 32.37
C LEU J 970 -152.19 62.97 31.72
N ASP J 971 -152.70 62.77 30.50
CA ASP J 971 -152.42 61.55 29.77
C ASP J 971 -151.01 61.61 29.17
N LEU J 972 -150.22 60.57 29.44
CA LEU J 972 -148.86 60.48 28.91
C LEU J 972 -148.71 59.30 27.96
N SER J 973 -149.81 58.81 27.40
CA SER J 973 -149.82 57.65 26.52
C SER J 973 -149.31 57.98 25.11
N HIS J 974 -149.30 59.25 24.73
CA HIS J 974 -148.74 59.64 23.44
C HIS J 974 -147.22 59.67 23.46
N VAL J 975 -146.62 59.82 24.64
CA VAL J 975 -145.17 59.94 24.78
C VAL J 975 -144.61 58.63 25.34
N ARG J 976 -143.58 58.11 24.69
CA ARG J 976 -142.90 56.90 25.11
C ARG J 976 -141.52 57.26 25.65
N LEU J 977 -141.11 56.56 26.70
CA LEU J 977 -139.81 56.84 27.31
C LEU J 977 -138.70 56.08 26.59
N THR J 978 -137.57 56.75 26.43
CA THR J 978 -136.37 56.24 25.79
C THR J 978 -135.42 55.67 26.83
N PRO J 979 -134.49 54.81 26.43
CA PRO J 979 -133.51 54.31 27.43
C PRO J 979 -132.56 55.37 27.96
N ALA J 980 -132.40 56.50 27.27
CA ALA J 980 -131.67 57.63 27.84
C ALA J 980 -132.44 58.22 29.03
N GLN J 981 -133.77 58.22 28.97
CA GLN J 981 -134.56 58.66 30.11
C GLN J 981 -134.70 57.56 31.15
N THR J 982 -134.55 56.30 30.73
CA THR J 982 -134.58 55.19 31.68
C THR J 982 -133.34 55.20 32.57
N THR J 983 -132.21 55.66 32.04
CA THR J 983 -131.00 55.76 32.85
C THR J 983 -131.07 56.97 33.77
N LEU J 984 -131.75 58.03 33.34
CA LEU J 984 -131.87 59.24 34.16
C LEU J 984 -132.91 59.06 35.26
N VAL J 985 -133.96 58.27 35.01
CA VAL J 985 -134.97 58.04 36.04
C VAL J 985 -134.43 57.11 37.12
N ASP J 986 -133.36 56.34 36.83
CA ASP J 986 -132.66 55.63 37.88
C ASP J 986 -131.72 56.56 38.64
N ARG J 987 -131.15 57.56 37.94
CA ARG J 987 -130.20 58.46 38.59
C ARG J 987 -130.91 59.50 39.45
N LEU J 988 -132.12 59.90 39.06
CA LEU J 988 -132.92 60.79 39.89
C LEU J 988 -133.48 60.05 41.10
N ALA J 989 -133.81 58.77 40.92
CA ALA J 989 -134.29 57.97 42.04
C ALA J 989 -133.16 57.58 42.97
N GLU J 990 -131.94 57.49 42.45
CA GLU J 990 -130.78 57.27 43.30
C GLU J 990 -130.46 58.52 44.11
N ASN J 991 -130.59 59.70 43.51
CA ASN J 991 -130.30 60.93 44.22
C ASN J 991 -131.41 61.27 45.21
N GLY J 992 -132.62 60.77 44.97
CA GLY J 992 -133.73 61.06 45.87
C GLY J 992 -133.66 60.28 47.16
N HIS J 993 -133.14 59.04 47.11
CA HIS J 993 -133.07 58.25 48.32
C HIS J 993 -131.79 58.54 49.11
N ASN J 994 -130.71 58.91 48.41
CA ASN J 994 -129.47 59.23 49.11
C ASN J 994 -129.58 60.57 49.85
N VAL J 995 -130.41 61.49 49.35
CA VAL J 995 -130.68 62.69 50.10
C VAL J 995 -131.71 62.40 51.19
N TRP J 996 -132.45 61.29 51.06
CA TRP J 996 -133.34 60.85 52.13
C TRP J 996 -132.57 60.06 53.18
N ALA J 997 -131.52 59.35 52.77
CA ALA J 997 -130.72 58.58 53.72
C ALA J 997 -129.82 59.50 54.54
N ARG J 998 -129.37 60.60 53.95
CA ARG J 998 -128.46 61.50 54.67
C ARG J 998 -129.25 62.33 55.69
N ASP J 999 -130.47 62.72 55.35
CA ASP J 999 -131.26 63.55 56.26
C ASP J 999 -131.79 62.74 57.43
N ARG J 1000 -132.06 61.45 57.21
CA ARG J 1000 -132.47 60.57 58.30
C ARG J 1000 -131.28 60.22 59.20
N VAL J 1001 -130.09 60.16 58.62
CA VAL J 1001 -128.88 59.95 59.41
C VAL J 1001 -128.51 61.20 60.19
N ALA J 1002 -128.86 62.37 59.65
CA ALA J 1002 -128.64 63.62 60.38
C ALA J 1002 -129.62 63.78 61.52
N GLN J 1003 -130.79 63.14 61.43
CA GLN J 1003 -131.75 63.19 62.51
C GLN J 1003 -131.34 62.26 63.65
N GLY J 1004 -130.74 61.12 63.32
CA GLY J 1004 -130.29 60.19 64.34
C GLY J 1004 -130.83 58.78 64.19
N TRP J 1005 -131.21 58.40 62.97
CA TRP J 1005 -131.75 57.09 62.69
C TRP J 1005 -130.63 56.12 62.28
N SER J 1006 -130.95 54.82 62.31
CA SER J 1006 -130.01 53.77 61.92
C SER J 1006 -130.76 52.68 61.15
N TYR J 1007 -130.04 51.60 60.83
CA TYR J 1007 -130.54 50.51 60.00
C TYR J 1007 -130.55 49.19 60.78
N SER J 1008 -131.61 48.40 60.59
CA SER J 1008 -131.68 47.03 61.08
C SER J 1008 -132.59 46.21 60.19
N ALA J 1009 -132.56 44.89 60.39
CA ALA J 1009 -133.47 44.01 59.66
C ALA J 1009 -134.90 44.14 60.18
N VAL J 1010 -135.06 44.35 61.48
CA VAL J 1010 -136.38 44.64 62.03
C VAL J 1010 -136.65 46.14 61.90
N GLN J 1011 -137.93 46.49 61.89
CA GLN J 1011 -138.33 47.89 61.79
C GLN J 1011 -138.86 48.31 63.15
N ASP J 1012 -138.08 49.08 63.89
CA ASP J 1012 -138.46 49.54 65.23
C ASP J 1012 -138.49 51.06 65.22
N ILE J 1013 -139.70 51.62 65.17
CA ILE J 1013 -139.89 53.07 65.12
C ILE J 1013 -139.37 53.80 66.37
N PRO J 1014 -139.66 53.39 67.63
CA PRO J 1014 -139.07 54.16 68.74
C PRO J 1014 -137.59 53.88 68.98
N ALA J 1015 -137.03 52.84 68.38
CA ALA J 1015 -135.60 52.54 68.52
C ALA J 1015 -134.76 53.19 67.43
N ARG J 1016 -135.36 54.06 66.60
CA ARG J 1016 -134.70 54.81 65.51
C ARG J 1016 -134.07 53.89 64.46
N ARG J 1017 -134.71 52.76 64.16
CA ARG J 1017 -134.19 51.82 63.16
C ARG J 1017 -135.21 51.55 62.07
N ASN J 1018 -134.79 51.68 60.81
CA ASN J 1018 -135.66 51.50 59.65
C ASN J 1018 -134.90 50.68 58.62
N PRO J 1019 -135.54 49.66 58.02
CA PRO J 1019 -134.79 48.71 57.18
C PRO J 1019 -134.39 49.21 55.80
N ARG J 1020 -134.86 50.37 55.34
CA ARG J 1020 -134.41 50.89 54.05
C ARG J 1020 -133.43 52.05 54.18
N LEU J 1021 -132.63 52.07 55.25
CA LEU J 1021 -131.63 53.12 55.42
C LEU J 1021 -130.25 52.64 54.97
N VAL J 1022 -130.23 52.12 53.75
CA VAL J 1022 -129.00 51.73 53.06
C VAL J 1022 -128.97 52.50 51.74
N PRO J 1023 -127.78 52.70 51.15
CA PRO J 1023 -127.70 53.40 49.86
C PRO J 1023 -128.35 52.62 48.72
N TYR J 1024 -128.46 53.30 47.58
CA TYR J 1024 -129.31 52.85 46.48
C TYR J 1024 -128.80 51.59 45.81
N ARG J 1025 -127.47 51.41 45.76
CA ARG J 1025 -126.94 50.18 45.16
C ARG J 1025 -127.05 49.00 46.12
N LEU J 1026 -127.22 49.25 47.41
CA LEU J 1026 -127.42 48.20 48.39
C LEU J 1026 -128.87 48.07 48.83
N LEU J 1027 -129.78 48.79 48.17
CA LEU J 1027 -131.22 48.67 48.44
C LEU J 1027 -131.80 47.55 47.58
N ASP J 1028 -132.84 46.90 48.13
CA ASP J 1028 -133.50 45.82 47.43
C ASP J 1028 -134.31 46.35 46.24
N GLU J 1029 -134.60 45.45 45.29
CA GLU J 1029 -135.19 45.85 44.02
C GLU J 1029 -136.67 46.21 44.16
N ALA J 1030 -137.31 45.79 45.25
CA ALA J 1030 -138.72 46.12 45.46
C ALA J 1030 -138.90 47.58 45.83
N THR J 1031 -137.98 48.12 46.65
CA THR J 1031 -138.03 49.54 46.99
C THR J 1031 -137.44 50.38 45.86
N LYS J 1032 -136.51 49.81 45.09
CA LYS J 1032 -135.87 50.54 43.99
C LYS J 1032 -136.84 50.74 42.83
N ARG J 1033 -137.70 49.75 42.56
CA ARG J 1033 -138.68 49.90 41.49
C ARG J 1033 -139.84 50.77 41.93
N SER J 1034 -140.13 50.79 43.23
CA SER J 1034 -141.28 51.53 43.75
C SER J 1034 -141.07 53.04 43.61
N ASN J 1035 -139.85 53.51 43.85
CA ASN J 1035 -139.59 54.94 43.69
C ASN J 1035 -139.35 55.30 42.23
N ARG J 1036 -139.03 54.31 41.40
CA ARG J 1036 -138.85 54.58 39.97
C ARG J 1036 -140.19 54.67 39.25
N ASP J 1037 -141.19 53.88 39.68
CA ASP J 1037 -142.51 54.08 39.10
C ASP J 1037 -143.19 55.33 39.63
N SER J 1038 -142.79 55.80 40.82
CA SER J 1038 -143.34 57.06 41.33
C SER J 1038 -142.70 58.26 40.66
N LEU J 1039 -141.46 58.13 40.22
CA LEU J 1039 -140.77 59.24 39.59
C LEU J 1039 -140.89 59.20 38.06
N CYS J 1040 -141.26 58.04 37.49
CA CYS J 1040 -141.63 57.99 36.07
C CYS J 1040 -142.92 58.75 35.80
N GLN J 1041 -143.73 58.99 36.82
CA GLN J 1041 -144.93 59.80 36.62
C GLN J 1041 -144.57 61.25 36.38
N ALA J 1042 -143.60 61.77 37.12
CA ALA J 1042 -143.31 63.21 37.05
C ALA J 1042 -142.51 63.57 35.82
N VAL J 1043 -141.73 62.63 35.26
CA VAL J 1043 -140.89 62.95 34.11
C VAL J 1043 -141.74 63.05 32.84
N ARG J 1044 -142.62 62.07 32.61
CA ARG J 1044 -143.30 62.02 31.32
C ARG J 1044 -144.39 63.08 31.19
N THR J 1045 -144.89 63.60 32.30
CA THR J 1045 -145.77 64.78 32.23
C THR J 1045 -144.98 66.06 31.99
N LEU J 1046 -143.78 66.18 32.57
CA LEU J 1046 -142.92 67.30 32.20
C LEU J 1046 -142.43 67.13 30.77
N LEU J 1047 -142.23 65.88 30.32
CA LEU J 1047 -142.04 65.61 28.90
C LEU J 1047 -143.35 65.75 28.13
N GLY J 1048 -144.49 65.66 28.82
CA GLY J 1048 -145.77 65.91 28.18
C GLY J 1048 -146.15 67.37 28.07
N TYR J 1049 -145.52 68.25 28.85
CA TYR J 1049 -145.76 69.67 28.75
C TYR J 1049 -144.90 70.36 27.70
N GLY J 1050 -144.18 69.58 26.88
CA GLY J 1050 -143.36 70.15 25.82
C GLY J 1050 -141.91 70.38 26.18
N TYR J 1051 -141.53 70.17 27.44
CA TYR J 1051 -140.15 70.38 27.86
C TYR J 1051 -139.31 69.20 27.39
N ASN J 1052 -138.25 69.48 26.63
CA ASN J 1052 -137.36 68.46 26.10
C ASN J 1052 -136.14 68.30 27.01
N ILE J 1053 -135.71 67.05 27.18
CA ILE J 1053 -134.57 66.71 28.02
C ILE J 1053 -133.45 66.18 27.13
N GLU J 1054 -132.27 66.79 27.25
CA GLU J 1054 -131.10 66.35 26.53
C GLU J 1054 -130.24 65.44 27.39
N PRO J 1055 -129.59 64.44 26.78
CA PRO J 1055 -128.73 63.51 27.52
C PRO J 1055 -127.38 64.12 27.90
N ASP J 1070 -109.94 43.64 44.02
CA ASP J 1070 -108.57 43.83 44.47
C ASP J 1070 -107.60 43.76 43.30
N ARG J 1071 -106.89 42.64 43.19
CA ARG J 1071 -105.98 42.42 42.07
C ARG J 1071 -106.39 41.15 41.32
N VAL J 1072 -105.54 40.64 40.45
CA VAL J 1072 -105.87 39.50 39.59
C VAL J 1072 -105.01 38.30 40.00
N ARG J 1073 -105.66 37.14 40.11
CA ARG J 1073 -104.99 35.90 40.49
C ARG J 1073 -104.50 35.16 39.25
N ILE J 1074 -103.37 34.47 39.40
CA ILE J 1074 -102.75 33.68 38.34
C ILE J 1074 -102.54 32.27 38.86
N PHE J 1075 -103.15 31.28 38.20
CA PHE J 1075 -103.08 29.88 38.60
C PHE J 1075 -102.26 29.12 37.56
N ARG J 1076 -101.03 28.77 37.91
CA ARG J 1076 -100.15 28.01 37.04
C ARG J 1076 -99.67 26.75 37.74
N ALA J 1077 -99.13 25.82 36.95
CA ALA J 1077 -98.65 24.56 37.48
C ALA J 1077 -97.24 24.71 38.04
N GLU J 1078 -96.68 23.62 38.54
CA GLU J 1078 -95.33 23.66 39.08
C GLU J 1078 -94.31 23.64 37.95
N LYS J 1079 -93.11 24.16 38.24
CA LYS J 1079 -92.09 24.29 37.21
C LYS J 1079 -91.40 22.97 36.88
N SER J 1080 -91.63 21.92 37.66
CA SER J 1080 -91.06 20.62 37.33
C SER J 1080 -91.87 19.88 36.25
N TYR J 1081 -93.06 20.37 35.91
CA TYR J 1081 -93.90 19.76 34.87
C TYR J 1081 -93.86 20.54 33.56
N THR J 1082 -92.79 21.30 33.31
CA THR J 1082 -92.70 22.07 32.07
C THR J 1082 -92.36 21.15 30.91
N VAL J 1083 -92.96 21.41 29.77
CA VAL J 1083 -92.81 20.55 28.59
C VAL J 1083 -91.86 21.22 27.61
N GLN J 1084 -91.15 20.39 26.84
CA GLN J 1084 -90.20 20.85 25.85
C GLN J 1084 -90.42 20.25 24.48
N SER J 1085 -91.21 19.19 24.36
CA SER J 1085 -91.42 18.52 23.09
C SER J 1085 -92.77 17.81 23.14
N GLY J 1086 -93.26 17.44 21.96
CA GLY J 1086 -94.52 16.75 21.86
C GLY J 1086 -95.69 17.73 21.73
N ARG J 1087 -96.88 17.15 21.81
CA ARG J 1087 -98.14 17.88 21.70
C ARG J 1087 -98.98 17.62 22.93
N TRP J 1088 -99.46 18.70 23.56
CA TRP J 1088 -100.16 18.62 24.83
C TRP J 1088 -101.46 19.41 24.77
N TYR J 1089 -102.45 18.95 25.53
CA TYR J 1089 -103.81 19.49 25.49
C TYR J 1089 -104.37 19.54 26.91
N PHE J 1090 -105.06 20.64 27.22
CA PHE J 1090 -105.84 20.75 28.45
C PHE J 1090 -107.08 21.56 28.13
N GLU J 1091 -108.00 21.61 29.10
CA GLU J 1091 -109.30 22.23 28.91
C GLU J 1091 -109.58 23.22 30.02
N PHE J 1092 -110.57 24.09 29.81
CA PHE J 1092 -110.99 25.04 30.83
C PHE J 1092 -112.49 25.29 30.70
N GLU J 1093 -113.24 24.97 31.73
CA GLU J 1093 -114.66 25.27 31.78
C GLU J 1093 -114.88 26.65 32.39
N ALA J 1094 -115.87 27.37 31.85
CA ALA J 1094 -116.20 28.73 32.29
C ALA J 1094 -117.58 28.71 32.94
N VAL J 1095 -117.61 28.77 34.27
CA VAL J 1095 -118.88 28.78 34.99
C VAL J 1095 -119.54 30.14 34.91
N THR J 1096 -118.82 31.20 35.26
CA THR J 1096 -119.30 32.57 35.14
C THR J 1096 -118.46 33.30 34.12
N THR J 1097 -119.11 33.92 33.13
CA THR J 1097 -118.41 34.63 32.08
C THR J 1097 -117.79 35.92 32.62
N GLY J 1098 -116.70 36.33 31.99
CA GLY J 1098 -116.03 37.55 32.40
C GLY J 1098 -114.56 37.52 31.99
N GLU J 1099 -113.75 38.26 32.75
CA GLU J 1099 -112.32 38.41 32.46
C GLU J 1099 -111.60 37.19 33.01
N MET J 1100 -111.39 36.20 32.14
CA MET J 1100 -110.52 35.07 32.43
C MET J 1100 -109.60 34.86 31.23
N ARG J 1101 -108.35 34.51 31.51
CA ARG J 1101 -107.33 34.35 30.49
C ARG J 1101 -106.67 32.99 30.68
N VAL J 1102 -106.80 32.11 29.69
CA VAL J 1102 -106.21 30.78 29.73
C VAL J 1102 -105.34 30.57 28.50
N GLY J 1103 -104.26 29.82 28.68
CA GLY J 1103 -103.30 29.53 27.64
C GLY J 1103 -102.06 28.83 28.16
N TRP J 1104 -100.90 29.13 27.58
CA TRP J 1104 -99.62 28.56 27.97
C TRP J 1104 -98.63 29.67 28.29
N ALA J 1105 -97.78 29.43 29.29
CA ALA J 1105 -96.79 30.43 29.70
C ALA J 1105 -95.48 29.74 30.04
N ARG J 1106 -94.39 30.50 29.89
CA ARG J 1106 -93.08 30.00 30.25
C ARG J 1106 -92.89 30.00 31.77
N PRO J 1107 -92.03 29.11 32.30
CA PRO J 1107 -91.88 29.03 33.77
C PRO J 1107 -91.23 30.25 34.41
N GLU J 1108 -90.58 31.12 33.65
CA GLU J 1108 -90.02 32.34 34.20
C GLU J 1108 -91.02 33.50 34.11
N LEU J 1109 -92.25 33.25 34.54
CA LEU J 1109 -93.32 34.25 34.50
C LEU J 1109 -93.36 35.02 35.81
N ARG J 1110 -93.40 36.35 35.69
CA ARG J 1110 -93.44 37.21 36.89
C ARG J 1110 -94.88 37.58 37.23
N PRO J 1111 -95.25 37.54 38.52
CA PRO J 1111 -96.63 37.82 38.90
C PRO J 1111 -96.98 39.29 38.99
N ASP J 1112 -95.98 40.18 38.93
CA ASP J 1112 -96.24 41.61 38.99
C ASP J 1112 -96.82 42.13 37.68
N VAL J 1113 -96.38 41.57 36.55
CA VAL J 1113 -96.89 42.00 35.26
C VAL J 1113 -98.29 41.40 35.05
N GLU J 1114 -99.10 42.11 34.26
CA GLU J 1114 -100.41 41.58 33.87
C GLU J 1114 -100.21 40.42 32.89
N LEU J 1115 -101.00 39.36 33.06
CA LEU J 1115 -100.81 38.15 32.27
C LEU J 1115 -101.28 38.39 30.84
N GLY J 1116 -100.33 38.47 29.91
CA GLY J 1116 -100.61 38.70 28.51
C GLY J 1116 -100.00 39.97 27.95
N ALA J 1117 -99.54 40.87 28.80
CA ALA J 1117 -98.90 42.10 28.34
C ALA J 1117 -97.39 41.95 28.14
N ASP J 1118 -96.82 40.79 28.42
CA ASP J 1118 -95.39 40.57 28.29
C ASP J 1118 -95.14 39.43 27.30
N GLU J 1119 -93.85 39.17 27.04
CA GLU J 1119 -93.43 38.13 26.11
C GLU J 1119 -93.17 36.79 26.80
N LEU J 1120 -93.80 36.56 27.94
CA LEU J 1120 -93.61 35.33 28.71
C LEU J 1120 -94.82 34.41 28.65
N ALA J 1121 -95.85 34.77 27.87
CA ALA J 1121 -97.06 33.98 27.81
C ALA J 1121 -97.77 34.20 26.48
N TYR J 1122 -98.46 33.16 26.03
CA TYR J 1122 -99.33 33.20 24.86
C TYR J 1122 -100.73 32.81 25.34
N VAL J 1123 -101.57 33.82 25.58
CA VAL J 1123 -102.81 33.63 26.31
C VAL J 1123 -103.97 34.18 25.47
N PHE J 1124 -105.17 33.67 25.73
CA PHE J 1124 -106.37 34.02 24.99
C PHE J 1124 -107.43 34.51 25.97
N ASN J 1125 -107.79 35.80 25.87
CA ASN J 1125 -108.81 36.40 26.71
C ASN J 1125 -110.15 36.21 26.02
N GLY J 1126 -111.16 35.82 26.78
CA GLY J 1126 -112.45 35.45 26.22
C GLY J 1126 -113.62 36.36 26.51
N HIS J 1127 -113.42 37.46 27.24
CA HIS J 1127 -114.54 38.34 27.56
C HIS J 1127 -114.93 39.17 26.34
N ARG J 1128 -113.95 39.82 25.72
CA ARG J 1128 -114.18 40.54 24.47
C ARG J 1128 -113.60 39.83 23.25
N GLY J 1129 -113.01 38.64 23.44
CA GLY J 1129 -112.52 37.85 22.33
C GLY J 1129 -111.27 38.37 21.65
N GLN J 1130 -110.14 38.32 22.36
CA GLN J 1130 -108.87 38.79 21.81
C GLN J 1130 -107.73 38.02 22.46
N ARG J 1131 -106.63 37.89 21.71
CA ARG J 1131 -105.40 37.28 22.22
C ARG J 1131 -104.47 38.36 22.76
N TRP J 1132 -103.67 37.98 23.75
CA TRP J 1132 -102.81 38.92 24.46
C TRP J 1132 -101.37 38.41 24.46
N HIS J 1133 -100.53 38.99 23.61
CA HIS J 1133 -99.09 38.72 23.61
C HIS J 1133 -98.39 39.92 23.01
N LEU J 1134 -97.70 40.71 23.86
CA LEU J 1134 -97.04 41.96 23.50
C LEU J 1134 -98.00 42.94 22.81
N GLY J 1135 -99.21 43.02 23.34
CA GLY J 1135 -100.25 43.85 22.78
C GLY J 1135 -101.57 43.10 22.75
N SER J 1136 -102.45 43.52 21.85
CA SER J 1136 -103.76 42.91 21.73
C SER J 1136 -104.18 42.88 20.26
N GLU J 1137 -104.89 41.81 19.89
CA GLU J 1137 -105.41 41.61 18.55
C GLU J 1137 -106.68 40.80 18.64
N PRO J 1138 -107.72 41.16 17.89
CA PRO J 1138 -109.00 40.45 18.01
C PRO J 1138 -108.93 39.06 17.41
N PHE J 1139 -109.65 38.12 18.03
CA PHE J 1139 -109.57 36.70 17.65
C PHE J 1139 -110.80 36.00 18.17
N GLY J 1140 -111.49 35.28 17.28
CA GLY J 1140 -112.54 34.36 17.69
C GLY J 1140 -113.81 35.03 18.17
N ARG J 1141 -114.50 34.30 19.04
CA ARG J 1141 -115.81 34.64 19.57
C ARG J 1141 -115.74 34.90 21.07
N PRO J 1142 -116.66 35.71 21.59
CA PRO J 1142 -116.76 35.85 23.05
C PRO J 1142 -117.30 34.57 23.69
N TRP J 1143 -117.13 34.49 25.01
CA TRP J 1143 -117.54 33.33 25.78
C TRP J 1143 -119.01 33.43 26.18
N GLN J 1144 -119.52 32.36 26.77
CA GLN J 1144 -120.83 32.35 27.41
C GLN J 1144 -120.68 31.70 28.77
N SER J 1145 -121.78 31.38 29.43
CA SER J 1145 -121.74 30.81 30.79
C SER J 1145 -122.01 29.31 30.69
N GLY J 1146 -120.94 28.51 30.78
CA GLY J 1146 -121.07 27.07 30.79
C GLY J 1146 -120.42 26.38 29.61
N ASP J 1147 -119.37 26.99 29.05
CA ASP J 1147 -118.67 26.45 27.90
C ASP J 1147 -117.25 26.04 28.29
N VAL J 1148 -116.68 25.13 27.51
CA VAL J 1148 -115.34 24.63 27.76
C VAL J 1148 -114.40 25.16 26.68
N VAL J 1149 -113.22 25.61 27.10
CA VAL J 1149 -112.22 26.20 26.21
C VAL J 1149 -111.02 25.27 26.18
N GLY J 1150 -110.81 24.59 25.05
CA GLY J 1150 -109.71 23.66 24.91
C GLY J 1150 -108.47 24.28 24.28
N CYS J 1151 -107.33 24.11 24.94
CA CYS J 1151 -106.07 24.68 24.49
C CYS J 1151 -105.12 23.55 24.10
N MET J 1152 -104.63 23.59 22.87
CA MET J 1152 -103.63 22.66 22.39
C MET J 1152 -102.36 23.40 22.00
N ILE J 1153 -101.22 22.81 22.32
CA ILE J 1153 -99.91 23.29 21.89
C ILE J 1153 -99.27 22.15 21.11
N ASP J 1154 -98.43 22.49 20.13
CA ASP J 1154 -97.72 21.48 19.34
C ASP J 1154 -96.31 22.03 19.16
N LEU J 1155 -95.35 21.44 19.86
CA LEU J 1155 -93.98 21.93 19.84
C LEU J 1155 -93.20 21.49 18.60
N THR J 1156 -93.77 20.61 17.78
CA THR J 1156 -93.05 20.15 16.58
C THR J 1156 -93.18 21.15 15.43
N GLU J 1157 -94.32 21.81 15.30
CA GLU J 1157 -94.52 22.81 14.26
C GLU J 1157 -94.53 24.23 14.81
N ASN J 1158 -94.50 24.39 16.13
CA ASN J 1158 -94.54 25.67 16.86
C ASN J 1158 -95.78 26.48 16.48
N THR J 1159 -96.94 25.86 16.67
CA THR J 1159 -98.24 26.48 16.46
C THR J 1159 -99.12 26.22 17.67
N ILE J 1160 -99.97 27.19 18.04
CA ILE J 1160 -100.92 27.07 19.14
C ILE J 1160 -102.30 27.24 18.52
N ILE J 1161 -103.23 26.37 18.88
CA ILE J 1161 -104.60 26.41 18.40
C ILE J 1161 -105.52 26.52 19.61
N PHE J 1162 -106.46 27.46 19.57
CA PHE J 1162 -107.49 27.57 20.60
C PHE J 1162 -108.81 27.03 20.07
N THR J 1163 -109.41 26.10 20.81
CA THR J 1163 -110.68 25.48 20.44
C THR J 1163 -111.71 25.82 21.51
N LEU J 1164 -112.79 26.51 21.12
CA LEU J 1164 -113.88 26.87 22.01
C LEU J 1164 -115.04 25.91 21.73
N ASN J 1165 -115.34 25.05 22.72
CA ASN J 1165 -116.43 24.06 22.68
C ASN J 1165 -116.32 23.13 21.47
N GLY J 1166 -115.11 22.69 21.18
CA GLY J 1166 -114.84 21.81 20.06
C GLY J 1166 -114.64 22.50 18.72
N GLU J 1167 -115.13 23.72 18.58
CA GLU J 1167 -114.98 24.46 17.34
C GLU J 1167 -113.62 25.16 17.34
N VAL J 1168 -112.83 24.93 16.30
CA VAL J 1168 -111.52 25.55 16.21
C VAL J 1168 -111.67 27.03 15.86
N LEU J 1169 -111.19 27.89 16.74
CA LEU J 1169 -111.39 29.33 16.56
C LEU J 1169 -110.46 29.88 15.49
N MET J 1170 -111.03 30.69 14.60
CA MET J 1170 -110.27 31.35 13.55
C MET J 1170 -110.18 32.85 13.83
N SER J 1171 -109.17 33.47 13.25
CA SER J 1171 -108.99 34.91 13.35
C SER J 1171 -109.68 35.60 12.17
N ASP J 1172 -109.42 36.90 11.99
CA ASP J 1172 -110.09 37.66 10.94
C ASP J 1172 -109.52 37.33 9.56
N SER J 1173 -108.25 36.94 9.48
CA SER J 1173 -107.65 36.63 8.19
C SER J 1173 -108.02 35.24 7.68
N GLY J 1174 -108.58 34.39 8.54
CA GLY J 1174 -108.91 33.02 8.17
C GLY J 1174 -107.98 31.97 8.74
N SER J 1175 -107.00 32.37 9.54
CA SER J 1175 -106.03 31.43 10.08
C SER J 1175 -106.59 30.70 11.30
N GLU J 1176 -106.49 29.38 11.29
CA GLU J 1176 -106.96 28.56 12.40
C GLU J 1176 -105.94 28.55 13.54
N THR J 1177 -104.66 28.62 13.23
CA THR J 1177 -103.64 28.76 14.28
C THR J 1177 -103.60 30.20 14.78
N ALA J 1178 -103.35 30.35 16.07
CA ALA J 1178 -103.41 31.68 16.70
C ALA J 1178 -102.04 32.36 16.75
N PHE J 1179 -101.00 31.66 17.18
CA PHE J 1179 -99.64 32.18 17.22
C PHE J 1179 -98.71 31.26 16.45
N ARG J 1180 -97.78 31.87 15.71
CA ARG J 1180 -96.90 31.15 14.80
C ARG J 1180 -95.45 31.42 15.15
N GLU J 1181 -94.62 30.42 14.81
CA GLU J 1181 -93.15 30.50 14.86
C GLU J 1181 -92.63 30.84 16.25
N ILE J 1182 -93.19 30.18 17.26
CA ILE J 1182 -92.81 30.44 18.64
C ILE J 1182 -91.55 29.62 18.96
N GLU J 1183 -90.65 30.23 19.72
CA GLU J 1183 -89.43 29.54 20.13
C GLU J 1183 -89.72 28.69 21.37
N ILE J 1184 -89.01 27.56 21.46
CA ILE J 1184 -89.19 26.69 22.62
C ILE J 1184 -88.50 27.30 23.84
N GLY J 1185 -87.17 27.42 23.79
CA GLY J 1185 -86.42 28.04 24.85
C GLY J 1185 -86.44 27.29 26.17
N ASP J 1186 -87.04 27.88 27.19
CA ASP J 1186 -87.13 27.27 28.51
C ASP J 1186 -88.35 26.36 28.67
N GLY J 1187 -89.27 26.35 27.72
CA GLY J 1187 -90.43 25.49 27.78
C GLY J 1187 -91.71 26.24 28.07
N PHE J 1188 -92.80 25.46 28.10
CA PHE J 1188 -94.14 25.99 28.31
C PHE J 1188 -94.83 25.21 29.42
N LEU J 1189 -95.78 25.87 30.09
CA LEU J 1189 -96.63 25.25 31.10
C LEU J 1189 -98.00 25.92 31.07
N PRO J 1190 -99.07 25.18 31.35
CA PRO J 1190 -100.42 25.77 31.28
C PRO J 1190 -100.66 26.79 32.39
N VAL J 1191 -101.23 27.92 32.02
CA VAL J 1191 -101.46 29.04 32.92
C VAL J 1191 -102.95 29.36 32.90
N CYS J 1192 -103.45 29.88 34.02
CA CYS J 1192 -104.87 30.23 34.15
C CYS J 1192 -105.01 31.47 35.02
N SER J 1193 -105.77 32.44 34.54
CA SER J 1193 -106.05 33.65 35.30
C SER J 1193 -107.56 33.82 35.45
N LEU J 1194 -107.98 34.29 36.62
CA LEU J 1194 -109.38 34.56 36.91
C LEU J 1194 -109.53 35.97 37.45
N GLY J 1195 -110.56 36.68 36.98
CA GLY J 1195 -110.82 38.03 37.41
C GLY J 1195 -111.47 38.08 38.78
N PRO J 1196 -111.89 39.28 39.17
CA PRO J 1196 -112.55 39.45 40.48
C PRO J 1196 -113.94 38.83 40.49
N GLY J 1197 -114.15 37.86 41.38
CA GLY J 1197 -115.44 37.25 41.56
C GLY J 1197 -115.75 36.09 40.64
N GLN J 1198 -114.86 35.74 39.72
CA GLN J 1198 -115.13 34.70 38.74
C GLN J 1198 -114.74 33.32 39.28
N VAL J 1199 -115.40 32.29 38.74
CA VAL J 1199 -115.28 30.92 39.22
C VAL J 1199 -115.16 29.99 38.01
N GLY J 1200 -114.17 29.09 38.04
CA GLY J 1200 -114.03 28.10 36.98
C GLY J 1200 -112.91 27.11 37.25
N HIS J 1201 -113.16 25.82 37.01
CA HIS J 1201 -112.18 24.79 37.29
C HIS J 1201 -111.30 24.53 36.09
N LEU J 1202 -110.05 24.16 36.36
CA LEU J 1202 -109.05 23.90 35.32
C LEU J 1202 -108.77 22.39 35.33
N ASN J 1203 -109.47 21.67 34.46
CA ASN J 1203 -109.26 20.22 34.34
C ASN J 1203 -108.09 20.03 33.39
N LEU J 1204 -106.94 19.66 33.95
CA LEU J 1204 -105.73 19.52 33.14
C LEU J 1204 -105.74 18.25 32.29
N GLY J 1205 -106.67 17.34 32.53
CA GLY J 1205 -106.78 16.14 31.73
C GLY J 1205 -106.07 14.95 32.34
N GLN J 1206 -106.26 14.76 33.65
CA GLN J 1206 -105.64 13.61 34.31
C GLN J 1206 -106.39 12.32 33.96
N ASP J 1207 -107.72 12.38 33.97
CA ASP J 1207 -108.55 11.27 33.51
C ASP J 1207 -109.02 11.55 32.08
N VAL J 1208 -109.01 10.50 31.25
CA VAL J 1208 -109.40 10.67 29.85
C VAL J 1208 -110.91 10.85 29.75
N SER J 1209 -111.67 10.08 30.52
CA SER J 1209 -113.12 10.19 30.51
C SER J 1209 -113.64 11.46 31.16
N SER J 1210 -112.81 12.16 31.95
CA SER J 1210 -113.25 13.43 32.51
C SER J 1210 -113.18 14.56 31.50
N LEU J 1211 -112.35 14.43 30.47
CA LEU J 1211 -112.30 15.41 29.39
C LEU J 1211 -113.58 15.31 28.55
N ARG J 1212 -114.27 16.45 28.39
CA ARG J 1212 -115.56 16.43 27.74
C ARG J 1212 -115.43 16.35 26.23
N PHE J 1213 -114.69 17.29 25.63
CA PHE J 1213 -114.62 17.46 24.18
C PHE J 1213 -113.26 17.03 23.64
N PHE J 1214 -112.70 15.94 24.19
CA PHE J 1214 -111.43 15.43 23.71
C PHE J 1214 -111.58 14.66 22.40
N ALA J 1215 -112.56 13.74 22.35
CA ALA J 1215 -112.71 12.89 21.18
C ALA J 1215 -113.35 13.64 20.01
N ILE J 1216 -114.04 14.74 20.27
CA ILE J 1216 -114.64 15.51 19.20
C ILE J 1216 -113.57 16.26 18.41
N CYS J 1217 -112.68 16.96 19.11
CA CYS J 1217 -111.56 17.64 18.49
C CYS J 1217 -110.34 17.54 19.38
N GLY J 1218 -109.22 17.11 18.80
CA GLY J 1218 -107.95 17.10 19.49
C GLY J 1218 -107.37 15.73 19.82
N LEU J 1219 -108.04 14.64 19.45
CA LEU J 1219 -107.47 13.32 19.67
C LEU J 1219 -106.89 12.72 18.39
N GLN J 1220 -107.66 12.78 17.29
CA GLN J 1220 -107.18 12.23 16.02
C GLN J 1220 -106.16 13.14 15.34
N GLU J 1221 -106.07 14.40 15.75
CA GLU J 1221 -104.97 15.25 15.27
C GLU J 1221 -103.64 14.87 15.90
N GLY J 1222 -103.66 14.13 16.99
CA GLY J 1222 -102.46 13.63 17.65
C GLY J 1222 -102.22 14.20 19.04
N PHE J 1223 -102.99 15.19 19.47
CA PHE J 1223 -102.72 15.83 20.75
C PHE J 1223 -103.12 14.93 21.91
N GLU J 1224 -102.27 14.90 22.93
CA GLU J 1224 -102.46 14.09 24.13
C GLU J 1224 -102.77 14.99 25.31
N PRO J 1225 -103.49 14.50 26.31
CA PRO J 1225 -103.69 15.29 27.53
C PRO J 1225 -102.41 15.45 28.33
N PHE J 1226 -102.45 16.38 29.28
CA PHE J 1226 -101.24 16.75 30.02
C PHE J 1226 -100.84 15.66 31.00
N ALA J 1227 -101.72 15.34 31.95
CA ALA J 1227 -101.43 14.35 32.98
C ALA J 1227 -102.02 12.99 32.62
N ILE J 1228 -101.62 12.48 31.45
CA ILE J 1228 -102.22 11.26 30.92
C ILE J 1228 -101.77 10.04 31.71
N ASN J 1229 -100.54 10.05 32.22
CA ASN J 1229 -100.02 8.99 33.08
C ASN J 1229 -99.35 9.64 34.30
N MET J 1230 -100.17 10.05 35.28
CA MET J 1230 -99.68 10.57 36.55
C MET J 1230 -100.51 9.96 37.67
N GLN J 1231 -99.82 9.44 38.69
CA GLN J 1231 -100.49 8.74 39.79
C GLN J 1231 -101.04 9.68 40.86
N ARG J 1232 -100.54 10.91 40.94
CA ARG J 1232 -101.04 11.91 41.86
C ARG J 1232 -101.44 13.16 41.08
N PRO J 1233 -102.41 13.95 41.59
CA PRO J 1233 -102.83 15.14 40.87
C PRO J 1233 -101.75 16.21 40.79
N VAL J 1234 -101.84 17.02 39.74
CA VAL J 1234 -100.83 18.04 39.47
C VAL J 1234 -100.98 19.20 40.45
N THR J 1235 -99.87 19.56 41.10
CA THR J 1235 -99.87 20.69 42.03
C THR J 1235 -99.89 22.00 41.26
N THR J 1236 -100.70 22.94 41.73
CA THR J 1236 -100.84 24.24 41.12
C THR J 1236 -100.23 25.32 42.01
N TRP J 1237 -99.51 26.26 41.39
CA TRP J 1237 -98.90 27.38 42.10
C TRP J 1237 -99.70 28.64 41.78
N PHE J 1238 -100.29 29.23 42.81
CA PHE J 1238 -101.13 30.41 42.65
C PHE J 1238 -100.47 31.64 43.26
N SER J 1239 -100.96 32.81 42.84
CA SER J 1239 -100.37 34.07 43.24
C SER J 1239 -101.07 34.62 44.48
N LYS J 1240 -100.28 35.22 45.37
CA LYS J 1240 -100.79 35.84 46.58
C LYS J 1240 -100.94 37.35 46.39
N SER J 1241 -101.89 37.92 47.14
CA SER J 1241 -102.03 39.36 47.22
C SER J 1241 -101.46 39.93 48.51
N LEU J 1242 -100.83 39.08 49.33
CA LEU J 1242 -100.21 39.52 50.56
C LEU J 1242 -98.76 39.88 50.27
N PRO J 1243 -98.36 41.14 50.36
CA PRO J 1243 -97.01 41.54 49.94
C PRO J 1243 -95.96 41.07 50.95
N GLN J 1244 -94.84 40.56 50.43
CA GLN J 1244 -93.79 40.03 51.28
C GLN J 1244 -92.45 40.61 50.87
N PHE J 1245 -91.54 40.69 51.83
CA PHE J 1245 -90.23 41.29 51.60
C PHE J 1245 -89.30 40.31 50.93
N GLU J 1246 -88.50 40.82 50.00
CA GLU J 1246 -87.52 40.04 49.24
C GLU J 1246 -86.47 41.00 48.71
N PRO J 1247 -85.23 40.55 48.50
CA PRO J 1247 -84.16 41.50 48.13
C PRO J 1247 -84.32 42.09 46.74
N VAL J 1248 -83.71 43.25 46.57
CA VAL J 1248 -83.75 43.99 45.29
C VAL J 1248 -82.92 43.25 44.25
N PRO J 1249 -83.40 43.14 43.01
CA PRO J 1249 -82.58 42.49 41.98
C PRO J 1249 -81.44 43.42 41.55
N PRO J 1250 -80.31 42.85 41.12
CA PRO J 1250 -79.19 43.71 40.71
C PRO J 1250 -79.42 44.42 39.39
N GLU J 1251 -80.11 43.80 38.44
CA GLU J 1251 -80.43 44.42 37.17
C GLU J 1251 -81.86 44.96 37.17
N HIS J 1252 -82.12 45.92 38.07
CA HIS J 1252 -83.42 46.58 38.10
C HIS J 1252 -83.29 47.95 37.45
N PRO J 1253 -84.22 48.35 36.56
CA PRO J 1253 -83.95 49.54 35.73
C PRO J 1253 -84.12 50.86 36.46
N HIS J 1254 -84.85 50.90 37.57
CA HIS J 1254 -85.14 52.16 38.25
C HIS J 1254 -84.31 52.37 39.52
N TYR J 1255 -84.29 51.41 40.44
CA TYR J 1255 -83.55 51.54 41.68
C TYR J 1255 -82.32 50.64 41.70
N GLU J 1256 -81.24 51.14 42.28
CA GLU J 1256 -80.03 50.35 42.52
C GLU J 1256 -79.38 50.85 43.79
N VAL J 1257 -78.62 49.97 44.44
CA VAL J 1257 -77.90 50.31 45.66
C VAL J 1257 -76.40 50.10 45.44
N ALA J 1258 -75.62 50.71 46.32
CA ALA J 1258 -74.16 50.67 46.24
C ALA J 1258 -73.59 50.71 47.64
N ARG J 1259 -72.89 49.65 48.03
CA ARG J 1259 -72.36 49.53 49.39
C ARG J 1259 -71.00 50.20 49.45
N MET J 1260 -71.00 51.46 49.90
CA MET J 1260 -69.78 52.26 49.95
C MET J 1260 -68.96 51.93 51.21
N ASP J 1261 -67.64 51.97 51.07
CA ASP J 1261 -66.79 51.60 52.19
C ASP J 1261 -66.59 52.81 53.12
N GLY J 1262 -66.07 52.56 54.28
CA GLY J 1262 -65.97 53.56 55.32
C GLY J 1262 -64.59 54.21 55.39
N THR J 1263 -64.57 55.53 55.31
CA THR J 1263 -63.34 56.29 55.40
C THR J 1263 -63.03 56.60 56.86
N VAL J 1264 -62.05 57.48 57.09
CA VAL J 1264 -61.75 57.91 58.46
C VAL J 1264 -62.78 58.93 58.95
N ASP J 1265 -63.50 59.57 58.03
CA ASP J 1265 -64.50 60.57 58.37
C ASP J 1265 -65.93 60.05 58.35
N THR J 1266 -66.29 59.28 57.31
CA THR J 1266 -67.63 58.76 57.11
C THR J 1266 -67.66 57.27 57.40
N PRO J 1267 -68.59 56.78 58.22
CA PRO J 1267 -68.65 55.35 58.55
C PRO J 1267 -69.08 54.51 57.36
N PRO J 1268 -68.86 53.19 57.40
CA PRO J 1268 -69.32 52.31 56.31
C PRO J 1268 -70.84 52.34 56.15
N CYS J 1269 -71.28 52.71 54.96
CA CYS J 1269 -72.65 53.11 54.69
C CYS J 1269 -73.08 52.66 53.29
N LEU J 1270 -74.38 52.60 53.07
CA LEU J 1270 -74.93 52.20 51.77
C LEU J 1270 -76.06 53.14 51.37
N ARG J 1271 -76.21 53.31 50.06
CA ARG J 1271 -77.01 54.35 49.42
C ARG J 1271 -77.98 53.74 48.43
N LEU J 1272 -79.10 54.42 48.18
CA LEU J 1272 -79.95 54.12 47.04
C LEU J 1272 -80.05 55.36 46.15
N ALA J 1273 -79.88 55.14 44.84
CA ALA J 1273 -79.93 56.22 43.87
C ALA J 1273 -80.84 55.82 42.73
N HIS J 1274 -81.72 56.74 42.32
CA HIS J 1274 -82.62 56.48 41.21
C HIS J 1274 -81.85 56.55 39.90
N ARG J 1275 -81.94 55.50 39.09
CA ARG J 1275 -81.20 55.46 37.83
C ARG J 1275 -81.81 56.40 36.80
N THR J 1276 -83.12 56.31 36.61
CA THR J 1276 -83.84 57.05 35.57
C THR J 1276 -84.78 58.03 36.26
N TRP J 1277 -84.24 59.19 36.64
CA TRP J 1277 -85.06 60.21 37.30
C TRP J 1277 -85.78 61.13 36.33
N GLY J 1278 -85.21 61.38 35.15
CA GLY J 1278 -85.79 62.35 34.24
C GLY J 1278 -86.90 61.76 33.40
N SER J 1279 -86.78 61.88 32.07
CA SER J 1279 -87.75 61.29 31.17
C SER J 1279 -87.44 59.80 30.93
N GLN J 1280 -88.00 59.25 29.84
CA GLN J 1280 -87.79 57.87 29.39
C GLN J 1280 -88.24 56.85 30.43
N ASN J 1281 -89.56 56.83 30.66
CA ASN J 1281 -90.28 55.80 31.43
C ASN J 1281 -89.81 55.77 32.89
N SER J 1282 -89.95 56.91 33.55
CA SER J 1282 -89.63 57.02 34.96
C SER J 1282 -90.83 56.59 35.81
N LEU J 1283 -90.58 55.73 36.78
CA LEU J 1283 -91.62 55.24 37.68
C LEU J 1283 -91.39 55.80 39.06
N VAL J 1284 -92.22 56.76 39.46
CA VAL J 1284 -92.10 57.39 40.77
C VAL J 1284 -93.30 56.98 41.61
N GLU J 1285 -93.10 55.96 42.43
CA GLU J 1285 -94.07 55.55 43.43
C GLU J 1285 -93.34 55.17 44.72
N MET J 1286 -94.07 55.25 45.82
CA MET J 1286 -93.46 55.14 47.14
C MET J 1286 -93.03 53.72 47.42
N LEU J 1287 -91.72 53.54 47.59
CA LEU J 1287 -91.11 52.23 47.77
C LEU J 1287 -90.73 52.08 49.24
N PHE J 1288 -90.90 50.86 49.75
CA PHE J 1288 -90.67 50.57 51.16
C PHE J 1288 -89.45 49.67 51.31
N LEU J 1289 -88.40 50.20 51.95
CA LEU J 1289 -87.10 49.55 52.05
C LEU J 1289 -86.85 49.13 53.49
N ARG J 1290 -86.31 47.93 53.66
CA ARG J 1290 -86.05 47.37 54.98
C ARG J 1290 -84.71 46.67 54.92
N LEU J 1291 -83.99 46.66 56.04
CA LEU J 1291 -82.74 45.90 56.09
C LEU J 1291 -83.03 44.42 56.34
N SER J 1292 -81.99 43.61 56.25
CA SER J 1292 -82.18 42.16 56.21
C SER J 1292 -82.12 41.52 57.60
N LEU J 1293 -81.40 42.11 58.55
CA LEU J 1293 -81.33 41.43 59.85
C LEU J 1293 -82.05 42.23 60.91
N PRO J 1294 -82.81 41.59 61.79
CA PRO J 1294 -83.43 42.31 62.91
C PRO J 1294 -82.52 42.35 64.13
N VAL J 1295 -82.96 43.11 65.11
CA VAL J 1295 -82.37 43.11 66.45
C VAL J 1295 -83.35 42.40 67.36
N GLN J 1296 -82.83 41.81 68.44
CA GLN J 1296 -83.65 41.01 69.34
C GLN J 1296 -83.49 41.54 70.76
N PHE J 1297 -84.60 41.97 71.36
CA PHE J 1297 -84.57 42.49 72.71
C PHE J 1297 -84.35 41.36 73.72
N HIS J 1298 -83.84 41.73 74.89
CA HIS J 1298 -83.60 40.76 75.95
C HIS J 1298 -84.89 40.37 76.63
N GLN J 1299 -84.91 39.12 77.14
CA GLN J 1299 -86.16 38.50 77.55
C GLN J 1299 -86.64 39.04 78.88
N HIS J 1300 -85.72 39.38 79.78
CA HIS J 1300 -86.05 40.04 81.03
C HIS J 1300 -85.51 41.47 80.97
N PHE J 1301 -86.37 42.42 81.28
CA PHE J 1301 -85.95 43.81 81.24
C PHE J 1301 -85.21 44.16 82.53
N ARG J 1302 -84.60 45.36 82.53
CA ARG J 1302 -83.68 45.72 83.62
C ARG J 1302 -84.42 46.00 84.92
N CYS J 1303 -85.54 46.74 84.83
CA CYS J 1303 -86.42 47.11 85.94
C CYS J 1303 -85.69 47.83 87.09
N ASP J 1422 -64.79 57.06 74.07
CA ASP J 1422 -65.25 57.18 75.44
C ASP J 1422 -64.43 56.27 76.37
N ASP J 1423 -64.97 56.03 77.57
CA ASP J 1423 -64.33 55.12 78.51
C ASP J 1423 -64.55 53.68 78.06
N PRO J 1424 -63.57 52.80 78.29
CA PRO J 1424 -63.77 51.38 77.93
C PRO J 1424 -64.72 50.65 78.86
N GLU J 1425 -64.96 51.17 80.07
CA GLU J 1425 -65.88 50.51 80.99
C GLU J 1425 -67.33 50.75 80.60
N ILE J 1426 -67.63 51.94 80.08
CA ILE J 1426 -69.01 52.29 79.77
C ILE J 1426 -69.43 51.73 78.39
N ILE J 1427 -68.47 51.36 77.54
CA ILE J 1427 -68.86 50.85 76.23
C ILE J 1427 -69.08 49.33 76.27
N LEU J 1428 -68.36 48.61 77.13
CA LEU J 1428 -68.50 47.15 77.21
C LEU J 1428 -69.73 46.73 78.00
N ASN J 1429 -70.24 47.60 78.86
CA ASN J 1429 -71.40 47.26 79.69
C ASN J 1429 -72.69 47.93 79.23
N THR J 1430 -72.66 48.70 78.14
CA THR J 1430 -73.88 49.35 77.67
C THR J 1430 -74.64 48.45 76.71
N THR J 1431 -75.96 48.64 76.68
CA THR J 1431 -76.84 47.95 75.73
C THR J 1431 -77.71 49.02 75.05
N THR J 1432 -77.11 49.79 74.15
CA THR J 1432 -77.87 50.77 73.39
C THR J 1432 -77.16 51.06 72.08
N TYR J 1433 -77.94 51.14 71.00
CA TYR J 1433 -77.42 51.05 69.64
C TYR J 1433 -78.03 52.14 68.78
N TYR J 1434 -77.26 52.61 67.80
CA TYR J 1434 -77.63 53.77 66.99
C TYR J 1434 -77.40 53.49 65.51
N TYR J 1435 -78.29 54.02 64.68
CA TYR J 1435 -78.07 54.09 63.24
C TYR J 1435 -78.79 55.33 62.73
N SER J 1436 -78.24 55.94 61.69
CA SER J 1436 -78.80 57.16 61.14
C SER J 1436 -78.93 57.05 59.62
N VAL J 1437 -79.74 57.94 59.06
CA VAL J 1437 -79.87 58.10 57.62
C VAL J 1437 -79.74 59.57 57.27
N ARG J 1438 -79.11 59.85 56.12
CA ARG J 1438 -78.89 61.21 55.66
C ARG J 1438 -79.73 61.46 54.41
N VAL J 1439 -80.62 62.45 54.50
CA VAL J 1439 -81.56 62.76 53.42
C VAL J 1439 -80.91 63.81 52.54
N PHE J 1440 -80.86 63.53 51.24
CA PHE J 1440 -80.06 64.30 50.30
C PHE J 1440 -80.75 65.59 49.90
N ALA J 1441 -80.00 66.43 49.20
CA ALA J 1441 -80.52 67.70 48.70
C ALA J 1441 -81.45 67.47 47.52
N GLY J 1442 -82.53 68.24 47.49
CA GLY J 1442 -83.59 68.05 46.52
C GLY J 1442 -84.65 67.06 46.92
N GLN J 1443 -84.36 66.18 47.87
CA GLN J 1443 -85.35 65.27 48.41
C GLN J 1443 -86.09 65.96 49.55
N GLU J 1444 -87.39 66.11 49.40
CA GLU J 1444 -88.22 66.79 50.40
C GLU J 1444 -88.38 65.90 51.63
N PRO J 1445 -88.22 66.43 52.85
CA PRO J 1445 -88.36 65.59 54.04
C PRO J 1445 -89.80 65.25 54.41
N SER J 1446 -90.80 65.76 53.69
CA SER J 1446 -92.18 65.39 53.98
C SER J 1446 -92.50 63.97 53.54
N CYS J 1447 -91.73 63.43 52.59
CA CYS J 1447 -91.97 62.08 52.08
C CYS J 1447 -91.02 61.05 52.68
N VAL J 1448 -90.46 61.34 53.86
CA VAL J 1448 -89.47 60.48 54.48
C VAL J 1448 -90.01 60.03 55.84
N TRP J 1449 -90.06 58.72 56.04
CA TRP J 1449 -90.49 58.10 57.29
C TRP J 1449 -89.41 57.13 57.75
N VAL J 1450 -88.81 57.41 58.91
CA VAL J 1450 -87.63 56.68 59.38
C VAL J 1450 -87.95 56.02 60.72
N GLY J 1451 -87.64 54.73 60.84
CA GLY J 1451 -87.79 54.02 62.10
C GLY J 1451 -87.64 52.52 62.04
N TRP J 1452 -88.54 51.81 62.70
CA TRP J 1452 -88.47 50.35 62.84
C TRP J 1452 -89.79 49.68 62.50
N VAL J 1453 -89.69 48.45 62.00
CA VAL J 1453 -90.83 47.69 61.48
C VAL J 1453 -90.75 46.27 62.06
N THR J 1454 -91.80 45.87 62.77
CA THR J 1454 -91.85 44.51 63.28
C THR J 1454 -92.41 43.59 62.18
N PRO J 1455 -91.96 42.30 62.14
CA PRO J 1455 -92.07 41.52 60.88
C PRO J 1455 -93.45 41.26 60.29
N ASP J 1456 -94.56 41.37 61.02
CA ASP J 1456 -95.86 41.08 60.40
C ASP J 1456 -96.45 42.36 59.80
N TYR J 1457 -95.71 42.95 58.88
CA TYR J 1457 -96.11 44.15 58.15
C TYR J 1457 -96.30 43.79 56.69
N HIS J 1458 -97.55 43.77 56.25
CA HIS J 1458 -97.90 43.43 54.87
C HIS J 1458 -98.87 44.45 54.29
N GLN J 1459 -98.60 45.73 54.52
CA GLN J 1459 -99.37 46.83 53.93
C GLN J 1459 -98.51 47.55 52.91
N HIS J 1460 -98.96 47.56 51.66
CA HIS J 1460 -98.26 48.20 50.55
C HIS J 1460 -99.25 49.16 49.90
N ASP J 1461 -99.24 50.42 50.33
CA ASP J 1461 -100.14 51.44 49.83
C ASP J 1461 -99.32 52.66 49.39
N MET J 1462 -99.76 53.29 48.31
CA MET J 1462 -99.06 54.44 47.77
C MET J 1462 -99.45 55.75 48.46
N ASN J 1463 -100.38 55.71 49.42
CA ASN J 1463 -100.83 56.87 50.18
C ASN J 1463 -100.55 56.65 51.66
N PHE J 1464 -99.34 56.21 51.97
CA PHE J 1464 -99.01 55.80 53.34
C PHE J 1464 -98.77 57.02 54.23
N ASP J 1465 -99.33 56.96 55.43
CA ASP J 1465 -99.08 57.94 56.47
C ASP J 1465 -99.09 57.24 57.81
N LEU J 1466 -98.65 57.96 58.85
CA LEU J 1466 -98.56 57.37 60.17
C LEU J 1466 -99.92 57.24 60.85
N SER J 1467 -100.95 57.93 60.35
CA SER J 1467 -102.30 57.68 60.85
C SER J 1467 -102.85 56.36 60.34
N LYS J 1468 -102.35 55.89 59.20
CA LYS J 1468 -102.78 54.61 58.63
C LYS J 1468 -101.83 53.49 59.09
N VAL J 1469 -101.66 53.42 60.41
CA VAL J 1469 -100.77 52.46 61.06
C VAL J 1469 -101.61 51.69 62.07
N ARG J 1470 -101.51 50.35 62.02
CA ARG J 1470 -102.24 49.49 62.95
C ARG J 1470 -101.70 49.71 64.37
N ALA J 1471 -102.57 50.13 65.28
CA ALA J 1471 -102.21 50.22 66.70
C ALA J 1471 -103.31 49.59 67.52
N VAL J 1472 -102.94 48.70 68.44
CA VAL J 1472 -103.90 48.04 69.34
C VAL J 1472 -103.44 48.26 70.78
N THR J 1473 -104.31 48.83 71.60
CA THR J 1473 -104.01 49.13 73.00
C THR J 1473 -104.82 48.17 73.88
N VAL J 1474 -104.13 47.30 74.59
CA VAL J 1474 -104.76 46.29 75.45
C VAL J 1474 -104.64 46.75 76.90
N THR J 1475 -105.78 46.82 77.60
CA THR J 1475 -105.79 47.17 79.01
C THR J 1475 -106.51 46.08 79.80
N MET J 1476 -105.78 45.47 80.73
CA MET J 1476 -106.27 44.35 81.52
C MET J 1476 -106.15 44.71 82.99
N GLY J 1477 -107.26 44.68 83.71
CA GLY J 1477 -107.27 45.08 85.10
C GLY J 1477 -107.77 44.00 86.05
N ASP J 1478 -108.27 44.41 87.21
CA ASP J 1478 -108.83 43.49 88.18
C ASP J 1478 -110.35 43.47 88.02
N GLU J 1479 -111.04 42.75 88.93
CA GLU J 1479 -112.49 42.70 88.91
C GLU J 1479 -113.13 43.94 89.48
N GLN J 1480 -112.36 44.78 90.19
CA GLN J 1480 -112.94 46.00 90.76
C GLN J 1480 -113.15 47.07 89.71
N GLY J 1481 -112.40 47.03 88.61
CA GLY J 1481 -112.55 47.97 87.52
C GLY J 1481 -111.31 48.80 87.24
N ASN J 1482 -110.40 48.92 88.20
CA ASN J 1482 -109.16 49.66 87.99
C ASN J 1482 -108.20 48.84 87.15
N VAL J 1483 -107.48 49.51 86.26
CA VAL J 1483 -106.58 48.85 85.33
C VAL J 1483 -105.31 48.42 86.06
N HIS J 1484 -104.62 47.45 85.49
CA HIS J 1484 -103.33 46.99 85.99
C HIS J 1484 -102.18 47.29 85.04
N SER J 1485 -102.42 47.20 83.73
CA SER J 1485 -101.37 47.40 82.74
C SER J 1485 -101.99 47.87 81.44
N SER J 1486 -101.16 48.52 80.63
CA SER J 1486 -101.56 49.02 79.31
C SER J 1486 -100.43 48.79 78.33
N LEU J 1487 -100.63 47.93 77.36
CA LEU J 1487 -99.65 47.67 76.32
C LEU J 1487 -100.22 48.02 74.96
N LYS J 1488 -99.43 48.73 74.16
CA LYS J 1488 -99.82 49.12 72.81
C LYS J 1488 -99.04 48.27 71.82
N CYS J 1489 -99.75 47.59 70.92
CA CYS J 1489 -99.15 46.74 69.91
C CYS J 1489 -99.27 47.42 68.55
N SER J 1490 -98.15 47.68 67.92
CA SER J 1490 -98.11 48.22 66.57
C SER J 1490 -97.08 47.45 65.76
N ASN J 1491 -97.20 47.55 64.43
CA ASN J 1491 -96.22 46.95 63.52
C ASN J 1491 -95.24 47.96 62.95
N CYS J 1492 -95.61 49.24 62.92
CA CYS J 1492 -94.82 50.29 62.28
C CYS J 1492 -94.52 51.37 63.32
N TYR J 1493 -93.31 51.37 63.84
CA TYR J 1493 -92.87 52.33 64.87
C TYR J 1493 -91.90 53.32 64.24
N MET J 1494 -92.43 54.29 63.50
CA MET J 1494 -91.58 55.27 62.83
C MET J 1494 -92.14 56.68 63.06
N VAL J 1495 -91.35 57.66 62.60
CA VAL J 1495 -91.63 59.07 62.79
C VAL J 1495 -91.62 59.77 61.44
N TRP J 1496 -92.27 60.93 61.37
CA TRP J 1496 -92.33 61.69 60.14
C TRP J 1496 -91.19 62.70 60.06
N GLY J 1497 -90.55 62.76 58.90
CA GLY J 1497 -89.39 63.63 58.74
C GLY J 1497 -89.74 65.09 58.55
N GLY J 1498 -90.97 65.37 58.13
CA GLY J 1498 -91.41 66.74 57.97
C GLY J 1498 -91.64 67.48 59.26
N ASP J 1499 -91.81 66.75 60.37
CA ASP J 1499 -92.01 67.42 61.66
C ASP J 1499 -90.69 67.92 62.25
N PHE J 1500 -89.56 67.37 61.80
CA PHE J 1500 -88.27 67.77 62.36
C PHE J 1500 -87.79 69.08 61.74
N VAL J 1501 -87.76 69.14 60.40
CA VAL J 1501 -87.31 70.32 59.69
C VAL J 1501 -88.46 71.30 59.50
N ILE J 1509 -86.71 73.88 48.74
CA ILE J 1509 -85.40 73.71 48.14
C ILE J 1509 -84.31 73.77 49.21
N SER J 1510 -84.20 72.68 49.97
CA SER J 1510 -83.21 72.63 51.05
C SER J 1510 -81.83 72.29 50.50
N HIS J 1511 -80.85 73.09 50.89
CA HIS J 1511 -79.46 72.90 50.49
C HIS J 1511 -78.64 72.16 51.52
N THR J 1512 -79.18 71.90 52.70
CA THR J 1512 -78.51 71.14 53.73
C THR J 1512 -79.19 69.79 53.89
N ASP J 1513 -78.47 68.86 54.52
CA ASP J 1513 -78.93 67.48 54.61
C ASP J 1513 -79.46 67.19 56.00
N LEU J 1514 -80.54 66.41 56.05
CA LEU J 1514 -81.26 66.12 57.28
C LEU J 1514 -80.89 64.73 57.76
N VAL J 1515 -80.40 64.63 58.99
CA VAL J 1515 -79.91 63.38 59.57
C VAL J 1515 -80.90 62.96 60.65
N ILE J 1516 -81.65 61.89 60.40
CA ILE J 1516 -82.60 61.34 61.36
C ILE J 1516 -81.96 60.12 62.01
N GLY J 1517 -81.76 60.18 63.32
CA GLY J 1517 -81.16 59.08 64.03
C GLY J 1517 -82.13 58.32 64.92
N CYS J 1518 -81.85 57.05 65.18
CA CYS J 1518 -82.71 56.21 65.98
C CYS J 1518 -81.90 55.60 67.12
N LEU J 1519 -82.47 55.61 68.32
CA LEU J 1519 -81.84 55.08 69.52
C LEU J 1519 -82.72 54.00 70.13
N VAL J 1520 -82.13 52.84 70.40
CA VAL J 1520 -82.79 51.70 71.02
C VAL J 1520 -82.03 51.33 72.28
N ASP J 1521 -82.74 50.91 73.32
CA ASP J 1521 -82.15 50.30 74.50
C ASP J 1521 -82.76 48.90 74.63
N LEU J 1522 -81.94 47.86 74.47
CA LEU J 1522 -82.45 46.49 74.57
C LEU J 1522 -82.73 46.06 76.00
N ALA J 1523 -82.29 46.84 77.00
CA ALA J 1523 -82.52 46.45 78.39
C ALA J 1523 -83.83 47.03 78.92
N THR J 1524 -84.15 48.28 78.60
CA THR J 1524 -85.40 48.88 79.04
C THR J 1524 -86.50 48.86 77.99
N GLY J 1525 -86.15 48.61 76.73
CA GLY J 1525 -87.14 48.61 75.67
C GLY J 1525 -87.65 49.99 75.30
N LEU J 1526 -86.81 51.00 75.44
CA LEU J 1526 -87.19 52.38 75.18
C LEU J 1526 -86.52 52.88 73.92
N MET J 1527 -87.30 53.46 73.02
CA MET J 1527 -86.80 53.97 71.75
C MET J 1527 -87.07 55.45 71.63
N THR J 1528 -86.00 56.23 71.49
CA THR J 1528 -86.07 57.67 71.28
C THR J 1528 -85.48 58.00 69.92
N PHE J 1529 -86.05 58.99 69.25
CA PHE J 1529 -85.61 59.41 67.93
C PHE J 1529 -84.98 60.80 67.99
N THR J 1530 -83.79 60.93 67.43
CA THR J 1530 -83.07 62.19 67.38
C THR J 1530 -82.91 62.65 65.94
N ALA J 1531 -82.80 63.96 65.76
CA ALA J 1531 -82.63 64.56 64.45
C ALA J 1531 -81.61 65.67 64.55
N ASN J 1532 -80.51 65.54 63.80
CA ASN J 1532 -79.41 66.52 63.72
C ASN J 1532 -78.80 66.81 65.09
N GLY J 1533 -78.65 65.77 65.91
CA GLY J 1533 -78.10 65.92 67.23
C GLY J 1533 -79.03 66.50 68.27
N LYS J 1534 -80.33 66.60 67.98
CA LYS J 1534 -81.31 67.12 68.92
C LYS J 1534 -82.37 66.06 69.18
N GLU J 1535 -82.66 65.80 70.45
CA GLU J 1535 -83.68 64.83 70.80
C GLU J 1535 -85.07 65.43 70.65
N SER J 1536 -86.04 64.57 70.35
CA SER J 1536 -87.40 64.99 70.06
C SER J 1536 -88.37 64.47 71.11
N ASN J 1537 -89.65 64.79 70.92
CA ASN J 1537 -90.66 64.50 71.93
C ASN J 1537 -91.17 63.06 71.90
N THR J 1538 -90.84 62.28 70.87
CA THR J 1538 -91.43 60.96 70.71
C THR J 1538 -90.71 59.91 71.56
N PHE J 1539 -91.43 58.84 71.88
CA PHE J 1539 -90.89 57.68 72.59
C PHE J 1539 -91.80 56.48 72.34
N PHE J 1540 -91.19 55.30 72.33
CA PHE J 1540 -91.93 54.06 72.09
C PHE J 1540 -91.41 52.99 73.03
N GLN J 1541 -92.31 52.13 73.49
CA GLN J 1541 -91.95 50.97 74.31
C GLN J 1541 -92.50 49.69 73.67
N VAL J 1542 -91.72 48.61 73.74
CA VAL J 1542 -92.04 47.39 73.04
C VAL J 1542 -92.24 46.24 74.03
N GLU J 1543 -92.60 45.07 73.48
CA GLU J 1543 -92.71 43.84 74.24
C GLU J 1543 -91.31 43.33 74.61
N PRO J 1544 -91.20 42.50 75.65
CA PRO J 1544 -89.87 41.92 75.97
C PRO J 1544 -89.35 41.02 74.88
N ASN J 1545 -90.19 40.12 74.35
CA ASN J 1545 -89.80 39.26 73.23
C ASN J 1545 -90.37 39.83 71.96
N THR J 1546 -89.56 40.60 71.25
CA THR J 1546 -89.93 41.11 69.93
C THR J 1546 -88.66 41.28 69.13
N LYS J 1547 -88.83 41.38 67.81
CA LYS J 1547 -87.75 41.74 66.91
C LYS J 1547 -88.17 42.92 66.05
N LEU J 1548 -87.19 43.76 65.72
CA LEU J 1548 -87.44 45.01 65.02
C LEU J 1548 -86.48 45.14 63.86
N PHE J 1549 -87.01 45.48 62.69
CA PHE J 1549 -86.20 45.66 61.50
C PHE J 1549 -86.00 47.15 61.24
N PRO J 1550 -84.76 47.62 61.07
CA PRO J 1550 -84.54 49.02 60.71
C PRO J 1550 -84.98 49.32 59.29
N ALA J 1551 -86.06 50.09 59.14
CA ALA J 1551 -86.63 50.40 57.84
C ALA J 1551 -86.78 51.90 57.66
N VAL J 1552 -86.74 52.32 56.40
CA VAL J 1552 -86.98 53.71 56.03
C VAL J 1552 -87.97 53.70 54.87
N PHE J 1553 -89.13 54.31 55.05
CA PHE J 1553 -90.13 54.38 54.00
C PHE J 1553 -90.04 55.76 53.35
N VAL J 1554 -89.79 55.79 52.04
CA VAL J 1554 -89.46 57.02 51.34
C VAL J 1554 -90.06 56.97 49.94
N LEU J 1555 -90.45 58.17 49.42
CA LEU J 1555 -90.88 58.40 48.05
C LEU J 1555 -89.79 59.20 47.35
N PRO J 1556 -89.24 58.72 46.24
CA PRO J 1556 -88.09 59.40 45.62
C PRO J 1556 -88.49 60.64 44.85
N THR J 1557 -88.03 61.79 45.31
CA THR J 1557 -88.21 63.06 44.59
C THR J 1557 -86.89 63.66 44.15
N HIS J 1558 -85.82 62.86 44.07
CA HIS J 1558 -84.55 63.28 43.50
C HIS J 1558 -83.86 62.04 42.94
N GLN J 1559 -82.68 62.25 42.34
CA GLN J 1559 -81.85 61.13 41.94
C GLN J 1559 -81.25 60.45 43.17
N ASN J 1560 -80.67 61.22 44.07
CA ASN J 1560 -80.15 60.72 45.34
C ASN J 1560 -81.27 60.78 46.39
N VAL J 1561 -81.61 59.64 46.95
CA VAL J 1561 -82.78 59.55 47.82
C VAL J 1561 -82.39 59.47 49.29
N ILE J 1562 -81.82 58.34 49.71
CA ILE J 1562 -81.49 58.07 51.10
C ILE J 1562 -80.12 57.41 51.17
N GLN J 1563 -79.63 57.25 52.40
CA GLN J 1563 -78.33 56.63 52.64
C GLN J 1563 -78.34 56.06 54.05
N PHE J 1564 -78.35 54.73 54.16
CA PHE J 1564 -78.22 54.09 55.47
C PHE J 1564 -76.77 54.20 55.94
N GLU J 1565 -76.52 54.96 57.01
CA GLU J 1565 -75.19 55.08 57.60
C GLU J 1565 -75.18 54.42 58.96
N LEU J 1566 -74.36 53.39 59.11
CA LEU J 1566 -74.26 52.63 60.37
C LEU J 1566 -73.12 53.16 61.22
N GLY J 1567 -73.28 54.40 61.70
CA GLY J 1567 -72.22 55.06 62.44
C GLY J 1567 -72.34 54.90 63.95
N LYS J 1568 -71.20 55.07 64.62
CA LYS J 1568 -71.13 55.04 66.07
C LYS J 1568 -70.96 56.45 66.61
N GLN J 1569 -71.67 56.76 67.69
CA GLN J 1569 -71.58 58.07 68.34
C GLN J 1569 -70.47 58.03 69.39
N LYS J 1570 -70.56 58.89 70.41
CA LYS J 1570 -69.48 59.05 71.38
C LYS J 1570 -69.30 57.82 72.26
N ASN J 1571 -70.39 57.28 72.79
CA ASN J 1571 -70.29 56.23 73.80
C ASN J 1571 -71.28 55.11 73.57
N ILE J 1572 -71.86 55.04 72.37
CA ILE J 1572 -72.86 54.02 72.05
C ILE J 1572 -72.40 53.25 70.82
N MET J 1573 -72.60 51.93 70.84
CA MET J 1573 -72.12 51.04 69.80
C MET J 1573 -73.06 51.07 68.57
N PRO J 1574 -72.53 50.80 67.38
CA PRO J 1574 -73.38 50.78 66.17
C PRO J 1574 -74.25 49.53 66.12
N LEU J 1575 -75.05 49.45 65.05
CA LEU J 1575 -76.09 48.43 64.96
C LEU J 1575 -75.54 47.04 64.66
N SER J 1576 -74.27 46.93 64.22
CA SER J 1576 -73.72 45.63 63.84
C SER J 1576 -73.44 44.74 65.04
N ALA J 1577 -73.44 45.30 66.26
CA ALA J 1577 -73.23 44.51 67.45
C ALA J 1577 -74.51 43.83 67.93
N ALA J 1578 -75.67 44.45 67.69
CA ALA J 1578 -76.93 43.86 68.14
C ALA J 1578 -77.41 42.73 67.22
N MET J 1579 -77.00 42.76 65.95
CA MET J 1579 -77.49 41.82 64.96
C MET J 1579 -76.63 40.57 64.85
N PHE J 1580 -75.39 40.64 65.30
CA PHE J 1580 -74.44 39.54 65.21
C PHE J 1580 -73.85 39.27 66.58
N LEU J 1581 -73.65 37.98 66.90
CA LEU J 1581 -73.17 37.63 68.22
C LEU J 1581 -71.65 37.62 68.29
N SER J 1582 -70.97 37.48 67.15
CA SER J 1582 -69.51 37.45 67.15
C SER J 1582 -68.91 38.83 67.36
N GLU J 1583 -69.65 39.88 67.00
CA GLU J 1583 -69.17 41.26 67.12
C GLU J 1583 -69.95 42.07 68.14
N ARG J 1584 -70.42 41.43 69.21
CA ARG J 1584 -71.12 42.16 70.27
C ARG J 1584 -70.17 43.11 70.99
N LYS J 1585 -68.93 42.71 71.19
CA LYS J 1585 -67.96 43.50 71.95
C LYS J 1585 -66.98 44.29 71.07
N ASN J 1586 -67.12 44.25 69.74
CA ASN J 1586 -66.28 45.05 68.86
C ASN J 1586 -67.07 46.31 68.52
N PRO J 1587 -66.61 47.51 68.90
CA PRO J 1587 -67.39 48.73 68.63
C PRO J 1587 -67.17 49.31 67.24
N ALA J 1588 -66.32 48.71 66.41
CA ALA J 1588 -66.06 49.28 65.09
C ALA J 1588 -67.23 48.99 64.16
N PRO J 1589 -67.66 49.97 63.36
CA PRO J 1589 -68.78 49.74 62.43
C PRO J 1589 -68.35 48.88 61.25
N GLN J 1590 -69.14 47.84 60.99
CA GLN J 1590 -68.90 46.93 59.87
C GLN J 1590 -70.15 46.82 59.01
N CYS J 1591 -69.95 46.39 57.77
CA CYS J 1591 -71.05 46.18 56.81
C CYS J 1591 -70.82 44.87 56.07
N PRO J 1592 -71.31 43.76 56.60
CA PRO J 1592 -71.14 42.47 55.94
C PRO J 1592 -72.13 42.30 54.79
N PRO J 1593 -71.85 41.42 53.83
CA PRO J 1593 -72.80 41.21 52.71
C PRO J 1593 -74.09 40.52 53.10
N ARG J 1594 -74.21 39.97 54.32
CA ARG J 1594 -75.50 39.52 54.81
C ARG J 1594 -76.45 40.70 55.09
N LEU J 1595 -75.90 41.88 55.37
CA LEU J 1595 -76.71 43.09 55.48
C LEU J 1595 -76.92 43.59 54.06
N GLU J 1596 -78.10 43.33 53.52
CA GLU J 1596 -78.57 44.01 52.31
C GLU J 1596 -79.89 44.69 52.64
N VAL J 1597 -80.36 45.50 51.71
CA VAL J 1597 -81.64 46.16 51.85
C VAL J 1597 -82.67 45.35 51.08
N GLN J 1598 -83.90 45.33 51.59
CA GLN J 1598 -85.01 44.60 51.00
C GLN J 1598 -85.99 45.62 50.42
N MET J 1599 -86.91 45.13 49.59
CA MET J 1599 -88.05 45.93 49.17
C MET J 1599 -89.29 45.06 49.10
N LEU J 1600 -90.44 45.66 49.44
CA LEU J 1600 -91.69 44.93 49.58
C LEU J 1600 -92.39 44.87 48.22
N MET J 1601 -92.23 43.73 47.50
CA MET J 1601 -93.03 43.63 46.28
C MET J 1601 -94.46 43.25 46.62
N PRO J 1602 -95.45 43.69 45.82
CA PRO J 1602 -96.84 43.44 46.21
C PRO J 1602 -97.30 41.99 46.06
N VAL J 1603 -96.69 41.20 45.18
CA VAL J 1603 -97.14 39.83 44.94
C VAL J 1603 -95.96 38.87 45.08
N SER J 1604 -96.30 37.60 45.30
CA SER J 1604 -95.29 36.55 45.47
C SER J 1604 -95.92 35.22 45.10
N TRP J 1605 -95.06 34.22 44.86
CA TRP J 1605 -95.50 32.90 44.43
C TRP J 1605 -95.57 31.95 45.62
N SER J 1606 -96.70 31.28 45.79
CA SER J 1606 -96.86 30.20 46.76
C SER J 1606 -97.54 29.01 46.08
N ARG J 1607 -97.75 27.94 46.85
CA ARG J 1607 -98.20 26.66 46.32
C ARG J 1607 -99.49 26.22 47.00
N MET J 1608 -100.46 25.76 46.20
CA MET J 1608 -101.71 25.21 46.73
C MET J 1608 -101.45 23.86 47.39
N PRO J 1609 -102.02 23.61 48.58
CA PRO J 1609 -101.95 22.26 49.15
C PRO J 1609 -102.89 21.31 48.42
N ASN J 1610 -102.58 20.02 48.54
CA ASN J 1610 -103.31 18.99 47.82
C ASN J 1610 -104.49 18.42 48.60
N HIS J 1611 -104.58 18.70 49.90
CA HIS J 1611 -105.70 18.24 50.72
C HIS J 1611 -106.12 19.38 51.64
N PHE J 1612 -107.31 19.89 51.43
CA PHE J 1612 -107.86 20.98 52.22
C PHE J 1612 -108.72 20.41 53.35
N LEU J 1613 -109.02 21.28 54.33
CA LEU J 1613 -109.90 20.88 55.43
C LEU J 1613 -111.35 20.89 54.96
N GLN J 1614 -112.04 19.77 55.14
CA GLN J 1614 -113.41 19.59 54.68
C GLN J 1614 -114.35 20.06 55.78
N VAL J 1615 -115.08 21.14 55.52
CA VAL J 1615 -115.93 21.80 56.49
C VAL J 1615 -117.38 21.45 56.20
N GLU J 1616 -118.19 21.27 57.25
CA GLU J 1616 -119.59 20.91 57.12
C GLU J 1616 -120.44 22.05 57.68
N THR J 1617 -120.99 22.86 56.78
CA THR J 1617 -121.81 24.02 57.13
C THR J 1617 -123.28 23.69 56.88
N ARG J 1618 -124.10 23.83 57.92
CA ARG J 1618 -125.50 23.43 57.88
C ARG J 1618 -126.22 24.12 59.02
N ARG J 1619 -127.41 24.66 58.75
CA ARG J 1619 -128.24 25.20 59.84
C ARG J 1619 -129.13 24.10 60.39
N ALA J 1620 -129.10 23.93 61.71
CA ALA J 1620 -129.85 22.88 62.40
C ALA J 1620 -130.77 23.54 63.43
N GLY J 1621 -132.02 23.76 63.05
CA GLY J 1621 -132.99 24.34 63.95
C GLY J 1621 -132.92 25.85 64.04
N GLU J 1622 -133.97 26.48 64.55
CA GLU J 1622 -134.02 27.92 64.68
C GLU J 1622 -133.49 28.43 66.01
N ARG J 1623 -133.31 27.56 66.99
CA ARG J 1623 -132.78 27.96 68.29
C ARG J 1623 -131.37 27.47 68.55
N LEU J 1624 -130.98 26.33 67.97
CA LEU J 1624 -129.61 25.85 68.13
C LEU J 1624 -128.64 26.73 67.36
N GLY J 1625 -128.99 27.11 66.14
CA GLY J 1625 -128.18 28.00 65.33
C GLY J 1625 -127.48 27.26 64.21
N TRP J 1626 -126.55 27.96 63.58
CA TRP J 1626 -125.78 27.42 62.47
C TRP J 1626 -124.65 26.56 63.01
N ALA J 1627 -124.69 25.27 62.70
CA ALA J 1627 -123.70 24.32 63.18
C ALA J 1627 -122.59 24.16 62.15
N VAL J 1628 -121.38 23.95 62.63
CA VAL J 1628 -120.21 23.81 61.77
C VAL J 1628 -119.23 22.87 62.46
N GLN J 1629 -118.56 22.04 61.66
CA GLN J 1629 -117.71 20.98 62.18
C GLN J 1629 -116.74 20.52 61.11
N CYS J 1630 -115.56 20.08 61.56
CA CYS J 1630 -114.64 19.32 60.72
C CYS J 1630 -113.97 18.25 61.57
N GLN J 1631 -113.71 17.09 60.94
CA GLN J 1631 -113.10 15.95 61.62
C GLN J 1631 -111.89 15.37 60.90
N ASP J 1632 -111.52 15.87 59.74
CA ASP J 1632 -110.39 15.30 59.01
C ASP J 1632 -109.07 15.76 59.61
N PRO J 1633 -108.19 14.85 60.02
CA PRO J 1633 -106.89 15.26 60.56
C PRO J 1633 -105.88 15.53 59.45
N LEU J 1634 -105.23 16.69 59.51
CA LEU J 1634 -104.27 17.11 58.50
C LEU J 1634 -103.07 17.78 59.15
N THR J 1635 -101.88 17.41 58.69
CA THR J 1635 -100.62 17.96 59.18
C THR J 1635 -99.73 18.25 57.98
N MET J 1636 -98.75 19.12 58.18
CA MET J 1636 -97.73 19.38 57.17
C MET J 1636 -96.44 19.80 57.85
N MET J 1637 -95.34 19.71 57.11
CA MET J 1637 -94.02 20.13 57.58
C MET J 1637 -93.68 21.46 56.95
N ALA J 1638 -93.00 22.32 57.71
CA ALA J 1638 -92.69 23.65 57.19
C ALA J 1638 -91.37 24.14 57.78
N LEU J 1639 -90.67 24.97 57.00
CA LEU J 1639 -89.49 25.66 57.48
C LEU J 1639 -89.89 26.86 58.34
N HIS J 1640 -89.04 27.18 59.31
CA HIS J 1640 -89.41 28.24 60.25
C HIS J 1640 -88.74 29.57 59.92
N ILE J 1641 -87.48 29.54 59.51
CA ILE J 1641 -86.66 30.68 59.08
C ILE J 1641 -86.63 31.77 60.14
N PRO J 1642 -85.84 31.62 61.20
CA PRO J 1642 -86.01 32.48 62.40
C PRO J 1642 -85.58 33.93 62.23
N GLU J 1643 -84.78 34.27 61.21
CA GLU J 1643 -84.35 35.66 61.10
C GLU J 1643 -85.43 36.57 60.51
N GLU J 1644 -86.45 35.99 59.87
CA GLU J 1644 -87.61 36.75 59.43
C GLU J 1644 -88.91 36.33 60.10
N ASN J 1645 -88.90 35.19 60.82
CA ASN J 1645 -90.05 34.64 61.57
C ASN J 1645 -91.22 34.42 60.60
N ARG J 1646 -90.91 33.78 59.47
CA ARG J 1646 -91.87 33.55 58.41
C ARG J 1646 -91.76 32.12 57.94
N CYS J 1647 -92.90 31.46 57.79
CA CYS J 1647 -92.94 30.05 57.45
C CYS J 1647 -93.36 29.85 56.00
N MET J 1648 -92.74 28.85 55.37
CA MET J 1648 -93.10 28.42 54.03
C MET J 1648 -93.11 26.90 54.03
N ASP J 1649 -93.88 26.33 53.11
CA ASP J 1649 -94.03 24.89 53.05
C ASP J 1649 -92.75 24.25 52.54
N ILE J 1650 -92.50 23.01 52.99
CA ILE J 1650 -91.29 22.31 52.58
C ILE J 1650 -91.41 21.80 51.15
N LEU J 1651 -92.63 21.76 50.61
CA LEU J 1651 -92.85 21.36 49.22
C LEU J 1651 -92.67 22.51 48.24
N GLU J 1652 -92.54 23.75 48.71
CA GLU J 1652 -92.23 24.87 47.83
C GLU J 1652 -90.75 24.96 47.49
N LEU J 1653 -89.90 24.14 48.11
CA LEU J 1653 -88.47 24.15 47.79
C LEU J 1653 -88.16 23.54 46.44
N SER J 1654 -89.10 22.80 45.85
CA SER J 1654 -88.91 22.28 44.49
C SER J 1654 -88.90 23.40 43.45
N GLU J 1655 -89.53 24.54 43.76
CA GLU J 1655 -89.43 25.71 42.91
C GLU J 1655 -88.49 26.78 43.47
N ARG J 1656 -88.06 26.64 44.72
CA ARG J 1656 -87.14 27.61 45.30
C ARG J 1656 -85.72 27.42 44.75
N LEU J 1657 -85.18 26.20 44.90
CA LEU J 1657 -83.89 25.74 44.40
C LEU J 1657 -82.69 26.52 44.94
N ASP J 1658 -82.86 27.25 46.05
CA ASP J 1658 -81.73 27.80 46.79
C ASP J 1658 -81.71 27.32 48.23
N LEU J 1659 -82.84 27.44 48.95
CA LEU J 1659 -82.97 26.84 50.27
C LEU J 1659 -83.22 25.34 50.19
N GLN J 1660 -83.53 24.82 49.01
CA GLN J 1660 -83.42 23.39 48.76
C GLN J 1660 -81.99 22.92 48.95
N ARG J 1661 -81.05 23.67 48.38
CA ARG J 1661 -79.64 23.30 48.43
C ARG J 1661 -79.07 23.50 49.84
N PHE J 1662 -79.58 24.49 50.57
CA PHE J 1662 -79.06 24.75 51.91
C PHE J 1662 -79.53 23.71 52.90
N HIS J 1663 -80.81 23.33 52.83
CA HIS J 1663 -81.35 22.38 53.81
C HIS J 1663 -80.85 20.97 53.54
N SER J 1664 -80.56 20.65 52.28
CA SER J 1664 -79.97 19.35 51.97
C SER J 1664 -78.51 19.31 52.38
N HIS J 1665 -77.82 20.45 52.32
CA HIS J 1665 -76.44 20.50 52.79
C HIS J 1665 -76.39 20.57 54.31
N THR J 1666 -77.45 21.11 54.93
CA THR J 1666 -77.56 21.07 56.38
C THR J 1666 -77.85 19.66 56.88
N LEU J 1667 -78.58 18.89 56.08
CA LEU J 1667 -78.98 17.54 56.47
C LEU J 1667 -77.81 16.58 56.37
N ARG J 1668 -76.91 16.82 55.42
CA ARG J 1668 -75.70 16.01 55.33
C ARG J 1668 -74.76 16.33 56.49
N LEU J 1669 -74.77 17.59 56.95
CA LEU J 1669 -74.04 17.93 58.17
C LEU J 1669 -74.71 17.29 59.38
N TYR J 1670 -76.04 17.12 59.34
CA TYR J 1670 -76.73 16.39 60.39
C TYR J 1670 -76.39 14.91 60.37
N ARG J 1671 -75.96 14.40 59.21
CA ARG J 1671 -75.54 13.01 59.13
C ARG J 1671 -74.07 12.85 59.51
N ALA J 1672 -73.21 13.76 59.07
CA ALA J 1672 -71.77 13.57 59.23
C ALA J 1672 -71.28 13.92 60.63
N VAL J 1673 -72.03 14.70 61.39
CA VAL J 1673 -71.65 15.01 62.76
C VAL J 1673 -71.88 13.80 63.66
N CYS J 1674 -73.09 13.23 63.61
CA CYS J 1674 -73.44 12.07 64.43
C CYS J 1674 -73.17 10.74 63.73
N ALA J 1675 -72.03 10.66 63.05
CA ALA J 1675 -71.65 9.48 62.29
C ALA J 1675 -70.58 8.69 63.02
N LEU J 1676 -70.35 7.47 62.53
CA LEU J 1676 -69.29 6.55 62.97
C LEU J 1676 -69.46 6.18 64.44
N GLY J 1677 -70.72 6.01 64.85
CA GLY J 1677 -71.03 5.49 66.17
C GLY J 1677 -71.00 6.48 67.30
N ASN J 1678 -71.42 7.73 67.07
CA ASN J 1678 -71.41 8.75 68.11
C ASN J 1678 -72.87 8.95 68.52
N ASN J 1679 -73.28 8.22 69.56
CA ASN J 1679 -74.69 8.19 69.95
C ASN J 1679 -75.08 9.37 70.83
N ARG J 1680 -74.13 10.00 71.51
CA ARG J 1680 -74.47 11.07 72.45
C ARG J 1680 -74.95 12.33 71.73
N VAL J 1681 -74.37 12.64 70.58
CA VAL J 1681 -74.89 13.71 69.74
C VAL J 1681 -76.14 13.25 68.99
N ALA J 1682 -76.27 11.94 68.73
CA ALA J 1682 -77.41 11.42 67.98
C ALA J 1682 -78.70 11.51 68.78
N HIS J 1683 -78.62 11.50 70.11
CA HIS J 1683 -79.78 11.85 70.92
C HIS J 1683 -80.02 13.35 70.88
N ALA J 1684 -78.95 14.15 70.92
CA ALA J 1684 -79.09 15.61 70.91
C ALA J 1684 -79.61 16.11 69.57
N LEU J 1685 -79.36 15.38 68.49
CA LEU J 1685 -79.96 15.72 67.20
C LEU J 1685 -81.42 15.26 67.09
N CYS J 1686 -81.86 14.33 67.95
CA CYS J 1686 -83.25 13.87 67.91
C CYS J 1686 -84.22 14.93 68.41
N SER J 1687 -83.74 15.95 69.11
CA SER J 1687 -84.61 17.07 69.48
C SER J 1687 -84.93 17.95 68.28
N HIS J 1688 -83.99 18.10 67.35
CA HIS J 1688 -84.24 18.96 66.19
C HIS J 1688 -85.14 18.27 65.18
N VAL J 1689 -84.76 17.07 64.74
CA VAL J 1689 -85.60 16.28 63.85
C VAL J 1689 -86.41 15.31 64.69
N ASP J 1690 -87.71 15.54 64.77
CA ASP J 1690 -88.59 14.66 65.53
C ASP J 1690 -88.85 13.37 64.75
N GLN J 1691 -89.30 12.34 65.47
CA GLN J 1691 -89.56 11.07 64.82
C GLN J 1691 -90.88 11.07 64.08
N ALA J 1692 -91.85 11.90 64.51
CA ALA J 1692 -93.11 11.98 63.79
C ALA J 1692 -92.95 12.72 62.47
N GLN J 1693 -92.10 13.76 62.46
CA GLN J 1693 -91.84 14.49 61.23
C GLN J 1693 -90.88 13.74 60.32
N LEU J 1694 -90.16 12.74 60.83
CA LEU J 1694 -89.23 11.97 60.02
C LEU J 1694 -89.92 10.77 59.40
N LEU J 1695 -90.86 10.15 60.13
CA LEU J 1695 -91.63 9.05 59.56
C LEU J 1695 -92.72 9.55 58.62
N HIS J 1696 -93.18 10.80 58.80
CA HIS J 1696 -94.13 11.36 57.84
C HIS J 1696 -93.47 11.68 56.51
N ALA J 1697 -92.20 12.08 56.54
CA ALA J 1697 -91.46 12.40 55.33
C ALA J 1697 -91.05 11.16 54.53
N LEU J 1698 -91.28 9.96 55.06
CA LEU J 1698 -90.93 8.75 54.32
C LEU J 1698 -91.95 8.46 53.23
N GLU J 1699 -93.23 8.61 53.53
CA GLU J 1699 -94.29 8.28 52.57
C GLU J 1699 -94.80 9.48 51.79
N ASP J 1700 -94.29 10.68 52.06
CA ASP J 1700 -94.74 11.87 51.34
C ASP J 1700 -94.07 11.88 49.98
N ALA J 1701 -94.87 11.76 48.92
CA ALA J 1701 -94.34 11.66 47.56
C ALA J 1701 -94.09 13.02 46.92
N HIS J 1702 -94.62 14.10 47.47
CA HIS J 1702 -94.43 15.42 46.89
C HIS J 1702 -93.14 16.10 47.34
N LEU J 1703 -92.32 15.40 48.12
CA LEU J 1703 -91.03 15.94 48.52
C LEU J 1703 -90.06 15.88 47.32
N PRO J 1704 -89.15 16.84 47.21
CA PRO J 1704 -88.21 16.85 46.08
C PRO J 1704 -87.15 15.75 46.20
N GLY J 1705 -86.30 15.70 45.18
CA GLY J 1705 -85.37 14.60 44.97
C GLY J 1705 -84.30 14.42 46.03
N PRO J 1706 -83.34 15.35 46.11
CA PRO J 1706 -82.27 15.21 47.10
C PRO J 1706 -82.73 15.37 48.54
N LEU J 1707 -83.89 16.01 48.76
CA LEU J 1707 -84.40 16.15 50.12
C LEU J 1707 -85.00 14.84 50.62
N ARG J 1708 -85.64 14.08 49.72
CA ARG J 1708 -86.17 12.77 50.09
C ARG J 1708 -85.06 11.76 50.30
N ALA J 1709 -84.00 11.84 49.49
CA ALA J 1709 -82.90 10.88 49.60
C ALA J 1709 -82.08 11.09 50.86
N GLY J 1710 -82.02 12.33 51.37
CA GLY J 1710 -81.26 12.59 52.57
C GLY J 1710 -82.00 12.23 53.84
N TYR J 1711 -83.35 12.21 53.79
CA TYR J 1711 -84.13 11.87 54.98
C TYR J 1711 -84.09 10.38 55.27
N TYR J 1712 -84.02 9.54 54.23
CA TYR J 1712 -83.85 8.12 54.48
C TYR J 1712 -82.43 7.81 54.95
N ASP J 1713 -81.45 8.58 54.47
CA ASP J 1713 -80.09 8.40 54.95
C ASP J 1713 -79.90 8.99 56.35
N LEU J 1714 -80.76 9.94 56.74
CA LEU J 1714 -80.63 10.56 58.05
C LEU J 1714 -81.12 9.61 59.14
N LEU J 1715 -82.23 8.91 58.90
CA LEU J 1715 -82.82 8.07 59.93
C LEU J 1715 -81.96 6.84 60.19
N ILE J 1716 -81.32 6.31 59.14
CA ILE J 1716 -80.40 5.19 59.34
C ILE J 1716 -79.11 5.66 60.00
N SER J 1717 -78.76 6.94 59.85
CA SER J 1717 -77.55 7.48 60.45
C SER J 1717 -77.72 7.76 61.94
N ILE J 1718 -78.95 8.01 62.39
CA ILE J 1718 -79.18 8.34 63.80
C ILE J 1718 -79.76 7.18 64.60
N HIS J 1719 -80.31 6.16 63.95
CA HIS J 1719 -81.00 5.11 64.69
C HIS J 1719 -80.45 3.73 64.37
N LEU J 1720 -80.05 3.52 63.12
CA LEU J 1720 -79.86 2.20 62.53
C LEU J 1720 -78.46 2.02 61.94
N GLU J 1721 -77.44 2.58 62.59
CA GLU J 1721 -76.07 2.40 62.13
C GLU J 1721 -75.16 1.82 63.19
N SER J 1722 -75.33 2.22 64.47
CA SER J 1722 -74.53 1.65 65.55
C SER J 1722 -74.89 0.20 65.80
N ALA J 1723 -76.14 -0.17 65.53
CA ALA J 1723 -76.55 -1.57 65.64
C ALA J 1723 -76.32 -2.33 64.34
N CYS J 1724 -76.29 -1.64 63.21
CA CYS J 1724 -76.07 -2.30 61.93
C CYS J 1724 -74.61 -2.66 61.73
N ARG J 1725 -73.70 -1.79 62.19
CA ARG J 1725 -72.27 -2.04 62.02
C ARG J 1725 -71.79 -3.17 62.93
N SER J 1726 -72.42 -3.33 64.09
CA SER J 1726 -71.98 -4.34 65.04
C SER J 1726 -72.38 -5.74 64.58
N ARG J 1727 -73.57 -5.88 64.01
CA ARG J 1727 -74.05 -7.20 63.61
C ARG J 1727 -73.43 -7.63 62.28
N ARG J 1728 -73.17 -6.69 61.37
CA ARG J 1728 -72.46 -7.02 60.14
C ARG J 1728 -71.03 -7.44 60.44
N SER J 1729 -70.44 -6.91 61.50
CA SER J 1729 -69.13 -7.38 61.95
C SER J 1729 -69.24 -8.74 62.64
N MET J 1730 -70.41 -9.06 63.19
CA MET J 1730 -70.64 -10.34 63.85
C MET J 1730 -71.25 -11.39 62.93
N LEU J 1731 -71.67 -11.01 61.72
CA LEU J 1731 -72.29 -11.96 60.81
C LEU J 1731 -71.27 -12.88 60.14
N SER J 1732 -69.98 -12.55 60.21
CA SER J 1732 -68.98 -13.34 59.49
C SER J 1732 -68.64 -14.63 60.23
N GLU J 1733 -68.52 -14.58 61.55
CA GLU J 1733 -68.19 -15.76 62.34
C GLU J 1733 -69.47 -16.46 62.80
N TYR J 1734 -69.40 -17.78 62.90
CA TYR J 1734 -70.56 -18.62 63.17
C TYR J 1734 -70.33 -19.36 64.49
N ILE J 1735 -71.14 -19.02 65.51
CA ILE J 1735 -71.07 -19.66 66.81
C ILE J 1735 -72.43 -20.31 67.04
N VAL J 1736 -72.52 -21.62 66.86
CA VAL J 1736 -73.75 -22.37 67.05
C VAL J 1736 -73.61 -23.26 68.30
N PRO J 1737 -74.48 -23.15 69.28
CA PRO J 1737 -74.44 -24.05 70.43
C PRO J 1737 -75.23 -25.33 70.18
N LEU J 1738 -75.01 -26.30 71.06
CA LEU J 1738 -75.68 -27.60 70.98
C LEU J 1738 -76.91 -27.67 71.88
N THR J 1739 -77.84 -26.81 71.56
CA THR J 1739 -79.22 -26.69 72.00
C THR J 1739 -80.10 -27.63 71.17
N PRO J 1740 -81.21 -28.14 71.74
CA PRO J 1740 -82.06 -29.05 70.96
C PRO J 1740 -82.80 -28.42 69.78
N GLU J 1741 -82.80 -27.09 69.66
CA GLU J 1741 -83.34 -26.45 68.47
C GLU J 1741 -82.47 -26.72 67.25
N THR J 1742 -81.18 -26.96 67.45
CA THR J 1742 -80.27 -27.23 66.34
C THR J 1742 -80.39 -28.67 65.83
N ARG J 1743 -80.71 -29.63 66.72
CA ARG J 1743 -80.53 -31.04 66.40
C ARG J 1743 -81.57 -31.55 65.40
N ALA J 1744 -82.64 -30.79 65.17
CA ALA J 1744 -83.65 -31.16 64.15
C ALA J 1744 -83.64 -30.06 63.10
N ILE J 1745 -82.62 -30.08 62.25
CA ILE J 1745 -82.48 -29.17 61.11
C ILE J 1745 -81.93 -29.98 59.94
N THR J 1746 -82.58 -29.85 58.78
CA THR J 1746 -82.09 -30.42 57.54
C THR J 1746 -81.87 -29.32 56.52
N LEU J 1747 -81.11 -29.63 55.47
CA LEU J 1747 -80.85 -28.64 54.43
C LEU J 1747 -82.10 -28.39 53.59
N PHE J 1748 -82.79 -29.45 53.19
CA PHE J 1748 -84.02 -29.34 52.43
C PHE J 1748 -85.23 -29.46 53.35
N PRO J 1749 -86.27 -28.66 53.15
CA PRO J 1749 -87.46 -28.75 54.00
C PRO J 1749 -88.24 -30.03 53.72
N PRO J 1750 -88.70 -30.72 54.75
CA PRO J 1750 -89.44 -31.97 54.52
C PRO J 1750 -90.86 -31.71 54.02
N GLY J 1751 -91.33 -32.63 53.19
CA GLY J 1751 -92.66 -32.52 52.62
C GLY J 1751 -92.92 -33.53 51.52
N ARG J 1758 -86.39 -33.32 47.46
CA ARG J 1758 -85.20 -32.51 47.31
C ARG J 1758 -85.50 -31.18 46.61
N ARG J 1759 -86.50 -30.46 47.14
CA ARG J 1759 -86.85 -29.14 46.65
C ARG J 1759 -86.30 -28.10 47.62
N HIS J 1760 -85.53 -27.16 47.10
CA HIS J 1760 -84.85 -26.18 47.94
C HIS J 1760 -85.85 -25.14 48.46
N GLY J 1761 -85.78 -24.85 49.75
CA GLY J 1761 -86.69 -23.89 50.35
C GLY J 1761 -86.32 -22.45 50.07
N LEU J 1762 -87.09 -21.55 50.66
CA LEU J 1762 -86.91 -20.13 50.41
C LEU J 1762 -85.74 -19.60 51.23
N PRO J 1763 -84.91 -18.72 50.66
CA PRO J 1763 -83.76 -18.19 51.40
C PRO J 1763 -84.19 -17.18 52.45
N GLY J 1764 -83.59 -17.29 53.64
CA GLY J 1764 -83.92 -16.43 54.75
C GLY J 1764 -85.10 -16.87 55.57
N VAL J 1765 -85.73 -18.00 55.23
CA VAL J 1765 -86.90 -18.52 55.91
C VAL J 1765 -86.48 -19.79 56.65
N GLY J 1766 -86.61 -19.80 57.96
CA GLY J 1766 -86.28 -20.98 58.73
C GLY J 1766 -85.83 -20.61 60.13
N VAL J 1767 -85.22 -21.59 60.77
CA VAL J 1767 -84.74 -21.46 62.14
C VAL J 1767 -83.21 -21.46 62.13
N THR J 1768 -82.63 -20.50 62.86
CA THR J 1768 -81.19 -20.38 63.03
C THR J 1768 -80.89 -20.27 64.52
N THR J 1769 -79.69 -20.72 64.91
CA THR J 1769 -79.31 -20.70 66.33
C THR J 1769 -77.96 -20.04 66.56
N SER J 1770 -77.45 -19.26 65.61
CA SER J 1770 -76.16 -18.62 65.78
C SER J 1770 -76.27 -17.43 66.72
N LEU J 1771 -75.34 -17.33 67.66
CA LEU J 1771 -75.40 -16.32 68.71
C LEU J 1771 -74.88 -14.98 68.20
N ARG J 1772 -75.75 -13.96 68.25
CA ARG J 1772 -75.42 -12.60 67.87
C ARG J 1772 -75.94 -11.64 68.92
N PRO J 1773 -75.19 -10.58 69.24
CA PRO J 1773 -75.55 -9.74 70.39
C PRO J 1773 -76.72 -8.83 70.03
N PRO J 1774 -77.56 -8.50 71.01
CA PRO J 1774 -78.69 -7.60 70.73
C PRO J 1774 -78.21 -6.17 70.52
N HIS J 1775 -79.14 -5.36 70.02
CA HIS J 1775 -78.81 -4.03 69.53
C HIS J 1775 -78.64 -3.02 70.67
N HIS J 1776 -79.25 -3.30 71.84
CA HIS J 1776 -79.13 -2.50 73.06
C HIS J 1776 -79.62 -1.07 72.86
N PHE J 1777 -80.92 -0.96 72.59
CA PHE J 1777 -81.50 0.36 72.38
C PHE J 1777 -81.82 1.04 73.71
N SER J 1778 -81.90 2.37 73.67
CA SER J 1778 -82.19 3.20 74.83
C SER J 1778 -83.18 4.29 74.43
N PRO J 1779 -84.22 4.53 75.22
CA PRO J 1779 -85.24 5.52 74.85
C PRO J 1779 -84.71 6.95 75.00
N PRO J 1780 -85.00 7.83 74.06
CA PRO J 1780 -84.56 9.22 74.19
C PRO J 1780 -85.43 10.01 75.16
N CYS J 1781 -84.78 10.90 75.91
CA CYS J 1781 -85.43 11.72 76.92
C CYS J 1781 -84.56 12.95 77.17
N PHE J 1782 -85.19 14.13 77.21
CA PHE J 1782 -84.46 15.39 77.36
C PHE J 1782 -84.77 16.10 78.68
N VAL J 1783 -85.50 15.49 79.59
CA VAL J 1783 -85.85 16.11 80.86
C VAL J 1783 -85.24 15.38 82.05
N ALA J 1784 -84.44 14.34 81.81
CA ALA J 1784 -83.80 13.62 82.90
C ALA J 1784 -82.65 14.44 83.48
N ALA J 1785 -82.30 14.11 84.73
CA ALA J 1785 -81.21 14.82 85.40
C ALA J 1785 -79.87 14.37 84.83
N LEU J 1786 -79.07 15.34 84.41
CA LEU J 1786 -77.76 15.05 83.83
C LEU J 1786 -76.78 14.70 84.93
N PRO J 1787 -76.08 13.57 84.84
CA PRO J 1787 -75.14 13.19 85.90
C PRO J 1787 -73.88 14.05 85.87
N ALA J 1788 -73.38 14.36 87.08
CA ALA J 1788 -72.18 15.15 87.33
C ALA J 1788 -72.21 16.53 86.65
N GLU J 1793 -67.45 11.36 84.03
CA GLU J 1793 -67.34 10.54 82.82
C GLU J 1793 -68.53 9.60 82.67
N ALA J 1794 -69.22 9.71 81.55
CA ALA J 1794 -70.32 8.79 81.27
C ALA J 1794 -69.75 7.42 80.91
N PRO J 1795 -70.37 6.32 81.39
CA PRO J 1795 -69.88 4.98 81.04
C PRO J 1795 -70.02 4.64 79.56
N ALA J 1796 -71.25 4.69 79.05
CA ALA J 1796 -71.54 4.47 77.64
C ALA J 1796 -72.95 4.98 77.39
N ARG J 1797 -73.21 5.43 76.16
CA ARG J 1797 -74.56 5.85 75.80
C ARG J 1797 -74.96 5.14 74.52
N LEU J 1798 -76.16 4.56 74.53
CA LEU J 1798 -76.61 3.67 73.49
C LEU J 1798 -77.29 4.44 72.35
N SER J 1799 -77.60 3.70 71.29
CA SER J 1799 -78.32 4.26 70.15
C SER J 1799 -79.77 4.55 70.57
N PRO J 1800 -80.36 5.63 70.04
CA PRO J 1800 -81.71 6.01 70.49
C PRO J 1800 -82.77 5.06 69.95
N ALA J 1801 -83.73 4.73 70.82
CA ALA J 1801 -84.73 3.74 70.50
C ALA J 1801 -85.80 4.34 69.59
N ILE J 1802 -86.16 3.61 68.55
CA ILE J 1802 -87.26 3.96 67.66
C ILE J 1802 -88.16 2.72 67.57
N PRO J 1803 -89.50 2.88 67.59
CA PRO J 1803 -90.37 1.70 67.44
C PRO J 1803 -90.24 1.04 66.08
N LEU J 1804 -89.70 -0.18 66.08
CA LEU J 1804 -89.42 -0.91 64.84
C LEU J 1804 -90.61 -1.75 64.37
N GLU J 1805 -91.63 -1.92 65.22
CA GLU J 1805 -92.80 -2.70 64.82
C GLU J 1805 -93.67 -1.93 63.85
N ALA J 1806 -93.71 -0.61 63.97
CA ALA J 1806 -94.44 0.22 63.02
C ALA J 1806 -93.58 0.69 61.86
N LEU J 1807 -92.26 0.72 62.04
CA LEU J 1807 -91.38 1.16 60.95
C LEU J 1807 -91.20 0.04 59.93
N ARG J 1808 -91.30 -1.23 60.35
CA ARG J 1808 -91.12 -2.34 59.43
C ARG J 1808 -92.35 -2.53 58.54
N ASP J 1809 -93.55 -2.28 59.07
CA ASP J 1809 -94.76 -2.41 58.26
C ASP J 1809 -94.90 -1.23 57.30
N LYS J 1810 -94.35 -0.08 57.68
CA LYS J 1810 -94.32 1.07 56.79
C LYS J 1810 -93.30 0.87 55.68
N ALA J 1811 -92.14 0.28 56.03
CA ALA J 1811 -91.08 0.07 55.05
C ALA J 1811 -91.48 -0.94 53.98
N LEU J 1812 -92.30 -1.91 54.36
CA LEU J 1812 -92.78 -2.87 53.36
C LEU J 1812 -93.91 -2.28 52.54
N ARG J 1813 -94.61 -1.27 53.08
CA ARG J 1813 -95.74 -0.70 52.37
C ARG J 1813 -95.27 0.26 51.26
N MET J 1814 -94.28 1.10 51.54
CA MET J 1814 -93.83 2.03 50.52
C MET J 1814 -92.98 1.33 49.46
N LEU J 1815 -92.34 0.20 49.83
CA LEU J 1815 -91.71 -0.62 48.81
C LEU J 1815 -92.75 -1.42 48.03
N GLY J 1816 -93.82 -1.85 48.69
CA GLY J 1816 -94.88 -2.56 48.00
C GLY J 1816 -95.66 -1.66 47.05
N GLU J 1817 -95.69 -0.36 47.35
CA GLU J 1817 -96.31 0.58 46.43
C GLU J 1817 -95.33 0.99 45.32
N ALA J 1818 -94.02 0.95 45.60
CA ALA J 1818 -93.04 1.41 44.61
C ALA J 1818 -92.86 0.40 43.49
N VAL J 1819 -92.87 -0.90 43.79
CA VAL J 1819 -92.74 -1.89 42.73
C VAL J 1819 -94.03 -1.98 41.91
N ARG J 1820 -95.18 -1.68 42.53
CA ARG J 1820 -96.44 -1.77 41.80
C ARG J 1820 -96.64 -0.53 40.92
N ASP J 1821 -96.14 0.63 41.35
CA ASP J 1821 -96.22 1.84 40.54
C ASP J 1821 -95.16 1.89 39.45
N GLY J 1822 -94.16 1.01 39.49
CA GLY J 1822 -93.18 0.94 38.44
C GLY J 1822 -93.61 0.18 37.21
N GLY J 1823 -94.78 -0.46 37.25
CA GLY J 1823 -95.28 -1.20 36.12
C GLY J 1823 -96.17 -0.36 35.22
N GLN J 1824 -96.70 0.73 35.76
CA GLN J 1824 -97.55 1.62 34.97
C GLN J 1824 -96.75 2.61 34.13
N HIS J 1825 -95.48 2.82 34.49
CA HIS J 1825 -94.54 3.73 33.79
C HIS J 1825 -95.09 5.16 33.72
N ALA J 1826 -95.24 5.77 34.89
CA ALA J 1826 -95.72 7.13 34.97
C ALA J 1826 -94.64 8.12 34.55
N ARG J 1827 -95.07 9.31 34.15
CA ARG J 1827 -94.15 10.36 33.71
C ARG J 1827 -93.61 11.19 34.86
N ASP J 1828 -94.20 11.10 36.05
CA ASP J 1828 -93.75 11.87 37.21
C ASP J 1828 -93.72 10.93 38.42
N PRO J 1829 -92.60 10.25 38.64
CA PRO J 1829 -92.49 9.32 39.77
C PRO J 1829 -92.23 10.06 41.08
N VAL J 1830 -92.04 9.28 42.14
CA VAL J 1830 -91.80 9.86 43.46
C VAL J 1830 -90.38 10.41 43.53
N GLY J 1831 -90.27 11.71 43.79
CA GLY J 1831 -88.99 12.37 43.86
C GLY J 1831 -88.55 13.07 42.59
N GLY J 1832 -89.16 12.75 41.45
CA GLY J 1832 -88.82 13.34 40.18
C GLY J 1832 -88.05 12.44 39.24
N SER J 1833 -87.55 11.30 39.73
CA SER J 1833 -86.84 10.34 38.90
C SER J 1833 -87.00 8.95 39.50
N VAL J 1834 -86.62 7.93 38.72
CA VAL J 1834 -86.75 6.56 39.16
C VAL J 1834 -85.67 6.21 40.18
N GLU J 1835 -84.56 6.95 40.18
CA GLU J 1835 -83.47 6.70 41.12
C GLU J 1835 -83.87 7.14 42.52
N PHE J 1836 -84.49 8.32 42.65
CA PHE J 1836 -84.90 8.81 43.96
C PHE J 1836 -86.13 8.09 44.50
N GLN J 1837 -86.84 7.32 43.68
CA GLN J 1837 -87.96 6.53 44.14
C GLN J 1837 -87.54 5.20 44.75
N PHE J 1838 -86.52 4.55 44.19
CA PHE J 1838 -86.16 3.19 44.56
C PHE J 1838 -84.93 3.07 45.44
N VAL J 1839 -83.94 3.96 45.27
CA VAL J 1839 -82.72 3.84 46.08
C VAL J 1839 -82.92 4.11 47.56
N PRO J 1840 -83.61 5.20 48.01
CA PRO J 1840 -83.73 5.38 49.45
C PRO J 1840 -84.65 4.36 50.12
N VAL J 1841 -85.60 3.78 49.38
CA VAL J 1841 -86.44 2.76 49.98
C VAL J 1841 -85.69 1.42 50.02
N LEU J 1842 -84.80 1.17 49.05
CA LEU J 1842 -84.11 -0.12 49.03
C LEU J 1842 -82.99 -0.20 50.06
N LYS J 1843 -82.25 0.90 50.25
CA LYS J 1843 -81.17 0.87 51.23
C LYS J 1843 -81.71 0.84 52.66
N LEU J 1844 -82.94 1.35 52.85
CA LEU J 1844 -83.55 1.21 54.16
C LEU J 1844 -84.12 -0.18 54.36
N VAL J 1845 -84.69 -0.78 53.31
CA VAL J 1845 -85.13 -2.18 53.39
C VAL J 1845 -83.92 -3.10 53.58
N SER J 1846 -82.77 -2.72 53.03
CA SER J 1846 -81.56 -3.53 53.20
C SER J 1846 -80.99 -3.46 54.62
N THR J 1847 -81.12 -2.31 55.29
CA THR J 1847 -80.44 -2.18 56.58
C THR J 1847 -81.26 -2.76 57.72
N LEU J 1848 -82.60 -2.67 57.64
CA LEU J 1848 -83.40 -3.33 58.68
C LEU J 1848 -83.48 -4.83 58.47
N LEU J 1849 -83.14 -5.30 57.27
CA LEU J 1849 -83.04 -6.74 57.02
C LEU J 1849 -81.72 -7.30 57.54
N VAL J 1850 -80.63 -6.52 57.48
CA VAL J 1850 -79.35 -7.03 57.95
C VAL J 1850 -79.24 -6.91 59.48
N MET J 1851 -80.02 -6.02 60.11
CA MET J 1851 -80.09 -6.04 61.56
C MET J 1851 -80.93 -7.21 62.06
N GLY J 1852 -81.96 -7.58 61.31
CA GLY J 1852 -82.65 -8.82 61.59
C GLY J 1852 -83.95 -8.71 62.37
N ILE J 1853 -84.78 -7.73 62.02
CA ILE J 1853 -86.09 -7.63 62.66
C ILE J 1853 -87.18 -8.29 61.83
N PHE J 1854 -86.95 -8.50 60.54
CA PHE J 1854 -88.00 -8.95 59.63
C PHE J 1854 -88.36 -10.40 59.92
N GLY J 1855 -89.66 -10.66 60.04
CA GLY J 1855 -90.14 -11.99 60.30
C GLY J 1855 -90.05 -12.87 59.07
N ASP J 1856 -90.43 -14.13 59.25
CA ASP J 1856 -90.35 -15.07 58.14
C ASP J 1856 -91.38 -14.77 57.06
N GLU J 1857 -92.58 -14.31 57.46
CA GLU J 1857 -93.60 -13.98 56.48
C GLU J 1857 -93.25 -12.70 55.73
N ASP J 1858 -92.54 -11.78 56.39
CA ASP J 1858 -92.15 -10.54 55.73
C ASP J 1858 -91.07 -10.79 54.68
N VAL J 1859 -90.14 -11.71 54.94
CA VAL J 1859 -89.08 -11.96 53.98
C VAL J 1859 -89.57 -12.82 52.83
N LYS J 1860 -90.67 -13.55 53.03
CA LYS J 1860 -91.34 -14.18 51.89
C LYS J 1860 -92.00 -13.14 50.99
N GLN J 1861 -92.36 -11.98 51.55
CA GLN J 1861 -93.01 -10.96 50.73
C GLN J 1861 -91.97 -10.11 49.99
N ILE J 1862 -90.77 -9.95 50.56
CA ILE J 1862 -89.70 -9.25 49.85
C ILE J 1862 -89.23 -10.06 48.65
N LEU J 1863 -89.18 -11.39 48.78
CA LEU J 1863 -88.76 -12.22 47.66
C LEU J 1863 -89.84 -12.33 46.60
N LYS J 1864 -91.11 -12.23 46.99
CA LYS J 1864 -92.17 -12.15 45.99
C LYS J 1864 -92.17 -10.80 45.28
N MET J 1865 -91.72 -9.74 45.96
CA MET J 1865 -91.60 -8.45 45.29
C MET J 1865 -90.34 -8.40 44.43
N ILE J 1866 -89.31 -9.17 44.79
CA ILE J 1866 -88.13 -9.27 43.94
C ILE J 1866 -88.44 -10.10 42.70
N GLU J 1867 -88.97 -11.31 42.90
CA GLU J 1867 -89.36 -12.19 41.80
C GLU J 1867 -90.52 -13.04 42.26
N PRO J 1868 -91.74 -12.75 41.81
CA PRO J 1868 -92.91 -13.53 42.25
C PRO J 1868 -93.06 -14.88 41.57
N GLU J 1869 -92.22 -15.21 40.59
CA GLU J 1869 -92.31 -16.47 39.88
C GLU J 1869 -91.48 -17.56 40.56
N VAL J 1870 -90.28 -17.21 41.03
CA VAL J 1870 -89.38 -18.19 41.61
C VAL J 1870 -89.70 -18.44 43.07
N PHE J 1871 -90.05 -17.40 43.82
CA PHE J 1871 -90.17 -17.50 45.26
C PHE J 1871 -91.60 -17.72 45.75
N THR J 1872 -92.52 -18.13 44.89
CA THR J 1872 -93.89 -18.39 45.32
C THR J 1872 -93.97 -19.79 45.93
N GLU J 1873 -94.43 -19.86 47.18
CA GLU J 1873 -94.51 -21.12 47.91
C GLU J 1873 -95.66 -21.98 47.41
N GLU J 1923 -98.35 -9.24 38.77
CA GLU J 1923 -97.54 -8.04 38.78
C GLU J 1923 -96.14 -8.32 38.21
N GLU J 1924 -95.51 -7.27 37.68
CA GLU J 1924 -94.15 -7.40 37.18
C GLU J 1924 -93.15 -7.40 38.32
N GLY J 1925 -92.14 -8.26 38.22
CA GLY J 1925 -91.12 -8.33 39.24
C GLY J 1925 -90.15 -7.16 39.17
N LEU J 1926 -89.33 -7.06 40.22
CA LEU J 1926 -88.40 -5.95 40.34
C LEU J 1926 -87.16 -6.11 39.45
N LEU J 1927 -86.75 -7.35 39.19
CA LEU J 1927 -85.56 -7.58 38.36
C LEU J 1927 -85.86 -7.50 36.87
N GLN J 1928 -87.07 -7.87 36.45
CA GLN J 1928 -87.43 -7.77 35.04
C GLN J 1928 -87.66 -6.33 34.61
N MET J 1929 -87.89 -5.43 35.56
CA MET J 1929 -88.05 -4.02 35.24
C MET J 1929 -86.68 -3.41 34.91
N LYS J 1930 -86.69 -2.40 34.04
CA LYS J 1930 -85.45 -1.69 33.74
C LYS J 1930 -85.13 -0.71 34.86
N LEU J 1931 -83.92 -0.83 35.40
CA LEU J 1931 -83.46 -0.08 36.57
C LEU J 1931 -82.15 0.62 36.22
N PRO J 1932 -81.92 1.83 36.76
CA PRO J 1932 -80.61 2.47 36.56
C PRO J 1932 -79.55 1.91 37.49
N GLU J 1933 -78.30 2.37 37.36
CA GLU J 1933 -77.16 1.69 37.98
C GLU J 1933 -77.10 1.90 39.49
N SER J 1934 -77.76 2.94 40.01
CA SER J 1934 -77.80 3.15 41.44
C SER J 1934 -78.74 2.16 42.11
N VAL J 1935 -79.85 1.83 41.45
CA VAL J 1935 -80.79 0.85 41.99
C VAL J 1935 -80.23 -0.55 41.89
N LYS J 1936 -79.40 -0.81 40.87
CA LYS J 1936 -78.78 -2.12 40.71
C LYS J 1936 -77.79 -2.41 41.83
N LEU J 1937 -77.09 -1.38 42.32
CA LEU J 1937 -76.07 -1.59 43.35
C LEU J 1937 -76.70 -1.92 44.70
N GLN J 1938 -77.85 -1.30 45.00
CA GLN J 1938 -78.50 -1.58 46.27
C GLN J 1938 -79.19 -2.94 46.28
N MET J 1939 -79.47 -3.51 45.10
CA MET J 1939 -80.02 -4.85 45.04
C MET J 1939 -78.96 -5.94 45.17
N CYS J 1940 -77.71 -5.64 44.84
CA CYS J 1940 -76.65 -6.63 45.08
C CYS J 1940 -76.38 -6.77 46.58
N ASN J 1941 -76.52 -5.67 47.33
CA ASN J 1941 -76.38 -5.76 48.77
C ASN J 1941 -77.57 -6.46 49.41
N LEU J 1942 -78.71 -6.47 48.72
CA LEU J 1942 -79.88 -7.20 49.22
C LEU J 1942 -79.73 -8.69 48.98
N LEU J 1943 -79.13 -9.07 47.84
CA LEU J 1943 -78.95 -10.48 47.52
C LEU J 1943 -77.67 -11.04 48.11
N GLU J 1944 -76.73 -10.18 48.53
CA GLU J 1944 -75.61 -10.66 49.33
C GLU J 1944 -76.06 -11.10 50.71
N TYR J 1945 -77.20 -10.60 51.18
CA TYR J 1945 -77.74 -11.05 52.46
C TYR J 1945 -78.32 -12.45 52.35
N PHE J 1946 -79.08 -12.72 51.27
CA PHE J 1946 -79.76 -14.00 51.14
C PHE J 1946 -78.78 -15.14 50.87
N CYS J 1947 -77.66 -14.84 50.22
CA CYS J 1947 -76.64 -15.86 50.01
C CYS J 1947 -75.83 -16.11 51.27
N ASP J 1948 -75.65 -15.07 52.10
CA ASP J 1948 -75.01 -15.28 53.39
C ASP J 1948 -75.93 -16.02 54.35
N GLN J 1949 -77.26 -15.81 54.22
CA GLN J 1949 -78.21 -16.59 54.99
C GLN J 1949 -78.32 -18.01 54.46
N GLU J 1950 -78.13 -18.20 53.15
CA GLU J 1950 -78.08 -19.55 52.59
C GLU J 1950 -76.79 -20.25 52.99
N LEU J 1951 -75.72 -19.48 53.18
CA LEU J 1951 -74.46 -20.07 53.64
C LEU J 1951 -74.53 -20.38 55.13
N GLN J 1952 -75.20 -19.51 55.90
CA GLN J 1952 -75.32 -19.72 57.34
C GLN J 1952 -76.23 -20.89 57.66
N HIS J 1953 -77.29 -21.09 56.87
CA HIS J 1953 -78.14 -22.27 57.04
C HIS J 1953 -77.40 -23.54 56.66
N ARG J 1954 -76.44 -23.43 55.73
CA ARG J 1954 -75.69 -24.61 55.31
C ARG J 1954 -74.63 -24.98 56.35
N VAL J 1955 -74.06 -23.98 57.03
CA VAL J 1955 -73.08 -24.26 58.08
C VAL J 1955 -73.76 -24.81 59.32
N GLU J 1956 -74.95 -24.31 59.66
CA GLU J 1956 -75.66 -24.82 60.83
C GLU J 1956 -76.19 -26.22 60.59
N SER J 1957 -76.53 -26.56 59.34
CA SER J 1957 -76.97 -27.91 59.04
C SER J 1957 -75.79 -28.89 59.05
N LEU J 1958 -74.60 -28.41 58.71
CA LEU J 1958 -73.42 -29.26 58.78
C LEU J 1958 -73.01 -29.48 60.23
N ALA J 1959 -73.21 -28.48 61.09
CA ALA J 1959 -72.92 -28.64 62.51
C ALA J 1959 -74.02 -29.42 63.22
N ALA J 1960 -75.26 -29.32 62.72
CA ALA J 1960 -76.34 -30.14 63.29
C ALA J 1960 -76.15 -31.60 62.95
N PHE J 1961 -75.63 -31.89 61.76
CA PHE J 1961 -75.34 -33.27 61.40
C PHE J 1961 -74.17 -33.82 62.20
N ALA J 1962 -73.23 -32.95 62.59
CA ALA J 1962 -72.03 -33.41 63.28
C ALA J 1962 -72.35 -33.85 64.71
N GLU J 1963 -73.26 -33.14 65.39
CA GLU J 1963 -73.67 -33.57 66.72
C GLU J 1963 -74.59 -34.79 66.66
N ARG J 1964 -75.32 -34.97 65.56
CA ARG J 1964 -76.08 -36.19 65.39
C ARG J 1964 -75.22 -37.38 64.99
N TYR J 1965 -73.97 -37.14 64.60
CA TYR J 1965 -73.09 -38.22 64.17
C TYR J 1965 -72.15 -38.70 65.28
N VAL J 1966 -71.59 -37.77 66.06
CA VAL J 1966 -70.58 -38.15 67.04
C VAL J 1966 -71.21 -38.73 68.30
N ASP J 1967 -72.53 -38.54 68.48
CA ASP J 1967 -73.22 -39.26 69.52
C ASP J 1967 -73.31 -40.75 69.19
N LYS J 1968 -73.35 -41.07 67.89
CA LYS J 1968 -73.33 -42.45 67.42
C LYS J 1968 -71.90 -42.97 67.26
N LEU J 1969 -70.94 -42.05 67.11
CA LEU J 1969 -69.57 -42.45 66.82
C LEU J 1969 -68.83 -42.87 68.09
N GLN J 1970 -68.98 -42.10 69.17
CA GLN J 1970 -68.34 -42.46 70.43
C GLN J 1970 -69.05 -43.63 71.10
N ALA J 1971 -70.31 -43.88 70.75
CA ALA J 1971 -71.01 -45.05 71.28
C ALA J 1971 -70.53 -46.33 70.59
N ASN J 1972 -70.15 -46.21 69.31
CA ASN J 1972 -69.70 -47.39 68.57
C ASN J 1972 -68.28 -47.80 68.98
N GLN J 1973 -67.42 -46.81 69.21
CA GLN J 1973 -66.00 -47.10 69.41
C GLN J 1973 -65.74 -47.64 70.81
N ARG J 1974 -66.49 -47.17 71.81
CA ARG J 1974 -66.39 -47.73 73.16
C ARG J 1974 -66.99 -49.13 73.19
N SER J 1975 -68.00 -49.39 72.35
CA SER J 1975 -68.50 -50.75 72.20
C SER J 1975 -67.49 -51.64 71.48
N ARG J 1976 -66.65 -51.05 70.63
CA ARG J 1976 -65.59 -51.82 69.99
C ARG J 1976 -64.41 -52.02 70.93
N TYR J 1977 -64.22 -51.12 71.89
CA TYR J 1977 -63.14 -51.30 72.87
C TYR J 1977 -63.54 -52.34 73.92
N ALA J 1978 -64.83 -52.40 74.25
CA ALA J 1978 -65.32 -53.38 75.21
C ALA J 1978 -65.26 -54.79 74.62
N LEU J 1979 -65.41 -54.91 73.30
CA LEU J 1979 -65.19 -56.19 72.65
C LEU J 1979 -63.70 -56.51 72.55
N LEU J 1980 -62.85 -55.49 72.47
CA LEU J 1980 -61.42 -55.74 72.30
C LEU J 1980 -60.77 -56.15 73.62
N MET J 1981 -61.30 -55.64 74.75
CA MET J 1981 -60.77 -56.04 76.06
C MET J 1981 -61.24 -57.42 76.46
N ARG J 1982 -62.25 -57.98 75.78
CA ARG J 1982 -62.69 -59.35 75.96
C ARG J 1982 -62.18 -60.25 74.84
N ALA J 1983 -61.19 -59.77 74.09
CA ALA J 1983 -60.66 -60.48 72.93
C ALA J 1983 -59.28 -61.00 73.27
N PHE J 1984 -59.14 -62.32 73.35
CA PHE J 1984 -57.89 -62.97 73.73
C PHE J 1984 -57.44 -63.94 72.66
N THR J 1985 -57.89 -63.76 71.42
CA THR J 1985 -57.61 -64.71 70.35
C THR J 1985 -56.43 -64.30 69.47
N MET J 1986 -55.85 -63.13 69.69
CA MET J 1986 -54.72 -62.68 68.91
C MET J 1986 -53.84 -61.78 69.76
N SER J 1987 -52.54 -61.79 69.47
CA SER J 1987 -51.56 -60.99 70.19
C SER J 1987 -50.84 -60.00 69.27
N ALA J 1988 -50.41 -60.44 68.08
CA ALA J 1988 -49.73 -59.53 67.17
C ALA J 1988 -50.70 -58.54 66.54
N ALA J 1989 -51.94 -58.98 66.29
CA ALA J 1989 -52.96 -58.07 65.77
C ALA J 1989 -53.70 -57.32 66.87
N GLU J 1990 -53.50 -57.67 68.14
CA GLU J 1990 -54.21 -57.01 69.23
C GLU J 1990 -53.68 -55.59 69.44
N THR J 1991 -52.36 -55.40 69.31
CA THR J 1991 -51.82 -54.05 69.33
C THR J 1991 -52.09 -53.30 68.02
N ALA J 1992 -52.35 -54.03 66.95
CA ALA J 1992 -52.63 -53.37 65.68
C ALA J 1992 -54.03 -52.79 65.66
N ARG J 1993 -54.95 -53.38 66.42
CA ARG J 1993 -56.27 -52.79 66.58
C ARG J 1993 -56.27 -51.69 67.64
N ARG J 1994 -55.28 -51.69 68.53
CA ARG J 1994 -55.24 -50.75 69.65
C ARG J 1994 -54.39 -49.51 69.38
N THR J 1995 -53.94 -49.28 68.15
CA THR J 1995 -53.19 -48.06 67.85
C THR J 1995 -54.08 -46.83 67.89
N ARG J 1996 -55.29 -46.92 67.34
CA ARG J 1996 -56.19 -45.77 67.31
C ARG J 1996 -56.88 -45.57 68.66
N GLU J 1997 -57.10 -46.65 69.41
CA GLU J 1997 -57.96 -46.57 70.58
C GLU J 1997 -57.28 -45.87 71.76
N PHE J 1998 -56.05 -46.25 72.06
CA PHE J 1998 -55.35 -45.65 73.19
C PHE J 1998 -54.13 -44.86 72.77
N ARG J 1999 -53.42 -45.29 71.73
CA ARG J 1999 -52.15 -44.66 71.39
C ARG J 1999 -52.34 -43.40 70.53
N SER J 2000 -53.26 -43.42 69.57
CA SER J 2000 -53.35 -42.31 68.65
C SER J 2000 -54.04 -41.12 69.32
N PRO J 2001 -53.61 -39.89 69.04
CA PRO J 2001 -54.27 -38.71 69.61
C PRO J 2001 -55.68 -38.57 69.08
N PRO J 2002 -56.58 -37.93 69.83
CA PRO J 2002 -58.01 -37.94 69.44
C PRO J 2002 -58.33 -37.15 68.19
N GLN J 2003 -57.45 -36.24 67.76
CA GLN J 2003 -57.63 -35.63 66.45
C GLN J 2003 -57.32 -36.62 65.32
N GLU J 2004 -56.32 -37.48 65.53
CA GLU J 2004 -55.95 -38.44 64.50
C GLU J 2004 -56.96 -39.59 64.42
N GLN J 2005 -57.81 -39.75 65.44
CA GLN J 2005 -58.87 -40.75 65.38
C GLN J 2005 -59.96 -40.33 64.39
N ILE J 2006 -60.36 -39.06 64.40
CA ILE J 2006 -61.41 -38.58 63.50
C ILE J 2006 -60.91 -38.55 62.06
N ASN J 2007 -59.62 -38.24 61.86
CA ASN J 2007 -59.07 -38.23 60.51
C ASN J 2007 -58.95 -39.65 59.96
N MET J 2008 -58.71 -40.63 60.82
CA MET J 2008 -58.59 -42.02 60.38
C MET J 2008 -59.95 -42.72 60.27
N LEU J 2009 -60.94 -42.31 61.08
CA LEU J 2009 -62.24 -42.97 61.03
C LEU J 2009 -63.09 -42.49 59.87
N LEU J 2010 -62.81 -41.30 59.32
CA LEU J 2010 -63.60 -40.73 58.23
C LEU J 2010 -62.90 -40.90 56.89
N HIS J 2011 -62.27 -42.05 56.66
CA HIS J 2011 -61.51 -42.32 55.45
C HIS J 2011 -62.16 -43.36 54.57
N PHE J 2012 -63.47 -43.55 54.67
CA PHE J 2012 -64.15 -44.58 53.88
C PHE J 2012 -64.69 -44.06 52.55
N LYS J 2013 -63.88 -43.36 51.76
CA LYS J 2013 -64.27 -42.92 50.43
C LYS J 2013 -63.25 -43.44 49.43
N ASP J 2014 -63.75 -44.01 48.33
CA ASP J 2014 -62.98 -44.62 47.25
C ASP J 2014 -62.07 -45.75 47.75
N ASP J 2020 -58.96 -49.90 56.49
CA ASP J 2020 -58.30 -49.29 57.63
C ASP J 2020 -59.28 -48.51 58.50
N CYS J 2021 -60.56 -48.69 58.21
CA CYS J 2021 -61.63 -48.04 58.98
C CYS J 2021 -62.47 -49.10 59.66
N PRO J 2022 -62.45 -49.18 60.99
CA PRO J 2022 -63.19 -50.25 61.68
C PRO J 2022 -64.68 -50.02 61.82
N LEU J 2023 -65.24 -48.97 61.22
CA LEU J 2023 -66.67 -48.72 61.33
C LEU J 2023 -67.44 -49.71 60.45
N PRO J 2024 -68.56 -50.24 60.93
CA PRO J 2024 -69.35 -51.18 60.13
C PRO J 2024 -70.17 -50.43 59.08
N GLU J 2025 -70.93 -51.19 58.30
CA GLU J 2025 -71.67 -50.65 57.17
C GLU J 2025 -72.98 -49.96 57.58
N ASP J 2026 -73.26 -49.85 58.87
CA ASP J 2026 -74.47 -49.17 59.33
C ASP J 2026 -74.26 -47.67 59.46
N ILE J 2027 -73.08 -47.24 59.88
CA ILE J 2027 -72.83 -45.84 60.21
C ILE J 2027 -71.84 -45.16 59.26
N ARG J 2028 -71.60 -45.74 58.07
CA ARG J 2028 -70.75 -45.07 57.09
C ARG J 2028 -71.52 -44.58 55.87
N GLN J 2029 -72.74 -45.05 55.64
CA GLN J 2029 -73.53 -44.58 54.51
C GLN J 2029 -74.33 -43.34 54.84
N ASP J 2030 -74.60 -43.09 56.13
CA ASP J 2030 -75.40 -41.94 56.54
C ASP J 2030 -74.65 -40.63 56.31
N LEU J 2031 -73.32 -40.68 56.34
CA LEU J 2031 -72.54 -39.47 56.02
C LEU J 2031 -72.45 -39.26 54.52
N GLN J 2032 -72.35 -40.34 53.73
CA GLN J 2032 -72.40 -40.18 52.28
C GLN J 2032 -73.83 -39.87 51.83
N ASP J 2033 -74.83 -40.25 52.61
CA ASP J 2033 -76.18 -39.76 52.37
C ASP J 2033 -76.28 -38.28 52.68
N PHE J 2034 -75.50 -37.80 53.67
CA PHE J 2034 -75.43 -36.38 53.94
C PHE J 2034 -74.57 -35.66 52.92
N HIS J 2035 -73.54 -36.34 52.41
CA HIS J 2035 -72.60 -35.70 51.49
C HIS J 2035 -73.24 -35.40 50.15
N GLN J 2036 -74.01 -36.36 49.60
CA GLN J 2036 -74.70 -36.10 48.34
C GLN J 2036 -75.90 -35.19 48.54
N ASP J 2037 -76.39 -35.07 49.78
CA ASP J 2037 -77.42 -34.07 50.07
C ASP J 2037 -76.84 -32.67 50.10
N LEU J 2038 -75.56 -32.54 50.46
CA LEU J 2038 -74.96 -31.21 50.58
C LEU J 2038 -74.52 -30.69 49.22
N LEU J 2039 -73.97 -31.55 48.36
CA LEU J 2039 -73.57 -31.11 47.02
C LEU J 2039 -74.77 -30.84 46.14
N ALA J 2040 -75.87 -31.57 46.34
CA ALA J 2040 -77.10 -31.26 45.64
C ALA J 2040 -77.73 -29.97 46.14
N HIS J 2041 -77.42 -29.58 47.38
CA HIS J 2041 -77.83 -28.26 47.85
C HIS J 2041 -77.03 -27.15 47.20
N CYS J 2042 -75.79 -27.45 46.79
CA CYS J 2042 -74.95 -26.48 46.09
C CYS J 2042 -75.21 -26.58 44.58
N GLY J 2043 -74.36 -25.93 43.79
CA GLY J 2043 -74.52 -25.91 42.35
C GLY J 2043 -74.10 -27.18 41.63
N ILE J 2044 -73.48 -28.12 42.34
CA ILE J 2044 -73.04 -29.37 41.70
C ILE J 2044 -74.25 -30.26 41.49
N GLN J 2045 -74.37 -30.80 40.27
CA GLN J 2045 -75.50 -31.65 39.93
C GLN J 2045 -75.42 -33.04 40.56
N LEU J 2046 -74.21 -33.64 40.57
CA LEU J 2046 -73.91 -34.91 41.24
C LEU J 2046 -74.78 -36.06 40.72
N GLU J 2047 -74.89 -36.19 39.41
CA GLU J 2047 -75.70 -37.26 38.84
C GLU J 2047 -74.88 -38.54 38.67
N PRO J 2091 -85.82 -19.50 35.80
CA PRO J 2091 -85.09 -20.17 36.88
C PRO J 2091 -86.00 -20.77 37.94
N GLN J 2092 -85.54 -21.84 38.58
CA GLN J 2092 -86.29 -22.48 39.65
C GLN J 2092 -85.56 -22.43 40.99
N SER J 2093 -84.46 -21.68 41.08
CA SER J 2093 -83.69 -21.64 42.31
C SER J 2093 -83.05 -20.26 42.45
N LEU J 2094 -82.33 -20.07 43.56
CA LEU J 2094 -81.71 -18.78 43.83
C LEU J 2094 -80.48 -18.55 42.97
N GLN J 2095 -79.63 -19.57 42.83
CA GLN J 2095 -78.38 -19.40 42.09
C GLN J 2095 -78.62 -19.30 40.59
N GLU J 2096 -79.70 -19.91 40.11
CA GLU J 2096 -80.05 -19.78 38.68
C GLU J 2096 -80.71 -18.45 38.40
N LEU J 2097 -81.34 -17.84 39.41
CA LEU J 2097 -81.98 -16.54 39.23
C LEU J 2097 -80.95 -15.42 39.22
N VAL J 2098 -79.98 -15.48 40.13
CA VAL J 2098 -79.00 -14.41 40.27
C VAL J 2098 -78.01 -14.42 39.11
N SER J 2099 -77.64 -15.62 38.64
CA SER J 2099 -76.65 -15.74 37.57
C SER J 2099 -77.19 -15.23 36.25
N HIS J 2100 -78.46 -15.54 35.94
CA HIS J 2100 -79.03 -15.05 34.69
C HIS J 2100 -79.39 -13.58 34.78
N MET J 2101 -79.49 -13.04 36.00
CA MET J 2101 -79.80 -11.63 36.17
C MET J 2101 -78.55 -10.76 36.01
N VAL J 2102 -77.40 -11.23 36.49
CA VAL J 2102 -76.17 -10.46 36.42
C VAL J 2102 -75.70 -10.34 34.98
N VAL J 2103 -75.85 -11.42 34.20
CA VAL J 2103 -75.45 -11.38 32.80
C VAL J 2103 -76.44 -10.58 31.96
N ARG J 2104 -77.74 -10.63 32.31
CA ARG J 2104 -78.72 -9.81 31.58
C ARG J 2104 -78.54 -8.34 31.90
N TRP J 2105 -78.11 -8.01 33.13
CA TRP J 2105 -77.70 -6.65 33.44
C TRP J 2105 -76.43 -6.26 32.69
N ALA J 2106 -75.57 -7.25 32.40
CA ALA J 2106 -74.34 -6.95 31.67
C ALA J 2106 -74.55 -6.89 30.16
N GLN J 2107 -75.54 -7.62 29.62
CA GLN J 2107 -75.83 -7.54 28.20
C GLN J 2107 -76.72 -6.35 27.85
N GLU J 2108 -77.16 -5.56 28.84
CA GLU J 2108 -78.01 -4.41 28.54
C GLU J 2108 -77.18 -3.26 27.98
N ASP J 2109 -76.23 -2.75 28.76
CA ASP J 2109 -75.36 -1.65 28.32
C ASP J 2109 -74.06 -1.71 29.10
N TYR J 2110 -73.12 -0.86 28.69
CA TYR J 2110 -71.81 -0.76 29.34
C TYR J 2110 -71.97 -0.09 30.71
N VAL J 2111 -71.59 -0.80 31.76
CA VAL J 2111 -71.57 -0.24 33.11
C VAL J 2111 -70.33 0.62 33.28
N GLN J 2112 -70.53 1.91 33.52
CA GLN J 2112 -69.43 2.84 33.74
C GLN J 2112 -69.16 3.11 35.22
N SER J 2113 -69.86 2.43 36.13
CA SER J 2113 -69.64 2.60 37.55
C SER J 2113 -68.83 1.41 38.07
N PRO J 2114 -67.61 1.62 38.58
CA PRO J 2114 -66.79 0.48 39.01
C PRO J 2114 -67.27 -0.19 40.29
N GLU J 2115 -68.12 0.48 41.08
CA GLU J 2115 -68.63 -0.13 42.30
C GLU J 2115 -69.61 -1.25 42.00
N LEU J 2116 -70.46 -1.06 40.99
CA LEU J 2116 -71.47 -2.06 40.68
C LEU J 2116 -70.88 -3.27 39.99
N VAL J 2117 -69.96 -3.05 39.04
CA VAL J 2117 -69.46 -4.15 38.19
C VAL J 2117 -68.58 -5.10 39.00
N ARG J 2118 -67.89 -4.58 40.02
CA ARG J 2118 -67.20 -5.47 40.95
C ARG J 2118 -68.19 -6.17 41.87
N ALA J 2119 -69.24 -5.46 42.30
CA ALA J 2119 -70.27 -6.07 43.13
C ALA J 2119 -71.12 -7.05 42.34
N MET J 2120 -71.18 -6.87 41.01
CA MET J 2120 -71.87 -7.84 40.17
C MET J 2120 -71.07 -9.12 40.01
N PHE J 2121 -69.76 -9.00 39.76
CA PHE J 2121 -68.95 -10.18 39.50
C PHE J 2121 -68.57 -10.91 40.79
N SER J 2122 -68.53 -10.18 41.91
CA SER J 2122 -68.33 -10.85 43.19
C SER J 2122 -69.59 -11.62 43.59
N LEU J 2123 -70.76 -11.14 43.17
CA LEU J 2123 -72.00 -11.87 43.41
C LEU J 2123 -72.11 -13.10 42.53
N LEU J 2124 -71.64 -13.00 41.27
CA LEU J 2124 -71.75 -14.12 40.34
C LEU J 2124 -70.76 -15.23 40.68
N HIS J 2125 -69.58 -14.84 41.20
CA HIS J 2125 -68.59 -15.83 41.61
C HIS J 2125 -69.01 -16.59 42.86
N ARG J 2126 -69.81 -15.95 43.72
CA ARG J 2126 -70.26 -16.61 44.96
C ARG J 2126 -71.31 -17.67 44.66
N GLN J 2127 -72.05 -17.54 43.57
CA GLN J 2127 -73.13 -18.48 43.29
C GLN J 2127 -72.63 -19.75 42.63
N TYR J 2128 -71.71 -19.61 41.67
CA TYR J 2128 -71.19 -20.79 40.97
C TYR J 2128 -70.20 -21.55 41.85
N ASP J 2129 -69.29 -20.83 42.49
CA ASP J 2129 -68.35 -21.43 43.43
C ASP J 2129 -69.00 -21.44 44.81
N GLY J 2130 -69.92 -22.39 45.01
CA GLY J 2130 -70.63 -22.50 46.26
C GLY J 2130 -69.89 -23.35 47.26
N LEU J 2131 -69.28 -24.43 46.78
CA LEU J 2131 -68.53 -25.30 47.68
C LEU J 2131 -67.24 -24.64 48.13
N GLY J 2132 -66.66 -23.80 47.27
CA GLY J 2132 -65.45 -23.07 47.66
C GLY J 2132 -65.75 -21.98 48.67
N GLU J 2133 -66.95 -21.40 48.60
CA GLU J 2133 -67.32 -20.37 49.57
C GLU J 2133 -67.59 -20.98 50.95
N LEU J 2134 -68.01 -22.25 50.98
CA LEU J 2134 -68.30 -22.92 52.25
C LEU J 2134 -67.01 -23.34 52.95
N LEU J 2135 -66.02 -23.79 52.17
CA LEU J 2135 -64.77 -24.27 52.77
C LEU J 2135 -63.92 -23.12 53.27
N ARG J 2136 -64.03 -21.94 52.66
CA ARG J 2136 -63.30 -20.79 53.17
C ARG J 2136 -64.00 -20.16 54.38
N ALA J 2137 -65.27 -20.48 54.61
CA ALA J 2137 -66.02 -19.91 55.72
C ALA J 2137 -66.15 -20.84 56.92
N LEU J 2138 -65.88 -22.13 56.74
CA LEU J 2138 -66.00 -23.13 57.81
C LEU J 2138 -64.93 -23.09 58.92
N PRO J 2139 -63.66 -22.72 58.68
CA PRO J 2139 -62.76 -22.53 59.84
C PRO J 2139 -63.12 -21.34 60.72
N ARG J 2140 -63.93 -20.39 60.26
CA ARG J 2140 -64.49 -19.36 61.12
C ARG J 2140 -65.83 -19.78 61.72
N ALA J 2141 -66.13 -21.09 61.72
CA ALA J 2141 -67.36 -21.62 62.27
C ALA J 2141 -67.02 -22.52 63.45
N TYR J 2142 -67.57 -22.21 64.61
CA TYR J 2142 -67.27 -22.90 65.86
C TYR J 2142 -68.55 -23.50 66.45
N THR J 2143 -68.35 -24.28 67.51
CA THR J 2143 -69.44 -24.94 68.21
C THR J 2143 -69.09 -25.02 69.69
N ILE J 2144 -69.94 -24.44 70.54
CA ILE J 2144 -69.73 -24.43 71.98
C ILE J 2144 -70.86 -25.20 72.66
N SER J 2145 -70.68 -25.43 73.95
CA SER J 2145 -71.68 -26.07 74.79
C SER J 2145 -72.79 -25.07 75.13
N PRO J 2146 -74.05 -25.52 75.26
CA PRO J 2146 -75.15 -24.59 75.56
C PRO J 2146 -75.15 -24.05 76.99
N SER J 2147 -74.28 -24.53 77.86
CA SER J 2147 -74.13 -23.98 79.21
C SER J 2147 -73.19 -22.79 79.26
N SER J 2148 -72.66 -22.34 78.11
CA SER J 2148 -71.74 -21.21 78.06
C SER J 2148 -72.31 -20.03 77.27
N VAL J 2149 -73.60 -20.06 76.94
CA VAL J 2149 -74.19 -18.99 76.14
C VAL J 2149 -74.39 -17.72 76.97
N GLU J 2150 -74.51 -17.85 78.29
CA GLU J 2150 -74.72 -16.67 79.13
C GLU J 2150 -73.46 -15.83 79.24
N ASP J 2151 -72.28 -16.42 79.01
CA ASP J 2151 -71.04 -15.66 79.03
C ASP J 2151 -70.46 -15.40 77.64
N THR J 2152 -70.91 -16.14 76.62
CA THR J 2152 -70.35 -15.96 75.29
C THR J 2152 -70.94 -14.71 74.61
N MET J 2153 -72.24 -14.49 74.78
CA MET J 2153 -72.84 -13.25 74.26
C MET J 2153 -72.42 -12.04 75.07
N SER J 2154 -72.03 -12.26 76.33
CA SER J 2154 -71.40 -11.18 77.09
C SER J 2154 -70.00 -10.88 76.55
N LEU J 2155 -69.36 -11.87 75.96
CA LEU J 2155 -68.06 -11.64 75.31
C LEU J 2155 -68.21 -10.95 73.97
N LEU J 2156 -69.25 -11.31 73.21
CA LEU J 2156 -69.46 -10.71 71.89
C LEU J 2156 -70.06 -9.32 72.00
N GLU J 2157 -70.74 -9.00 73.10
CA GLU J 2157 -71.14 -7.62 73.33
C GLU J 2157 -69.94 -6.74 73.65
N CYS J 2158 -68.92 -7.33 74.29
CA CYS J 2158 -67.74 -6.56 74.69
C CYS J 2158 -66.68 -6.52 73.60
N LEU J 2159 -66.62 -7.54 72.75
CA LEU J 2159 -65.76 -7.47 71.57
C LEU J 2159 -66.34 -6.52 70.53
N GLY J 2160 -67.68 -6.45 70.45
CA GLY J 2160 -68.32 -5.47 69.57
C GLY J 2160 -68.14 -4.05 70.07
N GLN J 2161 -67.84 -3.88 71.35
CA GLN J 2161 -67.48 -2.56 71.89
C GLN J 2161 -66.15 -2.09 71.30
N ILE J 2162 -65.21 -3.01 71.12
CA ILE J 2162 -63.88 -2.63 70.68
C ILE J 2162 -63.86 -2.36 69.17
N ARG J 2163 -64.58 -3.17 68.40
CA ARG J 2163 -64.61 -2.96 66.95
C ARG J 2163 -65.46 -1.74 66.58
N SER J 2164 -66.37 -1.34 67.46
CA SER J 2164 -67.04 -0.05 67.28
C SER J 2164 -66.15 1.10 67.73
N LEU J 2165 -65.13 0.82 68.55
CA LEU J 2165 -64.16 1.84 68.92
C LEU J 2165 -62.98 1.90 67.98
N LEU J 2166 -62.84 0.94 67.05
CA LEU J 2166 -61.72 0.96 66.11
C LEU J 2166 -61.94 2.00 65.02
N ILE J 2167 -63.20 2.26 64.67
CA ILE J 2167 -63.53 3.17 63.58
C ILE J 2167 -63.42 4.64 63.97
N VAL J 2168 -63.29 4.95 65.26
CA VAL J 2168 -63.10 6.32 65.71
C VAL J 2168 -61.68 6.46 66.30
N GLN J 2169 -61.12 7.66 66.15
CA GLN J 2169 -59.80 7.96 66.69
C GLN J 2169 -59.88 8.10 68.20
N MET J 2170 -58.82 7.66 68.88
CA MET J 2170 -58.80 7.57 70.33
C MET J 2170 -58.77 8.96 70.98
N GLY J 2171 -59.48 9.11 72.09
CA GLY J 2171 -59.46 10.33 72.86
C GLY J 2171 -59.26 10.04 74.34
N PRO J 2172 -59.52 11.04 75.20
CA PRO J 2172 -59.28 10.85 76.63
C PRO J 2172 -60.30 9.97 77.33
N GLN J 2173 -61.49 9.79 76.78
CA GLN J 2173 -62.52 8.99 77.43
C GLN J 2173 -62.69 7.61 76.80
N GLU J 2174 -62.44 7.49 75.48
CA GLU J 2174 -62.53 6.18 74.83
C GLU J 2174 -61.37 5.27 75.21
N GLU J 2175 -60.33 5.80 75.84
CA GLU J 2175 -59.23 4.98 76.35
C GLU J 2175 -59.68 4.11 77.52
N ASN J 2176 -60.41 4.70 78.47
CA ASN J 2176 -60.80 3.97 79.67
C ASN J 2176 -61.90 2.95 79.38
N LEU J 2177 -62.69 3.19 78.32
CA LEU J 2177 -63.65 2.19 77.88
C LEU J 2177 -62.95 0.99 77.26
N MET J 2178 -61.77 1.21 76.68
CA MET J 2178 -60.99 0.10 76.13
C MET J 2178 -60.35 -0.72 77.23
N ILE J 2179 -59.94 -0.07 78.33
CA ILE J 2179 -59.31 -0.78 79.44
C ILE J 2179 -60.34 -1.65 80.16
N GLN J 2180 -61.55 -1.13 80.34
CA GLN J 2180 -62.59 -1.91 81.00
C GLN J 2180 -63.07 -3.03 80.10
N SER J 2181 -63.00 -2.83 78.77
CA SER J 2181 -63.41 -3.88 77.84
C SER J 2181 -62.43 -5.04 77.84
N ILE J 2182 -61.13 -4.77 77.67
CA ILE J 2182 -60.13 -5.84 77.73
C ILE J 2182 -60.02 -6.38 79.16
N GLY J 2183 -60.30 -5.54 80.15
CA GLY J 2183 -60.39 -5.99 81.53
C GLY J 2183 -61.58 -6.89 81.82
N ASN J 2184 -62.55 -6.98 80.90
CA ASN J 2184 -63.66 -7.91 81.09
C ASN J 2184 -63.48 -9.19 80.27
N ILE J 2185 -62.72 -9.13 79.16
CA ILE J 2185 -62.42 -10.33 78.37
C ILE J 2185 -61.52 -11.30 79.11
N MET J 2186 -60.75 -10.81 80.08
CA MET J 2186 -59.80 -11.64 80.80
C MET J 2186 -60.37 -12.23 82.09
N ASN J 2187 -61.67 -12.04 82.36
CA ASN J 2187 -62.34 -12.78 83.42
C ASN J 2187 -63.77 -13.13 82.99
N ASN J 2188 -63.91 -13.64 81.77
CA ASN J 2188 -65.20 -14.06 81.24
C ASN J 2188 -65.29 -15.58 81.16
N LYS J 2189 -64.18 -16.26 81.46
CA LYS J 2189 -63.99 -17.70 81.64
C LYS J 2189 -64.20 -18.50 80.35
N VAL J 2190 -64.58 -17.84 79.27
CA VAL J 2190 -64.69 -18.44 77.94
C VAL J 2190 -63.37 -18.26 77.20
N PHE J 2191 -62.62 -17.23 77.55
CA PHE J 2191 -61.29 -16.94 77.00
C PHE J 2191 -60.27 -18.05 77.32
N TYR J 2192 -60.53 -18.87 78.34
CA TYR J 2192 -59.57 -19.87 78.80
C TYR J 2192 -59.92 -21.31 78.45
N GLN J 2193 -61.21 -21.67 78.38
CA GLN J 2193 -61.54 -23.07 78.10
C GLN J 2193 -61.59 -23.36 76.60
N HIS J 2194 -61.88 -22.36 75.78
CA HIS J 2194 -61.88 -22.49 74.32
C HIS J 2194 -60.89 -21.48 73.73
N PRO J 2195 -59.62 -21.88 73.60
CA PRO J 2195 -58.62 -20.93 73.05
C PRO J 2195 -58.70 -20.77 71.55
N ASN J 2196 -59.25 -21.75 70.83
CA ASN J 2196 -59.25 -21.71 69.36
C ASN J 2196 -60.32 -20.79 68.79
N LEU J 2197 -61.31 -20.38 69.60
CA LEU J 2197 -62.37 -19.49 69.15
C LEU J 2197 -62.01 -18.00 69.26
N MET J 2198 -61.22 -17.63 70.28
CA MET J 2198 -60.74 -16.25 70.38
C MET J 2198 -59.84 -15.90 69.20
N ARG J 2199 -59.04 -16.85 68.74
CA ARG J 2199 -58.20 -16.67 67.56
C ARG J 2199 -59.01 -16.61 66.27
N ALA J 2200 -60.18 -17.27 66.23
CA ALA J 2200 -61.01 -17.26 65.03
C ALA J 2200 -61.86 -16.00 64.93
N LEU J 2201 -62.09 -15.32 66.05
CA LEU J 2201 -62.92 -14.12 66.05
C LEU J 2201 -62.16 -12.87 65.63
N GLY J 2202 -60.83 -12.96 65.46
CA GLY J 2202 -60.04 -11.77 65.24
C GLY J 2202 -59.82 -10.95 66.48
N MET J 2203 -59.68 -11.60 67.64
CA MET J 2203 -59.46 -10.88 68.89
C MET J 2203 -58.05 -10.30 68.94
N HIS J 2204 -57.05 -11.09 68.56
CA HIS J 2204 -55.67 -10.64 68.62
C HIS J 2204 -55.36 -9.59 67.57
N GLU J 2205 -56.11 -9.58 66.46
CA GLU J 2205 -55.89 -8.56 65.46
C GLU J 2205 -56.51 -7.23 65.89
N THR J 2206 -57.61 -7.27 66.65
CA THR J 2206 -58.23 -6.03 67.08
C THR J 2206 -57.42 -5.32 68.16
N VAL J 2207 -56.59 -6.07 68.88
CA VAL J 2207 -55.76 -5.47 69.90
C VAL J 2207 -54.47 -4.92 69.30
N MET J 2208 -53.99 -5.51 68.20
CA MET J 2208 -52.71 -5.02 67.65
C MET J 2208 -52.87 -3.78 66.80
N GLU J 2209 -53.98 -3.65 66.05
CA GLU J 2209 -54.22 -2.40 65.30
C GLU J 2209 -54.47 -1.20 66.20
N VAL J 2210 -54.94 -1.39 67.44
CA VAL J 2210 -54.97 -0.24 68.33
C VAL J 2210 -53.57 0.04 68.88
N MET J 2211 -52.70 -0.97 68.91
CA MET J 2211 -51.30 -0.71 69.26
C MET J 2211 -50.51 -0.15 68.08
N VAL J 2212 -50.98 -0.38 66.85
CA VAL J 2212 -50.36 0.25 65.69
C VAL J 2212 -50.68 1.75 65.67
N ASN J 2213 -51.94 2.11 65.93
CA ASN J 2213 -52.37 3.49 65.79
C ASN J 2213 -51.82 4.37 66.93
N VAL J 2214 -51.54 3.79 68.09
CA VAL J 2214 -51.07 4.59 69.22
C VAL J 2214 -49.54 4.68 69.23
N LEU J 2215 -48.85 3.55 68.98
CA LEU J 2215 -47.39 3.60 68.83
C LEU J 2215 -46.95 4.34 67.57
N GLY J 2216 -47.81 4.43 66.56
CA GLY J 2216 -47.50 5.16 65.35
C GLY J 2216 -46.96 4.30 64.23
N GLU J 2222 -43.44 9.98 70.09
CA GLU J 2222 -43.73 9.67 71.49
C GLU J 2222 -45.08 8.99 71.62
N ILE J 2223 -45.36 8.47 72.81
CA ILE J 2223 -46.61 7.76 73.07
C ILE J 2223 -47.54 8.71 73.82
N ARG J 2224 -48.84 8.63 73.53
CA ARG J 2224 -49.81 9.54 74.10
C ARG J 2224 -50.61 8.91 75.24
N PHE J 2225 -50.96 7.63 75.13
CA PHE J 2225 -51.76 6.95 76.14
C PHE J 2225 -50.97 5.75 76.65
N PRO J 2226 -50.21 5.92 77.74
CA PRO J 2226 -49.41 4.81 78.25
C PRO J 2226 -50.23 3.77 79.00
N LYS J 2227 -51.36 4.18 79.57
CA LYS J 2227 -52.24 3.23 80.26
C LYS J 2227 -52.94 2.32 79.26
N MET J 2228 -53.12 2.80 78.03
CA MET J 2228 -53.78 2.00 77.02
C MET J 2228 -52.83 0.96 76.44
N VAL J 2229 -51.57 1.33 76.24
CA VAL J 2229 -50.65 0.46 75.52
C VAL J 2229 -50.14 -0.67 76.41
N THR J 2230 -50.14 -0.47 77.75
CA THR J 2230 -49.69 -1.54 78.64
C THR J 2230 -50.75 -2.62 78.83
N SER J 2231 -52.02 -2.22 78.86
CA SER J 2231 -53.09 -3.20 79.06
C SER J 2231 -53.30 -4.05 77.83
N CYS J 2232 -52.96 -3.51 76.65
CA CYS J 2232 -53.06 -4.29 75.42
C CYS J 2232 -51.92 -5.29 75.28
N CYS J 2233 -50.69 -4.90 75.60
CA CYS J 2233 -49.59 -5.83 75.45
C CYS J 2233 -49.64 -6.88 76.57
N ARG J 2234 -50.15 -6.50 77.74
CA ARG J 2234 -50.41 -7.48 78.79
C ARG J 2234 -51.46 -8.49 78.37
N PHE J 2235 -52.41 -8.06 77.55
CA PHE J 2235 -53.42 -8.98 77.05
C PHE J 2235 -52.83 -9.97 76.06
N LEU J 2236 -51.89 -9.51 75.22
CA LEU J 2236 -51.26 -10.42 74.27
C LEU J 2236 -50.18 -11.29 74.93
N CYS J 2237 -49.61 -10.86 76.06
CA CYS J 2237 -48.69 -11.73 76.79
C CYS J 2237 -49.43 -12.90 77.43
N TYR J 2238 -50.57 -12.63 78.06
CA TYR J 2238 -51.35 -13.72 78.63
C TYR J 2238 -52.14 -14.49 77.57
N PHE J 2239 -52.29 -13.93 76.36
CA PHE J 2239 -52.94 -14.68 75.28
C PHE J 2239 -52.05 -15.76 74.70
N CYS J 2240 -50.73 -15.55 74.69
CA CYS J 2240 -49.80 -16.53 74.14
C CYS J 2240 -49.43 -17.64 75.12
N ARG J 2241 -50.02 -17.69 76.30
CA ARG J 2241 -49.82 -18.79 77.22
C ARG J 2241 -51.07 -19.58 77.54
N ILE J 2242 -52.17 -19.37 76.82
CA ILE J 2242 -53.34 -20.21 77.01
C ILE J 2242 -53.22 -21.49 76.20
N SER J 2243 -52.68 -21.39 74.99
CA SER J 2243 -52.41 -22.52 74.12
C SER J 2243 -51.24 -22.15 73.23
N ARG J 2244 -50.66 -23.17 72.61
CA ARG J 2244 -49.41 -22.96 71.87
C ARG J 2244 -49.66 -22.41 70.47
N GLN J 2245 -50.80 -22.74 69.86
CA GLN J 2245 -51.14 -22.18 68.56
C GLN J 2245 -51.62 -20.74 68.64
N ASN J 2246 -51.98 -20.26 69.83
CA ASN J 2246 -52.22 -18.83 70.01
C ASN J 2246 -50.93 -18.04 69.92
N GLN J 2247 -49.81 -18.67 70.31
CA GLN J 2247 -48.48 -18.09 70.23
C GLN J 2247 -47.92 -18.06 68.81
N ARG J 2248 -48.40 -18.95 67.94
CA ARG J 2248 -47.84 -19.05 66.59
C ARG J 2248 -48.42 -17.98 65.67
N SER J 2249 -49.66 -17.57 65.91
CA SER J 2249 -50.24 -16.45 65.18
C SER J 2249 -49.61 -15.11 65.59
N MET J 2250 -48.96 -15.07 66.76
CA MET J 2250 -48.23 -13.89 67.18
C MET J 2250 -46.80 -13.86 66.67
N PHE J 2251 -46.28 -15.00 66.21
CA PHE J 2251 -44.88 -15.04 65.78
C PHE J 2251 -44.71 -14.40 64.41
N ASP J 2252 -45.80 -14.31 63.63
CA ASP J 2252 -45.81 -13.62 62.35
C ASP J 2252 -45.67 -12.11 62.50
N HIS J 2253 -45.98 -11.57 63.68
CA HIS J 2253 -46.05 -10.14 63.90
C HIS J 2253 -44.80 -9.59 64.56
N LEU J 2254 -43.72 -10.36 64.58
CA LEU J 2254 -42.60 -10.06 65.46
C LEU J 2254 -41.71 -8.96 64.88
N SER J 2255 -41.75 -8.79 63.55
CA SER J 2255 -40.96 -7.75 62.91
C SER J 2255 -41.45 -6.36 63.29
N TYR J 2256 -42.76 -6.22 63.53
CA TYR J 2256 -43.29 -4.97 64.03
C TYR J 2256 -43.23 -4.90 65.56
N LEU J 2257 -43.35 -6.06 66.23
CA LEU J 2257 -43.36 -6.08 67.68
C LEU J 2257 -41.98 -5.86 68.27
N LEU J 2258 -40.93 -6.08 67.48
CA LEU J 2258 -39.57 -5.81 67.92
C LEU J 2258 -39.01 -4.51 67.36
N GLU J 2259 -39.68 -3.90 66.39
CA GLU J 2259 -39.20 -2.63 65.85
C GLU J 2259 -39.50 -1.47 66.77
N ASN J 2260 -40.65 -1.51 67.46
CA ASN J 2260 -41.07 -0.43 68.36
C ASN J 2260 -40.79 -0.75 69.83
N SER J 2261 -39.86 -1.67 70.11
CA SER J 2261 -39.54 -1.96 71.50
C SER J 2261 -38.66 -0.86 72.11
N GLY J 2262 -37.80 -0.26 71.29
CA GLY J 2262 -36.94 0.81 71.76
C GLY J 2262 -37.49 2.19 71.47
N MET J 2267 -40.77 2.30 78.33
CA MET J 2267 -41.63 3.09 79.22
C MET J 2267 -42.14 2.25 80.38
N GLN J 2268 -42.81 2.89 81.33
CA GLN J 2268 -43.15 2.26 82.61
C GLN J 2268 -44.26 1.23 82.43
N GLY J 2269 -44.11 0.11 83.14
CA GLY J 2269 -45.05 -0.99 83.06
C GLY J 2269 -44.65 -2.04 82.05
N SER J 2270 -45.63 -2.54 81.30
CA SER J 2270 -45.33 -3.53 80.28
C SER J 2270 -44.98 -2.85 78.96
N THR J 2271 -44.21 -3.56 78.14
CA THR J 2271 -43.63 -3.04 76.92
C THR J 2271 -43.75 -4.13 75.85
N PRO J 2272 -43.90 -3.76 74.55
CA PRO J 2272 -44.12 -4.78 73.50
C PRO J 2272 -43.01 -5.81 73.30
N LEU J 2273 -41.84 -5.58 73.90
CA LEU J 2273 -40.82 -6.62 73.95
C LEU J 2273 -41.25 -7.79 74.83
N ASP J 2274 -42.12 -7.54 75.80
CA ASP J 2274 -42.65 -8.65 76.60
C ASP J 2274 -43.56 -9.55 75.77
N VAL J 2275 -44.26 -8.96 74.79
CA VAL J 2275 -44.98 -9.79 73.81
C VAL J 2275 -43.98 -10.52 72.93
N ALA J 2276 -42.85 -9.87 72.61
CA ALA J 2276 -41.80 -10.51 71.82
C ALA J 2276 -41.12 -11.62 72.61
N ALA J 2277 -41.02 -11.45 73.93
CA ALA J 2277 -40.44 -12.50 74.76
C ALA J 2277 -41.42 -13.64 74.99
N ALA J 2278 -42.72 -13.32 75.09
CA ALA J 2278 -43.73 -14.34 75.32
C ALA J 2278 -44.08 -15.12 74.07
N SER J 2279 -43.65 -14.64 72.89
CA SER J 2279 -43.94 -15.35 71.65
C SER J 2279 -42.93 -16.45 71.36
N VAL J 2280 -41.80 -16.48 72.06
CA VAL J 2280 -40.75 -17.46 71.76
C VAL J 2280 -40.34 -18.27 72.98
N ILE J 2281 -41.17 -18.26 74.04
CA ILE J 2281 -40.81 -18.92 75.28
C ILE J 2281 -41.43 -20.31 75.33
N ASP J 2282 -40.63 -21.30 75.76
CA ASP J 2282 -41.05 -22.67 76.03
C ASP J 2282 -41.64 -23.38 74.80
N ASN J 2283 -41.17 -23.01 73.61
CA ASN J 2283 -41.60 -23.69 72.40
C ASN J 2283 -40.44 -23.75 71.44
N ASN J 2284 -39.99 -24.97 71.13
CA ASN J 2284 -38.79 -25.16 70.33
C ASN J 2284 -39.05 -24.98 68.84
N GLU J 2285 -40.32 -25.01 68.43
CA GLU J 2285 -40.66 -24.86 67.01
C GLU J 2285 -40.49 -23.41 66.56
N LEU J 2286 -41.03 -22.46 67.33
CA LEU J 2286 -40.90 -21.05 66.97
C LEU J 2286 -39.49 -20.53 67.27
N ALA J 2287 -38.78 -21.17 68.20
CA ALA J 2287 -37.42 -20.73 68.51
C ALA J 2287 -36.45 -21.13 67.41
N LEU J 2288 -36.61 -22.33 66.85
CA LEU J 2288 -35.73 -22.80 65.80
C LEU J 2288 -36.06 -22.22 64.43
N ALA J 2289 -37.28 -21.72 64.25
CA ALA J 2289 -37.70 -21.10 62.99
C ALA J 2289 -37.54 -19.59 62.99
N LEU J 2290 -36.89 -19.04 64.02
CA LEU J 2290 -36.65 -17.62 64.11
C LEU J 2290 -35.53 -17.21 63.15
N GLN J 2291 -35.74 -16.13 62.41
CA GLN J 2291 -34.76 -15.66 61.45
C GLN J 2291 -33.64 -14.92 62.16
N GLU J 2292 -32.57 -14.64 61.41
CA GLU J 2292 -31.50 -13.81 61.92
C GLU J 2292 -31.82 -12.32 61.85
N GLN J 2293 -32.77 -11.92 60.99
CA GLN J 2293 -33.10 -10.51 60.80
C GLN J 2293 -33.79 -9.90 62.02
N ASP J 2294 -34.50 -10.72 62.80
CA ASP J 2294 -35.07 -10.23 64.05
C ASP J 2294 -34.01 -10.16 65.16
N LEU J 2295 -32.88 -10.84 64.97
CA LEU J 2295 -31.83 -10.88 65.98
C LEU J 2295 -30.80 -9.75 65.84
N GLU J 2296 -30.62 -9.20 64.64
CA GLU J 2296 -29.69 -8.08 64.48
C GLU J 2296 -30.30 -6.79 64.98
N LYS J 2297 -31.63 -6.72 65.09
CA LYS J 2297 -32.25 -5.52 65.65
C LYS J 2297 -32.05 -5.42 67.15
N VAL J 2298 -31.97 -6.56 67.85
CA VAL J 2298 -31.82 -6.53 69.30
C VAL J 2298 -30.41 -6.10 69.67
N VAL J 2299 -29.41 -6.59 68.93
CA VAL J 2299 -28.03 -6.25 69.26
C VAL J 2299 -27.67 -4.84 68.80
N SER J 2300 -28.43 -4.27 67.87
CA SER J 2300 -28.20 -2.87 67.52
C SER J 2300 -28.89 -1.96 68.53
N TYR J 2301 -30.00 -2.42 69.11
CA TYR J 2301 -30.59 -1.70 70.24
C TYR J 2301 -29.69 -1.77 71.47
N LEU J 2302 -29.00 -2.90 71.63
CA LEU J 2302 -28.09 -3.06 72.76
C LEU J 2302 -26.79 -2.29 72.53
N ALA J 2303 -26.40 -2.13 71.27
CA ALA J 2303 -25.24 -1.31 70.96
C ALA J 2303 -25.52 0.18 71.10
N GLY J 2304 -26.79 0.56 71.18
CA GLY J 2304 -27.15 1.94 71.45
C GLY J 2304 -27.08 2.30 72.93
N CYS J 2305 -27.27 1.31 73.80
CA CYS J 2305 -27.28 1.60 75.23
C CYS J 2305 -25.88 1.80 75.81
N GLY J 2306 -24.83 1.40 75.11
CA GLY J 2306 -23.49 1.49 75.65
C GLY J 2306 -22.82 2.84 75.51
N LEU J 2307 -23.24 3.65 74.53
CA LEU J 2307 -22.62 4.95 74.31
C LEU J 2307 -23.46 6.10 74.88
N GLN J 2308 -24.78 6.06 74.69
CA GLN J 2308 -25.66 7.06 75.28
C GLN J 2308 -26.44 6.49 76.45
N SER J 2309 -26.75 7.38 77.39
CA SER J 2309 -27.39 7.01 78.64
C SER J 2309 -28.92 7.02 78.51
N CYS J 2310 -29.59 6.96 79.64
CA CYS J 2310 -31.05 6.94 79.67
C CYS J 2310 -31.59 8.36 79.56
N PRO J 2311 -32.52 8.62 78.64
CA PRO J 2311 -33.15 9.94 78.61
C PRO J 2311 -34.10 10.16 79.78
N MET J 2312 -34.64 9.08 80.35
CA MET J 2312 -35.55 9.22 81.49
C MET J 2312 -34.78 9.46 82.79
N LEU J 2313 -33.53 9.03 82.86
CA LEU J 2313 -32.79 9.14 84.12
C LEU J 2313 -32.20 10.53 84.29
N LEU J 2314 -31.56 11.06 83.25
CA LEU J 2314 -30.89 12.36 83.36
C LEU J 2314 -31.90 13.50 83.38
N ALA J 2315 -33.11 13.29 82.86
CA ALA J 2315 -34.17 14.28 82.99
C ALA J 2315 -34.78 14.28 84.39
N LYS J 2316 -34.70 13.17 85.11
CA LYS J 2316 -35.24 13.09 86.46
C LYS J 2316 -34.28 13.63 87.51
N GLY J 2317 -33.00 13.73 87.21
CA GLY J 2317 -32.01 14.22 88.14
C GLY J 2317 -30.96 13.22 88.58
N TYR J 2318 -30.78 12.11 87.87
CA TYR J 2318 -29.78 11.12 88.23
C TYR J 2318 -28.39 11.60 87.82
N PRO J 2319 -27.33 11.13 88.49
CA PRO J 2319 -25.97 11.49 88.06
C PRO J 2319 -25.63 10.92 86.70
N ASP J 2320 -24.69 11.60 86.02
CA ASP J 2320 -24.37 11.25 84.65
C ASP J 2320 -23.47 10.01 84.59
N ILE J 2321 -23.94 8.99 83.88
CA ILE J 2321 -23.16 7.78 83.62
C ILE J 2321 -23.19 7.55 82.12
N GLY J 2322 -22.05 7.12 81.57
CA GLY J 2322 -21.88 7.09 80.12
C GLY J 2322 -22.64 6.00 79.38
N TRP J 2323 -23.30 5.09 80.09
CA TRP J 2323 -24.01 4.01 79.43
C TRP J 2323 -25.31 3.70 80.17
N ASN J 2324 -26.15 2.89 79.51
CA ASN J 2324 -27.50 2.54 79.98
C ASN J 2324 -27.51 1.12 80.52
N PRO J 2325 -27.49 0.92 81.84
CA PRO J 2325 -27.58 -0.45 82.38
C PRO J 2325 -29.00 -1.02 82.38
N CYS J 2326 -29.98 -0.21 82.82
CA CYS J 2326 -31.33 -0.72 82.99
C CYS J 2326 -32.06 -0.86 81.66
N GLY J 2327 -31.67 -0.07 80.65
CA GLY J 2327 -32.32 -0.17 79.35
C GLY J 2327 -31.88 -1.41 78.59
N GLY J 2328 -30.56 -1.67 78.57
CA GLY J 2328 -30.05 -2.82 77.85
C GLY J 2328 -30.28 -4.16 78.52
N GLU J 2329 -30.65 -4.14 79.80
CA GLU J 2329 -30.99 -5.39 80.48
C GLU J 2329 -32.31 -5.96 79.99
N ARG J 2330 -33.17 -5.11 79.42
CA ARG J 2330 -34.43 -5.59 78.85
C ARG J 2330 -34.19 -6.33 77.54
N TYR J 2331 -33.11 -6.01 76.84
CA TYR J 2331 -32.81 -6.75 75.62
C TYR J 2331 -31.99 -8.01 75.90
N LEU J 2332 -31.25 -8.05 77.01
CA LEU J 2332 -30.48 -9.25 77.32
C LEU J 2332 -31.35 -10.36 77.91
N ASP J 2333 -32.38 -10.03 78.70
CA ASP J 2333 -33.23 -11.11 79.21
C ASP J 2333 -34.23 -11.58 78.16
N PHE J 2334 -34.39 -10.80 77.08
CA PHE J 2334 -35.13 -11.28 75.91
C PHE J 2334 -34.37 -12.42 75.22
N LEU J 2335 -33.04 -12.33 75.17
CA LEU J 2335 -32.27 -13.26 74.36
C LEU J 2335 -31.92 -14.55 75.12
N ARG J 2336 -32.13 -14.60 76.43
CA ARG J 2336 -32.05 -15.89 77.10
C ARG J 2336 -33.20 -16.81 76.72
N PHE J 2337 -34.35 -16.24 76.34
CA PHE J 2337 -35.51 -17.04 75.99
C PHE J 2337 -35.39 -17.67 74.62
N ALA J 2338 -34.53 -17.12 73.75
CA ALA J 2338 -34.36 -17.66 72.41
C ALA J 2338 -33.29 -18.74 72.37
N VAL J 2339 -32.22 -18.56 73.14
CA VAL J 2339 -31.08 -19.48 73.09
C VAL J 2339 -31.20 -20.63 74.07
N PHE J 2340 -32.21 -20.61 74.94
CA PHE J 2340 -32.41 -21.61 75.98
C PHE J 2340 -33.89 -21.91 76.06
N VAL J 2341 -34.29 -23.11 75.62
CA VAL J 2341 -35.69 -23.52 75.60
C VAL J 2341 -35.84 -24.86 76.31
N ASN J 2342 -36.70 -24.89 77.34
CA ASN J 2342 -37.01 -26.08 78.14
C ASN J 2342 -35.77 -26.72 78.77
N GLY J 2343 -34.79 -25.91 79.17
CA GLY J 2343 -33.60 -26.42 79.80
C GLY J 2343 -32.59 -27.05 78.88
N GLU J 2344 -32.77 -26.95 77.56
CA GLU J 2344 -31.79 -27.44 76.60
C GLU J 2344 -31.49 -26.34 75.60
N SER J 2345 -30.20 -26.05 75.41
CA SER J 2345 -29.79 -24.97 74.52
C SER J 2345 -29.80 -25.43 73.07
N VAL J 2346 -30.38 -24.60 72.21
CA VAL J 2346 -30.37 -24.83 70.76
C VAL J 2346 -28.99 -24.51 70.21
N GLU J 2347 -28.65 -25.10 69.07
CA GLU J 2347 -27.33 -24.89 68.49
C GLU J 2347 -27.35 -23.85 67.37
N GLU J 2348 -28.47 -23.74 66.66
CA GLU J 2348 -28.53 -22.83 65.51
C GLU J 2348 -28.66 -21.38 65.97
N ASN J 2349 -29.48 -21.14 66.99
CA ASN J 2349 -29.67 -19.77 67.46
C ASN J 2349 -28.52 -19.30 68.33
N ALA J 2350 -27.89 -20.23 69.05
CA ALA J 2350 -26.73 -19.86 69.86
C ALA J 2350 -25.51 -19.59 68.98
N ASN J 2351 -25.42 -20.23 67.82
CA ASN J 2351 -24.28 -19.98 66.94
C ASN J 2351 -24.39 -18.61 66.29
N VAL J 2352 -25.62 -18.15 66.04
CA VAL J 2352 -25.79 -16.91 65.30
C VAL J 2352 -25.82 -15.70 66.24
N VAL J 2353 -26.13 -15.91 67.53
CA VAL J 2353 -26.14 -14.78 68.46
C VAL J 2353 -24.73 -14.52 69.02
N VAL J 2354 -23.91 -15.56 69.15
CA VAL J 2354 -22.52 -15.33 69.56
C VAL J 2354 -21.72 -14.71 68.41
N ARG J 2355 -22.01 -15.12 67.16
CA ARG J 2355 -21.35 -14.55 65.98
C ARG J 2355 -21.68 -13.06 65.79
N LEU J 2356 -22.85 -12.64 66.27
CA LEU J 2356 -23.34 -11.28 66.09
C LEU J 2356 -22.90 -10.35 67.20
N LEU J 2357 -22.68 -10.89 68.41
CA LEU J 2357 -22.38 -10.06 69.57
C LEU J 2357 -20.90 -9.66 69.61
N ILE J 2358 -20.02 -10.48 69.04
CA ILE J 2358 -18.59 -10.26 69.17
C ILE J 2358 -18.02 -9.33 68.11
N ARG J 2359 -18.80 -9.01 67.08
CA ARG J 2359 -18.32 -8.03 66.10
C ARG J 2359 -18.55 -6.61 66.60
N LYS J 2360 -19.49 -6.43 67.50
CA LYS J 2360 -19.78 -5.12 68.10
C LYS J 2360 -19.32 -5.15 69.55
N PRO J 2361 -18.23 -4.46 69.91
CA PRO J 2361 -17.78 -4.47 71.31
C PRO J 2361 -18.63 -3.63 72.24
N GLU J 2362 -19.51 -2.79 71.71
CA GLU J 2362 -20.34 -1.91 72.53
C GLU J 2362 -21.54 -2.62 73.14
N CYS J 2363 -21.90 -3.81 72.63
CA CYS J 2363 -22.98 -4.57 73.23
C CYS J 2363 -22.59 -5.16 74.57
N PHE J 2364 -21.30 -5.35 74.81
CA PHE J 2364 -20.83 -5.71 76.13
C PHE J 2364 -20.72 -4.44 76.99
N GLY J 2365 -20.38 -4.62 78.25
CA GLY J 2365 -20.18 -3.51 79.14
C GLY J 2365 -18.87 -2.79 78.85
N PRO J 2366 -18.73 -1.57 79.39
CA PRO J 2366 -17.49 -0.81 79.13
C PRO J 2366 -16.29 -1.34 79.89
N ALA J 2367 -16.50 -2.19 80.90
CA ALA J 2367 -15.37 -2.79 81.60
C ALA J 2367 -14.70 -3.87 80.75
N LEU J 2368 -15.50 -4.76 80.16
CA LEU J 2368 -14.94 -5.82 79.33
C LEU J 2368 -14.58 -5.31 77.93
N ARG J 2369 -15.14 -4.19 77.51
CA ARG J 2369 -14.80 -3.61 76.20
C ARG J 2369 -13.42 -2.96 76.22
N GLY J 2373 -9.49 -1.53 79.43
CA GLY J 2373 -10.46 -2.51 79.88
C GLY J 2373 -10.26 -2.94 81.32
N SER J 2374 -11.20 -2.57 82.18
CA SER J 2374 -11.13 -2.89 83.60
C SER J 2374 -11.59 -4.32 83.86
N GLY J 2375 -11.27 -4.80 85.07
CA GLY J 2375 -11.74 -6.11 85.48
C GLY J 2375 -13.22 -6.11 85.83
N LEU J 2376 -13.80 -7.30 85.80
CA LEU J 2376 -15.24 -7.43 86.02
C LEU J 2376 -15.58 -7.35 87.50
N LEU J 2377 -14.73 -7.93 88.36
CA LEU J 2377 -14.88 -7.74 89.80
C LEU J 2377 -14.60 -6.30 90.19
N ALA J 2378 -13.66 -5.64 89.49
CA ALA J 2378 -13.34 -4.25 89.77
C ALA J 2378 -14.47 -3.33 89.34
N ALA J 2379 -15.28 -3.76 88.38
CA ALA J 2379 -16.48 -2.99 88.05
C ALA J 2379 -17.59 -3.22 89.07
N ILE J 2380 -17.71 -4.44 89.59
CA ILE J 2380 -18.77 -4.74 90.56
C ILE J 2380 -18.38 -4.23 91.94
N GLU J 2381 -17.08 -4.22 92.27
CA GLU J 2381 -16.65 -3.57 93.50
C GLU J 2381 -16.83 -2.05 93.43
N GLU J 2382 -16.74 -1.48 92.23
CA GLU J 2382 -17.12 -0.08 92.04
C GLU J 2382 -18.63 0.09 92.04
N ALA J 2383 -19.36 -0.97 91.73
CA ALA J 2383 -20.82 -0.90 91.74
C ALA J 2383 -21.37 -0.88 93.17
N ILE J 2384 -20.67 -1.56 94.09
CA ILE J 2384 -21.03 -1.51 95.50
C ILE J 2384 -20.68 -0.15 96.08
N ARG J 2385 -19.62 0.48 95.55
CA ARG J 2385 -19.16 1.78 96.01
C ARG J 2385 -20.17 2.88 95.70
N ILE J 2386 -20.87 2.78 94.56
CA ILE J 2386 -21.87 3.77 94.22
C ILE J 2386 -23.22 3.43 94.86
N SER J 2387 -23.47 2.13 95.10
CA SER J 2387 -24.75 1.73 95.69
C SER J 2387 -24.78 2.01 97.20
N GLU J 2388 -23.63 1.92 97.87
CA GLU J 2388 -23.60 2.19 99.30
C GLU J 2388 -23.65 3.68 99.60
N ASP J 2389 -23.08 4.49 98.74
CA ASP J 2389 -23.05 5.94 98.94
C ASP J 2389 -24.34 6.56 98.42
N PRO J 2390 -25.00 7.42 99.20
CA PRO J 2390 -26.24 8.03 98.73
C PRO J 2390 -26.03 9.11 97.68
N ALA J 2391 -24.85 9.73 97.64
CA ALA J 2391 -24.61 10.80 96.66
C ALA J 2391 -24.30 10.24 95.28
N ARG J 2392 -23.58 9.12 95.23
CA ARG J 2392 -23.24 8.52 93.95
C ARG J 2392 -24.42 7.77 93.35
N ASP J 2393 -25.38 7.38 94.18
CA ASP J 2393 -26.56 6.66 93.70
C ASP J 2393 -27.58 7.64 93.13
N GLY J 2394 -28.72 7.10 92.70
CA GLY J 2394 -29.77 7.90 92.12
C GLY J 2394 -30.51 8.75 93.13
N PRO J 2395 -30.43 10.07 92.98
CA PRO J 2395 -31.06 11.05 93.87
C PRO J 2395 -31.42 12.35 93.17
N ASN J 2414 -37.25 7.23 91.34
CA ASN J 2414 -36.51 7.00 92.58
C ASN J 2414 -36.34 5.51 92.83
N ARG J 2415 -37.16 4.70 92.16
CA ARG J 2415 -37.10 3.25 92.31
C ARG J 2415 -35.93 2.66 91.54
N VAL J 2416 -35.55 3.27 90.43
CA VAL J 2416 -34.37 2.84 89.69
C VAL J 2416 -33.12 3.37 90.39
N HIS J 2417 -32.24 2.48 90.78
CA HIS J 2417 -30.93 2.85 91.31
C HIS J 2417 -29.86 2.42 90.32
N LEU J 2418 -28.81 3.24 90.23
CA LEU J 2418 -27.74 2.99 89.28
C LEU J 2418 -26.88 1.82 89.73
N GLY J 2419 -26.67 1.69 91.05
CA GLY J 2419 -25.73 0.70 91.56
C GLY J 2419 -26.22 -0.72 91.44
N HIS J 2420 -27.54 -0.91 91.35
CA HIS J 2420 -28.07 -2.26 91.19
C HIS J 2420 -28.23 -2.63 89.71
N ALA J 2421 -28.44 -1.64 88.85
CA ALA J 2421 -28.70 -1.94 87.44
C ALA J 2421 -27.44 -2.33 86.69
N ILE J 2422 -26.28 -1.85 87.16
CA ILE J 2422 -25.00 -2.23 86.56
C ILE J 2422 -24.70 -3.71 86.75
N MET J 2423 -24.95 -4.25 87.94
CA MET J 2423 -24.71 -5.68 88.13
C MET J 2423 -25.85 -6.49 87.52
N SER J 2424 -27.05 -5.91 87.46
CA SER J 2424 -28.19 -6.57 86.83
C SER J 2424 -27.98 -6.68 85.32
N PHE J 2425 -27.29 -5.69 84.73
CA PHE J 2425 -26.92 -5.79 83.32
C PHE J 2425 -25.82 -6.81 83.11
N TYR J 2426 -24.85 -6.88 84.03
CA TYR J 2426 -23.71 -7.78 83.89
C TYR J 2426 -24.12 -9.22 84.14
N ALA J 2427 -25.01 -9.45 85.10
CA ALA J 2427 -25.49 -10.81 85.34
C ALA J 2427 -26.41 -11.26 84.20
N ALA J 2428 -27.11 -10.33 83.57
CA ALA J 2428 -27.84 -10.67 82.36
C ALA J 2428 -26.89 -10.87 81.18
N LEU J 2429 -25.71 -10.25 81.24
CA LEU J 2429 -24.72 -10.44 80.19
C LEU J 2429 -23.98 -11.77 80.37
N ILE J 2430 -23.76 -12.17 81.62
CA ILE J 2430 -22.94 -13.36 81.88
C ILE J 2430 -23.74 -14.63 81.63
N ASP J 2431 -24.96 -14.71 82.16
CA ASP J 2431 -25.76 -15.92 81.99
C ASP J 2431 -26.25 -16.09 80.56
N LEU J 2432 -26.37 -14.99 79.80
CA LEU J 2432 -26.61 -15.11 78.37
C LEU J 2432 -25.44 -15.80 77.69
N LEU J 2433 -24.21 -15.48 78.13
CA LEU J 2433 -23.03 -16.14 77.60
C LEU J 2433 -22.91 -17.57 78.10
N GLY J 2434 -23.63 -17.92 79.18
CA GLY J 2434 -23.67 -19.29 79.65
C GLY J 2434 -24.69 -20.18 78.96
N ARG J 2435 -25.87 -19.63 78.67
CA ARG J 2435 -26.96 -20.43 78.11
C ARG J 2435 -26.76 -20.64 76.61
N CYS J 2436 -25.95 -19.81 75.96
CA CYS J 2436 -25.56 -19.99 74.57
C CYS J 2436 -24.36 -20.92 74.40
N ALA J 2437 -23.81 -21.44 75.51
CA ALA J 2437 -22.69 -22.35 75.42
C ALA J 2437 -23.17 -23.73 74.98
N PRO J 2438 -22.36 -24.48 74.22
CA PRO J 2438 -22.76 -25.83 73.83
C PRO J 2438 -22.71 -26.81 74.99
N GLU J 2439 -23.56 -27.83 74.91
CA GLU J 2439 -23.56 -28.92 75.87
C GLU J 2439 -22.34 -29.83 75.71
N MET J 2440 -22.27 -30.80 76.62
CA MET J 2440 -21.11 -31.66 76.76
C MET J 2440 -21.01 -32.67 75.63
N HIS J 2441 -22.14 -33.05 75.03
CA HIS J 2441 -22.14 -34.03 73.95
C HIS J 2441 -21.71 -33.43 72.62
N LEU J 2442 -21.67 -32.11 72.50
CA LEU J 2442 -21.11 -31.48 71.31
C LEU J 2442 -19.60 -31.32 71.44
N ILE J 2443 -19.12 -31.12 72.67
CA ILE J 2443 -17.69 -31.12 72.95
C ILE J 2443 -17.14 -32.53 72.87
N GLN J 2444 -17.96 -33.54 73.22
CA GLN J 2444 -17.52 -34.92 73.14
C GLN J 2444 -17.36 -35.40 71.70
N ALA J 2445 -18.05 -34.77 70.75
CA ALA J 2445 -17.91 -35.14 69.35
C ALA J 2445 -16.73 -34.40 68.73
N GLY J 2446 -16.55 -34.61 67.42
CA GLY J 2446 -15.47 -33.97 66.70
C GLY J 2446 -15.89 -32.70 66.00
N LYS J 2447 -16.91 -32.03 66.53
CA LYS J 2447 -17.42 -30.80 65.94
C LYS J 2447 -16.42 -29.67 66.20
N GLY J 2448 -15.87 -29.11 65.12
CA GLY J 2448 -14.98 -27.96 65.27
C GLY J 2448 -15.70 -26.66 65.58
N GLU J 2449 -17.02 -26.66 65.50
CA GLU J 2449 -17.79 -25.45 65.80
C GLU J 2449 -17.97 -25.26 67.29
N ALA J 2450 -18.16 -26.36 68.03
CA ALA J 2450 -18.52 -26.25 69.45
C ALA J 2450 -17.32 -25.87 70.30
N LEU J 2451 -16.13 -26.39 69.99
CA LEU J 2451 -14.96 -25.99 70.76
C LEU J 2451 -14.46 -24.60 70.34
N ARG J 2452 -14.88 -24.12 69.15
CA ARG J 2452 -14.56 -22.75 68.77
C ARG J 2452 -15.36 -21.74 69.59
N ILE J 2453 -16.66 -22.01 69.79
CA ILE J 2453 -17.51 -21.10 70.59
C ILE J 2453 -17.05 -21.11 72.05
N ARG J 2454 -16.66 -22.28 72.55
CA ARG J 2454 -16.22 -22.37 73.94
C ARG J 2454 -14.85 -21.71 74.12
N ALA J 2455 -14.06 -21.65 73.03
CA ALA J 2455 -12.78 -20.94 73.10
C ALA J 2455 -12.98 -19.44 73.08
N ILE J 2456 -14.03 -18.95 72.43
CA ILE J 2456 -14.30 -17.51 72.42
C ILE J 2456 -14.80 -17.06 73.79
N LEU J 2457 -15.79 -17.77 74.34
CA LEU J 2457 -16.41 -17.32 75.59
C LEU J 2457 -15.52 -17.56 76.81
N ARG J 2458 -14.65 -18.58 76.78
CA ARG J 2458 -13.67 -18.71 77.86
C ARG J 2458 -12.63 -17.61 77.79
N SER J 2459 -12.27 -17.19 76.58
CA SER J 2459 -11.31 -16.11 76.42
C SER J 2459 -11.97 -14.72 76.41
N LEU J 2460 -13.31 -14.65 76.28
CA LEU J 2460 -13.99 -13.37 76.45
C LEU J 2460 -14.03 -12.95 77.91
N VAL J 2461 -14.40 -13.87 78.80
CA VAL J 2461 -14.56 -13.59 80.22
C VAL J 2461 -13.60 -14.50 81.00
N PRO J 2462 -12.71 -13.96 81.81
CA PRO J 2462 -11.75 -14.81 82.54
C PRO J 2462 -12.40 -15.53 83.71
N LEU J 2463 -11.67 -16.54 84.22
CA LEU J 2463 -12.15 -17.41 85.29
C LEU J 2463 -11.99 -16.80 86.67
N ASP J 2464 -10.80 -16.28 86.98
CA ASP J 2464 -10.49 -15.84 88.33
C ASP J 2464 -11.20 -14.55 88.68
N ASP J 2465 -11.69 -13.81 87.68
CA ASP J 2465 -12.60 -12.72 87.97
C ASP J 2465 -13.92 -13.25 88.52
N LEU J 2466 -14.38 -14.40 88.01
CA LEU J 2466 -15.63 -14.99 88.50
C LEU J 2466 -15.44 -15.70 89.83
N VAL J 2467 -14.23 -16.19 90.10
CA VAL J 2467 -13.94 -16.79 91.39
C VAL J 2467 -13.97 -15.73 92.48
N GLY J 2468 -13.56 -14.51 92.16
CA GLY J 2468 -13.64 -13.43 93.13
C GLY J 2468 -15.05 -12.90 93.35
N ILE J 2469 -15.87 -12.87 92.29
CA ILE J 2469 -17.22 -12.32 92.38
C ILE J 2469 -18.13 -13.27 93.16
N ILE J 2470 -17.94 -14.59 92.97
CA ILE J 2470 -18.77 -15.57 93.66
C ILE J 2470 -18.37 -15.61 95.14
N SER J 2471 -17.14 -15.20 95.44
CA SER J 2471 -16.60 -15.10 96.80
C SER J 2471 -16.89 -13.76 97.46
N LEU J 2472 -17.75 -12.93 96.89
CA LEU J 2472 -17.92 -11.59 97.43
C LEU J 2472 -18.81 -11.67 98.67
N PRO J 2473 -18.37 -11.14 99.81
CA PRO J 2473 -19.21 -11.17 101.02
C PRO J 2473 -20.32 -10.14 100.95
N LEU J 2474 -21.49 -10.54 101.47
CA LEU J 2474 -22.70 -9.74 101.36
C LEU J 2474 -23.19 -9.35 102.75
N GLN J 2475 -24.04 -8.32 102.79
CA GLN J 2475 -24.59 -7.84 104.05
C GLN J 2475 -25.69 -8.80 104.52
N ILE J 2476 -25.47 -9.44 105.66
CA ILE J 2476 -26.41 -10.41 106.22
C ILE J 2476 -27.47 -9.67 107.03
N PRO J 2477 -28.75 -9.97 106.85
CA PRO J 2477 -29.81 -9.30 107.63
C PRO J 2477 -30.01 -9.94 108.99
N THR J 2478 -29.57 -9.23 110.03
CA THR J 2478 -29.75 -9.68 111.40
C THR J 2478 -29.99 -8.48 112.29
N LEU J 2479 -30.20 -8.73 113.58
CA LEU J 2479 -30.48 -7.67 114.54
C LEU J 2479 -29.23 -6.88 114.88
N VAL J 2486 -33.23 -5.47 111.42
CA VAL J 2486 -33.14 -4.52 110.31
C VAL J 2486 -33.21 -5.32 109.01
N GLN J 2487 -33.77 -4.70 107.97
CA GLN J 2487 -33.90 -5.32 106.66
C GLN J 2487 -33.26 -4.42 105.60
N PRO J 2488 -32.41 -4.95 104.72
CA PRO J 2488 -31.87 -4.11 103.64
C PRO J 2488 -32.87 -3.95 102.50
N LYS J 2489 -32.51 -3.16 101.48
CA LYS J 2489 -33.36 -2.99 100.31
C LYS J 2489 -32.82 -3.82 99.17
N MET J 2490 -33.71 -4.49 98.44
CA MET J 2490 -33.28 -5.38 97.36
C MET J 2490 -32.90 -4.64 96.10
N SER J 2491 -33.50 -3.48 95.85
CA SER J 2491 -33.14 -2.69 94.69
C SER J 2491 -31.94 -1.78 94.95
N ALA J 2492 -31.31 -1.89 96.12
CA ALA J 2492 -30.17 -1.05 96.47
C ALA J 2492 -29.01 -1.83 97.06
N SER J 2493 -29.03 -3.17 96.97
CA SER J 2493 -27.98 -4.01 97.50
C SER J 2493 -27.68 -5.11 96.50
N PHE J 2494 -26.79 -6.02 96.90
CA PHE J 2494 -26.51 -7.20 96.10
C PHE J 2494 -27.56 -8.27 96.39
N VAL J 2495 -28.16 -8.82 95.34
CA VAL J 2495 -29.06 -9.96 95.52
C VAL J 2495 -28.30 -11.19 95.02
N PRO J 2496 -28.58 -12.39 95.54
CA PRO J 2496 -27.84 -13.58 95.09
C PRO J 2496 -28.22 -14.09 93.70
N ASP J 2497 -29.07 -13.37 92.95
CA ASP J 2497 -29.38 -13.76 91.59
C ASP J 2497 -28.21 -13.50 90.65
N HIS J 2498 -27.32 -12.55 91.02
CA HIS J 2498 -26.14 -12.33 90.20
C HIS J 2498 -25.14 -13.47 90.35
N LYS J 2499 -24.95 -14.01 91.56
CA LYS J 2499 -24.03 -15.13 91.73
C LYS J 2499 -24.55 -16.39 91.05
N ALA J 2500 -25.87 -16.52 90.92
CA ALA J 2500 -26.44 -17.66 90.20
C ALA J 2500 -26.15 -17.57 88.71
N SER J 2501 -25.92 -16.35 88.20
CA SER J 2501 -25.49 -16.20 86.83
C SER J 2501 -24.03 -16.59 86.66
N MET J 2502 -23.20 -16.31 87.67
CA MET J 2502 -21.76 -16.55 87.54
C MET J 2502 -21.43 -18.03 87.72
N VAL J 2503 -22.19 -18.74 88.54
CA VAL J 2503 -21.90 -20.15 88.77
C VAL J 2503 -22.42 -20.99 87.61
N LEU J 2504 -23.45 -20.50 86.91
CA LEU J 2504 -23.97 -21.24 85.77
C LEU J 2504 -23.05 -21.10 84.57
N PHE J 2505 -22.41 -19.93 84.43
CA PHE J 2505 -21.45 -19.74 83.35
C PHE J 2505 -20.16 -20.50 83.64
N LEU J 2506 -19.80 -20.61 84.92
CA LEU J 2506 -18.60 -21.34 85.30
C LEU J 2506 -18.82 -22.84 85.17
N ASP J 2507 -20.07 -23.29 85.34
CA ASP J 2507 -20.38 -24.71 85.22
C ASP J 2507 -20.50 -25.16 83.78
N ARG J 2508 -20.63 -24.23 82.83
CA ARG J 2508 -21.00 -24.58 81.48
C ARG J 2508 -19.89 -24.34 80.46
N VAL J 2509 -19.07 -23.30 80.64
CA VAL J 2509 -18.03 -23.02 79.65
C VAL J 2509 -16.69 -23.44 80.20
N TYR J 2510 -16.57 -23.54 81.53
CA TYR J 2510 -15.34 -23.95 82.20
C TYR J 2510 -15.44 -25.35 82.77
N GLY J 2511 -16.43 -25.58 83.63
CA GLY J 2511 -16.59 -26.86 84.29
C GLY J 2511 -15.57 -27.08 85.40
N ILE J 2512 -15.77 -28.18 86.13
CA ILE J 2512 -14.84 -28.63 87.16
C ILE J 2512 -14.29 -29.97 86.73
N GLU J 2513 -12.98 -30.06 86.59
CA GLU J 2513 -12.33 -31.26 86.10
C GLU J 2513 -11.42 -31.91 87.13
N ASN J 2514 -10.71 -31.10 87.92
CA ASN J 2514 -9.72 -31.55 88.89
C ASN J 2514 -10.24 -31.34 90.31
N GLN J 2515 -9.31 -31.31 91.28
CA GLN J 2515 -9.76 -31.13 92.66
C GLN J 2515 -9.26 -29.83 93.30
N ASP J 2516 -8.10 -29.27 92.89
CA ASP J 2516 -7.65 -28.02 93.51
C ASP J 2516 -8.54 -26.86 93.10
N PHE J 2517 -9.05 -26.89 91.88
CA PHE J 2517 -10.06 -25.91 91.46
C PHE J 2517 -11.38 -26.19 92.18
N LEU J 2518 -11.63 -27.45 92.53
CA LEU J 2518 -12.90 -27.84 93.11
C LEU J 2518 -13.04 -27.35 94.54
N LEU J 2519 -12.06 -27.66 95.39
CA LEU J 2519 -12.19 -27.33 96.81
C LEU J 2519 -11.88 -25.85 97.07
N HIS J 2520 -11.32 -25.15 96.08
CA HIS J 2520 -11.00 -23.73 96.28
C HIS J 2520 -12.23 -22.85 96.14
N VAL J 2521 -13.01 -23.03 95.07
CA VAL J 2521 -14.23 -22.25 94.87
C VAL J 2521 -15.32 -22.71 95.82
N LEU J 2522 -15.20 -23.94 96.32
CA LEU J 2522 -16.16 -24.48 97.27
C LEU J 2522 -15.91 -23.94 98.67
N ASP J 2523 -14.65 -23.69 99.02
CA ASP J 2523 -14.28 -23.07 100.29
C ASP J 2523 -14.64 -21.60 100.29
N VAL J 2524 -14.03 -20.88 99.36
CA VAL J 2524 -14.01 -19.42 99.39
C VAL J 2524 -15.30 -18.82 98.80
N GLY J 2525 -16.04 -19.59 98.00
CA GLY J 2525 -17.23 -19.07 97.36
C GLY J 2525 -18.59 -19.37 97.97
N PHE J 2526 -18.74 -20.53 98.63
CA PHE J 2526 -20.06 -20.96 99.09
C PHE J 2526 -20.19 -21.14 100.60
N LEU J 2527 -19.10 -21.34 101.32
CA LEU J 2527 -19.21 -21.48 102.77
C LEU J 2527 -19.50 -20.16 103.50
N PRO J 2528 -19.04 -18.98 103.04
CA PRO J 2528 -19.68 -17.75 103.56
C PRO J 2528 -21.13 -17.57 103.12
N ASP J 2529 -21.57 -18.29 102.09
CA ASP J 2529 -22.98 -18.22 101.68
C ASP J 2529 -23.85 -19.18 102.48
N MET J 2530 -23.32 -20.36 102.82
CA MET J 2530 -24.17 -21.41 103.39
C MET J 2530 -24.27 -21.30 104.91
N ARG J 2531 -23.19 -20.87 105.59
CA ARG J 2531 -23.29 -20.60 107.02
C ARG J 2531 -24.13 -19.35 107.28
N ALA J 2532 -24.23 -18.46 106.28
CA ALA J 2532 -25.16 -17.34 106.39
C ALA J 2532 -26.60 -17.80 106.27
N ALA J 2533 -26.85 -18.85 105.49
CA ALA J 2533 -28.20 -19.41 105.42
C ALA J 2533 -28.50 -20.30 106.61
N ALA J 2534 -27.46 -20.89 107.21
CA ALA J 2534 -27.66 -21.70 108.41
C ALA J 2534 -27.96 -20.83 109.62
N SER J 2535 -27.53 -19.57 109.60
CA SER J 2535 -27.79 -18.66 110.70
C SER J 2535 -29.17 -18.02 110.62
N LEU J 2536 -29.77 -17.98 109.43
CA LEU J 2536 -31.10 -17.43 109.25
C LEU J 2536 -32.20 -18.51 109.31
N ASP J 2537 -31.89 -19.67 109.87
CA ASP J 2537 -32.87 -20.73 110.01
C ASP J 2537 -33.82 -20.44 111.18
N THR J 2544 -37.98 -12.79 106.36
CA THR J 2544 -36.77 -12.25 105.76
C THR J 2544 -36.74 -12.59 104.27
N GLU J 2545 -36.62 -11.56 103.43
CA GLU J 2545 -36.64 -11.80 102.00
C GLU J 2545 -35.29 -12.27 101.47
N MET J 2546 -34.19 -11.89 102.14
CA MET J 2546 -32.87 -12.36 101.71
C MET J 2546 -32.64 -13.80 102.13
N ALA J 2547 -33.32 -14.24 103.20
CA ALA J 2547 -33.22 -15.63 103.63
C ALA J 2547 -33.87 -16.56 102.60
N LEU J 2548 -34.93 -16.07 101.96
CA LEU J 2548 -35.68 -16.88 100.96
C LEU J 2548 -35.07 -16.70 99.56
N ALA J 2549 -34.34 -15.61 99.32
CA ALA J 2549 -33.73 -15.37 98.01
C ALA J 2549 -32.43 -16.14 97.86
N LEU J 2550 -31.68 -16.29 98.95
CA LEU J 2550 -30.43 -17.04 98.84
C LEU J 2550 -30.68 -18.54 99.01
N ASN J 2551 -31.80 -18.91 99.65
CA ASN J 2551 -32.16 -20.33 99.74
C ASN J 2551 -32.58 -20.89 98.40
N ARG J 2552 -33.26 -20.07 97.59
CA ARG J 2552 -33.53 -20.45 96.21
C ARG J 2552 -32.25 -20.43 95.38
N TYR J 2553 -31.26 -19.63 95.81
CA TYR J 2553 -30.00 -19.55 95.08
C TYR J 2553 -29.17 -20.81 95.26
N LEU J 2554 -29.20 -21.40 96.46
CA LEU J 2554 -28.41 -22.60 96.74
C LEU J 2554 -28.99 -23.82 96.03
N CYS J 2555 -30.29 -24.06 96.20
CA CYS J 2555 -30.89 -25.29 95.70
C CYS J 2555 -31.19 -25.26 94.21
N LEU J 2556 -30.92 -24.15 93.52
CA LEU J 2556 -31.07 -24.09 92.07
C LEU J 2556 -29.74 -24.12 91.33
N ALA J 2557 -28.66 -23.67 91.95
CA ALA J 2557 -27.44 -23.38 91.21
C ALA J 2557 -26.22 -24.12 91.70
N VAL J 2558 -25.93 -24.09 93.00
CA VAL J 2558 -24.70 -24.69 93.50
C VAL J 2558 -24.87 -26.18 93.79
N LEU J 2559 -26.02 -26.58 94.33
CA LEU J 2559 -26.22 -27.98 94.66
C LEU J 2559 -26.45 -28.88 93.43
N PRO J 2560 -26.99 -28.39 92.30
CA PRO J 2560 -26.79 -29.15 91.06
C PRO J 2560 -25.35 -29.19 90.58
N LEU J 2561 -24.52 -28.22 90.96
CA LEU J 2561 -23.10 -28.29 90.59
C LEU J 2561 -22.35 -29.33 91.42
N ILE J 2562 -22.65 -29.42 92.71
CA ILE J 2562 -21.92 -30.32 93.58
C ILE J 2562 -22.27 -31.77 93.28
N THR J 2563 -23.53 -32.03 92.93
CA THR J 2563 -23.92 -33.38 92.53
C THR J 2563 -23.39 -33.73 91.14
N LYS J 2564 -23.08 -32.73 90.32
CA LYS J 2564 -22.42 -32.98 89.05
C LYS J 2564 -20.99 -33.45 89.27
N CYS J 2565 -20.33 -32.91 90.29
CA CYS J 2565 -18.95 -33.25 90.63
C CYS J 2565 -18.89 -34.11 91.89
N ALA J 2566 -19.91 -34.94 92.09
CA ALA J 2566 -19.97 -35.78 93.29
C ALA J 2566 -18.99 -36.96 93.29
N PRO J 2567 -18.75 -37.71 92.18
CA PRO J 2567 -17.72 -38.76 92.25
C PRO J 2567 -16.29 -38.24 92.32
N LEU J 2568 -16.07 -36.94 92.13
CA LEU J 2568 -14.74 -36.35 92.15
C LEU J 2568 -14.24 -36.10 93.57
N PHE J 2569 -15.09 -36.27 94.59
CA PHE J 2569 -14.71 -36.07 95.98
C PHE J 2569 -13.98 -37.26 96.60
N ALA J 2570 -13.49 -38.20 95.80
CA ALA J 2570 -12.77 -39.35 96.33
C ALA J 2570 -11.31 -38.97 96.54
N GLY J 2571 -10.84 -39.05 97.78
CA GLY J 2571 -9.45 -38.78 98.06
C GLY J 2571 -9.17 -37.41 98.66
N THR J 2572 -10.01 -36.96 99.59
CA THR J 2572 -9.79 -35.69 100.26
C THR J 2572 -8.98 -35.87 101.55
N GLU J 2573 -7.83 -36.54 101.43
CA GLU J 2573 -6.90 -36.65 102.54
C GLU J 2573 -6.03 -35.41 102.68
N HIS J 2574 -6.24 -34.41 101.82
CA HIS J 2574 -5.58 -33.11 101.96
C HIS J 2574 -6.14 -32.34 103.14
N ARG J 2575 -7.47 -32.20 103.18
CA ARG J 2575 -8.16 -31.35 104.13
C ARG J 2575 -9.24 -32.17 104.83
N ALA J 2576 -9.29 -32.07 106.16
CA ALA J 2576 -10.23 -32.82 106.98
C ALA J 2576 -11.31 -31.95 107.61
N ILE J 2577 -11.12 -30.64 107.67
CA ILE J 2577 -12.06 -29.79 108.39
C ILE J 2577 -12.98 -29.06 107.41
N MET J 2578 -12.61 -28.92 106.13
CA MET J 2578 -13.48 -28.24 105.19
C MET J 2578 -14.63 -29.15 104.75
N VAL J 2579 -14.33 -30.42 104.47
CA VAL J 2579 -15.39 -31.34 104.05
C VAL J 2579 -16.25 -31.74 105.23
N ASP J 2580 -15.70 -31.70 106.45
CA ASP J 2580 -16.53 -31.95 107.62
C ASP J 2580 -17.40 -30.75 107.95
N SER J 2581 -16.90 -29.53 107.74
CA SER J 2581 -17.72 -28.37 108.03
C SER J 2581 -18.77 -28.16 106.95
N MET J 2582 -18.50 -28.57 105.72
CA MET J 2582 -19.53 -28.49 104.70
C MET J 2582 -20.61 -29.56 104.88
N LEU J 2583 -20.24 -30.73 105.42
CA LEU J 2583 -21.21 -31.82 105.41
C LEU J 2583 -22.21 -31.63 106.55
N HIS J 2584 -21.83 -30.84 107.55
CA HIS J 2584 -22.73 -30.56 108.66
C HIS J 2584 -23.63 -29.36 108.36
N THR J 2585 -23.15 -28.38 107.57
CA THR J 2585 -23.98 -27.22 107.30
C THR J 2585 -25.07 -27.53 106.27
N VAL J 2586 -24.81 -28.46 105.35
CA VAL J 2586 -25.85 -28.90 104.43
C VAL J 2586 -26.94 -29.68 105.17
N TYR J 2587 -26.53 -30.52 106.14
CA TYR J 2587 -27.51 -31.18 106.98
C TYR J 2587 -28.21 -30.20 107.91
N ARG J 2588 -27.52 -29.13 108.29
CA ARG J 2588 -28.18 -28.07 109.07
C ARG J 2588 -29.14 -27.29 108.17
N LEU J 2589 -28.82 -27.18 106.87
CA LEU J 2589 -29.75 -26.56 105.92
C LEU J 2589 -30.85 -27.52 105.47
N SER J 2590 -30.73 -28.82 105.77
CA SER J 2590 -31.73 -29.77 105.31
C SER J 2590 -33.04 -29.65 106.09
N ARG J 2591 -33.00 -29.14 107.32
CA ARG J 2591 -34.20 -28.91 108.13
C ARG J 2591 -34.41 -27.41 108.29
N GLY J 2592 -35.46 -26.90 107.68
CA GLY J 2592 -35.80 -25.49 107.81
C GLY J 2592 -37.29 -25.29 107.60
N ARG J 2593 -37.84 -24.32 108.30
CA ARG J 2593 -39.28 -24.06 108.25
C ARG J 2593 -39.71 -23.30 107.01
N SER J 2594 -38.83 -22.47 106.44
CA SER J 2594 -39.18 -21.64 105.29
C SER J 2594 -38.82 -22.29 103.97
N LEU J 2595 -38.55 -23.59 103.96
CA LEU J 2595 -38.20 -24.32 102.74
C LEU J 2595 -39.41 -25.08 102.22
N THR J 2596 -39.47 -25.21 100.89
CA THR J 2596 -40.52 -25.98 100.25
C THR J 2596 -40.04 -27.42 100.04
N LYS J 2597 -40.89 -28.25 99.43
CA LYS J 2597 -40.55 -29.64 99.23
C LYS J 2597 -39.58 -29.82 98.06
N ALA J 2598 -39.65 -28.91 97.07
CA ALA J 2598 -38.80 -29.03 95.88
C ALA J 2598 -37.34 -28.75 96.20
N GLN J 2599 -37.07 -27.84 97.15
CA GLN J 2599 -35.68 -27.55 97.49
C GLN J 2599 -35.11 -28.55 98.49
N ARG J 2600 -35.93 -29.02 99.44
CA ARG J 2600 -35.45 -30.02 100.39
C ARG J 2600 -35.21 -31.37 99.73
N ASP J 2601 -35.89 -31.64 98.61
CA ASP J 2601 -35.58 -32.84 97.85
C ASP J 2601 -34.24 -32.71 97.13
N VAL J 2602 -33.84 -31.49 96.78
CA VAL J 2602 -32.53 -31.29 96.18
C VAL J 2602 -31.43 -31.46 97.22
N ILE J 2603 -31.63 -30.90 98.42
CA ILE J 2603 -30.63 -30.98 99.49
C ILE J 2603 -30.48 -32.43 99.97
N GLU J 2604 -31.59 -33.17 100.05
CA GLU J 2604 -31.52 -34.57 100.44
C GLU J 2604 -30.86 -35.42 99.35
N ASP J 2605 -31.07 -35.05 98.08
CA ASP J 2605 -30.35 -35.71 97.00
C ASP J 2605 -28.90 -35.26 96.95
N CYS J 2606 -28.63 -34.03 97.38
CA CYS J 2606 -27.26 -33.54 97.45
C CYS J 2606 -26.51 -34.18 98.62
N LEU J 2607 -27.21 -34.38 99.74
CA LEU J 2607 -26.57 -35.02 100.88
C LEU J 2607 -26.38 -36.51 100.65
N MET J 2608 -27.29 -37.14 99.89
CA MET J 2608 -27.15 -38.55 99.52
C MET J 2608 -25.97 -38.78 98.58
N ALA J 2609 -25.72 -37.85 97.68
CA ALA J 2609 -24.62 -38.04 96.74
C ALA J 2609 -23.27 -37.79 97.42
N LEU J 2610 -23.24 -36.87 98.38
CA LEU J 2610 -21.97 -36.50 99.00
C LEU J 2610 -21.61 -37.45 100.15
N CYS J 2611 -22.58 -38.21 100.67
CA CYS J 2611 -22.24 -39.27 101.61
C CYS J 2611 -21.62 -40.48 100.90
N ARG J 2612 -21.77 -40.55 99.58
CA ARG J 2612 -21.04 -41.52 98.78
C ARG J 2612 -19.81 -40.82 98.18
N TYR J 2613 -18.90 -41.62 97.60
CA TYR J 2613 -17.65 -41.23 96.94
C TYR J 2613 -16.68 -40.57 97.92
N ILE J 2614 -16.76 -40.92 99.21
CA ILE J 2614 -15.86 -40.39 100.22
C ILE J 2614 -15.72 -41.46 101.31
N ARG J 2615 -14.53 -41.46 101.96
CA ARG J 2615 -14.11 -42.41 102.99
C ARG J 2615 -14.90 -42.19 104.28
N PRO J 2616 -15.25 -43.27 105.00
CA PRO J 2616 -16.04 -43.11 106.23
C PRO J 2616 -15.29 -42.49 107.42
N SER J 2617 -14.03 -42.09 107.27
CA SER J 2617 -13.33 -41.44 108.38
C SER J 2617 -13.91 -40.06 108.67
N MET J 2618 -14.33 -39.35 107.62
CA MET J 2618 -14.89 -38.01 107.77
C MET J 2618 -16.40 -38.05 107.99
N LEU J 2619 -17.06 -39.14 107.59
CA LEU J 2619 -18.48 -39.33 107.82
C LEU J 2619 -18.81 -39.78 109.23
N GLN J 2620 -17.80 -40.16 110.04
CA GLN J 2620 -18.08 -40.63 111.39
C GLN J 2620 -18.52 -39.49 112.28
N HIS J 2621 -18.12 -38.26 111.94
CA HIS J 2621 -18.50 -37.08 112.71
C HIS J 2621 -19.95 -36.69 112.44
N LEU J 2622 -20.45 -37.00 111.24
CA LEU J 2622 -21.86 -36.76 110.98
C LEU J 2622 -22.71 -37.97 111.36
N LEU J 2623 -22.14 -39.17 111.31
CA LEU J 2623 -22.82 -40.30 111.95
C LEU J 2623 -22.86 -40.14 113.46
N ARG J 2624 -21.92 -39.37 114.01
CA ARG J 2624 -21.97 -38.92 115.40
C ARG J 2624 -23.19 -38.04 115.68
N ARG J 2625 -23.44 -37.05 114.82
CA ARG J 2625 -24.44 -36.04 115.14
C ARG J 2625 -25.87 -36.54 114.90
N LEU J 2626 -26.07 -37.40 113.90
CA LEU J 2626 -27.41 -37.88 113.60
C LEU J 2626 -27.92 -38.87 114.63
N VAL J 2627 -27.03 -39.67 115.26
CA VAL J 2627 -27.49 -40.75 116.11
C VAL J 2627 -27.95 -40.21 117.47
N PHE J 2628 -27.72 -38.92 117.71
CA PHE J 2628 -28.25 -38.22 118.87
C PHE J 2628 -29.70 -37.80 118.64
N ASP J 2629 -30.05 -37.48 117.40
CA ASP J 2629 -31.30 -36.79 117.12
C ASP J 2629 -32.30 -37.56 116.28
N VAL J 2630 -31.89 -38.29 115.25
CA VAL J 2630 -32.87 -39.02 114.42
C VAL J 2630 -33.33 -40.38 114.99
N PRO J 2631 -32.51 -41.29 115.56
CA PRO J 2631 -33.09 -42.60 115.92
C PRO J 2631 -33.85 -42.61 117.24
N ILE J 2632 -33.87 -41.50 117.97
CA ILE J 2632 -34.60 -41.44 119.24
C ILE J 2632 -36.09 -41.29 119.04
N LEU J 2633 -36.52 -40.94 117.82
CA LEU J 2633 -37.92 -40.74 117.49
C LEU J 2633 -38.21 -41.28 116.10
N ASN J 2634 -39.38 -41.87 115.93
CA ASN J 2634 -39.77 -42.43 114.63
C ASN J 2634 -40.49 -41.38 113.78
N UNK J 2638 -36.86 -34.87 106.61
CA UNK J 2638 -36.01 -34.56 107.75
C UNK J 2638 -35.53 -35.85 108.43
N UNK J 2639 -36.44 -36.80 108.61
CA UNK J 2639 -36.11 -38.07 109.24
C UNK J 2639 -36.02 -39.19 108.22
N UNK J 2640 -36.73 -39.03 107.10
CA UNK J 2640 -36.74 -40.04 106.05
C UNK J 2640 -35.44 -39.99 105.25
N UNK J 2641 -34.94 -38.78 105.01
CA UNK J 2641 -33.70 -38.59 104.29
C UNK J 2641 -32.50 -38.90 105.17
N UNK J 2642 -32.67 -38.75 106.48
CA UNK J 2642 -31.61 -39.02 107.44
C UNK J 2642 -31.44 -40.52 107.64
N UNK J 2643 -32.55 -41.25 107.59
CA UNK J 2643 -32.52 -42.71 107.76
C UNK J 2643 -32.02 -43.39 106.49
N UNK J 2644 -32.27 -42.74 105.35
CA UNK J 2644 -31.85 -43.28 104.06
C UNK J 2644 -30.36 -43.04 103.82
N UNK J 2645 -29.84 -41.97 104.41
CA UNK J 2645 -28.42 -41.66 104.32
C UNK J 2645 -27.62 -42.55 105.28
N UNK J 2646 -28.27 -42.94 106.37
CA UNK J 2646 -27.65 -43.81 107.35
C UNK J 2646 -27.64 -45.25 106.88
N UNK J 2647 -28.65 -45.61 106.08
CA UNK J 2647 -28.76 -46.96 105.53
C UNK J 2647 -27.77 -47.13 104.38
N UNK J 2648 -27.52 -46.04 103.66
CA UNK J 2648 -26.58 -46.06 102.54
C UNK J 2648 -25.14 -46.08 103.05
N UNK J 2649 -24.93 -45.48 104.21
CA UNK J 2649 -23.59 -45.45 104.82
C UNK J 2649 -23.28 -46.79 105.48
N UNK J 2650 -24.31 -47.47 105.96
CA UNK J 2650 -24.13 -48.76 106.62
C UNK J 2650 -23.93 -49.86 105.58
N UNK J 2651 -24.54 -49.69 104.41
CA UNK J 2651 -24.39 -50.64 103.31
C UNK J 2651 -23.02 -50.46 102.65
N UNK J 2652 -22.49 -49.25 102.76
CA UNK J 2652 -21.18 -48.92 102.20
C UNK J 2652 -20.07 -49.48 103.08
N UNK J 2653 -20.30 -49.45 104.39
CA UNK J 2653 -19.31 -49.91 105.35
C UNK J 2653 -19.32 -51.42 105.49
N UNK J 2654 -20.42 -52.05 105.05
CA UNK J 2654 -20.55 -53.50 105.11
C UNK J 2654 -19.72 -54.17 104.03
N UNK J 2655 -19.55 -53.49 102.91
CA UNK J 2655 -18.78 -54.02 101.79
C UNK J 2655 -17.28 -53.88 102.06
N UNK J 2662 -16.06 -46.48 119.51
CA UNK J 2662 -16.15 -45.21 118.81
C UNK J 2662 -17.31 -45.21 117.82
N UNK J 2663 -17.04 -45.62 116.60
CA UNK J 2663 -18.05 -45.67 115.55
C UNK J 2663 -18.95 -46.90 115.73
N UNK J 2664 -18.40 -47.94 116.33
CA UNK J 2664 -19.14 -49.17 116.58
C UNK J 2664 -20.11 -48.99 117.74
N UNK J 2665 -19.74 -48.13 118.69
CA UNK J 2665 -20.58 -47.85 119.85
C UNK J 2665 -21.73 -46.93 119.46
N UNK J 2666 -21.48 -46.07 118.49
CA UNK J 2666 -22.49 -45.14 117.99
C UNK J 2666 -23.49 -45.88 117.10
N UNK J 2667 -23.03 -46.91 116.43
CA UNK J 2667 -23.88 -47.72 115.56
C UNK J 2667 -24.73 -48.68 116.39
N UNK J 2668 -24.19 -49.09 117.53
CA UNK J 2668 -24.90 -49.98 118.44
C UNK J 2668 -25.97 -49.20 119.20
N UNK J 2669 -25.70 -47.92 119.44
CA UNK J 2669 -26.66 -47.04 120.09
C UNK J 2669 -27.76 -46.64 119.11
N UNK J 2670 -27.44 -46.70 117.82
CA UNK J 2670 -28.39 -46.39 116.77
C UNK J 2670 -29.42 -47.52 116.62
N UNK J 2671 -28.93 -48.76 116.65
CA UNK J 2671 -29.80 -49.92 116.49
C UNK J 2671 -30.64 -50.15 117.74
N UNK J 2672 -30.14 -49.72 118.89
CA UNK J 2672 -30.87 -49.86 120.14
C UNK J 2672 -31.99 -48.82 120.22
N UNK J 2673 -31.74 -47.64 119.66
CA UNK J 2673 -32.72 -46.56 119.66
C UNK J 2673 -33.79 -46.80 118.60
N UNK J 2674 -33.40 -47.46 117.51
CA UNK J 2674 -34.33 -47.76 116.43
C UNK J 2674 -35.25 -48.90 116.81
N UNK J 2675 -34.75 -49.82 117.62
CA UNK J 2675 -35.55 -50.96 118.09
C UNK J 2675 -36.49 -50.53 119.20
N UNK J 2676 -36.09 -49.52 119.96
CA UNK J 2676 -36.91 -49.00 121.05
C UNK J 2676 -38.04 -48.13 120.50
N UNK J 2677 -37.79 -47.51 119.35
CA UNK J 2677 -38.78 -46.65 118.71
C UNK J 2677 -39.80 -47.50 117.95
N UNK J 2678 -39.41 -48.71 117.58
CA UNK J 2678 -40.28 -49.62 116.85
C UNK J 2678 -41.30 -50.25 117.80
N UNK J 2686 -45.30 -47.95 106.02
CA UNK J 2686 -44.89 -46.59 105.72
C UNK J 2686 -43.50 -46.30 106.27
N UNK J 2687 -43.44 -45.86 107.52
CA UNK J 2687 -42.16 -45.55 108.17
C UNK J 2687 -41.61 -46.77 108.88
N UNK J 2688 -42.44 -47.80 108.99
CA UNK J 2688 -42.03 -49.04 109.64
C UNK J 2688 -41.13 -49.87 108.73
N UNK J 2689 -41.34 -49.74 107.43
CA UNK J 2689 -40.52 -50.45 106.45
C UNK J 2689 -39.16 -49.79 106.30
N UNK J 2690 -39.12 -48.48 106.48
CA UNK J 2690 -37.87 -47.73 106.38
C UNK J 2690 -37.04 -47.91 107.64
N UNK J 2691 -37.71 -48.12 108.76
CA UNK J 2691 -37.03 -48.33 110.03
C UNK J 2691 -36.47 -49.75 110.11
N UNK J 2692 -37.15 -50.69 109.46
CA UNK J 2692 -36.72 -52.08 109.44
C UNK J 2692 -35.55 -52.25 108.48
N UNK J 2693 -35.53 -51.44 107.43
CA UNK J 2693 -34.46 -51.49 106.44
C UNK J 2693 -33.20 -50.82 106.99
N UNK J 2694 -33.39 -49.83 107.85
CA UNK J 2694 -32.27 -49.13 108.46
C UNK J 2694 -31.65 -49.97 109.59
N UNK J 2695 -32.48 -50.77 110.23
CA UNK J 2695 -32.03 -51.64 111.30
C UNK J 2695 -31.30 -52.85 110.75
N UNK J 2696 -31.71 -53.29 109.57
CA UNK J 2696 -31.10 -54.43 108.91
C UNK J 2696 -29.75 -54.04 108.29
N UNK J 2697 -29.64 -52.78 107.90
CA UNK J 2697 -28.41 -52.28 107.30
C UNK J 2697 -27.36 -52.01 108.39
N UNK J 2698 -27.82 -51.54 109.55
CA UNK J 2698 -26.93 -51.22 110.65
C UNK J 2698 -26.49 -52.47 111.41
N UNK J 2699 -27.19 -53.58 111.17
CA UNK J 2699 -26.86 -54.85 111.82
C UNK J 2699 -25.62 -55.47 111.18
N UNK J 2700 -25.36 -55.11 109.93
CA UNK J 2700 -24.19 -55.63 109.21
C UNK J 2700 -22.91 -54.96 109.70
N GLU J 2741 -25.97 -30.22 141.41
CA GLU J 2741 -25.80 -29.15 142.38
C GLU J 2741 -24.37 -29.09 142.91
N THR J 2742 -23.70 -27.97 142.64
CA THR J 2742 -22.34 -27.76 143.14
C THR J 2742 -22.20 -26.50 143.99
N LEU J 2743 -22.95 -25.44 143.70
CA LEU J 2743 -22.85 -24.23 144.50
C LEU J 2743 -23.57 -24.37 145.83
N ASN J 2744 -24.62 -25.20 145.89
CA ASN J 2744 -25.35 -25.46 147.12
C ASN J 2744 -24.90 -26.76 147.79
N VAL J 2745 -23.62 -27.12 147.63
CA VAL J 2745 -23.06 -28.33 148.20
C VAL J 2745 -22.18 -27.95 149.39
N ILE J 2746 -22.26 -28.73 150.47
CA ILE J 2746 -21.44 -28.48 151.64
C ILE J 2746 -20.05 -29.09 151.43
N ILE J 2747 -19.05 -28.41 151.96
CA ILE J 2747 -17.66 -28.87 151.91
C ILE J 2747 -17.29 -29.38 153.30
N PRO J 2748 -16.58 -30.49 153.40
CA PRO J 2748 -16.21 -31.02 154.71
C PRO J 2748 -14.94 -30.35 155.22
N GLU J 2749 -14.46 -30.85 156.37
CA GLU J 2749 -13.22 -30.34 156.94
C GLU J 2749 -12.01 -30.78 156.12
N LYS J 2750 -12.11 -31.94 155.45
CA LYS J 2750 -11.04 -32.37 154.55
C LYS J 2750 -11.12 -31.73 153.17
N LEU J 2751 -12.27 -31.14 152.83
CA LEU J 2751 -12.41 -30.50 151.52
C LEU J 2751 -11.70 -29.15 151.48
N ASP J 2752 -11.57 -28.50 152.62
CA ASP J 2752 -10.88 -27.21 152.65
C ASP J 2752 -9.38 -27.39 152.45
N SER J 2753 -8.82 -28.51 152.94
CA SER J 2753 -7.42 -28.82 152.68
C SER J 2753 -7.22 -29.49 151.32
N PHE J 2754 -8.27 -30.09 150.76
CA PHE J 2754 -8.13 -30.71 149.45
C PHE J 2754 -8.18 -29.67 148.33
N ILE J 2755 -8.80 -28.51 148.56
CA ILE J 2755 -8.92 -27.51 147.51
C ILE J 2755 -7.58 -26.82 147.26
N ASN J 2756 -6.78 -26.62 148.32
CA ASN J 2756 -5.49 -25.99 148.18
C ASN J 2756 -4.40 -26.96 147.79
N LYS J 2757 -4.55 -28.23 148.18
CA LYS J 2757 -3.56 -29.24 147.81
C LYS J 2757 -3.70 -29.63 146.34
N PHE J 2758 -4.92 -29.59 145.80
CA PHE J 2758 -5.11 -29.85 144.38
C PHE J 2758 -4.65 -28.67 143.54
N ALA J 2759 -4.76 -27.45 144.07
CA ALA J 2759 -4.25 -26.28 143.35
C ALA J 2759 -2.73 -26.21 143.43
N GLU J 2760 -2.14 -26.75 144.50
CA GLU J 2760 -0.69 -26.75 144.61
C GLU J 2760 -0.08 -27.82 143.72
N TYR J 2761 -0.75 -28.96 143.59
CA TYR J 2761 -0.27 -30.03 142.72
C TYR J 2761 -0.46 -29.68 141.25
N THR J 2762 -1.48 -28.88 140.94
CA THR J 2762 -1.69 -28.46 139.56
C THR J 2762 -0.66 -27.41 139.16
N HIS J 2763 -0.24 -26.57 140.10
CA HIS J 2763 0.82 -25.61 139.81
C HIS J 2763 2.18 -26.30 139.75
N GLU J 2764 2.36 -27.38 140.51
CA GLU J 2764 3.65 -28.06 140.54
C GLU J 2764 3.87 -28.89 139.28
N LYS J 2765 2.80 -29.46 138.72
CA LYS J 2765 2.93 -30.20 137.47
C LYS J 2765 3.07 -29.26 136.28
N TRP J 2766 2.42 -28.10 136.36
CA TRP J 2766 2.49 -27.13 135.27
C TRP J 2766 3.85 -26.45 135.23
N ALA J 2767 4.47 -26.24 136.40
CA ALA J 2767 5.83 -25.71 136.44
C ALA J 2767 6.84 -26.78 136.03
N PHE J 2768 6.51 -28.05 136.29
CA PHE J 2768 7.37 -29.13 135.80
C PHE J 2768 7.22 -29.33 134.30
N ASP J 2769 6.04 -29.05 133.75
CA ASP J 2769 5.84 -29.16 132.30
C ASP J 2769 6.46 -27.99 131.55
N LYS J 2770 6.54 -26.82 132.19
CA LYS J 2770 7.09 -25.64 131.53
C LYS J 2770 8.60 -25.52 131.70
N ILE J 2771 9.19 -26.25 132.63
CA ILE J 2771 10.64 -26.12 132.86
C ILE J 2771 11.42 -26.79 131.75
N GLN J 2772 10.86 -27.83 131.13
CA GLN J 2772 11.50 -28.50 130.02
C GLN J 2772 11.35 -27.73 128.70
N ASN J 2773 10.42 -26.77 128.64
CA ASN J 2773 10.17 -26.00 127.43
C ASN J 2773 10.95 -24.69 127.40
N ASN J 2774 11.95 -24.54 128.28
CA ASN J 2774 12.83 -23.36 128.39
C ASN J 2774 12.03 -22.08 128.63
N TRP J 2775 11.26 -22.10 129.71
CA TRP J 2775 10.43 -20.97 130.10
C TRP J 2775 11.23 -20.11 131.08
N SER J 2776 11.54 -18.89 130.66
CA SER J 2776 12.31 -17.97 131.49
C SER J 2776 11.42 -17.31 132.53
N TYR J 2777 12.05 -16.51 133.39
CA TYR J 2777 11.35 -15.82 134.47
C TYR J 2777 10.99 -14.41 134.04
N GLY J 2778 9.71 -14.05 134.21
CA GLY J 2778 9.25 -12.73 133.84
C GLY J 2778 8.24 -12.20 134.84
N GLU J 2779 8.04 -10.89 134.82
CA GLU J 2779 7.07 -10.26 135.71
C GLU J 2779 5.65 -10.40 135.18
N ASN J 2780 5.47 -10.29 133.87
CA ASN J 2780 4.17 -10.49 133.24
C ASN J 2780 4.27 -11.59 132.19
N VAL J 2781 3.12 -12.16 131.84
CA VAL J 2781 3.08 -13.29 130.91
C VAL J 2781 3.29 -12.79 129.49
N ASP J 2782 4.27 -13.37 128.79
CA ASP J 2782 4.51 -13.11 127.39
C ASP J 2782 4.65 -14.43 126.65
N GLU J 2783 4.03 -14.51 125.47
CA GLU J 2783 4.09 -15.73 124.67
C GLU J 2783 5.42 -15.85 123.94
N GLU J 2784 6.07 -14.72 123.67
CA GLU J 2784 7.33 -14.73 122.92
C GLU J 2784 8.51 -15.10 123.81
N LEU J 2785 8.53 -14.60 125.04
CA LEU J 2785 9.59 -14.90 125.99
C LEU J 2785 9.32 -16.13 126.85
N LYS J 2786 8.11 -16.71 126.75
CA LYS J 2786 7.66 -17.85 127.56
C LYS J 2786 7.75 -17.55 129.05
N THR J 2787 7.30 -16.36 129.44
CA THR J 2787 7.42 -15.92 130.82
C THR J 2787 6.28 -16.44 131.67
N HIS J 2788 6.61 -16.84 132.90
CA HIS J 2788 5.63 -17.31 133.87
C HIS J 2788 5.94 -16.63 135.20
N PRO J 2789 5.02 -15.82 135.75
CA PRO J 2789 5.31 -15.15 137.02
C PRO J 2789 4.82 -15.89 138.26
N MET J 2790 4.02 -16.93 138.10
CA MET J 2790 3.45 -17.68 139.22
C MET J 2790 4.25 -18.92 139.55
N LEU J 2791 5.56 -18.91 139.30
CA LEU J 2791 6.44 -20.04 139.57
C LEU J 2791 6.89 -20.01 141.04
N ARG J 2792 5.98 -20.43 141.90
CA ARG J 2792 6.20 -20.40 143.34
C ARG J 2792 5.26 -21.42 143.99
N PRO J 2793 5.40 -21.64 145.29
CA PRO J 2793 4.48 -22.56 145.97
C PRO J 2793 3.14 -21.89 146.25
N TYR J 2794 2.13 -22.73 146.50
CA TYR J 2794 0.79 -22.21 146.76
C TYR J 2794 0.65 -21.65 148.18
N LYS J 2795 1.58 -21.99 149.09
CA LYS J 2795 1.56 -21.45 150.44
C LYS J 2795 2.20 -20.06 150.53
N THR J 2796 2.83 -19.58 149.45
CA THR J 2796 3.43 -18.25 149.45
C THR J 2796 2.67 -17.27 148.57
N PHE J 2797 1.53 -17.67 148.01
CA PHE J 2797 0.69 -16.76 147.25
C PHE J 2797 -0.30 -16.05 148.17
N SER J 2798 -0.90 -14.99 147.65
CA SER J 2798 -1.90 -14.19 148.35
C SER J 2798 -3.28 -14.46 147.77
N GLU J 2799 -4.25 -13.66 148.22
CA GLU J 2799 -5.63 -13.80 147.78
C GLU J 2799 -5.82 -13.35 146.34
N LYS J 2800 -4.96 -12.45 145.86
CA LYS J 2800 -5.03 -11.99 144.47
C LYS J 2800 -4.35 -12.93 143.49
N ASP J 2801 -3.58 -13.92 143.97
CA ASP J 2801 -2.92 -14.87 143.10
C ASP J 2801 -3.57 -16.24 143.10
N LYS J 2802 -4.52 -16.50 144.00
CA LYS J 2802 -5.15 -17.80 144.13
C LYS J 2802 -6.58 -17.83 143.63
N GLU J 2803 -7.10 -16.72 143.11
CA GLU J 2803 -8.49 -16.67 142.69
C GLU J 2803 -8.72 -17.40 141.38
N ILE J 2804 -7.66 -17.62 140.59
CA ILE J 2804 -7.80 -18.38 139.35
C ILE J 2804 -7.82 -19.88 139.60
N TYR J 2805 -7.48 -20.34 140.81
CA TYR J 2805 -7.55 -21.77 141.12
C TYR J 2805 -8.36 -22.04 142.38
N ARG J 2806 -9.24 -21.11 142.77
CA ARG J 2806 -10.09 -21.33 143.92
C ARG J 2806 -11.40 -22.02 143.52
N TRP J 2807 -12.18 -21.39 142.64
CA TRP J 2807 -13.47 -21.92 142.24
C TRP J 2807 -13.29 -23.11 141.31
N PRO J 2808 -12.21 -23.17 140.54
CA PRO J 2808 -12.02 -24.32 139.63
C PRO J 2808 -11.65 -25.60 140.35
N ILE J 2809 -11.03 -25.51 141.53
CA ILE J 2809 -10.71 -26.69 142.31
C ILE J 2809 -11.78 -27.04 143.33
N LYS J 2810 -12.69 -26.12 143.63
CA LYS J 2810 -13.73 -26.36 144.62
C LYS J 2810 -15.04 -26.84 144.00
N GLU J 2811 -15.30 -26.48 142.74
CA GLU J 2811 -16.51 -26.95 142.07
C GLU J 2811 -16.38 -28.41 141.66
N SER J 2812 -15.15 -28.87 141.40
CA SER J 2812 -14.95 -30.27 141.03
C SER J 2812 -15.13 -31.19 142.24
N LEU J 2813 -14.73 -30.72 143.42
CA LEU J 2813 -14.95 -31.52 144.62
C LEU J 2813 -16.40 -31.44 145.09
N LYS J 2814 -17.07 -30.33 144.81
CA LYS J 2814 -18.48 -30.19 145.21
C LYS J 2814 -19.38 -31.02 144.31
N ALA J 2815 -19.02 -31.16 143.03
CA ALA J 2815 -19.73 -32.08 142.16
C ALA J 2815 -19.42 -33.53 142.52
N MET J 2816 -18.22 -33.78 143.05
CA MET J 2816 -17.88 -35.15 143.46
C MET J 2816 -18.56 -35.51 144.77
N ILE J 2817 -18.78 -34.52 145.65
CA ILE J 2817 -19.48 -34.80 146.90
C ILE J 2817 -20.97 -34.97 146.65
N ALA J 2818 -21.50 -34.32 145.63
CA ALA J 2818 -22.92 -34.46 145.32
C ALA J 2818 -23.21 -35.78 144.62
N TRP J 2819 -22.24 -36.30 143.85
CA TRP J 2819 -22.45 -37.59 143.19
C TRP J 2819 -22.32 -38.74 144.18
N GLU J 2820 -21.34 -38.66 145.08
CA GLU J 2820 -21.16 -39.67 146.13
C GLU J 2820 -20.64 -38.98 147.37
N TRP J 2821 -21.44 -38.99 148.44
CA TRP J 2821 -21.12 -38.27 149.67
C TRP J 2821 -20.16 -39.10 150.52
N THR J 2822 -18.90 -39.12 150.09
CA THR J 2822 -17.80 -39.78 150.80
C THR J 2822 -16.60 -38.83 150.77
N ILE J 2823 -16.48 -37.98 151.78
CA ILE J 2823 -15.38 -37.00 151.88
C ILE J 2823 -14.73 -37.19 153.25
N GLU J 2824 -13.73 -38.07 153.32
CA GLU J 2824 -12.99 -38.31 154.55
C GLU J 2824 -11.64 -38.89 154.20
N LYS J 2825 -10.71 -38.81 155.15
CA LYS J 2825 -9.35 -39.29 154.97
C LYS J 2825 -9.20 -40.65 155.64
N ALA J 2826 -8.86 -41.67 154.84
CA ALA J 2826 -8.70 -43.03 155.35
C ALA J 2826 -7.32 -43.60 155.07
N ARG J 2827 -6.36 -42.77 154.65
CA ARG J 2827 -5.02 -43.24 154.34
C ARG J 2827 -4.01 -42.14 154.62
N GLU J 2828 -2.74 -42.46 154.43
CA GLU J 2828 -1.68 -41.49 154.68
C GLU J 2828 -1.57 -40.50 153.52
N GLY J 2829 -0.81 -39.43 153.75
CA GLY J 2829 -0.60 -38.45 152.71
C GLY J 2829 0.41 -38.93 151.67
N GLU J 2830 0.19 -38.52 150.43
CA GLU J 2830 1.06 -38.93 149.34
C GLU J 2830 1.14 -37.88 148.24
N TYR J 2855 11.75 -21.42 140.10
CA TYR J 2855 11.25 -22.55 140.88
C TYR J 2855 11.46 -23.87 140.16
N ASN J 2856 11.78 -24.91 140.94
CA ASN J 2856 11.96 -26.27 140.43
C ASN J 2856 11.03 -27.19 141.19
N PRO J 2857 9.73 -27.13 140.90
CA PRO J 2857 8.76 -27.98 141.63
C PRO J 2857 8.70 -29.37 141.01
N GLN J 2858 9.13 -30.37 141.78
CA GLN J 2858 9.13 -31.76 141.33
C GLN J 2858 7.89 -32.45 141.85
N PRO J 2859 6.96 -32.85 141.00
CA PRO J 2859 5.76 -33.53 141.47
C PRO J 2859 6.04 -34.98 141.81
N PRO J 2860 5.32 -35.55 142.76
CA PRO J 2860 5.56 -36.96 143.12
C PRO J 2860 4.96 -37.90 142.08
N ASP J 2861 5.38 -39.16 142.17
CA ASP J 2861 4.93 -40.20 141.24
C ASP J 2861 3.53 -40.62 141.61
N LEU J 2862 2.55 -40.03 140.91
CA LEU J 2862 1.14 -40.29 141.14
C LEU J 2862 0.65 -41.56 140.43
N SER J 2863 1.49 -42.19 139.61
CA SER J 2863 1.15 -43.42 138.92
C SER J 2863 1.66 -44.65 139.65
N GLY J 2864 1.70 -44.62 140.98
CA GLY J 2864 2.19 -45.78 141.71
C GLY J 2864 1.17 -46.90 141.78
N VAL J 2865 -0.01 -46.60 142.30
CA VAL J 2865 -1.10 -47.57 142.42
C VAL J 2865 -2.00 -47.41 141.20
N THR J 2866 -2.31 -48.53 140.55
CA THR J 2866 -3.13 -48.50 139.34
C THR J 2866 -4.61 -48.36 139.70
N LEU J 2867 -5.40 -48.05 138.69
CA LEU J 2867 -6.84 -47.90 138.87
C LEU J 2867 -7.50 -49.27 138.97
N SER J 2868 -8.26 -49.48 140.03
CA SER J 2868 -8.91 -50.75 140.31
C SER J 2868 -10.29 -50.78 139.65
N ARG J 2869 -11.13 -51.73 140.07
CA ARG J 2869 -12.48 -51.86 139.51
C ARG J 2869 -13.39 -50.71 139.93
N GLU J 2870 -13.10 -50.06 141.06
CA GLU J 2870 -13.91 -48.93 141.51
C GLU J 2870 -13.37 -47.60 141.02
N LEU J 2871 -12.06 -47.46 140.87
CA LEU J 2871 -11.48 -46.18 140.49
C LEU J 2871 -11.62 -45.92 139.00
N GLN J 2872 -11.72 -46.98 138.20
CA GLN J 2872 -11.86 -46.82 136.76
C GLN J 2872 -13.26 -46.33 136.39
N ALA J 2873 -14.27 -46.71 137.17
CA ALA J 2873 -15.61 -46.17 136.97
C ALA J 2873 -15.79 -44.83 137.66
N MET J 2874 -14.98 -44.53 138.68
CA MET J 2874 -15.05 -43.24 139.35
C MET J 2874 -14.37 -42.15 138.51
N ALA J 2875 -13.37 -42.53 137.72
CA ALA J 2875 -12.68 -41.54 136.88
C ALA J 2875 -13.54 -41.14 135.68
N GLU J 2876 -14.28 -42.10 135.11
CA GLU J 2876 -15.11 -41.81 133.95
C GLU J 2876 -16.37 -41.05 134.35
N GLN J 2877 -16.86 -41.30 135.57
CA GLN J 2877 -18.06 -40.60 136.04
C GLN J 2877 -17.75 -39.15 136.39
N LEU J 2878 -16.55 -38.90 136.92
CA LEU J 2878 -16.10 -37.54 137.18
C LEU J 2878 -15.77 -36.81 135.88
N ALA J 2879 -15.34 -37.56 134.86
CA ALA J 2879 -15.06 -36.95 133.55
C ALA J 2879 -16.34 -36.58 132.84
N GLU J 2880 -17.38 -37.40 133.00
CA GLU J 2880 -18.67 -37.11 132.37
C GLU J 2880 -19.40 -35.98 133.09
N ASN J 2881 -19.20 -35.88 134.41
CA ASN J 2881 -19.85 -34.83 135.19
C ASN J 2881 -19.20 -33.48 134.94
N TYR J 2882 -17.89 -33.47 134.72
CA TYR J 2882 -17.19 -32.23 134.41
C TYR J 2882 -17.52 -31.77 132.99
N HIS J 2883 -17.74 -32.72 132.08
CA HIS J 2883 -18.19 -32.39 130.73
C HIS J 2883 -19.64 -31.93 130.74
N ASN J 2884 -20.44 -32.43 131.68
CA ASN J 2884 -21.85 -31.99 131.78
C ASN J 2884 -21.94 -30.61 132.39
N THR J 2885 -21.03 -30.27 133.30
CA THR J 2885 -21.02 -28.93 133.86
C THR J 2885 -20.46 -27.92 132.87
N TRP J 2886 -19.49 -28.35 132.05
CA TRP J 2886 -18.92 -27.45 131.05
C TRP J 2886 -19.88 -27.25 129.88
N GLY J 2887 -20.70 -28.26 129.58
CA GLY J 2887 -21.70 -28.10 128.54
C GLY J 2887 -22.85 -27.23 128.98
N ARG J 2888 -23.19 -27.30 130.27
CA ARG J 2888 -24.20 -26.39 130.81
C ARG J 2888 -23.65 -24.98 130.95
N LYS J 2889 -22.34 -24.84 131.19
CA LYS J 2889 -21.75 -23.51 131.25
C LYS J 2889 -21.62 -22.91 129.85
N LYS J 2890 -21.47 -23.75 128.82
CA LYS J 2890 -21.49 -23.25 127.45
C LYS J 2890 -22.90 -22.94 126.99
N LYS J 2891 -23.90 -23.65 127.53
CA LYS J 2891 -25.28 -23.38 127.13
C LYS J 2891 -25.82 -22.12 127.80
N GLN J 2892 -25.39 -21.86 129.03
CA GLN J 2892 -25.79 -20.63 129.71
C GLN J 2892 -25.07 -19.41 129.14
N GLU J 2893 -23.86 -19.61 128.61
CA GLU J 2893 -23.15 -18.50 127.99
C GLU J 2893 -23.67 -18.21 126.59
N LEU J 2894 -24.22 -19.23 125.91
CA LEU J 2894 -24.75 -19.01 124.58
C LEU J 2894 -26.11 -18.35 124.62
N GLU J 2895 -26.91 -18.62 125.65
CA GLU J 2895 -28.25 -18.03 125.74
C GLU J 2895 -28.18 -16.57 126.18
N ALA J 2896 -27.19 -16.22 127.00
CA ALA J 2896 -27.06 -14.86 127.52
C ALA J 2896 -26.23 -14.00 126.57
N LEU J 2905 -21.18 -28.49 122.91
CA LEU J 2905 -22.48 -29.17 122.96
C LEU J 2905 -22.35 -30.62 122.53
N VAL J 2906 -21.30 -31.29 123.01
CA VAL J 2906 -21.01 -32.67 122.68
C VAL J 2906 -21.11 -33.49 123.96
N PRO J 2907 -21.67 -34.70 123.92
CA PRO J 2907 -21.64 -35.56 125.10
C PRO J 2907 -20.30 -36.25 125.26
N TYR J 2908 -20.03 -36.69 126.48
CA TYR J 2908 -18.76 -37.33 126.79
C TYR J 2908 -18.71 -38.75 126.26
N ASP J 2909 -19.88 -39.40 126.13
CA ASP J 2909 -19.91 -40.77 125.64
C ASP J 2909 -19.67 -40.84 124.14
N THR J 2910 -20.18 -39.86 123.39
CA THR J 2910 -20.07 -39.83 121.94
C THR J 2910 -19.02 -38.84 121.46
N LEU J 2911 -18.08 -38.44 122.32
CA LEU J 2911 -17.05 -37.50 121.91
C LEU J 2911 -16.01 -38.20 121.05
N THR J 2912 -15.27 -37.40 120.28
CA THR J 2912 -14.27 -37.92 119.35
C THR J 2912 -13.03 -38.40 120.10
N ALA J 2913 -12.22 -39.21 119.41
CA ALA J 2913 -11.04 -39.79 120.04
C ALA J 2913 -9.96 -38.74 120.30
N LYS J 2914 -9.90 -37.71 119.44
CA LYS J 2914 -8.90 -36.66 119.62
C LYS J 2914 -9.28 -35.74 120.77
N GLU J 2915 -10.58 -35.52 120.99
CA GLU J 2915 -11.02 -34.66 122.09
C GLU J 2915 -11.04 -35.43 123.40
N LYS J 2916 -11.30 -36.73 123.36
CA LYS J 2916 -11.35 -37.52 124.59
C LYS J 2916 -9.97 -37.88 125.10
N ALA J 2917 -8.94 -37.79 124.25
CA ALA J 2917 -7.59 -38.06 124.69
C ALA J 2917 -7.05 -36.95 125.58
N ARG J 2918 -7.45 -35.71 125.31
CA ARG J 2918 -6.98 -34.58 126.11
C ARG J 2918 -7.90 -34.24 127.27
N ASP J 2919 -9.20 -34.56 127.16
CA ASP J 2919 -10.13 -34.24 128.23
C ASP J 2919 -10.04 -35.23 129.38
N ARG J 2920 -9.61 -36.46 129.09
CA ARG J 2920 -9.40 -37.45 130.15
C ARG J 2920 -8.11 -37.21 130.92
N GLU J 2921 -7.22 -36.36 130.40
CA GLU J 2921 -5.99 -36.04 131.14
C GLU J 2921 -6.29 -35.16 132.34
N LYS J 2922 -7.34 -34.34 132.28
CA LYS J 2922 -7.73 -33.56 133.44
C LYS J 2922 -8.43 -34.43 134.47
N ALA J 2923 -9.14 -35.47 134.03
CA ALA J 2923 -9.80 -36.37 134.97
C ALA J 2923 -8.82 -37.33 135.61
N GLN J 2924 -7.77 -37.72 134.89
CA GLN J 2924 -6.80 -38.68 135.44
C GLN J 2924 -5.90 -38.01 136.46
N GLU J 2925 -5.58 -36.73 136.27
CA GLU J 2925 -4.74 -36.02 137.23
C GLU J 2925 -5.52 -35.65 138.48
N LEU J 2926 -6.82 -35.37 138.33
CA LEU J 2926 -7.64 -35.01 139.48
C LEU J 2926 -7.94 -36.23 140.35
N LEU J 2927 -8.08 -37.40 139.71
CA LEU J 2927 -8.23 -38.64 140.46
C LEU J 2927 -6.92 -39.06 141.10
N LYS J 2928 -5.79 -38.70 140.48
CA LYS J 2928 -4.49 -38.96 141.09
C LYS J 2928 -4.22 -37.98 142.24
N PHE J 2929 -4.78 -36.78 142.17
CA PHE J 2929 -4.64 -35.84 143.27
C PHE J 2929 -5.57 -36.19 144.42
N LEU J 2930 -6.75 -36.73 144.12
CA LEU J 2930 -7.68 -37.10 145.17
C LEU J 2930 -7.28 -38.42 145.84
N GLN J 2931 -6.49 -39.26 145.15
CA GLN J 2931 -6.10 -40.54 145.73
C GLN J 2931 -5.08 -40.35 146.85
N MET J 2932 -4.31 -39.28 146.81
CA MET J 2932 -3.44 -38.95 147.93
C MET J 2932 -4.27 -38.32 149.06
N ASN J 2933 -3.65 -38.27 150.24
CA ASN J 2933 -4.20 -37.72 151.49
C ASN J 2933 -5.47 -38.42 151.96
N GLY J 2934 -5.71 -39.66 151.54
CA GLY J 2934 -6.81 -40.46 152.02
C GLY J 2934 -8.19 -40.11 151.50
N TYR J 2935 -8.30 -39.15 150.59
CA TYR J 2935 -9.61 -38.70 150.09
C TYR J 2935 -10.06 -39.49 148.87
N ALA J 2936 -10.06 -40.82 149.00
CA ALA J 2936 -10.44 -41.72 147.91
C ALA J 2936 -11.96 -41.86 147.92
N VAL J 2937 -12.63 -41.10 147.06
CA VAL J 2937 -14.09 -41.18 146.95
C VAL J 2937 -14.45 -42.42 146.14
N THR J 2938 -15.11 -43.38 146.79
CA THR J 2938 -15.49 -44.64 146.17
C THR J 2938 -16.97 -44.86 146.39
N ARG J 2939 -17.73 -44.93 145.29
CA ARG J 2939 -19.17 -45.13 145.36
C ARG J 2939 -19.51 -46.57 145.74
N UNK J 2951 -21.00 -56.80 122.51
CA UNK J 2951 -22.18 -56.20 121.91
C UNK J 2951 -23.02 -57.25 121.21
N UNK J 2952 -22.60 -58.51 121.30
CA UNK J 2952 -23.31 -59.61 120.67
C UNK J 2952 -24.14 -60.38 121.69
N UNK J 2953 -23.72 -60.33 122.95
CA UNK J 2953 -24.43 -61.02 124.03
C UNK J 2953 -25.70 -60.26 124.41
N UNK J 2954 -25.63 -58.94 124.35
CA UNK J 2954 -26.78 -58.11 124.68
C UNK J 2954 -27.79 -58.11 123.55
N UNK J 2955 -27.30 -58.30 122.33
CA UNK J 2955 -28.17 -58.35 121.15
C UNK J 2955 -28.90 -59.69 121.08
N UNK J 2956 -28.23 -60.74 121.56
CA UNK J 2956 -28.82 -62.07 121.56
C UNK J 2956 -29.85 -62.20 122.68
N UNK J 2957 -29.63 -61.47 123.76
CA UNK J 2957 -30.54 -61.49 124.90
C UNK J 2957 -31.80 -60.68 124.58
N UNK J 2958 -31.63 -59.64 123.77
CA UNK J 2958 -32.75 -58.81 123.36
C UNK J 2958 -33.58 -59.51 122.29
N UNK J 2959 -32.92 -60.34 121.49
CA UNK J 2959 -33.59 -61.11 120.45
C UNK J 2959 -34.37 -62.28 121.04
N UNK J 2960 -33.85 -62.81 122.15
CA UNK J 2960 -34.49 -63.92 122.85
C UNK J 2960 -35.70 -63.43 123.62
N UNK J 2961 -35.63 -62.19 124.10
CA UNK J 2961 -36.73 -61.58 124.84
C UNK J 2961 -37.83 -61.16 123.89
N UNK J 2962 -37.44 -60.80 122.66
CA UNK J 2962 -38.41 -60.40 121.64
C UNK J 2962 -39.10 -61.62 121.05
N UNK J 2963 -38.39 -62.74 121.03
CA UNK J 2963 -38.95 -63.99 120.52
C UNK J 2963 -39.90 -64.61 121.53
N UNK J 2964 -39.62 -64.37 122.81
CA UNK J 2964 -40.47 -64.88 123.89
C UNK J 2964 -41.75 -64.05 123.99
N UNK J 2965 -41.64 -62.78 123.64
CA UNK J 2965 -42.80 -61.87 123.66
C UNK J 2965 -43.68 -62.13 122.44
N UNK J 2966 -43.06 -62.54 121.34
CA UNK J 2966 -43.79 -62.85 120.11
C UNK J 2966 -44.48 -64.19 120.22
N UNK J 2967 -43.89 -65.10 120.99
CA UNK J 2967 -44.47 -66.43 121.20
C UNK J 2967 -45.65 -66.34 122.18
N UNK J 2968 -45.57 -65.39 123.11
CA UNK J 2968 -46.63 -65.18 124.07
C UNK J 2968 -47.81 -64.45 123.41
N UNK J 2969 -47.51 -63.63 122.42
CA UNK J 2969 -48.53 -62.90 121.68
C UNK J 2969 -49.23 -63.81 120.69
N UNK J 2970 -48.49 -64.79 120.17
CA UNK J 2970 -49.04 -65.76 119.22
C UNK J 2970 -49.91 -66.78 119.95
N UNK J 2971 -49.55 -67.07 121.20
CA UNK J 2971 -50.31 -68.01 122.02
C UNK J 2971 -51.60 -67.36 122.50
N UNK J 2972 -51.57 -66.06 122.70
CA UNK J 2972 -52.74 -65.31 123.14
C UNK J 2972 -53.70 -65.09 121.97
N UNK J 2973 -53.15 -65.03 120.76
CA UNK J 2973 -53.95 -64.84 119.56
C UNK J 2973 -54.60 -66.16 119.13
N UNK J 2974 -53.93 -67.26 119.44
CA UNK J 2974 -54.44 -68.58 119.11
C UNK J 2974 -55.49 -69.03 120.12
N UNK J 2975 -55.45 -68.44 121.31
CA UNK J 2975 -56.40 -68.76 122.36
C UNK J 2975 -57.74 -68.08 122.10
N UNK J 2976 -57.70 -66.97 121.38
CA UNK J 2976 -58.92 -66.24 121.04
C UNK J 2976 -59.60 -66.84 119.83
N UNK J 2996 -50.27 -53.93 116.83
CA UNK J 2996 -49.02 -53.18 116.78
C UNK J 2996 -47.83 -54.07 117.16
N UNK J 2997 -48.13 -55.24 117.71
CA UNK J 2997 -47.09 -56.17 118.11
C UNK J 2997 -46.73 -57.11 116.97
N UNK J 2998 -47.60 -57.17 115.97
CA UNK J 2998 -47.38 -58.04 114.80
C UNK J 2998 -46.35 -57.42 113.87
N UNK J 2999 -46.34 -56.09 113.80
CA UNK J 2999 -45.39 -55.37 112.95
C UNK J 2999 -44.01 -55.36 113.59
N UNK J 3000 -43.96 -55.39 114.92
CA UNK J 3000 -42.69 -55.40 115.64
C UNK J 3000 -42.07 -56.79 115.60
N UNK J 3001 -42.92 -57.81 115.55
CA UNK J 3001 -42.45 -59.19 115.48
C UNK J 3001 -41.96 -59.53 114.08
N UNK J 3002 -42.56 -58.89 113.08
CA UNK J 3002 -42.16 -59.10 111.69
C UNK J 3002 -40.86 -58.37 111.39
N UNK J 3003 -40.65 -57.25 112.08
CA UNK J 3003 -39.43 -56.46 111.90
C UNK J 3003 -38.26 -57.14 112.63
N UNK J 3004 -38.57 -57.83 113.72
CA UNK J 3004 -37.56 -58.53 114.50
C UNK J 3004 -37.16 -59.83 113.79
N UNK J 3005 -38.10 -60.42 113.07
CA UNK J 3005 -37.84 -61.65 112.32
C UNK J 3005 -37.05 -61.33 111.06
N UNK J 3006 -37.27 -60.15 110.50
CA UNK J 3006 -36.55 -59.72 109.30
C UNK J 3006 -35.13 -59.30 109.65
N UNK J 3007 -34.95 -58.78 110.86
CA UNK J 3007 -33.64 -58.37 111.33
C UNK J 3007 -32.81 -59.58 111.72
N UNK J 3008 -33.48 -60.63 112.20
CA UNK J 3008 -32.80 -61.86 112.58
C UNK J 3008 -32.41 -62.66 111.36
N UNK J 3009 -33.20 -62.54 110.30
CA UNK J 3009 -32.92 -63.24 109.05
C UNK J 3009 -31.80 -62.54 108.29
N UNK J 3010 -31.70 -61.23 108.46
CA UNK J 3010 -30.66 -60.45 107.82
C UNK J 3010 -29.32 -60.64 108.55
N UNK J 3011 -29.39 -60.88 109.85
CA UNK J 3011 -28.20 -61.09 110.66
C UNK J 3011 -27.67 -62.50 110.44
N UNK J 3012 -28.56 -63.43 110.15
CA UNK J 3012 -28.17 -64.82 109.90
C UNK J 3012 -27.58 -64.97 108.50
N UNK J 3013 -28.04 -64.13 107.58
CA UNK J 3013 -27.55 -64.16 106.20
C UNK J 3013 -26.20 -63.47 106.11
N UNK J 3014 -25.94 -62.53 107.03
CA UNK J 3014 -24.67 -61.81 107.06
C UNK J 3014 -23.64 -62.55 107.88
N UNK J 3015 -24.09 -63.54 108.64
CA UNK J 3015 -23.20 -64.35 109.48
C UNK J 3015 -22.45 -65.36 108.63
N UNK J 3025 -21.16 -69.87 125.16
CA UNK J 3025 -21.74 -68.60 125.61
C UNK J 3025 -22.71 -68.07 124.57
N UNK J 3026 -22.19 -67.61 123.44
CA UNK J 3026 -23.02 -67.06 122.37
C UNK J 3026 -23.65 -68.20 121.55
N UNK J 3027 -23.00 -69.35 121.55
CA UNK J 3027 -23.50 -70.51 120.82
C UNK J 3027 -24.69 -71.15 121.54
N UNK J 3028 -24.67 -71.06 122.87
CA UNK J 3028 -25.75 -71.61 123.69
C UNK J 3028 -26.97 -70.70 123.64
N UNK J 3029 -26.73 -69.41 123.47
CA UNK J 3029 -27.82 -68.44 123.38
C UNK J 3029 -28.48 -68.49 122.01
N UNK J 3030 -27.69 -68.83 121.00
CA UNK J 3030 -28.19 -68.94 119.64
C UNK J 3030 -28.98 -70.23 119.46
N UNK J 3031 -28.58 -71.26 120.20
CA UNK J 3031 -29.27 -72.55 120.15
C UNK J 3031 -30.58 -72.49 120.92
N UNK J 3032 -30.61 -71.66 121.96
CA UNK J 3032 -31.81 -71.47 122.76
C UNK J 3032 -32.83 -70.61 122.04
N UNK J 3033 -32.32 -69.69 121.21
CA UNK J 3033 -33.18 -68.81 120.43
C UNK J 3033 -33.76 -69.55 119.24
N UNK J 3034 -33.01 -70.52 118.73
CA UNK J 3034 -33.46 -71.33 117.61
C UNK J 3034 -34.48 -72.37 118.07
N UNK J 3035 -34.34 -72.81 119.31
CA UNK J 3035 -35.26 -73.78 119.88
C UNK J 3035 -36.57 -73.11 120.27
N UNK J 3036 -36.49 -71.83 120.65
CA UNK J 3036 -37.67 -71.06 121.01
C UNK J 3036 -38.44 -70.64 119.77
N UNK J 3037 -37.72 -70.45 118.67
CA UNK J 3037 -38.35 -70.07 117.41
C UNK J 3037 -39.02 -71.28 116.76
N UNK J 3038 -38.46 -72.46 117.00
CA UNK J 3038 -39.00 -73.70 116.46
C UNK J 3038 -40.24 -74.12 117.26
N UNK J 3039 -40.26 -73.77 118.54
CA UNK J 3039 -41.38 -74.10 119.40
C UNK J 3039 -42.55 -73.15 119.14
N UNK J 3040 -42.22 -71.93 118.75
CA UNK J 3040 -43.24 -70.92 118.47
C UNK J 3040 -43.86 -71.16 117.09
N UNK J 3041 -43.09 -71.77 116.20
CA UNK J 3041 -43.57 -72.07 114.86
C UNK J 3041 -44.44 -73.33 114.86
N UNK J 3042 -44.23 -74.18 115.86
CA UNK J 3042 -45.00 -75.42 115.98
C UNK J 3042 -46.38 -75.14 116.54
N UNK J 3049 -44.57 -67.76 106.11
CA UNK J 3049 -43.70 -67.55 104.97
C UNK J 3049 -42.33 -67.03 105.40
N UNK J 3050 -42.33 -65.94 106.15
CA UNK J 3050 -41.09 -65.35 106.63
C UNK J 3050 -40.59 -66.07 107.88
N UNK J 3051 -41.51 -66.75 108.58
CA UNK J 3051 -41.16 -67.49 109.77
C UNK J 3051 -40.44 -68.79 109.43
N UNK J 3052 -40.79 -69.37 108.27
CA UNK J 3052 -40.17 -70.60 107.81
C UNK J 3052 -38.78 -70.32 107.25
N UNK J 3053 -38.60 -69.13 106.69
CA UNK J 3053 -37.31 -68.73 106.14
C UNK J 3053 -36.34 -68.34 107.26
N UNK J 3054 -36.90 -67.82 108.35
CA UNK J 3054 -36.08 -67.43 109.50
C UNK J 3054 -35.66 -68.66 110.31
N UNK J 3055 -36.50 -69.69 110.28
CA UNK J 3055 -36.20 -70.93 110.99
C UNK J 3055 -35.18 -71.75 110.22
N UNK J 3056 -35.21 -71.62 108.89
CA UNK J 3056 -34.27 -72.33 108.03
C UNK J 3056 -32.90 -71.66 108.07
N UNK J 3057 -32.89 -70.35 108.27
CA UNK J 3057 -31.65 -69.59 108.36
C UNK J 3057 -30.99 -69.80 109.71
N UNK J 3058 -31.80 -70.02 110.74
CA UNK J 3058 -31.30 -70.26 112.09
C UNK J 3058 -30.74 -71.68 112.20
N UNK J 3059 -31.33 -72.60 111.43
CA UNK J 3059 -30.89 -73.99 111.43
C UNK J 3059 -29.60 -74.16 110.62
N UNK J 3060 -29.45 -73.31 109.61
CA UNK J 3060 -28.26 -73.35 108.76
C UNK J 3060 -27.08 -72.69 109.47
N UNK J 3061 -27.38 -71.72 110.34
CA UNK J 3061 -26.34 -71.02 111.09
C UNK J 3061 -25.86 -71.87 112.26
N UNK J 3062 -26.73 -72.76 112.74
CA UNK J 3062 -26.39 -73.62 113.85
C UNK J 3062 -25.52 -74.80 113.39
N UNK J 3141 -32.04 -79.55 126.17
CA UNK J 3141 -33.11 -78.66 125.75
C UNK J 3141 -33.34 -78.75 124.25
N UNK J 3142 -32.25 -78.81 123.49
CA UNK J 3142 -32.33 -78.90 122.04
C UNK J 3142 -32.67 -80.33 121.59
N UNK J 3143 -32.34 -81.30 122.45
CA UNK J 3143 -32.61 -82.70 122.15
C UNK J 3143 -34.09 -83.01 122.35
N UNK J 3144 -34.73 -82.30 123.27
CA UNK J 3144 -36.14 -82.48 123.55
C UNK J 3144 -36.99 -81.82 122.46
N UNK J 3145 -36.46 -80.75 121.88
CA UNK J 3145 -37.15 -80.03 120.82
C UNK J 3145 -37.03 -80.78 119.50
N UNK J 3146 -35.91 -81.50 119.33
CA UNK J 3146 -35.68 -82.29 118.13
C UNK J 3146 -36.50 -83.57 118.17
N UNK J 3147 -36.74 -84.08 119.37
CA UNK J 3147 -37.54 -85.28 119.55
C UNK J 3147 -39.01 -84.98 119.39
N UNK J 3148 -39.40 -83.76 119.75
CA UNK J 3148 -40.78 -83.32 119.62
C UNK J 3148 -41.12 -83.00 118.17
N UNK J 3149 -40.11 -82.55 117.43
CA UNK J 3149 -40.28 -82.23 116.02
C UNK J 3149 -40.32 -83.50 115.18
N UNK J 3150 -39.61 -84.52 115.65
CA UNK J 3150 -39.58 -85.81 114.97
C UNK J 3150 -40.87 -86.58 115.22
N UNK J 3151 -41.45 -86.37 116.40
CA UNK J 3151 -42.70 -87.02 116.76
C UNK J 3151 -43.87 -86.34 116.06
N UNK J 3152 -43.74 -85.05 115.79
CA UNK J 3152 -44.77 -84.30 115.09
C UNK J 3152 -44.74 -84.62 113.60
N UNK J 3153 -43.55 -84.93 113.09
CA UNK J 3153 -43.38 -85.29 111.69
C UNK J 3153 -43.85 -86.71 111.44
N UNK J 3154 -43.72 -87.56 112.45
CA UNK J 3154 -44.15 -88.94 112.36
C UNK J 3154 -45.67 -89.05 112.47
N UNK J 3155 -46.26 -88.13 113.24
CA UNK J 3155 -47.70 -88.09 113.41
C UNK J 3155 -48.37 -87.49 112.19
N UNK J 3156 -47.65 -86.61 111.50
CA UNK J 3156 -48.16 -85.98 110.29
C UNK J 3156 -48.06 -86.95 109.11
N UNK J 3157 -47.06 -87.82 109.15
CA UNK J 3157 -46.86 -88.81 108.11
C UNK J 3157 -47.87 -89.95 108.26
N UNK J 3158 -48.27 -90.21 109.50
CA UNK J 3158 -49.25 -91.24 109.79
C UNK J 3158 -50.66 -90.75 109.45
N UNK J 3159 -50.86 -89.45 109.56
CA UNK J 3159 -52.15 -88.84 109.25
C UNK J 3159 -52.32 -88.70 107.74
N UNK J 3160 -51.20 -88.54 107.04
CA UNK J 3160 -51.22 -88.42 105.58
C UNK J 3160 -51.38 -89.79 104.93
N UNK J 3161 -50.95 -90.82 105.64
CA UNK J 3161 -51.06 -92.19 105.15
C UNK J 3161 -52.47 -92.71 105.31
N UNK J 3162 -53.20 -92.16 106.27
CA UNK J 3162 -54.58 -92.56 106.53
C UNK J 3162 -55.54 -91.85 105.58
N UNK J 3169 -51.97 -78.27 109.23
CA UNK J 3169 -52.35 -79.61 108.83
C UNK J 3169 -51.38 -80.17 107.79
N UNK J 3170 -51.54 -79.73 106.55
CA UNK J 3170 -50.68 -80.18 105.46
C UNK J 3170 -49.57 -79.17 105.19
N UNK J 3171 -49.89 -77.89 105.36
CA UNK J 3171 -48.92 -76.82 105.15
C UNK J 3171 -47.92 -76.76 106.30
N UNK J 3172 -48.39 -77.10 107.49
CA UNK J 3172 -47.52 -77.11 108.67
C UNK J 3172 -46.63 -78.35 108.67
N UNK J 3173 -47.12 -79.41 108.02
CA UNK J 3173 -46.36 -80.65 107.92
C UNK J 3173 -45.26 -80.52 106.88
N UNK J 3174 -45.52 -79.77 105.83
CA UNK J 3174 -44.54 -79.55 104.77
C UNK J 3174 -43.47 -78.57 105.22
N UNK J 3175 -43.86 -77.65 106.11
CA UNK J 3175 -42.92 -76.67 106.64
C UNK J 3175 -42.01 -77.31 107.68
N UNK J 3176 -42.53 -78.29 108.39
CA UNK J 3176 -41.75 -79.02 109.39
C UNK J 3176 -40.80 -80.00 108.73
N UNK J 3177 -41.21 -80.53 107.58
CA UNK J 3177 -40.38 -81.47 106.83
C UNK J 3177 -39.25 -80.73 106.11
N UNK J 3178 -39.52 -79.49 105.71
CA UNK J 3178 -38.51 -78.68 105.04
C UNK J 3178 -37.50 -78.13 106.05
N UNK J 3179 -37.96 -77.93 107.28
CA UNK J 3179 -37.07 -77.44 108.35
C UNK J 3179 -36.20 -78.57 108.86
N UNK J 3180 -36.71 -79.79 108.81
CA UNK J 3180 -35.96 -80.96 109.25
C UNK J 3180 -34.93 -81.36 108.20
N UNK J 3181 -35.25 -81.08 106.94
CA UNK J 3181 -34.33 -81.39 105.84
C UNK J 3181 -33.21 -80.37 105.77
N UNK J 3182 -33.52 -79.14 106.18
CA UNK J 3182 -32.53 -78.06 106.21
C UNK J 3182 -31.60 -78.23 107.39
N UNK J 3183 -32.11 -78.79 108.47
CA UNK J 3183 -31.33 -79.03 109.68
C UNK J 3183 -30.40 -80.23 109.48
N UNK J 3184 -30.86 -81.19 108.69
CA UNK J 3184 -30.07 -82.39 108.40
C UNK J 3184 -28.97 -82.08 107.41
N UNK J 3185 -29.23 -81.13 106.52
CA UNK J 3185 -28.24 -80.72 105.52
C UNK J 3185 -27.17 -79.84 106.15
N UNK J 3186 -27.55 -79.11 107.20
CA UNK J 3186 -26.62 -78.23 107.91
C UNK J 3186 -25.74 -79.05 108.87
N UNK J 3187 -26.29 -80.15 109.36
CA UNK J 3187 -25.55 -81.02 110.28
C UNK J 3187 -24.61 -81.95 109.51
N UNK J 3188 -24.90 -82.16 108.23
CA UNK J 3188 -24.08 -83.01 107.38
C UNK J 3188 -22.81 -82.28 106.96
N UNK J 3189 -22.89 -80.96 106.88
CA UNK J 3189 -21.76 -80.14 106.48
C UNK J 3189 -20.82 -79.91 107.67
N UNK J 3198 -32.09 -89.17 120.08
CA UNK J 3198 -33.28 -89.21 119.24
C UNK J 3198 -33.09 -90.14 118.05
N UNK J 3199 -32.42 -91.26 118.29
CA UNK J 3199 -32.15 -92.24 117.23
C UNK J 3199 -33.39 -93.09 116.97
N UNK J 3200 -34.20 -93.28 118.02
CA UNK J 3200 -35.41 -94.08 117.90
C UNK J 3200 -36.50 -93.30 117.18
N UNK J 3201 -36.50 -91.99 117.35
CA UNK J 3201 -37.47 -91.11 116.69
C UNK J 3201 -37.13 -90.93 115.22
N UNK J 3202 -35.83 -90.98 114.92
CA UNK J 3202 -35.37 -90.84 113.54
C UNK J 3202 -35.60 -92.14 112.76
N UNK J 3203 -35.55 -93.26 113.47
CA UNK J 3203 -35.77 -94.57 112.85
C UNK J 3203 -37.27 -94.79 112.61
N UNK J 3204 -38.09 -94.20 113.47
CA UNK J 3204 -39.54 -94.31 113.33
C UNK J 3204 -40.04 -93.39 112.22
N UNK J 3205 -39.34 -92.28 112.01
CA UNK J 3205 -39.69 -91.33 110.96
C UNK J 3205 -39.25 -91.86 109.61
N UNK J 3206 -38.17 -92.63 109.60
CA UNK J 3206 -37.66 -93.22 108.37
C UNK J 3206 -38.50 -94.43 107.96
N UNK J 3207 -39.07 -95.10 108.95
CA UNK J 3207 -39.93 -96.26 108.69
C UNK J 3207 -41.30 -95.81 108.21
N UNK J 3208 -41.73 -94.63 108.68
CA UNK J 3208 -43.02 -94.07 108.29
C UNK J 3208 -42.94 -93.48 106.88
N UNK J 3209 -41.75 -93.00 106.51
CA UNK J 3209 -41.52 -92.43 105.20
C UNK J 3209 -41.37 -93.52 104.15
N UNK J 3210 -40.85 -94.67 104.58
CA UNK J 3210 -40.67 -95.81 103.69
C UNK J 3210 -41.99 -96.54 103.47
N UNK J 3211 -42.88 -96.44 104.43
CA UNK J 3211 -44.19 -97.09 104.34
C UNK J 3211 -45.14 -96.27 103.47
N UNK J 3212 -44.86 -94.97 103.38
CA UNK J 3212 -45.69 -94.07 102.57
C UNK J 3212 -45.37 -94.24 101.09
N UNK J 3221 -46.32 -84.59 97.23
CA UNK J 3221 -45.38 -84.36 98.31
C UNK J 3221 -44.42 -85.54 98.45
N UNK J 3222 -44.25 -86.29 97.38
CA UNK J 3222 -43.37 -87.46 97.40
C UNK J 3222 -41.91 -87.03 97.21
N UNK J 3223 -41.71 -85.90 96.56
CA UNK J 3223 -40.38 -85.38 96.31
C UNK J 3223 -39.79 -84.76 97.58
N UNK J 3224 -40.66 -84.17 98.39
CA UNK J 3224 -40.23 -83.56 99.65
C UNK J 3224 -39.94 -84.62 100.70
N UNK J 3225 -40.65 -85.74 100.62
CA UNK J 3225 -40.46 -86.84 101.54
C UNK J 3225 -39.20 -87.63 101.19
N UNK J 3226 -38.86 -87.64 99.90
CA UNK J 3226 -37.66 -88.34 99.44
C UNK J 3226 -36.41 -87.53 99.76
N UNK J 3227 -36.55 -86.21 99.75
CA UNK J 3227 -35.43 -85.32 100.04
C UNK J 3227 -35.16 -85.28 101.55
N UNK J 3228 -36.21 -85.49 102.35
CA UNK J 3228 -36.08 -85.50 103.80
C UNK J 3228 -35.50 -86.82 104.28
N UNK J 3229 -35.79 -87.89 103.53
CA UNK J 3229 -35.28 -89.22 103.88
C UNK J 3229 -33.83 -89.37 103.48
N UNK J 3230 -33.44 -88.67 102.41
CA UNK J 3230 -32.06 -88.71 101.92
C UNK J 3230 -31.15 -87.85 102.80
N UNK J 3231 -31.71 -86.81 103.39
CA UNK J 3231 -30.95 -85.91 104.24
C UNK J 3231 -30.94 -86.42 105.68
N UNK J 3269 -28.07 -101.00 107.38
CA UNK J 3269 -27.03 -102.01 107.32
C UNK J 3269 -27.43 -103.14 106.38
N UNK J 3270 -28.08 -104.17 106.93
CA UNK J 3270 -28.52 -105.31 106.13
C UNK J 3270 -29.80 -104.98 105.37
N UNK J 3271 -30.59 -104.07 105.92
CA UNK J 3271 -31.84 -103.66 105.30
C UNK J 3271 -31.57 -102.73 104.12
N UNK J 3272 -30.49 -101.96 104.21
CA UNK J 3272 -30.10 -101.05 103.15
C UNK J 3272 -29.48 -101.81 101.99
N UNK J 3273 -28.81 -102.90 102.31
CA UNK J 3273 -28.16 -103.74 101.29
C UNK J 3273 -29.19 -104.58 100.56
N UNK J 3274 -30.27 -104.94 101.28
CA UNK J 3274 -31.35 -105.73 100.69
C UNK J 3274 -32.22 -104.86 99.81
N UNK J 3275 -32.33 -103.58 100.15
CA UNK J 3275 -33.11 -102.63 99.38
C UNK J 3275 -32.36 -102.22 98.11
N UNK J 3276 -31.04 -102.21 98.20
CA UNK J 3276 -30.20 -101.87 97.07
C UNK J 3276 -30.14 -103.04 96.08
N UNK J 3277 -30.23 -104.25 96.60
CA UNK J 3277 -30.22 -105.45 95.77
C UNK J 3277 -31.56 -105.64 95.08
N UNK J 3278 -32.62 -105.19 95.73
CA UNK J 3278 -33.96 -105.28 95.16
C UNK J 3278 -34.17 -104.21 94.10
N UNK J 3279 -33.50 -103.08 94.27
CA UNK J 3279 -33.58 -101.98 93.30
C UNK J 3279 -32.73 -102.29 92.07
N UNK J 3280 -31.66 -103.04 92.27
CA UNK J 3280 -30.78 -103.43 91.17
C UNK J 3280 -31.42 -104.55 90.35
N UNK J 3281 -32.21 -105.38 91.02
CA UNK J 3281 -32.90 -106.47 90.35
C UNK J 3281 -34.11 -105.95 89.57
N UNK J 3282 -34.69 -104.87 90.05
CA UNK J 3282 -35.84 -104.26 89.39
C UNK J 3282 -35.38 -103.44 88.19
N UNK J 3283 -34.18 -102.89 88.27
CA UNK J 3283 -33.62 -102.10 87.18
C UNK J 3283 -33.10 -103.01 86.07
N UNK J 3284 -32.73 -104.22 86.43
CA UNK J 3284 -32.21 -105.19 85.46
C UNK J 3284 -33.35 -105.82 84.68
N UNK J 3285 -34.54 -105.85 85.28
CA UNK J 3285 -35.72 -106.41 84.63
C UNK J 3285 -36.36 -105.41 83.69
N UNK J 3293 -42.29 -94.06 92.58
CA UNK J 3293 -41.87 -92.89 93.36
C UNK J 3293 -41.05 -93.32 94.57
N UNK J 3294 -41.35 -94.51 95.10
CA UNK J 3294 -40.65 -95.04 96.25
C UNK J 3294 -39.34 -95.70 95.84
N UNK J 3295 -39.24 -96.05 94.56
CA UNK J 3295 -38.03 -96.69 94.04
C UNK J 3295 -36.91 -95.67 93.87
N UNK J 3296 -37.28 -94.43 93.56
CA UNK J 3296 -36.32 -93.36 93.40
C UNK J 3296 -35.81 -92.88 94.77
N UNK J 3297 -36.67 -92.99 95.78
CA UNK J 3297 -36.31 -92.59 97.13
C UNK J 3297 -35.41 -93.64 97.78
N UNK J 3298 -35.62 -94.90 97.40
CA UNK J 3298 -34.83 -96.00 97.92
C UNK J 3298 -33.45 -96.03 97.27
N UNK J 3299 -33.38 -95.58 96.01
CA UNK J 3299 -32.13 -95.54 95.28
C UNK J 3299 -31.28 -94.36 95.74
N UNK J 3300 -31.95 -93.29 96.16
CA UNK J 3300 -31.25 -92.11 96.66
C UNK J 3300 -30.74 -92.34 98.07
N UNK J 3301 -31.45 -93.17 98.82
CA UNK J 3301 -31.05 -93.51 100.19
C UNK J 3301 -29.90 -94.50 100.18
N UNK J 3302 -29.87 -95.36 99.17
CA UNK J 3302 -28.81 -96.34 99.02
C UNK J 3302 -27.53 -95.69 98.52
N UNK J 3303 -27.69 -94.64 97.73
CA UNK J 3303 -26.55 -93.90 97.20
C UNK J 3303 -25.94 -93.01 98.26
N UNK J 3304 -26.78 -92.55 99.19
CA UNK J 3304 -26.33 -91.70 100.29
C UNK J 3304 -25.63 -92.54 101.36
N UNK J 3305 -26.07 -93.78 101.49
CA UNK J 3305 -25.48 -94.71 102.46
C UNK J 3305 -24.14 -95.24 101.95
N UNK J 3306 -24.02 -95.34 100.63
CA UNK J 3306 -22.78 -95.81 100.02
C UNK J 3306 -21.73 -94.71 100.01
N UNK J 3307 -22.18 -93.46 99.93
CA UNK J 3307 -21.30 -92.31 99.92
C UNK J 3307 -20.79 -92.02 101.33
N UNK J 3308 -21.61 -92.35 102.33
CA UNK J 3308 -21.26 -92.13 103.72
C UNK J 3308 -20.31 -93.22 104.22
N UNK J 3309 -20.39 -94.39 103.59
CA UNK J 3309 -19.55 -95.52 103.96
C UNK J 3309 -18.19 -95.42 103.27
N UNK J 3316 -16.46 -100.63 97.64
CA UNK J 3316 -16.21 -99.88 96.42
C UNK J 3316 -16.98 -100.47 95.24
N UNK J 3317 -17.29 -101.76 95.35
CA UNK J 3317 -18.03 -102.46 94.29
C UNK J 3317 -19.52 -102.19 94.41
N UNK J 3318 -19.96 -101.80 95.60
CA UNK J 3318 -21.37 -101.51 95.84
C UNK J 3318 -21.75 -100.16 95.26
N UNK J 3319 -20.79 -99.24 95.22
CA UNK J 3319 -21.02 -97.91 94.66
C UNK J 3319 -21.01 -97.95 93.14
N UNK J 3320 -20.23 -98.88 92.59
CA UNK J 3320 -20.15 -99.05 91.15
C UNK J 3320 -21.38 -99.78 90.62
N UNK J 3321 -21.95 -100.65 91.45
CA UNK J 3321 -23.14 -101.40 91.08
C UNK J 3321 -24.38 -100.52 91.17
N UNK J 3322 -24.34 -99.55 92.09
CA UNK J 3322 -25.44 -98.62 92.27
C UNK J 3322 -25.44 -97.57 91.17
N UNK J 3323 -24.26 -97.25 90.68
CA UNK J 3323 -24.10 -96.27 89.61
C UNK J 3323 -24.48 -96.89 88.27
N UNK J 3324 -24.26 -98.19 88.14
CA UNK J 3324 -24.60 -98.92 86.92
C UNK J 3324 -26.10 -99.17 86.86
N UNK J 3325 -26.72 -99.32 88.02
CA UNK J 3325 -28.16 -99.54 88.10
C UNK J 3325 -28.91 -98.24 87.85
N UNK J 3326 -28.29 -97.13 88.25
CA UNK J 3326 -28.90 -95.81 88.06
C UNK J 3326 -28.77 -95.37 86.60
N UNK J 3327 -27.70 -95.82 85.95
CA UNK J 3327 -27.48 -95.50 84.55
C UNK J 3327 -28.38 -96.35 83.65
N UNK J 3328 -28.69 -97.55 84.11
CA UNK J 3328 -29.55 -98.46 83.36
C UNK J 3328 -31.02 -98.02 83.50
N UNK J 3329 -31.35 -97.44 84.64
CA UNK J 3329 -32.70 -96.97 84.89
C UNK J 3329 -32.96 -95.66 84.15
N UNK J 3330 -31.90 -94.88 83.95
CA UNK J 3330 -32.01 -93.61 83.23
C UNK J 3330 -32.08 -93.85 81.72
N UNK J 3331 -31.45 -94.93 81.28
CA UNK J 3331 -31.43 -95.28 79.86
C UNK J 3331 -32.75 -95.93 79.46
N UNK J 3332 -33.38 -96.62 80.41
CA UNK J 3332 -34.65 -97.29 80.16
C UNK J 3332 -35.80 -96.28 80.17
N UNK J 3333 -35.63 -95.22 80.95
CA UNK J 3333 -36.65 -94.18 81.05
C UNK J 3333 -36.56 -93.22 79.88
N UNK J 3340 -39.69 -83.58 85.98
CA UNK J 3340 -39.89 -84.87 86.62
C UNK J 3340 -38.86 -85.10 87.73
N UNK J 3341 -38.61 -86.37 88.04
CA UNK J 3341 -37.64 -86.72 89.07
C UNK J 3341 -36.31 -87.13 88.45
N UNK J 3342 -35.84 -86.34 87.49
CA UNK J 3342 -34.57 -86.61 86.82
C UNK J 3342 -33.47 -85.72 87.37
N UNK J 3343 -33.86 -84.62 88.01
CA UNK J 3343 -32.90 -83.68 88.58
C UNK J 3343 -32.30 -84.24 89.86
N UNK J 3344 -33.11 -84.96 90.62
CA UNK J 3344 -32.65 -85.56 91.87
C UNK J 3344 -31.81 -86.80 91.60
N UNK J 3345 -32.09 -87.46 90.48
CA UNK J 3345 -31.35 -88.65 90.08
C UNK J 3345 -29.99 -88.28 89.52
N UNK J 3346 -29.92 -87.12 88.86
CA UNK J 3346 -28.67 -86.64 88.29
C UNK J 3346 -27.77 -86.06 89.36
N UNK J 3347 -28.39 -85.52 90.42
CA UNK J 3347 -27.64 -84.95 91.53
C UNK J 3347 -27.06 -86.06 92.41
N UNK J 3348 -27.78 -87.17 92.49
CA UNK J 3348 -27.34 -88.32 93.27
C UNK J 3348 -26.24 -89.09 92.53
N UNK J 3349 -26.30 -89.03 91.20
CA UNK J 3349 -25.31 -89.70 90.37
C UNK J 3349 -24.00 -88.90 90.32
N UNK J 3350 -24.12 -87.58 90.40
CA UNK J 3350 -22.96 -86.69 90.39
C UNK J 3350 -22.26 -86.69 91.74
N UNK J 3351 -23.02 -87.01 92.79
CA UNK J 3351 -22.46 -87.07 94.13
C UNK J 3351 -21.67 -88.36 94.35
N UNK J 3352 -22.00 -89.37 93.55
CA UNK J 3352 -21.32 -90.66 93.64
C UNK J 3352 -20.65 -91.00 92.31
N UNK J 3353 -20.08 -90.00 91.65
CA UNK J 3353 -19.41 -90.19 90.38
C UNK J 3353 -17.90 -90.33 90.58
N UNK J 3354 -17.46 -90.19 91.82
CA UNK J 3354 -16.04 -90.31 92.15
C UNK J 3354 -15.58 -91.76 92.12
N UNK J 3355 -16.40 -92.65 92.66
CA UNK J 3355 -16.09 -94.07 92.70
C UNK J 3355 -16.36 -94.72 91.35
N UNK J 3359 -10.94 -100.24 86.15
CA UNK J 3359 -11.78 -101.42 86.32
C UNK J 3359 -13.26 -101.04 86.26
N UNK J 3360 -13.70 -100.25 87.23
CA UNK J 3360 -15.09 -99.82 87.29
C UNK J 3360 -15.34 -98.67 86.32
N UNK J 3361 -14.28 -97.94 85.98
CA UNK J 3361 -14.38 -96.82 85.06
C UNK J 3361 -14.53 -97.30 83.62
N UNK J 3362 -13.98 -98.48 83.33
CA UNK J 3362 -14.07 -99.05 82.00
C UNK J 3362 -15.46 -99.63 81.76
N UNK J 3363 -16.07 -100.14 82.83
CA UNK J 3363 -17.42 -100.71 82.75
C UNK J 3363 -18.46 -99.61 82.69
N UNK J 3364 -18.13 -98.46 83.29
CA UNK J 3364 -19.04 -97.31 83.29
C UNK J 3364 -19.00 -96.61 81.94
N UNK J 3365 -17.85 -96.65 81.28
CA UNK J 3365 -17.68 -96.03 79.97
C UNK J 3365 -18.33 -96.89 78.89
N UNK J 3366 -18.36 -98.20 79.12
CA UNK J 3366 -18.96 -99.13 78.18
C UNK J 3366 -20.47 -99.11 78.29
N UNK J 3367 -20.97 -98.76 79.48
CA UNK J 3367 -22.41 -98.67 79.71
C UNK J 3367 -22.95 -97.33 79.24
N UNK J 3368 -22.09 -96.32 79.22
CA UNK J 3368 -22.49 -94.98 78.79
C UNK J 3368 -22.31 -94.83 77.28
N UNK J 3369 -21.67 -95.82 76.66
CA UNK J 3369 -21.44 -95.81 75.22
C UNK J 3369 -22.74 -96.15 74.49
N UNK J 3370 -23.59 -96.95 75.13
CA UNK J 3370 -24.87 -97.31 74.55
C UNK J 3370 -25.86 -96.16 74.68
N UNK J 3371 -25.70 -95.37 75.73
CA UNK J 3371 -26.55 -94.21 75.96
C UNK J 3371 -26.15 -93.06 75.05
N UNK J 3372 -24.86 -93.00 74.72
CA UNK J 3372 -24.35 -91.97 73.83
C UNK J 3372 -24.72 -92.28 72.38
N UNK J 3373 -24.82 -93.57 72.07
CA UNK J 3373 -25.20 -94.01 70.73
C UNK J 3373 -26.70 -93.83 70.53
N UNK J 3374 -27.46 -93.95 71.61
CA UNK J 3374 -28.91 -93.77 71.55
C UNK J 3374 -29.26 -92.29 71.46
N UNK J 3375 -28.41 -91.45 72.05
CA UNK J 3375 -28.60 -90.01 72.02
C UNK J 3375 -28.20 -89.45 70.65
N UNK J 3376 -27.23 -90.11 70.02
CA UNK J 3376 -26.77 -89.70 68.69
C UNK J 3376 -27.78 -90.13 67.63
N UNK J 3377 -28.47 -91.24 67.89
CA UNK J 3377 -29.49 -91.74 66.96
C UNK J 3377 -30.76 -90.92 67.08
N UNK J 3378 -31.01 -90.40 68.28
CA UNK J 3378 -32.18 -89.57 68.52
C UNK J 3378 -31.97 -88.17 67.95
N UNK J 3379 -30.71 -87.72 67.94
CA UNK J 3379 -30.36 -86.43 67.39
C UNK J 3379 -30.37 -86.46 65.87
N UNK J 3380 -30.05 -87.63 65.31
CA UNK J 3380 -30.05 -87.81 63.86
C UNK J 3380 -31.48 -87.95 63.35
N UNK J 3381 -32.36 -88.50 64.18
CA UNK J 3381 -33.76 -88.66 63.83
C UNK J 3381 -34.49 -87.33 63.94
N UNK J 3382 -34.03 -86.49 64.85
CA UNK J 3382 -34.63 -85.17 65.05
C UNK J 3382 -34.16 -84.21 63.94
N UNK J 3383 -32.96 -84.44 63.44
CA UNK J 3383 -32.41 -83.61 62.36
C UNK J 3383 -33.04 -83.99 61.03
N UNK J 3384 -33.42 -85.26 60.90
CA UNK J 3384 -34.06 -85.76 59.69
C UNK J 3384 -35.52 -85.33 59.63
N UNK J 3385 -36.11 -85.17 60.81
CA UNK J 3385 -37.51 -84.74 60.91
C UNK J 3385 -37.62 -83.24 60.71
N UNK J 3386 -36.56 -82.51 61.06
CA UNK J 3386 -36.54 -81.07 60.90
C UNK J 3386 -36.19 -80.68 59.46
N UNK J 3387 -35.55 -81.61 58.75
CA UNK J 3387 -35.17 -81.38 57.37
C UNK J 3387 -36.36 -81.55 56.44
N UNK J 3388 -37.34 -82.33 56.89
CA UNK J 3388 -38.55 -82.57 56.10
C UNK J 3388 -39.52 -81.41 56.22
N UNK J 3395 -49.34 -78.04 64.84
CA UNK J 3395 -49.02 -78.94 63.74
C UNK J 3395 -47.92 -79.92 64.14
N UNK J 3396 -47.05 -80.26 63.19
CA UNK J 3396 -45.96 -81.19 63.45
C UNK J 3396 -44.75 -80.46 64.02
N UNK J 3397 -44.76 -79.13 63.93
CA UNK J 3397 -43.66 -78.32 64.43
C UNK J 3397 -43.69 -78.24 65.96
N UNK J 3398 -44.89 -78.29 66.52
CA UNK J 3398 -45.05 -78.24 67.97
C UNK J 3398 -44.67 -79.58 68.60
N UNK J 3399 -44.91 -80.66 67.88
CA UNK J 3399 -44.58 -82.00 68.36
C UNK J 3399 -43.08 -82.25 68.23
N UNK J 3400 -42.47 -81.62 67.24
CA UNK J 3400 -41.03 -81.77 67.02
C UNK J 3400 -40.24 -80.93 68.03
N UNK J 3401 -40.80 -79.80 68.43
CA UNK J 3401 -40.17 -78.93 69.40
C UNK J 3401 -40.27 -79.51 70.80
N UNK J 3402 -41.36 -80.23 71.06
CA UNK J 3402 -41.56 -80.88 72.34
C UNK J 3402 -40.68 -82.12 72.46
N UNK J 3403 -40.42 -82.76 71.33
CA UNK J 3403 -39.56 -83.94 71.29
C UNK J 3403 -38.09 -83.53 71.39
N UNK J 3404 -37.77 -82.36 70.86
CA UNK J 3404 -36.40 -81.85 70.91
C UNK J 3404 -36.07 -81.34 72.30
N UNK J 3405 -37.07 -80.80 72.99
CA UNK J 3405 -36.90 -80.29 74.35
C UNK J 3405 -36.74 -81.43 75.34
N UNK J 3406 -37.41 -82.54 75.05
CA UNK J 3406 -37.31 -83.74 75.89
C UNK J 3406 -35.99 -84.45 75.63
N UNK J 3407 -35.48 -84.30 74.41
CA UNK J 3407 -34.21 -84.91 74.04
C UNK J 3407 -33.04 -84.09 74.57
N UNK J 3408 -33.21 -82.79 74.63
CA UNK J 3408 -32.17 -81.90 75.13
C UNK J 3408 -32.02 -82.01 76.64
N UNK J 3409 -33.13 -82.30 77.31
CA UNK J 3409 -33.11 -82.51 78.76
C UNK J 3409 -32.49 -83.86 79.08
N UNK J 3410 -32.65 -84.81 78.18
CA UNK J 3410 -32.07 -86.14 78.34
C UNK J 3410 -30.59 -86.11 77.99
N UNK J 3411 -30.21 -85.23 77.06
CA UNK J 3411 -28.82 -85.11 76.65
C UNK J 3411 -28.01 -84.32 77.67
N UNK J 3412 -28.66 -83.39 78.36
CA UNK J 3412 -28.01 -82.57 79.36
C UNK J 3412 -27.67 -83.41 80.60
N UNK J 3413 -28.51 -84.40 80.88
CA UNK J 3413 -28.26 -85.32 81.98
C UNK J 3413 -27.23 -86.37 81.55
N UNK J 3414 -27.15 -86.59 80.24
CA UNK J 3414 -26.20 -87.55 79.69
C UNK J 3414 -24.81 -86.93 79.57
N UNK J 3415 -24.76 -85.65 79.20
CA UNK J 3415 -23.50 -84.94 79.07
C UNK J 3415 -22.89 -84.62 80.43
N UNK J 3416 -23.74 -84.50 81.44
CA UNK J 3416 -23.28 -84.27 82.81
C UNK J 3416 -22.64 -85.52 83.37
N UNK J 3417 -23.12 -86.68 82.93
CA UNK J 3417 -22.56 -87.96 83.33
C UNK J 3417 -21.34 -88.29 82.47
N UNK J 3418 -21.31 -87.73 81.27
CA UNK J 3418 -20.21 -87.94 80.35
C UNK J 3418 -19.00 -87.08 80.72
N UNK J 3419 -19.28 -85.87 81.21
CA UNK J 3419 -18.21 -84.95 81.63
C UNK J 3419 -17.56 -85.43 82.92
N UNK J 3420 -18.33 -86.10 83.76
CA UNK J 3420 -17.82 -86.67 85.00
C UNK J 3420 -17.01 -87.92 84.69
N UNK J 3421 -17.35 -88.59 83.59
CA UNK J 3421 -16.65 -89.78 83.16
C UNK J 3421 -15.38 -89.41 82.38
N UNK J 3422 -15.42 -88.28 81.69
CA UNK J 3422 -14.28 -87.81 80.92
C UNK J 3422 -13.22 -87.22 81.83
N UNK J 3423 -13.67 -86.60 82.92
CA UNK J 3423 -12.75 -86.02 83.90
C UNK J 3423 -12.07 -87.11 84.71
N UNK J 3424 -12.78 -88.23 84.88
CA UNK J 3424 -12.22 -89.38 85.59
C UNK J 3424 -11.27 -90.14 84.67
N UNK J 3425 -11.50 -90.05 83.37
CA UNK J 3425 -10.66 -90.72 82.38
C UNK J 3425 -9.41 -89.89 82.09
N UNK J 3426 -9.52 -88.59 82.29
CA UNK J 3426 -8.39 -87.68 82.07
C UNK J 3426 -7.50 -87.62 83.31
N UNK J 3427 -8.02 -88.15 84.43
CA UNK J 3427 -7.26 -88.21 85.67
C UNK J 3427 -6.62 -89.58 85.83
N UNK J 3428 -7.11 -90.55 85.06
CA UNK J 3428 -6.59 -91.91 85.12
C UNK J 3428 -5.76 -92.22 83.88
N UNK J 3429 -6.40 -92.33 82.74
CA UNK J 3429 -5.71 -92.60 81.48
C UNK J 3429 -5.02 -91.35 80.95
N UNK J 3430 -3.89 -90.99 81.56
CA UNK J 3430 -3.14 -89.82 81.16
C UNK J 3430 -1.66 -89.98 81.51
N UNK J 3435 -9.55 -96.13 72.48
CA UNK J 3435 -10.48 -97.24 72.47
C UNK J 3435 -11.90 -96.76 72.75
N UNK J 3436 -12.32 -96.85 74.01
CA UNK J 3436 -13.65 -96.42 74.40
C UNK J 3436 -13.70 -94.90 74.60
N UNK J 3437 -12.53 -94.32 74.88
CA UNK J 3437 -12.44 -92.88 75.08
C UNK J 3437 -12.50 -92.14 73.75
N UNK J 3438 -12.01 -92.79 72.70
CA UNK J 3438 -12.04 -92.21 71.36
C UNK J 3438 -13.44 -92.30 70.76
N UNK J 3439 -14.17 -93.34 71.14
CA UNK J 3439 -15.54 -93.53 70.66
C UNK J 3439 -16.49 -92.58 71.38
N UNK J 3440 -16.17 -92.27 72.63
CA UNK J 3440 -16.99 -91.35 73.42
C UNK J 3440 -16.74 -89.91 72.99
N UNK J 3441 -15.53 -89.64 72.51
CA UNK J 3441 -15.17 -88.32 72.01
C UNK J 3441 -15.76 -88.08 70.63
N UNK J 3442 -15.89 -89.16 69.86
CA UNK J 3442 -16.46 -89.07 68.53
C UNK J 3442 -17.97 -88.92 68.59
N UNK J 3443 -18.57 -89.48 69.64
CA UNK J 3443 -20.02 -89.38 69.84
C UNK J 3443 -20.40 -88.02 70.40
N UNK J 3444 -19.50 -87.44 71.18
CA UNK J 3444 -19.74 -86.12 71.77
C UNK J 3444 -19.54 -85.03 70.74
N UNK J 3445 -18.64 -85.27 69.79
CA UNK J 3445 -18.37 -84.31 68.73
C UNK J 3445 -19.50 -84.34 67.68
N UNK J 3446 -20.10 -85.51 67.52
CA UNK J 3446 -21.21 -85.68 66.59
C UNK J 3446 -22.49 -85.08 67.17
N UNK J 3447 -22.60 -85.12 68.50
CA UNK J 3447 -23.76 -84.57 69.18
C UNK J 3447 -23.67 -83.05 69.24
N UNK J 3448 -22.44 -82.53 69.28
CA UNK J 3448 -22.21 -81.09 69.31
C UNK J 3448 -22.41 -80.49 67.92
N UNK J 3449 -22.11 -81.29 66.89
CA UNK J 3449 -22.28 -80.85 65.52
C UNK J 3449 -23.75 -80.88 65.11
N UNK J 3450 -24.50 -81.80 65.70
CA UNK J 3450 -25.92 -81.93 65.42
C UNK J 3450 -26.71 -80.85 66.14
N UNK J 3451 -26.19 -80.40 67.28
CA UNK J 3451 -26.83 -79.36 68.06
C UNK J 3451 -26.54 -77.99 67.47
N UNK J 3452 -25.42 -77.88 66.77
CA UNK J 3452 -25.02 -76.62 66.15
C UNK J 3452 -25.78 -76.40 64.84
N UNK J 3456 -33.25 -73.96 66.41
CA UNK J 3456 -34.32 -74.90 66.75
C UNK J 3456 -33.97 -75.68 68.01
N UNK J 3457 -32.82 -76.32 68.01
CA UNK J 3457 -32.37 -77.11 69.16
C UNK J 3457 -31.79 -76.20 70.23
N UNK J 3458 -31.28 -75.04 69.83
CA UNK J 3458 -30.70 -74.09 70.76
C UNK J 3458 -31.79 -73.36 71.53
N UNK J 3459 -32.93 -73.15 70.90
CA UNK J 3459 -34.06 -72.48 71.53
C UNK J 3459 -34.77 -73.41 72.50
N UNK J 3460 -34.73 -74.71 72.19
CA UNK J 3460 -35.37 -75.72 73.04
C UNK J 3460 -34.50 -76.00 74.27
N UNK J 3461 -33.18 -75.86 74.10
CA UNK J 3461 -32.25 -76.08 75.19
C UNK J 3461 -32.25 -74.89 76.15
N UNK J 3462 -32.51 -73.71 75.61
CA UNK J 3462 -32.55 -72.49 76.41
C UNK J 3462 -33.86 -72.42 77.19
N UNK J 3463 -34.91 -73.00 76.63
CA UNK J 3463 -36.21 -73.02 77.29
C UNK J 3463 -36.25 -74.07 78.39
N UNK J 3464 -35.48 -75.14 78.20
CA UNK J 3464 -35.41 -76.21 79.17
C UNK J 3464 -34.53 -75.82 80.35
N UNK J 3465 -33.55 -74.96 80.09
CA UNK J 3465 -32.64 -74.49 81.13
C UNK J 3465 -33.28 -73.38 81.95
N UNK J 3466 -34.24 -72.68 81.34
CA UNK J 3466 -34.94 -71.59 82.02
C UNK J 3466 -35.99 -72.14 82.97
N UNK J 3513 -23.10 -74.50 78.75
CA UNK J 3513 -23.70 -75.50 79.62
C UNK J 3513 -22.83 -76.74 79.70
N UNK J 3514 -23.46 -77.90 79.82
CA UNK J 3514 -22.74 -79.17 79.91
C UNK J 3514 -22.35 -79.67 78.52
N UNK J 3515 -23.02 -79.14 77.50
CA UNK J 3515 -22.74 -79.52 76.12
C UNK J 3515 -21.43 -78.89 75.63
N UNK J 3516 -21.12 -77.72 76.18
CA UNK J 3516 -19.89 -77.02 75.81
C UNK J 3516 -18.69 -77.67 76.48
N UNK J 3517 -18.90 -78.22 77.67
CA UNK J 3517 -17.83 -78.89 78.40
C UNK J 3517 -17.58 -80.28 77.83
N UNK J 3518 -18.63 -80.87 77.26
CA UNK J 3518 -18.52 -82.20 76.65
C UNK J 3518 -17.84 -82.10 75.29
N UNK J 3519 -18.04 -80.97 74.62
CA UNK J 3519 -17.42 -80.72 73.32
C UNK J 3519 -15.95 -80.34 73.48
N UNK J 3520 -15.63 -79.71 74.61
CA UNK J 3520 -14.26 -79.32 74.90
C UNK J 3520 -13.43 -80.52 75.32
N UNK J 3521 -14.08 -81.48 75.97
CA UNK J 3521 -13.42 -82.70 76.40
C UNK J 3521 -13.25 -83.65 75.22
N UNK J 3522 -14.14 -83.53 74.25
CA UNK J 3522 -14.07 -84.36 73.05
C UNK J 3522 -12.98 -83.86 72.11
N UNK J 3523 -12.79 -82.54 72.09
CA UNK J 3523 -11.76 -81.92 71.25
C UNK J 3523 -10.38 -82.15 71.84
N UNK J 3524 -10.32 -82.26 73.16
CA UNK J 3524 -9.06 -82.51 73.85
C UNK J 3524 -8.64 -83.97 73.71
N UNK J 3525 -9.63 -84.85 73.58
CA UNK J 3525 -9.36 -86.27 73.42
C UNK J 3525 -9.02 -86.60 71.97
N UNK J 3526 -9.58 -85.81 71.05
CA UNK J 3526 -9.31 -85.99 69.62
C UNK J 3526 -7.93 -85.48 69.26
N UNK J 3527 -7.48 -84.47 69.99
CA UNK J 3527 -6.14 -83.92 69.81
C UNK J 3527 -5.10 -84.83 70.44
N UNK J 3528 -5.55 -85.64 71.39
CA UNK J 3528 -4.68 -86.57 72.10
C UNK J 3528 -4.33 -87.77 71.23
N UNK J 3529 -5.23 -88.12 70.32
CA UNK J 3529 -5.02 -89.26 69.43
C UNK J 3529 -4.56 -88.79 68.05
N UNK J 3534 0.81 -83.09 61.22
CA UNK J 3534 -0.54 -83.27 60.69
C UNK J 3534 -1.41 -82.06 61.00
N UNK J 3535 -0.78 -80.93 61.28
CA UNK J 3535 -1.51 -79.71 61.59
C UNK J 3535 -1.96 -79.00 60.32
N UNK J 3536 -1.21 -79.19 59.25
CA UNK J 3536 -1.54 -78.58 57.96
C UNK J 3536 -2.69 -79.32 57.29
N UNK J 3537 -2.77 -80.63 57.51
CA UNK J 3537 -3.83 -81.45 56.94
C UNK J 3537 -5.12 -81.23 57.71
N UNK J 3538 -5.01 -80.93 59.00
CA UNK J 3538 -6.18 -80.68 59.84
C UNK J 3538 -6.75 -79.30 59.58
N UNK J 3539 -5.88 -78.36 59.20
CA UNK J 3539 -6.30 -77.00 58.89
C UNK J 3539 -6.95 -76.94 57.52
N UNK J 3540 -6.49 -77.80 56.62
CA UNK J 3540 -7.03 -77.88 55.27
C UNK J 3540 -8.39 -78.56 55.27
N UNK J 3541 -8.56 -79.50 56.19
CA UNK J 3541 -9.83 -80.22 56.32
C UNK J 3541 -10.87 -79.36 57.02
N UNK J 3542 -10.40 -78.46 57.87
CA UNK J 3542 -11.29 -77.55 58.58
C UNK J 3542 -11.76 -76.42 57.67
N UNK J 3543 -10.90 -76.04 56.73
CA UNK J 3543 -11.23 -75.00 55.77
C UNK J 3543 -12.17 -75.53 54.69
N UNK J 3544 -12.07 -76.83 54.42
CA UNK J 3544 -12.93 -77.47 53.42
C UNK J 3544 -14.31 -77.75 54.00
N UNK J 3545 -14.35 -77.99 55.32
CA UNK J 3545 -15.61 -78.26 56.00
C UNK J 3545 -16.38 -76.97 56.26
N UNK J 3546 -15.64 -75.86 56.34
CA UNK J 3546 -16.25 -74.56 56.58
C UNK J 3546 -16.88 -74.02 55.30
N UNK J 3547 -16.35 -74.44 54.16
CA UNK J 3547 -16.86 -74.00 52.86
C UNK J 3547 -18.11 -74.79 52.48
N UNK J 3553 -17.92 -84.26 51.54
CA UNK J 3553 -17.08 -83.67 50.50
C UNK J 3553 -15.75 -83.19 51.09
N UNK J 3554 -15.72 -83.04 52.40
CA UNK J 3554 -14.51 -82.59 53.09
C UNK J 3554 -13.52 -83.74 53.26
N UNK J 3555 -14.05 -84.95 53.37
CA UNK J 3555 -13.21 -86.14 53.54
C UNK J 3555 -12.57 -86.54 52.21
N UNK J 3556 -13.25 -86.24 51.11
CA UNK J 3556 -12.74 -86.55 49.79
C UNK J 3556 -11.64 -85.57 49.37
N UNK J 3557 -11.72 -84.35 49.90
CA UNK J 3557 -10.74 -83.32 49.60
C UNK J 3557 -9.50 -83.49 50.48
N UNK J 3558 -9.70 -84.05 51.67
CA UNK J 3558 -8.60 -84.27 52.60
C UNK J 3558 -7.78 -85.50 52.19
N UNK J 3559 -8.44 -86.47 51.57
CA UNK J 3559 -7.79 -87.69 51.13
C UNK J 3559 -7.02 -87.45 49.83
N UNK J 3560 -7.47 -86.45 49.06
CA UNK J 3560 -6.83 -86.12 47.79
C UNK J 3560 -5.56 -85.32 48.02
N UNK J 3569 10.58 -77.44 67.58
CA UNK J 3569 9.40 -77.84 68.35
C UNK J 3569 8.66 -78.98 67.69
N UNK J 3570 8.95 -79.21 66.40
CA UNK J 3570 8.29 -80.25 65.63
C UNK J 3570 8.92 -81.61 65.88
N UNK J 3571 10.21 -81.61 66.20
CA UNK J 3571 10.94 -82.85 66.45
C UNK J 3571 10.59 -83.42 67.82
N UNK J 3572 10.33 -82.54 68.78
CA UNK J 3572 9.96 -82.95 70.13
C UNK J 3572 8.51 -83.40 70.19
N UNK J 3573 7.68 -82.82 69.31
CA UNK J 3573 6.27 -83.17 69.24
C UNK J 3573 6.10 -84.53 68.55
N UNK J 3574 7.00 -84.83 67.64
CA UNK J 3574 6.98 -86.10 66.93
C UNK J 3574 7.54 -87.21 67.81
N UNK J 3575 8.45 -86.85 68.70
CA UNK J 3575 9.05 -87.81 69.62
C UNK J 3575 8.07 -88.14 70.75
N UNK J 3576 7.23 -87.17 71.10
CA UNK J 3576 6.25 -87.37 72.16
C UNK J 3576 5.05 -88.17 71.64
N UNK J 3577 4.78 -88.03 70.34
CA UNK J 3577 3.68 -88.74 69.71
C UNK J 3577 4.07 -90.20 69.43
N UNK J 3578 5.35 -90.43 69.22
CA UNK J 3578 5.86 -91.77 68.95
C UNK J 3578 5.99 -92.56 70.26
N UNK J 3579 6.17 -91.85 71.37
CA UNK J 3579 6.29 -92.48 72.67
C UNK J 3579 4.91 -92.84 73.24
N UNK J 3590 -7.79 -95.20 58.01
CA UNK J 3590 -8.91 -94.61 58.72
C UNK J 3590 -8.47 -93.37 59.49
N UNK J 3591 -7.27 -92.88 59.18
CA UNK J 3591 -6.73 -91.70 59.84
C UNK J 3591 -7.28 -90.43 59.22
N UNK J 3592 -7.76 -90.54 57.99
CA UNK J 3592 -8.32 -89.39 57.27
C UNK J 3592 -9.71 -89.06 57.80
N UNK J 3593 -10.43 -90.07 58.26
CA UNK J 3593 -11.77 -89.88 58.81
C UNK J 3593 -11.68 -89.28 60.21
N UNK J 3594 -10.62 -89.63 60.94
CA UNK J 3594 -10.42 -89.12 62.28
C UNK J 3594 -9.92 -87.68 62.25
N UNK J 3595 -9.17 -87.36 61.20
CA UNK J 3595 -8.65 -86.00 61.03
C UNK J 3595 -9.75 -85.06 60.56
N UNK J 3596 -10.70 -85.60 59.81
CA UNK J 3596 -11.82 -84.80 59.31
C UNK J 3596 -12.84 -84.56 60.42
N UNK J 3597 -12.94 -85.52 61.35
CA UNK J 3597 -13.86 -85.39 62.48
C UNK J 3597 -13.31 -84.43 63.51
N UNK J 3598 -11.98 -84.38 63.63
CA UNK J 3598 -11.32 -83.49 64.56
C UNK J 3598 -11.33 -82.06 64.03
N UNK J 3599 -11.31 -81.92 62.71
CA UNK J 3599 -11.34 -80.61 62.07
C UNK J 3599 -12.75 -80.03 62.11
N UNK J 3600 -13.75 -80.92 62.06
CA UNK J 3600 -15.14 -80.51 62.11
C UNK J 3600 -15.53 -80.12 63.53
N UNK J 3601 -14.90 -80.76 64.51
CA UNK J 3601 -15.14 -80.47 65.91
C UNK J 3601 -14.47 -79.17 66.32
N UNK J 3602 -13.35 -78.88 65.67
CA UNK J 3602 -12.60 -77.64 65.94
C UNK J 3602 -13.28 -76.45 65.27
N UNK J 3603 -13.95 -76.71 64.15
CA UNK J 3603 -14.66 -75.67 63.43
C UNK J 3603 -15.98 -75.35 64.13
N UNK J 3604 -16.56 -76.35 64.78
CA UNK J 3604 -17.80 -76.17 65.52
C UNK J 3604 -17.54 -75.47 66.84
N UNK J 3605 -16.36 -75.69 67.40
CA UNK J 3605 -15.97 -75.05 68.65
C UNK J 3605 -15.58 -73.59 68.41
N UNK J 3606 -15.06 -73.31 67.23
CA UNK J 3606 -14.66 -71.96 66.87
C UNK J 3606 -15.89 -71.13 66.50
N UNK J 3607 -16.91 -71.79 65.97
CA UNK J 3607 -18.15 -71.12 65.60
C UNK J 3607 -19.00 -70.83 66.83
N UNK J 3608 -18.88 -71.69 67.84
CA UNK J 3608 -19.62 -71.52 69.09
C UNK J 3608 -18.97 -70.45 69.96
N UNK J 3609 -17.66 -70.28 69.81
CA UNK J 3609 -16.93 -69.28 70.57
C UNK J 3609 -17.08 -67.91 69.94
N UNK J 3610 -17.36 -67.88 68.64
CA UNK J 3610 -17.54 -66.64 67.91
C UNK J 3610 -18.92 -66.05 68.18
N LEU J 3623 -29.39 -40.12 68.71
CA LEU J 3623 -30.55 -40.82 69.25
C LEU J 3623 -31.83 -40.02 69.05
N LEU J 3624 -32.80 -40.26 69.92
CA LEU J 3624 -34.05 -39.50 69.90
C LEU J 3624 -33.85 -38.14 70.54
N SER J 3625 -34.63 -37.16 70.09
CA SER J 3625 -34.58 -35.81 70.65
C SER J 3625 -35.25 -35.79 72.03
N LYS J 3626 -35.03 -34.68 72.74
CA LYS J 3626 -35.53 -34.57 74.12
C LYS J 3626 -37.03 -34.40 74.17
N GLN J 3627 -37.62 -33.77 73.15
CA GLN J 3627 -39.07 -33.60 73.15
C GLN J 3627 -39.78 -34.85 72.62
N ARG J 3628 -39.10 -35.68 71.82
CA ARG J 3628 -39.75 -36.92 71.38
C ARG J 3628 -39.86 -37.93 72.53
N ARG J 3629 -38.98 -37.84 73.53
CA ARG J 3629 -39.09 -38.77 74.65
C ARG J 3629 -40.19 -38.36 75.63
N ARG J 3630 -40.52 -37.06 75.72
CA ARG J 3630 -41.74 -36.71 76.45
C ARG J 3630 -42.96 -36.89 75.56
N ALA J 3631 -42.75 -37.00 74.24
CA ALA J 3631 -43.87 -37.25 73.32
C ALA J 3631 -44.26 -38.72 73.30
N VAL J 3632 -43.27 -39.61 73.30
CA VAL J 3632 -43.56 -41.04 73.27
C VAL J 3632 -44.10 -41.52 74.61
N VAL J 3633 -43.88 -40.77 75.68
CA VAL J 3633 -44.49 -41.09 76.96
C VAL J 3633 -45.94 -40.60 77.00
N ALA J 3634 -46.20 -39.39 76.51
CA ALA J 3634 -47.55 -38.84 76.55
C ALA J 3634 -48.49 -39.42 75.50
N CYS J 3635 -48.00 -40.31 74.65
CA CYS J 3635 -48.83 -41.01 73.67
C CYS J 3635 -49.84 -41.93 74.34
N PHE J 3636 -49.52 -42.43 75.53
CA PHE J 3636 -50.22 -43.55 76.12
C PHE J 3636 -51.36 -43.08 77.04
N ARG J 3637 -51.22 -41.87 77.59
CA ARG J 3637 -52.26 -41.19 78.34
C ARG J 3637 -53.15 -40.33 77.45
N MET J 3638 -53.20 -40.63 76.15
CA MET J 3638 -54.09 -39.93 75.25
C MET J 3638 -55.54 -40.31 75.55
N THR J 3639 -56.39 -39.30 75.69
CA THR J 3639 -57.78 -39.56 76.03
C THR J 3639 -58.52 -40.11 74.81
N PRO J 3640 -59.45 -41.04 75.00
CA PRO J 3640 -60.28 -41.48 73.88
C PRO J 3640 -61.38 -40.48 73.58
N LEU J 3641 -62.20 -40.79 72.58
CA LEU J 3641 -63.24 -39.85 72.16
C LEU J 3641 -64.46 -39.89 73.05
N TYR J 3642 -64.81 -41.06 73.59
CA TYR J 3642 -66.02 -41.18 74.39
C TYR J 3642 -65.89 -40.53 75.76
N ASN J 3643 -64.66 -40.31 76.25
CA ASN J 3643 -64.46 -39.50 77.44
C ASN J 3643 -64.32 -38.01 77.14
N LEU J 3644 -64.16 -37.64 75.86
CA LEU J 3644 -64.10 -36.23 75.51
C LEU J 3644 -65.50 -35.62 75.51
N PRO J 3645 -65.60 -34.33 75.79
CA PRO J 3645 -66.90 -33.65 75.69
C PRO J 3645 -67.32 -33.51 74.23
N THR J 3646 -68.62 -33.24 74.04
CA THR J 3646 -69.20 -33.31 72.72
C THR J 3646 -68.88 -32.07 71.88
N HIS J 3647 -68.68 -30.91 72.51
CA HIS J 3647 -68.45 -29.69 71.75
C HIS J 3647 -67.04 -29.65 71.17
N ARG J 3648 -66.06 -30.18 71.90
CA ARG J 3648 -64.71 -30.30 71.34
C ARG J 3648 -64.59 -31.48 70.40
N ALA J 3649 -65.45 -32.49 70.58
CA ALA J 3649 -65.50 -33.60 69.63
C ALA J 3649 -66.15 -33.17 68.32
N CYS J 3650 -66.99 -32.14 68.37
CA CYS J 3650 -67.64 -31.65 67.15
C CYS J 3650 -66.71 -30.80 66.30
N ASN J 3651 -65.86 -29.98 66.95
CA ASN J 3651 -64.94 -29.12 66.20
C ASN J 3651 -63.84 -29.94 65.53
N MET J 3652 -63.48 -31.09 66.10
CA MET J 3652 -62.55 -31.99 65.42
C MET J 3652 -63.24 -32.73 64.28
N PHE J 3653 -64.58 -32.73 64.25
CA PHE J 3653 -65.31 -33.37 63.15
C PHE J 3653 -65.46 -32.44 61.95
N LEU J 3654 -65.72 -31.15 62.18
CA LEU J 3654 -65.88 -30.21 61.08
C LEU J 3654 -64.56 -29.98 60.36
N GLU J 3655 -63.45 -30.04 61.09
CA GLU J 3655 -62.14 -29.87 60.45
C GLU J 3655 -61.74 -31.13 59.71
N SER J 3656 -62.17 -32.31 60.18
CA SER J 3656 -61.80 -33.55 59.52
C SER J 3656 -62.68 -33.82 58.30
N TYR J 3657 -63.96 -33.46 58.39
CA TYR J 3657 -64.85 -33.63 57.24
C TYR J 3657 -64.50 -32.64 56.14
N LYS J 3658 -63.90 -31.50 56.49
CA LYS J 3658 -63.48 -30.52 55.51
C LYS J 3658 -62.26 -31.00 54.73
N ALA J 3659 -61.27 -31.56 55.43
CA ALA J 3659 -60.03 -31.94 54.79
C ALA J 3659 -60.12 -33.26 54.03
N ALA J 3660 -61.14 -34.08 54.30
CA ALA J 3660 -61.24 -35.40 53.70
C ALA J 3660 -62.29 -35.48 52.59
N TRP J 3661 -63.28 -34.60 52.63
CA TRP J 3661 -64.40 -34.66 51.68
C TRP J 3661 -64.55 -33.41 50.85
N ILE J 3662 -64.41 -32.22 51.44
CA ILE J 3662 -64.68 -31.00 50.68
C ILE J 3662 -63.46 -30.56 49.89
N LEU J 3663 -62.25 -30.70 50.46
CA LEU J 3663 -61.05 -30.35 49.72
C LEU J 3663 -60.74 -31.34 48.60
N THR J 3664 -61.11 -32.61 48.78
CA THR J 3664 -60.84 -33.63 47.78
C THR J 3664 -61.87 -33.63 46.65
N GLU J 3665 -62.97 -32.91 46.80
CA GLU J 3665 -64.00 -32.88 45.77
C GLU J 3665 -63.59 -31.96 44.63
N ASP J 3666 -63.80 -32.43 43.39
CA ASP J 3666 -63.44 -31.68 42.20
C ASP J 3666 -64.69 -31.27 41.44
N HIS J 3667 -64.67 -30.05 40.90
CA HIS J 3667 -65.76 -29.53 40.09
C HIS J 3667 -65.18 -28.71 38.96
N SER J 3668 -65.89 -28.68 37.83
CA SER J 3668 -65.40 -28.02 36.63
C SER J 3668 -66.28 -26.85 36.25
N PHE J 3669 -66.55 -25.96 37.21
CA PHE J 3669 -67.34 -24.75 36.96
C PHE J 3669 -66.54 -23.67 36.25
N GLU J 3670 -65.25 -23.87 36.03
CA GLU J 3670 -64.42 -22.82 35.44
C GLU J 3670 -64.70 -22.68 33.95
N ASP J 3671 -65.05 -23.79 33.29
CA ASP J 3671 -65.35 -23.73 31.86
C ASP J 3671 -66.72 -23.12 31.63
N ARG J 3672 -67.71 -23.52 32.43
CA ARG J 3672 -69.10 -23.18 32.10
C ARG J 3672 -69.43 -21.73 32.40
N MET J 3673 -68.70 -21.09 33.32
CA MET J 3673 -68.95 -19.68 33.58
C MET J 3673 -68.31 -18.82 32.48
N ILE J 3674 -67.16 -19.22 31.96
CA ILE J 3674 -66.50 -18.37 30.98
C ILE J 3674 -67.20 -18.45 29.63
N ASP J 3675 -67.75 -19.62 29.28
CA ASP J 3675 -68.43 -19.73 27.99
C ASP J 3675 -69.76 -19.00 27.97
N ASP J 3676 -70.42 -18.87 29.12
CA ASP J 3676 -71.73 -18.21 29.12
C ASP J 3676 -71.59 -16.68 29.14
N LEU J 3677 -70.49 -16.18 29.73
CA LEU J 3677 -70.18 -14.75 29.61
C LEU J 3677 -69.60 -14.42 28.24
N SER J 3678 -69.03 -15.40 27.56
CA SER J 3678 -68.48 -15.15 26.22
C SER J 3678 -69.55 -15.24 25.15
N LYS J 3679 -70.54 -16.12 25.29
CA LYS J 3679 -71.68 -16.12 24.38
C LYS J 3679 -72.65 -15.00 24.72
N ALA J 3680 -72.43 -14.30 25.83
CA ALA J 3680 -73.17 -13.11 26.22
C ALA J 3680 -72.76 -11.88 25.42
N GLY J 3681 -71.77 -11.99 24.53
CA GLY J 3681 -71.46 -10.89 23.64
C GLY J 3681 -72.54 -10.63 22.62
N GLU J 3682 -73.30 -11.67 22.27
CA GLU J 3682 -74.37 -11.55 21.28
C GLU J 3682 -75.73 -11.64 21.96
N GLN J 3683 -76.62 -10.73 21.60
CA GLN J 3683 -77.96 -10.67 22.15
C GLN J 3683 -78.88 -9.99 21.14
N GLU J 3684 -80.14 -9.82 21.54
CA GLU J 3684 -81.08 -9.04 20.72
C GLU J 3684 -80.85 -7.55 20.95
N LYS J 3693 -71.61 -2.85 19.19
CA LYS J 3693 -70.19 -2.68 19.47
C LYS J 3693 -69.94 -2.43 20.95
N LYS J 3694 -70.93 -2.70 21.78
CA LYS J 3694 -70.79 -2.49 23.21
C LYS J 3694 -69.94 -3.63 23.82
N PRO J 3695 -69.26 -3.37 24.94
CA PRO J 3695 -68.36 -4.39 25.49
C PRO J 3695 -69.10 -5.60 26.09
N ASP J 3696 -68.53 -6.77 25.81
CA ASP J 3696 -69.00 -8.05 26.31
C ASP J 3696 -68.75 -8.16 27.82
N PRO J 3697 -69.49 -9.03 28.53
CA PRO J 3697 -69.27 -9.16 29.99
C PRO J 3697 -67.91 -9.69 30.37
N LEU J 3698 -67.29 -10.57 29.58
CA LEU J 3698 -65.92 -10.94 29.85
C LEU J 3698 -64.96 -9.81 29.46
N HIS J 3699 -65.35 -9.00 28.48
CA HIS J 3699 -64.56 -7.83 28.13
C HIS J 3699 -64.74 -6.72 29.15
N GLN J 3700 -65.90 -6.67 29.79
CA GLN J 3700 -66.13 -5.68 30.84
C GLN J 3700 -65.30 -5.99 32.08
N LEU J 3701 -65.03 -7.28 32.32
CA LEU J 3701 -64.33 -7.69 33.53
C LEU J 3701 -62.84 -7.38 33.43
N VAL J 3702 -62.25 -7.57 32.24
CA VAL J 3702 -60.81 -7.43 32.11
C VAL J 3702 -60.38 -5.96 32.04
N LEU J 3703 -61.23 -5.08 31.51
CA LEU J 3703 -60.93 -3.65 31.59
C LEU J 3703 -61.18 -3.11 32.98
N HIS J 3704 -62.08 -3.75 33.74
CA HIS J 3704 -62.20 -3.42 35.16
C HIS J 3704 -60.98 -3.88 35.93
N PHE J 3705 -60.42 -5.04 35.54
CA PHE J 3705 -59.14 -5.46 36.12
C PHE J 3705 -57.99 -4.63 35.59
N SER J 3706 -58.14 -4.03 34.40
CA SER J 3706 -57.07 -3.20 33.86
C SER J 3706 -57.07 -1.79 34.44
N ARG J 3707 -58.24 -1.27 34.82
CA ARG J 3707 -58.30 0.10 35.32
C ARG J 3707 -57.84 0.18 36.78
N THR J 3708 -58.08 -0.88 37.55
CA THR J 3708 -57.60 -0.91 38.93
C THR J 3708 -56.11 -1.22 39.04
N ALA J 3709 -55.41 -1.38 37.92
CA ALA J 3709 -53.97 -1.54 37.94
C ALA J 3709 -53.23 -0.24 37.76
N LEU J 3710 -53.79 0.72 37.03
CA LEU J 3710 -53.07 1.92 36.63
C LEU J 3710 -53.36 3.12 37.50
N THR J 3711 -54.07 2.94 38.61
CA THR J 3711 -54.17 3.98 39.62
C THR J 3711 -52.84 4.11 40.35
N GLU J 3712 -52.47 5.34 40.71
CA GLU J 3712 -51.17 5.59 41.32
C GLU J 3712 -51.20 5.19 42.79
N LYS J 3713 -50.43 4.18 43.14
CA LYS J 3713 -50.29 3.76 44.52
C LYS J 3713 -48.91 3.14 44.70
N SER J 3714 -48.40 3.25 45.93
CA SER J 3714 -47.04 2.78 46.21
C SER J 3714 -46.96 1.26 46.11
N LYS J 3715 -48.01 0.56 46.53
CA LYS J 3715 -48.09 -0.89 46.42
C LYS J 3715 -49.47 -1.28 45.91
N LEU J 3716 -49.60 -2.53 45.51
CA LEU J 3716 -50.85 -3.08 45.00
C LEU J 3716 -51.60 -3.77 46.13
N ASP J 3717 -52.90 -3.47 46.26
CA ASP J 3717 -53.71 -4.16 47.25
C ASP J 3717 -53.94 -5.61 46.83
N GLU J 3718 -54.08 -6.48 47.82
CA GLU J 3718 -54.47 -7.85 47.56
C GLU J 3718 -55.98 -7.91 47.36
N ASP J 3719 -56.39 -8.42 46.21
CA ASP J 3719 -57.79 -8.49 45.84
C ASP J 3719 -58.11 -9.98 45.74
N TYR J 3720 -59.02 -10.46 46.59
CA TYR J 3720 -59.43 -11.86 46.52
C TYR J 3720 -60.22 -12.12 45.24
N LEU J 3721 -60.89 -11.10 44.72
CA LEU J 3721 -61.71 -11.29 43.52
C LEU J 3721 -60.85 -11.44 42.27
N TYR J 3722 -59.68 -10.82 42.23
CA TYR J 3722 -58.82 -11.01 41.06
C TYR J 3722 -58.12 -12.36 41.11
N MET J 3723 -57.72 -12.81 42.31
CA MET J 3723 -57.12 -14.14 42.46
C MET J 3723 -58.12 -15.23 42.10
N ALA J 3724 -59.39 -15.00 42.44
CA ALA J 3724 -60.42 -15.99 42.19
C ALA J 3724 -60.85 -16.00 40.73
N TYR J 3725 -60.75 -14.86 40.04
CA TYR J 3725 -61.08 -14.88 38.62
C TYR J 3725 -59.89 -15.28 37.76
N ALA J 3726 -58.66 -15.12 38.25
CA ALA J 3726 -57.50 -15.45 37.42
C ALA J 3726 -57.32 -16.95 37.28
N ASP J 3727 -57.61 -17.72 38.33
CA ASP J 3727 -57.42 -19.16 38.23
C ASP J 3727 -58.61 -19.84 37.54
N ILE J 3728 -59.74 -19.13 37.42
CA ILE J 3728 -60.84 -19.61 36.60
C ILE J 3728 -60.49 -19.49 35.12
N MET J 3729 -59.88 -18.36 34.73
CA MET J 3729 -59.38 -18.21 33.37
C MET J 3729 -58.16 -19.08 33.09
N ALA J 3730 -57.42 -19.47 34.13
CA ALA J 3730 -56.30 -20.36 33.94
C ALA J 3730 -56.75 -21.79 33.69
N LYS J 3731 -57.70 -22.29 34.49
CA LYS J 3731 -58.19 -23.65 34.30
C LYS J 3731 -59.20 -23.76 33.17
N SER J 3732 -59.66 -22.64 32.61
CA SER J 3732 -60.50 -22.72 31.42
C SER J 3732 -59.70 -23.13 30.20
N CYS J 3733 -58.43 -22.78 30.15
CA CYS J 3733 -57.54 -23.21 29.08
C CYS J 3733 -56.65 -24.38 29.46
N HIS J 3734 -56.66 -24.80 30.73
CA HIS J 3734 -55.90 -25.98 31.16
C HIS J 3734 -56.60 -27.28 30.82
N LEU J 3735 -57.80 -27.21 30.21
CA LEU J 3735 -58.52 -28.42 29.80
C LEU J 3735 -57.88 -29.08 28.59
N GLU J 3736 -57.41 -28.30 27.62
CA GLU J 3736 -56.81 -28.83 26.41
C GLU J 3736 -55.31 -28.99 26.51
N GLU J 3737 -54.68 -28.43 27.54
CA GLU J 3737 -53.24 -28.55 27.73
C GLU J 3737 -52.89 -29.76 28.59
N GLU J 3750 -49.58 -44.04 21.51
CA GLU J 3750 -49.64 -43.81 20.07
C GLU J 3750 -50.87 -42.98 19.68
N VAL J 3751 -50.63 -41.71 19.38
CA VAL J 3751 -51.69 -40.77 18.99
C VAL J 3751 -51.52 -40.44 17.51
N SER J 3752 -52.61 -40.00 16.88
CA SER J 3752 -52.65 -39.79 15.44
C SER J 3752 -52.44 -38.32 15.10
N PHE J 3753 -52.59 -37.99 13.82
CA PHE J 3753 -52.34 -36.62 13.36
C PHE J 3753 -53.56 -35.74 13.56
N GLU J 3754 -54.75 -36.24 13.25
CA GLU J 3754 -55.93 -35.39 13.26
C GLU J 3754 -56.32 -35.04 14.69
N GLU J 3755 -56.11 -35.96 15.63
CA GLU J 3755 -56.55 -35.69 17.00
C GLU J 3755 -55.65 -34.70 17.71
N LYS J 3756 -54.35 -34.64 17.39
CA LYS J 3756 -53.48 -33.71 18.12
C LYS J 3756 -53.68 -32.27 17.64
N GLU J 3757 -53.98 -32.09 16.35
CA GLU J 3757 -54.28 -30.75 15.86
C GLU J 3757 -55.68 -30.29 16.25
N MET J 3758 -56.62 -31.21 16.47
CA MET J 3758 -57.91 -30.79 17.01
C MET J 3758 -57.81 -30.51 18.50
N GLU J 3759 -56.83 -31.08 19.19
CA GLU J 3759 -56.53 -30.59 20.54
C GLU J 3759 -55.81 -29.25 20.49
N LYS J 3760 -55.06 -28.98 19.42
CA LYS J 3760 -54.33 -27.72 19.35
C LYS J 3760 -55.24 -26.57 18.97
N GLN J 3761 -56.08 -26.76 17.93
CA GLN J 3761 -57.00 -25.69 17.53
C GLN J 3761 -58.11 -25.49 18.54
N ARG J 3762 -58.36 -26.47 19.41
CA ARG J 3762 -59.22 -26.22 20.56
C ARG J 3762 -58.55 -25.33 21.58
N LEU J 3763 -57.25 -25.55 21.82
CA LEU J 3763 -56.53 -24.77 22.83
C LEU J 3763 -56.30 -23.35 22.36
N LEU J 3764 -56.03 -23.15 21.07
CA LEU J 3764 -55.94 -21.79 20.54
C LEU J 3764 -57.31 -21.15 20.39
N TYR J 3765 -58.39 -21.92 20.53
CA TYR J 3765 -59.72 -21.31 20.59
C TYR J 3765 -60.03 -20.77 21.99
N GLN J 3766 -59.65 -21.51 23.04
CA GLN J 3766 -59.83 -21.01 24.40
C GLN J 3766 -58.88 -19.85 24.69
N GLN J 3767 -57.72 -19.84 24.04
CA GLN J 3767 -56.85 -18.67 24.15
C GLN J 3767 -57.34 -17.53 23.27
N SER J 3768 -58.07 -17.83 22.18
CA SER J 3768 -58.68 -16.77 21.41
C SER J 3768 -59.89 -16.20 22.14
N ARG J 3769 -60.55 -17.00 22.96
CA ARG J 3769 -61.72 -16.53 23.67
C ARG J 3769 -61.35 -15.57 24.80
N LEU J 3770 -60.11 -15.65 25.29
CA LEU J 3770 -59.67 -14.81 26.40
C LEU J 3770 -58.94 -13.54 25.96
N HIS J 3771 -58.08 -13.62 24.94
CA HIS J 3771 -57.10 -12.57 24.67
C HIS J 3771 -57.56 -11.54 23.65
N THR J 3772 -58.63 -11.80 22.89
CA THR J 3772 -59.13 -10.75 22.02
C THR J 3772 -59.92 -9.72 22.80
N ARG J 3773 -60.29 -10.04 24.04
CA ARG J 3773 -60.91 -9.11 24.97
C ARG J 3773 -59.87 -8.21 25.65
N GLY J 3774 -58.59 -8.41 25.37
CA GLY J 3774 -57.55 -7.57 25.93
C GLY J 3774 -56.96 -8.08 27.23
N ALA J 3775 -56.91 -9.41 27.38
CA ALA J 3775 -56.32 -9.99 28.58
C ALA J 3775 -54.80 -10.07 28.52
N ALA J 3776 -54.23 -9.94 27.31
CA ALA J 3776 -52.78 -10.02 27.16
C ALA J 3776 -52.09 -8.78 27.72
N GLU J 3777 -52.76 -7.62 27.64
CA GLU J 3777 -52.21 -6.42 28.25
C GLU J 3777 -52.57 -6.32 29.72
N MET J 3778 -53.62 -7.04 30.14
CA MET J 3778 -54.07 -6.99 31.53
C MET J 3778 -53.06 -7.66 32.46
N VAL J 3779 -52.46 -8.76 32.00
CA VAL J 3779 -51.45 -9.45 32.80
C VAL J 3779 -50.16 -8.64 32.86
N LEU J 3780 -49.82 -7.92 31.79
CA LEU J 3780 -48.56 -7.17 31.80
C LEU J 3780 -48.68 -5.86 32.58
N GLN J 3781 -49.90 -5.35 32.78
CA GLN J 3781 -50.04 -4.14 33.58
C GLN J 3781 -49.83 -4.42 35.06
N MET J 3782 -50.08 -5.66 35.48
CA MET J 3782 -50.16 -5.96 36.89
C MET J 3782 -48.88 -6.63 37.38
N ILE J 3783 -48.05 -7.15 36.45
CA ILE J 3783 -46.63 -7.37 36.75
C ILE J 3783 -45.90 -6.03 36.77
N SER J 3784 -46.36 -5.07 35.96
CA SER J 3784 -45.74 -3.75 35.95
C SER J 3784 -46.06 -2.98 37.22
N ALA J 3785 -47.28 -3.13 37.73
CA ALA J 3785 -47.70 -2.44 38.94
C ALA J 3785 -47.39 -3.23 40.21
N CYS J 3786 -46.73 -4.38 40.11
CA CYS J 3786 -46.43 -5.14 41.32
C CYS J 3786 -45.16 -4.62 41.99
N LYS J 3787 -44.17 -4.21 41.19
CA LYS J 3787 -42.94 -3.53 41.64
C LYS J 3787 -42.11 -4.38 42.59
N GLY J 3788 -41.97 -5.68 42.27
CA GLY J 3788 -41.04 -6.52 43.00
C GLY J 3788 -41.54 -7.14 44.28
N GLU J 3789 -42.84 -7.16 44.52
CA GLU J 3789 -43.40 -7.80 45.71
C GLU J 3789 -43.93 -9.18 45.32
N THR J 3790 -43.29 -10.23 45.81
CA THR J 3790 -43.67 -11.59 45.44
C THR J 3790 -44.82 -12.14 46.30
N GLY J 3791 -45.96 -11.44 46.28
CA GLY J 3791 -47.11 -11.85 47.05
C GLY J 3791 -47.86 -13.01 46.43
N ALA J 3792 -49.10 -13.20 46.91
CA ALA J 3792 -49.93 -14.28 46.40
C ALA J 3792 -50.52 -13.96 45.04
N MET J 3793 -50.45 -12.70 44.58
CA MET J 3793 -51.11 -12.29 43.35
C MET J 3793 -50.29 -12.58 42.10
N VAL J 3794 -48.95 -12.60 42.21
CA VAL J 3794 -48.14 -12.95 41.04
C VAL J 3794 -48.20 -14.44 40.75
N SER J 3795 -48.56 -15.25 41.75
CA SER J 3795 -48.80 -16.66 41.48
C SER J 3795 -50.08 -16.85 40.67
N SER J 3796 -51.02 -15.92 40.78
CA SER J 3796 -52.31 -16.04 40.11
C SER J 3796 -52.32 -15.44 38.71
N THR J 3797 -51.54 -14.37 38.49
CA THR J 3797 -51.55 -13.71 37.19
C THR J 3797 -50.55 -14.37 36.23
N LEU J 3798 -49.46 -14.94 36.76
CA LEU J 3798 -48.46 -15.54 35.90
C LEU J 3798 -48.84 -16.96 35.49
N LYS J 3799 -49.62 -17.66 36.33
CA LYS J 3799 -50.23 -18.90 35.85
C LYS J 3799 -51.30 -18.61 34.80
N LEU J 3800 -51.94 -17.45 34.88
CA LEU J 3800 -52.79 -17.00 33.79
C LEU J 3800 -51.95 -16.58 32.58
N GLY J 3801 -50.75 -16.04 32.84
CA GLY J 3801 -49.91 -15.56 31.75
C GLY J 3801 -49.35 -16.68 30.89
N ILE J 3802 -49.18 -17.86 31.48
CA ILE J 3802 -48.71 -19.02 30.73
C ILE J 3802 -49.85 -19.66 29.94
N SER J 3803 -51.01 -19.83 30.58
CA SER J 3803 -52.14 -20.51 29.94
C SER J 3803 -52.71 -19.72 28.76
N ILE J 3804 -52.47 -18.42 28.71
CA ILE J 3804 -52.78 -17.62 27.52
C ILE J 3804 -51.69 -17.80 26.47
N LEU J 3805 -50.44 -17.92 26.91
CA LEU J 3805 -49.29 -18.03 26.02
C LEU J 3805 -48.86 -19.47 25.79
N ASN J 3806 -49.74 -20.43 26.06
CA ASN J 3806 -49.35 -21.83 26.04
C ASN J 3806 -49.31 -22.37 24.61
N GLY J 3807 -48.25 -23.12 24.29
CA GLY J 3807 -48.12 -23.75 23.01
C GLY J 3807 -47.39 -22.96 21.95
N GLY J 3808 -46.86 -21.79 22.27
CA GLY J 3808 -46.18 -20.98 21.29
C GLY J 3808 -47.13 -20.24 20.37
N ASN J 3809 -48.16 -19.64 20.93
CA ASN J 3809 -49.13 -18.85 20.19
C ASN J 3809 -48.50 -17.52 19.78
N ALA J 3810 -48.83 -17.06 18.57
CA ALA J 3810 -48.14 -15.92 17.97
C ALA J 3810 -48.92 -14.61 18.05
N GLU J 3811 -50.25 -14.63 17.99
CA GLU J 3811 -50.99 -13.37 18.04
C GLU J 3811 -51.04 -12.82 19.47
N VAL J 3812 -50.83 -13.67 20.47
CA VAL J 3812 -50.79 -13.17 21.85
C VAL J 3812 -49.46 -12.48 22.13
N GLN J 3813 -48.39 -12.88 21.43
CA GLN J 3813 -47.08 -12.32 21.70
C GLN J 3813 -46.90 -10.98 21.01
N GLN J 3814 -47.38 -10.87 19.77
CA GLN J 3814 -47.29 -9.61 19.05
C GLN J 3814 -48.25 -8.57 19.63
N LYS J 3815 -49.35 -9.01 20.26
CA LYS J 3815 -50.18 -8.07 21.02
C LYS J 3815 -49.50 -7.62 22.30
N MET J 3816 -48.56 -8.42 22.82
CA MET J 3816 -47.80 -7.97 23.97
C MET J 3816 -46.65 -7.07 23.57
N LEU J 3817 -46.09 -7.27 22.38
CA LEU J 3817 -44.88 -6.54 22.02
C LEU J 3817 -45.18 -5.11 21.58
N ASP J 3818 -46.27 -4.90 20.82
CA ASP J 3818 -46.60 -3.54 20.40
C ASP J 3818 -47.08 -2.71 21.59
N TYR J 3819 -47.66 -3.37 22.59
CA TYR J 3819 -48.14 -2.67 23.78
C TYR J 3819 -46.99 -2.10 24.59
N LEU J 3820 -45.90 -2.86 24.73
CA LEU J 3820 -44.73 -2.32 25.42
C LEU J 3820 -43.90 -1.39 24.53
N LYS J 3821 -44.27 -1.24 23.24
CA LYS J 3821 -43.56 -0.29 22.39
C LYS J 3821 -44.35 1.00 22.17
N ASP J 3822 -45.68 1.00 22.26
CA ASP J 3822 -46.36 2.29 22.18
C ASP J 3822 -46.37 2.99 23.54
N LYS J 3823 -46.31 2.23 24.63
CA LYS J 3823 -46.27 2.79 25.97
C LYS J 3823 -44.88 3.33 26.30
N LYS J 3824 -43.86 2.49 26.11
CA LYS J 3824 -42.45 2.80 26.42
C LYS J 3824 -42.29 3.20 27.90
N GLU J 3825 -42.93 2.44 28.77
CA GLU J 3825 -42.93 2.69 30.20
C GLU J 3825 -42.06 1.64 30.87
N VAL J 3826 -40.98 2.08 31.52
CA VAL J 3826 -40.10 1.16 32.21
C VAL J 3826 -40.72 0.78 33.55
N GLY J 3827 -40.65 -0.49 33.90
CA GLY J 3827 -41.29 -0.97 35.12
C GLY J 3827 -41.86 -2.37 34.98
N PHE J 3828 -41.96 -2.85 33.74
CA PHE J 3828 -42.29 -4.25 33.48
C PHE J 3828 -41.05 -5.12 33.50
N PHE J 3829 -39.93 -4.59 33.01
CA PHE J 3829 -38.68 -5.33 32.92
C PHE J 3829 -37.87 -5.24 34.20
N GLN J 3830 -37.99 -4.14 34.94
CA GLN J 3830 -37.32 -4.05 36.24
C GLN J 3830 -38.05 -4.91 37.27
N SER J 3831 -39.33 -5.18 37.05
CA SER J 3831 -40.07 -6.01 38.00
C SER J 3831 -39.72 -7.48 37.85
N ILE J 3832 -39.45 -7.93 36.61
CA ILE J 3832 -38.95 -9.30 36.41
C ILE J 3832 -37.55 -9.43 37.02
N GLN J 3833 -36.77 -8.36 37.00
CA GLN J 3833 -35.44 -8.39 37.60
C GLN J 3833 -35.50 -8.47 39.13
N ALA J 3834 -36.45 -7.78 39.75
CA ALA J 3834 -36.57 -7.85 41.21
C ALA J 3834 -37.25 -9.14 41.64
N LEU J 3835 -38.14 -9.67 40.79
CA LEU J 3835 -38.73 -10.98 41.03
C LEU J 3835 -37.73 -12.11 40.84
N MET J 3836 -36.65 -11.89 40.09
CA MET J 3836 -35.66 -12.95 39.86
C MET J 3836 -34.65 -13.08 41.00
N GLN J 3837 -34.26 -11.97 41.61
CA GLN J 3837 -33.22 -12.04 42.63
C GLN J 3837 -33.78 -12.39 44.00
N THR J 3838 -35.08 -12.24 44.20
CA THR J 3838 -35.73 -12.71 45.43
C THR J 3838 -36.37 -14.08 45.23
N CYS J 3839 -35.54 -15.03 44.79
CA CYS J 3839 -35.90 -16.45 44.75
C CYS J 3839 -34.94 -17.22 45.64
N SER J 3840 -35.47 -18.25 46.30
CA SER J 3840 -34.69 -19.07 47.20
C SER J 3840 -33.97 -20.19 46.47
N VAL J 3841 -32.84 -20.62 47.04
CA VAL J 3841 -32.04 -21.72 46.53
C VAL J 3841 -31.84 -22.71 47.67
N LEU J 3842 -31.04 -23.76 47.45
CA LEU J 3842 -30.74 -24.73 48.51
C LEU J 3842 -29.84 -24.07 49.55
N ASP J 3843 -30.43 -23.57 50.63
CA ASP J 3843 -29.65 -23.05 51.74
C ASP J 3843 -29.17 -24.19 52.63
N LEU J 3844 -28.02 -23.99 53.25
CA LEU J 3844 -27.44 -24.95 54.18
C LEU J 3844 -27.40 -24.40 55.61
N ASN J 3845 -28.24 -23.42 55.91
CA ASN J 3845 -28.44 -22.90 57.26
C ASN J 3845 -29.80 -23.27 57.81
N ALA J 3846 -30.86 -23.13 57.00
CA ALA J 3846 -32.20 -23.52 57.41
C ALA J 3846 -32.49 -25.00 57.15
N PHE J 3847 -31.55 -25.73 56.54
CA PHE J 3847 -31.78 -27.15 56.28
C PHE J 3847 -31.61 -27.98 57.55
N GLU J 3848 -30.63 -27.63 58.39
CA GLU J 3848 -30.48 -28.34 59.66
C GLU J 3848 -31.52 -27.87 60.66
N ARG J 3849 -32.07 -26.67 60.48
CA ARG J 3849 -33.20 -26.24 61.30
C ARG J 3849 -34.44 -27.07 60.98
N GLN J 3850 -34.59 -27.47 59.72
CA GLN J 3850 -35.71 -28.33 59.31
C GLN J 3850 -35.50 -29.76 59.77
N ASN J 3851 -34.24 -30.22 59.80
CA ASN J 3851 -33.96 -31.59 60.19
C ASN J 3851 -34.13 -31.78 61.69
N LYS J 3852 -33.85 -30.73 62.47
CA LYS J 3852 -34.02 -30.81 63.91
C LYS J 3852 -35.50 -30.70 64.30
N ALA J 3853 -36.25 -29.89 63.57
CA ALA J 3853 -37.67 -29.70 63.87
C ALA J 3853 -38.53 -30.85 63.35
N GLU J 3854 -38.02 -31.65 62.41
CA GLU J 3854 -38.77 -32.80 61.91
C GLU J 3854 -38.77 -33.97 62.89
N GLY J 3855 -37.84 -33.99 63.85
CA GLY J 3855 -37.79 -35.07 64.82
C GLY J 3855 -38.89 -35.02 65.85
N LEU J 3856 -39.59 -33.90 65.99
CA LEU J 3856 -40.72 -33.80 66.91
C LEU J 3856 -41.97 -34.32 66.21
N GLY J 3857 -42.24 -35.61 66.41
CA GLY J 3857 -43.35 -36.25 65.68
C GLY J 3857 -44.71 -35.82 66.19
N MET J 3858 -44.84 -35.57 67.49
CA MET J 3858 -46.12 -35.20 68.07
C MET J 3858 -45.87 -34.28 69.25
N VAL J 3859 -46.56 -33.16 69.30
CA VAL J 3859 -46.41 -32.24 70.42
C VAL J 3859 -47.39 -32.62 71.53
N ASN J 3860 -46.99 -32.39 72.78
CA ASN J 3860 -47.71 -32.84 73.97
C ASN J 3860 -49.07 -32.14 74.11
N GLU J 3861 -49.87 -32.69 75.04
CA GLU J 3861 -51.25 -32.25 75.35
C GLU J 3861 -52.16 -32.36 74.13
N ASP J 3862 -52.15 -33.53 73.50
CA ASP J 3862 -53.06 -33.93 72.41
C ASP J 3862 -52.97 -32.97 71.22
N GLY J 3863 -51.75 -32.86 70.70
CA GLY J 3863 -51.49 -31.99 69.57
C GLY J 3863 -50.79 -32.69 68.42
N THR J 3864 -51.41 -32.65 67.25
CA THR J 3864 -50.72 -33.08 66.03
C THR J 3864 -50.01 -31.89 65.41
N VAL J 3865 -48.75 -32.09 65.01
CA VAL J 3865 -47.94 -30.99 64.51
C VAL J 3865 -48.40 -30.61 63.11
N ILE J 3866 -48.68 -29.32 62.92
CA ILE J 3866 -49.18 -28.80 61.65
C ILE J 3866 -47.97 -28.67 60.73
N ASN J 3867 -47.68 -29.74 60.00
CA ASN J 3867 -46.55 -29.76 59.08
C ASN J 3867 -46.81 -28.91 57.85
N ARG J 3868 -48.07 -28.68 57.51
CA ARG J 3868 -48.42 -27.86 56.35
C ARG J 3868 -48.32 -26.37 56.65
N GLN J 3869 -48.30 -25.97 57.92
CA GLN J 3869 -48.21 -24.54 58.25
C GLN J 3869 -46.82 -24.00 57.96
N ASN J 3870 -45.79 -24.63 58.51
CA ASN J 3870 -44.42 -24.24 58.20
C ASN J 3870 -44.00 -24.76 56.82
N GLY J 3871 -44.33 -26.00 56.49
CA GLY J 3871 -43.95 -26.54 55.20
C GLY J 3871 -42.46 -26.87 55.15
N GLU J 3872 -41.85 -26.60 54.01
CA GLU J 3872 -40.43 -26.79 53.81
C GLU J 3872 -39.74 -25.44 53.84
N LYS J 3873 -38.80 -25.27 54.78
CA LYS J 3873 -38.12 -23.98 54.91
C LYS J 3873 -37.16 -23.73 53.76
N VAL J 3874 -36.47 -24.76 53.28
CA VAL J 3874 -35.55 -24.61 52.17
C VAL J 3874 -36.26 -24.89 50.86
N MET J 3875 -36.08 -23.95 49.92
CA MET J 3875 -36.77 -23.91 48.62
C MET J 3875 -38.29 -23.91 48.77
N ALA J 3876 -38.79 -23.00 49.62
CA ALA J 3876 -40.22 -22.78 49.74
C ALA J 3876 -40.81 -22.02 48.55
N ASP J 3877 -39.98 -21.25 47.85
CA ASP J 3877 -40.42 -20.41 46.73
C ASP J 3877 -40.10 -21.11 45.42
N ASP J 3878 -40.21 -22.44 45.41
CA ASP J 3878 -39.74 -23.24 44.28
C ASP J 3878 -40.70 -23.19 43.09
N GLU J 3879 -42.00 -23.13 43.37
CA GLU J 3879 -43.00 -23.22 42.32
C GLU J 3879 -43.01 -21.94 41.49
N PHE J 3880 -42.91 -20.79 42.18
CA PHE J 3880 -43.03 -19.50 41.52
C PHE J 3880 -41.78 -19.18 40.70
N THR J 3881 -40.61 -19.59 41.18
CA THR J 3881 -39.38 -19.35 40.41
C THR J 3881 -39.25 -20.34 39.25
N GLN J 3882 -40.08 -21.37 39.21
CA GLN J 3882 -40.23 -22.15 37.99
C GLN J 3882 -41.41 -21.63 37.17
N ASP J 3883 -42.41 -21.06 37.84
CA ASP J 3883 -43.56 -20.47 37.17
C ASP J 3883 -43.17 -19.17 36.45
N LEU J 3884 -42.18 -18.46 36.98
CA LEU J 3884 -41.67 -17.27 36.32
C LEU J 3884 -40.79 -17.62 35.13
N PHE J 3885 -39.97 -18.67 35.25
CA PHE J 3885 -39.04 -19.01 34.18
C PHE J 3885 -39.74 -19.76 33.05
N ARG J 3886 -40.87 -20.41 33.35
CA ARG J 3886 -41.67 -21.02 32.29
C ARG J 3886 -42.41 -19.94 31.49
N PHE J 3887 -42.78 -18.83 32.16
CA PHE J 3887 -43.37 -17.71 31.45
C PHE J 3887 -42.34 -17.04 30.54
N LEU J 3888 -41.08 -16.99 30.98
CA LEU J 3888 -40.04 -16.37 30.16
C LEU J 3888 -39.56 -17.31 29.07
N GLN J 3889 -39.78 -18.62 29.23
CA GLN J 3889 -39.44 -19.55 28.16
C GLN J 3889 -40.47 -19.48 27.04
N LEU J 3890 -41.76 -19.46 27.40
CA LEU J 3890 -42.83 -19.49 26.40
C LEU J 3890 -43.01 -18.13 25.71
N LEU J 3891 -42.36 -17.09 26.20
CA LEU J 3891 -42.40 -15.80 25.51
C LEU J 3891 -41.63 -15.86 24.20
N CYS J 3892 -40.58 -16.67 24.13
CA CYS J 3892 -39.76 -16.82 22.94
C CYS J 3892 -39.75 -18.27 22.47
N GLU J 3893 -40.90 -18.94 22.56
CA GLU J 3893 -41.02 -20.34 22.17
C GLU J 3893 -41.19 -20.52 20.66
N GLY J 3894 -41.86 -19.59 19.99
CA GLY J 3894 -42.05 -19.71 18.55
C GLY J 3894 -40.91 -19.15 17.71
N HIS J 3895 -39.71 -19.07 18.31
CA HIS J 3895 -38.47 -18.62 17.67
C HIS J 3895 -38.61 -17.20 17.11
N ASN J 3896 -39.28 -16.32 17.85
CA ASN J 3896 -39.50 -14.96 17.40
C ASN J 3896 -38.26 -14.13 17.73
N ASN J 3897 -37.65 -13.54 16.70
CA ASN J 3897 -36.32 -12.96 16.88
C ASN J 3897 -36.38 -11.60 17.57
N ASP J 3898 -37.48 -10.86 17.40
CA ASP J 3898 -37.53 -9.49 17.92
C ASP J 3898 -37.72 -9.46 19.43
N PHE J 3899 -38.16 -10.57 20.04
CA PHE J 3899 -38.24 -10.64 21.49
C PHE J 3899 -36.87 -10.78 22.14
N GLN J 3900 -36.00 -11.64 21.60
CA GLN J 3900 -34.70 -11.83 22.24
C GLN J 3900 -33.76 -10.67 21.96
N ASN J 3901 -34.06 -9.83 20.98
CA ASN J 3901 -33.36 -8.56 20.88
C ASN J 3901 -33.96 -7.52 21.81
N TYR J 3902 -35.26 -7.62 22.10
CA TYR J 3902 -35.89 -6.67 23.01
C TYR J 3902 -35.56 -6.96 24.46
N LEU J 3903 -35.51 -8.25 24.83
CA LEU J 3903 -35.18 -8.63 26.20
C LEU J 3903 -33.71 -8.40 26.50
N ARG J 3904 -32.87 -8.35 25.45
CA ARG J 3904 -31.44 -8.12 25.62
C ARG J 3904 -31.10 -6.65 25.71
N THR J 3905 -31.68 -5.83 24.85
CA THR J 3905 -31.41 -4.39 24.86
C THR J 3905 -32.68 -3.65 24.47
N GLN J 3906 -33.19 -2.85 25.40
CA GLN J 3906 -34.42 -2.07 25.18
C GLN J 3906 -34.01 -0.71 24.65
N THR J 3907 -33.91 -0.59 23.33
CA THR J 3907 -33.48 0.67 22.73
C THR J 3907 -34.58 1.72 22.70
N GLY J 3908 -35.84 1.32 22.90
CA GLY J 3908 -36.92 2.27 22.97
C GLY J 3908 -37.03 2.92 24.34
N ASN J 3909 -36.81 2.14 25.39
CA ASN J 3909 -36.79 2.67 26.74
C ASN J 3909 -35.43 3.30 27.05
N THR J 3910 -35.39 4.06 28.14
CA THR J 3910 -34.17 4.78 28.50
C THR J 3910 -33.19 3.89 29.26
N THR J 3911 -33.67 2.87 29.96
CA THR J 3911 -32.82 1.98 30.74
C THR J 3911 -33.03 0.54 30.30
N THR J 3912 -31.94 -0.10 29.87
CA THR J 3912 -31.95 -1.51 29.50
C THR J 3912 -31.68 -2.37 30.72
N ILE J 3913 -32.34 -3.52 30.80
CA ILE J 3913 -32.30 -4.39 31.95
C ILE J 3913 -31.53 -5.68 31.67
N ASN J 3914 -31.76 -6.28 30.49
CA ASN J 3914 -31.08 -7.47 29.98
C ASN J 3914 -31.28 -8.63 30.93
N ILE J 3915 -32.52 -9.15 30.96
CA ILE J 3915 -32.93 -10.33 31.72
C ILE J 3915 -31.98 -11.52 31.54
N ILE J 3916 -31.38 -11.65 30.35
CA ILE J 3916 -30.55 -12.81 30.00
C ILE J 3916 -29.28 -12.87 30.85
N ILE J 3917 -28.75 -11.71 31.26
CA ILE J 3917 -27.62 -11.70 32.19
C ILE J 3917 -28.08 -12.08 33.59
N CYS J 3918 -29.24 -11.59 34.01
CA CYS J 3918 -29.77 -11.93 35.32
C CYS J 3918 -30.30 -13.37 35.36
N THR J 3919 -30.54 -13.95 34.18
CA THR J 3919 -30.79 -15.39 34.10
C THR J 3919 -29.54 -16.18 34.45
N VAL J 3920 -28.39 -15.74 33.94
CA VAL J 3920 -27.13 -16.39 34.25
C VAL J 3920 -26.71 -16.08 35.69
N ASP J 3921 -27.10 -14.90 36.19
CA ASP J 3921 -26.77 -14.55 37.58
C ASP J 3921 -27.54 -15.42 38.57
N TYR J 3922 -28.78 -15.79 38.25
CA TYR J 3922 -29.54 -16.65 39.14
C TYR J 3922 -29.08 -18.10 39.05
N LEU J 3923 -28.70 -18.54 37.85
CA LEU J 3923 -28.26 -19.92 37.68
C LEU J 3923 -26.84 -20.13 38.22
N LEU J 3924 -26.01 -19.10 38.17
CA LEU J 3924 -24.72 -19.14 38.86
C LEU J 3924 -24.91 -19.17 40.37
N ARG J 3925 -25.92 -18.46 40.87
CA ARG J 3925 -26.31 -18.59 42.27
C ARG J 3925 -26.86 -19.98 42.54
N LEU J 3926 -27.54 -20.57 41.57
CA LEU J 3926 -28.08 -21.90 41.73
C LEU J 3926 -26.99 -22.96 41.56
N GLN J 3927 -25.94 -22.66 40.79
CA GLN J 3927 -24.84 -23.60 40.66
C GLN J 3927 -24.08 -23.75 41.98
N GLU J 3928 -23.78 -22.63 42.65
CA GLU J 3928 -22.97 -22.72 43.86
C GLU J 3928 -23.76 -23.26 45.04
N SER J 3929 -25.09 -23.31 44.94
CA SER J 3929 -25.90 -23.79 46.06
C SER J 3929 -26.03 -25.32 46.03
N ILE J 3930 -26.34 -25.88 44.86
CA ILE J 3930 -26.31 -27.33 44.63
C ILE J 3930 -24.90 -27.90 44.69
N SER J 3931 -23.87 -27.11 44.36
CA SER J 3931 -22.51 -27.63 44.51
C SER J 3931 -22.11 -27.69 45.98
N ASP J 3932 -22.51 -26.68 46.75
CA ASP J 3932 -22.25 -26.72 48.19
C ASP J 3932 -23.18 -27.72 48.89
N PHE J 3933 -24.34 -27.99 48.31
CA PHE J 3933 -25.20 -29.05 48.83
C PHE J 3933 -24.57 -30.42 48.58
N TYR J 3934 -23.78 -30.55 47.53
CA TYR J 3934 -23.05 -31.79 47.29
C TYR J 3934 -21.88 -31.93 48.26
N TRP J 3935 -21.18 -30.82 48.55
CA TRP J 3935 -20.02 -30.88 49.45
C TRP J 3935 -20.44 -31.14 50.89
N TYR J 3936 -21.67 -30.78 51.25
CA TYR J 3936 -22.17 -31.14 52.57
C TYR J 3936 -22.49 -32.62 52.67
N TYR J 3937 -22.98 -33.22 51.59
CA TYR J 3937 -23.31 -34.64 51.54
C TYR J 3937 -22.22 -35.49 50.90
N SER J 3938 -21.00 -34.94 50.79
CA SER J 3938 -19.91 -35.71 50.19
C SER J 3938 -19.34 -36.74 51.14
N GLY J 3939 -19.51 -36.56 52.45
CA GLY J 3939 -18.98 -37.50 53.42
C GLY J 3939 -19.95 -38.59 53.81
N LYS J 3940 -21.25 -38.31 53.71
CA LYS J 3940 -22.25 -39.31 54.04
C LYS J 3940 -22.38 -40.33 52.92
N ASP J 3941 -22.74 -41.56 53.29
CA ASP J 3941 -22.84 -42.63 52.30
C ASP J 3941 -24.17 -42.57 51.55
N VAL J 3942 -25.28 -42.69 52.27
CA VAL J 3942 -26.59 -42.72 51.65
C VAL J 3942 -27.28 -41.37 51.87
N ILE J 3943 -28.30 -41.11 51.07
CA ILE J 3943 -29.13 -39.91 51.19
C ILE J 3943 -30.52 -40.35 51.64
N GLU J 3944 -31.07 -39.63 52.62
CA GLU J 3944 -32.41 -39.93 53.08
C GLU J 3944 -33.45 -39.30 52.16
N GLU J 3945 -34.73 -39.52 52.49
CA GLU J 3945 -35.83 -39.01 51.66
C GLU J 3945 -35.95 -37.49 51.74
N GLN J 3946 -35.34 -36.87 52.74
CA GLN J 3946 -35.34 -35.41 52.83
C GLN J 3946 -34.38 -34.78 51.83
N GLY J 3947 -33.22 -35.42 51.61
CA GLY J 3947 -32.23 -34.83 50.73
C GLY J 3947 -32.56 -35.02 49.26
N LYS J 3948 -33.09 -36.19 48.89
CA LYS J 3948 -33.46 -36.42 47.49
C LYS J 3948 -34.74 -35.68 47.14
N ARG J 3949 -35.52 -35.28 48.15
CA ARG J 3949 -36.63 -34.37 47.91
C ARG J 3949 -36.12 -33.00 47.48
N ASN J 3950 -35.13 -32.48 48.20
CA ASN J 3950 -34.67 -31.11 47.97
C ASN J 3950 -33.78 -31.03 46.75
N PHE J 3951 -33.16 -32.15 46.37
CA PHE J 3951 -32.26 -32.15 45.22
C PHE J 3951 -33.05 -32.24 43.92
N SER J 3952 -34.14 -33.01 43.91
CA SER J 3952 -35.00 -33.07 42.73
C SER J 3952 -35.82 -31.80 42.60
N LYS J 3953 -36.06 -31.11 43.73
CA LYS J 3953 -36.67 -29.78 43.70
C LYS J 3953 -35.73 -28.77 43.06
N ALA J 3954 -34.43 -28.88 43.34
CA ALA J 3954 -33.48 -27.91 42.80
C ALA J 3954 -33.09 -28.25 41.38
N MET J 3955 -33.14 -29.53 41.01
CA MET J 3955 -32.75 -29.89 39.65
C MET J 3955 -33.88 -29.64 38.65
N SER J 3956 -35.13 -29.63 39.12
CA SER J 3956 -36.24 -29.39 38.21
C SER J 3956 -36.33 -27.91 37.83
N VAL J 3957 -36.06 -27.02 38.78
CA VAL J 3957 -35.99 -25.60 38.47
C VAL J 3957 -34.73 -25.29 37.66
N ALA J 3958 -33.67 -26.08 37.88
CA ALA J 3958 -32.45 -25.91 37.09
C ALA J 3958 -32.66 -26.34 35.64
N LYS J 3959 -33.59 -27.26 35.40
CA LYS J 3959 -33.92 -27.66 34.04
C LYS J 3959 -34.83 -26.62 33.38
N GLN J 3960 -35.67 -25.95 34.17
CA GLN J 3960 -36.56 -24.93 33.63
C GLN J 3960 -35.79 -23.70 33.17
N VAL J 3961 -34.77 -23.30 33.93
CA VAL J 3961 -33.91 -22.20 33.49
C VAL J 3961 -32.98 -22.66 32.37
N PHE J 3962 -32.67 -23.96 32.33
CA PHE J 3962 -32.00 -24.51 31.15
C PHE J 3962 -32.91 -24.47 29.93
N ASN J 3963 -34.21 -24.72 30.11
CA ASN J 3963 -35.15 -24.56 29.01
C ASN J 3963 -35.43 -23.09 28.73
N SER J 3964 -35.31 -22.24 29.74
CA SER J 3964 -35.49 -20.81 29.52
C SER J 3964 -34.32 -20.23 28.75
N LEU J 3965 -33.13 -20.80 28.92
CA LEU J 3965 -31.94 -20.25 28.28
C LEU J 3965 -31.79 -20.74 26.84
N THR J 3966 -32.22 -21.97 26.54
CA THR J 3966 -32.01 -22.50 25.19
C THR J 3966 -32.98 -21.88 24.21
N GLU J 3967 -34.21 -21.58 24.64
CA GLU J 3967 -35.18 -20.95 23.76
C GLU J 3967 -34.84 -19.50 23.50
N TYR J 3968 -34.03 -18.88 24.38
CA TYR J 3968 -33.47 -17.57 24.09
C TYR J 3968 -32.44 -17.63 22.96
N ILE J 3969 -31.79 -18.77 22.77
CA ILE J 3969 -30.70 -18.88 21.81
C ILE J 3969 -31.01 -19.89 20.70
N GLN J 3970 -32.21 -20.49 20.70
CA GLN J 3970 -32.54 -21.43 19.63
C GLN J 3970 -32.89 -20.70 18.34
N GLY J 3971 -33.43 -19.50 18.44
CA GLY J 3971 -33.62 -18.65 17.28
C GLY J 3971 -32.28 -18.24 16.73
N PRO J 3972 -32.19 -18.00 15.42
CA PRO J 3972 -30.90 -17.62 14.82
C PRO J 3972 -30.50 -16.18 15.16
N CYS J 3973 -30.13 -15.96 16.41
CA CYS J 3973 -29.80 -14.64 16.92
C CYS J 3973 -28.33 -14.59 17.28
N THR J 3974 -27.59 -13.68 16.64
CA THR J 3974 -26.20 -13.48 16.98
C THR J 3974 -26.03 -12.70 18.28
N GLY J 3975 -27.08 -11.98 18.71
CA GLY J 3975 -26.95 -11.10 19.86
C GLY J 3975 -26.84 -11.84 21.19
N ASN J 3976 -27.66 -12.88 21.37
CA ASN J 3976 -27.62 -13.62 22.63
C ASN J 3976 -26.40 -14.52 22.73
N GLN J 3977 -25.92 -15.04 21.59
CA GLN J 3977 -24.82 -16.00 21.65
C GLN J 3977 -23.50 -15.29 21.94
N GLN J 3978 -23.38 -14.01 21.58
CA GLN J 3978 -22.24 -13.24 22.04
C GLN J 3978 -22.45 -12.74 23.47
N SER J 3979 -23.70 -12.61 23.89
CA SER J 3979 -23.97 -12.21 25.26
C SER J 3979 -23.71 -13.36 26.22
N LEU J 3980 -24.06 -14.59 25.82
CA LEU J 3980 -23.75 -15.75 26.66
C LEU J 3980 -22.27 -16.08 26.61
N ALA J 3981 -21.58 -15.71 25.53
CA ALA J 3981 -20.15 -15.97 25.45
C ALA J 3981 -19.34 -14.95 26.25
N HIS J 3982 -19.85 -13.72 26.38
CA HIS J 3982 -19.17 -12.69 27.16
C HIS J 3982 -19.63 -12.64 28.61
N SER J 3983 -20.57 -13.49 29.01
CA SER J 3983 -21.01 -13.56 30.40
C SER J 3983 -20.19 -14.61 31.14
N ARG J 3984 -20.58 -14.91 32.38
CA ARG J 3984 -19.92 -15.94 33.18
C ARG J 3984 -20.69 -17.26 33.15
N LEU J 3985 -21.24 -17.61 31.98
CA LEU J 3985 -21.91 -18.89 31.79
C LEU J 3985 -20.93 -20.06 31.84
N TRP J 3986 -19.67 -19.82 31.45
CA TRP J 3986 -18.70 -20.90 31.32
C TRP J 3986 -18.29 -21.47 32.68
N ASP J 3987 -18.12 -20.60 33.69
CA ASP J 3987 -17.81 -21.11 35.02
C ASP J 3987 -19.04 -21.73 35.68
N ALA J 3988 -20.23 -21.41 35.17
CA ALA J 3988 -21.42 -22.12 35.63
C ALA J 3988 -21.46 -23.52 35.04
N VAL J 3989 -21.21 -23.65 33.74
CA VAL J 3989 -21.30 -24.95 33.06
C VAL J 3989 -20.16 -25.86 33.51
N VAL J 3990 -18.98 -25.28 33.78
CA VAL J 3990 -17.86 -26.03 34.35
C VAL J 3990 -18.23 -26.56 35.73
N GLY J 3991 -18.87 -25.73 36.54
CA GLY J 3991 -19.28 -26.18 37.87
C GLY J 3991 -20.44 -27.16 37.83
N PHE J 3992 -21.32 -27.02 36.84
CA PHE J 3992 -22.37 -28.03 36.65
C PHE J 3992 -21.80 -29.33 36.12
N LEU J 3993 -20.74 -29.27 35.32
CA LEU J 3993 -20.08 -30.49 34.88
C LEU J 3993 -19.30 -31.14 36.03
N HIS J 3994 -18.92 -30.35 37.04
CA HIS J 3994 -18.21 -30.90 38.19
C HIS J 3994 -19.15 -31.65 39.11
N VAL J 3995 -20.35 -31.11 39.35
CA VAL J 3995 -21.26 -31.76 40.28
C VAL J 3995 -21.94 -32.95 39.60
N PHE J 3996 -22.03 -32.94 38.27
CA PHE J 3996 -22.65 -34.07 37.58
C PHE J 3996 -21.71 -35.26 37.54
N ALA J 3997 -20.40 -35.00 37.35
CA ALA J 3997 -19.45 -36.10 37.20
C ALA J 3997 -19.23 -36.84 38.51
N HIS J 3998 -19.43 -36.18 39.64
CA HIS J 3998 -19.15 -36.81 40.92
C HIS J 3998 -20.40 -37.47 41.51
N MET J 3999 -21.59 -36.93 41.23
CA MET J 3999 -22.80 -37.51 41.79
C MET J 3999 -23.19 -38.81 41.08
N MET J 4000 -22.91 -38.91 39.78
CA MET J 4000 -23.25 -40.13 39.06
C MET J 4000 -22.33 -41.29 39.43
N MET J 4001 -21.11 -41.00 39.85
CA MET J 4001 -20.32 -42.04 40.51
C MET J 4001 -20.56 -42.13 42.01
N LYS J 4002 -21.41 -41.27 42.57
CA LYS J 4002 -21.79 -41.50 43.97
C LYS J 4002 -23.16 -42.19 44.04
N LEU J 4003 -24.10 -41.80 43.18
CA LEU J 4003 -25.44 -42.37 43.16
C LEU J 4003 -25.52 -43.73 42.46
N ALA J 4004 -24.43 -44.19 41.84
CA ALA J 4004 -24.45 -45.50 41.19
C ALA J 4004 -24.15 -46.65 42.15
N GLN J 4005 -23.87 -46.36 43.42
CA GLN J 4005 -23.50 -47.40 44.38
C GLN J 4005 -24.67 -47.86 45.23
N ASP J 4006 -25.91 -47.68 44.74
CA ASP J 4006 -27.09 -48.14 45.47
C ASP J 4006 -28.24 -48.27 44.48
N SER J 4007 -29.21 -49.12 44.83
CA SER J 4007 -30.35 -49.40 43.97
C SER J 4007 -31.60 -48.62 44.37
N SER J 4008 -31.60 -47.97 45.53
CA SER J 4008 -32.69 -47.06 45.90
C SER J 4008 -32.46 -45.66 45.38
N GLN J 4009 -31.29 -45.39 44.81
CA GLN J 4009 -30.91 -44.09 44.29
C GLN J 4009 -31.08 -44.02 42.77
N ILE J 4010 -32.03 -44.79 42.24
CA ILE J 4010 -32.27 -44.81 40.80
C ILE J 4010 -33.10 -43.61 40.35
N GLU J 4011 -34.04 -43.12 41.18
CA GLU J 4011 -34.92 -42.03 40.75
C GLU J 4011 -34.17 -40.71 40.62
N LEU J 4012 -33.15 -40.50 41.47
CA LEU J 4012 -32.39 -39.26 41.40
C LEU J 4012 -31.43 -39.28 40.23
N LEU J 4013 -30.98 -40.46 39.82
CA LEU J 4013 -29.95 -40.54 38.79
C LEU J 4013 -30.55 -40.42 37.39
N LYS J 4014 -31.77 -40.92 37.19
CA LYS J 4014 -32.49 -40.65 35.95
C LYS J 4014 -32.86 -39.19 35.83
N GLU J 4015 -33.25 -38.56 36.95
CA GLU J 4015 -33.58 -37.14 36.91
C GLU J 4015 -32.34 -36.28 36.66
N LEU J 4016 -31.17 -36.79 37.03
CA LEU J 4016 -29.94 -36.07 36.73
C LEU J 4016 -29.51 -36.31 35.29
N LEU J 4017 -29.73 -37.52 34.76
CA LEU J 4017 -29.35 -37.81 33.37
C LEU J 4017 -30.26 -37.09 32.39
N ASP J 4018 -31.50 -36.79 32.80
CA ASP J 4018 -32.35 -35.92 31.99
C ASP J 4018 -31.94 -34.47 32.14
N LEU J 4019 -31.28 -34.12 33.24
CA LEU J 4019 -30.84 -32.74 33.42
C LEU J 4019 -29.61 -32.42 32.59
N GLN J 4020 -28.62 -33.33 32.54
CA GLN J 4020 -27.48 -33.09 31.67
C GLN J 4020 -27.85 -33.35 30.21
N LYS J 4021 -28.96 -34.06 29.98
CA LYS J 4021 -29.58 -34.05 28.65
C LYS J 4021 -30.02 -32.64 28.27
N ASP J 4022 -30.56 -31.88 29.22
CA ASP J 4022 -31.08 -30.56 28.90
C ASP J 4022 -29.97 -29.53 28.71
N MET J 4023 -28.80 -29.77 29.30
CA MET J 4023 -27.71 -28.80 29.19
C MET J 4023 -26.94 -28.98 27.88
N VAL J 4024 -26.75 -30.22 27.44
CA VAL J 4024 -26.01 -30.43 26.21
C VAL J 4024 -26.83 -30.02 24.98
N VAL J 4025 -28.16 -30.09 25.04
CA VAL J 4025 -28.96 -29.52 23.96
C VAL J 4025 -28.95 -27.99 24.08
N MET J 4026 -28.82 -27.47 25.30
CA MET J 4026 -28.53 -26.05 25.49
C MET J 4026 -27.16 -25.70 24.95
N LEU J 4027 -26.19 -26.61 25.09
CA LEU J 4027 -24.86 -26.36 24.52
C LEU J 4027 -24.86 -26.56 23.01
N LEU J 4028 -25.74 -27.43 22.50
CA LEU J 4028 -25.83 -27.62 21.05
C LEU J 4028 -26.60 -26.49 20.39
N SER J 4029 -27.55 -25.88 21.11
CA SER J 4029 -28.28 -24.75 20.55
C SER J 4029 -27.45 -23.48 20.59
N LEU J 4030 -26.35 -23.48 21.36
CA LEU J 4030 -25.43 -22.35 21.32
C LEU J 4030 -24.52 -22.41 20.09
N LEU J 4031 -24.31 -23.61 19.54
CA LEU J 4031 -23.39 -23.83 18.42
C LEU J 4031 -24.09 -23.76 17.06
N GLU J 4032 -25.31 -23.23 17.00
CA GLU J 4032 -26.03 -23.18 15.73
C GLU J 4032 -25.57 -21.99 14.89
N GLY J 4033 -25.40 -22.23 13.60
CA GLY J 4033 -24.89 -21.20 12.69
C GLY J 4033 -23.45 -20.85 12.95
N ASN J 4034 -22.62 -21.84 13.28
CA ASN J 4034 -21.25 -21.60 13.70
C ASN J 4034 -20.32 -21.72 12.50
N VAL J 4035 -19.46 -20.71 12.32
CA VAL J 4035 -18.50 -20.68 11.22
C VAL J 4035 -17.33 -21.61 11.54
N VAL J 4036 -16.70 -22.16 10.48
CA VAL J 4036 -15.65 -23.18 10.59
C VAL J 4036 -14.44 -22.70 11.39
N ASN J 4037 -14.24 -21.39 11.54
CA ASN J 4037 -13.35 -20.86 12.58
C ASN J 4037 -14.03 -19.68 13.25
N GLY J 4038 -14.81 -19.98 14.28
CA GLY J 4038 -15.49 -18.97 15.05
C GLY J 4038 -15.10 -19.06 16.51
N MET J 4039 -15.41 -17.98 17.24
CA MET J 4039 -14.98 -17.87 18.62
C MET J 4039 -15.87 -18.63 19.59
N ILE J 4040 -17.08 -19.01 19.19
CA ILE J 4040 -17.97 -19.76 20.08
C ILE J 4040 -17.41 -21.16 20.31
N ALA J 4041 -16.89 -21.78 19.25
CA ALA J 4041 -16.34 -23.12 19.37
C ALA J 4041 -15.02 -23.13 20.12
N ARG J 4042 -14.24 -22.05 20.02
CA ARG J 4042 -12.96 -22.01 20.74
C ARG J 4042 -13.15 -21.65 22.20
N GLN J 4043 -14.16 -20.85 22.53
CA GLN J 4043 -14.48 -20.65 23.94
C GLN J 4043 -15.28 -21.82 24.51
N MET J 4044 -15.79 -22.70 23.65
CA MET J 4044 -16.38 -23.94 24.16
C MET J 4044 -15.31 -24.96 24.52
N VAL J 4045 -14.22 -25.02 23.74
CA VAL J 4045 -13.22 -26.07 23.97
C VAL J 4045 -12.25 -25.67 25.08
N ASP J 4046 -12.00 -24.36 25.27
CA ASP J 4046 -11.11 -23.99 26.39
C ASP J 4046 -11.85 -24.11 27.71
N MET J 4047 -13.17 -24.02 27.67
CA MET J 4047 -14.02 -24.39 28.81
C MET J 4047 -13.88 -25.88 29.11
N LEU J 4048 -13.68 -26.70 28.07
CA LEU J 4048 -13.51 -28.13 28.27
C LEU J 4048 -12.10 -28.48 28.77
N VAL J 4049 -11.08 -27.69 28.41
CA VAL J 4049 -9.74 -27.99 28.92
C VAL J 4049 -9.45 -27.25 30.22
N GLU J 4050 -10.26 -26.25 30.58
CA GLU J 4050 -10.28 -25.73 31.95
C GLU J 4050 -10.91 -26.72 32.91
N SER J 4051 -11.73 -27.61 32.38
CA SER J 4051 -12.52 -28.59 33.11
C SER J 4051 -12.26 -29.98 32.54
N SER J 4052 -10.99 -30.36 32.47
CA SER J 4052 -10.62 -31.65 31.90
C SER J 4052 -10.95 -32.80 32.84
N SER J 4053 -10.88 -32.56 34.14
CA SER J 4053 -10.91 -33.65 35.12
C SER J 4053 -12.28 -34.30 35.18
N ASN J 4054 -13.34 -33.51 35.07
CA ASN J 4054 -14.69 -34.03 35.27
C ASN J 4054 -15.31 -34.55 33.97
N VAL J 4055 -14.95 -33.96 32.82
CA VAL J 4055 -15.55 -34.43 31.56
C VAL J 4055 -14.84 -35.71 31.10
N GLU J 4056 -13.61 -35.94 31.56
CA GLU J 4056 -13.04 -37.28 31.38
C GLU J 4056 -13.71 -38.30 32.29
N MET J 4057 -14.23 -37.87 33.44
CA MET J 4057 -14.97 -38.80 34.29
C MET J 4057 -16.37 -39.05 33.75
N ILE J 4058 -16.93 -38.14 32.96
CA ILE J 4058 -18.26 -38.41 32.38
C ILE J 4058 -18.13 -39.31 31.16
N LEU J 4059 -17.02 -39.20 30.42
CA LEU J 4059 -16.84 -40.04 29.23
C LEU J 4059 -16.24 -41.39 29.58
N LYS J 4060 -15.56 -41.49 30.73
CA LYS J 4060 -15.16 -42.81 31.20
C LYS J 4060 -16.36 -43.54 31.81
N PHE J 4061 -17.31 -42.78 32.37
CA PHE J 4061 -18.57 -43.35 32.87
C PHE J 4061 -19.36 -43.97 31.71
N PHE J 4062 -19.47 -43.25 30.60
CA PHE J 4062 -20.30 -43.70 29.50
C PHE J 4062 -19.58 -44.80 28.71
N ASP J 4063 -18.28 -44.97 28.95
CA ASP J 4063 -17.52 -46.02 28.26
C ASP J 4063 -17.61 -47.35 29.00
N MET J 4064 -17.39 -47.34 30.32
CA MET J 4064 -17.31 -48.61 31.07
C MET J 4064 -18.67 -49.27 31.22
N PHE J 4065 -19.75 -48.50 31.14
CA PHE J 4065 -21.07 -49.10 31.30
C PHE J 4065 -21.70 -49.44 29.95
N LEU J 4066 -21.12 -48.96 28.85
CA LEU J 4066 -21.53 -49.39 27.51
C LEU J 4066 -20.68 -50.55 27.01
N LYS J 4067 -19.41 -50.63 27.41
CA LYS J 4067 -18.55 -51.73 27.03
C LYS J 4067 -18.94 -53.05 27.68
N LEU J 4068 -19.61 -53.01 28.84
CA LEU J 4068 -19.83 -54.23 29.61
C LEU J 4068 -20.83 -55.15 28.92
N LYS J 4069 -21.82 -54.58 28.21
CA LYS J 4069 -22.75 -55.42 27.45
C LYS J 4069 -22.07 -56.01 26.23
N ASP J 4070 -21.03 -55.36 25.71
CA ASP J 4070 -20.17 -56.01 24.73
C ASP J 4070 -19.21 -56.98 25.40
N ILE J 4071 -18.90 -56.75 26.67
CA ILE J 4071 -18.02 -57.66 27.42
C ILE J 4071 -18.78 -58.90 27.87
N VAL J 4072 -19.98 -58.70 28.45
CA VAL J 4072 -20.79 -59.84 28.90
C VAL J 4072 -21.41 -60.58 27.72
N GLY J 4073 -21.42 -59.97 26.54
CA GLY J 4073 -21.87 -60.63 25.33
C GLY J 4073 -20.87 -61.56 24.68
N SER J 4074 -19.67 -61.69 25.27
CA SER J 4074 -18.66 -62.59 24.72
C SER J 4074 -18.97 -64.04 25.08
N GLU J 4075 -18.45 -64.95 24.25
CA GLU J 4075 -18.65 -66.38 24.48
C GLU J 4075 -17.78 -66.89 25.62
N ALA J 4076 -16.72 -66.17 25.97
CA ALA J 4076 -15.81 -66.64 27.01
C ALA J 4076 -16.39 -66.46 28.40
N PHE J 4077 -16.99 -65.29 28.68
CA PHE J 4077 -17.41 -64.99 30.04
C PHE J 4077 -18.75 -65.63 30.38
N GLN J 4078 -19.54 -66.03 29.37
CA GLN J 4078 -20.67 -66.91 29.66
C GLN J 4078 -20.24 -68.37 29.77
N ASP J 4079 -19.04 -68.71 29.30
CA ASP J 4079 -18.52 -70.05 29.52
C ASP J 4079 -17.79 -70.18 30.85
N TYR J 4080 -17.41 -69.06 31.47
CA TYR J 4080 -16.76 -69.08 32.77
C TYR J 4080 -17.75 -69.28 33.91
N VAL J 4081 -19.03 -69.05 33.68
CA VAL J 4081 -20.07 -69.26 34.68
C VAL J 4081 -20.79 -70.58 34.36
N THR J 4082 -21.01 -71.39 35.40
CA THR J 4082 -21.70 -72.67 35.24
C THR J 4082 -22.88 -72.82 36.17
N ASP J 4083 -23.33 -71.74 36.80
CA ASP J 4083 -24.51 -71.82 37.66
C ASP J 4083 -25.77 -71.95 36.80
N PRO J 4084 -26.67 -72.88 37.10
CA PRO J 4084 -27.91 -72.98 36.30
C PRO J 4084 -28.87 -71.83 36.55
N ARG J 4085 -28.86 -71.27 37.77
CA ARG J 4085 -29.75 -70.19 38.12
C ARG J 4085 -29.30 -68.86 37.52
N GLY J 4086 -28.01 -68.70 37.25
CA GLY J 4086 -27.49 -67.52 36.60
C GLY J 4086 -26.90 -66.46 37.51
N LEU J 4087 -26.89 -66.69 38.81
CA LEU J 4087 -26.38 -65.72 39.79
C LEU J 4087 -24.88 -65.99 39.98
N ILE J 4088 -24.04 -65.22 39.31
CA ILE J 4088 -22.60 -65.49 39.34
C ILE J 4088 -21.98 -64.85 40.58
N SER J 4089 -20.90 -65.47 41.05
CA SER J 4089 -20.19 -64.97 42.22
C SER J 4089 -19.37 -63.73 41.87
N LYS J 4090 -18.82 -63.07 42.90
CA LYS J 4090 -18.14 -61.80 42.65
C LYS J 4090 -16.66 -61.99 42.33
N LYS J 4091 -16.03 -63.04 42.89
CA LYS J 4091 -14.59 -63.23 42.69
C LYS J 4091 -14.29 -63.79 41.31
N ASP J 4092 -15.18 -64.63 40.78
CA ASP J 4092 -14.93 -65.27 39.49
C ASP J 4092 -15.08 -64.29 38.34
N PHE J 4093 -16.06 -63.39 38.44
CA PHE J 4093 -16.27 -62.38 37.42
C PHE J 4093 -15.22 -61.28 37.51
N GLN J 4094 -14.61 -61.10 38.68
CA GLN J 4094 -13.56 -60.11 38.83
C GLN J 4094 -12.27 -60.58 38.16
N LYS J 4095 -11.94 -61.87 38.30
CA LYS J 4095 -10.76 -62.40 37.64
C LYS J 4095 -11.01 -62.58 36.14
N ALA J 4096 -12.28 -62.70 35.74
CA ALA J 4096 -12.59 -62.85 34.32
C ALA J 4096 -12.39 -61.53 33.59
N MET J 4097 -12.89 -60.43 34.15
CA MET J 4097 -12.74 -59.13 33.53
C MET J 4097 -11.31 -58.60 33.66
N ASP J 4098 -10.53 -59.15 34.60
CA ASP J 4098 -9.12 -58.81 34.68
C ASP J 4098 -8.30 -59.55 33.63
N SER J 4099 -8.83 -60.63 33.07
CA SER J 4099 -8.11 -61.34 32.01
C SER J 4099 -8.13 -60.56 30.71
N GLN J 4100 -9.19 -59.80 30.45
CA GLN J 4100 -9.28 -58.96 29.26
C GLN J 4100 -8.56 -57.64 29.50
N LYS J 4101 -7.92 -57.13 28.45
CA LYS J 4101 -7.17 -55.88 28.53
C LYS J 4101 -8.01 -54.64 28.30
N GLN J 4102 -9.32 -54.79 28.11
CA GLN J 4102 -10.18 -53.63 27.87
C GLN J 4102 -10.52 -52.88 29.16
N PHE J 4103 -10.51 -53.57 30.30
CA PHE J 4103 -10.84 -52.97 31.59
C PHE J 4103 -9.62 -53.05 32.51
N THR J 4104 -9.54 -52.08 33.43
CA THR J 4104 -8.37 -51.91 34.27
C THR J 4104 -8.62 -52.38 35.69
N GLY J 4105 -7.58 -52.26 36.51
CA GLY J 4105 -7.59 -52.67 37.90
C GLY J 4105 -8.59 -51.92 38.77
N PRO J 4106 -8.43 -50.60 38.91
CA PRO J 4106 -9.41 -49.83 39.71
C PRO J 4106 -10.79 -49.73 39.08
N GLU J 4107 -10.94 -50.09 37.80
CA GLU J 4107 -12.26 -50.04 37.17
C GLU J 4107 -13.17 -51.15 37.69
N ILE J 4108 -12.63 -52.34 37.93
CA ILE J 4108 -13.51 -53.48 38.18
C ILE J 4108 -14.07 -53.46 39.60
N GLN J 4109 -13.27 -53.03 40.60
CA GLN J 4109 -13.82 -52.92 41.95
C GLN J 4109 -14.74 -51.71 42.08
N PHE J 4110 -14.67 -50.77 41.14
CA PHE J 4110 -15.71 -49.75 41.05
C PHE J 4110 -17.01 -50.33 40.52
N LEU J 4111 -16.92 -51.24 39.55
CA LEU J 4111 -18.13 -51.83 38.96
C LEU J 4111 -18.76 -52.87 39.88
N LEU J 4112 -17.97 -53.59 40.69
CA LEU J 4112 -18.57 -54.48 41.67
C LEU J 4112 -19.07 -53.71 42.89
N SER J 4113 -18.51 -52.54 43.18
CA SER J 4113 -19.10 -51.71 44.23
C SER J 4113 -20.40 -51.07 43.78
N CYS J 4114 -20.54 -50.83 42.48
CA CYS J 4114 -21.79 -50.30 41.93
C CYS J 4114 -22.85 -51.39 41.80
N SER J 4115 -22.43 -52.65 41.68
CA SER J 4115 -23.36 -53.74 41.51
C SER J 4115 -24.01 -54.13 42.84
N GLU J 4116 -25.05 -54.94 42.75
CA GLU J 4116 -25.67 -55.52 43.93
C GLU J 4116 -24.76 -56.60 44.49
N ALA J 4117 -24.43 -56.50 45.78
CA ALA J 4117 -23.54 -57.48 46.39
C ALA J 4117 -24.24 -58.82 46.59
N ASP J 4118 -25.30 -58.83 47.42
CA ASP J 4118 -26.13 -60.00 47.73
C ASP J 4118 -25.29 -61.17 48.26
N GLU J 4119 -24.64 -60.91 49.40
CA GLU J 4119 -23.71 -61.85 50.07
C GLU J 4119 -22.57 -62.29 49.16
N ASN J 4120 -22.12 -61.38 48.28
CA ASN J 4120 -20.96 -61.56 47.38
C ASN J 4120 -21.07 -62.79 46.48
N GLU J 4121 -22.29 -63.22 46.15
CA GLU J 4121 -22.49 -64.41 45.34
C GLU J 4121 -23.51 -64.21 44.24
N MET J 4122 -24.17 -63.04 44.17
CA MET J 4122 -25.16 -62.75 43.15
C MET J 4122 -24.93 -61.34 42.63
N ILE J 4123 -24.31 -61.23 41.45
CA ILE J 4123 -24.18 -59.95 40.79
C ILE J 4123 -25.29 -59.70 39.77
N ASN J 4124 -25.82 -60.76 39.15
CA ASN J 4124 -26.88 -60.73 38.14
C ASN J 4124 -26.50 -59.81 36.98
N PHE J 4125 -25.59 -60.28 36.13
CA PHE J 4125 -25.03 -59.50 35.03
C PHE J 4125 -26.09 -59.02 34.04
N GLU J 4126 -27.24 -59.71 33.98
CA GLU J 4126 -28.29 -59.32 33.05
C GLU J 4126 -28.98 -58.03 33.48
N GLU J 4127 -29.27 -57.88 34.77
CA GLU J 4127 -30.00 -56.69 35.23
C GLU J 4127 -29.05 -55.51 35.41
N PHE J 4128 -27.79 -55.79 35.76
CA PHE J 4128 -26.80 -54.71 35.90
C PHE J 4128 -26.43 -54.11 34.55
N ALA J 4129 -26.65 -54.82 33.45
CA ALA J 4129 -26.33 -54.31 32.12
C ALA J 4129 -27.41 -53.35 31.62
N ASN J 4130 -28.68 -53.76 31.70
CA ASN J 4130 -29.76 -52.95 31.15
C ASN J 4130 -30.28 -51.90 32.13
N ARG J 4131 -29.63 -51.76 33.28
CA ARG J 4131 -30.06 -50.78 34.28
C ARG J 4131 -29.79 -49.35 33.83
N PHE J 4132 -28.57 -49.08 33.39
CA PHE J 4132 -28.14 -47.74 33.00
C PHE J 4132 -27.94 -47.61 31.49
N GLN J 4133 -28.74 -48.32 30.70
CA GLN J 4133 -28.78 -48.10 29.26
C GLN J 4133 -29.93 -47.16 28.90
N GLU J 4134 -31.14 -47.50 29.36
CA GLU J 4134 -32.33 -46.69 29.08
C GLU J 4134 -32.31 -45.28 29.66
N PRO J 4135 -31.86 -45.02 30.91
CA PRO J 4135 -31.70 -43.61 31.31
C PRO J 4135 -30.51 -42.92 30.68
N ALA J 4136 -29.51 -43.66 30.20
CA ALA J 4136 -28.32 -43.07 29.62
C ALA J 4136 -28.24 -43.24 28.11
N ARG J 4137 -29.35 -43.59 27.46
CA ARG J 4137 -29.37 -43.60 26.00
C ARG J 4137 -29.32 -42.20 25.42
N ASP J 4138 -30.13 -41.28 25.97
CA ASP J 4138 -30.27 -39.96 25.37
C ASP J 4138 -29.07 -39.08 25.64
N ILE J 4139 -28.55 -39.12 26.87
CA ILE J 4139 -27.39 -38.31 27.20
C ILE J 4139 -26.11 -38.89 26.59
N GLY J 4140 -26.01 -40.22 26.52
CA GLY J 4140 -24.85 -40.84 25.89
C GLY J 4140 -24.82 -40.62 24.39
N PHE J 4141 -26.00 -40.40 23.80
CA PHE J 4141 -26.08 -39.99 22.40
C PHE J 4141 -25.67 -38.54 22.21
N ASN J 4142 -26.06 -37.65 23.13
CA ASN J 4142 -25.89 -36.23 22.87
C ASN J 4142 -24.50 -35.73 23.25
N VAL J 4143 -23.83 -36.39 24.20
CA VAL J 4143 -22.41 -36.05 24.40
C VAL J 4143 -21.59 -36.61 23.26
N ALA J 4144 -22.10 -37.62 22.56
CA ALA J 4144 -21.46 -38.08 21.34
C ALA J 4144 -21.71 -37.11 20.19
N VAL J 4145 -22.91 -36.50 20.18
CA VAL J 4145 -23.22 -35.49 19.16
C VAL J 4145 -22.46 -34.19 19.43
N LEU J 4146 -22.22 -33.86 20.70
CA LEU J 4146 -21.50 -32.63 21.02
C LEU J 4146 -20.03 -32.74 20.65
N LEU J 4147 -19.47 -33.95 20.73
CA LEU J 4147 -18.06 -34.13 20.37
C LEU J 4147 -17.87 -34.17 18.86
N THR J 4148 -18.81 -34.76 18.12
CA THR J 4148 -18.64 -34.82 16.67
C THR J 4148 -18.98 -33.49 16.02
N ASN J 4149 -19.82 -32.69 16.67
CA ASN J 4149 -20.15 -31.37 16.12
C ASN J 4149 -18.97 -30.44 16.27
N LEU J 4150 -18.29 -30.49 17.41
CA LEU J 4150 -17.17 -29.58 17.64
C LEU J 4150 -15.92 -30.03 16.90
N SER J 4151 -15.81 -31.32 16.59
CA SER J 4151 -14.60 -31.80 15.92
C SER J 4151 -14.58 -31.41 14.45
N GLU J 4152 -15.70 -31.61 13.74
CA GLU J 4152 -15.75 -31.28 12.32
C GLU J 4152 -15.97 -29.80 12.06
N HIS J 4153 -16.31 -29.03 13.10
CA HIS J 4153 -16.38 -27.58 12.92
C HIS J 4153 -15.02 -26.92 13.12
N VAL J 4154 -14.38 -27.15 14.25
CA VAL J 4154 -13.01 -26.65 14.40
C VAL J 4154 -12.05 -27.85 14.33
N PRO J 4155 -11.30 -27.98 13.24
CA PRO J 4155 -10.28 -29.03 13.15
C PRO J 4155 -8.92 -28.56 13.62
N HIS J 4156 -7.92 -29.44 13.53
CA HIS J 4156 -6.50 -29.16 13.82
C HIS J 4156 -6.31 -28.70 15.26
N ASP J 4157 -6.95 -29.40 16.19
CA ASP J 4157 -6.83 -29.12 17.62
C ASP J 4157 -6.40 -30.41 18.31
N PRO J 4158 -5.27 -30.42 19.02
CA PRO J 4158 -4.85 -31.66 19.70
C PRO J 4158 -5.69 -31.97 20.92
N ARG J 4159 -6.24 -30.95 21.59
CA ARG J 4159 -6.99 -31.22 22.81
C ARG J 4159 -8.40 -31.72 22.49
N LEU J 4160 -8.94 -31.35 21.34
CA LEU J 4160 -10.16 -32.02 20.87
C LEU J 4160 -9.83 -33.41 20.32
N ARG J 4161 -8.66 -33.56 19.69
CA ARG J 4161 -8.21 -34.89 19.27
C ARG J 4161 -7.86 -35.75 20.47
N ASN J 4162 -7.59 -35.12 21.62
CA ASN J 4162 -7.54 -35.84 22.88
C ASN J 4162 -8.93 -36.33 23.28
N PHE J 4163 -9.97 -35.58 22.91
CA PHE J 4163 -11.31 -35.89 23.43
C PHE J 4163 -12.01 -37.00 22.65
N LEU J 4164 -11.72 -37.14 21.36
CA LEU J 4164 -12.38 -38.20 20.59
C LEU J 4164 -11.73 -39.57 20.80
N GLU J 4165 -10.43 -39.61 21.08
CA GLU J 4165 -9.84 -40.91 21.41
C GLU J 4165 -10.23 -41.38 22.80
N LEU J 4166 -10.63 -40.46 23.68
CA LEU J 4166 -11.08 -40.80 25.02
C LEU J 4166 -12.52 -41.26 25.04
N ALA J 4167 -13.27 -41.00 23.99
CA ALA J 4167 -14.68 -41.34 23.87
C ALA J 4167 -14.97 -41.97 22.52
N GLU J 4168 -14.14 -42.95 22.14
CA GLU J 4168 -14.31 -43.58 20.85
C GLU J 4168 -15.52 -44.52 20.81
N SER J 4169 -15.86 -45.13 21.95
CA SER J 4169 -16.89 -46.17 21.92
C SER J 4169 -18.29 -45.58 21.84
N ILE J 4170 -18.51 -44.39 22.41
CA ILE J 4170 -19.85 -43.81 22.29
C ILE J 4170 -20.07 -43.18 20.92
N LEU J 4171 -19.03 -43.02 20.11
CA LEU J 4171 -19.23 -42.60 18.73
C LEU J 4171 -19.49 -43.77 17.79
N GLU J 4172 -18.72 -44.86 17.90
CA GLU J 4172 -18.89 -45.99 16.99
C GLU J 4172 -20.17 -46.77 17.29
N TYR J 4173 -20.67 -46.68 18.52
CA TYR J 4173 -21.93 -47.34 18.85
C TYR J 4173 -23.11 -46.56 18.30
N PHE J 4174 -23.02 -45.23 18.31
CA PHE J 4174 -24.09 -44.35 17.83
C PHE J 4174 -23.87 -43.85 16.41
N ARG J 4175 -22.97 -44.48 15.64
CA ARG J 4175 -22.79 -44.05 14.25
C ARG J 4175 -23.95 -44.47 13.32
N PRO J 4176 -24.49 -45.70 13.36
CA PRO J 4176 -25.68 -45.95 12.54
C PRO J 4176 -26.96 -45.31 13.06
N TYR J 4177 -26.96 -44.73 14.26
CA TYR J 4177 -28.12 -43.99 14.77
C TYR J 4177 -28.02 -42.49 14.55
N LEU J 4178 -26.81 -41.98 14.33
CA LEU J 4178 -26.62 -40.56 14.03
C LEU J 4178 -26.68 -40.37 12.52
N GLY J 4179 -27.47 -39.39 12.09
CA GLY J 4179 -27.49 -38.97 10.70
C GLY J 4179 -27.02 -37.53 10.58
N ARG J 4180 -26.06 -37.33 9.68
CA ARG J 4180 -25.56 -35.99 9.37
C ARG J 4180 -26.14 -35.53 8.04
N ILE J 4181 -26.79 -34.37 8.06
CA ILE J 4181 -27.46 -33.79 6.91
C ILE J 4181 -27.13 -32.31 6.88
N GLU J 4182 -27.04 -31.75 5.67
CA GLU J 4182 -26.71 -30.34 5.48
C GLU J 4182 -27.80 -29.66 4.67
N ILE J 4183 -28.25 -28.51 5.16
CA ILE J 4183 -29.14 -27.63 4.43
C ILE J 4183 -28.42 -26.31 4.17
N MET J 4184 -28.96 -25.52 3.25
CA MET J 4184 -28.34 -24.25 2.87
C MET J 4184 -29.37 -23.14 3.02
N GLY J 4185 -29.18 -22.30 4.04
CA GLY J 4185 -30.04 -21.16 4.30
C GLY J 4185 -29.26 -20.15 5.11
N ALA J 4186 -29.98 -19.11 5.55
CA ALA J 4186 -29.46 -18.03 6.39
C ALA J 4186 -28.28 -17.34 5.73
N SER J 4187 -28.56 -16.60 4.64
CA SER J 4187 -27.58 -15.86 3.82
C SER J 4187 -26.55 -16.80 3.20
N ARG J 4188 -27.04 -17.84 2.51
CA ARG J 4188 -26.28 -18.72 1.61
C ARG J 4188 -25.17 -19.48 2.31
N ARG J 4189 -25.29 -19.70 3.61
CA ARG J 4189 -24.28 -20.45 4.35
C ARG J 4189 -24.76 -21.86 4.66
N ILE J 4190 -24.00 -22.86 4.24
CA ILE J 4190 -24.35 -24.26 4.53
C ILE J 4190 -23.99 -24.59 5.98
N GLU J 4191 -24.90 -25.28 6.64
CA GLU J 4191 -24.70 -25.76 7.99
C GLU J 4191 -24.94 -27.27 8.01
N ARG J 4192 -24.34 -27.95 8.99
CA ARG J 4192 -24.52 -29.38 9.18
C ARG J 4192 -25.52 -29.63 10.30
N ILE J 4193 -26.61 -30.33 9.97
CA ILE J 4193 -27.72 -30.55 10.89
C ILE J 4193 -27.60 -31.97 11.43
N TYR J 4194 -27.69 -32.12 12.75
CA TYR J 4194 -27.55 -33.42 13.40
C TYR J 4194 -28.88 -33.85 14.01
N PHE J 4195 -29.26 -35.09 13.75
CA PHE J 4195 -30.53 -35.66 14.23
C PHE J 4195 -30.31 -37.12 14.61
N GLU J 4196 -31.39 -37.80 14.98
CA GLU J 4196 -31.32 -39.18 15.44
C GLU J 4196 -32.19 -40.07 14.55
N ILE J 4197 -31.68 -41.25 14.24
CA ILE J 4197 -32.45 -42.31 13.58
C ILE J 4197 -32.73 -43.39 14.60
N SER J 4198 -34.01 -43.66 14.84
CA SER J 4198 -34.38 -44.73 15.75
C SER J 4198 -34.17 -46.09 15.07
N GLU J 4199 -34.24 -47.15 15.88
CA GLU J 4199 -33.96 -48.49 15.37
C GLU J 4199 -35.09 -49.01 14.48
N THR J 4200 -36.31 -48.49 14.67
CA THR J 4200 -37.44 -48.99 13.89
C THR J 4200 -37.44 -48.41 12.49
N ASN J 4201 -36.92 -47.19 12.32
CA ASN J 4201 -36.97 -46.54 11.02
C ASN J 4201 -35.94 -47.11 10.06
N ARG J 4202 -34.77 -47.50 10.57
CA ARG J 4202 -33.73 -48.03 9.69
C ARG J 4202 -33.97 -49.51 9.38
N ALA J 4203 -34.66 -50.22 10.28
CA ALA J 4203 -34.96 -51.63 10.04
C ALA J 4203 -36.00 -51.80 8.93
N GLN J 4204 -36.94 -50.85 8.79
CA GLN J 4204 -37.86 -50.91 7.68
C GLN J 4204 -37.31 -50.24 6.42
N TRP J 4205 -36.18 -49.54 6.53
CA TRP J 4205 -35.57 -48.98 5.32
C TRP J 4205 -34.87 -50.03 4.49
N GLU J 4206 -34.21 -51.00 5.14
CA GLU J 4206 -33.52 -52.07 4.42
C GLU J 4206 -34.41 -53.32 4.36
N MET J 4207 -35.49 -53.20 3.59
CA MET J 4207 -36.37 -54.30 3.27
C MET J 4207 -36.61 -54.25 1.76
N PRO J 4208 -36.80 -55.41 1.11
CA PRO J 4208 -36.80 -55.41 -0.37
C PRO J 4208 -37.95 -54.68 -1.01
N GLN J 4209 -39.09 -54.51 -0.33
CA GLN J 4209 -40.19 -53.77 -0.94
C GLN J 4209 -39.90 -52.27 -0.95
N VAL J 4210 -39.08 -51.81 -0.02
CA VAL J 4210 -38.76 -50.39 0.03
C VAL J 4210 -37.68 -50.04 -0.99
N LYS J 4211 -36.66 -50.89 -1.17
CA LYS J 4211 -35.58 -50.53 -2.09
C LYS J 4211 -35.96 -50.77 -3.54
N GLU J 4212 -37.00 -51.56 -3.81
CA GLU J 4212 -37.44 -51.72 -5.19
C GLU J 4212 -38.15 -50.46 -5.69
N SER J 4213 -38.84 -49.75 -4.79
CA SER J 4213 -39.37 -48.44 -5.16
C SER J 4213 -38.25 -47.41 -5.21
N LYS J 4214 -37.17 -47.65 -4.46
CA LYS J 4214 -36.00 -46.78 -4.52
C LYS J 4214 -35.24 -46.97 -5.83
N ARG J 4215 -35.19 -48.21 -6.34
CA ARG J 4215 -34.44 -48.48 -7.56
C ARG J 4215 -35.15 -47.90 -8.80
N GLN J 4216 -36.48 -47.89 -8.80
CA GLN J 4216 -37.21 -47.34 -9.93
C GLN J 4216 -37.34 -45.82 -9.84
N PHE J 4217 -37.32 -45.25 -8.62
CA PHE J 4217 -37.42 -43.80 -8.51
C PHE J 4217 -36.13 -43.11 -8.96
N ILE J 4218 -34.97 -43.71 -8.65
CA ILE J 4218 -33.70 -43.18 -9.15
C ILE J 4218 -33.64 -43.27 -10.67
N PHE J 4219 -34.32 -44.28 -11.24
CA PHE J 4219 -34.32 -44.46 -12.68
C PHE J 4219 -35.18 -43.41 -13.38
N ASP J 4220 -36.38 -43.12 -12.87
CA ASP J 4220 -37.26 -42.23 -13.62
C ASP J 4220 -36.97 -40.75 -13.39
N VAL J 4221 -35.91 -40.42 -12.65
CA VAL J 4221 -35.54 -39.02 -12.43
C VAL J 4221 -34.33 -38.62 -13.27
N VAL J 4222 -33.25 -39.38 -13.23
CA VAL J 4222 -32.07 -38.98 -14.00
C VAL J 4222 -32.27 -39.27 -15.48
N ASN J 4223 -33.21 -40.14 -15.84
CA ASN J 4223 -33.47 -40.41 -17.24
C ASN J 4223 -34.42 -39.35 -17.80
N GLU J 4224 -35.66 -39.25 -17.31
CA GLU J 4224 -36.62 -38.33 -17.93
C GLU J 4224 -37.00 -37.14 -17.04
N GLY J 4225 -36.61 -37.14 -15.78
CA GLY J 4225 -37.03 -36.08 -14.89
C GLY J 4225 -36.21 -34.81 -15.07
N GLY J 4226 -36.84 -33.67 -14.74
CA GLY J 4226 -36.21 -32.39 -14.93
C GLY J 4226 -35.14 -32.07 -13.89
N GLU J 4227 -34.63 -30.84 -13.97
CA GLU J 4227 -33.59 -30.36 -13.09
C GLU J 4227 -34.15 -29.64 -11.87
N ALA J 4228 -35.11 -28.74 -12.08
CA ALA J 4228 -35.72 -28.02 -10.97
C ALA J 4228 -36.78 -28.86 -10.27
N GLU J 4229 -37.42 -29.76 -11.01
CA GLU J 4229 -38.48 -30.59 -10.46
C GLU J 4229 -37.98 -31.90 -9.88
N LYS J 4230 -36.67 -32.11 -9.80
CA LYS J 4230 -36.15 -33.37 -9.28
C LYS J 4230 -36.19 -33.41 -7.75
N MET J 4231 -36.08 -32.25 -7.11
CA MET J 4231 -36.23 -32.20 -5.65
C MET J 4231 -37.71 -32.18 -5.27
N GLU J 4232 -38.57 -31.70 -6.16
CA GLU J 4232 -40.01 -31.84 -5.96
C GLU J 4232 -40.44 -33.28 -6.11
N LEU J 4233 -39.73 -34.06 -6.93
CA LEU J 4233 -40.01 -35.49 -7.02
C LEU J 4233 -39.39 -36.26 -5.87
N PHE J 4234 -38.28 -35.75 -5.31
CA PHE J 4234 -37.62 -36.44 -4.20
C PHE J 4234 -38.50 -36.41 -2.96
N VAL J 4235 -39.10 -35.26 -2.66
CA VAL J 4235 -39.97 -35.15 -1.50
C VAL J 4235 -41.27 -35.91 -1.73
N SER J 4236 -41.73 -36.00 -2.98
CA SER J 4236 -42.87 -36.84 -3.30
C SER J 4236 -42.50 -38.32 -3.18
N PHE J 4237 -41.22 -38.64 -3.40
CA PHE J 4237 -40.76 -40.00 -3.13
C PHE J 4237 -40.63 -40.23 -1.64
N CYS J 4238 -40.24 -39.19 -0.87
CA CYS J 4238 -40.07 -39.34 0.56
C CYS J 4238 -41.38 -39.57 1.29
N GLU J 4239 -42.42 -38.77 0.98
CA GLU J 4239 -43.71 -38.90 1.67
C GLU J 4239 -44.40 -40.20 1.31
N ASP J 4240 -44.10 -40.75 0.13
CA ASP J 4240 -44.67 -42.03 -0.25
C ASP J 4240 -44.04 -43.17 0.56
N THR J 4241 -42.74 -43.05 0.86
CA THR J 4241 -42.09 -44.10 1.64
C THR J 4241 -42.45 -44.04 3.12
N ILE J 4242 -42.79 -42.86 3.66
CA ILE J 4242 -43.33 -42.81 5.02
C ILE J 4242 -44.65 -43.56 5.10
N PHE J 4243 -45.44 -43.46 4.03
CA PHE J 4243 -46.72 -44.15 4.01
C PHE J 4243 -46.55 -45.65 3.79
N GLU J 4244 -45.60 -46.05 2.93
CA GLU J 4244 -45.52 -47.48 2.62
C GLU J 4244 -44.83 -48.24 3.74
N MET J 4245 -44.09 -47.55 4.62
CA MET J 4245 -43.70 -48.19 5.86
C MET J 4245 -44.81 -48.12 6.90
N GLN J 4246 -45.72 -47.14 6.78
CA GLN J 4246 -46.84 -47.09 7.73
C GLN J 4246 -47.86 -48.18 7.41
N ILE J 4247 -48.07 -48.47 6.12
CA ILE J 4247 -48.94 -49.59 5.78
C ILE J 4247 -48.19 -50.91 6.04
N ALA J 4248 -46.86 -50.87 6.08
CA ALA J 4248 -46.08 -52.05 6.44
C ALA J 4248 -46.05 -52.26 7.96
N ALA J 4249 -46.03 -51.17 8.73
CA ALA J 4249 -46.09 -51.31 10.19
C ALA J 4249 -47.48 -51.71 10.64
N GLN J 4250 -48.51 -51.42 9.84
CA GLN J 4250 -49.85 -51.86 10.14
C GLN J 4250 -50.01 -53.36 9.87
N ILE J 4251 -49.34 -53.88 8.85
CA ILE J 4251 -49.47 -55.28 8.47
C ILE J 4251 -48.37 -56.14 9.08
N SER J 4252 -47.55 -55.58 9.97
CA SER J 4252 -46.51 -56.39 10.60
C SER J 4252 -47.11 -57.27 11.68
N GLU J 4253 -46.45 -58.41 11.90
CA GLU J 4253 -46.88 -59.35 12.91
C GLU J 4253 -46.29 -59.00 14.27
N UNK J 4318 -32.28 -62.24 -9.32
CA UNK J 4318 -32.92 -63.13 -8.36
C UNK J 4318 -34.00 -63.98 -9.04
N UNK J 4319 -34.97 -63.30 -9.64
CA UNK J 4319 -36.06 -63.99 -10.34
C UNK J 4319 -35.66 -64.38 -11.75
N UNK J 4320 -34.59 -63.75 -12.24
CA UNK J 4320 -34.10 -64.03 -13.59
C UNK J 4320 -33.31 -65.34 -13.62
N UNK J 4321 -32.58 -65.61 -12.55
CA UNK J 4321 -31.79 -66.83 -12.45
C UNK J 4321 -32.69 -68.04 -12.18
N UNK J 4322 -33.82 -67.81 -11.54
CA UNK J 4322 -34.77 -68.86 -11.24
C UNK J 4322 -35.59 -69.22 -12.48
N UNK J 4323 -35.82 -68.21 -13.32
CA UNK J 4323 -36.58 -68.41 -14.56
C UNK J 4323 -35.73 -69.09 -15.62
N UNK J 4324 -34.43 -68.82 -15.59
CA UNK J 4324 -33.50 -69.42 -16.53
C UNK J 4324 -33.22 -70.88 -16.16
N UNK J 4325 -33.28 -71.17 -14.87
CA UNK J 4325 -33.07 -72.52 -14.38
C UNK J 4325 -34.30 -73.38 -14.62
N UNK J 4326 -35.47 -72.75 -14.59
CA UNK J 4326 -36.73 -73.44 -14.82
C UNK J 4326 -36.92 -73.74 -16.30
N UNK J 4327 -36.38 -72.86 -17.14
CA UNK J 4327 -36.46 -73.03 -18.59
C UNK J 4327 -35.47 -74.10 -19.06
N UNK J 4328 -34.36 -74.21 -18.33
CA UNK J 4328 -33.33 -75.19 -18.66
C UNK J 4328 -33.73 -76.58 -18.19
N UNK J 4329 -34.47 -76.64 -17.09
CA UNK J 4329 -34.94 -77.90 -16.54
C UNK J 4329 -36.08 -78.47 -17.37
N UNK J 4330 -36.83 -77.59 -18.02
CA UNK J 4330 -37.94 -78.01 -18.85
C UNK J 4330 -37.47 -78.42 -20.24
N UNK J 4331 -36.40 -77.80 -20.71
CA UNK J 4331 -35.80 -78.15 -21.99
C UNK J 4331 -35.09 -79.49 -21.89
N UNK J 4332 -34.58 -79.79 -20.70
CA UNK J 4332 -33.91 -81.06 -20.44
C UNK J 4332 -34.95 -82.16 -20.27
N UNK J 4333 -36.10 -81.81 -19.74
CA UNK J 4333 -37.17 -82.77 -19.51
C UNK J 4333 -37.93 -83.07 -20.81
N UNK J 4334 -37.96 -82.08 -21.71
CA UNK J 4334 -38.59 -82.27 -23.01
C UNK J 4334 -37.68 -83.08 -23.92
N UNK J 4335 -36.38 -82.96 -23.71
CA UNK J 4335 -35.40 -83.72 -24.49
C UNK J 4335 -35.34 -85.16 -24.00
N UNK J 4336 -35.62 -85.35 -22.72
CA UNK J 4336 -35.61 -86.69 -22.14
C UNK J 4336 -36.89 -87.45 -22.53
N UNK J 4337 -37.96 -86.70 -22.75
CA UNK J 4337 -39.25 -87.29 -23.13
C UNK J 4337 -39.25 -87.64 -24.61
N UNK J 4338 -38.66 -86.77 -25.43
CA UNK J 4338 -38.60 -87.00 -26.87
C UNK J 4338 -37.49 -87.98 -27.22
N TRP J 4541 -69.57 -62.22 15.51
CA TRP J 4541 -69.06 -61.55 14.32
C TRP J 4541 -67.66 -61.00 14.56
N GLY J 4542 -67.26 -60.92 15.84
CA GLY J 4542 -65.95 -60.43 16.17
C GLY J 4542 -64.85 -61.45 15.92
N GLU J 4543 -65.17 -62.73 16.09
CA GLU J 4543 -64.17 -63.78 15.87
C GLU J 4543 -63.96 -64.05 14.38
N LEU J 4544 -65.02 -63.92 13.58
CA LEU J 4544 -64.91 -64.13 12.14
C LEU J 4544 -64.20 -62.95 11.47
N GLU J 4545 -64.29 -61.76 12.09
CA GLU J 4545 -63.62 -60.59 11.54
C GLU J 4545 -62.12 -60.63 11.79
N VAL J 4546 -61.70 -61.09 12.98
CA VAL J 4546 -60.26 -61.15 13.25
C VAL J 4546 -59.65 -62.34 12.51
N GLN J 4547 -60.46 -63.36 12.18
CA GLN J 4547 -59.96 -64.45 11.36
C GLN J 4547 -59.86 -64.03 9.89
N ARG J 4548 -60.58 -62.97 9.51
CA ARG J 4548 -60.47 -62.43 8.17
C ARG J 4548 -59.22 -61.57 8.03
N VAL J 4549 -58.92 -60.76 9.05
CA VAL J 4549 -57.72 -59.93 8.99
C VAL J 4549 -56.47 -60.75 9.30
N LYS J 4550 -56.63 -61.96 9.83
CA LYS J 4550 -55.48 -62.85 9.99
C LYS J 4550 -55.16 -63.56 8.69
N PHE J 4551 -56.18 -63.87 7.88
CA PHE J 4551 -55.95 -64.51 6.60
C PHE J 4551 -55.46 -63.52 5.55
N LEU J 4552 -55.97 -62.28 5.61
CA LEU J 4552 -55.52 -61.26 4.67
C LEU J 4552 -54.10 -60.80 4.97
N ASN J 4553 -53.70 -60.86 6.24
CA ASN J 4553 -52.34 -60.46 6.60
C ASN J 4553 -51.34 -61.58 6.38
N TYR J 4554 -51.76 -62.83 6.57
CA TYR J 4554 -50.88 -63.96 6.28
C TYR J 4554 -50.58 -64.06 4.79
N LEU J 4555 -51.55 -63.68 3.96
CA LEU J 4555 -51.37 -63.78 2.52
C LEU J 4555 -50.49 -62.63 2.00
N SER J 4556 -50.60 -61.46 2.61
CA SER J 4556 -49.92 -60.28 2.06
C SER J 4556 -48.45 -60.24 2.41
N ARG J 4557 -48.02 -60.88 3.50
CA ARG J 4557 -46.58 -60.99 3.77
C ARG J 4557 -45.92 -62.03 2.88
N ASN J 4558 -46.69 -62.90 2.23
CA ASN J 4558 -46.17 -63.91 1.32
C ASN J 4558 -46.63 -63.62 -0.10
N PHE J 4559 -46.63 -62.34 -0.47
CA PHE J 4559 -47.11 -61.95 -1.80
C PHE J 4559 -46.09 -62.30 -2.88
N TYR J 4560 -44.80 -62.23 -2.56
CA TYR J 4560 -43.78 -62.60 -3.53
C TYR J 4560 -43.63 -64.11 -3.65
N THR J 4561 -43.87 -64.83 -2.55
CA THR J 4561 -43.83 -66.29 -2.58
C THR J 4561 -45.03 -66.85 -3.34
N LEU J 4562 -46.18 -66.18 -3.22
CA LEU J 4562 -47.41 -66.68 -3.83
C LEU J 4562 -47.38 -66.55 -5.35
N ARG J 4563 -46.72 -65.50 -5.86
CA ARG J 4563 -46.64 -65.37 -7.32
C ARG J 4563 -45.53 -66.21 -7.92
N PHE J 4564 -44.57 -66.59 -7.07
CA PHE J 4564 -43.46 -67.48 -7.52
C PHE J 4564 -44.07 -68.86 -7.78
N LEU J 4565 -44.96 -69.30 -6.88
CA LEU J 4565 -45.66 -70.57 -7.05
C LEU J 4565 -46.72 -70.44 -8.13
N ALA J 4566 -47.22 -69.23 -8.37
CA ALA J 4566 -48.19 -69.02 -9.44
C ALA J 4566 -47.54 -69.11 -10.81
N LEU J 4567 -46.25 -68.76 -10.91
CA LEU J 4567 -45.55 -68.85 -12.18
C LEU J 4567 -44.94 -70.24 -12.38
N PHE J 4568 -44.47 -70.86 -11.30
CA PHE J 4568 -43.96 -72.23 -11.35
C PHE J 4568 -45.06 -73.21 -11.72
N LEU J 4569 -46.27 -73.00 -11.21
CA LEU J 4569 -47.38 -73.86 -11.57
C LEU J 4569 -47.93 -73.47 -12.94
N ALA J 4570 -47.67 -72.24 -13.38
CA ALA J 4570 -48.03 -71.85 -14.74
C ALA J 4570 -47.12 -72.53 -15.76
N PHE J 4571 -45.84 -72.69 -15.43
CA PHE J 4571 -44.93 -73.37 -16.34
C PHE J 4571 -45.12 -74.88 -16.25
N ALA J 4572 -45.65 -75.36 -15.12
CA ALA J 4572 -45.83 -76.79 -14.92
C ALA J 4572 -47.00 -77.33 -15.72
N ILE J 4573 -48.07 -76.53 -15.88
CA ILE J 4573 -49.25 -77.01 -16.60
C ILE J 4573 -49.05 -76.88 -18.11
N ASN J 4574 -48.12 -76.02 -18.55
CA ASN J 4574 -47.82 -75.94 -19.97
C ASN J 4574 -46.65 -76.83 -20.38
N PHE J 4575 -45.88 -77.35 -19.44
CA PHE J 4575 -44.89 -78.36 -19.80
C PHE J 4575 -45.56 -79.70 -20.07
N ILE J 4576 -46.57 -80.06 -19.26
CA ILE J 4576 -47.25 -81.34 -19.41
C ILE J 4576 -48.21 -81.32 -20.61
N LEU J 4577 -48.58 -80.13 -21.09
CA LEU J 4577 -49.51 -79.99 -22.20
C LEU J 4577 -48.87 -80.33 -23.54
N LEU J 4578 -47.54 -80.45 -23.61
CA LEU J 4578 -46.79 -80.78 -24.83
C LEU J 4578 -47.08 -82.19 -25.36
N PHE J 4579 -47.76 -83.05 -24.60
CA PHE J 4579 -48.00 -84.42 -25.00
C PHE J 4579 -49.45 -84.68 -25.42
N TYR J 4580 -50.11 -83.70 -26.04
CA TYR J 4580 -51.45 -83.92 -26.54
C TYR J 4580 -51.41 -84.53 -27.94
N LYS J 4581 -52.51 -85.19 -28.31
CA LYS J 4581 -52.61 -85.90 -29.58
C LYS J 4581 -54.05 -85.79 -30.08
N VAL J 4582 -54.18 -85.67 -31.41
CA VAL J 4582 -55.48 -85.71 -32.07
C VAL J 4582 -55.58 -87.03 -32.83
N SER J 4583 -56.79 -87.59 -32.84
CA SER J 4583 -57.04 -88.84 -33.55
C SER J 4583 -58.47 -88.84 -34.06
N ASP J 4584 -58.68 -89.59 -35.14
CA ASP J 4584 -60.05 -89.87 -35.59
C ASP J 4584 -60.72 -90.91 -34.72
N SER J 4585 -59.94 -91.78 -34.07
CA SER J 4585 -60.47 -92.84 -33.21
C SER J 4585 -60.86 -92.28 -31.84
N PRO J 4586 -61.90 -92.82 -31.21
CA PRO J 4586 -62.22 -92.41 -29.84
C PRO J 4586 -61.19 -92.95 -28.86
N PRO J 4587 -60.99 -92.28 -27.71
CA PRO J 4587 -60.02 -92.73 -26.71
C PRO J 4587 -60.45 -94.03 -26.01
N ASN J 4626 -65.66 -87.13 -35.58
CA ASN J 4626 -64.93 -85.88 -35.40
C ASN J 4626 -63.69 -86.07 -34.51
N MET J 4627 -62.81 -85.08 -34.51
CA MET J 4627 -61.56 -85.20 -33.76
C MET J 4627 -61.78 -84.99 -32.27
N VAL J 4628 -61.09 -85.79 -31.46
CA VAL J 4628 -61.12 -85.67 -30.01
C VAL J 4628 -59.74 -85.25 -29.53
N TYR J 4629 -59.69 -84.63 -28.37
CA TYR J 4629 -58.43 -84.19 -27.76
C TYR J 4629 -58.19 -85.06 -26.54
N TYR J 4630 -57.33 -86.06 -26.68
CA TYR J 4630 -57.01 -86.97 -25.60
C TYR J 4630 -55.52 -86.91 -25.32
N PHE J 4631 -55.15 -87.24 -24.09
CA PHE J 4631 -53.77 -87.14 -23.64
C PHE J 4631 -53.06 -88.47 -23.84
N LEU J 4632 -51.78 -88.40 -24.20
CA LEU J 4632 -50.95 -89.59 -24.40
C LEU J 4632 -49.80 -89.52 -23.40
N GLU J 4633 -49.55 -90.64 -22.73
CA GLU J 4633 -48.39 -90.77 -21.85
C GLU J 4633 -47.94 -92.22 -21.85
N GLU J 4634 -46.65 -92.42 -21.68
CA GLU J 4634 -46.05 -93.75 -21.65
C GLU J 4634 -45.77 -94.13 -20.21
N SER J 4635 -46.44 -95.21 -19.75
CA SER J 4635 -46.26 -95.80 -18.42
C SER J 4635 -46.58 -94.83 -17.30
N THR J 4636 -47.53 -93.92 -17.53
CA THR J 4636 -48.00 -92.99 -16.50
C THR J 4636 -49.45 -92.66 -16.80
N GLY J 4637 -50.32 -92.85 -15.81
CA GLY J 4637 -51.73 -92.55 -15.97
C GLY J 4637 -52.22 -91.50 -14.99
N TYR J 4638 -51.27 -90.89 -14.29
CA TYR J 4638 -51.55 -89.92 -13.25
C TYR J 4638 -51.51 -88.49 -13.80
N MET J 4639 -51.16 -88.33 -15.07
CA MET J 4639 -50.90 -87.00 -15.61
C MET J 4639 -52.19 -86.24 -15.88
N GLU J 4640 -53.27 -86.97 -16.22
CA GLU J 4640 -54.55 -86.31 -16.47
C GLU J 4640 -55.28 -85.90 -15.20
N PRO J 4641 -55.28 -86.67 -14.09
CA PRO J 4641 -55.78 -86.06 -12.83
C PRO J 4641 -54.85 -85.01 -12.25
N ALA J 4642 -53.58 -85.00 -12.64
CA ALA J 4642 -52.68 -83.95 -12.16
C ALA J 4642 -52.99 -82.60 -12.80
N LEU J 4643 -53.27 -82.60 -14.12
CA LEU J 4643 -53.57 -81.36 -14.81
C LEU J 4643 -54.92 -80.80 -14.39
N TRP J 4644 -55.86 -81.68 -13.99
CA TRP J 4644 -57.11 -81.21 -13.41
C TRP J 4644 -56.90 -80.68 -12.00
N CYS J 4645 -55.85 -81.14 -11.31
CA CYS J 4645 -55.57 -80.67 -9.97
C CYS J 4645 -54.79 -79.35 -10.00
N LEU J 4646 -53.89 -79.19 -10.98
CA LEU J 4646 -53.06 -77.99 -11.01
C LEU J 4646 -53.81 -76.80 -11.60
N SER J 4647 -54.85 -77.07 -12.39
CA SER J 4647 -55.65 -75.98 -12.97
C SER J 4647 -56.55 -75.35 -11.92
N LEU J 4648 -57.12 -76.17 -11.04
CA LEU J 4648 -57.87 -75.62 -9.91
C LEU J 4648 -56.95 -74.98 -8.90
N LEU J 4649 -55.69 -75.43 -8.83
CA LEU J 4649 -54.75 -74.83 -7.89
C LEU J 4649 -54.22 -73.51 -8.43
N HIS J 4650 -54.17 -73.37 -9.76
CA HIS J 4650 -53.68 -72.13 -10.36
C HIS J 4650 -54.74 -71.03 -10.32
N THR J 4651 -56.01 -71.42 -10.51
CA THR J 4651 -57.09 -70.43 -10.47
C THR J 4651 -57.32 -69.95 -9.04
N LEU J 4652 -57.10 -70.83 -8.07
CA LEU J 4652 -57.19 -70.43 -6.67
C LEU J 4652 -56.05 -69.49 -6.29
N VAL J 4653 -54.83 -69.79 -6.73
CA VAL J 4653 -53.68 -68.98 -6.33
C VAL J 4653 -53.67 -67.66 -7.11
N ALA J 4654 -54.32 -67.62 -8.27
CA ALA J 4654 -54.44 -66.35 -8.99
C ALA J 4654 -55.44 -65.43 -8.31
N PHE J 4655 -56.49 -65.99 -7.72
CA PHE J 4655 -57.52 -65.18 -7.09
C PHE J 4655 -57.02 -64.63 -5.76
N LEU J 4656 -56.19 -65.38 -5.04
CA LEU J 4656 -55.55 -64.86 -3.83
C LEU J 4656 -54.55 -63.76 -4.17
N CYS J 4657 -53.96 -63.80 -5.36
CA CYS J 4657 -53.05 -62.73 -5.78
C CYS J 4657 -53.81 -61.44 -6.07
N ILE J 4658 -55.04 -61.55 -6.59
CA ILE J 4658 -55.85 -60.37 -6.86
C ILE J 4658 -56.29 -59.71 -5.56
N ILE J 4659 -56.73 -60.50 -4.59
CA ILE J 4659 -57.17 -59.96 -3.30
C ILE J 4659 -55.96 -59.46 -2.51
N GLY J 4660 -54.78 -60.01 -2.78
CA GLY J 4660 -53.57 -59.49 -2.16
C GLY J 4660 -53.14 -58.15 -2.72
N TYR J 4661 -53.30 -57.96 -4.03
CA TYR J 4661 -52.97 -56.67 -4.62
C TYR J 4661 -54.06 -55.65 -4.29
N ASN J 4662 -55.28 -56.14 -4.05
CA ASN J 4662 -56.38 -55.30 -3.56
C ASN J 4662 -56.31 -55.07 -2.06
N CYS J 4663 -55.32 -55.66 -1.39
CA CYS J 4663 -55.09 -55.37 0.02
C CYS J 4663 -53.89 -54.45 0.23
N LEU J 4664 -52.85 -54.60 -0.59
CA LEU J 4664 -51.54 -54.02 -0.29
C LEU J 4664 -51.28 -52.73 -1.06
N LYS J 4665 -51.32 -52.78 -2.40
CA LYS J 4665 -50.91 -51.63 -3.21
C LYS J 4665 -52.06 -50.71 -3.62
N VAL J 4666 -53.31 -51.14 -3.52
CA VAL J 4666 -54.39 -50.20 -3.81
C VAL J 4666 -54.59 -49.11 -2.75
N PRO J 4667 -54.17 -49.22 -1.46
CA PRO J 4667 -54.10 -47.97 -0.68
C PRO J 4667 -52.95 -47.07 -1.11
N LEU J 4668 -51.94 -47.62 -1.79
CA LEU J 4668 -50.82 -46.80 -2.25
C LEU J 4668 -51.20 -45.98 -3.48
N VAL J 4669 -52.02 -46.55 -4.36
CA VAL J 4669 -52.30 -45.89 -5.63
C VAL J 4669 -53.38 -44.81 -5.46
N ILE J 4670 -54.20 -44.90 -4.42
CA ILE J 4670 -55.09 -43.79 -4.12
C ILE J 4670 -54.31 -42.66 -3.45
N PHE J 4671 -53.33 -43.02 -2.61
CA PHE J 4671 -52.59 -42.02 -1.83
C PHE J 4671 -51.80 -41.08 -2.73
N LYS J 4672 -51.33 -41.56 -3.88
CA LYS J 4672 -50.61 -40.65 -4.77
C LYS J 4672 -51.56 -39.77 -5.57
N ARG J 4673 -52.83 -40.19 -5.72
CA ARG J 4673 -53.75 -39.35 -6.48
C ARG J 4673 -54.40 -38.30 -5.59
N GLU J 4674 -54.75 -38.63 -4.34
CA GLU J 4674 -55.31 -37.58 -3.49
C GLU J 4674 -54.22 -36.74 -2.85
N LYS J 4675 -52.95 -37.11 -3.02
CA LYS J 4675 -51.87 -36.18 -2.70
C LYS J 4675 -51.70 -35.15 -3.82
N GLU J 4676 -51.74 -35.61 -5.07
CA GLU J 4676 -51.54 -34.69 -6.19
C GLU J 4676 -52.74 -33.77 -6.39
N LEU J 4677 -53.95 -34.21 -6.06
CA LEU J 4677 -55.11 -33.38 -6.34
C LEU J 4677 -55.32 -32.35 -5.22
N ALA J 4678 -55.06 -32.73 -3.97
CA ALA J 4678 -55.28 -31.83 -2.85
C ALA J 4678 -54.27 -30.69 -2.85
N ARG J 4679 -53.11 -30.90 -3.47
CA ARG J 4679 -52.20 -29.80 -3.73
C ARG J 4679 -52.54 -29.11 -5.05
N LYS J 4680 -53.21 -29.83 -5.97
CA LYS J 4680 -53.73 -29.18 -7.18
C LYS J 4680 -54.93 -28.29 -6.85
N LEU J 4681 -55.68 -28.62 -5.80
CA LEU J 4681 -56.82 -27.79 -5.42
C LEU J 4681 -56.39 -26.54 -4.66
N GLU J 4682 -55.41 -26.66 -3.77
CA GLU J 4682 -55.13 -25.59 -2.82
C GLU J 4682 -54.11 -24.59 -3.35
N PHE J 4683 -53.06 -25.07 -4.02
CA PHE J 4683 -52.00 -24.18 -4.46
C PHE J 4683 -52.38 -23.42 -5.74
N ASP J 4684 -52.51 -24.13 -6.86
CA ASP J 4684 -52.83 -23.46 -8.11
C ASP J 4684 -54.33 -23.46 -8.44
N GLY J 4685 -55.17 -24.14 -7.66
CA GLY J 4685 -56.61 -24.04 -7.82
C GLY J 4685 -57.19 -24.68 -9.06
N LEU J 4686 -57.17 -26.02 -9.11
CA LEU J 4686 -57.56 -26.73 -10.33
C LEU J 4686 -59.07 -26.73 -10.55
N TYR J 4687 -59.86 -26.71 -9.46
CA TYR J 4687 -61.32 -26.83 -9.58
C TYR J 4687 -62.08 -25.62 -9.04
N ILE J 4688 -61.41 -24.51 -8.74
CA ILE J 4688 -62.05 -23.34 -8.16
C ILE J 4688 -61.91 -22.10 -9.03
N THR J 4689 -60.75 -21.91 -9.66
CA THR J 4689 -60.53 -20.76 -10.54
C THR J 4689 -60.54 -21.13 -12.01
N GLU J 4690 -59.97 -22.28 -12.36
CA GLU J 4690 -59.98 -22.79 -13.72
C GLU J 4690 -60.74 -24.10 -13.74
N GLN J 4691 -60.93 -24.64 -14.95
CA GLN J 4691 -61.57 -25.92 -15.14
C GLN J 4691 -60.91 -26.60 -16.33
N PRO J 4692 -60.68 -27.93 -16.26
CA PRO J 4692 -60.10 -28.67 -17.39
C PRO J 4692 -61.03 -28.72 -18.60
N ASP J 4696 -58.78 -33.89 -20.73
CA ASP J 4696 -58.29 -34.98 -19.90
C ASP J 4696 -59.44 -35.67 -19.16
N VAL J 4697 -59.47 -37.00 -19.21
CA VAL J 4697 -60.52 -37.75 -18.54
C VAL J 4697 -60.26 -37.81 -17.04
N LYS J 4698 -59.00 -37.62 -16.63
CA LYS J 4698 -58.65 -37.70 -15.21
C LYS J 4698 -59.15 -36.48 -14.46
N GLY J 4699 -59.34 -35.35 -15.16
CA GLY J 4699 -59.82 -34.16 -14.50
C GLY J 4699 -61.31 -34.19 -14.19
N GLN J 4700 -62.10 -34.83 -15.07
CA GLN J 4700 -63.55 -34.88 -14.88
C GLN J 4700 -63.99 -36.09 -14.06
N TRP J 4701 -63.22 -37.19 -14.07
CA TRP J 4701 -63.53 -38.31 -13.19
C TRP J 4701 -63.26 -37.96 -11.73
N ASP J 4702 -62.33 -37.06 -11.47
CA ASP J 4702 -62.00 -36.66 -10.12
C ASP J 4702 -63.04 -35.74 -9.49
N ARG J 4703 -64.08 -35.34 -10.22
CA ARG J 4703 -65.13 -34.49 -9.66
C ARG J 4703 -66.06 -35.23 -8.71
N LEU J 4704 -66.07 -36.57 -8.77
CA LEU J 4704 -66.95 -37.38 -7.93
C LEU J 4704 -66.40 -37.59 -6.53
N VAL J 4705 -65.21 -37.08 -6.21
CA VAL J 4705 -64.59 -37.32 -4.91
C VAL J 4705 -64.51 -36.06 -4.04
N LEU J 4706 -64.81 -34.87 -4.58
CA LEU J 4706 -64.76 -33.69 -3.71
C LEU J 4706 -65.95 -33.61 -2.76
N ASN J 4707 -67.13 -34.09 -3.18
CA ASN J 4707 -68.31 -33.99 -2.33
C ASN J 4707 -68.50 -35.17 -1.38
N THR J 4708 -67.52 -36.08 -1.27
CA THR J 4708 -67.72 -37.09 -0.23
C THR J 4708 -67.03 -36.65 1.07
N PRO J 4709 -67.59 -36.97 2.24
CA PRO J 4709 -66.89 -36.64 3.49
C PRO J 4709 -65.71 -37.54 3.78
N SER J 4710 -65.58 -38.67 3.10
CA SER J 4710 -64.44 -39.58 3.24
C SER J 4710 -63.40 -39.32 2.15
N PHE J 4711 -63.27 -38.05 1.76
CA PHE J 4711 -62.17 -37.63 0.89
C PHE J 4711 -60.79 -37.86 1.53
N PRO J 4712 -60.44 -37.31 2.73
CA PRO J 4712 -59.04 -37.44 3.16
C PRO J 4712 -58.75 -38.70 3.95
N SER J 4713 -59.62 -39.71 3.81
CA SER J 4713 -59.61 -40.89 4.67
C SER J 4713 -58.34 -41.71 4.52
N ASN J 4714 -57.67 -41.66 3.37
CA ASN J 4714 -56.43 -42.38 3.15
C ASN J 4714 -55.30 -41.37 2.86
N TYR J 4715 -55.32 -40.27 3.59
CA TYR J 4715 -54.37 -39.19 3.39
C TYR J 4715 -53.97 -38.62 4.74
N TRP J 4716 -52.72 -38.15 4.83
CA TRP J 4716 -52.24 -37.63 6.11
C TRP J 4716 -52.85 -36.27 6.42
N ASP J 4717 -53.16 -35.48 5.40
CA ASP J 4717 -53.81 -34.18 5.61
C ASP J 4717 -55.31 -34.35 5.48
N LYS J 4718 -56.03 -33.92 6.52
CA LYS J 4718 -57.48 -33.94 6.51
C LYS J 4718 -58.14 -32.57 6.65
N PHE J 4719 -57.37 -31.52 6.95
CA PHE J 4719 -57.91 -30.17 7.02
C PHE J 4719 -57.66 -29.41 5.72
N VAL J 4720 -57.71 -30.12 4.57
CA VAL J 4720 -57.37 -29.49 3.29
C VAL J 4720 -58.48 -28.56 2.82
N LYS J 4721 -59.73 -28.85 3.21
CA LYS J 4721 -60.86 -28.05 2.74
C LYS J 4721 -60.92 -26.71 3.48
N ARG J 4722 -60.43 -26.67 4.72
CA ARG J 4722 -60.33 -25.40 5.45
C ARG J 4722 -59.06 -24.64 5.06
N LYS J 4723 -58.09 -25.31 4.43
CA LYS J 4723 -56.97 -24.57 3.85
C LYS J 4723 -57.43 -23.73 2.66
N VAL J 4724 -58.31 -24.27 1.83
CA VAL J 4724 -58.65 -23.61 0.58
C VAL J 4724 -59.85 -22.67 0.75
N LEU J 4725 -60.64 -22.84 1.82
CA LEU J 4725 -61.70 -21.88 2.08
C LEU J 4725 -61.14 -20.63 2.74
N ASP J 4726 -60.08 -20.78 3.55
CA ASP J 4726 -59.40 -19.61 4.08
C ASP J 4726 -58.49 -18.95 3.06
N LYS J 4727 -58.22 -19.62 1.95
CA LYS J 4727 -57.39 -19.06 0.88
C LYS J 4727 -58.21 -18.40 -0.22
N HIS J 4728 -59.29 -19.04 -0.68
CA HIS J 4728 -60.08 -18.53 -1.78
C HIS J 4728 -61.55 -18.35 -1.42
N GLY J 4729 -61.83 -18.02 -0.16
CA GLY J 4729 -63.20 -17.80 0.26
C GLY J 4729 -63.62 -16.35 0.31
N ASP J 4730 -62.71 -15.43 0.02
CA ASP J 4730 -63.03 -14.01 -0.06
C ASP J 4730 -63.15 -13.50 -1.50
N ILE J 4731 -62.43 -14.12 -2.44
CA ILE J 4731 -62.48 -13.66 -3.82
C ILE J 4731 -63.74 -14.12 -4.54
N PHE J 4732 -64.38 -15.20 -4.09
CA PHE J 4732 -65.60 -15.73 -4.67
C PHE J 4732 -66.67 -15.88 -3.59
N GLY J 4733 -67.83 -16.38 -3.99
CA GLY J 4733 -68.89 -16.67 -3.04
C GLY J 4733 -68.55 -17.90 -2.23
N ARG J 4734 -68.55 -17.78 -0.90
CA ARG J 4734 -68.08 -18.87 -0.05
C ARG J 4734 -69.13 -19.97 0.07
N GLU J 4735 -70.39 -19.64 -0.17
CA GLU J 4735 -71.45 -20.65 -0.15
C GLU J 4735 -71.36 -21.56 -1.38
N ARG J 4736 -70.83 -21.03 -2.49
CA ARG J 4736 -70.68 -21.83 -3.69
C ARG J 4736 -69.47 -22.77 -3.59
N ILE J 4737 -68.38 -22.30 -2.98
CA ILE J 4737 -67.21 -23.16 -2.83
C ILE J 4737 -67.44 -24.21 -1.76
N ALA J 4738 -68.31 -23.91 -0.78
CA ALA J 4738 -68.68 -24.92 0.21
C ALA J 4738 -69.61 -25.98 -0.38
N GLU J 4739 -70.44 -25.59 -1.36
CA GLU J 4739 -71.28 -26.58 -2.03
C GLU J 4739 -70.47 -27.35 -3.07
N LEU J 4740 -69.38 -26.76 -3.56
CA LEU J 4740 -68.47 -27.46 -4.45
C LEU J 4740 -67.63 -28.48 -3.71
N LEU J 4741 -67.24 -28.17 -2.48
CA LEU J 4741 -66.35 -29.01 -1.68
C LEU J 4741 -67.08 -30.03 -0.82
N GLY J 4742 -68.41 -30.03 -0.84
CA GLY J 4742 -69.19 -31.03 -0.11
C GLY J 4742 -69.11 -30.93 1.39
N MET J 4743 -68.73 -29.77 1.92
CA MET J 4743 -68.58 -29.59 3.36
C MET J 4743 -69.96 -29.46 3.99
N ASP J 4744 -70.40 -30.52 4.65
CA ASP J 4744 -71.72 -30.56 5.25
C ASP J 4744 -71.73 -29.70 6.51
N LEU J 4745 -72.60 -28.68 6.51
CA LEU J 4745 -72.77 -27.71 7.59
C LEU J 4745 -71.46 -26.98 7.89
N ALA J 4746 -71.02 -26.21 6.89
CA ALA J 4746 -69.74 -25.52 7.00
C ALA J 4746 -69.77 -24.40 8.02
N SER J 4747 -70.92 -23.79 8.26
CA SER J 4747 -71.07 -22.79 9.30
C SER J 4747 -71.47 -23.39 10.65
N LEU J 4748 -71.57 -24.71 10.75
CA LEU J 4748 -71.97 -25.36 11.99
C LEU J 4748 -70.94 -26.37 12.48
N GLU J 4749 -70.26 -27.05 11.55
CA GLU J 4749 -69.23 -27.99 11.97
C GLU J 4749 -67.96 -27.26 12.42
N ILE J 4750 -67.71 -26.07 11.85
CA ILE J 4750 -66.56 -25.27 12.26
C ILE J 4750 -66.78 -24.68 13.65
N THR J 4751 -68.04 -24.39 13.99
CA THR J 4751 -68.35 -23.92 15.33
C THR J 4751 -68.38 -25.09 16.31
N ALA J 4752 -68.76 -26.28 15.84
CA ALA J 4752 -68.76 -27.44 16.72
C ALA J 4752 -67.35 -27.94 16.99
N HIS J 4753 -66.45 -27.82 16.01
CA HIS J 4753 -65.07 -28.24 16.23
C HIS J 4753 -64.29 -27.24 17.07
N ASN J 4754 -64.73 -25.98 17.12
CA ASN J 4754 -64.01 -24.99 17.92
C ASN J 4754 -64.36 -25.12 19.40
N GLU J 4755 -65.65 -25.22 19.72
CA GLU J 4755 -66.04 -25.30 21.13
C GLU J 4755 -65.74 -26.67 21.72
N ARG J 4756 -66.14 -27.73 21.03
CA ARG J 4756 -65.91 -29.09 21.52
C ARG J 4756 -65.53 -30.04 20.39
N THR J 4766 -75.12 -51.65 10.77
CA THR J 4766 -75.23 -50.74 9.63
C THR J 4766 -73.88 -50.18 9.23
N TRP J 4767 -72.86 -51.04 9.17
CA TRP J 4767 -71.53 -50.61 8.78
C TRP J 4767 -71.45 -50.33 7.29
N LEU J 4768 -72.16 -51.14 6.49
CA LEU J 4768 -72.22 -50.91 5.06
C LEU J 4768 -73.11 -49.70 4.73
N MET J 4769 -74.10 -49.42 5.56
CA MET J 4769 -74.94 -48.25 5.34
C MET J 4769 -74.23 -46.96 5.75
N SER J 4770 -73.24 -47.06 6.64
CA SER J 4770 -72.41 -45.91 6.94
C SER J 4770 -71.38 -45.62 5.86
N ILE J 4771 -71.12 -46.59 4.97
CA ILE J 4771 -70.12 -46.39 3.92
C ILE J 4771 -70.68 -45.46 2.84
N ASP J 4772 -69.79 -44.71 2.20
CA ASP J 4772 -70.16 -43.79 1.12
C ASP J 4772 -70.20 -44.56 -0.19
N VAL J 4773 -71.29 -44.38 -0.94
CA VAL J 4773 -71.39 -45.08 -2.22
C VAL J 4773 -70.74 -44.29 -3.34
N LYS J 4774 -70.56 -42.97 -3.17
CA LYS J 4774 -69.93 -42.17 -4.22
C LYS J 4774 -68.41 -42.29 -4.17
N TYR J 4775 -67.86 -42.53 -2.99
CA TYR J 4775 -66.40 -42.65 -2.85
C TYR J 4775 -65.90 -44.00 -3.36
N GLN J 4776 -66.65 -45.07 -3.11
CA GLN J 4776 -66.22 -46.40 -3.51
C GLN J 4776 -66.43 -46.64 -5.00
N ILE J 4777 -67.44 -46.00 -5.60
CA ILE J 4777 -67.56 -46.07 -7.06
C ILE J 4777 -66.46 -45.23 -7.71
N TRP J 4778 -65.99 -44.19 -7.01
CA TRP J 4778 -64.85 -43.42 -7.49
C TRP J 4778 -63.55 -44.19 -7.33
N LYS J 4779 -63.38 -44.88 -6.20
CA LYS J 4779 -62.13 -45.59 -5.93
C LYS J 4779 -62.03 -46.86 -6.75
N PHE J 4780 -63.18 -47.48 -7.07
CA PHE J 4780 -63.19 -48.61 -7.99
C PHE J 4780 -63.06 -48.17 -9.44
N GLY J 4781 -63.14 -46.87 -9.72
CA GLY J 4781 -62.96 -46.40 -11.08
C GLY J 4781 -61.49 -46.17 -11.44
N VAL J 4782 -60.70 -45.71 -10.48
CA VAL J 4782 -59.29 -45.41 -10.72
C VAL J 4782 -58.41 -46.66 -10.62
N ILE J 4783 -58.84 -47.67 -9.85
CA ILE J 4783 -58.15 -48.94 -9.79
C ILE J 4783 -58.23 -49.65 -11.14
N PHE J 4784 -59.36 -49.47 -11.83
CA PHE J 4784 -59.54 -49.93 -13.21
C PHE J 4784 -58.74 -49.11 -14.21
N THR J 4785 -58.26 -47.91 -13.84
CA THR J 4785 -57.39 -47.17 -14.74
C THR J 4785 -55.96 -47.69 -14.65
N ASP J 4786 -55.59 -48.30 -13.52
CA ASP J 4786 -54.22 -48.77 -13.29
C ASP J 4786 -53.82 -49.88 -14.25
N ASN J 4787 -52.64 -49.73 -14.85
CA ASN J 4787 -52.21 -50.65 -15.90
C ASN J 4787 -51.78 -52.01 -15.35
N SER J 4788 -51.32 -52.04 -14.10
CA SER J 4788 -50.92 -53.32 -13.52
C SER J 4788 -52.14 -54.18 -13.19
N PHE J 4789 -53.23 -53.56 -12.73
CA PHE J 4789 -54.41 -54.33 -12.34
C PHE J 4789 -55.15 -54.86 -13.56
N LEU J 4790 -55.15 -54.10 -14.67
CA LEU J 4790 -55.74 -54.65 -15.89
C LEU J 4790 -54.86 -55.72 -16.50
N TYR J 4791 -53.57 -55.74 -16.17
CA TYR J 4791 -52.74 -56.88 -16.51
C TYR J 4791 -52.99 -58.05 -15.56
N LEU J 4792 -53.14 -57.75 -14.25
CA LEU J 4792 -53.51 -58.78 -13.30
C LEU J 4792 -54.96 -59.25 -13.50
N GLY J 4793 -55.83 -58.35 -13.98
CA GLY J 4793 -57.18 -58.76 -14.31
C GLY J 4793 -57.24 -59.59 -15.58
N TRP J 4794 -56.33 -59.34 -16.52
CA TRP J 4794 -56.22 -60.18 -17.70
C TRP J 4794 -55.67 -61.56 -17.33
N TYR J 4795 -54.84 -61.61 -16.29
CA TYR J 4795 -54.24 -62.87 -15.87
C TYR J 4795 -55.27 -63.78 -15.20
N MET J 4796 -56.22 -63.19 -14.46
CA MET J 4796 -57.20 -64.00 -13.77
C MET J 4796 -58.33 -64.43 -14.71
N VAL J 4797 -58.71 -63.56 -15.65
CA VAL J 4797 -59.83 -63.87 -16.53
C VAL J 4797 -59.44 -64.91 -17.57
N MET J 4798 -58.15 -65.08 -17.85
CA MET J 4798 -57.74 -66.12 -18.79
C MET J 4798 -57.49 -67.43 -18.06
N SER J 4799 -57.16 -67.36 -16.77
CA SER J 4799 -56.99 -68.57 -15.98
C SER J 4799 -58.33 -69.24 -15.70
N LEU J 4800 -59.40 -68.45 -15.55
CA LEU J 4800 -60.73 -69.04 -15.40
C LEU J 4800 -61.27 -69.49 -16.75
N LEU J 4801 -60.79 -68.89 -17.84
CA LEU J 4801 -61.12 -69.36 -19.17
C LEU J 4801 -60.34 -70.63 -19.54
N GLY J 4802 -59.31 -70.97 -18.76
CA GLY J 4802 -58.54 -72.18 -19.02
C GLY J 4802 -59.27 -73.46 -18.65
N HIS J 4803 -60.31 -73.39 -17.83
CA HIS J 4803 -61.10 -74.58 -17.55
C HIS J 4803 -62.07 -74.90 -18.69
N TYR J 4804 -62.44 -73.89 -19.48
CA TYR J 4804 -63.23 -74.14 -20.69
C TYR J 4804 -62.41 -74.86 -21.74
N ASN J 4805 -61.21 -74.37 -22.03
CA ASN J 4805 -60.26 -75.02 -22.90
C ASN J 4805 -58.89 -74.91 -22.25
N ASN J 4806 -58.22 -76.04 -22.04
CA ASN J 4806 -56.96 -76.03 -21.32
C ASN J 4806 -55.81 -75.51 -22.17
N PHE J 4807 -56.02 -75.36 -23.48
CA PHE J 4807 -55.05 -74.68 -24.35
C PHE J 4807 -55.01 -73.18 -24.13
N PHE J 4808 -55.98 -72.62 -23.38
CA PHE J 4808 -55.97 -71.19 -23.05
C PHE J 4808 -54.95 -70.85 -21.97
N PHE J 4809 -54.31 -71.86 -21.36
CA PHE J 4809 -53.22 -71.63 -20.42
C PHE J 4809 -51.92 -71.21 -21.10
N ALA J 4810 -51.90 -71.10 -22.43
CA ALA J 4810 -50.68 -70.76 -23.16
C ALA J 4810 -50.25 -69.31 -22.94
N ALA J 4811 -51.20 -68.39 -22.78
CA ALA J 4811 -50.85 -66.97 -22.76
C ALA J 4811 -50.20 -66.54 -21.45
N HIS J 4812 -50.26 -67.37 -20.40
CA HIS J 4812 -49.58 -67.03 -19.16
C HIS J 4812 -48.08 -67.28 -19.21
N LEU J 4813 -47.57 -67.93 -20.26
CA LEU J 4813 -46.12 -68.00 -20.44
C LEU J 4813 -45.56 -66.77 -21.16
N LEU J 4814 -46.41 -65.81 -21.52
CA LEU J 4814 -45.95 -64.48 -21.90
C LEU J 4814 -45.68 -63.59 -20.68
N ASP J 4815 -45.78 -64.15 -19.47
CA ASP J 4815 -45.44 -63.41 -18.26
C ASP J 4815 -43.93 -63.21 -18.18
N ILE J 4816 -43.15 -64.07 -18.84
CA ILE J 4816 -41.69 -63.94 -18.87
C ILE J 4816 -41.27 -62.69 -19.66
N ALA J 4817 -42.13 -62.20 -20.56
CA ALA J 4817 -41.82 -60.97 -21.28
C ALA J 4817 -41.97 -59.75 -20.38
N MET J 4818 -42.96 -59.76 -19.48
CA MET J 4818 -43.20 -58.63 -18.59
C MET J 4818 -42.60 -58.81 -17.21
N GLY J 4819 -42.23 -60.02 -16.82
CA GLY J 4819 -41.70 -60.26 -15.50
C GLY J 4819 -40.29 -59.73 -15.31
N VAL J 4820 -39.36 -60.25 -16.10
CA VAL J 4820 -37.98 -59.77 -16.06
C VAL J 4820 -37.86 -58.48 -16.86
N LYS J 4821 -36.94 -57.61 -16.45
CA LYS J 4821 -36.76 -56.34 -17.14
C LYS J 4821 -35.93 -56.51 -18.42
N THR J 4822 -35.28 -57.66 -18.60
CA THR J 4822 -34.47 -57.89 -19.79
C THR J 4822 -35.34 -58.02 -21.04
N LEU J 4823 -36.36 -58.88 -20.99
CA LEU J 4823 -37.25 -59.09 -22.13
C LEU J 4823 -38.42 -58.12 -22.18
N ARG J 4824 -38.48 -57.15 -21.28
CA ARG J 4824 -39.51 -56.12 -21.39
C ARG J 4824 -39.06 -54.97 -22.26
N THR J 4825 -37.75 -54.72 -22.34
CA THR J 4825 -37.24 -53.69 -23.23
C THR J 4825 -37.35 -54.11 -24.69
N ILE J 4826 -37.42 -55.41 -24.95
CA ILE J 4826 -37.67 -55.88 -26.31
C ILE J 4826 -39.12 -55.64 -26.70
N LEU J 4827 -40.04 -55.82 -25.75
CA LEU J 4827 -41.46 -55.61 -26.03
C LEU J 4827 -41.84 -54.14 -25.98
N SER J 4828 -41.18 -53.36 -25.12
CA SER J 4828 -41.45 -51.93 -25.06
C SER J 4828 -40.78 -51.15 -26.18
N SER J 4829 -39.82 -51.75 -26.88
CA SER J 4829 -39.19 -51.07 -28.02
C SER J 4829 -40.13 -50.98 -29.22
N VAL J 4830 -41.14 -51.85 -29.29
CA VAL J 4830 -42.10 -51.78 -30.39
C VAL J 4830 -43.00 -50.56 -30.23
N THR J 4831 -43.40 -50.26 -29.00
CA THR J 4831 -44.26 -49.12 -28.72
C THR J 4831 -43.49 -47.84 -28.38
N HIS J 4832 -42.17 -47.94 -28.17
CA HIS J 4832 -41.36 -46.74 -27.98
C HIS J 4832 -41.24 -45.94 -29.25
N ASN J 4833 -41.09 -46.61 -30.39
CA ASN J 4833 -41.02 -45.98 -31.70
C ASN J 4833 -42.14 -46.49 -32.58
N GLY J 4834 -43.33 -46.61 -31.98
CA GLY J 4834 -44.45 -47.21 -32.69
C GLY J 4834 -45.09 -46.27 -33.69
N LYS J 4835 -44.91 -44.96 -33.51
CA LYS J 4835 -45.43 -43.99 -34.48
C LYS J 4835 -44.63 -44.06 -35.77
N GLN J 4836 -43.31 -44.16 -35.67
CA GLN J 4836 -42.48 -44.24 -36.86
C GLN J 4836 -42.62 -45.57 -37.59
N LEU J 4837 -42.99 -46.64 -36.89
CA LEU J 4837 -43.08 -47.93 -37.55
C LEU J 4837 -44.39 -48.06 -38.33
N VAL J 4838 -45.47 -47.48 -37.82
CA VAL J 4838 -46.79 -47.71 -38.43
C VAL J 4838 -46.92 -46.92 -39.74
N MET J 4839 -46.12 -45.88 -39.90
CA MET J 4839 -46.10 -45.16 -41.18
C MET J 4839 -45.20 -45.84 -42.21
N THR J 4840 -44.11 -46.49 -41.79
CA THR J 4840 -43.29 -47.23 -42.76
C THR J 4840 -44.00 -48.46 -43.31
N VAL J 4841 -44.72 -49.19 -42.45
CA VAL J 4841 -45.58 -50.26 -42.95
C VAL J 4841 -46.78 -49.67 -43.70
N GLY J 4842 -47.15 -48.43 -43.38
CA GLY J 4842 -48.10 -47.70 -44.21
C GLY J 4842 -47.49 -47.26 -45.52
N LEU J 4843 -46.19 -46.97 -45.52
CA LEU J 4843 -45.50 -46.64 -46.76
C LEU J 4843 -45.24 -47.90 -47.59
N LEU J 4844 -44.94 -49.01 -46.92
CA LEU J 4844 -44.71 -50.28 -47.62
C LEU J 4844 -46.02 -50.81 -48.20
N ALA J 4845 -47.15 -50.44 -47.61
CA ALA J 4845 -48.44 -50.87 -48.14
C ALA J 4845 -48.78 -50.16 -49.44
N VAL J 4846 -48.43 -48.87 -49.56
CA VAL J 4846 -48.82 -48.13 -50.77
C VAL J 4846 -47.80 -48.29 -51.89
N VAL J 4847 -46.57 -48.71 -51.57
CA VAL J 4847 -45.61 -49.01 -52.63
C VAL J 4847 -45.94 -50.35 -53.27
N VAL J 4848 -46.25 -51.36 -52.45
CA VAL J 4848 -46.60 -52.69 -52.96
C VAL J 4848 -47.93 -52.63 -53.71
N TYR J 4849 -48.88 -51.81 -53.24
CA TYR J 4849 -50.12 -51.59 -53.98
C TYR J 4849 -49.87 -50.81 -55.27
N LEU J 4850 -48.82 -49.99 -55.29
CA LEU J 4850 -48.45 -49.36 -56.56
C LEU J 4850 -47.62 -50.32 -57.41
N TYR J 4851 -47.05 -51.35 -56.81
CA TYR J 4851 -46.40 -52.39 -57.61
C TYR J 4851 -47.38 -53.42 -58.14
N THR J 4852 -48.55 -53.57 -57.49
CA THR J 4852 -49.51 -54.54 -58.01
C THR J 4852 -50.31 -53.95 -59.17
N VAL J 4853 -50.51 -52.62 -59.20
CA VAL J 4853 -51.33 -52.02 -60.25
C VAL J 4853 -50.58 -52.01 -61.59
N VAL J 4854 -49.25 -51.87 -61.52
CA VAL J 4854 -48.44 -51.96 -62.73
C VAL J 4854 -48.38 -53.40 -63.22
N ALA J 4855 -48.38 -54.35 -62.28
CA ALA J 4855 -48.41 -55.77 -62.64
C ALA J 4855 -49.79 -56.21 -63.12
N PHE J 4856 -50.84 -55.51 -62.68
CA PHE J 4856 -52.19 -55.89 -63.07
C PHE J 4856 -52.51 -55.46 -64.49
N ASN J 4857 -51.92 -54.36 -64.96
CA ASN J 4857 -52.26 -53.83 -66.26
C ASN J 4857 -51.31 -54.31 -67.36
N PHE J 4858 -50.04 -54.56 -67.05
CA PHE J 4858 -49.08 -54.93 -68.10
C PHE J 4858 -48.47 -56.31 -67.92
N PHE J 4859 -48.42 -56.85 -66.70
CA PHE J 4859 -47.75 -58.14 -66.51
C PHE J 4859 -48.68 -59.23 -65.99
N ARG J 4860 -49.91 -59.27 -66.49
CA ARG J 4860 -50.90 -60.17 -65.89
C ARG J 4860 -50.80 -61.58 -66.44
N LYS J 4861 -50.28 -61.76 -67.66
CA LYS J 4861 -50.16 -63.09 -68.24
C LYS J 4861 -49.02 -63.90 -67.63
N PHE J 4862 -48.16 -63.27 -66.82
CA PHE J 4862 -47.04 -63.97 -66.19
C PHE J 4862 -47.45 -64.67 -64.89
N TYR J 4863 -48.44 -64.15 -64.19
CA TYR J 4863 -48.78 -64.62 -62.84
C TYR J 4863 -49.66 -65.86 -62.96
N ASN J 4864 -49.06 -67.03 -62.71
CA ASN J 4864 -49.79 -68.29 -62.78
C ASN J 4864 -48.98 -69.29 -61.95
N LYS J 4865 -49.47 -69.62 -60.77
CA LYS J 4865 -48.79 -70.58 -59.89
C LYS J 4865 -49.12 -72.03 -60.19
N SER J 4866 -50.14 -72.29 -61.01
CA SER J 4866 -50.57 -73.65 -61.28
C SER J 4866 -49.60 -74.34 -62.24
N GLU J 4867 -49.12 -75.51 -61.85
CA GLU J 4867 -48.24 -76.31 -62.69
C GLU J 4867 -49.00 -77.31 -63.56
N ASP J 4868 -50.33 -77.37 -63.41
CA ASP J 4868 -51.17 -78.23 -64.23
C ASP J 4868 -51.73 -77.42 -65.38
N GLU J 4869 -51.63 -77.96 -66.60
CA GLU J 4869 -51.98 -77.20 -67.78
C GLU J 4869 -53.48 -77.09 -67.98
N ASP J 4870 -54.24 -78.14 -67.66
CA ASP J 4870 -55.67 -78.11 -67.92
C ASP J 4870 -56.41 -77.27 -66.89
N GLU J 4871 -55.96 -77.27 -65.64
CA GLU J 4871 -56.59 -76.49 -64.58
C GLU J 4871 -55.76 -75.24 -64.28
N PRO J 4872 -56.04 -74.10 -64.94
CA PRO J 4872 -55.17 -72.93 -64.78
C PRO J 4872 -55.61 -72.02 -63.66
N ASP J 4873 -54.70 -71.63 -62.78
CA ASP J 4873 -55.00 -70.72 -61.68
C ASP J 4873 -54.16 -69.46 -61.88
N MET J 4874 -54.75 -68.45 -62.53
CA MET J 4874 -54.10 -67.16 -62.74
C MET J 4874 -54.51 -66.25 -61.60
N LYS J 4875 -53.56 -65.94 -60.72
CA LYS J 4875 -53.86 -65.16 -59.51
C LYS J 4875 -54.06 -63.68 -59.81
N CYS J 4876 -53.49 -63.16 -60.91
CA CYS J 4876 -53.59 -61.72 -61.23
C CYS J 4876 -54.78 -61.46 -62.14
N ASP J 4877 -55.96 -61.80 -61.63
CA ASP J 4877 -57.24 -61.54 -62.28
C ASP J 4877 -58.14 -60.61 -61.50
N ASP J 4878 -58.22 -60.74 -60.18
CA ASP J 4878 -58.84 -59.72 -59.34
C ASP J 4878 -57.75 -59.03 -58.54
N MET J 4879 -57.92 -57.73 -58.31
CA MET J 4879 -56.83 -56.94 -57.75
C MET J 4879 -56.72 -57.14 -56.24
N MET J 4880 -57.85 -57.31 -55.55
CA MET J 4880 -57.82 -57.60 -54.12
C MET J 4880 -57.24 -59.00 -53.87
N THR J 4881 -57.44 -59.92 -54.81
CA THR J 4881 -56.77 -61.22 -54.74
C THR J 4881 -55.26 -61.06 -54.94
N CYS J 4882 -54.85 -60.21 -55.89
CA CYS J 4882 -53.44 -60.11 -56.25
C CYS J 4882 -52.66 -59.25 -55.24
N TYR J 4883 -53.30 -58.22 -54.69
CA TYR J 4883 -52.64 -57.39 -53.68
C TYR J 4883 -52.42 -58.17 -52.39
N LEU J 4884 -53.32 -59.11 -52.09
CA LEU J 4884 -53.08 -60.02 -50.97
C LEU J 4884 -51.94 -60.97 -51.30
N PHE J 4885 -51.74 -61.28 -52.59
CA PHE J 4885 -50.68 -62.19 -52.99
C PHE J 4885 -49.31 -61.52 -52.90
N HIS J 4886 -49.23 -60.22 -53.20
CA HIS J 4886 -47.95 -59.52 -53.16
C HIS J 4886 -47.46 -59.28 -51.74
N MET J 4887 -48.36 -58.88 -50.84
CA MET J 4887 -47.93 -58.59 -49.48
C MET J 4887 -47.72 -59.85 -48.64
N TYR J 4888 -48.03 -61.03 -49.20
CA TYR J 4888 -47.80 -62.28 -48.50
C TYR J 4888 -46.55 -63.04 -48.96
N VAL J 4889 -46.19 -62.99 -50.23
CA VAL J 4889 -45.00 -63.69 -50.72
C VAL J 4889 -43.90 -62.71 -51.10
N GLY J 4890 -44.25 -61.46 -51.43
CA GLY J 4890 -43.25 -60.52 -51.90
C GLY J 4890 -42.37 -59.98 -50.77
N VAL J 4891 -42.96 -59.78 -49.58
CA VAL J 4891 -42.18 -59.31 -48.45
C VAL J 4891 -41.55 -60.46 -47.67
N ARG J 4892 -41.82 -61.71 -48.06
CA ARG J 4892 -41.27 -62.87 -47.37
C ARG J 4892 -40.19 -63.59 -48.17
N ALA J 4893 -40.09 -63.36 -49.48
CA ALA J 4893 -39.22 -64.19 -50.31
C ALA J 4893 -37.76 -63.81 -50.12
N GLY J 4894 -37.47 -62.54 -49.86
CA GLY J 4894 -36.11 -62.06 -49.72
C GLY J 4894 -35.41 -61.74 -51.01
N GLY J 4895 -35.90 -62.24 -52.14
CA GLY J 4895 -35.28 -62.00 -53.43
C GLY J 4895 -36.25 -61.44 -54.45
N GLY J 4896 -37.37 -60.91 -54.00
CA GLY J 4896 -38.31 -60.24 -54.89
C GLY J 4896 -39.48 -61.12 -55.28
N ILE J 4897 -40.33 -60.55 -56.15
CA ILE J 4897 -41.52 -61.25 -56.59
C ILE J 4897 -41.22 -62.29 -57.67
N GLY J 4898 -40.08 -62.18 -58.35
CA GLY J 4898 -39.80 -63.02 -59.50
C GLY J 4898 -39.44 -64.46 -59.19
N ASP J 4899 -39.32 -64.81 -57.91
CA ASP J 4899 -39.03 -66.20 -57.55
C ASP J 4899 -40.25 -67.09 -57.78
N GLU J 4900 -41.45 -66.54 -57.65
CA GLU J 4900 -42.68 -67.33 -57.72
C GLU J 4900 -43.32 -67.25 -59.10
N ILE J 4901 -42.71 -66.52 -60.02
CA ILE J 4901 -43.26 -66.25 -61.33
C ILE J 4901 -42.33 -66.87 -62.37
N GLU J 4902 -42.88 -67.21 -63.53
CA GLU J 4902 -42.10 -67.78 -64.63
C GLU J 4902 -41.04 -66.81 -65.12
N ASP J 4903 -40.00 -67.37 -65.74
CA ASP J 4903 -38.87 -66.57 -66.19
C ASP J 4903 -39.21 -65.76 -67.44
N PRO J 4904 -38.63 -64.56 -67.59
CA PRO J 4904 -38.93 -63.74 -68.78
C PRO J 4904 -38.05 -64.07 -69.99
N ALA J 4905 -38.02 -65.33 -70.39
CA ALA J 4905 -37.24 -65.70 -71.57
C ALA J 4905 -37.96 -65.38 -72.87
N GLY J 4906 -39.27 -65.14 -72.81
CA GLY J 4906 -40.00 -64.74 -74.00
C GLY J 4906 -39.69 -63.31 -74.39
N ASP J 4907 -39.84 -63.04 -75.69
CA ASP J 4907 -39.48 -61.74 -76.24
C ASP J 4907 -40.48 -60.65 -75.85
N GLU J 4908 -41.73 -61.03 -75.55
CA GLU J 4908 -42.75 -60.07 -75.17
C GLU J 4908 -42.51 -59.60 -73.74
N TYR J 4909 -42.20 -58.30 -73.59
CA TYR J 4909 -41.91 -57.64 -72.31
C TYR J 4909 -40.74 -58.31 -71.58
N GLU J 4910 -39.63 -58.48 -72.31
CA GLU J 4910 -38.44 -59.10 -71.74
C GLU J 4910 -37.58 -58.10 -70.98
N LEU J 4911 -37.51 -56.85 -71.43
CA LEU J 4911 -36.71 -55.83 -70.76
C LEU J 4911 -37.51 -55.01 -69.75
N TYR J 4912 -38.83 -54.89 -69.93
CA TYR J 4912 -39.67 -54.19 -68.97
C TYR J 4912 -39.78 -54.97 -67.66
N ARG J 4913 -39.94 -56.29 -67.76
CA ARG J 4913 -40.09 -57.11 -66.56
C ARG J 4913 -38.78 -57.26 -65.80
N VAL J 4914 -37.65 -57.38 -66.51
CA VAL J 4914 -36.36 -57.60 -65.84
C VAL J 4914 -35.89 -56.35 -65.10
N VAL J 4915 -36.47 -55.20 -65.40
CA VAL J 4915 -36.17 -53.97 -64.68
C VAL J 4915 -37.23 -53.83 -63.57
N PHE J 4916 -38.40 -54.43 -63.79
CA PHE J 4916 -39.51 -54.28 -62.85
C PHE J 4916 -39.25 -55.03 -61.55
N ASP J 4917 -38.71 -56.25 -61.64
CA ASP J 4917 -38.47 -57.05 -60.44
C ASP J 4917 -37.29 -56.51 -59.64
N ILE J 4918 -36.32 -55.93 -60.33
CA ILE J 4918 -35.09 -55.48 -59.67
C ILE J 4918 -35.37 -54.24 -58.82
N THR J 4919 -36.14 -53.30 -59.36
CA THR J 4919 -36.52 -52.12 -58.56
C THR J 4919 -37.58 -52.45 -57.53
N PHE J 4920 -38.25 -53.60 -57.64
CA PHE J 4920 -39.14 -54.04 -56.58
C PHE J 4920 -38.36 -54.72 -55.47
N PHE J 4921 -37.34 -55.50 -55.83
CA PHE J 4921 -36.46 -56.13 -54.85
C PHE J 4921 -35.62 -55.10 -54.12
N PHE J 4922 -35.24 -54.02 -54.81
CA PHE J 4922 -34.39 -53.01 -54.21
C PHE J 4922 -35.14 -52.16 -53.19
N PHE J 4923 -36.46 -52.04 -53.31
CA PHE J 4923 -37.20 -51.10 -52.48
C PHE J 4923 -37.77 -51.77 -51.24
N VAL J 4924 -38.50 -52.88 -51.39
CA VAL J 4924 -39.35 -53.41 -50.32
C VAL J 4924 -38.59 -54.30 -49.35
N ILE J 4925 -37.49 -54.90 -49.77
CA ILE J 4925 -36.73 -55.84 -48.94
C ILE J 4925 -35.39 -55.25 -48.52
N VAL J 4926 -34.63 -54.71 -49.49
CA VAL J 4926 -33.29 -54.19 -49.21
C VAL J 4926 -33.36 -52.90 -48.39
N ILE J 4927 -34.38 -52.06 -48.62
CA ILE J 4927 -34.45 -50.79 -47.93
C ILE J 4927 -35.55 -50.80 -46.87
N LEU J 4928 -36.80 -50.95 -47.29
CA LEU J 4928 -37.94 -50.70 -46.40
C LEU J 4928 -38.07 -51.79 -45.33
N LEU J 4929 -37.69 -53.02 -45.67
CA LEU J 4929 -37.65 -54.07 -44.64
C LEU J 4929 -36.38 -54.00 -43.80
N ALA J 4930 -35.35 -53.32 -44.31
CA ALA J 4930 -34.19 -53.01 -43.47
C ALA J 4930 -34.37 -51.69 -42.74
N ILE J 4931 -35.34 -50.87 -43.16
CA ILE J 4931 -35.73 -49.70 -42.37
C ILE J 4931 -36.41 -50.16 -41.07
N ILE J 4932 -37.29 -51.17 -41.17
CA ILE J 4932 -38.10 -51.59 -40.02
C ILE J 4932 -37.22 -52.30 -38.98
N GLN J 4933 -36.37 -53.22 -39.42
CA GLN J 4933 -35.40 -53.80 -38.49
C GLN J 4933 -34.31 -52.80 -38.15
N GLY J 4934 -34.10 -51.80 -39.02
CA GLY J 4934 -33.27 -50.66 -38.65
C GLY J 4934 -33.95 -49.70 -37.70
N LEU J 4935 -35.25 -49.89 -37.41
CA LEU J 4935 -35.97 -49.00 -36.52
C LEU J 4935 -36.18 -49.59 -35.12
N ILE J 4936 -36.27 -50.92 -35.00
CA ILE J 4936 -36.53 -51.53 -33.70
C ILE J 4936 -35.23 -51.79 -32.94
N ILE J 4937 -34.20 -52.30 -33.62
CA ILE J 4937 -32.96 -52.70 -32.95
C ILE J 4937 -32.20 -51.50 -32.39
N ASP J 4938 -32.19 -50.37 -33.09
CA ASP J 4938 -31.60 -49.18 -32.48
C ASP J 4938 -32.53 -48.57 -31.43
N ALA J 4939 -33.85 -48.77 -31.58
CA ALA J 4939 -34.75 -48.45 -30.48
C ALA J 4939 -34.52 -49.40 -29.32
N PHE J 4940 -34.28 -50.68 -29.60
CA PHE J 4940 -33.84 -51.60 -28.56
C PHE J 4940 -32.44 -51.25 -28.08
N GLY J 4941 -31.59 -50.75 -28.99
CA GLY J 4941 -30.25 -50.38 -28.59
C GLY J 4941 -30.21 -49.15 -27.72
N GLU J 4942 -31.00 -48.13 -28.05
CA GLU J 4942 -30.97 -46.88 -27.30
C GLU J 4942 -31.61 -47.04 -25.92
N LEU J 4943 -32.68 -47.85 -25.82
CA LEU J 4943 -33.32 -48.06 -24.52
C LEU J 4943 -32.41 -48.78 -23.53
N ARG J 4944 -31.58 -49.72 -23.99
CA ARG J 4944 -30.62 -50.31 -23.06
C ARG J 4944 -29.47 -49.36 -22.78
N ASP J 4945 -29.17 -48.45 -23.71
CA ASP J 4945 -28.14 -47.45 -23.44
C ASP J 4945 -28.60 -46.41 -22.42
N GLN J 4946 -29.91 -46.16 -22.32
CA GLN J 4946 -30.33 -45.25 -21.25
C GLN J 4946 -30.49 -45.99 -19.92
N GLN J 4947 -30.65 -47.31 -19.91
CA GLN J 4947 -30.62 -48.02 -18.64
C GLN J 4947 -29.21 -48.20 -18.11
N GLU J 4948 -28.20 -48.16 -18.98
CA GLU J 4948 -26.84 -48.26 -18.46
C GLU J 4948 -26.30 -46.88 -18.08
N GLN J 4949 -26.77 -45.81 -18.71
CA GLN J 4949 -26.25 -44.48 -18.41
C GLN J 4949 -26.89 -43.92 -17.14
N VAL J 4950 -28.08 -44.42 -16.79
CA VAL J 4950 -28.70 -44.10 -15.49
C VAL J 4950 -27.82 -44.64 -14.36
N LYS J 4951 -27.29 -45.86 -14.53
CA LYS J 4951 -26.39 -46.42 -13.52
C LYS J 4951 -25.05 -45.68 -13.48
N GLU J 4952 -24.58 -45.19 -14.63
CA GLU J 4952 -23.24 -44.61 -14.69
C GLU J 4952 -23.24 -43.18 -14.15
N ASP J 4953 -24.27 -42.40 -14.49
CA ASP J 4953 -24.37 -41.02 -14.01
C ASP J 4953 -24.73 -40.99 -12.52
N MET J 4954 -25.43 -42.03 -12.04
CA MET J 4954 -25.68 -42.17 -10.62
C MET J 4954 -24.39 -42.49 -9.86
N GLU J 4955 -23.51 -43.28 -10.47
CA GLU J 4955 -22.22 -43.61 -9.87
C GLU J 4955 -21.20 -42.48 -10.00
N THR J 4956 -21.55 -41.40 -10.70
CA THR J 4956 -20.65 -40.27 -10.91
C THR J 4956 -21.16 -39.01 -10.25
N LYS J 4957 -22.41 -38.63 -10.47
CA LYS J 4957 -22.96 -37.45 -9.83
C LYS J 4957 -23.69 -37.81 -8.54
N CYS J 4958 -24.11 -36.76 -7.82
CA CYS J 4958 -24.41 -36.87 -6.40
C CYS J 4958 -25.90 -36.81 -6.06
N PHE J 4959 -26.78 -36.62 -7.06
CA PHE J 4959 -28.25 -36.67 -6.99
C PHE J 4959 -28.88 -35.51 -6.20
N ILE J 4960 -28.06 -34.77 -5.45
CA ILE J 4960 -28.51 -33.71 -4.57
C ILE J 4960 -27.81 -32.40 -4.89
N CYS J 4961 -26.48 -32.41 -4.94
CA CYS J 4961 -25.66 -31.24 -5.26
C CYS J 4961 -25.03 -31.38 -6.64
N GLY J 4962 -24.62 -30.24 -7.21
CA GLY J 4962 -24.19 -30.18 -8.60
C GLY J 4962 -22.70 -30.23 -8.85
N ILE J 4963 -21.98 -31.13 -8.19
CA ILE J 4963 -20.56 -31.33 -8.43
C ILE J 4963 -20.31 -32.80 -8.75
N GLY J 4964 -19.48 -33.06 -9.77
CA GLY J 4964 -19.18 -34.41 -10.19
C GLY J 4964 -18.19 -35.10 -9.26
N SER J 4965 -17.83 -36.32 -9.64
CA SER J 4965 -16.89 -37.12 -8.86
C SER J 4965 -15.44 -36.78 -9.13
N ASP J 4966 -15.18 -35.80 -9.99
CA ASP J 4966 -13.81 -35.39 -10.30
C ASP J 4966 -13.28 -34.39 -9.29
N TYR J 4967 -14.18 -33.70 -8.58
CA TYR J 4967 -13.75 -32.76 -7.54
C TYR J 4967 -13.33 -33.49 -6.28
N PHE J 4968 -13.93 -34.63 -5.99
CA PHE J 4968 -13.67 -35.34 -4.75
C PHE J 4968 -12.52 -36.34 -4.88
N ASP J 4969 -11.76 -36.26 -5.97
CA ASP J 4969 -10.59 -37.09 -6.20
C ASP J 4969 -9.34 -36.58 -5.48
N THR J 4970 -9.43 -35.45 -4.77
CA THR J 4970 -8.28 -34.94 -4.04
C THR J 4970 -7.98 -35.76 -2.80
N THR J 4971 -8.98 -36.41 -2.22
CA THR J 4971 -8.80 -37.31 -1.09
C THR J 4971 -9.27 -38.71 -1.48
N PRO J 4972 -8.57 -39.76 -1.03
CA PRO J 4972 -9.03 -41.12 -1.33
C PRO J 4972 -10.31 -41.45 -0.60
N HIS J 4973 -11.19 -42.19 -1.29
CA HIS J 4973 -12.56 -42.51 -0.85
C HIS J 4973 -13.37 -41.25 -0.51
N GLY J 4974 -13.18 -40.20 -1.30
CA GLY J 4974 -13.87 -38.94 -1.01
C GLY J 4974 -15.31 -38.96 -1.50
N PHE J 4975 -15.57 -39.63 -2.61
CA PHE J 4975 -16.94 -39.70 -3.12
C PHE J 4975 -17.81 -40.64 -2.29
N GLU J 4976 -17.21 -41.69 -1.72
CA GLU J 4976 -18.00 -42.58 -0.87
C GLU J 4976 -18.24 -41.92 0.48
N THR J 4977 -17.30 -41.11 0.94
CA THR J 4977 -17.52 -40.27 2.11
C THR J 4977 -18.56 -39.19 1.82
N HIS J 4978 -18.61 -38.71 0.58
CA HIS J 4978 -19.62 -37.72 0.22
C HIS J 4978 -20.98 -38.36 0.03
N THR J 4979 -21.01 -39.67 -0.28
CA THR J 4979 -22.27 -40.35 -0.51
C THR J 4979 -22.87 -40.90 0.78
N LEU J 4980 -22.14 -41.76 1.49
CA LEU J 4980 -22.71 -42.48 2.63
C LEU J 4980 -22.91 -41.57 3.84
N GLU J 4981 -21.92 -40.74 4.16
CA GLU J 4981 -22.01 -39.89 5.34
C GLU J 4981 -22.72 -38.57 5.07
N GLU J 4982 -22.19 -37.74 4.18
CA GLU J 4982 -22.68 -36.37 4.06
C GLU J 4982 -23.96 -36.23 3.24
N HIS J 4983 -23.96 -36.67 1.99
CA HIS J 4983 -25.12 -36.53 1.11
C HIS J 4983 -25.67 -37.91 0.76
N ASN J 4984 -26.51 -38.44 1.65
CA ASN J 4984 -27.19 -39.72 1.44
C ASN J 4984 -28.69 -39.49 1.33
N LEU J 4985 -29.32 -40.21 0.38
CA LEU J 4985 -30.75 -40.03 0.17
C LEU J 4985 -31.57 -40.61 1.31
N ALA J 4986 -31.03 -41.59 2.05
CA ALA J 4986 -31.73 -42.16 3.18
C ALA J 4986 -31.74 -41.24 4.38
N ASN J 4987 -30.71 -40.40 4.52
CA ASN J 4987 -30.67 -39.45 5.63
C ASN J 4987 -31.62 -38.29 5.41
N TYR J 4988 -32.01 -38.04 4.16
CA TYR J 4988 -32.94 -36.94 3.87
C TYR J 4988 -34.37 -37.34 4.20
N MET J 4989 -34.70 -38.63 4.08
CA MET J 4989 -35.97 -39.10 4.62
C MET J 4989 -35.92 -39.20 6.13
N PHE J 4990 -34.80 -39.68 6.68
CA PHE J 4990 -34.67 -39.88 8.11
C PHE J 4990 -34.71 -38.54 8.86
N PHE J 4991 -34.30 -37.46 8.18
CA PHE J 4991 -34.55 -36.11 8.70
C PHE J 4991 -36.04 -35.80 8.73
N LEU J 4992 -36.78 -36.28 7.72
CA LEU J 4992 -38.17 -35.86 7.58
C LEU J 4992 -39.06 -36.54 8.60
N MET J 4993 -38.92 -37.86 8.76
CA MET J 4993 -39.76 -38.60 9.70
C MET J 4993 -39.37 -38.32 11.15
N TYR J 4994 -38.15 -37.85 11.36
CA TYR J 4994 -37.78 -37.33 12.69
C TYR J 4994 -38.50 -36.01 12.96
N LEU J 4995 -38.75 -35.22 11.91
CA LEU J 4995 -39.47 -33.96 12.09
C LEU J 4995 -40.98 -34.18 12.18
N ILE J 4996 -41.47 -35.31 11.67
CA ILE J 4996 -42.88 -35.64 11.84
C ILE J 4996 -43.17 -36.00 13.28
N ASN J 4997 -42.30 -36.81 13.91
CA ASN J 4997 -42.64 -37.42 15.19
C ASN J 4997 -42.46 -36.44 16.35
N LYS J 4998 -41.47 -35.55 16.27
CA LYS J 4998 -41.23 -34.64 17.38
C LYS J 4998 -42.14 -33.42 17.28
N ASP J 4999 -42.31 -32.74 18.40
CA ASP J 4999 -43.26 -31.64 18.50
C ASP J 4999 -42.72 -30.38 17.82
N GLU J 5000 -43.63 -29.44 17.55
CA GLU J 5000 -43.24 -28.15 17.00
C GLU J 5000 -42.57 -27.26 18.04
N THR J 5001 -42.86 -27.47 19.33
CA THR J 5001 -42.21 -26.70 20.38
C THR J 5001 -40.89 -27.32 20.82
N GLU J 5002 -40.51 -28.45 20.24
CA GLU J 5002 -39.23 -29.09 20.52
C GLU J 5002 -38.23 -28.91 19.38
N HIS J 5003 -38.60 -28.17 18.34
CA HIS J 5003 -37.69 -27.94 17.22
C HIS J 5003 -36.63 -26.91 17.60
N THR J 5004 -35.45 -27.04 17.01
CA THR J 5004 -34.43 -26.01 17.11
C THR J 5004 -34.62 -25.03 15.97
N GLY J 5005 -33.70 -24.07 15.83
CA GLY J 5005 -33.86 -23.03 14.82
C GLY J 5005 -33.60 -23.55 13.41
N GLN J 5006 -32.65 -24.47 13.26
CA GLN J 5006 -32.36 -25.01 11.95
C GLN J 5006 -33.45 -25.97 11.50
N GLU J 5007 -34.09 -26.67 12.44
CA GLU J 5007 -35.10 -27.65 12.07
C GLU J 5007 -36.47 -27.00 11.88
N SER J 5008 -36.72 -25.90 12.60
CA SER J 5008 -37.97 -25.16 12.39
C SER J 5008 -37.91 -24.35 11.10
N TYR J 5009 -36.71 -24.04 10.61
CA TYR J 5009 -36.57 -23.29 9.37
C TYR J 5009 -36.82 -24.19 8.16
N VAL J 5010 -36.35 -25.44 8.22
CA VAL J 5010 -36.60 -26.35 7.10
C VAL J 5010 -38.03 -26.89 7.18
N TRP J 5011 -38.63 -26.89 8.37
CA TRP J 5011 -40.01 -27.34 8.50
C TRP J 5011 -40.99 -26.31 7.92
N LYS J 5012 -40.72 -25.02 8.12
CA LYS J 5012 -41.59 -24.02 7.52
C LYS J 5012 -41.34 -23.89 6.03
N MET J 5013 -40.15 -24.25 5.56
CA MET J 5013 -39.86 -24.17 4.13
C MET J 5013 -40.45 -25.36 3.39
N TYR J 5014 -40.68 -26.47 4.10
CA TYR J 5014 -41.23 -27.67 3.47
C TYR J 5014 -42.75 -27.60 3.33
N GLN J 5015 -43.45 -27.00 4.29
CA GLN J 5015 -44.91 -27.02 4.25
C GLN J 5015 -45.47 -26.03 3.23
N GLU J 5016 -44.72 -24.99 2.88
CA GLU J 5016 -45.08 -24.16 1.73
C GLU J 5016 -44.39 -24.64 0.46
N ARG J 5017 -43.66 -25.76 0.54
CA ARG J 5017 -43.16 -26.55 -0.60
C ARG J 5017 -42.17 -25.76 -1.46
N CYS J 5018 -41.11 -25.28 -0.81
CA CYS J 5018 -39.99 -24.65 -1.50
C CYS J 5018 -38.71 -25.41 -1.15
N TRP J 5019 -37.86 -25.62 -2.15
CA TRP J 5019 -36.69 -26.48 -2.03
C TRP J 5019 -35.39 -25.73 -2.21
N ASP J 5020 -35.33 -24.50 -1.68
CA ASP J 5020 -34.08 -23.75 -1.65
C ASP J 5020 -33.18 -24.13 -0.49
N PHE J 5021 -33.65 -24.98 0.44
CA PHE J 5021 -32.77 -25.39 1.51
C PHE J 5021 -31.77 -26.45 1.06
N PHE J 5022 -31.99 -27.09 -0.10
CA PHE J 5022 -31.03 -28.03 -0.62
C PHE J 5022 -29.77 -27.28 -1.08
N PRO J 5023 -28.57 -27.88 -0.92
CA PRO J 5023 -27.32 -27.18 -1.26
C PRO J 5023 -27.19 -26.84 -2.73
N ALA J 5024 -27.22 -27.87 -3.57
CA ALA J 5024 -27.18 -27.80 -5.04
C ALA J 5024 -25.92 -27.08 -5.53
N GLY J 5025 -24.78 -27.69 -5.23
CA GLY J 5025 -23.51 -27.27 -5.80
C GLY J 5025 -22.41 -26.90 -4.82
N ASP J 5026 -22.62 -27.05 -3.52
CA ASP J 5026 -21.62 -26.70 -2.52
C ASP J 5026 -21.87 -27.54 -1.27
N CYS J 5027 -20.89 -28.35 -0.86
CA CYS J 5027 -21.17 -29.22 0.28
C CYS J 5027 -19.91 -29.36 1.13
N PHE J 5028 -19.66 -28.36 1.98
CA PHE J 5028 -18.61 -28.28 3.01
C PHE J 5028 -17.18 -28.38 2.45
N ARG J 5029 -17.00 -28.38 1.12
CA ARG J 5029 -15.68 -28.53 0.52
C ARG J 5029 -15.38 -27.51 -0.58
N LYS J 5030 -16.23 -26.49 -0.74
CA LYS J 5030 -15.99 -25.40 -1.69
C LYS J 5030 -15.82 -24.03 -1.05
N GLN J 5031 -16.52 -23.75 0.05
CA GLN J 5031 -16.52 -22.48 0.75
C GLN J 5031 -15.54 -22.45 1.92
N TYR J 5032 -15.32 -23.59 2.58
CA TYR J 5032 -14.39 -23.69 3.68
C TYR J 5032 -13.20 -24.56 3.28
N GLU J 5033 -12.87 -24.55 1.98
CA GLU J 5033 -11.81 -25.42 1.47
C GLU J 5033 -10.43 -24.92 1.90
N ASP J 5034 -10.26 -23.61 2.03
CA ASP J 5034 -8.97 -23.07 2.46
C ASP J 5034 -8.82 -23.10 3.97
N GLN J 5035 -9.93 -23.07 4.71
CA GLN J 5035 -9.89 -23.03 6.17
C GLN J 5035 -10.16 -24.39 6.83
N LEU J 5036 -10.11 -25.50 6.10
CA LEU J 5036 -10.11 -26.82 6.73
C LEU J 5036 -9.02 -27.65 6.08
N SER J 5037 -8.24 -28.36 6.90
CA SER J 5037 -7.15 -29.17 6.40
C SER J 5037 -7.12 -30.53 7.10
N GLY K 1 -88.16 28.76 91.67
CA GLY K 1 -89.54 29.16 91.49
C GLY K 1 -90.21 28.53 90.28
N VAL K 2 -91.26 27.74 90.53
CA VAL K 2 -92.05 27.10 89.48
C VAL K 2 -93.42 27.76 89.45
N GLU K 3 -93.74 28.40 88.33
CA GLU K 3 -95.03 29.04 88.15
C GLU K 3 -95.97 28.06 87.45
N ILE K 4 -96.93 27.53 88.19
CA ILE K 4 -97.91 26.59 87.65
C ILE K 4 -99.17 27.37 87.27
N GLU K 5 -99.38 27.50 85.97
CA GLU K 5 -100.59 28.09 85.42
C GLU K 5 -101.42 27.00 84.76
N THR K 6 -102.67 26.87 85.16
CA THR K 6 -103.52 25.79 84.68
C THR K 6 -104.06 26.10 83.28
N ILE K 7 -104.34 25.04 82.54
CA ILE K 7 -104.89 25.15 81.19
C ILE K 7 -106.27 24.49 81.09
N SER K 8 -106.39 23.26 81.58
CA SER K 8 -107.66 22.57 81.62
C SER K 8 -107.90 22.03 83.03
N PRO K 9 -109.13 22.05 83.53
CA PRO K 9 -109.40 21.59 84.89
C PRO K 9 -109.29 20.07 85.01
N GLY K 10 -109.07 19.63 86.24
CA GLY K 10 -108.91 18.21 86.54
C GLY K 10 -109.81 17.73 87.65
N ASP K 11 -109.39 16.66 88.34
CA ASP K 11 -110.22 16.07 89.39
C ASP K 11 -110.14 16.88 90.67
N GLY K 12 -108.93 17.22 91.10
CA GLY K 12 -108.72 18.06 92.26
C GLY K 12 -108.64 17.35 93.59
N ARG K 13 -108.68 16.02 93.61
CA ARG K 13 -108.53 15.27 94.86
C ARG K 13 -107.38 14.28 94.86
N THR K 14 -107.00 13.74 93.70
CA THR K 14 -105.90 12.78 93.62
C THR K 14 -104.61 13.48 93.22
N PHE K 15 -103.63 13.49 94.12
CA PHE K 15 -102.33 14.11 93.95
C PHE K 15 -101.22 13.09 94.17
N PRO K 16 -100.09 13.22 93.46
CA PRO K 16 -99.02 12.23 93.60
C PRO K 16 -98.31 12.31 94.95
N LYS K 17 -97.97 11.15 95.48
CA LYS K 17 -97.26 10.98 96.75
C LYS K 17 -95.90 10.35 96.47
N LYS K 18 -95.14 10.06 97.53
CA LYS K 18 -93.79 9.54 97.35
C LYS K 18 -93.81 8.08 96.91
N GLY K 19 -92.79 7.69 96.14
CA GLY K 19 -92.60 6.30 95.78
C GLY K 19 -93.63 5.75 94.83
N GLN K 20 -94.32 6.63 94.10
CA GLN K 20 -95.45 6.30 93.26
C GLN K 20 -95.11 6.72 91.84
N THR K 21 -95.51 5.92 90.86
CA THR K 21 -95.22 6.25 89.48
C THR K 21 -96.23 7.29 89.00
N CYS K 22 -95.84 8.03 87.97
CA CYS K 22 -96.78 8.87 87.25
C CYS K 22 -96.52 8.66 85.77
N VAL K 23 -97.58 8.82 84.96
CA VAL K 23 -97.42 8.95 83.52
C VAL K 23 -97.79 10.39 83.17
N VAL K 24 -96.93 11.04 82.38
CA VAL K 24 -97.07 12.44 82.01
C VAL K 24 -96.82 12.57 80.51
N HIS K 25 -97.81 13.06 79.77
CA HIS K 25 -97.66 13.20 78.33
C HIS K 25 -97.29 14.65 78.01
N TYR K 26 -96.09 15.06 78.39
CA TYR K 26 -95.68 16.45 78.32
C TYR K 26 -95.27 16.85 76.90
N THR K 27 -95.06 18.15 76.74
CA THR K 27 -94.36 18.70 75.57
C THR K 27 -93.67 19.99 76.02
N GLY K 28 -92.34 20.00 75.95
CA GLY K 28 -91.57 21.09 76.49
C GLY K 28 -91.20 22.13 75.46
N MET K 29 -91.09 23.38 75.92
CA MET K 29 -90.75 24.48 75.02
C MET K 29 -89.76 25.39 75.72
N LEU K 30 -89.18 26.30 74.94
CA LEU K 30 -88.30 27.32 75.46
C LEU K 30 -89.09 28.62 75.62
N GLN K 31 -88.40 29.66 76.09
CA GLN K 31 -89.08 30.94 76.32
C GLN K 31 -89.37 31.64 75.00
N ASN K 32 -88.50 31.44 73.99
CA ASN K 32 -88.66 32.10 72.70
C ASN K 32 -89.82 31.53 71.89
N GLY K 33 -90.27 30.32 72.20
CA GLY K 33 -91.30 29.66 71.42
C GLY K 33 -90.84 28.48 70.61
N LYS K 34 -89.60 28.04 70.78
CA LYS K 34 -89.06 26.92 70.02
C LYS K 34 -89.20 25.64 70.84
N LYS K 35 -89.79 24.62 70.24
CA LYS K 35 -90.01 23.36 70.95
C LYS K 35 -88.73 22.52 70.89
N PHE K 36 -88.34 22.00 72.04
CA PHE K 36 -87.16 21.15 72.15
C PHE K 36 -87.48 19.70 72.50
N ASP K 37 -88.65 19.42 73.06
CA ASP K 37 -89.06 18.08 73.41
C ASP K 37 -90.56 18.00 73.24
N SER K 38 -91.04 16.81 72.90
CA SER K 38 -92.45 16.48 72.94
C SER K 38 -92.53 14.98 73.16
N SER K 39 -93.49 14.52 73.96
CA SER K 39 -93.68 13.09 74.16
C SER K 39 -94.89 12.56 73.40
N ARG K 40 -95.48 13.38 72.53
CA ARG K 40 -96.64 12.97 71.72
C ARG K 40 -96.30 12.78 70.26
N ASP K 41 -95.11 13.21 69.81
CA ASP K 41 -94.65 12.85 68.48
C ASP K 41 -94.22 11.39 68.43
N ARG K 42 -93.74 10.85 69.56
CA ARG K 42 -93.37 9.46 69.67
C ARG K 42 -94.56 8.55 69.96
N ASN K 43 -95.68 9.12 70.41
CA ASN K 43 -96.87 8.40 70.89
C ASN K 43 -96.53 7.40 71.99
N LYS K 44 -95.65 7.79 72.90
CA LYS K 44 -95.23 7.00 74.05
C LYS K 44 -95.16 7.90 75.27
N PRO K 45 -96.04 7.71 76.25
CA PRO K 45 -96.10 8.66 77.38
C PRO K 45 -94.93 8.48 78.33
N PHE K 46 -94.42 9.60 78.82
CA PHE K 46 -93.30 9.57 79.75
C PHE K 46 -93.79 9.12 81.13
N LYS K 47 -93.08 8.14 81.69
CA LYS K 47 -93.37 7.65 83.03
C LYS K 47 -92.13 7.76 83.90
N PHE K 48 -92.32 8.29 85.11
CA PHE K 48 -91.24 8.58 86.04
C PHE K 48 -91.69 8.28 87.47
N ARG K 49 -90.72 8.03 88.34
CA ARG K 49 -90.96 7.82 89.76
C ARG K 49 -90.64 9.08 90.55
N ILE K 50 -91.54 9.46 91.45
CA ILE K 50 -91.44 10.74 92.13
C ILE K 50 -90.56 10.52 93.37
N GLY K 51 -89.57 11.39 93.55
CA GLY K 51 -88.72 11.39 94.72
C GLY K 51 -87.37 10.71 94.54
N LYS K 52 -87.22 9.88 93.51
CA LYS K 52 -85.96 9.16 93.29
C LYS K 52 -84.99 9.90 92.36
N GLN K 53 -85.28 11.18 92.06
CA GLN K 53 -84.39 12.10 91.33
C GLN K 53 -84.10 11.61 89.92
N GLU K 54 -85.14 11.16 89.23
CA GLU K 54 -85.01 10.81 87.82
C GLU K 54 -85.08 12.06 86.94
N VAL K 55 -86.17 12.81 87.07
CA VAL K 55 -86.38 14.05 86.33
C VAL K 55 -85.62 15.19 86.99
N ILE K 56 -85.56 16.34 86.32
CA ILE K 56 -85.00 17.54 86.92
C ILE K 56 -85.87 18.02 88.08
N LYS K 57 -85.30 18.94 88.88
CA LYS K 57 -85.97 19.42 90.09
C LYS K 57 -87.22 20.22 89.75
N GLY K 58 -87.22 20.94 88.63
CA GLY K 58 -88.37 21.74 88.27
C GLY K 58 -89.54 20.90 87.78
N PHE K 59 -89.26 19.70 87.29
CA PHE K 59 -90.30 18.84 86.74
C PHE K 59 -91.11 18.16 87.85
N GLU K 60 -90.43 17.70 88.90
CA GLU K 60 -91.12 16.94 89.94
C GLU K 60 -91.81 17.86 90.94
N GLU K 61 -91.20 19.01 91.25
CA GLU K 61 -91.90 20.05 92.01
C GLU K 61 -93.00 20.68 91.18
N GLY K 62 -92.96 20.51 89.86
CA GLY K 62 -94.08 20.86 89.02
C GLY K 62 -95.18 19.82 88.92
N ALA K 63 -94.81 18.53 88.90
CA ALA K 63 -95.81 17.48 88.77
C ALA K 63 -96.49 17.15 90.10
N ALA K 64 -95.90 17.56 91.22
CA ALA K 64 -96.47 17.22 92.52
C ALA K 64 -97.65 18.12 92.87
N GLN K 65 -97.74 19.29 92.27
CA GLN K 65 -98.77 20.26 92.63
C GLN K 65 -100.06 20.07 91.83
N MET K 66 -100.10 19.11 90.91
CA MET K 66 -101.26 18.95 90.05
C MET K 66 -102.11 17.77 90.49
N SER K 67 -103.26 17.64 89.83
CA SER K 67 -104.23 16.60 90.12
C SER K 67 -104.29 15.62 88.94
N LEU K 68 -105.08 14.56 89.12
CA LEU K 68 -105.25 13.58 88.07
C LEU K 68 -106.15 14.16 86.97
N GLY K 69 -105.69 14.06 85.73
CA GLY K 69 -106.42 14.60 84.60
C GLY K 69 -106.25 16.09 84.38
N GLN K 70 -105.46 16.77 85.21
CA GLN K 70 -105.23 18.20 85.03
C GLN K 70 -104.10 18.42 84.04
N ARG K 71 -104.23 19.47 83.24
CA ARG K 71 -103.20 19.89 82.30
C ARG K 71 -102.83 21.34 82.62
N ALA K 72 -101.57 21.56 82.98
CA ALA K 72 -101.09 22.87 83.37
C ALA K 72 -99.88 23.27 82.51
N LYS K 73 -99.39 24.48 82.77
CA LYS K 73 -98.28 25.09 82.02
C LYS K 73 -97.25 25.58 83.02
N LEU K 74 -96.05 25.02 82.98
CA LEU K 74 -95.04 25.47 83.91
C LEU K 74 -94.07 26.41 83.23
N THR K 75 -93.42 27.25 84.04
CA THR K 75 -92.31 28.09 83.60
C THR K 75 -91.16 27.85 84.59
N CYS K 76 -90.28 26.91 84.24
CA CYS K 76 -89.17 26.57 85.12
C CYS K 76 -88.03 27.57 84.94
N THR K 77 -87.60 28.18 86.05
CA THR K 77 -86.51 29.13 86.03
C THR K 77 -85.20 28.40 85.74
N PRO K 78 -84.22 29.09 85.12
CA PRO K 78 -82.95 28.42 84.78
C PRO K 78 -82.10 28.02 85.98
N ASP K 79 -82.41 28.51 87.19
CA ASP K 79 -81.68 28.11 88.37
C ASP K 79 -81.99 26.68 88.78
N VAL K 80 -83.22 26.22 88.55
CA VAL K 80 -83.67 24.91 89.02
C VAL K 80 -83.51 23.83 87.96
N ALA K 81 -83.22 24.21 86.70
CA ALA K 81 -83.11 23.23 85.60
C ALA K 81 -82.00 23.67 84.66
N TYR K 82 -80.88 22.95 84.68
CA TYR K 82 -79.73 23.14 83.79
C TYR K 82 -79.16 24.56 83.86
N GLY K 83 -78.59 24.92 85.01
CA GLY K 83 -78.09 26.26 85.24
C GLY K 83 -76.91 26.71 84.41
N ALA K 84 -75.77 26.03 84.54
CA ALA K 84 -74.51 26.53 83.99
C ALA K 84 -74.12 25.88 82.66
N THR K 85 -73.88 24.56 82.66
CA THR K 85 -73.44 23.92 81.44
C THR K 85 -74.59 23.48 80.55
N GLY K 86 -75.78 23.26 81.11
CA GLY K 86 -76.93 22.83 80.36
C GLY K 86 -76.78 21.41 79.79
N HIS K 87 -77.69 21.12 78.85
CA HIS K 87 -77.63 19.88 78.10
C HIS K 87 -77.09 20.19 76.71
N PRO K 88 -75.93 19.67 76.33
CA PRO K 88 -75.30 20.11 75.06
C PRO K 88 -76.02 19.57 73.83
N GLY K 89 -76.37 20.48 72.92
CA GLY K 89 -77.02 20.12 71.69
C GLY K 89 -78.52 20.37 71.65
N VAL K 90 -79.16 20.53 72.79
CA VAL K 90 -80.61 20.71 72.87
C VAL K 90 -80.93 22.10 73.40
N ILE K 91 -80.54 22.36 74.63
CA ILE K 91 -80.92 23.57 75.36
C ILE K 91 -79.67 24.45 75.47
N PRO K 92 -79.76 25.74 75.12
CA PRO K 92 -78.61 26.64 75.36
C PRO K 92 -78.44 26.92 76.84
N PRO K 93 -77.23 27.28 77.28
CA PRO K 93 -77.04 27.59 78.70
C PRO K 93 -77.75 28.88 79.10
N ASN K 94 -78.27 28.87 80.34
CA ASN K 94 -79.05 29.95 80.95
C ASN K 94 -80.27 30.29 80.10
N ALA K 95 -81.13 29.28 79.95
CA ALA K 95 -82.36 29.41 79.18
C ALA K 95 -83.54 28.96 80.04
N THR K 96 -84.67 29.64 79.87
CA THR K 96 -85.88 29.33 80.62
C THR K 96 -86.69 28.25 79.91
N LEU K 97 -87.14 27.26 80.67
CA LEU K 97 -87.82 26.09 80.14
C LEU K 97 -89.31 26.14 80.47
N ILE K 98 -90.15 25.89 79.47
CA ILE K 98 -91.60 25.91 79.61
C ILE K 98 -92.14 24.52 79.29
N PHE K 99 -92.99 23.99 80.17
CA PHE K 99 -93.53 22.64 80.03
C PHE K 99 -95.05 22.68 80.09
N ASP K 100 -95.69 22.00 79.14
CA ASP K 100 -97.15 21.83 79.15
C ASP K 100 -97.39 20.38 79.56
N VAL K 101 -97.40 20.14 80.86
CA VAL K 101 -97.52 18.80 81.41
C VAL K 101 -99.00 18.43 81.48
N GLU K 102 -99.29 17.14 81.25
CA GLU K 102 -100.63 16.61 81.45
C GLU K 102 -100.51 15.21 82.07
N LEU K 103 -101.10 15.04 83.25
CA LEU K 103 -101.08 13.77 83.97
C LEU K 103 -102.23 12.90 83.50
N LEU K 104 -101.90 11.76 82.85
CA LEU K 104 -102.94 10.91 82.28
C LEU K 104 -103.58 10.02 83.33
N ASN K 105 -102.79 9.15 83.97
CA ASN K 105 -103.35 8.25 84.97
C ASN K 105 -102.37 8.00 86.10
N LEU K 106 -102.88 7.32 87.13
CA LEU K 106 -102.15 6.84 88.32
C LEU K 106 -101.47 8.01 89.04
N GLU K 107 -102.29 8.82 89.70
CA GLU K 107 -101.90 10.03 90.45
C GLU K 107 -101.11 11.03 89.60
N MET L 1 -48.17 -24.18 79.15
CA MET L 1 -49.36 -23.45 78.72
C MET L 1 -50.49 -23.72 79.69
N ALA L 2 -51.71 -23.27 79.36
CA ALA L 2 -52.87 -23.50 80.21
C ALA L 2 -53.85 -24.51 79.62
N ASP L 3 -53.51 -25.14 78.49
CA ASP L 3 -54.39 -26.16 77.92
C ASP L 3 -54.20 -27.53 78.55
N GLN L 4 -53.27 -27.66 79.51
CA GLN L 4 -53.12 -28.90 80.26
C GLN L 4 -54.33 -29.21 81.14
N LEU L 5 -55.11 -28.20 81.51
CA LEU L 5 -56.29 -28.38 82.35
C LEU L 5 -57.53 -28.47 81.47
N THR L 6 -58.54 -29.22 81.94
CA THR L 6 -59.80 -29.32 81.20
C THR L 6 -60.63 -28.04 81.41
N GLU L 7 -61.88 -28.09 80.92
CA GLU L 7 -62.82 -27.00 81.17
C GLU L 7 -63.21 -26.92 82.64
N GLU L 8 -63.19 -28.07 83.32
CA GLU L 8 -63.99 -28.32 84.52
C GLU L 8 -63.21 -28.00 85.79
N GLN L 9 -61.88 -27.98 85.70
CA GLN L 9 -61.09 -27.31 86.72
C GLN L 9 -61.13 -25.79 86.56
N ILE L 10 -61.22 -25.29 85.32
CA ILE L 10 -61.20 -23.84 85.10
C ILE L 10 -62.54 -23.23 85.51
N ALA L 11 -63.65 -23.91 85.23
CA ALA L 11 -64.95 -23.46 85.69
C ALA L 11 -65.09 -23.59 87.21
N GLU L 12 -64.36 -24.53 87.80
CA GLU L 12 -64.33 -24.65 89.26
C GLU L 12 -63.47 -23.56 89.88
N PHE L 13 -62.40 -23.15 89.18
CA PHE L 13 -61.50 -22.15 89.74
C PHE L 13 -62.10 -20.74 89.64
N LYS L 14 -62.89 -20.48 88.61
CA LYS L 14 -63.61 -19.21 88.54
C LYS L 14 -64.77 -19.21 89.54
N GLU L 15 -65.31 -20.39 89.82
CA GLU L 15 -66.31 -20.54 90.87
C GLU L 15 -65.73 -20.22 92.25
N ALA L 16 -64.49 -20.62 92.50
CA ALA L 16 -63.84 -20.29 93.76
C ALA L 16 -63.38 -18.83 93.79
N PHE L 17 -62.99 -18.27 92.64
CA PHE L 17 -62.48 -16.91 92.59
C PHE L 17 -63.60 -15.89 92.73
N SER L 18 -64.70 -16.09 91.99
CA SER L 18 -65.79 -15.12 92.02
C SER L 18 -66.60 -15.22 93.31
N LEU L 19 -66.45 -16.32 94.04
CA LEU L 19 -67.11 -16.43 95.35
C LEU L 19 -66.46 -15.50 96.37
N PHE L 20 -65.14 -15.40 96.36
CA PHE L 20 -64.44 -14.62 97.37
C PHE L 20 -63.77 -13.38 96.78
N ASP L 21 -64.19 -12.97 95.58
CA ASP L 21 -63.73 -11.73 94.99
C ASP L 21 -64.30 -10.53 95.73
N LYS L 22 -63.57 -9.41 95.67
CA LYS L 22 -63.94 -8.24 96.46
C LYS L 22 -65.15 -7.51 95.88
N ASP L 23 -65.04 -7.04 94.63
CA ASP L 23 -66.11 -6.23 94.06
C ASP L 23 -66.42 -6.65 92.63
N GLY L 24 -65.97 -7.84 92.22
CA GLY L 24 -66.11 -8.25 90.84
C GLY L 24 -65.00 -7.76 89.93
N ASP L 25 -63.99 -7.10 90.49
CA ASP L 25 -62.82 -6.66 89.72
C ASP L 25 -61.97 -7.85 89.30
N GLY L 26 -62.00 -8.92 90.06
CA GLY L 26 -61.02 -9.96 89.94
C GLY L 26 -59.86 -9.82 90.90
N THR L 27 -60.08 -9.20 92.06
CA THR L 27 -59.01 -8.90 93.00
C THR L 27 -59.21 -9.68 94.30
N ILE L 28 -58.09 -10.05 94.91
CA ILE L 28 -58.04 -10.67 96.23
C ILE L 28 -56.81 -10.12 96.94
N THR L 29 -56.78 -10.28 98.26
CA THR L 29 -55.61 -9.88 99.03
C THR L 29 -54.67 -11.07 99.22
N THR L 30 -53.56 -10.81 99.93
CA THR L 30 -52.59 -11.88 100.17
C THR L 30 -53.07 -12.82 101.28
N LYS L 31 -54.08 -12.42 102.06
CA LYS L 31 -54.80 -13.42 102.87
C LYS L 31 -55.68 -14.33 102.03
N ALA L 32 -56.44 -13.79 101.08
CA ALA L 32 -57.55 -14.50 100.47
C ALA L 32 -57.09 -15.58 99.52
N LEU L 33 -55.83 -15.53 99.09
CA LEU L 33 -55.28 -16.62 98.29
C LEU L 33 -55.10 -17.86 99.14
N GLY L 34 -54.88 -17.67 100.45
CA GLY L 34 -54.81 -18.81 101.34
C GLY L 34 -56.16 -19.44 101.60
N THR L 35 -57.20 -18.62 101.82
CA THR L 35 -58.51 -19.19 102.13
C THR L 35 -59.18 -19.75 100.89
N VAL L 36 -58.82 -19.26 99.70
CA VAL L 36 -59.40 -19.80 98.48
C VAL L 36 -58.74 -21.13 98.08
N MET L 37 -57.58 -21.47 98.63
CA MET L 37 -57.09 -22.81 98.32
C MET L 37 -57.53 -23.83 99.36
N ARG L 38 -57.66 -23.42 100.62
CA ARG L 38 -58.17 -24.33 101.65
C ARG L 38 -59.68 -24.55 101.55
N SER L 39 -60.38 -23.78 100.72
CA SER L 39 -61.79 -24.03 100.48
C SER L 39 -62.04 -25.21 99.54
N LEU L 40 -61.00 -25.69 98.85
CA LEU L 40 -61.11 -26.77 97.88
C LEU L 40 -60.35 -28.03 98.28
N GLY L 41 -59.89 -28.12 99.53
CA GLY L 41 -59.23 -29.33 99.96
C GLY L 41 -57.71 -29.24 99.97
N GLN L 42 -57.15 -28.41 99.10
CA GLN L 42 -55.70 -28.29 98.99
C GLN L 42 -55.20 -27.44 100.15
N ASN L 43 -54.29 -27.99 100.98
CA ASN L 43 -53.83 -27.33 102.20
C ASN L 43 -52.32 -27.13 102.19
N PRO L 44 -51.81 -26.13 101.48
CA PRO L 44 -50.37 -25.89 101.47
C PRO L 44 -49.92 -25.12 102.70
N THR L 45 -48.68 -25.33 103.10
CA THR L 45 -48.14 -24.49 104.15
C THR L 45 -47.67 -23.20 103.51
N GLU L 46 -47.26 -22.23 104.32
CA GLU L 46 -47.17 -20.85 103.86
C GLU L 46 -45.92 -20.59 103.02
N ALA L 47 -45.04 -21.59 102.87
CA ALA L 47 -43.93 -21.46 101.93
C ALA L 47 -44.41 -21.66 100.50
N GLU L 48 -45.46 -22.45 100.31
CA GLU L 48 -45.97 -22.69 98.97
C GLU L 48 -46.64 -21.45 98.44
N LEU L 49 -47.24 -20.67 99.33
CA LEU L 49 -47.81 -19.40 98.92
C LEU L 49 -46.71 -18.35 98.77
N GLN L 50 -45.74 -18.41 99.69
CA GLN L 50 -44.65 -17.40 99.80
C GLN L 50 -43.85 -17.23 98.50
N ASP L 51 -43.75 -18.25 97.66
CA ASP L 51 -42.93 -18.11 96.46
C ASP L 51 -43.75 -17.66 95.26
N MET L 52 -45.07 -17.86 95.28
CA MET L 52 -45.88 -17.65 94.09
C MET L 52 -46.20 -16.17 93.88
N ILE L 53 -46.35 -15.39 94.96
CA ILE L 53 -46.52 -13.95 94.83
C ILE L 53 -45.20 -13.28 94.45
N ASN L 54 -44.11 -13.81 94.99
CA ASN L 54 -42.75 -13.34 94.60
C ASN L 54 -42.58 -13.75 93.13
N GLU L 55 -43.24 -14.84 92.74
CA GLU L 55 -43.24 -15.32 91.33
C GLU L 55 -44.04 -14.30 90.51
N VAL L 56 -45.30 -14.05 90.89
CA VAL L 56 -46.06 -13.01 90.18
C VAL L 56 -45.73 -11.63 90.74
N ASN L 61 -46.95 -6.77 94.62
CA ASN L 61 -47.92 -5.71 94.36
C ASN L 61 -49.15 -5.78 95.27
N GLY L 62 -49.54 -6.99 95.68
CA GLY L 62 -50.68 -7.19 96.54
C GLY L 62 -52.00 -7.41 95.83
N THR L 63 -52.01 -7.39 94.51
CA THR L 63 -53.21 -7.59 93.71
C THR L 63 -53.04 -8.86 92.89
N ILE L 64 -53.76 -9.91 93.28
CA ILE L 64 -53.67 -11.19 92.59
C ILE L 64 -54.90 -11.31 91.70
N ASP L 65 -54.69 -11.15 90.40
CA ASP L 65 -55.78 -11.14 89.45
C ASP L 65 -56.05 -12.57 88.97
N PHE L 66 -57.14 -12.75 88.22
CA PHE L 66 -57.57 -14.10 87.87
C PHE L 66 -56.65 -14.82 86.87
N PRO L 67 -56.06 -14.17 85.85
CA PRO L 67 -55.00 -14.89 85.10
C PRO L 67 -53.75 -15.21 85.91
N ALA L 68 -53.43 -14.42 86.95
CA ALA L 68 -52.30 -14.76 87.80
C ALA L 68 -52.63 -15.96 88.69
N PHE L 69 -53.89 -16.05 89.14
CA PHE L 69 -54.29 -17.17 89.98
C PHE L 69 -54.46 -18.44 89.17
N LEU L 70 -54.84 -18.30 87.89
CA LEU L 70 -55.02 -19.47 87.05
C LEU L 70 -53.70 -20.08 86.65
N THR L 71 -52.66 -19.25 86.49
CA THR L 71 -51.34 -19.77 86.13
C THR L 71 -50.66 -20.43 87.33
N MET L 72 -51.02 -20.02 88.55
CA MET L 72 -50.39 -20.60 89.73
C MET L 72 -51.01 -21.96 90.07
N MET L 73 -52.30 -22.15 89.80
CA MET L 73 -52.89 -23.47 89.98
C MET L 73 -52.48 -24.42 88.86
N ALA L 74 -52.16 -23.89 87.68
CA ALA L 74 -51.76 -24.74 86.57
C ALA L 74 -50.37 -25.32 86.82
N ARG L 75 -49.49 -24.52 87.41
CA ARG L 75 -48.17 -25.03 87.80
C ARG L 75 -48.27 -25.90 89.05
N LYS L 76 -49.28 -25.68 89.89
CA LYS L 76 -49.46 -26.48 91.10
C LYS L 76 -50.07 -27.84 90.76
N MET L 77 -50.75 -27.95 89.63
CA MET L 77 -51.32 -29.23 89.23
C MET L 77 -50.44 -29.98 88.25
N LYS L 78 -49.66 -29.30 87.41
CA LYS L 78 -48.92 -29.98 86.37
C LYS L 78 -47.70 -30.72 86.91
N ASP L 79 -47.13 -30.28 88.03
CA ASP L 79 -45.89 -30.90 88.52
C ASP L 79 -46.16 -32.28 89.11
N THR L 80 -47.31 -32.46 89.76
CA THR L 80 -47.66 -33.79 90.25
C THR L 80 -48.18 -34.67 89.11
N ASP L 81 -48.81 -34.06 88.11
CA ASP L 81 -49.30 -34.84 86.97
C ASP L 81 -48.15 -35.24 86.04
N SER L 82 -47.11 -34.41 85.93
CA SER L 82 -45.95 -34.78 85.13
C SER L 82 -45.07 -35.79 85.85
N GLU L 83 -45.23 -35.93 87.16
CA GLU L 83 -44.51 -36.97 87.88
C GLU L 83 -45.25 -38.30 87.84
N GLU L 84 -46.57 -38.26 87.61
CA GLU L 84 -47.42 -39.44 87.63
C GLU L 84 -47.98 -39.81 86.28
N GLU L 85 -47.64 -39.08 85.21
CA GLU L 85 -48.13 -39.41 83.87
C GLU L 85 -47.52 -40.70 83.34
N ILE L 86 -46.39 -41.13 83.87
CA ILE L 86 -45.54 -42.09 83.19
C ILE L 86 -45.77 -43.51 83.71
N ARG L 87 -46.46 -43.64 84.85
CA ARG L 87 -46.81 -44.94 85.39
C ARG L 87 -48.05 -45.51 84.68
N GLU L 88 -49.04 -44.66 84.46
CA GLU L 88 -50.23 -45.08 83.72
C GLU L 88 -49.90 -45.21 82.24
N ALA L 89 -48.84 -44.51 81.80
CA ALA L 89 -48.30 -44.73 80.47
C ALA L 89 -47.56 -46.07 80.38
N PHE L 90 -47.13 -46.61 81.52
CA PHE L 90 -46.49 -47.91 81.61
C PHE L 90 -47.46 -49.07 81.75
N ARG L 91 -48.76 -48.80 81.90
CA ARG L 91 -49.68 -49.84 82.31
C ARG L 91 -50.11 -50.73 81.14
N VAL L 92 -50.11 -50.21 79.92
CA VAL L 92 -50.50 -51.03 78.79
C VAL L 92 -49.35 -51.91 78.33
N PHE L 93 -48.15 -51.64 78.82
CA PHE L 93 -46.98 -52.45 78.49
C PHE L 93 -47.01 -53.82 79.15
N ASP L 94 -47.46 -53.91 80.40
CA ASP L 94 -47.49 -55.18 81.12
C ASP L 94 -48.94 -55.59 81.39
N LYS L 95 -49.19 -56.91 81.39
CA LYS L 95 -50.56 -57.39 81.51
C LYS L 95 -51.06 -57.39 82.95
N ASP L 96 -50.16 -57.57 83.92
CA ASP L 96 -50.64 -57.68 85.30
C ASP L 96 -50.70 -56.31 85.99
N GLY L 97 -49.67 -55.48 85.83
CA GLY L 97 -49.67 -54.16 86.41
C GLY L 97 -48.65 -53.91 87.50
N ASN L 98 -47.82 -54.89 87.85
CA ASN L 98 -46.83 -54.65 88.90
C ASN L 98 -45.59 -53.94 88.35
N GLY L 99 -45.31 -54.08 87.06
CA GLY L 99 -44.21 -53.34 86.45
C GLY L 99 -43.27 -54.21 85.66
N TYR L 100 -43.67 -55.45 85.41
CA TYR L 100 -42.82 -56.46 84.80
C TYR L 100 -43.38 -56.78 83.42
N ILE L 101 -42.67 -56.37 82.37
CA ILE L 101 -43.11 -56.54 80.99
C ILE L 101 -42.08 -57.34 80.21
N SER L 102 -42.58 -58.17 79.30
CA SER L 102 -41.73 -59.06 78.51
C SER L 102 -40.98 -58.28 77.44
N ALA L 103 -39.79 -58.78 77.09
CA ALA L 103 -39.02 -58.15 76.04
C ALA L 103 -39.54 -58.51 74.66
N ALA L 104 -40.18 -59.67 74.52
CA ALA L 104 -40.76 -60.05 73.25
C ALA L 104 -42.08 -59.34 73.02
N ALA L 105 -42.75 -58.89 74.08
CA ALA L 105 -44.00 -58.18 73.92
C ALA L 105 -43.79 -56.74 73.48
N LEU L 106 -42.59 -56.19 73.69
CA LEU L 106 -42.38 -54.75 73.54
C LEU L 106 -41.98 -54.31 72.12
N ARG L 107 -41.75 -55.22 71.17
CA ARG L 107 -41.35 -54.78 69.84
C ARG L 107 -42.48 -54.71 68.81
N HIS L 108 -43.70 -55.08 69.15
CA HIS L 108 -44.82 -54.85 68.23
C HIS L 108 -45.77 -53.78 68.73
N VAL L 109 -45.87 -53.62 70.05
CA VAL L 109 -46.71 -52.59 70.66
C VAL L 109 -46.02 -51.23 70.77
N MET L 110 -44.69 -51.18 70.70
CA MET L 110 -44.00 -49.89 70.75
C MET L 110 -43.63 -49.37 69.36
N THR L 111 -43.65 -50.24 68.35
CA THR L 111 -43.46 -49.75 66.98
C THR L 111 -44.75 -49.28 66.33
N ASN L 112 -45.87 -49.36 67.03
CA ASN L 112 -47.18 -49.14 66.42
C ASN L 112 -47.98 -48.07 67.15
N LEU L 113 -47.31 -47.15 67.84
CA LEU L 113 -48.00 -46.23 68.75
C LEU L 113 -48.40 -44.90 68.10
N GLY L 114 -47.97 -44.62 66.87
CA GLY L 114 -48.43 -43.44 66.16
C GLY L 114 -47.53 -42.24 66.16
N GLU L 115 -46.29 -42.35 66.65
CA GLU L 115 -45.30 -41.30 66.51
C GLU L 115 -44.31 -41.59 65.38
N LYS L 116 -44.70 -42.46 64.44
CA LYS L 116 -43.90 -42.87 63.28
C LYS L 116 -42.56 -43.46 63.68
N LEU L 117 -42.57 -44.30 64.72
CA LEU L 117 -41.36 -44.95 65.18
C LEU L 117 -41.09 -46.18 64.30
N THR L 118 -39.89 -46.27 63.74
CA THR L 118 -39.57 -47.38 62.86
C THR L 118 -39.11 -48.57 63.70
N ASP L 119 -38.61 -49.61 63.04
CA ASP L 119 -38.00 -50.71 63.76
C ASP L 119 -36.62 -50.35 64.31
N GLU L 120 -36.04 -49.25 63.83
CA GLU L 120 -34.67 -48.92 64.19
C GLU L 120 -34.59 -48.14 65.51
N GLU L 121 -35.62 -47.33 65.81
CA GLU L 121 -35.54 -46.46 66.98
C GLU L 121 -35.80 -47.24 68.27
N VAL L 122 -36.75 -48.18 68.25
CA VAL L 122 -36.96 -49.06 69.41
C VAL L 122 -35.85 -50.10 69.52
N ASP L 123 -35.09 -50.36 68.46
CA ASP L 123 -33.94 -51.24 68.58
C ASP L 123 -32.79 -50.50 69.26
N GLU L 124 -32.65 -49.20 69.00
CA GLU L 124 -31.72 -48.37 69.75
C GLU L 124 -32.19 -48.15 71.19
N MET L 125 -33.52 -48.21 71.40
CA MET L 125 -34.10 -47.80 72.67
C MET L 125 -33.86 -48.86 73.74
N ILE L 126 -33.95 -50.13 73.38
CA ILE L 126 -33.93 -51.19 74.39
C ILE L 126 -32.52 -51.73 74.63
N ARG L 127 -31.60 -51.53 73.70
CA ARG L 127 -30.21 -51.95 73.90
C ARG L 127 -29.28 -50.83 74.32
N GLU L 128 -29.82 -49.64 74.59
CA GLU L 128 -29.17 -48.66 75.45
C GLU L 128 -29.72 -48.64 76.87
N ALA L 129 -30.50 -49.65 77.25
CA ALA L 129 -31.02 -49.73 78.61
C ALA L 129 -29.90 -50.12 79.57
N GLY L 135 -36.52 -62.26 79.32
CA GLY L 135 -36.29 -61.40 80.46
C GLY L 135 -37.33 -60.31 80.62
N GLN L 136 -37.35 -59.68 81.79
CA GLN L 136 -38.31 -58.62 82.08
C GLN L 136 -37.66 -57.58 82.98
N VAL L 137 -37.94 -56.31 82.70
CA VAL L 137 -37.29 -55.17 83.35
C VAL L 137 -38.32 -54.49 84.25
N ASN L 138 -37.86 -53.89 85.35
CA ASN L 138 -38.75 -53.31 86.33
C ASN L 138 -39.33 -51.99 85.83
N TYR L 139 -40.25 -51.43 86.62
CA TYR L 139 -40.93 -50.19 86.26
C TYR L 139 -40.08 -48.95 86.53
N GLU L 140 -39.25 -48.95 87.59
CA GLU L 140 -38.54 -47.73 87.93
C GLU L 140 -37.33 -47.54 87.02
N ALA L 141 -36.88 -48.61 86.37
CA ALA L 141 -35.80 -48.48 85.40
C ALA L 141 -36.31 -47.87 84.10
N PHE L 142 -37.61 -47.97 83.83
CA PHE L 142 -38.14 -47.48 82.56
C PHE L 142 -38.30 -45.97 82.58
N VAL L 143 -38.53 -45.40 83.76
CA VAL L 143 -38.39 -43.95 83.93
C VAL L 143 -36.92 -43.55 83.86
N GLN L 144 -36.03 -44.39 84.36
CA GLN L 144 -34.60 -44.08 84.34
C GLN L 144 -34.07 -44.09 82.92
N MET L 145 -34.67 -44.90 82.07
CA MET L 145 -34.27 -45.01 80.67
C MET L 145 -35.12 -44.16 79.73
N MET L 146 -36.21 -43.54 80.20
CA MET L 146 -36.95 -42.64 79.33
C MET L 146 -36.52 -41.19 79.48
N THR L 147 -36.45 -40.69 80.72
CA THR L 147 -36.09 -39.29 80.94
C THR L 147 -34.61 -39.07 80.66
N ALA L 148 -33.79 -40.07 80.94
CA ALA L 148 -32.34 -40.10 80.71
C ALA L 148 -31.60 -38.92 81.33
N1 CFF M . -42.30 -1.54 -44.38
C2 CFF M . -41.30 -0.51 -44.05
C10 CFF M . -43.69 -1.16 -44.62
C6 CFF M . -41.92 -2.93 -44.47
N3 CFF M . -39.88 -0.91 -43.80
O11 CFF M . -41.67 0.84 -43.95
C12 CFF M . -38.88 0.09 -43.47
C4 CFF M . -39.52 -2.32 -43.90
C5 CFF M . -40.48 -3.30 -44.22
N9 CFF M . -38.17 -2.98 -43.70
O13 CFF M . -42.91 -3.87 -44.79
N7 CFF M . -39.75 -4.37 -44.20
C8 CFF M . -38.51 -4.27 -43.93
C14 CFF M . -40.27 -5.69 -44.47
CA CA N . -37.49 12.03 -31.48
PG ATP O . -45.87 -24.73 -26.86
O1G ATP O . -46.80 -25.40 -27.84
O2G ATP O . -45.52 -25.59 -25.68
O3G ATP O . -46.35 -23.35 -26.47
PB ATP O . -43.03 -25.13 -27.48
O1B ATP O . -43.16 -26.62 -27.39
O2B ATP O . -42.31 -24.39 -26.40
O3B ATP O . -44.48 -24.49 -27.66
PA ATP O . -41.46 -23.51 -29.34
O1A ATP O . -40.80 -23.85 -30.63
O2A ATP O . -42.32 -22.30 -29.27
O3A ATP O . -42.34 -24.77 -28.88
O5' ATP O . -40.36 -23.46 -28.18
C5' ATP O . -39.05 -22.95 -28.51
C4' ATP O . -38.08 -23.33 -27.41
O4' ATP O . -36.73 -22.97 -27.83
C3' ATP O . -38.29 -22.61 -26.07
O3' ATP O . -39.12 -23.38 -25.22
C2' ATP O . -36.86 -22.53 -25.52
O2' ATP O . -36.44 -23.74 -24.92
C1' ATP O . -36.08 -22.26 -26.80
N9 ATP O . -36.07 -20.85 -27.17
C8 ATP O . -37.14 -20.07 -27.56
N7 ATP O . -36.80 -18.83 -27.81
C5 ATP O . -35.43 -18.79 -27.57
C6 ATP O . -34.48 -17.76 -27.66
N6 ATP O . -34.77 -16.51 -28.02
N1 ATP O . -33.19 -18.07 -27.34
C2 ATP O . -32.91 -19.32 -26.97
N3 ATP O . -33.72 -20.36 -26.85
C4 ATP O . -34.98 -20.03 -27.17
ZN ZN P . -29.93 -14.93 -23.91
CAA F0U Q . -53.44 -33.46 -50.65
CAB F0U Q . -52.31 -32.61 -51.21
CAC F0U Q . -52.51 -31.94 -52.40
CAD F0U Q . -51.48 -31.16 -52.93
CAF F0U Q . -50.27 -31.03 -52.26
CAG F0U Q . -50.06 -31.70 -51.06
CAH F0U Q . -48.82 -31.54 -50.42
CAJ F0U Q . -46.79 -32.50 -49.59
CAL F0U Q . -51.10 -32.47 -50.53
CAN F0U Q . -51.04 -32.54 -48.19
CAO F0U Q . -50.84 -33.37 -47.16
CAP F0U Q . -50.44 -34.62 -47.35
CAQ F0U Q . -50.34 -35.18 -46.15
CAU F0U Q . -51.36 -32.07 -45.15
CAV F0U Q . -52.70 -31.69 -45.15
CAX F0U Q . -53.11 -30.57 -44.43
CAY F0U Q . -52.17 -29.83 -43.73
CAZ F0U Q . -50.84 -30.22 -43.75
NAI F0U Q . -48.08 -32.66 -50.25
NAM F0U Q . -50.93 -33.15 -49.39
NAS F0U Q . -50.66 -34.30 -45.21
NAT F0U Q . -50.98 -33.15 -45.83
NBA F0U Q . -50.45 -31.35 -44.47
OAK F0U Q . -48.45 -30.44 -50.05
OBB F0U Q . -51.29 -31.34 -48.07
BR F0U Q . -49.80 -36.97 -45.80
CL1 F0U Q . -51.77 -30.36 -54.40
CL2 F0U Q . -53.85 -32.61 -46.02
N1 CFF R . 17.37 -24.27 -53.58
C2 CFF R . 18.17 -23.69 -52.48
C10 CFF R . 17.62 -23.87 -54.96
C6 CFF R . 16.32 -25.22 -53.29
N3 CFF R . 17.89 -24.10 -51.07
O11 CFF R . 19.17 -22.75 -52.75
C12 CFF R . 18.67 -23.54 -49.98
C4 CFF R . 16.84 -25.07 -50.81
C5 CFF R . 16.08 -25.62 -51.86
N9 CFF R . 16.37 -25.64 -49.50
O13 CFF R . 15.59 -25.75 -54.37
N7 CFF R . 15.29 -26.40 -51.20
C8 CFF R . 15.39 -26.46 -49.93
C14 CFF R . 14.28 -27.23 -51.83
CA CA S . 22.09 -7.79 -44.63
PG ATP T . -11.86 -22.78 -52.70
O1G ATP T . -12.01 -23.68 -53.91
O2G ATP T . -13.18 -22.44 -52.05
O3G ATP T . -11.01 -21.56 -52.99
PB ATP T . -11.47 -24.24 -50.19
O1B ATP T . -12.76 -24.98 -50.35
O2B ATP T . -11.35 -23.17 -49.16
O3B ATP T . -11.04 -23.64 -51.61
PA ATP T . -8.89 -25.19 -49.18
O1A ATP T . -8.37 -26.57 -48.94
O2A ATP T . -8.05 -24.23 -49.93
O3A ATP T . -10.30 -25.31 -49.93
O5' ATP T . -9.34 -24.55 -47.78
C5' ATP T . -8.56 -24.87 -46.61
C4' ATP T . -9.34 -24.48 -45.37
O4' ATP T . -8.63 -24.97 -44.20
C3' ATP T . -9.52 -22.98 -45.15
O3' ATP T . -10.73 -22.52 -45.72
C2' ATP T . -9.56 -22.88 -43.62
O2' ATP T . -10.83 -23.21 -43.09
C1' ATP T . -8.52 -23.93 -43.24
N9 ATP T . -7.16 -23.42 -43.29
C8 ATP T . -6.45 -23.00 -44.39
N7 ATP T . -5.24 -22.59 -44.09
C5 ATP T . -5.15 -22.74 -42.72
C6 ATP T . -4.13 -22.48 -41.79
N6 ATP T . -2.94 -21.98 -42.13
N1 ATP T . -4.38 -22.74 -40.48
C2 ATP T . -5.58 -23.24 -40.16
N3 ATP T . -6.61 -23.53 -40.93
C4 ATP T . -6.33 -23.25 -42.21
ZN ZN U . -3.23 -19.16 -36.23
CAA F0U V . -6.99 -44.27 -67.32
CAB F0U V . -5.83 -44.52 -66.37
CAC F0U V . -4.65 -45.03 -66.88
CAD F0U V . -3.57 -45.27 -66.03
CAF F0U V . -3.67 -44.99 -64.67
CAG F0U V . -4.85 -44.50 -64.13
CAH F0U V . -4.90 -44.24 -62.76
CAJ F0U V . -5.87 -44.67 -60.62
CAL F0U V . -5.92 -44.24 -65.01
CAN F0U V . -7.26 -42.47 -64.27
CAO F0U V . -8.48 -42.19 -63.80
CAP F0U V . -9.35 -43.16 -63.52
CAQ F0U V . -10.46 -42.56 -63.09
CAU F0U V . -8.59 -39.75 -63.65
CAV F0U V . -8.46 -39.18 -64.91
CAX F0U V . -7.99 -37.88 -65.05
CAY F0U V . -7.64 -37.16 -63.92
CAZ F0U V . -7.76 -37.74 -62.67
NAI F0U V . -5.81 -44.93 -62.07
NAM F0U V . -7.08 -43.78 -64.54
NAS F0U V . -10.29 -41.25 -63.08
NAT F0U V . -9.05 -40.99 -63.53
NBA F0U V . -8.25 -39.05 -62.55
OAK F0U V . -4.14 -43.42 -62.26
OBB F0U V . -6.37 -41.63 -64.41
BR F0U V . -12.05 -43.45 -62.54
CL1 F0U V . -2.14 -45.89 -66.72
CL2 F0U V . -8.90 -40.07 -66.31
N1 CFF W . 11.92 -60.16 -0.26
C2 CFF W . 11.90 -59.19 0.86
C10 CFF W . 13.04 -61.08 -0.41
C6 CFF W . 10.82 -60.20 -1.21
N3 CFF W . 10.75 -58.25 0.99
O11 CFF W . 12.95 -59.14 1.78
C12 CFF W . 10.71 -57.29 2.09
C4 CFF W . 9.66 -58.32 0.03
C5 CFF W . 9.68 -59.24 -1.03
N9 CFF W . 8.39 -57.49 -0.05
O13 CFF W . 10.89 -61.14 -2.24
N7 CFF W . 8.56 -58.96 -1.62
C8 CFF W . 7.82 -58.03 -1.15
C14 CFF W . 8.09 -59.65 -2.80
CA CA X . 21.21 -45.11 7.55
PG ATP Y . 8.64 -50.87 -27.83
O1G ATP Y . 8.55 -52.28 -28.36
O2G ATP Y . 8.38 -49.82 -28.87
O3G ATP Y . 9.92 -50.63 -27.06
PB ATP Y . 6.11 -49.84 -26.77
O1B ATP Y . 5.41 -50.04 -28.08
O2B ATP Y . 6.44 -48.46 -26.31
O3B ATP Y . 7.44 -50.72 -26.75
PA ATP Y . 5.12 -50.28 -24.04
O1A ATP Y . 3.93 -51.01 -23.53
O2A ATP Y . 6.45 -50.54 -23.42
O3A ATP Y . 5.25 -50.55 -25.62
O5' ATP Y . 4.82 -48.71 -24.03
C5' ATP Y . 4.02 -48.17 -22.95
C4' ATP Y . 3.55 -46.79 -23.31
O4' ATP Y . 2.60 -46.33 -22.31
C3' ATP Y . 4.64 -45.71 -23.36
O3' ATP Y . 5.16 -45.58 -24.67
C2' ATP Y . 3.87 -44.45 -22.94
O2' ATP Y . 3.14 -43.90 -24.01
C1' ATP Y . 2.94 -45.03 -21.88
N9 ATP Y . 3.57 -45.14 -20.58
C8 ATP Y . 4.62 -45.95 -20.21
N7 ATP Y . 4.96 -45.80 -18.95
C5 ATP Y . 4.09 -44.84 -18.46
C6 ATP Y . 3.95 -44.25 -17.20
N6 ATP Y . 4.70 -44.54 -16.15
N1 ATP Y . 2.98 -43.31 -17.06
C2 ATP Y . 2.21 -43.02 -18.12
N3 ATP Y . 2.26 -43.50 -19.36
C4 ATP Y . 3.23 -44.42 -19.46
ZN ZN Z . 3.74 -38.26 -14.57
CAA F0U AA . -0.33 -75.74 -28.35
CAB F0U AA . -0.90 -75.45 -26.97
CAC F0U AA . -0.87 -76.45 -26.02
CAD F0U AA . -1.38 -76.21 -24.75
CAF F0U AA . -1.92 -74.97 -24.43
CAG F0U AA . -1.97 -73.95 -25.38
CAH F0U AA . -2.53 -72.72 -25.01
CAJ F0U AA . -4.20 -71.04 -25.31
CAL F0U AA . -1.43 -74.20 -26.65
CAN F0U AA . -0.57 -72.27 -27.63
CAO F0U AA . -0.76 -71.42 -28.66
CAP F0U AA . -1.83 -71.52 -29.44
CAQ F0U AA . -1.73 -70.55 -30.34
CAU F0U AA . 1.15 -69.90 -28.61
CAV F0U AA . 2.33 -70.58 -28.85
CAX F0U AA . 3.54 -70.08 -28.38
CAY F0U AA . 3.56 -68.89 -27.68
CAZ F0U AA . 2.37 -68.21 -27.46
NAI F0U AA . -3.61 -72.33 -25.69
NAM F0U AA . -1.47 -73.27 -27.60
NAS F0U AA . -0.62 -69.85 -30.13
NAT F0U AA . 0.00 -70.38 -29.07
NBA F0U AA . 1.16 -68.73 -27.94
OAK F0U AA . -2.02 -72.08 -24.10
OBB F0U AA . 0.33 -72.14 -26.80
BR F0U AA . -2.98 -70.20 -31.73
CL1 F0U AA . -1.33 -77.47 -23.61
CL2 F0U AA . 2.31 -72.06 -29.71
N1 CFF BA . -47.75 -37.44 8.94
C2 CFF BA . -47.57 -36.01 9.29
C10 CFF BA . -48.27 -38.37 9.93
C6 CFF BA . -47.41 -37.91 7.62
N3 CFF BA . -47.03 -35.06 8.27
O11 CFF BA . -47.88 -35.55 10.57
C12 CFF BA . -46.85 -33.66 8.60
C4 CFF BA . -46.70 -35.57 6.95
C5 CFF BA . -46.87 -36.93 6.61
N9 CFF BA . -46.15 -34.82 5.75
O13 CFF BA . -47.61 -39.27 7.33
N7 CFF BA . -46.48 -36.93 5.38
C8 CFF BA . -46.07 -35.84 4.86
C14 CFF BA . -46.46 -38.12 4.56
CA CA CA . -38.38 -25.28 20.70
PG ATP DA . -25.37 -52.82 -1.99
O1G ATP DA . -26.25 -54.01 -2.30
O2G ATP DA . -23.96 -52.97 -2.51
O3G ATP DA . -25.42 -52.42 -0.54
PB ATP DA . -25.45 -50.73 -4.06
O1B ATP DA . -24.99 -51.68 -5.12
O2B ATP DA . -24.52 -49.68 -3.55
O3B ATP DA . -26.00 -51.57 -2.81
PA ATP DA . -27.45 -48.59 -4.21
O1A ATP DA . -28.50 -48.29 -5.22
O2A ATP DA . -27.83 -48.61 -2.77
O3A ATP DA . -26.79 -50.01 -4.57
O5' ATP DA . -26.20 -47.61 -4.42
C5' ATP DA . -26.47 -46.26 -4.85
C4' ATP DA . -25.19 -45.63 -5.35
O4' ATP DA . -25.49 -44.34 -5.94
C3' ATP DA . -24.12 -45.35 -4.28
O3' ATP DA . -23.23 -46.43 -4.17
C2' ATP DA . -23.43 -44.10 -4.85
O2' ATP DA . -22.48 -44.42 -5.84
C1' ATP DA . -24.62 -43.35 -5.44
N9 ATP DA . -25.34 -42.57 -4.46
C8 ATP DA . -26.07 -43.02 -3.38
N7 ATP DA . -26.59 -42.04 -2.67
C5 ATP DA . -26.18 -40.89 -3.32
C6 ATP DA . -26.41 -39.52 -3.07
N6 ATP DA . -27.13 -39.07 -2.04
N1 ATP DA . -25.85 -38.63 -3.91
C2 ATP DA . -25.12 -39.09 -4.94
N3 ATP DA . -24.84 -40.34 -5.28
C4 ATP DA . -25.41 -41.20 -4.42
ZN ZN EA . -22.96 -34.03 -2.25
CAA F0U FA . -46.79 -64.93 -11.69
CAB F0U FA . -47.39 -63.53 -11.81
CAC F0U FA . -48.73 -63.36 -11.53
CAD F0U FA . -49.30 -62.10 -11.64
CAF F0U FA . -48.53 -61.00 -12.01
CAG F0U FA . -47.18 -61.16 -12.30
CAH F0U FA . -46.44 -60.03 -12.67
CAJ F0U FA . -45.12 -58.87 -14.29
CAL F0U FA . -46.61 -62.43 -12.17
CAN F0U FA . -44.36 -62.33 -11.56
CAO F0U FA . -43.12 -62.60 -12.02
CAP F0U FA . -42.91 -62.99 -13.27
CAQ F0U FA . -41.61 -63.17 -13.40
CAU F0U FA . -41.62 -62.21 -10.12
CAV F0U FA . -41.90 -63.10 -9.09
CAX F0U FA . -41.58 -62.77 -7.77
CAY F0U FA . -40.98 -61.55 -7.50
CAZ F0U FA . -40.71 -60.68 -8.54
NAI F0U FA . -45.89 -60.05 -13.89
NAM F0U FA . -45.32 -62.63 -12.45
NAS F0U FA . -41.00 -62.90 -12.26
NAT F0U FA . -41.93 -62.53 -11.37
NBA F0U FA . -41.04 -61.03 -9.86
OAK F0U FA . -46.33 -59.08 -11.90
OBB F0U FA . -44.59 -61.85 -10.45
BR F0U FA . -40.73 -63.73 -14.99
CL1 F0U FA . -50.96 -61.94 -11.30
CL2 F0U FA . -42.65 -64.60 -9.42
#